data_3JAN
#
_entry.id   3JAN
#
_cell.length_a   1
_cell.length_b   1
_cell.length_c   1
_cell.angle_alpha   90.000
_cell.angle_beta   90.000
_cell.angle_gamma   90.000
#
_symmetry.space_group_name_H-M   'P 1'
#
loop_
_entity.id
_entity.type
_entity.pdbx_description
1 polymer 'Ribosomal protein uL2'
2 polymer 'Ribosomal protein uL18'
3 polymer 'Ribosomal protein eL8'
4 polymer 'Ribosomal protein uL6'
5 polymer 'Ribosomal protein uL5'
6 polymer 'Ribosomal protein eL13'
7 polymer 'Ribosomal protein eL14'
8 polymer 'Ribosomal protein eL15'
9 polymer 'Ribosomal protein uL13'
10 polymer 'Ribosomal protein eL18'
11 polymer 'Ribosomal protein eL19'
12 polymer 'Ribosomal protein eL20'
13 polymer 'Ribosomal protein eL21'
14 polymer 'Ribosomal protein eL22'
15 polymer 'Ribosomal protein uL14'
16 polymer 'Ribosomal protein uL23'
17 polymer 'Ribosomal protein uL24'
18 polymer 'Ribosomal protein eL27'
19 polymer 'Ribosomal protein uL15'
20 polymer 'Ribosomal protein eL29'
21 polymer 'Ribosomal protein eL30'
22 polymer 'Ribosomal protein eL31'
23 polymer 'Ribosomal protein eL32'
24 polymer 'Ribosomal protein eL33'
25 polymer 'Ribosomal protein eL34'
26 polymer 'Ribosomal protein uL29'
27 polymer 'Ribosomal protein eL36'
28 polymer 'Ribosomal protein eL38'
29 polymer 'Ribosomal protein eL39'
30 polymer 'Ribosomal protein eL40'
31 polymer 'Ribosomal protein eL42'
32 polymer '28S ribosomal RNA'
33 polymer '5S ribosomal RNA'
34 polymer '5.8S ribosomal RNA'
35 polymer 'Ribosomal protein uL3'
36 polymer 'Ribosomal protein uL4'
37 polymer 'Ribosomal protein eL6'
38 polymer 'Ribosomal protein uL30'
39 polymer 'Ribosomal protein uL16'
40 polymer 'Ribosomal protein uL22'
41 polymer 'Ribosomal protein eL24'
42 polymer 'Ribosomal protein eL37'
43 polymer 'Ribosomal protein eL41'
44 polymer 'Ribosomal protein eL43'
45 polymer 'Ribosomal protein eL28'
46 polymer 'Ribosomal protein uL11'
47 polymer 'Ribosomal protein uL10'
48 polymer SRP54
49 polymer 'Val tRNA'
50 polymer 'SRP 7S RNA'
51 polymer SRP19
52 polymer SRP68
53 polymer '18S ribosomal RNA'
54 polymer 'Ribosomal protein uS2'
55 polymer 'Ribosomal protein eS1'
56 polymer 'Ribosomal protein uS5'
57 polymer 'Ribosomal protein eS4'
58 polymer 'Ribosomal protein eS6'
59 polymer 'Ribosomal protein eS7'
60 polymer 'Ribosomal protein eS8'
61 polymer 'Ribosomal protein uS4'
62 polymer 'Ribosomal protein uS17'
63 polymer 'Ribosomal protein uS15'
64 polymer 'Ribosomal protein uS11'
65 polymer 'Ribosomal protein eS21'
66 polymer 'Ribosomal protein uS8'
67 polymer 'Ribosomal protein uS12'
68 polymer 'Ribosomal protein eS24'
69 polymer 'Ribosomal protein eS26'
70 polymer 'Ribosomal protein eS27'
71 polymer 'Ribosomal protein eS30'
72 polymer 'Ribosomal protein uS3'
73 polymer 'Ribosomal protein uS7'
74 polymer 'Ribosomal protein eS10'
75 polymer 'Ribosomal protein eS12'
76 polymer 'Ribosomal protein uS19'
77 polymer 'Ribosomal protein uS9'
78 polymer 'Ribosomal protein eS17'
79 polymer 'Ribosomal protein uS13'
80 polymer 'Ribosomal protein eS19'
81 polymer 'Ribosomal protein uS10'
82 polymer 'Ribosomal protein es25'
83 polymer 'Ribosomal protein eS28'
84 polymer 'Ribosomal protein uS14'
85 polymer 'Ribosomal protein eS31'
86 polymer 'Ribosomal protein RACK1'
87 polymer SRP9
88 polymer SRP14
89 non-polymer 'MAGNESIUM ION'
90 non-polymer 'ZINC ION'
#
loop_
_entity_poly.entity_id
_entity_poly.type
_entity_poly.pdbx_seq_one_letter_code
_entity_poly.pdbx_strand_id
1 'polypeptide(L)'
;GRVIRGQRKGAGSVFRAHVKHRKGAARLRAVDFAERHGYIKGIVKDIIHDPGRGAPLAKVVFRDPYRFKKRTELFIAAEG
IHTGQFVYCGKKAQLNIGNVLPVGTMPEGTIVCCLEEKPGDRGKLARASGNYATVISHNPETKKTRVKLPSGSKKVISSA
NRAVVGVVAGGGRIDKPILKAGRAYHKYKAKRNCWPRVRGVAMNPVEHPFGGGNHQHIGKPSTIRRDAPAGRKVGLIAAR
RTGR
;
A
2 'polypeptide(L)'
;FVKVVKNKAYFKRYQVKFRRRREGKTDYYARKRLVIQDKNKYNTPKYRMIVRVTNRDIICQIAYARIEGDMIVCAAYAHE
LPKYGVKVGLTNYAAAYCTGLLLARRLLNRFGMDKIYEGQVEVTGDEYNVESIDGQPGAFTCYLDAGLARTTTGNKVFGA
LKGAVDGGLSIPHSTKRFPGYDSESKEFNAEVHRKHILGQNVADYMRYLIEEDEDAYKKQFSQYIKNNVTPDMMEEMYKK
AHAAIRENPVYEKKPKKEVKKKRWNRPKMSLAQKKDRVAQKKASFLRAQERA
;
D
3 'polypeptide(L)'
;KVVNLLFEKRPKNFGIGQDIQPKRDLTRFVKWPRYIRLQRQRAILYKRLKVPPTINQFTQALDRQTATQLLKLTHKYRPE
TKQEKKQRLLARAEKKAAGKGDVPTKRPPVLRAGVNTVTTLVENKKAQLVVIAHDVDPIELVVFLPALCRKMGVPYCIIK
GKARLGRLVHRKTCTTVAFTQVNSEDKGALAKLVEAIRTNYNDRYNEIRRHWGGNVLGPKSVARITKLEKAKAKELAT
;
G
4 'polypeptide(L)'
;MKTILSNQTVDIPENVDITLKGRTVIVKGPRGTLRRDFNHINVELSLLGKKKKRLRVDKWWGNRKELATVRTICSHVQNM
IKGVTLGFRYKMRSVYAHFPINVVIQENGSLVEIRNFLGEKYIRRVRMRPGVACSVSQAQKDELILEGNDIELVSNSAAL
IQQATTVKNKDIRKFLDGIYVSEKGTVQQA
;
H
5 'polypeptide(L)'
;ENPMRELRIRKLCLNICVGESGDRLTRAAKVLEQLTGQTPVFSKARYTVRSFGIRRNEKIAVHCTVRGAKAEEILEKGLK
VREYELRKNNFSDTGNFGFGIQEHIDLGIKYDPSIGIYGLDFYVVLGRPGFSIADKKRRTGCIGAKHRISKEEAMRWFQQ
KHDGIILPGN
;
J
6 'polypeptide(L)'
;APSRNGMILKPHFHKDWQRRVATWFNQPARKIRRRKARQAKARRIAPRPASGPLRPVVRCPTVRYHTKVRAGRGFSLEEL
RVAGIHKKVARTIGISVDPRRRNKCTESLQANVQRLKEYRSKLILFPRKPSAPKKGDSSAEELKLATQLTGPVMPIRNVY
KREKARVITDEEKNFKAFASLRMARANARLFGIRAKRAKEAAEQDVEKKK
;
L
7 'polypeptide(L)'
;VFRRFVEVGRVAYVSFGPHAGKLVAIVDVIDQNRALVDGPCTQVRRQAMPFKCMQLTDFILKFPHSARQKYVRKAWEKAD
INAKWAATRWAKKIEAREKKAKMTDFDRYKVMKARKMRNRLIKLEVKKLQKAALLKAS
;
M
8 'polypeptide(L)'
;GAYKYIQELWRKKQSDVMRFLLRVRCWQYRQLSALHRAPRPTRPDKARRLGYKAKQGYVIYRIRVRRGGRKRPVPKGATY
GKPVHHGVNQLKFARSLQSVAEERAGRHCGALRVLNSYWVGEDSTYKFFEVILIDPFHKAIRRNPDTQWITKPVHKHREM
RGLTSAGRKSRGLGKGHKFHHTIGGSRRAAWRRRNTLQLHRYR
;
N
9 'polypeptide(L)'
;EGQVLVLDGRGHLLGRLAAIVAKQVLLGRKVVVVRCEGINISGNFYRNKLKYLAFLRKRMNTNPSRGPYHFRAPSRIFWR
TVRGMLPHKTKRGQAALDRLKVFDGIPPPYDKKKRMVVPAALKVVRLKPTRKFAYLGRLAHEVGWKYQAVTATLEEKRKE
KAKIHYRKKKQLMRLRKQAEKNVEKKIDRFTEVLKTHGFLV
;
O
10 'polypeptide(L)'
;GVDIRHNKDRKVRRKEPKSQDIYLRLLVKLYRFLARRTNSTFNQVVLKRLFMSRTNRPPLSLSRMIRKMKLPGREGKTAV
VVGTITDDVRVQEVPKLKVCALRVSSRARSRILKAGGKILTFDQLALDSPKGCGTVLLSGPRKGREVYRHFGKAPGTPHS
HTKPYVRSKGRKFERARGRRASRGYKN
;
Q
11 'polypeptide(L)'
;SMLRLQKRLASSVLRCGKKKVWLDPNETNEIANANSRQQIRKLIKDGLIIRKPVTVHSRARCRKNTLARRKGRHMGIGKR
KGTANARMPEKVTWMRRMRILRRLLRRYRESKKIDRHMYHSLYLKVKGNVFKNKRILMEHIHKLKADKARKKLLADQAEA
RRSKTKEARKRREERLQAKK
;
R
12 'polypeptide(L)'
;KASGTLREYKVVGRCLPTPKCRTPPLYRMRIFAPNHVVAKSRFWYFVSQLKKMKKSSGEIVYCGQVFEKSPLRVKNFGIW
LRYDSRSGTHNMYREYRDLTTAGAVTQCYRDMGARHRARAHSIQIMKVEEIAASKCRRPAVKQFHDSKIKFPLPHRVLRR
QHKPRFTTKRPNTFF
;
S
13 'polypeptide(L)'
;TNTKGKRRGTRYMFSRPFRKHGVVPLATYMRIYKKGDIVDIKGMGTVQKGMPHKCYHGKTGRVYNVTQHAVGIVVNKQVK
GKILAKRINVRIEHIKHSKSRDSFLKRVKENDQKKKEAKEKGTWVQLKRQPAPPREAHFVRTNGKEPELLEPIPYEFMA
;
T
14 'polypeptide(L)'
;QVLKFTLDCTHPVEDGIMDAANFEQFLQERIKVNGKAGNLGGGVVTIERSKSKITVTSEVPFSKRYLKYLTKKYLKKNNL
RDWLRVVANSKESYELRYF
;
U
15 'polypeptide(L)'
;SGAKFRISLGLPVGAVINCADNTGAKNLYIISVKGIKGRLNRLPAAGVGDMVMATVKKGKPELRKKVHPAVVIRQRKSYR
RKDGVFLYFEDNAGVIVNNKGEMKGSAITGPVAKECADLWPRIASNAGSIA
;
V
16 'polypeptide(L)'
;KKIRTSPTFRRPKTLRLRRQPKYPRKSAPRRNKLDHYAIIKFPLTTESAMKKIEDNNTLVFIVDVKANKHQIKQAVKKLY
DIDVAKVNTLIRPDGEKKAYVRLAPDYDALDVANKIGII
;
X
17 'polypeptide(L)'
;MKFNPFVTSDRSKNRKRHFNAPSHIRRKIMSSPLSKELRQKYNVRSMPIRKDDEVQVVRGHYKGQQIGKVVQVYRKKYVI
YIERVQREKANGTTVHVGIHPSKVVITRLKLDKDRKKILERKAKSRQVGKEKGK
;
Y
18 'polypeptide(L)'
;GKFMKPGKVVLVLAGRYSGRKAVIVKNIDDGTSDRPYSHALVAGIDRYPRKVTAAMGKKKIAKRSKIKSFVKVYNYNHLM
PTRYSVDIPLDKTVVNKDVFRDPALKRKARREAKVKFEERYKTGKNKWFFQKLRF
;
Z
19 'polypeptide(L)'
;PSRLRKTRKLRGHVSHGHGRIGKHRKHPGGRGNAGGMHHHRINFDKYHPGYFGKVGMRHYHLKRNQSFCPTVNLDKLWTL
VSEQTRINAAKNKTGAAPIIDVVRSGYYKVLGKGKLPKQPVIVKAKFFSRRAEEKIKGVGGACVLVA
;
a
20 'polypeptide(L)' AKSKNHTTHNQSRKWHRNGIKKPRSQRYESLKGVDPKFLRNMRFAKKHNKKGLKKMQANNAKAMSARAEAIKALV b
21 'polypeptide(L)'
;SINSRLQLVMKSGKYVLGYKQTLKMIRQGKAKLVILANNCPALRKSEIEYYAMLAKTGVHHYSGNNIELGTACGKYYRVC
TLAIIDPGDSDIIR
;
c
22 'polypeptide(L)'
;NEVVTREYTINIHKRIHGVGFKKRAPRALKEIRKFAMKEMGTPDVRIDTRLNKAVWAKGIRNVPYRIRVRLSRKRNEDED
SPNKLYTLVTYVPVTTFKNLQTVNVDE
;
d
23 'polypeptide(L)'
;AALRPLVKPKIVKKRTKKFIRHQSDRYVKIKRNWRKPRGIDNRVRRRFKGQILMPNIGYGSNKKTKHMLPSGFRKFLVHN
VKELEVLLMCNKSYCAEIAHNVSSKNRKAIVERAAQLAIRVTNPNARL
;
e
24 'polypeptide(L)'
;SGRLWSKAIFAGYKRGLRNQREHTALLKIEGVYARDETEFYLGKRCAYVYKAKNNTVTPGGKPNKTRVIWGKVTRAHGNS
GMVRAKFRSNLPAKAIGHRIRVMLYPSRI
;
f
25 'polypeptide(L)'
;VQRLTYRRRLSYNTASNKTRLSRTPGNRIVYLYTKKVGKAPKSACGVCPGRLRGVRAVRPKVLMRLSKTKKHVSRAYGGS
MCAKCVRDRIKRAFLIEEQKIVVKVLKAQAQSQK
;
g
26 'polypeptide(L)'
;AKIKARDLRGKKKEELLKQLEDLKVELSQLRVAKVTGGAASKLSKIRVVRKSIARVLTVINQTQKENLRKFYKGKKYKPL
DLRPKKTRAMRRRLNKHEENLKTKKQQRKERLYPLRKFAVKA
;
h
27 'polypeptide(L)'
;ALRYPMAVGLNKGHKVTKNVSKPRHSRRRGRLTKHTKFVRDMIREVCGFAPYERRAMELLKVSKDKRALKFIKKRVGTHI
RAKRKREELSNVLAAMRKAAAK
;
i
28 'polypeptide(L)' PRKIEEIKDFLLTARRKDAKSVKIKKNKDNVKFKVRCSRYLYTLVITDKEKAEKLKQSLPPGLAVKELK k
29 'polypeptide(L)' SSHKTFRIKRFLAKKQKQNRPIPQWIRMKTGNKIRYNSKRRHWRRTKLGL l
30 'polypeptide(L)' IIEPSLRQLAQKYNCDKMICRKCYARLHPRAVNCRKKKCGHTNNLRPKKKVK m
31 'polypeptide(L)'
;VNVPKTRRTFCKKCGKHQPHKVTQYKKGKDSLYAQGKRRYDRKQSGYGGQTKPIFRKKAKTTKKIVLRLECVEPNCRSKR
MLAIKRCKHFELGGDKKRKGQVIQ
;
o
32 'polyribonucleotide'
;CGCGACCUCAGAUCAGACGUGGCGACCCGCUGAAUUUAAGCAUAUUAGUCAGCGGAGGAGAAGAAACUAACCAGGAUUCC
CUCAGUAACGGCGAGUGAACAGGGAAGAGCCCAGCGCCGAAUCCCCGCCCCGCGGCGGGGCGCGGGACAUGUGGCGUACG
GAAGACCCGCUCCCCGGCGCCGCUCGUGGGGGGCCCAAGUCCUUCUGAUCGAGGCCCAGCCCGUGGACGGUGUGAGGCCG
GUAGCGGCCCCCGGCGCGCCGGGCCCGGGUCUUCCCGGAGUCGGGUUGCUUGGGAAUGCAGCCCAAAGCGGGUGGUAAAC
UCCAUCUAAGGCUAAAUACCGGCACGAGACCGAUAGUCAACAAGUACCGUAAGGGAAAGUUGAAAAGAACUUUGAAGAGA
GAGUUCAAGAGGGCGUGAAACCGUUAAGAGGUAAACGGGUGGGGUCCGCGCAGUCCGCCCGGAGGAUUCAACCCGGCGGC
GGGUCCGGCCGUGUCGGCGGCCCGGCGGAUCUUUCCCGCGCGGGGGACCGUCCCCCGACCGGCGACCGGCCGCCGCCGGG
CGCAUUUCCACCGCGGCGGUGCGCCGCGACCGGCUCCGGGACGGCUGGGAAGGCCCGGCGGGGAAGGUGGCUCGGCCGAG
UGUUACAGCCCCCCCGGCAGCAGCACUCGCCGAAUCCCGGGGCCGAGGGAGCGAGACCCGUCGCCGCGCUCUCCCCCCUC
CCGGCGCCGCCGGGGGGGGCCGGGCCACCCCUCCCACGGCGCGACCGCUCGGGGCGGACUGUCCCCAGUGCGCCCCGGGC
GGGUCGCGCCGUCGGGCCCGGGGGAGGGGCCACGCGCGCGUCCCCCGAAGAGGGGGACGGCGGAGCGAGCGCACGGGGUC
GGCGGCGACGUCGGCUACCCACCCGACCCGUCUUGAAACACGGACCAAGGAGUCUAACACGUGCGCGAGUCGGGGGCUCG
CACGAAAGCCGCCGUGGCGCAAUGAAGGUGAAGGCCGGCGCGCUCGCCGGCCGAGGUGGGAUCCCGAGGCCUCUCCAGUC
CGCCGAGGGCGCACCACCGGCCCGUCUCGCCCGCCGCGCCGGGGAGGUGGAGCACGAGCGCACGUGUUAGGACCCGAAAG
AUGGUGAACUAUGCCUGGGCAGGGCGAAGCCAGAGGAAACUCUGGUGGAGGUCCGUAGCGGUCCUGACGUGCAAAUCGGU
CGUCCGACCUGGGUAUAGGGGCGAAAGACUAAUCGAACCAUCUAGUAGCUGGUUCCCUCCGAAGUUUCCCUCAGGAUAGC
UGGCGCUCUCGCACACGCAGUUUUAUCCGGUAAAGCGAAUGAUUAGAGGUCUUGGGGCCGAAACGAUCUCAACCUAUUCU
CAAACUUUAAAUGGGUAAGAAGCCCGGCUCGCUGGCGUGAGCCGGGCGUGGAAUGGAGUGCCUAGUGGGCCACUUUUGGU
AAGCAGAACUGGCGCUGCGGGAUGAACCGAACGCCGGGUUAAGGCGCCCGAUGCCGACGCUCAUCAGACCCCAGAAAAGG
UGUUGGUUGAUAUAGACAGCAGGACGGUGGCCAUGGAAGUCGGAAUCCGCUAAGGAGUGUGUAACAACUCACCUGCCGAA
UCAACUAGCCCUGAAAAUGGAUGGCGCUGGAGCGUCGGGCCCAUACCCGGCCGUCGCCGGCAGUCGAGAGUGGACGGGAG
CGGCGGGGGCGGCGCGCGCGCGCGCCCGCCCCCGGAGCCCCGCGGACGCUACGCCGCGACGAGUAGGAGGGCCGCUGCGG
UGAGCCUUGAAGCCUAGGGCGCGGGCCCGGGUGGAGCCGCCGCAGGUGCAGAUCUUGGUGGUAGUAGCAAAUAUUCAAAC
GAGAACUUUGAAGGCCGAAGUGGAGAAGGGUUCCAUGUGAACAGCAGUUGAACAUGGGUCAGUCGGUCCUGAGAGAUGGG
CGAGCGCCGUUCCGAAGGGACGGGCGAUGGCCUCCGUUGCCCUCGGCCGAUCGAAAGGGAGUCGGGUUCAGAUCCCCGAA
UCCGGAGUGGCGGAGAUGGGCGCCGCGAGGCGUCCAGUGCGGUAACGCGACCGAUCCCGGAGAAGCCGGCGGGAGCCCCG
GGGAGAGUUCUCUUUUCUUUGUGAAGGGCAGGGCGCCCUGGAAUGGGUUCGCCCCGAGAGAGGGGCCCGUGCCUUGGAAA
GCGUCGCGGUUCCGGCGGCGUCCGGUGAGCUCUCGCUGGCCCUUGAAAAUCCGGGGGAGAGGGUGUAAAUCUCGCGCCGG
GCCGUACCCAUAUCCGCAGCAGGUCUCCAAGGUGAACAGCCUCUGGCAUGUUGGAACAAUGUAGGUAAGGGAAGUCGGCA
AGCCGGAUCCGUAACUUCGGGAUAAGGAUUGGCUCUAAGGGCUGGGUCGGUCGUCGGCCGGCGCCUAGCAGCCGACUUAG
AACUGGUGCGGACCAGGGGAAUCCGACUGUUUAAUUAAAACAAAGCAUCGCGAAGGCCCGCGGCGGGUGUUGACGCGAUG
UGAUUUCUGCCCAGUGCUCUGAAUGUCAAAGUGAAGAAAUUCAAUGAAGCGCGGGUAAACGGCGGGAGUAACUAUGACUC
UCUUAAGGUAGCCAAAUGCCUCGUCAUCUAAUUAGUGACGCGCAUGAAUGGAUGAACGAGAUUCCCACUGUCCCUACCUA
CUAUCCAGCGAAACCACAGCCAAGGGAACGGGCUUGGCGGAAUCAGCGGGGAAAGAAGACCCUGUUGAGCUUGACUCUAG
UCUGGCACGGUGAAGAGACAUGUUUUUUCACUGACCCGGUGAGGCGGGGGGGCGAGCCCCGAGGGGCUCUCGCUUCUGGC
GCCAAGCGCCCGGCCGCGCGCCGGCCGGGCGCGACCCGCUCCGGGGACAGUGCCAGGUGGGGAGUUUGACUGGGGCGGUA
CACCUGUCAAACGGUAACGCAGGUGUCCUAAGGCGAGCUCAGGGAGGACAGAAACCUCCCGUGGAGCAGAAGGGCAAAAG
CUCGCUUGAUCUUGAUUUUCAGUACGAAUACAGACCGUGAAAGCGGGGCCUCACGAUCCUUCUGACCUUUUGGGUUUUAA
GCAGGAGGUGUCAGAAAAGUUACCACAGGGAUAACUGGCUUGUGGCGGCCAAGCGUUCAUAGCGACGUCGCUUUUUGAUC
CUUCGAUGUCGGCUCUUCCUAUCAUUGUGAAGCAGAAUUCACCAAGCGUUGGAUUGUUCACCCACUAAUAGGGAACGUGA
GCUGGGUUUAGACCGUCGUGAGACAGGUUAGUUUUACCCUACUGAUGAUGUGUUGUUGCCAUGGUAAUCCUGCUCAGUAC
GAGAGGAACCGCAGGUUCAGACAUUUGGUGUAUGUGCUUGGCUGAGGAGCCAAUGGGGCGAAGCUACCAUCUGUGGGAUU
AUGACUGAACGCCUCUAAGUCAGAAUCCCGCCCAGGCGGAACGAUACGGCAGCGCCGCGGAGCCUCGGUUGGCCUCGGAU
AGCCGGUCCCCCGCGGGGUCCGGUGCGGAGUGCCCUUCGUCCUGGGAAACGGGGCGCGGCCGGAGAGGCGGCCGCCCCCU
CGCCCGUCACGCACGCCGUUCGUGGGGAACCUGGCGCUAAACCAUUCGUAGACGACCUGCUUCUGGGUCGGGGUUUCGUA
CGUAGCAGAGCAGCUCGCUGCGAUCUAUUGAAAGUCAGCCCUCGACACAAGGGUUUGU
;
5
33 'polyribonucleotide'
;GUCUACGGCCAUACCACCCUGAACGCGCCCGAUCUCGUCUGAUCUCGGAAGCUAAGCAGGGUCGGGCCUGGUUAGUACUU
GGAUGGGAGACCGCCUGGGAAUACCGGGUGCUGUAGGCUU
;
7
34 'polyribonucleotide'
;CGACUCUUAGCGGUGGAUCACUCGGCUCGUGCGUCGAUGAAGAACGCAGCUAGCUGCGAGAAUUAAUGUGAAUUGCAGGA
CACAUUGAUCAUCGACACUUCGAACGCACUUGCGGCCCCGGGUUCCUCCCGGGGCUACGCCUGUCUGAGCGUCGCU
;
8
35 'polypeptide(L)'
;SHRKFSAPRHGSLGFLPRKRSSRHRGKVKSFPKDDSSKPVHLTAFLGYKAGMTHIVREVDRPGSKVNKKEVVEAVTIVET
PPMIVVGIVGYVETPRGLRTFKTIFAEHISDECKRRFYKNWHKSKKKAFTKYCKKWQDAAGAAALAADFSSMKAYCQVIR
VIAHTQMRLLPLRQKKAHLMEIQVNGGTVAEKLDWARERLEQQVPVNQVFGQDEMIDVIGVTKGKGYKGVTSRWHTKKLP
RKTHRGLRKVACIGAWHPARVAFSVARAGQKGYHHRTEINKKIYKIGQGYLIKDGKLIKNNASTDYDLSDKSINPLGGFV
HYGEVTNDFVMLKGCVVGTKKRVLTLRKSLLVQTKRRALEKIDLKFIDTTSKFGHGRFQTVEEKKAFMGPLKKD
;
B
36 'polypeptide(L)'
;ACARPLISVYSEKGESSGKNVTLPAVFKAPIRPDIVNFVHTNLRKNNRQPYAVSELAGHQTSAESWGTGRAVARIPRVRG
GGTHRSGQGAFGNMCRGGRMFAPTKTWRRWHRRVNTTQKRYAICSALAASALPALVMSKGHRIEEVPELPLVVEDKVESY
KKTKEAVLLLKKLKAWNDIKKVYASQRMRAGKGKMRNRRRIQRRGPCIIYNEDNGIIKAFRNIPGITLLNVSKLNILKLA
PGGHVGRFCIWTESAFRKLDELYGTWRKAATLKSNYNLPMHKMLNTDLSRILKSPEIQRALRAPRKKIHRRVLKKNPLKN
LRIMLKLNPYAKTMRRNTILRQARNHKIRMDKAAAAAAALKAKSGEK
;
C
37 'polypeptide(L)'
;PHCSRNPVLVRGIGRYSRSAMYSRMAMYKRKYSAAVLATVTKPVGGDKNGGTRVVKLRKMPRYYPTEDVPRKLLSHGKKP
FSKHVRKLRASITPGTILIILTGRHRGKRVIFLKQLSSGLLLVTGPLVLNRVPLRRTHQKFVIATSTKIDISGVKIPKHL
TDAYFKKKKLRKPRHQEGEIFDTEKEKYEISEQRKVDQKAVDSQILRRIKAVPQLQGYLRSVFALTNGIYPHKLVF
;
E
38 'polypeptide(L)'
;NFAELKIKRLRKKFAQKMLRKARRKLIYEKAKHYHKEYRQMYRTEIRMARMARKAGNFYVPAEPKLAFVIRIRGINGVSP
KVRKVLQLLRLRQIFNGTFVKLNKASINMLRIVEPYIAWGYPNLKSVNELIYKRGYGKINKKRIALTDNALIARSLGKYG
IICMEDLIHEIYTVGKRFKEANNFLWPFKLSSPRGGMKKKTTHFVEGGDAGNREDQINRLIRRMN
;
F
39 'polypeptide(L)'
;GRRPARCYRYCKNKPYPKSRFCRGVPDAKIRIFDLGRKKAKVDEFPLGGHMVSDEYEQLSSEALEAARICANKYMVKSCG
RDGFHMRVRLHPFHVIRINKMLSCAGADRLQTGMRGAFGKPQGTVARVHIGQVIMSIRTKLQNEEHVIEALRRAKFKFPG
RQKIHISKKWGFTKFNADEFENMVAKKCLIPDGCGVKYVPNHGPLDKWRVLHS
;
I
40 'polypeptide(L)'
;VRYSLDPENPTKSCKSRGSNLRVHFKNTRETAQAIKGMHIRKATKYLKDVTLQKQCVPFRRYNGGVGRCAQAKQWGWTQG
RWPKKSAEFLLHMLKNAESNAELKGLDVDSLVIEHIQVNKAPKMRRRTYRAHGRINPYMSSPCHIEMILTEKE
;
P
41 'polypeptide(L)' MKVELCSFSGYKIYPGHGRRYARTDGKVFQFLNAKCESAFLSKRNPRQINWTVLYRRKHKKGQ W
42 'polypeptide(L)'
;TKGTSSFGKRRNKTHTLCRRCGSKAYHLQKSTCGKCGYPAKRKRKYNWSAKAKRRNTTGTGRMRHLKIVYRRFRHGFREG
ITPKPK
;
j
43 'polypeptide(L)' RAKWRKKRMRRLKRKRRKMRQRS n
44 'polypeptide(L)'
;AKRTKKVGIVGKYGTRYGASLRKMVKKIEISQHAKYTCSFCGKTKMKRRAVGIWHCGSCMKTVAGGAWTYNTTSAVTVKS
AIRRLKELKDQ
;
p
45 'polypeptide(L)'
;SAHLQWMVVRNCSSFLIKRNKQTYSTEPNNLKARNSFRYNGLIHHKTVGVEPAADGKGVVVVIKRRSGQRKPATSYVRTT
INKNARATLSSIRHMIRKNKYRPDLRMAAIRRASAILRSQKPVMV
;
r
46 'polypeptide(L)'
;MPPKFDPNEIKVVYLRCTGGEVGATSALAPKIGPLGLSPKKVGDDIAKATGDWKGLRITVKLTIQNRQAQIEVVPSASAL
IIKALKEPPRDRKKQKNIKHSGNITFDEIVNIARQMRHRSLARELSGTIKEILGTAQSVGCNVDGRHPHDIIDDINSGAV
ECP
;
K
47 'polypeptide(L)'
;DRATWKSNYFLKIIQLLDDYPKCFIVGADNVGSKQMQQIRMSLRGKAVVLMGKNTMMRKAIRGHLENNPALEKLLPHIRG
NVGFVFTKEDLTEIRDMLRANKVPAAARAGAIAPCEVTVPAQNTGLGPEKTSFFQALGITTKISRGTIEILSDVQLIKTG
DKVGASEATLLNMLNISPFSFGLVIQQVFDNGSIYNPEVLDI
;
q
48 'polypeptide(L)'
;ADLGRKITSALRSLSNATIINEEVLNAMLKEVCTALLEADVNIKLVKQLRENVKSAIDLEEMASGLNKRKMIQHAVFKEL
VKLVDPGVKAWTPTKGKQNVIMFVGLQGSGKTTTCSKLAYYYQRKGWKTCLICADTFRAGAFDQLKQNATKARIPFYGSY
TEMDPVIIASEGVEKFKNENFEIIIVDTSGRHKQEDSLFEEMLQVANAIQPDNIVYVMDASIGQACEAQAKAFKDKVDVA
SVIVTKLDGHAKGGGALSAVAATKSPIIFIGTGEHIDDFEPFKTQPFISKLLGMQFTLRDMYEQFQNIMKMGPFSQILGM
IPGFGTDFMSKGNEQESMARLKKLMTIMDSMNDQELDSTDGAKVFSKQPGRIQRVARGSGVSTRDVQELLTQYTKFAQMV
KKM(UNK)(UNK)(UNK)(UNK)(UNK)(UNK)(UNK)(UNK)(UNK)(UNK)(UNK)(UNK)(UNK)(UNK)(UNK)
(UNK)(UNK)(UNK)(UNK)(UNK)(UNK)(UNK)(UNK)
;
z
49 'polyribonucleotide' GUUUCCGUAGUGUAGUGGUUAUCACGUUCGCCUAACACGCGAAAGGUCCCCGGUUCGAAACCGGGCGGAAACACCA 3
50 'polyribonucleotide'
;GCCGGGCGCGGUGGCGCGCGCCUGUAGUCCCAGCUACUCGGGAGGCUGAGGCUGGAGGAUCGCUUUAGCGAGACCCCGUC
UCGACUAAGUUCGGCAUCAAUAUGGUGACCUCCCGGGAGCGGGGGACCACCAGGUUGCCUAAGGAGGGGUGAACCGGCCC
AGGUCGGAAACGGAGCAGGUCAAAACUCCCGUGCUGAUCAGUAGUU
;
4
51 'polypeptide(L)'
;DRFICIYPAYLNNKKTIAEGRRIPISKAVENPTATEIQDVCSAVGLNVFLEKNKMYSREWNRDVQYRGRVRVQLKQEDGS
LCLVQFPSRKSVMLYAAEMIPKLKT
;
9
52 'polypeptide(L)'
;LSLEILQIIKESQQQHGLRHGDFQRYRGYCSRRQRRLRKTLNDLLTDNRYLLLVLMDAERAWSYAMQLKQEANTEPRKRF
HLLSRLRKAVKHAEELERLCESNRVDAKTKLEAQAYTAYLSGMLRFEHQEWKAAIEAFNKCKTIYEKLASAFTEEQAVLY
NQRVEEISPNIRYCAYNIG
;
6
53 'polyribonucleotide'
;UACCUGGUUGAUCCUGCCAGUAGCAUAUGCUUGUCUCAAAGAUUAAGCCAUGCAUGUCUAAGUACGCACGGCCGGUACAG
UGAAACUGCGAAUGGCUCAUUAAAUCAGUUAUGGUUCCUUUGGUCGCUCGCUCCUCUCCCACUUGGAUAACUGUGGUAAU
UCUAGAGCUAAUACAUGCCGACGGGCGCUGACCCCCUUCGCGGGGGGGAUGCGUGCAUUUAUCAGUGGUGACUCUAGAUA
ACCUCGGGCCGAUCGCACGCCCCCCGUGGCGGCGACGACCCAUUCGAACGUCUGCCCUAUCAACUUUCGAUGGUAGUCGC
CGUGCCUACCAUGGUGACCACGGGUGACGGGGAAUCAGGGUUCGAUUCCGGAGAGGGAGCCUGAGAAACGGCUACCACAU
CCAAGGAAGGCAGCAGGCGCGCAAAUUACCCACUCCCGACCCGGGGAGGUAGUGACGAAAAAUAACAAUACAGGACUCUU
UCGAGGCCCUGUAAUUGGAAUGAGUCCACUUUAAAUCCUUCCGCGAGGAUCCAUUGGAGGGCAAGUCUGGUGCCAGCAGC
CGCGGUAAUUCCAGCUCCAAUAGCGUAUAUUAAAGUUGCUGCAGUUAAAAAGCUCGUAGUUGGAUCUUGGGAGCGGGCGU
CCCCGCCGCCUCUCGGCCGGGGCCCGAAGCAUUUACUUUGAAAAAAUUAGAGUGUUCAAAGCAGGCCCGAGCCGCCUGGA
UACCGCAGCUAGGAAUAAUGGAAUAGGACCGCGGUUCUAUUUUGUUGGUUUUCGGAACUGAGGCCAUGAUUAAGAGGGAC
GGCCGGGGGCAUUCGUAUUGCGCCGCUAGAGGUGAAAUUCUUGGACCGGCGCAAGACGGACCAGAGCGAAAGCAUUUGCC
AAGAAUGUUUUCAUUAAUCAAGAACGAAAGUCGGAGGUUCGAAGACGAUCAGAUACCGUCGUAGUUCCGACCAUAAACGA
UGCCGACUGGCGAUGCGGCGGCGUUAUUCCCAUGACCCGCCGGGCAGCUUCCGGGAAACCAAAGUCUUUGGGUUCCGGGG
GGAGUAUGGUUGCAAAGCUGAAACUUAAAGGAAUUGACGGAAGGGCACCACCAGGAGUGGAGCCUGCGGCUUAAUUUGAC
UCAACACGGGAAACCUCACCCGGCCCGGACACGGACAGGAUUGACAGAUUGAUAGCUCUUUCUCGAUUCCGUGGGUGGUG
GUGCAUGGCCGUUCUUAGUUGGUGGAGCGAUUUGUCUGGUUAAUUCCGAUAACGAACGAGACUCUGGCAUGCUAACUAGU
UACGCGACCCCCGAGCGGUCGGCGUCCCCCAACUUCUUAGAGGGACAAGUGGCGUUCAGCCACCCGAGAUUGAGCAAUAA
CAGGUCUGUGAUGCCCUUAGAUGUCCGGGGCUGCACGCGCGCUACACUGACUGGCUCAGCGUGUGCCUACCCUACGCCGG
CAGGCGCGGGUAACCCGUUGAACCCCAUUCGUGAUGGGGAUCGGGGAUUGCAAUUAUUCCCCAUGAACGAGGAAUUCCCA
GUAAGUGCGGGUCAUAAGCUUGCGUUGAUUAAGUCCCUGCCCUUUGUACACACCGCCCGUCGCUACUACCGAUUGGAUGG
UUUAGUGAGGCCCUCGGAUCGGCCCCGCCGGGGUCGGCCCACGGCCCUGGCGGAGCGCUGAGAAGACGGUCGAACUUGAC
UAUCUAGAGGAAGUAAAAGUCGUAACAAGGUUUCCGUAGGUGAACCUGCGGAAGGAUCAUUA
;
S2
54 'polypeptide(L)'
;SGALDVLQMKEEDVLKFLAAGTHLGGTNLDFQMEQYIYKRKSDGIYIINLKRTWEKLLLAARAIVAIENPADVSVISSRN
TGQRAVLKFAAATGATPIAGRFTPGTFTNQIQAAFREPRLLVVTDPRADHQPLTEASYVNLPTIALCNTDSPLRYVDIAI
PCNNKGAHSVGLMWWMLAREVLRMRGTISREHPWEVMPDLYFYRDPEE
;
SA
55 'polypeptide(L)'
;VVDPFSKRDWYDVKAPAMFNIRNIGKTLVTRTQGTKIASDGLKGRVFEVSPADLQNDEVAFRKSKLITEDVQGKNCLTNF
HGMDLTRDKMCSMVKKWQTVIEAHVDVKTTDGYLLRLFCVGFTKKRNNQIRKTSYAQHQQVRQIRKKMMEIMTREVQTND
LKEVVNKLIPDSIGKDIEKACQPIYPLHDVFVRKVKMLKKPKFELGKLMELHG
;
SB
56 'polypeptide(L)'
;EWMPVTKLGRLVKDMKIKSLEEIYLFSLPIKESEIIDFFLGASLKDEVLKIMPVQKQTRAGQRTRFKAFVAIGDYNGHVG
LGVKCSKEVATAIRGAIILAKLSIVPVRRGYWGNKIGKPHTVPCKVTGRCGSVLVRLIPAPRGTGIVSAPVPKKLLMMAG
IDDCYTSARGCTATLGNFAKATFDAISKTYSYLTPDLWKETVFTKSPYQEFTDHLVKT
;
SC
57 'polypeptide(L)'
;ARGPKKHLKRVAAPKHWMLDKLTGVFAPRPSTGPHKLRECLPLIIFLRNRLKYALTGDEVKKICMQRFIKIDGKVRTDIT
YPAGFMDVISIDKTGENFRLIYDTKGRFAVHRITPEEAKYKLCKVRKIFVGTKGIPHLVTHDARTIRYPDPLIKVNDTIQ
IDLETGKITDFIKFDTGNLCMVTGGANLGRIGVITNRERHPGSFDVVHVKDANGNSFATRLSNIFVIGKGNKPWISLPRG
KGIRLTIAEERDKRLAAKQSSG
;
SE
58 'polypeptide(L)'
;MKLNISFPATGCQKLIEVDDERKLRTFYEKRMATEVAADALGEEWKGYVVRISGGNDKQGFPMKQGVLTHGRVRLLLSKG
HSCYRPRRTGERKRKSVRGCIVDANLSVLNLVIVKKGEKDIPGLTDTTVPRRLGPKRASRIRKLFNLSKEDDVRQYVVRK
PLNKEGKKPRTKAPKIQRLVTPRVLQHKRRRIALKKQRTKKNKEEAAEYAKLLAKRMKEAKEKRQEQIAKRRRLSSL
;
SG
59 'polypeptide(L)'
;SAKIVKPNGEKPDEFESGISQALLELEMNSDLKAQLRELNITAAKEIEVGGGRKAIIIFVPVPQLKSFQKIQVRLVRELE
KKFSGKHVVFIAQRRILPKPTRKSRTKNKQKRPRSRTLTAVHDAILEDLVFPSEIVGKRIRVKLDGSRLIKVHLDKAQQN
NVEHKVETFSGVYKKLTGKDVNFEFPEFQ
;
SH
60 'polypeptide(L)'
;GISRDNWHKRRKTGGKRKPYHKKRKYELGRPAANTKIGPRRIHTVRVRGGNKKYRALRLDVGNFSWGSECCTRKTRIIDV
VYNASNNELVRTKTLVKNCIVLIDSTPYRQWYESHYALPLGRKKGAKLTPEEEEILNKKRSKKIQKKYDERKKNAKISSL
LEEQFQQGKLLACIASRPGQCGRADGYVLEGKELEFYLRKIKARKG
;
SI
61 'polypeptide(L)'
;PVARSWVCRKTYVTPRRPFEKSRLDQELKLIGEYGLRNKREVWRVKFTLAKIRKAARELLTLDEKDPRRLFEGNALLRRL
VRIGVLDEGKMKLDYILGLKIEDFLERRLQTQVFKLGLAKSIHHARVLIRQRHIRVRKQVVNIPSFIVRLDSQKHIDFSL
RSPYGGGRPGRVKRKNAKKGQGGAG
;
SJ
62 'polypeptide(L)'
;ADIQTERAYQKQPTIFQNKKRVLLGETGKEKLPRYYKNIGLGFKTPKEAIEGTYIDKKCPFTGNVSIRGRILSGVVTKMK
MQRTIVIRRDYLHYIRKYNRFEKRHKNMSVHLSPCFRDVQIGDIVTVGECRPLSKTVRFNVLKVTKAAGTKK
;
SL
63 'polypeptide(L)'
;GRMHAPGKGLSQSALPYRRSVPTWLKLTSDDVKEQIYKLAKKGLTPSQIGVILRDSHGVAQVRFVTGNKILRILKSKGLA
PDLPEDLYHLIKKAVAVRKHLERNRKDKDAKFRLILIESRIHRLARYYKTKRVLPPNWKYESSTASALV
;
SN
64 'polypeptide(L)'
;SLGPQVAEGENVFGVCHIFASFNDTFVHVTDLSGKETICRVTGGMKVKADRDESSPYAAMLAAQDVAQRCKELGITALHI
KLRATGGNRTKTPGPGAQSALRALARSGMKIGRIEDVTPIPSDSTRRKGGRRGRRL
;
SO
65 'polypeptide(L)'
;MQNDAGEFVDLYVPRKCSASNRIIGAKDHASIQMNVAEVDKVTGRFNGQFKTYAICGAIRRMGESDDSILRLAKADGIVS
KN
;
SV
66 'polypeptide(L)'
;VRMNVLADALKSINNAEKRGKRQVLIRPCSKVIVRFLTVMMKHGYIGEFEIIDDHRAGKIVVNLTGRLNKCGVISPRFDV
QLKDLEKWQNNLLPSRQFGFIVLTTSAGIMDHEEARRKHTGGKILGFFF
;
SW
67 'polypeptide(L)'
;GKCRGLRTARKLRSHRRDHKWHDKQYKKAHLGTALKANPFGGASHAKGIVLEKVGVEAKQPNSAIRKCVRVQLIKNGKKI
TAFVPNDGCLNFIEENDEVLVAGFGRKGHAVGDIPGVRFKVVKVANVSLLALYKGKKERPR
;
SX
68 'polypeptide(L)'
;DTVTIRTRKFMTNRLLQRKQMVIDVLHPGKATVPKTEIREKLAKMYKTTPDVIFVFGFRTHFGGGKTTGFGMIYDSLDYA
KKNEPKHRLARHGLYEKKKTSRKQRKERKNRMKKVRGTAKANVGAG
;
SY
69 'polypeptide(L)'
;TKKRRNNGRAKKGRGHVQPIRCTNCARCVPKDKAIKKFVIRNIVEAAAVRDISEASVFDAYVLPKLYVKLHYCVSCAIHS
KVVRNRSREARKDRTPPP
;
Sa
70 'polypeptide(L)'
;PLAKDLLHPSPEEEKRKHKKKRLVQSPNSYFMDVKCPGCYKITTVFSHAQTVVLCVGCSTVLCQPTGGKARLTEGCSFRR
KQH
;
Sb
71 'polypeptide(L)' HGSLARAGKVRGQTPKVAKQEKKKKKTGRAKRRMQYNRRFVNVVPTFGKKKGPNANS Se
72 'polypeptide(L)'
;MAVQISKKRKFVADGIFKAELNEFLTRELAEDGYSGVEVRVTPTRTEIIILATRTQNVLGEKGRRIRELTAVVQKRFGFP
EGSVELYAEKVATRGLCAIAQAESLRYKLLGGLAVRRACYGVLRFIMESGAKGCEVVVSGKLRGQRAKSMKFVDGLMIHS
GDPVNYYVDTAVRHVLLRQGVLGIKVKIMLPWDPTGKIGPKKPLPDHVSIVEPKDEILPTTPISEQK
;
SD
73 'polypeptide(L)'
;TPDIKLFGKWSTDDVQINDISLQDYIAVKEKYAKYLPHSAGRYAAKRFRKAQCPIVERLTNSMMMHGRNNGKKLMTVRIV
KHAFEIIHLLTGENPLQVLVNAIINSGPREDSTRIGRAGTVRRQAVDVSPLRRVNQAIWLLCTGAREAAFRNIKTIAECL
ADELINAAKGSSNSYAIKKKDELERVAKSNR
;
SF
74 'polypeptide(L)'
;MLMPKKNRIAIYELLFKEGVMVAKKDVHMPKHPELADKNVPNLHVMKAMQSLKSRGYVKEQFAWRHFYWYLTNEGIQYLR
DYLHLPPEIVPATLRRSR
;
SK
75 'polypeptide(L)'
;GGVMDVNTALQEVLKTALIHDGLARGIREAAKALDKRQAHLCVQASNCDEPMYVKLVEALLAEHQINLIKVDDNKKLGEW
VGLCKIDREGNPRKVVGCSCVVVKDYGKESQAKDVIEEYFKCKK
;
SM
76 'polypeptide(L)'
;VEQKKKRTFRKFTYRGVDLDQLLDMSYEQLMQLYSARQRRRLNRGLRRKQHSLLKRLRKAKKEAPPMEKPEVVKTHLRDM
IILPEMVGSMVGVYNG
;
SP
77 'polypeptide(L)'
;PLQSVQVFGRKKTATAVAHCKRGNGLIKVNGRPLEMIEPRTLQYKLLEPVLLLGKERFAGVDIRVRVKGGGHVAQIYAIR
QSISKALVAYYQKYVDEASKKEIKDILIQYDRTLLVADPRRCESKKFGGPGARARYQKSYR
;
SQ
78 'polypeptide(L)'
;MGRVRTKTVKKAARVIIEKYYTRLGNDFHTNKRVCEEIAIIPSKKLRNKIAGYVTHLMKRIQRGPVRGISIKLQEEERER
RDNYVPEVSALDQEIIEVDPDTKEMLKLLDFGSLSNLQVTQPTVGMNFK
;
SR
79 'polypeptide(L)'
;PEKFQHILRVLNTNIDGRRKIAFAITAIKGVGRRYAHVVLRKADIDLTKRAGELTEDEVERVITIMQNPRQYKIPDWFLN
RQKDVKDGKYSQVLANGLDNKLREDLERLKKIRAHRGLRHFWGLRVRGQHTKTTGRR
;
SS
80 'polypeptide(L)'
;VTVKDVNQQEFVRALAAFLKKSGKLKVPEWVDTVKLAKHKELAPYDENWFYTRAASTARHLYLRGGAGVGSMTKIYGGRQ
RNGVMPSHFSRGSKSVARRVLQALEGLKMVEKDQDGGRKLTPQGQRDLDRIAGQVAAANKK
;
ST
81 'polypeptide(L)'
;AIHRIRITLTSRNVKSLEKVCADLIRGAKEKNLKVKGPVRMPTKTLRITTRKTPCGEGSKTWDRFQMRIPKRLIDLHSPS
EIVKQITSISIEPGVEVEVTIADA
;
SU
82 'polypeptide(L)' RDKLNNLVLFDKATYDKLCKEVPNYKLITPAVVSERLKIRGSLARAALQELLSKGLIKLVSKHRAQVIYTRNTKG SZ
83 'polypeptide(L)' RVQPIKLARVTKVLGRTGSQGQCTQVRVEFMDDTSRSIIRNVKGPVREGDVLTLLESEREARRL Sc
84 'polypeptide(L)' GFYWSHPRKFGQGSRSCRVCSNRHGLIRKYGLNMCRQCFRQYAKDIGFIKLD Sd
85 'polypeptide(L)' KKSYTTPKKNKHKRKKVKLAVLKYYKVDENGKISRLRRECPSDECGAGVFMASHFDRHYCGKCCLTYCFNK Sf
86 'polypeptide(L)'
;TEQMTLRGTLKGHNGWVTQIATTPQFPDMILSASRDKTIIMWKLTRDETNYGIPQRALRGHSHFVSDVVISSDGQFALSG
SWDGTLRLWDLTTGTTTRRFVGHTKDVLSVAFSSDNRQIVSGSRDKTIKLWNTLGVCKYTVQDESHSEWVSCVRFSPNSS
NPIIVSCGWDKLVKVWNLANCKLKTNHIGHTGYLNTVTVSPDGSLCASGGKDGQAMLWDLNEGKHLYTLDGGDIINALCF
SPNRYWLCAATGPSIKIWDLEGKIIVDELKQEVISTSSKAEPPQCTSLAWSADGQTLFAGYTDNLVRVWQVTI
;
Sg
87 'polypeptide(L)' PQYQTWEEFSRAAEKLYLADPMKARVVLKYRHSDGNLCVKVTDDLVCLVYKTDQAQDVKKIEKFHSQLMRLMVA S1
88 'polypeptide(L)' VLLESEQFLTELTRLFQKCRTSGSVYITLKKYDGNKCLLRATDGKKKISTVVSSKEVNKFQMAYSNLLRANMDGLK S4
#
loop_
_chem_comp.id
_chem_comp.type
_chem_comp.name
_chem_comp.formula
A RNA linking ADENOSINE-5'-MONOPHOSPHATE 'C10 H14 N5 O7 P'
C RNA linking CYTIDINE-5'-MONOPHOSPHATE 'C9 H14 N3 O8 P'
G RNA linking GUANOSINE-5'-MONOPHOSPHATE 'C10 H14 N5 O8 P'
MG non-polymer 'MAGNESIUM ION' 'Mg 2'
U RNA linking URIDINE-5'-MONOPHOSPHATE 'C9 H13 N2 O9 P'
ZN non-polymer 'ZINC ION' 'Zn 2'
#
# COMPACT_ATOMS: atom_id res chain seq x y z
N GLY A 1 -23.27 -12.17 -20.75
CA GLY A 1 -23.95 -11.86 -22.03
C GLY A 1 -23.32 -12.53 -23.23
N ARG A 2 -22.02 -12.31 -23.42
CA ARG A 2 -21.40 -12.67 -24.69
C ARG A 2 -20.96 -14.10 -24.78
N VAL A 3 -20.66 -14.51 -26.00
CA VAL A 3 -20.36 -15.88 -26.34
C VAL A 3 -18.87 -16.09 -26.20
N ILE A 4 -18.51 -16.74 -25.11
CA ILE A 4 -17.12 -16.94 -24.70
C ILE A 4 -16.25 -17.80 -25.65
N ARG A 5 -14.97 -17.43 -25.83
CA ARG A 5 -14.02 -18.23 -26.66
C ARG A 5 -13.83 -19.62 -26.07
N GLY A 6 -14.33 -20.63 -26.74
CA GLY A 6 -14.54 -21.91 -26.10
C GLY A 6 -15.92 -22.38 -26.47
N GLN A 7 -16.87 -21.44 -26.50
CA GLN A 7 -18.14 -21.64 -27.20
C GLN A 7 -17.81 -21.75 -28.68
N ARG A 8 -17.05 -20.77 -29.14
CA ARG A 8 -16.89 -20.46 -30.56
C ARG A 8 -16.12 -21.47 -31.36
N LYS A 9 -15.15 -22.11 -30.72
CA LYS A 9 -14.34 -23.15 -31.35
C LYS A 9 -15.14 -24.11 -32.24
N GLY A 10 -16.36 -24.43 -31.82
CA GLY A 10 -17.26 -25.32 -32.56
C GLY A 10 -17.80 -24.75 -33.86
N ALA A 11 -18.05 -23.45 -33.87
CA ALA A 11 -18.43 -22.75 -35.11
C ALA A 11 -17.48 -23.08 -36.25
N GLY A 12 -16.19 -23.21 -35.94
CA GLY A 12 -15.18 -23.43 -36.95
C GLY A 12 -14.80 -22.05 -37.40
N SER A 13 -15.22 -21.67 -38.60
CA SER A 13 -15.04 -20.31 -39.10
C SER A 13 -13.54 -20.00 -39.20
N VAL A 14 -13.09 -18.99 -38.45
CA VAL A 14 -11.69 -18.76 -38.16
C VAL A 14 -11.08 -19.97 -37.47
N PHE A 15 -11.86 -20.49 -36.55
CA PHE A 15 -11.35 -21.18 -35.40
C PHE A 15 -11.18 -22.67 -35.71
N ARG A 16 -10.37 -22.91 -36.74
CA ARG A 16 -10.49 -24.07 -37.63
C ARG A 16 -9.17 -24.49 -38.22
N ALA A 17 -9.00 -25.79 -38.51
CA ALA A 17 -7.68 -26.32 -38.92
C ALA A 17 -7.27 -25.97 -40.32
N HIS A 18 -6.62 -24.84 -40.38
CA HIS A 18 -5.31 -24.70 -40.95
C HIS A 18 -4.63 -25.96 -41.53
N VAL A 19 -5.02 -26.32 -42.76
CA VAL A 19 -4.66 -27.63 -43.35
C VAL A 19 -4.30 -27.68 -44.85
N LYS A 20 -3.97 -26.55 -45.48
CA LYS A 20 -3.62 -26.59 -46.92
C LYS A 20 -2.47 -27.52 -47.26
N HIS A 21 -1.51 -27.53 -46.35
CA HIS A 21 -0.14 -27.94 -46.58
C HIS A 21 0.17 -29.33 -46.02
N ARG A 22 -0.86 -30.16 -45.91
CA ARG A 22 -0.75 -31.44 -45.24
C ARG A 22 -0.86 -32.58 -46.26
N LYS A 23 0.12 -33.47 -46.22
CA LYS A 23 0.41 -34.45 -47.27
C LYS A 23 -0.72 -35.43 -47.53
N GLY A 24 -1.46 -35.71 -46.46
CA GLY A 24 -2.62 -36.57 -46.51
C GLY A 24 -2.80 -37.06 -45.10
N ALA A 25 -3.87 -37.83 -44.88
CA ALA A 25 -4.05 -38.53 -43.61
C ALA A 25 -2.93 -39.56 -43.47
N ALA A 26 -2.69 -39.97 -42.23
CA ALA A 26 -1.77 -41.08 -41.97
C ALA A 26 -2.63 -42.27 -41.62
N ARG A 27 -2.59 -43.30 -42.45
CA ARG A 27 -3.54 -44.38 -42.36
C ARG A 27 -2.75 -45.68 -42.25
N LEU A 28 -3.37 -46.80 -42.63
CA LEU A 28 -2.70 -48.12 -42.54
C LEU A 28 -2.91 -49.11 -43.70
N ARG A 29 -3.49 -48.66 -44.81
CA ARG A 29 -4.05 -49.55 -45.87
C ARG A 29 -5.29 -50.31 -45.37
N ALA A 30 -6.02 -50.88 -46.32
CA ALA A 30 -7.25 -51.60 -46.04
C ALA A 30 -6.99 -53.03 -45.46
N VAL A 31 -7.83 -53.99 -45.86
CA VAL A 31 -7.57 -55.43 -45.72
C VAL A 31 -7.98 -56.17 -47.03
N ASP A 32 -7.49 -57.41 -47.21
CA ASP A 32 -7.64 -58.26 -48.47
C ASP A 32 -6.75 -59.54 -48.22
N PHE A 33 -6.81 -60.72 -48.91
CA PHE A 33 -6.09 -61.94 -48.33
C PHE A 33 -4.80 -61.43 -47.74
N ALA A 34 -4.03 -60.76 -48.60
CA ALA A 34 -2.79 -60.11 -48.22
C ALA A 34 -2.60 -59.95 -46.71
N GLU A 35 -3.53 -59.25 -46.08
CA GLU A 35 -3.47 -58.99 -44.67
C GLU A 35 -4.16 -60.08 -43.84
N ARG A 36 -5.45 -60.35 -44.09
CA ARG A 36 -6.23 -61.34 -43.28
C ARG A 36 -5.59 -62.74 -43.32
N HIS A 37 -4.86 -63.07 -44.38
CA HIS A 37 -4.33 -64.41 -44.60
C HIS A 37 -2.81 -64.46 -44.74
N GLY A 38 -2.27 -63.69 -45.68
CA GLY A 38 -0.84 -63.78 -46.05
C GLY A 38 0.07 -62.78 -45.35
N TYR A 39 1.09 -62.30 -46.08
CA TYR A 39 2.12 -61.44 -45.50
C TYR A 39 2.59 -60.48 -46.65
N ILE A 40 1.72 -59.57 -47.15
CA ILE A 40 2.13 -58.72 -48.34
C ILE A 40 3.36 -57.83 -48.07
N LYS A 41 3.91 -57.23 -49.12
CA LYS A 41 5.12 -56.44 -49.04
C LYS A 41 4.94 -55.11 -49.74
N GLY A 42 5.78 -54.17 -49.35
CA GLY A 42 5.99 -52.98 -50.15
C GLY A 42 7.16 -52.20 -49.63
N ILE A 43 7.64 -51.24 -50.42
CA ILE A 43 8.88 -50.56 -50.07
C ILE A 43 8.67 -49.10 -49.75
N VAL A 44 9.54 -48.59 -48.87
CA VAL A 44 9.53 -47.19 -48.46
C VAL A 44 10.24 -46.36 -49.50
N LYS A 45 9.52 -45.39 -50.05
CA LYS A 45 10.01 -44.57 -51.14
C LYS A 45 10.76 -43.37 -50.56
N ASP A 46 10.07 -42.64 -49.69
CA ASP A 46 10.51 -41.33 -49.17
C ASP A 46 9.98 -41.25 -47.74
N ILE A 47 10.58 -40.37 -46.97
CA ILE A 47 10.05 -39.97 -45.69
C ILE A 47 9.84 -38.46 -45.80
N ILE A 48 8.77 -37.98 -45.17
CA ILE A 48 8.27 -36.64 -45.38
C ILE A 48 8.10 -35.97 -44.04
N HIS A 49 8.01 -34.64 -44.05
CA HIS A 49 7.38 -33.90 -42.96
C HIS A 49 5.92 -33.54 -43.27
N ASP A 50 4.98 -33.97 -42.42
CA ASP A 50 3.59 -33.44 -42.51
C ASP A 50 3.36 -32.33 -41.52
N PRO A 51 3.21 -31.07 -42.00
CA PRO A 51 3.01 -29.91 -41.14
C PRO A 51 2.01 -30.06 -40.00
N GLY A 52 2.34 -29.41 -38.88
CA GLY A 52 1.57 -29.47 -37.65
C GLY A 52 1.50 -30.84 -36.99
N ARG A 53 2.61 -31.57 -37.08
CA ARG A 53 2.65 -32.99 -36.74
C ARG A 53 4.08 -33.41 -36.42
N GLY A 54 4.30 -33.96 -35.23
CA GLY A 54 5.63 -34.27 -34.75
C GLY A 54 6.32 -35.43 -35.45
N ALA A 55 5.54 -36.46 -35.71
CA ALA A 55 6.01 -37.62 -36.46
C ALA A 55 6.23 -37.27 -37.93
N PRO A 56 7.30 -37.83 -38.51
CA PRO A 56 7.39 -37.86 -39.95
C PRO A 56 6.58 -39.03 -40.50
N LEU A 57 6.02 -38.82 -41.70
CA LEU A 57 5.33 -39.85 -42.44
C LEU A 57 6.31 -40.53 -43.37
N ALA A 58 5.87 -41.64 -43.94
CA ALA A 58 6.65 -42.37 -44.94
C ALA A 58 5.71 -42.86 -46.03
N LYS A 59 6.04 -42.54 -47.29
CA LYS A 59 5.27 -43.08 -48.41
C LYS A 59 5.81 -44.44 -48.78
N VAL A 60 4.91 -45.41 -48.79
CA VAL A 60 5.29 -46.78 -48.99
C VAL A 60 4.43 -47.35 -50.07
N VAL A 61 5.10 -47.68 -51.17
CA VAL A 61 4.48 -48.13 -52.39
C VAL A 61 4.43 -49.64 -52.30
N PHE A 62 3.21 -50.18 -52.24
CA PHE A 62 3.03 -51.63 -52.42
C PHE A 62 2.58 -51.77 -53.85
N ARG A 63 1.85 -52.83 -54.16
CA ARG A 63 1.18 -52.89 -55.43
C ARG A 63 -0.04 -53.75 -55.32
N ASP A 64 -1.06 -53.35 -56.06
CA ASP A 64 -2.38 -53.87 -55.85
C ASP A 64 -2.39 -55.33 -56.29
N PRO A 65 -2.65 -56.27 -55.36
CA PRO A 65 -2.44 -57.72 -55.56
C PRO A 65 -3.34 -58.42 -56.59
N TYR A 66 -3.71 -57.73 -57.65
CA TYR A 66 -5.05 -57.90 -58.19
C TYR A 66 -5.37 -57.02 -59.46
N ARG A 67 -4.96 -55.73 -59.45
CA ARG A 67 -4.93 -54.85 -60.66
C ARG A 67 -3.51 -54.44 -60.95
N PHE A 68 -3.08 -54.47 -62.21
CA PHE A 68 -1.70 -54.08 -62.49
C PHE A 68 -1.64 -52.58 -62.26
N LYS A 69 -0.89 -52.19 -61.22
CA LYS A 69 -0.90 -50.81 -60.74
C LYS A 69 0.02 -50.71 -59.54
N LYS A 70 0.08 -49.54 -58.89
CA LYS A 70 0.80 -49.38 -57.63
C LYS A 70 0.11 -48.43 -56.64
N ARG A 71 -0.61 -49.02 -55.68
CA ARG A 71 -1.13 -48.27 -54.56
C ARG A 71 0.04 -47.72 -53.74
N THR A 72 -0.12 -46.49 -53.28
CA THR A 72 0.83 -45.86 -52.37
C THR A 72 0.03 -45.30 -51.20
N GLU A 73 0.67 -45.26 -50.02
CA GLU A 73 -0.02 -45.00 -48.75
C GLU A 73 0.83 -44.03 -47.95
N LEU A 74 0.45 -43.79 -46.69
CA LEU A 74 1.25 -42.95 -45.79
C LEU A 74 1.27 -43.52 -44.37
N PHE A 75 2.32 -44.29 -44.03
CA PHE A 75 2.45 -44.84 -42.67
C PHE A 75 3.17 -43.81 -41.84
N ILE A 76 2.78 -43.77 -40.58
CA ILE A 76 3.49 -42.99 -39.61
C ILE A 76 4.80 -43.71 -39.36
N ALA A 77 5.89 -42.97 -39.59
CA ALA A 77 7.21 -43.57 -39.60
C ALA A 77 7.59 -44.06 -38.22
N ALA A 78 7.77 -45.38 -38.10
CA ALA A 78 8.31 -45.95 -36.89
C ALA A 78 9.79 -45.69 -36.87
N GLU A 79 10.35 -45.51 -35.67
CA GLU A 79 11.72 -45.05 -35.58
C GLU A 79 12.64 -46.16 -35.94
N GLY A 80 13.57 -45.87 -36.85
CA GLY A 80 14.39 -46.90 -37.48
C GLY A 80 13.93 -47.24 -38.88
N ILE A 81 12.75 -46.77 -39.30
CA ILE A 81 12.42 -46.77 -40.72
C ILE A 81 13.49 -45.93 -41.40
N HIS A 82 14.27 -46.61 -42.23
CA HIS A 82 15.36 -46.04 -42.99
C HIS A 82 14.59 -45.84 -44.35
N THR A 83 15.11 -45.13 -45.37
CA THR A 83 14.48 -45.18 -46.72
C THR A 83 15.06 -46.33 -47.55
N GLY A 84 14.21 -47.24 -48.01
CA GLY A 84 14.66 -48.39 -48.85
C GLY A 84 14.37 -49.71 -48.27
N GLN A 85 13.40 -49.72 -47.37
CA GLN A 85 13.12 -50.84 -46.54
C GLN A 85 12.00 -51.45 -47.27
N PHE A 86 11.93 -52.76 -47.23
CA PHE A 86 10.73 -53.38 -47.62
C PHE A 86 10.06 -53.51 -46.27
N VAL A 87 8.76 -53.27 -46.29
CA VAL A 87 7.94 -53.33 -45.13
C VAL A 87 6.95 -54.44 -45.43
N TYR A 88 6.93 -55.45 -44.56
CA TYR A 88 6.08 -56.62 -44.70
C TYR A 88 4.83 -56.32 -43.87
N CYS A 89 3.66 -56.69 -44.37
CA CYS A 89 2.40 -56.31 -43.75
C CYS A 89 1.47 -57.50 -43.67
N GLY A 90 0.71 -57.60 -42.59
CA GLY A 90 -0.35 -58.62 -42.50
C GLY A 90 -0.08 -59.71 -41.50
N LYS A 91 -0.92 -60.73 -41.53
CA LYS A 91 -0.98 -61.77 -40.51
C LYS A 91 0.30 -62.56 -40.37
N LYS A 92 0.78 -63.05 -41.50
CA LYS A 92 1.93 -63.94 -41.54
C LYS A 92 3.24 -63.16 -41.47
N ALA A 93 3.16 -61.83 -41.47
CA ALA A 93 4.34 -60.98 -41.44
C ALA A 93 5.24 -61.29 -40.27
N GLN A 94 6.52 -61.00 -40.40
CA GLN A 94 7.44 -61.28 -39.33
C GLN A 94 7.48 -60.09 -38.41
N LEU A 95 7.90 -60.36 -37.18
CA LEU A 95 7.94 -59.41 -36.10
C LEU A 95 9.27 -58.60 -36.14
N ASN A 96 9.26 -57.47 -36.85
CA ASN A 96 10.35 -56.49 -36.78
C ASN A 96 9.82 -55.09 -37.00
N ILE A 97 10.70 -54.09 -36.99
CA ILE A 97 10.27 -52.69 -37.00
C ILE A 97 9.77 -52.28 -38.37
N GLY A 98 8.69 -51.50 -38.35
CA GLY A 98 7.98 -51.12 -39.57
C GLY A 98 6.93 -52.12 -39.96
N ASN A 99 6.95 -53.26 -39.29
CA ASN A 99 6.30 -54.42 -39.82
C ASN A 99 4.90 -54.56 -39.22
N VAL A 100 3.90 -54.23 -40.02
CA VAL A 100 2.52 -54.20 -39.53
C VAL A 100 1.91 -55.61 -39.41
N LEU A 101 1.29 -55.86 -38.25
CA LEU A 101 0.80 -57.18 -37.84
C LEU A 101 -0.51 -57.07 -37.12
N PRO A 102 -1.34 -58.11 -37.17
CA PRO A 102 -2.45 -58.18 -36.24
C PRO A 102 -1.94 -58.49 -34.85
N VAL A 103 -2.45 -57.75 -33.86
CA VAL A 103 -1.92 -57.80 -32.49
C VAL A 103 -1.99 -59.19 -31.84
N GLY A 104 -3.00 -59.98 -32.23
CA GLY A 104 -3.07 -61.37 -31.80
C GLY A 104 -1.82 -62.17 -32.09
N THR A 105 -1.19 -61.93 -33.24
CA THR A 105 -0.05 -62.73 -33.63
C THR A 105 1.15 -62.41 -32.77
N MET A 106 1.39 -61.12 -32.55
CA MET A 106 2.60 -60.72 -31.85
C MET A 106 2.52 -60.97 -30.36
N PRO A 107 3.65 -61.41 -29.75
CA PRO A 107 3.65 -61.92 -28.38
C PRO A 107 3.38 -60.81 -27.37
N GLU A 108 3.40 -61.18 -26.09
CA GLU A 108 3.38 -60.19 -25.00
C GLU A 108 4.52 -59.17 -25.14
N GLY A 109 4.41 -58.07 -24.41
CA GLY A 109 5.45 -57.05 -24.34
C GLY A 109 5.93 -56.45 -25.64
N THR A 110 5.21 -56.67 -26.74
CA THR A 110 5.63 -56.17 -28.03
C THR A 110 5.25 -54.73 -28.07
N ILE A 111 6.13 -53.91 -28.60
CA ILE A 111 5.94 -52.48 -28.58
C ILE A 111 5.53 -51.99 -29.96
N VAL A 112 4.29 -51.53 -30.04
CA VAL A 112 3.69 -51.14 -31.31
C VAL A 112 3.30 -49.69 -31.31
N CYS A 113 2.92 -49.21 -32.50
CA CYS A 113 2.29 -47.93 -32.64
C CYS A 113 1.37 -47.92 -33.85
N CYS A 114 0.64 -46.83 -33.98
CA CYS A 114 -0.34 -46.65 -35.03
C CYS A 114 -1.35 -47.78 -35.00
N LEU A 115 -1.82 -48.10 -33.81
CA LEU A 115 -2.65 -49.27 -33.58
C LEU A 115 -4.10 -48.90 -33.85
N GLU A 116 -4.92 -49.83 -34.31
CA GLU A 116 -6.36 -49.55 -34.48
C GLU A 116 -7.13 -49.88 -33.21
N GLU A 117 -8.16 -49.10 -32.88
CA GLU A 117 -9.05 -49.46 -31.77
C GLU A 117 -10.08 -50.52 -32.19
N LYS A 118 -10.69 -50.35 -33.36
CA LYS A 118 -11.56 -51.35 -33.93
C LYS A 118 -10.93 -51.92 -35.18
N PRO A 119 -11.31 -53.13 -35.59
CA PRO A 119 -10.63 -53.77 -36.72
C PRO A 119 -10.87 -53.06 -38.03
N GLY A 120 -9.85 -53.07 -38.88
CA GLY A 120 -9.90 -52.41 -40.17
C GLY A 120 -9.95 -50.88 -40.16
N ASP A 121 -9.88 -50.25 -39.00
CA ASP A 121 -10.11 -48.79 -38.89
C ASP A 121 -8.88 -47.93 -39.24
N ARG A 122 -7.84 -48.58 -39.75
CA ARG A 122 -6.71 -47.93 -40.42
C ARG A 122 -5.80 -47.03 -39.55
N GLY A 123 -5.76 -47.26 -38.24
CA GLY A 123 -4.58 -46.87 -37.42
C GLY A 123 -4.75 -45.62 -36.58
N LYS A 124 -5.22 -45.81 -35.36
CA LYS A 124 -5.77 -44.74 -34.55
C LYS A 124 -4.98 -44.38 -33.29
N LEU A 125 -4.55 -45.36 -32.50
CA LEU A 125 -3.95 -45.08 -31.19
C LEU A 125 -2.45 -45.04 -31.29
N ALA A 126 -1.83 -44.21 -30.44
CA ALA A 126 -0.39 -44.22 -30.21
C ALA A 126 0.37 -43.87 -31.45
N ARG A 127 0.26 -42.63 -31.87
CA ARG A 127 0.78 -42.25 -33.17
C ARG A 127 1.17 -40.79 -33.21
N ALA A 128 1.67 -40.32 -32.09
CA ALA A 128 1.95 -38.92 -31.95
C ALA A 128 3.36 -38.65 -32.44
N SER A 129 4.39 -38.95 -31.64
CA SER A 129 5.76 -38.65 -32.09
C SER A 129 6.88 -39.49 -31.47
N GLY A 130 6.78 -39.82 -30.19
CA GLY A 130 7.79 -40.67 -29.55
C GLY A 130 7.04 -41.58 -28.63
N ASN A 131 6.05 -42.25 -29.22
CA ASN A 131 5.02 -42.92 -28.49
C ASN A 131 4.88 -44.37 -28.88
N TYR A 132 4.13 -45.10 -28.04
CA TYR A 132 3.85 -46.52 -28.28
C TYR A 132 2.71 -47.08 -27.45
N ALA A 133 2.31 -48.28 -27.82
CA ALA A 133 1.43 -49.10 -27.02
C ALA A 133 2.19 -50.40 -26.77
N THR A 134 2.25 -50.85 -25.52
CA THR A 134 2.79 -52.18 -25.24
C THR A 134 1.64 -53.14 -25.30
N VAL A 135 1.86 -54.29 -25.93
CA VAL A 135 0.90 -55.39 -25.85
C VAL A 135 1.20 -56.08 -24.56
N ILE A 136 0.16 -56.45 -23.82
CA ILE A 136 0.32 -57.07 -22.52
C ILE A 136 0.03 -58.54 -22.66
N SER A 137 -1.25 -58.87 -22.86
CA SER A 137 -1.71 -60.25 -22.75
C SER A 137 -2.89 -60.49 -23.66
N HIS A 138 -2.92 -61.70 -24.23
CA HIS A 138 -3.93 -62.06 -25.17
C HIS A 138 -4.90 -62.94 -24.40
N ASN A 139 -5.88 -63.48 -25.13
CA ASN A 139 -6.88 -64.37 -24.58
C ASN A 139 -7.43 -65.03 -25.84
N PRO A 140 -6.98 -66.28 -26.12
CA PRO A 140 -7.04 -66.87 -27.48
C PRO A 140 -8.46 -67.03 -28.00
N GLU A 141 -9.37 -67.42 -27.10
CA GLU A 141 -10.80 -67.53 -27.37
C GLU A 141 -11.38 -66.21 -26.94
N THR A 142 -12.60 -65.89 -27.37
CA THR A 142 -13.12 -64.52 -27.31
C THR A 142 -12.35 -63.54 -28.26
N LYS A 143 -11.18 -63.94 -28.78
CA LYS A 143 -10.45 -63.21 -29.82
C LYS A 143 -10.03 -61.81 -29.37
N LYS A 144 -9.58 -61.69 -28.12
CA LYS A 144 -9.27 -60.39 -27.53
C LYS A 144 -7.87 -60.30 -26.94
N THR A 145 -7.40 -59.06 -26.86
CA THR A 145 -6.07 -58.75 -26.39
C THR A 145 -6.16 -57.52 -25.52
N ARG A 146 -5.22 -57.41 -24.59
CA ARG A 146 -5.09 -56.26 -23.71
C ARG A 146 -3.84 -55.48 -24.14
N VAL A 147 -3.90 -54.16 -24.02
CA VAL A 147 -2.84 -53.28 -24.49
C VAL A 147 -2.74 -52.08 -23.56
N LYS A 148 -1.52 -51.58 -23.32
CA LYS A 148 -1.29 -50.33 -22.53
C LYS A 148 -0.99 -49.16 -23.43
N LEU A 149 -1.78 -48.10 -23.29
CA LEU A 149 -1.69 -46.94 -24.18
C LEU A 149 -0.70 -45.96 -23.59
N PRO A 150 -0.35 -44.88 -24.32
CA PRO A 150 0.59 -43.84 -23.83
C PRO A 150 0.17 -43.07 -22.58
N SER A 151 -1.14 -42.91 -22.43
CA SER A 151 -1.75 -42.39 -21.21
C SER A 151 -1.50 -43.26 -19.97
N GLY A 152 -1.12 -44.52 -20.18
CA GLY A 152 -0.94 -45.46 -19.09
C GLY A 152 -2.23 -46.10 -18.64
N SER A 153 -3.30 -45.95 -19.43
CA SER A 153 -4.52 -46.71 -19.20
C SER A 153 -4.44 -47.95 -20.09
N LYS A 154 -5.09 -49.02 -19.64
CA LYS A 154 -5.06 -50.30 -20.33
C LYS A 154 -6.42 -50.60 -20.96
N LYS A 155 -6.39 -51.14 -22.17
CA LYS A 155 -7.59 -51.34 -22.95
C LYS A 155 -7.65 -52.75 -23.53
N VAL A 156 -8.86 -53.30 -23.57
CA VAL A 156 -9.13 -54.57 -24.22
C VAL A 156 -9.58 -54.32 -25.64
N ILE A 157 -9.01 -55.07 -26.57
CA ILE A 157 -9.09 -54.80 -28.01
C ILE A 157 -9.16 -56.14 -28.72
N SER A 158 -9.83 -56.21 -29.87
CA SER A 158 -9.88 -57.48 -30.63
C SER A 158 -8.50 -57.80 -31.21
N SER A 159 -8.14 -59.07 -31.14
CA SER A 159 -6.84 -59.56 -31.60
C SER A 159 -6.60 -59.21 -33.06
N ALA A 160 -7.69 -59.15 -33.82
CA ALA A 160 -7.66 -58.93 -35.26
C ALA A 160 -6.99 -57.65 -35.68
N ASN A 161 -7.14 -56.57 -34.89
CA ASN A 161 -6.68 -55.26 -35.40
C ASN A 161 -5.18 -55.07 -35.49
N ARG A 162 -4.85 -54.38 -36.56
CA ARG A 162 -3.57 -54.51 -37.20
C ARG A 162 -2.79 -53.25 -36.75
N ALA A 163 -1.48 -53.38 -36.52
CA ALA A 163 -0.69 -52.34 -35.83
C ALA A 163 0.82 -52.44 -36.08
N VAL A 164 1.50 -51.32 -36.29
CA VAL A 164 2.92 -51.38 -36.71
C VAL A 164 3.82 -51.58 -35.53
N VAL A 165 4.92 -52.27 -35.77
CA VAL A 165 5.85 -52.64 -34.74
C VAL A 165 6.96 -51.59 -34.67
N GLY A 166 7.35 -51.29 -33.45
CA GLY A 166 8.23 -50.18 -33.14
C GLY A 166 7.46 -49.02 -32.54
N VAL A 167 8.21 -47.97 -32.20
CA VAL A 167 7.67 -46.72 -31.67
C VAL A 167 7.55 -45.76 -32.81
N VAL A 168 6.92 -44.62 -32.57
CA VAL A 168 6.85 -43.56 -33.58
C VAL A 168 8.13 -42.70 -33.56
N ALA A 169 8.56 -42.28 -34.75
CA ALA A 169 9.80 -41.56 -34.93
C ALA A 169 9.66 -40.11 -34.58
N GLY A 170 10.79 -39.49 -34.29
CA GLY A 170 10.80 -38.09 -33.88
C GLY A 170 10.43 -38.01 -32.42
N GLY A 171 11.06 -38.87 -31.61
CA GLY A 171 10.81 -38.91 -30.19
C GLY A 171 11.60 -37.86 -29.43
N GLY A 172 10.96 -37.30 -28.41
CA GLY A 172 11.56 -36.30 -27.52
C GLY A 172 11.23 -34.91 -28.02
N ARG A 173 10.08 -34.80 -28.69
CA ARG A 173 9.74 -33.59 -29.42
C ARG A 173 9.33 -32.44 -28.45
N ILE A 174 9.03 -32.75 -27.19
CA ILE A 174 8.74 -31.70 -26.19
C ILE A 174 9.98 -31.30 -25.38
N ASP A 175 11.06 -32.06 -25.49
CA ASP A 175 12.16 -31.97 -24.54
C ASP A 175 12.97 -30.66 -24.64
N LYS A 176 12.96 -30.03 -25.81
CA LYS A 176 13.65 -28.76 -26.03
C LYS A 176 12.67 -27.69 -25.65
N PRO A 177 13.15 -26.63 -25.01
CA PRO A 177 12.33 -25.47 -24.74
C PRO A 177 12.00 -24.72 -26.00
N ILE A 178 10.72 -24.41 -26.19
CA ILE A 178 10.29 -23.58 -27.31
C ILE A 178 11.12 -22.34 -27.29
N LEU A 179 11.17 -21.72 -26.12
CA LEU A 179 12.09 -20.65 -25.81
C LEU A 179 11.52 -19.27 -26.10
N LYS A 180 11.20 -18.92 -27.35
CA LYS A 180 10.62 -17.58 -27.68
C LYS A 180 9.19 -17.68 -28.19
N ALA A 181 8.43 -16.60 -28.05
CA ALA A 181 7.05 -16.54 -28.57
C ALA A 181 7.02 -16.85 -30.05
N GLY A 182 7.89 -16.18 -30.78
CA GLY A 182 8.05 -16.45 -32.19
C GLY A 182 7.91 -17.92 -32.44
N ARG A 183 8.80 -18.71 -31.86
CA ARG A 183 8.84 -20.16 -32.07
C ARG A 183 7.54 -20.87 -31.77
N ALA A 184 6.77 -20.33 -30.85
CA ALA A 184 5.42 -20.78 -30.70
C ALA A 184 4.50 -20.26 -31.85
N TYR A 185 4.41 -18.96 -32.19
CA TYR A 185 3.31 -18.52 -33.13
C TYR A 185 3.66 -19.32 -34.35
N HIS A 186 4.92 -19.19 -34.68
CA HIS A 186 5.45 -19.72 -35.88
C HIS A 186 5.28 -21.25 -35.90
N LYS A 187 5.28 -21.90 -34.72
CA LYS A 187 4.78 -23.30 -34.61
C LYS A 187 3.32 -23.46 -34.99
N TYR A 188 2.39 -22.89 -34.23
CA TYR A 188 1.00 -23.32 -34.40
C TYR A 188 0.34 -22.61 -35.57
N LYS A 189 1.08 -21.75 -36.26
CA LYS A 189 0.67 -21.35 -37.59
C LYS A 189 0.86 -22.46 -38.63
N ALA A 190 1.11 -23.69 -38.21
CA ALA A 190 0.90 -24.85 -39.07
C ALA A 190 -0.37 -25.59 -38.69
N LYS A 191 -0.97 -25.20 -37.57
CA LYS A 191 -1.87 -26.08 -36.83
C LYS A 191 -3.29 -25.56 -36.92
N ARG A 192 -3.57 -24.39 -36.33
CA ARG A 192 -4.96 -23.81 -36.20
C ARG A 192 -4.98 -22.57 -35.32
N ASN A 193 -6.11 -21.83 -35.25
CA ASN A 193 -6.21 -20.82 -34.17
C ASN A 193 -6.56 -21.26 -32.77
N CYS A 194 -5.56 -21.76 -32.07
CA CYS A 194 -5.40 -21.46 -30.67
C CYS A 194 -4.11 -20.69 -30.65
N TRP A 195 -3.98 -19.91 -29.61
CA TRP A 195 -2.88 -19.00 -29.35
C TRP A 195 -3.11 -17.52 -29.50
N PRO A 196 -2.04 -16.79 -29.24
CA PRO A 196 -1.96 -16.00 -28.04
C PRO A 196 -3.15 -16.26 -27.12
N ARG A 197 -2.96 -17.07 -26.09
CA ARG A 197 -4.05 -17.53 -25.23
C ARG A 197 -4.17 -16.60 -24.04
N VAL A 198 -5.24 -15.83 -24.06
CA VAL A 198 -5.56 -14.88 -23.00
C VAL A 198 -6.22 -15.58 -21.82
N ARG A 199 -5.96 -15.10 -20.61
CA ARG A 199 -6.64 -15.64 -19.43
C ARG A 199 -7.96 -14.97 -19.30
N GLY A 200 -8.92 -15.78 -18.84
CA GLY A 200 -10.27 -15.36 -18.53
C GLY A 200 -10.30 -14.23 -17.54
N VAL A 201 -9.25 -14.12 -16.74
CA VAL A 201 -9.24 -13.13 -15.67
C VAL A 201 -8.87 -11.75 -16.16
N ALA A 202 -8.31 -11.64 -17.35
CA ALA A 202 -8.07 -10.33 -17.96
C ALA A 202 -9.33 -9.71 -18.54
N MET A 203 -10.33 -10.54 -18.79
CA MET A 203 -11.49 -10.19 -19.57
C MET A 203 -12.56 -9.63 -18.63
N ASN A 204 -13.47 -8.87 -19.22
CA ASN A 204 -14.48 -8.13 -18.45
C ASN A 204 -15.65 -9.07 -18.46
N PRO A 205 -16.31 -9.22 -17.31
CA PRO A 205 -17.13 -10.38 -16.99
C PRO A 205 -18.11 -10.89 -18.06
N VAL A 206 -18.45 -10.06 -19.04
CA VAL A 206 -19.26 -10.53 -20.18
C VAL A 206 -18.56 -11.52 -21.08
N GLU A 207 -17.22 -11.50 -21.06
CA GLU A 207 -16.47 -12.19 -22.06
C GLU A 207 -16.16 -13.59 -21.49
N HIS A 208 -14.93 -13.98 -21.11
CA HIS A 208 -14.86 -15.21 -20.28
C HIS A 208 -15.27 -14.88 -18.74
N PRO A 209 -16.27 -15.60 -18.12
CA PRO A 209 -16.66 -15.63 -16.67
C PRO A 209 -15.67 -15.63 -15.50
N PHE A 210 -14.36 -15.65 -15.76
CA PHE A 210 -13.32 -15.71 -14.71
C PHE A 210 -12.78 -14.29 -14.58
N GLY A 211 -13.63 -13.36 -15.02
CA GLY A 211 -13.26 -11.99 -15.30
C GLY A 211 -13.69 -11.02 -14.23
N GLY A 212 -13.82 -9.76 -14.65
CA GLY A 212 -14.15 -8.65 -13.77
C GLY A 212 -13.22 -8.47 -12.57
N GLY A 213 -13.47 -7.40 -11.79
CA GLY A 213 -12.85 -7.14 -10.47
C GLY A 213 -11.84 -6.02 -10.48
N ASN A 214 -11.76 -5.23 -9.40
CA ASN A 214 -10.72 -4.15 -9.29
C ASN A 214 -9.44 -4.72 -8.70
N HIS A 215 -9.37 -6.05 -8.66
CA HIS A 215 -8.10 -6.75 -8.91
C HIS A 215 -8.29 -8.11 -9.54
N GLN A 216 -7.39 -8.41 -10.48
CA GLN A 216 -7.45 -9.54 -11.40
C GLN A 216 -7.45 -10.80 -10.54
N HIS A 217 -8.65 -11.24 -10.22
CA HIS A 217 -8.87 -12.35 -9.32
C HIS A 217 -10.04 -13.18 -9.83
N ILE A 218 -10.06 -14.42 -9.42
CA ILE A 218 -10.99 -15.37 -9.97
C ILE A 218 -12.39 -15.12 -9.40
N GLY A 219 -12.53 -15.27 -8.09
CA GLY A 219 -13.79 -15.01 -7.42
C GLY A 219 -14.54 -16.22 -6.92
N LYS A 220 -14.71 -17.23 -7.75
CA LYS A 220 -15.44 -18.44 -7.35
C LYS A 220 -14.65 -19.69 -7.76
N PRO A 221 -14.87 -20.83 -7.08
CA PRO A 221 -14.02 -22.01 -7.30
C PRO A 221 -13.80 -22.31 -8.76
N SER A 222 -12.54 -22.49 -9.14
CA SER A 222 -12.17 -22.72 -10.54
C SER A 222 -12.54 -24.12 -11.03
N THR A 223 -12.79 -25.03 -10.09
CA THR A 223 -13.40 -26.31 -10.40
C THR A 223 -14.87 -26.14 -10.72
N ILE A 224 -15.44 -27.11 -11.43
CA ILE A 224 -16.81 -26.99 -11.94
C ILE A 224 -17.47 -28.34 -12.35
N ARG A 225 -18.80 -28.44 -12.18
CA ARG A 225 -19.54 -29.68 -12.51
C ARG A 225 -19.27 -29.98 -13.96
N ARG A 226 -19.21 -31.25 -14.31
CA ARG A 226 -19.04 -31.65 -15.72
C ARG A 226 -20.38 -31.74 -16.41
N ASP A 227 -21.44 -31.71 -15.61
CA ASP A 227 -22.76 -31.34 -16.10
C ASP A 227 -22.89 -29.85 -15.86
N ALA A 228 -22.06 -29.10 -16.56
CA ALA A 228 -22.15 -27.67 -16.61
C ALA A 228 -22.70 -27.29 -17.93
N PRO A 229 -23.23 -26.08 -18.01
CA PRO A 229 -23.66 -25.61 -19.30
C PRO A 229 -22.46 -24.99 -19.98
N ALA A 230 -22.34 -25.24 -21.28
CA ALA A 230 -21.32 -24.58 -22.07
C ALA A 230 -21.41 -23.10 -21.70
N GLY A 231 -20.30 -22.54 -21.24
CA GLY A 231 -20.27 -21.13 -20.90
C GLY A 231 -19.87 -20.89 -19.49
N ARG A 232 -20.34 -21.73 -18.59
CA ARG A 232 -19.72 -21.81 -17.28
C ARG A 232 -18.54 -22.75 -17.37
N LYS A 233 -18.70 -23.81 -18.19
CA LYS A 233 -17.81 -24.96 -18.16
C LYS A 233 -16.41 -24.55 -18.57
N VAL A 234 -15.70 -24.04 -17.59
CA VAL A 234 -14.42 -23.40 -17.75
C VAL A 234 -13.67 -23.62 -16.45
N GLY A 235 -12.36 -23.63 -16.54
CA GLY A 235 -11.50 -23.74 -15.37
C GLY A 235 -11.01 -25.16 -15.28
N LEU A 236 -11.13 -25.77 -14.11
CA LEU A 236 -10.74 -27.14 -13.95
C LEU A 236 -12.01 -27.98 -14.07
N ILE A 237 -12.18 -28.60 -15.23
CA ILE A 237 -13.41 -29.31 -15.53
C ILE A 237 -13.45 -30.51 -14.60
N ALA A 238 -14.41 -30.56 -13.69
CA ALA A 238 -14.80 -31.83 -13.06
C ALA A 238 -13.68 -32.57 -12.35
N ALA A 239 -12.83 -31.81 -11.68
CA ALA A 239 -11.56 -32.34 -11.24
C ALA A 239 -11.70 -33.28 -10.06
N ARG A 240 -10.96 -34.39 -10.13
CA ARG A 240 -10.96 -35.37 -9.04
C ARG A 240 -10.10 -34.91 -7.87
N ARG A 241 -9.03 -34.18 -8.16
CA ARG A 241 -8.29 -33.40 -7.15
C ARG A 241 -8.13 -31.97 -7.63
N THR A 242 -7.14 -31.25 -7.10
CA THR A 242 -6.61 -30.06 -7.79
C THR A 242 -5.34 -29.49 -7.12
N GLY A 243 -4.20 -30.16 -7.32
CA GLY A 243 -2.94 -29.72 -6.72
C GLY A 243 -1.83 -30.75 -6.92
N ARG A 244 -0.60 -30.26 -6.91
CA ARG A 244 0.59 -31.07 -7.28
C ARG A 244 0.71 -32.47 -6.63
N PHE B 1 -40.69 9.43 70.28
CA PHE B 1 -41.63 10.07 69.32
C PHE B 1 -41.81 9.24 68.03
N VAL B 2 -42.67 9.74 67.14
CA VAL B 2 -42.84 9.24 65.75
C VAL B 2 -43.16 10.42 64.85
N LYS B 3 -43.48 10.18 63.58
CA LYS B 3 -44.18 11.19 62.78
C LYS B 3 -45.62 11.24 63.24
N VAL B 4 -46.17 12.43 63.38
CA VAL B 4 -47.59 12.59 63.65
C VAL B 4 -48.30 12.22 62.36
N VAL B 5 -49.12 11.17 62.39
CA VAL B 5 -49.91 10.78 61.23
C VAL B 5 -50.90 11.89 61.01
N LYS B 6 -51.70 12.15 62.04
CA LYS B 6 -52.79 13.10 61.96
C LYS B 6 -52.33 14.57 62.02
N ASN B 7 -51.61 14.95 60.97
CA ASN B 7 -51.24 16.32 60.63
C ASN B 7 -52.40 17.32 60.55
N LYS B 8 -52.09 18.56 60.14
CA LYS B 8 -53.08 19.42 59.47
C LYS B 8 -53.48 18.75 58.17
N ALA B 9 -52.48 18.46 57.36
CA ALA B 9 -52.61 17.66 56.15
C ALA B 9 -53.53 16.45 56.26
N TYR B 10 -53.47 15.69 57.37
CA TYR B 10 -54.40 14.56 57.51
C TYR B 10 -55.81 15.15 57.29
N PHE B 11 -56.18 16.25 57.96
CA PHE B 11 -57.58 16.77 57.94
C PHE B 11 -57.92 17.69 56.79
N LYS B 12 -56.91 18.26 56.13
CA LYS B 12 -57.17 18.98 54.88
C LYS B 12 -57.56 17.99 53.80
N ARG B 13 -56.91 16.85 53.80
CA ARG B 13 -57.11 15.86 52.77
C ARG B 13 -58.15 14.82 53.18
N TYR B 14 -58.33 14.54 54.49
CA TYR B 14 -59.32 13.51 54.90
C TYR B 14 -60.68 13.96 54.29
N GLN B 15 -61.26 13.07 53.50
CA GLN B 15 -62.55 13.26 52.81
C GLN B 15 -63.58 12.44 53.54
N VAL B 16 -64.59 13.02 54.19
CA VAL B 16 -65.51 12.15 54.96
C VAL B 16 -66.10 11.07 54.12
N LYS B 17 -66.42 9.97 54.78
CA LYS B 17 -67.26 8.99 54.19
C LYS B 17 -68.57 9.67 53.87
N PHE B 18 -69.70 9.19 54.37
CA PHE B 18 -70.91 9.44 53.65
C PHE B 18 -72.10 9.09 54.62
N ARG B 19 -72.61 10.08 55.40
CA ARG B 19 -73.13 9.96 56.84
C ARG B 19 -73.61 8.61 57.33
N ARG B 20 -74.67 8.06 56.75
CA ARG B 20 -75.20 6.78 57.21
C ARG B 20 -74.19 5.63 57.10
N ARG B 21 -73.03 5.91 56.51
CA ARG B 21 -71.83 5.08 56.60
C ARG B 21 -71.08 5.20 57.93
N ARG B 22 -70.73 6.42 58.30
CA ARG B 22 -70.02 6.65 59.55
C ARG B 22 -70.77 5.98 60.70
N GLU B 23 -72.06 6.28 60.80
CA GLU B 23 -72.92 5.62 61.79
C GLU B 23 -72.93 4.11 61.59
N GLY B 24 -72.79 3.65 60.35
CA GLY B 24 -72.52 2.26 60.06
C GLY B 24 -73.82 1.49 59.99
N LYS B 25 -74.71 1.94 59.12
CA LYS B 25 -76.07 1.43 59.08
C LYS B 25 -76.56 0.93 57.73
N THR B 26 -75.88 1.21 56.62
CA THR B 26 -76.53 1.17 55.30
C THR B 26 -75.67 0.66 54.10
N ASP B 27 -76.04 -0.46 53.44
CA ASP B 27 -75.41 -0.86 52.11
C ASP B 27 -75.97 0.09 51.17
N TYR B 28 -75.14 0.97 50.63
CA TYR B 28 -75.63 1.89 49.63
C TYR B 28 -74.57 2.12 48.55
N TYR B 29 -73.84 1.04 48.28
CA TYR B 29 -74.11 0.23 47.07
C TYR B 29 -74.95 -0.84 47.75
N ALA B 30 -75.82 -1.48 46.98
CA ALA B 30 -76.85 -2.47 47.44
C ALA B 30 -78.17 -1.79 47.83
N ARG B 31 -78.12 -0.65 48.53
CA ARG B 31 -79.28 0.27 48.55
C ARG B 31 -79.43 0.76 47.15
N LYS B 32 -78.30 1.00 46.50
CA LYS B 32 -78.29 1.42 45.11
C LYS B 32 -79.07 0.44 44.28
N ARG B 33 -78.64 -0.81 44.32
CA ARG B 33 -79.21 -1.81 43.47
C ARG B 33 -80.61 -2.22 43.92
N LEU B 34 -80.91 -2.13 45.23
CA LEU B 34 -82.27 -2.37 45.75
C LEU B 34 -83.29 -1.36 45.26
N VAL B 35 -82.94 -0.10 45.46
CA VAL B 35 -83.90 0.99 45.45
C VAL B 35 -84.20 1.55 44.08
N ILE B 36 -83.14 1.99 43.40
CA ILE B 36 -83.28 2.83 42.21
C ILE B 36 -84.11 2.12 41.15
N GLN B 37 -85.12 2.82 40.67
CA GLN B 37 -86.11 2.20 39.82
C GLN B 37 -85.66 2.45 38.40
N ASP B 38 -85.83 1.43 37.56
CA ASP B 38 -85.49 1.50 36.14
C ASP B 38 -86.13 2.72 35.47
N LYS B 39 -85.53 3.21 34.40
CA LYS B 39 -86.10 4.31 33.63
C LYS B 39 -86.73 3.75 32.35
N ASN B 40 -87.55 2.72 32.51
CA ASN B 40 -88.69 2.53 31.64
C ASN B 40 -89.93 2.64 32.58
N LYS B 41 -89.79 3.48 33.62
CA LYS B 41 -90.80 3.71 34.66
C LYS B 41 -90.96 5.22 35.06
N TYR B 42 -89.85 5.97 35.12
CA TYR B 42 -89.78 7.47 35.36
C TYR B 42 -90.46 7.63 36.75
N ASN B 43 -91.78 7.78 36.89
CA ASN B 43 -92.32 8.02 38.27
C ASN B 43 -92.54 6.81 39.19
N THR B 44 -93.20 5.75 38.68
CA THR B 44 -93.62 4.60 39.52
C THR B 44 -92.57 4.07 40.48
N PRO B 45 -92.98 3.83 41.74
CA PRO B 45 -91.99 3.53 42.76
C PRO B 45 -91.46 2.10 42.71
N LYS B 46 -90.50 1.83 43.61
CA LYS B 46 -90.01 0.50 43.88
C LYS B 46 -90.11 0.28 45.39
N TYR B 47 -91.03 -0.59 45.82
CA TYR B 47 -91.21 -0.83 47.25
C TYR B 47 -90.16 -1.83 47.73
N ARG B 48 -89.66 -1.63 48.96
CA ARG B 48 -88.84 -2.66 49.66
C ARG B 48 -89.39 -2.85 51.05
N MET B 49 -89.49 -4.11 51.48
CA MET B 49 -89.79 -4.39 52.87
C MET B 49 -88.49 -4.33 53.66
N ILE B 50 -88.50 -3.47 54.66
CA ILE B 50 -87.37 -3.19 55.49
C ILE B 50 -87.57 -3.97 56.76
N VAL B 51 -86.64 -4.84 57.08
CA VAL B 51 -86.60 -5.49 58.39
C VAL B 51 -85.23 -5.31 58.96
N ARG B 52 -85.12 -4.65 60.10
CA ARG B 52 -83.92 -4.83 60.92
C ARG B 52 -84.38 -5.21 62.30
N VAL B 53 -84.01 -6.43 62.68
CA VAL B 53 -84.11 -6.89 64.06
C VAL B 53 -83.11 -6.09 64.84
N THR B 54 -83.61 -5.41 65.86
CA THR B 54 -82.81 -4.50 66.61
C THR B 54 -81.92 -5.24 67.60
N ASN B 55 -82.56 -5.84 68.60
CA ASN B 55 -81.92 -6.29 69.85
C ASN B 55 -83.01 -6.50 70.92
N ARG B 56 -83.95 -5.56 71.03
CA ARG B 56 -85.17 -5.76 71.83
C ARG B 56 -86.44 -5.86 71.03
N ASP B 57 -86.54 -5.06 69.97
CA ASP B 57 -87.74 -5.00 69.15
C ASP B 57 -87.37 -5.19 67.64
N ILE B 58 -88.19 -5.95 66.93
CA ILE B 58 -88.07 -6.14 65.49
C ILE B 58 -88.90 -5.06 64.84
N ILE B 59 -88.29 -4.28 63.95
CA ILE B 59 -89.05 -3.31 63.15
C ILE B 59 -89.17 -3.82 61.72
N CYS B 60 -90.39 -3.82 61.21
CA CYS B 60 -90.66 -4.08 59.81
C CYS B 60 -91.43 -2.92 59.25
N GLN B 61 -91.08 -2.49 58.04
CA GLN B 61 -91.78 -1.40 57.36
C GLN B 61 -91.58 -1.42 55.83
N ILE B 62 -92.65 -1.19 55.08
CA ILE B 62 -92.54 -1.04 53.63
C ILE B 62 -92.16 0.40 53.34
N ALA B 63 -91.13 0.55 52.51
CA ALA B 63 -90.71 1.87 52.03
C ALA B 63 -90.46 1.91 50.52
N TYR B 64 -90.66 3.10 49.99
CA TYR B 64 -90.54 3.44 48.57
C TYR B 64 -89.59 4.62 48.61
N ALA B 65 -88.84 4.91 47.55
CA ALA B 65 -87.73 5.88 47.66
C ALA B 65 -87.86 7.13 46.82
N ARG B 66 -88.05 8.28 47.48
CA ARG B 66 -88.04 9.58 46.82
C ARG B 66 -86.78 10.34 47.14
N ILE B 67 -86.53 11.28 46.24
CA ILE B 67 -85.33 12.09 46.22
C ILE B 67 -85.16 12.94 47.49
N GLU B 68 -86.26 13.24 48.20
CA GLU B 68 -86.20 13.96 49.50
C GLU B 68 -85.91 13.03 50.67
N GLY B 69 -86.33 11.77 50.56
CA GLY B 69 -86.01 10.74 51.55
C GLY B 69 -87.04 9.64 51.66
N ASP B 70 -86.62 8.39 51.45
CA ASP B 70 -87.59 7.29 51.28
C ASP B 70 -88.75 7.35 52.25
N MET B 71 -89.93 7.27 51.65
CA MET B 71 -91.18 7.48 52.33
C MET B 71 -91.65 6.10 52.75
N ILE B 72 -92.22 6.03 53.94
CA ILE B 72 -92.68 4.78 54.51
C ILE B 72 -94.17 4.78 54.34
N VAL B 73 -94.69 3.72 53.75
CA VAL B 73 -96.13 3.65 53.58
C VAL B 73 -96.76 2.98 54.81
N CYS B 74 -96.14 1.92 55.32
CA CYS B 74 -96.68 1.15 56.43
C CYS B 74 -95.55 0.64 57.30
N ALA B 75 -95.78 0.64 58.61
CA ALA B 75 -94.76 0.21 59.57
C ALA B 75 -95.40 -0.59 60.68
N ALA B 76 -94.83 -1.76 60.94
CA ALA B 76 -95.31 -2.67 61.97
C ALA B 76 -94.15 -3.15 62.78
N TYR B 77 -94.20 -2.91 64.10
CA TYR B 77 -93.10 -3.23 64.98
C TYR B 77 -93.46 -4.46 65.79
N ALA B 78 -92.55 -4.93 66.63
CA ALA B 78 -92.80 -6.07 67.51
C ALA B 78 -93.45 -5.64 68.82
N HIS B 79 -93.06 -4.50 69.37
CA HIS B 79 -93.64 -4.03 70.63
C HIS B 79 -95.14 -3.65 70.57
N GLU B 80 -95.77 -3.80 69.40
CA GLU B 80 -97.23 -3.72 69.27
C GLU B 80 -97.87 -5.01 69.76
N LEU B 81 -97.16 -6.12 69.60
CA LEU B 81 -97.71 -7.48 69.75
C LEU B 81 -98.39 -7.86 71.08
N PRO B 82 -98.09 -7.17 72.20
CA PRO B 82 -98.95 -7.35 73.38
C PRO B 82 -100.46 -7.25 73.13
N LYS B 83 -100.87 -6.29 72.30
CA LYS B 83 -102.23 -6.20 71.75
C LYS B 83 -102.85 -7.52 71.26
N TYR B 84 -102.01 -8.35 70.62
CA TYR B 84 -102.44 -9.57 69.94
C TYR B 84 -102.16 -10.82 70.79
N GLY B 85 -101.96 -10.63 72.11
CA GLY B 85 -101.76 -11.72 73.07
C GLY B 85 -100.38 -12.35 73.09
N VAL B 86 -99.37 -11.57 72.71
CA VAL B 86 -97.99 -12.02 72.79
C VAL B 86 -97.27 -11.03 73.68
N LYS B 87 -96.97 -11.46 74.90
CA LYS B 87 -96.43 -10.60 75.94
C LYS B 87 -94.93 -10.40 75.84
N VAL B 88 -94.24 -11.43 75.37
CA VAL B 88 -92.81 -11.59 75.64
C VAL B 88 -92.10 -12.32 74.50
N GLY B 89 -90.77 -12.40 74.57
CA GLY B 89 -89.94 -13.13 73.61
C GLY B 89 -90.22 -12.63 72.23
N LEU B 90 -90.10 -11.32 72.09
CA LEU B 90 -90.63 -10.58 70.94
C LEU B 90 -89.51 -9.91 70.16
N THR B 91 -88.31 -10.50 70.24
CA THR B 91 -87.28 -10.28 69.24
C THR B 91 -86.86 -11.65 68.72
N ASN B 92 -87.78 -12.60 68.76
CA ASN B 92 -87.49 -14.01 68.59
C ASN B 92 -88.01 -14.45 67.20
N TYR B 93 -87.31 -15.33 66.45
CA TYR B 93 -87.63 -15.50 65.00
C TYR B 93 -89.19 -15.62 64.84
N ALA B 94 -89.85 -16.54 65.54
CA ALA B 94 -91.35 -16.65 65.55
C ALA B 94 -92.22 -15.38 65.76
N ALA B 95 -91.67 -14.30 66.30
CA ALA B 95 -92.37 -13.02 66.50
C ALA B 95 -92.12 -12.06 65.33
N ALA B 96 -90.97 -12.26 64.67
CA ALA B 96 -90.70 -11.64 63.38
C ALA B 96 -91.72 -12.08 62.35
N TYR B 97 -92.17 -13.33 62.40
CA TYR B 97 -93.33 -13.73 61.61
C TYR B 97 -94.47 -12.79 61.93
N CYS B 98 -95.02 -12.88 63.14
CA CYS B 98 -96.22 -12.11 63.47
C CYS B 98 -96.10 -10.66 63.07
N THR B 99 -94.94 -10.07 63.32
CA THR B 99 -94.64 -8.69 62.91
C THR B 99 -94.76 -8.49 61.40
N GLY B 100 -94.13 -9.38 60.64
CA GLY B 100 -94.15 -9.30 59.18
C GLY B 100 -95.51 -9.59 58.62
N LEU B 101 -96.22 -10.49 59.28
CA LEU B 101 -97.61 -10.77 58.98
C LEU B 101 -98.47 -9.56 59.23
N LEU B 102 -98.28 -8.95 60.38
CA LEU B 102 -98.96 -7.71 60.74
C LEU B 102 -98.81 -6.72 59.62
N LEU B 103 -97.55 -6.47 59.26
CA LEU B 103 -97.21 -5.50 58.25
C LEU B 103 -97.96 -5.73 56.95
N ALA B 104 -97.94 -6.97 56.46
CA ALA B 104 -98.66 -7.33 55.25
C ALA B 104 -100.14 -6.99 55.31
N ARG B 105 -100.75 -7.12 56.49
CA ARG B 105 -102.20 -6.97 56.62
C ARG B 105 -102.59 -5.53 56.95
N ARG B 106 -101.72 -4.81 57.65
CA ARG B 106 -101.92 -3.37 57.86
C ARG B 106 -101.78 -2.63 56.56
N LEU B 107 -100.94 -3.16 55.69
CA LEU B 107 -100.80 -2.63 54.37
C LEU B 107 -102.03 -3.00 53.56
N LEU B 108 -102.33 -4.29 53.48
CA LEU B 108 -103.44 -4.75 52.66
C LEU B 108 -104.84 -4.32 53.11
N ASN B 109 -104.99 -3.79 54.33
CA ASN B 109 -106.26 -3.11 54.68
C ASN B 109 -106.41 -1.82 53.84
N ARG B 110 -105.28 -1.16 53.53
CA ARG B 110 -105.30 -0.02 52.61
C ARG B 110 -105.25 -0.57 51.21
N PHE B 111 -105.51 0.30 50.24
CA PHE B 111 -105.75 -0.09 48.82
C PHE B 111 -106.79 -1.24 48.73
N GLY B 112 -107.68 -1.30 49.74
CA GLY B 112 -108.67 -2.35 49.99
C GLY B 112 -108.40 -3.74 49.46
N MET B 113 -107.48 -4.45 50.08
CA MET B 113 -107.17 -5.81 49.67
C MET B 113 -107.15 -6.82 50.82
N ASP B 114 -107.74 -6.48 51.97
CA ASP B 114 -107.87 -7.46 53.07
C ASP B 114 -108.88 -8.55 52.76
N LYS B 115 -109.66 -8.39 51.70
CA LYS B 115 -110.59 -9.42 51.25
C LYS B 115 -110.00 -10.25 50.11
N ILE B 116 -108.70 -10.12 49.81
CA ILE B 116 -108.06 -10.90 48.73
C ILE B 116 -106.51 -10.99 48.83
N TYR B 117 -105.96 -12.11 48.31
CA TYR B 117 -104.52 -12.53 48.46
C TYR B 117 -104.22 -12.41 49.99
N GLU B 118 -104.88 -13.31 50.73
CA GLU B 118 -104.68 -13.49 52.17
C GLU B 118 -103.39 -14.23 52.44
N GLY B 119 -102.97 -15.00 51.44
CA GLY B 119 -101.87 -15.92 51.59
C GLY B 119 -102.32 -17.09 52.42
N GLN B 120 -101.33 -17.81 52.93
CA GLN B 120 -101.58 -19.03 53.66
C GLN B 120 -102.14 -18.63 55.06
N VAL B 121 -102.99 -19.50 55.60
CA VAL B 121 -103.83 -19.22 56.79
C VAL B 121 -103.45 -20.11 57.97
N GLU B 122 -103.61 -21.42 57.80
CA GLU B 122 -103.27 -22.39 58.84
C GLU B 122 -101.78 -22.37 59.16
N VAL B 123 -100.99 -22.00 58.15
CA VAL B 123 -99.54 -21.94 58.22
C VAL B 123 -99.00 -23.35 58.06
N THR B 124 -98.11 -23.52 57.10
CA THR B 124 -97.38 -24.77 56.93
C THR B 124 -95.91 -24.49 57.24
N GLY B 125 -95.33 -23.60 56.43
CA GLY B 125 -93.90 -23.35 56.39
C GLY B 125 -93.27 -23.82 55.09
N ASP B 126 -93.98 -23.59 53.99
CA ASP B 126 -93.61 -24.08 52.67
C ASP B 126 -93.43 -22.88 51.74
N GLU B 127 -93.23 -23.20 50.47
CA GLU B 127 -93.62 -22.34 49.37
C GLU B 127 -95.08 -21.90 49.61
N TYR B 128 -95.28 -20.71 50.19
CA TYR B 128 -96.42 -19.89 49.76
C TYR B 128 -95.84 -18.68 49.01
N ASN B 129 -96.44 -18.38 47.86
CA ASN B 129 -95.98 -17.41 46.85
C ASN B 129 -97.29 -16.91 46.25
N VAL B 130 -97.59 -15.63 46.40
CA VAL B 130 -98.92 -15.14 46.02
C VAL B 130 -99.06 -15.10 44.50
N GLU B 131 -100.23 -15.51 44.00
CA GLU B 131 -100.55 -15.44 42.57
C GLU B 131 -101.69 -14.46 42.35
N SER B 132 -101.38 -13.34 41.69
CA SER B 132 -102.32 -12.25 41.45
C SER B 132 -103.56 -12.72 40.67
N ILE B 133 -104.73 -12.32 41.13
CA ILE B 133 -106.00 -12.73 40.53
C ILE B 133 -106.32 -11.82 39.32
N ASP B 134 -106.80 -12.41 38.23
CA ASP B 134 -107.11 -11.66 37.00
C ASP B 134 -108.46 -10.96 37.21
N GLY B 135 -108.62 -9.80 36.59
CA GLY B 135 -109.82 -8.98 36.79
C GLY B 135 -109.93 -8.31 38.16
N GLN B 136 -108.88 -8.40 38.98
CA GLN B 136 -108.84 -7.73 40.28
C GLN B 136 -107.63 -6.79 40.33
N PRO B 137 -107.51 -5.99 41.40
CA PRO B 137 -106.24 -5.35 41.70
C PRO B 137 -105.13 -6.40 41.80
N GLY B 138 -104.13 -6.29 40.94
CA GLY B 138 -102.98 -7.21 40.98
C GLY B 138 -102.23 -7.06 42.28
N ALA B 139 -101.64 -8.16 42.75
CA ALA B 139 -100.99 -8.20 44.05
C ALA B 139 -99.82 -7.20 44.20
N PHE B 140 -99.54 -6.92 45.47
CA PHE B 140 -98.48 -6.02 45.89
C PHE B 140 -97.16 -6.75 45.90
N THR B 141 -96.06 -6.01 45.75
CA THR B 141 -94.73 -6.64 45.76
C THR B 141 -93.62 -5.73 46.28
N CYS B 142 -92.61 -6.36 46.91
CA CYS B 142 -91.42 -5.64 47.34
C CYS B 142 -90.23 -6.55 47.56
N TYR B 143 -89.04 -5.98 47.36
CA TYR B 143 -87.79 -6.73 47.20
C TYR B 143 -87.16 -6.52 48.59
N LEU B 144 -87.22 -7.59 49.39
CA LEU B 144 -86.79 -7.60 50.79
C LEU B 144 -85.44 -6.89 51.00
N ASP B 145 -85.34 -6.12 52.08
CA ASP B 145 -84.10 -5.44 52.46
C ASP B 145 -83.61 -5.97 53.78
N ALA B 146 -82.48 -6.69 53.73
CA ALA B 146 -81.86 -7.23 54.93
C ALA B 146 -81.05 -6.21 55.74
N GLY B 147 -80.53 -5.19 55.06
CA GLY B 147 -79.63 -4.21 55.68
C GLY B 147 -78.22 -4.79 55.75
N LEU B 148 -77.78 -5.16 56.96
CA LEU B 148 -76.42 -5.66 57.20
C LEU B 148 -76.36 -6.99 57.93
N ALA B 149 -77.43 -7.78 57.87
CA ALA B 149 -77.48 -9.03 58.61
C ALA B 149 -76.87 -10.11 57.73
N ARG B 150 -75.80 -10.76 58.20
CA ARG B 150 -75.22 -11.89 57.45
C ARG B 150 -76.38 -12.87 57.47
N THR B 151 -77.08 -12.87 56.34
CA THR B 151 -78.26 -13.70 56.10
C THR B 151 -77.94 -15.17 55.90
N THR B 152 -77.63 -15.84 57.00
CA THR B 152 -77.47 -17.27 57.02
C THR B 152 -78.88 -17.84 57.14
N THR B 153 -78.96 -19.15 57.01
CA THR B 153 -80.20 -19.86 57.23
C THR B 153 -80.64 -19.55 58.68
N GLY B 154 -81.95 -19.50 58.87
CA GLY B 154 -82.52 -19.27 60.19
C GLY B 154 -82.69 -17.83 60.67
N ASN B 155 -82.00 -16.87 60.07
CA ASN B 155 -82.02 -15.50 60.62
C ASN B 155 -83.40 -14.82 60.45
N LYS B 156 -83.77 -14.02 61.44
CA LYS B 156 -85.12 -13.50 61.57
C LYS B 156 -85.60 -12.71 60.38
N VAL B 157 -84.68 -11.97 59.77
CA VAL B 157 -85.01 -11.04 58.68
C VAL B 157 -85.88 -11.70 57.59
N PHE B 158 -85.25 -12.51 56.73
CA PHE B 158 -85.95 -13.27 55.66
C PHE B 158 -86.96 -14.28 56.33
N GLY B 159 -86.95 -14.41 57.66
CA GLY B 159 -88.05 -15.05 58.41
C GLY B 159 -89.30 -14.19 58.61
N ALA B 160 -89.11 -12.90 58.87
CA ALA B 160 -90.23 -11.94 58.90
C ALA B 160 -90.86 -11.82 57.53
N LEU B 161 -89.99 -11.82 56.51
CA LEU B 161 -90.40 -11.98 55.14
C LEU B 161 -91.47 -13.06 55.05
N LYS B 162 -91.17 -14.26 55.55
CA LYS B 162 -92.14 -15.37 55.50
C LYS B 162 -93.49 -14.95 56.04
N GLY B 163 -93.46 -14.14 57.10
CA GLY B 163 -94.65 -13.46 57.55
C GLY B 163 -95.38 -12.60 56.55
N ALA B 164 -94.67 -11.67 55.93
CA ALA B 164 -95.30 -10.80 54.94
C ALA B 164 -95.74 -11.54 53.66
N VAL B 165 -95.04 -12.63 53.32
CA VAL B 165 -95.43 -13.49 52.19
C VAL B 165 -96.69 -14.27 52.57
N ASP B 166 -96.63 -14.93 53.72
CA ASP B 166 -97.79 -15.60 54.33
C ASP B 166 -98.99 -14.65 54.46
N GLY B 167 -98.69 -13.38 54.73
CA GLY B 167 -99.68 -12.31 54.81
C GLY B 167 -100.19 -11.71 53.53
N GLY B 168 -99.62 -12.07 52.39
CA GLY B 168 -100.18 -11.70 51.07
C GLY B 168 -99.45 -10.63 50.26
N LEU B 169 -98.18 -10.41 50.58
CA LEU B 169 -97.29 -9.64 49.73
C LEU B 169 -96.54 -10.61 48.81
N SER B 170 -96.22 -10.14 47.61
CA SER B 170 -95.59 -10.97 46.60
C SER B 170 -94.11 -10.63 46.54
N ILE B 171 -93.37 -11.03 47.56
CA ILE B 171 -91.94 -10.84 47.59
C ILE B 171 -91.29 -12.04 46.93
N PRO B 172 -90.25 -11.81 46.09
CA PRO B 172 -89.37 -12.92 45.69
C PRO B 172 -88.45 -13.37 46.84
N HIS B 173 -88.72 -14.58 47.29
CA HIS B 173 -88.14 -15.17 48.46
C HIS B 173 -87.78 -16.51 47.83
N SER B 174 -86.64 -17.08 48.20
CA SER B 174 -86.47 -18.50 48.01
C SER B 174 -86.46 -19.06 49.40
N THR B 175 -86.32 -20.37 49.44
CA THR B 175 -86.54 -21.13 50.63
C THR B 175 -85.23 -21.66 51.19
N LYS B 176 -84.14 -21.26 50.56
CA LYS B 176 -82.83 -21.84 50.81
C LYS B 176 -82.34 -21.46 52.18
N ARG B 177 -82.92 -20.43 52.78
CA ARG B 177 -82.49 -19.97 54.07
C ARG B 177 -83.53 -20.15 55.18
N PHE B 178 -84.81 -20.52 54.90
CA PHE B 178 -85.76 -20.67 56.02
C PHE B 178 -85.30 -21.76 56.96
N PRO B 179 -85.43 -21.52 58.27
CA PRO B 179 -84.99 -22.55 59.22
C PRO B 179 -85.67 -23.88 58.91
N GLY B 180 -84.88 -24.85 58.48
CA GLY B 180 -85.40 -26.11 57.96
C GLY B 180 -84.62 -26.66 56.78
N TYR B 181 -83.97 -25.78 56.01
CA TYR B 181 -83.12 -26.19 54.90
C TYR B 181 -81.90 -26.97 55.39
N ASP B 182 -81.66 -28.13 54.78
CA ASP B 182 -80.53 -29.00 55.15
C ASP B 182 -79.35 -28.74 54.21
N SER B 183 -78.30 -28.13 54.75
CA SER B 183 -77.15 -27.72 53.95
C SER B 183 -76.18 -28.87 53.59
N GLU B 184 -76.65 -30.12 53.67
CA GLU B 184 -75.90 -31.29 53.18
C GLU B 184 -76.82 -32.19 52.36
N SER B 185 -77.83 -31.59 51.72
CA SER B 185 -78.91 -32.35 51.09
C SER B 185 -79.73 -31.49 50.13
N LYS B 186 -80.20 -30.34 50.61
CA LYS B 186 -80.86 -29.30 49.80
C LYS B 186 -82.37 -29.57 49.57
N GLU B 187 -83.12 -29.61 50.67
CA GLU B 187 -84.61 -29.63 50.68
C GLU B 187 -85.13 -28.84 51.89
N PHE B 188 -86.41 -28.98 52.25
CA PHE B 188 -86.89 -28.72 53.63
C PHE B 188 -87.14 -29.98 54.39
N ASN B 189 -87.26 -29.79 55.70
CA ASN B 189 -88.13 -30.60 56.51
C ASN B 189 -89.52 -29.98 56.44
N ALA B 190 -89.59 -28.65 56.59
CA ALA B 190 -90.82 -27.85 56.51
C ALA B 190 -91.58 -27.96 57.82
N GLU B 191 -91.76 -29.20 58.29
CA GLU B 191 -92.18 -29.43 59.66
C GLU B 191 -91.10 -29.05 60.69
N VAL B 192 -89.93 -28.55 60.24
CA VAL B 192 -89.03 -27.81 61.13
C VAL B 192 -89.43 -26.34 61.13
N HIS B 193 -89.86 -25.82 59.99
CA HIS B 193 -90.43 -24.48 59.94
C HIS B 193 -91.73 -24.43 60.76
N ARG B 194 -92.50 -25.54 60.77
CA ARG B 194 -93.63 -25.71 61.73
C ARG B 194 -93.18 -25.10 63.05
N LYS B 195 -92.14 -25.71 63.62
CA LYS B 195 -91.70 -25.40 64.97
C LYS B 195 -91.17 -24.01 64.88
N HIS B 196 -90.26 -23.82 63.93
CA HIS B 196 -89.46 -22.62 63.96
C HIS B 196 -90.37 -21.37 63.91
N ILE B 197 -91.49 -21.48 63.18
CA ILE B 197 -92.51 -20.41 63.14
C ILE B 197 -93.26 -20.18 64.46
N LEU B 198 -93.61 -21.26 65.15
CA LEU B 198 -94.46 -21.17 66.35
C LEU B 198 -93.69 -21.18 67.68
N GLY B 199 -92.36 -21.24 67.60
CA GLY B 199 -91.53 -21.10 68.80
C GLY B 199 -91.34 -22.35 69.65
N GLN B 200 -91.41 -23.53 69.05
CA GLN B 200 -91.06 -24.75 69.76
C GLN B 200 -89.54 -24.99 69.72
N ASN B 201 -88.80 -24.06 69.10
CA ASN B 201 -87.41 -23.80 69.51
C ASN B 201 -87.41 -23.49 70.99
N VAL B 202 -88.18 -22.45 71.31
CA VAL B 202 -88.15 -21.86 72.63
C VAL B 202 -88.86 -22.79 73.59
N ALA B 203 -89.93 -23.43 73.15
CA ALA B 203 -90.56 -24.48 73.97
C ALA B 203 -89.53 -25.55 74.32
N ASP B 204 -88.93 -26.19 73.34
CA ASP B 204 -87.97 -27.25 73.64
C ASP B 204 -86.68 -26.81 74.34
N TYR B 205 -86.39 -25.51 74.38
CA TYR B 205 -85.34 -24.97 75.27
C TYR B 205 -85.94 -24.75 76.66
N MET B 206 -87.16 -24.26 76.69
CA MET B 206 -87.97 -24.21 77.91
C MET B 206 -88.32 -25.58 78.50
N ARG B 207 -87.92 -26.66 77.83
CA ARG B 207 -88.05 -28.00 78.35
C ARG B 207 -86.73 -28.76 78.48
N TYR B 208 -85.73 -28.59 77.59
CA TYR B 208 -84.43 -29.17 77.96
C TYR B 208 -84.07 -28.41 79.30
N LEU B 209 -84.04 -27.08 79.34
CA LEU B 209 -83.86 -26.37 80.64
C LEU B 209 -85.15 -26.37 81.45
N ILE B 210 -85.09 -27.06 82.58
CA ILE B 210 -86.17 -27.17 83.59
C ILE B 210 -85.97 -28.47 84.37
N GLU B 211 -85.76 -29.57 83.63
CA GLU B 211 -85.61 -30.89 84.20
C GLU B 211 -84.17 -31.14 84.59
N GLU B 212 -83.22 -30.44 83.96
CA GLU B 212 -81.83 -30.52 84.36
C GLU B 212 -81.64 -29.75 85.64
N ASP B 213 -81.94 -28.46 85.58
CA ASP B 213 -81.60 -27.55 86.65
C ASP B 213 -82.65 -26.44 86.76
N GLU B 214 -82.90 -26.04 88.01
CA GLU B 214 -83.78 -24.94 88.30
C GLU B 214 -82.86 -23.75 88.45
N ASP B 215 -83.42 -22.54 88.47
CA ASP B 215 -82.64 -21.31 88.71
C ASP B 215 -81.60 -20.99 87.58
N ALA B 216 -81.56 -21.82 86.52
CA ALA B 216 -81.07 -21.38 85.21
C ALA B 216 -82.29 -21.06 84.36
N TYR B 217 -83.33 -21.89 84.46
CA TYR B 217 -84.71 -21.41 84.29
C TYR B 217 -84.83 -20.27 85.24
N LYS B 218 -85.64 -19.27 84.90
CA LYS B 218 -85.84 -18.12 85.79
C LYS B 218 -84.75 -17.08 85.57
N LYS B 219 -83.48 -17.49 85.58
CA LYS B 219 -82.40 -16.60 85.13
C LYS B 219 -82.48 -16.40 83.62
N GLN B 220 -82.38 -17.50 82.86
CA GLN B 220 -82.37 -17.43 81.39
C GLN B 220 -83.67 -16.90 80.84
N PHE B 221 -84.79 -17.17 81.48
CA PHE B 221 -86.02 -16.53 81.05
C PHE B 221 -87.13 -16.45 82.10
N SER B 222 -86.91 -15.47 82.99
CA SER B 222 -87.82 -14.98 84.04
C SER B 222 -89.20 -14.58 83.53
N GLN B 223 -89.20 -13.71 82.52
CA GLN B 223 -90.47 -13.23 81.91
C GLN B 223 -91.20 -14.35 81.14
N TYR B 224 -90.49 -15.42 80.77
CA TYR B 224 -91.15 -16.63 80.30
C TYR B 224 -91.86 -17.38 81.45
N ILE B 225 -91.36 -17.28 82.69
CA ILE B 225 -92.08 -17.78 83.89
C ILE B 225 -93.18 -16.81 84.31
N LYS B 226 -92.78 -15.59 84.68
CA LYS B 226 -93.71 -14.50 84.95
C LYS B 226 -94.59 -14.29 83.72
N ASN B 227 -95.77 -13.70 83.92
CA ASN B 227 -96.85 -13.62 82.89
C ASN B 227 -97.54 -14.99 82.63
N ASN B 228 -97.21 -16.03 83.41
CA ASN B 228 -97.91 -17.34 83.42
C ASN B 228 -98.01 -17.90 82.01
N VAL B 229 -96.86 -17.81 81.34
CA VAL B 229 -96.60 -18.46 80.07
C VAL B 229 -95.84 -19.74 80.37
N THR B 230 -96.07 -20.75 79.55
CA THR B 230 -95.44 -22.06 79.72
C THR B 230 -95.07 -22.58 78.35
N PRO B 231 -94.37 -23.72 78.29
CA PRO B 231 -94.41 -24.49 77.06
C PRO B 231 -95.82 -25.07 76.92
N ASP B 232 -96.01 -26.01 76.00
CA ASP B 232 -97.35 -26.53 75.63
C ASP B 232 -98.29 -25.39 75.14
N MET B 233 -98.55 -24.42 76.04
CA MET B 233 -99.25 -23.17 75.74
C MET B 233 -98.72 -22.40 74.54
N MET B 234 -97.41 -22.16 74.52
CA MET B 234 -96.75 -21.30 73.51
C MET B 234 -97.36 -21.38 72.11
N GLU B 235 -97.35 -22.58 71.53
CA GLU B 235 -97.89 -22.84 70.18
C GLU B 235 -99.27 -22.19 69.96
N GLU B 236 -100.07 -22.17 71.02
CA GLU B 236 -101.42 -21.65 71.02
C GLU B 236 -101.54 -20.27 71.68
N MET B 237 -100.46 -19.48 71.69
CA MET B 237 -100.53 -18.01 71.78
C MET B 237 -100.45 -17.50 70.37
N TYR B 238 -99.40 -17.95 69.68
CA TYR B 238 -99.05 -17.50 68.36
C TYR B 238 -100.23 -17.76 67.42
N LYS B 239 -100.82 -18.95 67.46
CA LYS B 239 -101.98 -19.23 66.61
C LYS B 239 -103.18 -18.31 66.87
N LYS B 240 -103.29 -17.76 68.08
CA LYS B 240 -104.28 -16.70 68.35
C LYS B 240 -103.83 -15.40 67.70
N ALA B 241 -102.53 -15.11 67.71
CA ALA B 241 -102.00 -13.92 67.02
C ALA B 241 -102.21 -13.90 65.49
N HIS B 242 -101.77 -14.93 64.74
CA HIS B 242 -101.88 -14.91 63.24
C HIS B 242 -103.38 -14.98 62.86
N ALA B 243 -104.24 -15.29 63.83
CA ALA B 243 -105.68 -15.07 63.72
C ALA B 243 -106.07 -13.66 64.14
N ALA B 244 -105.64 -13.23 65.32
CA ALA B 244 -106.04 -11.92 65.89
C ALA B 244 -105.51 -10.75 65.09
N ILE B 245 -104.27 -10.86 64.64
CA ILE B 245 -103.69 -9.90 63.70
C ILE B 245 -104.61 -9.80 62.49
N ARG B 246 -104.95 -10.95 61.91
CA ARG B 246 -105.67 -10.92 60.65
C ARG B 246 -107.12 -10.48 60.74
N GLU B 247 -107.79 -10.57 61.90
CA GLU B 247 -109.14 -9.95 62.01
C GLU B 247 -109.09 -8.42 62.18
N ASN B 248 -108.03 -7.91 62.82
CA ASN B 248 -107.81 -6.45 62.92
C ASN B 248 -106.33 -6.11 62.86
N PRO B 249 -105.86 -5.64 61.69
CA PRO B 249 -104.47 -5.20 61.60
C PRO B 249 -104.28 -3.73 61.94
N VAL B 250 -105.34 -2.93 61.79
CA VAL B 250 -105.19 -1.49 61.68
C VAL B 250 -104.63 -0.88 62.96
N TYR B 251 -103.84 0.17 62.80
CA TYR B 251 -103.30 0.91 63.93
C TYR B 251 -104.29 1.98 64.30
N GLU B 252 -104.42 2.24 65.60
CA GLU B 252 -105.32 3.30 66.08
C GLU B 252 -104.55 4.49 66.70
N LYS B 253 -103.21 4.43 66.70
CA LYS B 253 -102.35 5.38 67.41
C LYS B 253 -102.59 5.32 68.92
N LYS B 254 -102.00 6.28 69.64
CA LYS B 254 -102.58 6.76 70.90
C LYS B 254 -102.47 8.29 70.89
N PRO B 255 -103.61 8.98 71.13
CA PRO B 255 -103.61 10.43 70.98
C PRO B 255 -102.67 11.06 71.98
N LYS B 256 -102.07 12.18 71.63
CA LYS B 256 -100.98 12.73 72.42
C LYS B 256 -101.03 14.24 72.55
N LYS B 257 -101.20 14.70 73.79
CA LYS B 257 -101.17 16.11 74.14
C LYS B 257 -101.07 16.25 75.66
N GLU B 258 -100.08 17.00 76.12
CA GLU B 258 -99.89 17.34 77.54
C GLU B 258 -98.75 18.34 77.73
N VAL B 259 -97.60 18.03 77.12
CA VAL B 259 -96.30 18.36 77.69
C VAL B 259 -96.01 19.85 77.85
N LYS B 260 -96.15 20.29 79.09
CA LYS B 260 -95.42 21.43 79.73
C LYS B 260 -94.34 22.04 78.85
N LYS B 261 -93.44 21.16 78.40
CA LYS B 261 -92.44 21.45 77.36
C LYS B 261 -91.29 22.25 77.96
N LYS B 262 -90.55 21.56 78.82
CA LYS B 262 -89.29 22.08 79.31
C LYS B 262 -88.14 21.63 78.43
N ARG B 263 -87.05 22.37 78.58
CA ARG B 263 -85.87 22.26 77.74
C ARG B 263 -84.73 21.79 78.62
N TRP B 264 -84.40 20.50 78.51
CA TRP B 264 -83.52 19.82 79.46
C TRP B 264 -82.45 18.94 78.75
N ASN B 265 -82.14 19.44 77.55
CA ASN B 265 -80.87 19.35 76.86
C ASN B 265 -79.91 20.33 77.58
N ARG B 266 -78.91 20.83 76.83
CA ARG B 266 -78.18 22.03 77.19
C ARG B 266 -78.08 22.88 75.92
N PRO B 267 -78.13 24.22 76.03
CA PRO B 267 -78.07 25.01 74.80
C PRO B 267 -76.68 25.38 74.34
N LYS B 268 -76.61 25.80 73.08
CA LYS B 268 -75.41 26.34 72.50
C LYS B 268 -75.07 27.62 73.24
N MET B 269 -73.80 27.76 73.59
CA MET B 269 -73.29 28.97 74.18
C MET B 269 -73.18 30.04 73.11
N SER B 270 -73.62 31.26 73.41
CA SER B 270 -73.55 32.36 72.43
C SER B 270 -72.14 32.88 72.31
N LEU B 271 -71.90 33.64 71.25
CA LEU B 271 -70.58 34.13 70.91
C LEU B 271 -69.93 34.80 72.11
N ALA B 272 -70.54 35.89 72.57
CA ALA B 272 -69.97 36.72 73.64
C ALA B 272 -69.60 35.96 74.91
N GLN B 273 -70.24 34.81 75.09
CA GLN B 273 -70.17 34.00 76.31
C GLN B 273 -69.01 33.00 76.23
N LYS B 274 -68.56 32.73 75.01
CA LYS B 274 -67.23 32.15 74.75
C LYS B 274 -66.21 33.28 74.73
N LYS B 275 -66.59 34.38 74.09
CA LYS B 275 -65.74 35.55 73.89
C LYS B 275 -65.17 36.08 75.19
N ASP B 276 -65.98 36.10 76.25
CA ASP B 276 -65.47 36.47 77.59
C ASP B 276 -64.70 35.34 78.24
N ARG B 277 -65.24 34.12 78.32
CA ARG B 277 -64.55 33.04 79.07
C ARG B 277 -63.04 33.02 78.85
N VAL B 278 -62.64 33.43 77.66
CA VAL B 278 -61.29 33.87 77.37
C VAL B 278 -61.19 35.41 77.42
N ALA B 279 -60.83 35.90 78.60
CA ALA B 279 -60.89 37.31 79.06
C ALA B 279 -61.32 37.26 80.52
N GLN B 280 -62.17 36.26 80.81
CA GLN B 280 -62.49 35.74 82.16
C GLN B 280 -61.40 34.89 82.83
N LYS B 281 -60.87 33.92 82.09
CA LYS B 281 -59.54 33.37 82.30
C LYS B 281 -58.64 34.56 81.98
N LYS B 282 -57.33 34.38 81.94
CA LYS B 282 -56.45 35.45 81.48
C LYS B 282 -56.74 36.79 82.20
N ALA B 283 -56.79 36.68 83.52
CA ALA B 283 -57.39 37.65 84.46
C ALA B 283 -57.75 36.84 85.70
N SER B 284 -58.12 35.58 85.48
CA SER B 284 -58.03 34.52 86.49
C SER B 284 -56.59 34.02 86.60
N PHE B 285 -55.94 33.78 85.46
CA PHE B 285 -54.51 33.42 85.42
C PHE B 285 -53.63 34.59 85.81
N LEU B 286 -53.64 35.68 85.04
CA LEU B 286 -52.74 36.82 85.27
C LEU B 286 -52.72 37.19 86.75
N ARG B 287 -53.88 37.59 87.26
CA ARG B 287 -54.07 37.90 88.69
C ARG B 287 -53.41 36.87 89.61
N ALA B 288 -53.63 35.58 89.32
CA ALA B 288 -53.18 34.47 90.19
C ALA B 288 -51.68 34.43 90.37
N GLN B 289 -50.95 34.67 89.28
CA GLN B 289 -49.50 34.57 89.32
C GLN B 289 -48.75 35.91 89.21
N GLU B 290 -49.48 37.03 89.28
CA GLU B 290 -48.87 38.33 89.62
C GLU B 290 -48.92 38.43 91.15
N ARG B 291 -48.16 37.54 91.81
CA ARG B 291 -48.29 37.25 93.24
C ARG B 291 -47.26 36.20 93.69
N ALA B 292 -47.37 35.00 93.10
CA ALA B 292 -46.66 33.80 93.56
C ALA B 292 -46.31 32.88 92.38
N LYS C 1 8.60 -84.95 -84.85
CA LYS C 1 8.00 -84.03 -83.85
C LYS C 1 7.12 -82.98 -84.52
N VAL C 2 5.80 -83.17 -84.41
CA VAL C 2 4.81 -82.18 -84.86
C VAL C 2 4.48 -81.31 -83.63
N VAL C 3 5.53 -80.68 -83.10
CA VAL C 3 5.49 -79.88 -81.86
C VAL C 3 6.70 -78.93 -81.89
N ASN C 4 6.46 -77.72 -82.38
CA ASN C 4 7.50 -76.70 -82.47
C ASN C 4 8.01 -76.45 -81.07
N LEU C 5 9.31 -76.38 -80.92
CA LEU C 5 9.92 -76.37 -79.59
C LEU C 5 9.57 -75.18 -78.73
N LEU C 6 9.19 -74.09 -79.39
CA LEU C 6 9.01 -72.81 -78.73
C LEU C 6 7.78 -72.75 -77.85
N PHE C 7 6.67 -73.40 -78.25
CA PHE C 7 5.42 -73.20 -77.48
C PHE C 7 5.66 -73.99 -76.18
N GLU C 8 5.62 -73.24 -75.08
CA GLU C 8 6.20 -73.65 -73.80
C GLU C 8 5.07 -73.89 -72.80
N LYS C 9 4.91 -73.02 -71.80
CA LYS C 9 3.96 -73.21 -70.70
C LYS C 9 3.67 -71.85 -70.08
N ARG C 10 4.66 -71.26 -69.42
CA ARG C 10 4.47 -70.01 -68.67
C ARG C 10 3.29 -70.11 -67.68
N PRO C 11 3.26 -71.21 -66.88
CA PRO C 11 2.11 -71.42 -65.99
C PRO C 11 2.25 -70.51 -64.77
N LYS C 12 1.23 -69.68 -64.55
CA LYS C 12 1.24 -68.66 -63.52
C LYS C 12 0.78 -69.26 -62.21
N ASN C 13 1.11 -68.58 -61.12
CA ASN C 13 0.67 -68.98 -59.77
C ASN C 13 0.10 -67.78 -59.04
N PHE C 14 -1.18 -67.87 -58.64
CA PHE C 14 -1.88 -66.78 -57.94
C PHE C 14 -2.03 -67.22 -56.51
N GLY C 15 -0.89 -67.18 -55.85
CA GLY C 15 -0.83 -67.15 -54.42
C GLY C 15 -0.80 -65.69 -54.07
N ILE C 16 -0.97 -65.39 -52.79
CA ILE C 16 -0.92 -64.01 -52.32
C ILE C 16 0.39 -63.44 -52.85
N GLY C 17 0.44 -62.16 -53.21
CA GLY C 17 1.70 -61.56 -53.67
C GLY C 17 2.52 -62.19 -54.82
N GLN C 18 2.18 -63.40 -55.27
CA GLN C 18 2.83 -63.98 -56.44
C GLN C 18 2.22 -63.30 -57.67
N ASP C 19 1.90 -64.05 -58.73
CA ASP C 19 1.39 -63.39 -59.91
C ASP C 19 -0.02 -62.87 -59.65
N ILE C 20 -0.33 -61.81 -60.36
CA ILE C 20 -1.50 -60.99 -60.12
C ILE C 20 -2.76 -61.77 -60.35
N GLN C 21 -3.78 -61.44 -59.58
CA GLN C 21 -4.91 -62.31 -59.49
C GLN C 21 -5.81 -62.15 -60.68
N PRO C 22 -6.49 -63.23 -61.09
CA PRO C 22 -7.42 -63.17 -62.20
C PRO C 22 -8.83 -62.80 -61.79
N LYS C 23 -9.73 -62.90 -62.75
CA LYS C 23 -11.09 -62.45 -62.61
C LYS C 23 -12.02 -63.60 -62.18
N ARG C 24 -12.31 -63.72 -60.89
CA ARG C 24 -13.44 -64.59 -60.49
C ARG C 24 -14.76 -63.85 -60.55
N ASP C 25 -15.82 -64.64 -60.63
CA ASP C 25 -17.18 -64.20 -60.37
C ASP C 25 -17.22 -63.81 -58.90
N LEU C 26 -17.91 -62.70 -58.64
CA LEU C 26 -17.96 -62.07 -57.33
C LEU C 26 -19.37 -61.85 -56.84
N THR C 27 -20.38 -62.45 -57.44
CA THR C 27 -21.74 -61.96 -57.25
C THR C 27 -22.16 -61.69 -55.79
N ARG C 28 -21.54 -62.38 -54.82
CA ARG C 28 -21.73 -62.10 -53.39
C ARG C 28 -20.80 -60.82 -52.91
N PHE C 29 -19.73 -60.36 -53.64
CA PHE C 29 -18.59 -59.32 -53.22
C PHE C 29 -18.80 -58.05 -54.01
N VAL C 30 -20.04 -57.87 -54.48
CA VAL C 30 -20.41 -56.78 -55.40
C VAL C 30 -21.46 -55.92 -54.69
N LYS C 31 -21.68 -54.69 -55.19
CA LYS C 31 -22.54 -53.68 -54.54
C LYS C 31 -23.98 -53.64 -55.04
N TRP C 32 -24.87 -54.34 -54.34
CA TRP C 32 -26.20 -54.71 -54.88
C TRP C 32 -27.07 -53.48 -54.59
N PRO C 33 -27.48 -52.71 -55.65
CA PRO C 33 -28.19 -51.42 -55.48
C PRO C 33 -29.43 -51.48 -54.63
N ARG C 34 -29.95 -50.31 -54.30
CA ARG C 34 -30.89 -50.24 -53.22
C ARG C 34 -32.21 -50.96 -53.41
N TYR C 35 -32.71 -51.13 -54.63
CA TYR C 35 -33.79 -52.14 -54.82
C TYR C 35 -33.38 -53.56 -54.60
N ILE C 36 -32.18 -53.92 -54.99
CA ILE C 36 -31.81 -55.30 -54.95
C ILE C 36 -31.51 -55.64 -53.51
N ARG C 37 -30.44 -55.07 -52.96
CA ARG C 37 -30.15 -55.20 -51.51
C ARG C 37 -31.45 -55.35 -50.72
N LEU C 38 -32.38 -54.42 -50.94
CA LEU C 38 -33.65 -54.42 -50.23
C LEU C 38 -34.48 -55.68 -50.51
N GLN C 39 -34.84 -55.92 -51.76
CA GLN C 39 -35.65 -57.11 -52.09
C GLN C 39 -34.98 -58.39 -51.66
N ARG C 40 -33.65 -58.41 -51.69
CA ARG C 40 -32.85 -59.52 -51.21
C ARG C 40 -33.17 -59.76 -49.74
N GLN C 41 -33.04 -58.71 -48.94
CA GLN C 41 -33.35 -58.80 -47.50
C GLN C 41 -34.75 -58.34 -47.11
N ARG C 42 -35.70 -58.63 -47.98
CA ARG C 42 -37.07 -58.89 -47.60
C ARG C 42 -37.13 -60.40 -47.47
N ALA C 43 -36.82 -61.09 -48.56
CA ALA C 43 -36.83 -62.55 -48.59
C ALA C 43 -36.09 -63.17 -47.41
N ILE C 44 -35.03 -62.52 -46.94
CA ILE C 44 -34.34 -63.01 -45.76
C ILE C 44 -35.20 -62.84 -44.52
N LEU C 45 -35.59 -61.61 -44.18
CA LEU C 45 -36.49 -61.37 -43.02
C LEU C 45 -37.67 -62.31 -43.03
N TYR C 46 -38.28 -62.39 -44.20
CA TYR C 46 -39.49 -63.16 -44.42
C TYR C 46 -39.27 -64.69 -44.23
N LYS C 47 -38.01 -65.12 -44.08
CA LYS C 47 -37.66 -66.42 -43.51
C LYS C 47 -37.11 -66.34 -42.06
N ARG C 48 -36.40 -65.26 -41.75
CA ARG C 48 -35.73 -65.06 -40.44
C ARG C 48 -36.65 -64.84 -39.26
N LEU C 49 -37.72 -64.10 -39.50
CA LEU C 49 -38.74 -63.78 -38.52
C LEU C 49 -39.59 -64.99 -38.23
N LYS C 50 -40.44 -64.90 -37.21
CA LYS C 50 -41.39 -65.96 -36.97
C LYS C 50 -42.70 -65.61 -37.69
N VAL C 51 -42.89 -66.18 -38.87
CA VAL C 51 -44.00 -65.82 -39.72
C VAL C 51 -45.25 -66.53 -39.21
N PRO C 52 -46.39 -65.82 -39.15
CA PRO C 52 -47.72 -66.38 -38.87
C PRO C 52 -48.35 -67.41 -39.82
N PRO C 53 -49.10 -68.38 -39.27
CA PRO C 53 -49.80 -69.44 -39.96
C PRO C 53 -50.49 -68.97 -41.22
N THR C 54 -51.21 -67.87 -41.06
CA THR C 54 -52.08 -67.34 -42.07
C THR C 54 -51.29 -66.84 -43.26
N ILE C 55 -50.07 -66.42 -42.98
CA ILE C 55 -49.12 -66.01 -44.00
C ILE C 55 -48.23 -67.17 -44.46
N ASN C 56 -47.95 -68.14 -43.58
CA ASN C 56 -47.26 -69.37 -43.98
C ASN C 56 -47.94 -70.20 -45.03
N GLN C 57 -49.21 -70.48 -44.80
CA GLN C 57 -50.00 -71.26 -45.77
C GLN C 57 -49.78 -70.80 -47.22
N PHE C 58 -49.35 -69.53 -47.37
CA PHE C 58 -48.98 -68.95 -48.66
C PHE C 58 -47.52 -69.27 -49.08
N THR C 59 -46.99 -70.39 -48.56
CA THR C 59 -45.72 -70.96 -49.01
C THR C 59 -46.01 -72.35 -49.54
N GLN C 60 -46.50 -73.23 -48.65
CA GLN C 60 -46.87 -74.59 -49.04
C GLN C 60 -47.91 -74.52 -50.15
N ALA C 61 -47.62 -75.17 -51.27
CA ALA C 61 -48.39 -75.01 -52.50
C ALA C 61 -48.53 -76.33 -53.27
N LEU C 62 -49.23 -76.28 -54.40
CA LEU C 62 -49.36 -77.41 -55.30
C LEU C 62 -48.03 -77.80 -55.96
N ASP C 63 -48.03 -78.99 -56.54
CA ASP C 63 -46.86 -79.58 -57.19
C ASP C 63 -47.13 -79.69 -58.68
N ARG C 64 -46.06 -79.89 -59.44
CA ARG C 64 -46.16 -80.07 -60.90
C ARG C 64 -47.32 -80.98 -61.29
N GLN C 65 -47.40 -82.16 -60.67
CA GLN C 65 -48.40 -83.17 -61.03
C GLN C 65 -49.83 -82.67 -60.90
N THR C 66 -50.11 -81.92 -59.84
CA THR C 66 -51.45 -81.38 -59.62
C THR C 66 -51.65 -80.09 -60.42
N ALA C 67 -50.72 -79.16 -60.25
CA ALA C 67 -50.78 -77.86 -60.91
C ALA C 67 -51.08 -77.94 -62.40
N THR C 68 -50.35 -78.80 -63.11
CA THR C 68 -50.51 -78.92 -64.55
C THR C 68 -51.86 -79.48 -64.98
N GLN C 69 -52.47 -80.35 -64.18
CA GLN C 69 -53.85 -80.78 -64.43
C GLN C 69 -54.81 -79.60 -64.28
N LEU C 70 -54.65 -78.85 -63.20
CA LEU C 70 -55.45 -77.63 -62.98
C LEU C 70 -55.42 -76.71 -64.20
N LEU C 71 -54.22 -76.36 -64.63
CA LEU C 71 -54.06 -75.41 -65.73
C LEU C 71 -54.38 -76.01 -67.10
N LYS C 72 -54.41 -77.34 -67.20
CA LYS C 72 -55.04 -78.03 -68.33
C LYS C 72 -56.55 -77.82 -68.27
N LEU C 73 -57.13 -78.14 -67.11
CA LEU C 73 -58.58 -78.06 -66.89
C LEU C 73 -59.15 -76.68 -67.20
N THR C 74 -58.49 -75.66 -66.70
CA THR C 74 -58.87 -74.27 -66.97
C THR C 74 -58.81 -73.88 -68.45
N HIS C 75 -57.94 -74.53 -69.23
CA HIS C 75 -57.72 -74.12 -70.62
C HIS C 75 -58.91 -74.42 -71.55
N LYS C 76 -59.84 -75.26 -71.10
CA LYS C 76 -61.13 -75.45 -71.79
C LYS C 76 -62.09 -74.28 -71.52
N TYR C 77 -61.68 -73.40 -70.62
CA TYR C 77 -62.58 -72.73 -69.71
C TYR C 77 -62.29 -71.27 -69.43
N ARG C 78 -61.30 -70.69 -70.12
CA ARG C 78 -60.84 -69.34 -69.87
C ARG C 78 -61.93 -68.42 -70.38
N PRO C 79 -62.16 -67.29 -69.69
CA PRO C 79 -63.22 -66.41 -70.15
C PRO C 79 -62.83 -65.83 -71.50
N GLU C 80 -63.84 -65.77 -72.37
CA GLU C 80 -63.75 -65.19 -73.71
C GLU C 80 -62.73 -64.04 -73.80
N THR C 81 -61.80 -64.16 -74.73
CA THR C 81 -60.92 -63.04 -75.08
C THR C 81 -61.78 -61.95 -75.67
N LYS C 82 -61.20 -60.76 -75.76
CA LYS C 82 -61.75 -59.76 -76.66
C LYS C 82 -61.47 -60.27 -78.08
N GLN C 83 -62.38 -59.95 -79.02
CA GLN C 83 -62.44 -60.46 -80.41
C GLN C 83 -63.33 -61.70 -80.37
N GLU C 84 -62.87 -62.72 -79.65
CA GLU C 84 -63.72 -63.85 -79.23
C GLU C 84 -65.05 -63.42 -78.58
N LYS C 85 -65.04 -62.29 -77.88
CA LYS C 85 -66.25 -61.67 -77.31
C LYS C 85 -67.16 -61.13 -78.43
N LYS C 86 -66.57 -60.30 -79.30
CA LYS C 86 -67.31 -59.64 -80.38
C LYS C 86 -68.15 -60.58 -81.22
N GLN C 87 -67.60 -61.74 -81.59
CA GLN C 87 -68.33 -62.69 -82.43
C GLN C 87 -69.35 -63.51 -81.64
N ARG C 88 -69.33 -63.45 -80.30
CA ARG C 88 -70.45 -63.96 -79.49
C ARG C 88 -71.68 -63.05 -79.64
N LEU C 89 -71.46 -61.73 -79.70
CA LEU C 89 -72.54 -60.76 -79.93
C LEU C 89 -72.95 -60.68 -81.41
N LEU C 90 -71.95 -60.42 -82.26
CA LEU C 90 -72.14 -60.27 -83.71
C LEU C 90 -72.89 -61.44 -84.36
N ALA C 91 -72.57 -62.68 -83.97
CA ALA C 91 -73.29 -63.88 -84.47
C ALA C 91 -74.76 -63.92 -84.04
N ARG C 92 -75.08 -63.43 -82.84
CA ARG C 92 -76.48 -63.37 -82.35
C ARG C 92 -77.28 -62.24 -83.00
N ALA C 93 -76.61 -61.15 -83.41
CA ALA C 93 -77.27 -60.07 -84.16
C ALA C 93 -77.72 -60.49 -85.57
N GLU C 94 -76.95 -61.36 -86.22
CA GLU C 94 -77.29 -61.90 -87.55
C GLU C 94 -78.27 -63.08 -87.43
N LYS C 95 -78.06 -63.95 -86.43
CA LYS C 95 -78.94 -65.09 -86.16
C LYS C 95 -80.33 -64.70 -85.61
N LYS C 96 -80.43 -63.56 -84.92
CA LYS C 96 -81.71 -63.04 -84.41
C LYS C 96 -82.67 -62.65 -85.54
N ALA C 97 -82.18 -61.79 -86.44
CA ALA C 97 -82.96 -61.28 -87.58
C ALA C 97 -82.67 -62.06 -88.87
N ALA C 98 -82.89 -63.37 -88.82
CA ALA C 98 -82.71 -64.26 -89.98
C ALA C 98 -83.42 -65.61 -89.79
N GLY C 99 -82.89 -66.46 -88.90
CA GLY C 99 -83.39 -67.82 -88.70
C GLY C 99 -83.74 -68.11 -87.24
N LYS C 100 -84.59 -67.25 -86.67
CA LYS C 100 -85.07 -67.34 -85.28
C LYS C 100 -83.99 -67.09 -84.21
N GLY C 101 -84.42 -66.45 -83.11
CA GLY C 101 -83.55 -66.26 -81.97
C GLY C 101 -84.32 -65.67 -80.80
N ASP C 102 -84.61 -66.51 -79.80
CA ASP C 102 -85.04 -66.03 -78.49
C ASP C 102 -83.87 -65.30 -77.82
N VAL C 103 -82.67 -65.86 -78.01
CA VAL C 103 -81.39 -65.23 -77.63
C VAL C 103 -80.95 -65.35 -76.16
N PRO C 104 -81.34 -66.43 -75.44
CA PRO C 104 -80.64 -66.73 -74.19
C PRO C 104 -79.46 -67.69 -74.36
N THR C 105 -79.42 -68.44 -75.47
CA THR C 105 -78.50 -69.56 -75.71
C THR C 105 -78.32 -70.43 -74.44
N LYS C 106 -77.11 -70.86 -74.13
CA LYS C 106 -76.75 -71.29 -72.78
C LYS C 106 -75.34 -70.80 -72.49
N ARG C 107 -75.22 -69.81 -71.59
CA ARG C 107 -73.93 -69.24 -71.21
C ARG C 107 -72.97 -70.34 -70.76
N PRO C 108 -71.94 -70.69 -71.59
CA PRO C 108 -71.14 -71.85 -71.21
C PRO C 108 -70.36 -71.61 -69.92
N PRO C 109 -70.18 -72.64 -69.09
CA PRO C 109 -69.52 -72.40 -67.81
C PRO C 109 -68.08 -71.95 -68.03
N VAL C 110 -67.65 -70.98 -67.24
CA VAL C 110 -66.32 -70.37 -67.37
C VAL C 110 -65.75 -70.11 -65.99
N LEU C 111 -64.51 -69.64 -65.98
CA LEU C 111 -63.88 -69.17 -64.77
C LEU C 111 -64.56 -67.97 -64.11
N ARG C 112 -64.12 -67.72 -62.89
CA ARG C 112 -64.43 -66.51 -62.15
C ARG C 112 -63.12 -65.98 -61.58
N ALA C 113 -62.87 -64.68 -61.74
CA ALA C 113 -61.53 -64.14 -61.60
C ALA C 113 -61.21 -63.51 -60.23
N GLY C 114 -61.70 -62.30 -59.98
CA GLY C 114 -61.22 -61.46 -58.85
C GLY C 114 -61.67 -61.93 -57.49
N VAL C 115 -61.29 -61.20 -56.44
CA VAL C 115 -61.53 -61.68 -55.07
C VAL C 115 -62.96 -61.41 -54.63
N ASN C 116 -63.35 -60.13 -54.65
CA ASN C 116 -64.69 -59.70 -54.18
C ASN C 116 -65.78 -60.18 -55.18
N THR C 117 -65.36 -60.85 -56.29
CA THR C 117 -66.24 -61.76 -57.06
C THR C 117 -66.26 -63.15 -56.45
N VAL C 118 -65.08 -63.71 -56.22
CA VAL C 118 -64.94 -65.06 -55.65
C VAL C 118 -65.59 -65.17 -54.28
N THR C 119 -65.15 -64.34 -53.36
CA THR C 119 -65.59 -64.43 -51.98
C THR C 119 -67.11 -64.40 -51.82
N THR C 120 -67.82 -63.66 -52.69
CA THR C 120 -69.29 -63.69 -52.67
C THR C 120 -69.79 -65.08 -52.99
N LEU C 121 -69.32 -65.63 -54.11
CA LEU C 121 -69.76 -66.95 -54.55
C LEU C 121 -69.03 -68.13 -53.85
N VAL C 122 -68.12 -67.82 -52.92
CA VAL C 122 -67.70 -68.79 -51.90
C VAL C 122 -68.62 -68.65 -50.68
N GLU C 123 -68.91 -67.43 -50.26
CA GLU C 123 -69.90 -67.17 -49.21
C GLU C 123 -71.34 -67.60 -49.62
N ASN C 124 -71.55 -67.88 -50.91
CA ASN C 124 -72.79 -68.46 -51.43
C ASN C 124 -72.73 -69.99 -51.68
N LYS C 125 -71.62 -70.64 -51.34
CA LYS C 125 -71.37 -72.04 -51.70
C LYS C 125 -71.73 -72.33 -53.15
N LYS C 126 -71.14 -71.54 -54.05
CA LYS C 126 -71.43 -71.67 -55.47
C LYS C 126 -70.13 -72.00 -56.23
N ALA C 127 -69.26 -72.77 -55.58
CA ALA C 127 -67.93 -73.08 -56.12
C ALA C 127 -67.56 -74.52 -55.84
N GLN C 128 -66.99 -75.17 -56.84
CA GLN C 128 -66.48 -76.53 -56.70
C GLN C 128 -65.05 -76.44 -56.18
N LEU C 129 -64.27 -75.57 -56.81
CA LEU C 129 -62.89 -75.34 -56.44
C LEU C 129 -62.59 -73.86 -56.45
N VAL C 130 -61.59 -73.46 -55.67
CA VAL C 130 -61.05 -72.11 -55.69
C VAL C 130 -59.54 -72.21 -55.79
N VAL C 131 -58.95 -71.52 -56.76
CA VAL C 131 -57.50 -71.43 -56.88
C VAL C 131 -57.07 -70.05 -56.42
N ILE C 132 -56.06 -70.01 -55.56
CA ILE C 132 -55.53 -68.78 -54.99
C ILE C 132 -54.05 -68.67 -55.32
N ALA C 133 -53.59 -67.49 -55.73
CA ALA C 133 -52.16 -67.27 -55.94
C ALA C 133 -51.48 -67.07 -54.60
N HIS C 134 -50.26 -67.58 -54.46
CA HIS C 134 -49.49 -67.44 -53.22
C HIS C 134 -48.79 -66.08 -53.03
N ASP C 135 -48.22 -65.56 -54.11
CA ASP C 135 -47.29 -64.43 -54.03
C ASP C 135 -47.94 -63.03 -53.95
N VAL C 136 -49.27 -62.97 -53.99
CA VAL C 136 -50.06 -61.73 -53.94
C VAL C 136 -49.50 -60.65 -52.98
N ASP C 137 -49.50 -59.39 -53.43
CA ASP C 137 -48.55 -58.37 -52.92
C ASP C 137 -48.94 -57.78 -51.55
N PRO C 138 -50.00 -56.97 -51.46
CA PRO C 138 -50.66 -56.96 -50.15
C PRO C 138 -51.32 -58.31 -49.88
N ILE C 139 -50.74 -59.08 -48.96
CA ILE C 139 -51.24 -60.40 -48.62
C ILE C 139 -52.66 -60.33 -48.01
N GLU C 140 -52.95 -59.21 -47.34
CA GLU C 140 -54.31 -58.80 -46.90
C GLU C 140 -55.43 -59.37 -47.75
N LEU C 141 -55.27 -59.18 -49.06
CA LEU C 141 -56.30 -59.50 -50.04
C LEU C 141 -56.62 -60.96 -50.19
N VAL C 142 -55.78 -61.84 -49.67
CA VAL C 142 -56.08 -63.25 -49.65
C VAL C 142 -55.65 -63.93 -48.35
N VAL C 143 -55.60 -63.23 -47.24
CA VAL C 143 -55.24 -63.89 -45.98
C VAL C 143 -56.34 -64.84 -45.53
N PHE C 144 -57.49 -64.28 -45.17
CA PHE C 144 -58.72 -65.01 -44.92
C PHE C 144 -59.17 -66.12 -45.87
N LEU C 145 -58.90 -65.99 -47.17
CA LEU C 145 -59.71 -66.71 -48.14
C LEU C 145 -59.74 -68.20 -47.85
N PRO C 146 -58.56 -68.81 -47.61
CA PRO C 146 -58.53 -70.21 -47.18
C PRO C 146 -59.45 -70.53 -46.01
N ALA C 147 -59.39 -69.73 -44.94
CA ALA C 147 -60.27 -69.94 -43.78
C ALA C 147 -61.72 -69.94 -44.20
N LEU C 148 -62.07 -68.91 -44.97
CA LEU C 148 -63.42 -68.76 -45.45
C LEU C 148 -63.81 -70.00 -46.26
N CYS C 149 -62.95 -70.37 -47.21
CA CYS C 149 -63.21 -71.52 -48.08
C CYS C 149 -63.47 -72.83 -47.34
N ARG C 150 -62.70 -73.09 -46.29
CA ARG C 150 -62.89 -74.34 -45.55
C ARG C 150 -64.13 -74.29 -44.66
N LYS C 151 -64.51 -73.11 -44.17
CA LYS C 151 -65.76 -73.00 -43.42
C LYS C 151 -66.98 -73.30 -44.27
N MET C 152 -67.00 -72.76 -45.47
CA MET C 152 -68.06 -73.08 -46.43
C MET C 152 -67.91 -74.49 -47.02
N GLY C 153 -66.77 -75.14 -46.75
CA GLY C 153 -66.55 -76.52 -47.17
C GLY C 153 -66.20 -76.56 -48.63
N VAL C 154 -65.68 -75.45 -49.13
CA VAL C 154 -65.34 -75.32 -50.51
C VAL C 154 -63.86 -75.70 -50.64
N PRO C 155 -63.55 -76.70 -51.49
CA PRO C 155 -62.16 -76.96 -51.86
C PRO C 155 -61.43 -75.70 -52.36
N TYR C 156 -60.43 -75.25 -51.60
CA TYR C 156 -59.51 -74.20 -52.04
C TYR C 156 -58.17 -74.82 -52.34
N CYS C 157 -57.36 -74.07 -53.06
CA CYS C 157 -55.97 -74.45 -53.30
C CYS C 157 -55.08 -73.26 -53.59
N ILE C 158 -53.79 -73.46 -53.34
CA ILE C 158 -52.80 -72.42 -53.49
C ILE C 158 -51.81 -72.81 -54.55
N ILE C 159 -51.96 -72.21 -55.72
CA ILE C 159 -51.07 -72.42 -56.84
C ILE C 159 -49.98 -71.37 -56.82
N LYS C 160 -48.85 -71.70 -57.42
CA LYS C 160 -47.76 -70.76 -57.55
C LYS C 160 -48.11 -69.84 -58.71
N GLY C 161 -47.69 -68.58 -58.64
CA GLY C 161 -47.73 -67.65 -59.77
C GLY C 161 -49.05 -66.96 -59.99
N LYS C 162 -49.19 -65.75 -59.45
CA LYS C 162 -50.31 -64.89 -59.80
C LYS C 162 -50.24 -64.49 -61.27
N ALA C 163 -49.06 -64.55 -61.87
CA ALA C 163 -48.92 -64.33 -63.29
C ALA C 163 -49.58 -65.44 -64.08
N ARG C 164 -49.11 -66.67 -63.88
CA ARG C 164 -49.65 -67.81 -64.63
C ARG C 164 -51.10 -68.14 -64.26
N LEU C 165 -51.53 -67.69 -63.08
CA LEU C 165 -52.96 -67.72 -62.74
C LEU C 165 -53.69 -66.57 -63.44
N GLY C 166 -53.08 -65.39 -63.49
CA GLY C 166 -53.59 -64.25 -64.27
C GLY C 166 -53.33 -64.29 -65.78
N ARG C 167 -52.80 -65.39 -66.29
CA ARG C 167 -52.68 -65.66 -67.73
C ARG C 167 -53.83 -66.51 -68.25
N LEU C 168 -54.57 -67.15 -67.35
CA LEU C 168 -55.76 -67.91 -67.72
C LEU C 168 -56.78 -66.90 -68.15
N VAL C 169 -57.22 -66.11 -67.18
CA VAL C 169 -57.92 -64.88 -67.47
C VAL C 169 -56.88 -63.99 -68.09
N HIS C 170 -57.29 -63.32 -69.12
CA HIS C 170 -56.37 -62.72 -70.04
C HIS C 170 -55.77 -61.40 -69.52
N ARG C 171 -54.98 -61.45 -68.46
CA ARG C 171 -54.47 -60.23 -67.83
C ARG C 171 -53.01 -60.39 -67.42
N LYS C 172 -52.48 -59.36 -66.75
CA LYS C 172 -51.18 -59.46 -66.12
C LYS C 172 -51.25 -60.35 -64.90
N THR C 173 -52.13 -60.02 -63.96
CA THR C 173 -52.22 -60.77 -62.71
C THR C 173 -53.65 -61.01 -62.25
N CYS C 174 -53.76 -61.94 -61.32
CA CYS C 174 -55.01 -62.38 -60.75
C CYS C 174 -54.70 -63.08 -59.46
N THR C 175 -55.51 -62.88 -58.43
CA THR C 175 -55.23 -63.48 -57.12
C THR C 175 -55.99 -64.74 -56.85
N THR C 176 -57.18 -64.87 -57.45
CA THR C 176 -58.06 -66.02 -57.22
C THR C 176 -58.67 -66.52 -58.51
N VAL C 177 -59.38 -67.63 -58.46
CA VAL C 177 -60.06 -68.17 -59.62
C VAL C 177 -61.01 -69.28 -59.13
N ALA C 178 -62.01 -69.64 -59.92
CA ALA C 178 -62.97 -70.64 -59.47
C ALA C 178 -63.79 -71.30 -60.59
N PHE C 179 -64.08 -72.60 -60.42
CA PHE C 179 -64.99 -73.34 -61.29
C PHE C 179 -66.25 -73.43 -60.45
N THR C 180 -67.35 -72.89 -60.98
CA THR C 180 -68.67 -72.99 -60.35
C THR C 180 -69.37 -74.24 -60.90
N GLN C 181 -69.50 -74.29 -62.23
CA GLN C 181 -69.98 -75.47 -62.93
C GLN C 181 -68.89 -75.99 -63.82
N VAL C 182 -69.10 -77.21 -64.28
CA VAL C 182 -68.30 -77.77 -65.35
C VAL C 182 -69.17 -78.45 -66.41
N ASN C 183 -68.66 -78.51 -67.63
CA ASN C 183 -69.21 -79.36 -68.68
C ASN C 183 -69.31 -80.82 -68.16
N SER C 184 -70.44 -81.48 -68.44
CA SER C 184 -70.70 -82.84 -67.96
C SER C 184 -69.54 -83.81 -68.17
N GLU C 185 -69.07 -83.91 -69.41
CA GLU C 185 -67.90 -84.73 -69.77
C GLU C 185 -66.62 -84.41 -68.97
N ASP C 186 -66.44 -83.14 -68.61
CA ASP C 186 -65.23 -82.65 -67.90
C ASP C 186 -65.32 -82.77 -66.36
N LYS C 187 -66.39 -83.40 -65.86
CA LYS C 187 -66.66 -83.48 -64.42
C LYS C 187 -65.91 -84.60 -63.69
N GLY C 188 -65.49 -85.63 -64.42
CA GLY C 188 -64.65 -86.69 -63.87
C GLY C 188 -63.27 -86.20 -63.47
N ALA C 189 -62.68 -85.32 -64.29
CA ALA C 189 -61.37 -84.72 -64.03
C ALA C 189 -61.40 -83.69 -62.91
N LEU C 190 -62.49 -82.93 -62.82
CA LEU C 190 -62.70 -81.95 -61.76
C LEU C 190 -62.79 -82.65 -60.42
N ALA C 191 -63.73 -83.61 -60.33
CA ALA C 191 -63.90 -84.41 -59.12
C ALA C 191 -62.69 -85.29 -58.78
N LYS C 192 -61.83 -85.54 -59.77
CA LYS C 192 -60.51 -86.16 -59.54
C LYS C 192 -59.56 -85.22 -58.76
N LEU C 193 -59.49 -83.95 -59.17
CA LEU C 193 -58.65 -82.95 -58.51
C LEU C 193 -59.16 -82.63 -57.12
N VAL C 194 -60.45 -82.31 -57.04
CA VAL C 194 -61.10 -81.89 -55.80
C VAL C 194 -60.74 -82.82 -54.64
N GLU C 195 -61.02 -84.12 -54.80
CA GLU C 195 -60.70 -85.11 -53.74
C GLU C 195 -59.19 -85.15 -53.42
N ALA C 196 -58.33 -84.90 -54.43
CA ALA C 196 -56.86 -84.88 -54.26
C ALA C 196 -56.38 -83.63 -53.52
N ILE C 197 -57.03 -82.51 -53.82
CA ILE C 197 -56.70 -81.23 -53.19
C ILE C 197 -57.11 -81.27 -51.72
N ARG C 198 -58.39 -81.54 -51.41
CA ARG C 198 -58.89 -81.33 -50.02
C ARG C 198 -58.53 -82.40 -48.97
N THR C 199 -57.89 -83.49 -49.39
CA THR C 199 -57.12 -84.32 -48.45
C THR C 199 -55.92 -83.52 -47.95
N ASN C 200 -55.35 -82.76 -48.89
CA ASN C 200 -54.14 -81.98 -48.67
C ASN C 200 -54.34 -80.58 -48.09
N TYR C 201 -55.57 -80.02 -48.12
CA TYR C 201 -55.85 -78.66 -47.59
C TYR C 201 -56.99 -78.53 -46.58
N ASN C 202 -58.24 -78.68 -47.02
CA ASN C 202 -59.40 -78.24 -46.21
C ASN C 202 -59.44 -79.07 -44.93
N ASP C 203 -59.06 -80.35 -45.07
CA ASP C 203 -58.99 -81.30 -43.96
C ASP C 203 -57.56 -81.44 -43.40
N ARG C 204 -56.92 -80.28 -43.21
CA ARG C 204 -55.65 -80.16 -42.51
C ARG C 204 -55.64 -79.10 -41.43
N TYR C 205 -56.72 -78.33 -41.26
CA TYR C 205 -56.53 -76.96 -40.77
C TYR C 205 -55.83 -76.79 -39.44
N ASN C 206 -55.92 -77.77 -38.56
CA ASN C 206 -55.31 -77.64 -37.24
C ASN C 206 -53.83 -78.07 -37.28
N GLU C 207 -53.35 -78.47 -38.46
CA GLU C 207 -51.92 -78.61 -38.77
C GLU C 207 -51.39 -77.32 -39.39
N ILE C 208 -52.15 -76.72 -40.31
CA ILE C 208 -51.78 -75.44 -40.93
C ILE C 208 -51.90 -74.30 -39.91
N ARG C 209 -53.13 -74.07 -39.43
CA ARG C 209 -53.44 -72.98 -38.48
C ARG C 209 -52.47 -72.82 -37.31
N ARG C 210 -51.79 -73.89 -36.90
CA ARG C 210 -50.76 -73.81 -35.86
C ARG C 210 -49.47 -74.38 -36.41
N HIS C 211 -48.94 -73.70 -37.40
CA HIS C 211 -47.58 -73.91 -37.82
C HIS C 211 -46.93 -72.52 -38.13
N TRP C 212 -46.17 -71.98 -37.18
CA TRP C 212 -45.27 -70.81 -37.41
C TRP C 212 -44.17 -71.26 -38.36
N GLY C 213 -43.75 -70.38 -39.26
CA GLY C 213 -42.85 -70.77 -40.35
C GLY C 213 -41.85 -69.73 -40.75
N GLY C 214 -40.93 -69.52 -39.84
CA GLY C 214 -39.66 -68.94 -40.16
C GLY C 214 -38.79 -69.38 -39.03
N ASN C 215 -38.19 -68.41 -38.32
CA ASN C 215 -37.38 -68.69 -37.13
C ASN C 215 -36.16 -69.57 -37.53
N VAL C 216 -35.72 -69.39 -38.78
CA VAL C 216 -34.64 -70.15 -39.35
C VAL C 216 -33.51 -69.14 -39.48
N LEU C 217 -32.35 -69.46 -38.92
CA LEU C 217 -31.20 -68.57 -38.95
C LEU C 217 -30.49 -68.66 -40.31
N GLY C 218 -29.34 -68.00 -40.42
CA GLY C 218 -28.55 -68.00 -41.65
C GLY C 218 -27.61 -69.17 -41.61
N PRO C 219 -27.33 -69.76 -42.78
CA PRO C 219 -26.52 -70.98 -42.77
C PRO C 219 -25.12 -70.72 -42.18
N LYS C 220 -24.64 -69.49 -42.29
CA LYS C 220 -23.39 -69.07 -41.66
C LYS C 220 -23.44 -69.15 -40.14
N SER C 221 -24.57 -68.74 -39.57
CA SER C 221 -24.82 -68.86 -38.13
C SER C 221 -25.07 -70.32 -37.72
N VAL C 222 -25.88 -71.02 -38.51
CA VAL C 222 -26.22 -72.43 -38.25
C VAL C 222 -24.97 -73.34 -38.28
N ALA C 223 -24.13 -73.15 -39.28
CA ALA C 223 -22.86 -73.90 -39.38
C ALA C 223 -22.02 -73.72 -38.12
N ARG C 224 -22.04 -72.52 -37.55
CA ARG C 224 -21.29 -72.23 -36.33
C ARG C 224 -21.94 -72.82 -35.07
N ILE C 225 -23.27 -72.65 -34.92
CA ILE C 225 -23.98 -73.21 -33.74
C ILE C 225 -23.94 -74.74 -33.69
N THR C 226 -23.98 -75.38 -34.86
CA THR C 226 -23.84 -76.84 -34.97
C THR C 226 -22.40 -77.33 -34.71
N LYS C 227 -21.42 -76.52 -35.11
CA LYS C 227 -20.00 -76.83 -34.85
C LYS C 227 -19.64 -76.76 -33.35
N LEU C 228 -20.45 -76.07 -32.56
CA LEU C 228 -20.35 -76.14 -31.09
C LEU C 228 -21.02 -77.37 -30.45
N GLU C 229 -21.96 -78.01 -31.16
CA GLU C 229 -22.58 -79.28 -30.70
C GLU C 229 -21.76 -80.51 -31.08
N LYS C 230 -20.75 -80.37 -31.95
CA LYS C 230 -19.71 -81.39 -32.12
C LYS C 230 -18.61 -81.22 -31.08
N ALA C 231 -18.41 -79.99 -30.58
CA ALA C 231 -17.57 -79.75 -29.39
C ALA C 231 -18.23 -80.35 -28.14
N LYS C 232 -19.51 -80.02 -27.90
CA LYS C 232 -20.24 -80.53 -26.72
C LYS C 232 -20.64 -82.02 -26.77
N ALA C 233 -20.87 -82.57 -27.95
CA ALA C 233 -21.06 -84.02 -28.11
C ALA C 233 -19.74 -84.72 -27.85
N LYS C 234 -18.70 -84.32 -28.59
CA LYS C 234 -17.37 -84.95 -28.48
C LYS C 234 -16.57 -84.56 -27.21
N GLU C 235 -17.14 -83.74 -26.31
CA GLU C 235 -16.59 -83.58 -24.95
C GLU C 235 -16.92 -84.79 -24.06
N LEU C 236 -18.20 -85.17 -24.02
CA LEU C 236 -18.67 -86.32 -23.21
C LEU C 236 -19.53 -87.35 -23.99
N ALA C 237 -19.19 -87.56 -25.25
CA ALA C 237 -19.48 -88.80 -25.97
C ALA C 237 -18.20 -89.65 -26.13
N THR C 238 -17.04 -89.00 -26.19
CA THR C 238 -15.76 -89.69 -26.07
C THR C 238 -15.43 -90.19 -24.66
N MET D 1 -30.86 76.33 32.93
CA MET D 1 -31.42 77.58 33.55
C MET D 1 -30.63 78.77 33.09
N LYS D 2 -31.33 79.76 32.55
CA LYS D 2 -30.70 81.00 32.18
C LYS D 2 -30.75 81.91 33.39
N THR D 3 -29.64 82.59 33.65
CA THR D 3 -29.52 83.53 34.76
C THR D 3 -29.66 84.94 34.24
N ILE D 4 -30.69 85.62 34.74
CA ILE D 4 -31.04 86.97 34.33
C ILE D 4 -29.87 87.94 34.24
N LEU D 5 -28.97 87.88 35.20
CA LEU D 5 -27.84 88.78 35.22
C LEU D 5 -26.65 88.12 35.87
N SER D 6 -25.48 88.42 35.33
CA SER D 6 -24.25 88.29 36.09
C SER D 6 -23.36 89.42 35.64
N ASN D 7 -22.56 89.94 36.56
CA ASN D 7 -21.68 91.03 36.23
C ASN D 7 -20.45 91.09 37.12
N GLN D 8 -19.54 92.00 36.79
CA GLN D 8 -18.33 92.22 37.57
C GLN D 8 -17.67 93.54 37.22
N THR D 9 -17.24 94.26 38.26
CA THR D 9 -16.51 95.52 38.10
C THR D 9 -15.02 95.26 38.28
N VAL D 10 -14.22 95.80 37.37
CA VAL D 10 -12.78 95.81 37.52
C VAL D 10 -12.48 97.18 38.07
N ASP D 11 -11.62 97.24 39.09
CA ASP D 11 -11.23 98.51 39.69
C ASP D 11 -9.99 99.01 38.96
N ILE D 12 -10.17 100.10 38.19
CA ILE D 12 -9.10 100.63 37.35
C ILE D 12 -8.33 101.68 38.17
N PRO D 13 -6.98 101.60 38.19
CA PRO D 13 -6.17 102.60 38.91
C PRO D 13 -6.06 103.98 38.23
N GLU D 14 -5.54 104.96 38.97
CA GLU D 14 -5.49 106.38 38.55
C GLU D 14 -4.46 106.63 37.46
N ASN D 15 -3.47 105.75 37.40
CA ASN D 15 -2.42 105.78 36.39
C ASN D 15 -2.98 105.61 34.98
N VAL D 16 -3.81 104.59 34.82
CA VAL D 16 -4.20 104.07 33.51
C VAL D 16 -5.44 104.78 32.99
N ASP D 17 -5.60 104.76 31.66
CA ASP D 17 -6.80 105.25 31.00
C ASP D 17 -7.30 104.23 29.94
N ILE D 18 -8.21 103.34 30.34
CA ILE D 18 -8.89 102.47 29.37
C ILE D 18 -9.95 103.25 28.61
N THR D 19 -10.12 102.91 27.35
CA THR D 19 -11.14 103.54 26.53
C THR D 19 -11.63 102.51 25.53
N LEU D 20 -12.87 102.07 25.71
CA LEU D 20 -13.39 100.94 24.95
C LEU D 20 -14.11 101.39 23.69
N LYS D 21 -13.62 100.96 22.54
CA LYS D 21 -14.29 101.18 21.26
C LYS D 21 -15.35 100.07 21.09
N GLY D 22 -16.56 100.36 21.58
CA GLY D 22 -17.67 99.41 21.56
C GLY D 22 -17.44 98.26 22.51
N ARG D 23 -16.79 97.21 21.99
CA ARG D 23 -16.41 96.01 22.74
C ARG D 23 -14.91 95.86 22.90
N THR D 24 -14.16 96.60 22.08
CA THR D 24 -12.72 96.42 21.97
C THR D 24 -12.10 97.32 23.03
N VAL D 25 -11.43 96.74 24.03
CA VAL D 25 -10.78 97.56 25.07
C VAL D 25 -9.35 97.90 24.68
N ILE D 26 -9.00 99.18 24.79
CA ILE D 26 -7.63 99.65 24.66
C ILE D 26 -7.24 100.26 26.01
N VAL D 27 -5.99 100.05 26.42
CA VAL D 27 -5.49 100.41 27.74
C VAL D 27 -4.17 101.14 27.57
N LYS D 28 -4.05 102.36 28.08
CA LYS D 28 -2.76 103.09 28.08
C LYS D 28 -2.44 103.61 29.46
N GLY D 29 -1.26 103.23 29.95
CA GLY D 29 -0.77 103.66 31.24
C GLY D 29 0.60 104.29 31.05
N PRO D 30 1.50 104.11 32.02
CA PRO D 30 2.89 104.55 31.85
C PRO D 30 3.62 103.78 30.75
N ARG D 31 3.62 102.47 30.86
CA ARG D 31 4.49 101.63 30.05
C ARG D 31 4.26 101.70 28.55
N GLY D 32 3.01 101.75 28.14
CA GLY D 32 2.70 101.65 26.71
C GLY D 32 1.20 101.65 26.50
N THR D 33 0.74 101.09 25.38
CA THR D 33 -0.70 100.85 25.17
C THR D 33 -0.94 99.43 24.68
N LEU D 34 -1.97 98.79 25.22
CA LEU D 34 -2.43 97.47 24.80
C LEU D 34 -3.84 97.55 24.28
N ARG D 35 -4.20 96.55 23.50
CA ARG D 35 -5.52 96.47 22.92
C ARG D 35 -5.92 95.01 22.96
N ARG D 36 -7.22 94.78 22.99
CA ARG D 36 -7.76 93.43 22.82
C ARG D 36 -9.24 93.49 22.50
N ASP D 37 -9.70 92.53 21.70
CA ASP D 37 -11.07 92.49 21.25
C ASP D 37 -11.79 91.36 21.96
N PHE D 38 -12.99 91.66 22.43
CA PHE D 38 -13.90 90.67 23.00
C PHE D 38 -15.09 90.62 22.03
N ASN D 39 -14.74 90.58 20.73
CA ASN D 39 -15.68 90.36 19.62
C ASN D 39 -15.84 88.87 19.31
N HIS D 40 -16.33 88.20 20.35
CA HIS D 40 -16.68 86.79 20.39
C HIS D 40 -17.57 86.63 21.56
N ILE D 41 -16.97 86.93 22.71
CA ILE D 41 -17.55 86.57 23.96
C ILE D 41 -18.97 87.11 24.14
N ASN D 42 -19.22 88.31 23.65
CA ASN D 42 -20.59 88.81 23.61
C ASN D 42 -21.04 89.13 25.04
N VAL D 43 -20.73 90.36 25.46
CA VAL D 43 -21.20 90.92 26.73
C VAL D 43 -21.37 92.41 26.57
N GLU D 44 -21.81 93.09 27.61
CA GLU D 44 -21.95 94.53 27.58
C GLU D 44 -20.89 95.15 28.48
N LEU D 45 -19.91 95.81 27.87
CA LEU D 45 -18.80 96.47 28.60
C LEU D 45 -19.09 97.94 28.79
N SER D 46 -19.48 98.31 30.00
CA SER D 46 -19.70 99.72 30.34
C SER D 46 -18.52 100.25 31.13
N LEU D 47 -18.38 101.57 31.11
CA LEU D 47 -17.27 102.26 31.71
C LEU D 47 -17.81 103.21 32.78
N LEU D 48 -18.75 102.68 33.57
CA LEU D 48 -19.68 103.48 34.38
C LEU D 48 -19.05 104.55 35.25
N GLY D 49 -17.91 104.22 35.84
CA GLY D 49 -17.27 105.10 36.79
C GLY D 49 -16.87 106.36 36.05
N LYS D 50 -17.37 107.51 36.51
CA LYS D 50 -16.91 108.81 35.99
C LYS D 50 -15.56 109.13 36.66
N LYS D 51 -15.02 110.33 36.44
CA LYS D 51 -13.55 110.54 36.41
C LYS D 51 -12.93 109.46 35.48
N LYS D 52 -12.61 108.26 36.01
CA LYS D 52 -12.61 106.97 35.25
C LYS D 52 -12.18 105.81 36.17
N LYS D 53 -13.17 105.19 36.82
CA LYS D 53 -12.97 104.35 37.99
C LYS D 53 -13.36 102.88 37.84
N ARG D 54 -14.29 102.57 36.93
CA ARG D 54 -14.81 101.22 36.79
C ARG D 54 -14.97 100.80 35.34
N LEU D 55 -14.41 99.64 35.00
CA LEU D 55 -14.95 98.86 33.91
C LEU D 55 -15.95 97.94 34.58
N ARG D 56 -17.14 97.82 34.00
CA ARG D 56 -18.14 96.86 34.44
C ARG D 56 -18.50 96.03 33.24
N VAL D 57 -18.35 94.71 33.37
CA VAL D 57 -18.79 93.80 32.33
C VAL D 57 -20.11 93.22 32.83
N ASP D 58 -21.11 93.22 31.96
CA ASP D 58 -22.41 92.61 32.21
C ASP D 58 -22.36 91.20 31.61
N LYS D 59 -23.49 90.50 31.58
CA LYS D 59 -23.62 89.33 30.69
C LYS D 59 -25.01 89.05 30.22
N TRP D 60 -25.93 88.95 31.17
CA TRP D 60 -27.25 89.39 30.87
C TRP D 60 -28.12 88.12 30.50
N TRP D 61 -28.75 87.86 29.34
CA TRP D 61 -29.58 86.56 29.25
C TRP D 61 -28.86 85.21 29.17
N GLY D 62 -27.91 85.02 30.08
CA GLY D 62 -26.87 84.03 29.89
C GLY D 62 -27.10 82.76 30.66
N ASN D 63 -26.91 81.64 29.98
CA ASN D 63 -26.84 80.37 30.66
C ASN D 63 -25.41 80.13 31.16
N ARG D 64 -25.30 79.11 32.00
CA ARG D 64 -24.08 78.69 32.73
C ARG D 64 -22.73 78.87 32.05
N LYS D 65 -22.65 78.51 30.78
CA LYS D 65 -21.38 78.40 30.11
C LYS D 65 -20.82 79.74 29.59
N GLU D 66 -21.68 80.74 29.50
CA GLU D 66 -21.29 82.09 29.08
C GLU D 66 -21.10 82.89 30.37
N LEU D 67 -21.84 82.56 31.43
CA LEU D 67 -21.63 83.17 32.75
C LEU D 67 -20.21 82.97 33.23
N ALA D 68 -19.62 81.83 32.87
CA ALA D 68 -18.19 81.60 33.05
C ALA D 68 -17.38 82.80 32.63
N THR D 69 -17.65 83.21 31.40
CA THR D 69 -16.80 84.13 30.67
C THR D 69 -16.82 85.57 31.16
N VAL D 70 -17.87 85.94 31.88
CA VAL D 70 -17.92 87.22 32.56
C VAL D 70 -16.58 87.44 33.23
N ARG D 71 -16.19 86.48 34.06
CA ARG D 71 -14.98 86.60 34.84
C ARG D 71 -13.70 86.51 34.04
N THR D 72 -13.71 85.76 32.93
CA THR D 72 -12.52 85.65 32.08
C THR D 72 -12.18 86.97 31.37
N ILE D 73 -13.17 87.70 30.86
CA ILE D 73 -12.91 89.02 30.26
C ILE D 73 -12.33 89.92 31.33
N CYS D 74 -13.06 89.98 32.44
CA CYS D 74 -12.70 90.69 33.65
C CYS D 74 -11.23 90.44 34.01
N SER D 75 -10.79 89.18 33.94
CA SER D 75 -9.35 88.86 34.06
C SER D 75 -8.43 89.47 32.96
N HIS D 76 -8.63 89.15 31.66
CA HIS D 76 -7.70 89.66 30.59
C HIS D 76 -7.62 91.17 30.63
N VAL D 77 -8.61 91.84 31.23
CA VAL D 77 -8.50 93.27 31.47
C VAL D 77 -7.59 93.61 32.68
N GLN D 78 -7.78 93.00 33.86
CA GLN D 78 -6.82 93.22 34.98
C GLN D 78 -5.40 92.93 34.49
N ASN D 79 -5.30 91.77 33.86
CA ASN D 79 -4.05 91.26 33.32
C ASN D 79 -3.39 92.21 32.29
N MET D 80 -4.20 92.99 31.59
CA MET D 80 -3.68 94.10 30.78
C MET D 80 -3.19 95.24 31.66
N ILE D 81 -4.01 95.64 32.62
CA ILE D 81 -3.68 96.75 33.51
C ILE D 81 -2.34 96.51 34.22
N LYS D 82 -2.17 95.32 34.79
CA LYS D 82 -0.89 94.95 35.39
C LYS D 82 0.26 95.01 34.39
N GLY D 83 -0.04 94.64 33.15
CA GLY D 83 0.94 94.72 32.07
C GLY D 83 1.38 96.09 31.64
N VAL D 84 0.47 97.05 31.65
CA VAL D 84 0.77 98.38 31.16
C VAL D 84 1.18 99.34 32.28
N THR D 85 0.88 98.98 33.53
CA THR D 85 1.46 99.67 34.68
C THR D 85 2.82 99.07 34.95
N LEU D 86 2.81 97.85 35.47
CA LEU D 86 4.00 97.23 36.01
C LEU D 86 4.82 96.61 34.89
N GLY D 87 4.17 95.77 34.08
CA GLY D 87 4.88 94.97 33.08
C GLY D 87 5.34 93.68 33.72
N PHE D 88 5.36 92.60 32.94
CA PHE D 88 5.64 91.29 33.52
C PHE D 88 7.08 90.91 33.27
N ARG D 89 7.52 89.94 34.06
CA ARG D 89 8.85 89.37 33.96
C ARG D 89 8.74 87.92 34.33
N TYR D 90 8.87 87.05 33.33
CA TYR D 90 9.04 85.64 33.59
C TYR D 90 10.52 85.36 33.57
N LYS D 91 10.98 84.75 34.65
CA LYS D 91 12.34 84.22 34.75
C LYS D 91 12.32 82.74 34.44
N MET D 92 13.37 82.29 33.78
CA MET D 92 13.50 80.88 33.44
C MET D 92 14.94 80.41 33.55
N ARG D 93 15.12 79.44 34.44
CA ARG D 93 16.42 78.97 34.87
C ARG D 93 16.79 77.68 34.15
N SER D 94 17.91 77.67 33.43
CA SER D 94 18.39 76.45 32.75
C SER D 94 18.90 75.43 33.76
N VAL D 95 18.76 74.17 33.38
CA VAL D 95 18.88 73.04 34.31
C VAL D 95 19.68 71.93 33.68
N TYR D 96 20.62 71.36 34.43
CA TYR D 96 21.36 70.20 33.95
C TYR D 96 22.16 69.32 34.87
N ALA D 97 22.49 68.16 34.31
CA ALA D 97 23.59 67.33 34.77
C ALA D 97 24.88 67.90 34.22
N HIS D 98 25.01 67.92 32.90
CA HIS D 98 26.30 67.91 32.24
C HIS D 98 26.55 69.04 31.21
N PHE D 99 25.99 68.95 30.01
CA PHE D 99 26.38 69.87 28.91
C PHE D 99 25.75 71.20 29.18
N PRO D 100 26.60 72.23 29.29
CA PRO D 100 26.04 73.51 29.64
C PRO D 100 25.20 74.13 28.54
N ILE D 101 23.93 74.34 28.87
CA ILE D 101 23.02 75.00 27.96
C ILE D 101 23.51 76.46 27.86
N ASN D 102 23.70 76.87 26.62
CA ASN D 102 24.57 77.96 26.27
C ASN D 102 23.75 78.96 25.48
N VAL D 103 23.12 79.88 26.20
CA VAL D 103 22.16 80.81 25.63
C VAL D 103 22.83 82.12 25.19
N VAL D 104 22.28 82.73 24.14
CA VAL D 104 22.80 84.01 23.63
C VAL D 104 21.73 84.76 22.82
N ILE D 105 21.09 85.76 23.43
CA ILE D 105 20.15 86.65 22.71
C ILE D 105 20.83 87.39 21.55
N GLN D 106 20.10 87.68 20.47
CA GLN D 106 20.78 87.99 19.19
C GLN D 106 20.23 89.06 18.23
N GLU D 107 19.23 89.84 18.62
CA GLU D 107 19.02 91.17 17.97
C GLU D 107 18.81 92.19 19.07
N ASN D 108 17.74 91.98 19.82
CA ASN D 108 17.40 92.82 20.93
C ASN D 108 16.74 91.91 21.97
N GLY D 109 15.54 91.44 21.67
CA GLY D 109 15.00 90.24 22.29
C GLY D 109 15.14 89.24 21.17
N SER D 110 13.99 88.82 20.64
CA SER D 110 13.89 88.19 19.32
C SER D 110 14.51 86.78 19.22
N LEU D 111 15.82 86.66 18.92
CA LEU D 111 16.49 85.35 18.74
C LEU D 111 17.16 84.87 20.01
N VAL D 112 16.66 83.78 20.58
CA VAL D 112 17.28 83.15 21.75
C VAL D 112 18.04 81.90 21.33
N GLU D 113 19.36 81.97 21.38
CA GLU D 113 20.22 80.98 20.70
C GLU D 113 20.93 80.00 21.61
N ILE D 114 20.65 78.71 21.38
CA ILE D 114 20.90 77.65 22.36
C ILE D 114 21.83 76.58 21.80
N ARG D 115 23.15 76.68 22.04
CA ARG D 115 24.03 75.57 21.70
C ARG D 115 23.96 74.56 22.84
N ASN D 116 24.36 73.34 22.50
CA ASN D 116 24.84 72.31 23.44
C ASN D 116 23.88 71.63 24.38
N PHE D 117 22.59 71.93 24.30
CA PHE D 117 21.63 71.21 25.16
C PHE D 117 21.92 69.75 24.86
N LEU D 118 22.34 69.02 25.90
CA LEU D 118 22.56 67.57 25.87
C LEU D 118 23.58 67.11 24.80
N GLY D 119 24.58 67.95 24.54
CA GLY D 119 25.59 67.64 23.53
C GLY D 119 25.12 67.70 22.08
N GLU D 120 23.92 68.24 21.84
CA GLU D 120 23.34 68.24 20.49
C GLU D 120 24.02 69.31 19.66
N LYS D 121 24.41 68.93 18.46
CA LYS D 121 25.05 69.87 17.52
C LYS D 121 24.07 70.93 17.00
N TYR D 122 22.79 70.55 16.78
CA TYR D 122 21.80 71.50 16.23
C TYR D 122 21.51 72.58 17.28
N ILE D 123 21.76 73.79 16.80
CA ILE D 123 21.65 75.02 17.56
C ILE D 123 20.18 75.44 17.43
N ARG D 124 19.39 75.18 18.47
CA ARG D 124 17.99 75.59 18.48
C ARG D 124 17.88 77.10 18.46
N ARG D 125 17.06 77.61 17.55
CA ARG D 125 16.69 79.03 17.56
C ARG D 125 15.22 79.22 17.82
N VAL D 126 14.95 80.31 18.52
CA VAL D 126 13.60 80.62 18.92
C VAL D 126 13.37 82.10 18.76
N ARG D 127 12.29 82.43 18.06
CA ARG D 127 11.82 83.79 17.97
C ARG D 127 10.97 84.10 19.18
N MET D 128 11.00 85.35 19.62
CA MET D 128 9.99 85.86 20.54
C MET D 128 8.89 86.45 19.70
N ARG D 129 7.76 86.75 20.33
CA ARG D 129 6.74 87.55 19.68
C ARG D 129 7.08 89.04 19.75
N PRO D 130 6.40 89.86 18.94
CA PRO D 130 6.52 91.31 19.05
C PRO D 130 6.20 91.85 20.44
N GLY D 131 7.02 92.80 20.89
CA GLY D 131 6.87 93.41 22.21
C GLY D 131 7.50 92.63 23.36
N VAL D 132 8.11 91.48 23.07
CA VAL D 132 8.72 90.64 24.09
C VAL D 132 10.24 90.80 24.02
N ALA D 133 10.79 91.51 25.00
CA ALA D 133 12.23 91.70 25.12
C ALA D 133 12.86 90.67 26.06
N CYS D 134 13.44 89.62 25.47
CA CYS D 134 14.27 88.67 26.19
C CYS D 134 15.60 89.32 26.53
N SER D 135 16.25 88.83 27.58
CA SER D 135 17.60 89.26 27.93
C SER D 135 18.23 88.30 28.94
N VAL D 136 19.52 88.05 28.79
CA VAL D 136 20.25 87.21 29.74
C VAL D 136 20.47 88.00 31.01
N SER D 137 20.18 87.36 32.14
CA SER D 137 20.22 88.02 33.41
C SER D 137 21.64 88.22 33.91
N GLN D 138 21.70 88.90 35.04
CA GLN D 138 22.88 88.94 35.89
C GLN D 138 22.38 88.67 37.32
N ALA D 139 23.28 88.74 38.29
CA ALA D 139 22.99 88.37 39.70
C ALA D 139 22.47 86.93 39.85
N GLN D 140 22.73 86.10 38.84
CA GLN D 140 22.33 84.69 38.81
C GLN D 140 22.93 84.03 37.58
N LYS D 141 23.12 82.73 37.67
CA LYS D 141 24.03 82.03 36.75
C LYS D 141 23.38 81.64 35.40
N ASP D 142 22.42 80.71 35.43
CA ASP D 142 21.78 80.18 34.22
C ASP D 142 20.30 80.53 34.26
N GLU D 143 19.97 81.67 33.66
CA GLU D 143 18.72 82.38 33.98
C GLU D 143 18.44 83.45 32.93
N LEU D 144 17.29 83.31 32.26
CA LEU D 144 16.80 84.32 31.31
C LEU D 144 15.75 85.22 31.95
N ILE D 145 15.53 86.38 31.33
CA ILE D 145 14.47 87.29 31.75
C ILE D 145 13.69 87.75 30.52
N LEU D 146 12.43 87.33 30.47
CA LEU D 146 11.51 87.71 29.40
C LEU D 146 10.60 88.84 29.87
N GLU D 147 10.85 90.03 29.35
CA GLU D 147 10.08 91.20 29.74
C GLU D 147 9.10 91.52 28.63
N GLY D 148 7.90 91.88 29.03
CA GLY D 148 6.92 92.38 28.08
C GLY D 148 5.70 92.91 28.77
N ASN D 149 4.87 93.58 27.98
CA ASN D 149 3.62 94.12 28.47
C ASN D 149 2.53 93.04 28.48
N ASP D 150 2.57 92.13 27.52
CA ASP D 150 1.47 91.18 27.32
C ASP D 150 1.77 89.82 27.84
N ILE D 151 1.01 89.43 28.85
CA ILE D 151 1.07 88.09 29.39
C ILE D 151 1.03 87.02 28.30
N GLU D 152 0.09 87.17 27.37
CA GLU D 152 -0.16 86.16 26.35
C GLU D 152 1.12 85.92 25.60
N LEU D 153 1.73 87.04 25.22
CA LEU D 153 2.89 87.04 24.36
C LEU D 153 4.13 86.61 25.13
N VAL D 154 4.23 87.02 26.38
CA VAL D 154 5.39 86.69 27.18
C VAL D 154 5.42 85.22 27.56
N SER D 155 4.27 84.60 27.75
CA SER D 155 4.27 83.21 28.18
C SER D 155 4.17 82.16 27.06
N ASN D 156 3.70 82.49 25.83
CA ASN D 156 3.98 81.58 24.65
C ASN D 156 5.52 81.51 24.68
N SER D 157 6.19 82.66 24.84
CA SER D 157 7.60 82.81 24.45
C SER D 157 8.50 82.12 25.44
N ALA D 158 8.11 82.18 26.70
CA ALA D 158 8.66 81.29 27.69
C ALA D 158 8.48 79.88 27.17
N ALA D 159 7.21 79.50 26.99
CA ALA D 159 6.87 78.13 26.60
C ALA D 159 7.52 77.69 25.30
N LEU D 160 7.74 78.60 24.35
CA LEU D 160 8.38 78.24 23.10
C LEU D 160 9.78 77.73 23.35
N ILE D 161 10.53 78.39 24.23
CA ILE D 161 11.90 77.97 24.49
C ILE D 161 11.92 76.87 25.54
N GLN D 162 10.94 76.88 26.44
CA GLN D 162 10.75 75.79 27.39
C GLN D 162 10.40 74.47 26.70
N GLN D 163 9.76 74.56 25.54
CA GLN D 163 9.31 73.41 24.77
C GLN D 163 10.26 73.06 23.64
N ALA D 164 10.91 74.06 23.07
CA ALA D 164 12.03 73.83 22.16
C ALA D 164 13.08 72.98 22.85
N THR D 165 13.26 73.23 24.14
CA THR D 165 14.16 72.44 24.95
C THR D 165 13.45 71.24 25.61
N THR D 166 13.22 70.20 24.82
CA THR D 166 12.68 68.91 25.30
C THR D 166 13.52 67.74 24.78
N VAL D 167 13.73 66.77 25.66
CA VAL D 167 14.52 65.58 25.36
C VAL D 167 13.60 64.55 24.74
N LYS D 168 14.15 63.68 23.90
CA LYS D 168 13.41 62.59 23.27
C LYS D 168 14.11 61.25 23.42
N ASN D 169 13.28 60.20 23.47
CA ASN D 169 13.70 58.79 23.59
C ASN D 169 14.54 58.51 24.85
N LYS D 170 14.08 59.03 25.97
CA LYS D 170 14.78 58.91 27.26
C LYS D 170 13.81 58.76 28.43
N ASP D 171 14.35 58.70 29.65
CA ASP D 171 13.56 58.97 30.83
C ASP D 171 13.58 60.43 31.17
N ILE D 172 12.47 61.14 30.95
CA ILE D 172 12.44 62.53 31.37
C ILE D 172 12.18 62.69 32.88
N ARG D 173 11.98 61.57 33.58
CA ARG D 173 12.23 61.51 35.03
C ARG D 173 13.69 61.74 35.34
N LYS D 174 14.56 61.08 34.58
CA LYS D 174 15.99 61.16 34.80
C LYS D 174 16.57 62.39 34.11
N PHE D 175 16.39 62.46 32.80
CA PHE D 175 16.97 63.54 32.01
C PHE D 175 16.15 64.81 32.23
N LEU D 176 16.48 65.48 33.32
CA LEU D 176 15.81 66.68 33.77
C LEU D 176 16.59 67.88 33.29
N ASP D 177 16.83 67.96 31.98
CA ASP D 177 17.59 69.09 31.45
C ASP D 177 16.70 69.88 30.52
N GLY D 178 17.11 71.13 30.29
CA GLY D 178 16.37 72.06 29.48
C GLY D 178 16.23 73.38 30.20
N ILE D 179 15.45 74.27 29.62
CA ILE D 179 15.18 75.60 30.18
C ILE D 179 13.73 75.62 30.57
N TYR D 180 13.44 76.12 31.76
CA TYR D 180 12.06 76.19 32.21
C TYR D 180 11.80 77.31 33.20
N VAL D 181 10.54 77.70 33.25
CA VAL D 181 10.07 78.87 33.98
C VAL D 181 10.13 78.64 35.48
N SER D 182 10.82 79.56 36.19
CA SER D 182 10.99 79.50 37.65
C SER D 182 10.16 80.49 38.43
N GLU D 183 9.80 81.61 37.81
CA GLU D 183 9.21 82.72 38.54
C GLU D 183 8.49 83.68 37.60
N LYS D 184 7.15 83.68 37.70
CA LYS D 184 6.32 84.65 36.99
C LYS D 184 6.15 85.82 37.95
N GLY D 185 6.55 87.00 37.51
CA GLY D 185 6.44 88.21 38.34
C GLY D 185 6.25 89.45 37.49
N THR D 186 6.74 90.57 38.00
CA THR D 186 6.62 91.85 37.31
C THR D 186 7.96 92.58 37.31
N VAL D 187 8.04 93.58 36.45
CA VAL D 187 9.23 94.42 36.32
C VAL D 187 9.32 95.33 37.53
N GLN D 188 8.26 96.13 37.71
CA GLN D 188 8.09 96.99 38.87
C GLN D 188 7.06 96.28 39.76
N GLN D 189 7.26 96.32 41.08
CA GLN D 189 6.39 95.58 42.02
C GLN D 189 5.39 96.47 42.79
N ALA D 190 5.86 97.62 43.28
CA ALA D 190 5.04 98.60 44.01
C ALA D 190 4.57 98.09 45.37
N GLU E 1 -65.82 2.77 93.90
CA GLU E 1 -67.03 2.07 93.35
C GLU E 1 -67.18 2.34 91.83
N ASN E 2 -66.84 1.31 91.03
CA ASN E 2 -66.97 1.33 89.56
C ASN E 2 -68.06 0.34 89.11
N PRO E 3 -68.90 0.75 88.14
CA PRO E 3 -70.06 -0.10 87.78
C PRO E 3 -69.71 -1.44 87.11
N MET E 4 -69.29 -1.37 85.84
CA MET E 4 -68.75 -2.52 85.09
C MET E 4 -67.68 -2.01 84.14
N ARG E 5 -66.60 -1.60 84.80
CA ARG E 5 -65.27 -1.50 84.22
C ARG E 5 -64.44 -2.66 84.79
N GLU E 6 -65.01 -3.85 84.77
CA GLU E 6 -64.35 -5.06 85.24
C GLU E 6 -63.30 -5.38 84.22
N LEU E 7 -62.14 -4.79 84.42
CA LEU E 7 -60.97 -5.17 83.67
C LEU E 7 -60.88 -6.68 83.69
N ARG E 8 -60.98 -7.30 82.52
CA ARG E 8 -61.06 -8.75 82.41
C ARG E 8 -60.52 -9.25 81.09
N ILE E 9 -60.11 -10.51 81.08
CA ILE E 9 -59.38 -11.08 79.95
C ILE E 9 -60.31 -11.39 78.79
N ARG E 10 -60.12 -10.68 77.68
CA ARG E 10 -60.86 -10.97 76.44
C ARG E 10 -60.32 -12.22 75.79
N LYS E 11 -59.00 -12.32 75.75
CA LYS E 11 -58.38 -13.46 75.14
C LYS E 11 -56.95 -13.71 75.53
N LEU E 12 -56.55 -14.95 75.28
CA LEU E 12 -55.21 -15.44 75.50
C LEU E 12 -54.75 -16.03 74.17
N CYS E 13 -53.62 -15.57 73.69
CA CYS E 13 -53.12 -15.98 72.39
C CYS E 13 -51.89 -16.85 72.59
N LEU E 14 -51.87 -18.03 71.99
CA LEU E 14 -50.74 -18.95 72.07
C LEU E 14 -50.16 -19.08 70.68
N ASN E 15 -48.92 -18.64 70.47
CA ASN E 15 -48.25 -18.88 69.18
C ASN E 15 -46.98 -19.72 69.44
N ILE E 16 -46.70 -20.61 68.49
CA ILE E 16 -45.54 -21.50 68.52
C ILE E 16 -44.81 -21.44 67.20
N CYS E 17 -43.91 -20.47 67.05
CA CYS E 17 -43.21 -20.31 65.78
C CYS E 17 -42.05 -21.25 65.68
N VAL E 18 -41.85 -21.75 64.47
CA VAL E 18 -40.84 -22.77 64.24
C VAL E 18 -40.59 -22.83 62.73
N GLY E 19 -39.67 -21.98 62.26
CA GLY E 19 -39.51 -21.72 60.82
C GLY E 19 -39.07 -22.93 60.03
N GLU E 20 -39.98 -23.90 59.86
CA GLU E 20 -39.62 -25.25 59.35
C GLU E 20 -40.62 -25.88 58.39
N SER E 21 -41.88 -26.02 58.82
CA SER E 21 -42.93 -26.72 58.07
C SER E 21 -42.79 -28.24 58.12
N GLY E 22 -43.92 -28.92 57.93
CA GLY E 22 -43.99 -30.39 58.06
C GLY E 22 -43.94 -30.82 59.52
N ASP E 23 -43.11 -31.83 59.83
CA ASP E 23 -42.81 -32.19 61.23
C ASP E 23 -41.86 -31.18 61.82
N ARG E 24 -41.79 -31.19 63.14
CA ARG E 24 -41.27 -30.09 63.94
C ARG E 24 -42.29 -28.92 64.02
N LEU E 25 -43.24 -28.84 63.09
CA LEU E 25 -44.43 -27.98 63.19
C LEU E 25 -45.68 -28.80 63.55
N THR E 26 -45.95 -29.84 62.77
CA THR E 26 -47.16 -30.66 62.96
C THR E 26 -47.29 -31.23 64.35
N ARG E 27 -46.15 -31.44 65.00
CA ARG E 27 -46.11 -31.95 66.36
C ARG E 27 -46.44 -30.81 67.33
N ALA E 28 -45.88 -29.62 67.08
CA ALA E 28 -46.20 -28.40 67.86
C ALA E 28 -47.68 -28.09 67.94
N ALA E 29 -48.42 -28.43 66.88
CA ALA E 29 -49.86 -28.30 66.89
C ALA E 29 -50.52 -29.16 67.98
N LYS E 30 -49.98 -30.34 68.22
CA LYS E 30 -50.52 -31.24 69.26
C LYS E 30 -50.31 -30.71 70.67
N VAL E 31 -49.29 -29.88 70.86
CA VAL E 31 -49.03 -29.24 72.15
C VAL E 31 -50.15 -28.27 72.52
N LEU E 32 -50.50 -27.39 71.58
CA LEU E 32 -51.61 -26.45 71.77
C LEU E 32 -52.93 -27.18 71.88
N GLU E 33 -53.14 -28.19 71.02
CA GLU E 33 -54.30 -29.07 71.12
C GLU E 33 -54.42 -29.62 72.52
N GLN E 34 -53.32 -30.20 73.00
CA GLN E 34 -53.29 -30.82 74.33
C GLN E 34 -53.53 -29.81 75.44
N LEU E 35 -52.82 -28.69 75.37
CA LEU E 35 -52.86 -27.66 76.40
C LEU E 35 -54.23 -26.99 76.49
N THR E 36 -54.76 -26.61 75.33
CA THR E 36 -56.00 -25.83 75.23
C THR E 36 -57.24 -26.71 75.21
N GLY E 37 -57.25 -27.61 74.24
CA GLY E 37 -58.45 -28.36 73.88
C GLY E 37 -59.20 -27.62 72.80
N GLN E 38 -58.52 -27.33 71.69
CA GLN E 38 -59.14 -26.78 70.46
C GLN E 38 -58.13 -26.78 69.31
N THR E 39 -58.55 -27.22 68.12
CA THR E 39 -57.62 -27.45 67.00
C THR E 39 -56.99 -26.16 66.50
N PRO E 40 -55.66 -26.01 66.68
CA PRO E 40 -55.03 -24.75 66.42
C PRO E 40 -54.88 -24.49 64.94
N VAL E 41 -54.86 -23.20 64.62
CA VAL E 41 -54.73 -22.75 63.24
C VAL E 41 -53.26 -22.68 62.91
N PHE E 42 -52.92 -23.31 61.80
CA PHE E 42 -51.63 -23.11 61.18
C PHE E 42 -51.51 -21.72 60.55
N SER E 43 -50.50 -20.96 60.97
CA SER E 43 -50.10 -19.74 60.27
C SER E 43 -49.23 -20.14 59.06
N LYS E 44 -48.86 -19.15 58.23
CA LYS E 44 -47.93 -19.37 57.11
C LYS E 44 -47.11 -18.12 56.80
N ALA E 45 -46.13 -18.26 55.92
CA ALA E 45 -45.17 -17.19 55.64
C ALA E 45 -45.79 -16.06 54.86
N ARG E 46 -45.57 -14.84 55.37
CA ARG E 46 -46.01 -13.62 54.73
C ARG E 46 -45.26 -13.56 53.42
N TYR E 47 -43.93 -13.69 53.51
CA TYR E 47 -43.09 -13.87 52.33
C TYR E 47 -41.70 -14.46 52.63
N THR E 48 -41.04 -14.94 51.56
CA THR E 48 -39.77 -15.69 51.63
C THR E 48 -38.63 -14.93 52.28
N VAL E 49 -37.85 -15.65 53.08
CA VAL E 49 -36.65 -15.09 53.71
C VAL E 49 -35.53 -16.14 53.70
N ARG E 50 -34.33 -15.66 53.38
CA ARG E 50 -33.24 -16.49 52.87
C ARG E 50 -32.34 -17.08 53.96
N SER E 51 -31.88 -16.21 54.88
CA SER E 51 -31.08 -16.63 56.05
C SER E 51 -31.82 -17.61 57.00
N PHE E 52 -33.13 -17.77 56.77
CA PHE E 52 -34.08 -18.38 57.69
C PHE E 52 -34.53 -19.76 57.27
N GLY E 53 -34.52 -20.00 55.97
CA GLY E 53 -35.06 -21.23 55.41
C GLY E 53 -36.57 -21.27 55.40
N ILE E 54 -37.19 -20.13 55.03
CA ILE E 54 -38.64 -20.04 54.89
C ILE E 54 -39.00 -19.34 53.59
N ARG E 55 -40.18 -19.65 53.10
CA ARG E 55 -40.57 -19.35 51.73
C ARG E 55 -42.01 -18.86 51.74
N ARG E 56 -42.34 -17.92 50.86
CA ARG E 56 -43.69 -17.37 50.82
C ARG E 56 -44.72 -18.50 50.73
N ASN E 57 -45.74 -18.40 51.58
CA ASN E 57 -46.84 -19.37 51.65
C ASN E 57 -46.47 -20.78 52.14
N GLU E 58 -45.30 -20.89 52.79
CA GLU E 58 -44.87 -22.08 53.51
C GLU E 58 -45.38 -21.95 54.95
N LYS E 59 -45.71 -23.06 55.57
CA LYS E 59 -46.21 -23.04 56.95
C LYS E 59 -45.05 -22.91 57.92
N ILE E 60 -45.27 -22.19 59.00
CA ILE E 60 -44.19 -21.88 59.92
C ILE E 60 -44.66 -22.14 61.34
N ALA E 61 -45.63 -21.36 61.80
CA ALA E 61 -46.08 -21.40 63.18
C ALA E 61 -47.40 -22.09 63.25
N VAL E 62 -47.84 -22.29 64.48
CA VAL E 62 -49.16 -22.78 64.76
C VAL E 62 -49.66 -22.09 66.00
N HIS E 63 -50.90 -21.67 65.99
CA HIS E 63 -51.35 -20.69 66.95
C HIS E 63 -52.81 -20.86 67.35
N CYS E 64 -53.13 -20.39 68.55
CA CYS E 64 -54.48 -20.49 69.09
C CYS E 64 -54.89 -19.24 69.83
N THR E 65 -56.20 -19.13 70.02
CA THR E 65 -56.79 -18.10 70.85
C THR E 65 -57.77 -18.80 71.81
N VAL E 66 -57.54 -18.59 73.10
CA VAL E 66 -58.27 -19.25 74.20
C VAL E 66 -58.91 -18.16 75.04
N ARG E 67 -60.12 -18.42 75.53
CA ARG E 67 -61.02 -17.36 75.96
C ARG E 67 -62.05 -17.91 76.92
N GLY E 68 -62.75 -17.02 77.63
CA GLY E 68 -63.61 -17.43 78.74
C GLY E 68 -62.76 -17.92 79.90
N ALA E 69 -63.31 -18.82 80.70
CA ALA E 69 -62.60 -19.32 81.88
C ALA E 69 -61.32 -20.05 81.51
N LYS E 70 -61.35 -20.81 80.41
CA LYS E 70 -60.19 -21.62 80.02
C LYS E 70 -58.99 -20.77 79.61
N ALA E 71 -59.19 -19.48 79.39
CA ALA E 71 -58.09 -18.53 79.33
C ALA E 71 -57.49 -18.34 80.72
N GLU E 72 -58.35 -18.05 81.70
CA GLU E 72 -57.92 -17.88 83.10
C GLU E 72 -57.14 -19.11 83.56
N GLU E 73 -57.65 -20.28 83.21
CA GLU E 73 -57.05 -21.55 83.59
C GLU E 73 -55.77 -21.96 82.83
N ILE E 74 -55.36 -21.17 81.84
CA ILE E 74 -54.06 -21.35 81.17
C ILE E 74 -53.13 -20.14 81.34
N LEU E 75 -53.67 -18.97 81.71
CA LEU E 75 -52.83 -17.87 82.21
C LEU E 75 -52.32 -18.32 83.57
N GLU E 76 -53.25 -18.72 84.43
CA GLU E 76 -52.92 -19.42 85.67
C GLU E 76 -52.56 -20.86 85.30
N LYS E 77 -51.37 -21.30 85.71
CA LYS E 77 -50.69 -22.46 85.12
C LYS E 77 -49.84 -22.07 83.89
N GLY E 78 -49.72 -20.76 83.68
CA GLY E 78 -48.82 -20.20 82.69
C GLY E 78 -47.79 -19.48 83.54
N LEU E 79 -48.18 -18.31 84.06
CA LEU E 79 -47.37 -17.65 85.09
C LEU E 79 -47.62 -18.36 86.42
N LYS E 80 -46.52 -18.75 87.03
CA LYS E 80 -46.40 -19.96 87.86
C LYS E 80 -45.01 -20.44 87.49
N VAL E 81 -44.81 -20.70 86.20
CA VAL E 81 -43.51 -20.96 85.63
C VAL E 81 -42.65 -19.70 85.75
N ARG E 82 -43.29 -18.55 85.54
CA ARG E 82 -42.68 -17.23 85.74
C ARG E 82 -43.03 -16.73 87.15
N GLU E 83 -43.11 -17.67 88.10
CA GLU E 83 -43.63 -17.50 89.46
C GLU E 83 -44.31 -16.18 89.83
N TYR E 84 -45.37 -15.83 89.10
CA TYR E 84 -46.14 -14.62 89.38
C TYR E 84 -45.22 -13.40 89.45
N GLU E 85 -44.42 -13.21 88.40
CA GLU E 85 -43.57 -12.03 88.27
C GLU E 85 -43.21 -11.78 86.82
N LEU E 86 -43.32 -10.51 86.42
CA LEU E 86 -43.07 -10.10 85.05
C LEU E 86 -42.21 -8.85 85.11
N ARG E 87 -42.10 -8.14 84.00
CA ARG E 87 -41.25 -6.98 83.90
C ARG E 87 -42.07 -5.75 83.53
N LYS E 88 -41.45 -4.57 83.62
CA LYS E 88 -42.19 -3.30 83.48
C LYS E 88 -42.63 -3.09 82.02
N ASN E 89 -41.70 -3.29 81.10
CA ASN E 89 -41.94 -3.16 79.63
C ASN E 89 -42.69 -4.31 78.92
N ASN E 90 -43.41 -5.17 79.64
CA ASN E 90 -44.40 -6.01 78.97
C ASN E 90 -45.82 -5.42 79.11
N PHE E 91 -46.08 -4.67 80.20
CA PHE E 91 -47.33 -3.89 80.33
C PHE E 91 -47.27 -2.78 79.27
N SER E 92 -48.01 -3.04 78.18
CA SER E 92 -47.87 -2.36 76.87
C SER E 92 -48.71 -1.08 76.80
N ASP E 93 -48.46 -0.31 75.74
CA ASP E 93 -49.08 1.00 75.59
C ASP E 93 -50.60 0.99 75.41
N THR E 94 -51.18 -0.15 75.06
CA THR E 94 -52.62 -0.26 74.89
C THR E 94 -53.30 -1.10 75.97
N GLY E 95 -52.62 -1.32 77.10
CA GLY E 95 -53.13 -2.18 78.17
C GLY E 95 -53.31 -3.64 77.76
N ASN E 96 -52.28 -4.20 77.13
CA ASN E 96 -52.13 -5.63 77.03
C ASN E 96 -50.79 -5.94 77.62
N PHE E 97 -50.52 -7.23 77.81
CA PHE E 97 -49.29 -7.66 78.43
C PHE E 97 -48.82 -8.96 77.77
N GLY E 98 -47.56 -9.30 77.99
CA GLY E 98 -46.98 -10.49 77.39
C GLY E 98 -45.81 -11.08 78.14
N PHE E 99 -45.86 -12.39 78.33
CA PHE E 99 -44.90 -13.12 79.16
C PHE E 99 -44.66 -14.39 78.28
N GLY E 100 -43.42 -14.67 77.90
CA GLY E 100 -43.09 -15.88 77.14
C GLY E 100 -42.53 -16.98 78.02
N ILE E 101 -42.79 -18.25 77.68
CA ILE E 101 -42.12 -19.38 78.35
C ILE E 101 -41.15 -20.09 77.43
N GLN E 102 -40.27 -20.88 78.05
CA GLN E 102 -39.15 -21.52 77.38
C GLN E 102 -39.41 -22.97 77.00
N GLU E 103 -40.26 -23.66 77.77
CA GLU E 103 -40.44 -25.10 77.60
C GLU E 103 -41.85 -25.56 77.98
N HIS E 104 -42.53 -26.15 77.01
CA HIS E 104 -43.96 -26.52 77.10
C HIS E 104 -44.29 -27.54 78.22
N ILE E 105 -43.31 -28.35 78.67
CA ILE E 105 -43.53 -29.37 79.72
C ILE E 105 -43.85 -28.81 81.09
N ASP E 106 -43.30 -27.64 81.38
CA ASP E 106 -43.45 -26.99 82.69
C ASP E 106 -44.90 -26.63 83.04
N LEU E 107 -45.81 -26.72 82.07
CA LEU E 107 -47.22 -26.41 82.26
C LEU E 107 -48.08 -27.67 82.50
N GLY E 108 -47.59 -28.61 83.29
CA GLY E 108 -48.30 -29.89 83.51
C GLY E 108 -48.50 -30.67 82.21
N ILE E 109 -47.39 -30.93 81.51
CA ILE E 109 -47.41 -31.62 80.22
C ILE E 109 -46.34 -32.73 80.19
N LYS E 110 -46.69 -33.84 79.52
CA LYS E 110 -45.84 -35.02 79.38
C LYS E 110 -44.92 -34.91 78.17
N TYR E 111 -43.62 -35.13 78.36
CA TYR E 111 -42.68 -35.11 77.22
C TYR E 111 -42.66 -36.51 76.64
N ASP E 112 -42.70 -36.55 75.33
CA ASP E 112 -42.41 -37.74 74.56
C ASP E 112 -40.98 -37.44 74.05
N PRO E 113 -40.07 -38.44 73.98
CA PRO E 113 -38.76 -38.21 73.35
C PRO E 113 -38.81 -37.77 71.86
N SER E 114 -39.90 -38.13 71.16
CA SER E 114 -40.22 -37.59 69.83
C SER E 114 -40.61 -36.10 69.92
N ILE E 115 -41.78 -35.85 70.51
CA ILE E 115 -42.34 -34.49 70.69
C ILE E 115 -41.50 -33.73 71.72
N GLY E 116 -40.52 -32.97 71.23
CA GLY E 116 -39.51 -32.33 72.08
C GLY E 116 -40.01 -31.28 73.05
N ILE E 117 -39.53 -30.05 72.88
CA ILE E 117 -39.75 -28.97 73.83
C ILE E 117 -39.81 -27.67 73.02
N TYR E 118 -40.99 -27.23 72.61
CA TYR E 118 -41.12 -25.95 71.90
C TYR E 118 -41.91 -25.19 72.92
N GLY E 119 -41.31 -24.16 73.51
CA GLY E 119 -42.01 -23.23 74.36
C GLY E 119 -43.11 -22.55 73.57
N LEU E 120 -43.58 -21.42 74.06
CA LEU E 120 -44.60 -20.72 73.35
C LEU E 120 -44.67 -19.29 73.83
N ASP E 121 -45.34 -18.48 73.03
CA ASP E 121 -45.60 -17.12 73.36
C ASP E 121 -46.99 -17.13 73.97
N PHE E 122 -47.08 -16.64 75.20
CA PHE E 122 -48.36 -16.29 75.77
C PHE E 122 -48.46 -14.76 75.75
N TYR E 123 -49.64 -14.29 75.35
CA TYR E 123 -49.99 -12.89 75.36
C TYR E 123 -51.44 -12.87 75.68
N VAL E 124 -51.89 -11.76 76.24
CA VAL E 124 -53.27 -11.65 76.63
C VAL E 124 -53.81 -10.26 76.40
N VAL E 125 -55.00 -10.24 75.81
CA VAL E 125 -55.71 -9.04 75.52
C VAL E 125 -56.66 -8.75 76.67
N LEU E 126 -56.29 -7.80 77.50
CA LEU E 126 -57.21 -7.31 78.51
C LEU E 126 -58.27 -6.50 77.79
N GLY E 127 -59.51 -6.66 78.25
CA GLY E 127 -60.64 -5.88 77.77
C GLY E 127 -61.44 -5.29 78.91
N ARG E 128 -62.76 -5.33 78.76
CA ARG E 128 -63.70 -4.61 79.59
C ARG E 128 -65.05 -4.76 78.92
N PRO E 129 -66.14 -4.71 79.67
CA PRO E 129 -67.43 -4.70 79.01
C PRO E 129 -67.57 -3.54 78.03
N GLY E 130 -68.01 -3.85 76.82
CA GLY E 130 -68.18 -2.88 75.75
C GLY E 130 -66.91 -2.59 74.96
N PHE E 131 -66.06 -3.60 74.83
CA PHE E 131 -64.92 -3.51 73.94
C PHE E 131 -65.20 -4.15 72.59
N SER E 132 -66.30 -4.91 72.51
CA SER E 132 -66.74 -5.50 71.25
C SER E 132 -67.45 -4.49 70.33
N ILE E 133 -67.74 -3.30 70.85
CA ILE E 133 -68.22 -2.17 70.05
C ILE E 133 -67.44 -1.99 68.74
N ALA E 134 -66.12 -2.12 68.81
CA ALA E 134 -65.30 -2.02 67.61
C ALA E 134 -65.49 -3.20 66.66
N ASP E 135 -65.43 -4.41 67.21
CA ASP E 135 -65.30 -5.62 66.39
C ASP E 135 -66.60 -6.00 65.69
N LYS E 136 -67.75 -5.55 66.20
CA LYS E 136 -69.05 -5.87 65.60
C LYS E 136 -69.20 -5.28 64.18
N LYS E 137 -70.34 -5.56 63.54
CA LYS E 137 -70.58 -5.20 62.14
C LYS E 137 -71.48 -3.99 61.98
N ARG E 138 -72.68 -4.05 62.59
CA ARG E 138 -73.61 -2.93 62.59
C ARG E 138 -73.14 -1.89 63.63
N ARG E 139 -73.36 -0.61 63.35
CA ARG E 139 -73.14 0.44 64.34
C ARG E 139 -71.82 0.19 65.04
N THR E 140 -70.75 0.13 64.26
CA THR E 140 -69.43 -0.05 64.85
C THR E 140 -69.04 1.26 65.44
N GLY E 141 -67.92 1.27 66.15
CA GLY E 141 -67.41 2.51 66.69
C GLY E 141 -66.06 2.34 67.34
N CYS E 142 -65.69 3.35 68.12
CA CYS E 142 -64.42 3.38 68.81
C CYS E 142 -64.67 3.39 70.30
N ILE E 143 -63.65 3.04 71.07
CA ILE E 143 -63.80 2.81 72.49
C ILE E 143 -63.29 4.03 73.25
N GLY E 144 -64.17 5.01 73.38
CA GLY E 144 -63.97 6.21 74.21
C GLY E 144 -62.61 6.88 74.25
N ALA E 145 -62.32 7.50 75.38
CA ALA E 145 -60.98 8.01 75.70
C ALA E 145 -60.51 7.25 76.92
N LYS E 146 -61.27 7.37 78.01
CA LYS E 146 -61.29 6.37 79.06
C LYS E 146 -62.14 5.21 78.53
N HIS E 147 -62.11 4.09 79.25
CA HIS E 147 -62.57 2.76 78.77
C HIS E 147 -61.45 2.06 78.03
N ARG E 148 -60.37 2.78 77.79
CA ARG E 148 -59.17 2.23 77.21
C ARG E 148 -58.25 1.93 78.35
N ILE E 149 -57.72 0.72 78.31
CA ILE E 149 -56.90 0.22 79.38
C ILE E 149 -55.51 0.79 79.14
N SER E 150 -55.08 1.69 80.01
CA SER E 150 -53.74 2.23 79.94
C SER E 150 -52.75 1.21 80.49
N LYS E 151 -51.49 1.38 80.13
CA LYS E 151 -50.37 0.60 80.65
C LYS E 151 -50.46 0.37 82.16
N GLU E 152 -50.70 1.45 82.90
CA GLU E 152 -50.63 1.48 84.36
C GLU E 152 -51.86 0.91 85.05
N GLU E 153 -52.96 0.84 84.33
CA GLU E 153 -54.17 0.19 84.80
C GLU E 153 -54.03 -1.32 84.57
N ALA E 154 -53.42 -1.67 83.44
CA ALA E 154 -53.04 -3.07 83.14
C ALA E 154 -51.94 -3.62 84.04
N MET E 155 -51.14 -2.73 84.60
CA MET E 155 -50.14 -3.10 85.59
C MET E 155 -50.79 -3.55 86.87
N ARG E 156 -51.44 -2.62 87.57
CA ARG E 156 -52.10 -2.97 88.84
C ARG E 156 -53.39 -3.79 88.60
N TRP E 157 -53.72 -4.11 87.35
CA TRP E 157 -54.52 -5.33 87.07
C TRP E 157 -53.67 -6.46 87.57
N PHE E 158 -52.59 -6.76 86.83
CA PHE E 158 -51.83 -7.98 87.03
C PHE E 158 -51.33 -8.04 88.52
N GLN E 159 -51.17 -6.87 89.17
CA GLN E 159 -50.71 -6.82 90.56
C GLN E 159 -51.78 -7.03 91.66
N GLN E 160 -53.03 -7.34 91.30
CA GLN E 160 -54.15 -7.46 92.26
C GLN E 160 -55.09 -8.54 91.73
N LYS E 161 -54.56 -9.76 91.70
CA LYS E 161 -55.27 -10.97 91.21
C LYS E 161 -54.25 -12.12 91.06
N HIS E 162 -53.16 -11.85 90.35
CA HIS E 162 -52.00 -12.76 90.28
C HIS E 162 -50.82 -12.22 91.13
N ASP E 163 -50.99 -11.00 91.68
CA ASP E 163 -50.22 -10.45 92.83
C ASP E 163 -48.71 -10.52 92.63
N GLY E 164 -48.29 -10.34 91.38
CA GLY E 164 -46.89 -10.46 91.03
C GLY E 164 -46.15 -9.20 91.35
N ILE E 165 -44.84 -9.31 91.40
CA ILE E 165 -43.99 -8.20 91.80
C ILE E 165 -43.88 -7.14 90.68
N ILE E 166 -43.76 -7.59 89.43
CA ILE E 166 -43.50 -6.71 88.29
C ILE E 166 -42.20 -5.93 88.54
N LEU E 167 -41.08 -6.62 88.41
CA LEU E 167 -39.76 -6.04 88.76
C LEU E 167 -39.28 -5.02 87.73
N PRO E 168 -38.83 -3.83 88.18
CA PRO E 168 -38.41 -2.79 87.25
C PRO E 168 -37.00 -3.06 86.68
N GLY E 169 -36.48 -2.08 85.94
CA GLY E 169 -35.16 -2.19 85.29
C GLY E 169 -35.34 -2.88 83.96
N ASN E 170 -35.46 -2.09 82.88
CA ASN E 170 -35.93 -2.55 81.56
C ASN E 170 -36.94 -3.68 81.69
N ALA F 1 -59.86 7.58 -14.73
CA ALA F 1 -60.07 8.20 -13.39
C ALA F 1 -61.50 8.63 -13.16
N PRO F 2 -62.27 7.83 -12.41
CA PRO F 2 -63.65 8.19 -12.31
C PRO F 2 -63.81 9.38 -11.36
N SER F 3 -64.94 10.07 -11.52
CA SER F 3 -65.33 11.19 -10.67
C SER F 3 -66.82 11.09 -10.40
N ARG F 4 -67.14 10.80 -9.15
CA ARG F 4 -68.47 11.07 -8.61
C ARG F 4 -69.72 10.64 -9.47
N ASN F 5 -69.97 9.34 -9.50
CA ASN F 5 -71.22 8.73 -9.98
C ASN F 5 -71.35 8.70 -11.47
N GLY F 6 -71.13 7.48 -11.97
CA GLY F 6 -71.32 7.14 -13.35
C GLY F 6 -71.55 5.66 -13.24
N MET F 7 -71.26 4.97 -14.33
CA MET F 7 -71.25 3.54 -14.32
C MET F 7 -69.79 3.20 -14.39
N ILE F 8 -69.51 1.91 -14.45
CA ILE F 8 -68.15 1.47 -14.55
C ILE F 8 -67.65 1.61 -15.97
N LEU F 9 -68.37 1.01 -16.92
CA LEU F 9 -67.98 0.99 -18.33
C LEU F 9 -66.73 0.15 -18.56
N LYS F 10 -66.92 -0.97 -19.25
CA LYS F 10 -65.82 -1.70 -19.85
C LYS F 10 -66.04 -1.53 -21.34
N PRO F 11 -65.79 -0.33 -21.86
CA PRO F 11 -65.91 -0.19 -23.30
C PRO F 11 -64.77 -0.99 -23.88
N HIS F 12 -65.05 -1.74 -24.94
CA HIS F 12 -64.04 -2.63 -25.50
C HIS F 12 -63.48 -2.01 -26.76
N PHE F 13 -62.56 -1.10 -26.54
CA PHE F 13 -61.80 -0.49 -27.56
C PHE F 13 -60.30 -0.52 -27.20
N HIS F 14 -59.84 -1.57 -26.54
CA HIS F 14 -58.42 -1.70 -26.20
C HIS F 14 -57.68 -2.48 -27.29
N LYS F 15 -58.43 -3.02 -28.24
CA LYS F 15 -57.92 -3.92 -29.24
C LYS F 15 -57.43 -3.11 -30.44
N ASP F 16 -58.18 -3.09 -31.54
CA ASP F 16 -57.96 -2.11 -32.60
C ASP F 16 -59.22 -1.97 -33.47
N TRP F 17 -60.30 -1.44 -32.88
CA TRP F 17 -61.51 -1.10 -33.66
C TRP F 17 -61.07 -0.38 -34.97
N GLN F 18 -60.13 0.57 -34.87
CA GLN F 18 -59.78 1.51 -35.97
C GLN F 18 -59.56 0.95 -37.33
N ARG F 19 -58.73 -0.07 -37.40
CA ARG F 19 -58.47 -0.73 -38.65
C ARG F 19 -59.77 -1.32 -39.21
N ARG F 20 -60.45 -2.15 -38.42
CA ARG F 20 -61.59 -2.95 -38.90
C ARG F 20 -62.90 -2.30 -38.52
N VAL F 21 -63.17 -1.16 -39.13
CA VAL F 21 -64.45 -0.50 -39.01
C VAL F 21 -65.13 -0.66 -40.35
N ALA F 22 -66.35 -1.19 -40.35
CA ALA F 22 -67.17 -1.15 -41.55
C ALA F 22 -68.17 -0.01 -41.41
N THR F 23 -68.06 0.98 -42.30
CA THR F 23 -69.09 1.98 -42.49
C THR F 23 -70.00 1.46 -43.56
N TRP F 24 -71.19 2.04 -43.62
CA TRP F 24 -72.28 1.45 -44.37
C TRP F 24 -72.78 2.33 -45.52
N PHE F 25 -71.90 3.07 -46.19
CA PHE F 25 -72.36 3.92 -47.33
C PHE F 25 -72.59 3.07 -48.58
N ASN F 26 -72.57 1.75 -48.42
CA ASN F 26 -73.20 0.82 -49.34
C ASN F 26 -74.71 0.79 -49.14
N GLN F 27 -75.12 0.70 -47.89
CA GLN F 27 -76.52 0.46 -47.48
C GLN F 27 -77.55 0.76 -48.59
N PRO F 28 -77.64 2.00 -49.08
CA PRO F 28 -78.66 2.32 -50.09
C PRO F 28 -78.40 1.81 -51.50
N ALA F 29 -77.15 1.76 -51.93
CA ALA F 29 -76.79 1.17 -53.22
C ALA F 29 -76.96 -0.33 -53.19
N ARG F 30 -76.80 -0.89 -51.99
CA ARG F 30 -77.06 -2.29 -51.75
C ARG F 30 -78.54 -2.58 -51.83
N LYS F 31 -79.33 -1.78 -51.12
CA LYS F 31 -80.79 -1.80 -51.24
C LYS F 31 -81.20 -2.01 -52.70
N ILE F 32 -80.53 -1.28 -53.59
CA ILE F 32 -80.84 -1.29 -55.00
C ILE F 32 -80.27 -2.51 -55.71
N ARG F 33 -79.02 -2.84 -55.43
CA ARG F 33 -78.43 -4.12 -55.91
C ARG F 33 -79.35 -5.30 -55.67
N ARG F 34 -79.87 -5.34 -54.46
CA ARG F 34 -80.90 -6.26 -54.08
C ARG F 34 -82.14 -6.07 -54.98
N ARG F 35 -82.75 -4.88 -54.99
CA ARG F 35 -83.96 -4.60 -55.80
C ARG F 35 -83.90 -5.30 -57.15
N LYS F 36 -82.79 -5.08 -57.85
CA LYS F 36 -82.60 -5.62 -59.17
C LYS F 36 -82.58 -7.16 -59.24
N ALA F 37 -82.16 -7.84 -58.19
CA ALA F 37 -82.35 -9.29 -58.11
C ALA F 37 -83.85 -9.67 -57.96
N ARG F 38 -84.48 -9.39 -56.80
CA ARG F 38 -85.95 -9.53 -56.63
C ARG F 38 -86.61 -9.30 -58.00
N GLN F 39 -86.32 -8.14 -58.61
CA GLN F 39 -86.85 -7.74 -59.92
C GLN F 39 -86.54 -8.78 -60.99
N ALA F 40 -85.26 -9.00 -61.25
CA ALA F 40 -84.79 -9.84 -62.38
C ALA F 40 -85.26 -11.27 -62.32
N LYS F 41 -85.04 -11.88 -61.16
CA LYS F 41 -85.46 -13.26 -60.93
C LYS F 41 -86.93 -13.47 -61.35
N ALA F 42 -87.80 -12.54 -60.95
CA ALA F 42 -89.24 -12.61 -61.25
C ALA F 42 -89.50 -12.59 -62.76
N ARG F 43 -88.89 -11.64 -63.47
CA ARG F 43 -89.05 -11.51 -64.92
C ARG F 43 -88.48 -12.70 -65.67
N ARG F 44 -87.46 -13.34 -65.08
CA ARG F 44 -86.87 -14.56 -65.66
C ARG F 44 -87.76 -15.80 -65.57
N ILE F 45 -88.39 -16.00 -64.41
CA ILE F 45 -89.19 -17.22 -64.14
C ILE F 45 -90.70 -16.96 -64.35
N ALA F 46 -91.00 -16.24 -65.42
CA ALA F 46 -92.15 -15.34 -65.46
C ALA F 46 -93.34 -15.86 -64.66
N PRO F 47 -94.09 -16.84 -65.17
CA PRO F 47 -95.18 -17.28 -64.33
C PRO F 47 -94.56 -18.23 -63.34
N ARG F 48 -94.34 -17.76 -62.12
CA ARG F 48 -93.92 -18.62 -61.00
C ARG F 48 -93.94 -17.73 -59.77
N PRO F 49 -94.49 -18.21 -58.64
CA PRO F 49 -94.58 -17.33 -57.47
C PRO F 49 -93.24 -16.66 -57.14
N ALA F 50 -93.21 -15.33 -57.29
CA ALA F 50 -91.96 -14.55 -57.20
C ALA F 50 -91.22 -14.79 -55.90
N SER F 51 -92.00 -14.82 -54.81
CA SER F 51 -91.48 -15.06 -53.47
C SER F 51 -90.63 -16.33 -53.34
N GLY F 52 -91.09 -17.42 -53.95
CA GLY F 52 -90.40 -18.70 -53.87
C GLY F 52 -91.40 -19.83 -53.72
N PRO F 53 -90.93 -21.06 -53.50
CA PRO F 53 -91.84 -22.22 -53.40
C PRO F 53 -92.79 -22.17 -52.21
N LEU F 54 -93.73 -23.10 -52.13
CA LEU F 54 -94.61 -23.20 -50.98
C LEU F 54 -93.91 -23.87 -49.83
N ARG F 55 -94.12 -23.33 -48.63
CA ARG F 55 -93.32 -23.65 -47.44
C ARG F 55 -94.26 -23.80 -46.27
N PRO F 56 -93.96 -24.73 -45.36
CA PRO F 56 -94.95 -25.19 -44.42
C PRO F 56 -95.18 -24.30 -43.19
N VAL F 57 -96.39 -24.38 -42.65
CA VAL F 57 -96.71 -23.98 -41.28
C VAL F 57 -95.98 -24.85 -40.28
N VAL F 58 -95.47 -24.18 -39.23
CA VAL F 58 -94.47 -24.72 -38.34
C VAL F 58 -94.43 -23.94 -37.04
N ARG F 59 -94.21 -24.61 -35.93
CA ARG F 59 -94.21 -23.95 -34.61
C ARG F 59 -92.83 -23.64 -34.09
N CYS F 60 -92.67 -22.43 -33.58
CA CYS F 60 -91.41 -21.99 -32.98
C CYS F 60 -91.10 -22.84 -31.76
N PRO F 61 -89.81 -23.06 -31.49
CA PRO F 61 -89.44 -23.89 -30.34
C PRO F 61 -89.61 -23.21 -28.96
N THR F 62 -88.57 -22.62 -28.42
CA THR F 62 -88.37 -22.61 -26.97
C THR F 62 -89.44 -21.87 -26.17
N VAL F 63 -90.27 -22.64 -25.48
CA VAL F 63 -91.22 -22.21 -24.40
C VAL F 63 -91.83 -20.81 -24.36
N ARG F 64 -91.03 -19.77 -24.62
CA ARG F 64 -91.56 -18.40 -24.76
C ARG F 64 -92.33 -18.18 -26.03
N TYR F 65 -92.07 -19.03 -26.98
CA TYR F 65 -92.22 -18.73 -28.36
C TYR F 65 -93.12 -19.72 -29.10
N HIS F 66 -93.26 -20.93 -28.53
CA HIS F 66 -94.55 -21.62 -28.42
C HIS F 66 -95.65 -21.12 -29.34
N THR F 67 -96.29 -20.02 -28.95
CA THR F 67 -97.58 -19.63 -29.48
C THR F 67 -97.49 -19.08 -30.91
N LYS F 68 -96.27 -18.84 -31.35
CA LYS F 68 -96.01 -18.39 -32.71
C LYS F 68 -95.94 -19.55 -33.71
N VAL F 69 -95.82 -19.17 -34.97
CA VAL F 69 -95.91 -20.07 -36.12
C VAL F 69 -95.08 -19.39 -37.20
N ARG F 70 -94.64 -20.18 -38.16
CA ARG F 70 -93.70 -19.72 -39.14
C ARG F 70 -93.89 -20.36 -40.49
N ALA F 71 -93.24 -19.76 -41.47
CA ALA F 71 -92.78 -20.50 -42.62
C ALA F 71 -91.60 -21.34 -42.11
N GLY F 72 -91.73 -22.66 -42.16
CA GLY F 72 -90.63 -23.55 -41.83
C GLY F 72 -89.72 -23.71 -43.03
N ARG F 73 -88.78 -24.66 -42.95
CA ARG F 73 -87.81 -24.86 -44.01
C ARG F 73 -88.54 -25.41 -45.20
N GLY F 74 -89.14 -26.57 -44.99
CA GLY F 74 -89.84 -27.27 -46.04
C GLY F 74 -90.75 -28.28 -45.37
N PHE F 75 -91.70 -28.78 -46.15
CA PHE F 75 -92.70 -29.68 -45.64
C PHE F 75 -92.00 -30.99 -45.39
N SER F 76 -92.46 -31.73 -44.38
CA SER F 76 -91.82 -33.01 -44.07
C SER F 76 -92.05 -34.07 -45.15
N LEU F 77 -91.48 -35.26 -44.96
CA LEU F 77 -91.72 -36.39 -45.85
C LEU F 77 -93.00 -37.12 -45.51
N GLU F 78 -93.10 -37.52 -44.25
CA GLU F 78 -94.30 -38.18 -43.72
C GLU F 78 -95.53 -37.42 -44.23
N GLU F 79 -95.46 -36.11 -44.10
CA GLU F 79 -96.43 -35.18 -44.68
C GLU F 79 -96.90 -35.46 -46.12
N LEU F 80 -95.99 -35.83 -47.01
CA LEU F 80 -96.29 -35.99 -48.46
C LEU F 80 -97.03 -37.30 -48.84
N ARG F 81 -96.46 -38.49 -48.56
CA ARG F 81 -97.27 -39.74 -48.59
C ARG F 81 -98.35 -39.56 -47.51
N VAL F 82 -99.52 -39.12 -48.00
CA VAL F 82 -100.65 -38.59 -47.21
C VAL F 82 -101.36 -37.59 -48.12
N ALA F 83 -100.58 -36.62 -48.62
CA ALA F 83 -101.03 -35.69 -49.65
C ALA F 83 -100.93 -36.29 -51.05
N GLY F 84 -100.14 -37.35 -51.18
CA GLY F 84 -100.06 -38.13 -52.41
C GLY F 84 -99.16 -37.44 -53.42
N ILE F 85 -98.07 -36.89 -52.92
CA ILE F 85 -97.11 -36.15 -53.75
C ILE F 85 -95.77 -36.82 -53.59
N HIS F 86 -95.15 -37.16 -54.70
CA HIS F 86 -93.84 -37.79 -54.68
C HIS F 86 -92.77 -36.76 -54.36
N LYS F 87 -91.84 -37.10 -53.46
CA LYS F 87 -90.90 -36.09 -52.92
C LYS F 87 -90.04 -35.44 -53.99
N LYS F 88 -89.58 -36.20 -54.98
CA LYS F 88 -88.82 -35.63 -56.08
C LYS F 88 -89.66 -34.80 -57.08
N VAL F 89 -90.96 -35.07 -57.15
CA VAL F 89 -91.90 -34.29 -57.98
C VAL F 89 -92.16 -32.94 -57.30
N ALA F 90 -92.46 -32.99 -56.01
CA ALA F 90 -92.70 -31.80 -55.19
C ALA F 90 -91.66 -30.70 -55.42
N ARG F 91 -90.40 -31.12 -55.48
CA ARG F 91 -89.29 -30.19 -55.67
C ARG F 91 -89.38 -29.46 -57.02
N THR F 92 -89.93 -30.13 -58.05
CA THR F 92 -90.19 -29.50 -59.35
C THR F 92 -91.45 -28.69 -59.39
N ILE F 93 -92.40 -28.98 -58.49
CA ILE F 93 -93.69 -28.31 -58.48
C ILE F 93 -93.75 -27.10 -57.52
N GLY F 94 -92.58 -26.59 -57.15
CA GLY F 94 -92.53 -25.45 -56.24
C GLY F 94 -93.04 -25.79 -54.85
N ILE F 95 -92.82 -27.03 -54.41
CA ILE F 95 -93.16 -27.47 -53.06
C ILE F 95 -91.88 -27.78 -52.32
N SER F 96 -91.66 -27.05 -51.22
CA SER F 96 -90.40 -27.08 -50.49
C SER F 96 -90.28 -28.29 -49.60
N VAL F 97 -89.26 -29.08 -49.86
CA VAL F 97 -89.05 -30.31 -49.15
C VAL F 97 -87.84 -30.11 -48.25
N ASP F 98 -88.09 -30.04 -46.94
CA ASP F 98 -87.10 -30.42 -45.96
C ASP F 98 -87.35 -31.96 -45.99
N PRO F 99 -86.32 -32.80 -45.82
CA PRO F 99 -86.55 -34.20 -45.55
C PRO F 99 -85.91 -34.64 -44.23
N ARG F 100 -86.08 -33.80 -43.21
CA ARG F 100 -85.31 -33.86 -41.99
C ARG F 100 -86.12 -33.44 -40.76
N ARG F 101 -87.45 -33.64 -40.81
CA ARG F 101 -88.35 -33.27 -39.71
C ARG F 101 -89.07 -34.43 -39.04
N ARG F 102 -88.84 -34.60 -37.73
CA ARG F 102 -89.54 -35.63 -36.93
C ARG F 102 -90.98 -35.15 -36.65
N ASN F 103 -91.95 -35.72 -37.36
CA ASN F 103 -93.37 -35.38 -37.17
C ASN F 103 -93.99 -36.12 -36.00
N LYS F 104 -94.42 -35.38 -34.99
CA LYS F 104 -94.80 -35.97 -33.72
C LYS F 104 -96.29 -36.01 -33.45
N CYS F 105 -97.06 -35.20 -34.16
CA CYS F 105 -98.48 -35.02 -33.83
C CYS F 105 -99.38 -34.95 -35.04
N THR F 106 -100.60 -35.44 -34.89
CA THR F 106 -101.56 -35.42 -35.99
C THR F 106 -102.12 -34.00 -36.21
N GLU F 107 -102.09 -33.16 -35.17
CA GLU F 107 -102.57 -31.78 -35.24
C GLU F 107 -101.80 -31.02 -36.30
N SER F 108 -100.51 -30.86 -36.08
CA SER F 108 -99.67 -30.10 -37.00
C SER F 108 -99.35 -30.85 -38.29
N LEU F 109 -99.59 -32.17 -38.32
CA LEU F 109 -99.49 -32.91 -39.57
C LEU F 109 -100.61 -32.50 -40.51
N GLN F 110 -101.86 -32.78 -40.15
CA GLN F 110 -102.99 -32.45 -41.05
C GLN F 110 -103.10 -30.97 -41.36
N ALA F 111 -102.85 -30.12 -40.36
CA ALA F 111 -102.75 -28.67 -40.58
C ALA F 111 -101.88 -28.34 -41.79
N ASN F 112 -100.73 -28.98 -41.81
CA ASN F 112 -99.71 -28.75 -42.80
C ASN F 112 -100.00 -29.53 -44.11
N VAL F 113 -100.73 -30.64 -44.01
CA VAL F 113 -101.23 -31.38 -45.18
C VAL F 113 -102.23 -30.54 -45.94
N GLN F 114 -103.13 -29.90 -45.20
CA GLN F 114 -104.13 -29.06 -45.85
C GLN F 114 -103.53 -28.00 -46.73
N ARG F 115 -102.31 -27.56 -46.42
CA ARG F 115 -101.65 -26.58 -47.28
C ARG F 115 -101.31 -27.14 -48.65
N LEU F 116 -100.86 -28.39 -48.69
CA LEU F 116 -100.60 -29.06 -49.97
C LEU F 116 -101.90 -29.29 -50.74
N LYS F 117 -102.91 -29.79 -50.03
CA LYS F 117 -104.22 -30.02 -50.63
C LYS F 117 -104.76 -28.72 -51.19
N GLU F 118 -104.55 -27.65 -50.45
CA GLU F 118 -104.91 -26.32 -50.90
C GLU F 118 -104.11 -25.94 -52.16
N TYR F 119 -102.80 -26.24 -52.13
CA TYR F 119 -101.89 -25.83 -53.20
C TYR F 119 -102.24 -26.48 -54.54
N ARG F 120 -102.25 -27.80 -54.57
CA ARG F 120 -102.78 -28.53 -55.71
C ARG F 120 -103.94 -27.79 -56.37
N SER F 121 -104.97 -27.49 -55.57
CA SER F 121 -106.25 -26.98 -56.10
C SER F 121 -106.15 -25.63 -56.82
N LYS F 122 -105.27 -24.75 -56.31
CA LYS F 122 -105.05 -23.42 -56.91
C LYS F 122 -103.66 -23.31 -57.52
N LEU F 123 -103.34 -24.31 -58.35
CA LEU F 123 -102.07 -24.38 -59.04
C LEU F 123 -102.35 -24.72 -60.49
N ILE F 124 -101.79 -23.92 -61.38
CA ILE F 124 -101.97 -24.11 -62.80
C ILE F 124 -100.67 -24.69 -63.31
N LEU F 125 -100.68 -26.00 -63.49
CA LEU F 125 -99.53 -26.70 -64.00
C LEU F 125 -99.40 -26.39 -65.49
N PHE F 126 -98.37 -25.62 -65.80
CA PHE F 126 -98.16 -25.12 -67.14
C PHE F 126 -97.45 -26.23 -67.90
N PRO F 127 -98.06 -26.75 -68.97
CA PRO F 127 -97.73 -28.05 -69.53
C PRO F 127 -96.38 -28.14 -70.24
N ARG F 128 -95.70 -29.28 -70.09
CA ARG F 128 -94.38 -29.55 -70.68
C ARG F 128 -94.20 -28.88 -72.05
N LYS F 129 -95.01 -29.30 -73.01
CA LYS F 129 -95.11 -28.69 -74.35
C LYS F 129 -96.43 -27.89 -74.45
N PRO F 130 -96.65 -27.18 -75.57
CA PRO F 130 -97.98 -26.62 -75.86
C PRO F 130 -99.05 -27.66 -76.19
N SER F 131 -98.69 -28.67 -76.98
CA SER F 131 -99.62 -29.74 -77.37
C SER F 131 -99.48 -30.95 -76.43
N ALA F 132 -99.80 -30.76 -75.15
CA ALA F 132 -99.42 -31.70 -74.09
C ALA F 132 -100.60 -32.40 -73.41
N PRO F 133 -100.35 -33.59 -72.82
CA PRO F 133 -101.45 -34.43 -72.37
C PRO F 133 -101.89 -34.13 -70.93
N LYS F 134 -101.76 -35.09 -70.01
CA LYS F 134 -102.58 -35.13 -68.80
C LYS F 134 -101.96 -34.31 -67.69
N LYS F 135 -102.78 -33.99 -66.69
CA LYS F 135 -102.38 -33.29 -65.46
C LYS F 135 -102.08 -31.78 -65.59
N GLY F 136 -101.79 -31.30 -66.81
CA GLY F 136 -101.58 -29.87 -67.08
C GLY F 136 -102.93 -29.20 -67.22
N ASP F 137 -103.10 -28.03 -66.62
CA ASP F 137 -104.43 -27.44 -66.46
C ASP F 137 -104.83 -26.58 -67.66
N SER F 138 -106.11 -26.73 -68.05
CA SER F 138 -106.60 -26.45 -69.40
C SER F 138 -106.37 -25.03 -69.91
N SER F 139 -106.42 -24.86 -71.23
CA SER F 139 -106.12 -23.57 -71.91
C SER F 139 -106.95 -22.36 -71.45
N ALA F 140 -108.12 -22.61 -70.87
CA ALA F 140 -108.87 -21.59 -70.14
C ALA F 140 -108.13 -21.23 -68.84
N GLU F 141 -107.87 -22.24 -68.01
CA GLU F 141 -107.17 -22.06 -66.73
C GLU F 141 -105.66 -21.93 -66.98
N GLU F 142 -105.28 -20.88 -67.69
CA GLU F 142 -104.02 -20.83 -68.45
C GLU F 142 -103.95 -19.49 -69.14
N LEU F 143 -105.02 -19.17 -69.87
CA LEU F 143 -105.21 -17.82 -70.42
C LEU F 143 -105.42 -16.83 -69.26
N LYS F 144 -106.38 -17.16 -68.38
CA LYS F 144 -106.78 -16.29 -67.25
C LYS F 144 -105.63 -15.64 -66.51
N LEU F 145 -104.57 -16.41 -66.30
CA LEU F 145 -103.46 -15.98 -65.47
C LEU F 145 -102.20 -15.73 -66.31
N ALA F 146 -101.44 -14.73 -65.87
CA ALA F 146 -99.99 -14.71 -66.03
C ALA F 146 -99.41 -14.36 -64.66
N THR F 147 -100.18 -14.66 -63.62
CA THR F 147 -100.08 -13.94 -62.37
C THR F 147 -98.98 -14.51 -61.47
N GLN F 148 -97.90 -13.76 -61.35
CA GLN F 148 -96.94 -13.97 -60.28
C GLN F 148 -97.63 -13.68 -58.96
N LEU F 149 -97.49 -14.55 -57.97
CA LEU F 149 -97.85 -14.20 -56.61
C LEU F 149 -96.79 -13.31 -56.01
N THR F 150 -97.10 -12.02 -55.89
CA THR F 150 -96.26 -11.09 -55.13
C THR F 150 -96.52 -11.39 -53.64
N GLY F 151 -95.45 -11.41 -52.85
CA GLY F 151 -95.55 -11.75 -51.43
C GLY F 151 -95.57 -13.25 -51.23
N PRO F 152 -95.45 -13.69 -49.97
CA PRO F 152 -95.17 -15.10 -49.66
C PRO F 152 -96.37 -15.99 -49.96
N VAL F 153 -96.14 -17.05 -50.72
CA VAL F 153 -97.24 -17.91 -51.16
C VAL F 153 -98.06 -18.39 -49.97
N MET F 154 -99.38 -18.17 -50.05
CA MET F 154 -100.34 -18.52 -48.99
C MET F 154 -99.83 -18.14 -47.59
N PRO F 155 -99.69 -16.83 -47.36
CA PRO F 155 -98.94 -16.33 -46.19
C PRO F 155 -99.51 -16.82 -44.87
N ILE F 156 -98.60 -17.15 -43.95
CA ILE F 156 -98.95 -17.83 -42.72
C ILE F 156 -99.21 -16.78 -41.68
N ARG F 157 -100.48 -16.54 -41.37
CA ARG F 157 -100.82 -15.57 -40.33
C ARG F 157 -101.29 -16.23 -39.06
N ASN F 158 -100.74 -15.74 -37.94
CA ASN F 158 -101.01 -16.30 -36.64
C ASN F 158 -102.41 -15.96 -36.26
N VAL F 159 -103.29 -16.94 -36.42
CA VAL F 159 -104.69 -16.68 -36.23
C VAL F 159 -105.26 -17.57 -35.14
N TYR F 160 -106.08 -16.92 -34.31
CA TYR F 160 -106.68 -17.47 -33.12
C TYR F 160 -108.16 -17.46 -33.30
N LYS F 161 -108.82 -18.23 -32.44
CA LYS F 161 -110.28 -18.33 -32.48
C LYS F 161 -110.82 -17.79 -31.17
N ARG F 162 -111.83 -16.95 -31.31
CA ARG F 162 -112.45 -16.30 -30.19
C ARG F 162 -113.23 -17.35 -29.39
N GLU F 163 -113.18 -17.25 -28.06
CA GLU F 163 -114.06 -18.01 -27.18
C GLU F 163 -115.14 -17.07 -26.68
N LYS F 164 -116.39 -17.38 -27.03
CA LYS F 164 -117.57 -16.65 -26.53
C LYS F 164 -117.61 -16.69 -25.01
N ALA F 165 -118.21 -15.66 -24.41
CA ALA F 165 -118.39 -15.64 -22.95
C ALA F 165 -119.21 -16.87 -22.47
N ARG F 166 -119.06 -17.22 -21.20
CA ARG F 166 -119.58 -18.49 -20.67
C ARG F 166 -120.53 -18.25 -19.50
N VAL F 167 -120.75 -19.23 -18.64
CA VAL F 167 -121.56 -19.06 -17.41
C VAL F 167 -120.75 -19.18 -16.12
N ILE F 168 -119.60 -19.87 -16.18
CA ILE F 168 -118.78 -20.21 -15.00
C ILE F 168 -119.58 -21.08 -14.05
N THR F 169 -119.53 -22.38 -14.33
CA THR F 169 -120.11 -23.37 -13.42
C THR F 169 -119.41 -23.33 -12.06
N ASP F 170 -120.17 -23.65 -11.02
CA ASP F 170 -119.61 -23.79 -9.68
C ASP F 170 -118.80 -25.08 -9.64
N GLU F 171 -117.62 -25.01 -10.23
CA GLU F 171 -116.69 -26.11 -10.39
C GLU F 171 -115.37 -25.57 -10.99
N GLU F 172 -115.50 -24.73 -12.02
CA GLU F 172 -114.40 -23.87 -12.50
C GLU F 172 -114.06 -22.86 -11.39
N LYS F 173 -115.12 -22.35 -10.79
CA LYS F 173 -115.05 -21.41 -9.66
C LYS F 173 -114.59 -22.01 -8.32
N ASN F 174 -114.49 -23.34 -8.20
CA ASN F 174 -113.86 -23.92 -7.00
C ASN F 174 -112.36 -24.22 -7.09
N PHE F 175 -111.88 -24.60 -8.28
CA PHE F 175 -110.47 -24.92 -8.54
C PHE F 175 -109.49 -23.84 -8.07
N LYS F 176 -108.72 -24.14 -7.03
CA LYS F 176 -107.70 -23.23 -6.46
C LYS F 176 -106.40 -23.21 -7.26
N ALA F 177 -106.41 -22.49 -8.38
CA ALA F 177 -105.34 -22.61 -9.41
C ALA F 177 -103.93 -22.33 -8.92
N PHE F 178 -103.81 -21.57 -7.85
CA PHE F 178 -102.50 -21.41 -7.24
C PHE F 178 -102.09 -22.70 -6.55
N ALA F 179 -102.90 -23.14 -5.61
CA ALA F 179 -102.60 -24.35 -4.86
C ALA F 179 -102.16 -25.47 -5.80
N SER F 180 -102.94 -25.73 -6.86
CA SER F 180 -102.65 -26.89 -7.70
C SER F 180 -101.32 -26.77 -8.44
N LEU F 181 -100.83 -25.55 -8.64
CA LEU F 181 -99.48 -25.36 -9.18
C LEU F 181 -98.43 -25.81 -8.18
N ARG F 182 -98.55 -25.34 -6.95
CA ARG F 182 -97.62 -25.76 -5.90
C ARG F 182 -97.60 -27.26 -5.66
N MET F 183 -98.77 -27.87 -5.67
CA MET F 183 -98.85 -29.31 -5.67
C MET F 183 -98.00 -29.83 -6.83
N ALA F 184 -98.35 -29.43 -8.05
CA ALA F 184 -97.67 -29.93 -9.26
C ALA F 184 -96.18 -29.83 -9.11
N ARG F 185 -95.73 -28.67 -8.68
CA ARG F 185 -94.31 -28.37 -8.66
C ARG F 185 -93.59 -29.08 -7.54
N ALA F 186 -94.32 -29.59 -6.56
CA ALA F 186 -93.74 -30.46 -5.52
C ALA F 186 -93.82 -31.97 -5.84
N ASN F 187 -94.84 -32.40 -6.58
CA ASN F 187 -94.93 -33.81 -6.97
C ASN F 187 -93.88 -34.10 -8.02
N ALA F 188 -93.69 -33.16 -8.94
CA ALA F 188 -92.59 -33.21 -9.90
C ALA F 188 -91.23 -33.02 -9.23
N ARG F 189 -91.20 -32.27 -8.15
CA ARG F 189 -90.01 -32.13 -7.35
C ARG F 189 -89.54 -33.47 -6.84
N LEU F 190 -90.42 -34.11 -6.09
CA LEU F 190 -90.06 -35.24 -5.27
C LEU F 190 -90.50 -36.58 -5.85
N PHE F 191 -91.04 -36.61 -7.09
CA PHE F 191 -91.54 -37.89 -7.63
C PHE F 191 -90.48 -38.97 -7.38
N GLY F 192 -89.24 -38.67 -7.76
CA GLY F 192 -88.13 -39.60 -7.63
C GLY F 192 -87.79 -40.10 -6.25
N ILE F 193 -87.73 -39.21 -5.26
CA ILE F 193 -87.39 -39.61 -3.90
C ILE F 193 -88.48 -40.53 -3.38
N ARG F 194 -89.72 -40.03 -3.34
CA ARG F 194 -90.88 -40.86 -3.02
C ARG F 194 -90.84 -42.30 -3.57
N ALA F 195 -90.39 -42.47 -4.81
CA ALA F 195 -90.23 -43.79 -5.44
C ALA F 195 -89.15 -44.69 -4.79
N LYS F 196 -88.06 -44.08 -4.31
CA LYS F 196 -87.05 -44.81 -3.51
C LYS F 196 -87.59 -45.43 -2.20
N ARG F 197 -88.60 -44.78 -1.61
CA ARG F 197 -89.20 -45.25 -0.36
C ARG F 197 -90.17 -46.40 -0.58
N ALA F 198 -90.94 -46.33 -1.66
CA ALA F 198 -91.73 -47.48 -2.10
C ALA F 198 -90.79 -48.66 -2.39
N LYS F 199 -89.63 -48.39 -3.00
CA LYS F 199 -88.61 -49.41 -3.27
C LYS F 199 -87.92 -49.96 -2.02
N GLU F 200 -87.76 -49.12 -1.00
CA GLU F 200 -87.25 -49.57 0.32
C GLU F 200 -88.35 -50.28 1.14
N ALA F 201 -89.55 -49.70 1.20
CA ALA F 201 -90.68 -50.28 1.93
C ALA F 201 -91.15 -51.61 1.34
N ALA F 202 -91.09 -51.74 0.02
CA ALA F 202 -91.29 -53.04 -0.66
C ALA F 202 -90.15 -54.02 -0.32
N GLU F 203 -88.94 -53.50 -0.10
CA GLU F 203 -87.81 -54.31 0.39
C GLU F 203 -88.02 -54.78 1.84
N GLN F 204 -88.61 -53.94 2.70
CA GLN F 204 -88.88 -54.32 4.10
C GLN F 204 -89.96 -55.40 4.26
N ASP F 205 -90.95 -55.42 3.37
CA ASP F 205 -91.98 -56.47 3.35
C ASP F 205 -91.42 -57.87 2.98
N VAL F 206 -90.35 -57.88 2.18
CA VAL F 206 -89.60 -59.11 1.85
C VAL F 206 -88.55 -59.43 2.93
N GLU F 207 -87.90 -58.39 3.47
CA GLU F 207 -86.86 -58.52 4.53
C GLU F 207 -87.43 -58.84 5.93
N LYS F 208 -88.69 -58.46 6.18
CA LYS F 208 -89.43 -58.88 7.37
C LYS F 208 -89.90 -60.33 7.26
N LYS F 209 -90.24 -60.75 6.03
CA LYS F 209 -90.69 -62.12 5.75
C LYS F 209 -89.59 -63.19 5.94
N LYS F 210 -88.38 -62.90 5.45
CA LYS F 210 -87.24 -63.82 5.58
C LYS F 210 -86.74 -63.94 7.03
N VAL G 1 -24.33 98.30 24.52
CA VAL G 1 -25.01 98.92 25.71
C VAL G 1 -26.45 99.24 25.37
N PHE G 2 -27.38 98.82 26.23
CA PHE G 2 -28.79 99.07 25.92
C PHE G 2 -29.23 100.31 26.62
N ARG G 3 -30.40 100.77 26.20
CA ARG G 3 -31.05 101.89 26.83
C ARG G 3 -32.50 101.67 27.20
N ARG G 4 -33.03 100.46 27.01
CA ARG G 4 -34.46 100.20 27.27
C ARG G 4 -34.72 99.01 28.23
N PHE G 5 -34.92 99.35 29.51
CA PHE G 5 -34.68 98.46 30.66
C PHE G 5 -35.97 97.87 31.21
N VAL G 6 -36.55 96.96 30.39
CA VAL G 6 -37.83 96.26 30.65
C VAL G 6 -38.11 96.21 32.14
N GLU G 7 -38.76 97.25 32.60
CA GLU G 7 -38.98 97.44 34.00
C GLU G 7 -40.37 96.93 34.31
N VAL G 8 -40.76 97.29 35.51
CA VAL G 8 -42.11 97.46 35.86
C VAL G 8 -42.46 98.86 35.34
N GLY G 9 -43.03 98.91 34.14
CA GLY G 9 -43.52 100.15 33.55
C GLY G 9 -42.77 100.72 32.38
N ARG G 10 -42.13 99.87 31.55
CA ARG G 10 -41.80 100.29 30.18
C ARG G 10 -43.14 100.27 29.46
N VAL G 11 -43.46 101.37 28.81
CA VAL G 11 -44.52 101.39 27.81
C VAL G 11 -43.96 100.61 26.64
N ALA G 12 -44.73 99.67 26.12
CA ALA G 12 -44.34 98.90 24.95
C ALA G 12 -45.44 98.98 23.92
N TYR G 13 -45.04 99.21 22.67
CA TYR G 13 -45.95 99.19 21.56
C TYR G 13 -46.00 97.76 21.13
N VAL G 14 -47.21 97.27 20.95
CA VAL G 14 -47.43 95.90 20.57
C VAL G 14 -47.26 95.84 19.08
N SER G 15 -46.08 95.35 18.67
CA SER G 15 -45.76 95.12 17.26
C SER G 15 -46.90 94.47 16.53
N PHE G 16 -47.44 93.41 17.14
CA PHE G 16 -48.37 92.57 16.44
C PHE G 16 -49.29 91.66 17.26
N GLY G 17 -50.06 90.83 16.58
CA GLY G 17 -50.91 89.85 17.27
C GLY G 17 -52.28 90.45 17.43
N PRO G 18 -53.06 89.98 18.40
CA PRO G 18 -54.46 90.41 18.50
C PRO G 18 -54.67 91.91 18.77
N HIS G 19 -53.68 92.54 19.41
CA HIS G 19 -53.75 93.93 19.81
C HIS G 19 -52.71 94.79 19.10
N ALA G 20 -52.41 94.48 17.84
CA ALA G 20 -51.34 95.20 17.13
C ALA G 20 -51.52 96.72 17.07
N GLY G 21 -50.42 97.45 17.21
CA GLY G 21 -50.40 98.90 17.06
C GLY G 21 -51.00 99.65 18.24
N LYS G 22 -50.84 99.11 19.45
CA LYS G 22 -51.35 99.73 20.67
C LYS G 22 -50.27 99.75 21.72
N LEU G 23 -50.29 100.77 22.56
CA LEU G 23 -49.30 100.90 23.63
C LEU G 23 -49.78 100.15 24.82
N VAL G 24 -48.84 99.74 25.66
CA VAL G 24 -49.11 98.79 26.71
C VAL G 24 -48.06 98.99 27.80
N ALA G 25 -48.50 99.17 29.04
CA ALA G 25 -47.57 99.24 30.16
C ALA G 25 -47.32 97.83 30.65
N ILE G 26 -46.04 97.45 30.68
CA ILE G 26 -45.63 96.18 31.25
C ILE G 26 -45.79 96.32 32.76
N VAL G 27 -46.83 95.71 33.30
CA VAL G 27 -47.07 95.80 34.73
C VAL G 27 -46.01 95.00 35.48
N ASP G 28 -45.77 93.76 35.05
CA ASP G 28 -44.90 92.82 35.80
C ASP G 28 -44.50 91.62 34.91
N VAL G 29 -43.31 91.11 35.17
CA VAL G 29 -42.70 90.04 34.38
C VAL G 29 -42.99 88.67 34.97
N ILE G 30 -43.56 87.78 34.19
CA ILE G 30 -43.91 86.44 34.65
C ILE G 30 -42.73 85.51 34.52
N ASP G 31 -42.02 85.58 33.39
CA ASP G 31 -41.12 84.51 32.99
C ASP G 31 -40.05 85.00 32.03
N GLN G 32 -39.26 84.08 31.46
CA GLN G 32 -38.27 84.51 30.46
C GLN G 32 -38.78 84.64 29.01
N ASN G 33 -40.09 84.81 28.83
CA ASN G 33 -40.64 85.20 27.53
C ASN G 33 -42.06 85.78 27.59
N ARG G 34 -42.53 86.18 28.79
CA ARG G 34 -43.94 86.52 29.01
C ARG G 34 -44.08 87.55 30.09
N ALA G 35 -44.86 88.60 29.83
CA ALA G 35 -45.11 89.61 30.83
C ALA G 35 -46.57 89.66 31.16
N LEU G 36 -46.83 90.27 32.29
CA LEU G 36 -48.15 90.65 32.71
C LEU G 36 -48.29 92.10 32.28
N VAL G 37 -49.21 92.31 31.34
CA VAL G 37 -49.23 93.47 30.48
C VAL G 37 -50.58 94.13 30.54
N ASP G 38 -50.63 95.44 30.38
CA ASP G 38 -51.90 96.15 30.45
C ASP G 38 -51.80 97.54 29.83
N GLY G 39 -52.79 97.83 28.98
CA GLY G 39 -52.90 99.09 28.23
C GLY G 39 -54.24 99.72 28.53
N PRO G 40 -54.34 100.42 29.68
CA PRO G 40 -55.60 100.93 30.16
C PRO G 40 -56.27 101.85 29.15
N CYS G 41 -55.56 102.91 28.76
CA CYS G 41 -56.09 104.01 27.94
C CYS G 41 -55.97 103.76 26.45
N THR G 42 -55.28 102.69 26.10
CA THR G 42 -55.18 102.19 24.75
C THR G 42 -56.05 100.95 24.50
N GLN G 43 -56.78 100.52 25.53
CA GLN G 43 -57.86 99.54 25.42
C GLN G 43 -57.33 98.10 25.27
N VAL G 44 -56.61 97.65 26.30
CA VAL G 44 -55.97 96.34 26.31
C VAL G 44 -55.99 95.77 27.74
N ARG G 45 -56.72 94.66 27.93
CA ARG G 45 -57.00 94.14 29.28
C ARG G 45 -55.70 93.72 29.96
N ARG G 46 -55.66 93.69 31.30
CA ARG G 46 -54.52 93.06 32.00
C ARG G 46 -54.49 91.60 31.53
N GLN G 47 -53.47 91.25 30.76
CA GLN G 47 -53.25 89.87 30.40
C GLN G 47 -51.78 89.62 30.13
N ALA G 48 -51.46 88.34 29.96
CA ALA G 48 -50.11 87.91 29.67
C ALA G 48 -49.79 88.22 28.21
N MET G 49 -48.54 88.59 27.93
CA MET G 49 -48.16 88.97 26.56
C MET G 49 -46.65 88.86 26.33
N PRO G 50 -46.22 88.06 25.35
CA PRO G 50 -44.78 87.73 25.17
C PRO G 50 -43.84 88.86 24.67
N PHE G 51 -42.53 88.79 25.04
CA PHE G 51 -41.55 89.85 24.61
C PHE G 51 -41.27 89.79 23.11
N LYS G 52 -41.58 88.69 22.47
CA LYS G 52 -41.36 88.58 21.03
C LYS G 52 -42.33 89.42 20.20
N CYS G 53 -43.57 89.56 20.66
CA CYS G 53 -44.57 90.36 19.94
C CYS G 53 -44.65 91.85 20.38
N MET G 54 -43.66 92.32 21.14
CA MET G 54 -43.69 93.69 21.63
C MET G 54 -42.34 94.35 21.55
N GLN G 55 -42.35 95.61 21.17
CA GLN G 55 -41.15 96.44 21.15
C GLN G 55 -41.45 97.61 22.07
N LEU G 56 -40.38 98.22 22.56
CA LEU G 56 -40.45 98.99 23.79
C LEU G 56 -39.83 100.36 23.64
N THR G 57 -40.28 101.28 24.48
CA THR G 57 -40.11 102.71 24.24
C THR G 57 -39.35 103.42 25.36
N ASP G 58 -38.95 104.67 25.12
CA ASP G 58 -37.93 105.37 25.97
C ASP G 58 -38.63 105.86 27.23
N PHE G 59 -39.87 106.31 27.04
CA PHE G 59 -40.90 106.37 28.08
C PHE G 59 -40.81 105.31 29.20
N ILE G 60 -40.97 105.74 30.44
CA ILE G 60 -41.32 104.88 31.58
C ILE G 60 -42.49 105.51 32.29
N LEU G 61 -43.12 104.77 33.19
CA LEU G 61 -44.00 105.39 34.16
C LEU G 61 -43.95 104.57 35.45
N LYS G 62 -44.62 105.05 36.50
CA LYS G 62 -44.30 104.67 37.87
C LYS G 62 -45.52 104.27 38.75
N PHE G 63 -46.26 103.26 38.30
CA PHE G 63 -47.11 102.39 39.17
C PHE G 63 -46.05 101.46 39.79
N PRO G 64 -46.37 100.75 40.87
CA PRO G 64 -45.52 99.66 41.38
C PRO G 64 -46.08 98.30 41.03
N HIS G 65 -45.33 97.26 41.37
CA HIS G 65 -45.25 96.05 40.52
C HIS G 65 -46.33 94.99 40.51
N SER G 66 -47.47 95.28 41.12
CA SER G 66 -48.68 94.55 40.75
C SER G 66 -49.88 95.43 41.03
N ALA G 67 -49.77 96.68 40.59
CA ALA G 67 -50.81 97.66 40.79
C ALA G 67 -52.00 97.31 39.92
N ARG G 68 -53.15 97.81 40.32
CA ARG G 68 -54.42 97.22 39.92
C ARG G 68 -55.29 98.17 39.09
N GLN G 69 -54.91 98.38 37.83
CA GLN G 69 -55.73 99.05 36.82
C GLN G 69 -55.93 100.53 37.16
N LYS G 70 -56.74 100.84 38.19
CA LYS G 70 -57.00 102.22 38.66
C LYS G 70 -55.74 103.04 38.84
N TYR G 71 -54.68 102.35 39.23
CA TYR G 71 -53.42 102.98 39.55
C TYR G 71 -52.47 103.09 38.37
N VAL G 72 -52.66 102.22 37.38
CA VAL G 72 -52.01 102.35 36.06
C VAL G 72 -52.89 103.18 35.08
N ARG G 73 -54.17 103.38 35.41
CA ARG G 73 -55.09 104.36 34.75
C ARG G 73 -54.47 105.73 34.92
N LYS G 74 -54.18 106.06 36.17
CA LYS G 74 -53.29 107.17 36.50
C LYS G 74 -51.88 106.69 36.25
N ALA G 75 -50.95 107.62 36.31
CA ALA G 75 -49.55 107.38 35.94
C ALA G 75 -49.40 107.28 34.41
N TRP G 76 -50.39 106.72 33.72
CA TRP G 76 -50.55 106.89 32.29
C TRP G 76 -51.20 108.24 32.01
N GLU G 77 -52.29 108.52 32.72
CA GLU G 77 -53.16 109.65 32.39
C GLU G 77 -52.42 110.97 32.58
N LYS G 78 -51.84 111.17 33.77
CA LYS G 78 -50.79 112.18 33.95
C LYS G 78 -49.50 111.44 33.69
N ALA G 79 -48.44 112.18 33.37
CA ALA G 79 -47.33 111.72 32.51
C ALA G 79 -47.77 111.87 31.07
N ASP G 80 -48.98 111.38 30.76
CA ASP G 80 -49.67 111.66 29.49
C ASP G 80 -48.85 111.00 28.39
N ILE G 81 -49.27 109.80 28.01
CA ILE G 81 -48.59 109.05 27.00
C ILE G 81 -49.24 109.39 25.67
N ASN G 82 -50.57 109.35 25.62
CA ASN G 82 -51.28 109.41 24.34
C ASN G 82 -51.18 110.76 23.64
N ALA G 83 -50.67 111.78 24.34
CA ALA G 83 -50.25 113.02 23.68
C ALA G 83 -48.76 113.03 23.38
N LYS G 84 -47.93 112.52 24.30
CA LYS G 84 -46.46 112.48 24.11
C LYS G 84 -46.05 111.52 22.99
N TRP G 85 -46.66 110.34 23.02
CA TRP G 85 -46.79 109.56 21.80
C TRP G 85 -47.74 110.37 20.93
N ALA G 86 -47.33 110.59 19.68
CA ALA G 86 -48.00 111.46 18.68
C ALA G 86 -47.19 112.73 18.48
N ALA G 87 -46.30 113.03 19.42
CA ALA G 87 -45.17 113.93 19.17
C ALA G 87 -43.87 113.19 18.87
N THR G 88 -43.90 111.86 19.01
CA THR G 88 -42.75 111.02 18.69
C THR G 88 -42.50 110.88 17.20
N ARG G 89 -41.31 110.38 16.85
CA ARG G 89 -41.01 110.02 15.48
C ARG G 89 -41.68 108.66 15.14
N TRP G 90 -41.94 107.76 16.12
CA TRP G 90 -42.79 106.56 15.83
C TRP G 90 -44.07 106.96 15.19
N ALA G 91 -44.83 107.72 15.97
CA ALA G 91 -46.22 107.99 15.70
C ALA G 91 -46.44 108.66 14.38
N LYS G 92 -45.43 109.39 13.92
CA LYS G 92 -45.54 110.17 12.71
C LYS G 92 -45.09 109.41 11.49
N LYS G 93 -44.28 108.37 11.67
CA LYS G 93 -44.00 107.47 10.54
C LYS G 93 -44.85 106.20 10.56
N ILE G 94 -45.40 105.82 11.71
CA ILE G 94 -46.70 105.15 11.74
C ILE G 94 -47.61 106.35 11.55
N GLU G 95 -48.83 106.18 11.07
CA GLU G 95 -49.63 107.33 10.65
C GLU G 95 -48.87 108.03 9.51
N ALA G 96 -48.26 107.22 8.66
CA ALA G 96 -47.75 107.65 7.37
C ALA G 96 -47.88 106.42 6.46
N ARG G 97 -47.25 105.31 6.85
CA ARG G 97 -47.64 103.99 6.34
C ARG G 97 -49.15 103.96 6.20
N GLU G 98 -49.81 104.20 7.34
CA GLU G 98 -51.26 104.25 7.41
C GLU G 98 -51.83 105.02 6.24
N LYS G 99 -51.32 106.23 6.04
CA LYS G 99 -51.86 107.14 5.04
C LYS G 99 -51.51 106.80 3.60
N LYS G 100 -50.52 105.95 3.37
CA LYS G 100 -50.26 105.47 2.00
C LYS G 100 -51.21 104.36 1.64
N ALA G 101 -51.33 103.35 2.49
CA ALA G 101 -52.33 102.32 2.27
C ALA G 101 -53.72 102.96 2.12
N LYS G 102 -54.01 103.89 3.02
CA LYS G 102 -55.26 104.65 3.00
C LYS G 102 -55.15 105.79 1.99
N MET G 103 -55.07 105.45 0.70
CA MET G 103 -54.85 106.45 -0.34
C MET G 103 -55.57 106.05 -1.62
N THR G 104 -56.57 106.85 -2.00
CA THR G 104 -57.32 106.61 -3.23
C THR G 104 -56.46 106.87 -4.48
N ASP G 105 -56.82 106.21 -5.58
CA ASP G 105 -56.18 106.42 -6.90
C ASP G 105 -56.12 107.91 -7.26
N PHE G 106 -57.14 108.69 -6.88
CA PHE G 106 -57.10 110.15 -7.03
C PHE G 106 -55.89 110.72 -6.33
N ASP G 107 -55.80 110.48 -5.02
CA ASP G 107 -54.73 111.00 -4.21
C ASP G 107 -53.37 110.73 -4.89
N ARG G 108 -53.20 109.49 -5.28
CA ARG G 108 -51.99 109.02 -5.97
C ARG G 108 -51.71 109.77 -7.29
N TYR G 109 -52.75 110.04 -8.09
CA TYR G 109 -52.59 110.91 -9.27
C TYR G 109 -52.06 112.30 -8.86
N LYS G 110 -52.54 112.83 -7.74
CA LYS G 110 -52.13 114.16 -7.32
C LYS G 110 -50.68 114.14 -6.99
N VAL G 111 -50.28 113.14 -6.21
CA VAL G 111 -48.93 113.06 -5.73
C VAL G 111 -47.98 112.95 -6.93
N MET G 112 -48.25 112.01 -7.84
CA MET G 112 -47.54 111.89 -9.13
C MET G 112 -47.16 113.26 -9.71
N LYS G 113 -48.15 114.14 -9.75
CA LYS G 113 -47.97 115.49 -10.24
C LYS G 113 -47.16 116.33 -9.26
N ALA G 114 -47.60 116.36 -8.00
CA ALA G 114 -46.99 117.19 -6.97
C ALA G 114 -45.53 116.87 -6.77
N ARG G 115 -45.22 115.59 -6.74
CA ARG G 115 -43.84 115.16 -6.73
C ARG G 115 -43.10 115.76 -7.93
N LYS G 116 -43.54 115.45 -9.15
CA LYS G 116 -42.76 115.79 -10.36
C LYS G 116 -42.18 117.18 -10.30
N MET G 117 -43.05 118.16 -10.05
CA MET G 117 -42.65 119.55 -10.04
C MET G 117 -41.83 119.91 -8.81
N ARG G 118 -42.11 119.25 -7.69
CA ARG G 118 -41.21 119.36 -6.53
C ARG G 118 -39.82 118.94 -6.97
N ASN G 119 -39.73 117.73 -7.52
CA ASN G 119 -38.46 117.16 -7.90
C ASN G 119 -37.72 117.90 -9.01
N ARG G 120 -38.39 118.78 -9.72
CA ARG G 120 -37.71 119.68 -10.63
C ARG G 120 -37.23 120.93 -9.93
N LEU G 121 -38.11 121.56 -9.14
CA LEU G 121 -37.71 122.73 -8.35
C LEU G 121 -36.61 122.45 -7.35
N ILE G 122 -36.48 121.19 -6.94
CA ILE G 122 -35.36 120.77 -6.11
C ILE G 122 -34.10 120.52 -6.95
N LYS G 123 -34.29 120.09 -8.20
CA LYS G 123 -33.18 119.67 -9.04
C LYS G 123 -32.43 120.86 -9.60
N LEU G 124 -33.20 121.82 -10.14
CA LEU G 124 -32.62 123.05 -10.68
C LEU G 124 -31.77 123.78 -9.65
N GLU G 125 -32.16 123.72 -8.38
CA GLU G 125 -31.33 124.30 -7.31
C GLU G 125 -30.05 123.49 -7.09
N VAL G 126 -30.13 122.16 -7.17
CA VAL G 126 -28.91 121.33 -7.05
C VAL G 126 -27.92 121.58 -8.18
N LYS G 127 -28.44 121.72 -9.39
CA LYS G 127 -27.63 122.10 -10.56
C LYS G 127 -26.94 123.45 -10.35
N LYS G 128 -27.69 124.40 -9.80
CA LYS G 128 -27.21 125.75 -9.48
C LYS G 128 -26.18 125.77 -8.33
N LEU G 129 -26.34 124.87 -7.36
CA LEU G 129 -25.35 124.72 -6.27
C LEU G 129 -24.01 124.14 -6.74
N GLN G 130 -24.03 123.26 -7.72
CA GLN G 130 -22.79 122.76 -8.33
C GLN G 130 -22.10 123.80 -9.20
N LYS G 131 -22.88 124.66 -9.86
CA LYS G 131 -22.34 125.84 -10.56
C LYS G 131 -21.55 126.72 -9.58
N ALA G 132 -22.19 127.07 -8.44
CA ALA G 132 -21.54 127.86 -7.39
C ALA G 132 -20.37 127.13 -6.72
N ALA G 133 -20.48 125.81 -6.59
CA ALA G 133 -19.38 124.97 -6.06
C ALA G 133 -18.20 124.83 -7.03
N LEU G 134 -18.49 124.93 -8.33
CA LEU G 134 -17.45 124.93 -9.37
C LEU G 134 -16.78 126.31 -9.52
N LEU G 135 -17.57 127.38 -9.41
CA LEU G 135 -17.05 128.76 -9.42
C LEU G 135 -16.24 129.08 -8.15
N LYS G 136 -16.63 128.47 -7.01
CA LYS G 136 -15.80 128.46 -5.78
C LYS G 136 -14.46 127.74 -5.94
N ALA G 137 -14.50 126.59 -6.64
CA ALA G 137 -13.28 125.85 -6.99
C ALA G 137 -12.34 126.66 -7.92
N SER G 138 -12.91 127.49 -8.80
CA SER G 138 -12.12 128.39 -9.67
C SER G 138 -11.42 129.49 -8.89
N GLY H 1 -68.18 -60.00 -49.76
CA GLY H 1 -67.11 -59.41 -50.61
C GLY H 1 -65.82 -59.22 -49.82
N ALA H 2 -64.77 -59.88 -50.31
CA ALA H 2 -63.39 -59.76 -49.84
C ALA H 2 -63.08 -58.44 -49.18
N TYR H 3 -63.50 -57.39 -49.87
CA TYR H 3 -63.28 -56.02 -49.47
C TYR H 3 -63.67 -55.62 -48.05
N LYS H 4 -64.66 -56.29 -47.47
CA LYS H 4 -64.94 -56.18 -46.04
C LYS H 4 -64.08 -57.16 -45.21
N TYR H 5 -63.79 -58.33 -45.79
CA TYR H 5 -62.90 -59.35 -45.20
C TYR H 5 -61.48 -58.79 -45.00
N ILE H 6 -61.18 -57.65 -45.64
CA ILE H 6 -59.94 -56.89 -45.47
C ILE H 6 -60.10 -55.76 -44.45
N GLN H 7 -61.20 -55.02 -44.52
CA GLN H 7 -61.44 -53.86 -43.62
C GLN H 7 -61.31 -54.23 -42.17
N GLU H 8 -61.98 -55.31 -41.79
CA GLU H 8 -61.97 -55.70 -40.39
C GLU H 8 -60.67 -56.37 -40.02
N LEU H 9 -59.99 -56.98 -41.00
CA LEU H 9 -58.66 -57.53 -40.80
C LEU H 9 -57.73 -56.42 -40.39
N TRP H 10 -57.70 -55.37 -41.22
CA TRP H 10 -56.94 -54.17 -40.91
C TRP H 10 -57.18 -53.59 -39.50
N ARG H 11 -58.39 -53.75 -38.98
CA ARG H 11 -58.72 -53.27 -37.64
C ARG H 11 -58.15 -54.07 -36.48
N LYS H 12 -57.58 -55.24 -36.74
CA LYS H 12 -56.92 -56.00 -35.70
C LYS H 12 -55.41 -55.75 -35.75
N LYS H 13 -55.04 -54.47 -35.70
CA LYS H 13 -53.63 -53.99 -35.81
C LYS H 13 -52.80 -54.67 -34.76
N GLN H 14 -53.42 -54.82 -33.60
CA GLN H 14 -52.83 -55.45 -32.44
C GLN H 14 -52.54 -56.98 -32.59
N SER H 15 -53.16 -57.65 -33.56
CA SER H 15 -52.97 -59.12 -33.76
C SER H 15 -51.58 -59.54 -34.20
N ASP H 16 -51.38 -60.86 -34.24
CA ASP H 16 -50.18 -61.50 -34.80
C ASP H 16 -49.99 -61.20 -36.28
N VAL H 17 -51.05 -61.45 -37.04
CA VAL H 17 -50.98 -61.46 -38.49
C VAL H 17 -50.61 -60.08 -38.95
N MET H 18 -51.37 -59.10 -38.48
CA MET H 18 -51.16 -57.71 -38.88
C MET H 18 -49.82 -57.21 -38.44
N ARG H 19 -49.43 -57.58 -37.23
CA ARG H 19 -48.16 -57.13 -36.74
C ARG H 19 -47.00 -57.81 -37.44
N PHE H 20 -47.08 -59.09 -37.80
CA PHE H 20 -46.00 -59.65 -38.66
C PHE H 20 -45.87 -58.65 -39.84
N LEU H 21 -46.99 -58.25 -40.42
CA LEU H 21 -46.97 -57.45 -41.64
C LEU H 21 -46.43 -56.06 -41.44
N LEU H 22 -47.04 -55.30 -40.55
CA LEU H 22 -46.72 -53.87 -40.40
C LEU H 22 -45.26 -53.65 -40.05
N ARG H 23 -44.76 -54.46 -39.12
CA ARG H 23 -43.32 -54.65 -38.86
C ARG H 23 -42.47 -54.69 -40.12
N VAL H 24 -42.76 -55.63 -41.01
CA VAL H 24 -41.93 -55.90 -42.19
C VAL H 24 -42.24 -54.98 -43.33
N ARG H 25 -43.47 -54.50 -43.41
CA ARG H 25 -43.77 -53.44 -44.32
C ARG H 25 -42.94 -52.26 -43.88
N CYS H 26 -43.24 -51.73 -42.69
CA CYS H 26 -42.46 -50.62 -42.10
C CYS H 26 -40.96 -50.80 -42.21
N TRP H 27 -40.48 -52.04 -42.22
CA TRP H 27 -39.11 -52.32 -42.63
C TRP H 27 -38.82 -51.66 -44.00
N GLN H 28 -39.24 -52.26 -45.12
CA GLN H 28 -38.69 -51.86 -46.45
C GLN H 28 -38.86 -50.38 -46.69
N TYR H 29 -40.11 -49.98 -46.81
CA TYR H 29 -40.62 -48.73 -46.30
C TYR H 29 -39.63 -47.65 -45.77
N ARG H 30 -38.82 -47.99 -44.78
CA ARG H 30 -37.76 -47.09 -44.28
C ARG H 30 -36.60 -46.89 -45.23
N GLN H 31 -36.01 -48.01 -45.65
CA GLN H 31 -34.82 -48.04 -46.48
C GLN H 31 -34.95 -47.08 -47.68
N LEU H 32 -36.14 -47.06 -48.29
CA LEU H 32 -36.43 -46.19 -49.43
C LEU H 32 -36.44 -44.73 -49.04
N SER H 33 -36.30 -43.87 -50.05
CA SER H 33 -36.32 -42.42 -49.85
C SER H 33 -37.65 -41.88 -49.29
N ALA H 34 -37.68 -40.58 -48.97
CA ALA H 34 -38.83 -39.98 -48.29
C ALA H 34 -39.97 -39.68 -49.24
N LEU H 35 -39.75 -39.82 -50.55
CA LEU H 35 -40.79 -39.60 -51.52
C LEU H 35 -40.54 -40.27 -52.90
N HIS H 36 -40.27 -41.57 -52.87
CA HIS H 36 -40.60 -42.46 -54.00
C HIS H 36 -42.10 -42.33 -54.28
N ARG H 37 -42.48 -42.86 -55.43
CA ARG H 37 -43.86 -43.08 -55.81
C ARG H 37 -44.20 -44.50 -55.41
N ALA H 38 -45.49 -44.76 -55.25
CA ALA H 38 -45.97 -46.12 -55.14
C ALA H 38 -46.60 -46.58 -56.44
N PRO H 39 -46.53 -47.90 -56.72
CA PRO H 39 -47.24 -48.43 -57.88
C PRO H 39 -48.74 -48.57 -57.61
N ARG H 40 -49.09 -49.38 -56.62
CA ARG H 40 -50.46 -49.69 -56.29
C ARG H 40 -50.61 -49.55 -54.79
N PRO H 41 -51.83 -49.24 -54.33
CA PRO H 41 -52.10 -49.03 -52.91
C PRO H 41 -51.81 -50.21 -52.03
N THR H 42 -51.00 -49.95 -51.02
CA THR H 42 -50.79 -50.87 -49.91
C THR H 42 -52.07 -51.05 -49.09
N ARG H 43 -53.02 -50.13 -49.23
CA ARG H 43 -54.37 -50.31 -48.72
C ARG H 43 -55.36 -50.11 -49.86
N PRO H 44 -55.60 -51.14 -50.68
CA PRO H 44 -56.56 -50.96 -51.75
C PRO H 44 -57.93 -50.64 -51.21
N ASP H 45 -58.23 -51.15 -50.02
CA ASP H 45 -59.49 -50.86 -49.34
C ASP H 45 -59.69 -49.37 -49.09
N LYS H 46 -58.84 -48.83 -48.21
CA LYS H 46 -58.94 -47.44 -47.78
C LYS H 46 -58.96 -46.57 -49.01
N ALA H 47 -57.94 -46.75 -49.84
CA ALA H 47 -57.74 -45.86 -50.97
C ALA H 47 -59.01 -45.64 -51.72
N ARG H 48 -59.75 -46.71 -52.01
CA ARG H 48 -60.97 -46.55 -52.77
C ARG H 48 -62.10 -45.92 -52.00
N ARG H 49 -62.11 -46.09 -50.69
CA ARG H 49 -63.04 -45.35 -49.85
C ARG H 49 -62.82 -43.86 -49.91
N LEU H 50 -61.57 -43.47 -49.76
CA LEU H 50 -61.24 -42.06 -49.77
C LEU H 50 -61.35 -41.47 -51.18
N GLY H 51 -61.13 -42.31 -52.21
CA GLY H 51 -61.23 -41.86 -53.58
C GLY H 51 -60.39 -42.54 -54.66
N TYR H 52 -59.74 -43.69 -54.42
CA TYR H 52 -59.24 -44.49 -55.55
C TYR H 52 -60.42 -44.83 -56.42
N LYS H 53 -60.20 -44.70 -57.70
CA LYS H 53 -60.88 -45.47 -58.69
C LYS H 53 -59.68 -45.87 -59.54
N ALA H 54 -59.25 -47.13 -59.43
CA ALA H 54 -57.99 -47.55 -60.03
C ALA H 54 -58.03 -47.46 -61.57
N LYS H 55 -57.87 -46.22 -62.06
CA LYS H 55 -57.88 -45.91 -63.47
C LYS H 55 -56.74 -44.96 -63.74
N GLN H 56 -56.31 -44.95 -65.00
CA GLN H 56 -55.14 -44.22 -65.40
C GLN H 56 -55.46 -42.76 -65.17
N GLY H 57 -54.66 -42.14 -64.32
CA GLY H 57 -54.90 -40.78 -63.88
C GLY H 57 -54.51 -40.57 -62.44
N TYR H 58 -54.90 -41.48 -61.56
CA TYR H 58 -54.64 -41.27 -60.15
C TYR H 58 -53.40 -42.04 -59.84
N VAL H 59 -52.74 -41.58 -58.79
CA VAL H 59 -51.37 -41.89 -58.48
C VAL H 59 -51.34 -41.93 -56.99
N ILE H 60 -50.37 -42.63 -56.41
CA ILE H 60 -50.24 -42.62 -54.96
C ILE H 60 -48.78 -42.57 -54.52
N TYR H 61 -48.52 -41.78 -53.49
CA TYR H 61 -47.15 -41.48 -53.08
C TYR H 61 -47.02 -41.85 -51.61
N ARG H 62 -46.13 -42.80 -51.25
CA ARG H 62 -45.85 -43.07 -49.81
C ARG H 62 -44.91 -41.97 -49.42
N ILE H 63 -45.01 -41.56 -48.17
CA ILE H 63 -44.21 -40.46 -47.70
C ILE H 63 -43.98 -40.52 -46.17
N ARG H 64 -42.72 -40.49 -45.79
CA ARG H 64 -42.32 -40.35 -44.39
C ARG H 64 -42.62 -38.99 -43.85
N VAL H 65 -42.81 -38.96 -42.55
CA VAL H 65 -42.88 -37.74 -41.81
C VAL H 65 -42.14 -38.00 -40.54
N ARG H 66 -41.17 -37.16 -40.23
CA ARG H 66 -40.43 -37.31 -39.00
C ARG H 66 -41.33 -37.07 -37.79
N ARG H 67 -41.43 -38.11 -36.97
CA ARG H 67 -42.44 -38.25 -35.95
C ARG H 67 -42.00 -37.46 -34.77
N GLY H 68 -42.98 -36.96 -34.03
CA GLY H 68 -42.74 -36.20 -32.82
C GLY H 68 -43.18 -34.76 -32.97
N GLY H 69 -43.05 -34.01 -31.88
CA GLY H 69 -43.57 -32.67 -31.79
C GLY H 69 -42.74 -31.64 -32.54
N ARG H 70 -42.85 -30.41 -32.03
CA ARG H 70 -42.31 -29.22 -32.66
C ARG H 70 -41.50 -28.47 -31.61
N LYS H 71 -40.57 -27.68 -32.09
CA LYS H 71 -39.53 -27.14 -31.26
C LYS H 71 -39.32 -25.71 -31.73
N ARG H 72 -39.51 -24.75 -30.83
CA ARG H 72 -39.43 -23.34 -31.19
C ARG H 72 -38.04 -23.04 -31.78
N PRO H 73 -37.98 -22.59 -33.05
CA PRO H 73 -36.72 -22.53 -33.79
C PRO H 73 -35.99 -21.21 -33.55
N VAL H 74 -35.33 -21.17 -32.41
CA VAL H 74 -34.71 -19.94 -31.94
C VAL H 74 -33.32 -20.22 -31.42
N PRO H 75 -32.40 -19.26 -31.58
CA PRO H 75 -31.01 -19.52 -31.23
C PRO H 75 -30.83 -19.84 -29.75
N LYS H 76 -30.64 -21.14 -29.47
CA LYS H 76 -30.52 -21.65 -28.11
C LYS H 76 -31.92 -21.62 -27.44
N GLY H 77 -32.01 -21.23 -26.17
CA GLY H 77 -33.31 -21.07 -25.51
C GLY H 77 -33.93 -19.83 -26.08
N ALA H 78 -33.24 -18.70 -25.88
CA ALA H 78 -33.56 -17.36 -26.40
C ALA H 78 -34.93 -17.16 -27.05
N THR H 79 -35.97 -17.46 -26.29
CA THR H 79 -37.29 -17.05 -26.67
C THR H 79 -37.46 -15.80 -25.87
N TYR H 80 -36.86 -14.77 -26.42
CA TYR H 80 -36.97 -13.43 -25.93
C TYR H 80 -38.39 -13.01 -25.55
N GLY H 81 -38.48 -12.13 -24.57
CA GLY H 81 -39.77 -11.68 -24.07
C GLY H 81 -40.23 -12.44 -22.85
N LYS H 82 -41.52 -12.34 -22.57
CA LYS H 82 -42.08 -12.63 -21.27
C LYS H 82 -42.10 -14.12 -20.98
N PRO H 83 -42.05 -14.51 -19.70
CA PRO H 83 -42.00 -15.92 -19.31
C PRO H 83 -43.23 -16.80 -19.63
N VAL H 84 -44.32 -16.26 -20.17
CA VAL H 84 -45.32 -17.12 -20.82
C VAL H 84 -44.74 -17.64 -22.10
N HIS H 85 -44.14 -16.72 -22.82
CA HIS H 85 -43.81 -16.94 -24.19
C HIS H 85 -42.47 -17.57 -24.28
N HIS H 86 -42.20 -18.43 -23.31
CA HIS H 86 -40.85 -18.57 -22.85
C HIS H 86 -40.42 -20.02 -22.89
N GLY H 87 -41.00 -20.71 -23.86
CA GLY H 87 -40.92 -22.16 -24.00
C GLY H 87 -40.26 -22.55 -25.29
N VAL H 88 -40.11 -23.85 -25.52
CA VAL H 88 -39.40 -24.33 -26.72
C VAL H 88 -39.41 -25.84 -26.91
N ASN H 89 -39.19 -26.62 -25.86
CA ASN H 89 -39.16 -28.07 -26.01
C ASN H 89 -40.48 -28.70 -26.33
N GLN H 90 -41.49 -28.29 -25.59
CA GLN H 90 -42.52 -29.23 -25.21
C GLN H 90 -43.82 -29.00 -25.94
N LEU H 91 -43.74 -28.36 -27.10
CA LEU H 91 -44.90 -27.71 -27.68
C LEU H 91 -45.15 -28.13 -29.08
N LYS H 92 -46.42 -28.08 -29.46
CA LYS H 92 -46.92 -28.88 -30.55
C LYS H 92 -47.40 -28.12 -31.76
N PHE H 93 -47.25 -28.75 -32.92
CA PHE H 93 -47.75 -28.16 -34.13
C PHE H 93 -49.28 -28.09 -34.09
N ALA H 94 -49.88 -27.05 -34.67
CA ALA H 94 -51.36 -26.99 -34.78
C ALA H 94 -51.99 -28.11 -35.65
N ARG H 95 -51.66 -28.14 -36.94
CA ARG H 95 -51.93 -29.31 -37.83
C ARG H 95 -51.54 -30.72 -37.30
N SER H 96 -51.95 -31.75 -38.03
CA SER H 96 -51.52 -33.14 -37.81
C SER H 96 -50.38 -33.54 -38.74
N LEU H 97 -49.71 -34.64 -38.41
CA LEU H 97 -48.62 -35.13 -39.25
C LEU H 97 -49.11 -35.65 -40.59
N GLN H 98 -50.25 -36.33 -40.60
CA GLN H 98 -50.85 -36.81 -41.85
C GLN H 98 -50.96 -35.63 -42.82
N SER H 99 -51.46 -34.49 -42.34
CA SER H 99 -51.64 -33.33 -43.21
C SER H 99 -50.34 -32.74 -43.70
N VAL H 100 -49.27 -32.92 -42.95
CA VAL H 100 -47.93 -32.56 -43.40
C VAL H 100 -47.56 -33.47 -44.56
N ALA H 101 -47.79 -34.77 -44.42
CA ALA H 101 -47.52 -35.71 -45.51
C ALA H 101 -48.22 -35.26 -46.78
N GLU H 102 -49.52 -35.00 -46.66
CA GLU H 102 -50.30 -34.57 -47.80
C GLU H 102 -49.67 -33.32 -48.40
N GLU H 103 -49.34 -32.37 -47.54
CA GLU H 103 -48.64 -31.13 -47.93
C GLU H 103 -47.51 -31.44 -48.90
N ARG H 104 -46.58 -32.26 -48.41
CA ARG H 104 -45.28 -32.41 -49.05
C ARG H 104 -45.34 -33.23 -50.32
N ALA H 105 -46.30 -34.16 -50.42
CA ALA H 105 -46.52 -34.94 -51.65
C ALA H 105 -47.18 -34.09 -52.71
N GLY H 106 -48.18 -33.33 -52.31
CA GLY H 106 -48.79 -32.35 -53.20
C GLY H 106 -47.87 -31.23 -53.60
N ARG H 107 -46.88 -30.96 -52.77
CA ARG H 107 -45.86 -29.97 -53.06
C ARG H 107 -44.73 -30.51 -53.95
N HIS H 108 -44.55 -31.85 -54.03
CA HIS H 108 -43.63 -32.42 -55.04
C HIS H 108 -44.26 -32.35 -56.41
N CYS H 109 -45.41 -32.96 -56.52
CA CYS H 109 -46.08 -33.10 -57.79
C CYS H 109 -47.05 -31.93 -57.95
N GLY H 110 -46.46 -30.74 -58.11
CA GLY H 110 -47.23 -29.48 -58.18
C GLY H 110 -48.24 -29.47 -59.30
N ALA H 111 -47.95 -30.23 -60.36
CA ALA H 111 -48.92 -30.52 -61.40
C ALA H 111 -50.14 -31.19 -60.80
N LEU H 112 -49.90 -32.29 -60.10
CA LEU H 112 -50.97 -33.10 -59.53
C LEU H 112 -51.73 -32.38 -58.45
N ARG H 113 -52.97 -32.81 -58.25
CA ARG H 113 -53.84 -32.22 -57.26
C ARG H 113 -54.17 -33.26 -56.19
N VAL H 114 -53.86 -32.95 -54.93
CA VAL H 114 -54.02 -33.88 -53.81
C VAL H 114 -55.48 -34.14 -53.55
N LEU H 115 -55.78 -35.40 -53.26
CA LEU H 115 -57.10 -35.79 -52.87
C LEU H 115 -57.16 -35.93 -51.35
N ASN H 116 -56.43 -36.92 -50.82
CA ASN H 116 -56.76 -37.52 -49.52
C ASN H 116 -55.76 -38.71 -49.22
N SER H 117 -55.67 -39.20 -47.97
CA SER H 117 -54.65 -40.21 -47.56
C SER H 117 -54.97 -41.24 -46.40
N TYR H 118 -54.47 -42.47 -46.55
CA TYR H 118 -54.62 -43.63 -45.57
C TYR H 118 -53.40 -43.45 -44.67
N TRP H 119 -53.27 -44.40 -43.76
CA TRP H 119 -52.01 -44.74 -43.14
C TRP H 119 -51.50 -46.09 -43.62
N VAL H 120 -50.22 -46.17 -43.95
CA VAL H 120 -49.58 -47.48 -44.10
C VAL H 120 -48.80 -48.13 -42.94
N GLY H 121 -47.78 -47.49 -42.37
CA GLY H 121 -47.03 -48.06 -41.19
C GLY H 121 -46.35 -47.04 -40.27
N GLU H 122 -46.02 -47.42 -39.04
CA GLU H 122 -45.24 -46.50 -38.17
C GLU H 122 -44.09 -47.13 -37.40
N ASP H 123 -43.22 -46.21 -36.97
CA ASP H 123 -41.99 -46.45 -36.26
C ASP H 123 -42.03 -45.48 -35.08
N SER H 124 -41.11 -45.62 -34.15
CA SER H 124 -40.89 -44.63 -33.08
C SER H 124 -40.41 -43.27 -33.52
N THR H 125 -39.87 -43.21 -34.72
CA THR H 125 -39.26 -42.01 -35.21
C THR H 125 -39.93 -41.42 -36.44
N TYR H 126 -40.81 -42.17 -37.12
CA TYR H 126 -41.51 -41.63 -38.28
C TYR H 126 -42.93 -42.15 -38.34
N LYS H 127 -43.67 -41.67 -39.33
CA LYS H 127 -44.95 -42.23 -39.73
C LYS H 127 -45.03 -42.27 -41.24
N PHE H 128 -45.60 -43.33 -41.79
CA PHE H 128 -45.60 -43.51 -43.24
C PHE H 128 -46.97 -43.28 -43.81
N PHE H 129 -47.16 -42.12 -44.40
CA PHE H 129 -48.47 -41.73 -44.87
C PHE H 129 -48.52 -41.91 -46.36
N GLU H 130 -49.39 -42.78 -46.86
CA GLU H 130 -49.46 -42.91 -48.31
C GLU H 130 -50.65 -42.12 -48.87
N VAL H 131 -50.41 -41.37 -49.95
CA VAL H 131 -51.23 -40.20 -50.34
C VAL H 131 -51.83 -40.43 -51.71
N ILE H 132 -53.11 -40.08 -51.89
CA ILE H 132 -53.76 -40.21 -53.20
C ILE H 132 -53.73 -38.89 -53.95
N LEU H 133 -53.14 -38.93 -55.15
CA LEU H 133 -53.01 -37.76 -56.01
C LEU H 133 -53.66 -38.03 -57.33
N ILE H 134 -53.98 -36.98 -58.07
CA ILE H 134 -54.62 -37.14 -59.36
C ILE H 134 -53.96 -36.21 -60.38
N ASP H 135 -53.94 -36.63 -61.65
CA ASP H 135 -53.70 -35.71 -62.78
C ASP H 135 -55.02 -35.06 -63.06
N PRO H 136 -55.10 -33.76 -62.96
CA PRO H 136 -56.33 -33.14 -63.45
C PRO H 136 -56.56 -33.27 -64.95
N PHE H 137 -55.53 -33.64 -65.70
CA PHE H 137 -55.48 -33.49 -67.13
C PHE H 137 -55.06 -34.86 -67.69
N HIS H 138 -55.48 -35.97 -67.03
CA HIS H 138 -55.88 -37.13 -67.82
C HIS H 138 -57.27 -37.01 -68.29
N LYS H 139 -57.40 -37.00 -69.60
CA LYS H 139 -58.66 -37.15 -70.30
C LYS H 139 -59.57 -38.21 -69.64
N ALA H 140 -58.98 -39.24 -69.04
CA ALA H 140 -59.68 -40.14 -68.13
C ALA H 140 -60.30 -39.48 -66.88
N ILE H 141 -60.05 -38.19 -66.69
CA ILE H 141 -60.60 -37.42 -65.59
C ILE H 141 -61.32 -36.16 -66.08
N ARG H 142 -60.75 -35.33 -66.96
CA ARG H 142 -61.57 -34.24 -67.55
C ARG H 142 -62.91 -34.85 -68.04
N ARG H 143 -62.85 -35.92 -68.85
CA ARG H 143 -64.04 -36.41 -69.57
C ARG H 143 -65.06 -37.12 -68.73
N ASN H 144 -64.64 -37.91 -67.75
CA ASN H 144 -65.61 -38.46 -66.81
C ASN H 144 -66.05 -37.35 -65.84
N PRO H 145 -67.37 -37.12 -65.67
CA PRO H 145 -67.81 -36.20 -64.60
C PRO H 145 -67.60 -36.81 -63.23
N ASP H 146 -68.10 -36.17 -62.18
CA ASP H 146 -67.75 -36.51 -60.79
C ASP H 146 -66.27 -36.22 -60.52
N THR H 147 -65.39 -36.95 -61.19
CA THR H 147 -63.96 -36.69 -61.14
C THR H 147 -63.59 -35.30 -61.67
N GLN H 148 -64.36 -34.73 -62.61
CA GLN H 148 -63.92 -33.47 -63.28
C GLN H 148 -64.07 -32.22 -62.43
N TRP H 149 -64.12 -32.40 -61.13
CA TRP H 149 -64.26 -31.30 -60.26
C TRP H 149 -62.93 -30.87 -59.62
N ILE H 150 -61.86 -31.63 -59.88
CA ILE H 150 -60.50 -31.34 -59.35
C ILE H 150 -59.85 -30.44 -60.35
N THR H 151 -60.14 -30.73 -61.61
CA THR H 151 -59.66 -29.96 -62.73
C THR H 151 -59.79 -28.46 -62.50
N LYS H 152 -60.97 -28.06 -62.00
CA LYS H 152 -61.31 -26.66 -61.79
C LYS H 152 -60.29 -25.93 -60.94
N PRO H 153 -59.98 -24.66 -61.29
CA PRO H 153 -58.82 -23.98 -60.74
C PRO H 153 -58.95 -23.60 -59.27
N VAL H 154 -60.17 -23.68 -58.73
CA VAL H 154 -60.42 -23.42 -57.33
C VAL H 154 -59.60 -24.35 -56.48
N HIS H 155 -59.56 -25.62 -56.85
CA HIS H 155 -58.99 -26.64 -55.99
C HIS H 155 -57.48 -26.75 -56.03
N LYS H 156 -56.80 -25.91 -56.81
CA LYS H 156 -55.33 -25.81 -56.79
C LYS H 156 -54.71 -25.94 -55.38
N HIS H 157 -53.93 -27.01 -55.23
CA HIS H 157 -53.41 -27.52 -53.99
C HIS H 157 -54.45 -27.41 -52.88
N ARG H 158 -55.31 -28.41 -52.74
CA ARG H 158 -56.28 -28.42 -51.65
C ARG H 158 -55.57 -28.51 -50.28
N GLU H 159 -54.49 -29.28 -50.24
CA GLU H 159 -53.75 -29.59 -49.01
C GLU H 159 -52.97 -28.44 -48.34
N MET H 160 -52.73 -27.35 -49.07
CA MET H 160 -52.00 -26.17 -48.56
C MET H 160 -52.92 -25.17 -47.85
N ARG H 161 -54.17 -25.13 -48.29
CA ARG H 161 -55.22 -24.34 -47.67
C ARG H 161 -55.87 -25.03 -46.47
N GLY H 162 -55.83 -26.37 -46.47
CA GLY H 162 -56.45 -27.18 -45.41
C GLY H 162 -57.88 -27.52 -45.80
N LEU H 163 -58.02 -28.15 -46.96
CA LEU H 163 -59.31 -28.67 -47.41
C LEU H 163 -59.37 -30.18 -47.42
N THR H 164 -58.22 -30.83 -47.18
CA THR H 164 -58.17 -32.28 -47.12
C THR H 164 -58.85 -32.80 -45.84
N SER H 165 -59.39 -34.00 -45.94
CA SER H 165 -59.86 -34.79 -44.79
C SER H 165 -59.08 -34.51 -43.50
N ALA H 166 -57.78 -34.77 -43.57
CA ALA H 166 -56.85 -34.55 -42.47
C ALA H 166 -56.63 -33.07 -42.25
N GLY H 167 -56.32 -32.36 -43.34
CA GLY H 167 -56.03 -30.92 -43.30
C GLY H 167 -57.10 -30.04 -42.66
N ARG H 168 -58.36 -30.48 -42.74
CA ARG H 168 -59.49 -29.70 -42.21
C ARG H 168 -59.69 -29.94 -40.72
N LYS H 169 -59.39 -31.14 -40.25
CA LYS H 169 -59.53 -31.44 -38.82
C LYS H 169 -58.82 -30.40 -37.94
N SER H 170 -57.69 -29.88 -38.42
CA SER H 170 -56.94 -28.82 -37.73
C SER H 170 -57.68 -27.50 -37.58
N ARG H 171 -58.48 -27.15 -38.59
CA ARG H 171 -59.25 -25.90 -38.63
C ARG H 171 -60.32 -25.87 -37.56
N GLY H 172 -60.87 -27.05 -37.27
CA GLY H 172 -61.75 -27.23 -36.13
C GLY H 172 -63.13 -26.75 -36.44
N LEU H 173 -63.68 -27.32 -37.51
CA LEU H 173 -65.04 -27.01 -37.90
C LEU H 173 -65.90 -28.24 -37.75
N GLY H 174 -67.19 -27.96 -37.77
CA GLY H 174 -68.25 -28.93 -37.60
C GLY H 174 -69.48 -28.08 -37.40
N LYS H 175 -70.56 -28.71 -36.96
CA LYS H 175 -71.71 -27.99 -36.48
C LYS H 175 -71.77 -28.22 -35.00
N GLY H 176 -72.33 -27.26 -34.29
CA GLY H 176 -72.79 -27.50 -32.94
C GLY H 176 -72.17 -26.67 -31.86
N HIS H 177 -72.25 -27.17 -30.63
CA HIS H 177 -71.82 -26.35 -29.50
C HIS H 177 -70.33 -26.40 -29.23
N LYS H 178 -69.55 -26.95 -30.15
CA LYS H 178 -68.11 -26.84 -30.06
C LYS H 178 -67.47 -26.16 -31.28
N PHE H 179 -68.17 -26.11 -32.40
CA PHE H 179 -67.63 -25.62 -33.68
C PHE H 179 -68.26 -24.19 -33.78
N HIS H 180 -67.92 -23.41 -32.72
CA HIS H 180 -68.52 -22.11 -32.35
C HIS H 180 -67.61 -20.96 -32.72
N HIS H 181 -66.35 -21.06 -32.37
CA HIS H 181 -65.34 -20.51 -33.24
C HIS H 181 -65.35 -21.33 -34.51
N THR H 182 -65.06 -20.69 -35.64
CA THR H 182 -65.34 -21.21 -36.99
C THR H 182 -66.83 -21.26 -37.32
N ILE H 183 -67.61 -20.35 -36.76
CA ILE H 183 -69.05 -20.27 -37.05
C ILE H 183 -69.38 -19.22 -38.12
N GLY H 184 -68.39 -18.43 -38.54
CA GLY H 184 -68.41 -17.83 -39.88
C GLY H 184 -67.96 -18.89 -40.87
N GLY H 185 -67.20 -18.47 -41.87
CA GLY H 185 -66.56 -19.43 -42.75
C GLY H 185 -65.57 -20.35 -42.06
N SER H 186 -64.74 -19.75 -41.22
CA SER H 186 -63.58 -20.40 -40.67
C SER H 186 -63.02 -19.61 -39.50
N ARG H 187 -62.15 -20.30 -38.75
CA ARG H 187 -61.51 -19.80 -37.55
C ARG H 187 -61.23 -18.33 -37.53
N ARG H 188 -60.73 -17.82 -38.65
CA ARG H 188 -60.38 -16.43 -38.78
C ARG H 188 -61.64 -15.61 -39.02
N ALA H 189 -62.43 -16.02 -40.01
CA ALA H 189 -63.64 -15.28 -40.37
C ALA H 189 -64.78 -15.42 -39.39
N ALA H 190 -64.57 -16.15 -38.29
CA ALA H 190 -65.30 -15.87 -37.08
C ALA H 190 -64.91 -14.46 -36.66
N TRP H 191 -63.71 -14.27 -36.12
CA TRP H 191 -63.51 -13.01 -35.44
C TRP H 191 -63.51 -11.76 -36.32
N ARG H 192 -63.04 -11.84 -37.56
CA ARG H 192 -63.25 -10.72 -38.51
C ARG H 192 -64.62 -10.07 -38.31
N ARG H 193 -65.61 -10.90 -38.01
CA ARG H 193 -66.99 -10.46 -37.80
C ARG H 193 -67.31 -9.94 -36.42
N ARG H 194 -66.66 -10.51 -35.42
CA ARG H 194 -66.93 -10.22 -34.01
C ARG H 194 -66.09 -9.02 -33.57
N ASN H 195 -64.83 -8.94 -34.02
CA ASN H 195 -64.00 -7.77 -33.72
C ASN H 195 -64.14 -6.77 -34.87
N THR H 196 -65.37 -6.35 -35.13
CA THR H 196 -65.66 -5.20 -35.96
C THR H 196 -66.84 -4.45 -35.36
N LEU H 197 -66.74 -3.13 -35.35
CA LEU H 197 -67.91 -2.30 -35.15
C LEU H 197 -68.69 -2.31 -36.45
N GLN H 198 -69.94 -2.76 -36.38
CA GLN H 198 -70.91 -2.32 -37.37
C GLN H 198 -71.37 -0.95 -36.90
N LEU H 199 -70.66 0.03 -37.45
CA LEU H 199 -71.00 1.43 -37.40
C LEU H 199 -71.88 1.69 -38.59
N HIS H 200 -73.18 1.80 -38.35
CA HIS H 200 -74.15 1.91 -39.43
C HIS H 200 -74.04 3.30 -40.01
N ARG H 201 -74.72 3.51 -41.14
CA ARG H 201 -74.85 4.84 -41.75
C ARG H 201 -75.46 5.79 -40.74
N TYR H 202 -76.52 5.26 -40.15
CA TYR H 202 -77.65 6.03 -39.82
C TYR H 202 -77.99 5.91 -38.32
N ARG H 203 -77.17 5.14 -37.60
CA ARG H 203 -76.89 5.30 -36.15
C ARG H 203 -78.07 5.25 -35.20
N GLU I 1 -40.54 89.31 -7.39
CA GLU I 1 -40.28 90.53 -8.21
C GLU I 1 -39.87 90.16 -9.65
N GLY I 2 -39.64 91.16 -10.50
CA GLY I 2 -39.24 90.94 -11.91
C GLY I 2 -37.74 90.82 -12.11
N GLN I 3 -37.28 91.19 -13.32
CA GLN I 3 -35.85 91.41 -13.73
C GLN I 3 -34.72 90.50 -13.14
N VAL I 4 -33.46 90.81 -13.46
CA VAL I 4 -32.31 90.06 -12.93
C VAL I 4 -32.11 90.33 -11.43
N LEU I 5 -31.83 89.26 -10.67
CA LEU I 5 -31.47 89.37 -9.26
C LEU I 5 -29.98 89.37 -9.07
N VAL I 6 -29.50 90.12 -8.09
CA VAL I 6 -28.12 90.04 -7.67
C VAL I 6 -28.14 89.84 -6.18
N LEU I 7 -27.55 88.74 -5.71
CA LEU I 7 -27.48 88.49 -4.29
C LEU I 7 -26.05 88.57 -3.89
N ASP I 8 -25.80 89.24 -2.77
CA ASP I 8 -24.46 89.37 -2.21
C ASP I 8 -24.24 88.26 -1.17
N GLY I 9 -23.50 87.23 -1.56
CA GLY I 9 -23.27 86.03 -0.76
C GLY I 9 -22.78 86.23 0.66
N ARG I 10 -21.98 87.25 0.92
CA ARG I 10 -21.43 87.43 2.27
C ARG I 10 -22.53 87.37 3.31
N GLY I 11 -22.20 86.75 4.44
CA GLY I 11 -23.10 86.71 5.57
C GLY I 11 -24.29 85.78 5.40
N HIS I 12 -24.31 84.97 4.35
CA HIS I 12 -25.38 84.03 4.16
C HIS I 12 -24.97 82.63 4.58
N LEU I 13 -25.95 81.72 4.59
CA LEU I 13 -25.71 80.33 4.92
C LEU I 13 -25.81 79.45 3.69
N LEU I 14 -24.70 78.77 3.45
CA LEU I 14 -24.44 78.12 2.19
C LEU I 14 -25.67 77.47 1.56
N GLY I 15 -26.32 76.56 2.27
CA GLY I 15 -27.47 75.84 1.72
C GLY I 15 -28.80 76.52 1.90
N ARG I 16 -28.91 77.27 3.00
CA ARG I 16 -30.13 78.00 3.33
C ARG I 16 -30.44 79.03 2.27
N LEU I 17 -29.37 79.66 1.78
CA LEU I 17 -29.42 80.55 0.62
C LEU I 17 -29.79 79.77 -0.61
N ALA I 18 -29.00 78.74 -0.89
CA ALA I 18 -29.13 77.98 -2.13
C ALA I 18 -30.52 77.39 -2.36
N ALA I 19 -31.23 77.03 -1.29
CA ALA I 19 -32.61 76.57 -1.43
C ALA I 19 -33.50 77.69 -1.94
N ILE I 20 -33.26 78.91 -1.44
CA ILE I 20 -34.03 80.07 -1.86
C ILE I 20 -33.69 80.51 -3.29
N VAL I 21 -32.41 80.49 -3.62
CA VAL I 21 -31.99 80.72 -4.98
C VAL I 21 -32.74 79.74 -5.87
N ALA I 22 -32.50 78.44 -5.63
CA ALA I 22 -33.03 77.36 -6.47
C ALA I 22 -34.53 77.36 -6.66
N LYS I 23 -35.29 77.87 -5.69
CA LYS I 23 -36.74 78.00 -5.88
C LYS I 23 -37.05 79.00 -6.98
N GLN I 24 -36.34 80.11 -6.96
CA GLN I 24 -36.59 81.18 -7.91
C GLN I 24 -35.96 81.02 -9.28
N VAL I 25 -34.93 80.23 -9.33
CA VAL I 25 -34.43 79.78 -10.58
C VAL I 25 -35.50 78.97 -11.30
N LEU I 26 -36.21 78.09 -10.59
CA LEU I 26 -37.28 77.26 -11.20
C LEU I 26 -38.55 78.00 -11.58
N LEU I 27 -38.70 79.23 -11.07
CA LEU I 27 -39.81 80.11 -11.43
C LEU I 27 -39.43 81.14 -12.50
N GLY I 28 -38.33 80.87 -13.22
CA GLY I 28 -37.94 81.66 -14.40
C GLY I 28 -37.16 82.92 -14.10
N ARG I 29 -36.92 83.20 -12.82
CA ARG I 29 -36.25 84.42 -12.40
C ARG I 29 -34.75 84.19 -12.51
N LYS I 30 -34.05 85.16 -13.10
CA LYS I 30 -32.60 85.07 -13.27
C LYS I 30 -31.87 85.58 -12.03
N VAL I 31 -31.09 84.70 -11.39
CA VAL I 31 -30.38 85.03 -10.17
C VAL I 31 -28.91 85.07 -10.48
N VAL I 32 -28.23 85.99 -9.83
CA VAL I 32 -26.79 86.05 -9.92
C VAL I 32 -26.20 86.24 -8.53
N VAL I 33 -25.66 85.15 -8.01
CA VAL I 33 -25.06 85.16 -6.69
C VAL I 33 -23.62 85.58 -6.88
N VAL I 34 -23.19 86.44 -5.99
CA VAL I 34 -21.94 87.11 -6.12
C VAL I 34 -21.22 86.92 -4.80
N ARG I 35 -19.89 86.95 -4.86
CA ARG I 35 -19.05 87.12 -3.69
C ARG I 35 -19.03 85.87 -2.83
N CYS I 36 -19.05 84.70 -3.48
CA CYS I 36 -19.31 83.44 -2.77
C CYS I 36 -18.27 83.02 -1.73
N GLU I 37 -17.03 83.48 -1.88
CA GLU I 37 -16.09 83.41 -0.78
C GLU I 37 -16.67 83.78 0.57
N GLY I 38 -17.40 84.89 0.61
CA GLY I 38 -18.02 85.37 1.83
C GLY I 38 -19.07 84.46 2.45
N ILE I 39 -19.71 83.66 1.62
CA ILE I 39 -20.74 82.73 2.07
C ILE I 39 -20.21 81.83 3.19
N ASN I 40 -21.04 81.57 4.21
CA ASN I 40 -20.56 80.87 5.42
C ASN I 40 -21.49 79.78 5.88
N ILE I 41 -20.94 78.88 6.70
CA ILE I 41 -21.60 77.61 7.01
C ILE I 41 -21.62 77.36 8.51
N SER I 42 -22.74 76.80 8.98
CA SER I 42 -22.88 76.37 10.37
C SER I 42 -22.08 75.11 10.59
N GLY I 43 -21.75 74.86 11.85
CA GLY I 43 -20.73 73.87 12.23
C GLY I 43 -19.38 74.57 12.23
N ASN I 44 -18.41 74.03 12.97
CA ASN I 44 -17.12 74.71 13.15
C ASN I 44 -16.22 74.56 11.91
N PHE I 45 -15.09 75.28 11.86
CA PHE I 45 -14.35 75.32 10.60
C PHE I 45 -14.09 73.91 10.10
N TYR I 46 -13.35 73.19 10.91
CA TYR I 46 -12.81 71.86 10.59
C TYR I 46 -13.87 70.85 10.24
N ARG I 47 -14.89 70.77 11.08
CA ARG I 47 -16.06 69.92 10.81
C ARG I 47 -16.37 69.79 9.31
N ASN I 48 -16.54 70.96 8.67
CA ASN I 48 -16.96 71.07 7.28
C ASN I 48 -15.81 70.87 6.33
N LYS I 49 -14.59 71.14 6.78
CA LYS I 49 -13.41 70.74 6.04
C LYS I 49 -13.34 69.24 5.99
N LEU I 50 -13.38 68.64 7.16
CA LEU I 50 -13.39 67.19 7.30
C LEU I 50 -14.50 66.57 6.46
N LYS I 51 -15.65 67.24 6.43
CA LYS I 51 -16.79 66.84 5.60
C LYS I 51 -16.56 67.04 4.12
N TYR I 52 -15.80 68.06 3.75
CA TYR I 52 -15.37 68.23 2.36
C TYR I 52 -14.34 67.18 1.99
N LEU I 53 -13.32 67.01 2.81
CA LEU I 53 -12.31 66.01 2.50
C LEU I 53 -12.95 64.64 2.30
N ALA I 54 -14.02 64.35 3.04
CA ALA I 54 -14.83 63.15 2.81
C ALA I 54 -15.35 63.06 1.38
N PHE I 55 -15.88 64.17 0.88
CA PHE I 55 -16.22 64.31 -0.53
C PHE I 55 -15.06 63.92 -1.44
N LEU I 56 -13.88 64.52 -1.24
CA LEU I 56 -12.74 64.29 -2.14
C LEU I 56 -12.29 62.83 -2.28
N ARG I 57 -12.49 62.03 -1.23
CA ARG I 57 -12.20 60.59 -1.25
C ARG I 57 -13.22 59.83 -2.07
N LYS I 58 -14.46 60.31 -2.11
CA LYS I 58 -15.50 59.77 -3.00
C LYS I 58 -15.04 59.99 -4.42
N ARG I 59 -14.77 58.91 -5.14
CA ARG I 59 -14.10 59.02 -6.43
C ARG I 59 -14.12 57.71 -7.20
N MET I 60 -14.52 57.78 -8.46
CA MET I 60 -14.82 56.62 -9.30
C MET I 60 -13.53 55.89 -9.54
N ASN I 61 -13.40 54.75 -8.88
CA ASN I 61 -12.13 54.03 -8.81
C ASN I 61 -11.59 53.62 -10.19
N THR I 62 -12.43 52.96 -10.97
CA THR I 62 -12.00 52.35 -12.23
C THR I 62 -11.66 53.36 -13.37
N ASN I 63 -12.34 54.50 -13.43
CA ASN I 63 -11.67 55.73 -13.85
C ASN I 63 -12.24 56.96 -13.08
N PRO I 64 -11.40 57.79 -12.41
CA PRO I 64 -11.74 59.07 -11.75
C PRO I 64 -12.12 60.33 -12.59
N SER I 65 -11.46 60.57 -13.71
CA SER I 65 -11.93 61.60 -14.68
C SER I 65 -13.41 61.56 -15.12
N ARG I 66 -14.10 60.44 -14.89
CA ARG I 66 -15.54 60.33 -15.02
C ARG I 66 -16.17 60.77 -13.73
N GLY I 67 -15.65 60.19 -12.65
CA GLY I 67 -16.15 60.34 -11.31
C GLY I 67 -16.33 61.74 -10.84
N PRO I 68 -16.95 61.91 -9.66
CA PRO I 68 -17.48 63.19 -9.26
C PRO I 68 -16.47 64.32 -9.41
N TYR I 69 -16.91 65.48 -9.83
CA TYR I 69 -16.01 66.59 -9.95
C TYR I 69 -16.12 67.47 -8.69
N HIS I 70 -15.10 67.43 -7.84
CA HIS I 70 -15.09 68.17 -6.57
C HIS I 70 -14.43 69.47 -6.98
N PHE I 71 -15.25 70.41 -7.47
CA PHE I 71 -14.76 71.75 -7.84
C PHE I 71 -14.38 72.41 -6.53
N ARG I 72 -13.40 73.31 -6.62
CA ARG I 72 -12.80 73.92 -5.44
C ARG I 72 -13.19 75.38 -5.15
N ALA I 73 -13.47 76.18 -6.19
CA ALA I 73 -13.91 77.57 -5.99
C ALA I 73 -15.31 77.62 -5.33
N PRO I 74 -15.52 78.54 -4.41
CA PRO I 74 -16.79 78.68 -3.70
C PRO I 74 -18.00 78.87 -4.61
N SER I 75 -17.82 79.62 -5.69
CA SER I 75 -18.85 79.76 -6.72
C SER I 75 -19.30 78.38 -7.09
N ARG I 76 -18.32 77.58 -7.49
CA ARG I 76 -18.60 76.27 -7.95
C ARG I 76 -19.19 75.44 -6.83
N ILE I 77 -18.69 75.57 -5.62
CA ILE I 77 -19.18 74.75 -4.51
C ILE I 77 -20.67 74.96 -4.28
N PHE I 78 -21.02 76.21 -4.18
CA PHE I 78 -22.40 76.62 -4.03
C PHE I 78 -23.26 76.15 -5.18
N TRP I 79 -22.80 76.39 -6.40
CA TRP I 79 -23.51 75.90 -7.57
C TRP I 79 -23.94 74.49 -7.33
N ARG I 80 -22.96 73.68 -6.93
CA ARG I 80 -23.24 72.30 -6.63
C ARG I 80 -24.43 72.20 -5.70
N THR I 81 -24.38 72.92 -4.59
CA THR I 81 -25.45 72.80 -3.59
C THR I 81 -26.78 73.28 -4.15
N VAL I 82 -26.76 74.27 -5.04
CA VAL I 82 -28.00 74.69 -5.66
C VAL I 82 -28.50 73.61 -6.57
N ARG I 83 -27.57 73.09 -7.36
CA ARG I 83 -27.86 72.08 -8.36
C ARG I 83 -28.48 70.83 -7.77
N GLY I 84 -27.90 70.30 -6.69
CA GLY I 84 -28.56 69.23 -5.91
C GLY I 84 -30.00 69.50 -5.44
N MET I 85 -30.39 70.77 -5.38
CA MET I 85 -31.78 71.18 -5.12
C MET I 85 -32.58 71.54 -6.36
N LEU I 86 -32.06 71.21 -7.54
CA LEU I 86 -32.85 71.24 -8.77
C LEU I 86 -33.02 69.82 -9.31
N PRO I 87 -34.04 69.60 -10.16
CA PRO I 87 -34.23 68.30 -10.81
C PRO I 87 -33.41 68.26 -12.09
N HIS I 88 -32.10 68.22 -11.92
CA HIS I 88 -31.20 68.54 -13.00
C HIS I 88 -30.89 67.48 -13.99
N LYS I 89 -31.51 66.33 -13.79
CA LYS I 89 -31.50 65.36 -14.81
C LYS I 89 -32.35 65.87 -15.99
N THR I 90 -33.43 66.58 -15.68
CA THR I 90 -34.43 66.96 -16.68
C THR I 90 -34.18 68.33 -17.33
N LYS I 91 -34.90 68.58 -18.42
CA LYS I 91 -34.69 69.77 -19.23
C LYS I 91 -34.96 71.06 -18.48
N ARG I 92 -36.02 71.10 -17.67
CA ARG I 92 -36.33 72.30 -16.88
C ARG I 92 -35.25 72.57 -15.81
N GLY I 93 -34.59 71.51 -15.33
CA GLY I 93 -33.54 71.63 -14.34
C GLY I 93 -32.26 72.20 -14.91
N GLN I 94 -31.91 71.80 -16.13
CA GLN I 94 -30.74 72.35 -16.81
C GLN I 94 -31.03 73.76 -17.32
N ALA I 95 -32.26 73.96 -17.80
CA ALA I 95 -32.75 75.28 -18.16
C ALA I 95 -32.81 76.18 -16.94
N ALA I 96 -33.09 75.60 -15.79
CA ALA I 96 -32.99 76.32 -14.52
C ALA I 96 -31.55 76.75 -14.28
N LEU I 97 -30.63 75.82 -14.06
CA LEU I 97 -29.23 76.17 -13.78
C LEU I 97 -28.67 77.28 -14.66
N ASP I 98 -29.07 77.30 -15.93
CA ASP I 98 -28.69 78.40 -16.83
C ASP I 98 -29.19 79.79 -16.41
N ARG I 99 -30.34 79.85 -15.74
CA ARG I 99 -30.82 81.09 -15.15
C ARG I 99 -30.00 81.51 -13.93
N LEU I 100 -29.34 80.57 -13.28
CA LEU I 100 -28.37 80.90 -12.23
C LEU I 100 -27.07 81.39 -12.83
N LYS I 101 -26.29 82.12 -12.04
CA LYS I 101 -24.95 82.50 -12.41
C LYS I 101 -24.19 82.95 -11.17
N VAL I 102 -22.96 82.46 -10.99
CA VAL I 102 -22.30 82.55 -9.69
C VAL I 102 -20.81 82.95 -9.77
N PHE I 103 -20.38 83.94 -8.98
CA PHE I 103 -19.01 84.50 -9.08
C PHE I 103 -18.30 84.52 -7.74
N ASP I 104 -16.96 84.49 -7.78
CA ASP I 104 -16.08 84.63 -6.60
C ASP I 104 -15.47 85.99 -6.73
N GLY I 105 -15.69 86.80 -5.70
CA GLY I 105 -15.52 88.24 -5.78
C GLY I 105 -16.75 88.82 -6.42
N ILE I 106 -16.67 90.08 -6.83
CA ILE I 106 -17.80 90.77 -7.47
C ILE I 106 -17.39 91.59 -8.74
N PRO I 107 -17.71 91.05 -9.95
CA PRO I 107 -17.19 91.49 -11.27
C PRO I 107 -17.83 92.69 -11.87
N PRO I 108 -17.28 93.21 -12.98
CA PRO I 108 -17.99 93.95 -14.01
C PRO I 108 -19.43 93.44 -14.23
N PRO I 109 -20.28 94.32 -14.78
CA PRO I 109 -21.64 94.61 -14.39
C PRO I 109 -21.97 94.64 -12.90
N TYR I 110 -21.59 93.64 -12.13
CA TYR I 110 -22.21 93.39 -10.84
C TYR I 110 -21.61 94.21 -9.68
N ASP I 111 -20.36 94.67 -9.80
CA ASP I 111 -19.87 95.83 -8.99
C ASP I 111 -20.82 96.96 -9.11
N LYS I 112 -21.22 97.21 -10.36
CA LYS I 112 -21.97 98.38 -10.70
C LYS I 112 -23.50 98.21 -10.70
N LYS I 113 -24.00 97.49 -9.69
CA LYS I 113 -25.42 97.32 -9.43
C LYS I 113 -25.65 97.14 -7.94
N LYS I 114 -26.70 97.79 -7.44
CA LYS I 114 -27.17 97.62 -6.06
C LYS I 114 -27.70 96.22 -5.93
N ARG I 115 -27.66 95.68 -4.72
CA ARG I 115 -27.75 94.24 -4.59
C ARG I 115 -28.06 93.70 -3.22
N MET I 116 -28.80 92.60 -3.28
CA MET I 116 -29.76 92.27 -2.29
C MET I 116 -29.26 91.12 -1.44
N VAL I 117 -30.10 90.74 -0.48
CA VAL I 117 -29.69 90.03 0.71
C VAL I 117 -30.91 89.28 1.21
N VAL I 118 -30.78 87.97 1.31
CA VAL I 118 -31.85 87.12 1.80
C VAL I 118 -31.78 86.96 3.32
N PRO I 119 -32.58 87.72 4.08
CA PRO I 119 -32.47 87.62 5.52
C PRO I 119 -32.71 86.20 6.04
N ALA I 120 -33.61 85.46 5.40
CA ALA I 120 -33.90 84.10 5.84
C ALA I 120 -32.80 83.09 5.54
N ALA I 121 -31.75 83.50 4.84
CA ALA I 121 -30.55 82.70 4.72
C ALA I 121 -29.38 83.38 5.40
N LEU I 122 -29.65 84.49 6.07
CA LEU I 122 -28.60 85.36 6.58
C LEU I 122 -28.16 84.85 7.93
N LYS I 123 -26.84 84.78 8.11
CA LYS I 123 -26.26 84.05 9.22
C LYS I 123 -26.63 84.61 10.58
N VAL I 124 -26.54 85.93 10.72
CA VAL I 124 -26.87 86.62 11.98
C VAL I 124 -28.28 86.30 12.49
N VAL I 125 -29.17 86.01 11.56
CA VAL I 125 -30.54 85.71 11.83
C VAL I 125 -30.70 84.24 12.12
N ARG I 126 -30.29 83.40 11.17
CA ARG I 126 -30.55 81.98 11.25
C ARG I 126 -29.80 81.28 12.37
N LEU I 127 -28.55 81.70 12.63
CA LEU I 127 -27.71 81.10 13.70
C LEU I 127 -27.80 81.78 15.06
N LYS I 128 -27.33 81.05 16.07
CA LYS I 128 -27.16 81.56 17.41
C LYS I 128 -25.78 82.19 17.42
N PRO I 129 -25.59 83.30 18.18
CA PRO I 129 -24.30 83.99 18.23
C PRO I 129 -23.15 83.26 18.93
N THR I 130 -23.45 82.19 19.68
CA THR I 130 -22.43 81.41 20.40
C THR I 130 -22.01 80.12 19.68
N ARG I 131 -22.06 80.15 18.35
CA ARG I 131 -21.76 78.98 17.52
C ARG I 131 -20.70 79.26 16.51
N LYS I 132 -20.09 78.17 16.06
CA LYS I 132 -18.80 78.25 15.41
C LYS I 132 -18.93 78.30 13.91
N PHE I 133 -17.97 78.97 13.25
CA PHE I 133 -17.81 78.74 11.82
C PHE I 133 -16.73 79.02 10.78
N ALA I 134 -16.93 78.26 9.68
CA ALA I 134 -16.23 78.41 8.41
C ALA I 134 -16.75 79.53 7.52
N TYR I 135 -15.81 80.13 6.79
CA TYR I 135 -16.11 80.89 5.58
C TYR I 135 -15.77 79.99 4.42
N LEU I 136 -16.69 79.87 3.46
CA LEU I 136 -16.45 79.00 2.32
C LEU I 136 -15.20 79.40 1.56
N GLY I 137 -14.82 80.68 1.69
CA GLY I 137 -13.49 81.13 1.25
C GLY I 137 -12.31 80.36 1.80
N ARG I 138 -12.24 80.21 3.12
CA ARG I 138 -11.11 79.54 3.79
C ARG I 138 -11.20 78.05 3.61
N LEU I 139 -12.42 77.53 3.66
CA LEU I 139 -12.69 76.13 3.33
C LEU I 139 -12.18 75.80 1.94
N ALA I 140 -12.59 76.61 0.97
CA ALA I 140 -12.20 76.46 -0.43
C ALA I 140 -10.70 76.47 -0.61
N HIS I 141 -10.03 77.31 0.17
CA HIS I 141 -8.59 77.40 0.11
C HIS I 141 -7.96 76.08 0.52
N GLU I 142 -8.27 75.63 1.73
CA GLU I 142 -7.59 74.47 2.32
C GLU I 142 -7.92 73.17 1.61
N VAL I 143 -8.85 73.24 0.65
CA VAL I 143 -9.26 72.12 -0.17
C VAL I 143 -8.65 72.18 -1.60
N GLY I 144 -8.06 73.31 -1.98
CA GLY I 144 -7.38 73.44 -3.28
C GLY I 144 -7.86 74.55 -4.19
N TRP I 145 -8.20 75.73 -3.64
CA TRP I 145 -8.25 76.95 -4.47
C TRP I 145 -6.82 77.30 -4.80
N LYS I 146 -6.68 78.20 -5.76
CA LYS I 146 -5.44 78.90 -5.97
C LYS I 146 -5.60 80.41 -5.80
N TYR I 147 -6.81 80.88 -5.51
CA TYR I 147 -7.23 82.23 -5.80
C TYR I 147 -8.02 82.85 -4.66
N GLN I 148 -7.51 82.67 -3.45
CA GLN I 148 -8.00 83.42 -2.28
C GLN I 148 -7.23 84.74 -2.21
N ALA I 149 -5.92 84.66 -2.45
CA ALA I 149 -5.06 85.84 -2.46
C ALA I 149 -5.45 86.87 -3.52
N VAL I 150 -5.77 86.39 -4.71
CA VAL I 150 -6.05 87.28 -5.83
C VAL I 150 -7.39 87.97 -5.58
N THR I 151 -8.44 87.18 -5.39
CA THR I 151 -9.77 87.73 -5.11
C THR I 151 -9.84 88.56 -3.83
N ALA I 152 -8.81 88.47 -2.98
CA ALA I 152 -8.62 89.46 -1.91
C ALA I 152 -8.16 90.78 -2.46
N THR I 153 -7.01 90.76 -3.14
CA THR I 153 -6.37 92.00 -3.61
C THR I 153 -7.18 92.76 -4.62
N LEU I 154 -8.02 92.06 -5.37
CA LEU I 154 -8.91 92.69 -6.31
C LEU I 154 -10.08 93.33 -5.60
N GLU I 155 -10.67 92.62 -4.65
CA GLU I 155 -11.76 93.17 -3.88
C GLU I 155 -11.33 94.37 -3.02
N GLU I 156 -10.12 94.35 -2.49
CA GLU I 156 -9.60 95.54 -1.81
C GLU I 156 -9.51 96.72 -2.75
N LYS I 157 -9.10 96.45 -4.00
CA LYS I 157 -9.02 97.46 -5.06
C LYS I 157 -10.40 97.98 -5.48
N ARG I 158 -11.38 97.08 -5.51
CA ARG I 158 -12.76 97.42 -5.79
C ARG I 158 -13.38 98.21 -4.64
N LYS I 159 -13.13 97.79 -3.40
CA LYS I 159 -13.67 98.46 -2.21
C LYS I 159 -13.22 99.91 -2.13
N GLU I 160 -11.92 100.12 -2.30
CA GLU I 160 -11.36 101.47 -2.36
C GLU I 160 -12.07 102.31 -3.41
N LYS I 161 -12.35 101.70 -4.55
CA LYS I 161 -13.03 102.42 -5.64
C LYS I 161 -14.47 102.73 -5.27
N ALA I 162 -15.20 101.69 -4.90
CA ALA I 162 -16.59 101.83 -4.49
C ALA I 162 -16.75 102.88 -3.39
N LYS I 163 -15.79 102.95 -2.48
CA LYS I 163 -15.83 103.96 -1.43
C LYS I 163 -15.86 105.39 -1.99
N ILE I 164 -15.11 105.63 -3.06
CA ILE I 164 -15.11 106.94 -3.72
C ILE I 164 -16.52 107.29 -4.15
N HIS I 165 -17.14 106.41 -4.94
CA HIS I 165 -18.54 106.57 -5.36
C HIS I 165 -19.40 106.77 -4.13
N TYR I 166 -19.33 105.88 -3.12
CA TYR I 166 -20.21 106.09 -1.98
C TYR I 166 -20.00 107.54 -1.49
N ARG I 167 -18.76 107.99 -1.33
CA ARG I 167 -18.54 109.35 -0.81
C ARG I 167 -19.06 110.50 -1.73
N LYS I 168 -18.90 110.37 -3.04
CA LYS I 168 -19.47 111.35 -3.97
C LYS I 168 -21.00 111.37 -3.93
N LYS I 169 -21.61 110.17 -3.89
CA LYS I 169 -23.06 110.02 -3.67
C LYS I 169 -23.51 110.59 -2.33
N LYS I 170 -22.68 110.43 -1.31
CA LYS I 170 -22.91 111.06 -0.03
C LYS I 170 -22.93 112.58 -0.19
N GLN I 171 -22.04 113.11 -1.01
CA GLN I 171 -21.96 114.54 -1.23
C GLN I 171 -23.15 115.11 -2.03
N LEU I 172 -23.76 114.33 -2.92
CA LEU I 172 -24.98 114.79 -3.62
C LEU I 172 -26.18 114.87 -2.69
N MET I 173 -26.29 113.95 -1.73
CA MET I 173 -27.42 113.99 -0.80
C MET I 173 -27.38 115.20 0.12
N ARG I 174 -26.17 115.60 0.50
CA ARG I 174 -25.93 116.82 1.27
C ARG I 174 -26.32 118.07 0.49
N LEU I 175 -26.10 118.04 -0.81
CA LEU I 175 -26.65 119.06 -1.71
C LEU I 175 -28.17 118.99 -1.81
N ARG I 176 -28.75 117.80 -1.97
CA ARG I 176 -30.21 117.69 -2.00
C ARG I 176 -30.80 118.36 -0.76
N LYS I 177 -30.32 117.98 0.42
CA LYS I 177 -30.92 118.48 1.68
C LYS I 177 -30.73 119.97 1.90
N GLN I 178 -29.58 120.49 1.48
CA GLN I 178 -29.32 121.91 1.58
C GLN I 178 -30.13 122.71 0.56
N ALA I 179 -30.34 122.12 -0.62
CA ALA I 179 -31.16 122.73 -1.65
C ALA I 179 -32.67 122.61 -1.38
N GLU I 180 -33.12 121.67 -0.55
CA GLU I 180 -34.53 121.67 -0.07
C GLU I 180 -34.77 122.88 0.79
N LYS I 181 -33.86 123.11 1.73
CA LYS I 181 -33.91 124.27 2.63
C LYS I 181 -33.64 125.58 1.91
N ASN I 182 -32.80 125.54 0.86
CA ASN I 182 -32.58 126.72 0.03
C ASN I 182 -33.68 127.03 -1.02
N VAL I 183 -34.70 126.16 -1.09
CA VAL I 183 -35.92 126.42 -1.85
C VAL I 183 -37.06 125.73 -1.08
N GLU I 184 -37.58 126.34 -0.01
CA GLU I 184 -38.73 125.75 0.72
C GLU I 184 -39.89 126.72 0.91
N LYS I 185 -40.13 127.54 -0.09
CA LYS I 185 -41.36 128.29 -0.18
C LYS I 185 -41.91 128.45 -1.61
N LYS I 186 -41.32 127.74 -2.57
CA LYS I 186 -42.01 127.44 -3.82
C LYS I 186 -42.16 125.94 -4.02
N ILE I 187 -41.83 125.14 -3.00
CA ILE I 187 -42.25 123.73 -2.95
C ILE I 187 -42.93 123.42 -1.62
N ASP I 188 -43.44 124.47 -0.98
CA ASP I 188 -44.01 124.39 0.35
C ASP I 188 -45.52 124.16 0.32
N ARG I 189 -46.09 124.11 -0.87
CA ARG I 189 -47.45 123.60 -1.02
C ARG I 189 -47.52 122.47 -2.06
N PHE I 190 -46.38 121.81 -2.25
CA PHE I 190 -46.33 120.51 -2.89
C PHE I 190 -45.94 119.54 -1.77
N THR I 191 -44.82 119.81 -1.07
CA THR I 191 -44.40 119.01 0.08
C THR I 191 -45.51 118.80 1.11
N GLU I 192 -46.39 119.78 1.24
CA GLU I 192 -47.65 119.65 1.96
C GLU I 192 -48.42 118.42 1.48
N VAL I 193 -48.75 118.40 0.19
CA VAL I 193 -49.59 117.35 -0.39
C VAL I 193 -48.89 116.00 -0.38
N LEU I 194 -47.56 115.99 -0.33
CA LEU I 194 -46.82 114.77 -0.07
C LEU I 194 -47.16 114.28 1.32
N LYS I 195 -46.79 115.05 2.34
CA LYS I 195 -46.94 114.57 3.74
C LYS I 195 -48.37 114.27 4.19
N THR I 196 -49.37 114.77 3.48
CA THR I 196 -50.77 114.49 3.82
C THR I 196 -51.21 113.05 3.55
N HIS I 197 -50.76 112.42 2.45
CA HIS I 197 -51.13 110.99 2.17
C HIS I 197 -49.77 110.30 2.29
N GLY I 198 -49.11 110.56 3.42
CA GLY I 198 -48.08 109.67 3.98
C GLY I 198 -46.66 109.90 3.52
N PHE I 199 -46.50 109.99 2.21
CA PHE I 199 -45.23 110.30 1.56
C PHE I 199 -44.43 111.39 2.25
N LEU I 200 -43.21 111.08 2.65
CA LEU I 200 -42.27 112.08 3.14
C LEU I 200 -42.68 112.69 4.47
N VAL I 201 -42.46 111.94 5.55
CA VAL I 201 -42.64 112.42 6.92
C VAL I 201 -41.64 111.75 7.84
N GLY J 1 -66.20 51.10 -1.31
CA GLY J 1 -65.81 50.32 -0.10
C GLY J 1 -67.05 49.83 0.60
N VAL J 2 -67.76 48.91 -0.06
CA VAL J 2 -68.97 48.29 0.48
C VAL J 2 -68.71 46.78 0.50
N ASP J 3 -69.29 46.10 1.48
CA ASP J 3 -68.68 44.90 2.10
C ASP J 3 -69.75 43.86 2.21
N ILE J 4 -70.32 43.67 1.03
CA ILE J 4 -71.34 42.69 0.78
C ILE J 4 -70.59 41.62 0.01
N ARG J 5 -71.07 40.41 0.14
CA ARG J 5 -70.71 39.37 -0.78
C ARG J 5 -71.61 39.60 -2.00
N HIS J 6 -71.03 39.38 -3.17
CA HIS J 6 -71.71 39.55 -4.46
C HIS J 6 -72.01 38.20 -5.07
N ASN J 7 -72.11 37.22 -4.18
CA ASN J 7 -71.92 35.83 -4.51
C ASN J 7 -73.16 35.32 -5.18
N LYS J 8 -74.30 35.60 -4.56
CA LYS J 8 -75.59 35.20 -5.09
C LYS J 8 -76.61 36.31 -4.88
N ASP J 9 -76.23 37.51 -5.33
CA ASP J 9 -77.17 38.60 -5.50
C ASP J 9 -78.04 38.32 -6.74
N ARG J 10 -77.41 37.87 -7.82
CA ARG J 10 -78.16 37.51 -9.02
C ARG J 10 -79.03 36.32 -8.71
N LYS J 11 -80.34 36.48 -8.84
CA LYS J 11 -81.23 35.34 -8.69
C LYS J 11 -81.32 34.57 -10.00
N VAL J 12 -81.58 33.28 -9.88
CA VAL J 12 -81.60 32.38 -11.04
C VAL J 12 -82.95 31.70 -11.17
N ARG J 13 -83.90 32.48 -11.68
CA ARG J 13 -85.22 32.00 -12.01
C ARG J 13 -85.34 32.19 -13.50
N ARG J 14 -86.19 31.40 -14.14
CA ARG J 14 -86.43 31.60 -15.57
C ARG J 14 -87.44 32.72 -15.74
N LYS J 15 -87.13 33.63 -16.66
CA LYS J 15 -87.92 34.82 -16.93
C LYS J 15 -88.28 35.01 -18.42
N GLU J 16 -88.02 33.99 -19.23
CA GLU J 16 -88.74 33.75 -20.48
C GLU J 16 -88.72 32.24 -20.63
N PRO J 17 -89.69 31.63 -21.32
CA PRO J 17 -89.49 30.20 -21.65
C PRO J 17 -88.28 30.05 -22.55
N LYS J 18 -87.57 28.93 -22.43
CA LYS J 18 -86.34 28.77 -23.19
C LYS J 18 -86.61 28.30 -24.61
N SER J 19 -87.81 27.81 -24.84
CA SER J 19 -88.22 27.32 -26.15
C SER J 19 -88.51 28.42 -27.14
N GLN J 20 -88.55 28.02 -28.42
CA GLN J 20 -88.86 28.92 -29.53
C GLN J 20 -90.25 28.63 -30.15
N ASP J 21 -91.06 27.83 -29.49
CA ASP J 21 -92.38 27.46 -30.02
C ASP J 21 -93.39 28.58 -29.95
N ILE J 22 -93.65 29.16 -31.11
CA ILE J 22 -94.42 30.38 -31.17
C ILE J 22 -95.67 30.36 -30.28
N TYR J 23 -96.37 29.22 -30.18
CA TYR J 23 -97.62 29.19 -29.39
C TYR J 23 -97.40 29.34 -27.91
N LEU J 24 -96.39 28.68 -27.37
CA LEU J 24 -96.07 28.96 -25.99
C LEU J 24 -95.75 30.44 -25.85
N ARG J 25 -94.81 30.95 -26.66
CA ARG J 25 -94.41 32.38 -26.58
C ARG J 25 -95.68 33.30 -26.65
N LEU J 26 -96.72 32.91 -27.40
CA LEU J 26 -97.99 33.69 -27.47
C LEU J 26 -98.89 33.65 -26.25
N LEU J 27 -99.12 32.47 -25.69
CA LEU J 27 -99.95 32.40 -24.50
C LEU J 27 -99.10 32.78 -23.31
N VAL J 28 -97.80 32.88 -23.49
CA VAL J 28 -96.95 33.49 -22.49
C VAL J 28 -97.17 35.00 -22.52
N LYS J 29 -96.97 35.58 -23.70
CA LYS J 29 -97.36 36.97 -24.01
C LYS J 29 -98.74 37.38 -23.46
N LEU J 30 -99.69 36.47 -23.57
CA LEU J 30 -101.05 36.67 -23.08
C LEU J 30 -101.03 36.83 -21.60
N TYR J 31 -100.15 36.16 -20.88
CA TYR J 31 -100.05 36.48 -19.47
C TYR J 31 -98.68 36.83 -18.85
N ARG J 32 -97.83 37.49 -19.65
CA ARG J 32 -97.27 38.74 -19.16
C ARG J 32 -98.62 39.53 -19.10
N PHE J 33 -99.48 39.58 -20.18
CA PHE J 33 -100.72 40.46 -20.13
C PHE J 33 -101.34 40.30 -18.72
N LEU J 34 -102.02 39.21 -18.45
CA LEU J 34 -102.82 39.14 -17.21
C LEU J 34 -102.07 39.27 -15.88
N ALA J 35 -100.96 38.55 -15.73
CA ALA J 35 -100.26 38.47 -14.44
C ALA J 35 -99.73 39.80 -13.90
N ARG J 36 -99.35 40.72 -14.80
CA ARG J 36 -99.05 42.09 -14.39
C ARG J 36 -100.28 42.72 -13.73
N ARG J 37 -101.44 42.52 -14.36
CA ARG J 37 -102.64 43.30 -14.09
C ARG J 37 -103.38 42.82 -12.90
N THR J 38 -103.96 41.67 -13.09
CA THR J 38 -105.04 41.31 -12.25
C THR J 38 -104.49 40.77 -10.94
N ASN J 39 -105.23 41.05 -9.87
CA ASN J 39 -104.83 40.71 -8.52
C ASN J 39 -104.57 39.24 -8.28
N SER J 40 -105.24 38.39 -9.05
CA SER J 40 -105.16 36.95 -8.89
C SER J 40 -103.74 36.44 -8.95
N THR J 41 -103.40 35.62 -7.98
CA THR J 41 -102.10 35.02 -7.90
C THR J 41 -101.99 33.92 -8.95
N PHE J 42 -103.09 33.16 -9.11
CA PHE J 42 -103.19 32.04 -10.08
C PHE J 42 -102.31 32.22 -11.30
N ASN J 43 -102.56 33.32 -12.01
CA ASN J 43 -102.00 33.54 -13.35
C ASN J 43 -100.53 33.96 -13.22
N GLN J 44 -100.10 34.50 -12.07
CA GLN J 44 -98.66 34.52 -11.74
C GLN J 44 -98.12 33.11 -11.79
N VAL J 45 -98.76 32.19 -11.06
CA VAL J 45 -98.27 30.81 -10.98
C VAL J 45 -98.31 30.12 -12.33
N VAL J 46 -99.38 30.31 -13.07
CA VAL J 46 -99.45 29.71 -14.41
C VAL J 46 -98.41 30.32 -15.30
N LEU J 47 -98.29 31.64 -15.26
CA LEU J 47 -97.19 32.26 -15.96
C LEU J 47 -95.88 31.58 -15.64
N LYS J 48 -95.60 31.48 -14.34
CA LYS J 48 -94.34 30.94 -13.80
C LYS J 48 -94.09 29.48 -14.15
N ARG J 49 -95.10 28.80 -14.69
CA ARG J 49 -94.95 27.48 -15.22
C ARG J 49 -94.86 27.39 -16.73
N LEU J 50 -95.48 28.29 -17.49
CA LEU J 50 -95.44 28.15 -18.96
C LEU J 50 -93.98 28.12 -19.41
N PHE J 51 -93.31 29.20 -19.09
CA PHE J 51 -91.98 29.27 -18.51
C PHE J 51 -91.03 28.08 -18.18
N MET J 52 -91.47 27.09 -17.42
CA MET J 52 -90.59 26.00 -16.91
C MET J 52 -90.43 24.86 -17.90
N SER J 53 -89.50 23.96 -17.61
CA SER J 53 -89.06 22.94 -18.56
C SER J 53 -89.91 21.70 -18.45
N ARG J 54 -90.28 21.17 -19.60
CA ARG J 54 -90.57 19.75 -19.83
C ARG J 54 -90.37 18.83 -18.61
N THR J 55 -89.13 18.76 -18.15
CA THR J 55 -88.68 17.84 -17.11
C THR J 55 -89.25 18.18 -15.74
N ASN J 56 -89.65 19.44 -15.63
CA ASN J 56 -90.03 20.09 -14.42
C ASN J 56 -91.47 20.62 -14.49
N ARG J 57 -92.22 20.14 -15.49
CA ARG J 57 -93.68 20.27 -15.56
C ARG J 57 -94.20 18.88 -15.91
N PRO J 58 -93.98 17.92 -15.03
CA PRO J 58 -94.26 16.56 -15.40
C PRO J 58 -95.71 16.36 -15.77
N PRO J 59 -95.98 15.32 -16.56
CA PRO J 59 -97.34 15.07 -16.98
C PRO J 59 -98.21 14.54 -15.86
N LEU J 60 -99.46 15.00 -15.87
CA LEU J 60 -100.51 14.48 -15.02
C LEU J 60 -101.09 13.27 -15.67
N SER J 61 -101.39 12.29 -14.84
CA SER J 61 -102.17 11.17 -15.27
C SER J 61 -103.61 11.51 -15.02
N LEU J 62 -104.47 10.92 -15.83
CA LEU J 62 -105.89 11.12 -15.71
C LEU J 62 -106.35 10.65 -14.32
N SER J 63 -105.89 9.47 -13.91
CA SER J 63 -106.33 8.89 -12.64
C SER J 63 -106.05 9.79 -11.46
N ARG J 64 -104.91 10.46 -11.48
CA ARG J 64 -104.58 11.37 -10.39
C ARG J 64 -105.40 12.65 -10.43
N MET J 65 -105.79 13.06 -11.63
CA MET J 65 -106.73 14.15 -11.78
C MET J 65 -108.14 13.78 -11.35
N ILE J 66 -108.48 12.49 -11.37
CA ILE J 66 -109.74 12.06 -10.77
C ILE J 66 -109.70 12.28 -9.26
N ARG J 67 -108.75 11.68 -8.54
CA ARG J 67 -108.73 11.78 -7.06
C ARG J 67 -108.30 13.12 -6.50
N LYS J 68 -107.95 14.06 -7.38
CA LYS J 68 -107.80 15.45 -6.96
C LYS J 68 -109.04 16.31 -7.22
N MET J 69 -109.96 15.80 -8.04
CA MET J 69 -111.26 16.43 -8.27
C MET J 69 -112.43 15.72 -7.61
N LYS J 70 -112.22 14.49 -7.13
CA LYS J 70 -113.24 13.78 -6.34
C LYS J 70 -113.52 14.42 -4.98
N LEU J 71 -112.50 15.09 -4.45
CA LEU J 71 -112.50 15.56 -3.05
C LEU J 71 -113.64 16.53 -2.73
N PRO J 72 -114.00 16.67 -1.45
CA PRO J 72 -115.22 17.43 -1.11
C PRO J 72 -115.07 18.94 -1.23
N GLY J 73 -115.93 19.57 -2.01
CA GLY J 73 -115.84 21.00 -2.34
C GLY J 73 -115.43 21.22 -3.77
N ARG J 74 -114.51 20.39 -4.29
CA ARG J 74 -113.94 20.61 -5.65
C ARG J 74 -114.87 20.32 -6.85
N GLU J 75 -116.13 19.91 -6.63
CA GLU J 75 -117.06 19.70 -7.75
C GLU J 75 -117.39 21.03 -8.46
N GLY J 76 -117.62 20.94 -9.77
CA GLY J 76 -117.96 22.12 -10.59
C GLY J 76 -116.79 23.00 -11.05
N LYS J 77 -115.61 22.84 -10.46
CA LYS J 77 -114.40 23.59 -10.84
C LYS J 77 -113.80 23.10 -12.14
N THR J 78 -112.80 23.82 -12.63
CA THR J 78 -111.95 23.38 -13.76
C THR J 78 -110.61 22.88 -13.22
N ALA J 79 -110.21 21.67 -13.63
CA ALA J 79 -108.85 21.21 -13.42
C ALA J 79 -107.95 21.95 -14.39
N VAL J 80 -106.78 22.35 -13.92
CA VAL J 80 -105.86 23.17 -14.71
C VAL J 80 -104.46 22.65 -14.51
N VAL J 81 -103.74 22.48 -15.61
CA VAL J 81 -102.45 21.81 -15.62
C VAL J 81 -101.52 22.47 -16.62
N VAL J 82 -100.38 22.95 -16.16
CA VAL J 82 -99.43 23.53 -17.10
C VAL J 82 -98.53 22.39 -17.55
N GLY J 83 -99.03 21.58 -18.48
CA GLY J 83 -98.30 20.39 -18.94
C GLY J 83 -99.21 19.52 -19.77
N THR J 84 -99.16 18.20 -19.53
CA THR J 84 -99.98 17.26 -20.31
C THR J 84 -100.79 16.36 -19.41
N ILE J 85 -101.96 16.00 -19.91
CA ILE J 85 -102.79 14.97 -19.32
C ILE J 85 -102.53 13.72 -20.12
N THR J 86 -102.46 12.58 -19.43
CA THR J 86 -102.28 11.30 -20.10
C THR J 86 -103.33 10.33 -19.62
N ASP J 87 -103.46 9.18 -20.27
CA ASP J 87 -104.38 8.16 -19.75
C ASP J 87 -103.88 7.47 -18.49
N ASP J 88 -104.88 6.86 -17.84
CA ASP J 88 -104.68 5.71 -17.02
C ASP J 88 -105.52 4.55 -17.51
N VAL J 89 -104.88 3.71 -18.30
CA VAL J 89 -105.43 2.43 -18.69
C VAL J 89 -106.06 1.68 -17.52
N ARG J 90 -105.49 1.85 -16.33
CA ARG J 90 -106.05 1.32 -15.09
C ARG J 90 -106.98 2.31 -14.39
N VAL J 91 -107.96 2.82 -15.12
CA VAL J 91 -109.09 3.51 -14.53
C VAL J 91 -110.20 3.46 -15.57
N GLN J 92 -111.44 3.65 -15.13
CA GLN J 92 -112.57 3.30 -15.96
C GLN J 92 -113.82 4.17 -15.81
N GLU J 93 -114.28 4.37 -14.57
CA GLU J 93 -115.42 5.26 -14.33
C GLU J 93 -114.91 6.70 -14.36
N VAL J 94 -114.65 7.22 -15.56
CA VAL J 94 -114.20 8.60 -15.72
C VAL J 94 -115.39 9.49 -15.45
N PRO J 95 -115.29 10.38 -14.46
CA PRO J 95 -116.37 11.33 -14.26
C PRO J 95 -116.25 12.42 -15.28
N LYS J 96 -117.34 13.15 -15.47
CA LYS J 96 -117.34 14.23 -16.44
C LYS J 96 -116.58 15.42 -15.86
N LEU J 97 -115.54 15.84 -16.59
CA LEU J 97 -114.59 16.81 -16.08
C LEU J 97 -114.59 18.07 -16.90
N LYS J 98 -113.91 19.08 -16.37
CA LYS J 98 -113.50 20.23 -17.16
C LYS J 98 -112.02 20.47 -16.90
N VAL J 99 -111.23 20.45 -17.97
CA VAL J 99 -109.78 20.42 -17.87
C VAL J 99 -109.19 21.57 -18.69
N CYS J 100 -108.02 22.05 -18.29
CA CYS J 100 -107.13 22.81 -19.19
C CYS J 100 -105.78 22.16 -19.14
N ALA J 101 -105.14 22.12 -20.29
CA ALA J 101 -103.77 21.65 -20.40
C ALA J 101 -103.13 22.23 -21.63
N LEU J 102 -101.81 22.25 -21.65
CA LEU J 102 -101.10 22.59 -22.88
C LEU J 102 -101.36 21.49 -23.92
N ARG J 103 -101.15 20.24 -23.51
CA ARG J 103 -101.48 19.09 -24.33
C ARG J 103 -102.34 18.13 -23.55
N VAL J 104 -103.00 17.25 -24.27
CA VAL J 104 -103.69 16.11 -23.70
C VAL J 104 -103.46 14.98 -24.67
N SER J 105 -102.92 13.85 -24.18
CA SER J 105 -102.63 12.74 -25.07
C SER J 105 -103.94 12.24 -25.71
N SER J 106 -103.90 11.96 -27.02
CA SER J 106 -105.09 11.75 -27.86
C SER J 106 -106.09 10.73 -27.34
N ARG J 107 -105.60 9.77 -26.56
CA ARG J 107 -106.44 8.75 -25.98
C ARG J 107 -107.21 9.27 -24.75
N ALA J 108 -106.58 10.16 -23.98
CA ALA J 108 -107.24 10.89 -22.88
C ALA J 108 -108.30 11.85 -23.40
N ARG J 109 -107.99 12.46 -24.53
CA ARG J 109 -108.92 13.31 -25.24
C ARG J 109 -110.25 12.58 -25.46
N SER J 110 -110.21 11.43 -26.11
CA SER J 110 -111.43 10.69 -26.40
C SER J 110 -112.16 10.20 -25.14
N ARG J 111 -111.41 9.83 -24.10
CA ARG J 111 -111.99 9.35 -22.80
C ARG J 111 -112.76 10.42 -22.06
N ILE J 112 -112.20 11.63 -22.01
CA ILE J 112 -112.84 12.76 -21.35
C ILE J 112 -114.11 13.17 -22.10
N LEU J 113 -113.99 13.32 -23.43
CA LEU J 113 -115.09 13.81 -24.24
C LEU J 113 -116.24 12.82 -24.31
N LYS J 114 -115.93 11.52 -24.38
CA LYS J 114 -116.94 10.44 -24.29
C LYS J 114 -117.84 10.55 -23.05
N ALA J 115 -117.25 10.98 -21.94
CA ALA J 115 -117.97 11.19 -20.67
C ALA J 115 -118.78 12.49 -20.61
N GLY J 116 -118.77 13.29 -21.68
CA GLY J 116 -119.52 14.54 -21.73
C GLY J 116 -118.82 15.63 -20.95
N GLY J 117 -117.49 15.55 -20.90
CA GLY J 117 -116.69 16.60 -20.30
C GLY J 117 -116.32 17.64 -21.34
N LYS J 118 -115.44 18.53 -20.94
CA LYS J 118 -114.93 19.57 -21.80
C LYS J 118 -113.43 19.62 -21.61
N ILE J 119 -112.70 20.01 -22.65
CA ILE J 119 -111.30 20.36 -22.52
C ILE J 119 -111.08 21.75 -23.08
N LEU J 120 -110.32 22.53 -22.33
CA LEU J 120 -109.99 23.88 -22.69
C LEU J 120 -108.49 23.97 -22.97
N THR J 121 -108.07 25.14 -23.47
CA THR J 121 -106.69 25.43 -23.75
C THR J 121 -106.31 26.73 -23.08
N PHE J 122 -105.02 27.01 -22.97
CA PHE J 122 -104.53 28.12 -22.14
C PHE J 122 -104.88 29.55 -22.63
N ASP J 123 -105.64 29.64 -23.72
CA ASP J 123 -106.38 30.86 -24.09
C ASP J 123 -107.85 30.85 -23.68
N GLN J 124 -108.55 29.74 -23.93
CA GLN J 124 -109.99 29.69 -23.64
C GLN J 124 -110.20 29.82 -22.14
N LEU J 125 -109.28 29.25 -21.37
CA LEU J 125 -109.25 29.43 -19.93
C LEU J 125 -109.25 30.90 -19.57
N ALA J 126 -108.41 31.68 -20.27
CA ALA J 126 -108.30 33.14 -20.03
C ALA J 126 -109.60 33.94 -20.25
N LEU J 127 -110.48 33.43 -21.10
CA LEU J 127 -111.80 34.02 -21.28
C LEU J 127 -112.81 33.46 -20.29
N ASP J 128 -112.75 32.14 -20.07
CA ASP J 128 -113.61 31.44 -19.09
C ASP J 128 -113.47 32.12 -17.73
N SER J 129 -112.23 32.23 -17.26
CA SER J 129 -111.93 32.69 -15.90
C SER J 129 -110.53 33.36 -15.84
N PRO J 130 -110.41 34.61 -16.31
CA PRO J 130 -109.11 35.32 -16.32
C PRO J 130 -108.43 35.46 -14.95
N LYS J 131 -109.22 35.65 -13.92
CA LYS J 131 -108.74 35.69 -12.55
C LYS J 131 -108.41 34.30 -11.97
N GLY J 132 -108.75 33.23 -12.68
CA GLY J 132 -108.63 31.88 -12.14
C GLY J 132 -109.73 31.53 -11.16
N CYS J 133 -110.89 32.15 -11.31
CA CYS J 133 -112.02 31.86 -10.44
C CYS J 133 -112.56 30.48 -10.77
N GLY J 134 -112.77 29.66 -9.74
CA GLY J 134 -113.40 28.35 -9.89
C GLY J 134 -112.52 27.36 -10.62
N THR J 135 -111.30 27.21 -10.13
CA THR J 135 -110.25 26.41 -10.78
C THR J 135 -109.52 25.52 -9.79
N VAL J 136 -108.69 24.63 -10.31
CA VAL J 136 -107.82 23.78 -9.49
C VAL J 136 -106.47 23.58 -10.21
N LEU J 137 -105.40 24.16 -9.67
CA LEU J 137 -104.06 23.87 -10.19
C LEU J 137 -103.59 22.52 -9.70
N LEU J 138 -103.09 21.71 -10.62
CA LEU J 138 -102.54 20.40 -10.32
C LEU J 138 -101.26 20.23 -11.08
N SER J 139 -100.28 19.54 -10.50
CA SER J 139 -99.13 19.08 -11.27
C SER J 139 -98.91 17.62 -11.06
N GLY J 140 -98.15 17.04 -11.99
CA GLY J 140 -97.71 15.66 -11.88
C GLY J 140 -96.64 15.59 -10.82
N PRO J 141 -96.25 14.39 -10.46
CA PRO J 141 -95.25 14.23 -9.42
C PRO J 141 -93.85 14.59 -9.95
N ARG J 142 -93.30 15.68 -9.47
CA ARG J 142 -91.95 16.08 -9.89
C ARG J 142 -90.86 15.16 -9.34
N LYS J 143 -91.13 14.45 -8.25
CA LYS J 143 -90.25 13.37 -7.79
C LYS J 143 -90.80 12.06 -8.36
N GLY J 144 -90.83 11.99 -9.69
CA GLY J 144 -91.37 10.85 -10.40
C GLY J 144 -90.26 10.20 -11.16
N ARG J 145 -89.76 10.93 -12.16
CA ARG J 145 -88.61 10.56 -12.99
C ARG J 145 -87.64 9.57 -12.35
N GLU J 146 -87.33 8.47 -13.05
CA GLU J 146 -86.49 7.40 -12.53
C GLU J 146 -85.11 7.90 -12.11
N VAL J 147 -84.72 9.01 -12.72
CA VAL J 147 -83.59 9.84 -12.29
C VAL J 147 -83.60 10.07 -10.78
N TYR J 148 -84.71 10.58 -10.25
CA TYR J 148 -84.81 10.97 -8.83
C TYR J 148 -84.41 9.91 -7.79
N ARG J 149 -84.44 8.62 -8.16
CA ARG J 149 -83.96 7.53 -7.27
C ARG J 149 -82.43 7.50 -7.10
N HIS J 150 -81.72 7.90 -8.15
CA HIS J 150 -80.27 8.09 -8.08
C HIS J 150 -79.81 9.22 -7.13
N PHE J 151 -80.74 10.07 -6.69
CA PHE J 151 -80.43 11.30 -5.97
C PHE J 151 -80.49 11.05 -4.48
N GLY J 152 -79.64 11.75 -3.74
CA GLY J 152 -79.62 11.68 -2.29
C GLY J 152 -78.21 11.60 -1.75
N LYS J 153 -78.01 10.68 -0.83
CA LYS J 153 -76.77 10.60 -0.09
C LYS J 153 -75.68 9.86 -0.88
N ALA J 154 -75.92 8.57 -1.18
CA ALA J 154 -75.02 7.70 -1.98
C ALA J 154 -75.31 6.26 -1.59
N PRO J 155 -75.00 5.32 -2.49
CA PRO J 155 -75.07 3.91 -2.14
C PRO J 155 -73.71 3.48 -1.62
N GLY J 156 -73.64 2.99 -0.40
CA GLY J 156 -72.34 2.65 0.21
C GLY J 156 -72.14 3.38 1.52
N THR J 157 -72.86 4.48 1.66
CA THR J 157 -73.05 5.14 2.94
C THR J 157 -74.13 4.42 3.78
N PRO J 158 -74.13 4.63 5.11
CA PRO J 158 -75.01 3.90 6.02
C PRO J 158 -76.50 4.08 5.82
N HIS J 159 -77.18 2.94 5.66
CA HIS J 159 -78.64 2.84 5.58
C HIS J 159 -79.25 4.10 4.97
N SER J 160 -78.80 4.35 3.76
CA SER J 160 -79.30 5.39 2.91
C SER J 160 -79.25 4.79 1.53
N HIS J 161 -80.42 4.44 1.05
CA HIS J 161 -80.59 3.35 0.14
C HIS J 161 -81.15 4.03 -1.11
N THR J 162 -80.29 4.02 -2.11
CA THR J 162 -80.24 4.98 -3.21
C THR J 162 -79.73 4.19 -4.40
N LYS J 163 -80.39 4.28 -5.55
CA LYS J 163 -79.94 3.48 -6.69
C LYS J 163 -78.51 3.87 -7.04
N PRO J 164 -77.65 2.87 -7.25
CA PRO J 164 -76.41 3.04 -7.95
C PRO J 164 -76.67 2.77 -9.41
N TYR J 165 -75.83 3.31 -10.28
CA TYR J 165 -76.07 3.16 -11.70
C TYR J 165 -75.16 1.99 -12.10
N VAL J 166 -75.77 1.00 -12.74
CA VAL J 166 -75.12 -0.24 -13.06
C VAL J 166 -75.49 -0.65 -14.47
N ARG J 167 -74.47 -0.93 -15.29
CA ARG J 167 -74.65 -1.24 -16.72
C ARG J 167 -75.72 -2.29 -17.00
N SER J 168 -75.84 -3.29 -16.13
CA SER J 168 -76.89 -4.31 -16.23
C SER J 168 -77.00 -5.11 -14.95
N LYS J 169 -78.13 -5.00 -14.24
CA LYS J 169 -78.32 -5.69 -12.96
C LYS J 169 -78.57 -7.19 -13.16
N GLY J 170 -78.30 -7.94 -12.10
CA GLY J 170 -78.22 -9.38 -12.15
C GLY J 170 -77.50 -9.89 -10.93
N ARG J 171 -77.04 -11.14 -10.97
CA ARG J 171 -76.46 -11.80 -9.80
C ARG J 171 -75.10 -11.25 -9.44
N LYS J 172 -74.23 -11.14 -10.43
CA LYS J 172 -72.85 -10.73 -10.21
C LYS J 172 -72.65 -9.21 -10.25
N PHE J 173 -73.73 -8.45 -10.41
CA PHE J 173 -73.62 -7.08 -10.85
C PHE J 173 -73.95 -6.09 -9.75
N GLU J 174 -72.97 -6.02 -8.84
CA GLU J 174 -72.97 -5.36 -7.52
C GLU J 174 -73.73 -6.11 -6.39
N ARG J 175 -73.12 -7.19 -5.91
CA ARG J 175 -73.55 -7.95 -4.70
C ARG J 175 -72.26 -8.52 -3.99
N ALA J 176 -71.41 -7.71 -3.33
CA ALA J 176 -70.04 -8.18 -2.85
C ALA J 176 -69.29 -7.26 -1.79
N ARG J 177 -67.98 -6.89 -1.96
CA ARG J 177 -67.26 -5.88 -1.08
C ARG J 177 -68.31 -4.82 -0.81
N GLY J 178 -69.14 -5.04 0.21
CA GLY J 178 -70.06 -4.02 0.71
C GLY J 178 -71.56 -4.21 0.64
N ARG J 179 -72.05 -5.41 0.34
CA ARG J 179 -73.50 -5.68 0.46
C ARG J 179 -73.84 -6.95 1.22
N ARG J 180 -73.20 -8.08 0.93
CA ARG J 180 -73.26 -9.22 1.88
C ARG J 180 -72.20 -8.93 2.96
N ALA J 181 -72.66 -8.86 4.22
CA ALA J 181 -71.80 -8.75 5.39
C ALA J 181 -70.76 -9.87 5.51
N SER J 182 -71.05 -11.04 4.91
CA SER J 182 -70.05 -12.11 4.75
C SER J 182 -68.84 -11.68 3.88
N ARG J 183 -69.07 -10.81 2.91
CA ARG J 183 -68.08 -10.48 1.88
C ARG J 183 -67.59 -9.06 2.11
N GLY J 184 -66.95 -8.87 3.27
CA GLY J 184 -66.23 -7.64 3.64
C GLY J 184 -66.89 -6.85 4.75
N TYR J 185 -68.08 -6.35 4.42
CA TYR J 185 -68.91 -5.54 5.33
C TYR J 185 -70.24 -5.27 4.63
N LYS J 186 -71.11 -4.42 5.18
CA LYS J 186 -72.33 -3.99 4.47
C LYS J 186 -72.95 -2.68 4.94
N ASN J 187 -73.60 -1.99 4.00
CA ASN J 187 -74.24 -0.67 4.21
C ASN J 187 -75.56 -0.48 3.39
N SER K 1 -0.35 33.12 -81.04
CA SER K 1 -0.41 33.59 -79.62
C SER K 1 -0.33 32.40 -78.66
N MET K 2 -1.24 31.45 -78.83
CA MET K 2 -1.23 30.23 -78.05
C MET K 2 -0.37 29.19 -78.75
N LEU K 3 0.57 28.59 -78.01
CA LEU K 3 1.58 27.72 -78.61
C LEU K 3 1.80 26.38 -77.94
N ARG K 4 1.09 26.08 -76.87
CA ARG K 4 1.39 24.86 -76.11
C ARG K 4 1.11 23.55 -76.87
N LEU K 5 0.27 23.60 -77.91
CA LEU K 5 0.16 22.48 -78.84
C LEU K 5 1.47 22.30 -79.63
N GLN K 6 2.00 23.41 -80.14
CA GLN K 6 3.19 23.39 -81.01
C GLN K 6 4.33 22.91 -80.16
N LYS K 7 4.44 23.46 -78.96
CA LYS K 7 5.48 23.06 -78.05
C LYS K 7 5.42 21.56 -77.73
N ARG K 8 4.25 21.06 -77.32
CA ARG K 8 4.10 19.63 -77.04
C ARG K 8 4.64 18.86 -78.24
N LEU K 9 4.11 19.17 -79.42
CA LEU K 9 4.48 18.45 -80.64
C LEU K 9 5.97 18.51 -80.93
N ALA K 10 6.48 19.72 -80.90
CA ALA K 10 7.88 19.95 -81.17
C ALA K 10 8.78 19.18 -80.21
N SER K 11 8.33 18.96 -78.98
CA SER K 11 9.04 18.07 -78.07
C SER K 11 8.92 16.59 -78.49
N SER K 12 7.72 16.20 -78.89
CA SER K 12 7.44 14.81 -79.26
C SER K 12 8.20 14.39 -80.52
N VAL K 13 8.32 15.31 -81.48
CA VAL K 13 9.05 15.03 -82.71
C VAL K 13 10.56 15.02 -82.49
N LEU K 14 11.04 16.02 -81.78
CA LEU K 14 12.43 16.08 -81.35
C LEU K 14 12.85 14.95 -80.42
N ARG K 15 11.93 14.49 -79.57
CA ARG K 15 12.22 13.55 -78.48
C ARG K 15 13.11 14.22 -77.46
N CYS K 16 12.69 15.43 -77.06
CA CYS K 16 13.30 16.19 -75.97
C CYS K 16 12.24 16.44 -74.91
N GLY K 17 12.59 17.29 -73.94
CA GLY K 17 11.72 17.60 -72.81
C GLY K 17 10.63 18.63 -73.05
N LYS K 18 10.95 19.70 -73.76
CA LYS K 18 10.13 20.92 -73.82
C LYS K 18 10.55 21.94 -72.77
N LYS K 19 11.63 21.67 -72.05
CA LYS K 19 12.52 22.75 -71.67
C LYS K 19 13.34 23.09 -72.91
N LYS K 20 13.76 22.04 -73.60
CA LYS K 20 14.72 22.15 -74.69
C LYS K 20 14.22 22.82 -75.97
N VAL K 21 12.92 22.82 -76.20
CA VAL K 21 12.41 23.27 -77.47
C VAL K 21 12.30 24.80 -77.55
N TRP K 22 12.75 25.43 -78.65
CA TRP K 22 12.32 26.83 -78.95
C TRP K 22 10.96 26.83 -79.56
N LEU K 23 10.40 28.04 -79.51
CA LEU K 23 9.51 28.49 -80.53
C LEU K 23 9.98 29.93 -80.76
N ASP K 24 10.69 30.14 -81.88
CA ASP K 24 11.39 31.42 -82.19
C ASP K 24 10.46 32.65 -82.10
N PRO K 25 10.59 33.44 -81.01
CA PRO K 25 9.52 34.38 -80.62
C PRO K 25 9.12 35.38 -81.70
N ASN K 26 10.08 35.79 -82.51
CA ASN K 26 9.82 36.71 -83.62
C ASN K 26 8.83 36.17 -84.64
N GLU K 27 8.98 34.89 -84.97
CA GLU K 27 8.30 34.31 -86.12
C GLU K 27 7.14 33.42 -85.71
N THR K 28 6.35 33.93 -84.77
CA THR K 28 5.35 33.14 -84.07
C THR K 28 3.98 33.00 -84.79
N ASN K 29 3.90 33.45 -86.05
CA ASN K 29 2.68 33.36 -86.89
C ASN K 29 3.02 32.65 -88.18
N GLU K 30 4.10 31.85 -88.11
CA GLU K 30 4.36 30.71 -88.99
C GLU K 30 4.38 29.42 -88.15
N ILE K 31 4.93 29.51 -86.93
CA ILE K 31 4.49 28.67 -85.83
C ILE K 31 3.07 29.16 -85.54
N ALA K 32 2.28 28.35 -84.87
CA ALA K 32 0.95 28.74 -84.35
C ALA K 32 -0.16 28.54 -85.36
N ASN K 33 0.24 28.32 -86.61
CA ASN K 33 -0.64 27.76 -87.62
C ASN K 33 0.01 26.44 -88.14
N ALA K 34 0.72 25.76 -87.23
CA ALA K 34 1.40 24.50 -87.49
C ALA K 34 0.71 23.30 -86.81
N ASN K 35 -0.53 23.51 -86.36
CA ASN K 35 -1.42 22.47 -85.81
C ASN K 35 -1.06 20.98 -85.89
N SER K 36 -0.64 20.51 -87.06
CA SER K 36 -0.24 19.11 -87.25
C SER K 36 1.28 18.94 -87.23
N ARG K 37 1.79 17.98 -86.44
CA ARG K 37 3.19 17.59 -86.59
C ARG K 37 3.33 17.20 -88.04
N GLN K 38 4.52 17.41 -88.58
CA GLN K 38 4.83 17.38 -90.02
C GLN K 38 4.72 18.78 -90.62
N GLN K 39 3.83 19.61 -90.10
CA GLN K 39 3.93 21.08 -90.27
C GLN K 39 5.00 21.62 -89.32
N ILE K 40 5.34 20.83 -88.30
CA ILE K 40 6.46 21.13 -87.39
C ILE K 40 7.78 20.55 -87.93
N ARG K 41 7.74 19.33 -88.48
CA ARG K 41 8.91 18.78 -89.17
C ARG K 41 9.34 19.63 -90.37
N LYS K 42 8.46 20.51 -90.83
CA LYS K 42 8.85 21.66 -91.65
C LYS K 42 9.65 22.63 -90.80
N LEU K 43 9.01 23.20 -89.80
CA LEU K 43 9.54 24.34 -89.05
C LEU K 43 10.84 24.04 -88.30
N ILE K 44 11.03 22.77 -87.97
CA ILE K 44 12.28 22.25 -87.46
C ILE K 44 13.42 22.56 -88.42
N LYS K 45 13.27 22.17 -89.68
CA LYS K 45 14.33 22.32 -90.66
C LYS K 45 14.31 23.66 -91.42
N ASP K 46 14.04 24.74 -90.69
CA ASP K 46 14.35 26.10 -91.14
C ASP K 46 14.44 27.04 -89.93
N GLY K 47 15.16 26.59 -88.91
CA GLY K 47 15.56 27.41 -87.77
C GLY K 47 14.48 28.18 -87.01
N LEU K 48 13.26 27.65 -87.01
CA LEU K 48 12.17 28.28 -86.27
C LEU K 48 11.95 27.58 -84.92
N ILE K 49 12.00 26.25 -84.90
CA ILE K 49 11.98 25.48 -83.64
C ILE K 49 13.29 24.67 -83.56
N ILE K 50 13.93 24.65 -82.37
CA ILE K 50 15.30 24.12 -82.18
C ILE K 50 15.46 23.36 -80.85
N ARG K 51 16.18 22.23 -80.82
CA ARG K 51 16.63 21.62 -79.54
C ARG K 51 17.70 22.53 -78.98
N LYS K 52 17.38 23.20 -77.89
CA LYS K 52 18.38 23.95 -77.13
C LYS K 52 19.39 22.94 -76.66
N PRO K 53 20.65 23.31 -76.63
CA PRO K 53 21.62 22.37 -76.07
C PRO K 53 21.38 22.07 -74.59
N VAL K 54 22.00 21.01 -74.11
CA VAL K 54 21.86 20.57 -72.73
C VAL K 54 22.65 21.52 -71.83
N THR K 55 22.09 21.85 -70.67
CA THR K 55 22.82 22.65 -69.67
C THR K 55 23.94 21.80 -69.09
N VAL K 56 25.09 22.40 -68.81
CA VAL K 56 26.32 21.63 -68.59
C VAL K 56 26.55 21.03 -67.19
N HIS K 57 27.22 19.88 -67.14
CA HIS K 57 27.97 19.43 -65.97
C HIS K 57 29.45 19.39 -66.24
N SER K 58 30.15 20.40 -65.78
CA SER K 58 31.57 20.22 -65.65
C SER K 58 31.73 19.05 -64.69
N ARG K 59 32.20 17.95 -65.23
CA ARG K 59 32.74 16.88 -64.42
C ARG K 59 34.22 17.21 -64.16
N ALA K 60 34.71 18.30 -64.76
CA ALA K 60 36.13 18.69 -64.66
C ALA K 60 36.59 18.94 -63.24
N ARG K 61 35.75 19.63 -62.48
CA ARG K 61 36.06 19.94 -61.11
C ARG K 61 36.18 18.70 -60.24
N CYS K 62 35.31 17.71 -60.48
CA CYS K 62 35.41 16.44 -59.80
C CYS K 62 36.64 15.64 -60.22
N ARG K 63 36.89 15.56 -61.53
CA ARG K 63 38.11 14.89 -62.02
C ARG K 63 39.39 15.47 -61.39
N LYS K 64 39.46 16.80 -61.33
CA LYS K 64 40.59 17.48 -60.68
C LYS K 64 40.76 17.11 -59.23
N ASN K 65 39.64 16.93 -58.54
CA ASN K 65 39.68 16.40 -57.18
C ASN K 65 40.18 14.99 -57.15
N THR K 66 39.57 14.10 -57.94
CA THR K 66 39.93 12.67 -57.85
C THR K 66 41.37 12.38 -58.27
N LEU K 67 41.95 13.25 -59.09
CA LEU K 67 43.40 13.19 -59.36
C LEU K 67 44.24 13.45 -58.12
N ALA K 68 43.73 14.28 -57.21
CA ALA K 68 44.30 14.41 -55.86
C ALA K 68 44.01 13.13 -55.04
N ARG K 69 42.77 12.66 -55.05
CA ARG K 69 42.42 11.42 -54.35
C ARG K 69 43.22 10.18 -54.80
N ARG K 70 43.78 10.20 -56.02
CA ARG K 70 44.77 9.18 -56.40
C ARG K 70 45.92 9.28 -55.41
N LYS K 71 46.52 10.45 -55.36
CA LYS K 71 47.74 10.65 -54.60
C LYS K 71 47.53 10.69 -53.08
N GLY K 72 46.28 10.62 -52.59
CA GLY K 72 46.03 10.59 -51.15
C GLY K 72 45.97 11.99 -50.60
N ARG K 73 45.00 12.75 -51.12
CA ARG K 73 44.68 14.11 -50.68
C ARG K 73 43.21 14.08 -50.34
N HIS K 74 42.85 14.72 -49.24
CA HIS K 74 41.47 14.79 -48.75
C HIS K 74 41.00 13.45 -48.19
N MET K 75 41.94 12.56 -47.86
CA MET K 75 41.61 11.22 -47.39
C MET K 75 42.12 11.03 -45.97
N GLY K 76 42.36 12.12 -45.27
CA GLY K 76 42.91 12.04 -43.92
C GLY K 76 41.87 11.66 -42.87
N ILE K 77 42.21 11.92 -41.61
CA ILE K 77 41.43 11.43 -40.49
C ILE K 77 40.17 12.26 -40.33
N GLY K 78 40.25 13.51 -40.77
CA GLY K 78 39.11 14.44 -40.75
C GLY K 78 38.30 14.53 -42.02
N LYS K 79 38.51 13.62 -42.96
CA LYS K 79 37.58 13.45 -44.07
C LYS K 79 37.12 12.02 -44.22
N ARG K 80 37.30 11.23 -43.17
CA ARG K 80 36.71 9.91 -43.08
C ARG K 80 35.39 10.06 -42.34
N LYS K 81 34.46 9.14 -42.58
CA LYS K 81 33.16 9.18 -41.92
C LYS K 81 32.72 7.77 -41.56
N GLY K 82 32.75 6.88 -42.54
CA GLY K 82 32.49 5.47 -42.28
C GLY K 82 33.67 4.78 -41.63
N THR K 83 33.39 3.65 -40.98
CA THR K 83 34.43 2.88 -40.32
C THR K 83 35.43 2.37 -41.32
N ALA K 84 36.59 2.00 -40.81
CA ALA K 84 37.61 1.32 -41.59
C ALA K 84 37.03 0.13 -42.38
N ASN K 85 36.28 -0.73 -41.69
CA ASN K 85 35.66 -1.90 -42.35
C ASN K 85 34.61 -1.47 -43.41
N ALA K 86 33.83 -0.43 -43.15
CA ALA K 86 32.89 0.08 -44.16
C ALA K 86 33.59 0.66 -45.40
N ARG K 87 34.72 1.32 -45.18
CA ARG K 87 35.50 1.95 -46.25
C ARG K 87 36.35 0.98 -47.03
N MET K 88 36.79 -0.11 -46.39
CA MET K 88 37.38 -1.24 -47.12
C MET K 88 37.27 -2.50 -46.24
N PRO K 89 36.31 -3.38 -46.55
CA PRO K 89 36.01 -4.47 -45.62
C PRO K 89 37.14 -5.46 -45.42
N GLU K 90 37.22 -5.99 -44.21
CA GLU K 90 38.23 -6.98 -43.86
C GLU K 90 37.92 -8.27 -44.59
N LYS K 91 36.64 -8.62 -44.66
CA LYS K 91 36.14 -9.79 -45.42
C LYS K 91 36.75 -9.84 -46.80
N VAL K 92 36.74 -8.70 -47.48
CA VAL K 92 37.27 -8.60 -48.83
C VAL K 92 38.77 -8.87 -48.86
N THR K 93 39.44 -8.72 -47.73
CA THR K 93 40.87 -8.83 -47.69
C THR K 93 41.42 -10.12 -47.03
N TRP K 94 40.78 -11.30 -47.22
CA TRP K 94 41.61 -12.42 -47.73
C TRP K 94 41.31 -12.23 -49.15
N MET K 95 40.07 -12.55 -49.52
CA MET K 95 39.71 -12.68 -50.89
C MET K 95 40.79 -12.03 -51.76
N ARG K 96 40.93 -10.70 -51.70
CA ARG K 96 41.99 -10.00 -52.46
C ARG K 96 43.28 -10.76 -52.20
N ARG K 97 43.66 -10.87 -50.93
CA ARG K 97 44.86 -11.62 -50.51
C ARG K 97 44.91 -13.15 -50.72
N MET K 98 44.07 -13.93 -50.04
CA MET K 98 44.06 -15.39 -50.23
C MET K 98 44.09 -15.76 -51.69
N ARG K 99 43.23 -15.16 -52.50
CA ARG K 99 43.25 -15.46 -53.92
C ARG K 99 44.64 -15.20 -54.50
N ILE K 100 45.28 -14.12 -54.06
CA ILE K 100 46.66 -13.84 -54.44
C ILE K 100 47.70 -14.88 -54.00
N LEU K 101 47.65 -15.31 -52.75
CA LEU K 101 48.68 -16.22 -52.24
C LEU K 101 48.45 -17.63 -52.69
N ARG K 102 47.19 -18.00 -52.87
CA ARG K 102 46.91 -19.27 -53.51
C ARG K 102 47.31 -19.26 -54.98
N ARG K 103 46.83 -18.29 -55.77
CA ARG K 103 47.27 -18.23 -57.17
C ARG K 103 48.78 -18.18 -57.26
N LEU K 104 49.48 -17.70 -56.21
CA LEU K 104 50.92 -17.92 -56.14
C LEU K 104 51.14 -19.42 -56.07
N LEU K 105 50.86 -20.06 -54.94
CA LEU K 105 51.28 -21.46 -54.75
C LEU K 105 50.97 -22.37 -55.93
N ARG K 106 49.83 -22.15 -56.54
CA ARG K 106 49.39 -22.92 -57.71
C ARG K 106 50.17 -22.64 -58.99
N ARG K 107 50.49 -21.37 -59.31
CA ARG K 107 51.47 -21.03 -60.41
C ARG K 107 52.76 -21.75 -60.09
N TYR K 108 53.05 -21.70 -58.81
CA TYR K 108 54.35 -21.86 -58.26
C TYR K 108 54.60 -23.31 -57.88
N ARG K 109 53.59 -24.16 -58.05
CA ARG K 109 53.72 -25.63 -58.00
C ARG K 109 53.94 -26.18 -59.39
N GLU K 110 53.05 -25.79 -60.31
CA GLU K 110 53.09 -26.24 -61.71
C GLU K 110 54.35 -25.85 -62.47
N SER K 111 55.14 -24.92 -61.91
CA SER K 111 56.50 -24.69 -62.39
C SER K 111 57.55 -25.62 -61.76
N LYS K 112 57.10 -26.72 -61.15
CA LYS K 112 57.96 -27.69 -60.46
C LYS K 112 58.89 -27.03 -59.45
N LYS K 113 58.42 -25.94 -58.85
CA LYS K 113 59.24 -25.17 -57.94
C LYS K 113 59.21 -25.82 -56.59
N ILE K 114 58.01 -26.06 -56.10
CA ILE K 114 57.81 -26.69 -54.81
C ILE K 114 57.07 -27.99 -55.07
N ASP K 115 57.52 -29.05 -54.40
CA ASP K 115 56.85 -30.36 -54.42
C ASP K 115 55.41 -30.21 -53.90
N ARG K 116 54.73 -31.32 -53.73
CA ARG K 116 53.32 -31.31 -53.44
C ARG K 116 52.99 -31.65 -51.93
N HIS K 117 54.01 -32.06 -51.15
CA HIS K 117 53.96 -32.25 -49.65
C HIS K 117 54.60 -30.97 -49.09
N MET K 118 54.85 -29.98 -49.98
CA MET K 118 55.37 -28.66 -49.67
C MET K 118 54.24 -27.67 -49.73
N TYR K 119 53.62 -27.47 -50.91
CA TYR K 119 52.56 -26.44 -50.93
C TYR K 119 51.46 -26.92 -49.99
N HIS K 120 51.04 -28.18 -49.98
CA HIS K 120 49.88 -28.49 -49.13
C HIS K 120 50.02 -27.88 -47.72
N SER K 121 51.07 -28.26 -47.00
CA SER K 121 51.37 -27.69 -45.67
C SER K 121 51.45 -26.16 -45.72
N LEU K 122 52.00 -25.63 -46.81
CA LEU K 122 52.14 -24.20 -47.01
C LEU K 122 50.81 -23.45 -47.16
N TYR K 123 49.90 -23.85 -48.06
CA TYR K 123 48.66 -23.08 -48.17
C TYR K 123 47.73 -23.33 -47.00
N LEU K 124 47.79 -24.48 -46.35
CA LEU K 124 47.19 -24.53 -45.01
C LEU K 124 47.68 -23.39 -44.12
N LYS K 125 48.96 -23.05 -44.18
CA LYS K 125 49.51 -21.92 -43.44
C LYS K 125 49.11 -20.53 -43.98
N VAL K 126 49.03 -20.39 -45.29
CA VAL K 126 48.46 -19.19 -45.94
C VAL K 126 47.08 -18.92 -45.36
N LYS K 127 46.24 -19.95 -45.40
CA LYS K 127 44.87 -19.91 -44.86
C LYS K 127 44.80 -19.45 -43.40
N GLY K 128 45.76 -19.89 -42.58
CA GLY K 128 45.90 -19.39 -41.22
C GLY K 128 46.80 -18.18 -41.19
N ASN K 129 46.28 -17.05 -41.63
CA ASN K 129 47.05 -15.83 -42.02
C ASN K 129 48.46 -15.74 -41.45
N VAL K 130 49.48 -15.85 -42.30
CA VAL K 130 50.85 -15.35 -41.98
C VAL K 130 51.95 -15.28 -43.10
N PHE K 131 51.82 -16.03 -44.22
CA PHE K 131 52.82 -16.08 -45.36
C PHE K 131 51.78 -15.27 -46.17
N LYS K 132 51.85 -13.94 -45.85
CA LYS K 132 50.76 -12.92 -45.77
C LYS K 132 50.81 -11.70 -46.73
N ASN K 133 51.61 -11.82 -47.79
CA ASN K 133 51.54 -10.99 -49.00
C ASN K 133 52.60 -11.57 -49.92
N LYS K 134 52.24 -11.68 -51.20
CA LYS K 134 53.03 -12.46 -52.16
C LYS K 134 54.54 -12.39 -51.93
N ARG K 135 55.06 -11.19 -51.64
CA ARG K 135 56.49 -10.94 -51.44
C ARG K 135 57.11 -11.66 -50.25
N ILE K 136 56.46 -11.61 -49.08
CA ILE K 136 56.96 -12.34 -47.88
C ILE K 136 56.70 -13.86 -47.95
N LEU K 137 55.65 -14.28 -48.64
CA LEU K 137 55.43 -15.70 -48.87
C LEU K 137 56.61 -16.26 -49.64
N MET K 138 56.97 -15.60 -50.76
CA MET K 138 58.17 -16.00 -51.50
C MET K 138 59.34 -16.15 -50.54
N GLU K 139 59.59 -15.14 -49.72
CA GLU K 139 60.73 -15.18 -48.81
C GLU K 139 60.71 -16.29 -47.74
N HIS K 140 59.65 -17.09 -47.66
CA HIS K 140 59.73 -18.44 -47.03
C HIS K 140 60.29 -19.47 -47.97
N ILE K 141 59.64 -19.60 -49.12
CA ILE K 141 59.97 -20.64 -50.09
C ILE K 141 61.43 -20.45 -50.54
N HIS K 142 61.84 -19.19 -50.54
CA HIS K 142 63.22 -18.77 -50.77
C HIS K 142 64.22 -19.22 -49.69
N LYS K 143 63.73 -19.40 -48.47
CA LYS K 143 64.50 -19.96 -47.37
C LYS K 143 64.37 -21.47 -47.32
N LEU K 144 63.14 -21.97 -47.31
CA LEU K 144 62.86 -23.42 -47.17
C LEU K 144 63.59 -24.32 -48.17
N LYS K 145 63.80 -23.82 -49.38
CA LYS K 145 64.60 -24.54 -50.38
C LYS K 145 66.09 -24.46 -50.10
N ALA K 146 66.54 -23.30 -49.66
CA ALA K 146 67.94 -23.13 -49.24
C ALA K 146 68.29 -24.00 -48.02
N ASP K 147 67.29 -24.34 -47.22
CA ASP K 147 67.46 -25.28 -46.09
C ASP K 147 67.38 -26.75 -46.55
N LYS K 148 66.67 -27.02 -47.65
CA LYS K 148 66.76 -28.33 -48.33
C LYS K 148 68.11 -28.55 -49.02
N ALA K 149 68.77 -27.11 -49.52
CA ALA K 149 69.87 -27.55 -50.39
C ALA K 149 70.96 -28.25 -49.56
N ARG K 150 71.44 -27.58 -48.50
CA ARG K 150 72.45 -28.16 -47.58
C ARG K 150 71.91 -29.43 -46.92
N LYS K 151 70.70 -29.37 -46.36
CA LYS K 151 70.12 -30.53 -45.65
C LYS K 151 69.91 -31.74 -46.55
N LYS K 152 69.39 -31.50 -47.74
CA LYS K 152 69.05 -32.58 -48.66
C LYS K 152 70.26 -33.13 -49.44
N LEU K 153 71.21 -32.26 -49.79
CA LEU K 153 72.51 -32.68 -50.34
C LEU K 153 73.28 -33.52 -49.31
N LEU K 154 73.53 -32.98 -48.10
CA LEU K 154 74.21 -33.73 -47.00
C LEU K 154 73.34 -34.90 -46.42
N ALA K 155 72.06 -35.02 -46.83
CA ALA K 155 71.26 -36.25 -46.69
C ALA K 155 71.53 -37.33 -47.75
N ASP K 156 72.18 -36.95 -48.86
CA ASP K 156 72.66 -37.90 -49.90
C ASP K 156 74.19 -38.04 -50.03
N GLN K 157 74.98 -37.12 -49.45
CA GLN K 157 76.44 -37.32 -49.26
C GLN K 157 76.73 -38.36 -48.16
N ALA K 158 75.90 -38.37 -47.11
CA ALA K 158 75.90 -39.42 -46.06
C ALA K 158 75.23 -40.73 -46.51
N GLU K 159 74.23 -40.64 -47.40
CA GLU K 159 73.64 -41.81 -48.07
C GLU K 159 74.59 -42.41 -49.13
N ALA K 160 75.46 -41.57 -49.72
CA ALA K 160 76.58 -42.00 -50.61
C ALA K 160 77.77 -42.56 -49.82
N ARG K 161 78.01 -42.02 -48.62
CA ARG K 161 78.89 -42.66 -47.62
C ARG K 161 78.37 -44.04 -47.21
N ARG K 162 77.08 -44.14 -46.88
CA ARG K 162 76.47 -45.41 -46.40
C ARG K 162 75.97 -46.34 -47.54
N SER K 163 76.12 -45.92 -48.82
CA SER K 163 76.12 -46.85 -49.96
C SER K 163 77.55 -47.41 -50.20
N LYS K 164 78.57 -46.54 -50.11
CA LYS K 164 80.00 -46.95 -50.23
C LYS K 164 80.51 -47.79 -49.02
N THR K 165 79.88 -47.66 -47.84
CA THR K 165 80.12 -48.56 -46.68
C THR K 165 79.40 -49.92 -46.84
N LYS K 166 78.21 -49.90 -47.44
CA LYS K 166 77.39 -51.11 -47.65
C LYS K 166 77.94 -52.03 -48.76
N GLU K 167 77.89 -51.60 -50.03
CA GLU K 167 78.29 -52.48 -51.17
C GLU K 167 79.81 -52.82 -51.25
N ALA K 168 80.66 -52.02 -50.58
CA ALA K 168 82.09 -52.34 -50.49
C ALA K 168 82.40 -53.49 -49.51
N ARG K 169 81.53 -53.75 -48.52
CA ARG K 169 81.61 -54.97 -47.70
C ARG K 169 81.10 -56.17 -48.53
N LYS K 170 80.12 -55.92 -49.42
CA LYS K 170 79.63 -56.91 -50.41
C LYS K 170 80.65 -57.17 -51.56
N ARG K 171 81.67 -56.30 -51.69
CA ARG K 171 82.88 -56.63 -52.46
C ARG K 171 83.51 -57.87 -51.83
N ARG K 172 84.01 -57.75 -50.59
CA ARG K 172 84.72 -58.85 -49.89
C ARG K 172 83.85 -60.01 -49.35
N GLU K 173 82.57 -59.75 -49.04
CA GLU K 173 81.64 -60.79 -48.55
C GLU K 173 80.70 -61.38 -49.67
N GLU K 174 80.84 -60.94 -50.92
CA GLU K 174 80.54 -61.81 -52.08
C GLU K 174 81.83 -62.66 -52.28
N ARG K 175 83.03 -62.05 -52.16
CA ARG K 175 84.33 -62.78 -52.39
C ARG K 175 84.58 -63.92 -51.40
N LEU K 176 84.34 -63.67 -50.12
CA LEU K 176 84.57 -64.67 -49.07
C LEU K 176 83.42 -65.71 -49.07
N GLN K 177 82.18 -65.25 -49.24
CA GLN K 177 80.98 -66.15 -49.20
C GLN K 177 80.42 -66.57 -50.60
N ALA K 178 81.25 -66.46 -51.65
CA ALA K 178 81.03 -67.16 -52.94
C ALA K 178 82.18 -68.12 -53.33
N LYS K 179 83.44 -67.70 -53.13
CA LYS K 179 84.64 -68.51 -53.46
C LYS K 179 85.24 -69.28 -52.25
N LYS K 180 84.35 -69.89 -51.43
CA LYS K 180 84.73 -70.82 -50.34
C LYS K 180 85.71 -70.22 -49.32
N LYS L 1 -53.63 59.77 27.27
CA LYS L 1 -53.71 61.26 27.30
C LYS L 1 -52.79 61.92 26.30
N ALA L 2 -53.26 63.01 25.69
CA ALA L 2 -52.38 63.89 24.91
C ALA L 2 -52.35 65.31 25.61
N SER L 3 -52.59 66.39 24.87
CA SER L 3 -52.60 67.76 25.41
C SER L 3 -53.25 68.75 24.41
N GLY L 4 -53.19 70.03 24.74
CA GLY L 4 -53.64 71.12 23.88
C GLY L 4 -53.20 72.35 24.65
N THR L 5 -54.09 72.81 25.54
CA THR L 5 -53.71 73.59 26.74
C THR L 5 -54.70 73.17 27.82
N LEU L 6 -54.17 72.69 28.94
CA LEU L 6 -54.99 71.95 29.88
C LEU L 6 -55.92 72.87 30.65
N ARG L 7 -56.87 72.22 31.32
CA ARG L 7 -57.98 72.86 32.00
C ARG L 7 -58.30 71.98 33.21
N GLU L 8 -58.86 72.55 34.27
CA GLU L 8 -59.11 71.82 35.53
C GLU L 8 -60.46 70.98 35.55
N TYR L 9 -60.69 70.05 34.59
CA TYR L 9 -62.02 69.31 34.51
C TYR L 9 -62.20 68.54 35.84
N LYS L 10 -62.58 69.27 36.91
CA LYS L 10 -62.74 68.70 38.30
C LYS L 10 -63.92 67.77 38.32
N VAL L 11 -63.85 66.72 39.14
CA VAL L 11 -64.84 65.66 39.06
C VAL L 11 -65.10 64.95 40.36
N VAL L 12 -66.37 64.64 40.62
CA VAL L 12 -66.76 63.76 41.74
C VAL L 12 -67.58 62.57 41.28
N GLY L 13 -67.40 61.44 41.96
CA GLY L 13 -68.08 60.23 41.58
C GLY L 13 -68.13 59.17 42.64
N ARG L 14 -69.33 58.60 42.78
CA ARG L 14 -69.63 57.59 43.78
C ARG L 14 -69.51 56.24 43.12
N CYS L 15 -69.35 55.22 43.95
CA CYS L 15 -69.50 53.84 43.51
C CYS L 15 -70.97 53.44 43.67
N LEU L 16 -71.68 53.22 42.57
CA LEU L 16 -73.14 53.24 42.61
C LEU L 16 -73.74 52.24 43.63
N PRO L 17 -74.92 52.59 44.20
CA PRO L 17 -75.31 51.99 45.45
C PRO L 17 -75.89 50.58 45.28
N THR L 18 -75.37 49.66 46.08
CA THR L 18 -75.89 48.29 46.18
C THR L 18 -77.03 48.25 47.20
N PRO L 19 -77.75 47.12 47.30
CA PRO L 19 -78.72 46.92 48.39
C PRO L 19 -78.12 47.00 49.79
N LYS L 20 -76.90 46.50 49.95
CA LYS L 20 -76.20 46.54 51.24
C LYS L 20 -75.75 47.95 51.68
N CYS L 21 -75.18 48.73 50.75
CA CYS L 21 -74.71 50.09 51.03
C CYS L 21 -75.43 51.05 50.12
N ARG L 22 -76.25 51.91 50.72
CA ARG L 22 -77.19 52.74 49.97
C ARG L 22 -76.71 54.16 49.71
N THR L 23 -75.77 54.64 50.51
CA THR L 23 -75.26 56.02 50.41
C THR L 23 -73.71 55.98 50.46
N PRO L 24 -73.09 55.43 49.40
CA PRO L 24 -71.65 55.34 49.37
C PRO L 24 -71.02 56.70 49.16
N PRO L 25 -69.74 56.86 49.55
CA PRO L 25 -69.13 58.20 49.60
C PRO L 25 -68.95 58.85 48.22
N LEU L 26 -68.71 60.16 48.19
CA LEU L 26 -68.43 60.89 46.94
C LEU L 26 -67.01 61.43 47.03
N TYR L 27 -66.30 61.60 45.88
CA TYR L 27 -64.90 62.11 45.92
C TYR L 27 -64.35 63.03 44.74
N ARG L 28 -64.37 64.37 44.94
CA ARG L 28 -63.70 65.40 44.06
C ARG L 28 -62.23 65.02 43.89
N MET L 29 -61.86 64.73 42.65
CA MET L 29 -60.47 64.71 42.21
C MET L 29 -60.26 65.93 41.33
N ARG L 30 -59.08 66.51 41.41
CA ARG L 30 -58.74 67.63 40.54
C ARG L 30 -58.11 67.04 39.32
N ILE L 31 -58.97 66.45 38.48
CA ILE L 31 -58.55 65.84 37.25
C ILE L 31 -58.39 66.95 36.29
N PHE L 32 -57.38 66.79 35.45
CA PHE L 32 -56.69 67.94 35.05
C PHE L 32 -56.16 67.83 33.60
N ALA L 33 -57.04 68.18 32.66
CA ALA L 33 -57.04 67.60 31.31
C ALA L 33 -57.51 68.59 30.22
N PRO L 34 -57.59 68.15 28.94
CA PRO L 34 -57.97 69.03 27.79
C PRO L 34 -59.45 69.23 27.44
N ASN L 35 -60.35 68.44 28.01
CA ASN L 35 -61.79 68.55 27.74
C ASN L 35 -62.57 67.78 28.83
N HIS L 36 -63.84 67.42 28.64
CA HIS L 36 -64.55 66.60 29.66
C HIS L 36 -64.23 65.14 29.44
N VAL L 37 -64.52 64.67 28.23
CA VAL L 37 -64.59 63.23 27.91
C VAL L 37 -63.37 62.46 28.39
N VAL L 38 -62.19 63.11 28.40
CA VAL L 38 -60.99 62.48 28.96
C VAL L 38 -60.91 62.70 30.48
N ALA L 39 -61.19 63.91 30.94
CA ALA L 39 -61.15 64.21 32.37
C ALA L 39 -62.16 63.43 33.16
N LYS L 40 -63.24 63.01 32.52
CA LYS L 40 -64.05 61.94 33.05
C LYS L 40 -63.13 60.74 33.13
N SER L 41 -62.73 60.19 31.97
CA SER L 41 -61.88 58.99 31.89
C SER L 41 -60.69 59.01 32.84
N ARG L 42 -60.13 60.19 33.09
CA ARG L 42 -58.97 60.31 33.93
C ARG L 42 -59.22 60.25 35.42
N PHE L 43 -60.43 60.52 35.93
CA PHE L 43 -60.59 60.18 37.36
C PHE L 43 -60.63 58.68 37.45
N TRP L 44 -61.19 57.98 36.48
CA TRP L 44 -61.47 56.59 36.75
C TRP L 44 -60.24 55.76 36.60
N TYR L 45 -59.32 56.18 35.73
CA TYR L 45 -57.99 55.61 35.78
C TYR L 45 -57.49 55.75 37.19
N PHE L 46 -57.55 56.98 37.66
CA PHE L 46 -57.00 57.39 38.94
C PHE L 46 -57.66 56.89 40.20
N VAL L 47 -58.98 56.79 40.19
CA VAL L 47 -59.71 56.28 41.33
C VAL L 47 -59.54 54.77 41.37
N SER L 48 -59.55 54.12 40.20
CA SER L 48 -59.41 52.67 40.15
C SER L 48 -58.08 52.18 40.69
N GLN L 49 -57.07 53.03 40.71
CA GLN L 49 -55.85 52.72 41.44
C GLN L 49 -56.08 52.78 42.95
N LEU L 50 -56.78 53.82 43.41
CA LEU L 50 -56.92 54.07 44.84
C LEU L 50 -58.01 53.23 45.47
N LYS L 51 -59.25 53.44 45.04
CA LYS L 51 -60.36 52.64 45.49
C LYS L 51 -60.52 51.42 44.63
N LYS L 52 -61.50 50.60 45.02
CA LYS L 52 -61.83 49.35 44.36
C LYS L 52 -63.02 49.62 43.44
N MET L 53 -62.87 50.64 42.60
CA MET L 53 -64.00 51.29 41.92
C MET L 53 -63.77 51.28 40.43
N LYS L 54 -64.87 51.29 39.65
CA LYS L 54 -64.83 50.96 38.23
C LYS L 54 -65.96 51.53 37.39
N LYS L 55 -65.71 51.68 36.08
CA LYS L 55 -66.65 52.33 35.14
C LYS L 55 -68.03 51.69 35.03
N SER L 56 -68.07 50.39 35.29
CA SER L 56 -69.33 49.68 35.43
C SER L 56 -69.95 50.04 36.76
N SER L 57 -69.21 49.81 37.81
CA SER L 57 -69.74 49.89 39.17
C SER L 57 -69.88 51.33 39.73
N GLY L 58 -69.72 52.36 38.91
CA GLY L 58 -69.73 53.74 39.39
C GLY L 58 -70.71 54.66 38.71
N GLU L 59 -70.57 55.95 39.01
CA GLU L 59 -71.13 57.04 38.22
C GLU L 59 -70.34 58.29 38.47
N ILE L 60 -70.10 59.08 37.44
CA ILE L 60 -69.71 60.45 37.66
C ILE L 60 -70.97 61.15 38.09
N VAL L 61 -70.85 61.93 39.14
CA VAL L 61 -71.96 62.75 39.57
C VAL L 61 -71.86 64.10 38.89
N TYR L 62 -70.77 64.79 39.20
CA TYR L 62 -70.50 66.13 38.72
C TYR L 62 -69.15 66.08 38.07
N CYS L 63 -69.09 66.57 36.84
CA CYS L 63 -67.84 66.95 36.20
C CYS L 63 -68.02 68.36 35.69
N GLY L 64 -67.01 69.18 35.89
CA GLY L 64 -67.10 70.56 35.49
C GLY L 64 -65.82 71.31 35.74
N GLN L 65 -65.67 72.41 35.01
CA GLN L 65 -64.46 73.21 35.04
C GLN L 65 -64.34 73.77 36.42
N VAL L 66 -63.13 73.80 36.96
CA VAL L 66 -62.84 74.80 37.99
C VAL L 66 -61.87 75.74 37.33
N PHE L 67 -62.19 77.02 37.40
CA PHE L 67 -61.68 78.01 36.44
C PHE L 67 -61.32 79.22 37.29
N GLU L 68 -60.23 79.85 36.89
CA GLU L 68 -59.28 80.37 37.85
C GLU L 68 -59.84 81.51 38.65
N LYS L 69 -59.57 81.46 39.94
CA LYS L 69 -60.04 82.46 40.87
C LYS L 69 -59.19 83.73 40.78
N SER L 70 -57.92 83.61 40.38
CA SER L 70 -57.01 84.76 40.31
C SER L 70 -56.12 84.73 39.05
N PRO L 71 -56.72 84.93 37.87
CA PRO L 71 -55.99 84.87 36.59
C PRO L 71 -55.44 86.19 36.03
N LEU L 72 -55.30 87.23 36.85
CA LEU L 72 -54.60 88.43 36.45
C LEU L 72 -53.47 88.73 37.40
N ARG L 73 -52.99 87.70 38.07
CA ARG L 73 -52.14 87.88 39.23
C ARG L 73 -51.13 86.76 39.24
N VAL L 74 -49.87 87.10 39.07
CA VAL L 74 -48.81 86.10 38.89
C VAL L 74 -48.46 85.30 40.17
N LYS L 75 -48.19 84.00 40.00
CA LYS L 75 -48.28 82.99 41.08
C LYS L 75 -47.29 81.81 40.94
N ASN L 76 -46.90 81.21 42.08
CA ASN L 76 -45.67 80.37 42.15
C ASN L 76 -45.99 78.86 42.31
N PHE L 77 -46.45 78.26 41.19
CA PHE L 77 -47.12 76.91 41.16
C PHE L 77 -46.15 75.78 41.38
N GLY L 78 -46.35 75.09 42.49
CA GLY L 78 -45.60 73.90 42.81
C GLY L 78 -46.46 72.71 42.55
N ILE L 79 -45.84 71.52 42.51
CA ILE L 79 -46.51 70.34 41.97
C ILE L 79 -45.89 68.97 42.41
N TRP L 80 -46.42 68.35 43.49
CA TRP L 80 -45.87 67.03 44.05
C TRP L 80 -46.33 66.16 42.83
N LEU L 81 -45.32 65.69 42.08
CA LEU L 81 -45.43 65.03 40.75
C LEU L 81 -45.08 63.57 40.90
N ARG L 82 -45.40 62.79 39.88
CA ARG L 82 -44.93 61.41 39.77
C ARG L 82 -44.87 61.07 38.31
N TYR L 83 -43.83 60.37 37.88
CA TYR L 83 -43.80 59.95 36.50
C TYR L 83 -43.30 58.54 36.33
N ASP L 84 -43.15 58.13 35.08
CA ASP L 84 -42.57 56.83 34.76
C ASP L 84 -41.45 57.02 33.74
N SER L 85 -40.20 56.89 34.19
CA SER L 85 -39.03 56.91 33.30
C SER L 85 -38.91 55.56 32.64
N ARG L 86 -38.04 55.50 31.65
CA ARG L 86 -37.73 54.27 30.94
C ARG L 86 -37.19 53.20 31.88
N SER L 87 -36.62 53.65 32.99
CA SER L 87 -36.07 52.79 34.03
C SER L 87 -37.05 52.40 35.14
N GLY L 88 -37.51 53.41 35.87
CA GLY L 88 -38.34 53.22 37.05
C GLY L 88 -39.43 54.25 37.01
N THR L 89 -39.86 54.73 38.18
CA THR L 89 -40.99 55.64 38.29
C THR L 89 -40.70 56.60 39.44
N HIS L 90 -40.77 57.90 39.17
CA HIS L 90 -40.01 58.90 39.94
C HIS L 90 -40.82 60.12 40.37
N ASN L 91 -40.67 60.53 41.63
CA ASN L 91 -41.41 61.69 42.21
C ASN L 91 -40.68 63.02 42.02
N MET L 92 -41.39 64.14 41.84
CA MET L 92 -40.74 65.46 41.70
C MET L 92 -41.48 66.63 42.33
N TYR L 93 -40.76 67.52 43.01
CA TYR L 93 -41.21 68.90 43.24
C TYR L 93 -40.79 69.62 41.93
N ARG L 94 -41.67 70.45 41.33
CA ARG L 94 -41.25 71.39 40.26
C ARG L 94 -42.03 72.70 40.31
N GLU L 95 -41.41 73.83 39.95
CA GLU L 95 -42.05 75.17 39.99
C GLU L 95 -42.25 75.80 38.63
N TYR L 96 -43.45 76.28 38.35
CA TYR L 96 -43.70 77.08 37.15
C TYR L 96 -44.28 78.38 37.68
N ARG L 97 -43.92 79.47 37.03
CA ARG L 97 -44.30 80.77 37.50
C ARG L 97 -45.41 81.39 36.64
N ASP L 98 -46.26 80.58 35.96
CA ASP L 98 -47.43 81.16 35.25
C ASP L 98 -48.42 81.80 36.30
N LEU L 99 -49.37 82.58 35.77
CA LEU L 99 -50.59 83.10 36.45
C LEU L 99 -51.96 82.33 36.31
N THR L 100 -51.99 81.01 36.53
CA THR L 100 -53.22 80.15 36.34
C THR L 100 -52.95 78.64 36.45
N THR L 101 -53.45 77.99 37.51
CA THR L 101 -53.05 76.60 37.82
C THR L 101 -52.90 75.74 36.58
N ALA L 102 -53.89 75.79 35.72
CA ALA L 102 -53.89 74.94 34.54
C ALA L 102 -52.70 75.23 33.62
N GLY L 103 -52.58 76.49 33.19
CA GLY L 103 -51.45 76.96 32.38
C GLY L 103 -50.10 76.64 33.02
N ALA L 104 -50.09 76.60 34.36
CA ALA L 104 -48.90 76.24 35.13
C ALA L 104 -48.47 74.81 34.92
N VAL L 105 -49.41 73.92 34.66
CA VAL L 105 -49.07 72.52 34.45
C VAL L 105 -48.99 72.19 32.98
N THR L 106 -49.84 72.82 32.19
CA THR L 106 -49.57 72.97 30.80
C THR L 106 -48.06 73.16 30.59
N GLN L 107 -47.39 74.07 31.31
CA GLN L 107 -45.91 74.12 31.27
C GLN L 107 -45.31 72.75 31.57
N CYS L 108 -45.59 72.26 32.78
CA CYS L 108 -44.96 71.06 33.33
C CYS L 108 -45.00 69.90 32.36
N TYR L 109 -46.19 69.58 31.87
CA TYR L 109 -46.34 68.57 30.85
C TYR L 109 -45.44 68.82 29.59
N ARG L 110 -45.28 70.08 29.18
CA ARG L 110 -44.36 70.41 28.07
C ARG L 110 -42.87 70.26 28.49
N ASP L 111 -42.51 70.48 29.76
CA ASP L 111 -41.09 70.27 30.18
C ASP L 111 -40.77 68.84 30.41
N MET L 112 -41.66 68.09 31.05
CA MET L 112 -41.43 66.65 31.23
C MET L 112 -41.23 65.97 29.89
N GLY L 113 -41.93 66.46 28.87
CA GLY L 113 -41.62 66.13 27.50
C GLY L 113 -40.17 66.42 27.23
N ALA L 114 -39.79 67.68 27.35
CA ALA L 114 -38.44 68.09 26.97
C ALA L 114 -37.26 67.71 27.91
N ARG L 115 -37.37 68.04 29.19
CA ARG L 115 -36.31 67.70 30.13
C ARG L 115 -36.23 66.23 30.45
N HIS L 116 -37.21 65.40 30.07
CA HIS L 116 -37.10 63.97 30.39
C HIS L 116 -37.60 62.96 29.35
N ARG L 117 -38.11 63.42 28.22
CA ARG L 117 -38.78 62.55 27.26
C ARG L 117 -39.84 61.67 27.93
N ALA L 118 -40.61 62.31 28.79
CA ALA L 118 -41.75 61.69 29.42
C ALA L 118 -42.99 62.22 28.74
N ARG L 119 -43.86 61.29 28.36
CA ARG L 119 -45.08 61.60 27.65
C ARG L 119 -46.17 61.69 28.72
N ALA L 120 -47.28 62.34 28.39
CA ALA L 120 -48.36 62.56 29.36
C ALA L 120 -48.92 61.25 29.93
N HIS L 121 -49.19 60.28 29.04
CA HIS L 121 -49.71 58.94 29.43
C HIS L 121 -48.82 58.24 30.50
N SER L 122 -47.57 58.71 30.71
CA SER L 122 -46.72 58.26 31.83
C SER L 122 -46.78 59.10 33.10
N ILE L 123 -47.09 60.38 32.97
CA ILE L 123 -47.10 61.31 34.11
C ILE L 123 -48.37 61.20 34.94
N GLN L 124 -48.20 61.56 36.21
CA GLN L 124 -49.26 61.67 37.19
C GLN L 124 -49.00 62.89 38.05
N ILE L 125 -50.01 63.73 38.16
CA ILE L 125 -49.94 64.89 39.03
C ILE L 125 -50.48 64.44 40.37
N MET L 126 -49.68 64.57 41.45
CA MET L 126 -50.18 64.26 42.80
C MET L 126 -51.04 65.42 43.20
N LYS L 127 -50.47 66.61 43.11
CA LYS L 127 -51.18 67.82 43.48
C LYS L 127 -50.41 69.09 43.22
N VAL L 128 -51.11 70.03 42.60
CA VAL L 128 -50.61 71.36 42.39
C VAL L 128 -51.03 72.15 43.60
N GLU L 129 -50.28 73.18 43.88
CA GLU L 129 -50.61 74.11 44.92
C GLU L 129 -49.81 75.37 44.67
N GLU L 130 -50.46 76.53 44.75
CA GLU L 130 -49.75 77.79 44.60
C GLU L 130 -48.95 78.02 45.86
N ILE L 131 -47.78 78.62 45.71
CA ILE L 131 -46.92 78.85 46.84
C ILE L 131 -46.67 80.37 46.96
N ALA L 132 -46.39 80.79 48.19
CA ALA L 132 -46.00 82.15 48.51
C ALA L 132 -44.63 82.50 47.92
N ALA L 133 -44.14 83.68 48.25
CA ALA L 133 -42.83 84.14 47.82
C ALA L 133 -41.75 83.19 48.34
N SER L 134 -41.47 83.27 49.63
CA SER L 134 -40.59 82.31 50.26
C SER L 134 -41.19 80.91 50.09
N LYS L 135 -40.39 79.90 50.42
CA LYS L 135 -40.73 78.48 50.24
C LYS L 135 -40.77 78.08 48.76
N CYS L 136 -39.96 78.79 47.97
CA CYS L 136 -39.69 78.42 46.59
C CYS L 136 -38.20 78.07 46.53
N ARG L 137 -37.93 76.92 45.91
CA ARG L 137 -36.61 76.29 45.93
C ARG L 137 -35.86 76.50 44.61
N ARG L 138 -36.61 76.66 43.53
CA ARG L 138 -36.05 76.58 42.20
C ARG L 138 -35.57 77.95 41.75
N PRO L 139 -34.24 78.11 41.62
CA PRO L 139 -33.66 79.40 41.29
C PRO L 139 -34.15 79.97 39.97
N ALA L 140 -34.53 79.09 39.04
CA ALA L 140 -35.17 79.49 37.79
C ALA L 140 -36.35 80.42 38.05
N VAL L 141 -37.23 80.01 38.96
CA VAL L 141 -38.37 80.83 39.38
C VAL L 141 -37.95 81.91 40.36
N LYS L 142 -37.08 81.54 41.29
CA LYS L 142 -36.74 82.41 42.41
C LYS L 142 -36.03 83.73 42.05
N GLN L 143 -35.95 84.06 40.77
CA GLN L 143 -35.39 85.32 40.32
C GLN L 143 -36.42 86.33 39.78
N PHE L 144 -37.54 85.86 39.20
CA PHE L 144 -38.52 86.77 38.51
C PHE L 144 -39.22 87.62 39.54
N HIS L 145 -39.55 86.93 40.60
CA HIS L 145 -39.26 87.27 41.97
C HIS L 145 -38.28 88.39 42.49
N ASP L 146 -38.58 89.65 42.16
CA ASP L 146 -38.12 90.86 42.91
C ASP L 146 -39.02 92.05 42.50
N SER L 147 -38.63 93.29 42.88
CA SER L 147 -39.41 94.48 42.54
C SER L 147 -38.80 95.28 41.39
N LYS L 148 -37.52 95.62 41.49
CA LYS L 148 -36.84 96.43 40.46
C LYS L 148 -36.24 95.53 39.38
N ILE L 149 -37.09 94.72 38.76
CA ILE L 149 -36.64 93.60 37.95
C ILE L 149 -36.36 94.11 36.54
N LYS L 150 -35.26 93.69 35.93
CA LYS L 150 -34.71 94.45 34.80
C LYS L 150 -34.05 93.67 33.59
N PHE L 151 -34.56 93.95 32.38
CA PHE L 151 -34.25 93.26 31.10
C PHE L 151 -33.85 94.25 30.05
N PRO L 152 -33.05 93.78 29.10
CA PRO L 152 -33.20 94.12 27.71
C PRO L 152 -33.33 92.85 26.95
N LEU L 153 -33.72 93.01 25.71
CA LEU L 153 -34.11 91.88 24.94
C LEU L 153 -33.03 91.78 23.88
N PRO L 154 -31.86 91.27 24.30
CA PRO L 154 -30.55 91.71 23.86
C PRO L 154 -30.30 91.55 22.37
N HIS L 155 -30.31 90.30 21.90
CA HIS L 155 -29.99 89.98 20.53
C HIS L 155 -31.30 89.51 19.94
N ARG L 156 -32.14 90.50 19.68
CA ARG L 156 -33.49 90.29 19.18
C ARG L 156 -33.38 90.06 17.71
N VAL L 157 -33.64 88.83 17.29
CA VAL L 157 -33.71 88.51 15.88
C VAL L 157 -34.87 89.23 15.22
N LEU L 158 -34.78 89.42 13.91
CA LEU L 158 -35.98 89.63 13.16
C LEU L 158 -36.60 88.28 12.89
N ARG L 159 -37.90 88.22 13.11
CA ARG L 159 -38.77 87.34 12.37
C ARG L 159 -39.38 88.31 11.31
N ARG L 160 -40.34 87.89 10.50
CA ARG L 160 -40.62 88.59 9.23
C ARG L 160 -39.34 88.62 8.44
N GLN L 161 -38.82 87.43 8.19
CA GLN L 161 -37.58 87.26 7.41
C GLN L 161 -37.92 86.92 5.96
N HIS L 162 -39.21 86.80 5.71
CA HIS L 162 -39.73 86.55 4.39
C HIS L 162 -40.56 87.71 3.84
N LYS L 163 -41.17 88.54 4.70
CA LYS L 163 -41.58 89.88 4.26
C LYS L 163 -40.28 90.60 4.08
N PRO L 164 -40.16 91.26 2.93
CA PRO L 164 -38.95 91.21 2.15
C PRO L 164 -38.24 89.88 2.31
N ARG L 165 -38.51 88.95 1.39
CA ARG L 165 -37.73 87.71 1.32
C ARG L 165 -36.33 88.05 0.93
N PHE L 166 -36.22 89.12 0.14
CA PHE L 166 -34.95 89.79 -0.03
C PHE L 166 -35.13 91.27 0.21
N THR L 167 -34.00 91.91 0.43
CA THR L 167 -33.90 93.34 0.58
C THR L 167 -32.47 93.76 0.29
N THR L 168 -32.28 95.05 0.24
CA THR L 168 -30.99 95.66 0.11
C THR L 168 -30.43 95.85 1.49
N LYS L 169 -31.23 96.43 2.38
CA LYS L 169 -30.81 96.59 3.75
C LYS L 169 -30.58 95.25 4.34
N ARG L 170 -29.47 95.14 5.05
CA ARG L 170 -29.24 94.02 5.92
C ARG L 170 -30.05 94.35 7.17
N PRO L 171 -30.48 93.33 7.93
CA PRO L 171 -31.34 93.55 9.07
C PRO L 171 -30.71 94.38 10.16
N ASN L 172 -31.38 94.43 11.28
CA ASN L 172 -30.79 94.88 12.52
C ASN L 172 -31.28 94.02 13.67
N THR L 173 -30.46 93.97 14.72
CA THR L 173 -30.77 93.20 15.92
C THR L 173 -30.38 93.89 17.24
N PHE L 174 -29.75 95.06 17.20
CA PHE L 174 -29.72 95.92 18.37
C PHE L 174 -30.95 96.80 18.37
N PHE L 175 -31.74 96.75 19.44
CA PHE L 175 -32.83 97.70 19.68
C PHE L 175 -33.04 97.95 21.17
N THR M 1 -48.02 13.90 15.26
CA THR M 1 -49.38 13.30 15.26
C THR M 1 -49.65 12.50 16.54
N ASN M 2 -50.89 12.61 16.99
CA ASN M 2 -51.30 12.16 18.30
C ASN M 2 -52.10 10.87 18.22
N THR M 3 -52.45 10.33 19.38
CA THR M 3 -53.22 9.11 19.46
C THR M 3 -54.70 9.40 19.49
N LYS M 4 -55.47 8.64 18.73
CA LYS M 4 -56.92 8.83 18.66
C LYS M 4 -57.72 8.33 19.87
N GLY M 5 -57.10 7.59 20.77
CA GLY M 5 -57.81 6.86 21.82
C GLY M 5 -58.92 7.63 22.51
N LYS M 6 -60.04 6.95 22.69
CA LYS M 6 -61.26 7.59 23.15
C LYS M 6 -61.09 8.48 24.36
N ARG M 7 -60.17 8.14 25.25
CA ARG M 7 -59.99 8.90 26.47
C ARG M 7 -58.61 9.54 26.59
N ARG M 8 -58.14 10.14 25.50
CA ARG M 8 -56.97 11.01 25.63
C ARG M 8 -57.45 12.32 26.28
N GLY M 9 -56.52 13.10 26.85
CA GLY M 9 -56.83 14.46 27.32
C GLY M 9 -57.93 14.57 28.35
N THR M 10 -58.36 13.42 28.86
CA THR M 10 -59.44 13.33 29.83
C THR M 10 -58.85 13.18 31.22
N ARG M 11 -57.51 13.13 31.32
CA ARG M 11 -56.81 12.98 32.60
C ARG M 11 -57.45 13.80 33.71
N TYR M 12 -57.91 14.98 33.32
CA TYR M 12 -58.18 16.03 34.22
C TYR M 12 -59.55 16.68 33.91
N MET M 13 -60.37 16.01 33.08
CA MET M 13 -61.80 16.28 32.91
C MET M 13 -62.60 15.32 33.75
N PHE M 14 -62.54 14.05 33.35
CA PHE M 14 -63.37 12.99 33.90
C PHE M 14 -63.03 12.77 35.38
N SER M 15 -61.80 13.11 35.74
CA SER M 15 -61.37 13.16 37.14
C SER M 15 -62.40 13.83 38.02
N ARG M 16 -62.83 13.10 39.04
CA ARG M 16 -63.85 13.53 39.99
C ARG M 16 -63.21 14.67 40.85
N PRO M 17 -63.99 15.70 41.27
CA PRO M 17 -63.38 17.00 41.58
C PRO M 17 -62.49 17.08 42.84
N PHE M 18 -63.07 17.12 44.04
CA PHE M 18 -62.33 16.77 45.26
C PHE M 18 -63.22 16.01 46.13
N ARG M 19 -62.57 15.29 47.01
CA ARG M 19 -63.21 14.85 48.18
C ARG M 19 -64.63 14.40 47.87
N LYS M 20 -64.78 13.83 46.68
CA LYS M 20 -66.00 13.25 46.25
C LYS M 20 -65.66 11.88 45.70
N HIS M 21 -64.44 11.40 45.93
CA HIS M 21 -64.02 10.13 45.35
C HIS M 21 -64.76 9.09 46.14
N GLY M 22 -65.80 8.53 45.52
CA GLY M 22 -66.48 7.41 46.10
C GLY M 22 -67.93 7.36 45.73
N VAL M 23 -68.72 6.87 46.67
CA VAL M 23 -70.05 6.38 46.39
C VAL M 23 -70.86 7.47 45.72
N VAL M 24 -71.41 7.14 44.56
CA VAL M 24 -72.11 8.13 43.78
C VAL M 24 -73.40 8.41 44.54
N PRO M 25 -73.64 9.67 44.94
CA PRO M 25 -74.86 9.95 45.71
C PRO M 25 -76.09 9.50 44.95
N LEU M 26 -76.99 8.78 45.63
CA LEU M 26 -78.02 8.02 44.92
C LEU M 26 -79.05 8.84 44.17
N ALA M 27 -79.40 10.02 44.70
CA ALA M 27 -80.28 10.97 44.02
C ALA M 27 -80.01 11.02 42.53
N THR M 28 -78.74 11.16 42.16
CA THR M 28 -78.33 11.31 40.76
C THR M 28 -78.74 10.20 39.82
N TYR M 29 -79.18 9.05 40.36
CA TYR M 29 -79.98 8.08 39.60
C TYR M 29 -81.17 7.63 40.44
N MET M 30 -81.99 8.62 40.75
CA MET M 30 -83.41 8.48 41.04
C MET M 30 -84.11 9.82 40.82
N ARG M 31 -83.80 10.45 39.70
CA ARG M 31 -84.62 11.53 39.15
C ARG M 31 -84.89 11.19 37.72
N ILE M 32 -86.08 11.54 37.31
CA ILE M 32 -86.73 10.93 36.19
C ILE M 32 -86.43 11.76 34.96
N TYR M 33 -86.12 11.07 33.87
CA TYR M 33 -85.84 11.71 32.62
C TYR M 33 -86.95 11.27 31.70
N LYS M 34 -87.29 12.10 30.73
CA LYS M 34 -88.32 11.73 29.76
C LYS M 34 -88.25 12.57 28.51
N LYS M 35 -88.68 11.97 27.41
CA LYS M 35 -88.32 12.46 26.09
C LYS M 35 -88.84 13.89 25.92
N GLY M 36 -88.00 14.74 25.33
CA GLY M 36 -88.23 16.18 25.29
C GLY M 36 -87.40 16.94 26.29
N ASP M 37 -87.08 16.33 27.44
CA ASP M 37 -86.34 17.02 28.50
C ASP M 37 -84.91 17.22 28.14
N ILE M 38 -84.44 18.44 28.38
CA ILE M 38 -83.12 18.88 27.99
C ILE M 38 -82.15 18.68 29.12
N VAL M 39 -80.98 18.21 28.74
CA VAL M 39 -80.09 17.53 29.61
C VAL M 39 -78.69 17.93 29.25
N ASP M 40 -77.88 18.20 30.27
CA ASP M 40 -76.44 18.51 30.08
C ASP M 40 -75.58 17.31 30.38
N ILE M 41 -74.73 16.96 29.43
CA ILE M 41 -73.82 15.84 29.58
C ILE M 41 -72.64 16.36 30.39
N LYS M 42 -72.14 15.49 31.25
CA LYS M 42 -71.03 15.80 32.11
C LYS M 42 -70.42 14.49 32.61
N GLY M 43 -69.64 13.87 31.73
CA GLY M 43 -68.74 12.76 32.03
C GLY M 43 -68.22 12.67 33.44
N MET M 44 -67.96 11.44 33.86
CA MET M 44 -67.67 11.09 35.25
C MET M 44 -66.76 9.87 35.25
N GLY M 45 -65.75 9.90 36.11
CA GLY M 45 -64.79 8.82 36.18
C GLY M 45 -65.40 7.57 36.76
N THR M 46 -65.94 7.70 37.97
CA THR M 46 -66.30 6.55 38.82
C THR M 46 -66.88 5.46 38.00
N VAL M 47 -68.01 5.75 37.37
CA VAL M 47 -68.68 4.79 36.52
C VAL M 47 -68.08 5.02 35.16
N GLN M 48 -67.68 3.94 34.50
CA GLN M 48 -67.14 3.97 33.15
C GLN M 48 -68.10 3.40 32.12
N LYS M 49 -68.91 2.43 32.53
CA LYS M 49 -69.96 1.94 31.65
C LYS M 49 -70.89 3.09 31.25
N GLY M 50 -71.24 3.11 29.96
CA GLY M 50 -72.13 4.13 29.43
C GLY M 50 -71.60 5.54 29.52
N MET M 51 -70.29 5.70 29.33
CA MET M 51 -69.73 7.03 29.31
C MET M 51 -70.04 7.71 28.00
N PRO M 52 -70.11 9.06 28.02
CA PRO M 52 -70.13 9.84 26.80
C PRO M 52 -68.70 9.86 26.29
N HIS M 53 -68.31 10.85 25.51
CA HIS M 53 -66.89 11.08 25.30
C HIS M 53 -66.55 12.56 25.08
N LYS M 54 -65.35 12.92 25.54
CA LYS M 54 -64.85 14.30 25.58
C LYS M 54 -65.38 15.31 24.58
N CYS M 55 -65.55 14.93 23.32
CA CYS M 55 -66.03 15.86 22.30
C CYS M 55 -67.48 16.31 22.55
N TYR M 56 -68.12 15.70 23.55
CA TYR M 56 -69.34 16.25 24.11
C TYR M 56 -69.37 16.31 25.64
N HIS M 57 -68.22 16.20 26.32
CA HIS M 57 -68.22 16.53 27.73
C HIS M 57 -68.63 18.01 27.80
N GLY M 58 -69.78 18.27 28.41
CA GLY M 58 -70.22 19.65 28.70
C GLY M 58 -71.09 20.28 27.64
N LYS M 59 -71.88 19.45 26.97
CA LYS M 59 -72.82 19.91 25.96
C LYS M 59 -74.22 19.67 26.51
N THR M 60 -75.23 20.11 25.77
CA THR M 60 -76.62 19.84 26.10
C THR M 60 -77.37 19.35 24.91
N GLY M 61 -78.35 18.53 25.18
CA GLY M 61 -79.16 17.96 24.14
C GLY M 61 -80.47 17.56 24.72
N ARG M 62 -81.42 17.29 23.85
CA ARG M 62 -82.70 16.81 24.31
C ARG M 62 -82.65 15.28 24.31
N VAL M 63 -83.46 14.70 25.16
CA VAL M 63 -83.61 13.26 25.29
C VAL M 63 -84.62 12.75 24.28
N TYR M 64 -84.27 11.64 23.64
CA TYR M 64 -85.16 10.96 22.69
C TYR M 64 -85.48 9.50 23.08
N ASN M 65 -84.64 8.89 23.93
CA ASN M 65 -84.88 7.53 24.48
C ASN M 65 -84.80 7.48 25.97
N VAL M 66 -85.37 6.42 26.53
CA VAL M 66 -85.12 6.10 27.91
C VAL M 66 -85.06 4.61 28.05
N THR M 67 -83.86 4.12 28.33
CA THR M 67 -83.64 2.72 28.61
C THR M 67 -83.49 2.54 30.10
N GLN M 68 -83.27 1.30 30.55
CA GLN M 68 -83.30 0.96 31.98
C GLN M 68 -82.39 1.79 32.91
N HIS M 69 -81.16 2.04 32.47
CA HIS M 69 -80.25 2.92 33.21
C HIS M 69 -79.51 3.93 32.33
N ALA M 70 -79.96 4.10 31.10
CA ALA M 70 -79.38 5.09 30.22
C ALA M 70 -80.43 5.93 29.51
N VAL M 71 -79.95 7.00 28.90
CA VAL M 71 -80.79 7.97 28.25
C VAL M 71 -80.19 8.32 26.90
N GLY M 72 -80.87 7.87 25.85
CA GLY M 72 -80.54 8.29 24.49
C GLY M 72 -80.82 9.76 24.33
N ILE M 73 -79.86 10.50 23.77
CA ILE M 73 -79.86 11.95 23.85
C ILE M 73 -79.24 12.60 22.61
N VAL M 74 -79.98 13.53 22.02
CA VAL M 74 -79.59 14.17 20.76
C VAL M 74 -78.90 15.48 21.02
N VAL M 75 -77.67 15.59 20.54
CA VAL M 75 -76.77 16.73 20.80
C VAL M 75 -76.19 17.19 19.48
N ASN M 76 -75.85 18.46 19.40
CA ASN M 76 -75.23 19.00 18.21
C ASN M 76 -73.73 19.05 18.44
N LYS M 77 -72.97 18.55 17.46
CA LYS M 77 -71.52 18.48 17.55
C LYS M 77 -70.92 19.09 16.30
N GLN M 78 -70.05 20.09 16.45
CA GLN M 78 -69.50 20.78 15.28
C GLN M 78 -68.30 20.04 14.71
N VAL M 79 -68.21 20.01 13.37
CA VAL M 79 -67.25 19.16 12.67
C VAL M 79 -66.86 19.81 11.35
N LYS M 80 -65.78 20.59 11.36
CA LYS M 80 -65.33 21.29 10.15
C LYS M 80 -66.53 21.83 9.37
N GLY M 81 -67.36 22.62 10.03
CA GLY M 81 -68.48 23.31 9.38
C GLY M 81 -69.80 22.69 9.70
N LYS M 82 -70.21 21.76 8.86
CA LYS M 82 -71.50 21.10 9.08
C LYS M 82 -71.59 20.57 10.52
N ILE M 83 -72.54 21.14 11.26
CA ILE M 83 -72.92 20.68 12.58
C ILE M 83 -73.83 19.49 12.38
N LEU M 84 -73.67 18.51 13.24
CA LEU M 84 -74.41 17.28 13.14
C LEU M 84 -75.19 17.07 14.42
N ALA M 85 -76.51 17.05 14.28
CA ALA M 85 -77.40 16.67 15.36
C ALA M 85 -77.33 15.16 15.43
N LYS M 86 -76.79 14.67 16.54
CA LYS M 86 -76.42 13.27 16.60
C LYS M 86 -76.58 12.70 18.00
N ARG M 87 -76.77 11.39 18.03
CA ARG M 87 -77.46 10.75 19.12
C ARG M 87 -76.55 9.78 19.78
N ILE M 88 -76.54 9.84 21.10
CA ILE M 88 -75.66 9.00 21.91
C ILE M 88 -76.42 8.41 23.06
N ASN M 89 -75.79 7.43 23.68
CA ASN M 89 -76.44 6.55 24.60
C ASN M 89 -75.67 6.54 25.91
N VAL M 90 -75.97 7.55 26.70
CA VAL M 90 -75.19 7.88 27.87
C VAL M 90 -75.94 7.40 29.10
N ARG M 91 -75.19 6.78 30.01
CA ARG M 91 -75.71 6.29 31.27
C ARG M 91 -76.04 7.48 32.16
N ILE M 92 -77.11 7.33 32.91
CA ILE M 92 -77.64 8.43 33.71
C ILE M 92 -76.59 9.21 34.50
N GLU M 93 -75.69 8.50 35.16
CA GLU M 93 -74.68 9.09 36.05
C GLU M 93 -74.02 10.33 35.44
N HIS M 94 -73.84 10.36 34.13
CA HIS M 94 -73.15 11.44 33.47
C HIS M 94 -74.07 12.56 32.94
N ILE M 95 -75.20 12.81 33.59
CA ILE M 95 -76.24 13.63 32.99
C ILE M 95 -76.95 14.38 34.10
N LYS M 96 -77.44 15.59 33.78
CA LYS M 96 -78.27 16.39 34.69
C LYS M 96 -79.42 17.03 33.98
N HIS M 97 -80.37 17.56 34.74
CA HIS M 97 -81.31 18.51 34.17
C HIS M 97 -80.67 19.88 34.11
N SER M 98 -80.41 20.33 32.89
CA SER M 98 -80.00 21.70 32.66
C SER M 98 -81.12 22.62 33.13
N LYS M 99 -80.78 23.61 33.92
CA LYS M 99 -81.73 24.66 34.30
C LYS M 99 -81.85 25.75 33.21
N SER M 100 -81.13 25.56 32.10
CA SER M 100 -81.18 26.46 30.95
C SER M 100 -82.59 26.86 30.54
N ARG M 101 -83.44 25.89 30.26
CA ARG M 101 -84.85 26.19 29.97
C ARG M 101 -85.49 26.90 31.16
N ASP M 102 -85.19 26.48 32.39
CA ASP M 102 -85.98 26.87 33.57
C ASP M 102 -86.04 28.34 34.05
N SER M 103 -85.43 29.29 33.34
CA SER M 103 -85.82 30.71 33.47
C SER M 103 -87.13 30.90 32.72
N PHE M 104 -87.15 30.51 31.45
CA PHE M 104 -88.40 30.38 30.68
C PHE M 104 -89.05 29.08 31.24
N LEU M 105 -90.38 29.10 31.31
CA LEU M 105 -91.27 28.20 32.08
C LEU M 105 -91.76 28.99 33.27
N LYS M 106 -90.82 29.56 34.00
CA LYS M 106 -91.17 30.47 35.09
C LYS M 106 -91.54 31.83 34.53
N ARG M 107 -90.93 32.19 33.41
CA ARG M 107 -91.35 33.37 32.68
C ARG M 107 -92.68 33.14 31.96
N VAL M 108 -92.92 31.93 31.44
CA VAL M 108 -94.20 31.61 30.79
C VAL M 108 -95.31 31.63 31.80
N LYS M 109 -95.18 30.79 32.82
CA LYS M 109 -96.18 30.70 33.89
C LYS M 109 -96.60 32.06 34.42
N GLU M 110 -95.65 33.00 34.45
CA GLU M 110 -95.95 34.37 34.83
C GLU M 110 -96.72 35.15 33.75
N ASN M 111 -96.30 35.06 32.48
CA ASN M 111 -96.96 35.80 31.39
C ASN M 111 -98.38 35.34 31.10
N ASP M 112 -98.63 34.04 31.07
CA ASP M 112 -100.02 33.53 30.88
C ASP M 112 -100.89 34.01 32.04
N GLN M 113 -100.34 33.91 33.25
CA GLN M 113 -101.02 34.36 34.46
C GLN M 113 -101.31 35.87 34.46
N LYS M 114 -100.31 36.67 34.10
CA LYS M 114 -100.47 38.13 33.98
C LYS M 114 -101.25 38.60 32.74
N LYS M 115 -101.46 37.71 31.76
CA LYS M 115 -102.32 38.01 30.63
C LYS M 115 -103.77 37.66 30.94
N LYS M 116 -104.02 36.50 31.56
CA LYS M 116 -105.40 36.10 31.95
C LYS M 116 -105.96 37.11 32.95
N GLU M 117 -105.18 37.42 33.98
CA GLU M 117 -105.47 38.60 34.81
C GLU M 117 -105.03 39.84 34.01
N ALA M 118 -105.55 41.02 34.38
CA ALA M 118 -105.47 42.22 33.54
C ALA M 118 -106.02 42.04 32.11
N LYS M 119 -106.94 41.07 31.96
CA LYS M 119 -107.85 40.95 30.81
C LYS M 119 -109.25 41.41 31.24
N GLU M 120 -109.66 41.00 32.45
CA GLU M 120 -110.82 41.59 33.17
C GLU M 120 -110.72 43.12 33.44
N LYS M 121 -109.50 43.68 33.39
CA LYS M 121 -109.28 45.13 33.29
C LYS M 121 -109.24 45.58 31.83
N GLY M 122 -108.39 44.91 31.04
CA GLY M 122 -108.07 45.32 29.67
C GLY M 122 -106.87 46.26 29.58
N THR M 123 -106.06 46.31 30.66
CA THR M 123 -104.85 47.16 30.71
C THR M 123 -103.65 46.39 30.17
N TRP M 124 -102.87 47.04 29.31
CA TRP M 124 -101.76 46.36 28.60
C TRP M 124 -100.50 46.31 29.43
N VAL M 125 -100.07 45.08 29.72
CA VAL M 125 -98.99 44.82 30.65
C VAL M 125 -97.75 44.46 29.84
N GLN M 126 -96.58 44.79 30.38
CA GLN M 126 -95.32 44.61 29.67
C GLN M 126 -94.83 43.16 29.82
N LEU M 127 -95.14 42.36 28.80
CA LEU M 127 -94.94 40.90 28.80
C LEU M 127 -93.52 40.54 28.40
N LYS M 128 -93.06 41.15 27.30
CA LYS M 128 -91.69 40.94 26.82
C LYS M 128 -90.67 41.34 27.88
N ARG M 129 -89.54 40.64 27.89
CA ARG M 129 -88.35 41.13 28.56
C ARG M 129 -87.84 42.38 27.82
N GLN M 130 -86.90 43.08 28.42
CA GLN M 130 -86.39 44.30 27.84
C GLN M 130 -85.00 44.49 28.43
N PRO M 131 -84.01 44.81 27.59
CA PRO M 131 -82.64 44.92 28.12
C PRO M 131 -82.45 46.09 29.07
N ALA M 132 -81.36 46.05 29.85
CA ALA M 132 -81.16 47.00 30.95
C ALA M 132 -81.13 48.45 30.45
N PRO M 133 -82.19 49.24 30.74
CA PRO M 133 -82.22 50.58 30.17
C PRO M 133 -81.13 51.48 30.74
N PRO M 134 -80.89 52.64 30.10
CA PRO M 134 -80.00 53.65 30.69
C PRO M 134 -80.60 54.21 31.99
N ARG M 135 -79.75 54.41 33.00
CA ARG M 135 -80.17 54.38 34.42
C ARG M 135 -81.07 55.49 34.97
N GLU M 136 -81.67 56.33 34.13
CA GLU M 136 -82.61 57.37 34.58
C GLU M 136 -81.90 58.50 35.30
N ALA M 137 -82.43 59.71 35.11
CA ALA M 137 -82.01 60.85 35.89
C ALA M 137 -82.44 60.54 37.31
N HIS M 138 -81.47 60.56 38.20
CA HIS M 138 -81.75 60.63 39.63
C HIS M 138 -80.98 61.80 40.11
N PHE M 139 -81.23 62.19 41.34
CA PHE M 139 -80.30 63.03 42.02
C PHE M 139 -79.36 62.15 42.85
N VAL M 140 -78.33 62.79 43.41
CA VAL M 140 -77.50 62.30 44.52
C VAL M 140 -77.74 63.25 45.66
N ARG M 141 -77.31 62.89 46.87
CA ARG M 141 -76.99 63.91 47.86
C ARG M 141 -75.91 63.59 48.88
N THR M 142 -74.90 64.45 48.93
CA THR M 142 -74.21 64.75 50.18
C THR M 142 -75.13 65.58 51.04
N ASN M 143 -74.99 65.43 52.35
CA ASN M 143 -75.77 66.24 53.26
C ASN M 143 -74.84 67.35 53.74
N GLY M 144 -73.96 67.01 54.68
CA GLY M 144 -73.20 68.00 55.46
C GLY M 144 -71.72 67.75 55.39
N LYS M 145 -71.29 67.20 54.26
CA LYS M 145 -69.88 66.98 53.98
C LYS M 145 -69.68 67.52 52.60
N GLU M 146 -68.47 68.01 52.32
CA GLU M 146 -68.02 68.02 50.94
C GLU M 146 -67.55 66.58 50.72
N PRO M 147 -67.33 66.18 49.46
CA PRO M 147 -66.82 64.84 49.23
C PRO M 147 -65.33 64.70 49.65
N GLU M 148 -64.79 63.50 49.71
CA GLU M 148 -63.41 63.29 50.21
C GLU M 148 -62.36 63.44 49.10
N LEU M 149 -61.27 64.18 49.36
CA LEU M 149 -60.28 64.41 48.31
C LEU M 149 -59.31 63.27 48.14
N LEU M 150 -59.32 62.68 46.96
CA LEU M 150 -58.27 61.75 46.58
C LEU M 150 -57.15 62.49 45.91
N GLU M 151 -55.94 61.99 46.18
CA GLU M 151 -54.75 62.38 45.47
C GLU M 151 -54.19 61.05 45.06
N PRO M 152 -53.63 60.94 43.84
CA PRO M 152 -52.83 59.73 43.61
C PRO M 152 -51.64 59.77 44.54
N ILE M 153 -51.26 58.62 45.06
CA ILE M 153 -50.26 58.55 46.13
C ILE M 153 -48.87 58.36 45.56
N PRO M 154 -47.86 58.97 46.23
CA PRO M 154 -46.52 58.97 45.70
C PRO M 154 -45.96 57.58 45.68
N TYR M 155 -45.38 57.21 44.54
CA TYR M 155 -44.66 55.98 44.42
C TYR M 155 -43.46 55.96 45.34
N GLU M 156 -43.36 54.92 46.17
CA GLU M 156 -42.08 54.49 46.69
C GLU M 156 -41.92 53.00 46.37
N PHE M 157 -40.68 52.58 46.17
CA PHE M 157 -40.38 51.21 45.75
C PHE M 157 -40.40 50.26 46.97
N MET M 158 -41.42 49.40 46.98
CA MET M 158 -41.68 48.47 48.10
C MET M 158 -40.71 47.31 48.29
N ALA M 159 -40.65 46.37 47.34
CA ALA M 159 -39.95 45.06 47.49
C ALA M 159 -40.26 44.34 48.81
N GLN N 1 53.00 6.84 -89.43
CA GLN N 1 51.74 7.35 -90.05
C GLN N 1 51.77 8.85 -90.35
N VAL N 2 51.71 9.15 -91.64
CA VAL N 2 51.69 10.53 -92.13
C VAL N 2 50.24 11.02 -92.11
N LEU N 3 49.91 11.84 -91.11
CA LEU N 3 48.60 12.49 -91.02
C LEU N 3 48.69 13.87 -91.65
N LYS N 4 47.58 14.36 -92.18
CA LYS N 4 47.56 15.59 -92.96
C LYS N 4 46.18 16.25 -92.89
N PHE N 5 46.03 17.22 -92.00
CA PHE N 5 44.75 17.92 -91.86
C PHE N 5 44.95 19.28 -92.50
N THR N 6 44.09 19.63 -93.46
CA THR N 6 44.34 20.83 -94.26
C THR N 6 44.08 22.08 -93.43
N LEU N 7 42.82 22.33 -93.13
CA LEU N 7 42.39 23.61 -92.56
C LEU N 7 42.46 24.70 -93.64
N ASP N 8 41.50 24.68 -94.57
CA ASP N 8 41.42 25.71 -95.62
C ASP N 8 40.61 26.94 -95.18
N CYS N 9 40.91 28.06 -95.84
CA CYS N 9 40.22 29.32 -95.60
C CYS N 9 40.26 30.15 -96.87
N THR N 10 39.79 29.55 -97.96
CA THR N 10 39.69 30.19 -99.28
C THR N 10 38.93 31.48 -99.16
N HIS N 11 37.67 31.34 -98.77
CA HIS N 11 36.67 32.36 -98.99
C HIS N 11 36.53 33.45 -97.88
N PRO N 12 37.28 33.34 -96.75
CA PRO N 12 37.51 34.52 -95.89
C PRO N 12 38.82 35.30 -96.15
N VAL N 13 39.65 34.83 -97.09
CA VAL N 13 40.78 35.63 -97.59
C VAL N 13 40.30 36.62 -98.68
N GLU N 14 39.27 36.22 -99.46
CA GLU N 14 38.69 37.06 -100.53
C GLU N 14 38.14 38.36 -100.01
N ASP N 15 37.37 38.27 -98.93
CA ASP N 15 36.82 39.44 -98.24
C ASP N 15 37.94 40.35 -97.66
N GLY N 16 39.12 39.77 -97.40
CA GLY N 16 40.28 40.49 -96.89
C GLY N 16 40.12 40.74 -95.41
N ILE N 17 39.48 39.78 -94.74
CA ILE N 17 38.92 39.96 -93.39
C ILE N 17 39.86 39.31 -92.37
N MET N 18 40.29 38.09 -92.66
CA MET N 18 41.37 37.44 -91.95
C MET N 18 42.37 36.98 -92.99
N ASP N 19 43.45 37.75 -93.14
CA ASP N 19 44.54 37.33 -93.99
C ASP N 19 45.11 36.04 -93.44
N ALA N 20 45.24 35.05 -94.32
CA ALA N 20 45.72 33.73 -93.95
C ALA N 20 47.19 33.78 -93.53
N ALA N 21 47.91 34.75 -94.08
CA ALA N 21 49.18 35.16 -93.52
C ALA N 21 48.96 35.41 -92.04
N ASN N 22 49.65 34.61 -91.23
CA ASN N 22 49.67 34.68 -89.76
C ASN N 22 48.97 33.49 -89.07
N PHE N 23 47.99 32.81 -89.70
CA PHE N 23 47.52 31.50 -89.16
C PHE N 23 48.75 30.68 -88.87
N GLU N 24 49.55 30.51 -89.92
CA GLU N 24 50.79 29.76 -89.86
C GLU N 24 51.58 30.14 -88.60
N GLN N 25 51.71 31.45 -88.36
CA GLN N 25 52.40 31.95 -87.17
C GLN N 25 51.75 31.42 -85.90
N PHE N 26 50.45 31.65 -85.76
CA PHE N 26 49.66 31.17 -84.62
C PHE N 26 50.03 29.72 -84.38
N LEU N 27 49.82 28.92 -85.42
CA LEU N 27 49.86 27.47 -85.35
C LEU N 27 51.25 26.95 -85.00
N GLN N 28 52.31 27.67 -85.37
CA GLN N 28 53.65 27.34 -84.87
C GLN N 28 53.85 27.73 -83.39
N GLU N 29 53.42 28.94 -83.03
CA GLU N 29 53.48 29.45 -81.64
C GLU N 29 52.67 28.58 -80.67
N ARG N 30 51.47 28.21 -81.11
CA ARG N 30 50.45 27.60 -80.27
C ARG N 30 50.42 26.06 -80.28
N ILE N 31 50.76 25.40 -81.41
CA ILE N 31 50.66 23.92 -81.48
C ILE N 31 51.52 23.34 -80.36
N LYS N 32 50.85 22.65 -79.44
CA LYS N 32 51.46 22.00 -78.29
C LYS N 32 51.64 20.55 -78.73
N VAL N 33 52.88 20.08 -78.72
CA VAL N 33 53.14 18.66 -78.93
C VAL N 33 53.67 18.09 -77.64
N ASN N 34 53.12 16.95 -77.26
CA ASN N 34 53.60 16.16 -76.13
C ASN N 34 53.35 16.84 -74.76
N GLY N 35 54.06 17.95 -74.51
CA GLY N 35 53.83 18.82 -73.35
C GLY N 35 53.87 20.31 -73.67
N LYS N 36 54.74 20.74 -74.59
CA LYS N 36 55.00 22.16 -74.84
C LYS N 36 54.77 22.61 -76.28
N ALA N 37 54.69 23.94 -76.43
CA ALA N 37 54.54 24.59 -77.74
C ALA N 37 55.76 25.47 -78.06
N GLY N 38 56.94 24.99 -77.68
CA GLY N 38 58.21 25.64 -78.03
C GLY N 38 58.74 25.07 -79.33
N ASN N 39 57.95 25.24 -80.39
CA ASN N 39 58.23 24.73 -81.74
C ASN N 39 58.44 23.19 -81.84
N LEU N 40 57.32 22.49 -81.64
CA LEU N 40 57.01 21.18 -82.24
C LEU N 40 57.88 19.98 -81.85
N GLY N 41 58.73 20.13 -80.84
CA GLY N 41 59.69 19.09 -80.50
C GLY N 41 60.62 18.84 -81.67
N GLY N 42 61.29 19.90 -82.09
CA GLY N 42 62.14 19.88 -83.28
C GLY N 42 61.30 20.18 -84.50
N GLY N 43 60.85 19.12 -85.18
CA GLY N 43 60.04 19.24 -86.40
C GLY N 43 59.23 17.99 -86.65
N VAL N 44 58.39 17.62 -85.69
CA VAL N 44 57.48 16.49 -85.82
C VAL N 44 56.39 16.84 -86.83
N VAL N 45 55.76 17.99 -86.62
CA VAL N 45 54.73 18.48 -87.53
C VAL N 45 55.33 19.53 -88.47
N THR N 46 54.58 19.83 -89.53
CA THR N 46 55.03 20.78 -90.55
C THR N 46 53.85 21.65 -91.01
N ILE N 47 53.95 22.96 -90.80
CA ILE N 47 52.86 23.88 -91.09
C ILE N 47 53.19 24.60 -92.41
N GLU N 48 52.42 24.30 -93.46
CA GLU N 48 52.58 24.94 -94.79
C GLU N 48 51.51 25.99 -95.03
N ARG N 49 51.74 26.86 -96.01
CA ARG N 49 50.93 28.08 -96.16
C ARG N 49 50.69 28.39 -97.65
N SER N 50 49.83 27.56 -98.25
CA SER N 50 49.51 27.64 -99.69
C SER N 50 48.31 28.54 -99.99
N LYS N 51 48.58 29.85 -100.04
CA LYS N 51 47.63 30.92 -100.45
C LYS N 51 46.45 31.12 -99.48
N SER N 52 45.57 30.13 -99.45
CA SER N 52 44.53 30.02 -98.42
C SER N 52 44.57 28.70 -97.64
N LYS N 53 45.18 27.66 -98.21
CA LYS N 53 45.21 26.35 -97.59
C LYS N 53 46.42 26.26 -96.67
N ILE N 54 46.19 25.79 -95.46
CA ILE N 54 47.25 25.33 -94.58
C ILE N 54 47.32 23.83 -94.82
N THR N 55 48.41 23.19 -94.37
CA THR N 55 48.49 21.75 -94.35
C THR N 55 49.34 21.33 -93.16
N VAL N 56 48.69 20.73 -92.17
CA VAL N 56 49.38 20.28 -90.98
C VAL N 56 49.66 18.79 -91.12
N THR N 57 50.88 18.49 -91.55
CA THR N 57 51.40 17.12 -91.57
C THR N 57 51.88 16.75 -90.17
N SER N 58 51.78 15.48 -89.84
CA SER N 58 52.25 14.96 -88.54
C SER N 58 52.74 13.52 -88.66
N GLU N 59 53.84 13.22 -87.96
CA GLU N 59 54.41 11.88 -87.89
C GLU N 59 53.99 11.10 -86.63
N VAL N 60 53.42 11.80 -85.64
CA VAL N 60 52.96 11.19 -84.38
C VAL N 60 51.43 11.34 -84.30
N PRO N 61 50.79 10.70 -83.29
CA PRO N 61 49.36 10.95 -83.07
C PRO N 61 49.03 12.43 -82.86
N PHE N 62 48.05 12.92 -83.62
CA PHE N 62 47.63 14.32 -83.59
C PHE N 62 46.12 14.38 -83.77
N SER N 63 45.43 15.16 -82.94
CA SER N 63 43.98 15.31 -83.03
C SER N 63 43.65 16.31 -84.12
N LYS N 64 42.62 16.01 -84.89
CA LYS N 64 42.19 16.84 -86.00
C LYS N 64 41.61 18.12 -85.43
N ARG N 65 40.67 17.97 -84.50
CA ARG N 65 39.95 19.12 -83.95
C ARG N 65 40.78 19.98 -82.99
N TYR N 66 41.99 19.57 -82.67
CA TYR N 66 42.95 20.53 -82.13
C TYR N 66 42.86 21.79 -82.93
N LEU N 67 42.93 21.62 -84.24
CA LEU N 67 42.91 22.73 -85.13
C LEU N 67 41.62 23.55 -84.94
N LYS N 68 40.48 22.89 -84.68
CA LYS N 68 39.22 23.59 -84.33
C LYS N 68 39.44 24.55 -83.18
N TYR N 69 39.95 24.01 -82.08
CA TYR N 69 40.26 24.79 -80.88
C TYR N 69 41.10 25.99 -81.26
N LEU N 70 42.19 25.71 -81.98
CA LEU N 70 43.21 26.71 -82.25
C LEU N 70 42.75 27.70 -83.33
N THR N 71 41.98 27.24 -84.30
CA THR N 71 41.41 28.13 -85.30
C THR N 71 40.34 29.02 -84.64
N LYS N 72 39.44 28.40 -83.86
CA LYS N 72 38.44 29.14 -83.08
C LYS N 72 39.16 30.14 -82.17
N LYS N 73 40.37 29.81 -81.75
CA LYS N 73 41.17 30.72 -80.94
C LYS N 73 41.51 32.08 -81.60
N TYR N 74 41.67 32.17 -82.94
CA TYR N 74 41.70 33.53 -83.56
C TYR N 74 40.35 34.11 -83.37
N LEU N 75 39.37 33.33 -83.79
CA LEU N 75 38.07 33.87 -84.12
C LEU N 75 37.42 34.49 -82.86
N LYS N 76 38.04 34.28 -81.69
CA LYS N 76 37.85 35.15 -80.52
C LYS N 76 38.89 36.27 -80.40
N LYS N 77 40.18 35.94 -80.48
CA LYS N 77 41.27 36.95 -80.47
C LYS N 77 41.15 38.04 -81.51
N ASN N 78 40.64 37.68 -82.68
CA ASN N 78 40.52 38.55 -83.81
C ASN N 78 39.10 39.05 -84.03
N ASN N 79 38.17 38.68 -83.15
CA ASN N 79 36.76 39.08 -83.21
C ASN N 79 36.15 38.73 -84.55
N LEU N 80 36.17 37.43 -84.84
CA LEU N 80 35.66 36.90 -86.11
C LEU N 80 34.47 35.96 -85.97
N ARG N 81 34.24 35.38 -84.79
CA ARG N 81 33.00 34.60 -84.57
C ARG N 81 31.83 35.59 -84.60
N ASP N 82 30.61 35.07 -84.52
CA ASP N 82 29.36 35.87 -84.62
C ASP N 82 28.88 36.03 -86.08
N TRP N 83 29.81 36.32 -87.00
CA TRP N 83 29.56 36.52 -88.45
C TRP N 83 30.73 35.68 -89.17
N LEU N 84 31.28 34.63 -88.51
CA LEU N 84 32.24 33.61 -89.11
C LEU N 84 32.30 32.29 -88.28
N ARG N 85 32.33 31.12 -88.96
CA ARG N 85 32.18 29.78 -88.32
C ARG N 85 33.13 28.73 -88.92
N VAL N 86 33.41 27.64 -88.18
CA VAL N 86 34.26 26.51 -88.64
C VAL N 86 33.44 25.27 -88.92
N VAL N 87 33.81 24.49 -89.94
CA VAL N 87 33.08 23.24 -90.27
C VAL N 87 34.02 22.19 -90.85
N ALA N 88 33.75 20.92 -90.53
CA ALA N 88 34.43 19.79 -91.15
C ALA N 88 33.80 19.51 -92.50
N ASN N 89 34.39 20.04 -93.56
CA ASN N 89 33.85 19.86 -94.90
C ASN N 89 33.90 18.39 -95.31
N SER N 90 35.09 17.83 -95.32
CA SER N 90 35.28 16.37 -95.40
C SER N 90 36.26 15.98 -94.31
N LYS N 91 36.58 14.69 -94.18
CA LYS N 91 37.62 14.29 -93.22
C LYS N 91 38.97 14.61 -93.83
N GLU N 92 39.96 14.78 -92.94
CA GLU N 92 41.29 15.20 -93.32
C GLU N 92 41.27 16.54 -94.04
N SER N 93 40.39 17.43 -93.57
CA SER N 93 40.08 18.69 -94.25
C SER N 93 39.08 19.44 -93.40
N TYR N 94 39.15 20.77 -93.42
CA TYR N 94 38.51 21.53 -92.36
C TYR N 94 38.43 23.03 -92.73
N GLU N 95 37.23 23.62 -92.68
CA GLU N 95 36.92 24.86 -93.44
C GLU N 95 36.34 26.00 -92.60
N LEU N 96 36.46 27.25 -93.11
CA LEU N 96 35.80 28.43 -92.54
C LEU N 96 34.71 29.02 -93.45
N ARG N 97 33.66 29.59 -92.85
CA ARG N 97 32.43 30.00 -93.59
C ARG N 97 31.49 30.87 -92.74
N TYR N 98 30.84 31.87 -93.34
CA TYR N 98 29.93 32.81 -92.61
C TYR N 98 28.63 32.03 -92.44
N PHE N 99 27.92 32.19 -91.31
CA PHE N 99 27.00 31.11 -90.84
C PHE N 99 26.08 30.61 -91.96
N SER O 1 34.24 56.22 6.50
CA SER O 1 34.54 57.66 6.22
C SER O 1 34.15 58.07 4.77
N GLY O 2 34.86 57.53 3.79
CA GLY O 2 34.49 57.64 2.38
C GLY O 2 33.82 56.34 1.94
N ALA O 3 32.50 56.37 1.82
CA ALA O 3 31.70 55.15 1.61
C ALA O 3 31.91 54.56 0.21
N LYS O 4 31.25 53.43 -0.05
CA LYS O 4 31.73 52.45 -1.01
C LYS O 4 30.75 52.22 -2.11
N PHE O 5 30.54 53.30 -2.85
CA PHE O 5 30.25 53.31 -4.26
C PHE O 5 29.81 52.01 -4.97
N ARG O 6 28.70 52.07 -5.70
CA ARG O 6 28.05 50.88 -6.25
C ARG O 6 28.88 50.25 -7.36
N ILE O 7 28.54 49.01 -7.70
CA ILE O 7 29.11 48.31 -8.85
C ILE O 7 28.16 47.26 -9.39
N SER O 8 28.25 47.00 -10.69
CA SER O 8 27.46 45.96 -11.33
C SER O 8 27.89 44.64 -10.73
N LEU O 9 26.90 43.82 -10.40
CA LEU O 9 27.10 42.64 -9.58
C LEU O 9 26.62 41.42 -10.31
N GLY O 10 27.55 40.50 -10.52
CA GLY O 10 27.27 39.27 -11.23
C GLY O 10 27.57 38.06 -10.39
N LEU O 11 27.17 38.12 -9.13
CA LEU O 11 27.25 36.96 -8.26
C LEU O 11 25.95 36.81 -7.54
N PRO O 12 24.94 36.29 -8.27
CA PRO O 12 23.72 35.97 -7.58
C PRO O 12 23.80 34.69 -6.74
N VAL O 13 22.96 34.64 -5.71
CA VAL O 13 22.73 33.41 -4.95
C VAL O 13 22.62 32.28 -5.95
N GLY O 14 23.28 31.17 -5.66
CA GLY O 14 23.38 30.10 -6.63
C GLY O 14 24.77 30.01 -7.22
N ALA O 15 25.56 31.09 -7.11
CA ALA O 15 26.90 31.11 -7.69
C ALA O 15 27.90 30.37 -6.83
N VAL O 16 28.78 29.62 -7.50
CA VAL O 16 29.94 28.97 -6.87
C VAL O 16 31.22 29.72 -7.26
N ILE O 17 31.97 30.15 -6.29
CA ILE O 17 33.16 30.92 -6.57
C ILE O 17 34.31 30.21 -5.90
N ASN O 18 35.47 30.23 -6.54
CA ASN O 18 36.63 29.44 -6.08
C ASN O 18 37.42 30.18 -4.99
N CYS O 19 37.49 29.57 -3.81
CA CYS O 19 38.08 30.16 -2.60
C CYS O 19 39.57 30.45 -2.77
N ALA O 20 39.94 31.68 -2.46
CA ALA O 20 41.28 32.19 -2.75
C ALA O 20 42.15 32.28 -1.52
N ASP O 21 42.17 31.21 -0.72
CA ASP O 21 43.02 31.18 0.48
C ASP O 21 43.43 29.77 0.91
N ASN O 22 44.40 29.74 1.82
CA ASN O 22 44.93 28.50 2.41
C ASN O 22 44.05 27.79 3.45
N THR O 23 42.79 28.21 3.61
CA THR O 23 41.89 27.61 4.59
C THR O 23 41.73 26.11 4.43
N GLY O 24 41.77 25.64 3.18
CA GLY O 24 41.54 24.22 2.87
C GLY O 24 40.25 23.99 2.10
N ALA O 25 39.37 24.99 2.15
CA ALA O 25 38.24 25.05 1.25
C ALA O 25 38.76 25.27 -0.15
N LYS O 26 37.89 25.01 -1.11
CA LYS O 26 38.25 25.17 -2.52
C LYS O 26 37.14 25.78 -3.34
N ASN O 27 35.88 25.40 -3.08
CA ASN O 27 34.74 26.07 -3.68
C ASN O 27 33.64 26.57 -2.75
N LEU O 28 33.19 27.82 -2.98
CA LEU O 28 32.23 28.55 -2.10
C LEU O 28 30.82 28.76 -2.70
N TYR O 29 29.93 27.78 -2.52
CA TYR O 29 28.58 27.89 -3.05
C TYR O 29 27.90 29.00 -2.25
N ILE O 30 27.54 30.10 -2.92
CA ILE O 30 26.89 31.27 -2.30
C ILE O 30 25.41 31.03 -2.05
N ILE O 31 24.96 31.41 -0.86
CA ILE O 31 23.57 31.19 -0.45
C ILE O 31 22.80 32.46 -0.24
N SER O 32 23.46 33.50 0.22
CA SER O 32 22.85 34.80 0.34
C SER O 32 23.90 35.87 0.40
N VAL O 33 23.43 37.11 0.43
CA VAL O 33 24.28 38.26 0.46
C VAL O 33 23.80 39.16 1.59
N LYS O 34 24.73 39.75 2.33
CA LYS O 34 24.37 40.66 3.41
C LYS O 34 24.12 42.06 2.87
N GLY O 35 23.17 42.76 3.50
CA GLY O 35 22.78 44.10 3.09
C GLY O 35 21.75 44.18 1.96
N ILE O 36 20.97 43.10 1.78
CA ILE O 36 19.98 43.03 0.71
C ILE O 36 18.55 42.91 1.23
N LYS O 37 17.68 43.75 0.68
CA LYS O 37 16.26 43.76 1.00
C LYS O 37 15.56 42.87 -0.02
N GLY O 38 15.67 43.28 -1.30
CA GLY O 38 15.13 42.55 -2.45
C GLY O 38 13.90 43.17 -3.09
N ARG O 39 13.34 42.46 -4.04
CA ARG O 39 11.94 42.58 -4.40
C ARG O 39 11.49 41.15 -4.69
N LEU O 40 10.23 41.00 -5.04
CA LEU O 40 9.69 39.75 -5.56
C LEU O 40 10.52 39.10 -6.72
N ASN O 41 10.65 37.77 -6.65
CA ASN O 41 11.37 36.90 -7.62
C ASN O 41 12.74 37.40 -8.06
N ARG O 42 13.34 38.35 -7.33
CA ARG O 42 14.65 38.91 -7.69
C ARG O 42 15.72 38.27 -6.84
N LEU O 43 16.71 37.67 -7.50
CA LEU O 43 17.79 36.98 -6.79
C LEU O 43 18.77 37.94 -6.10
N PRO O 44 19.06 37.70 -4.81
CA PRO O 44 20.07 38.53 -4.15
C PRO O 44 21.39 38.37 -4.85
N ALA O 45 22.03 39.48 -5.15
CA ALA O 45 23.29 39.45 -5.88
C ALA O 45 24.39 40.28 -5.20
N ALA O 46 25.59 39.72 -5.22
CA ALA O 46 26.77 40.32 -4.62
C ALA O 46 27.75 40.70 -5.70
N GLY O 47 28.49 41.77 -5.48
CA GLY O 47 29.63 42.12 -6.33
C GLY O 47 30.89 42.02 -5.51
N VAL O 48 31.93 42.69 -5.96
CA VAL O 48 33.16 42.81 -5.17
C VAL O 48 32.91 43.55 -3.86
N GLY O 49 33.57 43.08 -2.79
CA GLY O 49 33.55 43.79 -1.51
C GLY O 49 32.34 43.50 -0.64
N ASP O 50 31.40 42.71 -1.16
CA ASP O 50 30.17 42.42 -0.46
C ASP O 50 30.34 41.16 0.38
N MET O 51 29.85 41.20 1.62
CA MET O 51 29.74 39.97 2.41
C MET O 51 28.73 39.06 1.80
N VAL O 52 28.95 37.79 2.06
CA VAL O 52 28.19 36.73 1.48
C VAL O 52 28.08 35.68 2.57
N MET O 53 26.96 34.97 2.61
CA MET O 53 26.90 33.73 3.35
C MET O 53 27.10 32.63 2.33
N ALA O 54 28.20 31.90 2.52
CA ALA O 54 28.62 30.86 1.62
C ALA O 54 28.71 29.55 2.34
N THR O 55 28.87 28.52 1.53
CA THR O 55 28.93 27.17 2.00
C THR O 55 29.99 26.50 1.16
N VAL O 56 30.90 25.81 1.83
CA VAL O 56 31.98 25.15 1.15
C VAL O 56 31.49 23.87 0.52
N LYS O 57 31.70 23.78 -0.78
CA LYS O 57 31.19 22.69 -1.60
C LYS O 57 32.25 21.62 -1.86
N LYS O 58 33.53 21.95 -1.72
CA LYS O 58 34.58 20.93 -1.70
C LYS O 58 35.91 21.38 -1.08
N GLY O 59 36.43 20.55 -0.16
CA GLY O 59 37.59 20.89 0.66
C GLY O 59 37.58 20.04 1.93
N LYS O 60 38.36 20.46 2.92
CA LYS O 60 38.47 19.68 4.16
C LYS O 60 37.11 19.62 4.88
N PRO O 61 36.69 18.42 5.31
CA PRO O 61 35.44 18.19 6.05
C PRO O 61 35.07 19.16 7.17
N GLU O 62 36.07 19.76 7.80
CA GLU O 62 35.82 20.76 8.83
C GLU O 62 35.22 22.09 8.33
N LEU O 63 35.22 22.30 7.01
CA LEU O 63 34.53 23.42 6.39
C LEU O 63 33.24 23.01 5.67
N ARG O 64 33.23 21.77 5.14
CA ARG O 64 32.02 21.16 4.57
C ARG O 64 30.84 21.23 5.54
N LYS O 65 29.65 21.45 4.97
CA LYS O 65 28.39 21.44 5.72
C LYS O 65 28.37 22.43 6.88
N LYS O 66 28.52 23.72 6.53
CA LYS O 66 28.05 24.82 7.37
C LYS O 66 27.91 26.14 6.61
N VAL O 67 26.82 26.87 6.89
CA VAL O 67 26.67 28.26 6.49
C VAL O 67 27.70 28.97 7.29
N HIS O 68 28.36 29.93 6.67
CA HIS O 68 29.67 30.30 7.15
C HIS O 68 30.19 31.49 6.29
N PRO O 69 30.44 32.68 6.88
CA PRO O 69 30.49 33.89 6.06
C PRO O 69 31.76 34.10 5.29
N ALA O 70 31.67 34.98 4.29
CA ALA O 70 32.67 35.14 3.22
C ALA O 70 32.60 36.50 2.58
N VAL O 71 33.64 36.82 1.81
CA VAL O 71 33.74 38.14 1.15
C VAL O 71 34.18 37.94 -0.27
N VAL O 72 33.53 38.66 -1.17
CA VAL O 72 33.85 38.55 -2.59
C VAL O 72 35.02 39.43 -2.93
N ILE O 73 35.98 38.82 -3.62
CA ILE O 73 37.24 39.44 -3.90
C ILE O 73 37.34 39.82 -5.37
N ARG O 74 37.08 38.85 -6.25
CA ARG O 74 37.12 39.09 -7.69
C ARG O 74 35.78 38.71 -8.31
N GLN O 75 35.37 39.41 -9.36
CA GLN O 75 34.22 38.98 -10.14
C GLN O 75 34.36 39.19 -11.62
N ARG O 76 34.05 38.14 -12.39
CA ARG O 76 34.16 38.10 -13.86
C ARG O 76 33.16 39.02 -14.57
N LYS O 77 32.11 39.43 -13.86
CA LYS O 77 31.26 40.48 -14.37
C LYS O 77 32.00 41.79 -14.24
N SER O 78 31.87 42.61 -15.25
CA SER O 78 32.68 43.80 -15.40
C SER O 78 32.09 45.02 -14.69
N TYR O 79 32.65 45.41 -13.52
CA TYR O 79 32.25 46.67 -12.88
C TYR O 79 32.87 47.86 -13.56
N ARG O 80 32.22 49.00 -13.39
CA ARG O 80 32.73 50.26 -13.89
C ARG O 80 33.22 51.07 -12.70
N ARG O 81 34.49 51.43 -12.79
CA ARG O 81 35.18 52.24 -11.79
C ARG O 81 34.90 53.68 -12.11
N LYS O 82 34.98 54.56 -11.12
CA LYS O 82 34.52 55.95 -11.30
C LYS O 82 35.41 56.83 -12.18
N ASP O 83 36.66 56.45 -12.31
CA ASP O 83 37.56 57.06 -13.30
C ASP O 83 37.36 56.54 -14.73
N GLY O 84 36.34 55.71 -14.94
CA GLY O 84 35.91 55.33 -16.27
C GLY O 84 36.78 54.27 -16.88
N VAL O 85 37.10 53.26 -16.07
CA VAL O 85 37.73 52.04 -16.54
C VAL O 85 36.81 50.96 -16.02
N PHE O 86 36.64 49.87 -16.77
CA PHE O 86 35.84 48.77 -16.25
C PHE O 86 36.78 47.59 -15.93
N LEU O 87 36.21 46.42 -15.59
CA LEU O 87 37.02 45.29 -15.11
C LEU O 87 36.27 43.91 -14.87
N TYR O 88 36.09 43.09 -15.90
CA TYR O 88 35.75 41.71 -15.61
C TYR O 88 37.01 41.20 -14.92
N PHE O 89 36.84 40.50 -13.81
CA PHE O 89 37.99 40.10 -13.01
C PHE O 89 38.28 38.60 -13.14
N GLU O 90 39.06 38.19 -14.16
CA GLU O 90 39.10 36.78 -14.70
C GLU O 90 38.21 35.69 -14.10
N ASP O 91 38.33 35.44 -12.77
CA ASP O 91 37.41 34.51 -12.06
C ASP O 91 36.77 35.01 -10.80
N ASN O 92 35.64 34.40 -10.57
CA ASN O 92 34.82 34.64 -9.43
C ASN O 92 35.43 33.93 -8.22
N ALA O 93 35.80 34.70 -7.19
CA ALA O 93 36.53 34.14 -6.03
C ALA O 93 36.40 34.97 -4.78
N GLY O 94 36.38 34.31 -3.64
CA GLY O 94 36.26 34.98 -2.36
C GLY O 94 37.17 34.42 -1.29
N VAL O 95 37.04 34.97 -0.10
CA VAL O 95 37.74 34.47 1.07
C VAL O 95 36.71 34.15 2.13
N ILE O 96 37.19 33.56 3.22
CA ILE O 96 36.34 33.19 4.35
C ILE O 96 36.62 34.07 5.58
N VAL O 97 35.53 34.54 6.19
CA VAL O 97 35.58 35.68 7.10
C VAL O 97 34.52 35.57 8.21
N ASN O 98 34.89 35.97 9.43
CA ASN O 98 33.94 36.10 10.57
C ASN O 98 33.49 37.53 10.76
N ASN O 99 32.20 37.67 11.07
CA ASN O 99 31.50 38.94 10.91
C ASN O 99 31.95 40.06 11.83
N LYS O 100 33.14 40.54 11.51
CA LYS O 100 33.45 41.97 11.50
C LYS O 100 34.28 42.28 10.26
N GLY O 101 35.30 41.46 10.00
CA GLY O 101 36.10 41.54 8.79
C GLY O 101 37.46 40.88 8.90
N GLU O 102 37.47 39.71 9.50
CA GLU O 102 38.67 39.02 9.91
C GLU O 102 38.78 37.78 9.07
N MET O 103 39.90 37.58 8.39
CA MET O 103 40.09 36.30 7.69
C MET O 103 40.38 35.19 8.68
N LYS O 104 39.93 33.97 8.38
CA LYS O 104 40.36 32.78 9.13
C LYS O 104 41.57 32.12 8.50
N GLY O 105 41.73 32.24 7.18
CA GLY O 105 42.96 31.89 6.51
C GLY O 105 43.97 33.01 6.65
N SER O 106 45.17 32.81 6.12
CA SER O 106 46.28 33.76 6.32
C SER O 106 47.04 34.13 5.04
N ALA O 107 46.46 33.89 3.87
CA ALA O 107 47.18 34.12 2.62
C ALA O 107 46.21 34.13 1.48
N ILE O 108 46.22 35.21 0.70
CA ILE O 108 45.31 35.33 -0.43
C ILE O 108 46.03 35.01 -1.73
N THR O 109 45.57 33.94 -2.39
CA THR O 109 46.12 33.54 -3.71
C THR O 109 45.63 34.44 -4.86
N GLY O 110 46.56 35.17 -5.45
CA GLY O 110 46.28 36.02 -6.59
C GLY O 110 45.69 37.36 -6.20
N PRO O 111 45.30 38.17 -7.20
CA PRO O 111 44.91 39.55 -6.94
C PRO O 111 43.54 39.75 -6.30
N VAL O 112 43.42 40.84 -5.53
CA VAL O 112 42.19 41.26 -4.90
C VAL O 112 41.84 42.59 -5.51
N ALA O 113 40.56 42.82 -5.73
CA ALA O 113 40.11 44.08 -6.32
C ALA O 113 40.04 45.19 -5.26
N LYS O 114 40.45 46.38 -5.64
CA LYS O 114 40.67 47.46 -4.65
C LYS O 114 39.43 47.92 -3.92
N GLU O 115 38.28 47.62 -4.50
CA GLU O 115 37.02 48.01 -3.91
C GLU O 115 36.75 47.13 -2.69
N CYS O 116 37.16 45.86 -2.77
CA CYS O 116 37.19 44.94 -1.64
C CYS O 116 38.30 45.34 -0.66
N ALA O 117 39.46 45.71 -1.18
CA ALA O 117 40.59 46.09 -0.34
C ALA O 117 40.34 47.35 0.49
N ASP O 118 40.09 48.49 -0.16
CA ASP O 118 39.76 49.75 0.54
C ASP O 118 38.79 49.56 1.69
N LEU O 119 37.78 48.75 1.43
CA LEU O 119 36.68 48.55 2.35
C LEU O 119 36.95 47.53 3.48
N TRP O 120 37.76 46.49 3.19
CA TRP O 120 37.99 45.35 4.10
C TRP O 120 39.48 45.25 4.45
N PRO O 121 39.93 46.03 5.44
CA PRO O 121 41.38 46.24 5.65
C PRO O 121 42.21 44.97 5.87
N ARG O 122 41.60 43.97 6.51
CA ARG O 122 42.34 42.76 6.90
C ARG O 122 42.52 41.84 5.71
N ILE O 123 41.61 41.95 4.74
CA ILE O 123 41.80 41.30 3.44
C ILE O 123 42.91 42.03 2.69
N ALA O 124 42.78 43.35 2.60
CA ALA O 124 43.77 44.18 1.87
C ALA O 124 45.19 43.89 2.32
N SER O 125 45.38 43.92 3.64
CA SER O 125 46.68 43.68 4.26
C SER O 125 47.28 42.31 3.90
N ASN O 126 46.42 41.29 3.86
CA ASN O 126 46.84 39.92 3.54
C ASN O 126 47.01 39.67 2.03
N ALA O 127 46.49 40.58 1.22
CA ALA O 127 46.53 40.47 -0.24
C ALA O 127 47.94 40.52 -0.79
N GLY O 128 48.15 39.82 -1.91
CA GLY O 128 49.40 39.88 -2.63
C GLY O 128 49.38 41.11 -3.51
N SER O 129 48.43 41.12 -4.45
CA SER O 129 48.31 42.17 -5.46
C SER O 129 46.94 42.85 -5.43
N ILE O 130 46.91 44.12 -5.01
CA ILE O 130 45.69 44.92 -5.03
C ILE O 130 45.49 45.49 -6.42
N ALA O 131 44.30 45.22 -7.00
CA ALA O 131 43.91 45.64 -8.35
C ALA O 131 44.79 45.00 -9.44
N LYS P 1 -25.12 -67.19 -66.74
CA LYS P 1 -23.64 -67.27 -66.53
C LYS P 1 -22.89 -66.28 -67.43
N LYS P 2 -23.12 -65.00 -67.19
CA LYS P 2 -22.22 -63.94 -67.66
C LYS P 2 -21.64 -63.35 -66.37
N ILE P 3 -20.49 -63.89 -65.95
CA ILE P 3 -19.89 -63.59 -64.63
C ILE P 3 -19.56 -62.11 -64.44
N ARG P 4 -19.59 -61.66 -63.19
CA ARG P 4 -19.20 -60.29 -62.84
C ARG P 4 -17.75 -60.25 -62.41
N THR P 5 -16.94 -59.64 -63.27
CA THR P 5 -15.54 -59.45 -63.02
C THR P 5 -15.34 -58.33 -61.99
N SER P 6 -16.10 -57.25 -62.11
CA SER P 6 -15.94 -56.08 -61.26
C SER P 6 -16.92 -56.14 -60.11
N PRO P 7 -16.55 -55.57 -58.94
CA PRO P 7 -17.45 -55.57 -57.81
C PRO P 7 -18.29 -54.28 -57.69
N THR P 8 -18.47 -53.56 -58.78
CA THR P 8 -19.45 -52.51 -58.81
C THR P 8 -20.61 -52.96 -59.66
N PHE P 9 -21.79 -52.41 -59.38
CA PHE P 9 -22.85 -52.40 -60.37
C PHE P 9 -22.81 -51.01 -60.94
N ARG P 10 -22.60 -50.97 -62.26
CA ARG P 10 -22.76 -49.78 -63.05
C ARG P 10 -24.06 -49.99 -63.79
N ARG P 11 -24.81 -48.92 -64.00
CA ARG P 11 -26.09 -49.05 -64.67
C ARG P 11 -25.90 -49.62 -66.05
N PRO P 12 -26.87 -50.39 -66.51
CA PRO P 12 -26.79 -50.86 -67.87
C PRO P 12 -27.04 -49.68 -68.80
N LYS P 13 -26.32 -49.66 -69.92
CA LYS P 13 -26.44 -48.57 -70.88
C LYS P 13 -27.63 -48.89 -71.78
N THR P 14 -28.69 -48.10 -71.68
CA THR P 14 -29.90 -48.40 -72.40
C THR P 14 -29.91 -47.76 -73.77
N LEU P 15 -30.87 -48.19 -74.58
CA LEU P 15 -31.21 -47.51 -75.84
C LEU P 15 -31.93 -46.24 -75.46
N ARG P 16 -31.65 -45.17 -76.20
CA ARG P 16 -32.37 -43.94 -75.99
C ARG P 16 -32.59 -43.23 -77.33
N LEU P 17 -33.85 -42.92 -77.62
CA LEU P 17 -34.29 -42.58 -78.96
C LEU P 17 -34.05 -41.11 -79.28
N ARG P 18 -34.33 -40.75 -80.54
CA ARG P 18 -34.12 -39.42 -81.09
C ARG P 18 -35.49 -38.73 -81.15
N ARG P 19 -35.57 -37.42 -80.89
CA ARG P 19 -36.85 -36.66 -81.01
C ARG P 19 -37.51 -36.90 -82.38
N GLN P 20 -38.76 -37.38 -82.36
CA GLN P 20 -39.59 -37.50 -83.57
C GLN P 20 -40.87 -36.71 -83.34
N PRO P 21 -40.74 -35.38 -83.25
CA PRO P 21 -41.83 -34.57 -82.74
C PRO P 21 -43.02 -34.62 -83.67
N LYS P 22 -44.21 -34.58 -83.09
CA LYS P 22 -45.45 -34.77 -83.83
C LYS P 22 -45.85 -33.50 -84.55
N TYR P 23 -45.49 -32.36 -83.99
CA TYR P 23 -45.50 -31.10 -84.71
C TYR P 23 -44.11 -30.52 -84.68
N PRO P 24 -43.86 -29.49 -85.49
CA PRO P 24 -42.81 -28.54 -85.12
C PRO P 24 -43.35 -27.68 -83.97
N ARG P 25 -42.46 -27.18 -83.13
CA ARG P 25 -42.87 -26.64 -81.84
C ARG P 25 -43.11 -25.14 -81.98
N LYS P 26 -42.46 -24.51 -82.96
CA LYS P 26 -42.87 -23.21 -83.48
C LYS P 26 -43.09 -23.35 -84.99
N SER P 27 -44.11 -22.63 -85.50
CA SER P 27 -44.61 -22.81 -86.86
C SER P 27 -43.51 -22.66 -87.88
N ALA P 28 -42.94 -21.46 -87.95
CA ALA P 28 -41.95 -21.12 -88.95
C ALA P 28 -40.61 -20.89 -88.29
N PRO P 29 -39.52 -21.02 -89.08
CA PRO P 29 -38.20 -20.61 -88.63
C PRO P 29 -37.98 -19.09 -88.75
N ARG P 30 -37.57 -18.47 -87.63
CA ARG P 30 -37.38 -17.03 -87.50
C ARG P 30 -36.56 -16.42 -88.66
N ARG P 31 -37.05 -15.31 -89.25
CA ARG P 31 -36.31 -14.63 -90.35
C ARG P 31 -35.01 -14.00 -89.79
N ASN P 32 -33.89 -14.25 -90.48
CA ASN P 32 -32.54 -13.84 -90.05
C ASN P 32 -32.35 -12.33 -90.01
N LYS P 33 -31.99 -11.77 -88.84
CA LYS P 33 -32.00 -10.31 -88.66
C LYS P 33 -30.64 -9.60 -88.77
N LEU P 34 -29.57 -10.35 -88.99
CA LEU P 34 -28.23 -9.78 -89.20
C LEU P 34 -27.85 -9.95 -90.67
N ASP P 35 -28.27 -9.00 -91.51
CA ASP P 35 -28.14 -9.12 -92.96
C ASP P 35 -27.04 -8.20 -93.55
N HIS P 36 -27.02 -8.11 -94.88
CA HIS P 36 -25.93 -7.60 -95.71
C HIS P 36 -26.50 -6.20 -96.06
N TYR P 37 -27.65 -5.83 -95.45
CA TYR P 37 -28.13 -4.45 -95.35
C TYR P 37 -28.25 -3.95 -93.91
N ALA P 38 -28.19 -4.85 -92.93
CA ALA P 38 -28.42 -4.50 -91.51
C ALA P 38 -27.19 -4.50 -90.61
N ILE P 39 -26.22 -5.36 -90.94
CA ILE P 39 -24.97 -5.49 -90.17
C ILE P 39 -24.04 -4.31 -90.34
N ILE P 40 -24.14 -3.68 -91.50
CA ILE P 40 -23.46 -2.44 -91.75
C ILE P 40 -24.50 -1.34 -91.70
N LYS P 41 -24.23 -0.35 -90.88
CA LYS P 41 -25.11 0.76 -90.76
C LYS P 41 -24.59 1.85 -91.70
N PHE P 42 -23.43 2.44 -91.35
CA PHE P 42 -22.84 3.48 -92.18
C PHE P 42 -21.34 3.59 -92.18
N PRO P 43 -20.79 3.97 -93.34
CA PRO P 43 -19.39 4.32 -93.40
C PRO P 43 -19.17 5.69 -92.79
N LEU P 44 -18.10 5.81 -92.00
CA LEU P 44 -17.69 7.10 -91.47
C LEU P 44 -17.07 7.95 -92.56
N THR P 45 -17.12 9.26 -92.32
CA THR P 45 -16.55 10.25 -93.22
C THR P 45 -15.71 11.26 -92.45
N THR P 46 -15.21 10.84 -91.30
CA THR P 46 -14.43 11.71 -90.45
C THR P 46 -13.09 11.94 -91.09
N GLU P 47 -12.45 13.06 -90.78
CA GLU P 47 -11.15 13.38 -91.40
C GLU P 47 -10.12 12.26 -91.12
N SER P 48 -10.14 11.74 -89.89
CA SER P 48 -9.34 10.57 -89.52
C SER P 48 -10.12 9.30 -89.87
N ALA P 49 -10.15 9.02 -91.17
CA ALA P 49 -11.02 8.02 -91.80
C ALA P 49 -11.00 8.24 -93.31
N MET P 50 -11.01 9.51 -93.74
CA MET P 50 -10.62 9.87 -95.10
C MET P 50 -9.12 9.65 -95.20
N LYS P 51 -8.40 10.20 -94.23
CA LYS P 51 -6.97 9.95 -94.04
C LYS P 51 -6.62 8.46 -94.00
N LYS P 52 -7.50 7.68 -93.38
CA LYS P 52 -7.36 6.23 -93.32
C LYS P 52 -7.71 5.53 -94.66
N ILE P 53 -8.67 6.06 -95.41
CA ILE P 53 -9.02 5.51 -96.72
C ILE P 53 -7.90 5.71 -97.71
N GLU P 54 -7.53 6.97 -97.91
CA GLU P 54 -6.56 7.33 -98.93
C GLU P 54 -5.17 6.74 -98.69
N ASP P 55 -4.75 6.67 -97.42
CA ASP P 55 -3.37 6.30 -97.06
C ASP P 55 -3.12 4.81 -96.79
N ASN P 56 -4.14 4.09 -96.34
CA ASN P 56 -3.98 2.72 -95.86
C ASN P 56 -4.81 1.65 -96.59
N ASN P 57 -5.46 2.02 -97.69
CA ASN P 57 -6.42 1.14 -98.38
C ASN P 57 -7.46 0.53 -97.46
N THR P 58 -8.07 1.36 -96.62
CA THR P 58 -9.14 0.91 -95.73
C THR P 58 -10.45 1.60 -96.02
N LEU P 59 -11.49 1.12 -95.36
CA LEU P 59 -12.73 1.83 -95.26
C LEU P 59 -13.17 1.75 -93.83
N VAL P 60 -13.68 2.86 -93.29
CA VAL P 60 -14.13 2.89 -91.93
C VAL P 60 -15.63 2.76 -91.86
N PHE P 61 -16.08 1.72 -91.16
CA PHE P 61 -17.50 1.39 -91.04
C PHE P 61 -17.94 1.42 -89.58
N ILE P 62 -19.16 1.91 -89.37
CA ILE P 62 -19.93 1.61 -88.18
C ILE P 62 -20.72 0.38 -88.53
N VAL P 63 -20.88 -0.47 -87.54
CA VAL P 63 -21.32 -1.83 -87.76
C VAL P 63 -22.26 -2.22 -86.63
N ASP P 64 -23.17 -3.15 -86.88
CA ASP P 64 -24.09 -3.59 -85.82
C ASP P 64 -23.34 -4.39 -84.79
N VAL P 65 -23.56 -4.01 -83.54
CA VAL P 65 -22.66 -4.36 -82.45
C VAL P 65 -22.52 -5.86 -82.15
N LYS P 66 -23.48 -6.69 -82.58
CA LYS P 66 -23.38 -8.15 -82.47
C LYS P 66 -22.58 -8.79 -83.63
N ALA P 67 -21.96 -7.98 -84.48
CA ALA P 67 -21.26 -8.48 -85.65
C ALA P 67 -19.89 -9.04 -85.34
N ASN P 68 -19.56 -10.16 -85.98
CA ASN P 68 -18.20 -10.72 -85.97
C ASN P 68 -17.45 -10.25 -87.17
N LYS P 69 -16.16 -10.53 -87.20
CA LYS P 69 -15.36 -10.18 -88.35
C LYS P 69 -15.75 -10.97 -89.61
N HIS P 70 -16.02 -12.28 -89.50
CA HIS P 70 -16.41 -13.09 -90.70
C HIS P 70 -17.82 -12.73 -91.18
N GLN P 71 -18.61 -12.07 -90.33
CA GLN P 71 -19.86 -11.46 -90.77
C GLN P 71 -19.60 -10.13 -91.44
N ILE P 72 -18.73 -9.30 -90.86
CA ILE P 72 -18.41 -7.99 -91.46
C ILE P 72 -17.67 -8.17 -92.79
N LYS P 73 -16.91 -9.25 -92.89
CA LYS P 73 -16.14 -9.55 -94.09
C LYS P 73 -17.07 -10.05 -95.22
N GLN P 74 -17.94 -11.01 -94.91
CA GLN P 74 -18.97 -11.48 -95.90
C GLN P 74 -20.15 -10.54 -96.04
N ALA P 75 -20.13 -9.43 -95.30
CA ALA P 75 -21.00 -8.33 -95.61
C ALA P 75 -20.30 -7.46 -96.61
N VAL P 76 -19.21 -6.84 -96.22
CA VAL P 76 -18.60 -5.80 -97.07
C VAL P 76 -18.31 -6.36 -98.47
N LYS P 77 -17.92 -7.64 -98.52
CA LYS P 77 -17.75 -8.37 -99.79
C LYS P 77 -19.03 -8.46 -100.62
N LYS P 78 -20.10 -8.92 -100.00
CA LYS P 78 -21.38 -9.11 -100.66
C LYS P 78 -21.89 -7.88 -101.38
N LEU P 79 -21.55 -6.70 -100.88
CA LEU P 79 -22.27 -5.49 -101.25
C LEU P 79 -21.58 -4.57 -102.22
N TYR P 80 -20.44 -4.01 -101.79
CA TYR P 80 -19.57 -3.23 -102.63
C TYR P 80 -18.67 -4.24 -103.29
N ASP P 81 -19.30 -5.06 -104.13
CA ASP P 81 -18.65 -6.21 -104.82
C ASP P 81 -17.16 -6.19 -104.72
N ILE P 82 -16.72 -6.17 -103.47
CA ILE P 82 -15.35 -5.90 -103.13
C ILE P 82 -14.65 -7.22 -102.78
N ASP P 83 -13.45 -7.14 -102.21
CA ASP P 83 -12.93 -8.24 -101.38
C ASP P 83 -11.99 -7.68 -100.30
N VAL P 84 -11.93 -8.41 -99.20
CA VAL P 84 -11.44 -7.88 -97.94
C VAL P 84 -10.22 -8.65 -97.48
N ALA P 85 -9.13 -7.95 -97.21
CA ALA P 85 -7.92 -8.57 -96.68
C ALA P 85 -8.08 -8.91 -95.20
N LYS P 86 -8.48 -7.93 -94.40
CA LYS P 86 -8.76 -8.14 -92.96
C LYS P 86 -9.62 -7.04 -92.32
N VAL P 87 -10.35 -7.46 -91.29
CA VAL P 87 -11.27 -6.60 -90.56
C VAL P 87 -10.69 -6.44 -89.17
N ASN P 88 -11.10 -5.39 -88.47
CA ASN P 88 -10.35 -4.94 -87.34
C ASN P 88 -11.23 -3.98 -86.49
N THR P 89 -11.95 -4.56 -85.52
CA THR P 89 -13.11 -3.90 -84.88
C THR P 89 -12.88 -3.37 -83.48
N LEU P 90 -13.52 -2.26 -83.17
CA LEU P 90 -13.52 -1.73 -81.82
C LEU P 90 -14.91 -1.28 -81.48
N ILE P 91 -15.12 -0.97 -80.22
CA ILE P 91 -16.36 -0.43 -79.77
C ILE P 91 -16.13 0.99 -79.28
N ARG P 92 -16.58 1.96 -80.08
CA ARG P 92 -16.52 3.37 -79.72
C ARG P 92 -17.20 3.56 -78.36
N PRO P 93 -16.65 4.45 -77.53
CA PRO P 93 -17.36 4.82 -76.31
C PRO P 93 -18.61 5.62 -76.65
N ASP P 94 -19.73 4.89 -76.67
CA ASP P 94 -21.02 5.21 -77.37
C ASP P 94 -21.75 3.93 -77.80
N GLY P 95 -21.02 2.81 -77.90
CA GLY P 95 -21.61 1.51 -78.15
C GLY P 95 -21.62 1.17 -79.62
N GLU P 96 -21.24 2.13 -80.45
CA GLU P 96 -21.16 1.89 -81.88
C GLU P 96 -19.89 1.10 -82.12
N LYS P 97 -20.02 -0.07 -82.75
CA LYS P 97 -18.88 -0.85 -83.18
C LYS P 97 -18.31 -0.30 -84.47
N LYS P 98 -17.06 0.15 -84.44
CA LYS P 98 -16.34 0.47 -85.67
C LYS P 98 -15.71 -0.78 -86.18
N ALA P 99 -15.32 -0.75 -87.45
CA ALA P 99 -14.63 -1.86 -88.06
C ALA P 99 -13.92 -1.31 -89.25
N TYR P 100 -12.60 -1.18 -89.20
CA TYR P 100 -11.94 -0.65 -90.40
C TYR P 100 -11.28 -1.79 -91.18
N VAL P 101 -11.66 -1.81 -92.45
CA VAL P 101 -11.59 -2.95 -93.31
C VAL P 101 -10.54 -2.68 -94.37
N ARG P 102 -9.42 -3.38 -94.28
CA ARG P 102 -8.37 -3.34 -95.29
C ARG P 102 -8.84 -4.10 -96.54
N LEU P 103 -8.71 -3.47 -97.70
CA LEU P 103 -9.13 -4.07 -98.97
C LEU P 103 -7.90 -4.57 -99.70
N ALA P 104 -8.02 -5.75 -100.30
CA ALA P 104 -6.88 -6.39 -100.99
C ALA P 104 -6.18 -5.48 -102.02
N PRO P 105 -4.84 -5.61 -102.17
CA PRO P 105 -4.01 -4.63 -102.88
C PRO P 105 -4.39 -4.35 -104.34
N ASP P 106 -4.89 -5.37 -105.04
CA ASP P 106 -5.39 -5.25 -106.43
C ASP P 106 -6.47 -4.16 -106.61
N TYR P 107 -6.94 -3.60 -105.51
CA TYR P 107 -8.29 -3.10 -105.38
C TYR P 107 -8.27 -1.85 -104.49
N ASP P 108 -8.89 -0.76 -104.93
CA ASP P 108 -8.68 0.54 -104.29
C ASP P 108 -9.84 1.04 -103.46
N ALA P 109 -9.48 1.74 -102.38
CA ALA P 109 -10.43 2.31 -101.47
C ALA P 109 -10.92 3.63 -101.99
N LEU P 110 -9.99 4.42 -102.54
CA LEU P 110 -10.32 5.76 -102.99
C LEU P 110 -11.29 5.78 -104.17
N ASP P 111 -11.42 4.67 -104.89
CA ASP P 111 -12.44 4.54 -105.92
C ASP P 111 -13.74 4.12 -105.26
N VAL P 112 -13.69 3.02 -104.49
CA VAL P 112 -14.90 2.47 -103.83
C VAL P 112 -15.51 3.38 -102.74
N ALA P 113 -14.81 4.44 -102.37
CA ALA P 113 -15.43 5.55 -101.63
C ALA P 113 -16.48 6.26 -102.48
N ASN P 114 -16.13 6.56 -103.73
CA ASN P 114 -17.01 7.39 -104.58
C ASN P 114 -18.18 6.61 -105.09
N LYS P 115 -18.00 5.30 -105.25
CA LYS P 115 -19.12 4.42 -105.54
C LYS P 115 -20.15 4.47 -104.41
N ILE P 116 -19.71 4.17 -103.17
CA ILE P 116 -20.65 4.13 -102.02
C ILE P 116 -21.12 5.52 -101.61
N GLY P 117 -20.50 6.57 -102.17
CA GLY P 117 -21.04 7.92 -102.11
C GLY P 117 -20.31 8.80 -101.13
N ILE P 118 -19.46 8.20 -100.30
CA ILE P 118 -18.71 8.95 -99.29
C ILE P 118 -17.61 9.70 -100.00
N ILE P 119 -16.97 10.57 -99.24
CA ILE P 119 -15.81 11.39 -99.65
C ILE P 119 -16.06 12.83 -99.16
N MET Q 1 -81.63 19.92 -67.59
CA MET Q 1 -80.71 19.00 -66.86
C MET Q 1 -80.25 17.86 -67.71
N LYS Q 2 -79.01 17.44 -67.51
CA LYS Q 2 -78.57 16.14 -68.01
C LYS Q 2 -79.16 15.08 -67.10
N PHE Q 3 -79.02 13.85 -67.54
CA PHE Q 3 -79.52 12.72 -66.81
C PHE Q 3 -78.57 11.56 -66.88
N ASN Q 4 -78.36 11.07 -68.10
CA ASN Q 4 -77.67 9.82 -68.37
C ASN Q 4 -76.38 9.76 -67.56
N PRO Q 5 -76.38 8.91 -66.50
CA PRO Q 5 -75.12 8.63 -65.84
C PRO Q 5 -74.45 7.68 -66.79
N PHE Q 6 -73.16 7.83 -66.98
CA PHE Q 6 -72.49 7.39 -68.21
C PHE Q 6 -72.29 8.64 -69.12
N VAL Q 7 -72.44 9.84 -68.52
CA VAL Q 7 -71.93 11.17 -69.01
C VAL Q 7 -71.49 12.00 -67.78
N THR Q 8 -70.64 13.02 -67.98
CA THR Q 8 -69.86 13.63 -66.88
C THR Q 8 -70.41 14.82 -66.08
N SER Q 9 -70.48 16.02 -66.65
CA SER Q 9 -70.94 17.23 -65.92
C SER Q 9 -70.01 17.73 -64.82
N ASP Q 10 -68.70 17.62 -65.02
CA ASP Q 10 -67.74 17.93 -63.95
C ASP Q 10 -66.79 19.02 -64.36
N ARG Q 11 -67.01 20.22 -63.85
CA ARG Q 11 -66.11 21.36 -64.06
C ARG Q 11 -64.78 20.86 -64.65
N SER Q 12 -64.07 20.01 -63.90
CA SER Q 12 -62.72 19.58 -64.26
C SER Q 12 -62.61 18.52 -65.33
N LYS Q 13 -63.42 17.47 -65.24
CA LYS Q 13 -63.25 16.28 -66.11
C LYS Q 13 -63.44 16.55 -67.60
N ASN Q 14 -64.29 17.51 -67.95
CA ASN Q 14 -64.44 17.88 -69.37
C ASN Q 14 -63.74 19.21 -69.73
N ARG Q 15 -63.23 19.91 -68.73
CA ARG Q 15 -62.15 20.86 -68.93
C ARG Q 15 -60.94 20.07 -69.40
N LYS Q 16 -60.73 18.90 -68.79
CA LYS Q 16 -59.60 18.00 -69.13
C LYS Q 16 -59.78 17.41 -70.50
N ARG Q 17 -60.93 16.76 -70.70
CA ARG Q 17 -61.24 16.14 -71.97
C ARG Q 17 -61.22 17.18 -73.10
N HIS Q 18 -61.03 18.49 -72.79
CA HIS Q 18 -60.56 19.42 -73.83
C HIS Q 18 -59.11 19.31 -74.28
N PHE Q 19 -58.16 19.94 -73.60
CA PHE Q 19 -56.77 20.06 -74.14
C PHE Q 19 -56.06 18.76 -73.76
N ASN Q 20 -56.81 17.67 -73.90
CA ASN Q 20 -56.28 16.35 -74.13
C ASN Q 20 -57.05 15.52 -75.17
N ALA Q 21 -57.98 16.12 -75.91
CA ALA Q 21 -58.74 15.37 -76.91
C ALA Q 21 -57.89 15.21 -78.16
N PRO Q 22 -57.95 14.02 -78.77
CA PRO Q 22 -57.16 13.75 -79.95
C PRO Q 22 -57.71 14.46 -81.19
N SER Q 23 -56.86 14.59 -82.22
CA SER Q 23 -57.25 15.23 -83.48
C SER Q 23 -58.48 14.59 -84.12
N HIS Q 24 -58.67 13.30 -83.85
CA HIS Q 24 -59.89 12.63 -84.24
C HIS Q 24 -61.07 13.55 -83.91
N ILE Q 25 -61.21 13.81 -82.62
CA ILE Q 25 -62.40 14.46 -82.09
C ILE Q 25 -62.41 15.95 -82.42
N ARG Q 26 -61.25 16.59 -82.32
CA ARG Q 26 -61.17 18.06 -82.45
C ARG Q 26 -61.87 18.62 -83.68
N ARG Q 27 -61.92 17.82 -84.76
CA ARG Q 27 -62.75 18.14 -85.93
C ARG Q 27 -64.15 18.58 -85.49
N LYS Q 28 -64.88 17.65 -84.85
CA LYS Q 28 -66.26 17.91 -84.42
C LYS Q 28 -66.33 19.16 -83.59
N ILE Q 29 -65.34 19.31 -82.71
CA ILE Q 29 -65.30 20.47 -81.84
C ILE Q 29 -65.10 21.73 -82.64
N MET Q 30 -64.08 21.70 -83.49
CA MET Q 30 -63.76 22.83 -84.33
C MET Q 30 -64.75 22.90 -85.48
N SER Q 31 -65.98 23.27 -85.16
CA SER Q 31 -67.04 23.43 -86.15
C SER Q 31 -67.54 24.85 -86.04
N SER Q 32 -67.96 25.40 -87.16
CA SER Q 32 -68.56 26.72 -87.17
C SER Q 32 -69.89 26.67 -87.89
N PRO Q 33 -70.75 27.67 -87.66
CA PRO Q 33 -72.05 27.67 -88.30
C PRO Q 33 -71.95 28.00 -89.78
N LEU Q 34 -73.05 27.77 -90.48
CA LEU Q 34 -73.16 28.11 -91.87
C LEU Q 34 -73.95 29.42 -91.96
N SER Q 35 -73.74 30.19 -93.02
CA SER Q 35 -74.51 31.42 -93.24
C SER Q 35 -75.94 31.09 -93.66
N LYS Q 36 -76.85 32.03 -93.44
CA LYS Q 36 -78.29 31.83 -93.67
C LYS Q 36 -78.59 31.21 -95.04
N GLU Q 37 -77.87 31.66 -96.06
CA GLU Q 37 -78.02 31.15 -97.43
C GLU Q 37 -77.85 29.62 -97.47
N LEU Q 38 -76.75 29.13 -96.89
CA LEU Q 38 -76.45 27.70 -96.89
C LEU Q 38 -77.35 26.97 -95.91
N ARG Q 39 -77.51 27.55 -94.72
CA ARG Q 39 -78.41 27.03 -93.69
C ARG Q 39 -79.84 26.81 -94.20
N GLN Q 40 -80.24 27.64 -95.16
CA GLN Q 40 -81.48 27.45 -95.89
C GLN Q 40 -81.33 26.35 -96.91
N LYS Q 41 -80.41 26.55 -97.86
CA LYS Q 41 -80.22 25.65 -99.00
C LYS Q 41 -80.12 24.17 -98.62
N TYR Q 42 -79.41 23.92 -97.54
CA TYR Q 42 -78.89 22.61 -97.21
C TYR Q 42 -79.54 21.90 -96.02
N ASN Q 43 -80.29 22.65 -95.20
CA ASN Q 43 -80.86 22.17 -93.93
C ASN Q 43 -79.86 21.64 -92.91
N VAL Q 44 -78.74 22.32 -92.77
CA VAL Q 44 -77.71 21.96 -91.81
C VAL Q 44 -77.28 23.21 -91.08
N ARG Q 45 -77.24 23.09 -89.77
CA ARG Q 45 -76.93 24.19 -88.90
C ARG Q 45 -75.44 24.57 -88.93
N SER Q 46 -74.61 23.60 -88.54
CA SER Q 46 -73.17 23.83 -88.35
C SER Q 46 -72.34 22.68 -88.90
N MET Q 47 -71.14 23.03 -89.40
CA MET Q 47 -70.23 22.09 -90.01
C MET Q 47 -68.85 22.19 -89.41
N PRO Q 48 -68.14 21.05 -89.33
CA PRO Q 48 -66.71 21.02 -89.09
C PRO Q 48 -65.99 21.86 -90.13
N ILE Q 49 -65.07 22.72 -89.67
CA ILE Q 49 -64.35 23.59 -90.58
C ILE Q 49 -63.27 22.80 -91.30
N ARG Q 50 -62.94 23.23 -92.51
CA ARG Q 50 -61.95 22.56 -93.33
C ARG Q 50 -61.01 23.55 -94.01
N LYS Q 51 -59.80 23.10 -94.33
CA LYS Q 51 -58.68 23.94 -94.81
C LYS Q 51 -58.99 25.06 -95.77
N ASP Q 52 -59.84 24.82 -96.75
CA ASP Q 52 -60.00 25.77 -97.85
C ASP Q 52 -61.45 26.31 -97.98
N ASP Q 53 -62.10 26.39 -96.83
CA ASP Q 53 -63.50 26.78 -96.70
C ASP Q 53 -63.55 28.29 -96.57
N GLU Q 54 -64.50 28.95 -97.23
CA GLU Q 54 -64.58 30.42 -97.16
C GLU Q 54 -65.41 30.88 -95.98
N VAL Q 55 -64.92 31.91 -95.31
CA VAL Q 55 -65.33 32.22 -93.94
C VAL Q 55 -65.40 33.73 -93.67
N GLN Q 56 -66.40 34.12 -92.89
CA GLN Q 56 -66.57 35.49 -92.41
C GLN Q 56 -66.33 35.54 -90.93
N VAL Q 57 -65.46 36.44 -90.50
CA VAL Q 57 -65.24 36.68 -89.08
C VAL Q 57 -66.49 37.40 -88.56
N VAL Q 58 -66.95 37.03 -87.36
CA VAL Q 58 -68.15 37.64 -86.78
C VAL Q 58 -67.87 38.38 -85.47
N ARG Q 59 -66.99 37.86 -84.63
CA ARG Q 59 -66.64 38.50 -83.37
C ARG Q 59 -65.16 38.89 -83.49
N GLY Q 60 -64.50 39.27 -82.41
CA GLY Q 60 -63.04 39.54 -82.45
C GLY Q 60 -62.69 40.96 -82.83
N HIS Q 61 -61.38 41.30 -82.81
CA HIS Q 61 -60.96 42.71 -83.02
C HIS Q 61 -61.50 43.11 -84.42
N TYR Q 62 -61.35 42.21 -85.40
CA TYR Q 62 -61.34 42.55 -86.83
C TYR Q 62 -62.33 41.59 -87.53
N LYS Q 63 -63.47 41.42 -86.86
CA LYS Q 63 -64.81 41.29 -87.43
C LYS Q 63 -64.98 42.06 -88.74
N GLY Q 64 -65.85 41.58 -89.61
CA GLY Q 64 -66.15 42.28 -90.86
C GLY Q 64 -67.07 41.53 -91.80
N GLN Q 65 -67.20 42.00 -93.04
CA GLN Q 65 -67.97 41.32 -94.09
C GLN Q 65 -67.06 40.69 -95.16
N GLN Q 66 -65.74 40.75 -94.96
CA GLN Q 66 -64.77 40.31 -95.96
C GLN Q 66 -64.69 38.80 -95.91
N ILE Q 67 -65.11 38.15 -96.99
CA ILE Q 67 -65.05 36.71 -97.06
C ILE Q 67 -63.62 36.30 -97.42
N GLY Q 68 -62.88 35.88 -96.40
CA GLY Q 68 -61.55 35.28 -96.58
C GLY Q 68 -61.65 33.78 -96.58
N LYS Q 69 -60.74 33.12 -97.28
CA LYS Q 69 -60.68 31.66 -97.29
C LYS Q 69 -59.77 31.19 -96.16
N VAL Q 70 -60.11 30.07 -95.53
CA VAL Q 70 -59.26 29.46 -94.50
C VAL Q 70 -57.95 29.00 -95.13
N VAL Q 71 -56.87 29.08 -94.37
CA VAL Q 71 -55.56 28.71 -94.86
C VAL Q 71 -55.10 27.41 -94.19
N GLN Q 72 -54.77 27.41 -92.89
CA GLN Q 72 -54.69 26.13 -92.15
C GLN Q 72 -55.37 26.15 -90.78
N VAL Q 73 -55.38 24.98 -90.14
CA VAL Q 73 -56.09 24.70 -88.91
C VAL Q 73 -55.10 24.19 -87.80
N TYR Q 74 -54.69 25.03 -86.83
CA TYR Q 74 -54.06 24.48 -85.61
C TYR Q 74 -55.21 23.73 -85.04
N ARG Q 75 -55.19 22.42 -85.16
CA ARG Q 75 -56.00 21.65 -84.25
C ARG Q 75 -55.19 21.44 -82.95
N LYS Q 76 -53.91 21.80 -82.93
CA LYS Q 76 -53.15 21.70 -81.70
C LYS Q 76 -53.49 22.88 -80.80
N LYS Q 77 -53.07 24.10 -81.19
CA LYS Q 77 -53.57 25.34 -80.54
C LYS Q 77 -55.07 25.42 -80.67
N TYR Q 78 -55.63 24.66 -81.60
CA TYR Q 78 -57.03 24.30 -81.60
C TYR Q 78 -57.73 25.68 -81.86
N VAL Q 79 -57.58 26.12 -83.14
CA VAL Q 79 -57.76 27.49 -83.67
C VAL Q 79 -57.40 27.63 -85.19
N ILE Q 80 -58.16 28.40 -85.97
CA ILE Q 80 -57.92 28.51 -87.45
C ILE Q 80 -57.29 29.79 -87.94
N TYR Q 81 -56.71 29.66 -89.13
CA TYR Q 81 -55.71 30.56 -89.66
C TYR Q 81 -56.18 30.98 -91.06
N ILE Q 82 -56.69 32.22 -91.16
CA ILE Q 82 -57.47 32.70 -92.34
C ILE Q 82 -56.62 33.67 -93.16
N GLU Q 83 -57.21 34.39 -94.13
CA GLU Q 83 -56.45 34.96 -95.26
C GLU Q 83 -55.98 36.40 -95.03
N ARG Q 84 -56.87 37.39 -95.13
CA ARG Q 84 -56.50 38.77 -94.82
C ARG Q 84 -56.60 39.00 -93.31
N VAL Q 85 -57.15 38.01 -92.61
CA VAL Q 85 -56.95 37.89 -91.18
C VAL Q 85 -55.45 37.80 -90.90
N GLN Q 86 -54.82 38.92 -90.57
CA GLN Q 86 -53.38 38.94 -90.29
C GLN Q 86 -52.93 40.22 -89.68
N ARG Q 87 -51.77 40.14 -89.03
CA ARG Q 87 -51.19 41.29 -88.38
C ARG Q 87 -49.76 41.41 -88.82
N GLU Q 88 -49.29 42.65 -88.82
CA GLU Q 88 -47.91 42.97 -89.13
C GLU Q 88 -47.11 42.91 -87.83
N LYS Q 89 -45.98 42.21 -87.87
CA LYS Q 89 -45.06 42.10 -86.74
C LYS Q 89 -44.09 43.28 -86.80
N ALA Q 90 -43.19 43.39 -85.82
CA ALA Q 90 -42.18 44.47 -85.75
C ALA Q 90 -41.28 44.63 -87.00
N ASN Q 91 -41.00 43.51 -87.68
CA ASN Q 91 -40.07 43.46 -88.85
C ASN Q 91 -40.79 43.63 -90.21
N GLY Q 92 -42.13 43.75 -90.18
CA GLY Q 92 -42.94 43.74 -91.40
C GLY Q 92 -43.47 42.36 -91.78
N THR Q 93 -42.87 41.31 -91.24
CA THR Q 93 -43.24 39.93 -91.54
C THR Q 93 -44.65 39.69 -91.06
N THR Q 94 -45.61 39.62 -91.99
CA THR Q 94 -47.00 39.43 -91.61
C THR Q 94 -47.23 37.98 -91.13
N VAL Q 95 -48.01 37.89 -90.05
CA VAL Q 95 -48.34 36.65 -89.37
C VAL Q 95 -49.85 36.63 -89.28
N HIS Q 96 -50.48 35.47 -89.49
CA HIS Q 96 -51.96 35.44 -89.38
C HIS Q 96 -52.23 35.36 -87.88
N VAL Q 97 -53.48 35.59 -87.51
CA VAL Q 97 -53.86 35.57 -86.12
C VAL Q 97 -54.93 34.52 -85.96
N GLY Q 98 -54.96 33.90 -84.79
CA GLY Q 98 -55.89 32.82 -84.52
C GLY Q 98 -57.32 33.27 -84.33
N ILE Q 99 -58.25 32.45 -84.80
CA ILE Q 99 -59.66 32.65 -84.57
C ILE Q 99 -60.31 31.29 -84.38
N HIS Q 100 -61.34 31.12 -83.54
CA HIS Q 100 -62.09 29.84 -83.59
C HIS Q 100 -62.92 29.66 -84.80
N PRO Q 101 -63.31 28.42 -85.02
CA PRO Q 101 -64.49 28.15 -85.76
C PRO Q 101 -65.67 28.85 -85.12
N SER Q 102 -65.96 28.55 -83.86
CA SER Q 102 -67.13 29.10 -83.17
C SER Q 102 -67.36 30.62 -83.30
N LYS Q 103 -66.30 31.37 -83.58
CA LYS Q 103 -66.37 32.82 -83.83
C LYS Q 103 -66.17 33.15 -85.29
N VAL Q 104 -66.92 32.49 -86.14
CA VAL Q 104 -66.76 32.60 -87.58
C VAL Q 104 -67.96 31.96 -88.23
N VAL Q 105 -68.26 32.32 -89.47
CA VAL Q 105 -69.40 31.76 -90.18
C VAL Q 105 -68.98 31.34 -91.58
N ILE Q 106 -69.40 30.14 -91.98
CA ILE Q 106 -69.06 29.61 -93.29
C ILE Q 106 -69.98 30.19 -94.33
N THR Q 107 -69.38 30.77 -95.37
CA THR Q 107 -70.10 31.35 -96.50
C THR Q 107 -69.96 30.57 -97.79
N ARG Q 108 -68.97 29.69 -97.89
CA ARG Q 108 -68.93 28.74 -98.99
C ARG Q 108 -68.17 27.48 -98.63
N LEU Q 109 -68.93 26.40 -98.40
CA LEU Q 109 -68.37 25.09 -98.13
C LEU Q 109 -67.61 24.60 -99.33
N LYS Q 110 -66.47 23.95 -99.09
CA LYS Q 110 -65.73 23.31 -100.16
C LYS Q 110 -66.16 21.88 -100.22
N LEU Q 111 -66.87 21.56 -101.28
CA LEU Q 111 -67.61 20.31 -101.36
C LEU Q 111 -66.76 19.19 -101.88
N ASP Q 112 -67.26 17.99 -101.64
CA ASP Q 112 -66.49 16.78 -101.82
C ASP Q 112 -67.38 15.55 -101.80
N LYS Q 113 -66.77 14.41 -102.07
CA LYS Q 113 -67.45 13.14 -101.92
C LYS Q 113 -67.79 12.98 -100.44
N ASP Q 114 -66.79 13.10 -99.58
CA ASP Q 114 -66.94 12.76 -98.15
C ASP Q 114 -67.76 13.80 -97.39
N ARG Q 115 -67.69 15.07 -97.81
CA ARG Q 115 -68.38 16.13 -97.09
C ARG Q 115 -69.85 16.22 -97.49
N LYS Q 116 -70.18 15.93 -98.75
CA LYS Q 116 -71.58 15.88 -99.20
C LYS Q 116 -72.41 14.91 -98.37
N LYS Q 117 -71.93 13.69 -98.25
CA LYS Q 117 -72.64 12.64 -97.51
C LYS Q 117 -72.93 13.00 -96.05
N ILE Q 118 -72.09 13.83 -95.43
CA ILE Q 118 -72.37 14.35 -94.10
C ILE Q 118 -73.57 15.29 -94.21
N LEU Q 119 -73.48 16.28 -95.10
CA LEU Q 119 -74.58 17.23 -95.34
C LEU Q 119 -75.92 16.57 -95.65
N GLU Q 120 -75.88 15.47 -96.38
CA GLU Q 120 -77.06 14.64 -96.56
C GLU Q 120 -77.48 14.04 -95.23
N ARG Q 121 -76.55 13.35 -94.57
CA ARG Q 121 -76.87 12.58 -93.36
C ARG Q 121 -77.26 13.45 -92.15
N LYS Q 122 -76.72 14.66 -92.03
CA LYS Q 122 -77.18 15.64 -91.01
C LYS Q 122 -78.58 16.17 -91.31
N ALA Q 123 -78.80 16.56 -92.56
CA ALA Q 123 -80.11 17.02 -93.03
C ALA Q 123 -81.17 15.92 -93.00
N LYS Q 124 -80.75 14.67 -93.19
CA LYS Q 124 -81.65 13.53 -93.06
C LYS Q 124 -81.99 13.26 -91.60
N SER Q 125 -81.03 13.44 -90.71
CA SER Q 125 -81.29 13.29 -89.27
C SER Q 125 -82.23 14.39 -88.74
N ARG Q 126 -81.91 15.65 -89.06
CA ARG Q 126 -82.81 16.80 -88.77
C ARG Q 126 -84.26 16.49 -89.13
N GLN Q 127 -84.48 16.14 -90.39
CA GLN Q 127 -85.85 15.91 -90.89
C GLN Q 127 -86.49 14.66 -90.28
N VAL Q 128 -85.69 13.65 -89.92
CA VAL Q 128 -86.20 12.44 -89.25
C VAL Q 128 -86.70 12.77 -87.84
N GLY Q 129 -86.01 13.68 -87.15
CA GLY Q 129 -86.47 14.19 -85.85
C GLY Q 129 -87.74 15.04 -85.91
N LYS Q 130 -87.88 15.82 -86.98
CA LYS Q 130 -89.07 16.64 -87.22
C LYS Q 130 -90.26 15.78 -87.69
N GLU Q 131 -89.98 14.76 -88.51
CA GLU Q 131 -90.98 13.74 -88.92
C GLU Q 131 -91.36 12.78 -87.78
N LYS Q 132 -90.43 12.54 -86.86
CA LYS Q 132 -90.71 11.76 -85.64
C LYS Q 132 -91.56 12.61 -84.65
N GLY Q 133 -91.19 13.88 -84.47
CA GLY Q 133 -92.01 14.84 -83.69
C GLY Q 133 -93.40 15.07 -84.28
N LYS Q 134 -93.48 15.03 -85.61
CA LYS Q 134 -94.76 15.03 -86.34
C LYS Q 134 -95.48 13.69 -86.12
N GLY R 1 39.59 -69.26 -62.11
CA GLY R 1 40.51 -68.38 -62.91
C GLY R 1 39.73 -67.40 -63.77
N LYS R 2 40.08 -67.35 -65.06
CA LYS R 2 39.49 -66.36 -65.98
C LYS R 2 38.15 -66.88 -66.60
N PHE R 3 37.38 -65.95 -67.18
CA PHE R 3 36.00 -66.19 -67.72
C PHE R 3 35.49 -65.04 -68.58
N MET R 4 36.34 -64.56 -69.45
CA MET R 4 35.96 -63.61 -70.47
C MET R 4 36.30 -64.32 -71.77
N LYS R 5 35.76 -65.55 -71.87
CA LYS R 5 36.08 -66.47 -72.94
C LYS R 5 35.03 -66.36 -74.03
N PRO R 6 35.40 -66.68 -75.28
CA PRO R 6 34.43 -66.66 -76.36
C PRO R 6 33.43 -67.80 -76.20
N GLY R 7 32.15 -67.44 -76.17
CA GLY R 7 31.05 -68.37 -75.93
C GLY R 7 30.38 -68.19 -74.57
N LYS R 8 30.48 -67.01 -73.98
CA LYS R 8 29.87 -66.67 -72.67
C LYS R 8 28.74 -65.75 -72.96
N VAL R 9 27.62 -65.94 -72.27
CA VAL R 9 26.54 -64.97 -72.38
C VAL R 9 26.88 -63.80 -71.46
N VAL R 10 26.52 -62.60 -71.92
CA VAL R 10 26.84 -61.35 -71.27
C VAL R 10 25.67 -60.38 -71.38
N LEU R 11 25.40 -59.67 -70.29
CA LEU R 11 24.46 -58.55 -70.33
C LEU R 11 25.20 -57.32 -70.66
N VAL R 12 24.64 -56.57 -71.58
CA VAL R 12 25.16 -55.28 -71.90
C VAL R 12 24.67 -54.34 -70.82
N LEU R 13 25.60 -53.58 -70.27
CA LEU R 13 25.38 -52.84 -69.03
C LEU R 13 25.30 -51.34 -69.23
N ALA R 14 25.58 -50.87 -70.44
CA ALA R 14 25.51 -49.45 -70.75
C ALA R 14 25.50 -49.22 -72.25
N GLY R 15 25.32 -47.96 -72.62
CA GLY R 15 25.30 -47.59 -74.02
C GLY R 15 24.01 -48.03 -74.65
N ARG R 16 23.82 -47.57 -75.89
CA ARG R 16 22.65 -47.84 -76.73
C ARG R 16 21.81 -49.05 -76.30
N TYR R 17 22.47 -50.20 -76.27
CA TYR R 17 21.79 -51.47 -76.13
C TYR R 17 21.84 -51.93 -74.70
N SER R 18 21.61 -51.02 -73.76
CA SER R 18 21.74 -51.38 -72.36
C SER R 18 20.68 -52.40 -72.01
N GLY R 19 21.11 -53.43 -71.29
CA GLY R 19 20.27 -54.49 -70.82
C GLY R 19 19.79 -55.45 -71.87
N ARG R 20 20.65 -55.76 -72.84
CA ARG R 20 20.35 -56.76 -73.84
C ARG R 20 21.50 -57.79 -73.85
N LYS R 21 21.17 -59.03 -74.17
CA LYS R 21 22.09 -60.17 -73.97
C LYS R 21 22.92 -60.46 -75.20
N ALA R 22 24.19 -60.81 -74.96
CA ALA R 22 25.15 -60.98 -76.04
C ALA R 22 26.19 -62.05 -75.75
N VAL R 23 26.57 -62.77 -76.79
CA VAL R 23 27.65 -63.74 -76.71
C VAL R 23 28.95 -63.01 -76.97
N ILE R 24 29.97 -63.36 -76.20
CA ILE R 24 31.32 -62.92 -76.52
C ILE R 24 31.82 -63.77 -77.68
N VAL R 25 32.25 -63.12 -78.76
CA VAL R 25 33.00 -63.81 -79.81
C VAL R 25 34.51 -63.64 -79.64
N LYS R 26 34.94 -62.63 -78.88
CA LYS R 26 36.36 -62.42 -78.65
C LYS R 26 36.66 -61.72 -77.30
N ASN R 27 37.27 -62.48 -76.38
CA ASN R 27 38.14 -61.95 -75.33
C ASN R 27 39.16 -60.99 -76.06
N ILE R 28 39.46 -59.80 -75.57
CA ILE R 28 40.80 -59.20 -75.89
C ILE R 28 41.56 -58.92 -74.57
N ASP R 29 40.93 -59.16 -73.41
CA ASP R 29 41.57 -59.26 -72.06
C ASP R 29 42.41 -58.08 -71.57
N ASP R 30 43.20 -57.45 -72.44
CA ASP R 30 44.26 -56.53 -72.02
C ASP R 30 44.49 -55.31 -72.93
N GLY R 31 45.25 -55.48 -74.02
CA GLY R 31 45.87 -54.35 -74.73
C GLY R 31 45.18 -53.97 -76.02
N THR R 32 45.99 -53.83 -77.08
CA THR R 32 45.60 -53.32 -78.42
C THR R 32 46.35 -52.01 -78.74
N SER R 33 46.47 -51.12 -77.75
CA SER R 33 47.12 -49.77 -77.89
C SER R 33 46.20 -48.71 -78.50
N ASP R 34 45.41 -49.10 -79.53
CA ASP R 34 44.32 -48.25 -80.05
C ASP R 34 43.22 -48.14 -79.01
N ARG R 35 42.81 -49.28 -78.48
CA ARG R 35 42.07 -49.32 -77.22
C ARG R 35 43.04 -49.90 -76.18
N PRO R 36 43.67 -49.04 -75.36
CA PRO R 36 44.56 -49.53 -74.28
C PRO R 36 43.78 -50.17 -73.14
N TYR R 37 42.48 -50.16 -73.33
CA TYR R 37 41.51 -49.99 -72.33
C TYR R 37 40.99 -51.47 -72.52
N SER R 38 40.79 -52.32 -71.49
CA SER R 38 40.53 -53.78 -71.75
C SER R 38 39.12 -54.15 -72.29
N HIS R 39 39.03 -54.95 -73.37
CA HIS R 39 37.74 -55.08 -74.11
C HIS R 39 37.46 -56.32 -74.92
N ALA R 40 36.18 -56.61 -75.15
CA ALA R 40 35.74 -57.78 -75.93
C ALA R 40 34.87 -57.43 -77.10
N LEU R 41 34.99 -58.25 -78.15
CA LEU R 41 34.07 -58.20 -79.28
C LEU R 41 32.91 -59.10 -78.95
N VAL R 42 31.70 -58.55 -78.93
CA VAL R 42 30.51 -59.33 -78.65
C VAL R 42 29.49 -59.20 -79.76
N ALA R 43 28.73 -60.27 -79.94
CA ALA R 43 27.63 -60.30 -80.88
C ALA R 43 26.39 -60.66 -80.09
N GLY R 44 25.43 -59.76 -80.06
CA GLY R 44 24.21 -59.90 -79.27
C GLY R 44 22.98 -59.70 -80.09
N ILE R 45 21.87 -59.40 -79.40
CA ILE R 45 20.55 -59.25 -80.05
C ILE R 45 19.84 -57.95 -79.68
N ASP R 46 19.21 -57.33 -80.67
CA ASP R 46 18.38 -56.15 -80.45
C ASP R 46 16.98 -56.58 -80.16
N ARG R 47 16.27 -56.90 -81.21
CA ARG R 47 14.85 -57.02 -81.16
C ARG R 47 14.74 -58.48 -80.91
N TYR R 48 14.54 -58.84 -79.65
CA TYR R 48 14.42 -60.24 -79.37
C TYR R 48 13.15 -60.60 -80.10
N PRO R 49 12.99 -61.87 -80.35
CA PRO R 49 11.88 -62.39 -81.08
C PRO R 49 10.71 -62.56 -80.13
N ARG R 50 9.52 -62.20 -80.57
CA ARG R 50 8.39 -62.17 -79.65
C ARG R 50 7.90 -63.56 -79.29
N LYS R 51 7.08 -63.61 -78.26
CA LYS R 51 6.42 -64.82 -77.80
C LYS R 51 5.58 -65.38 -78.96
N VAL R 52 5.31 -66.70 -78.95
CA VAL R 52 4.86 -67.38 -80.16
C VAL R 52 3.61 -68.29 -80.03
N THR R 53 3.38 -68.85 -78.85
CA THR R 53 2.04 -69.28 -78.37
C THR R 53 1.17 -70.31 -79.15
N ALA R 54 1.73 -71.09 -80.08
CA ALA R 54 1.02 -72.28 -80.62
C ALA R 54 -0.20 -72.10 -81.52
N ALA R 55 -1.01 -71.07 -81.25
CA ALA R 55 -2.26 -70.86 -81.98
C ALA R 55 -2.14 -69.72 -82.98
N MET R 56 -0.92 -69.41 -83.41
CA MET R 56 -0.66 -68.31 -84.33
C MET R 56 -0.93 -68.76 -85.76
N GLY R 57 -0.27 -69.83 -86.14
CA GLY R 57 -0.23 -70.30 -87.52
C GLY R 57 1.19 -70.69 -87.85
N LYS R 58 1.49 -70.69 -89.14
CA LYS R 58 2.84 -70.92 -89.61
C LYS R 58 3.47 -69.59 -90.00
N LYS R 59 2.71 -68.75 -90.67
CA LYS R 59 3.22 -67.53 -91.30
C LYS R 59 3.44 -66.44 -90.28
N LYS R 60 2.55 -66.34 -89.31
CA LYS R 60 2.67 -65.37 -88.22
C LYS R 60 3.83 -65.71 -87.28
N ILE R 61 4.16 -66.99 -87.15
CA ILE R 61 5.35 -67.41 -86.40
C ILE R 61 6.63 -66.93 -87.07
N ALA R 62 6.76 -67.16 -88.38
CA ALA R 62 7.90 -66.65 -89.16
C ALA R 62 8.19 -65.17 -88.88
N LYS R 63 7.13 -64.38 -88.69
CA LYS R 63 7.28 -62.98 -88.33
C LYS R 63 7.82 -62.74 -86.91
N ARG R 64 7.30 -63.44 -85.91
CA ARG R 64 7.71 -63.18 -84.51
C ARG R 64 8.99 -63.90 -84.12
N SER R 65 9.21 -65.10 -84.63
CA SER R 65 10.50 -65.80 -84.47
C SER R 65 11.47 -65.19 -85.47
N LYS R 66 11.86 -63.96 -85.17
CA LYS R 66 12.65 -63.14 -86.07
C LYS R 66 13.56 -62.24 -85.26
N ILE R 67 14.82 -62.65 -85.19
CA ILE R 67 15.82 -61.96 -84.40
C ILE R 67 16.33 -60.76 -85.20
N LYS R 68 16.85 -59.76 -84.50
CA LYS R 68 17.66 -58.73 -85.12
C LYS R 68 18.85 -58.60 -84.23
N SER R 69 20.02 -58.79 -84.81
CA SER R 69 21.24 -58.96 -84.06
C SER R 69 22.03 -57.69 -83.95
N PHE R 70 23.17 -57.82 -83.28
CA PHE R 70 24.27 -56.90 -83.45
C PHE R 70 25.65 -57.44 -83.22
N VAL R 71 26.61 -56.57 -83.47
CA VAL R 71 27.99 -56.84 -83.22
C VAL R 71 28.62 -55.50 -82.78
N LYS R 72 29.41 -55.56 -81.72
CA LYS R 72 29.80 -54.38 -80.96
C LYS R 72 30.99 -54.73 -80.07
N VAL R 73 31.90 -53.80 -79.85
CA VAL R 73 33.03 -54.01 -78.95
C VAL R 73 32.84 -53.13 -77.75
N TYR R 74 33.15 -53.61 -76.55
CA TYR R 74 33.08 -52.77 -75.33
C TYR R 74 34.04 -53.27 -74.26
N ASN R 75 34.08 -52.59 -73.11
CA ASN R 75 34.72 -53.12 -71.87
C ASN R 75 34.13 -54.38 -71.33
N TYR R 76 34.73 -54.83 -70.24
CA TYR R 76 34.09 -55.83 -69.41
C TYR R 76 33.20 -55.12 -68.39
N ASN R 77 33.52 -53.89 -67.99
CA ASN R 77 32.61 -53.14 -67.09
C ASN R 77 31.38 -52.41 -67.68
N HIS R 78 31.18 -52.38 -69.01
CA HIS R 78 29.82 -52.09 -69.56
C HIS R 78 29.30 -53.39 -70.16
N LEU R 79 29.95 -54.49 -69.79
CA LEU R 79 29.39 -55.82 -69.88
C LEU R 79 29.12 -56.30 -68.46
N MET R 80 28.30 -57.32 -68.32
CA MET R 80 28.28 -58.13 -67.10
C MET R 80 27.99 -59.55 -67.47
N PRO R 81 28.89 -60.46 -67.11
CA PRO R 81 28.80 -61.79 -67.61
C PRO R 81 27.93 -62.63 -66.72
N THR R 82 27.80 -63.90 -67.10
CA THR R 82 26.97 -64.84 -66.38
C THR R 82 27.47 -66.30 -66.56
N ARG R 83 26.71 -67.27 -66.05
CA ARG R 83 27.07 -68.69 -66.13
C ARG R 83 26.88 -69.18 -67.56
N TYR R 84 25.84 -68.65 -68.19
CA TYR R 84 25.19 -69.26 -69.32
C TYR R 84 26.14 -69.13 -70.51
N SER R 85 26.25 -70.19 -71.30
CA SER R 85 27.22 -70.26 -72.39
C SER R 85 26.58 -70.78 -73.66
N VAL R 86 26.58 -69.95 -74.70
CA VAL R 86 26.04 -70.37 -75.98
C VAL R 86 27.17 -70.96 -76.80
N ASP R 87 26.95 -72.22 -77.18
CA ASP R 87 27.81 -72.97 -78.09
C ASP R 87 27.21 -72.82 -79.48
N ILE R 88 27.67 -71.77 -80.14
CA ILE R 88 27.30 -71.45 -81.51
C ILE R 88 28.61 -71.24 -82.27
N PRO R 89 28.72 -71.69 -83.54
CA PRO R 89 30.01 -71.55 -84.22
C PRO R 89 30.41 -70.10 -84.47
N LEU R 90 29.46 -69.30 -84.96
CA LEU R 90 29.62 -67.84 -85.22
C LEU R 90 31.00 -67.46 -85.80
N ASP R 91 31.07 -67.46 -87.12
CA ASP R 91 32.34 -67.60 -87.86
C ASP R 91 33.26 -66.37 -87.74
N LYS R 92 34.57 -66.64 -87.72
CA LYS R 92 35.60 -65.65 -87.33
C LYS R 92 36.19 -64.82 -88.49
N THR R 93 35.94 -65.24 -89.73
CA THR R 93 36.38 -64.49 -90.92
C THR R 93 35.49 -63.26 -91.11
N VAL R 94 34.19 -63.51 -91.04
CA VAL R 94 33.17 -62.48 -91.14
C VAL R 94 33.26 -61.61 -89.88
N VAL R 95 32.76 -62.11 -88.75
CA VAL R 95 32.73 -61.34 -87.49
C VAL R 95 34.13 -61.30 -86.90
N ASN R 96 34.61 -60.08 -86.62
CA ASN R 96 36.04 -59.84 -86.49
C ASN R 96 36.24 -58.38 -86.09
N LYS R 97 37.40 -58.07 -85.52
CA LYS R 97 37.75 -56.70 -85.13
C LYS R 97 37.57 -55.71 -86.28
N ASP R 98 38.26 -55.96 -87.39
CA ASP R 98 38.27 -55.03 -88.54
C ASP R 98 37.03 -55.10 -89.45
N VAL R 99 36.00 -55.83 -89.02
CA VAL R 99 34.64 -55.61 -89.49
C VAL R 99 34.28 -54.15 -89.29
N PHE R 100 34.63 -53.67 -88.11
CA PHE R 100 34.50 -52.27 -87.78
C PHE R 100 35.30 -51.39 -88.71
N ARG R 101 34.85 -50.14 -88.84
CA ARG R 101 35.48 -49.13 -89.70
C ARG R 101 35.15 -49.28 -91.20
N ASP R 102 34.16 -50.12 -91.53
CA ASP R 102 33.73 -50.34 -92.93
C ASP R 102 32.28 -50.87 -92.99
N PRO R 103 31.29 -49.98 -93.26
CA PRO R 103 29.85 -50.29 -93.20
C PRO R 103 29.43 -51.59 -93.90
N ALA R 104 29.97 -51.80 -95.09
CA ALA R 104 29.69 -52.99 -95.89
C ALA R 104 30.03 -54.30 -95.17
N LEU R 105 31.12 -54.31 -94.41
CA LEU R 105 31.51 -55.50 -93.64
C LEU R 105 30.65 -55.67 -92.39
N LYS R 106 30.46 -54.58 -91.64
CA LYS R 106 29.64 -54.61 -90.41
C LYS R 106 28.23 -55.10 -90.70
N ARG R 107 27.70 -54.69 -91.85
CA ARG R 107 26.41 -55.17 -92.29
C ARG R 107 26.43 -56.67 -92.55
N LYS R 108 27.52 -57.17 -93.16
CA LYS R 108 27.73 -58.61 -93.36
C LYS R 108 27.70 -59.37 -92.04
N ALA R 109 28.36 -58.78 -91.03
CA ALA R 109 28.45 -59.38 -89.68
C ALA R 109 27.11 -59.45 -88.95
N ARG R 110 26.42 -58.31 -88.86
CA ARG R 110 25.03 -58.26 -88.35
C ARG R 110 24.10 -59.18 -89.14
N ARG R 111 24.42 -59.46 -90.40
CA ARG R 111 23.72 -60.50 -91.18
C ARG R 111 24.11 -61.91 -90.73
N GLU R 112 25.42 -62.20 -90.70
CA GLU R 112 25.88 -63.56 -90.38
C GLU R 112 25.69 -63.95 -88.91
N ALA R 113 25.44 -62.96 -88.06
CA ALA R 113 24.92 -63.23 -86.73
C ALA R 113 23.46 -63.68 -86.86
N LYS R 114 22.59 -62.75 -87.25
CA LYS R 114 21.14 -62.98 -87.33
C LYS R 114 20.75 -64.39 -87.81
N VAL R 115 21.39 -64.89 -88.88
CA VAL R 115 21.07 -66.21 -89.43
C VAL R 115 21.24 -67.30 -88.38
N LYS R 116 22.43 -67.31 -87.79
CA LYS R 116 22.84 -68.39 -86.92
C LYS R 116 22.23 -68.28 -85.54
N PHE R 117 21.84 -67.08 -85.13
CA PHE R 117 20.94 -66.92 -83.99
C PHE R 117 19.53 -67.45 -84.32
N GLU R 118 19.01 -67.16 -85.52
CA GLU R 118 17.65 -67.62 -85.94
C GLU R 118 17.50 -69.15 -85.95
N GLU R 119 18.46 -69.84 -86.56
CA GLU R 119 18.48 -71.30 -86.56
C GLU R 119 18.76 -71.90 -85.16
N ARG R 120 19.45 -71.16 -84.30
CA ARG R 120 19.72 -71.59 -82.90
C ARG R 120 18.48 -71.46 -82.06
N TYR R 121 17.70 -70.40 -82.29
CA TYR R 121 16.40 -70.24 -81.66
C TYR R 121 15.57 -71.46 -82.02
N LYS R 122 15.21 -71.61 -83.28
CA LYS R 122 14.41 -72.75 -83.67
C LYS R 122 15.21 -73.96 -83.24
N THR R 123 14.58 -74.81 -82.42
CA THR R 123 15.20 -75.90 -81.62
C THR R 123 14.93 -75.73 -80.12
N GLY R 124 14.62 -74.50 -79.71
CA GLY R 124 14.26 -74.20 -78.32
C GLY R 124 15.39 -74.44 -77.34
N LYS R 125 16.62 -74.12 -77.76
CA LYS R 125 17.82 -74.40 -76.97
C LYS R 125 18.57 -73.10 -76.68
N ASN R 126 19.13 -73.03 -75.47
CA ASN R 126 19.72 -71.81 -74.89
C ASN R 126 18.65 -70.73 -74.88
N LYS R 127 17.47 -71.09 -74.42
CA LYS R 127 16.25 -70.31 -74.67
C LYS R 127 16.15 -69.01 -73.88
N TRP R 128 16.57 -69.08 -72.62
CA TRP R 128 16.72 -67.92 -71.72
C TRP R 128 17.36 -66.70 -72.36
N PHE R 129 18.41 -66.96 -73.14
CA PHE R 129 19.08 -65.95 -73.97
C PHE R 129 18.11 -65.16 -74.84
N PHE R 130 17.17 -65.88 -75.44
CA PHE R 130 16.13 -65.30 -76.27
C PHE R 130 14.87 -64.85 -75.48
N GLN R 131 15.08 -64.34 -74.27
CA GLN R 131 14.01 -63.79 -73.44
C GLN R 131 14.46 -62.45 -72.91
N LYS R 132 13.63 -61.42 -73.08
CA LYS R 132 14.04 -60.06 -72.72
C LYS R 132 14.31 -59.91 -71.24
N LEU R 133 15.54 -59.53 -70.91
CA LEU R 133 15.89 -59.32 -69.54
C LEU R 133 14.96 -58.26 -69.02
N ARG R 134 14.42 -58.52 -67.84
CA ARG R 134 13.28 -57.82 -67.36
C ARG R 134 13.66 -56.78 -66.30
N PHE R 135 13.21 -55.54 -66.54
CA PHE R 135 13.54 -54.38 -65.69
C PHE R 135 12.75 -53.12 -66.05
N PRO S 1 -72.45 20.85 -32.65
CA PRO S 1 -71.56 21.53 -33.59
C PRO S 1 -70.39 22.24 -32.94
N SER S 2 -69.37 22.47 -33.75
CA SER S 2 -68.14 23.15 -33.33
C SER S 2 -68.40 24.52 -32.77
N ARG S 3 -69.24 25.23 -33.47
CA ARG S 3 -69.60 26.61 -33.14
C ARG S 3 -70.06 26.84 -31.71
N LEU S 4 -70.82 25.90 -31.16
CA LEU S 4 -71.48 26.08 -29.87
C LEU S 4 -70.74 25.31 -28.77
N ARG S 5 -69.43 25.48 -28.71
CA ARG S 5 -68.60 24.73 -27.76
C ARG S 5 -67.85 25.71 -26.87
N LYS S 6 -67.38 25.24 -25.73
CA LYS S 6 -66.57 26.08 -24.89
C LYS S 6 -65.21 26.32 -25.51
N THR S 7 -64.66 25.34 -26.24
CA THR S 7 -63.34 25.50 -26.85
C THR S 7 -63.22 26.74 -27.73
N ARG S 8 -64.34 27.21 -28.31
CA ARG S 8 -64.33 28.49 -28.99
C ARG S 8 -64.03 29.62 -28.01
N LYS S 9 -64.77 29.66 -26.91
CA LYS S 9 -64.55 30.68 -25.87
C LYS S 9 -63.24 30.55 -25.08
N LEU S 10 -62.46 29.50 -25.33
CA LEU S 10 -61.18 29.36 -24.68
C LEU S 10 -60.02 29.62 -25.62
N ARG S 11 -60.10 30.62 -26.48
CA ARG S 11 -58.91 31.04 -27.21
C ARG S 11 -58.42 32.37 -26.70
N GLY S 12 -57.10 32.53 -26.76
CA GLY S 12 -56.39 33.52 -25.97
C GLY S 12 -56.28 33.08 -24.52
N HIS S 13 -56.99 32.00 -24.19
CA HIS S 13 -57.14 31.49 -22.84
C HIS S 13 -56.14 30.35 -22.74
N VAL S 14 -55.05 30.61 -22.04
CA VAL S 14 -53.80 29.86 -22.22
C VAL S 14 -53.92 28.38 -21.87
N SER S 15 -54.28 28.10 -20.64
CA SER S 15 -54.32 26.75 -20.14
C SER S 15 -55.54 25.95 -20.62
N HIS S 16 -56.61 26.65 -21.01
CA HIS S 16 -57.73 26.06 -21.78
C HIS S 16 -58.65 25.28 -20.87
N GLY S 17 -59.15 25.97 -19.85
CA GLY S 17 -60.15 25.40 -18.93
C GLY S 17 -59.64 24.16 -18.21
N HIS S 18 -58.36 24.23 -17.89
CA HIS S 18 -57.61 23.08 -17.49
C HIS S 18 -56.49 23.26 -16.49
N GLY S 19 -56.18 24.50 -16.12
CA GLY S 19 -55.33 24.78 -14.99
C GLY S 19 -53.86 24.72 -15.30
N ARG S 20 -53.14 25.78 -14.96
CA ARG S 20 -51.73 25.88 -15.28
C ARG S 20 -50.83 25.49 -14.14
N ILE S 21 -51.41 25.19 -12.98
CA ILE S 21 -50.60 24.62 -11.93
C ILE S 21 -50.33 23.17 -12.27
N GLY S 22 -51.33 22.33 -12.08
CA GLY S 22 -51.30 20.95 -12.54
C GLY S 22 -51.93 20.98 -13.91
N LYS S 23 -51.16 20.64 -14.92
CA LYS S 23 -51.58 20.86 -16.31
C LYS S 23 -52.67 19.86 -16.68
N HIS S 24 -53.05 19.78 -17.95
CA HIS S 24 -53.72 18.57 -18.43
C HIS S 24 -52.71 17.60 -18.98
N ARG S 25 -52.21 16.79 -18.08
CA ARG S 25 -51.30 15.75 -18.42
C ARG S 25 -52.10 14.58 -18.92
N LYS S 26 -51.42 13.58 -19.43
CA LYS S 26 -52.09 12.55 -20.19
C LYS S 26 -53.04 11.74 -19.30
N HIS S 27 -52.52 10.85 -18.46
CA HIS S 27 -53.37 9.90 -17.74
C HIS S 27 -52.96 9.79 -16.27
N PRO S 28 -53.32 10.80 -15.47
CA PRO S 28 -52.87 10.82 -14.10
C PRO S 28 -53.32 9.61 -13.27
N GLY S 29 -54.61 9.37 -13.16
CA GLY S 29 -55.10 8.24 -12.37
C GLY S 29 -54.51 6.92 -12.84
N GLY S 30 -54.96 6.46 -13.99
CA GLY S 30 -54.48 5.24 -14.60
C GLY S 30 -55.07 5.19 -15.99
N ARG S 31 -55.63 4.05 -16.37
CA ARG S 31 -56.37 3.95 -17.60
C ARG S 31 -57.65 3.19 -17.35
N GLY S 32 -58.76 3.90 -17.39
CA GLY S 32 -60.05 3.28 -17.15
C GLY S 32 -60.17 2.77 -15.73
N ASN S 33 -60.97 1.72 -15.56
CA ASN S 33 -61.46 1.38 -14.25
C ASN S 33 -60.45 0.62 -13.43
N ALA S 34 -59.45 1.42 -13.00
CA ALA S 34 -58.09 1.01 -12.72
C ALA S 34 -57.54 1.63 -11.46
N GLY S 35 -57.33 0.80 -10.44
CA GLY S 35 -57.13 1.24 -9.07
C GLY S 35 -58.40 1.12 -8.23
N GLY S 36 -59.24 0.14 -8.51
CA GLY S 36 -60.46 0.00 -7.74
C GLY S 36 -60.23 -0.37 -6.28
N MET S 37 -59.30 -1.28 -6.05
CA MET S 37 -58.88 -1.66 -4.70
C MET S 37 -58.00 -0.59 -4.08
N HIS S 38 -56.97 -0.22 -4.83
CA HIS S 38 -56.01 0.74 -4.41
C HIS S 38 -56.46 2.07 -4.86
N HIS S 39 -56.77 3.00 -3.96
CA HIS S 39 -56.57 4.43 -4.26
C HIS S 39 -57.49 5.22 -5.15
N HIS S 40 -58.30 4.50 -5.88
CA HIS S 40 -59.48 5.00 -6.43
C HIS S 40 -60.56 4.43 -5.53
N ARG S 41 -60.20 3.89 -4.37
CA ARG S 41 -61.07 3.03 -3.59
C ARG S 41 -62.30 3.77 -3.17
N ILE S 42 -62.09 5.01 -2.79
CA ILE S 42 -63.11 5.75 -2.15
C ILE S 42 -64.33 5.92 -3.02
N ASN S 43 -64.17 6.13 -4.33
CA ASN S 43 -65.33 6.00 -5.23
C ASN S 43 -65.96 4.65 -5.08
N PHE S 44 -65.20 3.63 -5.48
CA PHE S 44 -65.79 2.34 -5.75
C PHE S 44 -66.51 1.86 -4.51
N ASP S 45 -65.91 2.11 -3.36
CA ASP S 45 -66.50 1.68 -2.11
C ASP S 45 -67.70 2.51 -1.65
N LYS S 46 -67.69 3.81 -1.91
CA LYS S 46 -68.79 4.68 -1.47
C LYS S 46 -69.86 4.91 -2.53
N TYR S 47 -69.53 4.70 -3.79
CA TYR S 47 -70.42 5.03 -4.91
C TYR S 47 -70.88 3.81 -5.71
N HIS S 48 -70.16 2.68 -5.64
CA HIS S 48 -70.57 1.44 -6.30
C HIS S 48 -70.38 0.30 -5.31
N PRO S 49 -71.08 0.34 -4.19
CA PRO S 49 -70.77 -0.63 -3.17
C PRO S 49 -71.13 -2.04 -3.66
N GLY S 50 -70.31 -3.00 -3.31
CA GLY S 50 -70.57 -4.36 -3.72
C GLY S 50 -70.08 -4.72 -5.10
N TYR S 51 -69.08 -3.99 -5.61
CA TYR S 51 -68.46 -4.33 -6.90
C TYR S 51 -67.45 -5.48 -6.68
N PHE S 52 -66.51 -5.31 -5.75
CA PHE S 52 -65.35 -6.25 -5.67
C PHE S 52 -65.69 -7.56 -5.01
N GLY S 53 -65.87 -8.59 -5.82
CA GLY S 53 -66.01 -9.94 -5.28
C GLY S 53 -67.01 -10.79 -5.99
N LYS S 54 -66.99 -12.07 -5.64
CA LYS S 54 -67.94 -13.04 -6.14
C LYS S 54 -69.17 -13.04 -5.26
N VAL S 55 -70.15 -13.78 -5.72
CA VAL S 55 -71.33 -14.12 -4.94
C VAL S 55 -72.06 -15.14 -5.78
N GLY S 56 -72.87 -15.94 -5.11
CA GLY S 56 -73.80 -16.76 -5.79
C GLY S 56 -73.18 -17.88 -6.60
N MET S 57 -74.00 -18.39 -7.50
CA MET S 57 -73.85 -19.71 -8.01
C MET S 57 -73.93 -19.61 -9.52
N ARG S 58 -73.07 -20.37 -10.21
CA ARG S 58 -73.03 -20.37 -11.66
C ARG S 58 -74.23 -21.07 -12.28
N HIS S 59 -74.60 -20.73 -13.50
CA HIS S 59 -75.67 -21.47 -14.18
C HIS S 59 -75.28 -21.55 -15.62
N TYR S 60 -74.24 -22.32 -15.88
CA TYR S 60 -73.28 -21.89 -16.88
C TYR S 60 -73.38 -22.84 -18.13
N HIS S 61 -73.16 -22.28 -19.35
CA HIS S 61 -74.23 -22.05 -20.42
C HIS S 61 -75.56 -21.61 -19.69
N LEU S 62 -76.13 -20.43 -20.01
CA LEU S 62 -77.54 -20.03 -19.64
C LEU S 62 -78.36 -19.40 -20.78
N LYS S 63 -79.64 -19.78 -20.88
CA LYS S 63 -80.55 -19.32 -21.97
C LYS S 63 -81.86 -18.73 -21.40
N ARG S 64 -82.20 -17.47 -21.76
CA ARG S 64 -83.39 -16.82 -21.19
C ARG S 64 -84.68 -17.45 -21.69
N ASN S 65 -84.66 -17.97 -22.92
CA ASN S 65 -85.87 -18.58 -23.51
C ASN S 65 -86.41 -19.62 -22.55
N GLN S 66 -85.52 -20.41 -21.94
CA GLN S 66 -85.89 -21.35 -20.89
C GLN S 66 -86.77 -20.76 -19.77
N SER S 67 -86.45 -19.56 -19.32
CA SER S 67 -87.19 -18.94 -18.23
C SER S 67 -87.83 -17.62 -18.65
N PHE S 68 -88.44 -17.62 -19.83
CA PHE S 68 -89.23 -16.48 -20.28
C PHE S 68 -90.57 -16.52 -19.56
N CYS S 69 -90.92 -15.43 -18.89
CA CYS S 69 -92.14 -15.36 -18.08
C CYS S 69 -92.51 -13.90 -17.76
N PRO S 70 -93.22 -13.23 -18.68
CA PRO S 70 -93.76 -11.91 -18.46
C PRO S 70 -94.90 -11.91 -17.50
N THR S 71 -95.24 -10.70 -17.10
CA THR S 71 -96.10 -10.45 -15.99
C THR S 71 -97.20 -9.50 -16.43
N VAL S 72 -98.39 -9.68 -15.87
CA VAL S 72 -99.43 -8.67 -15.97
C VAL S 72 -100.08 -8.56 -14.62
N ASN S 73 -100.55 -7.36 -14.33
CA ASN S 73 -101.25 -7.09 -13.12
C ASN S 73 -102.74 -6.98 -13.38
N LEU S 74 -103.55 -7.50 -12.46
CA LEU S 74 -104.99 -7.45 -12.60
C LEU S 74 -105.42 -6.06 -12.98
N ASP S 75 -104.98 -5.10 -12.18
CA ASP S 75 -104.80 -3.70 -12.57
C ASP S 75 -105.24 -3.42 -14.01
N LYS S 76 -104.61 -4.08 -14.99
CA LYS S 76 -104.96 -3.89 -16.38
C LYS S 76 -105.09 -5.16 -17.23
N LEU S 77 -106.13 -5.94 -16.94
CA LEU S 77 -106.69 -6.90 -17.90
C LEU S 77 -107.80 -6.20 -18.70
N TRP S 78 -108.43 -5.21 -18.07
CA TRP S 78 -109.70 -4.62 -18.53
C TRP S 78 -109.26 -3.60 -19.60
N THR S 79 -107.95 -3.71 -19.95
CA THR S 79 -107.31 -3.28 -21.19
C THR S 79 -107.17 -4.35 -22.26
N LEU S 80 -106.51 -5.46 -21.92
CA LEU S 80 -106.12 -6.48 -22.91
C LEU S 80 -107.23 -6.68 -23.91
N VAL S 81 -108.43 -6.91 -23.40
CA VAL S 81 -109.59 -7.16 -24.24
C VAL S 81 -110.27 -5.84 -24.51
N SER S 82 -110.66 -5.65 -25.78
CA SER S 82 -111.36 -4.46 -26.26
C SER S 82 -112.46 -4.00 -25.32
N GLU S 83 -112.34 -2.76 -24.84
CA GLU S 83 -113.22 -2.20 -23.78
C GLU S 83 -114.73 -2.44 -23.96
N GLN S 84 -115.16 -2.54 -25.21
CA GLN S 84 -116.53 -2.93 -25.55
C GLN S 84 -116.98 -4.31 -25.01
N THR S 85 -116.03 -5.25 -24.83
CA THR S 85 -116.33 -6.57 -24.27
C THR S 85 -116.55 -6.52 -22.78
N ARG S 86 -116.21 -5.41 -22.16
CA ARG S 86 -116.56 -5.16 -20.80
C ARG S 86 -117.91 -4.44 -20.70
N ILE S 87 -118.10 -3.41 -21.53
CA ILE S 87 -119.36 -2.65 -21.55
C ILE S 87 -120.50 -3.60 -21.90
N ASN S 88 -120.22 -4.49 -22.84
CA ASN S 88 -121.00 -5.71 -22.99
C ASN S 88 -120.64 -6.66 -21.85
N ALA S 89 -121.65 -7.18 -21.15
CA ALA S 89 -121.53 -7.61 -19.74
C ALA S 89 -121.55 -6.36 -18.87
N ALA S 90 -121.48 -6.51 -17.54
CA ALA S 90 -121.71 -5.40 -16.61
C ALA S 90 -123.14 -4.90 -16.81
N LYS S 91 -124.00 -5.87 -17.07
CA LYS S 91 -125.17 -5.77 -17.97
C LYS S 91 -125.26 -7.19 -18.51
N ASN S 92 -126.20 -7.46 -19.43
CA ASN S 92 -126.31 -8.76 -20.13
C ASN S 92 -127.12 -9.79 -19.35
N LYS S 93 -126.96 -9.80 -18.03
CA LYS S 93 -127.94 -10.43 -17.10
C LYS S 93 -127.85 -11.96 -16.99
N THR S 94 -126.90 -12.58 -17.70
CA THR S 94 -126.74 -14.04 -17.72
C THR S 94 -125.47 -14.50 -16.97
N GLY S 95 -124.68 -13.56 -16.46
CA GLY S 95 -123.35 -13.86 -15.93
C GLY S 95 -122.47 -14.46 -17.01
N ALA S 96 -122.29 -13.71 -18.11
CA ALA S 96 -121.44 -14.13 -19.24
C ALA S 96 -119.99 -14.37 -18.82
N ALA S 97 -119.36 -13.30 -18.35
CA ALA S 97 -117.95 -13.25 -18.03
C ALA S 97 -117.09 -13.57 -19.25
N PRO S 98 -116.48 -12.55 -19.84
CA PRO S 98 -115.66 -12.84 -21.00
C PRO S 98 -114.35 -13.52 -20.60
N ILE S 99 -113.82 -14.29 -21.55
CA ILE S 99 -112.57 -15.02 -21.36
C ILE S 99 -111.41 -14.14 -21.79
N ILE S 100 -110.30 -14.22 -21.05
CA ILE S 100 -109.13 -13.39 -21.29
C ILE S 100 -107.87 -14.24 -21.41
N ASP S 101 -107.47 -14.56 -22.65
CA ASP S 101 -106.21 -15.29 -22.83
C ASP S 101 -105.04 -14.36 -22.74
N VAL S 102 -104.51 -14.32 -21.52
CA VAL S 102 -103.35 -13.53 -21.19
C VAL S 102 -102.15 -14.14 -21.89
N VAL S 103 -102.31 -15.39 -22.28
CA VAL S 103 -101.51 -15.99 -23.33
C VAL S 103 -101.51 -15.14 -24.62
N ARG S 104 -102.69 -15.03 -25.24
CA ARG S 104 -102.81 -14.46 -26.58
C ARG S 104 -102.32 -13.02 -26.67
N SER S 105 -102.35 -12.27 -25.57
CA SER S 105 -101.79 -10.91 -25.55
C SER S 105 -100.31 -10.83 -25.14
N GLY S 106 -99.76 -11.94 -24.63
CA GLY S 106 -98.31 -12.12 -24.55
C GLY S 106 -97.70 -12.06 -23.16
N TYR S 107 -98.18 -12.93 -22.25
CA TYR S 107 -97.72 -12.94 -20.85
C TYR S 107 -97.77 -14.33 -20.05
N TYR S 108 -96.60 -14.95 -19.86
CA TYR S 108 -96.53 -16.24 -19.19
C TYR S 108 -96.51 -16.01 -17.70
N LYS S 109 -97.68 -15.61 -17.22
CA LYS S 109 -97.96 -15.30 -15.74
C LYS S 109 -98.84 -14.04 -15.44
N VAL S 110 -99.81 -14.15 -14.51
CA VAL S 110 -100.72 -13.02 -14.10
C VAL S 110 -100.66 -12.79 -12.62
N LEU S 111 -100.58 -11.51 -12.22
CA LEU S 111 -100.25 -11.11 -10.83
C LEU S 111 -101.21 -10.11 -10.24
N GLY S 112 -101.35 -10.19 -8.93
CA GLY S 112 -102.41 -9.51 -8.22
C GLY S 112 -102.05 -8.13 -7.75
N LYS S 113 -101.88 -7.21 -8.70
CA LYS S 113 -101.80 -5.82 -8.34
C LYS S 113 -103.13 -5.13 -8.67
N GLY S 114 -103.45 -4.13 -7.86
CA GLY S 114 -104.53 -3.23 -8.13
C GLY S 114 -105.89 -3.75 -7.75
N LYS S 115 -106.84 -2.85 -7.93
CA LYS S 115 -108.25 -3.13 -7.89
C LYS S 115 -108.59 -4.00 -9.09
N LEU S 116 -109.70 -4.70 -9.01
CA LEU S 116 -110.31 -5.31 -10.17
C LEU S 116 -111.78 -4.89 -10.17
N PRO S 117 -112.33 -4.47 -11.32
CA PRO S 117 -113.72 -4.02 -11.35
C PRO S 117 -114.71 -5.16 -11.03
N LYS S 118 -115.82 -4.85 -10.32
CA LYS S 118 -116.81 -5.88 -9.92
C LYS S 118 -117.61 -6.37 -11.13
N GLN S 119 -117.18 -7.54 -11.61
CA GLN S 119 -117.34 -7.98 -12.98
C GLN S 119 -116.78 -9.41 -13.00
N PRO S 120 -117.62 -10.43 -13.26
CA PRO S 120 -117.07 -11.80 -13.30
C PRO S 120 -116.23 -12.07 -14.56
N VAL S 121 -115.13 -12.80 -14.40
CA VAL S 121 -114.13 -13.04 -15.46
C VAL S 121 -113.70 -14.49 -15.52
N ILE S 122 -113.29 -14.93 -16.70
CA ILE S 122 -112.50 -16.16 -16.82
C ILE S 122 -111.14 -15.75 -17.35
N VAL S 123 -110.13 -15.81 -16.50
CA VAL S 123 -108.78 -15.54 -16.92
C VAL S 123 -108.10 -16.88 -17.21
N LYS S 124 -107.76 -17.12 -18.47
CA LYS S 124 -106.90 -18.24 -18.85
C LYS S 124 -105.48 -17.69 -18.90
N ALA S 125 -104.60 -18.23 -18.08
CA ALA S 125 -103.21 -17.79 -18.05
C ALA S 125 -102.29 -18.97 -17.76
N LYS S 126 -101.03 -18.68 -17.45
CA LYS S 126 -100.07 -19.73 -17.12
C LYS S 126 -99.93 -19.71 -15.58
N PHE S 127 -98.86 -19.08 -15.10
CA PHE S 127 -98.49 -19.02 -13.68
C PHE S 127 -99.09 -17.83 -12.91
N PHE S 128 -100.36 -17.98 -12.56
CA PHE S 128 -101.02 -17.18 -11.56
C PHE S 128 -100.35 -16.94 -10.20
N SER S 129 -100.45 -15.72 -9.71
CA SER S 129 -100.18 -15.42 -8.32
C SER S 129 -101.32 -15.93 -7.44
N ARG S 130 -101.06 -16.02 -6.14
CA ARG S 130 -102.08 -16.27 -5.13
C ARG S 130 -103.12 -15.18 -5.11
N ARG S 131 -102.62 -13.96 -4.91
CA ARG S 131 -103.47 -12.81 -4.69
C ARG S 131 -104.31 -12.61 -5.93
N ALA S 132 -103.68 -12.80 -7.08
CA ALA S 132 -104.45 -12.79 -8.34
C ALA S 132 -105.59 -13.80 -8.34
N GLU S 133 -105.31 -14.99 -7.83
CA GLU S 133 -106.35 -15.97 -7.55
C GLU S 133 -107.45 -15.30 -6.74
N GLU S 134 -107.11 -14.94 -5.50
CA GLU S 134 -108.07 -14.49 -4.51
C GLU S 134 -108.92 -13.35 -5.05
N LYS S 135 -108.29 -12.34 -5.65
CA LYS S 135 -109.03 -11.18 -6.15
C LYS S 135 -110.05 -11.59 -7.18
N ILE S 136 -109.63 -12.41 -8.14
CA ILE S 136 -110.54 -12.85 -9.19
C ILE S 136 -111.69 -13.67 -8.57
N LYS S 137 -111.34 -14.61 -7.68
CA LYS S 137 -112.36 -15.42 -6.99
C LYS S 137 -113.33 -14.50 -6.28
N GLY S 138 -112.79 -13.67 -5.39
CA GLY S 138 -113.55 -12.75 -4.55
C GLY S 138 -114.39 -11.72 -5.29
N VAL S 139 -114.00 -11.41 -6.52
CA VAL S 139 -114.85 -10.64 -7.44
C VAL S 139 -115.98 -11.51 -7.94
N GLY S 140 -115.60 -12.70 -8.38
CA GLY S 140 -116.51 -13.59 -9.07
C GLY S 140 -115.74 -13.98 -10.30
N GLY S 141 -115.82 -15.25 -10.64
CA GLY S 141 -115.14 -15.78 -11.78
C GLY S 141 -113.83 -16.41 -11.41
N ALA S 142 -113.20 -16.96 -12.44
CA ALA S 142 -112.39 -18.12 -12.27
C ALA S 142 -111.06 -18.03 -12.97
N CYS S 143 -110.25 -19.01 -12.59
CA CYS S 143 -108.87 -19.02 -12.87
C CYS S 143 -108.56 -20.35 -13.54
N VAL S 144 -108.39 -20.28 -14.85
CA VAL S 144 -108.16 -21.45 -15.68
C VAL S 144 -106.69 -21.48 -16.11
N LEU S 145 -106.08 -22.65 -16.03
CA LEU S 145 -104.68 -22.81 -16.38
C LEU S 145 -104.50 -23.21 -17.84
N VAL S 146 -103.35 -22.86 -18.37
CA VAL S 146 -102.99 -23.14 -19.75
C VAL S 146 -101.57 -23.69 -19.73
N ALA S 147 -101.31 -24.63 -20.64
CA ALA S 147 -99.97 -25.15 -20.89
C ALA S 147 -99.46 -24.66 -22.25
N ALA T 1 -37.37 17.08 -0.02
CA ALA T 1 -38.77 17.12 -0.55
C ALA T 1 -39.81 17.31 0.56
N LYS T 2 -39.49 18.18 1.53
CA LYS T 2 -40.32 18.39 2.72
C LYS T 2 -41.31 19.50 2.52
N SER T 3 -42.28 19.55 3.41
CA SER T 3 -43.53 20.23 3.13
C SER T 3 -44.27 20.56 4.41
N LYS T 4 -45.51 21.03 4.27
CA LYS T 4 -46.39 21.30 5.40
C LYS T 4 -47.12 19.98 5.84
N ASN T 5 -47.48 19.89 7.13
CA ASN T 5 -47.79 18.63 7.88
C ASN T 5 -49.13 18.88 8.64
N HIS T 6 -49.92 19.80 8.06
CA HIS T 6 -51.24 20.35 8.47
C HIS T 6 -51.21 21.82 8.32
N THR T 7 -52.43 22.31 8.29
CA THR T 7 -52.77 23.52 8.95
C THR T 7 -54.28 23.57 8.93
N THR T 8 -54.81 24.39 9.80
CA THR T 8 -56.22 24.68 9.82
C THR T 8 -56.21 26.20 9.64
N HIS T 9 -55.81 26.66 8.46
CA HIS T 9 -55.63 28.10 8.27
C HIS T 9 -56.82 28.94 7.74
N ASN T 10 -56.97 29.19 6.42
CA ASN T 10 -58.13 30.03 5.97
C ASN T 10 -59.40 29.38 6.50
N GLN T 11 -59.66 28.15 6.04
CA GLN T 11 -60.58 27.24 6.68
C GLN T 11 -61.73 27.88 7.41
N SER T 12 -61.55 28.45 8.61
CA SER T 12 -62.68 29.03 9.30
C SER T 12 -63.48 29.61 8.16
N ARG T 13 -62.83 30.46 7.36
CA ARG T 13 -63.36 31.02 6.10
C ARG T 13 -64.26 30.12 5.27
N LYS T 14 -63.88 28.88 5.07
CA LYS T 14 -64.64 27.97 4.21
C LYS T 14 -65.84 27.30 4.86
N TRP T 15 -65.62 26.49 5.90
CA TRP T 15 -66.66 25.50 6.38
C TRP T 15 -67.69 26.50 6.98
N HIS T 16 -67.29 27.79 7.05
CA HIS T 16 -68.14 28.97 7.33
C HIS T 16 -68.77 29.88 6.22
N ARG T 17 -68.12 30.05 5.07
CA ARG T 17 -68.68 30.86 3.93
C ARG T 17 -70.13 30.58 3.60
N ASN T 18 -70.43 29.31 3.39
CA ASN T 18 -71.79 28.89 3.06
C ASN T 18 -72.65 28.79 4.31
N GLY T 19 -72.03 28.62 5.49
CA GLY T 19 -72.72 29.01 6.71
C GLY T 19 -72.34 28.40 8.04
N ILE T 20 -72.35 27.07 8.07
CA ILE T 20 -72.70 26.31 9.28
C ILE T 20 -74.21 26.41 9.59
N LYS T 21 -74.91 25.40 9.09
CA LYS T 21 -76.35 25.31 9.20
C LYS T 21 -76.62 24.49 10.45
N LYS T 22 -77.21 25.14 11.45
CA LYS T 22 -77.74 24.41 12.59
C LYS T 22 -78.86 23.53 12.07
N PRO T 23 -78.70 22.19 12.13
CA PRO T 23 -79.52 21.23 11.38
C PRO T 23 -81.01 21.49 11.41
N ARG T 24 -81.64 21.64 10.24
CA ARG T 24 -83.06 21.99 10.17
C ARG T 24 -83.88 20.84 10.76
N SER T 25 -84.45 21.09 11.94
CA SER T 25 -85.14 20.08 12.74
C SER T 25 -86.64 20.18 12.53
N GLN T 26 -87.19 19.14 11.92
CA GLN T 26 -88.63 19.02 11.77
C GLN T 26 -89.28 18.64 13.11
N ARG T 27 -90.58 18.90 13.23
CA ARG T 27 -91.45 18.17 14.15
C ARG T 27 -91.57 16.81 13.55
N TYR T 28 -91.92 15.83 14.37
CA TYR T 28 -92.21 14.50 13.85
C TYR T 28 -90.89 13.97 13.29
N GLU T 29 -89.94 13.70 14.21
CA GLU T 29 -88.67 13.05 13.87
C GLU T 29 -88.81 11.55 14.06
N SER T 30 -87.86 10.83 13.49
CA SER T 30 -87.96 9.39 13.38
C SER T 30 -87.80 8.69 14.73
N LEU T 31 -88.60 7.64 14.89
CA LEU T 31 -88.60 6.77 16.06
C LEU T 31 -87.60 5.63 15.93
N LYS T 32 -86.95 5.51 14.77
CA LYS T 32 -85.78 4.65 14.63
C LYS T 32 -84.69 5.14 15.61
N GLY T 33 -84.09 4.18 16.31
CA GLY T 33 -83.19 4.45 17.43
C GLY T 33 -83.76 4.07 18.78
N VAL T 34 -85.09 4.07 18.90
CA VAL T 34 -85.79 3.82 20.17
C VAL T 34 -85.82 2.31 20.49
N ASP T 35 -85.77 1.98 21.78
CA ASP T 35 -85.88 0.58 22.27
C ASP T 35 -87.01 -0.12 21.57
N PRO T 36 -86.75 -1.33 21.03
CA PRO T 36 -87.83 -1.98 20.31
C PRO T 36 -89.06 -2.24 21.15
N LYS T 37 -88.88 -2.53 22.45
CA LYS T 37 -90.03 -2.80 23.31
C LYS T 37 -90.95 -1.59 23.56
N PHE T 38 -90.50 -0.37 23.26
CA PHE T 38 -91.42 0.76 23.11
C PHE T 38 -92.32 0.51 21.91
N LEU T 39 -91.68 0.35 20.76
CA LEU T 39 -92.36 0.42 19.49
C LEU T 39 -93.23 -0.80 19.34
N ARG T 40 -92.63 -1.98 19.56
CA ARG T 40 -93.36 -3.23 19.72
C ARG T 40 -94.68 -2.85 20.38
N ASN T 41 -94.64 -2.17 21.53
CA ASN T 41 -95.88 -1.71 22.20
C ASN T 41 -96.63 -0.55 21.54
N MET T 42 -96.01 0.61 21.35
CA MET T 42 -96.78 1.79 20.88
C MET T 42 -97.44 1.57 19.52
N ARG T 43 -97.00 0.55 18.78
CA ARG T 43 -97.74 0.08 17.60
C ARG T 43 -99.03 -0.69 17.94
N PHE T 44 -99.06 -1.47 19.03
CA PHE T 44 -100.35 -2.01 19.54
C PHE T 44 -101.24 -0.90 20.10
N ALA T 45 -100.63 0.16 20.61
CA ALA T 45 -101.41 1.34 20.99
C ALA T 45 -101.99 2.04 19.76
N LYS T 46 -101.15 2.17 18.73
CA LYS T 46 -101.51 2.91 17.52
C LYS T 46 -102.48 2.14 16.62
N LYS T 47 -102.37 0.82 16.64
CA LYS T 47 -103.16 -0.05 15.79
C LYS T 47 -104.59 -0.17 16.33
N HIS T 48 -104.75 -0.30 17.64
CA HIS T 48 -106.09 -0.57 18.24
C HIS T 48 -106.74 0.69 18.76
N ASN T 49 -106.45 1.81 18.09
CA ASN T 49 -107.03 3.11 18.40
C ASN T 49 -108.47 3.17 17.92
N LYS T 50 -108.69 2.86 16.65
CA LYS T 50 -110.03 2.89 16.05
C LYS T 50 -111.07 2.06 16.82
N LYS T 51 -110.66 0.90 17.31
CA LYS T 51 -111.44 0.17 18.30
C LYS T 51 -111.49 1.09 19.52
N GLY T 52 -112.64 1.70 19.76
CA GLY T 52 -112.80 2.77 20.76
C GLY T 52 -113.03 4.15 20.19
N LEU T 53 -113.52 4.22 18.95
CA LEU T 53 -113.90 5.47 18.26
C LEU T 53 -115.38 5.84 18.48
N LYS T 54 -116.21 4.84 18.75
CA LYS T 54 -117.64 5.07 18.97
C LYS T 54 -117.79 5.90 20.23
N LYS T 55 -117.14 5.45 21.30
CA LYS T 55 -116.98 6.23 22.53
C LYS T 55 -116.51 7.61 22.17
N MET T 56 -115.37 7.66 21.48
CA MET T 56 -114.67 8.90 21.13
C MET T 56 -115.58 9.95 20.48
N GLN T 57 -116.39 9.51 19.52
CA GLN T 57 -117.26 10.42 18.76
C GLN T 57 -118.42 10.93 19.60
N ALA T 58 -119.09 10.02 20.30
CA ALA T 58 -120.22 10.37 21.17
C ALA T 58 -119.75 11.27 22.29
N ASN T 59 -118.72 10.79 22.99
CA ASN T 59 -118.05 11.55 24.04
C ASN T 59 -117.49 12.93 23.59
N ASN T 60 -117.13 13.07 22.31
CA ASN T 60 -116.86 14.40 21.73
C ASN T 60 -118.09 15.27 21.64
N ALA T 61 -119.14 14.74 21.00
CA ALA T 61 -120.42 15.45 20.86
C ALA T 61 -121.06 15.84 22.21
N LYS T 62 -120.87 15.02 23.24
CA LYS T 62 -121.27 15.36 24.63
C LYS T 62 -120.59 16.63 25.12
N ALA T 63 -119.26 16.66 24.99
CA ALA T 63 -118.47 17.84 25.35
C ALA T 63 -118.76 19.02 24.42
N MET T 64 -119.02 18.75 23.15
CA MET T 64 -119.34 19.81 22.17
C MET T 64 -120.71 20.46 22.39
N SER T 65 -121.72 19.66 22.73
CA SER T 65 -123.04 20.19 23.08
C SER T 65 -123.11 20.75 24.51
N ALA T 66 -122.29 20.22 25.42
CA ALA T 66 -122.11 20.82 26.76
C ALA T 66 -121.37 22.15 26.70
N ARG T 67 -120.47 22.31 25.73
CA ARG T 67 -119.76 23.59 25.51
C ARG T 67 -120.42 24.51 24.47
N ALA T 68 -121.33 23.96 23.65
CA ALA T 68 -122.31 24.78 22.93
C ALA T 68 -123.31 25.35 23.95
N GLU T 69 -123.66 24.55 24.96
CA GLU T 69 -124.49 25.01 26.11
C GLU T 69 -123.75 25.93 27.10
N ALA T 70 -122.44 25.74 27.28
CA ALA T 70 -121.64 26.63 28.14
C ALA T 70 -121.47 28.04 27.53
N ILE T 71 -121.14 28.10 26.24
CA ILE T 71 -121.03 29.38 25.49
C ILE T 71 -122.41 30.03 25.24
N LYS T 72 -123.46 29.22 25.07
CA LYS T 72 -124.84 29.74 24.94
C LYS T 72 -125.44 30.17 26.29
N ALA T 73 -125.10 29.47 27.37
CA ALA T 73 -125.48 29.88 28.74
C ALA T 73 -124.73 31.14 29.19
N LEU T 74 -123.55 31.41 28.62
CA LEU T 74 -122.88 32.71 28.75
C LEU T 74 -123.70 33.78 28.02
N VAL T 75 -124.17 33.46 26.81
CA VAL T 75 -125.07 34.33 26.04
C VAL T 75 -126.45 34.35 26.69
N SER U 1 40.63 -64.39 -35.58
CA SER U 1 39.96 -63.34 -36.41
C SER U 1 40.86 -62.83 -37.54
N ILE U 2 40.24 -62.07 -38.44
CA ILE U 2 40.91 -61.52 -39.62
C ILE U 2 41.14 -60.04 -39.42
N ASN U 3 41.80 -59.74 -38.31
CA ASN U 3 42.52 -58.50 -38.15
C ASN U 3 43.99 -58.87 -38.31
N SER U 4 44.43 -59.81 -37.48
CA SER U 4 45.83 -60.25 -37.40
C SER U 4 46.41 -60.78 -38.71
N ARG U 5 45.67 -61.66 -39.37
CA ARG U 5 46.09 -62.21 -40.66
C ARG U 5 46.15 -61.11 -41.71
N LEU U 6 45.12 -60.26 -41.71
CA LEU U 6 44.94 -59.26 -42.74
C LEU U 6 46.09 -58.27 -42.64
N GLN U 7 46.29 -57.73 -41.44
CA GLN U 7 47.46 -56.90 -41.06
C GLN U 7 48.78 -57.39 -41.66
N LEU U 8 49.00 -58.69 -41.56
CA LEU U 8 50.21 -59.33 -42.08
C LEU U 8 50.25 -59.32 -43.62
N VAL U 9 49.10 -59.53 -44.25
CA VAL U 9 49.00 -59.52 -45.72
C VAL U 9 49.31 -58.13 -46.27
N MET U 10 48.93 -57.10 -45.54
CA MET U 10 49.11 -55.73 -46.02
C MET U 10 50.60 -55.45 -46.12
N LYS U 11 51.32 -55.73 -45.04
CA LYS U 11 52.76 -55.51 -44.97
C LYS U 11 53.52 -56.31 -46.03
N SER U 12 53.22 -57.60 -46.13
CA SER U 12 54.04 -58.55 -46.90
C SER U 12 53.50 -58.87 -48.30
N GLY U 13 52.22 -59.24 -48.37
CA GLY U 13 51.60 -59.67 -49.63
C GLY U 13 51.24 -58.57 -50.62
N LYS U 14 50.27 -58.88 -51.49
CA LYS U 14 49.75 -57.98 -52.52
C LYS U 14 48.24 -57.82 -52.45
N TYR U 15 47.75 -56.67 -52.87
CA TYR U 15 46.34 -56.36 -52.76
C TYR U 15 45.86 -55.26 -53.62
N VAL U 16 44.54 -55.22 -53.66
CA VAL U 16 43.83 -54.21 -54.33
C VAL U 16 42.68 -53.82 -53.42
N LEU U 17 42.54 -52.52 -53.16
CA LEU U 17 41.48 -51.99 -52.32
C LEU U 17 40.29 -51.44 -53.10
N GLY U 18 39.10 -51.84 -52.66
CA GLY U 18 37.85 -51.15 -52.95
C GLY U 18 36.99 -51.79 -54.00
N TYR U 19 36.98 -51.17 -55.16
CA TYR U 19 36.22 -51.66 -56.25
C TYR U 19 37.02 -51.39 -57.48
N LYS U 20 36.71 -52.16 -58.50
CA LYS U 20 36.87 -51.80 -59.89
C LYS U 20 38.23 -52.33 -60.22
N GLN U 21 39.20 -51.95 -59.39
CA GLN U 21 40.41 -52.73 -59.29
C GLN U 21 40.09 -54.16 -58.80
N THR U 22 39.29 -54.29 -57.74
CA THR U 22 38.98 -55.63 -57.18
C THR U 22 38.26 -56.46 -58.20
N LEU U 23 37.31 -55.83 -58.89
CA LEU U 23 36.53 -56.49 -59.88
C LEU U 23 37.39 -56.81 -61.10
N LYS U 24 38.32 -55.94 -61.45
CA LYS U 24 39.32 -56.25 -62.49
C LYS U 24 40.15 -57.44 -62.13
N MET U 25 40.55 -57.51 -60.86
CA MET U 25 41.34 -58.63 -60.37
C MET U 25 40.58 -59.94 -60.25
N ILE U 26 39.26 -59.86 -60.19
CA ILE U 26 38.45 -61.05 -60.36
C ILE U 26 38.35 -61.37 -61.87
N ARG U 27 38.09 -60.35 -62.69
CA ARG U 27 38.05 -60.47 -64.17
C ARG U 27 39.26 -61.20 -64.72
N GLN U 28 40.42 -60.71 -64.30
CA GLN U 28 41.71 -61.29 -64.65
C GLN U 28 41.88 -62.69 -64.05
N GLY U 29 41.30 -62.89 -62.87
CA GLY U 29 41.30 -64.18 -62.18
C GLY U 29 42.42 -64.33 -61.17
N LYS U 30 43.18 -63.26 -60.95
CA LYS U 30 44.39 -63.33 -60.15
C LYS U 30 44.16 -62.92 -58.70
N ALA U 31 42.91 -63.01 -58.22
CA ALA U 31 42.55 -62.61 -56.87
C ALA U 31 41.71 -63.71 -56.27
N LYS U 32 42.15 -64.22 -55.12
CA LYS U 32 41.55 -65.43 -54.55
C LYS U 32 41.18 -65.31 -53.07
N LEU U 33 40.96 -64.08 -52.64
CA LEU U 33 40.11 -63.83 -51.51
C LEU U 33 39.58 -62.40 -51.59
N VAL U 34 38.27 -62.30 -51.85
CA VAL U 34 37.57 -61.01 -51.87
C VAL U 34 36.96 -60.79 -50.49
N ILE U 35 37.44 -59.77 -49.80
CA ILE U 35 36.91 -59.42 -48.51
C ILE U 35 35.93 -58.26 -48.67
N LEU U 36 34.64 -58.59 -48.73
CA LEU U 36 33.59 -57.59 -48.58
C LEU U 36 33.49 -57.27 -47.11
N ALA U 37 32.91 -56.13 -46.82
CA ALA U 37 32.39 -55.87 -45.48
C ALA U 37 30.88 -56.13 -45.48
N ASN U 38 30.27 -55.95 -44.32
CA ASN U 38 28.86 -55.54 -44.24
C ASN U 38 28.86 -54.06 -44.64
N ASN U 39 27.71 -53.43 -44.85
CA ASN U 39 27.66 -52.06 -45.41
C ASN U 39 28.02 -51.93 -46.88
N CYS U 40 28.66 -52.92 -47.49
CA CYS U 40 28.63 -52.97 -48.94
C CYS U 40 27.15 -53.16 -49.25
N PRO U 41 26.55 -52.22 -50.02
CA PRO U 41 25.12 -52.23 -50.24
C PRO U 41 24.75 -53.42 -51.08
N ALA U 42 23.62 -54.00 -50.74
CA ALA U 42 23.38 -55.40 -51.01
C ALA U 42 23.34 -55.80 -52.49
N LEU U 43 23.25 -54.84 -53.42
CA LEU U 43 23.44 -55.16 -54.82
C LEU U 43 24.89 -55.59 -55.03
N ARG U 44 25.80 -54.73 -54.61
CA ARG U 44 27.24 -54.94 -54.86
C ARG U 44 27.74 -56.20 -54.21
N LYS U 45 27.23 -56.48 -53.01
CA LYS U 45 27.43 -57.77 -52.37
C LYS U 45 27.11 -58.84 -53.39
N SER U 46 25.87 -58.90 -53.83
CA SER U 46 25.40 -60.04 -54.63
C SER U 46 26.05 -60.09 -55.99
N GLU U 47 26.47 -58.94 -56.50
CA GLU U 47 27.13 -58.90 -57.81
C GLU U 47 28.64 -59.13 -57.74
N ILE U 48 29.27 -58.92 -56.59
CA ILE U 48 30.65 -59.37 -56.39
C ILE U 48 30.65 -60.81 -55.98
N GLU U 49 29.80 -61.16 -55.04
CA GLU U 49 29.66 -62.51 -54.54
C GLU U 49 29.31 -63.49 -55.67
N TYR U 50 28.41 -63.09 -56.56
CA TYR U 50 28.18 -63.82 -57.82
C TYR U 50 29.45 -63.74 -58.68
N TYR U 51 29.89 -62.52 -58.96
CA TYR U 51 30.93 -62.32 -59.95
C TYR U 51 32.28 -62.96 -59.52
N ALA U 52 32.42 -63.37 -58.26
CA ALA U 52 33.56 -64.18 -57.79
C ALA U 52 33.28 -65.68 -57.84
N MET U 53 32.11 -66.12 -57.36
CA MET U 53 31.66 -67.53 -57.45
C MET U 53 32.01 -68.16 -58.79
N LEU U 54 31.75 -67.41 -59.84
CA LEU U 54 31.98 -67.86 -61.19
C LEU U 54 33.48 -68.06 -61.46
N ALA U 55 34.32 -67.18 -60.94
CA ALA U 55 35.79 -67.35 -60.99
C ALA U 55 36.34 -68.45 -60.10
N LYS U 56 35.58 -68.81 -59.07
CA LYS U 56 35.99 -69.78 -58.03
C LYS U 56 37.03 -69.10 -57.15
N THR U 57 36.51 -68.19 -56.34
CA THR U 57 37.28 -67.41 -55.39
C THR U 57 36.51 -67.38 -54.06
N GLY U 58 37.25 -67.48 -52.97
CA GLY U 58 36.66 -67.39 -51.63
C GLY U 58 36.24 -65.98 -51.36
N VAL U 59 35.06 -65.82 -50.77
CA VAL U 59 34.54 -64.53 -50.38
C VAL U 59 34.54 -64.47 -48.85
N HIS U 60 34.69 -63.26 -48.31
CA HIS U 60 34.52 -63.03 -46.88
C HIS U 60 33.58 -61.89 -46.61
N HIS U 61 32.51 -62.14 -45.84
CA HIS U 61 31.70 -61.03 -45.31
C HIS U 61 32.23 -60.86 -43.90
N TYR U 62 33.34 -60.12 -43.85
CA TYR U 62 33.96 -59.62 -42.63
C TYR U 62 32.90 -58.93 -41.79
N SER U 63 32.85 -59.25 -40.49
CA SER U 63 31.95 -58.54 -39.55
C SER U 63 32.48 -57.13 -39.27
N GLY U 64 32.20 -56.22 -40.22
CA GLY U 64 32.96 -54.97 -40.42
C GLY U 64 32.12 -53.71 -40.50
N ASN U 65 32.38 -52.83 -41.48
CA ASN U 65 31.72 -51.52 -41.50
C ASN U 65 31.75 -50.65 -42.77
N ASN U 66 32.39 -51.09 -43.85
CA ASN U 66 33.25 -50.23 -44.71
C ASN U 66 34.50 -50.03 -43.74
N ILE U 67 34.35 -49.36 -42.57
CA ILE U 67 35.49 -48.74 -41.77
C ILE U 67 36.37 -49.74 -41.06
N GLU U 68 35.78 -50.51 -40.14
CA GLU U 68 36.44 -51.67 -39.53
C GLU U 68 36.82 -52.59 -40.67
N LEU U 69 37.91 -52.25 -41.33
CA LEU U 69 38.39 -52.93 -42.52
C LEU U 69 39.49 -52.04 -42.99
N GLY U 70 39.13 -50.78 -43.19
CA GLY U 70 40.09 -49.72 -43.40
C GLY U 70 41.08 -49.67 -42.27
N THR U 71 40.56 -49.52 -41.07
CA THR U 71 41.36 -49.61 -39.89
C THR U 71 42.15 -50.93 -39.81
N ALA U 72 41.47 -52.04 -40.11
CA ALA U 72 42.10 -53.36 -40.15
C ALA U 72 43.17 -53.52 -41.23
N CYS U 73 43.02 -52.80 -42.34
CA CYS U 73 44.01 -52.81 -43.41
C CYS U 73 45.25 -51.98 -43.14
N GLY U 74 45.37 -51.39 -41.95
CA GLY U 74 46.39 -50.37 -41.71
C GLY U 74 46.20 -49.12 -42.59
N LYS U 75 45.13 -49.10 -43.38
CA LYS U 75 44.70 -47.91 -44.08
C LYS U 75 43.99 -47.14 -43.02
N TYR U 76 43.72 -45.91 -43.34
CA TYR U 76 43.44 -44.90 -42.38
C TYR U 76 42.07 -44.39 -42.78
N TYR U 77 41.24 -45.30 -43.31
CA TYR U 77 40.20 -44.92 -44.27
C TYR U 77 39.21 -45.95 -44.84
N ARG U 78 38.20 -45.42 -45.51
CA ARG U 78 37.05 -46.19 -45.98
C ARG U 78 37.35 -47.21 -47.09
N VAL U 79 37.26 -48.51 -46.77
CA VAL U 79 37.36 -49.57 -47.76
C VAL U 79 36.26 -50.59 -47.59
N CYS U 80 35.33 -50.60 -48.53
CA CYS U 80 34.17 -51.48 -48.46
C CYS U 80 34.57 -52.90 -48.80
N THR U 81 35.20 -53.03 -49.96
CA THR U 81 35.60 -54.31 -50.49
C THR U 81 37.11 -54.29 -50.57
N LEU U 82 37.71 -55.47 -50.66
CA LEU U 82 39.08 -55.62 -51.11
C LEU U 82 39.33 -57.03 -51.65
N ALA U 83 40.38 -57.16 -52.45
CA ALA U 83 40.78 -58.43 -53.02
C ALA U 83 42.25 -58.66 -52.70
N ILE U 84 42.54 -59.89 -52.26
CA ILE U 84 43.90 -60.31 -51.93
C ILE U 84 44.41 -61.11 -53.12
N ILE U 85 45.53 -60.66 -53.66
CA ILE U 85 46.15 -61.34 -54.80
C ILE U 85 47.09 -62.42 -54.28
N ASP U 86 48.08 -62.03 -53.47
CA ASP U 86 49.10 -62.94 -52.95
C ASP U 86 49.35 -62.67 -51.49
N PRO U 87 49.25 -63.70 -50.63
CA PRO U 87 49.62 -63.48 -49.23
C PRO U 87 51.15 -63.50 -48.98
N GLY U 88 51.56 -63.01 -47.80
CA GLY U 88 52.94 -63.14 -47.31
C GLY U 88 53.15 -64.50 -46.66
N ASP U 89 53.67 -64.54 -45.44
CA ASP U 89 53.61 -65.80 -44.64
C ASP U 89 52.19 -66.07 -44.13
N SER U 90 51.36 -65.02 -44.05
CA SER U 90 49.97 -65.11 -43.61
C SER U 90 49.21 -66.28 -44.22
N ASP U 91 48.65 -67.15 -43.37
CA ASP U 91 47.65 -68.11 -43.83
C ASP U 91 46.25 -67.49 -43.64
N ILE U 92 45.99 -66.47 -44.45
CA ILE U 92 44.64 -65.93 -44.63
C ILE U 92 43.90 -66.87 -45.61
N ILE U 93 44.62 -67.34 -46.63
CA ILE U 93 44.06 -68.27 -47.60
C ILE U 93 44.10 -69.69 -47.04
N ARG U 94 43.03 -70.44 -47.33
CA ARG U 94 42.77 -71.74 -46.72
C ARG U 94 42.90 -72.83 -47.77
N ASN V 1 14.94 68.94 -78.44
CA ASN V 1 15.27 69.36 -77.04
C ASN V 1 15.09 68.22 -76.01
N GLU V 2 14.03 67.44 -76.15
CA GLU V 2 13.63 66.40 -75.16
C GLU V 2 13.58 64.99 -75.78
N VAL V 3 14.70 64.56 -76.32
CA VAL V 3 14.90 63.16 -76.74
C VAL V 3 16.32 62.79 -76.37
N VAL V 4 16.63 63.02 -75.11
CA VAL V 4 18.00 63.04 -74.62
C VAL V 4 18.30 61.77 -73.89
N THR V 5 19.56 61.37 -73.95
CA THR V 5 20.07 60.19 -73.28
C THR V 5 21.13 60.66 -72.28
N ARG V 6 21.35 59.87 -71.23
CA ARG V 6 22.27 60.26 -70.18
C ARG V 6 22.73 59.07 -69.29
N GLU V 7 23.92 59.16 -68.67
CA GLU V 7 24.51 58.04 -67.89
C GLU V 7 24.00 57.92 -66.45
N TYR V 8 22.68 57.87 -66.24
CA TYR V 8 22.15 58.14 -64.89
C TYR V 8 22.53 56.97 -63.89
N THR V 9 23.71 57.10 -63.20
CA THR V 9 24.29 56.03 -62.29
C THR V 9 23.61 55.80 -60.91
N ILE V 10 22.93 54.67 -60.83
CA ILE V 10 22.02 54.34 -59.75
C ILE V 10 22.83 53.57 -58.73
N ASN V 11 23.05 54.14 -57.53
CA ASN V 11 23.42 53.32 -56.37
C ASN V 11 22.14 52.68 -55.84
N ILE V 12 22.16 51.36 -55.97
CA ILE V 12 21.04 50.49 -55.63
C ILE V 12 21.19 50.01 -54.20
N HIS V 13 22.43 49.83 -53.78
CA HIS V 13 22.73 49.42 -52.41
C HIS V 13 22.04 50.28 -51.32
N LYS V 14 21.77 51.55 -51.63
CA LYS V 14 21.04 52.45 -50.73
C LYS V 14 19.58 52.64 -51.09
N ARG V 15 19.14 52.03 -52.16
CA ARG V 15 17.74 52.06 -52.51
C ARG V 15 17.08 50.80 -51.95
N ILE V 16 17.82 49.70 -52.03
CA ILE V 16 17.42 48.45 -51.45
C ILE V 16 18.17 48.36 -50.17
N HIS V 17 17.51 48.50 -49.03
CA HIS V 17 18.17 48.24 -47.77
C HIS V 17 17.15 48.07 -46.68
N GLY V 18 17.19 46.89 -46.06
CA GLY V 18 16.28 46.52 -44.99
C GLY V 18 15.08 45.94 -45.66
N VAL V 19 15.34 45.01 -46.58
CA VAL V 19 14.34 44.53 -47.49
C VAL V 19 14.61 43.08 -47.88
N GLY V 20 13.77 42.21 -47.35
CA GLY V 20 13.68 40.85 -47.81
C GLY V 20 14.97 40.06 -47.76
N PHE V 21 15.48 39.77 -48.94
CA PHE V 21 16.25 38.57 -49.28
C PHE V 21 15.45 37.83 -50.32
N LYS V 22 14.12 38.01 -50.32
CA LYS V 22 13.30 37.52 -51.42
C LYS V 22 12.69 38.65 -52.23
N LYS V 23 12.97 39.90 -51.84
CA LYS V 23 12.46 41.05 -52.54
C LYS V 23 13.53 42.11 -52.76
N ARG V 24 14.79 41.69 -52.86
CA ARG V 24 15.85 42.63 -53.16
C ARG V 24 15.86 42.87 -54.64
N ALA V 25 16.27 41.87 -55.42
CA ALA V 25 16.40 42.03 -56.86
C ALA V 25 15.10 42.31 -57.61
N PRO V 26 13.94 42.06 -57.00
CA PRO V 26 12.72 42.69 -57.46
C PRO V 26 12.66 44.18 -57.19
N ARG V 27 12.80 44.59 -55.93
CA ARG V 27 12.68 46.02 -55.60
C ARG V 27 13.85 46.85 -56.12
N ALA V 28 14.92 46.19 -56.55
CA ALA V 28 15.92 46.84 -57.37
C ALA V 28 15.27 47.53 -58.55
N LEU V 29 14.47 46.76 -59.29
CA LEU V 29 13.87 47.23 -60.53
C LEU V 29 12.76 48.22 -60.32
N LYS V 30 11.95 48.05 -59.28
CA LYS V 30 10.96 49.08 -58.94
C LYS V 30 11.64 50.39 -58.66
N GLU V 31 12.82 50.35 -58.02
CA GLU V 31 13.55 51.58 -57.73
C GLU V 31 14.47 52.07 -58.84
N ILE V 32 14.88 51.21 -59.77
CA ILE V 32 15.47 51.67 -61.03
C ILE V 32 14.43 52.48 -61.79
N ARG V 33 13.24 51.93 -61.82
CA ARG V 33 12.11 52.48 -62.54
C ARG V 33 11.60 53.77 -61.93
N LYS V 34 11.43 53.80 -60.61
CA LYS V 34 11.16 55.06 -59.90
C LYS V 34 12.28 56.07 -60.01
N PHE V 35 13.53 55.61 -60.09
CA PHE V 35 14.66 56.51 -60.36
C PHE V 35 14.51 57.17 -61.76
N ALA V 36 14.07 56.38 -62.74
CA ALA V 36 13.80 56.89 -64.09
C ALA V 36 12.55 57.77 -64.25
N MET V 37 11.75 57.91 -63.19
CA MET V 37 10.64 58.86 -63.17
C MET V 37 11.15 60.25 -62.85
N LYS V 38 11.99 60.33 -61.82
CA LYS V 38 12.57 61.60 -61.44
C LYS V 38 13.41 62.17 -62.58
N GLU V 39 14.42 61.42 -63.01
CA GLU V 39 15.43 61.96 -63.93
C GLU V 39 14.82 62.35 -65.28
N MET V 40 13.90 61.53 -65.76
CA MET V 40 13.16 61.80 -66.98
C MET V 40 11.70 61.92 -66.61
N GLY V 41 11.13 63.11 -66.73
CA GLY V 41 9.71 63.31 -66.39
C GLY V 41 8.74 62.53 -67.26
N THR V 42 8.63 61.23 -66.99
CA THR V 42 7.76 60.33 -67.75
C THR V 42 7.28 59.21 -66.84
N PRO V 43 5.97 58.89 -66.86
CA PRO V 43 5.47 57.74 -66.11
C PRO V 43 5.70 56.41 -66.82
N ASP V 44 6.03 56.44 -68.12
CA ASP V 44 6.33 55.25 -68.90
C ASP V 44 7.83 55.03 -68.81
N VAL V 45 8.23 53.86 -68.30
CA VAL V 45 9.63 53.48 -68.26
C VAL V 45 9.70 52.03 -68.68
N ARG V 46 10.67 51.72 -69.53
CA ARG V 46 10.72 50.46 -70.26
C ARG V 46 12.13 49.92 -70.15
N ILE V 47 12.35 49.25 -69.02
CA ILE V 47 13.62 48.74 -68.61
C ILE V 47 14.09 47.53 -69.41
N ASP V 48 15.26 47.62 -70.02
CA ASP V 48 15.67 46.62 -71.00
C ASP V 48 16.00 45.28 -70.37
N THR V 49 15.74 44.19 -71.11
CA THR V 49 16.03 42.81 -70.68
C THR V 49 17.49 42.60 -70.33
N ARG V 50 18.33 43.19 -71.15
CA ARG V 50 19.74 43.21 -70.86
C ARG V 50 20.11 43.90 -69.53
N LEU V 51 19.33 44.90 -69.09
CA LEU V 51 19.51 45.48 -67.75
C LEU V 51 19.01 44.55 -66.67
N ASN V 52 17.73 44.22 -66.75
CA ASN V 52 17.10 43.15 -65.96
C ASN V 52 18.11 42.08 -65.60
N LYS V 53 18.59 41.36 -66.61
CA LYS V 53 19.51 40.24 -66.45
C LYS V 53 20.65 40.54 -65.49
N ALA V 54 21.18 41.75 -65.55
CA ALA V 54 22.33 42.10 -64.76
C ALA V 54 22.00 42.74 -63.41
N VAL V 55 20.78 43.24 -63.23
CA VAL V 55 20.33 43.62 -61.89
C VAL V 55 20.24 42.40 -60.98
N TRP V 56 20.13 41.26 -61.62
CA TRP V 56 19.43 40.12 -61.13
C TRP V 56 20.39 38.92 -61.32
N ALA V 57 21.69 39.23 -61.36
CA ALA V 57 22.75 38.32 -61.86
C ALA V 57 23.58 37.72 -60.77
N LYS V 58 23.29 38.09 -59.53
CA LYS V 58 23.85 37.42 -58.39
C LYS V 58 22.72 37.01 -57.48
N GLY V 59 21.69 36.40 -58.09
CA GLY V 59 20.52 35.90 -57.35
C GLY V 59 19.71 37.02 -56.75
N ILE V 60 18.69 36.67 -55.99
CA ILE V 60 17.90 37.67 -55.36
C ILE V 60 18.80 38.44 -54.41
N ARG V 61 19.32 37.75 -53.40
CA ARG V 61 19.86 38.43 -52.21
C ARG V 61 20.90 39.45 -52.54
N ASN V 62 21.88 39.02 -53.29
CA ASN V 62 23.06 39.83 -53.52
C ASN V 62 22.81 40.64 -54.79
N VAL V 63 22.26 41.84 -54.63
CA VAL V 63 22.05 42.69 -55.78
C VAL V 63 23.35 43.44 -55.99
N PRO V 64 23.69 43.74 -57.25
CA PRO V 64 24.86 44.61 -57.44
C PRO V 64 24.66 45.98 -56.81
N TYR V 65 25.77 46.54 -56.37
CA TYR V 65 25.74 47.66 -55.47
C TYR V 65 25.39 48.94 -56.18
N ARG V 66 26.07 49.17 -57.29
CA ARG V 66 25.75 50.24 -58.19
C ARG V 66 25.46 49.65 -59.57
N ILE V 67 24.85 50.46 -60.42
CA ILE V 67 24.56 50.12 -61.80
C ILE V 67 24.57 51.42 -62.59
N ARG V 68 25.25 51.45 -63.74
CA ARG V 68 25.20 52.64 -64.61
C ARG V 68 24.37 52.43 -65.90
N VAL V 69 23.58 53.44 -66.27
CA VAL V 69 22.40 53.21 -67.09
C VAL V 69 22.04 54.27 -68.21
N ARG V 70 21.68 53.81 -69.44
CA ARG V 70 21.55 54.68 -70.68
C ARG V 70 20.10 55.03 -70.52
N LEU V 71 19.88 56.03 -69.66
CA LEU V 71 18.55 56.49 -69.37
C LEU V 71 18.18 57.38 -70.54
N SER V 72 17.48 56.80 -71.52
CA SER V 72 17.22 57.43 -72.83
C SER V 72 15.74 57.61 -73.09
N ARG V 73 15.34 58.86 -73.30
CA ARG V 73 13.96 59.22 -73.55
C ARG V 73 13.82 59.36 -75.06
N LYS V 74 12.70 58.86 -75.58
CA LYS V 74 12.44 58.80 -77.01
C LYS V 74 11.01 59.22 -77.32
N ARG V 75 10.74 59.43 -78.60
CA ARG V 75 9.49 60.01 -79.11
C ARG V 75 8.24 59.28 -78.63
N ASN V 76 8.25 57.96 -78.78
CA ASN V 76 7.06 57.10 -78.81
C ASN V 76 6.48 57.14 -80.25
N GLU V 77 7.20 56.43 -81.13
CA GLU V 77 6.85 56.26 -82.56
C GLU V 77 5.40 55.87 -82.90
N ASP V 78 4.91 54.79 -82.29
CA ASP V 78 3.69 54.10 -82.74
C ASP V 78 2.45 54.58 -81.99
N GLU V 79 2.49 54.37 -80.68
CA GLU V 79 1.34 54.45 -79.80
C GLU V 79 0.52 55.73 -79.99
N ASP V 80 -0.81 55.57 -80.01
CA ASP V 80 -1.77 56.68 -79.90
C ASP V 80 -2.12 56.95 -78.42
N SER V 81 -1.64 56.08 -77.53
CA SER V 81 -1.65 56.22 -76.06
C SER V 81 -1.39 57.65 -75.56
N PRO V 82 -1.99 58.04 -74.40
CA PRO V 82 -1.77 59.38 -73.81
C PRO V 82 -0.30 59.78 -73.68
N ASN V 83 0.53 58.81 -73.32
CA ASN V 83 1.95 59.01 -73.19
C ASN V 83 2.64 59.07 -74.53
N LYS V 84 2.89 60.29 -74.99
CA LYS V 84 4.03 60.54 -75.86
C LYS V 84 5.22 60.61 -74.91
N LEU V 85 6.42 60.42 -75.44
CA LEU V 85 7.65 60.33 -74.62
C LEU V 85 7.76 59.03 -73.80
N TYR V 86 8.84 58.30 -74.04
CA TYR V 86 9.07 56.93 -73.58
C TYR V 86 9.72 56.97 -72.21
N THR V 87 10.58 55.98 -71.95
CA THR V 87 11.92 56.16 -71.35
C THR V 87 12.62 54.81 -71.28
N LEU V 88 13.63 54.61 -72.09
CA LEU V 88 14.34 53.35 -72.14
C LEU V 88 15.56 53.41 -71.22
N VAL V 89 15.84 52.29 -70.55
CA VAL V 89 16.93 52.17 -69.58
C VAL V 89 17.74 50.95 -70.03
N THR V 90 19.08 51.01 -69.98
CA THR V 90 19.95 50.01 -70.65
C THR V 90 21.32 49.83 -69.93
N TYR V 91 22.17 48.85 -70.30
CA TYR V 91 23.56 48.84 -69.71
C TYR V 91 24.52 49.89 -70.21
N VAL V 92 25.41 50.25 -69.29
CA VAL V 92 26.81 50.31 -69.64
C VAL V 92 27.50 49.34 -68.71
N PRO V 93 28.05 48.26 -69.26
CA PRO V 93 28.91 47.47 -68.42
C PRO V 93 30.18 48.29 -68.19
N VAL V 94 30.61 48.37 -66.94
CA VAL V 94 31.74 49.20 -66.56
C VAL V 94 32.61 48.44 -65.58
N THR V 95 33.90 48.78 -65.55
CA THR V 95 34.88 48.16 -64.67
C THR V 95 34.81 48.70 -63.25
N THR V 96 34.91 50.02 -63.14
CA THR V 96 34.90 50.68 -61.83
C THR V 96 33.97 51.87 -61.87
N PHE V 97 33.38 52.14 -60.72
CA PHE V 97 32.50 53.27 -60.55
C PHE V 97 33.17 54.44 -59.83
N LYS V 98 34.51 54.41 -59.73
CA LYS V 98 35.24 55.46 -59.01
C LYS V 98 35.35 56.72 -59.84
N ASN V 99 35.22 57.85 -59.15
CA ASN V 99 35.37 59.17 -59.73
C ASN V 99 34.49 59.42 -60.99
N LEU V 100 33.40 58.65 -61.13
CA LEU V 100 32.52 58.76 -62.28
C LEU V 100 31.64 60.01 -62.18
N GLN V 101 30.75 60.18 -63.12
CA GLN V 101 30.01 61.39 -63.21
C GLN V 101 28.63 61.09 -63.82
N THR V 102 28.13 61.97 -64.68
CA THR V 102 26.70 62.15 -64.83
C THR V 102 26.40 62.76 -66.20
N VAL V 103 26.83 62.03 -67.23
CA VAL V 103 27.11 62.61 -68.55
C VAL V 103 25.93 62.52 -69.53
N ASN V 104 25.87 63.48 -70.47
CA ASN V 104 24.80 63.58 -71.49
C ASN V 104 25.38 63.01 -72.73
N VAL V 105 24.83 61.89 -73.20
CA VAL V 105 25.34 61.22 -74.38
C VAL V 105 24.93 62.03 -75.62
N ASP V 106 25.84 62.06 -76.61
CA ASP V 106 25.52 62.54 -77.97
C ASP V 106 25.43 61.32 -78.88
N GLU V 107 24.67 61.44 -79.96
CA GLU V 107 24.48 60.34 -80.89
C GLU V 107 25.70 60.18 -81.82
N ALA W 1 -74.72 73.82 -46.76
CA ALA W 1 -76.06 73.97 -46.12
C ALA W 1 -76.95 72.75 -46.42
N ALA W 2 -76.46 71.57 -46.04
CA ALA W 2 -77.14 70.32 -46.33
C ALA W 2 -78.01 69.87 -45.17
N LEU W 3 -79.16 69.27 -45.51
CA LEU W 3 -79.89 68.31 -44.66
C LEU W 3 -79.46 68.32 -43.17
N ARG W 4 -80.00 69.28 -42.43
CA ARG W 4 -79.80 69.38 -40.99
C ARG W 4 -80.52 68.25 -40.26
N PRO W 5 -80.07 67.89 -39.05
CA PRO W 5 -80.77 66.87 -38.27
C PRO W 5 -82.06 67.29 -37.64
N LEU W 6 -82.78 66.29 -37.17
CA LEU W 6 -83.93 66.52 -36.35
C LEU W 6 -83.48 67.24 -35.11
N VAL W 7 -82.38 66.77 -34.55
CA VAL W 7 -81.89 67.25 -33.27
C VAL W 7 -80.38 67.04 -33.22
N LYS W 8 -79.65 68.09 -32.88
CA LYS W 8 -78.20 68.04 -32.85
C LYS W 8 -77.77 68.17 -31.40
N PRO W 9 -77.49 67.04 -30.73
CA PRO W 9 -77.09 67.11 -29.33
C PRO W 9 -75.59 67.27 -29.23
N LYS W 10 -75.12 67.52 -28.02
CA LYS W 10 -73.69 67.55 -27.75
C LYS W 10 -73.19 66.11 -27.69
N ILE W 11 -72.40 65.73 -28.70
CA ILE W 11 -71.78 64.42 -28.71
C ILE W 11 -70.54 64.51 -27.84
N VAL W 12 -70.46 63.61 -26.86
CA VAL W 12 -69.32 63.55 -25.95
C VAL W 12 -68.75 62.13 -26.00
N LYS W 13 -67.42 62.07 -25.94
CA LYS W 13 -66.69 60.82 -26.06
C LYS W 13 -65.69 60.71 -24.94
N LYS W 14 -65.87 59.71 -24.09
CA LYS W 14 -65.12 59.61 -22.83
C LYS W 14 -63.64 59.38 -23.04
N ARG W 15 -63.30 58.69 -24.12
CA ARG W 15 -61.94 58.66 -24.57
C ARG W 15 -62.00 58.56 -26.06
N THR W 16 -61.17 59.37 -26.67
CA THR W 16 -61.23 59.58 -28.10
C THR W 16 -60.22 58.72 -28.84
N LYS W 17 -59.33 58.07 -28.08
CA LYS W 17 -58.15 57.41 -28.60
C LYS W 17 -58.29 55.91 -28.65
N LYS W 18 -57.44 55.31 -29.48
CA LYS W 18 -57.48 53.88 -29.76
C LYS W 18 -56.88 53.05 -28.66
N PHE W 19 -57.15 51.76 -28.73
CA PHE W 19 -56.81 50.85 -27.68
C PHE W 19 -55.80 49.88 -28.18
N ILE W 20 -54.56 50.36 -28.22
CA ILE W 20 -53.48 49.55 -28.77
C ILE W 20 -53.17 48.35 -27.87
N ARG W 21 -52.59 47.33 -28.47
CA ARG W 21 -52.20 46.14 -27.73
C ARG W 21 -50.83 46.37 -27.14
N HIS W 22 -50.63 45.81 -25.95
CA HIS W 22 -49.35 45.79 -25.25
C HIS W 22 -48.21 45.35 -26.15
N GLN W 23 -47.18 46.16 -26.22
CA GLN W 23 -46.02 45.91 -27.07
C GLN W 23 -46.29 45.84 -28.58
N SER W 24 -47.44 46.36 -29.05
CA SER W 24 -47.69 46.56 -30.49
C SER W 24 -46.72 47.53 -31.20
N ASP W 25 -45.85 48.13 -30.39
CA ASP W 25 -44.96 49.24 -30.75
C ASP W 25 -43.60 48.68 -31.10
N ARG W 26 -43.08 47.87 -30.19
CA ARG W 26 -41.81 47.18 -30.39
C ARG W 26 -41.86 46.18 -31.54
N TYR W 27 -42.85 45.29 -31.52
CA TYR W 27 -42.92 44.20 -32.46
C TYR W 27 -43.81 44.57 -33.64
N VAL W 28 -43.42 44.11 -34.81
CA VAL W 28 -44.20 44.34 -36.00
C VAL W 28 -45.19 43.20 -36.18
N LYS W 29 -44.90 42.04 -35.61
CA LYS W 29 -45.81 40.86 -35.65
C LYS W 29 -47.11 41.02 -34.84
N ILE W 30 -47.21 42.12 -34.10
CA ILE W 30 -48.39 42.46 -33.36
C ILE W 30 -49.15 43.59 -34.04
N LYS W 31 -50.42 43.34 -34.29
CA LYS W 31 -51.31 44.36 -34.79
C LYS W 31 -51.79 45.20 -33.62
N ARG W 32 -52.08 46.46 -33.88
CA ARG W 32 -52.55 47.37 -32.84
C ARG W 32 -53.80 46.85 -32.16
N ASN W 33 -54.71 46.28 -32.95
CA ASN W 33 -55.83 45.44 -32.48
C ASN W 33 -55.73 44.92 -31.05
N TRP W 34 -56.70 45.25 -30.21
CA TRP W 34 -56.70 44.71 -28.86
C TRP W 34 -56.61 43.12 -28.88
N ARG W 35 -55.67 42.56 -28.09
CA ARG W 35 -55.69 41.15 -27.54
C ARG W 35 -55.40 41.09 -26.02
N LYS W 36 -56.40 40.70 -25.22
CA LYS W 36 -56.36 40.97 -23.77
C LYS W 36 -55.35 40.13 -23.06
N PRO W 37 -54.49 40.78 -22.25
CA PRO W 37 -53.28 40.14 -21.87
C PRO W 37 -53.41 39.32 -20.60
N ARG W 38 -53.08 38.04 -20.74
CA ARG W 38 -53.32 37.04 -19.72
C ARG W 38 -51.99 36.50 -19.21
N GLY W 39 -51.02 37.40 -19.10
CA GLY W 39 -49.73 37.05 -18.57
C GLY W 39 -49.88 36.89 -17.09
N ILE W 40 -49.09 36.01 -16.48
CA ILE W 40 -49.18 35.84 -15.05
C ILE W 40 -48.65 37.13 -14.48
N ASP W 41 -47.45 37.50 -14.94
CA ASP W 41 -46.72 38.63 -14.39
C ASP W 41 -47.15 39.96 -15.01
N ASN W 42 -47.93 39.95 -16.09
CA ASN W 42 -47.90 41.13 -16.95
C ASN W 42 -48.54 42.36 -16.32
N ARG W 43 -47.77 43.42 -16.39
CA ARG W 43 -48.04 44.67 -15.70
C ARG W 43 -49.32 45.37 -16.16
N VAL W 44 -49.55 45.50 -17.45
CA VAL W 44 -50.83 46.02 -17.94
C VAL W 44 -52.07 45.48 -17.24
N ARG W 45 -52.11 44.18 -17.06
CA ARG W 45 -53.35 43.50 -16.83
C ARG W 45 -53.68 43.63 -15.37
N ARG W 46 -52.64 43.59 -14.54
CA ARG W 46 -52.75 44.00 -13.15
C ARG W 46 -52.75 45.49 -13.36
N ARG W 47 -53.89 46.15 -13.24
CA ARG W 47 -53.96 47.53 -13.72
C ARG W 47 -52.99 48.38 -12.95
N PHE W 48 -51.84 48.51 -13.55
CA PHE W 48 -50.68 49.07 -12.92
C PHE W 48 -50.66 50.48 -13.49
N LYS W 49 -49.66 51.25 -13.13
CA LYS W 49 -49.73 52.69 -13.28
C LYS W 49 -48.94 53.16 -14.48
N GLY W 50 -49.46 54.20 -15.13
CA GLY W 50 -48.87 54.71 -16.36
C GLY W 50 -48.52 53.64 -17.38
N GLN W 51 -49.39 52.65 -17.52
CA GLN W 51 -49.26 51.60 -18.53
C GLN W 51 -50.46 51.76 -19.43
N ILE W 52 -50.55 50.97 -20.49
CA ILE W 52 -51.66 51.14 -21.43
C ILE W 52 -52.96 50.75 -20.76
N LEU W 53 -54.02 51.47 -21.08
CA LEU W 53 -55.29 51.29 -20.40
C LEU W 53 -56.07 50.22 -21.10
N MET W 54 -56.89 49.53 -20.33
CA MET W 54 -57.60 48.36 -20.80
C MET W 54 -59.03 48.70 -21.15
N PRO W 55 -59.54 48.11 -22.24
CA PRO W 55 -60.85 48.51 -22.67
C PRO W 55 -61.85 47.81 -21.79
N ASN W 56 -62.62 48.60 -21.08
CA ASN W 56 -63.51 48.05 -20.15
C ASN W 56 -64.86 48.67 -20.57
N ILE W 57 -65.93 48.27 -19.91
CA ILE W 57 -67.24 48.73 -20.31
C ILE W 57 -67.52 50.15 -19.95
N GLY W 58 -67.40 50.51 -18.68
CA GLY W 58 -68.05 51.73 -18.19
C GLY W 58 -67.33 52.97 -18.62
N TYR W 59 -66.72 52.81 -19.78
CA TYR W 59 -65.82 53.71 -20.27
C TYR W 59 -66.09 53.59 -21.79
N GLY W 60 -67.41 53.59 -22.04
CA GLY W 60 -68.09 53.44 -23.32
C GLY W 60 -69.15 54.52 -23.34
N SER W 61 -70.05 54.53 -24.34
CA SER W 61 -70.67 55.81 -24.78
C SER W 61 -72.15 55.97 -24.61
N ASN W 62 -72.54 57.24 -24.46
CA ASN W 62 -73.91 57.68 -24.12
C ASN W 62 -74.95 57.07 -25.06
N LYS W 63 -76.03 56.57 -24.50
CA LYS W 63 -77.00 55.83 -25.29
C LYS W 63 -77.49 56.65 -26.48
N LYS W 64 -77.88 57.90 -26.22
CA LYS W 64 -78.42 58.79 -27.26
C LYS W 64 -77.43 59.05 -28.38
N THR W 65 -76.25 59.50 -27.98
CA THR W 65 -75.23 59.92 -28.93
C THR W 65 -74.35 58.78 -29.40
N LYS W 66 -74.73 57.54 -29.06
CA LYS W 66 -73.98 56.39 -29.48
C LYS W 66 -74.07 56.33 -30.98
N HIS W 67 -72.94 55.94 -31.57
CA HIS W 67 -72.92 55.36 -32.89
C HIS W 67 -73.14 56.43 -33.97
N MET W 68 -72.97 57.69 -33.60
CA MET W 68 -73.60 58.85 -34.24
C MET W 68 -72.53 59.72 -34.89
N LEU W 69 -72.66 59.99 -36.18
CA LEU W 69 -71.64 60.76 -36.89
C LEU W 69 -71.56 62.20 -36.40
N PRO W 70 -70.41 62.88 -36.60
CA PRO W 70 -70.25 64.28 -36.14
C PRO W 70 -71.38 65.24 -36.53
N SER W 71 -71.94 65.09 -37.73
CA SER W 71 -73.09 65.88 -38.15
C SER W 71 -74.39 65.51 -37.43
N GLY W 72 -74.65 64.20 -37.21
CA GLY W 72 -75.88 63.72 -36.55
C GLY W 72 -76.51 62.45 -37.13
N PHE W 73 -76.35 62.20 -38.43
CA PHE W 73 -77.11 61.15 -39.17
C PHE W 73 -76.18 59.95 -38.96
N ARG W 74 -76.69 58.90 -38.31
CA ARG W 74 -75.97 57.62 -38.21
C ARG W 74 -76.03 56.98 -39.59
N LYS W 75 -75.06 56.17 -39.96
CA LYS W 75 -75.03 55.65 -41.33
C LYS W 75 -76.10 54.63 -41.57
N PHE W 76 -76.50 54.50 -42.82
CA PHE W 76 -77.03 53.27 -43.34
C PHE W 76 -76.04 52.96 -44.43
N LEU W 77 -75.64 51.71 -44.56
CA LEU W 77 -74.94 51.26 -45.77
C LEU W 77 -75.91 50.98 -46.93
N VAL W 78 -76.29 52.05 -47.63
CA VAL W 78 -77.10 51.96 -48.85
C VAL W 78 -76.27 51.36 -49.94
N HIS W 79 -76.89 50.46 -50.69
CA HIS W 79 -76.15 49.47 -51.43
C HIS W 79 -76.69 49.31 -52.88
N ASN W 80 -77.98 49.60 -53.12
CA ASN W 80 -78.53 50.00 -54.45
C ASN W 80 -79.61 51.10 -54.28
N VAL W 81 -80.42 51.41 -55.30
CA VAL W 81 -81.50 52.42 -55.16
C VAL W 81 -82.61 51.99 -54.21
N LYS W 82 -83.23 50.84 -54.47
CA LYS W 82 -84.36 50.32 -53.66
C LYS W 82 -84.17 50.37 -52.13
N GLU W 83 -82.95 50.12 -51.68
CA GLU W 83 -82.57 50.24 -50.25
C GLU W 83 -82.59 51.68 -49.71
N LEU W 84 -82.55 52.67 -50.60
CA LEU W 84 -82.59 54.07 -50.18
C LEU W 84 -83.98 54.50 -49.72
N GLU W 85 -85.01 54.02 -50.41
CA GLU W 85 -86.39 54.39 -50.07
C GLU W 85 -86.81 53.88 -48.68
N VAL W 86 -86.00 53.01 -48.08
CA VAL W 86 -86.20 52.59 -46.70
C VAL W 86 -86.13 53.77 -45.74
N LEU W 87 -85.18 54.66 -45.98
CA LEU W 87 -85.00 55.83 -45.12
C LEU W 87 -85.98 56.97 -45.36
N LEU W 88 -86.89 56.84 -46.31
CA LEU W 88 -87.77 57.93 -46.71
C LEU W 88 -88.49 58.62 -45.55
N MET W 89 -88.89 57.83 -44.56
CA MET W 89 -89.42 58.38 -43.32
C MET W 89 -88.30 58.70 -42.35
N CYS W 90 -87.44 57.72 -42.05
CA CYS W 90 -86.35 57.96 -41.11
C CYS W 90 -85.23 58.78 -41.74
N ASN W 91 -85.60 59.82 -42.50
CA ASN W 91 -84.66 60.62 -43.28
C ASN W 91 -83.87 61.52 -42.33
N LYS W 92 -84.57 62.08 -41.34
CA LYS W 92 -84.06 63.24 -40.65
C LYS W 92 -83.25 62.89 -39.41
N SER W 93 -83.29 61.64 -39.00
CA SER W 93 -82.46 61.17 -37.91
C SER W 93 -81.16 60.51 -38.41
N TYR W 94 -81.20 59.82 -39.55
CA TYR W 94 -80.02 59.09 -40.02
C TYR W 94 -79.94 58.88 -41.54
N CYS W 95 -78.71 58.81 -42.06
CA CYS W 95 -78.40 59.03 -43.49
C CYS W 95 -77.95 57.79 -44.28
N ALA W 96 -77.70 58.00 -45.57
CA ALA W 96 -77.16 56.99 -46.45
C ALA W 96 -75.64 57.03 -46.58
N GLU W 97 -75.04 55.86 -46.55
CA GLU W 97 -73.68 55.63 -46.96
C GLU W 97 -73.79 54.77 -48.17
N ILE W 98 -73.15 55.17 -49.25
CA ILE W 98 -73.22 54.38 -50.46
C ILE W 98 -72.04 53.43 -50.46
N ALA W 99 -72.31 52.16 -50.72
CA ALA W 99 -71.33 51.09 -50.54
C ALA W 99 -70.13 51.30 -51.40
N HIS W 100 -68.98 50.82 -50.92
CA HIS W 100 -67.73 50.95 -51.67
C HIS W 100 -67.87 50.46 -53.11
N ASN W 101 -68.39 49.26 -53.27
CA ASN W 101 -68.35 48.54 -54.53
C ASN W 101 -69.62 48.66 -55.39
N VAL W 102 -70.14 49.88 -55.53
CA VAL W 102 -71.19 50.19 -56.48
C VAL W 102 -70.51 50.90 -57.64
N SER W 103 -70.97 50.63 -58.86
CA SER W 103 -70.32 51.15 -60.05
C SER W 103 -70.72 52.58 -60.37
N SER W 104 -69.74 53.37 -60.82
CA SER W 104 -69.89 54.81 -61.00
C SER W 104 -71.18 55.29 -61.66
N LYS W 105 -71.77 54.49 -62.53
CA LYS W 105 -73.04 54.86 -63.14
C LYS W 105 -74.22 54.87 -62.14
N ASN W 106 -74.36 53.82 -61.32
CA ASN W 106 -75.43 53.79 -60.30
C ASN W 106 -75.01 54.48 -59.01
N ARG W 107 -73.72 54.73 -58.86
CA ARG W 107 -73.27 55.54 -57.75
C ARG W 107 -73.96 56.89 -57.96
N LYS W 108 -74.08 57.30 -59.22
CA LYS W 108 -74.82 58.53 -59.53
C LYS W 108 -76.32 58.40 -59.33
N ALA W 109 -76.91 57.34 -59.90
CA ALA W 109 -78.36 57.06 -59.81
C ALA W 109 -78.92 57.22 -58.39
N ILE W 110 -78.20 56.65 -57.42
CA ILE W 110 -78.61 56.69 -56.03
C ILE W 110 -78.55 58.12 -55.51
N VAL W 111 -77.48 58.83 -55.80
CA VAL W 111 -77.28 60.17 -55.24
C VAL W 111 -78.46 61.08 -55.56
N GLU W 112 -78.77 61.24 -56.84
CA GLU W 112 -79.82 62.19 -57.23
C GLU W 112 -81.22 61.74 -56.83
N ARG W 113 -81.42 60.44 -56.59
CA ARG W 113 -82.63 59.98 -55.90
C ARG W 113 -82.65 60.50 -54.46
N ALA W 114 -81.51 60.41 -53.78
CA ALA W 114 -81.43 60.84 -52.39
C ALA W 114 -81.85 62.29 -52.29
N ALA W 115 -81.15 63.15 -53.04
CA ALA W 115 -81.44 64.59 -53.04
C ALA W 115 -82.89 64.92 -53.43
N GLN W 116 -83.43 64.17 -54.39
CA GLN W 116 -84.84 64.25 -54.76
C GLN W 116 -85.65 64.18 -53.46
N LEU W 117 -85.50 63.08 -52.71
CA LEU W 117 -86.31 62.91 -51.50
C LEU W 117 -85.59 63.21 -50.19
N ALA W 118 -84.63 64.13 -50.25
CA ALA W 118 -84.01 64.74 -49.06
C ALA W 118 -83.51 63.73 -48.04
N ILE W 119 -82.56 62.90 -48.45
CA ILE W 119 -81.80 62.07 -47.54
C ILE W 119 -80.36 62.43 -47.74
N ARG W 120 -79.68 62.75 -46.66
CA ARG W 120 -78.26 63.05 -46.75
C ARG W 120 -77.53 61.78 -47.19
N VAL W 121 -76.47 62.00 -47.95
CA VAL W 121 -75.53 60.96 -48.32
C VAL W 121 -74.17 61.47 -47.95
N THR W 122 -73.35 60.67 -47.26
CA THR W 122 -72.05 61.19 -46.75
C THR W 122 -70.94 61.20 -47.82
N ASN W 123 -71.08 60.36 -48.84
CA ASN W 123 -70.14 60.28 -49.96
C ASN W 123 -70.82 60.60 -51.27
N PRO W 124 -71.53 61.72 -51.34
CA PRO W 124 -72.33 61.97 -52.53
C PRO W 124 -71.46 62.25 -53.75
N ASN W 125 -70.24 62.71 -53.50
CA ASN W 125 -69.41 63.40 -54.45
C ASN W 125 -68.12 62.59 -54.33
N ALA W 126 -68.14 61.41 -54.94
CA ALA W 126 -67.11 60.40 -54.72
C ALA W 126 -66.44 59.90 -56.01
N ARG W 127 -67.14 59.08 -56.78
CA ARG W 127 -66.53 58.30 -57.86
C ARG W 127 -66.24 59.17 -59.08
N LEU W 128 -67.27 59.82 -59.61
CA LEU W 128 -67.16 60.86 -60.65
C LEU W 128 -66.23 60.52 -61.84
N SER X 1 -52.25 102.68 -20.72
CA SER X 1 -51.19 101.97 -21.49
C SER X 1 -50.12 101.34 -20.53
N GLY X 2 -50.45 100.17 -19.95
CA GLY X 2 -49.56 99.47 -19.00
C GLY X 2 -50.07 98.08 -18.62
N ARG X 3 -49.86 97.62 -17.36
CA ARG X 3 -50.15 96.19 -16.99
C ARG X 3 -51.64 95.96 -17.35
N LEU X 4 -52.56 96.08 -16.41
CA LEU X 4 -53.89 95.47 -16.54
C LEU X 4 -53.75 93.93 -16.34
N TRP X 5 -53.51 93.13 -17.40
CA TRP X 5 -52.88 91.78 -17.30
C TRP X 5 -51.84 91.99 -16.11
N SER X 6 -52.14 91.51 -14.89
CA SER X 6 -51.20 91.63 -13.72
C SER X 6 -50.35 90.37 -13.59
N LYS X 7 -49.12 90.58 -13.15
CA LYS X 7 -48.00 89.65 -13.40
C LYS X 7 -48.07 88.39 -12.58
N ALA X 8 -47.88 87.25 -13.24
CA ALA X 8 -47.96 85.95 -12.57
C ALA X 8 -47.22 84.87 -13.33
N ILE X 9 -46.69 83.91 -12.57
CA ILE X 9 -45.94 82.81 -13.13
C ILE X 9 -46.76 81.55 -12.96
N PHE X 10 -46.60 80.64 -13.90
CA PHE X 10 -47.22 79.36 -13.85
C PHE X 10 -46.17 78.34 -13.35
N ALA X 11 -46.43 77.76 -12.17
CA ALA X 11 -45.43 77.04 -11.36
C ALA X 11 -45.37 75.53 -11.59
N GLY X 12 -46.54 74.91 -11.74
CA GLY X 12 -46.67 73.46 -11.96
C GLY X 12 -48.15 73.21 -12.15
N TYR X 13 -48.58 72.03 -12.56
CA TYR X 13 -50.02 71.78 -12.44
C TYR X 13 -50.20 70.94 -11.22
N LYS X 14 -51.31 71.20 -10.53
CA LYS X 14 -51.71 70.56 -9.27
C LYS X 14 -51.35 69.10 -9.27
N ARG X 15 -50.70 68.68 -8.19
CA ARG X 15 -50.03 67.40 -8.18
C ARG X 15 -49.84 66.89 -6.77
N GLY X 16 -49.89 65.56 -6.67
CA GLY X 16 -49.24 64.81 -5.59
C GLY X 16 -47.81 64.60 -6.06
N LEU X 17 -47.15 63.54 -5.60
CA LEU X 17 -45.71 63.47 -5.79
C LEU X 17 -45.31 62.46 -6.82
N ARG X 18 -45.86 61.25 -6.72
CA ARG X 18 -45.82 60.33 -7.84
C ARG X 18 -47.10 60.44 -8.74
N ASN X 19 -47.88 61.54 -8.65
CA ASN X 19 -48.90 61.92 -9.68
C ASN X 19 -48.89 63.39 -10.06
N GLN X 20 -49.51 63.71 -11.20
CA GLN X 20 -49.87 65.09 -11.51
C GLN X 20 -51.13 65.18 -12.36
N ARG X 21 -51.87 66.25 -12.09
CA ARG X 21 -53.25 66.44 -12.53
C ARG X 21 -53.31 67.76 -13.28
N GLU X 22 -53.50 67.66 -14.58
CA GLU X 22 -53.16 68.72 -15.51
C GLU X 22 -54.30 69.67 -15.79
N HIS X 23 -55.43 69.52 -15.09
CA HIS X 23 -56.57 70.38 -15.29
C HIS X 23 -56.08 71.65 -14.69
N THR X 24 -55.82 71.54 -13.39
CA THR X 24 -55.66 72.69 -12.56
C THR X 24 -54.20 73.03 -12.54
N ALA X 25 -53.88 74.27 -12.90
CA ALA X 25 -52.53 74.78 -12.81
C ALA X 25 -52.36 75.56 -11.54
N LEU X 26 -51.11 75.73 -11.14
CA LEU X 26 -50.78 76.50 -9.95
C LEU X 26 -50.08 77.78 -10.40
N LEU X 27 -50.60 78.88 -9.92
CA LEU X 27 -50.33 80.19 -10.47
C LEU X 27 -49.68 80.95 -9.37
N LYS X 28 -48.48 81.45 -9.62
CA LYS X 28 -47.75 82.23 -8.64
C LYS X 28 -47.82 83.71 -8.96
N ILE X 29 -48.76 84.38 -8.33
CA ILE X 29 -49.00 85.77 -8.63
C ILE X 29 -47.96 86.59 -7.89
N GLU X 30 -47.50 87.67 -8.52
CA GLU X 30 -46.49 88.55 -7.93
C GLU X 30 -47.12 89.44 -6.87
N GLY X 31 -46.39 89.65 -5.78
CA GLY X 31 -46.86 90.48 -4.65
C GLY X 31 -48.08 89.95 -3.93
N VAL X 32 -48.04 88.66 -3.61
CA VAL X 32 -49.11 88.03 -2.87
C VAL X 32 -48.58 86.76 -2.19
N TYR X 33 -48.11 86.92 -0.94
CA TYR X 33 -47.53 85.82 -0.15
C TYR X 33 -48.30 85.68 1.19
N ALA X 34 -49.58 85.32 1.04
CA ALA X 34 -50.45 84.83 2.14
C ALA X 34 -51.81 84.38 1.58
N ARG X 35 -52.49 83.48 2.26
CA ARG X 35 -53.81 83.03 1.79
C ARG X 35 -54.93 84.04 2.14
N ASP X 36 -54.65 84.93 3.10
CA ASP X 36 -55.52 86.09 3.38
C ASP X 36 -55.53 87.07 2.21
N GLU X 37 -54.31 87.33 1.75
CA GLU X 37 -53.99 88.24 0.67
C GLU X 37 -54.82 88.03 -0.60
N THR X 38 -55.10 86.78 -0.92
CA THR X 38 -55.38 86.38 -2.30
C THR X 38 -56.84 86.38 -2.76
N GLU X 39 -57.76 86.85 -1.93
CA GLU X 39 -59.20 86.72 -2.25
C GLU X 39 -59.68 87.63 -3.43
N PHE X 40 -58.85 88.62 -3.78
CA PHE X 40 -58.97 89.42 -5.01
C PHE X 40 -58.80 88.57 -6.26
N TYR X 41 -57.78 87.71 -6.25
CA TYR X 41 -57.34 86.99 -7.45
C TYR X 41 -58.33 85.89 -7.82
N LEU X 42 -59.29 85.64 -6.93
CA LEU X 42 -60.34 84.68 -7.20
C LEU X 42 -61.29 85.19 -8.24
N GLY X 43 -61.60 84.32 -9.19
CA GLY X 43 -62.55 84.62 -10.24
C GLY X 43 -61.96 85.32 -11.44
N LYS X 44 -60.77 85.86 -11.29
CA LYS X 44 -60.19 86.67 -12.35
C LYS X 44 -59.78 85.86 -13.58
N ARG X 45 -59.94 86.45 -14.76
CA ARG X 45 -59.48 85.85 -15.99
C ARG X 45 -57.98 85.89 -16.01
N CYS X 46 -57.41 84.95 -16.74
CA CYS X 46 -55.99 84.92 -16.96
C CYS X 46 -55.74 84.26 -18.28
N ALA X 47 -54.51 84.40 -18.74
CA ALA X 47 -54.16 84.12 -20.11
C ALA X 47 -52.73 83.69 -20.13
N TYR X 48 -52.45 82.51 -20.64
CA TYR X 48 -51.08 82.24 -21.02
C TYR X 48 -51.08 82.67 -22.47
N VAL X 49 -50.22 83.65 -22.77
CA VAL X 49 -50.10 84.27 -24.08
C VAL X 49 -48.80 83.98 -24.79
N TYR X 50 -48.91 83.65 -26.08
CA TYR X 50 -47.78 83.38 -26.95
C TYR X 50 -47.87 83.97 -28.30
N LYS X 51 -46.74 83.83 -29.00
CA LYS X 51 -46.70 83.78 -30.45
C LYS X 51 -46.25 82.39 -30.88
N ALA X 52 -46.69 82.01 -32.06
CA ALA X 52 -46.26 80.77 -32.67
C ALA X 52 -46.47 80.75 -34.18
N LYS X 53 -45.45 81.17 -34.92
CA LYS X 53 -45.20 80.69 -36.29
C LYS X 53 -46.24 80.99 -37.39
N ASN X 54 -47.44 80.38 -37.32
CA ASN X 54 -48.54 80.73 -38.25
C ASN X 54 -49.38 81.88 -37.73
N ASN X 55 -49.93 82.69 -38.64
CA ASN X 55 -50.80 83.80 -38.25
C ASN X 55 -52.14 83.28 -37.72
N THR X 56 -52.76 84.06 -36.84
CA THR X 56 -54.09 83.78 -36.31
C THR X 56 -54.88 85.05 -36.05
N VAL X 57 -56.19 84.95 -36.19
CA VAL X 57 -57.10 86.10 -36.07
C VAL X 57 -56.99 86.79 -34.71
N THR X 58 -57.38 88.06 -34.71
CA THR X 58 -57.31 88.93 -33.53
C THR X 58 -58.50 89.91 -33.54
N PRO X 59 -59.48 89.68 -32.64
CA PRO X 59 -60.60 90.57 -32.43
C PRO X 59 -60.13 92.00 -32.18
N GLY X 60 -60.72 92.92 -32.93
CA GLY X 60 -60.23 94.29 -32.98
C GLY X 60 -58.83 94.34 -33.54
N GLY X 61 -58.60 93.64 -34.66
CA GLY X 61 -57.28 93.64 -35.27
C GLY X 61 -57.20 92.83 -36.54
N LYS X 62 -56.03 92.91 -37.17
CA LYS X 62 -55.70 92.06 -38.31
C LYS X 62 -55.11 90.75 -37.78
N PRO X 63 -55.09 89.69 -38.58
CA PRO X 63 -54.44 88.44 -38.17
C PRO X 63 -52.98 88.60 -37.72
N ASN X 64 -52.73 88.25 -36.46
CA ASN X 64 -51.43 88.38 -35.78
C ASN X 64 -50.76 87.04 -35.69
N LYS X 65 -49.55 87.01 -35.13
CA LYS X 65 -48.89 85.75 -34.86
C LYS X 65 -49.19 85.19 -33.46
N THR X 66 -50.05 85.85 -32.67
CA THR X 66 -50.23 85.54 -31.24
C THR X 66 -51.49 84.73 -30.92
N ARG X 67 -51.33 83.84 -29.94
CA ARG X 67 -52.38 82.93 -29.46
C ARG X 67 -52.35 82.86 -27.96
N VAL X 68 -53.41 82.32 -27.37
CA VAL X 68 -53.62 82.34 -25.92
C VAL X 68 -54.52 81.21 -25.50
N ILE X 69 -54.16 80.58 -24.40
CA ILE X 69 -55.07 79.74 -23.71
C ILE X 69 -55.51 80.63 -22.58
N TRP X 70 -56.79 80.49 -22.31
CA TRP X 70 -57.61 81.55 -21.87
C TRP X 70 -58.37 80.89 -20.74
N GLY X 71 -58.17 81.40 -19.52
CA GLY X 71 -58.64 80.68 -18.34
C GLY X 71 -59.16 81.52 -17.21
N LYS X 72 -59.05 80.98 -16.01
CA LYS X 72 -59.78 81.50 -14.88
C LYS X 72 -59.21 80.94 -13.59
N VAL X 73 -59.03 81.84 -12.62
CA VAL X 73 -58.57 81.47 -11.29
C VAL X 73 -59.71 80.93 -10.44
N THR X 74 -59.60 79.69 -9.96
CA THR X 74 -60.67 79.08 -9.14
C THR X 74 -60.54 79.45 -7.68
N ARG X 75 -59.39 79.12 -7.08
CA ARG X 75 -59.19 79.31 -5.65
C ARG X 75 -57.74 79.30 -5.23
N ALA X 76 -57.53 79.66 -3.97
CA ALA X 76 -56.20 79.76 -3.39
C ALA X 76 -55.57 78.39 -3.17
N HIS X 77 -54.26 78.38 -2.95
CA HIS X 77 -53.49 77.14 -2.88
C HIS X 77 -52.42 77.16 -1.81
N GLY X 78 -52.84 76.89 -0.59
CA GLY X 78 -51.90 76.81 0.49
C GLY X 78 -51.45 78.16 1.00
N ASN X 79 -51.15 78.16 2.30
CA ASN X 79 -50.75 79.33 3.08
C ASN X 79 -50.05 80.51 2.39
N SER X 80 -49.16 80.21 1.44
CA SER X 80 -48.20 81.20 0.90
C SER X 80 -48.70 82.16 -0.20
N GLY X 81 -49.99 82.17 -0.51
CA GLY X 81 -50.51 83.07 -1.57
C GLY X 81 -50.24 82.58 -2.98
N MET X 82 -50.20 81.26 -3.13
CA MET X 82 -50.29 80.66 -4.43
C MET X 82 -51.78 80.56 -4.73
N VAL X 83 -52.08 80.33 -6.00
CA VAL X 83 -53.45 80.29 -6.49
C VAL X 83 -53.59 79.17 -7.51
N ARG X 84 -54.76 78.54 -7.52
CA ARG X 84 -55.07 77.52 -8.51
C ARG X 84 -55.99 78.05 -9.59
N ALA X 85 -55.63 77.77 -10.84
CA ALA X 85 -56.31 78.31 -11.98
C ALA X 85 -56.48 77.21 -12.95
N LYS X 86 -57.67 77.08 -13.52
CA LYS X 86 -57.87 76.10 -14.56
C LYS X 86 -58.28 76.79 -15.85
N PHE X 87 -57.44 76.62 -16.86
CA PHE X 87 -57.66 77.19 -18.17
C PHE X 87 -58.52 76.26 -18.98
N ARG X 88 -58.98 76.74 -20.13
CA ARG X 88 -60.02 76.05 -20.87
C ARG X 88 -59.46 74.83 -21.55
N SER X 89 -58.38 75.03 -22.31
CA SER X 89 -57.52 73.93 -22.69
C SER X 89 -56.55 73.78 -21.53
N ASN X 90 -55.94 72.61 -21.41
CA ASN X 90 -54.87 72.39 -20.43
C ASN X 90 -53.59 73.13 -20.84
N LEU X 91 -52.77 73.57 -19.89
CA LEU X 91 -51.52 74.27 -20.22
C LEU X 91 -50.40 73.36 -20.66
N PRO X 92 -49.53 73.87 -21.54
CA PRO X 92 -48.65 73.01 -22.30
C PRO X 92 -47.27 72.69 -21.75
N ALA X 93 -46.99 72.98 -20.47
CA ALA X 93 -45.77 72.47 -19.84
C ALA X 93 -44.51 73.19 -20.26
N LYS X 94 -44.41 73.49 -21.56
CA LYS X 94 -43.50 74.48 -22.10
C LYS X 94 -43.53 75.73 -21.24
N ALA X 95 -44.75 76.16 -20.90
CA ALA X 95 -44.99 77.35 -20.07
C ALA X 95 -44.49 77.29 -18.62
N ILE X 96 -44.11 76.13 -18.12
CA ILE X 96 -43.65 76.00 -16.73
C ILE X 96 -42.59 77.08 -16.52
N GLY X 97 -42.75 77.89 -15.49
CA GLY X 97 -41.80 78.98 -15.19
C GLY X 97 -41.73 80.04 -16.27
N HIS X 98 -42.89 80.41 -16.78
CA HIS X 98 -43.02 81.47 -17.75
C HIS X 98 -44.06 82.45 -17.20
N ARG X 99 -44.52 83.40 -18.01
CA ARG X 99 -45.66 84.25 -17.67
C ARG X 99 -46.99 83.57 -17.86
N ILE X 100 -47.93 83.96 -17.02
CA ILE X 100 -49.31 84.08 -17.46
C ILE X 100 -49.81 85.42 -16.89
N ARG X 101 -50.94 85.88 -17.39
CA ARG X 101 -51.30 87.27 -17.38
C ARG X 101 -52.63 87.40 -16.68
N VAL X 102 -52.67 87.47 -15.36
CA VAL X 102 -54.00 87.49 -14.68
C VAL X 102 -54.60 88.89 -14.64
N MET X 103 -55.83 89.03 -15.11
CA MET X 103 -56.40 90.32 -15.45
C MET X 103 -57.12 90.88 -14.25
N LEU X 104 -57.91 91.94 -14.48
CA LEU X 104 -58.83 92.50 -13.47
C LEU X 104 -60.31 92.38 -13.88
N TYR X 105 -60.59 92.16 -15.17
CA TYR X 105 -61.89 92.59 -15.75
C TYR X 105 -63.10 91.71 -15.38
N PRO X 106 -62.94 90.69 -14.53
CA PRO X 106 -64.14 90.27 -13.81
C PRO X 106 -63.97 90.67 -12.39
N SER X 107 -63.84 91.98 -12.16
CA SER X 107 -63.64 92.52 -10.83
C SER X 107 -64.91 92.39 -10.03
N ARG X 108 -64.75 92.45 -8.71
CA ARG X 108 -65.80 92.15 -7.75
C ARG X 108 -65.53 93.04 -6.54
N ILE X 109 -65.36 94.33 -6.82
CA ILE X 109 -65.07 95.33 -5.80
C ILE X 109 -66.37 96.07 -5.47
N VAL Y 1 21.07 9.27 -67.91
CA VAL Y 1 20.43 7.91 -67.91
C VAL Y 1 18.96 8.03 -68.21
N GLN Y 2 18.51 7.43 -69.32
CA GLN Y 2 17.08 7.24 -69.50
C GLN Y 2 16.67 6.00 -68.72
N ARG Y 3 15.51 6.12 -68.08
CA ARG Y 3 14.89 5.04 -67.39
C ARG Y 3 13.88 4.55 -68.34
N LEU Y 4 13.37 3.37 -68.04
CA LEU Y 4 12.42 2.72 -68.92
C LEU Y 4 11.18 2.40 -68.15
N THR Y 5 10.16 2.02 -68.90
CA THR Y 5 8.96 1.50 -68.32
C THR Y 5 8.72 0.21 -69.04
N TYR Y 6 8.55 -0.81 -68.23
CA TYR Y 6 7.47 -1.76 -68.37
C TYR Y 6 6.45 -1.50 -69.50
N ARG Y 7 5.97 -2.56 -70.14
CA ARG Y 7 5.09 -2.45 -71.32
C ARG Y 7 3.68 -3.05 -71.20
N ARG Y 8 3.52 -4.17 -70.50
CA ARG Y 8 2.19 -4.70 -70.24
C ARG Y 8 1.41 -3.85 -69.24
N ARG Y 9 0.10 -4.08 -69.20
CA ARG Y 9 -0.79 -3.45 -68.21
C ARG Y 9 -0.46 -3.99 -66.78
N LEU Y 10 0.18 -5.15 -66.68
CA LEU Y 10 0.76 -5.63 -65.42
C LEU Y 10 1.90 -4.76 -64.99
N SER Y 11 1.89 -4.34 -63.73
CA SER Y 11 2.90 -3.40 -63.20
C SER Y 11 3.71 -3.86 -61.95
N TYR Y 12 3.70 -5.17 -61.66
CA TYR Y 12 4.15 -5.73 -60.36
C TYR Y 12 5.21 -6.74 -60.66
N ASN Y 13 6.51 -6.55 -60.28
CA ASN Y 13 7.50 -7.62 -60.62
C ASN Y 13 6.64 -8.76 -60.03
N THR Y 14 6.53 -9.84 -60.80
CA THR Y 14 6.00 -11.10 -60.32
C THR Y 14 6.72 -12.12 -61.18
N ALA Y 15 6.55 -13.39 -60.87
CA ALA Y 15 7.04 -14.45 -61.76
C ALA Y 15 6.54 -14.36 -63.22
N SER Y 16 5.37 -13.76 -63.42
CA SER Y 16 4.86 -13.48 -64.77
C SER Y 16 5.66 -12.37 -65.48
N ASN Y 17 5.86 -11.24 -64.80
CA ASN Y 17 6.68 -10.14 -65.32
C ASN Y 17 8.13 -10.25 -64.95
N LYS Y 18 8.90 -10.92 -65.77
CA LYS Y 18 10.34 -10.89 -65.61
C LYS Y 18 10.93 -10.43 -66.91
N THR Y 19 11.91 -9.54 -66.77
CA THR Y 19 12.34 -8.70 -67.85
C THR Y 19 13.82 -8.82 -68.08
N ARG Y 20 14.28 -8.11 -69.11
CA ARG Y 20 15.68 -7.76 -69.25
C ARG Y 20 15.81 -6.51 -70.10
N LEU Y 21 17.02 -6.02 -70.17
CA LEU Y 21 17.29 -4.89 -71.01
C LEU Y 21 17.70 -5.43 -72.36
N SER Y 22 17.11 -4.88 -73.41
CA SER Y 22 17.61 -5.02 -74.77
C SER Y 22 17.81 -3.65 -75.35
N ARG Y 23 18.92 -3.48 -76.03
CA ARG Y 23 19.17 -2.30 -76.82
C ARG Y 23 18.72 -2.57 -78.23
N THR Y 24 17.93 -1.65 -78.76
CA THR Y 24 17.32 -1.80 -80.07
C THR Y 24 18.14 -1.00 -81.08
N PRO Y 25 17.86 -1.20 -82.38
CA PRO Y 25 18.55 -0.41 -83.39
C PRO Y 25 18.21 1.07 -83.45
N GLY Y 26 17.17 1.49 -82.74
CA GLY Y 26 16.97 2.90 -82.49
C GLY Y 26 17.65 3.43 -81.23
N ASN Y 27 18.78 2.83 -80.82
CA ASN Y 27 19.58 3.32 -79.68
C ASN Y 27 18.72 3.56 -78.45
N ARG Y 28 18.10 2.50 -77.98
CA ARG Y 28 16.90 2.65 -77.19
C ARG Y 28 16.80 1.42 -76.30
N ILE Y 29 17.11 1.61 -75.01
CA ILE Y 29 17.06 0.54 -74.02
C ILE Y 29 15.62 0.32 -73.67
N VAL Y 30 15.19 -0.93 -73.81
CA VAL Y 30 13.79 -1.26 -73.68
C VAL Y 30 13.63 -2.61 -73.01
N TYR Y 31 12.50 -2.80 -72.35
CA TYR Y 31 12.24 -4.04 -71.65
C TYR Y 31 11.76 -5.14 -72.59
N LEU Y 32 12.41 -6.29 -72.49
CA LEU Y 32 12.03 -7.51 -73.16
C LEU Y 32 11.75 -8.54 -72.14
N TYR Y 33 10.59 -9.14 -72.23
CA TYR Y 33 10.17 -10.05 -71.20
C TYR Y 33 10.75 -11.43 -71.44
N THR Y 34 11.50 -11.91 -70.46
CA THR Y 34 12.13 -13.22 -70.49
C THR Y 34 11.08 -14.29 -70.29
N LYS Y 35 11.33 -15.46 -70.86
CA LYS Y 35 10.55 -16.63 -70.53
C LYS Y 35 11.18 -17.31 -69.32
N LYS Y 36 10.35 -17.87 -68.44
CA LYS Y 36 10.83 -18.56 -67.24
C LYS Y 36 11.79 -19.70 -67.59
N VAL Y 37 12.64 -20.04 -66.62
CA VAL Y 37 13.68 -21.03 -66.83
C VAL Y 37 13.12 -22.45 -66.69
N GLY Y 38 13.10 -23.19 -67.81
CA GLY Y 38 12.68 -24.59 -67.82
C GLY Y 38 13.77 -25.53 -67.35
N LYS Y 39 13.38 -26.50 -66.51
CA LYS Y 39 14.32 -27.46 -65.94
C LYS Y 39 14.27 -28.76 -66.71
N ALA Y 40 15.39 -29.49 -66.70
CA ALA Y 40 15.49 -30.83 -67.30
C ALA Y 40 14.81 -31.85 -66.39
N PRO Y 41 14.34 -32.98 -66.95
CA PRO Y 41 13.59 -33.93 -66.13
C PRO Y 41 14.47 -34.60 -65.08
N LYS Y 42 13.89 -34.90 -63.91
CA LYS Y 42 14.61 -35.62 -62.86
C LYS Y 42 14.39 -37.14 -63.00
N SER Y 43 15.41 -37.90 -62.62
CA SER Y 43 15.42 -39.35 -62.78
C SER Y 43 14.26 -40.04 -62.09
N ALA Y 44 13.65 -40.98 -62.80
CA ALA Y 44 12.51 -41.73 -62.30
C ALA Y 44 12.95 -42.73 -61.23
N CYS Y 45 14.24 -43.04 -61.16
CA CYS Y 45 14.81 -43.88 -60.12
C CYS Y 45 14.48 -43.38 -58.71
N GLY Y 46 14.37 -42.06 -58.56
CA GLY Y 46 14.00 -41.46 -57.29
C GLY Y 46 15.11 -41.46 -56.25
N VAL Y 47 16.36 -41.30 -56.70
CA VAL Y 47 17.50 -41.11 -55.79
C VAL Y 47 18.60 -40.18 -56.31
N CYS Y 48 18.96 -40.30 -57.59
CA CYS Y 48 19.92 -39.38 -58.21
C CYS Y 48 19.26 -37.99 -58.32
N PRO Y 49 19.82 -36.95 -57.64
CA PRO Y 49 19.21 -35.62 -57.51
C PRO Y 49 19.43 -34.68 -58.70
N GLY Y 50 20.50 -34.93 -59.47
CA GLY Y 50 20.80 -34.15 -60.66
C GLY Y 50 19.75 -34.38 -61.72
N ARG Y 51 19.54 -33.35 -62.53
CA ARG Y 51 18.51 -33.42 -63.56
C ARG Y 51 19.22 -34.20 -64.68
N LEU Y 52 18.45 -34.82 -65.57
CA LEU Y 52 18.98 -35.76 -66.60
C LEU Y 52 19.89 -35.10 -67.64
N ARG Y 53 20.37 -35.88 -68.61
CA ARG Y 53 21.18 -35.35 -69.71
C ARG Y 53 20.66 -35.66 -71.09
N GLY Y 54 21.16 -34.92 -72.06
CA GLY Y 54 20.79 -35.07 -73.47
C GLY Y 54 19.36 -34.63 -73.74
N VAL Y 55 18.80 -33.83 -72.84
CA VAL Y 55 17.42 -33.40 -72.91
C VAL Y 55 17.35 -31.89 -72.79
N ARG Y 56 16.85 -31.25 -73.83
CA ARG Y 56 16.43 -29.85 -73.79
C ARG Y 56 15.72 -29.51 -72.46
N ALA Y 57 16.36 -28.69 -71.62
CA ALA Y 57 15.72 -28.19 -70.41
C ALA Y 57 14.86 -27.00 -70.81
N VAL Y 58 13.55 -27.19 -70.81
CA VAL Y 58 12.66 -26.14 -71.30
C VAL Y 58 11.20 -26.30 -70.82
N ARG Y 59 10.61 -25.17 -70.41
CA ARG Y 59 9.21 -25.02 -70.01
C ARG Y 59 8.27 -26.02 -70.76
N PRO Y 60 7.48 -26.83 -70.02
CA PRO Y 60 7.09 -28.14 -70.55
C PRO Y 60 6.23 -28.13 -71.79
N LYS Y 61 5.33 -27.17 -71.93
CA LYS Y 61 4.51 -27.10 -73.14
C LYS Y 61 5.35 -26.98 -74.40
N VAL Y 62 6.55 -26.40 -74.26
CA VAL Y 62 7.49 -26.29 -75.37
C VAL Y 62 7.91 -27.65 -75.92
N LEU Y 63 7.85 -28.68 -75.10
CA LEU Y 63 8.25 -30.02 -75.55
C LEU Y 63 7.42 -30.52 -76.73
N MET Y 64 6.17 -30.09 -76.79
CA MET Y 64 5.31 -30.37 -77.94
C MET Y 64 5.87 -29.90 -79.31
N ARG Y 65 6.64 -28.81 -79.32
CA ARG Y 65 7.34 -28.32 -80.55
C ARG Y 65 8.54 -29.18 -80.90
N LEU Y 66 9.26 -29.61 -79.87
CA LEU Y 66 10.55 -30.25 -80.04
C LEU Y 66 10.47 -31.62 -80.68
N SER Y 67 11.60 -32.04 -81.23
CA SER Y 67 11.72 -33.36 -81.84
C SER Y 67 11.96 -34.45 -80.80
N LYS Y 68 11.46 -35.65 -81.10
CA LYS Y 68 11.68 -36.86 -80.31
C LYS Y 68 13.09 -36.94 -79.69
N THR Y 69 14.12 -36.68 -80.50
CA THR Y 69 15.50 -36.90 -80.08
C THR Y 69 16.06 -35.91 -79.11
N LYS Y 70 15.44 -34.74 -79.03
CA LYS Y 70 15.79 -33.77 -78.00
C LYS Y 70 15.28 -34.18 -76.61
N LYS Y 71 14.30 -35.07 -76.56
CA LYS Y 71 13.63 -35.39 -75.30
C LYS Y 71 14.09 -36.71 -74.66
N HIS Y 72 14.64 -37.65 -75.45
CA HIS Y 72 15.34 -38.82 -74.86
C HIS Y 72 16.81 -38.86 -75.22
N VAL Y 73 17.43 -39.89 -74.66
CA VAL Y 73 18.69 -40.40 -75.10
C VAL Y 73 18.38 -41.86 -75.48
N SER Y 74 19.08 -42.38 -76.47
CA SER Y 74 18.63 -43.56 -77.22
C SER Y 74 18.94 -44.94 -76.59
N ARG Y 75 18.08 -45.38 -75.65
CA ARG Y 75 18.35 -46.56 -74.79
C ARG Y 75 17.12 -47.20 -74.13
N ALA Y 76 17.41 -48.17 -73.27
CA ALA Y 76 16.46 -48.60 -72.27
C ALA Y 76 16.33 -47.49 -71.25
N TYR Y 77 15.09 -47.25 -70.83
CA TYR Y 77 14.77 -46.19 -69.87
C TYR Y 77 15.44 -44.85 -70.18
N GLY Y 78 15.57 -44.57 -71.46
CA GLY Y 78 16.28 -43.40 -71.92
C GLY Y 78 15.41 -42.19 -71.71
N GLY Y 79 15.98 -41.15 -71.10
CA GLY Y 79 15.27 -39.88 -70.89
C GLY Y 79 14.25 -39.89 -69.78
N SER Y 80 14.11 -41.00 -69.08
CA SER Y 80 13.44 -41.04 -67.79
C SER Y 80 14.34 -41.45 -66.65
N MET Y 81 15.39 -42.22 -66.92
CA MET Y 81 16.24 -42.77 -65.87
C MET Y 81 17.72 -42.58 -66.23
N CYS Y 82 18.55 -42.59 -65.21
CA CYS Y 82 19.82 -41.89 -65.26
C CYS Y 82 21.07 -42.75 -65.40
N ALA Y 83 21.08 -43.69 -66.35
CA ALA Y 83 22.24 -44.57 -66.58
C ALA Y 83 22.56 -45.32 -65.33
N LYS Y 84 23.28 -44.66 -64.44
CA LYS Y 84 23.71 -45.19 -63.18
C LYS Y 84 22.63 -46.01 -62.47
N CYS Y 85 21.36 -45.69 -62.64
CA CYS Y 85 20.26 -46.49 -62.06
C CYS Y 85 19.75 -47.59 -62.99
N VAL Y 86 19.80 -47.36 -64.29
CA VAL Y 86 19.51 -48.42 -65.26
C VAL Y 86 20.51 -49.56 -65.10
N ARG Y 87 21.80 -49.24 -65.19
CA ARG Y 87 22.88 -50.26 -65.04
C ARG Y 87 22.96 -50.94 -63.67
N ASP Y 88 22.16 -50.49 -62.70
CA ASP Y 88 21.92 -51.25 -61.50
C ASP Y 88 20.65 -52.04 -61.64
N ARG Y 89 19.61 -51.43 -62.22
CA ARG Y 89 18.40 -52.17 -62.57
C ARG Y 89 18.66 -53.38 -63.47
N ILE Y 90 19.71 -53.33 -64.29
CA ILE Y 90 20.13 -54.48 -65.07
C ILE Y 90 20.67 -55.52 -64.11
N LYS Y 91 21.77 -55.18 -63.45
CA LYS Y 91 22.45 -56.18 -62.66
C LYS Y 91 21.88 -56.38 -61.27
N ARG Y 92 20.71 -55.80 -61.02
CA ARG Y 92 19.81 -56.29 -59.97
C ARG Y 92 18.93 -57.34 -60.61
N ALA Y 93 18.39 -57.03 -61.78
CA ALA Y 93 17.55 -57.96 -62.52
C ALA Y 93 18.21 -59.27 -62.96
N PHE Y 94 19.54 -59.42 -62.84
CA PHE Y 94 20.08 -60.78 -62.79
C PHE Y 94 19.73 -61.40 -61.51
N LEU Y 95 20.28 -60.78 -60.49
CA LEU Y 95 20.66 -61.50 -59.34
C LEU Y 95 19.40 -61.79 -58.55
N ILE Y 96 18.33 -61.02 -58.79
CA ILE Y 96 16.99 -61.43 -58.37
C ILE Y 96 16.61 -62.69 -59.15
N GLU Y 97 16.65 -62.61 -60.47
CA GLU Y 97 16.33 -63.76 -61.30
C GLU Y 97 17.15 -65.01 -60.97
N GLU Y 98 18.50 -64.91 -60.90
CA GLU Y 98 19.36 -66.10 -60.71
C GLU Y 98 19.12 -66.82 -59.39
N GLN Y 99 18.81 -66.05 -58.35
CA GLN Y 99 18.74 -66.58 -57.00
C GLN Y 99 17.35 -66.98 -56.61
N LYS Y 100 16.40 -66.80 -57.52
CA LYS Y 100 15.20 -67.61 -57.53
C LYS Y 100 15.54 -69.01 -58.08
N ILE Y 101 16.42 -69.11 -59.08
CA ILE Y 101 16.89 -70.42 -59.60
C ILE Y 101 17.68 -71.19 -58.54
N VAL Y 102 18.53 -70.50 -57.77
CA VAL Y 102 19.30 -71.15 -56.71
C VAL Y 102 18.43 -71.61 -55.53
N VAL Y 103 17.40 -70.83 -55.20
CA VAL Y 103 16.39 -71.30 -54.24
C VAL Y 103 15.51 -72.40 -54.87
N LYS Y 104 15.22 -72.31 -56.16
CA LYS Y 104 14.43 -73.34 -56.88
C LYS Y 104 15.07 -74.73 -56.81
N VAL Y 105 16.39 -74.78 -57.02
CA VAL Y 105 17.12 -76.06 -56.97
C VAL Y 105 17.36 -76.54 -55.52
N LEU Y 106 17.63 -75.62 -54.59
CA LEU Y 106 17.77 -75.97 -53.17
C LEU Y 106 16.46 -76.47 -52.57
N LYS Y 107 15.34 -75.90 -53.01
CA LYS Y 107 14.01 -76.40 -52.65
C LYS Y 107 13.82 -77.79 -53.24
N ALA Y 108 14.14 -77.95 -54.53
CA ALA Y 108 14.06 -79.27 -55.20
C ALA Y 108 14.95 -80.36 -54.55
N GLN Y 109 16.11 -79.95 -54.03
CA GLN Y 109 16.99 -80.86 -53.27
C GLN Y 109 16.53 -81.13 -51.84
N ALA Y 110 15.86 -80.16 -51.21
CA ALA Y 110 15.23 -80.37 -49.90
C ALA Y 110 14.06 -81.37 -49.96
N GLN Y 111 13.30 -81.36 -51.06
CA GLN Y 111 12.18 -82.30 -51.27
C GLN Y 111 12.65 -83.64 -51.88
N SER Y 112 13.79 -83.64 -52.58
CA SER Y 112 14.48 -84.88 -52.97
C SER Y 112 15.12 -85.60 -51.76
N GLN Y 113 15.65 -84.84 -50.80
CA GLN Y 113 16.14 -85.37 -49.51
C GLN Y 113 14.96 -85.89 -48.68
N LYS Y 114 13.91 -85.07 -48.57
CA LYS Y 114 12.70 -85.39 -47.81
C LYS Y 114 11.70 -86.10 -48.72
N ALA Z 1 -46.92 7.17 -104.68
CA ALA Z 1 -45.92 6.08 -104.93
C ALA Z 1 -45.72 5.16 -103.72
N LYS Z 2 -46.63 5.22 -102.74
CA LYS Z 2 -46.48 4.44 -101.52
C LYS Z 2 -46.70 2.99 -101.88
N ILE Z 3 -45.88 2.12 -101.31
CA ILE Z 3 -45.91 0.71 -101.63
C ILE Z 3 -47.01 0.10 -100.77
N LYS Z 4 -48.26 0.35 -101.15
CA LYS Z 4 -49.43 0.05 -100.32
C LYS Z 4 -49.63 -1.44 -100.11
N ALA Z 5 -50.44 -1.81 -99.13
CA ALA Z 5 -50.81 -3.21 -98.95
C ALA Z 5 -51.91 -3.65 -99.94
N ARG Z 6 -52.50 -2.71 -100.69
CA ARG Z 6 -53.25 -3.01 -101.93
C ARG Z 6 -52.49 -4.04 -102.75
N ASP Z 7 -51.36 -3.56 -103.27
CA ASP Z 7 -50.77 -4.05 -104.49
C ASP Z 7 -49.83 -5.22 -104.23
N LEU Z 8 -49.47 -5.41 -102.97
CA LEU Z 8 -48.63 -6.53 -102.56
C LEU Z 8 -49.48 -7.76 -102.32
N ARG Z 9 -50.58 -7.59 -101.59
CA ARG Z 9 -51.35 -8.72 -101.06
C ARG Z 9 -51.38 -9.91 -102.01
N GLY Z 10 -51.86 -9.68 -103.22
CA GLY Z 10 -51.89 -10.70 -104.25
C GLY Z 10 -50.65 -10.61 -105.10
N LYS Z 11 -49.51 -10.98 -104.54
CA LYS Z 11 -48.28 -11.16 -105.32
C LYS Z 11 -47.48 -12.35 -104.81
N LYS Z 12 -46.57 -12.81 -105.66
CA LYS Z 12 -45.77 -13.98 -105.37
C LYS Z 12 -44.75 -13.67 -104.29
N LYS Z 13 -44.44 -14.67 -103.46
CA LYS Z 13 -43.58 -14.48 -102.29
C LYS Z 13 -42.19 -14.01 -102.69
N GLU Z 14 -41.60 -14.73 -103.63
CA GLU Z 14 -40.28 -14.40 -104.17
C GLU Z 14 -40.17 -12.99 -104.78
N GLU Z 15 -41.27 -12.46 -105.32
CA GLU Z 15 -41.30 -11.11 -105.87
C GLU Z 15 -41.18 -10.05 -104.78
N LEU Z 16 -41.86 -10.30 -103.66
CA LEU Z 16 -41.83 -9.36 -102.53
C LEU Z 16 -40.41 -9.21 -102.00
N LEU Z 17 -39.73 -10.34 -101.81
CA LEU Z 17 -38.34 -10.36 -101.34
C LEU Z 17 -37.40 -9.52 -102.22
N LYS Z 18 -37.62 -9.49 -103.54
CA LYS Z 18 -36.86 -8.58 -104.42
C LYS Z 18 -37.15 -7.13 -104.11
N GLN Z 19 -38.45 -6.80 -103.99
CA GLN Z 19 -38.87 -5.43 -103.70
C GLN Z 19 -38.47 -4.98 -102.30
N LEU Z 20 -38.45 -5.92 -101.35
CA LEU Z 20 -37.85 -5.69 -100.02
C LEU Z 20 -36.37 -5.38 -100.18
N GLU Z 21 -35.65 -6.28 -100.84
CA GLU Z 21 -34.21 -6.14 -101.04
C GLU Z 21 -33.85 -4.91 -101.92
N ASP Z 22 -34.80 -4.44 -102.72
CA ASP Z 22 -34.65 -3.15 -103.41
C ASP Z 22 -34.63 -2.04 -102.37
N LEU Z 23 -35.61 -2.07 -101.47
CA LEU Z 23 -35.76 -1.04 -100.43
C LEU Z 23 -34.64 -1.06 -99.42
N LYS Z 24 -34.23 -2.26 -99.00
CA LYS Z 24 -33.14 -2.42 -98.05
C LYS Z 24 -31.90 -1.70 -98.56
N VAL Z 25 -31.52 -2.00 -99.80
CA VAL Z 25 -30.40 -1.35 -100.46
C VAL Z 25 -30.61 0.14 -100.33
N GLU Z 26 -31.71 0.59 -100.91
CA GLU Z 26 -32.04 2.01 -100.97
C GLU Z 26 -31.96 2.69 -99.62
N LEU Z 27 -32.38 2.01 -98.57
CA LEU Z 27 -32.30 2.56 -97.21
C LEU Z 27 -30.83 2.82 -96.82
N SER Z 28 -30.01 1.77 -96.96
CA SER Z 28 -28.56 1.85 -96.68
C SER Z 28 -27.86 3.07 -97.29
N GLN Z 29 -28.29 3.45 -98.48
CA GLN Z 29 -27.72 4.59 -99.18
C GLN Z 29 -28.21 5.88 -98.53
N LEU Z 30 -29.48 5.90 -98.14
CA LEU Z 30 -30.05 7.09 -97.48
C LEU Z 30 -29.37 7.39 -96.14
N ARG Z 31 -28.89 6.36 -95.45
CA ARG Z 31 -28.04 6.54 -94.25
C ARG Z 31 -26.71 7.21 -94.60
N VAL Z 32 -26.11 6.79 -95.72
CA VAL Z 32 -24.88 7.40 -96.21
C VAL Z 32 -25.13 8.89 -96.47
N ALA Z 33 -26.16 9.17 -97.25
CA ALA Z 33 -26.57 10.54 -97.58
C ALA Z 33 -26.76 11.40 -96.33
N LYS Z 34 -27.30 10.78 -95.28
CA LYS Z 34 -27.44 11.46 -93.98
C LYS Z 34 -26.13 12.00 -93.46
N VAL Z 35 -25.09 11.16 -93.54
CA VAL Z 35 -23.78 11.52 -93.04
C VAL Z 35 -23.13 12.54 -93.99
N THR Z 36 -23.29 12.34 -95.30
CA THR Z 36 -22.66 13.20 -96.29
C THR Z 36 -23.54 14.40 -96.69
N GLY Z 37 -24.08 15.11 -95.70
CA GLY Z 37 -24.99 16.23 -95.91
C GLY Z 37 -26.33 15.81 -96.48
N GLY Z 38 -26.31 15.45 -97.76
CA GLY Z 38 -27.48 14.98 -98.48
C GLY Z 38 -28.40 16.14 -98.81
N ALA Z 39 -29.66 16.00 -98.42
CA ALA Z 39 -30.64 17.05 -98.60
C ALA Z 39 -31.87 16.69 -97.79
N ALA Z 40 -32.59 17.72 -97.34
CA ALA Z 40 -33.85 17.54 -96.62
C ALA Z 40 -34.78 16.57 -97.34
N SER Z 41 -34.82 16.69 -98.67
CA SER Z 41 -35.58 15.78 -99.53
C SER Z 41 -35.26 14.32 -99.27
N LYS Z 42 -33.98 13.98 -99.28
CA LYS Z 42 -33.53 12.62 -98.91
C LYS Z 42 -33.77 12.26 -97.44
N LEU Z 43 -33.49 13.20 -96.54
CA LEU Z 43 -33.68 12.95 -95.11
C LEU Z 43 -35.13 12.78 -94.65
N SER Z 44 -36.11 13.08 -95.49
CA SER Z 44 -37.47 12.61 -95.22
C SER Z 44 -37.58 11.14 -95.60
N LYS Z 45 -37.21 10.84 -96.84
CA LYS Z 45 -37.44 9.55 -97.45
C LYS Z 45 -37.07 8.39 -96.57
N ILE Z 46 -35.94 8.54 -95.90
CA ILE Z 46 -35.42 7.56 -94.95
C ILE Z 46 -36.50 7.00 -93.99
N ARG Z 47 -37.51 7.79 -93.65
CA ARG Z 47 -38.68 7.30 -92.90
C ARG Z 47 -39.63 6.50 -93.78
N VAL Z 48 -39.99 7.08 -94.92
CA VAL Z 48 -40.92 6.46 -95.89
C VAL Z 48 -40.45 5.07 -96.30
N VAL Z 49 -39.15 4.97 -96.53
CA VAL Z 49 -38.52 3.73 -96.93
C VAL Z 49 -38.54 2.71 -95.78
N ARG Z 50 -38.03 3.11 -94.61
CA ARG Z 50 -38.12 2.28 -93.39
C ARG Z 50 -39.50 1.67 -93.29
N LYS Z 51 -40.51 2.52 -93.32
CA LYS Z 51 -41.87 2.06 -93.09
C LYS Z 51 -42.32 1.20 -94.24
N SER Z 52 -41.96 1.57 -95.46
CA SER Z 52 -42.33 0.76 -96.62
C SER Z 52 -41.77 -0.67 -96.52
N ILE Z 53 -40.61 -0.82 -95.87
CA ILE Z 53 -40.04 -2.14 -95.56
C ILE Z 53 -41.01 -2.93 -94.69
N ALA Z 54 -41.59 -2.27 -93.69
CA ALA Z 54 -42.67 -2.90 -92.91
C ALA Z 54 -43.85 -3.28 -93.84
N ARG Z 55 -44.41 -2.28 -94.52
CA ARG Z 55 -45.52 -2.48 -95.49
C ARG Z 55 -45.26 -3.76 -96.28
N VAL Z 56 -44.01 -4.00 -96.68
CA VAL Z 56 -43.64 -5.24 -97.39
C VAL Z 56 -43.63 -6.44 -96.47
N LEU Z 57 -42.74 -6.40 -95.49
CA LEU Z 57 -42.43 -7.56 -94.65
C LEU Z 57 -43.67 -8.08 -93.93
N THR Z 58 -44.55 -7.15 -93.55
CA THR Z 58 -45.87 -7.49 -93.09
C THR Z 58 -46.46 -8.51 -94.02
N VAL Z 59 -46.63 -8.11 -95.27
CA VAL Z 59 -47.34 -8.90 -96.23
C VAL Z 59 -46.71 -10.28 -96.34
N ILE Z 60 -45.38 -10.36 -96.23
CA ILE Z 60 -44.71 -11.66 -96.29
C ILE Z 60 -45.13 -12.61 -95.16
N ASN Z 61 -45.07 -12.12 -93.92
CA ASN Z 61 -45.40 -12.96 -92.77
C ASN Z 61 -46.89 -13.16 -92.66
N GLN Z 62 -47.67 -12.16 -93.07
CA GLN Z 62 -49.12 -12.29 -93.21
C GLN Z 62 -49.37 -13.53 -94.07
N THR Z 63 -48.92 -13.46 -95.33
CA THR Z 63 -49.29 -14.43 -96.36
C THR Z 63 -48.68 -15.79 -96.15
N GLN Z 64 -47.49 -15.82 -95.55
CA GLN Z 64 -46.93 -17.07 -95.03
C GLN Z 64 -47.91 -17.68 -94.06
N LYS Z 65 -48.20 -16.95 -92.98
CA LYS Z 65 -48.92 -17.51 -91.86
C LYS Z 65 -50.36 -17.90 -92.25
N GLU Z 66 -51.06 -17.03 -92.97
CA GLU Z 66 -52.33 -17.39 -93.63
C GLU Z 66 -52.20 -18.78 -94.26
N ASN Z 67 -51.17 -18.95 -95.07
CA ASN Z 67 -50.91 -20.21 -95.74
C ASN Z 67 -50.64 -21.31 -94.73
N LEU Z 68 -49.73 -21.04 -93.81
CA LEU Z 68 -49.19 -22.04 -92.87
C LEU Z 68 -50.24 -22.61 -91.91
N ARG Z 69 -51.12 -21.73 -91.43
CA ARG Z 69 -52.28 -22.17 -90.66
C ARG Z 69 -53.39 -22.78 -91.53
N LYS Z 70 -53.07 -23.13 -92.77
CA LYS Z 70 -53.97 -23.86 -93.64
C LYS Z 70 -53.50 -25.29 -93.90
N PHE Z 71 -52.23 -25.63 -93.66
CA PHE Z 71 -51.85 -27.06 -93.59
C PHE Z 71 -52.59 -27.61 -92.38
N TYR Z 72 -52.17 -27.15 -91.20
CA TYR Z 72 -52.46 -27.89 -89.97
C TYR Z 72 -53.91 -27.69 -89.54
N LYS Z 73 -54.59 -26.71 -90.12
CA LYS Z 73 -56.04 -26.63 -90.04
C LYS Z 73 -56.60 -27.98 -90.46
N GLY Z 74 -57.23 -28.67 -89.51
CA GLY Z 74 -57.70 -30.04 -89.72
C GLY Z 74 -56.85 -31.07 -89.00
N LYS Z 75 -55.52 -30.95 -89.12
CA LYS Z 75 -54.58 -31.78 -88.35
C LYS Z 75 -54.71 -31.49 -86.86
N LYS Z 76 -54.54 -32.53 -86.06
CA LYS Z 76 -54.68 -32.40 -84.61
C LYS Z 76 -53.46 -31.74 -84.00
N TYR Z 77 -52.31 -32.33 -84.32
CA TYR Z 77 -51.10 -32.06 -83.59
C TYR Z 77 -50.33 -30.90 -84.25
N LYS Z 78 -50.65 -29.66 -83.81
CA LYS Z 78 -50.22 -28.37 -84.43
C LYS Z 78 -49.44 -27.43 -83.50
N PRO Z 79 -48.58 -26.54 -84.06
CA PRO Z 79 -47.51 -25.93 -83.31
C PRO Z 79 -48.01 -24.76 -82.49
N LEU Z 80 -47.15 -24.24 -81.63
CA LEU Z 80 -47.58 -23.29 -80.59
C LEU Z 80 -48.02 -21.96 -81.16
N ASP Z 81 -47.19 -21.38 -82.01
CA ASP Z 81 -47.52 -20.14 -82.71
C ASP Z 81 -49.00 -20.05 -83.08
N LEU Z 82 -49.52 -21.11 -83.69
CA LEU Z 82 -50.86 -21.12 -84.26
C LEU Z 82 -51.94 -21.55 -83.27
N ARG Z 83 -51.55 -22.34 -82.26
CA ARG Z 83 -52.47 -22.77 -81.19
C ARG Z 83 -53.06 -21.46 -80.59
N PRO Z 84 -54.33 -21.49 -80.15
CA PRO Z 84 -55.02 -20.24 -79.84
C PRO Z 84 -54.65 -19.63 -78.50
N LYS Z 85 -54.08 -18.42 -78.52
CA LYS Z 85 -53.51 -17.77 -77.33
C LYS Z 85 -54.49 -16.79 -76.66
N LYS Z 86 -55.37 -17.34 -75.83
CA LYS Z 86 -56.27 -16.54 -75.01
C LYS Z 86 -55.60 -16.11 -73.69
N THR Z 87 -55.58 -16.97 -72.67
CA THR Z 87 -55.01 -16.63 -71.34
C THR Z 87 -54.74 -17.96 -70.62
N ARG Z 88 -53.70 -18.09 -69.79
CA ARG Z 88 -53.34 -19.43 -69.29
C ARG Z 88 -54.48 -20.09 -68.58
N ALA Z 89 -55.09 -19.38 -67.65
CA ALA Z 89 -56.31 -19.88 -67.04
C ALA Z 89 -57.30 -20.30 -68.12
N MET Z 90 -57.48 -19.43 -69.09
CA MET Z 90 -58.46 -19.62 -70.15
C MET Z 90 -58.19 -20.83 -71.07
N ARG Z 91 -56.94 -21.21 -71.26
CA ARG Z 91 -56.61 -22.36 -72.11
C ARG Z 91 -56.58 -23.65 -71.30
N ARG Z 92 -56.70 -23.49 -69.98
CA ARG Z 92 -56.91 -24.59 -69.03
C ARG Z 92 -58.32 -24.60 -68.40
N ARG Z 93 -59.23 -23.75 -68.90
CA ARG Z 93 -60.66 -23.93 -68.68
C ARG Z 93 -60.99 -25.29 -69.30
N LEU Z 94 -62.07 -25.90 -68.82
CA LEU Z 94 -62.57 -27.15 -69.40
C LEU Z 94 -63.03 -26.96 -70.83
N ASN Z 95 -63.10 -28.07 -71.54
CA ASN Z 95 -63.09 -28.08 -72.98
C ASN Z 95 -64.29 -27.45 -73.73
N LYS Z 96 -65.45 -27.47 -73.10
CA LYS Z 96 -66.79 -27.24 -73.74
C LYS Z 96 -67.49 -28.52 -74.19
N HIS Z 97 -66.84 -29.68 -74.05
CA HIS Z 97 -67.59 -30.88 -73.72
C HIS Z 97 -67.59 -31.20 -72.26
N GLU Z 98 -66.53 -30.79 -71.60
CA GLU Z 98 -66.20 -31.35 -70.34
C GLU Z 98 -66.75 -30.43 -69.23
N GLU Z 99 -67.86 -29.76 -69.50
CA GLU Z 99 -68.76 -29.27 -68.45
C GLU Z 99 -70.24 -29.53 -68.74
N ASN Z 100 -70.62 -29.42 -70.01
CA ASN Z 100 -71.96 -29.81 -70.49
C ASN Z 100 -72.13 -31.34 -70.64
N LEU Z 101 -71.07 -32.10 -70.35
CA LEU Z 101 -71.22 -33.52 -70.00
C LEU Z 101 -71.99 -33.64 -68.72
N LYS Z 102 -72.80 -34.69 -68.63
CA LYS Z 102 -73.53 -35.02 -67.42
C LYS Z 102 -73.39 -36.51 -67.19
N THR Z 103 -73.37 -36.92 -65.92
CA THR Z 103 -73.35 -38.33 -65.55
C THR Z 103 -74.71 -38.93 -65.90
N LYS Z 104 -74.69 -40.18 -66.33
CA LYS Z 104 -75.92 -40.80 -66.82
C LYS Z 104 -76.99 -40.88 -65.74
N LYS Z 105 -76.56 -41.06 -64.49
CA LYS Z 105 -77.45 -40.95 -63.32
C LYS Z 105 -78.25 -39.68 -63.32
N GLN Z 106 -77.56 -38.59 -63.60
CA GLN Z 106 -78.13 -37.26 -63.54
C GLN Z 106 -79.11 -37.04 -64.71
N GLN Z 107 -78.77 -37.53 -65.90
CA GLN Z 107 -79.64 -37.40 -67.08
C GLN Z 107 -80.98 -38.05 -66.78
N ARG Z 108 -80.90 -39.27 -66.26
CA ARG Z 108 -82.06 -40.05 -65.82
C ARG Z 108 -82.97 -39.22 -64.88
N LYS Z 109 -82.38 -38.34 -64.05
CA LYS Z 109 -83.17 -37.42 -63.19
C LYS Z 109 -83.73 -36.22 -63.94
N GLU Z 110 -82.95 -35.66 -64.86
CA GLU Z 110 -83.42 -34.58 -65.70
C GLU Z 110 -84.60 -35.00 -66.56
N ARG Z 111 -84.67 -36.29 -66.93
CA ARG Z 111 -85.80 -36.78 -67.70
C ARG Z 111 -87.05 -36.96 -66.85
N LEU Z 112 -86.94 -37.66 -65.73
CA LEU Z 112 -88.13 -38.01 -64.96
C LEU Z 112 -88.72 -36.89 -64.15
N TYR Z 113 -87.91 -35.89 -63.84
CA TYR Z 113 -88.33 -34.83 -62.94
C TYR Z 113 -87.85 -33.45 -63.40
N PRO Z 114 -88.28 -33.03 -64.58
CA PRO Z 114 -87.98 -31.69 -65.03
C PRO Z 114 -88.85 -30.68 -64.30
N LEU Z 115 -88.51 -29.41 -64.42
CA LEU Z 115 -89.19 -28.34 -63.72
C LEU Z 115 -90.33 -27.85 -64.59
N ARG Z 116 -91.58 -27.96 -64.14
CA ARG Z 116 -92.66 -27.33 -64.89
C ARG Z 116 -92.50 -25.82 -64.83
N LYS Z 117 -93.37 -25.17 -65.60
CA LYS Z 117 -93.70 -23.77 -65.49
C LYS Z 117 -95.07 -23.73 -64.77
N PHE Z 118 -95.40 -22.62 -64.11
CA PHE Z 118 -96.65 -22.40 -63.30
C PHE Z 118 -96.68 -21.11 -62.60
N ALA Z 119 -97.74 -20.37 -62.82
CA ALA Z 119 -98.19 -19.44 -61.82
C ALA Z 119 -99.27 -20.18 -61.01
N VAL Z 120 -99.62 -19.57 -59.89
CA VAL Z 120 -100.55 -20.17 -58.93
C VAL Z 120 -101.57 -19.13 -58.47
N LYS Z 121 -102.33 -19.49 -57.43
CA LYS Z 121 -103.60 -18.84 -57.07
C LYS Z 121 -104.44 -18.35 -58.26
N ALA Z 122 -105.12 -19.33 -58.86
CA ALA Z 122 -106.20 -19.08 -59.81
C ALA Z 122 -106.99 -20.41 -60.00
N ALA AA 1 -111.27 -34.13 -11.24
CA ALA AA 1 -112.25 -33.00 -11.17
C ALA AA 1 -111.56 -31.69 -11.51
N LEU AA 2 -111.65 -31.31 -12.79
CA LEU AA 2 -111.03 -30.10 -13.33
C LEU AA 2 -109.52 -30.12 -13.08
N ARG AA 3 -108.81 -30.74 -14.01
CA ARG AA 3 -107.36 -30.74 -14.04
C ARG AA 3 -106.96 -30.03 -15.34
N TYR AA 4 -106.75 -28.71 -15.27
CA TYR AA 4 -106.36 -27.97 -16.48
C TYR AA 4 -104.97 -28.45 -16.90
N PRO AA 5 -104.65 -28.37 -18.19
CA PRO AA 5 -103.29 -28.70 -18.63
C PRO AA 5 -102.33 -27.63 -18.16
N MET AA 6 -101.33 -28.03 -17.39
CA MET AA 6 -100.42 -27.10 -16.72
C MET AA 6 -99.06 -27.21 -17.36
N ALA AA 7 -98.37 -26.07 -17.51
CA ALA AA 7 -97.03 -26.10 -18.10
C ALA AA 7 -95.93 -26.25 -17.05
N VAL AA 8 -96.26 -26.98 -15.99
CA VAL AA 8 -95.29 -27.39 -15.00
C VAL AA 8 -95.94 -28.53 -14.19
N GLY AA 9 -95.11 -29.44 -13.69
CA GLY AA 9 -95.58 -30.66 -13.04
C GLY AA 9 -95.03 -31.85 -13.78
N LEU AA 10 -95.62 -33.01 -13.52
CA LEU AA 10 -95.12 -34.27 -14.09
C LEU AA 10 -95.50 -34.37 -15.57
N ASN AA 11 -96.70 -34.87 -15.87
CA ASN AA 11 -97.24 -34.69 -17.22
C ASN AA 11 -97.62 -33.23 -17.47
N LYS AA 12 -96.83 -32.55 -18.31
CA LYS AA 12 -97.04 -31.12 -18.57
C LYS AA 12 -97.01 -30.81 -20.06
N GLY AA 13 -97.31 -29.56 -20.37
CA GLY AA 13 -97.22 -29.06 -21.73
C GLY AA 13 -98.49 -29.28 -22.50
N HIS AA 14 -98.71 -28.41 -23.49
CA HIS AA 14 -99.93 -28.40 -24.27
C HIS AA 14 -100.21 -29.81 -24.71
N LYS AA 15 -101.43 -30.28 -24.45
CA LYS AA 15 -101.79 -31.64 -24.81
C LYS AA 15 -102.00 -31.73 -26.31
N VAL AA 16 -101.42 -32.78 -26.87
CA VAL AA 16 -101.30 -32.98 -28.31
C VAL AA 16 -101.33 -34.48 -28.56
N THR AA 17 -102.23 -34.92 -29.45
CA THR AA 17 -102.35 -36.34 -29.73
C THR AA 17 -101.20 -36.78 -30.63
N LYS AA 18 -100.59 -37.90 -30.29
CA LYS AA 18 -99.34 -38.35 -30.86
C LYS AA 18 -99.53 -39.27 -32.05
N ASN AA 19 -99.04 -38.87 -33.23
CA ASN AA 19 -98.87 -39.84 -34.33
C ASN AA 19 -97.62 -40.66 -34.02
N VAL AA 20 -97.60 -41.85 -34.60
CA VAL AA 20 -96.45 -42.72 -34.52
C VAL AA 20 -96.04 -43.01 -35.96
N SER AA 21 -94.75 -42.90 -36.22
CA SER AA 21 -94.20 -43.14 -37.54
C SER AA 21 -93.07 -44.17 -37.44
N LYS AA 22 -92.80 -44.83 -38.57
CA LYS AA 22 -91.75 -45.82 -38.67
C LYS AA 22 -90.43 -45.11 -38.38
N PRO AA 23 -89.72 -45.51 -37.30
CA PRO AA 23 -88.50 -44.76 -36.96
C PRO AA 23 -87.54 -44.76 -38.14
N ARG AA 24 -87.12 -43.57 -38.54
CA ARG AA 24 -86.27 -43.33 -39.71
C ARG AA 24 -85.32 -44.44 -40.03
N HIS AA 25 -85.11 -44.75 -41.31
CA HIS AA 25 -84.12 -45.77 -41.55
C HIS AA 25 -82.74 -45.35 -40.87
N SER AA 26 -82.45 -44.05 -40.72
CA SER AA 26 -81.29 -43.59 -39.90
C SER AA 26 -80.91 -44.39 -38.64
N ARG AA 27 -81.80 -44.40 -37.64
CA ARG AA 27 -81.39 -44.75 -36.26
C ARG AA 27 -81.02 -46.22 -36.05
N ARG AA 28 -81.28 -47.09 -37.02
CA ARG AA 28 -80.56 -48.34 -37.04
C ARG AA 28 -79.20 -48.06 -37.67
N ARG AA 29 -78.19 -48.07 -36.81
CA ARG AA 29 -76.84 -48.11 -37.25
C ARG AA 29 -76.06 -48.98 -36.34
N GLY AA 30 -75.09 -49.64 -36.93
CA GLY AA 30 -74.40 -50.68 -36.25
C GLY AA 30 -75.34 -51.57 -35.48
N ARG AA 31 -76.39 -52.07 -36.14
CA ARG AA 31 -77.12 -53.19 -35.63
C ARG AA 31 -76.59 -54.39 -36.37
N LEU AA 32 -76.14 -55.37 -35.60
CA LEU AA 32 -75.33 -56.46 -36.10
C LEU AA 32 -76.10 -57.36 -37.07
N THR AA 33 -75.89 -57.15 -38.36
CA THR AA 33 -76.57 -57.97 -39.37
C THR AA 33 -75.92 -59.33 -39.49
N LYS AA 34 -76.68 -60.28 -40.01
CA LYS AA 34 -76.25 -61.67 -40.00
C LYS AA 34 -75.01 -61.90 -40.83
N HIS AA 35 -74.86 -61.21 -41.97
CA HIS AA 35 -73.64 -61.41 -42.74
C HIS AA 35 -72.47 -60.67 -42.08
N THR AA 36 -72.60 -59.40 -41.67
CA THR AA 36 -71.49 -58.76 -40.92
C THR AA 36 -71.13 -59.51 -39.63
N LYS AA 37 -72.08 -60.30 -39.14
CA LYS AA 37 -71.76 -61.32 -38.17
C LYS AA 37 -70.98 -62.44 -38.83
N PHE AA 38 -71.49 -63.15 -39.86
CA PHE AA 38 -70.63 -64.23 -40.41
C PHE AA 38 -69.19 -63.59 -40.56
N VAL AA 39 -69.04 -62.31 -40.97
CA VAL AA 39 -67.70 -61.65 -41.07
C VAL AA 39 -66.90 -61.67 -39.80
N ARG AA 40 -67.43 -60.98 -38.80
CA ARG AA 40 -66.60 -60.47 -37.73
C ARG AA 40 -65.94 -61.59 -36.94
N ASP AA 41 -66.53 -62.79 -36.90
CA ASP AA 41 -65.91 -63.94 -36.20
C ASP AA 41 -64.71 -64.51 -36.96
N MET AA 42 -64.78 -64.50 -38.29
CA MET AA 42 -63.64 -64.96 -39.11
C MET AA 42 -62.37 -64.33 -38.66
N ILE AA 43 -62.40 -63.02 -38.65
CA ILE AA 43 -61.25 -62.24 -38.34
C ILE AA 43 -60.92 -62.37 -36.83
N ARG AA 44 -61.93 -62.61 -35.99
CA ARG AA 44 -61.70 -62.95 -34.56
C ARG AA 44 -61.08 -64.39 -34.37
N GLU AA 45 -60.99 -65.21 -35.44
CA GLU AA 45 -60.14 -66.45 -35.42
C GLU AA 45 -59.08 -66.63 -36.53
N VAL AA 46 -59.01 -65.74 -37.50
CA VAL AA 46 -57.88 -65.72 -38.44
C VAL AA 46 -56.73 -65.01 -37.76
N CYS AA 47 -56.99 -63.76 -37.36
CA CYS AA 47 -56.04 -62.95 -36.60
C CYS AA 47 -55.88 -63.49 -35.21
N GLY AA 48 -57.04 -63.75 -34.59
CA GLY AA 48 -57.12 -64.12 -33.21
C GLY AA 48 -57.21 -62.87 -32.38
N PHE AA 49 -56.35 -62.80 -31.38
CA PHE AA 49 -56.61 -62.11 -30.12
C PHE AA 49 -55.48 -61.12 -29.85
N ALA AA 50 -55.83 -59.92 -29.37
CA ALA AA 50 -54.82 -58.92 -29.05
C ALA AA 50 -54.15 -59.18 -27.70
N PRO AA 51 -52.89 -58.73 -27.54
CA PRO AA 51 -52.07 -58.99 -26.34
C PRO AA 51 -52.77 -58.77 -25.00
N TYR AA 52 -53.56 -57.71 -24.92
CA TYR AA 52 -54.30 -57.42 -23.70
C TYR AA 52 -55.62 -58.21 -23.61
N GLU AA 53 -56.26 -58.42 -24.76
CA GLU AA 53 -57.35 -59.39 -24.84
C GLU AA 53 -56.91 -60.68 -24.13
N ARG AA 54 -55.70 -61.17 -24.43
CA ARG AA 54 -55.18 -62.42 -23.82
C ARG AA 54 -54.90 -62.24 -22.34
N ARG AA 55 -54.28 -61.12 -21.96
CA ARG AA 55 -53.94 -60.89 -20.56
C ARG AA 55 -55.10 -60.44 -19.67
N ALA AA 56 -56.27 -60.22 -20.27
CA ALA AA 56 -57.51 -60.15 -19.51
C ALA AA 56 -58.20 -61.51 -19.41
N MET AA 57 -58.00 -62.40 -20.41
CA MET AA 57 -58.49 -63.79 -20.32
C MET AA 57 -57.94 -64.45 -19.08
N GLU AA 58 -56.61 -64.38 -18.94
CA GLU AA 58 -55.91 -65.05 -17.85
C GLU AA 58 -56.40 -64.58 -16.47
N LEU AA 59 -56.81 -63.32 -16.36
CA LEU AA 59 -57.42 -62.80 -15.12
C LEU AA 59 -58.84 -63.31 -14.88
N LEU AA 60 -59.55 -63.61 -15.96
CA LEU AA 60 -60.87 -64.23 -15.89
C LEU AA 60 -60.81 -65.74 -15.68
N LYS AA 61 -59.85 -66.43 -16.29
CA LYS AA 61 -59.61 -67.86 -16.03
C LYS AA 61 -59.47 -68.18 -14.54
N VAL AA 62 -58.75 -67.30 -13.84
CA VAL AA 62 -58.45 -67.44 -12.41
C VAL AA 62 -59.45 -66.59 -11.64
N SER AA 63 -60.73 -66.72 -11.98
CA SER AA 63 -61.80 -65.80 -11.57
C SER AA 63 -61.34 -64.64 -10.64
N LYS AA 64 -60.71 -63.64 -11.25
CA LYS AA 64 -60.21 -62.46 -10.55
C LYS AA 64 -60.77 -61.24 -11.29
N ASP AA 65 -62.09 -61.19 -11.38
CA ASP AA 65 -62.77 -60.31 -12.35
C ASP AA 65 -62.88 -58.82 -11.98
N LYS AA 66 -62.15 -58.39 -10.96
CA LYS AA 66 -62.03 -56.96 -10.72
C LYS AA 66 -60.81 -56.41 -11.42
N ARG AA 67 -59.64 -57.00 -11.20
CA ARG AA 67 -58.47 -56.68 -12.05
C ARG AA 67 -58.88 -56.76 -13.52
N ALA AA 68 -59.81 -57.64 -13.86
CA ALA AA 68 -60.28 -57.79 -15.24
C ALA AA 68 -60.78 -56.50 -15.86
N LEU AA 69 -61.87 -55.93 -15.36
CA LEU AA 69 -62.35 -54.67 -15.93
C LEU AA 69 -61.50 -53.47 -15.51
N LYS AA 70 -60.81 -53.53 -14.37
CA LYS AA 70 -59.82 -52.49 -14.05
C LYS AA 70 -58.55 -52.59 -14.91
N PHE AA 71 -58.24 -53.78 -15.43
CA PHE AA 71 -57.25 -53.90 -16.52
C PHE AA 71 -57.85 -53.06 -17.62
N ILE AA 72 -58.96 -53.57 -18.13
CA ILE AA 72 -59.50 -53.15 -19.41
C ILE AA 72 -59.90 -51.67 -19.38
N LYS AA 73 -60.31 -51.14 -18.23
CA LYS AA 73 -60.67 -49.74 -18.09
C LYS AA 73 -59.49 -48.85 -18.41
N LYS AA 74 -58.40 -49.04 -17.68
CA LYS AA 74 -57.16 -48.31 -17.96
C LYS AA 74 -56.75 -48.48 -19.41
N ARG AA 75 -56.99 -49.66 -19.96
CA ARG AA 75 -56.59 -49.97 -21.32
C ARG AA 75 -57.45 -49.31 -22.39
N VAL AA 76 -58.73 -49.63 -22.41
CA VAL AA 76 -59.61 -49.24 -23.49
C VAL AA 76 -60.09 -47.81 -23.33
N GLY AA 77 -60.55 -47.45 -22.14
CA GLY AA 77 -60.88 -46.06 -21.87
C GLY AA 77 -61.98 -45.80 -20.87
N THR AA 78 -63.21 -46.08 -21.28
CA THR AA 78 -64.37 -45.80 -20.44
C THR AA 78 -64.80 -47.04 -19.69
N HIS AA 79 -65.67 -46.81 -18.72
CA HIS AA 79 -66.22 -47.89 -17.92
C HIS AA 79 -67.27 -48.67 -18.69
N ILE AA 80 -67.93 -48.02 -19.65
CA ILE AA 80 -68.99 -48.67 -20.43
C ILE AA 80 -68.34 -49.58 -21.46
N ARG AA 81 -67.28 -49.10 -22.09
CA ARG AA 81 -66.55 -49.90 -23.05
C ARG AA 81 -65.81 -51.06 -22.41
N ALA AA 82 -65.24 -50.83 -21.23
CA ALA AA 82 -64.52 -51.88 -20.52
C ALA AA 82 -65.45 -53.02 -20.10
N LYS AA 83 -66.61 -52.66 -19.57
CA LYS AA 83 -67.62 -53.61 -19.14
C LYS AA 83 -68.05 -54.46 -20.31
N ARG AA 84 -68.40 -53.78 -21.40
CA ARG AA 84 -68.74 -54.42 -22.65
C ARG AA 84 -67.66 -55.41 -23.08
N LYS AA 85 -66.42 -54.96 -23.07
CA LYS AA 85 -65.30 -55.78 -23.52
C LYS AA 85 -65.03 -57.00 -22.65
N ARG AA 86 -65.31 -56.89 -21.36
CA ARG AA 86 -65.21 -58.03 -20.44
C ARG AA 86 -66.23 -59.11 -20.74
N GLU AA 87 -67.48 -58.71 -20.91
CA GLU AA 87 -68.58 -59.63 -21.20
C GLU AA 87 -68.52 -60.21 -22.62
N GLU AA 88 -67.76 -59.56 -23.51
CA GLU AA 88 -67.38 -60.17 -24.77
C GLU AA 88 -66.41 -61.32 -24.50
N LEU AA 89 -65.40 -61.06 -23.68
CA LEU AA 89 -64.34 -62.04 -23.43
C LEU AA 89 -64.79 -63.23 -22.60
N SER AA 90 -65.49 -62.97 -21.51
CA SER AA 90 -66.06 -64.06 -20.69
C SER AA 90 -66.92 -65.02 -21.50
N ASN AA 91 -67.61 -64.49 -22.52
CA ASN AA 91 -68.31 -65.33 -23.50
C ASN AA 91 -67.40 -66.22 -24.32
N VAL AA 92 -66.31 -65.66 -24.84
CA VAL AA 92 -65.32 -66.43 -25.61
C VAL AA 92 -64.66 -67.50 -24.74
N LEU AA 93 -64.44 -67.17 -23.47
CA LEU AA 93 -63.85 -68.11 -22.53
C LEU AA 93 -64.80 -69.27 -22.20
N ALA AA 94 -66.08 -68.95 -21.98
CA ALA AA 94 -67.11 -69.96 -21.75
C ALA AA 94 -67.30 -70.88 -22.96
N ALA AA 95 -67.28 -70.31 -24.17
CA ALA AA 95 -67.36 -71.11 -25.41
C ALA AA 95 -66.14 -72.01 -25.61
N MET AA 96 -64.94 -71.49 -25.32
CA MET AA 96 -63.71 -72.29 -25.30
C MET AA 96 -63.79 -73.42 -24.28
N ARG AA 97 -64.41 -73.13 -23.13
CA ARG AA 97 -64.66 -74.13 -22.09
C ARG AA 97 -65.59 -75.25 -22.57
N LYS AA 98 -66.74 -74.87 -23.13
CA LYS AA 98 -67.71 -75.83 -23.69
C LYS AA 98 -67.09 -76.69 -24.79
N ALA AA 99 -66.59 -76.03 -25.84
CA ALA AA 99 -66.03 -76.73 -27.00
C ALA AA 99 -64.83 -77.60 -26.63
N ALA AA 100 -63.89 -77.07 -25.83
CA ALA AA 100 -62.70 -77.84 -25.38
C ALA AA 100 -62.96 -78.82 -24.21
N ALA AA 101 -64.20 -78.86 -23.67
CA ALA AA 101 -64.66 -79.95 -22.80
C ALA AA 101 -65.67 -80.85 -23.54
N LYS AA 102 -65.17 -81.53 -24.57
CA LYS AA 102 -65.97 -82.42 -25.45
C LYS AA 102 -65.38 -83.83 -25.40
N PRO BA 1 14.97 -15.39 -90.67
CA PRO BA 1 15.83 -15.42 -91.85
C PRO BA 1 16.97 -16.40 -91.70
N ARG BA 2 17.45 -16.93 -92.83
CA ARG BA 2 18.54 -17.90 -92.84
C ARG BA 2 19.62 -17.43 -93.80
N LYS BA 3 20.80 -18.02 -93.64
CA LYS BA 3 21.89 -17.79 -94.54
C LYS BA 3 22.17 -19.08 -95.23
N ILE BA 4 22.09 -19.05 -96.55
CA ILE BA 4 22.60 -20.12 -97.37
C ILE BA 4 24.10 -19.93 -97.51
N GLU BA 5 24.83 -21.04 -97.62
CA GLU BA 5 26.27 -21.04 -97.84
C GLU BA 5 26.64 -21.35 -99.29
N GLU BA 6 25.84 -22.17 -99.97
CA GLU BA 6 26.16 -22.62 -101.32
C GLU BA 6 25.42 -21.87 -102.42
N ILE BA 7 26.18 -21.35 -103.39
CA ILE BA 7 25.63 -20.69 -104.60
C ILE BA 7 24.56 -21.51 -105.30
N LYS BA 8 24.75 -22.83 -105.32
CA LYS BA 8 23.83 -23.78 -105.91
C LYS BA 8 22.46 -23.83 -105.22
N ASP BA 9 22.37 -23.32 -103.98
CA ASP BA 9 21.31 -23.71 -103.06
C ASP BA 9 20.12 -22.73 -102.97
N PHE BA 10 20.31 -21.40 -103.08
CA PHE BA 10 19.13 -20.54 -103.34
C PHE BA 10 18.69 -20.79 -104.79
N LEU BA 11 19.61 -21.15 -105.68
CA LEU BA 11 19.27 -21.42 -107.08
C LEU BA 11 18.17 -22.48 -107.22
N LEU BA 12 18.15 -23.42 -106.29
CA LEU BA 12 17.01 -24.33 -106.10
C LEU BA 12 15.87 -23.56 -105.45
N THR BA 13 16.17 -22.91 -104.33
CA THR BA 13 15.20 -22.16 -103.52
C THR BA 13 14.54 -20.95 -104.23
N ALA BA 14 15.22 -20.40 -105.24
CA ALA BA 14 14.71 -19.27 -106.04
C ALA BA 14 13.99 -19.77 -107.29
N ARG BA 15 13.85 -21.09 -107.40
CA ARG BA 15 13.13 -21.72 -108.48
C ARG BA 15 11.76 -22.22 -107.98
N ARG BA 16 11.41 -21.88 -106.74
CA ARG BA 16 10.21 -22.41 -106.11
C ARG BA 16 8.93 -21.76 -106.62
N LYS BA 17 7.84 -22.49 -106.43
CA LYS BA 17 6.49 -21.95 -106.53
C LYS BA 17 6.30 -20.70 -105.68
N ASP BA 18 6.70 -20.83 -104.41
CA ASP BA 18 6.38 -19.85 -103.39
C ASP BA 18 7.22 -18.57 -103.50
N ALA BA 19 8.40 -18.67 -104.11
CA ALA BA 19 9.41 -17.63 -104.02
C ALA BA 19 9.11 -16.43 -104.87
N LYS BA 20 9.73 -15.32 -104.51
CA LYS BA 20 9.64 -14.09 -105.28
C LYS BA 20 10.69 -13.07 -104.82
N SER BA 21 10.81 -12.01 -105.61
CA SER BA 21 11.44 -10.76 -105.19
C SER BA 21 12.94 -10.80 -104.87
N VAL BA 22 13.67 -11.79 -105.39
CA VAL BA 22 15.13 -11.87 -105.26
C VAL BA 22 15.85 -10.49 -105.19
N LYS BA 23 15.85 -9.93 -103.99
CA LYS BA 23 16.33 -8.57 -103.76
C LYS BA 23 17.85 -8.61 -103.65
N ILE BA 24 18.54 -7.71 -104.36
CA ILE BA 24 20.01 -7.70 -104.42
C ILE BA 24 20.59 -6.41 -103.87
N LYS BA 25 21.17 -6.50 -102.67
CA LYS BA 25 21.86 -5.38 -102.07
C LYS BA 25 23.30 -5.53 -102.45
N LYS BA 26 23.96 -4.40 -102.70
CA LYS BA 26 25.39 -4.34 -102.97
C LYS BA 26 26.13 -3.45 -101.94
N ASN BA 27 26.76 -4.11 -100.97
CA ASN BA 27 27.37 -3.45 -99.79
C ASN BA 27 28.74 -2.83 -100.03
N LYS BA 28 29.34 -3.14 -101.18
CA LYS BA 28 30.80 -3.31 -101.31
C LYS BA 28 31.19 -4.65 -100.67
N ASP BA 29 31.67 -5.55 -101.51
CA ASP BA 29 32.27 -6.86 -101.15
C ASP BA 29 31.27 -7.99 -100.89
N ASN BA 30 30.18 -7.70 -100.20
CA ASN BA 30 29.19 -8.71 -99.88
C ASN BA 30 28.27 -9.01 -101.04
N VAL BA 31 27.56 -7.99 -101.51
CA VAL BA 31 26.64 -8.18 -102.62
C VAL BA 31 25.64 -9.30 -102.30
N LYS BA 32 24.72 -9.04 -101.36
CA LYS BA 32 23.78 -10.08 -100.87
C LYS BA 32 22.58 -10.33 -101.79
N PHE BA 33 22.08 -11.57 -101.78
CA PHE BA 33 20.98 -11.99 -102.64
C PHE BA 33 19.82 -12.53 -101.82
N LYS BA 34 18.99 -11.64 -101.28
CA LYS BA 34 17.87 -12.08 -100.43
C LYS BA 34 16.69 -12.56 -101.27
N VAL BA 35 16.34 -13.84 -101.16
CA VAL BA 35 15.15 -14.38 -101.82
C VAL BA 35 14.07 -14.67 -100.81
N ARG BA 36 13.00 -13.89 -100.92
CA ARG BA 36 11.83 -14.08 -100.11
C ARG BA 36 11.19 -15.43 -100.43
N CYS BA 37 10.65 -16.05 -99.40
CA CYS BA 37 9.70 -17.14 -99.53
C CYS BA 37 8.58 -16.91 -98.52
N SER BA 38 7.56 -17.77 -98.55
CA SER BA 38 6.45 -17.65 -97.63
C SER BA 38 6.90 -17.54 -96.17
N ARG BA 39 7.66 -18.53 -95.71
CA ARG BA 39 8.24 -18.49 -94.36
C ARG BA 39 9.40 -17.51 -94.31
N TYR BA 40 10.55 -17.95 -94.82
CA TYR BA 40 11.83 -17.46 -94.41
C TYR BA 40 12.40 -16.50 -95.47
N LEU BA 41 13.65 -16.05 -95.31
CA LEU BA 41 14.35 -15.15 -96.26
C LEU BA 41 15.82 -15.57 -96.49
N TYR BA 42 16.07 -16.55 -97.39
CA TYR BA 42 17.41 -17.17 -97.48
C TYR BA 42 18.27 -16.21 -98.31
N THR BA 43 19.38 -15.75 -97.72
CA THR BA 43 20.32 -14.84 -98.40
C THR BA 43 21.66 -15.54 -98.61
N LEU BA 44 22.37 -15.14 -99.66
CA LEU BA 44 23.74 -15.55 -99.85
C LEU BA 44 24.67 -14.34 -99.85
N VAL BA 45 25.70 -14.43 -99.01
CA VAL BA 45 26.77 -13.46 -98.97
C VAL BA 45 27.83 -13.97 -99.95
N ILE BA 46 27.90 -13.35 -101.13
CA ILE BA 46 29.00 -13.60 -102.06
C ILE BA 46 30.16 -12.70 -101.60
N THR BA 47 31.39 -13.19 -101.70
CA THR BA 47 32.56 -12.31 -101.46
C THR BA 47 33.17 -11.84 -102.79
N ASP BA 48 33.21 -12.71 -103.80
CA ASP BA 48 33.79 -12.40 -105.11
C ASP BA 48 32.82 -11.63 -106.03
N LYS BA 49 33.10 -10.33 -106.23
CA LYS BA 49 32.21 -9.44 -106.99
C LYS BA 49 31.96 -9.84 -108.45
N GLU BA 50 32.89 -10.59 -109.04
CA GLU BA 50 32.67 -11.21 -110.35
C GLU BA 50 31.55 -12.26 -110.22
N LYS BA 51 31.75 -13.19 -109.29
CA LYS BA 51 30.86 -14.35 -109.12
C LYS BA 51 29.42 -13.94 -108.87
N ALA BA 52 29.22 -12.75 -108.29
CA ALA BA 52 27.89 -12.15 -108.13
C ALA BA 52 27.24 -11.69 -109.45
N GLU BA 53 27.94 -10.85 -110.21
CA GLU BA 53 27.37 -10.28 -111.47
C GLU BA 53 27.13 -11.37 -112.53
N LYS BA 54 27.91 -12.44 -112.42
CA LYS BA 54 27.65 -13.70 -113.14
C LYS BA 54 26.27 -14.24 -112.72
N LEU BA 55 26.10 -14.39 -111.41
CA LEU BA 55 24.90 -14.96 -110.78
C LEU BA 55 23.63 -14.19 -111.13
N LYS BA 56 23.70 -12.86 -111.08
CA LYS BA 56 22.63 -11.98 -111.57
C LYS BA 56 21.94 -12.61 -112.78
N GLN BA 57 22.75 -13.10 -113.71
CA GLN BA 57 22.30 -13.83 -114.87
C GLN BA 57 22.31 -15.33 -114.58
N SER BA 58 21.14 -15.82 -114.13
CA SER BA 58 20.91 -17.22 -113.75
C SER BA 58 19.48 -17.35 -113.23
N LEU BA 59 19.12 -16.42 -112.34
CA LEU BA 59 17.73 -16.14 -111.93
C LEU BA 59 16.72 -16.47 -113.03
N PRO BA 60 15.97 -17.59 -112.88
CA PRO BA 60 15.51 -18.28 -114.10
C PRO BA 60 14.38 -17.62 -114.93
N PRO BA 61 13.12 -17.64 -114.44
CA PRO BA 61 12.02 -17.42 -115.35
C PRO BA 61 11.70 -15.96 -115.69
N GLY BA 62 11.97 -15.06 -114.74
CA GLY BA 62 11.30 -13.76 -114.67
C GLY BA 62 10.77 -13.59 -113.26
N LEU BA 63 11.70 -13.45 -112.31
CA LEU BA 63 11.40 -13.10 -110.93
C LEU BA 63 11.60 -11.58 -110.85
N ALA BA 64 11.36 -10.97 -109.69
CA ALA BA 64 11.32 -9.50 -109.59
C ALA BA 64 12.68 -8.83 -109.85
N VAL BA 65 13.72 -9.33 -109.17
CA VAL BA 65 15.09 -8.78 -109.25
C VAL BA 65 15.06 -7.28 -109.02
N LYS BA 66 14.49 -6.90 -107.89
CA LYS BA 66 14.47 -5.52 -107.47
C LYS BA 66 15.86 -5.20 -106.90
N GLU BA 67 16.72 -4.64 -107.76
CA GLU BA 67 18.12 -4.37 -107.41
C GLU BA 67 18.20 -3.20 -106.45
N LEU BA 68 18.40 -3.51 -105.17
CA LEU BA 68 18.09 -2.58 -104.09
C LEU BA 68 19.08 -1.43 -104.03
N LYS BA 69 18.53 -0.22 -104.05
CA LYS BA 69 19.27 1.00 -103.73
C LYS BA 69 18.29 2.09 -103.28
N SER CA 1 -11.63 2.59 -65.66
CA SER CA 1 -10.86 1.42 -65.11
C SER CA 1 -9.85 0.82 -66.10
N SER CA 2 -10.08 0.99 -67.41
CA SER CA 2 -9.21 0.46 -68.46
C SER CA 2 -9.39 -1.06 -68.66
N HIS CA 3 -9.73 -1.79 -67.60
CA HIS CA 3 -10.34 -3.11 -67.73
C HIS CA 3 -11.79 -2.97 -67.38
N LYS CA 4 -12.62 -2.84 -68.40
CA LYS CA 4 -14.05 -2.81 -68.20
C LYS CA 4 -14.59 -4.14 -68.67
N THR CA 5 -15.84 -4.41 -68.31
CA THR CA 5 -16.62 -5.40 -68.99
C THR CA 5 -17.35 -4.68 -70.12
N PHE CA 6 -18.16 -5.43 -70.85
CA PHE CA 6 -19.05 -4.88 -71.87
C PHE CA 6 -20.24 -4.24 -71.20
N ARG CA 7 -20.79 -4.92 -70.20
CA ARG CA 7 -21.99 -4.47 -69.50
C ARG CA 7 -21.79 -3.10 -68.89
N ILE CA 8 -20.62 -2.92 -68.31
CA ILE CA 8 -20.21 -1.62 -67.80
C ILE CA 8 -19.99 -0.62 -68.92
N LYS CA 9 -19.42 -1.05 -70.05
CA LYS CA 9 -19.21 -0.15 -71.20
C LYS CA 9 -20.54 0.34 -71.79
N ARG CA 10 -21.46 -0.59 -72.05
CA ARG CA 10 -22.82 -0.24 -72.47
C ARG CA 10 -23.52 0.76 -71.55
N PHE CA 11 -23.23 0.74 -70.24
CA PHE CA 11 -23.74 1.79 -69.31
C PHE CA 11 -23.31 3.15 -69.77
N LEU CA 12 -22.00 3.30 -69.88
CA LEU CA 12 -21.42 4.61 -69.87
C LEU CA 12 -21.69 5.24 -71.20
N ALA CA 13 -21.58 4.45 -72.25
CA ALA CA 13 -22.13 4.80 -73.55
C ALA CA 13 -23.50 5.48 -73.48
N LYS CA 14 -24.42 4.85 -72.75
CA LYS CA 14 -25.76 5.38 -72.58
C LYS CA 14 -25.68 6.68 -71.81
N LYS CA 15 -25.11 6.60 -70.61
CA LYS CA 15 -24.98 7.76 -69.75
C LYS CA 15 -24.36 8.93 -70.50
N GLN CA 16 -23.30 8.65 -71.25
CA GLN CA 16 -22.61 9.67 -72.04
C GLN CA 16 -23.54 10.42 -73.00
N LYS CA 17 -24.41 9.68 -73.69
CA LYS CA 17 -25.38 10.27 -74.63
C LYS CA 17 -26.47 11.04 -73.93
N GLN CA 18 -26.76 10.68 -72.68
CA GLN CA 18 -27.76 11.39 -71.90
C GLN CA 18 -27.33 12.77 -71.39
N ASN CA 19 -26.08 13.17 -71.54
CA ASN CA 19 -25.68 14.52 -71.09
C ASN CA 19 -25.99 15.66 -72.04
N ARG CA 20 -26.05 15.40 -73.35
CA ARG CA 20 -26.18 16.50 -74.31
C ARG CA 20 -27.38 17.43 -73.96
N PRO CA 21 -27.24 18.77 -74.17
CA PRO CA 21 -28.14 19.86 -73.75
C PRO CA 21 -29.66 19.68 -73.92
N ILE CA 22 -30.36 20.64 -74.52
CA ILE CA 22 -31.65 20.42 -75.16
C ILE CA 22 -31.61 21.06 -76.53
N PRO CA 23 -32.09 20.36 -77.57
CA PRO CA 23 -32.16 21.06 -78.85
C PRO CA 23 -32.94 22.36 -78.71
N GLN CA 24 -32.37 23.46 -79.17
CA GLN CA 24 -33.00 24.77 -78.98
C GLN CA 24 -34.41 24.74 -79.50
N TRP CA 25 -34.63 24.07 -80.62
CA TRP CA 25 -35.95 24.07 -81.19
C TRP CA 25 -37.02 23.56 -80.26
N ILE CA 26 -36.68 22.66 -79.33
CA ILE CA 26 -37.67 22.23 -78.36
C ILE CA 26 -38.36 23.43 -77.76
N ARG CA 27 -37.60 24.45 -77.37
CA ARG CA 27 -38.17 25.57 -76.61
C ARG CA 27 -39.29 26.33 -77.37
N MET CA 28 -39.40 26.12 -78.70
CA MET CA 28 -40.52 26.65 -79.51
C MET CA 28 -41.78 25.75 -79.60
N LYS CA 29 -41.71 24.51 -79.11
CA LYS CA 29 -42.88 23.60 -79.11
C LYS CA 29 -44.09 24.26 -78.49
N THR CA 30 -45.25 23.91 -79.01
CA THR CA 30 -46.49 24.59 -78.69
C THR CA 30 -46.73 24.76 -77.19
N GLY CA 31 -46.62 23.68 -76.43
CA GLY CA 31 -46.92 23.70 -75.00
C GLY CA 31 -45.76 23.25 -74.15
N ASN CA 32 -44.71 24.07 -74.06
CA ASN CA 32 -43.54 23.71 -73.23
C ASN CA 32 -43.60 24.11 -71.79
N LYS CA 33 -42.83 23.37 -71.00
CA LYS CA 33 -42.45 23.79 -69.66
C LYS CA 33 -40.95 23.56 -69.46
N ILE CA 34 -40.23 23.39 -70.57
CA ILE CA 34 -38.89 22.84 -70.58
C ILE CA 34 -37.96 23.93 -71.03
N ARG CA 35 -36.93 24.22 -70.24
CA ARG CA 35 -35.97 25.26 -70.60
C ARG CA 35 -34.48 24.82 -70.57
N TYR CA 36 -34.13 23.94 -69.63
CA TYR CA 36 -32.78 23.40 -69.54
C TYR CA 36 -32.90 21.98 -69.03
N ASN CA 37 -31.94 21.12 -69.40
CA ASN CA 37 -32.06 19.65 -69.24
C ASN CA 37 -32.42 19.19 -67.83
N SER CA 38 -31.63 19.56 -66.83
CA SER CA 38 -32.00 19.34 -65.41
C SER CA 38 -31.77 17.91 -64.86
N LYS CA 39 -31.19 17.04 -65.67
CA LYS CA 39 -30.73 15.73 -65.24
C LYS CA 39 -29.30 15.56 -65.70
N ARG CA 40 -28.54 16.65 -65.77
CA ARG CA 40 -27.19 16.56 -66.26
C ARG CA 40 -26.27 16.14 -65.15
N ARG CA 41 -25.19 15.47 -65.53
CA ARG CA 41 -24.22 14.92 -64.62
C ARG CA 41 -22.88 15.58 -65.01
N HIS CA 42 -21.91 15.50 -64.11
CA HIS CA 42 -20.54 15.96 -64.33
C HIS CA 42 -19.64 14.96 -63.64
N TRP CA 43 -18.57 14.43 -64.26
CA TRP CA 43 -17.85 13.34 -63.53
C TRP CA 43 -17.57 13.68 -62.07
N ARG CA 44 -17.30 14.95 -61.73
CA ARG CA 44 -16.69 15.23 -60.44
C ARG CA 44 -17.71 15.24 -59.31
N ARG CA 45 -18.92 15.68 -59.61
CA ARG CA 45 -19.92 15.84 -58.57
C ARG CA 45 -21.19 15.18 -59.05
N THR CA 46 -21.60 14.16 -58.29
CA THR CA 46 -22.54 13.12 -58.72
C THR CA 46 -21.73 12.06 -59.47
N LYS CA 47 -21.67 10.87 -58.91
CA LYS CA 47 -20.69 9.89 -59.31
C LYS CA 47 -21.32 8.63 -59.84
N LEU CA 48 -22.07 8.80 -60.92
CA LEU CA 48 -22.67 7.69 -61.67
C LEU CA 48 -23.57 6.85 -60.76
N GLY CA 49 -24.13 5.77 -61.31
CA GLY CA 49 -24.86 4.77 -60.54
C GLY CA 49 -23.98 3.61 -60.14
N LEU CA 50 -22.73 3.91 -59.79
CA LEU CA 50 -21.74 2.92 -59.42
C LEU CA 50 -20.92 3.49 -58.26
N ILE DA 1 26.08 68.12 41.06
CA ILE DA 1 25.53 67.53 39.79
C ILE DA 1 24.36 68.37 39.23
N ILE DA 2 23.32 68.55 40.04
CA ILE DA 2 22.12 69.33 39.67
C ILE DA 2 21.47 69.74 41.01
N GLU DA 3 21.56 71.02 41.31
CA GLU DA 3 21.24 71.54 42.65
C GLU DA 3 19.77 71.27 43.02
N PRO DA 4 19.50 70.76 44.25
CA PRO DA 4 18.14 70.39 44.70
C PRO DA 4 16.95 71.28 44.29
N SER DA 5 16.99 72.58 44.61
CA SER DA 5 15.91 73.51 44.23
C SER DA 5 15.75 73.61 42.72
N LEU DA 6 16.87 73.61 42.01
CA LEU DA 6 16.88 73.52 40.55
C LEU DA 6 16.22 72.26 40.02
N ARG DA 7 16.56 71.13 40.63
CA ARG DA 7 16.01 69.84 40.22
C ARG DA 7 14.52 69.81 40.43
N GLN DA 8 14.10 70.11 41.65
CA GLN DA 8 12.69 70.03 42.00
C GLN DA 8 11.84 71.14 41.34
N LEU DA 9 12.48 72.03 40.58
CA LEU DA 9 11.82 72.80 39.52
C LEU DA 9 11.45 71.87 38.35
N ALA DA 10 12.46 71.27 37.71
CA ALA DA 10 12.22 70.41 36.56
C ALA DA 10 11.28 69.26 36.92
N GLN DA 11 11.46 68.68 38.09
CA GLN DA 11 10.56 67.62 38.57
C GLN DA 11 9.10 68.08 38.50
N LYS DA 12 8.85 69.31 38.98
CA LYS DA 12 7.52 69.96 38.97
C LYS DA 12 6.88 69.98 37.59
N TYR DA 13 7.72 70.01 36.58
CA TYR DA 13 7.29 70.16 35.21
C TYR DA 13 7.31 68.84 34.39
N ASN DA 14 8.03 67.80 34.85
CA ASN DA 14 8.04 66.48 34.15
C ASN DA 14 7.65 65.24 34.96
N CYS DA 15 7.54 65.32 36.29
CA CYS DA 15 7.42 64.11 37.11
C CYS DA 15 6.17 63.99 37.94
N ASP DA 16 5.85 65.02 38.74
CA ASP DA 16 4.58 65.05 39.48
C ASP DA 16 3.48 65.36 38.50
N LYS DA 17 2.86 64.30 38.02
CA LYS DA 17 1.76 64.35 37.10
C LYS DA 17 0.84 63.22 37.48
N MET DA 18 -0.45 63.44 37.33
CA MET DA 18 -1.38 62.32 37.26
C MET DA 18 -1.38 61.85 35.82
N ILE DA 19 -1.87 60.62 35.60
CA ILE DA 19 -1.94 60.03 34.27
C ILE DA 19 -3.22 59.19 34.10
N CYS DA 20 -3.84 59.29 32.93
CA CYS DA 20 -5.06 58.55 32.64
C CYS DA 20 -4.71 57.11 32.43
N ARG DA 21 -5.49 56.21 33.02
CA ARG DA 21 -5.23 54.79 32.88
C ARG DA 21 -5.76 54.28 31.54
N LYS DA 22 -6.87 54.86 31.06
CA LYS DA 22 -7.33 54.60 29.71
C LYS DA 22 -6.32 55.11 28.66
N CYS DA 23 -6.19 56.42 28.49
CA CYS DA 23 -5.47 56.98 27.34
C CYS DA 23 -3.98 57.29 27.53
N TYR DA 24 -3.44 57.06 28.73
CA TYR DA 24 -2.04 57.40 29.08
C TYR DA 24 -1.72 58.88 28.97
N ALA DA 25 -2.75 59.71 28.86
CA ALA DA 25 -2.54 61.13 28.72
C ALA DA 25 -2.08 61.63 30.07
N ARG DA 26 -1.20 62.64 30.04
CA ARG DA 26 -0.48 63.11 31.20
C ARG DA 26 -1.15 64.38 31.72
N LEU DA 27 -1.33 64.45 33.03
CA LEU DA 27 -2.23 65.42 33.64
C LEU DA 27 -1.56 66.04 34.85
N HIS DA 28 -2.01 67.22 35.27
CA HIS DA 28 -1.49 67.83 36.51
C HIS DA 28 -1.81 67.04 37.77
N PRO DA 29 -1.07 67.29 38.86
CA PRO DA 29 -1.33 66.58 40.13
C PRO DA 29 -2.77 66.56 40.67
N ARG DA 30 -3.53 67.65 40.52
CA ARG DA 30 -4.88 67.74 41.09
C ARG DA 30 -5.93 66.96 40.34
N ALA DA 31 -5.66 66.55 39.10
CA ALA DA 31 -6.70 66.01 38.23
C ALA DA 31 -7.49 64.94 38.92
N VAL DA 32 -8.81 65.10 38.90
CA VAL DA 32 -9.73 64.02 39.21
C VAL DA 32 -10.35 63.46 37.93
N ASN DA 33 -10.12 64.15 36.81
CA ASN DA 33 -10.71 63.84 35.52
C ASN DA 33 -9.68 64.05 34.42
N CYS DA 34 -9.79 63.27 33.35
CA CYS DA 34 -8.94 63.48 32.19
C CYS DA 34 -9.40 64.68 31.35
N ARG DA 35 -8.57 65.06 30.39
CA ARG DA 35 -8.89 66.09 29.41
C ARG DA 35 -9.52 65.50 28.18
N LYS DA 36 -9.10 64.29 27.85
CA LYS DA 36 -9.27 63.76 26.52
C LYS DA 36 -10.71 63.32 26.30
N LYS DA 37 -11.18 63.55 25.08
CA LYS DA 37 -12.49 63.11 24.65
C LYS DA 37 -12.41 61.63 24.33
N LYS DA 38 -11.25 61.16 23.90
CA LYS DA 38 -11.09 59.79 23.41
C LYS DA 38 -11.37 58.73 24.46
N CYS DA 39 -10.86 58.92 25.67
CA CYS DA 39 -11.04 57.92 26.72
C CYS DA 39 -12.46 57.97 27.28
N GLY DA 40 -13.13 59.11 27.08
CA GLY DA 40 -14.39 59.38 27.71
C GLY DA 40 -14.16 59.99 29.07
N HIS DA 41 -13.19 60.89 29.18
CA HIS DA 41 -13.13 61.84 30.28
C HIS DA 41 -13.04 61.17 31.67
N THR DA 42 -12.13 60.21 31.79
CA THR DA 42 -12.36 59.01 32.61
C THR DA 42 -12.55 59.09 34.12
N ASN DA 43 -11.58 59.67 34.83
CA ASN DA 43 -11.46 59.59 36.31
C ASN DA 43 -10.57 58.45 36.82
N ASN DA 44 -10.40 57.41 36.01
CA ASN DA 44 -9.38 56.40 36.26
C ASN DA 44 -7.97 57.00 36.08
N LEU DA 45 -7.49 57.67 37.12
CA LEU DA 45 -6.18 58.30 37.11
C LEU DA 45 -5.26 57.61 38.08
N ARG DA 46 -3.96 57.75 37.86
CA ARG DA 46 -2.94 57.29 38.79
C ARG DA 46 -1.79 58.30 38.80
N PRO DA 47 -0.97 58.32 39.86
CA PRO DA 47 0.23 59.15 39.78
C PRO DA 47 1.23 58.56 38.80
N LYS DA 48 1.99 59.43 38.15
CA LYS DA 48 3.10 59.02 37.31
C LYS DA 48 4.16 58.44 38.20
N LYS DA 49 4.84 57.42 37.69
CA LYS DA 49 5.78 56.67 38.52
C LYS DA 49 7.04 57.48 38.87
N LYS DA 50 7.34 57.55 40.16
CA LYS DA 50 8.51 58.28 40.64
C LYS DA 50 9.72 57.40 40.36
N VAL DA 51 10.75 57.95 39.70
CA VAL DA 51 11.96 57.18 39.35
C VAL DA 51 12.71 56.76 40.62
N LYS DA 52 13.10 55.49 40.68
CA LYS DA 52 13.89 54.94 41.78
C LYS DA 52 15.36 55.31 41.60
N VAL EA 1 -52.59 -19.51 27.27
CA VAL EA 1 -53.77 -19.71 28.18
C VAL EA 1 -54.05 -21.20 28.40
N ASN EA 2 -55.15 -21.45 29.08
CA ASN EA 2 -55.62 -22.78 29.35
C ASN EA 2 -57.13 -22.70 29.22
N VAL EA 3 -57.76 -23.84 28.93
CA VAL EA 3 -59.22 -23.98 29.00
C VAL EA 3 -59.53 -25.39 29.50
N PRO EA 4 -60.73 -25.61 30.02
CA PRO EA 4 -61.06 -26.96 30.39
C PRO EA 4 -61.63 -27.73 29.21
N LYS EA 5 -61.81 -29.02 29.43
CA LYS EA 5 -62.23 -29.94 28.37
C LYS EA 5 -63.75 -29.93 28.17
N THR EA 6 -64.50 -29.68 29.24
CA THR EA 6 -65.95 -29.60 29.19
C THR EA 6 -66.38 -28.17 29.43
N ARG EA 7 -67.63 -27.89 29.09
CA ARG EA 7 -68.06 -26.52 28.81
C ARG EA 7 -69.55 -26.57 28.57
N ARG EA 8 -70.33 -26.28 29.60
CA ARG EA 8 -71.78 -26.14 29.43
C ARG EA 8 -72.01 -24.81 28.69
N THR EA 9 -72.63 -24.87 27.52
CA THR EA 9 -72.99 -23.65 26.76
C THR EA 9 -74.01 -23.95 25.65
N PHE EA 10 -74.45 -22.92 24.93
CA PHE EA 10 -75.61 -23.04 24.01
C PHE EA 10 -75.41 -24.00 22.82
N CYS EA 11 -76.16 -25.10 22.79
CA CYS EA 11 -76.28 -25.98 21.61
C CYS EA 11 -77.37 -25.46 20.65
N LYS EA 12 -76.94 -24.82 19.57
CA LYS EA 12 -77.85 -24.22 18.58
C LYS EA 12 -79.12 -25.03 18.29
N LYS EA 13 -78.95 -26.32 18.00
CA LYS EA 13 -80.07 -27.18 17.58
C LYS EA 13 -81.05 -27.47 18.71
N CYS EA 14 -80.54 -27.60 19.93
CA CYS EA 14 -81.38 -27.86 21.09
C CYS EA 14 -82.20 -26.65 21.49
N GLY EA 15 -81.67 -25.46 21.27
CA GLY EA 15 -82.29 -24.24 21.79
C GLY EA 15 -82.03 -24.10 23.27
N LYS EA 16 -80.90 -24.64 23.75
CA LYS EA 16 -80.64 -24.83 25.18
C LYS EA 16 -79.16 -24.84 25.40
N HIS EA 17 -78.68 -24.53 26.61
CA HIS EA 17 -77.30 -24.87 26.94
C HIS EA 17 -77.26 -26.33 27.24
N GLN EA 18 -76.13 -26.95 26.89
CA GLN EA 18 -75.82 -28.31 27.28
C GLN EA 18 -74.31 -28.45 27.45
N PRO EA 19 -73.87 -29.57 28.08
CA PRO EA 19 -72.44 -29.83 28.18
C PRO EA 19 -71.87 -30.12 26.81
N HIS EA 20 -70.86 -29.35 26.43
CA HIS EA 20 -70.08 -29.62 25.23
C HIS EA 20 -68.70 -30.11 25.59
N LYS EA 21 -68.11 -30.74 24.58
CA LYS EA 21 -66.81 -31.31 24.66
C LYS EA 21 -65.92 -30.37 23.85
N VAL EA 22 -64.97 -29.73 24.52
CA VAL EA 22 -64.03 -28.81 23.90
C VAL EA 22 -62.80 -29.55 23.43
N THR EA 23 -62.35 -29.19 22.23
CA THR EA 23 -61.15 -29.74 21.62
C THR EA 23 -60.76 -28.76 20.53
N GLN EA 24 -59.48 -28.44 20.41
CA GLN EA 24 -59.08 -27.43 19.43
C GLN EA 24 -59.07 -27.96 18.00
N TYR EA 25 -59.18 -27.05 17.05
CA TYR EA 25 -59.38 -27.38 15.65
C TYR EA 25 -58.03 -27.40 14.92
N LYS EA 26 -57.86 -28.39 14.03
CA LYS EA 26 -56.79 -28.39 13.02
C LYS EA 26 -57.38 -28.34 11.61
N LYS EA 27 -56.66 -27.71 10.68
CA LYS EA 27 -57.08 -27.59 9.28
C LYS EA 27 -57.27 -28.93 8.57
N GLY EA 28 -58.16 -28.97 7.59
CA GLY EA 28 -58.34 -30.16 6.78
C GLY EA 28 -57.16 -30.39 5.85
N LYS EA 29 -57.08 -31.59 5.27
CA LYS EA 29 -56.14 -31.86 4.18
C LYS EA 29 -56.73 -31.22 2.94
N ASP EA 30 -55.87 -30.68 2.08
CA ASP EA 30 -56.41 -29.74 1.08
C ASP EA 30 -56.75 -30.22 -0.34
N SER EA 31 -58.02 -29.95 -0.67
CA SER EA 31 -58.93 -30.89 -1.31
C SER EA 31 -58.52 -31.46 -2.64
N LEU EA 32 -58.11 -30.57 -3.54
CA LEU EA 32 -57.62 -30.93 -4.88
C LEU EA 32 -58.70 -30.92 -5.97
N TYR EA 33 -59.94 -31.36 -5.69
CA TYR EA 33 -61.07 -31.16 -6.65
C TYR EA 33 -62.02 -30.09 -6.10
N ALA EA 34 -61.47 -29.16 -5.31
CA ALA EA 34 -62.15 -27.93 -4.95
C ALA EA 34 -61.92 -26.91 -6.03
N GLN EA 35 -62.95 -26.16 -6.37
CA GLN EA 35 -62.90 -25.26 -7.52
C GLN EA 35 -61.63 -24.45 -7.50
N GLY EA 36 -61.40 -23.75 -6.39
CA GLY EA 36 -60.23 -22.91 -6.27
C GLY EA 36 -58.95 -23.59 -6.69
N LYS EA 37 -58.73 -24.79 -6.16
CA LYS EA 37 -57.51 -25.51 -6.44
C LYS EA 37 -57.47 -25.95 -7.90
N ARG EA 38 -58.54 -26.61 -8.36
CA ARG EA 38 -58.66 -27.05 -9.77
C ARG EA 38 -58.23 -25.99 -10.77
N ARG EA 39 -58.59 -24.76 -10.44
CA ARG EA 39 -58.26 -23.61 -11.24
C ARG EA 39 -56.86 -23.11 -10.96
N TYR EA 40 -56.48 -23.02 -9.68
CA TYR EA 40 -55.08 -22.64 -9.41
C TYR EA 40 -54.18 -23.70 -10.12
N ASP EA 41 -54.44 -25.02 -10.06
CA ASP EA 41 -53.50 -25.96 -10.73
C ASP EA 41 -53.37 -25.57 -12.18
N ARG EA 42 -54.48 -25.62 -12.91
CA ARG EA 42 -54.43 -25.52 -14.37
C ARG EA 42 -54.86 -24.19 -14.93
N LYS EA 43 -54.45 -23.17 -14.19
CA LYS EA 43 -53.87 -21.96 -14.77
C LYS EA 43 -52.35 -22.18 -14.74
N GLN EA 44 -51.83 -22.58 -13.58
CA GLN EA 44 -50.40 -22.78 -13.34
C GLN EA 44 -49.88 -24.11 -13.90
N SER EA 45 -50.26 -24.39 -15.14
CA SER EA 45 -49.84 -25.60 -15.85
C SER EA 45 -49.76 -25.21 -17.29
N GLY EA 46 -48.69 -25.63 -17.94
CA GLY EA 46 -48.37 -25.10 -19.21
C GLY EA 46 -47.31 -24.05 -19.05
N TYR EA 47 -46.83 -23.64 -20.21
CA TYR EA 47 -45.45 -23.28 -20.37
C TYR EA 47 -45.31 -21.78 -20.13
N GLY EA 48 -45.46 -21.42 -18.85
CA GLY EA 48 -45.96 -20.10 -18.40
C GLY EA 48 -45.29 -19.32 -17.25
N GLY EA 49 -44.70 -20.03 -16.28
CA GLY EA 49 -44.14 -19.42 -15.06
C GLY EA 49 -45.19 -19.35 -13.98
N GLN EA 50 -44.81 -18.99 -12.74
CA GLN EA 50 -45.80 -18.90 -11.64
C GLN EA 50 -46.72 -17.69 -11.76
N THR EA 51 -48.00 -17.95 -11.54
CA THR EA 51 -49.07 -17.04 -11.87
C THR EA 51 -49.64 -16.30 -10.68
N LYS EA 52 -50.08 -17.06 -9.69
CA LYS EA 52 -50.76 -16.50 -8.54
C LYS EA 52 -49.78 -16.22 -7.38
N PRO EA 53 -50.18 -15.33 -6.46
CA PRO EA 53 -49.42 -15.01 -5.27
C PRO EA 53 -48.97 -16.09 -4.26
N ILE EA 54 -47.95 -15.72 -3.47
CA ILE EA 54 -47.41 -16.47 -2.32
C ILE EA 54 -46.65 -15.50 -1.40
N PHE EA 55 -46.94 -15.39 -0.09
CA PHE EA 55 -46.11 -14.46 0.75
C PHE EA 55 -44.71 -14.96 0.90
N ARG EA 56 -43.80 -14.01 1.00
CA ARG EA 56 -42.56 -14.19 1.69
C ARG EA 56 -42.46 -12.95 2.59
N LYS EA 57 -43.44 -12.85 3.48
CA LYS EA 57 -43.60 -11.67 4.33
C LYS EA 57 -44.66 -11.92 5.40
N LYS EA 58 -44.39 -12.88 6.29
CA LYS EA 58 -45.22 -13.06 7.48
C LYS EA 58 -44.99 -11.89 8.42
N ALA EA 59 -45.75 -11.84 9.49
CA ALA EA 59 -45.68 -10.74 10.43
C ALA EA 59 -45.94 -11.17 11.85
N LYS EA 60 -47.14 -11.68 12.09
CA LYS EA 60 -47.54 -12.15 13.40
C LYS EA 60 -47.16 -13.59 13.59
N THR EA 61 -47.09 -13.93 14.88
CA THR EA 61 -46.33 -15.06 15.36
C THR EA 61 -47.24 -16.01 16.16
N THR EA 62 -48.51 -16.03 15.78
CA THR EA 62 -49.55 -16.64 16.60
C THR EA 62 -50.89 -16.55 15.91
N LYS EA 63 -51.66 -17.63 15.97
CA LYS EA 63 -53.00 -17.63 15.41
C LYS EA 63 -54.05 -17.73 16.49
N LYS EA 64 -55.20 -17.14 16.19
CA LYS EA 64 -56.38 -17.27 17.02
C LYS EA 64 -56.69 -18.74 17.14
N ILE EA 65 -56.66 -19.24 18.36
CA ILE EA 65 -57.03 -20.62 18.61
C ILE EA 65 -58.54 -20.74 18.45
N VAL EA 66 -58.95 -21.88 17.92
CA VAL EA 66 -60.36 -22.16 17.71
C VAL EA 66 -60.73 -23.46 18.39
N LEU EA 67 -61.72 -23.36 19.27
CA LEU EA 67 -62.30 -24.49 19.91
C LEU EA 67 -63.37 -25.06 19.00
N ARG EA 68 -63.45 -26.38 19.02
CA ARG EA 68 -64.37 -27.15 18.22
C ARG EA 68 -65.27 -27.82 19.26
N LEU EA 69 -66.33 -27.13 19.65
CA LEU EA 69 -67.25 -27.63 20.65
C LEU EA 69 -68.14 -28.67 20.00
N GLU EA 70 -68.60 -29.65 20.75
CA GLU EA 70 -69.62 -30.58 20.26
C GLU EA 70 -70.47 -31.13 21.39
N CYS EA 71 -71.76 -31.33 21.10
CA CYS EA 71 -72.78 -31.60 22.11
C CYS EA 71 -72.71 -33.04 22.64
N VAL EA 72 -72.69 -33.15 23.96
CA VAL EA 72 -72.51 -34.43 24.61
C VAL EA 72 -73.76 -35.28 24.43
N GLU EA 73 -74.94 -34.70 24.70
CA GLU EA 73 -76.19 -35.45 24.56
C GLU EA 73 -76.31 -35.95 23.13
N PRO EA 74 -76.55 -37.27 22.96
CA PRO EA 74 -76.55 -37.80 21.60
C PRO EA 74 -77.70 -37.27 20.76
N ASN EA 75 -77.58 -37.46 19.45
CA ASN EA 75 -78.53 -37.01 18.41
C ASN EA 75 -78.41 -35.50 18.11
N CYS EA 76 -78.00 -34.68 19.09
CA CYS EA 76 -77.50 -33.34 18.81
C CYS EA 76 -76.16 -33.52 18.10
N ARG EA 77 -75.08 -33.74 18.87
CA ARG EA 77 -73.72 -33.84 18.34
C ARG EA 77 -73.34 -32.70 17.39
N SER EA 78 -74.02 -31.56 17.51
CA SER EA 78 -73.96 -30.50 16.52
C SER EA 78 -72.78 -29.61 16.91
N LYS EA 79 -71.70 -29.74 16.16
CA LYS EA 79 -70.46 -29.10 16.50
C LYS EA 79 -70.50 -27.63 16.10
N ARG EA 80 -69.84 -26.79 16.88
CA ARG EA 80 -69.86 -25.34 16.66
C ARG EA 80 -68.53 -24.74 17.06
N MET EA 81 -68.19 -23.65 16.38
CA MET EA 81 -66.86 -23.10 16.39
C MET EA 81 -66.86 -21.90 17.29
N LEU EA 82 -65.80 -21.74 18.05
CA LEU EA 82 -65.77 -20.70 19.04
C LEU EA 82 -64.36 -20.15 19.13
N ALA EA 83 -64.13 -19.08 18.37
CA ALA EA 83 -62.81 -18.49 18.29
C ALA EA 83 -62.48 -17.75 19.56
N ILE EA 84 -61.19 -17.66 19.81
CA ILE EA 84 -60.65 -17.13 21.05
C ILE EA 84 -59.46 -16.22 20.72
N LYS EA 85 -59.19 -15.27 21.61
CA LYS EA 85 -58.04 -14.39 21.47
C LYS EA 85 -56.73 -15.16 21.35
N ARG EA 86 -55.70 -14.44 20.93
CA ARG EA 86 -54.42 -15.04 20.58
C ARG EA 86 -53.56 -15.31 21.80
N CYS EA 87 -52.73 -16.32 21.66
CA CYS EA 87 -51.91 -16.81 22.74
C CYS EA 87 -50.88 -17.65 22.09
N LYS EA 88 -49.66 -17.62 22.61
CA LYS EA 88 -48.57 -18.35 21.97
C LYS EA 88 -48.13 -19.50 22.87
N HIS EA 89 -49.12 -20.35 23.19
CA HIS EA 89 -49.05 -21.32 24.27
C HIS EA 89 -50.51 -21.57 24.65
N PHE EA 90 -51.01 -22.77 24.35
CA PHE EA 90 -52.41 -23.10 24.55
C PHE EA 90 -52.60 -24.54 25.02
N GLU EA 91 -53.39 -24.73 26.07
CA GLU EA 91 -53.59 -26.05 26.66
C GLU EA 91 -55.04 -26.36 26.83
N LEU EA 92 -55.33 -27.65 26.94
CA LEU EA 92 -56.62 -28.12 27.45
C LEU EA 92 -56.40 -28.79 28.80
N GLY EA 93 -57.45 -28.75 29.62
CA GLY EA 93 -57.41 -29.22 31.02
C GLY EA 93 -56.04 -29.52 31.60
N GLY EA 94 -55.26 -28.47 31.86
CA GLY EA 94 -53.94 -28.59 32.47
C GLY EA 94 -53.92 -27.95 33.85
N ASP EA 95 -54.47 -28.65 34.85
CA ASP EA 95 -54.50 -28.20 36.26
C ASP EA 95 -55.35 -26.94 36.48
N LYS EA 96 -55.46 -26.52 37.74
CA LYS EA 96 -56.29 -25.36 38.13
C LYS EA 96 -55.51 -24.27 38.90
N LYS EA 97 -54.20 -24.19 38.64
CA LYS EA 97 -53.29 -23.17 39.21
C LYS EA 97 -53.12 -23.03 40.76
N ARG EA 98 -54.13 -23.37 41.56
CA ARG EA 98 -54.07 -23.29 43.04
C ARG EA 98 -53.91 -21.87 43.59
N LYS EA 99 -54.12 -21.74 44.89
CA LYS EA 99 -53.91 -20.48 45.61
C LYS EA 99 -53.31 -20.78 46.99
N GLY EA 100 -52.50 -19.86 47.48
CA GLY EA 100 -51.96 -19.96 48.83
C GLY EA 100 -50.90 -21.02 49.03
N GLN EA 101 -50.31 -21.53 47.96
CA GLN EA 101 -49.43 -22.71 48.02
C GLN EA 101 -47.96 -22.35 47.92
N VAL EA 102 -47.13 -23.32 48.29
CA VAL EA 102 -45.68 -23.14 48.36
C VAL EA 102 -45.12 -23.30 46.97
N ILE EA 103 -44.24 -22.38 46.58
CA ILE EA 103 -43.76 -22.33 45.20
C ILE EA 103 -42.31 -22.87 45.11
N GLN EA 104 -42.23 -24.20 45.07
CA GLN EA 104 -40.96 -24.96 45.11
C GLN EA 104 -40.32 -25.11 43.72
N SER IA 1 -9.18 37.08 -2.24
CA SER IA 1 -8.01 36.86 -1.35
C SER IA 1 -6.89 37.78 -1.71
N HIS IA 2 -6.10 38.10 -0.69
CA HIS IA 2 -4.98 39.00 -0.83
C HIS IA 2 -3.93 38.43 -1.74
N ARG IA 3 -3.11 39.32 -2.28
CA ARG IA 3 -1.84 38.92 -2.89
C ARG IA 3 -0.98 38.25 -1.84
N LYS IA 4 -0.45 37.08 -2.17
CA LYS IA 4 0.33 36.31 -1.22
C LYS IA 4 1.56 37.07 -0.82
N PHE IA 5 2.25 37.57 -1.84
CA PHE IA 5 3.64 37.95 -1.77
C PHE IA 5 3.79 39.36 -2.34
N SER IA 6 3.87 40.36 -1.46
CA SER IA 6 3.64 41.75 -1.86
C SER IA 6 4.75 42.29 -2.76
N ALA IA 7 4.41 43.33 -3.52
CA ALA IA 7 5.35 43.97 -4.41
C ALA IA 7 4.87 45.38 -4.77
N PRO IA 8 5.80 46.26 -5.15
CA PRO IA 8 5.42 47.58 -5.67
C PRO IA 8 4.69 47.51 -6.99
N ARG IA 9 3.95 48.58 -7.29
CA ARG IA 9 3.27 48.73 -8.57
C ARG IA 9 4.35 48.78 -9.65
N HIS IA 10 3.95 48.61 -10.90
CA HIS IA 10 4.83 48.83 -12.05
C HIS IA 10 4.61 50.16 -12.80
N GLY IA 11 5.38 51.17 -12.47
CA GLY IA 11 5.37 52.42 -13.24
C GLY IA 11 4.28 53.42 -12.87
N SER IA 12 4.70 54.64 -12.53
CA SER IA 12 3.89 55.58 -11.75
C SER IA 12 2.69 56.08 -12.52
N LEU IA 13 1.60 56.28 -11.77
CA LEU IA 13 0.40 56.89 -12.30
C LEU IA 13 0.49 58.39 -12.38
N GLY IA 14 1.30 58.99 -11.52
CA GLY IA 14 1.41 60.43 -11.48
C GLY IA 14 2.20 60.85 -12.66
N PHE IA 15 1.63 60.59 -13.84
CA PHE IA 15 2.39 60.48 -15.06
C PHE IA 15 1.70 59.90 -16.28
N LEU IA 16 0.41 59.60 -16.18
CA LEU IA 16 -0.08 58.46 -16.90
C LEU IA 16 -1.09 58.59 -18.01
N PRO IA 17 -1.48 59.79 -18.43
CA PRO IA 17 -2.14 59.74 -19.76
C PRO IA 17 -0.99 59.70 -20.75
N ARG IA 18 -0.53 58.47 -20.93
CA ARG IA 18 0.69 58.16 -21.62
C ARG IA 18 0.34 58.17 -23.06
N LYS IA 19 0.29 59.38 -23.56
CA LYS IA 19 -0.16 59.63 -24.88
C LYS IA 19 0.96 60.31 -25.61
N ARG IA 20 0.85 60.22 -26.91
CA ARG IA 20 1.65 60.97 -27.81
C ARG IA 20 1.44 62.46 -27.48
N SER IA 21 2.51 63.19 -27.22
CA SER IA 21 2.40 64.59 -26.81
C SER IA 21 1.73 65.43 -27.88
N SER IA 22 0.88 66.35 -27.44
CA SER IA 22 0.20 67.27 -28.34
C SER IA 22 1.13 68.36 -28.94
N ARG IA 23 2.22 68.70 -28.22
CA ARG IA 23 3.19 69.72 -28.65
C ARG IA 23 4.54 69.03 -28.93
N HIS IA 24 5.62 69.79 -29.09
CA HIS IA 24 6.94 69.19 -29.45
C HIS IA 24 8.15 70.05 -29.04
N ARG IA 25 8.04 71.38 -29.12
CA ARG IA 25 8.98 72.26 -28.37
C ARG IA 25 8.44 72.12 -26.95
N GLY IA 26 9.25 71.54 -26.06
CA GLY IA 26 8.83 71.33 -24.67
C GLY IA 26 8.26 72.61 -24.08
N LYS IA 27 6.99 72.56 -23.70
CA LYS IA 27 6.34 73.72 -23.13
C LYS IA 27 6.76 73.84 -21.69
N VAL IA 28 7.20 75.02 -21.27
CA VAL IA 28 7.48 75.22 -19.87
C VAL IA 28 6.12 75.48 -19.25
N LYS IA 29 5.88 74.82 -18.13
CA LYS IA 29 4.59 74.85 -17.46
C LYS IA 29 4.56 75.80 -16.27
N SER IA 30 5.70 75.96 -15.59
CA SER IA 30 5.80 76.89 -14.47
C SER IA 30 7.09 77.72 -14.55
N PHE IA 31 6.93 79.04 -14.55
CA PHE IA 31 8.04 80.01 -14.65
C PHE IA 31 8.36 80.42 -13.22
N PRO IA 32 9.65 80.37 -12.82
CA PRO IA 32 10.05 80.59 -11.40
C PRO IA 32 9.49 81.89 -10.79
N LYS IA 33 9.47 81.96 -9.46
CA LYS IA 33 8.77 83.06 -8.76
C LYS IA 33 9.58 84.35 -8.82
N ASP IA 34 9.08 85.33 -9.57
CA ASP IA 34 9.78 86.61 -9.71
C ASP IA 34 9.80 87.47 -8.44
N ASP IA 35 10.93 87.40 -7.75
CA ASP IA 35 11.22 88.25 -6.59
C ASP IA 35 11.59 89.62 -7.16
N SER IA 36 10.79 90.62 -6.83
CA SER IA 36 11.00 91.96 -7.35
C SER IA 36 12.02 92.67 -6.47
N SER IA 37 13.29 92.44 -6.77
CA SER IA 37 14.40 93.12 -6.10
C SER IA 37 15.67 92.96 -6.92
N LYS IA 38 16.02 91.70 -7.19
CA LYS IA 38 17.11 91.36 -8.14
C LYS IA 38 16.80 91.78 -9.58
N PRO IA 39 17.84 92.00 -10.42
CA PRO IA 39 17.68 92.57 -11.77
C PRO IA 39 16.79 91.78 -12.72
N VAL IA 40 16.61 92.32 -13.93
CA VAL IA 40 15.81 91.65 -14.96
C VAL IA 40 16.64 90.58 -15.65
N HIS IA 41 16.04 89.39 -15.79
CA HIS IA 41 16.65 88.31 -16.57
C HIS IA 41 15.56 87.52 -17.25
N LEU IA 42 15.96 86.82 -18.30
CA LEU IA 42 15.16 85.78 -18.88
C LEU IA 42 15.38 84.49 -18.08
N THR IA 43 14.37 83.67 -18.05
CA THR IA 43 14.30 82.51 -17.17
C THR IA 43 14.46 81.20 -17.90
N ALA IA 44 14.42 81.26 -19.22
CA ALA IA 44 14.38 80.08 -20.06
C ALA IA 44 15.06 80.36 -21.37
N PHE IA 45 15.22 79.32 -22.15
CA PHE IA 45 15.86 79.42 -23.45
C PHE IA 45 15.41 78.15 -24.16
N LEU IA 46 16.22 77.58 -25.04
CA LEU IA 46 15.69 76.86 -26.19
C LEU IA 46 16.85 76.50 -27.05
N GLY IA 47 17.56 75.47 -26.63
CA GLY IA 47 18.69 74.94 -27.39
C GLY IA 47 18.16 73.80 -28.21
N TYR IA 48 19.08 72.92 -28.61
CA TYR IA 48 18.70 71.62 -29.13
C TYR IA 48 19.78 70.53 -28.97
N LYS IA 49 19.32 69.29 -28.82
CA LYS IA 49 20.20 68.16 -28.53
C LYS IA 49 21.11 67.74 -29.69
N ALA IA 50 22.41 67.65 -29.42
CA ALA IA 50 23.41 67.18 -30.40
C ALA IA 50 23.83 65.71 -30.34
N GLY IA 51 24.40 65.31 -29.22
CA GLY IA 51 25.04 63.99 -29.10
C GLY IA 51 25.54 63.99 -27.70
N MET IA 52 26.66 63.32 -27.44
CA MET IA 52 27.21 63.27 -26.08
C MET IA 52 28.74 63.00 -25.98
N THR IA 53 29.34 63.04 -24.76
CA THR IA 53 30.82 62.77 -24.56
C THR IA 53 31.43 62.58 -23.09
N HIS IA 54 32.70 62.12 -23.05
CA HIS IA 54 33.54 61.79 -21.84
C HIS IA 54 34.11 63.12 -21.49
N ILE IA 55 33.79 63.56 -20.28
CA ILE IA 55 34.39 64.74 -19.70
C ILE IA 55 35.21 64.20 -18.58
N VAL IA 56 36.36 64.82 -18.31
CA VAL IA 56 37.18 64.40 -17.19
C VAL IA 56 37.36 65.58 -16.27
N ARG IA 57 36.75 65.52 -15.09
CA ARG IA 57 36.89 66.57 -14.10
C ARG IA 57 37.57 66.07 -12.81
N GLU IA 58 38.28 66.99 -12.16
CA GLU IA 58 38.82 66.76 -10.84
C GLU IA 58 37.69 67.07 -9.90
N VAL IA 59 37.59 66.33 -8.82
CA VAL IA 59 36.46 66.42 -7.93
C VAL IA 59 36.82 67.15 -6.64
N ASP IA 60 35.83 67.80 -6.03
CA ASP IA 60 36.02 68.49 -4.74
C ASP IA 60 34.81 68.24 -3.84
N ARG IA 61 34.65 67.01 -3.38
CA ARG IA 61 33.61 66.66 -2.40
C ARG IA 61 34.39 66.07 -1.23
N PRO IA 62 34.90 66.94 -0.32
CA PRO IA 62 35.61 66.47 0.87
C PRO IA 62 34.73 65.54 1.69
N GLY IA 63 35.26 64.37 2.03
CA GLY IA 63 34.49 63.34 2.71
C GLY IA 63 34.36 62.07 1.88
N SER IA 64 34.26 62.23 0.56
CA SER IA 64 34.01 61.11 -0.33
C SER IA 64 35.23 60.34 -0.75
N LYS IA 65 35.00 59.11 -1.19
CA LYS IA 65 36.04 58.23 -1.73
C LYS IA 65 36.73 58.88 -2.92
N VAL IA 66 35.96 59.65 -3.69
CA VAL IA 66 36.49 60.44 -4.77
C VAL IA 66 36.50 61.89 -4.34
N ASN IA 67 37.21 62.21 -3.24
CA ASN IA 67 37.77 63.55 -3.17
C ASN IA 67 39.03 63.49 -4.09
N LYS IA 68 39.23 64.55 -4.88
CA LYS IA 68 40.48 64.84 -5.60
C LYS IA 68 40.95 63.75 -6.55
N LYS IA 69 40.01 63.02 -7.13
CA LYS IA 69 40.32 62.06 -8.18
C LYS IA 69 39.77 62.57 -9.49
N GLU IA 70 40.25 61.97 -10.57
CA GLU IA 70 39.70 62.23 -11.87
C GLU IA 70 38.48 61.34 -11.93
N VAL IA 71 37.42 61.81 -12.58
CA VAL IA 71 36.30 60.95 -12.93
C VAL IA 71 35.89 61.30 -14.33
N VAL IA 72 35.22 60.38 -15.00
CA VAL IA 72 34.57 60.71 -16.26
C VAL IA 72 33.07 60.80 -16.03
N GLU IA 73 32.49 61.90 -16.49
CA GLU IA 73 31.07 62.14 -16.46
C GLU IA 73 30.64 62.15 -17.90
N ALA IA 74 29.57 61.42 -18.23
CA ALA IA 74 28.96 61.51 -19.55
C ALA IA 74 28.23 62.85 -19.61
N VAL IA 75 28.31 63.54 -20.73
CA VAL IA 75 27.61 64.81 -20.91
C VAL IA 75 26.90 64.88 -22.25
N THR IA 76 25.75 65.56 -22.32
CA THR IA 76 25.18 66.02 -23.59
C THR IA 76 25.82 67.34 -24.00
N ILE IA 77 25.55 67.75 -25.23
CA ILE IA 77 25.92 69.09 -25.72
C ILE IA 77 24.72 69.59 -26.48
N VAL IA 78 24.23 70.73 -26.04
CA VAL IA 78 22.98 71.27 -26.48
C VAL IA 78 23.35 72.45 -27.34
N GLU IA 79 23.19 72.34 -28.65
CA GLU IA 79 23.45 73.46 -29.56
C GLU IA 79 22.47 74.61 -29.37
N THR IA 80 22.99 75.76 -28.96
CA THR IA 80 22.17 76.87 -28.43
C THR IA 80 22.61 78.23 -29.01
N PRO IA 81 22.40 78.45 -30.31
CA PRO IA 81 22.76 79.75 -30.85
C PRO IA 81 21.83 80.78 -30.27
N PRO IA 82 22.21 82.06 -30.36
CA PRO IA 82 21.41 83.10 -29.72
C PRO IA 82 19.98 83.20 -30.26
N MET IA 83 19.06 83.59 -29.37
CA MET IA 83 17.66 83.68 -29.69
C MET IA 83 17.33 85.15 -29.89
N ILE IA 84 16.48 85.43 -30.88
CA ILE IA 84 16.03 86.79 -31.15
C ILE IA 84 14.73 87.01 -30.45
N VAL IA 85 14.61 88.17 -29.82
CA VAL IA 85 13.38 88.59 -29.22
C VAL IA 85 12.59 89.33 -30.27
N VAL IA 86 11.37 88.89 -30.53
CA VAL IA 86 10.51 89.60 -31.47
C VAL IA 86 9.45 90.41 -30.76
N GLY IA 87 8.72 89.79 -29.85
CA GLY IA 87 7.52 90.39 -29.27
C GLY IA 87 7.45 90.20 -27.79
N ILE IA 88 6.64 91.03 -27.14
CA ILE IA 88 6.45 90.95 -25.69
C ILE IA 88 4.97 90.70 -25.46
N VAL IA 89 4.65 90.23 -24.26
CA VAL IA 89 3.27 89.83 -23.92
C VAL IA 89 2.97 89.91 -22.42
N GLY IA 90 1.79 90.43 -22.12
CA GLY IA 90 1.45 90.81 -20.77
C GLY IA 90 0.31 89.99 -20.24
N TYR IA 91 0.50 89.46 -19.05
CA TYR IA 91 -0.46 88.60 -18.40
C TYR IA 91 -1.00 89.33 -17.18
N VAL IA 92 -2.32 89.35 -17.01
CA VAL IA 92 -2.92 89.88 -15.78
C VAL IA 92 -3.51 88.75 -14.95
N GLU IA 93 -3.42 88.88 -13.63
CA GLU IA 93 -3.96 87.89 -12.71
C GLU IA 93 -5.45 88.10 -12.59
N THR IA 94 -6.18 86.99 -12.48
CA THR IA 94 -7.61 87.02 -12.33
C THR IA 94 -8.04 85.91 -11.39
N PRO IA 95 -9.27 86.00 -10.87
CA PRO IA 95 -9.81 84.85 -10.17
C PRO IA 95 -9.88 83.62 -11.08
N ARG IA 96 -10.35 83.78 -12.31
CA ARG IA 96 -10.58 82.63 -13.21
C ARG IA 96 -9.27 81.99 -13.69
N GLY IA 97 -8.16 82.72 -13.58
CA GLY IA 97 -6.85 82.15 -13.84
C GLY IA 97 -5.72 83.14 -14.04
N LEU IA 98 -5.34 83.35 -15.31
CA LEU IA 98 -4.21 84.21 -15.69
C LEU IA 98 -4.30 84.64 -17.19
N ARG IA 99 -5.31 85.45 -17.52
CA ARG IA 99 -5.62 85.82 -18.92
C ARG IA 99 -4.47 86.74 -19.45
N THR IA 100 -4.42 86.96 -20.79
CA THR IA 100 -3.34 87.70 -21.48
C THR IA 100 -3.81 88.99 -22.22
N PHE IA 101 -3.23 90.18 -21.92
CA PHE IA 101 -3.76 91.45 -22.49
C PHE IA 101 -3.44 91.60 -23.95
N LYS IA 102 -2.14 91.70 -24.21
CA LYS IA 102 -1.66 92.57 -25.27
C LYS IA 102 -0.31 92.12 -25.78
N THR IA 103 -0.35 91.43 -26.89
CA THR IA 103 0.85 90.95 -27.53
C THR IA 103 1.25 91.98 -28.54
N ILE IA 104 2.50 92.42 -28.48
CA ILE IA 104 3.01 93.42 -29.40
C ILE IA 104 4.33 92.89 -29.94
N PHE IA 105 4.42 92.61 -31.25
CA PHE IA 105 5.72 92.26 -31.82
C PHE IA 105 6.19 93.35 -32.78
N ALA IA 106 7.48 93.27 -33.13
CA ALA IA 106 8.29 94.37 -33.66
C ALA IA 106 7.91 94.88 -35.07
N GLU IA 107 8.61 95.91 -35.55
CA GLU IA 107 8.42 96.49 -36.89
C GLU IA 107 8.59 95.43 -37.96
N HIS IA 108 9.77 95.38 -38.57
CA HIS IA 108 10.48 94.18 -38.87
C HIS IA 108 10.01 92.94 -38.08
N ILE IA 109 10.48 91.78 -38.48
CA ILE IA 109 10.14 90.53 -37.77
C ILE IA 109 11.19 89.43 -37.90
N SER IA 110 11.58 89.13 -39.15
CA SER IA 110 12.49 88.04 -39.53
C SER IA 110 11.86 87.32 -40.73
N ASP IA 111 12.06 86.01 -40.81
CA ASP IA 111 11.68 85.22 -41.98
C ASP IA 111 11.61 83.75 -41.56
N GLU IA 112 12.62 83.29 -40.82
CA GLU IA 112 12.50 82.08 -40.03
C GLU IA 112 11.32 82.11 -39.06
N CYS IA 113 11.04 83.28 -38.50
CA CYS IA 113 9.94 83.43 -37.54
C CYS IA 113 8.61 83.33 -38.24
N LYS IA 114 8.57 83.85 -39.46
CA LYS IA 114 7.40 83.78 -40.29
C LYS IA 114 6.99 82.33 -40.46
N ARG IA 115 7.96 81.51 -40.87
CA ARG IA 115 7.81 80.06 -40.96
C ARG IA 115 6.81 79.50 -39.91
N ARG IA 116 7.02 79.79 -38.61
CA ARG IA 116 6.19 79.21 -37.51
C ARG IA 116 4.78 79.82 -37.47
N PHE IA 117 4.24 80.13 -38.66
CA PHE IA 117 2.84 80.51 -38.83
C PHE IA 117 2.18 79.65 -39.93
N TYR IA 118 2.41 79.91 -41.21
CA TYR IA 118 1.46 79.43 -42.26
C TYR IA 118 2.14 78.12 -42.73
N LYS IA 119 1.55 77.01 -42.27
CA LYS IA 119 1.92 75.61 -42.55
C LYS IA 119 2.72 75.36 -43.83
N ASN IA 120 2.05 75.33 -44.97
CA ASN IA 120 2.73 75.22 -46.26
C ASN IA 120 2.90 76.64 -46.72
N TRP IA 121 4.14 77.01 -47.02
CA TRP IA 121 4.48 78.40 -47.27
C TRP IA 121 4.83 78.69 -48.70
N HIS IA 122 5.50 77.77 -49.38
CA HIS IA 122 5.85 78.07 -50.76
C HIS IA 122 4.57 78.29 -51.58
N LYS IA 123 3.48 77.67 -51.12
CA LYS IA 123 2.14 77.96 -51.63
C LYS IA 123 1.69 79.38 -51.26
N SER IA 124 1.87 79.75 -49.99
CA SER IA 124 1.47 81.08 -49.49
C SER IA 124 2.13 82.26 -50.17
N LYS IA 125 1.59 83.45 -49.89
CA LYS IA 125 2.09 84.72 -50.40
C LYS IA 125 2.90 85.49 -49.37
N LYS IA 126 3.09 84.88 -48.19
CA LYS IA 126 3.97 85.41 -47.12
C LYS IA 126 3.49 86.74 -46.55
N LYS IA 127 2.19 86.79 -46.26
CA LYS IA 127 1.52 88.03 -45.91
C LYS IA 127 1.48 88.27 -44.42
N ALA IA 128 1.87 87.29 -43.62
CA ALA IA 128 1.83 87.47 -42.17
C ALA IA 128 2.60 88.71 -41.80
N PHE IA 129 2.13 89.40 -40.77
CA PHE IA 129 2.89 90.48 -40.15
C PHE IA 129 3.26 91.64 -41.06
N THR IA 130 2.41 91.85 -42.08
CA THR IA 130 2.61 92.87 -43.12
C THR IA 130 1.81 94.14 -42.90
N LYS IA 131 0.70 94.04 -42.18
CA LYS IA 131 -0.02 95.22 -41.71
C LYS IA 131 0.16 95.45 -40.22
N TYR IA 132 0.72 94.49 -39.48
CA TYR IA 132 1.20 94.82 -38.15
C TYR IA 132 2.33 95.83 -38.34
N CYS IA 133 3.38 95.40 -39.03
CA CYS IA 133 4.58 96.22 -39.21
C CYS IA 133 4.28 97.66 -39.58
N LYS IA 134 3.26 97.86 -40.40
CA LYS IA 134 2.91 99.19 -40.86
C LYS IA 134 2.72 100.18 -39.70
N LYS IA 135 2.27 99.68 -38.56
CA LYS IA 135 2.17 100.50 -37.35
C LYS IA 135 3.52 101.02 -36.81
N TRP IA 136 4.64 100.32 -37.04
CA TRP IA 136 5.96 100.76 -36.51
C TRP IA 136 6.51 101.93 -37.37
N GLN IA 137 5.65 102.95 -37.58
CA GLN IA 137 5.92 104.24 -38.30
C GLN IA 137 4.67 105.00 -38.81
N ASP IA 138 3.84 105.53 -37.90
CA ASP IA 138 2.84 106.61 -38.22
C ASP IA 138 2.14 107.27 -36.96
N ALA IA 139 1.03 107.99 -37.16
CA ALA IA 139 0.26 108.61 -36.04
C ALA IA 139 -0.42 107.57 -35.14
N ALA IA 140 -0.92 106.48 -35.73
CA ALA IA 140 -1.33 105.28 -34.98
C ALA IA 140 -0.13 104.35 -34.68
N GLY IA 141 1.05 104.96 -34.54
CA GLY IA 141 2.28 104.30 -34.12
C GLY IA 141 2.75 105.09 -32.91
N ALA IA 142 1.90 105.05 -31.89
CA ALA IA 142 1.77 106.10 -30.87
C ALA IA 142 0.45 105.94 -30.15
N ALA IA 143 -0.57 105.48 -30.89
CA ALA IA 143 -1.78 104.94 -30.28
C ALA IA 143 -1.54 103.50 -29.84
N ALA IA 144 -1.79 102.56 -30.74
CA ALA IA 144 -1.86 101.15 -30.37
C ALA IA 144 -0.49 100.51 -30.03
N LEU IA 145 0.58 101.32 -29.97
CA LEU IA 145 1.82 100.91 -29.30
C LEU IA 145 2.49 102.15 -28.70
N ALA IA 146 2.08 102.45 -27.47
CA ALA IA 146 2.58 103.56 -26.65
C ALA IA 146 1.54 103.77 -25.56
N ALA IA 147 0.29 104.03 -25.97
CA ALA IA 147 -0.88 103.94 -25.08
C ALA IA 147 -1.03 102.49 -24.58
N ASP IA 148 -0.74 101.55 -25.48
CA ASP IA 148 -0.61 100.13 -25.14
C ASP IA 148 0.41 99.75 -24.07
N PHE IA 149 1.68 100.06 -24.27
CA PHE IA 149 2.69 99.78 -23.25
C PHE IA 149 2.36 100.47 -21.93
N SER IA 150 1.86 101.71 -22.01
CA SER IA 150 1.34 102.41 -20.84
C SER IA 150 0.27 101.56 -20.14
N SER IA 151 -0.60 100.94 -20.95
CA SER IA 151 -1.63 100.02 -20.45
C SER IA 151 -1.00 98.78 -19.79
N MET IA 152 -0.06 98.15 -20.49
CA MET IA 152 0.67 96.99 -19.94
C MET IA 152 1.55 97.34 -18.75
N LYS IA 153 1.88 98.61 -18.57
CA LYS IA 153 2.52 99.06 -17.35
C LYS IA 153 1.48 99.12 -16.25
N ALA IA 154 0.33 99.75 -16.54
CA ALA IA 154 -0.67 100.02 -15.51
C ALA IA 154 -1.24 98.76 -14.91
N TYR IA 155 -1.99 98.00 -15.71
CA TYR IA 155 -2.85 96.95 -15.15
C TYR IA 155 -2.13 95.60 -15.04
N CYS IA 156 -1.02 95.44 -15.78
CA CYS IA 156 -0.42 94.13 -15.98
C CYS IA 156 0.53 93.76 -14.85
N GLN IA 157 0.86 92.48 -14.78
CA GLN IA 157 1.65 91.95 -13.66
C GLN IA 157 2.87 91.16 -14.11
N VAL IA 158 2.66 90.22 -15.03
CA VAL IA 158 3.68 89.29 -15.47
C VAL IA 158 3.90 89.43 -16.96
N ILE IA 159 5.16 89.57 -17.34
CA ILE IA 159 5.52 89.89 -18.71
C ILE IA 159 6.52 88.91 -19.26
N ARG IA 160 6.12 88.28 -20.37
CA ARG IA 160 6.99 87.38 -21.10
C ARG IA 160 7.38 88.02 -22.41
N VAL IA 161 8.39 87.42 -23.00
CA VAL IA 161 9.06 87.92 -24.16
C VAL IA 161 9.09 86.83 -25.20
N ILE IA 162 8.36 87.04 -26.27
CA ILE IA 162 8.32 86.06 -27.33
C ILE IA 162 9.63 86.15 -28.09
N ALA IA 163 10.25 85.00 -28.24
CA ALA IA 163 11.55 84.87 -28.87
C ALA IA 163 11.60 83.63 -29.74
N HIS IA 164 12.06 83.84 -30.96
CA HIS IA 164 12.08 82.84 -32.01
C HIS IA 164 13.56 82.39 -32.14
N THR IA 165 13.81 81.12 -32.43
CA THR IA 165 15.20 80.62 -32.63
C THR IA 165 15.74 80.96 -34.00
N GLN IA 166 17.06 80.92 -34.12
CA GLN IA 166 17.70 81.13 -35.41
C GLN IA 166 17.98 79.77 -36.01
N MET IA 167 17.09 79.34 -36.87
CA MET IA 167 17.13 78.00 -37.43
C MET IA 167 18.23 77.87 -38.50
N ARG IA 168 18.26 78.86 -39.38
CA ARG IA 168 19.34 79.14 -40.36
C ARG IA 168 20.77 78.79 -39.99
N LEU IA 169 21.15 79.09 -38.74
CA LEU IA 169 22.51 78.83 -38.27
C LEU IA 169 22.85 77.36 -38.07
N LEU IA 170 21.81 76.54 -37.93
CA LEU IA 170 21.98 75.14 -37.61
C LEU IA 170 22.22 74.31 -38.83
N PRO IA 171 22.72 73.09 -38.61
CA PRO IA 171 22.82 72.13 -39.71
C PRO IA 171 21.51 71.40 -40.02
N LEU IA 172 20.48 71.58 -39.19
CA LEU IA 172 19.18 70.98 -39.45
C LEU IA 172 18.63 71.38 -40.81
N ARG IA 173 17.85 70.46 -41.36
CA ARG IA 173 17.14 70.68 -42.59
C ARG IA 173 15.95 71.65 -42.39
N GLN IA 174 15.40 71.65 -41.18
CA GLN IA 174 14.42 72.63 -40.66
C GLN IA 174 14.79 74.08 -41.01
N LYS IA 175 13.77 74.88 -41.34
CA LYS IA 175 13.93 76.36 -41.47
C LYS IA 175 12.96 77.13 -40.57
N LYS IA 176 12.16 76.40 -39.80
CA LYS IA 176 11.00 76.91 -39.10
C LYS IA 176 11.41 77.22 -37.69
N ALA IA 177 11.48 78.48 -37.30
CA ALA IA 177 11.96 78.81 -35.96
C ALA IA 177 11.05 78.31 -34.83
N HIS IA 178 11.60 78.28 -33.61
CA HIS IA 178 10.87 77.82 -32.43
C HIS IA 178 10.56 79.00 -31.53
N LEU IA 179 9.39 79.60 -31.77
CA LEU IA 179 8.88 80.66 -30.89
C LEU IA 179 8.54 80.17 -29.52
N MET IA 180 8.84 80.99 -28.53
CA MET IA 180 8.33 80.76 -27.20
C MET IA 180 8.34 82.03 -26.37
N GLU IA 181 7.33 82.16 -25.53
CA GLU IA 181 7.33 83.17 -24.50
C GLU IA 181 8.32 82.70 -23.47
N ILE IA 182 9.25 83.57 -23.12
CA ILE IA 182 10.14 83.34 -22.01
C ILE IA 182 9.88 84.42 -20.98
N GLN IA 183 9.50 84.04 -19.77
CA GLN IA 183 9.12 84.99 -18.76
C GLN IA 183 10.29 85.81 -18.35
N VAL IA 184 10.05 87.08 -18.04
CA VAL IA 184 11.07 87.94 -17.47
C VAL IA 184 10.80 87.99 -15.96
N ASN IA 185 11.74 87.48 -15.18
CA ASN IA 185 11.58 87.48 -13.72
C ASN IA 185 12.40 88.59 -13.10
N GLY IA 186 12.07 89.81 -13.47
CA GLY IA 186 12.84 90.97 -13.05
C GLY IA 186 12.34 91.60 -11.77
N GLY IA 187 12.71 92.87 -11.61
CA GLY IA 187 12.26 93.69 -10.49
C GLY IA 187 11.33 94.76 -11.00
N THR IA 188 10.03 94.61 -10.70
CA THR IA 188 8.98 95.61 -10.98
C THR IA 188 8.67 95.77 -12.50
N VAL IA 189 7.37 95.76 -12.81
CA VAL IA 189 6.90 96.04 -14.16
C VAL IA 189 7.22 97.50 -14.44
N ALA IA 190 7.55 97.79 -15.69
CA ALA IA 190 8.07 99.09 -16.16
C ALA IA 190 9.57 98.97 -16.33
N GLU IA 191 10.27 98.61 -15.26
CA GLU IA 191 11.66 98.18 -15.34
C GLU IA 191 11.74 96.85 -16.12
N LYS IA 192 10.73 96.01 -15.92
CA LYS IA 192 10.59 94.72 -16.59
C LYS IA 192 9.92 94.89 -17.94
N LEU IA 193 10.08 96.04 -18.57
CA LEU IA 193 9.32 96.34 -19.77
C LEU IA 193 10.06 97.36 -20.60
N ASP IA 194 10.39 98.51 -20.00
CA ASP IA 194 11.42 99.36 -20.59
C ASP IA 194 12.76 98.63 -20.44
N TRP IA 195 12.98 97.74 -21.40
CA TRP IA 195 14.02 96.74 -21.42
C TRP IA 195 13.65 95.78 -22.54
N ALA IA 196 12.46 95.20 -22.43
CA ALA IA 196 11.91 94.40 -23.51
C ALA IA 196 11.62 95.34 -24.71
N ARG IA 197 11.03 96.52 -24.43
CA ARG IA 197 11.04 97.70 -25.33
C ARG IA 197 12.36 97.79 -26.13
N GLU IA 198 13.46 97.75 -25.40
CA GLU IA 198 14.82 97.91 -25.93
C GLU IA 198 15.41 96.67 -26.63
N ARG IA 199 15.03 95.46 -26.18
CA ARG IA 199 15.52 94.21 -26.79
C ARG IA 199 14.67 93.69 -27.93
N LEU IA 200 13.64 94.42 -28.34
CA LEU IA 200 12.94 94.06 -29.59
C LEU IA 200 13.95 94.02 -30.74
N GLU IA 201 13.82 93.01 -31.59
CA GLU IA 201 14.70 92.82 -32.77
C GLU IA 201 16.11 92.34 -32.50
N GLN IA 202 16.43 92.10 -31.24
CA GLN IA 202 17.80 92.14 -30.80
C GLN IA 202 18.31 90.74 -30.41
N GLN IA 203 19.56 90.43 -30.73
CA GLN IA 203 20.17 89.12 -30.36
C GLN IA 203 20.09 88.90 -28.84
N VAL IA 204 19.91 87.66 -28.40
CA VAL IA 204 20.02 87.28 -26.97
C VAL IA 204 20.75 85.94 -26.86
N PRO IA 205 22.01 85.95 -26.39
CA PRO IA 205 22.77 84.70 -26.26
C PRO IA 205 22.63 83.99 -24.90
N VAL IA 206 23.20 82.78 -24.81
CA VAL IA 206 23.11 81.94 -23.59
C VAL IA 206 23.76 82.47 -22.33
N ASN IA 207 24.80 83.29 -22.51
CA ASN IA 207 25.53 83.88 -21.38
C ASN IA 207 24.82 85.06 -20.72
N GLN IA 208 23.70 85.51 -21.28
CA GLN IA 208 22.82 86.43 -20.57
C GLN IA 208 21.92 85.63 -19.64
N VAL IA 209 21.28 84.61 -20.19
CA VAL IA 209 20.28 83.84 -19.47
C VAL IA 209 20.92 83.03 -18.35
N PHE IA 210 22.03 82.37 -18.70
CA PHE IA 210 22.59 81.30 -17.90
C PHE IA 210 24.01 81.59 -17.44
N GLY IA 211 24.41 80.97 -16.33
CA GLY IA 211 25.80 80.95 -15.86
C GLY IA 211 26.34 79.54 -15.91
N GLN IA 212 27.66 79.39 -16.09
CA GLN IA 212 28.33 78.07 -16.03
C GLN IA 212 28.13 77.64 -14.53
N ASP IA 213 27.84 76.35 -14.32
CA ASP IA 213 27.45 75.73 -13.00
C ASP IA 213 26.21 76.25 -12.29
N GLU IA 214 25.17 76.48 -13.06
CA GLU IA 214 23.84 76.72 -12.54
C GLU IA 214 23.14 75.40 -12.73
N MET IA 215 22.36 74.99 -11.74
CA MET IA 215 21.45 73.86 -11.94
C MET IA 215 20.27 74.36 -12.75
N ILE IA 216 19.89 73.60 -13.77
CA ILE IA 216 18.80 73.99 -14.65
C ILE IA 216 17.90 72.80 -14.81
N ASP IA 217 16.73 73.01 -15.41
CA ASP IA 217 15.79 71.92 -15.65
C ASP IA 217 15.56 71.88 -17.15
N VAL IA 218 15.64 70.69 -17.72
CA VAL IA 218 15.45 70.52 -19.15
C VAL IA 218 14.05 69.98 -19.39
N ILE IA 219 13.41 70.56 -20.38
CA ILE IA 219 12.02 70.34 -20.66
C ILE IA 219 11.94 70.01 -22.14
N GLY IA 220 11.55 68.79 -22.46
CA GLY IA 220 11.51 68.37 -23.86
C GLY IA 220 10.64 67.15 -23.96
N VAL IA 221 10.57 66.57 -25.16
CA VAL IA 221 9.68 65.45 -25.40
C VAL IA 221 10.48 64.19 -25.62
N THR IA 222 10.07 63.12 -24.95
CA THR IA 222 10.67 61.78 -25.05
C THR IA 222 10.85 61.30 -26.47
N LYS IA 223 11.87 60.48 -26.62
CA LYS IA 223 12.19 59.90 -27.88
C LYS IA 223 11.16 58.84 -28.23
N GLY IA 224 10.69 58.87 -29.48
CA GLY IA 224 9.53 58.08 -29.91
C GLY IA 224 9.81 56.62 -30.04
N LYS IA 225 8.84 55.78 -29.65
CA LYS IA 225 9.01 54.30 -29.71
C LYS IA 225 7.82 53.47 -30.23
N GLY IA 226 6.71 54.12 -30.58
CA GLY IA 226 5.60 53.47 -31.26
C GLY IA 226 4.62 52.87 -30.27
N TYR IA 227 3.89 51.88 -30.75
CA TYR IA 227 3.05 51.06 -29.88
C TYR IA 227 3.95 50.04 -29.24
N LYS IA 228 3.73 49.79 -27.96
CA LYS IA 228 4.51 48.79 -27.28
C LYS IA 228 3.59 47.96 -26.44
N GLY IA 229 3.95 46.69 -26.34
CA GLY IA 229 3.25 45.73 -25.49
C GLY IA 229 3.51 46.09 -24.07
N VAL IA 230 2.77 45.45 -23.20
CA VAL IA 230 2.78 45.87 -21.83
C VAL IA 230 4.14 45.72 -21.17
N THR IA 231 4.90 44.74 -21.62
CA THR IA 231 6.15 44.42 -20.99
C THR IA 231 7.23 45.44 -21.36
N SER IA 232 7.09 46.09 -22.51
CA SER IA 232 8.01 47.18 -22.89
C SER IA 232 7.52 48.55 -22.43
N ARG IA 233 6.22 48.77 -22.55
CA ARG IA 233 5.61 49.99 -22.09
C ARG IA 233 5.72 50.08 -20.60
N TRP IA 234 4.86 49.33 -19.92
CA TRP IA 234 4.74 49.44 -18.48
C TRP IA 234 5.73 48.55 -17.76
N HIS IA 235 6.54 47.80 -18.52
CA HIS IA 235 7.80 47.32 -17.98
C HIS IA 235 7.55 46.12 -17.04
N THR IA 236 6.43 45.46 -17.25
CA THR IA 236 5.89 44.41 -16.41
C THR IA 236 6.76 43.15 -16.41
N LYS IA 237 6.31 42.12 -15.71
CA LYS IA 237 6.83 40.77 -15.86
C LYS IA 237 6.48 40.18 -17.21
N LYS IA 238 7.30 39.23 -17.63
CA LYS IA 238 6.91 38.26 -18.64
C LYS IA 238 6.34 37.05 -17.96
N LEU IA 239 5.37 36.44 -18.62
CA LEU IA 239 4.84 35.16 -18.20
C LEU IA 239 5.80 34.08 -18.66
N PRO IA 240 5.69 32.88 -18.12
CA PRO IA 240 6.61 31.81 -18.48
C PRO IA 240 6.56 31.30 -19.93
N ARG IA 241 7.55 30.49 -20.30
CA ARG IA 241 7.71 29.89 -21.65
C ARG IA 241 6.49 29.06 -22.09
N LYS IA 242 5.75 28.52 -21.12
CA LYS IA 242 4.59 27.64 -21.38
C LYS IA 242 3.32 28.25 -22.00
N THR IA 243 3.06 29.53 -21.70
CA THR IA 243 1.70 30.12 -21.77
C THR IA 243 1.04 30.15 -23.15
N HIS IA 244 -0.19 29.65 -23.23
CA HIS IA 244 -0.81 29.33 -24.51
C HIS IA 244 -1.03 30.57 -25.36
N ARG IA 245 -1.47 31.67 -24.77
CA ARG IA 245 -1.70 32.89 -25.56
C ARG IA 245 -0.91 34.07 -25.08
N GLY IA 246 0.36 34.07 -25.47
CA GLY IA 246 1.23 35.21 -25.28
C GLY IA 246 1.78 35.41 -23.88
N LEU IA 247 3.07 35.66 -23.83
CA LEU IA 247 3.81 35.70 -22.59
C LEU IA 247 4.39 37.07 -22.30
N ARG IA 248 4.02 38.07 -23.09
CA ARG IA 248 4.48 39.45 -22.91
C ARG IA 248 3.27 40.29 -22.51
N LYS IA 249 2.65 39.87 -21.41
CA LYS IA 249 1.32 40.32 -21.08
C LYS IA 249 1.20 40.54 -19.59
N VAL IA 250 -0.02 40.83 -19.16
CA VAL IA 250 -0.42 40.79 -17.78
C VAL IA 250 -1.50 39.74 -17.72
N ALA IA 251 -1.39 38.82 -16.76
CA ALA IA 251 -2.35 37.71 -16.65
C ALA IA 251 -3.71 38.25 -16.25
N CYS IA 252 -3.71 38.88 -15.09
CA CYS IA 252 -4.94 39.36 -14.49
C CYS IA 252 -4.98 40.86 -14.56
N ILE IA 253 -5.93 41.35 -15.33
CA ILE IA 253 -6.22 42.75 -15.41
C ILE IA 253 -6.95 43.22 -14.17
N GLY IA 254 -8.06 42.56 -13.83
CA GLY IA 254 -8.89 42.96 -12.72
C GLY IA 254 -9.57 41.77 -12.09
N ALA IA 255 -10.20 42.01 -10.95
CA ALA IA 255 -11.10 41.06 -10.29
C ALA IA 255 -12.42 41.00 -11.02
N TRP IA 256 -13.00 39.80 -11.32
CA TRP IA 256 -14.38 39.77 -11.90
C TRP IA 256 -15.36 40.33 -10.79
N HIS IA 257 -14.95 41.36 -10.02
CA HIS IA 257 -15.97 42.32 -9.54
C HIS IA 257 -15.91 43.84 -9.81
N PRO IA 258 -14.92 44.61 -9.30
CA PRO IA 258 -15.01 45.96 -9.93
C PRO IA 258 -15.04 45.71 -11.43
N ALA IA 259 -16.22 45.81 -12.04
CA ALA IA 259 -16.52 45.14 -13.32
C ALA IA 259 -16.06 45.94 -14.53
N ARG IA 260 -15.03 46.72 -14.33
CA ARG IA 260 -14.43 47.57 -15.30
C ARG IA 260 -13.00 47.19 -15.13
N VAL IA 261 -12.19 47.21 -16.17
CA VAL IA 261 -10.76 47.14 -15.90
C VAL IA 261 -10.50 48.51 -15.32
N ALA IA 262 -9.53 48.61 -14.44
CA ALA IA 262 -9.33 49.89 -13.80
C ALA IA 262 -8.46 50.84 -14.66
N PHE IA 263 -8.54 52.10 -14.27
CA PHE IA 263 -7.55 53.18 -14.42
C PHE IA 263 -6.12 52.77 -14.68
N SER IA 264 -5.67 51.91 -13.77
CA SER IA 264 -4.32 51.78 -13.29
C SER IA 264 -3.77 50.40 -13.48
N VAL IA 265 -4.25 49.73 -14.51
CA VAL IA 265 -3.82 48.40 -14.82
C VAL IA 265 -3.04 48.55 -16.08
N ALA IA 266 -2.06 47.68 -16.22
CA ALA IA 266 -1.11 47.78 -17.27
C ALA IA 266 -1.63 47.43 -18.65
N ARG IA 267 -1.18 48.18 -19.65
CA ARG IA 267 -1.80 48.14 -20.96
C ARG IA 267 -0.87 48.48 -22.08
N ALA IA 268 -1.25 48.03 -23.28
CA ALA IA 268 -0.54 48.36 -24.51
C ALA IA 268 -0.86 49.79 -24.87
N GLY IA 269 0.15 50.48 -25.40
CA GLY IA 269 -0.01 51.88 -25.71
C GLY IA 269 1.21 52.58 -26.25
N GLN IA 270 0.97 53.78 -26.76
CA GLN IA 270 2.01 54.65 -27.23
C GLN IA 270 3.06 54.71 -26.13
N LYS IA 271 4.31 54.46 -26.51
CA LYS IA 271 5.47 54.62 -25.63
C LYS IA 271 6.46 55.54 -26.31
N GLY IA 272 7.07 56.42 -25.55
CA GLY IA 272 7.80 57.52 -26.15
C GLY IA 272 6.87 58.53 -26.79
N TYR IA 273 7.47 59.54 -27.41
CA TYR IA 273 6.82 60.78 -27.85
C TYR IA 273 5.91 61.38 -26.72
N HIS IA 274 6.40 61.38 -25.47
CA HIS IA 274 5.73 61.98 -24.28
C HIS IA 274 6.43 63.25 -23.80
N HIS IA 275 5.67 64.24 -23.33
CA HIS IA 275 6.28 65.47 -22.82
C HIS IA 275 6.81 65.20 -21.42
N ARG IA 276 7.98 65.74 -21.09
CA ARG IA 276 8.67 65.48 -19.82
C ARG IA 276 9.55 66.63 -19.35
N THR IA 277 9.44 66.91 -18.05
CA THR IA 277 10.21 67.95 -17.38
C THR IA 277 11.21 67.27 -16.46
N GLU IA 278 12.45 67.22 -16.94
CA GLU IA 278 13.56 66.65 -16.20
C GLU IA 278 14.19 67.81 -15.43
N ILE IA 279 14.58 67.60 -14.18
CA ILE IA 279 15.06 68.71 -13.34
C ILE IA 279 16.47 68.59 -12.84
N ASN IA 280 17.01 69.73 -12.47
CA ASN IA 280 18.19 69.84 -11.66
C ASN IA 280 19.43 69.12 -12.31
N LYS IA 281 19.65 69.44 -13.60
CA LYS IA 281 20.84 69.06 -14.35
C LYS IA 281 21.85 70.18 -14.23
N LYS IA 282 23.12 69.83 -14.14
CA LYS IA 282 24.18 70.81 -14.04
C LYS IA 282 24.70 71.24 -15.40
N ILE IA 283 25.11 72.49 -15.50
CA ILE IA 283 25.84 72.98 -16.66
C ILE IA 283 27.35 72.82 -16.41
N TYR IA 284 28.03 71.99 -17.21
CA TYR IA 284 29.51 71.85 -17.11
C TYR IA 284 30.27 72.95 -17.84
N LYS IA 285 29.80 73.31 -19.04
CA LYS IA 285 30.45 74.34 -19.86
C LYS IA 285 29.45 75.09 -20.72
N ILE IA 286 29.59 76.40 -20.77
CA ILE IA 286 28.85 77.22 -21.70
C ILE IA 286 29.84 77.55 -22.80
N GLY IA 287 29.47 77.22 -24.02
CA GLY IA 287 30.39 77.29 -25.14
C GLY IA 287 30.49 78.62 -25.85
N GLN IA 288 31.17 78.56 -26.98
CA GLN IA 288 31.36 79.71 -27.82
C GLN IA 288 31.56 79.23 -29.23
N GLY IA 289 30.82 79.80 -30.17
CA GLY IA 289 30.89 79.39 -31.57
C GLY IA 289 32.20 79.73 -32.24
N TYR IA 290 32.55 78.99 -33.28
CA TYR IA 290 33.84 79.23 -33.95
C TYR IA 290 33.60 80.43 -34.85
N LEU IA 291 34.11 81.57 -34.36
CA LEU IA 291 33.93 82.89 -34.97
C LEU IA 291 35.26 83.36 -35.56
N ILE IA 292 35.18 84.44 -36.33
CA ILE IA 292 36.31 84.92 -37.13
C ILE IA 292 36.85 86.23 -36.55
N LYS IA 293 38.18 86.30 -36.43
CA LYS IA 293 38.92 87.59 -36.34
C LYS IA 293 40.10 87.70 -37.33
N ASP IA 294 40.28 86.66 -38.15
CA ASP IA 294 41.47 86.44 -38.96
C ASP IA 294 41.29 85.12 -39.74
N GLY IA 295 41.13 84.03 -39.00
CA GLY IA 295 40.87 82.71 -39.58
C GLY IA 295 40.42 81.67 -38.56
N LYS IA 296 39.14 81.74 -38.18
CA LYS IA 296 38.47 80.78 -37.28
C LYS IA 296 38.98 80.77 -35.85
N LEU IA 297 38.13 80.27 -34.95
CA LEU IA 297 38.55 79.84 -33.63
C LEU IA 297 37.81 78.56 -33.24
N ILE IA 298 38.07 77.51 -34.01
CA ILE IA 298 37.64 76.14 -33.67
C ILE IA 298 38.13 75.77 -32.25
N LYS IA 299 39.36 76.19 -31.93
CA LYS IA 299 39.96 76.01 -30.62
C LYS IA 299 38.97 76.26 -29.48
N ASN IA 300 38.42 77.48 -29.46
CA ASN IA 300 37.53 77.94 -28.38
C ASN IA 300 36.21 77.15 -28.33
N ASN IA 301 36.33 75.90 -27.91
CA ASN IA 301 35.20 75.01 -27.83
C ASN IA 301 35.57 73.94 -26.81
N ALA IA 302 36.39 72.98 -27.21
CA ALA IA 302 36.70 71.82 -26.36
C ALA IA 302 38.09 71.90 -25.75
N SER IA 303 38.77 73.01 -25.96
CA SER IA 303 40.13 73.18 -25.49
C SER IA 303 40.09 73.75 -24.10
N THR IA 304 39.95 72.85 -23.13
CA THR IA 304 40.16 73.20 -21.72
C THR IA 304 41.64 73.54 -21.47
N ASP IA 305 41.88 74.32 -20.41
CA ASP IA 305 43.23 74.85 -20.10
C ASP IA 305 44.25 73.78 -19.66
N TYR IA 306 43.75 72.58 -19.42
CA TYR IA 306 44.50 71.49 -18.82
C TYR IA 306 44.87 70.40 -19.84
N ASP IA 307 45.05 70.83 -21.09
CA ASP IA 307 45.15 69.97 -22.30
C ASP IA 307 45.55 70.84 -23.50
N LEU IA 308 44.88 72.00 -23.66
CA LEU IA 308 45.22 73.06 -24.61
C LEU IA 308 45.62 72.55 -26.00
N SER IA 309 44.75 71.73 -26.58
CA SER IA 309 44.86 71.32 -27.97
C SER IA 309 44.26 72.44 -28.81
N ASP IA 310 43.51 72.12 -29.87
CA ASP IA 310 42.70 73.13 -30.54
C ASP IA 310 41.38 72.51 -31.08
N LYS IA 311 40.76 71.70 -30.22
CA LYS IA 311 39.59 70.93 -30.63
C LYS IA 311 38.32 71.78 -30.66
N SER IA 312 37.40 71.36 -31.53
CA SER IA 312 35.98 71.67 -31.36
C SER IA 312 35.35 70.45 -30.76
N ILE IA 313 34.48 70.64 -29.76
CA ILE IA 313 33.52 69.60 -29.35
C ILE IA 313 33.05 68.70 -30.51
N ASN IA 314 32.98 69.20 -31.75
CA ASN IA 314 32.66 68.33 -32.90
C ASN IA 314 33.67 67.19 -33.00
N PRO IA 315 33.21 65.95 -32.80
CA PRO IA 315 34.13 64.85 -33.00
C PRO IA 315 34.35 64.60 -34.47
N LEU IA 316 35.21 63.65 -34.77
CA LEU IA 316 35.59 63.43 -36.14
C LEU IA 316 34.42 62.81 -36.89
N GLY IA 317 33.91 63.55 -37.87
CA GLY IA 317 32.71 63.14 -38.59
C GLY IA 317 31.41 63.48 -37.87
N GLY IA 318 31.41 64.65 -37.21
CA GLY IA 318 30.21 65.27 -36.67
C GLY IA 318 29.56 64.51 -35.53
N PHE IA 319 28.63 65.17 -34.86
CA PHE IA 319 27.79 64.50 -33.88
C PHE IA 319 26.89 63.65 -34.70
N VAL IA 320 27.26 62.38 -34.75
CA VAL IA 320 26.63 61.41 -35.59
C VAL IA 320 25.17 61.71 -35.61
N HIS IA 321 24.64 61.96 -36.81
CA HIS IA 321 23.22 61.83 -37.00
C HIS IA 321 22.48 63.15 -36.62
N TYR IA 322 23.21 64.28 -36.46
CA TYR IA 322 22.85 65.58 -37.11
C TYR IA 322 23.98 66.32 -37.83
N GLY IA 323 25.14 66.49 -37.21
CA GLY IA 323 26.14 67.38 -37.82
C GLY IA 323 26.99 68.16 -36.84
N GLU IA 324 27.64 69.21 -37.35
CA GLU IA 324 28.62 69.96 -36.58
C GLU IA 324 27.97 71.07 -35.80
N VAL IA 325 28.35 71.19 -34.53
CA VAL IA 325 27.81 72.20 -33.65
C VAL IA 325 28.66 73.45 -33.84
N THR IA 326 28.09 74.44 -34.50
CA THR IA 326 28.85 75.60 -35.01
C THR IA 326 28.67 76.88 -34.22
N ASN IA 327 27.86 76.81 -33.17
CA ASN IA 327 27.68 77.94 -32.29
C ASN IA 327 27.47 77.50 -30.85
N ASP IA 328 27.48 78.49 -29.97
CA ASP IA 328 27.24 78.36 -28.54
C ASP IA 328 26.42 77.13 -28.19
N PHE IA 329 27.04 76.19 -27.48
CA PHE IA 329 26.40 74.95 -27.00
C PHE IA 329 26.23 75.27 -25.49
N VAL IA 330 25.48 74.44 -24.78
CA VAL IA 330 25.70 74.25 -23.34
C VAL IA 330 25.91 72.77 -23.12
N MET IA 331 26.91 72.47 -22.31
CA MET IA 331 27.29 71.11 -21.99
C MET IA 331 26.65 70.77 -20.69
N LEU IA 332 25.89 69.70 -20.69
CA LEU IA 332 25.01 69.40 -19.61
C LEU IA 332 25.46 68.09 -19.05
N LYS IA 333 25.41 67.92 -17.73
CA LYS IA 333 25.74 66.62 -17.12
C LYS IA 333 24.73 65.58 -17.50
N GLY IA 334 25.23 64.40 -17.81
CA GLY IA 334 24.37 63.25 -18.11
C GLY IA 334 23.55 63.39 -19.37
N CYS IA 335 22.50 62.59 -19.42
CA CYS IA 335 21.64 62.52 -20.59
C CYS IA 335 20.40 63.35 -20.37
N VAL IA 336 19.86 63.84 -21.49
CA VAL IA 336 18.64 64.60 -21.49
C VAL IA 336 17.62 63.89 -22.36
N VAL IA 337 16.37 64.09 -21.99
CA VAL IA 337 15.25 63.56 -22.74
C VAL IA 337 15.34 63.92 -24.22
N GLY IA 338 14.85 63.00 -25.05
CA GLY IA 338 14.65 63.26 -26.45
C GLY IA 338 15.77 62.75 -27.34
N THR IA 339 15.44 62.59 -28.62
CA THR IA 339 16.40 62.19 -29.64
C THR IA 339 17.36 63.31 -30.04
N LYS IA 340 18.25 63.05 -31.01
CA LYS IA 340 19.10 64.10 -31.59
C LYS IA 340 18.26 65.11 -32.33
N LYS IA 341 18.85 66.27 -32.53
CA LYS IA 341 18.22 67.34 -33.29
C LYS IA 341 16.95 67.91 -32.65
N ARG IA 342 16.68 67.58 -31.39
CA ARG IA 342 15.39 67.87 -30.79
C ARG IA 342 15.38 69.21 -30.10
N VAL IA 343 14.32 69.97 -30.29
CA VAL IA 343 14.16 71.25 -29.62
C VAL IA 343 14.02 71.01 -28.14
N LEU IA 344 14.84 71.70 -27.37
CA LEU IA 344 15.02 71.39 -25.97
C LEU IA 344 14.93 72.66 -25.16
N THR IA 345 13.90 72.75 -24.36
CA THR IA 345 13.63 73.95 -23.60
C THR IA 345 14.39 73.85 -22.28
N LEU IA 346 15.26 74.84 -22.02
CA LEU IA 346 16.06 74.90 -20.79
C LEU IA 346 15.50 75.97 -19.89
N ARG IA 347 14.94 75.57 -18.76
CA ARG IA 347 14.41 76.49 -17.77
C ARG IA 347 15.43 76.62 -16.65
N LYS IA 348 15.53 77.82 -16.07
CA LYS IA 348 16.22 77.97 -14.79
C LYS IA 348 15.46 77.20 -13.74
N SER IA 349 16.14 76.81 -12.67
CA SER IA 349 15.51 75.97 -11.66
C SER IA 349 14.48 76.76 -10.89
N LEU IA 350 13.41 76.09 -10.47
CA LEU IA 350 12.42 76.70 -9.60
C LEU IA 350 12.90 76.79 -8.17
N LEU IA 351 13.83 75.91 -7.84
CA LEU IA 351 14.17 75.58 -6.49
C LEU IA 351 15.30 76.50 -6.02
N VAL IA 352 15.37 76.76 -4.72
CA VAL IA 352 16.54 77.39 -4.08
C VAL IA 352 17.60 76.32 -3.76
N GLN IA 353 18.61 76.21 -4.63
CA GLN IA 353 19.58 75.12 -4.56
C GLN IA 353 20.76 75.44 -3.64
N THR IA 354 20.85 74.72 -2.52
CA THR IA 354 21.83 74.97 -1.46
C THR IA 354 22.50 73.65 -1.00
N LYS IA 355 22.52 72.63 -1.85
CA LYS IA 355 23.13 71.36 -1.50
C LYS IA 355 24.64 71.44 -1.63
N ARG IA 356 25.30 70.45 -1.06
CA ARG IA 356 26.75 70.28 -1.18
C ARG IA 356 27.11 69.92 -2.64
N ARG IA 357 26.28 69.12 -3.30
CA ARG IA 357 26.59 68.62 -4.64
C ARG IA 357 26.36 69.64 -5.74
N ALA IA 358 25.29 70.42 -5.64
CA ALA IA 358 25.19 71.66 -6.41
C ALA IA 358 26.14 72.68 -5.78
N LEU IA 359 26.33 73.82 -6.44
CA LEU IA 359 27.34 74.82 -6.01
C LEU IA 359 28.80 74.35 -6.16
N GLU IA 360 29.04 73.13 -6.64
CA GLU IA 360 30.37 72.54 -6.72
C GLU IA 360 30.96 73.09 -8.01
N LYS IA 361 31.89 74.04 -7.86
CA LYS IA 361 32.47 74.75 -9.01
C LYS IA 361 33.34 73.77 -9.80
N ILE IA 362 33.42 73.99 -11.11
CA ILE IA 362 33.98 72.99 -12.03
C ILE IA 362 35.18 73.44 -12.89
N ASP IA 363 36.22 72.62 -12.80
CA ASP IA 363 37.35 72.60 -13.71
C ASP IA 363 37.12 71.34 -14.56
N LEU IA 364 37.05 71.50 -15.88
CA LEU IA 364 37.18 70.36 -16.80
C LEU IA 364 38.67 70.17 -17.09
N LYS IA 365 39.07 68.95 -17.42
CA LYS IA 365 40.49 68.62 -17.55
C LYS IA 365 40.88 67.93 -18.85
N PHE IA 366 40.06 67.04 -19.35
CA PHE IA 366 40.17 66.61 -20.74
C PHE IA 366 38.67 66.38 -21.24
N ILE IA 367 38.30 66.85 -22.44
CA ILE IA 367 36.96 66.55 -23.12
C ILE IA 367 37.08 65.69 -24.39
N ASP IA 368 36.49 64.48 -24.46
CA ASP IA 368 36.71 63.60 -25.65
C ASP IA 368 35.87 63.95 -26.85
N THR IA 369 36.56 63.95 -27.99
CA THR IA 369 36.00 64.29 -29.28
C THR IA 369 36.36 63.21 -30.28
N THR IA 370 36.47 61.98 -29.80
CA THR IA 370 36.84 60.86 -30.66
C THR IA 370 35.57 60.44 -31.37
N SER IA 371 35.68 59.95 -32.60
CA SER IA 371 34.49 59.65 -33.41
C SER IA 371 33.48 58.74 -32.72
N LYS IA 372 32.21 59.10 -32.86
CA LYS IA 372 31.13 58.33 -32.29
C LYS IA 372 30.58 57.35 -33.32
N PHE IA 373 31.06 57.44 -34.57
CA PHE IA 373 30.62 56.54 -35.64
C PHE IA 373 31.43 55.26 -35.60
N GLY IA 374 31.21 54.45 -34.58
CA GLY IA 374 32.05 53.29 -34.29
C GLY IA 374 32.87 53.62 -33.08
N HIS IA 375 34.06 53.02 -32.98
CA HIS IA 375 34.94 53.25 -31.85
C HIS IA 375 36.06 54.12 -32.35
N GLY IA 376 35.97 55.40 -32.08
CA GLY IA 376 37.10 56.28 -32.26
C GLY IA 376 38.17 55.85 -31.28
N ARG IA 377 39.43 55.92 -31.72
CA ARG IA 377 40.54 55.59 -30.82
C ARG IA 377 41.38 56.81 -30.46
N PHE IA 378 41.29 57.87 -31.25
CA PHE IA 378 42.39 58.80 -31.38
C PHE IA 378 41.67 60.04 -31.99
N GLN IA 379 41.92 61.21 -31.43
CA GLN IA 379 40.90 62.28 -31.32
C GLN IA 379 40.77 63.31 -32.42
N THR IA 380 41.88 63.87 -32.88
CA THR IA 380 41.85 64.93 -33.89
C THR IA 380 42.62 64.50 -35.14
N VAL IA 381 42.27 65.08 -36.27
CA VAL IA 381 42.74 64.57 -37.57
C VAL IA 381 44.23 64.84 -37.75
N GLU IA 382 44.74 65.91 -37.14
CA GLU IA 382 46.17 66.08 -37.04
C GLU IA 382 46.84 64.92 -36.27
N GLU IA 383 46.22 64.48 -35.17
CA GLU IA 383 46.74 63.35 -34.36
C GLU IA 383 46.77 62.06 -35.17
N LYS IA 384 45.76 61.88 -36.02
CA LYS IA 384 45.72 60.73 -36.93
C LYS IA 384 47.02 60.58 -37.70
N LYS IA 385 47.38 61.64 -38.41
CA LYS IA 385 48.58 61.64 -39.21
C LYS IA 385 49.72 62.03 -38.29
N ALA IA 386 50.13 61.07 -37.50
CA ALA IA 386 51.26 61.22 -36.59
C ALA IA 386 51.68 59.78 -36.30
N PHE IA 387 50.76 59.05 -35.68
CA PHE IA 387 50.45 57.66 -36.04
C PHE IA 387 50.59 57.31 -37.51
N MET IA 388 49.86 56.28 -37.96
CA MET IA 388 49.43 56.12 -39.37
C MET IA 388 50.35 56.74 -40.44
N GLY IA 389 50.50 58.07 -40.38
CA GLY IA 389 51.55 58.77 -41.11
C GLY IA 389 51.08 59.20 -42.48
N PRO IA 390 51.77 58.71 -43.54
CA PRO IA 390 51.28 58.87 -44.91
C PRO IA 390 50.58 57.60 -45.41
N LEU IA 391 49.29 57.73 -45.70
CA LEU IA 391 48.51 56.66 -46.33
C LEU IA 391 48.86 56.61 -47.81
N LYS IA 392 48.24 55.69 -48.55
CA LYS IA 392 48.45 55.55 -49.99
C LYS IA 392 47.92 56.76 -50.72
N LYS IA 393 46.67 57.13 -50.45
CA LYS IA 393 46.03 58.30 -51.10
C LYS IA 393 46.77 59.64 -50.87
N ASP IA 394 47.87 59.81 -51.64
CA ASP IA 394 48.77 60.98 -51.58
C ASP IA 394 49.62 61.07 -52.87
N ALA JA 1 -109.28 22.98 -34.54
CA ALA JA 1 -110.26 22.25 -35.41
C ALA JA 1 -111.24 23.26 -36.05
N CYS JA 2 -110.68 24.18 -36.83
CA CYS JA 2 -111.37 25.42 -37.27
C CYS JA 2 -112.24 25.22 -38.53
N ALA JA 3 -112.97 26.28 -38.90
CA ALA JA 3 -113.80 26.28 -40.12
C ALA JA 3 -112.94 26.33 -41.38
N ARG JA 4 -113.26 25.46 -42.34
CA ARG JA 4 -112.43 25.20 -43.52
C ARG JA 4 -113.17 25.68 -44.78
N PRO JA 5 -112.76 26.85 -45.34
CA PRO JA 5 -113.41 27.47 -46.53
C PRO JA 5 -113.45 26.66 -47.80
N LEU JA 6 -114.06 27.24 -48.82
CA LEU JA 6 -114.32 26.55 -50.08
C LEU JA 6 -113.36 27.15 -51.11
N ILE JA 7 -112.33 26.37 -51.46
CA ILE JA 7 -111.24 26.82 -52.36
C ILE JA 7 -111.53 26.48 -53.82
N SER JA 8 -111.42 27.49 -54.69
CA SER JA 8 -111.85 27.35 -56.10
C SER JA 8 -110.76 26.87 -57.07
N VAL JA 9 -111.08 25.82 -57.81
CA VAL JA 9 -110.17 25.21 -58.76
C VAL JA 9 -110.20 26.05 -60.01
N TYR JA 10 -109.04 26.46 -60.50
CA TYR JA 10 -108.98 27.28 -61.71
C TYR JA 10 -108.74 26.48 -62.96
N SER JA 11 -109.20 27.05 -64.08
CA SER JA 11 -109.01 26.45 -65.38
C SER JA 11 -107.57 26.60 -65.81
N GLU JA 12 -107.21 25.83 -66.81
CA GLU JA 12 -105.90 25.98 -67.46
C GLU JA 12 -105.59 27.39 -67.97
N LYS JA 13 -106.62 28.18 -68.28
CA LYS JA 13 -106.44 29.57 -68.75
C LYS JA 13 -107.02 30.58 -67.74
N GLY JA 14 -106.64 30.40 -66.48
CA GLY JA 14 -107.04 31.29 -65.41
C GLY JA 14 -108.52 31.17 -65.09
N GLU JA 15 -109.20 32.31 -65.06
CA GLU JA 15 -110.64 32.38 -64.84
C GLU JA 15 -111.02 31.57 -63.58
N SER JA 16 -112.21 30.95 -63.56
CA SER JA 16 -112.63 30.15 -62.43
C SER JA 16 -113.63 29.10 -62.88
N SER JA 17 -113.20 27.84 -62.83
CA SER JA 17 -114.10 26.72 -63.01
C SER JA 17 -115.07 26.73 -61.82
N GLY JA 18 -116.34 26.45 -62.07
CA GLY JA 18 -117.35 26.31 -61.00
C GLY JA 18 -116.98 25.27 -59.94
N LYS JA 19 -116.21 24.26 -60.37
CA LYS JA 19 -115.59 23.26 -59.48
C LYS JA 19 -114.90 23.94 -58.30
N ASN JA 20 -115.11 23.40 -57.12
CA ASN JA 20 -114.83 24.11 -55.89
C ASN JA 20 -114.72 23.13 -54.71
N VAL JA 21 -113.54 23.06 -54.10
CA VAL JA 21 -113.07 21.84 -53.40
C VAL JA 21 -113.46 21.66 -51.94
N THR JA 22 -113.24 22.69 -51.13
CA THR JA 22 -113.13 22.60 -49.65
C THR JA 22 -111.65 22.55 -49.33
N LEU JA 23 -111.29 23.23 -48.25
CA LEU JA 23 -109.90 23.33 -47.80
C LEU JA 23 -109.61 22.13 -46.94
N PRO JA 24 -108.59 21.34 -47.29
CA PRO JA 24 -108.33 20.19 -46.46
C PRO JA 24 -107.67 20.62 -45.16
N ALA JA 25 -108.03 19.91 -44.10
CA ALA JA 25 -107.71 20.32 -42.75
C ALA JA 25 -106.25 20.56 -42.53
N VAL JA 26 -105.41 19.86 -43.27
CA VAL JA 26 -104.01 20.12 -43.21
C VAL JA 26 -103.74 21.62 -43.11
N PHE JA 27 -104.36 22.45 -43.96
CA PHE JA 27 -104.00 23.88 -43.99
C PHE JA 27 -104.35 24.65 -42.73
N LYS JA 28 -105.10 24.02 -41.83
CA LYS JA 28 -105.35 24.56 -40.51
C LYS JA 28 -104.45 24.00 -39.42
N ALA JA 29 -103.56 23.08 -39.77
CA ALA JA 29 -102.62 22.56 -38.78
C ALA JA 29 -101.79 23.67 -38.16
N PRO JA 30 -101.16 23.39 -37.02
CA PRO JA 30 -100.26 24.35 -36.41
C PRO JA 30 -98.97 24.63 -37.20
N ILE JA 31 -98.64 25.90 -37.31
CA ILE JA 31 -97.39 26.36 -37.90
C ILE JA 31 -96.41 26.32 -36.75
N ARG JA 32 -95.24 25.73 -36.97
CA ARG JA 32 -94.12 25.78 -36.02
C ARG JA 32 -92.82 25.75 -36.77
N PRO JA 33 -92.36 26.94 -37.17
CA PRO JA 33 -91.05 27.05 -37.82
C PRO JA 33 -90.00 26.31 -37.00
N ASP JA 34 -90.09 26.49 -35.68
CA ASP JA 34 -89.26 25.81 -34.69
C ASP JA 34 -88.95 24.33 -35.00
N ILE JA 35 -89.93 23.64 -35.61
CA ILE JA 35 -89.78 22.23 -35.98
C ILE JA 35 -89.36 22.12 -37.42
N VAL JA 36 -90.07 22.79 -38.30
CA VAL JA 36 -89.73 22.74 -39.71
C VAL JA 36 -88.24 23.01 -39.86
N ASN JA 37 -87.68 23.90 -39.04
CA ASN JA 37 -86.22 24.08 -39.01
C ASN JA 37 -85.52 22.77 -38.69
N PHE JA 38 -85.60 22.36 -37.44
CA PHE JA 38 -84.96 21.16 -36.90
C PHE JA 38 -85.11 20.01 -37.88
N VAL JA 39 -86.34 19.69 -38.22
CA VAL JA 39 -86.57 18.60 -39.10
C VAL JA 39 -86.02 18.89 -40.48
N HIS JA 40 -86.13 20.13 -41.01
CA HIS JA 40 -85.41 20.37 -42.26
C HIS JA 40 -83.92 20.02 -41.88
N THR JA 41 -83.28 20.63 -40.87
CA THR JA 41 -81.78 20.48 -40.75
C THR JA 41 -81.24 19.06 -40.62
N ASN JA 42 -81.80 18.23 -39.74
CA ASN JA 42 -81.25 16.87 -39.53
C ASN JA 42 -81.73 15.94 -40.62
N LEU JA 43 -82.51 16.43 -41.58
CA LEU JA 43 -82.75 15.70 -42.83
C LEU JA 43 -81.88 16.15 -43.98
N ARG JA 44 -81.39 17.38 -43.95
CA ARG JA 44 -80.45 17.75 -44.99
C ARG JA 44 -79.11 17.12 -44.76
N LYS JA 45 -78.89 16.52 -43.61
CA LYS JA 45 -77.62 15.88 -43.38
C LYS JA 45 -77.44 14.56 -44.15
N ASN JA 46 -78.52 13.90 -44.60
CA ASN JA 46 -78.41 12.46 -44.92
C ASN JA 46 -78.14 12.23 -46.42
N ASN JA 47 -78.66 13.10 -47.29
CA ASN JA 47 -78.01 13.37 -48.60
C ASN JA 47 -76.66 13.88 -48.17
N ARG JA 48 -75.58 13.24 -48.56
CA ARG JA 48 -74.25 13.75 -48.23
C ARG JA 48 -73.23 12.62 -48.26
N GLN JA 49 -72.11 12.90 -48.93
CA GLN JA 49 -71.02 11.96 -49.03
C GLN JA 49 -70.02 12.19 -47.93
N PRO JA 50 -69.33 11.13 -47.52
CA PRO JA 50 -68.18 11.29 -46.68
C PRO JA 50 -67.08 12.07 -47.36
N TYR JA 51 -66.48 12.95 -46.59
CA TYR JA 51 -65.22 13.56 -46.94
C TYR JA 51 -64.29 13.21 -45.81
N ALA JA 52 -63.09 12.80 -46.17
CA ALA JA 52 -62.12 12.36 -45.20
C ALA JA 52 -60.74 12.40 -45.80
N VAL JA 53 -59.75 12.27 -44.94
CA VAL JA 53 -58.37 12.41 -45.33
C VAL JA 53 -57.72 11.05 -45.21
N SER JA 54 -56.79 10.78 -46.12
CA SER JA 54 -56.14 9.47 -46.18
C SER JA 54 -55.49 9.12 -44.85
N GLU JA 55 -55.41 7.83 -44.57
CA GLU JA 55 -54.91 7.37 -43.29
C GLU JA 55 -53.39 7.55 -43.18
N LEU JA 56 -52.76 7.68 -44.33
CA LEU JA 56 -51.32 7.78 -44.44
C LEU JA 56 -50.81 9.21 -44.53
N ALA JA 57 -51.72 10.18 -44.63
CA ALA JA 57 -51.36 11.62 -44.64
C ALA JA 57 -50.09 11.96 -43.89
N GLY JA 58 -49.03 12.34 -44.62
CA GLY JA 58 -47.73 12.80 -44.05
C GLY JA 58 -47.06 11.89 -43.03
N HIS JA 59 -47.35 10.60 -43.18
CA HIS JA 59 -47.20 9.64 -42.14
C HIS JA 59 -46.57 8.39 -42.78
N GLN JA 60 -45.64 8.66 -43.70
CA GLN JA 60 -45.01 7.66 -44.58
C GLN JA 60 -43.50 7.95 -44.69
N THR JA 61 -42.91 8.39 -43.57
CA THR JA 61 -41.65 9.16 -43.59
C THR JA 61 -40.43 8.50 -42.94
N SER JA 62 -40.62 7.83 -41.82
CA SER JA 62 -39.51 7.22 -41.08
C SER JA 62 -38.56 8.30 -40.64
N ALA JA 63 -38.99 8.97 -39.57
CA ALA JA 63 -38.27 10.06 -38.95
C ALA JA 63 -38.19 9.70 -37.48
N GLU JA 64 -37.00 9.77 -36.92
CA GLU JA 64 -36.79 9.34 -35.55
C GLU JA 64 -37.13 10.46 -34.59
N SER JA 65 -36.47 11.60 -34.81
CA SER JA 65 -36.35 12.70 -33.87
C SER JA 65 -35.01 12.52 -33.24
N TRP JA 66 -34.05 13.36 -33.63
CA TRP JA 66 -32.86 13.42 -32.83
C TRP JA 66 -33.06 14.45 -31.74
N GLY JA 67 -33.59 13.96 -30.62
CA GLY JA 67 -33.93 14.80 -29.49
C GLY JA 67 -32.71 15.21 -28.69
N THR JA 68 -32.73 16.46 -28.23
CA THR JA 68 -31.85 17.01 -27.18
C THR JA 68 -30.35 16.80 -27.41
N GLY JA 69 -29.58 17.80 -26.99
CA GLY JA 69 -28.13 17.83 -27.20
C GLY JA 69 -27.69 18.33 -28.57
N ARG JA 70 -28.64 18.72 -29.43
CA ARG JA 70 -28.34 19.06 -30.82
C ARG JA 70 -28.93 20.41 -31.27
N ALA JA 71 -29.31 21.27 -30.30
CA ALA JA 71 -30.14 22.49 -30.53
C ALA JA 71 -31.55 22.16 -31.06
N VAL JA 72 -31.75 22.21 -32.39
CA VAL JA 72 -32.92 21.65 -33.10
C VAL JA 72 -34.29 21.88 -32.42
N ALA JA 73 -35.16 20.87 -32.27
CA ALA JA 73 -36.48 21.08 -31.66
C ALA JA 73 -37.24 19.89 -31.07
N ARG JA 74 -36.70 18.66 -31.21
CA ARG JA 74 -37.37 17.43 -30.75
C ARG JA 74 -38.61 17.01 -31.54
N ILE JA 75 -38.72 17.40 -32.80
CA ILE JA 75 -39.82 16.90 -33.62
C ILE JA 75 -39.29 15.60 -34.15
N PRO JA 76 -40.13 14.79 -34.77
CA PRO JA 76 -39.57 13.71 -35.56
C PRO JA 76 -39.07 14.24 -36.89
N ARG JA 77 -37.78 14.05 -37.15
CA ARG JA 77 -37.09 14.72 -38.22
C ARG JA 77 -36.53 13.64 -39.14
N VAL JA 78 -36.57 13.94 -40.42
CA VAL JA 78 -36.46 12.96 -41.49
C VAL JA 78 -35.03 12.49 -41.69
N ARG JA 79 -34.88 11.22 -42.05
CA ARG JA 79 -33.59 10.56 -41.98
C ARG JA 79 -32.67 10.77 -43.20
N GLY JA 80 -31.36 10.82 -42.90
CA GLY JA 80 -30.28 10.81 -43.88
C GLY JA 80 -30.43 11.87 -44.94
N GLY JA 81 -30.04 11.52 -46.16
CA GLY JA 81 -30.37 12.31 -47.34
C GLY JA 81 -29.45 13.47 -47.66
N GLY JA 82 -29.34 13.72 -48.96
CA GLY JA 82 -28.75 14.93 -49.51
C GLY JA 82 -29.79 15.61 -50.38
N THR JA 83 -30.99 15.70 -49.82
CA THR JA 83 -32.12 16.39 -50.42
C THR JA 83 -32.21 17.66 -49.61
N HIS JA 84 -33.35 18.35 -49.62
CA HIS JA 84 -33.59 19.32 -48.54
C HIS JA 84 -34.48 18.65 -47.50
N ARG JA 85 -35.30 17.68 -47.93
CA ARG JA 85 -36.26 17.04 -47.05
C ARG JA 85 -35.51 15.96 -46.28
N SER JA 86 -34.82 16.41 -45.23
CA SER JA 86 -33.97 15.55 -44.44
C SER JA 86 -33.52 16.34 -43.24
N GLY JA 87 -34.16 16.06 -42.11
CA GLY JA 87 -34.13 16.93 -40.94
C GLY JA 87 -35.08 18.07 -41.16
N GLN JA 88 -36.33 17.76 -41.48
CA GLN JA 88 -37.36 18.77 -41.59
C GLN JA 88 -38.32 18.72 -40.42
N GLY JA 89 -38.86 17.55 -40.16
CA GLY JA 89 -40.03 17.45 -39.31
C GLY JA 89 -41.09 16.72 -40.09
N ALA JA 90 -41.70 15.77 -39.42
CA ALA JA 90 -42.77 15.00 -40.01
C ALA JA 90 -43.57 14.50 -38.87
N PHE JA 91 -44.78 14.05 -39.14
CA PHE JA 91 -45.71 13.77 -38.07
C PHE JA 91 -45.56 14.85 -36.95
N GLY JA 92 -45.77 16.11 -37.34
CA GLY JA 92 -46.27 17.16 -36.41
C GLY JA 92 -47.45 17.82 -37.11
N ASN JA 93 -48.55 18.10 -36.42
CA ASN JA 93 -49.58 19.02 -36.98
C ASN JA 93 -48.92 20.31 -37.40
N MET JA 94 -47.98 20.71 -36.57
CA MET JA 94 -47.25 21.90 -36.79
C MET JA 94 -46.44 21.99 -38.07
N CYS JA 95 -46.08 20.85 -38.68
CA CYS JA 95 -45.11 20.87 -39.79
C CYS JA 95 -45.59 20.50 -41.20
N ARG JA 96 -44.92 21.14 -42.17
CA ARG JA 96 -44.93 20.75 -43.57
C ARG JA 96 -44.90 19.25 -43.73
N GLY JA 97 -45.54 18.79 -44.79
CA GLY JA 97 -45.78 17.37 -44.98
C GLY JA 97 -46.76 17.01 -43.90
N GLY JA 98 -46.25 16.39 -42.84
CA GLY JA 98 -47.01 16.09 -41.62
C GLY JA 98 -48.50 15.87 -41.83
N ARG JA 99 -49.30 16.16 -40.81
CA ARG JA 99 -50.75 15.95 -40.91
C ARG JA 99 -51.51 16.61 -39.80
N MET JA 100 -52.81 16.66 -39.97
CA MET JA 100 -53.68 17.53 -39.24
C MET JA 100 -53.99 17.08 -37.81
N PHE JA 101 -54.85 17.84 -37.12
CA PHE JA 101 -55.57 17.26 -36.00
C PHE JA 101 -56.48 16.15 -36.49
N ALA JA 102 -56.36 14.99 -35.86
CA ALA JA 102 -57.40 13.97 -35.89
C ALA JA 102 -57.93 13.88 -37.30
N PRO JA 103 -57.14 13.30 -38.19
CA PRO JA 103 -57.56 13.10 -39.55
C PRO JA 103 -59.05 13.01 -39.65
N THR JA 104 -59.66 13.81 -40.51
CA THR JA 104 -61.10 13.76 -40.65
C THR JA 104 -61.40 12.35 -41.14
N LYS JA 105 -62.07 11.58 -40.30
CA LYS JA 105 -62.35 10.18 -40.58
C LYS JA 105 -63.67 10.01 -41.27
N THR JA 106 -63.82 8.81 -41.81
CA THR JA 106 -64.94 8.42 -42.61
C THR JA 106 -66.14 8.04 -41.76
N TRP JA 107 -65.87 7.43 -40.62
CA TRP JA 107 -66.92 7.02 -39.68
C TRP JA 107 -67.36 8.18 -38.73
N ARG JA 108 -67.23 9.45 -39.17
CA ARG JA 108 -68.03 10.55 -38.58
C ARG JA 108 -69.48 10.21 -38.77
N ARG JA 109 -70.28 10.49 -37.75
CA ARG JA 109 -71.70 10.28 -37.83
C ARG JA 109 -72.32 11.30 -38.81
N TRP JA 110 -72.22 11.03 -40.12
CA TRP JA 110 -72.64 12.04 -41.12
C TRP JA 110 -74.12 12.32 -41.07
N HIS JA 111 -74.92 11.26 -40.93
CA HIS JA 111 -76.35 11.38 -41.16
C HIS JA 111 -77.05 11.27 -39.83
N ARG JA 112 -78.33 11.58 -39.86
CA ARG JA 112 -79.07 11.90 -38.69
C ARG JA 112 -80.46 11.38 -38.80
N ARG JA 113 -81.37 11.93 -38.02
CA ARG JA 113 -82.42 11.15 -37.46
C ARG JA 113 -83.62 11.96 -37.05
N VAL JA 114 -84.79 11.47 -37.39
CA VAL JA 114 -85.98 12.13 -36.95
C VAL JA 114 -87.04 11.10 -36.76
N ASN JA 115 -87.90 11.38 -35.79
CA ASN JA 115 -89.07 10.56 -35.58
C ASN JA 115 -90.07 10.80 -36.69
N THR JA 116 -90.70 9.72 -37.13
CA THR JA 116 -91.71 9.80 -38.16
C THR JA 116 -92.68 10.94 -37.86
N THR JA 117 -93.26 10.92 -36.67
CA THR JA 117 -94.28 11.90 -36.27
C THR JA 117 -93.77 13.34 -36.31
N GLN JA 118 -92.57 13.55 -35.76
CA GLN JA 118 -91.89 14.84 -35.87
C GLN JA 118 -91.90 15.33 -37.30
N LYS JA 119 -91.40 14.48 -38.20
CA LYS JA 119 -91.24 14.83 -39.62
C LYS JA 119 -92.47 14.61 -40.52
N ARG JA 120 -93.60 14.25 -39.91
CA ARG JA 120 -94.90 14.32 -40.58
C ARG JA 120 -95.49 15.67 -40.28
N TYR JA 121 -95.54 16.02 -39.00
CA TYR JA 121 -96.05 17.34 -38.62
C TYR JA 121 -94.98 18.46 -38.77
N ALA JA 122 -93.80 18.14 -39.30
CA ALA JA 122 -93.02 19.18 -40.00
C ALA JA 122 -93.67 19.52 -41.34
N ILE JA 123 -94.14 18.52 -42.06
CA ILE JA 123 -94.82 18.80 -43.32
C ILE JA 123 -96.09 19.57 -43.06
N CYS JA 124 -96.89 19.17 -42.08
CA CYS JA 124 -98.10 19.93 -41.74
C CYS JA 124 -97.81 21.41 -41.69
N SER JA 125 -96.89 21.79 -40.81
CA SER JA 125 -96.52 23.17 -40.58
C SER JA 125 -96.01 23.88 -41.82
N ALA JA 126 -95.35 23.15 -42.71
CA ALA JA 126 -94.92 23.71 -44.01
C ALA JA 126 -96.09 23.92 -44.96
N LEU JA 127 -97.03 22.98 -44.94
CA LEU JA 127 -98.20 23.06 -45.80
C LEU JA 127 -99.17 24.10 -45.31
N ALA JA 128 -99.43 24.12 -44.01
CA ALA JA 128 -100.35 25.11 -43.45
C ALA JA 128 -99.93 26.54 -43.72
N ALA JA 129 -98.63 26.76 -43.79
CA ALA JA 129 -98.07 28.04 -44.15
C ALA JA 129 -97.81 28.21 -45.64
N SER JA 130 -98.15 27.22 -46.44
CA SER JA 130 -98.20 27.38 -47.89
C SER JA 130 -99.51 28.10 -48.28
N ALA JA 131 -100.44 28.20 -47.33
CA ALA JA 131 -101.48 29.23 -47.39
C ALA JA 131 -100.90 30.41 -46.64
N LEU JA 132 -101.71 31.43 -46.35
CA LEU JA 132 -101.30 32.58 -45.52
C LEU JA 132 -100.30 33.46 -46.28
N PRO JA 133 -100.80 34.35 -47.15
CA PRO JA 133 -99.92 35.04 -48.10
C PRO JA 133 -98.81 35.83 -47.41
N ALA JA 134 -99.06 36.25 -46.17
CA ALA JA 134 -98.01 36.80 -45.33
C ALA JA 134 -96.71 36.00 -45.45
N LEU JA 135 -96.75 34.74 -45.03
CA LEU JA 135 -95.56 33.93 -44.87
C LEU JA 135 -94.97 33.61 -46.23
N VAL JA 136 -95.85 33.39 -47.21
CA VAL JA 136 -95.44 32.95 -48.54
C VAL JA 136 -94.81 34.11 -49.26
N MET JA 137 -95.50 35.25 -49.29
CA MET JA 137 -94.89 36.45 -49.82
C MET JA 137 -93.59 36.69 -49.11
N SER JA 138 -93.59 36.72 -47.77
CA SER JA 138 -92.38 37.00 -46.97
C SER JA 138 -91.20 36.02 -47.12
N LYS JA 139 -91.31 35.08 -48.04
CA LYS JA 139 -90.14 34.41 -48.63
C LYS JA 139 -89.67 35.02 -49.96
N GLY JA 140 -90.24 36.15 -50.36
CA GLY JA 140 -89.99 36.73 -51.68
C GLY JA 140 -90.51 35.78 -52.73
N HIS JA 141 -91.79 35.39 -52.55
CA HIS JA 141 -92.46 34.53 -53.51
C HIS JA 141 -93.49 35.25 -54.38
N ARG JA 142 -93.24 36.55 -54.61
CA ARG JA 142 -93.79 37.37 -55.75
C ARG JA 142 -95.23 37.02 -56.21
N ILE JA 143 -96.07 36.81 -55.19
CA ILE JA 143 -97.47 36.48 -55.28
C ILE JA 143 -98.15 37.76 -54.95
N GLU JA 144 -98.63 38.45 -55.97
CA GLU JA 144 -99.40 39.68 -55.78
C GLU JA 144 -100.55 39.75 -56.75
N GLU JA 145 -100.30 39.38 -58.00
CA GLU JA 145 -101.35 39.24 -58.98
C GLU JA 145 -101.92 37.81 -59.05
N VAL JA 146 -101.58 36.95 -58.09
CA VAL JA 146 -102.13 35.59 -58.05
C VAL JA 146 -103.57 35.60 -57.54
N PRO JA 147 -104.46 34.80 -58.15
CA PRO JA 147 -105.87 34.88 -57.78
C PRO JA 147 -106.23 34.40 -56.37
N GLU JA 148 -105.87 33.17 -56.01
CA GLU JA 148 -105.99 32.73 -54.61
C GLU JA 148 -104.85 31.82 -54.22
N LEU JA 149 -104.63 31.67 -52.93
CA LEU JA 149 -103.32 31.25 -52.46
C LEU JA 149 -103.12 29.73 -52.35
N PRO JA 150 -104.02 29.00 -51.65
CA PRO JA 150 -103.91 27.57 -51.89
C PRO JA 150 -104.45 27.42 -53.32
N LEU JA 151 -103.51 27.49 -54.26
CA LEU JA 151 -103.83 27.68 -55.66
C LEU JA 151 -104.07 26.33 -56.29
N VAL JA 152 -105.33 26.05 -56.57
CA VAL JA 152 -105.71 24.79 -57.15
C VAL JA 152 -105.93 24.99 -58.65
N VAL JA 153 -105.62 23.95 -59.42
CA VAL JA 153 -105.68 24.01 -60.89
C VAL JA 153 -106.37 22.74 -61.41
N GLU JA 154 -106.95 22.84 -62.60
CA GLU JA 154 -107.56 21.67 -63.22
C GLU JA 154 -106.55 20.53 -63.35
N ASP JA 155 -107.07 19.33 -63.53
CA ASP JA 155 -106.32 18.08 -63.63
C ASP JA 155 -106.02 17.77 -65.12
N LYS JA 156 -106.34 18.73 -66.01
CA LYS JA 156 -105.79 18.78 -67.37
C LYS JA 156 -104.26 18.91 -67.36
N VAL JA 157 -103.76 19.56 -66.33
CA VAL JA 157 -102.35 19.91 -66.22
C VAL JA 157 -101.43 18.69 -66.14
N GLU JA 158 -101.84 17.63 -65.43
CA GLU JA 158 -101.03 16.39 -65.38
C GLU JA 158 -100.66 15.94 -66.81
N SER JA 159 -101.49 16.30 -67.79
CA SER JA 159 -101.33 15.87 -69.17
C SER JA 159 -100.66 16.83 -70.18
N TYR JA 160 -100.15 18.01 -69.78
CA TYR JA 160 -99.29 18.76 -70.74
C TYR JA 160 -98.00 18.00 -70.90
N LYS JA 161 -97.48 18.03 -72.13
CA LYS JA 161 -96.25 17.35 -72.46
C LYS JA 161 -95.25 18.26 -73.15
N LYS JA 162 -95.49 19.58 -73.13
CA LYS JA 162 -94.61 20.56 -73.78
C LYS JA 162 -94.45 21.81 -72.98
N THR JA 163 -93.21 22.22 -72.78
CA THR JA 163 -92.86 23.32 -71.88
C THR JA 163 -93.57 24.63 -72.24
N LYS JA 164 -93.93 24.78 -73.50
CA LYS JA 164 -94.68 25.94 -73.94
C LYS JA 164 -96.07 26.01 -73.32
N GLU JA 165 -96.72 24.84 -73.17
CA GLU JA 165 -98.04 24.74 -72.51
C GLU JA 165 -97.92 25.19 -71.06
N ALA JA 166 -96.95 24.58 -70.37
CA ALA JA 166 -96.63 24.84 -68.98
C ALA JA 166 -96.45 26.31 -68.73
N VAL JA 167 -95.63 26.92 -69.58
CA VAL JA 167 -95.33 28.32 -69.47
C VAL JA 167 -96.60 29.17 -69.66
N LEU JA 168 -97.47 28.78 -70.58
CA LEU JA 168 -98.73 29.49 -70.78
C LEU JA 168 -99.69 29.39 -69.59
N LEU JA 169 -99.63 28.27 -68.86
CA LEU JA 169 -100.34 28.14 -67.59
C LEU JA 169 -99.82 29.15 -66.56
N LEU JA 170 -98.49 29.20 -66.39
CA LEU JA 170 -97.86 30.07 -65.39
C LEU JA 170 -98.00 31.57 -65.66
N LYS JA 171 -98.35 31.95 -66.88
CA LYS JA 171 -98.81 33.30 -67.13
C LYS JA 171 -100.22 33.48 -66.64
N LYS JA 172 -101.10 32.57 -67.07
CA LYS JA 172 -102.53 32.76 -66.90
C LYS JA 172 -102.95 32.60 -65.44
N LEU JA 173 -102.10 31.97 -64.62
CA LEU JA 173 -102.22 32.00 -63.15
C LEU JA 173 -101.41 33.15 -62.50
N LYS JA 174 -100.96 34.10 -63.33
CA LYS JA 174 -100.11 35.22 -62.91
C LYS JA 174 -98.93 34.84 -62.00
N ALA JA 175 -98.30 33.72 -62.33
CA ALA JA 175 -97.22 33.18 -61.56
C ALA JA 175 -95.91 33.22 -62.31
N TRP JA 176 -95.82 33.97 -63.43
CA TRP JA 176 -94.51 34.16 -64.06
C TRP JA 176 -93.55 34.72 -63.07
N ASN JA 177 -94.00 35.71 -62.32
CA ASN JA 177 -93.08 36.72 -61.89
C ASN JA 177 -92.24 36.19 -60.71
N ASP JA 178 -92.60 35.02 -60.18
CA ASP JA 178 -91.70 34.25 -59.30
C ASP JA 178 -90.61 33.60 -60.15
N ILE JA 179 -90.97 32.98 -61.27
CA ILE JA 179 -89.98 32.32 -62.16
C ILE JA 179 -89.12 33.37 -62.78
N LYS JA 180 -89.76 34.38 -63.32
CA LYS JA 180 -89.13 35.63 -63.70
C LYS JA 180 -88.04 36.06 -62.70
N LYS JA 181 -88.41 36.06 -61.43
CA LYS JA 181 -87.52 36.45 -60.33
C LYS JA 181 -86.38 35.50 -60.19
N VAL JA 182 -86.67 34.20 -60.09
CA VAL JA 182 -85.63 33.16 -60.18
C VAL JA 182 -84.66 33.50 -61.27
N TYR JA 183 -85.26 33.76 -62.42
CA TYR JA 183 -84.61 33.86 -63.71
C TYR JA 183 -83.63 35.07 -63.73
N ALA JA 184 -83.82 36.03 -62.82
CA ALA JA 184 -82.89 37.17 -62.61
C ALA JA 184 -81.84 36.93 -61.56
N SER JA 185 -82.06 35.92 -60.73
CA SER JA 185 -81.20 35.66 -59.58
C SER JA 185 -80.13 34.63 -59.91
N GLN JA 186 -79.74 34.54 -61.18
CA GLN JA 186 -78.81 33.51 -61.61
C GLN JA 186 -77.44 34.16 -61.64
N ARG JA 187 -76.53 33.63 -60.84
CA ARG JA 187 -75.19 34.17 -60.77
C ARG JA 187 -74.20 33.10 -60.38
N MET JA 188 -72.94 33.48 -60.32
CA MET JA 188 -71.88 32.60 -59.86
C MET JA 188 -71.82 32.61 -58.34
N ARG JA 189 -71.78 31.43 -57.76
CA ARG JA 189 -71.65 31.27 -56.32
C ARG JA 189 -70.38 31.97 -55.88
N ALA JA 190 -70.46 32.51 -54.68
CA ALA JA 190 -69.40 33.29 -54.09
C ALA JA 190 -68.07 32.57 -54.14
N GLY JA 191 -68.03 31.38 -53.57
CA GLY JA 191 -66.79 30.83 -53.08
C GLY JA 191 -66.10 29.77 -53.92
N LYS JA 192 -65.58 28.79 -53.18
CA LYS JA 192 -64.74 27.73 -53.71
C LYS JA 192 -65.58 26.66 -54.39
N GLY JA 193 -66.85 26.58 -53.99
CA GLY JA 193 -67.81 25.71 -54.66
C GLY JA 193 -67.86 25.85 -56.16
N LYS JA 194 -67.58 27.05 -56.65
CA LYS JA 194 -67.45 27.29 -58.08
C LYS JA 194 -66.62 26.27 -58.81
N MET JA 195 -65.47 25.93 -58.24
CA MET JA 195 -64.58 24.94 -58.86
C MET JA 195 -64.91 23.53 -58.38
N ARG JA 196 -66.17 23.34 -58.03
CA ARG JA 196 -66.70 22.06 -57.70
C ARG JA 196 -68.20 21.93 -58.08
N ASN JA 197 -68.54 21.88 -59.38
CA ASN JA 197 -69.87 21.30 -59.80
C ASN JA 197 -71.05 22.03 -59.14
N ARG JA 198 -70.78 23.20 -58.57
CA ARG JA 198 -71.71 23.99 -57.78
C ARG JA 198 -71.39 25.48 -58.07
N ARG JA 199 -71.20 25.80 -59.36
CA ARG JA 199 -70.88 27.16 -59.79
C ARG JA 199 -72.10 28.07 -59.72
N ARG JA 200 -73.11 27.82 -60.55
CA ARG JA 200 -74.26 28.71 -60.60
C ARG JA 200 -75.20 28.48 -59.42
N ILE JA 201 -76.04 29.47 -59.16
CA ILE JA 201 -77.14 29.35 -58.21
C ILE JA 201 -78.30 30.25 -58.58
N GLN JA 202 -79.44 30.00 -57.94
CA GLN JA 202 -80.65 30.74 -58.27
C GLN JA 202 -81.66 30.60 -57.15
N ARG JA 203 -82.79 31.31 -57.26
CA ARG JA 203 -83.87 31.16 -56.29
C ARG JA 203 -84.50 29.79 -56.39
N ARG JA 204 -85.50 29.60 -55.55
CA ARG JA 204 -86.51 28.60 -55.77
C ARG JA 204 -87.69 29.25 -56.46
N GLY JA 205 -88.37 28.44 -57.25
CA GLY JA 205 -89.57 28.84 -57.97
C GLY JA 205 -90.71 28.09 -57.34
N PRO JA 206 -91.92 28.28 -57.89
CA PRO JA 206 -93.09 27.66 -57.29
C PRO JA 206 -93.01 26.13 -57.27
N CYS JA 207 -93.45 25.53 -56.17
CA CYS JA 207 -93.60 24.08 -56.10
C CYS JA 207 -94.86 23.74 -56.84
N ILE JA 208 -94.84 22.62 -57.59
CA ILE JA 208 -96.05 22.12 -58.25
C ILE JA 208 -96.28 20.67 -57.93
N ILE JA 209 -97.54 20.35 -57.66
CA ILE JA 209 -97.87 19.08 -57.08
C ILE JA 209 -99.03 18.42 -57.86
N TYR JA 210 -99.04 17.10 -57.86
CA TYR JA 210 -99.78 16.30 -58.82
C TYR JA 210 -99.88 14.87 -58.33
N ASN JA 211 -101.09 14.30 -58.29
CA ASN JA 211 -101.19 12.94 -57.77
C ASN JA 211 -100.54 11.93 -58.74
N GLU JA 212 -100.52 12.23 -60.05
CA GLU JA 212 -99.94 11.32 -61.06
C GLU JA 212 -99.25 12.03 -62.25
N ASP JA 213 -97.97 11.67 -62.46
CA ASP JA 213 -97.23 12.05 -63.67
C ASP JA 213 -97.90 11.35 -64.84
N ASN JA 214 -98.70 12.13 -65.55
CA ASN JA 214 -99.32 11.72 -66.79
C ASN JA 214 -98.71 12.50 -67.96
N GLY JA 215 -97.40 12.80 -67.84
CA GLY JA 215 -96.69 13.68 -68.77
C GLY JA 215 -96.24 15.04 -68.22
N ILE JA 216 -96.75 15.44 -67.06
CA ILE JA 216 -96.52 16.79 -66.53
C ILE JA 216 -95.10 17.12 -66.18
N ILE JA 217 -94.39 16.18 -65.56
CA ILE JA 217 -93.09 16.51 -64.99
C ILE JA 217 -92.11 16.81 -66.11
N LYS JA 218 -92.36 16.22 -67.27
CA LYS JA 218 -91.63 16.57 -68.48
C LYS JA 218 -91.80 18.02 -68.88
N ALA JA 219 -93.04 18.47 -68.85
CA ALA JA 219 -93.38 19.81 -69.27
C ALA JA 219 -92.74 20.84 -68.38
N PHE JA 220 -92.92 20.71 -67.07
CA PHE JA 220 -92.39 21.67 -66.09
C PHE JA 220 -91.06 21.14 -65.61
N ARG JA 221 -90.01 21.42 -66.34
CA ARG JA 221 -88.71 20.82 -66.02
C ARG JA 221 -87.67 21.82 -66.35
N ASN JA 222 -87.60 22.17 -67.63
CA ASN JA 222 -86.69 23.20 -68.05
C ASN JA 222 -86.96 24.57 -67.43
N ILE JA 223 -88.18 24.80 -66.94
CA ILE JA 223 -88.52 26.09 -66.38
C ILE JA 223 -87.76 26.20 -65.03
N PRO JA 224 -86.86 27.20 -64.89
CA PRO JA 224 -86.00 27.24 -63.68
C PRO JA 224 -86.77 27.58 -62.40
N GLY JA 225 -86.42 26.89 -61.31
CA GLY JA 225 -87.08 27.09 -60.02
C GLY JA 225 -88.15 26.08 -59.71
N ILE JA 226 -88.84 25.58 -60.73
CA ILE JA 226 -89.95 24.65 -60.50
C ILE JA 226 -89.41 23.32 -60.06
N THR JA 227 -89.97 22.83 -58.96
CA THR JA 227 -89.81 21.46 -58.54
C THR JA 227 -91.19 20.83 -58.51
N LEU JA 228 -91.23 19.58 -58.94
CA LEU JA 228 -92.42 18.79 -58.86
C LEU JA 228 -92.31 18.00 -57.58
N LEU JA 229 -93.43 17.77 -56.94
CA LEU JA 229 -93.49 16.86 -55.84
C LEU JA 229 -94.76 16.07 -55.98
N ASN JA 230 -94.69 14.76 -55.77
CA ASN JA 230 -95.92 13.98 -55.67
C ASN JA 230 -96.59 14.36 -54.35
N VAL JA 231 -97.88 14.09 -54.26
CA VAL JA 231 -98.59 14.43 -53.04
C VAL JA 231 -98.29 13.30 -52.09
N SER JA 232 -98.45 12.08 -52.60
CA SER JA 232 -98.14 10.88 -51.85
C SER JA 232 -96.72 10.82 -51.30
N LYS JA 233 -95.80 11.67 -51.79
CA LYS JA 233 -94.39 11.64 -51.39
C LYS JA 233 -93.83 13.04 -51.20
N LEU JA 234 -94.46 13.84 -50.35
CA LEU JA 234 -94.00 15.21 -50.08
C LEU JA 234 -92.69 15.20 -49.35
N ASN JA 235 -92.05 16.35 -49.32
CA ASN JA 235 -90.68 16.44 -48.87
C ASN JA 235 -90.41 17.80 -48.23
N ILE JA 236 -89.87 17.78 -47.01
CA ILE JA 236 -89.75 18.99 -46.20
C ILE JA 236 -88.59 19.81 -46.72
N LEU JA 237 -87.56 19.13 -47.21
CA LEU JA 237 -86.46 19.81 -47.86
C LEU JA 237 -87.00 20.75 -48.94
N LYS JA 238 -87.96 20.29 -49.75
CA LYS JA 238 -88.42 21.05 -50.92
C LYS JA 238 -89.61 21.98 -50.69
N LEU JA 239 -90.53 21.62 -49.79
CA LEU JA 239 -91.61 22.55 -49.43
C LEU JA 239 -91.13 23.73 -48.62
N ALA JA 240 -90.21 23.45 -47.71
CA ALA JA 240 -89.70 24.45 -46.78
C ALA JA 240 -88.16 24.54 -46.91
N PRO JA 241 -87.68 25.07 -48.06
CA PRO JA 241 -86.24 25.09 -48.26
C PRO JA 241 -85.55 26.07 -47.33
N GLY JA 242 -84.38 25.63 -46.89
CA GLY JA 242 -83.57 26.38 -45.95
C GLY JA 242 -84.00 26.23 -44.50
N GLY JA 243 -85.01 25.41 -44.23
CA GLY JA 243 -85.65 25.41 -42.92
C GLY JA 243 -86.44 26.66 -42.61
N HIS JA 244 -86.82 27.38 -43.66
CA HIS JA 244 -87.74 28.46 -43.54
C HIS JA 244 -89.07 27.92 -43.96
N VAL JA 245 -90.13 28.57 -43.52
CA VAL JA 245 -91.46 28.10 -43.80
C VAL JA 245 -92.01 28.79 -45.04
N GLY JA 246 -92.93 28.12 -45.72
CA GLY JA 246 -93.86 28.81 -46.61
C GLY JA 246 -93.39 29.07 -48.01
N ARG JA 247 -93.50 28.04 -48.85
CA ARG JA 247 -93.27 28.19 -50.29
C ARG JA 247 -94.59 28.22 -51.05
N PHE JA 248 -94.57 28.91 -52.18
CA PHE JA 248 -95.70 28.98 -53.10
C PHE JA 248 -95.93 27.63 -53.78
N CYS JA 249 -97.13 27.10 -53.63
CA CYS JA 249 -97.46 25.79 -54.11
C CYS JA 249 -98.70 25.82 -55.00
N ILE JA 250 -98.73 24.87 -55.93
CA ILE JA 250 -99.80 24.78 -56.92
C ILE JA 250 -100.42 23.38 -56.84
N TRP JA 251 -101.46 23.21 -56.03
CA TRP JA 251 -102.16 21.92 -55.95
C TRP JA 251 -102.93 21.83 -57.28
N THR JA 252 -102.97 20.63 -57.84
CA THR JA 252 -103.88 20.31 -58.92
C THR JA 252 -105.01 19.55 -58.28
N GLU JA 253 -106.26 19.83 -58.68
CA GLU JA 253 -107.43 19.34 -57.96
C GLU JA 253 -107.28 17.89 -57.52
N SER JA 254 -106.81 17.04 -58.43
CA SER JA 254 -106.60 15.64 -58.14
C SER JA 254 -105.80 15.46 -56.83
N ALA JA 255 -104.67 16.15 -56.77
CA ALA JA 255 -103.82 16.21 -55.58
C ALA JA 255 -104.47 16.85 -54.36
N PHE JA 256 -105.09 18.00 -54.57
CA PHE JA 256 -105.68 18.79 -53.50
C PHE JA 256 -106.75 18.01 -52.71
N ARG JA 257 -107.58 17.22 -53.39
CA ARG JA 257 -108.50 16.28 -52.71
C ARG JA 257 -107.74 15.32 -51.83
N LYS JA 258 -106.69 14.74 -52.42
CA LYS JA 258 -105.95 13.66 -51.76
C LYS JA 258 -105.25 14.10 -50.47
N LEU JA 259 -105.13 15.41 -50.21
CA LEU JA 259 -104.48 15.88 -48.98
C LEU JA 259 -105.15 15.45 -47.66
N ASP JA 260 -106.47 15.52 -47.57
CA ASP JA 260 -107.16 15.04 -46.35
C ASP JA 260 -107.05 13.51 -46.20
N GLU JA 261 -107.17 12.77 -47.31
CA GLU JA 261 -106.98 11.32 -47.26
C GLU JA 261 -105.53 10.93 -47.07
N LEU JA 262 -104.61 11.79 -47.46
CA LEU JA 262 -103.18 11.48 -47.31
C LEU JA 262 -102.83 11.42 -45.88
N TYR JA 263 -102.96 12.55 -45.22
CA TYR JA 263 -102.50 12.64 -43.87
C TYR JA 263 -103.48 13.53 -43.11
N GLY JA 264 -104.73 13.06 -43.21
CA GLY JA 264 -105.79 13.29 -42.26
C GLY JA 264 -106.54 14.59 -42.42
N THR JA 265 -107.84 14.52 -42.13
CA THR JA 265 -108.48 15.60 -41.40
C THR JA 265 -108.13 15.28 -39.95
N TRP JA 266 -109.03 15.59 -39.04
CA TRP JA 266 -108.67 15.72 -37.65
C TRP JA 266 -109.57 14.83 -36.82
N ARG JA 267 -110.91 14.95 -37.00
CA ARG JA 267 -111.84 13.99 -36.40
C ARG JA 267 -112.08 12.85 -37.38
N LYS JA 268 -110.99 12.30 -37.89
CA LYS JA 268 -111.00 11.22 -38.89
C LYS JA 268 -109.55 10.83 -39.13
N ALA JA 269 -109.30 9.53 -39.27
CA ALA JA 269 -107.96 9.03 -39.52
C ALA JA 269 -107.37 9.54 -40.83
N ALA JA 270 -106.09 9.27 -41.02
CA ALA JA 270 -105.44 9.51 -42.28
C ALA JA 270 -106.05 8.64 -43.42
N THR JA 271 -106.23 7.35 -43.15
CA THR JA 271 -106.66 6.33 -44.16
C THR JA 271 -105.77 6.29 -45.39
N LEU JA 272 -104.47 6.19 -45.11
CA LEU JA 272 -103.41 6.13 -46.12
C LEU JA 272 -102.02 6.08 -45.45
N LYS JA 273 -101.92 6.67 -44.27
CA LYS JA 273 -100.93 6.29 -43.26
C LYS JA 273 -101.62 5.41 -42.23
N SER JA 274 -100.83 4.57 -41.58
CA SER JA 274 -101.35 3.48 -40.75
C SER JA 274 -102.18 4.02 -39.59
N ASN JA 275 -101.48 4.56 -38.61
CA ASN JA 275 -102.12 5.34 -37.60
C ASN JA 275 -101.39 6.69 -37.70
N TYR JA 276 -102.10 7.73 -38.15
CA TYR JA 276 -101.60 9.10 -38.00
C TYR JA 276 -102.76 10.10 -38.00
N ASN JA 277 -102.84 10.96 -36.98
CA ASN JA 277 -103.74 12.14 -37.01
C ASN JA 277 -103.08 13.44 -36.73
N LEU JA 278 -103.65 14.49 -37.29
CA LEU JA 278 -103.02 15.80 -37.26
C LEU JA 278 -102.65 16.19 -35.85
N PRO JA 279 -101.62 17.02 -35.71
CA PRO JA 279 -101.28 17.52 -34.38
C PRO JA 279 -102.39 18.40 -33.85
N MET JA 280 -102.61 18.33 -32.55
CA MET JA 280 -103.57 19.19 -31.93
C MET JA 280 -102.85 20.52 -31.77
N HIS JA 281 -103.58 21.63 -31.58
CA HIS JA 281 -102.93 22.89 -31.24
C HIS JA 281 -102.78 23.01 -29.73
N LYS JA 282 -101.80 23.82 -29.36
CA LYS JA 282 -101.61 24.22 -27.97
C LYS JA 282 -102.61 25.33 -27.63
N MET JA 283 -103.05 26.10 -28.62
CA MET JA 283 -104.10 27.10 -28.45
C MET JA 283 -104.89 27.38 -29.73
N LEU JA 284 -106.16 27.70 -29.57
CA LEU JA 284 -107.08 27.84 -30.71
C LEU JA 284 -107.16 29.27 -31.24
N ASN JA 285 -107.52 30.21 -30.37
CA ASN JA 285 -107.55 31.62 -30.76
C ASN JA 285 -106.12 32.11 -30.81
N THR JA 286 -105.51 32.05 -31.99
CA THR JA 286 -104.10 32.40 -32.14
C THR JA 286 -103.89 33.89 -32.03
N ASP JA 287 -104.75 34.70 -32.66
CA ASP JA 287 -104.74 36.14 -32.39
C ASP JA 287 -105.14 36.22 -30.90
N LEU JA 288 -104.32 36.94 -30.13
CA LEU JA 288 -104.67 37.42 -28.79
C LEU JA 288 -105.24 38.87 -28.68
N SER JA 289 -105.12 39.68 -29.73
CA SER JA 289 -105.54 41.10 -29.65
C SER JA 289 -107.06 41.23 -29.44
N ARG JA 290 -107.81 40.40 -30.15
CA ARG JA 290 -109.21 40.11 -29.84
C ARG JA 290 -109.39 39.69 -28.37
N ILE JA 291 -108.62 38.68 -27.93
CA ILE JA 291 -108.68 38.20 -26.55
C ILE JA 291 -108.53 39.36 -25.57
N LEU JA 292 -107.45 40.11 -25.72
CA LEU JA 292 -107.10 41.19 -24.80
C LEU JA 292 -108.07 42.35 -24.76
N LYS JA 293 -108.95 42.48 -25.75
CA LYS JA 293 -110.08 43.40 -25.62
C LYS JA 293 -111.40 42.70 -25.84
N SER JA 294 -111.56 41.56 -25.16
CA SER JA 294 -112.88 41.05 -24.86
C SER JA 294 -113.33 41.78 -23.60
N PRO JA 295 -114.63 41.98 -23.44
CA PRO JA 295 -115.14 42.53 -22.17
C PRO JA 295 -114.92 41.60 -20.95
N GLU JA 296 -114.90 40.28 -21.16
CA GLU JA 296 -114.60 39.32 -20.10
C GLU JA 296 -113.32 39.73 -19.41
N ILE JA 297 -112.26 39.88 -20.21
CA ILE JA 297 -110.93 40.24 -19.70
C ILE JA 297 -110.91 41.65 -19.13
N GLN JA 298 -111.16 42.64 -19.98
CA GLN JA 298 -111.06 44.05 -19.61
C GLN JA 298 -111.76 44.45 -18.33
N ARG JA 299 -112.94 43.90 -18.11
CA ARG JA 299 -113.68 44.08 -16.85
C ARG JA 299 -112.83 43.72 -15.62
N ALA JA 300 -112.12 42.60 -15.69
CA ALA JA 300 -111.40 42.02 -14.54
C ALA JA 300 -109.92 42.38 -14.46
N LEU JA 301 -109.60 43.65 -14.75
CA LEU JA 301 -108.23 44.12 -14.80
C LEU JA 301 -108.05 45.35 -13.97
N ARG JA 302 -106.95 45.41 -13.23
CA ARG JA 302 -106.63 46.60 -12.47
C ARG JA 302 -106.40 47.72 -13.49
N ALA JA 303 -106.75 48.94 -13.10
CA ALA JA 303 -106.54 50.11 -13.95
C ALA JA 303 -105.04 50.40 -14.01
N PRO JA 304 -104.54 50.93 -15.14
CA PRO JA 304 -103.10 51.16 -15.39
C PRO JA 304 -102.30 51.95 -14.40
N ARG JA 305 -101.04 52.14 -14.73
CA ARG JA 305 -100.18 53.02 -13.97
C ARG JA 305 -99.20 53.52 -14.99
N LYS JA 306 -99.44 54.73 -15.48
CA LYS JA 306 -98.57 55.27 -16.51
C LYS JA 306 -98.44 56.76 -16.44
N LYS JA 307 -98.28 57.26 -15.24
CA LYS JA 307 -97.80 58.60 -15.09
C LYS JA 307 -96.38 58.66 -15.63
N ILE JA 308 -95.64 57.56 -15.48
CA ILE JA 308 -94.18 57.58 -15.44
C ILE JA 308 -93.81 58.57 -14.32
N HIS JA 309 -92.53 58.77 -14.10
CA HIS JA 309 -92.11 59.15 -12.79
C HIS JA 309 -90.59 59.48 -12.75
N ARG JA 310 -90.17 60.38 -13.66
CA ARG JA 310 -88.86 61.08 -13.66
C ARG JA 310 -88.46 61.18 -12.17
N ARG JA 311 -87.27 60.75 -11.76
CA ARG JA 311 -86.91 60.88 -10.33
C ARG JA 311 -86.71 62.31 -9.89
N VAL JA 312 -86.90 62.51 -8.59
CA VAL JA 312 -86.93 63.83 -7.99
C VAL JA 312 -85.53 64.20 -7.53
N LEU JA 313 -85.00 65.30 -8.07
CA LEU JA 313 -83.80 65.88 -7.51
C LEU JA 313 -84.16 66.34 -6.15
N LYS JA 314 -83.33 65.98 -5.20
CA LYS JA 314 -83.46 66.48 -3.86
C LYS JA 314 -82.78 67.83 -3.77
N LYS JA 315 -83.50 68.76 -3.16
CA LYS JA 315 -82.95 70.01 -2.70
C LYS JA 315 -83.02 69.81 -1.19
N ASN JA 316 -81.95 70.09 -0.44
CA ASN JA 316 -82.06 70.00 1.04
C ASN JA 316 -83.06 71.05 1.46
N PRO JA 317 -83.64 70.91 2.65
CA PRO JA 317 -84.33 71.98 3.32
C PRO JA 317 -83.35 73.11 3.61
N LEU JA 318 -83.17 73.55 4.86
CA LEU JA 318 -81.92 74.23 5.28
C LEU JA 318 -81.29 75.30 4.37
N LYS JA 319 -82.03 75.78 3.37
CA LYS JA 319 -81.50 76.52 2.18
C LYS JA 319 -82.71 76.85 1.31
N ASN JA 320 -83.47 75.80 1.01
CA ASN JA 320 -84.62 75.88 0.17
C ASN JA 320 -85.94 75.83 1.00
N LEU JA 321 -86.16 76.95 1.69
CA LEU JA 321 -87.42 77.34 2.39
C LEU JA 321 -88.72 76.66 2.02
N ARG JA 322 -89.09 76.64 0.76
CA ARG JA 322 -90.35 76.05 0.33
C ARG JA 322 -90.31 74.55 0.36
N ILE JA 323 -89.13 73.99 0.11
CA ILE JA 323 -88.91 72.56 0.30
C ILE JA 323 -89.00 72.24 1.78
N MET JA 324 -88.52 73.17 2.60
CA MET JA 324 -88.73 73.07 4.03
C MET JA 324 -90.19 73.05 4.37
N LEU JA 325 -90.91 74.06 3.91
CA LEU JA 325 -92.31 74.15 4.23
C LEU JA 325 -93.09 72.93 3.77
N LYS JA 326 -92.77 72.49 2.57
CA LYS JA 326 -93.38 71.30 2.02
C LYS JA 326 -93.30 70.11 2.98
N LEU JA 327 -92.22 70.01 3.76
CA LEU JA 327 -92.07 68.93 4.74
C LEU JA 327 -92.66 69.29 6.10
N ASN JA 328 -92.22 70.42 6.62
CA ASN JA 328 -92.66 70.91 7.92
C ASN JA 328 -93.08 72.37 7.74
N PRO JA 329 -94.41 72.62 7.62
CA PRO JA 329 -94.88 73.97 7.41
C PRO JA 329 -94.56 74.90 8.57
N TYR JA 330 -94.38 74.33 9.75
CA TYR JA 330 -94.16 75.12 10.96
C TYR JA 330 -92.92 76.01 10.90
N ALA JA 331 -91.96 75.68 10.04
CA ALA JA 331 -90.80 76.56 9.85
C ALA JA 331 -91.17 78.01 9.57
N LYS JA 332 -92.21 78.23 8.74
CA LYS JA 332 -92.64 79.58 8.45
C LYS JA 332 -92.77 80.34 9.75
N THR JA 333 -93.55 79.81 10.67
CA THR JA 333 -93.81 80.53 11.92
C THR JA 333 -92.60 80.65 12.82
N MET JA 334 -91.74 79.65 12.75
CA MET JA 334 -90.47 79.70 13.46
C MET JA 334 -89.48 80.72 12.93
N ARG JA 335 -89.53 80.98 11.63
CA ARG JA 335 -88.67 81.97 11.01
C ARG JA 335 -89.27 83.35 11.07
N ARG JA 336 -90.59 83.48 11.27
CA ARG JA 336 -91.20 84.78 11.49
C ARG JA 336 -90.83 85.16 12.89
N ASN JA 337 -91.14 84.26 13.80
CA ASN JA 337 -90.46 84.26 15.06
C ASN JA 337 -88.98 84.11 14.75
N THR JA 338 -88.11 84.47 15.69
CA THR JA 338 -86.64 84.45 15.46
C THR JA 338 -86.13 85.37 14.34
N ILE JA 339 -87.01 86.07 13.64
CA ILE JA 339 -86.63 87.28 12.93
C ILE JA 339 -87.19 88.43 13.72
N LEU JA 340 -88.45 88.33 14.13
CA LEU JA 340 -89.05 89.38 14.93
C LEU JA 340 -88.32 89.47 16.25
N ARG JA 341 -88.27 88.32 16.92
CA ARG JA 341 -87.46 88.08 18.13
C ARG JA 341 -86.16 88.88 18.20
N GLN JA 342 -85.46 88.97 17.08
CA GLN JA 342 -84.17 89.64 17.01
C GLN JA 342 -84.35 91.14 16.85
N ALA JA 343 -85.19 91.51 15.89
CA ALA JA 343 -85.53 92.91 15.65
C ALA JA 343 -85.97 93.62 16.94
N ARG JA 344 -86.56 92.89 17.88
CA ARG JA 344 -86.70 93.40 19.25
C ARG JA 344 -85.35 93.68 19.87
N ASN JA 345 -84.57 92.61 20.09
CA ASN JA 345 -83.41 92.69 20.96
C ASN JA 345 -82.25 93.46 20.32
N HIS JA 346 -82.28 93.63 19.00
CA HIS JA 346 -81.37 94.57 18.38
C HIS JA 346 -81.74 95.99 18.77
N LYS JA 347 -83.04 96.31 18.74
CA LYS JA 347 -83.52 97.62 19.18
C LYS JA 347 -83.29 97.85 20.67
N ILE JA 348 -83.46 96.80 21.48
CA ILE JA 348 -83.20 96.89 22.92
C ILE JA 348 -81.69 96.96 23.27
N ARG JA 349 -80.80 96.60 22.34
CA ARG JA 349 -79.39 97.00 22.44
C ARG JA 349 -79.22 98.52 22.23
N MET JA 350 -79.80 99.04 21.17
CA MET JA 350 -79.68 100.48 20.82
C MET JA 350 -80.36 101.40 21.83
N ASP JA 351 -81.30 100.84 22.57
CA ASP JA 351 -81.86 101.49 23.74
C ASP JA 351 -80.78 101.73 24.82
N LYS JA 352 -80.00 100.70 25.13
CA LYS JA 352 -78.88 100.81 26.09
C LYS JA 352 -77.67 101.55 25.54
N ALA JA 353 -77.42 101.42 24.25
CA ALA JA 353 -76.30 102.11 23.59
C ALA JA 353 -76.52 103.63 23.54
N ALA JA 354 -77.77 104.05 23.32
CA ALA JA 354 -78.15 105.46 23.47
C ALA JA 354 -78.17 105.90 24.94
N ALA JA 355 -78.64 105.01 25.84
CA ALA JA 355 -78.62 105.26 27.29
C ALA JA 355 -77.23 105.24 27.94
N ALA JA 356 -76.25 104.62 27.27
CA ALA JA 356 -74.84 104.63 27.71
C ALA JA 356 -74.12 105.90 27.26
N ALA JA 357 -74.44 106.38 26.06
CA ALA JA 357 -74.01 107.72 25.59
C ALA JA 357 -74.68 108.84 26.40
N ALA JA 358 -75.97 108.67 26.72
CA ALA JA 358 -76.70 109.60 27.61
C ALA JA 358 -76.33 109.44 29.10
N ALA JA 359 -75.77 108.29 29.48
CA ALA JA 359 -75.13 108.10 30.80
C ALA JA 359 -73.72 108.71 30.83
N LEU JA 360 -72.99 108.62 29.71
CA LEU JA 360 -71.66 109.24 29.58
C LEU JA 360 -71.71 110.78 29.44
N LYS JA 361 -72.74 111.32 28.78
CA LYS JA 361 -72.98 112.78 28.75
C LYS JA 361 -73.50 113.32 30.10
N ALA JA 362 -74.33 112.52 30.78
CA ALA JA 362 -74.76 112.82 32.16
C ALA JA 362 -73.62 112.70 33.20
N LYS JA 363 -72.66 111.81 32.95
CA LYS JA 363 -71.47 111.64 33.81
C LYS JA 363 -70.30 112.59 33.44
N SER JA 364 -70.15 112.94 32.16
CA SER JA 364 -69.18 113.95 31.72
C SER JA 364 -69.65 115.37 32.07
N GLY JA 365 -70.96 115.60 31.93
CA GLY JA 365 -71.59 116.85 32.37
C GLY JA 365 -71.50 117.16 33.87
N GLU JA 366 -71.30 116.12 34.68
CA GLU JA 366 -70.96 116.26 36.11
C GLU JA 366 -69.61 116.99 36.29
N LYS JA 367 -68.64 116.66 35.43
CA LYS JA 367 -67.34 117.35 35.40
C LYS JA 367 -67.41 118.59 34.49
N PRO KA 1 -110.18 98.66 -8.13
CA PRO KA 1 -109.69 98.78 -6.76
C PRO KA 1 -108.55 97.79 -6.48
N HIS KA 2 -107.53 98.22 -5.74
CA HIS KA 2 -106.41 97.33 -5.35
C HIS KA 2 -105.51 97.92 -4.26
N CYS KA 3 -105.42 97.23 -3.11
CA CYS KA 3 -104.58 97.66 -1.97
C CYS KA 3 -103.09 97.33 -2.26
N SER KA 4 -102.31 96.88 -1.27
CA SER KA 4 -100.91 96.43 -1.50
C SER KA 4 -100.39 95.34 -0.50
N ARG KA 5 -100.50 95.64 0.80
CA ARG KA 5 -100.61 94.69 1.97
C ARG KA 5 -99.64 93.56 2.30
N ASN KA 6 -99.64 93.23 3.60
CA ASN KA 6 -98.51 92.63 4.36
C ASN KA 6 -97.10 92.94 3.82
N PRO KA 7 -96.26 93.58 4.64
CA PRO KA 7 -94.94 93.95 4.18
C PRO KA 7 -93.99 92.77 4.10
N VAL KA 8 -92.98 92.87 3.23
CA VAL KA 8 -92.03 91.78 3.03
C VAL KA 8 -91.04 91.84 4.17
N LEU KA 9 -91.00 90.79 4.98
CA LEU KA 9 -90.06 90.75 6.10
C LEU KA 9 -88.69 90.34 5.56
N VAL KA 10 -88.64 89.13 5.02
CA VAL KA 10 -87.46 88.56 4.42
C VAL KA 10 -87.94 87.79 3.21
N ARG KA 11 -87.35 88.06 2.05
CA ARG KA 11 -87.84 87.52 0.80
C ARG KA 11 -88.32 86.09 1.04
N GLY KA 12 -89.63 85.90 0.86
CA GLY KA 12 -90.32 84.62 1.08
C GLY KA 12 -91.40 84.75 2.14
N ILE KA 13 -91.04 85.44 3.23
CA ILE KA 13 -91.83 85.48 4.43
C ILE KA 13 -92.32 86.91 4.67
N GLY KA 14 -93.63 87.07 4.85
CA GLY KA 14 -94.22 88.35 5.22
C GLY KA 14 -94.34 88.47 6.73
N ARG KA 15 -94.28 89.70 7.25
CA ARG KA 15 -94.35 89.98 8.72
C ARG KA 15 -95.61 89.42 9.41
N TYR KA 16 -96.70 89.26 8.67
CA TYR KA 16 -98.00 88.95 9.26
C TYR KA 16 -98.32 87.50 9.06
N SER KA 17 -98.99 86.91 10.04
CA SER KA 17 -99.31 85.46 10.07
C SER KA 17 -100.73 85.08 9.67
N ARG KA 18 -100.83 84.19 8.69
CA ARG KA 18 -102.10 83.63 8.20
C ARG KA 18 -103.35 84.22 8.89
N SER KA 19 -103.57 84.00 10.18
CA SER KA 19 -104.74 84.60 10.88
C SER KA 19 -104.67 86.11 11.10
N ALA KA 20 -103.50 86.59 11.49
CA ALA KA 20 -103.25 88.02 11.64
C ALA KA 20 -103.76 88.72 10.41
N MET KA 21 -103.48 88.15 9.24
CA MET KA 21 -104.17 88.57 8.04
C MET KA 21 -105.19 87.55 7.53
N TYR KA 22 -106.41 88.01 7.63
CA TYR KA 22 -107.66 87.27 7.74
C TYR KA 22 -108.36 88.39 8.47
N SER KA 23 -107.83 88.73 9.64
CA SER KA 23 -108.21 89.94 10.34
C SER KA 23 -107.34 91.10 9.84
N ARG KA 24 -107.33 91.29 8.53
CA ARG KA 24 -106.56 92.35 7.88
C ARG KA 24 -107.00 92.49 6.44
N MET KA 25 -106.87 91.40 5.68
CA MET KA 25 -107.59 91.26 4.42
C MET KA 25 -109.10 91.37 4.68
N ALA KA 26 -109.54 90.89 5.84
CA ALA KA 26 -110.93 90.82 6.27
C ALA KA 26 -111.58 89.81 5.35
N MET KA 27 -111.07 88.58 5.41
CA MET KA 27 -111.68 87.45 4.72
C MET KA 27 -113.13 87.30 5.16
N TYR KA 28 -113.38 87.66 6.41
CA TYR KA 28 -114.73 87.88 6.89
C TYR KA 28 -115.38 89.16 6.42
N LYS KA 29 -116.70 89.24 6.63
CA LYS KA 29 -117.52 90.31 6.07
C LYS KA 29 -117.44 90.27 4.52
N ARG KA 30 -116.90 89.18 3.98
CA ARG KA 30 -116.39 89.13 2.62
C ARG KA 30 -116.49 87.72 2.05
N LYS KA 31 -117.62 87.09 2.31
CA LYS KA 31 -117.87 85.74 1.89
C LYS KA 31 -118.78 85.84 0.66
N TYR KA 32 -118.37 85.20 -0.43
CA TYR KA 32 -119.01 85.35 -1.75
C TYR KA 32 -119.94 84.23 -2.21
N SER KA 33 -121.24 84.40 -1.96
CA SER KA 33 -122.20 83.32 -2.17
C SER KA 33 -122.75 83.26 -3.61
N ALA KA 34 -122.13 82.42 -4.44
CA ALA KA 34 -122.67 82.03 -5.76
C ALA KA 34 -123.15 80.60 -5.64
N ALA KA 35 -124.43 80.39 -5.92
CA ALA KA 35 -125.05 79.08 -5.74
C ALA KA 35 -124.67 78.17 -6.91
N VAL KA 36 -118.44 74.13 -30.02
CA VAL KA 36 -118.88 74.22 -31.42
C VAL KA 36 -120.02 73.23 -31.73
N LEU KA 37 -119.73 71.92 -31.66
CA LEU KA 37 -120.68 70.82 -32.03
C LEU KA 37 -121.12 70.88 -33.51
N ALA KA 38 -121.92 71.88 -33.83
CA ALA KA 38 -122.25 72.26 -35.21
C ALA KA 38 -122.01 73.74 -35.53
N THR KA 39 -122.06 74.61 -34.51
CA THR KA 39 -121.93 76.06 -34.66
C THR KA 39 -120.48 76.56 -34.56
N VAL KA 40 -119.89 76.89 -35.71
CA VAL KA 40 -118.48 77.32 -35.79
C VAL KA 40 -118.15 78.56 -34.92
N THR KA 41 -116.94 78.63 -34.36
CA THR KA 41 -116.50 79.79 -33.54
C THR KA 41 -115.85 80.88 -34.39
N LYS KA 42 -114.60 80.66 -34.81
CA LYS KA 42 -113.75 81.70 -35.42
C LYS KA 42 -113.37 81.51 -36.93
N PRO KA 43 -114.21 80.81 -37.69
CA PRO KA 43 -114.38 80.96 -39.14
C PRO KA 43 -115.11 82.26 -39.65
N VAL KA 44 -116.10 82.10 -40.55
CA VAL KA 44 -117.05 83.14 -40.98
C VAL KA 44 -116.53 84.19 -42.00
N GLY KA 45 -117.22 84.29 -43.14
CA GLY KA 45 -116.97 85.32 -44.18
C GLY KA 45 -118.12 85.40 -45.19
N GLY KA 46 -117.94 86.22 -46.24
CA GLY KA 46 -118.93 86.40 -47.33
C GLY KA 46 -118.32 86.08 -48.70
N ASP KA 47 -119.13 86.12 -49.79
CA ASP KA 47 -118.69 85.86 -51.21
C ASP KA 47 -119.86 85.61 -52.16
N LYS KA 48 -119.62 85.92 -53.43
CA LYS KA 48 -120.61 85.91 -54.53
C LYS KA 48 -121.46 84.60 -54.78
N ASN KA 49 -121.23 83.85 -55.87
CA ASN KA 49 -122.22 82.85 -56.41
C ASN KA 49 -122.16 81.43 -55.81
N GLY KA 50 -123.32 80.96 -55.37
CA GLY KA 50 -123.45 79.92 -54.35
C GLY KA 50 -123.65 80.60 -53.00
N GLY KA 51 -124.13 79.84 -52.01
CA GLY KA 51 -124.29 80.35 -50.64
C GLY KA 51 -122.97 80.88 -50.12
N THR KA 52 -122.98 82.13 -49.65
CA THR KA 52 -121.74 82.85 -49.30
C THR KA 52 -120.76 81.94 -48.57
N ARG KA 53 -119.52 81.90 -49.06
CA ARG KA 53 -118.49 80.98 -48.56
C ARG KA 53 -118.36 81.14 -47.05
N VAL KA 54 -118.09 80.02 -46.39
CA VAL KA 54 -118.31 79.92 -44.96
C VAL KA 54 -117.10 80.34 -44.10
N VAL KA 55 -115.93 79.77 -44.36
CA VAL KA 55 -114.97 79.56 -43.28
C VAL KA 55 -113.50 79.86 -43.50
N LYS KA 56 -112.81 79.70 -42.38
CA LYS KA 56 -111.45 79.22 -42.21
C LYS KA 56 -110.46 80.33 -41.94
N LEU KA 57 -110.31 80.62 -40.65
CA LEU KA 57 -109.22 81.44 -40.17
C LEU KA 57 -108.29 80.49 -39.42
N ARG KA 58 -107.02 80.52 -39.83
CA ARG KA 58 -105.97 79.62 -39.37
C ARG KA 58 -106.35 78.15 -39.65
N LYS KA 59 -105.95 77.71 -40.85
CA LYS KA 59 -106.26 76.38 -41.37
C LYS KA 59 -105.04 75.50 -41.22
N MET KA 60 -105.28 74.19 -41.23
CA MET KA 60 -104.25 73.20 -40.88
C MET KA 60 -103.27 72.96 -42.04
N PRO KA 61 -102.15 72.26 -41.77
CA PRO KA 61 -100.96 72.48 -42.60
C PRO KA 61 -100.86 71.67 -43.90
N ARG KA 62 -99.70 71.75 -44.56
CA ARG KA 62 -99.38 70.95 -45.74
C ARG KA 62 -98.04 70.16 -45.70
N TYR KA 63 -96.97 70.64 -45.03
CA TYR KA 63 -95.97 69.66 -44.56
C TYR KA 63 -96.51 69.12 -43.29
N TYR KA 64 -96.27 67.85 -43.13
CA TYR KA 64 -96.08 67.27 -41.86
C TYR KA 64 -94.66 66.71 -41.95
N PRO KA 65 -93.69 67.28 -41.21
CA PRO KA 65 -92.34 66.73 -41.32
C PRO KA 65 -92.32 65.29 -40.87
N THR KA 66 -91.32 64.55 -41.29
CA THR KA 66 -91.18 63.18 -40.84
C THR KA 66 -90.28 63.20 -39.62
N GLU KA 67 -90.71 62.53 -38.55
CA GLU KA 67 -90.14 62.67 -37.19
C GLU KA 67 -90.35 64.08 -36.65
N ASP KA 68 -90.58 64.18 -35.34
CA ASP KA 68 -90.65 65.48 -34.69
C ASP KA 68 -90.34 65.40 -33.17
N VAL KA 69 -89.69 66.45 -32.66
CA VAL KA 69 -89.25 66.51 -31.26
C VAL KA 69 -90.41 66.72 -30.27
N PRO KA 70 -90.31 66.15 -29.05
CA PRO KA 70 -91.50 65.99 -28.24
C PRO KA 70 -91.56 66.88 -27.00
N ARG KA 71 -91.87 68.17 -27.18
CA ARG KA 71 -92.18 69.08 -26.06
C ARG KA 71 -91.05 69.28 -25.05
N LYS KA 72 -91.40 69.86 -23.91
CA LYS KA 72 -90.50 69.98 -22.78
C LYS KA 72 -91.26 69.74 -21.48
N LEU KA 73 -90.57 69.83 -20.34
CA LEU KA 73 -91.17 69.58 -19.01
C LEU KA 73 -91.45 70.81 -18.10
N LEU KA 74 -91.81 71.93 -18.74
CA LEU KA 74 -92.27 73.17 -18.08
C LEU KA 74 -91.23 73.94 -17.26
N SER KA 75 -90.83 73.38 -16.12
CA SER KA 75 -89.78 73.97 -15.29
C SER KA 75 -89.94 75.45 -14.88
N HIS KA 76 -90.91 75.69 -14.00
CA HIS KA 76 -90.65 76.50 -12.82
C HIS KA 76 -90.13 77.93 -13.17
N GLY KA 77 -89.06 78.40 -12.53
CA GLY KA 77 -88.79 79.83 -12.46
C GLY KA 77 -87.43 80.08 -13.06
N LYS KA 78 -87.39 79.97 -14.39
CA LYS KA 78 -86.18 80.21 -15.18
C LYS KA 78 -86.20 81.63 -15.71
N LYS KA 79 -87.13 81.87 -16.63
CA LYS KA 79 -87.58 83.21 -17.02
C LYS KA 79 -86.59 84.04 -17.83
N PRO KA 80 -87.11 84.93 -18.69
CA PRO KA 80 -86.26 85.58 -19.64
C PRO KA 80 -85.56 86.80 -19.06
N PHE KA 81 -84.66 87.39 -19.83
CA PHE KA 81 -83.80 88.50 -19.39
C PHE KA 81 -84.59 89.81 -19.31
N SER KA 82 -85.37 90.17 -20.32
CA SER KA 82 -86.18 91.39 -20.23
C SER KA 82 -86.86 91.51 -18.86
N LYS KA 83 -87.32 90.39 -18.31
CA LYS KA 83 -87.83 90.31 -16.94
C LYS KA 83 -86.66 90.52 -15.98
N HIS KA 84 -86.19 89.47 -15.30
CA HIS KA 84 -84.94 89.48 -14.53
C HIS KA 84 -84.88 90.49 -13.41
N VAL KA 85 -83.73 90.58 -12.75
CA VAL KA 85 -83.55 91.65 -11.78
C VAL KA 85 -82.19 92.30 -11.98
N ARG KA 86 -82.25 93.61 -12.13
CA ARG KA 86 -81.10 94.41 -12.46
C ARG KA 86 -80.40 94.68 -11.11
N LYS KA 87 -79.08 94.48 -11.06
CA LYS KA 87 -78.26 94.67 -9.84
C LYS KA 87 -77.29 95.84 -9.96
N LEU KA 88 -76.66 96.16 -8.85
CA LEU KA 88 -75.50 97.04 -8.80
C LEU KA 88 -74.63 96.64 -7.63
N ARG KA 89 -73.38 97.12 -7.58
CA ARG KA 89 -72.55 96.98 -6.38
C ARG KA 89 -72.72 98.20 -5.51
N ALA KA 90 -72.19 98.10 -4.29
CA ALA KA 90 -72.26 99.19 -3.33
C ALA KA 90 -71.37 100.38 -3.71
N SER KA 91 -70.18 100.08 -4.23
CA SER KA 91 -69.21 101.14 -4.60
C SER KA 91 -69.67 102.03 -5.77
N ILE KA 92 -70.44 101.47 -6.70
CA ILE KA 92 -71.01 102.24 -7.80
C ILE KA 92 -72.18 103.10 -7.27
N THR KA 93 -72.36 104.26 -7.89
CA THR KA 93 -73.47 105.17 -7.60
C THR KA 93 -73.46 106.30 -8.66
N PRO KA 94 -74.62 106.95 -8.90
CA PRO KA 94 -74.59 108.16 -9.72
C PRO KA 94 -73.62 109.19 -9.14
N GLY KA 95 -72.54 109.44 -9.88
CA GLY KA 95 -71.55 110.43 -9.50
C GLY KA 95 -70.16 109.85 -9.31
N THR KA 96 -70.05 108.55 -9.06
CA THR KA 96 -68.73 107.95 -8.88
C THR KA 96 -67.93 108.02 -10.17
N ILE KA 97 -66.67 107.66 -10.04
CA ILE KA 97 -65.78 107.62 -11.15
C ILE KA 97 -65.30 106.17 -11.31
N LEU KA 98 -65.17 105.74 -12.54
CA LEU KA 98 -64.88 104.35 -12.85
C LEU KA 98 -63.51 104.27 -13.50
N ILE KA 99 -63.15 103.06 -13.96
CA ILE KA 99 -61.96 102.85 -14.77
C ILE KA 99 -62.31 101.79 -15.80
N ILE KA 100 -62.80 102.21 -16.95
CA ILE KA 100 -63.17 101.25 -17.99
C ILE KA 100 -61.97 100.36 -18.34
N LEU KA 101 -62.16 99.04 -18.32
CA LEU KA 101 -61.07 98.07 -18.53
C LEU KA 101 -60.99 97.49 -19.92
N THR KA 102 -62.12 97.02 -20.41
CA THR KA 102 -62.15 96.10 -21.52
C THR KA 102 -62.13 96.70 -22.96
N GLY KA 103 -62.71 97.89 -23.17
CA GLY KA 103 -62.90 98.45 -24.54
C GLY KA 103 -61.63 98.87 -25.27
N ARG KA 104 -61.75 99.46 -26.46
CA ARG KA 104 -60.53 99.94 -27.20
C ARG KA 104 -59.87 100.98 -26.30
N HIS KA 105 -60.60 102.05 -26.06
CA HIS KA 105 -61.06 102.43 -24.74
C HIS KA 105 -60.72 101.60 -23.47
N ARG KA 106 -59.53 101.83 -22.93
CA ARG KA 106 -58.90 100.88 -22.01
C ARG KA 106 -58.24 101.66 -20.89
N GLY KA 107 -58.58 101.35 -19.65
CA GLY KA 107 -58.01 102.04 -18.50
C GLY KA 107 -58.10 103.55 -18.59
N LYS KA 108 -59.30 104.06 -18.82
CA LYS KA 108 -59.61 105.51 -18.84
C LYS KA 108 -60.62 105.81 -17.74
N ARG KA 109 -60.41 106.89 -16.98
CA ARG KA 109 -61.34 107.24 -15.89
C ARG KA 109 -62.55 107.86 -16.53
N VAL KA 110 -63.69 107.63 -15.93
CA VAL KA 110 -64.95 107.81 -16.61
C VAL KA 110 -65.92 108.18 -15.52
N ILE KA 111 -66.84 109.09 -15.81
CA ILE KA 111 -67.88 109.41 -14.85
C ILE KA 111 -69.09 108.54 -15.10
N PHE KA 112 -69.65 108.02 -14.01
CA PHE KA 112 -70.86 107.19 -14.04
C PHE KA 112 -72.06 108.11 -14.01
N LEU KA 113 -73.08 107.75 -14.78
CA LEU KA 113 -74.35 108.48 -14.80
C LEU KA 113 -75.51 107.65 -14.23
N LYS KA 114 -75.75 106.48 -14.82
CA LYS KA 114 -77.01 105.76 -14.63
C LYS KA 114 -76.85 104.23 -14.76
N GLN KA 115 -77.84 103.51 -14.24
CA GLN KA 115 -78.00 102.07 -14.46
C GLN KA 115 -79.15 101.87 -15.46
N LEU KA 116 -78.88 101.38 -16.68
CA LEU KA 116 -79.93 101.21 -17.70
C LEU KA 116 -80.90 100.05 -17.43
N SER KA 117 -81.95 99.96 -18.22
CA SER KA 117 -82.90 98.84 -18.16
C SER KA 117 -82.34 97.51 -18.70
N SER KA 118 -81.21 97.54 -19.41
CA SER KA 118 -80.44 96.31 -19.73
C SER KA 118 -79.67 95.79 -18.53
N GLY KA 119 -79.13 96.72 -17.74
CA GLY KA 119 -78.29 96.39 -16.60
C GLY KA 119 -76.88 96.86 -16.75
N LEU KA 120 -76.70 97.92 -17.50
CA LEU KA 120 -75.40 98.40 -17.86
C LEU KA 120 -75.24 99.80 -17.33
N LEU KA 121 -73.99 100.23 -17.25
CA LEU KA 121 -73.68 101.54 -16.74
C LEU KA 121 -73.60 102.49 -17.91
N LEU KA 122 -74.52 103.45 -17.95
CA LEU KA 122 -74.33 104.61 -18.79
C LEU KA 122 -73.28 105.48 -18.14
N VAL KA 123 -72.46 106.05 -18.98
CA VAL KA 123 -71.19 106.56 -18.58
C VAL KA 123 -70.98 107.88 -19.31
N THR KA 124 -69.98 108.67 -18.93
CA THR KA 124 -69.49 109.77 -19.79
C THR KA 124 -68.21 110.31 -19.17
N GLY KA 125 -67.09 109.77 -19.60
CA GLY KA 125 -65.81 110.44 -19.42
C GLY KA 125 -65.88 111.60 -20.40
N PRO KA 126 -66.25 112.81 -19.92
CA PRO KA 126 -66.70 113.87 -20.85
C PRO KA 126 -65.82 114.05 -22.09
N LEU KA 127 -66.29 113.49 -23.21
CA LEU KA 127 -65.68 113.57 -24.54
C LEU KA 127 -64.43 114.45 -24.62
N VAL KA 128 -64.64 115.70 -24.19
CA VAL KA 128 -63.66 116.77 -24.19
C VAL KA 128 -62.31 116.35 -23.59
N LEU KA 129 -62.35 115.67 -22.44
CA LEU KA 129 -61.16 115.34 -21.67
C LEU KA 129 -60.43 114.06 -22.11
N ASN KA 130 -61.23 113.16 -22.63
CA ASN KA 130 -61.08 111.77 -22.36
C ASN KA 130 -61.51 110.90 -23.55
N ARG KA 131 -62.49 111.36 -24.32
CA ARG KA 131 -62.99 110.71 -25.55
C ARG KA 131 -63.93 109.55 -25.33
N VAL KA 132 -64.54 109.54 -24.16
CA VAL KA 132 -65.61 108.64 -23.90
C VAL KA 132 -66.87 109.38 -24.24
N PRO KA 133 -67.69 108.81 -25.14
CA PRO KA 133 -68.95 109.46 -25.46
C PRO KA 133 -69.99 109.29 -24.32
N LEU KA 134 -71.22 108.86 -24.60
CA LEU KA 134 -72.12 108.44 -23.53
C LEU KA 134 -71.91 106.97 -23.21
N ARG KA 135 -71.89 106.10 -24.22
CA ARG KA 135 -71.29 104.77 -24.07
C ARG KA 135 -71.85 103.90 -22.91
N ARG KA 136 -72.24 102.67 -23.22
CA ARG KA 136 -72.69 101.74 -22.18
C ARG KA 136 -71.48 100.93 -21.77
N THR KA 137 -71.40 100.51 -20.51
CA THR KA 137 -70.39 99.53 -20.08
C THR KA 137 -71.02 98.54 -19.14
N HIS KA 138 -70.27 97.48 -18.83
CA HIS KA 138 -70.67 96.57 -17.77
C HIS KA 138 -70.19 97.05 -16.43
N GLN KA 139 -70.84 96.57 -15.39
CA GLN KA 139 -70.38 96.86 -14.04
C GLN KA 139 -69.20 95.95 -13.68
N LYS KA 140 -69.16 94.79 -14.32
CA LYS KA 140 -68.14 93.77 -14.08
C LYS KA 140 -66.79 94.19 -14.65
N PHE KA 141 -66.80 94.69 -15.89
CA PHE KA 141 -65.58 94.99 -16.64
C PHE KA 141 -65.13 96.43 -16.40
N VAL KA 142 -65.22 96.82 -15.14
CA VAL KA 142 -65.12 98.21 -14.76
C VAL KA 142 -64.77 98.22 -13.31
N ILE KA 143 -63.80 99.04 -12.93
CA ILE KA 143 -63.43 99.20 -11.54
C ILE KA 143 -64.14 100.44 -11.03
N ALA KA 144 -64.65 100.35 -9.80
CA ALA KA 144 -65.14 101.53 -9.08
C ALA KA 144 -63.95 102.35 -8.66
N THR KA 145 -64.20 103.50 -8.07
CA THR KA 145 -63.15 104.32 -7.46
C THR KA 145 -63.80 105.27 -6.47
N SER KA 146 -63.18 105.45 -5.31
CA SER KA 146 -63.77 106.26 -4.27
C SER KA 146 -63.51 107.74 -4.51
N THR KA 147 -64.11 108.26 -5.57
CA THR KA 147 -63.91 109.63 -6.00
C THR KA 147 -65.21 110.05 -6.67
N LYS KA 148 -66.16 110.51 -5.87
CA LYS KA 148 -67.46 110.87 -6.37
C LYS KA 148 -67.50 112.36 -6.63
N ILE KA 149 -67.86 112.71 -7.86
CA ILE KA 149 -68.30 114.05 -8.21
C ILE KA 149 -69.76 114.14 -7.71
N ASP KA 150 -70.31 115.34 -7.59
CA ASP KA 150 -71.74 115.50 -7.32
C ASP KA 150 -72.49 115.61 -8.63
N ILE KA 151 -73.38 114.68 -8.87
CA ILE KA 151 -74.14 114.65 -10.12
C ILE KA 151 -75.63 114.58 -9.77
N SER KA 152 -75.98 115.23 -8.67
CA SER KA 152 -77.27 115.03 -8.01
C SER KA 152 -78.44 115.41 -8.89
N GLY KA 153 -78.39 116.62 -9.45
CA GLY KA 153 -79.48 117.16 -10.25
C GLY KA 153 -78.96 117.84 -11.50
N VAL KA 154 -78.19 117.11 -12.28
CA VAL KA 154 -77.78 117.58 -13.62
C VAL KA 154 -78.40 116.68 -14.68
N LYS KA 155 -79.70 116.46 -14.56
CA LYS KA 155 -80.53 116.02 -15.68
C LYS KA 155 -80.13 114.67 -16.25
N ILE KA 156 -80.96 114.17 -17.13
CA ILE KA 156 -80.55 113.21 -18.15
C ILE KA 156 -81.71 113.19 -19.16
N PRO KA 157 -81.43 113.33 -20.47
CA PRO KA 157 -82.51 113.19 -21.44
C PRO KA 157 -83.25 111.85 -21.30
N LYS KA 158 -84.48 111.90 -20.79
CA LYS KA 158 -85.45 110.78 -20.77
C LYS KA 158 -85.13 109.72 -21.82
N HIS KA 159 -85.01 110.16 -23.07
CA HIS KA 159 -84.79 109.26 -24.20
C HIS KA 159 -83.47 108.47 -24.22
N LEU KA 160 -82.45 108.91 -23.47
CA LEU KA 160 -81.19 108.14 -23.31
C LEU KA 160 -81.47 106.82 -22.59
N THR KA 161 -81.95 105.86 -23.38
CA THR KA 161 -82.39 104.58 -22.88
C THR KA 161 -81.65 103.51 -23.63
N ASP KA 162 -81.92 102.28 -23.25
CA ASP KA 162 -81.20 101.14 -23.78
C ASP KA 162 -81.32 101.04 -25.31
N ALA KA 163 -82.53 101.17 -25.82
CA ALA KA 163 -82.83 101.06 -27.26
C ALA KA 163 -82.03 102.03 -28.13
N TYR KA 164 -81.73 103.19 -27.57
CA TYR KA 164 -80.90 104.19 -28.23
C TYR KA 164 -79.47 103.64 -28.36
N PHE KA 165 -78.90 103.15 -27.26
CA PHE KA 165 -77.51 102.64 -27.23
C PHE KA 165 -77.47 101.18 -27.64
N LYS KA 166 -77.68 100.96 -28.92
CA LYS KA 166 -77.91 99.63 -29.40
C LYS KA 166 -77.24 99.50 -30.73
N LYS KA 167 -76.64 98.34 -30.91
CA LYS KA 167 -76.05 97.96 -32.17
C LYS KA 167 -77.14 97.98 -33.27
N LYS KA 168 -76.75 97.94 -34.54
CA LYS KA 168 -77.57 98.52 -35.60
C LYS KA 168 -77.99 97.58 -36.73
N LYS KA 169 -77.09 97.31 -37.66
CA LYS KA 169 -77.46 97.29 -39.09
C LYS KA 169 -77.55 95.96 -39.88
N LEU KA 170 -78.22 96.10 -41.03
CA LEU KA 170 -78.08 95.28 -42.26
C LEU KA 170 -79.01 94.06 -42.41
N ARG KA 171 -79.44 93.83 -43.66
CA ARG KA 171 -80.35 92.75 -44.02
C ARG KA 171 -79.57 91.46 -44.40
N LYS KA 172 -79.65 91.01 -45.66
CA LYS KA 172 -79.30 89.62 -46.04
C LYS KA 172 -78.97 89.44 -47.54
N PRO KA 173 -79.96 89.63 -48.46
CA PRO KA 173 -79.84 89.06 -49.80
C PRO KA 173 -79.04 89.93 -50.81
N ARG KA 174 -79.68 90.74 -51.66
CA ARG KA 174 -79.00 91.65 -52.63
C ARG KA 174 -78.06 91.00 -53.65
N HIS KA 175 -77.35 91.84 -54.44
CA HIS KA 175 -76.43 91.35 -55.47
C HIS KA 175 -75.23 90.51 -54.94
N GLN KA 176 -74.78 90.76 -53.70
CA GLN KA 176 -73.83 89.88 -52.98
C GLN KA 176 -72.42 89.65 -53.57
N GLU KA 177 -72.27 88.55 -54.29
CA GLU KA 177 -71.07 87.71 -54.18
C GLU KA 177 -70.05 87.95 -55.30
N GLY KA 178 -68.81 87.58 -55.02
CA GLY KA 178 -67.68 87.77 -55.95
C GLY KA 178 -66.47 88.24 -55.15
N GLU KA 179 -66.32 89.55 -55.05
CA GLU KA 179 -65.41 90.20 -54.10
C GLU KA 179 -66.07 91.46 -53.47
N ILE KA 180 -67.40 91.41 -53.28
CA ILE KA 180 -68.19 92.60 -52.89
C ILE KA 180 -69.39 92.25 -51.95
N PHE KA 181 -70.28 93.22 -51.71
CA PHE KA 181 -71.29 93.26 -50.59
C PHE KA 181 -70.62 93.94 -49.40
N ASP KA 182 -71.28 94.97 -48.87
CA ASP KA 182 -70.69 95.91 -47.88
C ASP KA 182 -69.61 95.38 -46.90
N THR KA 183 -68.38 95.37 -47.41
CA THR KA 183 -67.22 95.81 -46.65
C THR KA 183 -67.28 97.36 -46.71
N GLU KA 184 -68.00 97.87 -47.72
CA GLU KA 184 -68.68 99.20 -47.70
C GLU KA 184 -69.59 99.38 -46.43
N LYS KA 185 -70.33 100.49 -46.38
CA LYS KA 185 -70.98 101.02 -45.14
C LYS KA 185 -69.96 101.49 -44.12
N GLU KA 186 -68.85 100.75 -44.03
CA GLU KA 186 -67.53 101.30 -43.68
C GLU KA 186 -67.46 101.66 -42.20
N LYS KA 187 -68.18 102.71 -41.82
CA LYS KA 187 -68.05 103.33 -40.54
C LYS KA 187 -69.36 103.32 -39.81
N TYR KA 188 -69.28 103.34 -38.48
CA TYR KA 188 -70.32 103.96 -37.71
C TYR KA 188 -70.26 105.44 -38.11
N GLU KA 189 -71.35 105.97 -38.65
CA GLU KA 189 -71.44 107.41 -39.00
C GLU KA 189 -72.14 108.11 -37.84
N ILE KA 190 -71.49 109.10 -37.25
CA ILE KA 190 -71.76 109.52 -35.85
C ILE KA 190 -73.23 109.84 -35.47
N SER KA 191 -74.03 110.34 -36.40
CA SER KA 191 -75.40 110.88 -36.12
C SER KA 191 -75.30 112.24 -35.44
N GLU KA 192 -76.27 113.12 -35.70
CA GLU KA 192 -76.24 114.51 -35.19
C GLU KA 192 -77.40 114.88 -34.27
N GLN KA 193 -78.15 113.87 -33.82
CA GLN KA 193 -78.95 113.98 -32.60
C GLN KA 193 -78.11 113.48 -31.40
N ARG KA 194 -76.97 112.87 -31.72
CA ARG KA 194 -76.02 112.34 -30.75
C ARG KA 194 -75.00 113.40 -30.34
N LYS KA 195 -74.42 114.06 -31.36
CA LYS KA 195 -73.60 115.26 -31.18
C LYS KA 195 -74.35 116.22 -30.28
N VAL KA 196 -75.63 116.43 -30.62
CA VAL KA 196 -76.51 117.32 -29.90
C VAL KA 196 -77.19 116.49 -28.81
N ASP KA 197 -76.37 116.03 -27.86
CA ASP KA 197 -76.83 115.15 -26.79
C ASP KA 197 -75.76 115.08 -25.72
N GLN KA 198 -74.53 114.77 -26.14
CA GLN KA 198 -73.36 115.01 -25.30
C GLN KA 198 -73.34 116.48 -24.95
N LYS KA 199 -73.37 117.33 -25.97
CA LYS KA 199 -73.45 118.78 -25.80
C LYS KA 199 -74.39 119.14 -24.66
N ALA KA 200 -75.55 118.49 -24.60
CA ALA KA 200 -76.51 118.69 -23.52
C ALA KA 200 -76.09 118.05 -22.20
N VAL KA 201 -75.73 116.76 -22.23
CA VAL KA 201 -75.49 115.96 -21.03
C VAL KA 201 -74.18 116.34 -20.37
N ASP KA 202 -73.11 116.21 -21.14
CA ASP KA 202 -71.81 116.69 -20.70
C ASP KA 202 -71.91 118.22 -20.94
N SER KA 203 -70.91 119.00 -20.54
CA SER KA 203 -70.97 120.49 -20.50
C SER KA 203 -71.54 121.01 -19.17
N GLN KA 204 -72.68 120.45 -18.77
CA GLN KA 204 -73.23 120.66 -17.42
C GLN KA 204 -72.73 119.66 -16.37
N ILE KA 205 -72.07 118.58 -16.80
CA ILE KA 205 -71.20 117.80 -15.91
C ILE KA 205 -69.85 118.50 -15.92
N LEU KA 206 -69.30 118.67 -17.13
CA LEU KA 206 -67.99 119.32 -17.36
C LEU KA 206 -68.06 120.75 -16.86
N ARG KA 207 -68.03 120.87 -15.54
CA ARG KA 207 -68.46 122.07 -14.85
C ARG KA 207 -68.29 121.90 -13.35
N ARG KA 208 -68.73 120.75 -12.84
CA ARG KA 208 -68.38 120.30 -11.49
C ARG KA 208 -66.94 119.79 -11.42
N ILE KA 209 -66.53 118.97 -12.38
CA ILE KA 209 -65.13 118.52 -12.43
C ILE KA 209 -64.14 119.66 -12.58
N LYS KA 210 -64.58 120.76 -13.20
CA LYS KA 210 -63.80 122.01 -13.19
C LYS KA 210 -63.78 122.64 -11.79
N ALA KA 211 -64.89 122.51 -11.06
CA ALA KA 211 -64.99 122.99 -9.68
C ALA KA 211 -64.14 122.19 -8.68
N VAL KA 212 -64.24 120.87 -8.69
CA VAL KA 212 -63.38 120.04 -7.81
C VAL KA 212 -61.95 120.16 -8.32
N PRO KA 213 -61.04 120.74 -7.50
CA PRO KA 213 -59.74 121.10 -8.04
C PRO KA 213 -58.93 119.87 -8.44
N GLN KA 214 -58.19 120.02 -9.54
CA GLN KA 214 -57.04 119.18 -9.85
C GLN KA 214 -57.51 117.81 -10.42
N LEU KA 215 -58.81 117.71 -10.74
CA LEU KA 215 -59.47 116.45 -11.16
C LEU KA 215 -59.62 116.34 -12.67
N GLN KA 216 -59.96 117.46 -13.30
CA GLN KA 216 -59.92 117.61 -14.75
C GLN KA 216 -58.78 116.81 -15.43
N GLY KA 217 -57.58 116.90 -14.87
CA GLY KA 217 -56.41 116.15 -15.35
C GLY KA 217 -56.44 114.66 -15.07
N TYR KA 218 -57.07 114.27 -13.97
CA TYR KA 218 -57.26 112.87 -13.62
C TYR KA 218 -57.97 112.15 -14.75
N LEU KA 219 -59.20 112.57 -15.03
CA LEU KA 219 -60.01 111.90 -16.04
C LEU KA 219 -59.23 111.80 -17.34
N ARG KA 220 -58.48 112.85 -17.62
CA ARG KA 220 -57.54 112.91 -18.74
C ARG KA 220 -56.46 111.84 -18.73
N SER KA 221 -55.83 111.60 -17.57
CA SER KA 221 -54.78 110.57 -17.46
C SER KA 221 -55.35 109.18 -17.67
N VAL KA 222 -54.60 108.36 -18.40
CA VAL KA 222 -54.92 106.97 -18.60
C VAL KA 222 -54.30 106.22 -17.42
N PHE KA 223 -54.73 104.98 -17.22
CA PHE KA 223 -54.30 104.15 -16.09
C PHE KA 223 -53.52 102.99 -16.56
N ALA KA 224 -52.78 102.46 -15.60
CA ALA KA 224 -52.40 101.08 -15.61
C ALA KA 224 -51.49 100.91 -14.41
N LEU KA 225 -51.03 99.69 -14.23
CA LEU KA 225 -50.10 99.40 -13.18
C LEU KA 225 -48.72 99.69 -13.77
N THR KA 226 -47.70 99.51 -12.96
CA THR KA 226 -46.32 99.89 -13.32
C THR KA 226 -45.44 98.80 -12.76
N ASN KA 227 -44.12 99.04 -12.62
CA ASN KA 227 -43.47 98.36 -11.48
C ASN KA 227 -43.47 99.15 -10.19
N GLY KA 228 -44.15 98.57 -9.19
CA GLY KA 228 -44.41 99.20 -7.90
C GLY KA 228 -45.74 98.91 -7.22
N ILE KA 229 -46.75 98.44 -7.96
CA ILE KA 229 -48.09 98.20 -7.37
C ILE KA 229 -48.76 96.80 -7.61
N TYR KA 230 -48.90 95.99 -6.52
CA TYR KA 230 -49.26 94.52 -6.57
C TYR KA 230 -50.75 94.70 -6.08
N PRO KA 231 -51.70 95.00 -7.05
CA PRO KA 231 -53.02 95.64 -6.81
C PRO KA 231 -53.96 94.76 -6.04
N HIS KA 232 -53.58 93.48 -5.92
CA HIS KA 232 -53.77 92.67 -4.72
C HIS KA 232 -54.17 93.63 -3.51
N LYS KA 233 -53.53 94.81 -3.44
CA LYS KA 233 -53.55 95.75 -2.32
C LYS KA 233 -54.49 96.89 -2.51
N LEU KA 234 -54.19 97.68 -3.54
CA LEU KA 234 -54.39 99.13 -3.51
C LEU KA 234 -55.86 99.49 -3.39
N VAL KA 235 -56.18 100.45 -2.53
CA VAL KA 235 -57.56 100.90 -2.42
C VAL KA 235 -57.85 101.89 -3.54
N PHE KA 236 -58.94 101.60 -4.25
CA PHE KA 236 -59.39 102.38 -5.40
C PHE KA 236 -60.68 101.76 -5.91
N ASN LA 1 -126.83 62.65 -16.25
CA ASN LA 1 -125.55 61.89 -16.39
C ASN LA 1 -124.29 62.77 -16.32
N PHE LA 2 -124.03 63.56 -17.37
CA PHE LA 2 -122.89 64.52 -17.37
C PHE LA 2 -122.82 65.33 -16.08
N ALA LA 3 -123.89 66.09 -15.79
CA ALA LA 3 -123.89 67.00 -14.66
C ALA LA 3 -124.47 66.37 -13.37
N GLU LA 4 -124.64 65.06 -13.36
CA GLU LA 4 -124.69 64.29 -12.11
C GLU LA 4 -123.29 63.73 -11.84
N LEU LA 5 -122.49 63.53 -12.91
CA LEU LA 5 -121.08 63.14 -12.80
C LEU LA 5 -120.17 64.32 -12.45
N LYS LA 6 -120.11 65.29 -13.36
CA LYS LA 6 -119.38 66.57 -13.18
C LYS LA 6 -119.25 67.01 -11.72
N ILE LA 7 -120.33 66.87 -10.97
CA ILE LA 7 -120.42 67.26 -9.58
C ILE LA 7 -119.77 66.18 -8.76
N LYS LA 8 -120.24 64.95 -9.00
CA LYS LA 8 -119.79 63.77 -8.31
C LYS LA 8 -118.26 63.66 -8.27
N ARG LA 9 -117.57 64.05 -9.35
CA ARG LA 9 -116.10 63.96 -9.39
C ARG LA 9 -115.47 65.25 -8.82
N LEU LA 10 -116.10 66.39 -9.02
CA LEU LA 10 -115.66 67.63 -8.37
C LEU LA 10 -115.73 67.51 -6.84
N ARG LA 11 -116.75 66.85 -6.31
CA ARG LA 11 -116.82 66.58 -4.88
C ARG LA 11 -115.55 65.90 -4.43
N LYS LA 12 -115.24 64.76 -5.03
CA LYS LA 12 -114.05 63.98 -4.67
C LYS LA 12 -112.84 64.89 -4.65
N LYS LA 13 -112.71 65.64 -5.74
CA LYS LA 13 -111.72 66.70 -5.87
C LYS LA 13 -111.67 67.60 -4.62
N PHE LA 14 -112.82 68.15 -4.21
CA PHE LA 14 -112.82 69.03 -3.05
C PHE LA 14 -112.69 68.28 -1.73
N ALA LA 15 -113.39 67.16 -1.59
CA ALA LA 15 -113.22 66.28 -0.42
C ALA LA 15 -111.76 66.04 -0.14
N GLN LA 16 -110.93 66.29 -1.14
CA GLN LA 16 -109.48 66.37 -0.98
C GLN LA 16 -108.85 67.63 -0.53
N LYS LA 17 -109.25 68.72 -1.12
CA LYS LA 17 -108.82 69.99 -0.60
C LYS LA 17 -109.33 70.22 0.86
N MET LA 18 -110.33 69.45 1.33
CA MET LA 18 -110.49 69.23 2.77
C MET LA 18 -109.20 68.57 3.22
N LEU LA 19 -109.02 67.34 2.75
CA LEU LA 19 -108.17 66.37 3.42
C LEU LA 19 -106.69 66.74 3.46
N ARG LA 20 -106.15 67.06 2.30
CA ARG LA 20 -104.78 67.52 2.22
C ARG LA 20 -104.60 68.93 2.82
N LYS LA 21 -105.69 69.64 3.19
CA LYS LA 21 -105.58 70.72 4.16
C LYS LA 21 -105.52 70.12 5.56
N ALA LA 22 -106.53 69.35 5.94
CA ALA LA 22 -106.63 68.81 7.29
C ALA LA 22 -105.31 68.25 7.79
N ARG LA 23 -104.69 67.40 6.98
CA ARG LA 23 -103.44 66.76 7.36
C ARG LA 23 -102.35 67.79 7.45
N ARG LA 24 -102.22 68.60 6.41
CA ARG LA 24 -101.30 69.73 6.43
C ARG LA 24 -101.38 70.50 7.75
N LYS LA 25 -102.60 70.75 8.22
CA LYS LA 25 -102.83 71.40 9.51
C LYS LA 25 -102.35 70.54 10.66
N LEU LA 26 -102.77 69.27 10.65
CA LEU LA 26 -102.32 68.34 11.66
C LEU LA 26 -100.81 68.39 11.86
N ILE LA 27 -100.08 68.18 10.78
CA ILE LA 27 -98.61 68.26 10.80
C ILE LA 27 -98.14 69.55 11.48
N TYR LA 28 -98.66 70.68 11.05
CA TYR LA 28 -98.27 71.98 11.59
C TYR LA 28 -98.48 72.10 13.09
N GLU LA 29 -99.55 71.53 13.63
CA GLU LA 29 -99.79 71.59 15.07
C GLU LA 29 -99.10 70.49 15.81
N LYS LA 30 -98.83 69.35 15.16
CA LYS LA 30 -97.89 68.38 15.72
C LYS LA 30 -96.56 69.08 15.93
N ALA LA 31 -95.97 69.58 14.84
CA ALA LA 31 -94.78 70.42 14.94
C ALA LA 31 -94.81 71.43 16.11
N LYS LA 32 -96.00 71.84 16.53
CA LYS LA 32 -96.14 72.66 17.73
C LYS LA 32 -95.98 72.00 19.15
N HIS LA 33 -96.25 70.69 19.39
CA HIS LA 33 -95.62 70.04 20.61
C HIS LA 33 -94.15 70.13 20.35
N TYR LA 34 -93.82 69.76 19.12
CA TYR LA 34 -92.50 69.36 18.78
C TYR LA 34 -91.58 70.59 18.91
N HIS LA 35 -92.17 71.76 19.24
CA HIS LA 35 -91.49 72.90 19.87
C HIS LA 35 -91.57 72.76 21.37
N LYS LA 36 -92.79 72.67 21.87
CA LYS LA 36 -93.08 72.82 23.28
C LYS LA 36 -92.41 71.76 24.12
N GLU LA 37 -92.56 70.49 23.78
CA GLU LA 37 -91.74 69.43 24.41
C GLU LA 37 -90.26 69.70 24.22
N TYR LA 38 -89.92 70.07 23.01
CA TYR LA 38 -88.54 70.25 22.58
C TYR LA 38 -87.80 71.37 23.33
N ARG LA 39 -88.56 72.24 23.98
CA ARG LA 39 -88.06 73.30 24.84
C ARG LA 39 -88.16 72.87 26.29
N GLN LA 40 -89.35 72.42 26.65
CA GLN LA 40 -89.63 71.97 27.99
C GLN LA 40 -88.66 70.87 28.46
N MET LA 41 -88.19 70.01 27.56
CA MET LA 41 -87.13 69.05 27.90
C MET LA 41 -85.79 69.70 28.27
N TYR LA 42 -85.42 70.79 27.60
CA TYR LA 42 -84.22 71.58 27.95
C TYR LA 42 -84.37 72.13 29.34
N ARG LA 43 -85.37 73.01 29.50
CA ARG LA 43 -85.46 73.82 30.70
C ARG LA 43 -85.60 72.91 31.88
N THR LA 44 -86.51 71.94 31.80
CA THR LA 44 -86.72 71.01 32.92
C THR LA 44 -85.49 70.16 33.32
N GLU LA 45 -84.41 70.15 32.52
CA GLU LA 45 -83.12 69.62 33.00
C GLU LA 45 -82.28 70.68 33.66
N ILE LA 46 -82.37 71.91 33.18
CA ILE LA 46 -81.63 73.01 33.79
C ILE LA 46 -82.37 73.27 35.08
N ARG LA 47 -83.65 73.68 34.97
CA ARG LA 47 -84.64 73.79 36.08
C ARG LA 47 -84.24 73.08 37.34
N MET LA 48 -83.83 71.83 37.14
CA MET LA 48 -83.58 70.89 38.19
C MET LA 48 -82.14 70.95 38.69
N ALA LA 49 -81.15 71.03 37.81
CA ALA LA 49 -79.77 71.25 38.28
C ALA LA 49 -79.67 72.57 39.06
N ARG LA 50 -80.43 73.56 38.59
CA ARG LA 50 -80.63 74.84 39.25
C ARG LA 50 -81.24 74.66 40.67
N MET LA 51 -82.21 73.75 40.74
CA MET LA 51 -82.86 73.28 41.98
C MET LA 51 -81.91 72.57 42.92
N ALA LA 52 -81.08 71.71 42.35
CA ALA LA 52 -80.13 70.93 43.13
C ALA LA 52 -79.09 71.85 43.72
N ARG LA 53 -78.37 72.56 42.85
CA ARG LA 53 -77.37 73.53 43.26
C ARG LA 53 -77.81 74.45 44.41
N LYS LA 54 -79.10 74.76 44.51
CA LYS LA 54 -79.59 75.60 45.61
C LYS LA 54 -79.41 74.89 46.95
N ALA LA 55 -79.77 73.62 47.03
CA ALA LA 55 -79.33 72.79 48.16
C ALA LA 55 -77.82 72.53 47.98
N GLY LA 56 -77.17 71.88 48.93
CA GLY LA 56 -75.73 71.54 48.79
C GLY LA 56 -75.57 70.30 47.94
N ASN LA 57 -76.11 70.37 46.73
CA ASN LA 57 -76.77 69.22 46.17
C ASN LA 57 -76.89 69.19 44.64
N PHE LA 58 -77.33 68.07 44.08
CA PHE LA 58 -76.51 67.41 43.08
C PHE LA 58 -77.19 66.56 41.95
N TYR LA 59 -77.16 66.98 40.66
CA TYR LA 59 -77.67 66.10 39.54
C TYR LA 59 -76.77 65.02 39.10
N VAL LA 60 -77.40 64.02 38.50
CA VAL LA 60 -76.81 63.21 37.49
C VAL LA 60 -77.88 63.09 36.43
N PRO LA 61 -77.74 63.82 35.28
CA PRO LA 61 -78.78 63.79 34.26
C PRO LA 61 -78.98 62.41 33.71
N ALA LA 62 -80.15 62.19 33.11
CA ALA LA 62 -80.48 60.90 32.56
C ALA LA 62 -79.34 60.43 31.66
N GLU LA 63 -78.96 59.18 31.77
CA GLU LA 63 -78.04 58.61 30.81
C GLU LA 63 -78.63 58.73 29.42
N PRO LA 64 -77.78 58.97 28.42
CA PRO LA 64 -78.26 59.14 27.05
C PRO LA 64 -78.87 57.87 26.49
N LYS LA 65 -79.96 57.99 25.74
CA LYS LA 65 -80.61 56.86 25.11
C LYS LA 65 -80.23 56.70 23.65
N LEU LA 66 -79.76 57.78 23.05
CA LEU LA 66 -79.58 57.83 21.62
C LEU LA 66 -78.14 58.18 21.38
N ALA LA 67 -77.51 57.51 20.43
CA ALA LA 67 -76.13 57.84 20.10
C ALA LA 67 -75.82 57.47 18.66
N PHE LA 68 -75.85 58.44 17.75
CA PHE LA 68 -75.55 58.04 16.39
C PHE LA 68 -74.04 57.80 16.33
N VAL LA 69 -73.72 56.66 15.72
CA VAL LA 69 -72.41 56.05 15.54
C VAL LA 69 -71.89 56.23 14.13
N ILE LA 70 -70.73 56.84 13.98
CA ILE LA 70 -70.08 56.96 12.66
C ILE LA 70 -69.07 55.86 12.60
N ARG LA 71 -69.05 55.11 11.51
CA ARG LA 71 -67.91 54.23 11.25
C ARG LA 71 -66.77 55.09 10.74
N ILE LA 72 -65.53 54.84 11.13
CA ILE LA 72 -64.46 55.71 10.66
C ILE LA 72 -63.33 55.01 9.99
N ARG LA 73 -63.36 53.68 9.90
CA ARG LA 73 -62.33 53.02 9.13
C ARG LA 73 -62.79 51.85 8.34
N GLY LA 74 -62.01 51.62 7.29
CA GLY LA 74 -62.42 50.99 6.07
C GLY LA 74 -62.58 49.53 6.25
N ILE LA 75 -62.50 48.83 5.14
CA ILE LA 75 -63.09 47.52 5.12
C ILE LA 75 -62.24 46.48 4.46
N ASN LA 76 -61.11 46.20 5.12
CA ASN LA 76 -60.14 45.25 4.65
C ASN LA 76 -59.04 45.29 5.65
N GLY LA 77 -58.70 44.13 6.19
CA GLY LA 77 -57.92 44.05 7.42
C GLY LA 77 -58.89 44.29 8.55
N VAL LA 78 -59.89 43.42 8.63
CA VAL LA 78 -60.98 43.57 9.58
C VAL LA 78 -61.31 42.19 10.18
N SER LA 79 -61.37 42.12 11.50
CA SER LA 79 -61.71 40.87 12.18
C SER LA 79 -63.18 40.51 12.00
N PRO LA 80 -63.55 39.27 12.33
CA PRO LA 80 -64.89 38.78 12.10
C PRO LA 80 -65.92 39.32 13.04
N LYS LA 81 -65.68 39.12 14.33
CA LYS LA 81 -66.68 39.39 15.34
C LYS LA 81 -67.04 40.85 15.25
N VAL LA 82 -66.06 41.65 14.83
CA VAL LA 82 -66.29 43.02 14.40
C VAL LA 82 -67.21 43.12 13.19
N ARG LA 83 -66.73 42.64 12.06
CA ARG LA 83 -67.39 42.87 10.79
C ARG LA 83 -68.87 42.50 10.80
N LYS LA 84 -69.20 41.49 11.59
CA LYS LA 84 -70.59 41.11 11.81
C LYS LA 84 -71.38 42.24 12.53
N VAL LA 85 -70.87 42.72 13.67
CA VAL LA 85 -71.51 43.85 14.37
C VAL LA 85 -71.65 45.04 13.45
N LEU LA 86 -70.56 45.41 12.78
CA LEU LA 86 -70.61 46.56 11.88
C LEU LA 86 -71.63 46.40 10.75
N GLN LA 87 -72.02 45.17 10.40
CA GLN LA 87 -73.15 44.96 9.50
C GLN LA 87 -74.44 44.50 10.18
N LEU LA 88 -74.48 44.59 11.49
CA LEU LA 88 -75.73 44.69 12.24
C LEU LA 88 -76.05 46.13 12.54
N LEU LA 89 -75.05 47.00 12.56
CA LEU LA 89 -75.28 48.43 12.71
C LEU LA 89 -75.50 49.09 11.35
N ARG LA 90 -75.46 48.30 10.28
CA ARG LA 90 -75.61 48.78 8.91
C ARG LA 90 -74.52 49.78 8.51
N LEU LA 91 -73.35 49.68 9.14
CA LEU LA 91 -72.21 50.54 8.81
C LEU LA 91 -71.28 49.82 7.87
N ARG LA 92 -71.84 49.30 6.80
CA ARG LA 92 -71.07 48.47 5.93
C ARG LA 92 -69.99 49.37 5.39
N GLN LA 93 -70.39 50.37 4.61
CA GLN LA 93 -69.47 51.27 3.89
C GLN LA 93 -68.56 51.96 4.90
N ILE LA 94 -67.41 52.46 4.44
CA ILE LA 94 -66.63 53.30 5.35
C ILE LA 94 -67.36 54.61 5.57
N PHE LA 95 -67.59 54.85 6.84
CA PHE LA 95 -67.69 56.19 7.32
C PHE LA 95 -69.01 56.84 6.83
N ASN LA 96 -70.05 56.08 7.21
CA ASN LA 96 -71.46 56.42 7.27
C ASN LA 96 -71.86 56.28 8.74
N GLY LA 97 -73.13 56.51 9.04
CA GLY LA 97 -73.58 56.48 10.41
C GLY LA 97 -75.07 56.29 10.60
N THR LA 98 -75.40 55.74 11.75
CA THR LA 98 -76.75 55.34 12.07
C THR LA 98 -77.09 55.69 13.47
N PHE LA 99 -78.37 55.83 13.68
CA PHE LA 99 -78.94 56.33 14.89
C PHE LA 99 -79.25 55.10 15.70
N VAL LA 100 -78.46 54.90 16.76
CA VAL LA 100 -78.53 53.69 17.56
C VAL LA 100 -79.06 53.95 18.95
N LYS LA 101 -79.89 53.03 19.38
CA LYS LA 101 -80.59 53.10 20.65
C LYS LA 101 -79.76 52.43 21.74
N LEU LA 102 -79.12 53.23 22.59
CA LEU LA 102 -78.33 52.74 23.72
C LEU LA 102 -79.22 52.09 24.75
N ASN LA 103 -78.63 51.19 25.51
CA ASN LA 103 -79.27 49.91 25.78
C ASN LA 103 -78.15 48.96 26.12
N LYS LA 104 -78.25 48.25 27.23
CA LYS LA 104 -77.17 47.36 27.67
C LYS LA 104 -76.60 46.45 26.58
N ALA LA 105 -77.48 45.94 25.72
CA ALA LA 105 -77.10 45.11 24.58
C ALA LA 105 -76.34 45.90 23.54
N SER LA 106 -76.88 47.05 23.14
CA SER LA 106 -76.26 47.86 22.10
C SER LA 106 -74.96 48.48 22.58
N ILE LA 107 -74.93 49.04 23.78
CA ILE LA 107 -73.71 49.64 24.34
C ILE LA 107 -72.58 48.64 24.26
N ASN LA 108 -72.88 47.44 24.72
CA ASN LA 108 -71.90 46.37 24.76
C ASN LA 108 -71.56 45.78 23.34
N MET LA 109 -72.39 46.01 22.32
CA MET LA 109 -71.96 45.77 20.91
C MET LA 109 -70.94 46.79 20.42
N LEU LA 110 -70.89 47.97 21.05
CA LEU LA 110 -70.02 49.03 20.58
C LEU LA 110 -68.64 48.94 21.21
N ARG LA 111 -68.56 48.45 22.45
CA ARG LA 111 -67.27 48.04 23.09
C ARG LA 111 -66.42 47.22 22.16
N ILE LA 112 -67.08 46.26 21.51
CA ILE LA 112 -66.40 45.25 20.74
C ILE LA 112 -65.93 45.78 19.36
N VAL LA 113 -66.58 46.80 18.81
CA VAL LA 113 -66.08 47.42 17.57
C VAL LA 113 -65.43 48.79 17.76
N GLU LA 114 -65.35 49.22 19.02
CA GLU LA 114 -64.80 50.53 19.40
C GLU LA 114 -63.73 51.07 18.48
N PRO LA 115 -62.64 50.32 18.27
CA PRO LA 115 -61.52 50.89 17.54
C PRO LA 115 -61.79 51.34 16.12
N TYR LA 116 -62.94 50.96 15.55
CA TYR LA 116 -63.29 51.46 14.25
C TYR LA 116 -64.36 52.55 14.16
N ILE LA 117 -65.06 52.89 15.24
CA ILE LA 117 -66.20 53.79 15.09
C ILE LA 117 -66.00 55.08 15.86
N ALA LA 118 -66.99 55.95 15.84
CA ALA LA 118 -66.96 57.14 16.65
C ALA LA 118 -68.40 57.50 16.98
N TRP LA 119 -68.85 57.22 18.21
CA TRP LA 119 -70.19 57.59 18.60
C TRP LA 119 -70.21 58.63 19.68
N GLY LA 120 -71.39 59.22 19.89
CA GLY LA 120 -71.63 60.24 20.92
C GLY LA 120 -73.12 60.53 20.97
N TYR LA 121 -73.56 61.25 22.00
CA TYR LA 121 -74.99 61.48 22.23
C TYR LA 121 -75.27 62.77 21.45
N PRO LA 122 -75.95 62.65 20.29
CA PRO LA 122 -76.10 63.81 19.45
C PRO LA 122 -77.26 64.67 19.88
N ASN LA 123 -77.36 65.84 19.28
CA ASN LA 123 -78.18 66.92 19.74
C ASN LA 123 -79.12 67.23 18.59
N LEU LA 124 -80.28 67.77 18.92
CA LEU LA 124 -81.31 68.16 17.98
C LEU LA 124 -80.88 68.61 16.62
N LYS LA 125 -80.01 69.62 16.62
CA LYS LA 125 -79.60 70.23 15.38
C LYS LA 125 -78.81 69.21 14.58
N SER LA 126 -78.11 68.32 15.28
CA SER LA 126 -77.51 67.15 14.64
C SER LA 126 -78.55 66.21 14.00
N VAL LA 127 -79.59 65.86 14.76
CA VAL LA 127 -80.65 64.99 14.22
C VAL LA 127 -81.31 65.66 13.05
N ASN LA 128 -81.75 66.90 13.24
CA ASN LA 128 -82.26 67.69 12.14
C ASN LA 128 -81.36 67.58 10.93
N GLU LA 129 -80.16 68.15 11.02
CA GLU LA 129 -79.32 68.31 9.85
C GLU LA 129 -79.23 66.99 9.12
N LEU LA 130 -79.04 65.93 9.89
CA LEU LA 130 -78.97 64.61 9.33
C LEU LA 130 -80.24 64.11 8.64
N ILE LA 131 -81.37 64.15 9.32
CA ILE LA 131 -82.62 63.64 8.74
C ILE LA 131 -83.01 64.49 7.54
N TYR LA 132 -82.82 65.79 7.67
CA TYR LA 132 -83.19 66.73 6.63
C TYR LA 132 -82.29 66.59 5.42
N LYS LA 133 -81.00 66.80 5.63
CA LYS LA 133 -80.06 66.87 4.52
C LYS LA 133 -79.67 65.54 3.96
N ARG LA 134 -79.44 64.57 4.83
CA ARG LA 134 -78.96 63.26 4.44
C ARG LA 134 -79.82 62.14 4.96
N GLY LA 135 -81.13 62.26 4.70
CA GLY LA 135 -82.09 61.27 5.15
C GLY LA 135 -82.86 60.81 3.97
N TYR LA 136 -82.41 59.73 3.35
CA TYR LA 136 -83.26 59.00 2.43
C TYR LA 136 -83.82 57.80 3.19
N GLY LA 137 -84.94 57.30 2.68
CA GLY LA 137 -85.65 56.20 3.29
C GLY LA 137 -85.54 54.95 2.47
N LYS LA 138 -85.83 53.81 3.12
CA LYS LA 138 -85.86 52.50 2.49
C LYS LA 138 -87.31 52.11 2.12
N ILE LA 139 -87.67 52.30 0.84
CA ILE LA 139 -89.03 52.11 0.36
C ILE LA 139 -88.98 51.11 -0.77
N ASN LA 140 -89.65 49.98 -0.59
CA ASN LA 140 -89.48 48.78 -1.44
C ASN LA 140 -87.99 48.42 -1.52
N LYS LA 141 -87.30 48.54 -0.40
CA LYS LA 141 -85.89 48.25 -0.37
C LYS LA 141 -85.11 49.07 -1.43
N LYS LA 142 -85.12 50.40 -1.23
CA LYS LA 142 -84.48 51.36 -2.14
C LYS LA 142 -84.05 52.63 -1.40
N ARG LA 143 -82.78 53.05 -1.48
CA ARG LA 143 -82.39 54.40 -0.98
C ARG LA 143 -83.15 55.45 -1.82
N ILE LA 144 -84.33 55.86 -1.33
CA ILE LA 144 -85.18 56.88 -1.96
C ILE LA 144 -85.24 58.16 -1.13
N ALA LA 145 -85.05 59.30 -1.78
CA ALA LA 145 -84.95 60.61 -1.11
C ALA LA 145 -86.24 61.08 -0.46
N LEU LA 146 -86.13 61.61 0.76
CA LEU LA 146 -87.27 62.12 1.50
C LEU LA 146 -87.49 63.57 1.13
N THR LA 147 -88.29 63.77 0.08
CA THR LA 147 -88.52 65.09 -0.51
C THR LA 147 -89.89 65.61 -0.19
N ASP LA 148 -90.89 64.76 -0.33
CA ASP LA 148 -92.19 65.02 0.25
C ASP LA 148 -92.46 63.99 1.31
N ASN LA 149 -93.28 64.35 2.29
CA ASN LA 149 -93.57 63.47 3.39
C ASN LA 149 -94.81 62.58 3.28
N ALA LA 150 -95.34 62.51 2.07
CA ALA LA 150 -96.16 61.40 1.67
C ALA LA 150 -95.30 60.15 1.49
N LEU LA 151 -93.97 60.26 1.54
CA LEU LA 151 -93.07 59.08 1.57
C LEU LA 151 -92.84 58.51 2.94
N ILE LA 152 -92.92 59.34 3.96
CA ILE LA 152 -92.76 58.86 5.33
C ILE LA 152 -94.08 58.26 5.75
N ALA LA 153 -95.13 59.05 5.62
CA ALA LA 153 -96.45 58.58 5.93
C ALA LA 153 -96.72 57.24 5.23
N ARG LA 154 -96.29 57.13 3.98
CA ARG LA 154 -96.49 55.92 3.19
C ARG LA 154 -95.87 54.62 3.78
N SER LA 155 -94.81 54.73 4.57
CA SER LA 155 -94.24 53.57 5.24
C SER LA 155 -94.67 53.48 6.70
N LEU LA 156 -94.76 54.63 7.38
CA LEU LA 156 -94.86 54.70 8.85
C LEU LA 156 -96.17 55.25 9.43
N GLY LA 157 -97.13 55.58 8.56
CA GLY LA 157 -98.44 56.11 8.98
C GLY LA 157 -99.22 55.25 9.96
N LYS LA 158 -98.91 53.96 9.97
CA LYS LA 158 -99.46 53.05 10.96
C LYS LA 158 -98.83 53.15 12.35
N TYR LA 159 -97.81 53.99 12.55
CA TYR LA 159 -97.33 54.29 13.91
C TYR LA 159 -97.61 55.72 14.35
N GLY LA 160 -98.65 56.32 13.79
CA GLY LA 160 -98.89 57.73 14.02
C GLY LA 160 -97.75 58.62 13.54
N ILE LA 161 -96.87 58.11 12.68
CA ILE LA 161 -95.76 58.89 12.11
C ILE LA 161 -96.11 59.26 10.66
N ILE LA 162 -96.28 60.55 10.43
CA ILE LA 162 -96.80 61.05 9.16
C ILE LA 162 -95.97 62.10 8.45
N CYS LA 163 -94.89 62.57 9.06
CA CYS LA 163 -94.13 63.67 8.49
C CYS LA 163 -92.73 63.70 8.99
N MET LA 164 -91.91 64.45 8.27
CA MET LA 164 -90.50 64.55 8.60
C MET LA 164 -90.27 64.98 10.06
N GLU LA 165 -91.14 65.82 10.61
CA GLU LA 165 -91.03 66.19 12.01
C GLU LA 165 -91.46 65.08 12.99
N ASP LA 166 -92.49 64.28 12.64
CA ASP LA 166 -92.90 63.11 13.47
C ASP LA 166 -91.84 62.03 13.57
N LEU LA 167 -91.02 61.92 12.53
CA LEU LA 167 -89.86 61.05 12.59
C LEU LA 167 -89.00 61.51 13.75
N ILE LA 168 -88.77 62.82 13.80
CA ILE LA 168 -87.79 63.41 14.70
C ILE LA 168 -88.13 63.42 16.21
N HIS LA 169 -89.36 63.13 16.67
CA HIS LA 169 -89.48 62.65 18.09
C HIS LA 169 -88.82 61.32 18.11
N GLU LA 170 -89.34 60.43 17.27
CA GLU LA 170 -89.05 59.02 17.41
C GLU LA 170 -87.58 58.74 17.27
N ILE LA 171 -86.81 59.80 17.04
CA ILE LA 171 -85.41 59.73 16.93
C ILE LA 171 -84.64 60.49 18.04
N TYR LA 172 -85.18 61.49 18.76
CA TYR LA 172 -84.62 61.67 20.14
C TYR LA 172 -85.29 60.62 20.91
N THR LA 173 -86.57 60.89 21.17
CA THR LA 173 -87.21 60.47 22.38
C THR LA 173 -87.24 58.95 22.44
N VAL LA 174 -86.69 58.32 21.40
CA VAL LA 174 -86.62 56.90 21.25
C VAL LA 174 -88.04 56.47 20.91
N GLY LA 175 -88.95 56.60 21.86
CA GLY LA 175 -90.34 56.37 21.58
C GLY LA 175 -90.55 54.90 21.42
N LYS LA 176 -91.77 54.54 21.09
CA LYS LA 176 -92.14 53.15 21.00
C LYS LA 176 -91.61 52.51 19.73
N ARG LA 177 -91.56 53.32 18.68
CA ARG LA 177 -91.24 52.84 17.36
C ARG LA 177 -89.86 53.39 16.99
N PHE LA 178 -88.88 53.30 17.88
CA PHE LA 178 -87.54 53.66 17.44
C PHE LA 178 -87.20 52.71 16.30
N LYS LA 179 -87.26 51.41 16.61
CA LYS LA 179 -86.99 50.32 15.67
C LYS LA 179 -87.36 50.65 14.22
N GLU LA 180 -88.65 50.89 14.00
CA GLU LA 180 -89.20 51.01 12.64
C GLU LA 180 -89.04 52.39 12.07
N ALA LA 181 -88.90 53.40 12.93
CA ALA LA 181 -88.47 54.72 12.47
C ALA LA 181 -87.05 54.61 11.97
N ASN LA 182 -86.16 54.13 12.82
CA ASN LA 182 -84.78 53.89 12.41
C ASN LA 182 -84.53 52.61 11.62
N ASN LA 183 -85.53 52.14 10.87
CA ASN LA 183 -85.25 51.16 9.86
C ASN LA 183 -86.07 51.32 8.57
N PHE LA 184 -86.92 52.35 8.40
CA PHE LA 184 -87.07 52.86 7.02
C PHE LA 184 -85.81 53.71 6.89
N LEU LA 185 -85.38 54.44 7.92
CA LEU LA 185 -84.21 55.31 7.76
C LEU LA 185 -82.92 54.58 7.37
N TRP LA 186 -82.39 54.99 6.23
CA TRP LA 186 -81.39 54.24 5.50
C TRP LA 186 -80.09 54.93 5.81
N PRO LA 187 -79.02 54.16 6.09
CA PRO LA 187 -77.85 54.69 6.80
C PRO LA 187 -77.24 55.87 6.08
N PHE LA 188 -76.79 56.85 6.86
CA PHE LA 188 -76.64 58.20 6.38
C PHE LA 188 -75.21 58.21 5.91
N LYS LA 189 -75.00 58.56 4.65
CA LYS LA 189 -73.68 58.48 4.04
C LYS LA 189 -73.13 59.89 4.12
N LEU LA 190 -72.06 60.06 4.90
CA LEU LA 190 -71.54 61.37 5.33
C LEU LA 190 -70.22 61.66 4.67
N SER LA 191 -70.03 62.89 4.19
CA SER LA 191 -68.81 63.21 3.44
C SER LA 191 -67.63 63.29 4.38
N SER LA 192 -66.43 63.33 3.81
CA SER LA 192 -65.18 63.37 4.58
C SER LA 192 -65.16 64.51 5.58
N PRO LA 193 -64.64 64.29 6.82
CA PRO LA 193 -64.65 65.37 7.79
C PRO LA 193 -63.77 66.55 7.39
N ARG LA 194 -64.45 67.60 6.92
CA ARG LA 194 -63.86 68.86 6.47
C ARG LA 194 -63.02 69.51 7.53
N GLY LA 195 -61.70 69.50 7.34
CA GLY LA 195 -60.75 70.04 8.30
C GLY LA 195 -60.04 68.90 9.01
N GLY LA 196 -60.60 67.70 8.88
CA GLY LA 196 -59.82 66.50 9.02
C GLY LA 196 -59.88 65.95 10.41
N MET LA 197 -59.55 64.68 10.53
CA MET LA 197 -59.56 63.99 11.81
C MET LA 197 -58.34 64.38 12.65
N LYS LA 198 -58.30 63.85 13.87
CA LYS LA 198 -57.14 63.94 14.73
C LYS LA 198 -56.24 62.74 14.52
N LYS LA 199 -56.83 61.55 14.65
CA LYS LA 199 -56.11 60.29 14.50
C LYS LA 199 -57.09 59.12 14.40
N LYS LA 200 -57.33 58.65 13.19
CA LYS LA 200 -58.27 57.55 12.94
C LYS LA 200 -58.08 56.33 13.84
N THR LA 201 -56.89 56.18 14.40
CA THR LA 201 -56.44 54.92 14.98
C THR LA 201 -56.80 54.67 16.46
N THR LA 202 -56.79 55.74 17.26
CA THR LA 202 -56.71 55.65 18.72
C THR LA 202 -58.00 56.08 19.43
N HIS LA 203 -58.13 55.81 20.74
CA HIS LA 203 -59.27 56.39 21.44
C HIS LA 203 -59.19 57.90 21.42
N PHE LA 204 -60.30 58.56 21.08
CA PHE LA 204 -60.49 59.98 21.38
C PHE LA 204 -59.72 60.32 22.65
N VAL LA 205 -60.04 59.59 23.72
CA VAL LA 205 -59.48 59.79 25.05
C VAL LA 205 -57.94 60.00 25.06
N GLU LA 206 -57.23 59.27 24.23
CA GLU LA 206 -55.79 59.48 24.03
C GLU LA 206 -55.51 60.24 22.73
N GLY LA 207 -56.29 61.30 22.48
CA GLY LA 207 -56.12 62.20 21.35
C GLY LA 207 -56.59 61.75 19.97
N GLY LA 208 -57.17 60.56 19.88
CA GLY LA 208 -57.49 59.97 18.59
C GLY LA 208 -58.83 60.39 18.01
N ASP LA 209 -59.55 59.40 17.44
CA ASP LA 209 -60.89 59.60 16.84
C ASP LA 209 -61.96 58.54 17.15
N ALA LA 210 -61.61 57.49 17.87
CA ALA LA 210 -62.45 56.30 17.94
C ALA LA 210 -63.61 56.39 18.94
N GLY LA 211 -64.32 55.25 19.09
CA GLY LA 211 -65.38 54.97 20.10
C GLY LA 211 -66.17 56.09 20.74
N ASN LA 212 -66.41 56.05 22.07
CA ASN LA 212 -67.14 57.18 22.65
C ASN LA 212 -66.41 58.56 22.44
N ARG LA 213 -67.13 59.56 21.94
CA ARG LA 213 -66.91 60.99 22.28
C ARG LA 213 -68.22 61.60 22.84
N GLU LA 214 -68.35 61.71 24.15
CA GLU LA 214 -69.60 62.22 24.72
C GLU LA 214 -69.90 63.51 24.02
N ASP LA 215 -71.12 63.76 23.56
CA ASP LA 215 -71.54 65.14 23.27
C ASP LA 215 -70.73 65.76 22.09
N GLN LA 216 -69.40 65.70 22.23
CA GLN LA 216 -68.43 66.14 21.24
C GLN LA 216 -68.52 65.50 19.87
N ILE LA 217 -69.44 64.56 19.63
CA ILE LA 217 -69.71 64.09 18.26
C ILE LA 217 -70.36 65.14 17.37
N ASN LA 218 -70.87 66.17 17.98
CA ASN LA 218 -71.57 67.21 17.29
C ASN LA 218 -70.65 68.23 16.63
N ARG LA 219 -69.42 68.34 17.11
CA ARG LA 219 -68.39 69.01 16.32
C ARG LA 219 -68.29 68.14 15.07
N LEU LA 220 -68.09 66.84 15.27
CA LEU LA 220 -67.84 65.85 14.19
C LEU LA 220 -68.91 65.81 13.09
N ILE LA 221 -70.13 66.07 13.46
CA ILE LA 221 -71.20 65.94 12.51
C ILE LA 221 -71.30 67.18 11.65
N ARG LA 222 -71.06 68.37 12.22
CA ARG LA 222 -70.99 69.60 11.41
C ARG LA 222 -70.01 69.38 10.27
N ARG LA 223 -68.82 68.90 10.63
CA ARG LA 223 -67.73 68.70 9.67
C ARG LA 223 -68.01 67.64 8.58
N MET LA 224 -68.99 66.77 8.78
CA MET LA 224 -69.28 65.66 7.89
C MET LA 224 -70.61 65.62 7.16
N ASN LA 225 -71.58 66.39 7.64
CA ASN LA 225 -72.68 66.80 6.76
C ASN LA 225 -72.04 67.77 5.75
N GLY MA 1 -16.29 24.39 27.52
CA GLY MA 1 -16.90 24.89 28.79
C GLY MA 1 -18.40 25.13 28.69
N ARG MA 2 -18.76 26.19 27.95
CA ARG MA 2 -20.16 26.61 27.76
C ARG MA 2 -20.24 27.82 26.84
N ARG MA 3 -21.36 27.98 26.12
CA ARG MA 3 -21.53 29.20 25.30
C ARG MA 3 -21.58 30.36 26.29
N PRO MA 4 -21.31 31.59 25.82
CA PRO MA 4 -21.46 32.74 26.70
C PRO MA 4 -22.91 32.96 27.13
N ALA MA 5 -23.10 33.48 28.32
CA ALA MA 5 -24.43 33.59 28.89
C ALA MA 5 -25.45 34.14 27.88
N ARG MA 6 -25.04 35.10 27.04
CA ARG MA 6 -25.88 35.62 25.95
C ARG MA 6 -26.96 34.68 25.50
N CYS MA 7 -26.53 33.52 25.04
CA CYS MA 7 -27.38 32.64 24.27
C CYS MA 7 -28.44 31.95 25.14
N TYR MA 8 -28.26 31.99 26.47
CA TYR MA 8 -29.22 31.47 27.39
C TYR MA 8 -29.53 32.58 28.40
N ARG MA 9 -29.58 33.82 27.92
CA ARG MA 9 -29.86 34.95 28.79
C ARG MA 9 -31.33 35.10 29.06
N TYR MA 10 -32.11 34.71 28.08
CA TYR MA 10 -33.49 35.10 27.99
C TYR MA 10 -34.38 33.91 28.23
N CYS MA 11 -35.49 34.05 28.97
CA CYS MA 11 -36.39 32.90 29.14
C CYS MA 11 -37.24 32.83 27.92
N LYS MA 12 -37.01 31.81 27.12
CA LYS MA 12 -37.91 31.49 26.04
C LYS MA 12 -38.75 30.30 26.41
N ASN MA 13 -38.13 29.29 27.00
CA ASN MA 13 -38.79 28.02 27.11
C ASN MA 13 -39.49 27.89 28.45
N LYS MA 14 -40.33 26.87 28.53
CA LYS MA 14 -41.02 26.55 29.76
C LYS MA 14 -40.00 25.92 30.69
N PRO MA 15 -40.12 26.18 32.00
CA PRO MA 15 -39.20 25.55 32.94
C PRO MA 15 -38.92 24.06 32.73
N TYR MA 16 -37.64 23.71 32.67
CA TYR MA 16 -37.19 22.34 32.65
C TYR MA 16 -36.67 21.93 34.03
N PRO MA 17 -37.55 21.52 34.94
CA PRO MA 17 -36.97 21.13 36.22
C PRO MA 17 -36.24 19.79 36.11
N LYS MA 18 -35.09 19.67 36.77
CA LYS MA 18 -34.41 18.37 36.87
C LYS MA 18 -35.33 17.42 37.59
N SER MA 19 -35.67 16.33 36.93
CA SER MA 19 -36.73 15.46 37.40
C SER MA 19 -36.52 14.06 36.84
N ARG MA 20 -37.60 13.30 36.66
CA ARG MA 20 -37.52 12.05 35.94
C ARG MA 20 -37.31 12.36 34.46
N PHE MA 21 -37.93 13.43 33.99
CA PHE MA 21 -38.22 13.62 32.55
C PHE MA 21 -36.95 14.01 31.84
N CYS MA 22 -36.18 14.92 32.41
CA CYS MA 22 -34.79 15.07 32.01
C CYS MA 22 -33.93 14.54 33.12
N ARG MA 23 -32.84 13.89 32.73
CA ARG MA 23 -31.88 13.34 33.68
C ARG MA 23 -30.49 13.31 33.05
N GLY MA 24 -29.50 13.18 33.91
CA GLY MA 24 -28.11 13.38 33.53
C GLY MA 24 -27.73 14.85 33.61
N VAL MA 25 -28.31 15.54 34.57
CA VAL MA 25 -28.08 16.97 34.73
C VAL MA 25 -26.79 17.12 35.50
N PRO MA 26 -25.87 17.95 35.00
CA PRO MA 26 -24.65 18.22 35.75
C PRO MA 26 -25.02 19.07 36.95
N ASP MA 27 -24.43 18.75 38.10
CA ASP MA 27 -24.88 19.34 39.36
C ASP MA 27 -24.67 20.86 39.32
N ALA MA 28 -25.64 21.60 39.85
CA ALA MA 28 -25.60 23.05 39.83
C ALA MA 28 -24.28 23.55 40.37
N LYS MA 29 -23.67 24.49 39.66
CA LYS MA 29 -22.44 25.13 40.09
C LYS MA 29 -22.52 25.61 41.53
N ILE MA 30 -23.50 26.47 41.81
CA ILE MA 30 -23.69 27.05 43.14
C ILE MA 30 -24.21 26.01 44.15
N ARG MA 31 -23.81 26.17 45.40
CA ARG MA 31 -24.30 25.28 46.45
C ARG MA 31 -24.68 25.89 47.80
N ILE MA 32 -24.28 27.13 48.09
CA ILE MA 32 -24.52 27.70 49.40
C ILE MA 32 -25.22 29.05 49.22
N PHE MA 33 -26.54 29.05 49.43
CA PHE MA 33 -27.36 30.26 49.21
C PHE MA 33 -27.51 30.93 50.58
N ASP MA 34 -26.60 30.58 51.54
CA ASP MA 34 -26.26 31.49 52.66
C ASP MA 34 -24.97 31.24 53.49
N LEU MA 35 -24.30 32.35 53.86
CA LEU MA 35 -22.98 32.37 54.53
C LEU MA 35 -22.81 33.55 55.48
N GLY MA 36 -21.76 33.46 56.31
CA GLY MA 36 -21.54 34.39 57.43
C GLY MA 36 -22.01 33.77 58.73
N ARG MA 37 -22.61 34.58 59.59
CA ARG MA 37 -23.17 34.08 60.84
C ARG MA 37 -24.66 33.77 60.67
N LYS MA 38 -24.93 32.69 59.96
CA LYS MA 38 -26.28 32.11 59.92
C LYS MA 38 -26.73 31.58 61.29
N LYS MA 39 -25.84 31.65 62.29
CA LYS MA 39 -26.19 31.36 63.67
C LYS MA 39 -26.64 32.62 64.44
N ALA MA 40 -27.04 33.66 63.72
CA ALA MA 40 -27.43 34.93 64.34
C ALA MA 40 -28.80 34.88 65.02
N LYS MA 41 -29.15 36.01 65.64
CA LYS MA 41 -30.48 36.24 66.17
C LYS MA 41 -31.10 37.41 65.45
N VAL MA 42 -32.42 37.48 65.57
CA VAL MA 42 -33.17 38.52 64.93
C VAL MA 42 -32.82 39.86 65.62
N ASP MA 43 -32.58 39.80 66.94
CA ASP MA 43 -32.57 41.00 67.80
C ASP MA 43 -31.23 41.77 67.81
N GLU MA 44 -30.24 41.31 67.07
CA GLU MA 44 -28.88 41.84 67.16
C GLU MA 44 -28.30 42.17 65.79
N PHE MA 45 -29.17 42.31 64.78
CA PHE MA 45 -28.71 42.19 63.41
C PHE MA 45 -29.69 42.78 62.36
N PRO MA 46 -29.84 44.11 62.37
CA PRO MA 46 -31.00 44.80 61.85
C PRO MA 46 -30.98 45.53 60.50
N LEU MA 47 -30.54 44.91 59.43
CA LEU MA 47 -30.43 45.65 58.17
C LEU MA 47 -30.57 44.80 56.92
N GLY MA 48 -31.83 44.55 56.54
CA GLY MA 48 -32.15 43.73 55.37
C GLY MA 48 -31.87 44.46 54.07
N GLY MA 49 -30.60 44.52 53.69
CA GLY MA 49 -30.17 45.09 52.42
C GLY MA 49 -30.38 44.02 51.35
N HIS MA 50 -30.83 44.47 50.18
CA HIS MA 50 -31.42 43.61 49.16
C HIS MA 50 -30.78 43.91 47.81
N MET MA 51 -30.77 42.93 46.90
CA MET MA 51 -30.47 43.15 45.48
C MET MA 51 -31.62 42.61 44.64
N VAL MA 52 -32.18 43.46 43.79
CA VAL MA 52 -33.46 43.20 43.12
C VAL MA 52 -33.35 43.35 41.63
N SER MA 53 -33.88 42.38 40.89
CA SER MA 53 -33.84 42.43 39.42
C SER MA 53 -34.85 43.44 38.88
N ASP MA 54 -34.49 44.08 37.75
CA ASP MA 54 -35.40 45.00 37.07
C ASP MA 54 -35.89 44.48 35.73
N GLU MA 55 -35.57 43.21 35.40
CA GLU MA 55 -35.83 42.66 34.06
C GLU MA 55 -36.25 41.19 34.10
N TYR MA 56 -37.18 40.80 33.21
CA TYR MA 56 -37.58 39.40 33.05
C TYR MA 56 -36.40 38.65 32.37
N GLU MA 57 -35.45 38.08 33.14
CA GLU MA 57 -34.33 37.28 32.54
C GLU MA 57 -33.95 36.00 33.27
N GLN MA 58 -33.08 35.24 32.61
CA GLN MA 58 -32.44 34.07 33.17
C GLN MA 58 -31.07 34.43 33.74
N LEU MA 59 -30.73 33.88 34.91
CA LEU MA 59 -29.38 34.02 35.50
C LEU MA 59 -28.73 32.68 35.61
N SER MA 60 -27.51 32.57 35.11
CA SER MA 60 -26.78 31.31 35.20
C SER MA 60 -26.44 30.97 36.64
N SER MA 61 -26.22 29.69 36.89
CA SER MA 61 -25.75 29.21 38.19
C SER MA 61 -24.38 29.76 38.53
N GLU MA 62 -23.56 29.95 37.50
CA GLU MA 62 -22.17 30.29 37.68
C GLU MA 62 -21.97 31.76 37.93
N ALA MA 63 -22.92 32.56 37.45
CA ALA MA 63 -23.01 33.95 37.83
C ALA MA 63 -23.34 34.08 39.32
N LEU MA 64 -24.32 33.32 39.80
CA LEU MA 64 -24.73 33.39 41.19
C LEU MA 64 -23.56 33.12 42.09
N GLU MA 65 -22.75 32.13 41.73
CA GLU MA 65 -21.55 31.81 42.49
C GLU MA 65 -20.71 33.05 42.67
N ALA MA 66 -20.29 33.62 41.55
CA ALA MA 66 -19.43 34.79 41.55
C ALA MA 66 -20.04 35.94 42.33
N ALA MA 67 -21.30 36.20 42.02
CA ALA MA 67 -22.09 37.23 42.69
C ALA MA 67 -22.02 37.08 44.20
N ARG MA 68 -22.23 35.87 44.69
CA ARG MA 68 -22.05 35.63 46.11
C ARG MA 68 -20.62 35.97 46.54
N ILE MA 69 -19.65 35.26 45.96
CA ILE MA 69 -18.29 35.28 46.47
C ILE MA 69 -17.79 36.70 46.62
N CYS MA 70 -17.97 37.50 45.58
CA CYS MA 70 -17.48 38.89 45.59
C CYS MA 70 -18.16 39.77 46.65
N ALA MA 71 -19.36 39.38 47.12
CA ALA MA 71 -19.97 40.03 48.27
C ALA MA 71 -19.45 39.47 49.63
N ASN MA 72 -19.07 38.20 49.70
CA ASN MA 72 -18.32 37.68 50.87
C ASN MA 72 -16.95 38.28 51.05
N LYS MA 73 -16.40 38.82 49.98
CA LYS MA 73 -15.06 39.36 50.02
C LYS MA 73 -15.03 40.79 50.51
N TYR MA 74 -16.03 41.60 50.12
CA TYR MA 74 -16.03 43.02 50.49
C TYR MA 74 -16.59 43.23 51.86
N MET MA 75 -17.72 42.59 52.13
CA MET MA 75 -18.14 42.39 53.49
C MET MA 75 -17.19 41.28 53.91
N VAL MA 76 -16.68 41.32 55.15
CA VAL MA 76 -15.36 40.77 55.52
C VAL MA 76 -14.43 41.76 54.85
N LYS MA 77 -13.57 42.38 55.65
CA LYS MA 77 -13.14 43.77 55.48
C LYS MA 77 -14.29 44.46 56.22
N SER MA 78 -14.70 45.65 55.78
CA SER MA 78 -15.99 46.24 56.19
C SER MA 78 -16.48 45.89 57.61
N CYS MA 79 -17.05 44.70 57.80
CA CYS MA 79 -17.72 44.29 59.05
C CYS MA 79 -16.95 43.29 59.89
N GLY MA 80 -16.03 42.54 59.26
CA GLY MA 80 -15.46 41.36 59.87
C GLY MA 80 -16.28 40.11 59.55
N ARG MA 81 -15.74 38.98 59.94
CA ARG MA 81 -16.23 37.65 59.56
C ARG MA 81 -17.56 37.21 60.21
N ASP MA 82 -17.86 37.85 61.33
CA ASP MA 82 -18.97 37.52 62.23
C ASP MA 82 -20.13 38.47 61.92
N GLY MA 83 -19.82 39.59 61.25
CA GLY MA 83 -20.65 40.78 61.28
C GLY MA 83 -21.62 40.91 60.14
N PHE MA 84 -21.97 39.79 59.50
CA PHE MA 84 -23.09 39.76 58.55
C PHE MA 84 -23.75 38.38 58.35
N HIS MA 85 -24.84 38.41 57.58
CA HIS MA 85 -25.40 37.23 56.95
C HIS MA 85 -25.55 37.59 55.48
N MET MA 86 -25.22 36.67 54.56
CA MET MA 86 -25.65 36.80 53.16
C MET MA 86 -26.49 35.63 52.71
N ARG MA 87 -27.58 35.93 52.00
CA ARG MA 87 -28.54 34.93 51.52
C ARG MA 87 -28.70 35.17 50.02
N VAL MA 88 -28.59 34.10 49.24
CA VAL MA 88 -28.94 34.13 47.83
C VAL MA 88 -30.31 33.45 47.72
N ARG MA 89 -31.17 33.97 46.87
CA ARG MA 89 -32.57 33.58 46.84
C ARG MA 89 -33.01 33.20 45.46
N LEU MA 90 -32.14 32.47 44.76
CA LEU MA 90 -32.44 31.97 43.42
C LEU MA 90 -31.62 30.74 43.17
N HIS MA 91 -32.14 29.56 43.52
CA HIS MA 91 -31.29 28.37 43.45
C HIS MA 91 -31.62 27.89 42.05
N PRO MA 92 -30.60 27.71 41.18
CA PRO MA 92 -30.78 27.53 39.74
C PRO MA 92 -31.17 26.11 39.46
N PHE MA 93 -32.12 25.92 38.57
CA PHE MA 93 -33.18 25.05 38.98
C PHE MA 93 -34.17 24.70 37.87
N HIS MA 94 -34.49 25.62 36.94
CA HIS MA 94 -34.86 25.12 35.61
C HIS MA 94 -33.42 24.84 34.96
N VAL MA 95 -33.35 23.72 34.25
CA VAL MA 95 -32.18 23.19 33.49
C VAL MA 95 -32.08 23.67 32.06
N ILE MA 96 -30.87 24.06 31.68
CA ILE MA 96 -30.65 24.66 30.38
C ILE MA 96 -30.07 23.64 29.40
N ARG MA 97 -30.36 23.79 28.12
CA ARG MA 97 -30.00 22.78 27.12
C ARG MA 97 -29.02 23.26 26.05
N ILE MA 98 -28.45 22.28 25.37
CA ILE MA 98 -27.38 22.45 24.39
C ILE MA 98 -27.60 21.38 23.38
N ASN MA 99 -27.76 21.73 22.11
CA ASN MA 99 -27.64 20.74 21.05
C ASN MA 99 -26.19 20.33 21.16
N LYS MA 100 -25.87 19.07 20.87
CA LYS MA 100 -24.57 18.55 21.26
C LYS MA 100 -23.46 19.00 20.31
N MET MA 101 -23.36 20.30 20.15
CA MET MA 101 -22.19 21.01 19.64
C MET MA 101 -21.90 20.79 18.15
N LEU MA 102 -22.81 20.13 17.45
CA LEU MA 102 -22.64 19.92 16.03
C LEU MA 102 -21.26 19.31 15.79
N SER MA 103 -20.90 18.31 16.59
CA SER MA 103 -19.55 17.78 16.54
C SER MA 103 -19.20 17.15 15.19
N CYS MA 104 -18.00 17.48 14.70
CA CYS MA 104 -17.49 16.95 13.45
C CYS MA 104 -15.96 16.90 13.48
N ALA MA 105 -15.37 16.08 12.63
CA ALA MA 105 -13.92 15.95 12.60
C ALA MA 105 -13.32 16.52 11.32
N GLY MA 106 -12.36 17.44 11.47
CA GLY MA 106 -11.69 18.04 10.34
C GLY MA 106 -12.66 18.73 9.39
N ALA MA 107 -12.51 18.44 8.11
CA ALA MA 107 -13.43 18.94 7.10
C ALA MA 107 -14.81 18.37 7.36
N ASP MA 108 -14.84 17.10 7.77
CA ASP MA 108 -16.07 16.41 8.12
C ASP MA 108 -16.77 15.83 6.88
N ARG MA 109 -17.91 15.18 7.11
CA ARG MA 109 -18.68 14.58 6.03
C ARG MA 109 -20.18 14.54 6.33
N LEU MA 110 -20.53 14.16 7.55
CA LEU MA 110 -21.92 14.12 7.97
C LEU MA 110 -22.14 14.61 9.40
N GLN MA 111 -23.09 15.52 9.58
CA GLN MA 111 -23.54 15.90 10.91
C GLN MA 111 -25.00 15.52 11.11
N THR MA 112 -25.71 15.39 9.99
CA THR MA 112 -27.15 15.12 9.94
C THR MA 112 -27.92 16.44 10.07
N GLY MA 113 -27.19 17.50 10.34
CA GLY MA 113 -27.67 18.87 10.35
C GLY MA 113 -28.69 19.26 11.42
N MET MA 114 -29.90 18.71 11.34
CA MET MA 114 -30.93 19.09 12.31
C MET MA 114 -31.69 17.95 12.99
N ARG MA 115 -31.49 16.71 12.53
CA ARG MA 115 -32.31 15.59 13.02
C ARG MA 115 -32.06 15.27 14.47
N GLY MA 116 -33.13 15.16 15.25
CA GLY MA 116 -33.02 14.94 16.69
C GLY MA 116 -32.44 16.19 17.32
N ALA MA 117 -32.90 17.33 16.82
CA ALA MA 117 -32.40 18.65 17.21
C ALA MA 117 -32.25 18.74 18.72
N PHE MA 118 -33.23 18.18 19.44
CA PHE MA 118 -33.26 18.22 20.89
C PHE MA 118 -31.90 17.92 21.49
N GLY MA 119 -31.39 18.87 22.26
CA GLY MA 119 -30.16 18.71 22.97
C GLY MA 119 -30.12 17.86 24.23
N LYS MA 120 -29.14 18.19 25.06
CA LYS MA 120 -28.86 17.51 26.31
C LYS MA 120 -28.86 18.56 27.40
N PRO MA 121 -28.76 18.10 28.66
CA PRO MA 121 -28.49 19.04 29.74
C PRO MA 121 -27.09 19.61 29.63
N GLN MA 122 -26.99 20.92 29.77
CA GLN MA 122 -25.71 21.61 29.86
C GLN MA 122 -25.43 22.09 31.28
N GLY MA 123 -26.42 22.72 31.90
CA GLY MA 123 -26.23 23.36 33.20
C GLY MA 123 -27.55 23.72 33.83
N THR MA 124 -27.55 24.81 34.57
CA THR MA 124 -28.72 25.22 35.29
C THR MA 124 -28.71 26.73 35.44
N VAL MA 125 -29.91 27.27 35.61
CA VAL MA 125 -30.16 28.69 35.53
C VAL MA 125 -31.33 28.99 36.44
N ALA MA 126 -31.51 30.25 36.83
CA ALA MA 126 -32.72 30.69 37.52
C ALA MA 126 -33.67 31.43 36.58
N ARG MA 127 -34.98 31.27 36.79
CA ARG MA 127 -35.96 32.26 36.35
C ARG MA 127 -35.89 33.46 37.30
N VAL MA 128 -36.01 34.69 36.78
CA VAL MA 128 -36.01 35.92 37.60
C VAL MA 128 -37.04 36.92 37.06
N HIS MA 129 -38.02 37.32 37.86
CA HIS MA 129 -38.98 38.30 37.37
C HIS MA 129 -38.55 39.66 37.87
N ILE MA 130 -39.23 40.70 37.40
CA ILE MA 130 -38.90 42.07 37.77
C ILE MA 130 -39.32 42.29 39.22
N GLY MA 131 -38.59 43.13 39.93
CA GLY MA 131 -38.89 43.44 41.32
C GLY MA 131 -38.73 42.26 42.26
N GLN MA 132 -38.03 41.22 41.80
CA GLN MA 132 -37.85 40.00 42.57
C GLN MA 132 -36.43 39.99 43.09
N VAL MA 133 -36.28 39.53 44.32
CA VAL MA 133 -34.99 39.57 45.00
C VAL MA 133 -34.11 38.43 44.52
N ILE MA 134 -32.82 38.72 44.46
CA ILE MA 134 -31.80 37.75 44.10
C ILE MA 134 -31.00 37.45 45.35
N MET MA 135 -30.28 38.45 45.87
CA MET MA 135 -29.47 38.30 47.07
C MET MA 135 -29.99 39.21 48.13
N SER MA 136 -29.84 38.80 49.37
CA SER MA 136 -30.08 39.69 50.49
C SER MA 136 -28.98 39.48 51.53
N ILE MA 137 -28.84 40.46 52.40
CA ILE MA 137 -27.79 40.50 53.40
C ILE MA 137 -28.38 41.11 54.66
N ARG MA 138 -27.90 40.73 55.84
CA ARG MA 138 -28.12 41.55 57.02
C ARG MA 138 -26.86 41.85 57.78
N THR MA 139 -26.84 43.01 58.42
CA THR MA 139 -25.72 43.41 59.29
C THR MA 139 -26.27 44.17 60.49
N LYS MA 140 -25.46 45.08 61.03
CA LYS MA 140 -25.89 46.10 61.99
C LYS MA 140 -26.35 47.37 61.25
N LEU MA 141 -27.16 48.16 61.93
CA LEU MA 141 -27.79 49.34 61.32
C LEU MA 141 -26.72 50.37 61.00
N GLN MA 142 -25.78 50.49 61.94
CA GLN MA 142 -24.40 50.95 61.72
C GLN MA 142 -23.87 50.88 60.29
N ASN MA 143 -23.92 49.67 59.74
CA ASN MA 143 -23.04 49.25 58.68
C ASN MA 143 -23.73 49.13 57.31
N GLU MA 144 -24.58 50.12 57.01
CA GLU MA 144 -25.39 50.17 55.80
C GLU MA 144 -24.52 50.22 54.55
N GLU MA 145 -23.65 51.23 54.49
CA GLU MA 145 -22.70 51.44 53.36
C GLU MA 145 -21.98 50.18 52.92
N HIS MA 146 -21.70 49.33 53.90
CA HIS MA 146 -20.88 48.15 53.71
C HIS MA 146 -21.69 46.97 53.19
N VAL MA 147 -23.02 47.05 53.30
CA VAL MA 147 -23.92 46.21 52.50
C VAL MA 147 -24.05 46.79 51.09
N ILE MA 148 -24.47 48.06 51.01
CA ILE MA 148 -24.69 48.75 49.73
C ILE MA 148 -23.66 48.31 48.71
N GLU MA 149 -22.39 48.60 49.01
CA GLU MA 149 -21.33 48.41 48.05
C GLU MA 149 -21.03 46.93 47.74
N ALA MA 150 -21.29 46.04 48.70
CA ALA MA 150 -21.06 44.61 48.49
C ALA MA 150 -21.98 44.02 47.45
N LEU MA 151 -23.24 44.43 47.51
CA LEU MA 151 -24.20 44.09 46.47
C LEU MA 151 -23.89 44.87 45.20
N ARG MA 152 -23.39 46.09 45.35
CA ARG MA 152 -22.97 46.90 44.21
C ARG MA 152 -21.92 46.17 43.35
N ARG MA 153 -20.92 45.56 43.98
CA ARG MA 153 -19.91 44.76 43.25
C ARG MA 153 -20.47 43.49 42.64
N ALA MA 154 -21.44 42.90 43.34
CA ALA MA 154 -22.09 41.69 42.86
C ALA MA 154 -22.89 41.92 41.57
N LYS MA 155 -23.43 43.12 41.38
CA LYS MA 155 -24.14 43.47 40.13
C LYS MA 155 -23.34 43.30 38.84
N PHE MA 156 -22.02 43.17 38.98
CA PHE MA 156 -21.13 43.22 37.86
C PHE MA 156 -20.63 41.82 37.50
N LYS MA 157 -21.23 40.81 38.11
CA LYS MA 157 -21.01 39.41 37.73
C LYS MA 157 -22.25 38.86 37.01
N PHE MA 158 -23.04 39.74 36.43
CA PHE MA 158 -24.47 39.60 36.53
C PHE MA 158 -25.16 40.46 35.46
N PRO MA 159 -25.85 39.82 34.51
CA PRO MA 159 -26.34 40.52 33.33
C PRO MA 159 -27.55 41.40 33.59
N GLY MA 160 -27.95 42.10 32.54
CA GLY MA 160 -29.08 42.98 32.60
C GLY MA 160 -28.83 44.11 33.57
N ARG MA 161 -29.79 44.31 34.48
CA ARG MA 161 -29.77 45.47 35.36
C ARG MA 161 -30.74 45.26 36.52
N GLN MA 162 -30.41 45.91 37.63
CA GLN MA 162 -30.91 45.54 38.93
C GLN MA 162 -30.55 46.56 40.01
N LYS MA 163 -31.54 46.93 40.81
CA LYS MA 163 -31.36 47.95 41.82
C LYS MA 163 -30.98 47.32 43.15
N ILE MA 164 -30.28 48.11 43.94
CA ILE MA 164 -29.97 47.79 45.32
C ILE MA 164 -30.88 48.62 46.18
N HIS MA 165 -31.47 47.95 47.15
CA HIS MA 165 -32.58 48.49 47.87
C HIS MA 165 -32.43 48.08 49.31
N ILE MA 166 -32.85 48.94 50.22
CA ILE MA 166 -32.78 48.61 51.63
C ILE MA 166 -34.19 48.46 52.17
N SER MA 167 -34.40 47.39 52.93
CA SER MA 167 -35.73 46.97 53.27
C SER MA 167 -36.23 47.65 54.53
N LYS MA 168 -37.52 47.51 54.73
CA LYS MA 168 -38.22 48.09 55.84
C LYS MA 168 -38.58 47.03 56.90
N LYS MA 169 -37.99 45.83 56.83
CA LYS MA 169 -38.41 44.68 57.64
C LYS MA 169 -37.34 44.34 58.68
N TRP MA 170 -37.63 43.64 59.80
CA TRP MA 170 -36.46 43.22 60.65
C TRP MA 170 -35.63 42.19 59.92
N GLY MA 171 -34.58 42.72 59.29
CA GLY MA 171 -33.57 41.92 58.66
C GLY MA 171 -34.19 41.03 57.62
N PHE MA 172 -34.54 39.82 58.05
CA PHE MA 172 -34.95 38.75 57.15
C PHE MA 172 -36.38 38.29 57.37
N THR MA 173 -37.11 38.97 58.24
CA THR MA 173 -38.50 38.64 58.49
C THR MA 173 -39.34 39.33 57.42
N LYS MA 174 -40.65 39.24 57.56
CA LYS MA 174 -41.56 40.06 56.76
C LYS MA 174 -42.11 41.24 57.55
N PHE MA 175 -41.60 41.48 58.77
CA PHE MA 175 -42.27 42.34 59.74
C PHE MA 175 -41.66 43.71 59.76
N ASN MA 176 -42.49 44.71 59.53
CA ASN MA 176 -42.02 46.04 59.17
C ASN MA 176 -41.29 46.72 60.38
N ALA MA 177 -39.96 46.79 60.26
CA ALA MA 177 -38.98 47.34 61.23
C ALA MA 177 -39.43 48.42 62.19
N ASP MA 178 -40.28 49.36 61.75
CA ASP MA 178 -40.78 50.39 62.67
C ASP MA 178 -41.51 49.81 63.93
N GLU MA 179 -41.60 48.47 64.02
CA GLU MA 179 -42.68 47.78 64.71
C GLU MA 179 -42.30 46.56 65.60
N PHE MA 180 -41.18 45.89 65.33
CA PHE MA 180 -40.70 44.80 66.21
C PHE MA 180 -40.71 45.08 67.70
N GLU MA 181 -39.97 46.11 68.13
CA GLU MA 181 -39.65 46.25 69.55
C GLU MA 181 -40.96 46.11 70.32
N ASN MA 182 -41.97 46.83 69.82
CA ASN MA 182 -43.34 46.68 70.28
C ASN MA 182 -43.83 45.24 70.15
N MET MA 183 -43.95 44.75 68.92
CA MET MA 183 -44.52 43.40 68.67
C MET MA 183 -43.83 42.23 69.40
N VAL MA 184 -42.55 42.39 69.72
CA VAL MA 184 -41.83 41.44 70.58
C VAL MA 184 -42.22 41.69 72.04
N ALA MA 185 -42.12 42.94 72.49
CA ALA MA 185 -42.49 43.30 73.86
C ALA MA 185 -44.02 43.33 74.01
N LYS MA 186 -44.59 42.14 74.18
CA LYS MA 186 -46.04 41.83 74.21
C LYS MA 186 -46.32 40.54 73.45
N LYS MA 187 -45.36 40.10 72.65
CA LYS MA 187 -45.30 38.74 72.12
C LYS MA 187 -46.40 38.46 71.09
N CYS MA 188 -46.56 39.38 70.14
CA CYS MA 188 -47.13 39.02 68.83
C CYS MA 188 -46.05 38.19 68.08
N LEU MA 189 -44.78 38.51 68.33
CA LEU MA 189 -43.62 37.85 67.68
C LEU MA 189 -42.64 37.27 68.70
N ILE MA 190 -42.27 36.00 68.52
CA ILE MA 190 -41.34 35.32 69.43
C ILE MA 190 -40.09 34.84 68.70
N PRO MA 191 -38.90 35.17 69.23
CA PRO MA 191 -37.60 34.82 68.62
C PRO MA 191 -37.36 33.34 68.36
N ASP MA 192 -36.73 33.07 67.23
CA ASP MA 192 -36.66 31.73 66.65
C ASP MA 192 -35.41 31.65 65.78
N GLY MA 193 -34.24 31.80 66.38
CA GLY MA 193 -32.98 31.85 65.62
C GLY MA 193 -32.91 33.02 64.63
N CYS MA 194 -32.78 32.70 63.34
CA CYS MA 194 -32.79 33.71 62.30
C CYS MA 194 -34.12 34.42 62.30
N GLY MA 195 -35.17 33.65 62.00
CA GLY MA 195 -36.51 34.20 61.85
C GLY MA 195 -37.23 34.38 63.17
N VAL MA 196 -38.54 34.40 63.08
CA VAL MA 196 -39.36 34.77 64.21
C VAL MA 196 -40.74 34.14 63.96
N LYS MA 197 -41.42 33.68 65.01
CA LYS MA 197 -42.79 33.19 64.85
C LYS MA 197 -43.80 34.27 65.16
N TYR MA 198 -44.70 34.55 64.21
CA TYR MA 198 -45.89 35.35 64.49
C TYR MA 198 -46.85 34.45 65.25
N VAL MA 199 -47.25 34.85 66.46
CA VAL MA 199 -48.18 34.09 67.27
C VAL MA 199 -49.50 34.83 67.41
N PRO MA 200 -50.59 34.24 66.91
CA PRO MA 200 -51.86 34.96 66.88
C PRO MA 200 -52.81 34.60 68.02
N ASN MA 201 -53.87 35.39 68.12
CA ASN MA 201 -54.93 35.17 69.08
C ASN MA 201 -55.87 34.11 68.51
N HIS MA 202 -55.35 32.88 68.43
CA HIS MA 202 -55.99 31.77 67.71
C HIS MA 202 -56.05 30.48 68.52
N GLY MA 203 -54.89 29.89 68.80
CA GLY MA 203 -54.81 28.50 69.26
C GLY MA 203 -55.34 28.27 70.66
N PRO MA 204 -55.09 27.07 71.22
CA PRO MA 204 -55.59 26.79 72.57
C PRO MA 204 -54.96 27.68 73.64
N LEU MA 205 -55.71 27.99 74.68
CA LEU MA 205 -55.29 28.98 75.67
C LEU MA 205 -54.05 28.58 76.49
N ASP MA 206 -53.79 27.27 76.59
CA ASP MA 206 -52.62 26.74 77.32
C ASP MA 206 -51.34 26.95 76.50
N LYS MA 207 -51.49 27.17 75.20
CA LYS MA 207 -50.38 27.65 74.36
C LYS MA 207 -49.98 29.04 74.82
N TRP MA 208 -50.96 29.89 75.05
CA TRP MA 208 -50.67 31.21 75.58
C TRP MA 208 -50.11 31.08 76.99
N ARG MA 209 -50.83 30.41 77.88
CA ARG MA 209 -50.39 30.22 79.29
C ARG MA 209 -48.86 30.11 79.51
N VAL MA 210 -48.15 29.52 78.54
CA VAL MA 210 -46.68 29.43 78.53
C VAL MA 210 -46.00 30.80 78.46
N LEU MA 211 -46.47 31.67 77.57
CA LEU MA 211 -46.04 33.07 77.56
C LEU MA 211 -46.81 33.82 78.62
N HIS MA 212 -46.39 35.06 78.87
CA HIS MA 212 -47.01 35.94 79.86
C HIS MA 212 -47.27 35.15 81.14
N SER MA 213 -46.21 34.47 81.57
CA SER MA 213 -46.25 33.41 82.56
C SER MA 213 -45.22 33.66 83.68
N VAL NA 1 -38.09 51.45 -67.90
CA VAL NA 1 -38.90 51.25 -66.65
C VAL NA 1 -38.99 52.54 -65.84
N ARG NA 2 -39.69 52.48 -64.72
CA ARG NA 2 -39.81 53.61 -63.80
C ARG NA 2 -38.52 53.70 -62.98
N TYR NA 3 -38.14 54.92 -62.61
CA TYR NA 3 -37.22 55.08 -61.48
C TYR NA 3 -37.95 55.72 -60.33
N SER NA 4 -37.22 55.80 -59.23
CA SER NA 4 -37.54 56.71 -58.18
C SER NA 4 -37.36 58.11 -58.75
N LEU NA 5 -38.19 59.04 -58.32
CA LEU NA 5 -37.90 60.47 -58.47
C LEU NA 5 -37.81 60.93 -59.92
N ASP NA 6 -38.95 61.13 -60.57
CA ASP NA 6 -38.93 61.37 -62.01
C ASP NA 6 -38.92 62.85 -62.37
N PRO NA 7 -37.88 63.22 -63.16
CA PRO NA 7 -37.11 64.47 -63.10
C PRO NA 7 -37.93 65.74 -63.28
N GLU NA 8 -37.32 66.86 -62.92
CA GLU NA 8 -38.02 68.14 -62.85
C GLU NA 8 -38.57 68.53 -64.23
N ASN NA 9 -37.70 68.48 -65.24
CA ASN NA 9 -38.11 68.52 -66.67
C ASN NA 9 -37.59 67.29 -67.40
N PRO NA 10 -38.50 66.45 -67.94
CA PRO NA 10 -38.02 65.33 -68.74
C PRO NA 10 -37.53 65.73 -70.14
N THR NA 11 -37.60 67.02 -70.47
CA THR NA 11 -37.05 67.55 -71.70
C THR NA 11 -35.53 67.47 -71.72
N LYS NA 12 -34.90 68.03 -70.69
CA LYS NA 12 -33.43 68.15 -70.62
C LYS NA 12 -32.80 67.31 -69.49
N SER NA 13 -33.18 66.04 -69.48
CA SER NA 13 -32.76 65.13 -68.44
C SER NA 13 -32.63 63.72 -68.96
N CYS NA 14 -31.41 63.23 -68.94
CA CYS NA 14 -31.08 61.92 -69.44
C CYS NA 14 -30.97 60.98 -68.28
N LYS NA 15 -31.23 59.71 -68.57
CA LYS NA 15 -31.29 58.64 -67.59
C LYS NA 15 -30.34 57.54 -67.97
N SER NA 16 -29.99 56.71 -66.99
CA SER NA 16 -29.29 55.48 -67.26
C SER NA 16 -29.36 54.58 -66.06
N ARG NA 17 -29.42 53.28 -66.32
CA ARG NA 17 -29.47 52.27 -65.29
C ARG NA 17 -28.73 51.05 -65.70
N GLY NA 18 -28.27 50.32 -64.70
CA GLY NA 18 -27.66 49.03 -64.89
C GLY NA 18 -28.28 48.10 -63.89
N SER NA 19 -28.59 46.88 -64.36
CA SER NA 19 -29.33 45.94 -63.56
C SER NA 19 -28.54 44.67 -63.33
N ASN NA 20 -28.22 44.43 -62.07
CA ASN NA 20 -27.79 43.15 -61.57
C ASN NA 20 -26.28 42.97 -61.81
N LEU NA 21 -25.52 43.99 -61.42
CA LEU NA 21 -24.09 44.11 -61.74
C LEU NA 21 -23.26 43.53 -60.63
N ARG NA 22 -22.30 42.68 -60.98
CA ARG NA 22 -21.37 42.12 -60.01
C ARG NA 22 -20.40 43.17 -59.46
N VAL NA 23 -20.91 43.97 -58.53
CA VAL NA 23 -20.12 44.88 -57.71
C VAL NA 23 -20.69 44.80 -56.34
N HIS NA 24 -20.14 45.60 -55.43
CA HIS NA 24 -20.36 45.36 -54.04
C HIS NA 24 -21.23 46.44 -53.48
N PHE NA 25 -22.51 46.08 -53.31
CA PHE NA 25 -23.58 47.06 -53.11
C PHE NA 25 -23.09 48.13 -52.11
N LYS NA 26 -22.41 47.73 -51.06
CA LYS NA 26 -21.93 48.66 -50.04
C LYS NA 26 -20.85 49.71 -50.39
N ASN NA 27 -20.01 49.47 -51.41
CA ASN NA 27 -18.99 50.46 -51.85
C ASN NA 27 -19.52 51.17 -53.09
N THR NA 28 -20.31 50.47 -53.92
CA THR NA 28 -21.00 51.15 -55.03
C THR NA 28 -22.05 52.12 -54.57
N ARG NA 29 -22.58 51.92 -53.38
CA ARG NA 29 -23.41 52.93 -52.76
C ARG NA 29 -22.55 54.16 -52.41
N GLU NA 30 -21.49 53.91 -51.65
CA GLU NA 30 -20.75 54.99 -50.99
C GLU NA 30 -19.98 55.87 -51.97
N THR NA 31 -19.42 55.26 -53.02
CA THR NA 31 -18.94 56.02 -54.17
C THR NA 31 -20.07 56.81 -54.82
N ALA NA 32 -21.25 56.22 -54.88
CA ALA NA 32 -22.37 56.85 -55.54
C ALA NA 32 -23.02 57.98 -54.77
N GLN NA 33 -22.62 58.19 -53.52
CA GLN NA 33 -23.10 59.37 -52.83
C GLN NA 33 -22.13 60.52 -52.73
N ALA NA 34 -20.85 60.25 -52.87
CA ALA NA 34 -19.91 61.33 -53.07
C ALA NA 34 -20.18 62.01 -54.42
N ILE NA 35 -20.26 61.17 -55.46
CA ILE NA 35 -20.43 61.61 -56.84
C ILE NA 35 -21.70 62.46 -57.05
N LYS NA 36 -22.72 62.24 -56.22
CA LYS NA 36 -23.99 62.95 -56.31
C LYS NA 36 -23.84 64.45 -56.12
N GLY NA 37 -24.60 65.23 -56.88
CA GLY NA 37 -24.51 66.69 -56.84
C GLY NA 37 -23.23 67.26 -57.41
N MET NA 38 -22.52 66.47 -58.22
CA MET NA 38 -21.40 66.97 -59.00
C MET NA 38 -21.87 67.21 -60.43
N HIS NA 39 -21.04 67.94 -61.17
CA HIS NA 39 -21.26 68.20 -62.57
C HIS NA 39 -20.34 67.22 -63.30
N ILE NA 40 -20.95 66.30 -64.07
CA ILE NA 40 -20.27 65.20 -64.79
C ILE NA 40 -18.77 65.33 -64.91
N ARG NA 41 -18.34 66.38 -65.60
CA ARG NA 41 -16.94 66.48 -66.00
C ARG NA 41 -15.96 66.53 -64.81
N LYS NA 42 -16.46 66.96 -63.65
CA LYS NA 42 -15.78 66.81 -62.36
C LYS NA 42 -15.83 65.38 -61.85
N ALA NA 43 -17.02 64.78 -61.87
CA ALA NA 43 -17.23 63.37 -61.48
C ALA NA 43 -16.34 62.38 -62.22
N THR NA 44 -16.22 62.57 -63.53
CA THR NA 44 -15.36 61.72 -64.35
C THR NA 44 -13.89 61.79 -63.98
N LYS NA 45 -13.42 62.93 -63.51
CA LYS NA 45 -12.04 63.03 -63.03
C LYS NA 45 -11.88 62.18 -61.78
N TYR NA 46 -12.65 62.54 -60.76
CA TYR NA 46 -12.67 61.86 -59.47
C TYR NA 46 -12.63 60.36 -59.60
N LEU NA 47 -13.56 59.79 -60.39
CA LEU NA 47 -13.65 58.34 -60.49
C LEU NA 47 -12.40 57.75 -61.14
N LYS NA 48 -11.69 58.53 -61.96
CA LYS NA 48 -10.34 58.15 -62.39
C LYS NA 48 -9.38 58.32 -61.23
N ASP NA 49 -9.47 59.45 -60.54
CA ASP NA 49 -8.68 59.68 -59.32
C ASP NA 49 -8.88 58.65 -58.20
N VAL NA 50 -10.09 58.09 -58.11
CA VAL NA 50 -10.37 57.01 -57.18
C VAL NA 50 -9.67 55.77 -57.66
N THR NA 51 -9.67 55.54 -58.95
CA THR NA 51 -8.95 54.42 -59.50
C THR NA 51 -7.43 54.60 -59.27
N LEU NA 52 -6.88 55.76 -59.65
CA LEU NA 52 -5.45 56.05 -59.48
C LEU NA 52 -4.97 56.34 -58.05
N GLN NA 53 -5.90 56.45 -57.12
CA GLN NA 53 -5.66 56.79 -55.71
C GLN NA 53 -5.22 58.21 -55.32
N LYS NA 54 -5.80 59.21 -55.98
CA LYS NA 54 -5.53 60.63 -55.66
C LYS NA 54 -6.65 61.30 -54.89
N GLN NA 55 -7.85 60.73 -54.92
CA GLN NA 55 -8.95 61.18 -54.07
C GLN NA 55 -9.64 59.93 -53.52
N CYS NA 56 -10.12 60.00 -52.28
CA CYS NA 56 -10.84 58.89 -51.69
C CYS NA 56 -12.34 59.00 -51.92
N VAL NA 57 -13.01 57.90 -51.64
CA VAL NA 57 -14.43 57.89 -51.40
C VAL NA 57 -14.54 57.77 -49.90
N PRO NA 58 -15.34 58.61 -49.27
CA PRO NA 58 -15.53 58.67 -47.84
C PRO NA 58 -16.63 57.75 -47.38
N PHE NA 59 -16.33 56.90 -46.41
CA PHE NA 59 -17.23 55.82 -46.03
C PHE NA 59 -18.04 56.23 -44.81
N ARG NA 60 -19.30 56.56 -45.05
CA ARG NA 60 -20.19 57.11 -44.03
C ARG NA 60 -21.05 56.01 -43.38
N ARG NA 61 -22.09 55.52 -44.06
CA ARG NA 61 -23.03 54.57 -43.46
C ARG NA 61 -22.30 53.25 -43.18
N TYR NA 62 -21.69 52.67 -44.22
CA TYR NA 62 -21.03 51.36 -44.16
C TYR NA 62 -19.55 51.51 -43.95
N ASN NA 63 -19.17 51.62 -42.69
CA ASN NA 63 -17.79 51.93 -42.30
C ASN NA 63 -17.16 51.07 -41.20
N GLY NA 64 -17.89 50.04 -40.76
CA GLY NA 64 -17.37 49.03 -39.85
C GLY NA 64 -16.09 48.42 -40.37
N GLY NA 65 -14.99 48.70 -39.65
CA GLY NA 65 -13.67 48.16 -39.95
C GLY NA 65 -12.90 48.91 -41.01
N VAL NA 66 -13.53 49.93 -41.59
CA VAL NA 66 -12.92 50.65 -42.69
C VAL NA 66 -11.79 51.47 -42.15
N GLY NA 67 -10.66 51.40 -42.82
CA GLY NA 67 -9.46 52.10 -42.40
C GLY NA 67 -9.64 53.59 -42.51
N ARG NA 68 -8.97 54.30 -41.61
CA ARG NA 68 -8.94 55.74 -41.64
C ARG NA 68 -7.89 56.12 -42.65
N CYS NA 69 -8.04 57.29 -43.27
CA CYS NA 69 -7.12 57.68 -44.35
C CYS NA 69 -7.01 59.18 -44.47
N ALA NA 70 -5.95 59.65 -45.13
CA ALA NA 70 -5.69 61.09 -45.22
C ALA NA 70 -6.74 61.82 -46.03
N GLN NA 71 -7.12 61.24 -47.15
CA GLN NA 71 -7.90 61.94 -48.16
C GLN NA 71 -9.34 62.17 -47.75
N ALA NA 72 -9.79 61.55 -46.67
CA ALA NA 72 -11.17 61.74 -46.20
C ALA NA 72 -11.43 63.11 -45.58
N LYS NA 73 -10.39 63.77 -45.09
CA LYS NA 73 -10.52 65.12 -44.47
C LYS NA 73 -11.25 66.10 -45.37
N GLN NA 74 -11.02 65.99 -46.67
CA GLN NA 74 -11.74 66.76 -47.68
C GLN NA 74 -13.24 66.60 -47.54
N TRP NA 75 -13.74 65.36 -47.37
CA TRP NA 75 -15.19 65.13 -47.16
C TRP NA 75 -15.67 65.33 -45.72
N GLY NA 76 -14.79 65.75 -44.81
CA GLY NA 76 -15.12 65.89 -43.39
C GLY NA 76 -15.21 64.56 -42.66
N TRP NA 77 -14.41 63.57 -43.08
CA TRP NA 77 -14.30 62.29 -42.37
C TRP NA 77 -12.92 61.98 -41.89
N THR NA 78 -12.89 60.84 -41.23
CA THR NA 78 -11.71 60.09 -40.97
C THR NA 78 -11.57 58.92 -41.95
N GLN NA 79 -12.68 58.18 -42.17
CA GLN NA 79 -12.64 56.93 -42.96
C GLN NA 79 -12.96 57.12 -44.42
N GLY NA 80 -12.08 56.62 -45.28
CA GLY NA 80 -12.35 56.57 -46.71
C GLY NA 80 -11.74 55.33 -47.34
N ARG NA 81 -12.30 54.89 -48.46
CA ARG NA 81 -11.70 53.82 -49.26
C ARG NA 81 -11.62 54.16 -50.77
N TRP NA 82 -10.98 53.27 -51.53
CA TRP NA 82 -10.44 53.58 -52.85
C TRP NA 82 -11.13 52.73 -53.93
N PRO NA 83 -12.44 52.45 -53.77
CA PRO NA 83 -13.06 51.31 -54.44
C PRO NA 83 -13.02 51.35 -55.95
N LYS NA 84 -12.12 50.56 -56.52
CA LYS NA 84 -11.82 50.58 -57.94
C LYS NA 84 -13.03 50.18 -58.79
N LYS NA 85 -13.51 48.96 -58.61
CA LYS NA 85 -14.64 48.48 -59.42
C LYS NA 85 -15.86 49.35 -59.29
N SER NA 86 -16.13 49.79 -58.07
CA SER NA 86 -17.25 50.66 -57.80
C SER NA 86 -17.16 51.95 -58.59
N ALA NA 87 -15.96 52.50 -58.72
CA ALA NA 87 -15.72 53.64 -59.60
C ALA NA 87 -15.90 53.22 -61.06
N GLU NA 88 -15.13 52.22 -61.49
CA GLU NA 88 -15.07 51.80 -62.89
C GLU NA 88 -16.39 51.35 -63.48
N PHE NA 89 -17.31 50.87 -62.65
CA PHE NA 89 -18.65 50.54 -63.14
C PHE NA 89 -19.52 51.76 -63.34
N LEU NA 90 -19.62 52.63 -62.33
CA LEU NA 90 -20.37 53.89 -62.53
C LEU NA 90 -19.55 55.01 -63.14
N LEU NA 91 -18.46 54.63 -63.81
CA LEU NA 91 -17.85 55.44 -64.83
C LEU NA 91 -18.32 54.98 -66.23
N HIS NA 92 -18.70 53.71 -66.40
CA HIS NA 92 -19.44 53.29 -67.61
C HIS NA 92 -20.85 53.86 -67.61
N MET NA 93 -21.53 53.72 -66.48
CA MET NA 93 -22.89 54.21 -66.35
C MET NA 93 -22.99 55.72 -66.54
N LEU NA 94 -21.98 56.43 -66.05
CA LEU NA 94 -21.86 57.87 -66.27
C LEU NA 94 -21.50 58.21 -67.72
N LYS NA 95 -20.97 57.23 -68.44
CA LYS NA 95 -20.72 57.32 -69.87
C LYS NA 95 -21.90 56.92 -70.77
N ASN NA 96 -22.86 56.11 -70.30
CA ASN NA 96 -24.14 55.96 -71.05
C ASN NA 96 -24.92 57.23 -71.01
N ALA NA 97 -25.11 57.73 -69.79
CA ALA NA 97 -25.86 58.93 -69.59
C ALA NA 97 -25.32 60.00 -70.55
N GLU NA 98 -24.01 60.22 -70.51
CA GLU NA 98 -23.34 61.18 -71.39
C GLU NA 98 -23.69 61.01 -72.88
N SER NA 99 -23.86 59.77 -73.34
CA SER NA 99 -24.31 59.53 -74.71
C SER NA 99 -25.79 59.74 -74.87
N ASN NA 100 -26.57 59.32 -73.89
CA ASN NA 100 -28.00 59.53 -73.97
C ASN NA 100 -28.32 61.00 -74.07
N ALA NA 101 -27.60 61.83 -73.34
CA ALA NA 101 -27.73 63.28 -73.50
C ALA NA 101 -27.37 63.76 -74.93
N GLU NA 102 -26.32 63.16 -75.48
CA GLU NA 102 -25.86 63.49 -76.84
C GLU NA 102 -26.88 63.11 -77.92
N LEU NA 103 -27.51 61.95 -77.76
CA LEU NA 103 -28.60 61.50 -78.62
C LEU NA 103 -29.87 62.33 -78.44
N LYS NA 104 -30.20 62.65 -77.20
CA LYS NA 104 -31.37 63.48 -76.85
C LYS NA 104 -31.20 64.93 -77.29
N GLY NA 105 -29.95 65.35 -77.50
CA GLY NA 105 -29.65 66.67 -77.99
C GLY NA 105 -29.61 67.65 -76.83
N LEU NA 106 -28.61 67.49 -75.97
CA LEU NA 106 -28.38 68.34 -74.79
C LEU NA 106 -26.96 68.87 -74.72
N ASP NA 107 -26.78 70.01 -74.05
CA ASP NA 107 -25.45 70.47 -73.64
C ASP NA 107 -24.88 69.44 -72.68
N VAL NA 108 -23.94 68.64 -73.17
CA VAL NA 108 -23.27 67.65 -72.35
C VAL NA 108 -22.53 68.32 -71.18
N ASP NA 109 -21.98 69.51 -71.42
CA ASP NA 109 -21.02 70.11 -70.50
C ASP NA 109 -21.71 71.03 -69.48
N SER NA 110 -23.04 71.01 -69.42
CA SER NA 110 -23.78 71.62 -68.32
C SER NA 110 -24.64 70.59 -67.57
N LEU NA 111 -24.23 69.31 -67.65
CA LEU NA 111 -24.98 68.21 -67.04
C LEU NA 111 -24.57 67.95 -65.60
N VAL NA 112 -25.56 67.86 -64.71
CA VAL NA 112 -25.35 67.65 -63.29
C VAL NA 112 -26.04 66.37 -62.89
N ILE NA 113 -25.29 65.51 -62.22
CA ILE NA 113 -25.84 64.28 -61.63
C ILE NA 113 -26.69 64.63 -60.41
N GLU NA 114 -27.98 64.28 -60.51
CA GLU NA 114 -29.03 64.79 -59.62
C GLU NA 114 -29.66 63.60 -58.91
N HIS NA 115 -30.40 62.76 -59.63
CA HIS NA 115 -30.90 61.55 -59.00
C HIS NA 115 -29.80 60.45 -59.11
N ILE NA 116 -29.47 59.76 -58.01
CA ILE NA 116 -28.71 58.46 -58.07
C ILE NA 116 -29.02 57.40 -56.95
N GLN NA 117 -29.17 56.13 -57.36
CA GLN NA 117 -29.83 55.06 -56.57
C GLN NA 117 -28.94 53.86 -56.60
N VAL NA 118 -28.92 53.09 -55.53
CA VAL NA 118 -28.21 51.81 -55.56
C VAL NA 118 -28.99 50.80 -54.75
N ASN NA 119 -29.66 49.85 -55.41
CA ASN NA 119 -30.52 48.83 -54.73
C ASN NA 119 -29.71 47.58 -54.55
N LYS NA 120 -30.04 46.79 -53.54
CA LYS NA 120 -29.50 45.43 -53.44
C LYS NA 120 -30.06 44.58 -54.56
N ALA NA 121 -29.34 43.50 -54.88
CA ALA NA 121 -29.73 42.59 -55.95
C ALA NA 121 -29.96 41.18 -55.51
N PRO NA 122 -30.62 40.37 -56.36
CA PRO NA 122 -30.75 38.98 -56.00
C PRO NA 122 -29.35 38.37 -55.97
N LYS NA 123 -29.00 37.77 -54.85
CA LYS NA 123 -27.62 37.43 -54.58
C LYS NA 123 -27.22 36.17 -55.30
N MET NA 124 -25.93 36.04 -55.59
CA MET NA 124 -25.39 34.84 -56.19
C MET NA 124 -25.01 33.90 -55.06
N ARG NA 125 -24.74 32.64 -55.38
CA ARG NA 125 -24.34 31.62 -54.39
C ARG NA 125 -23.00 30.96 -54.69
N ARG NA 126 -22.11 30.96 -53.70
CA ARG NA 126 -21.10 29.92 -53.64
C ARG NA 126 -21.05 29.34 -52.24
N ARG NA 127 -20.23 28.31 -52.09
CA ARG NA 127 -20.13 27.53 -50.89
C ARG NA 127 -18.67 27.59 -50.56
N THR NA 128 -18.34 28.02 -49.34
CA THR NA 128 -17.00 27.75 -48.81
C THR NA 128 -17.21 26.64 -47.85
N TYR NA 129 -16.15 25.87 -47.69
CA TYR NA 129 -16.20 24.67 -46.92
C TYR NA 129 -15.32 24.90 -45.75
N ARG NA 130 -15.84 24.51 -44.60
CA ARG NA 130 -15.33 24.97 -43.32
C ARG NA 130 -15.27 23.86 -42.31
N ALA NA 131 -14.44 24.10 -41.31
CA ALA NA 131 -13.90 23.05 -40.47
C ALA NA 131 -14.98 22.21 -39.83
N HIS NA 132 -14.70 20.92 -39.69
CA HIS NA 132 -15.64 19.90 -39.26
C HIS NA 132 -16.82 19.74 -40.24
N GLY NA 133 -16.54 19.73 -41.54
CA GLY NA 133 -17.57 19.45 -42.54
C GLY NA 133 -18.72 20.44 -42.62
N ARG NA 134 -18.55 21.62 -42.01
CA ARG NA 134 -19.53 22.70 -42.13
C ARG NA 134 -19.41 23.26 -43.54
N ILE NA 135 -20.55 23.62 -44.12
CA ILE NA 135 -20.54 24.31 -45.39
C ILE NA 135 -21.36 25.55 -45.31
N ASN NA 136 -20.68 26.68 -45.52
CA ASN NA 136 -21.26 27.98 -45.33
C ASN NA 136 -21.39 28.62 -46.66
N PRO NA 137 -22.33 29.56 -46.78
CA PRO NA 137 -22.47 30.29 -48.02
C PRO NA 137 -21.30 31.28 -48.19
N TYR NA 138 -20.37 30.94 -49.10
CA TYR NA 138 -19.35 31.89 -49.56
C TYR NA 138 -20.13 32.73 -50.69
N MET NA 139 -20.91 33.76 -50.28
CA MET NA 139 -21.91 34.50 -51.18
C MET NA 139 -21.56 35.95 -51.57
N SER NA 140 -22.29 36.51 -52.57
CA SER NA 140 -22.00 37.84 -53.18
C SER NA 140 -23.17 38.85 -53.04
N SER NA 141 -22.98 40.11 -53.46
CA SER NA 141 -23.99 41.20 -53.25
C SER NA 141 -23.99 42.33 -54.32
N PRO NA 142 -24.69 42.13 -55.44
CA PRO NA 142 -24.77 43.06 -56.57
C PRO NA 142 -25.85 44.19 -56.50
N CYS NA 143 -26.02 45.00 -57.57
CA CYS NA 143 -26.84 46.27 -57.57
C CYS NA 143 -27.82 46.55 -58.75
N HIS NA 144 -28.87 47.37 -58.54
CA HIS NA 144 -29.67 48.02 -59.67
C HIS NA 144 -29.36 49.49 -59.58
N ILE NA 145 -28.14 49.81 -60.00
CA ILE NA 145 -27.66 51.18 -59.98
C ILE NA 145 -28.44 51.91 -61.04
N GLU NA 146 -28.93 53.09 -60.69
CA GLU NA 146 -29.61 53.91 -61.66
C GLU NA 146 -29.43 55.40 -61.34
N MET NA 147 -29.37 56.22 -62.38
CA MET NA 147 -29.05 57.65 -62.23
C MET NA 147 -29.72 58.52 -63.28
N ILE NA 148 -29.96 59.79 -62.91
CA ILE NA 148 -30.61 60.78 -63.76
C ILE NA 148 -29.82 62.08 -63.75
N LEU NA 149 -29.29 62.45 -64.90
CA LEU NA 149 -28.58 63.70 -65.04
C LEU NA 149 -29.52 64.76 -65.57
N THR NA 150 -29.31 65.98 -65.10
CA THR NA 150 -30.13 67.13 -65.46
C THR NA 150 -29.22 68.15 -66.14
N GLU NA 151 -29.80 69.11 -66.85
CA GLU NA 151 -29.10 70.32 -67.30
C GLU NA 151 -29.32 71.45 -66.32
N LYS NA 152 -28.29 71.78 -65.54
CA LYS NA 152 -28.40 72.81 -64.51
C LYS NA 152 -27.24 73.77 -64.68
N GLU NA 153 -27.55 74.97 -65.17
CA GLU NA 153 -26.58 76.07 -65.23
C GLU NA 153 -27.29 77.42 -65.46
N MET OA 1 44.91 62.75 -16.03
CA MET OA 1 44.44 61.57 -16.82
C MET OA 1 45.62 60.78 -17.37
N LYS OA 2 45.56 59.46 -17.23
CA LYS OA 2 46.60 58.57 -17.73
C LYS OA 2 46.20 58.03 -19.09
N VAL OA 3 47.04 58.27 -20.10
CA VAL OA 3 46.84 57.69 -21.44
C VAL OA 3 47.70 56.46 -21.49
N GLU OA 4 47.05 55.34 -21.69
CA GLU OA 4 47.68 54.07 -21.50
C GLU OA 4 47.59 53.25 -22.80
N LEU OA 5 48.54 52.35 -23.02
CA LEU OA 5 48.62 51.55 -24.24
C LEU OA 5 47.78 50.28 -24.16
N CYS OA 6 47.16 49.94 -25.28
CA CYS OA 6 46.38 48.71 -25.41
C CYS OA 6 47.33 47.56 -25.50
N SER OA 7 47.03 46.53 -24.74
CA SER OA 7 48.01 45.54 -24.42
C SER OA 7 48.48 44.79 -25.62
N PHE OA 8 47.60 44.52 -26.57
CA PHE OA 8 48.09 43.87 -27.79
C PHE OA 8 48.04 44.77 -29.03
N SER OA 9 47.01 45.58 -29.24
CA SER OA 9 47.06 46.49 -30.40
C SER OA 9 48.22 47.50 -30.41
N GLY OA 10 48.64 47.94 -29.21
CA GLY OA 10 49.69 48.95 -29.06
C GLY OA 10 49.20 50.38 -29.25
N TYR OA 11 47.90 50.51 -29.35
CA TYR OA 11 47.19 51.73 -29.68
C TYR OA 11 46.94 52.53 -28.36
N LYS OA 12 46.56 53.82 -28.44
CA LYS OA 12 46.31 54.64 -27.21
C LYS OA 12 44.91 54.46 -26.63
N ILE OA 13 44.80 53.72 -25.54
CA ILE OA 13 43.56 53.73 -24.78
C ILE OA 13 43.48 55.06 -24.08
N TYR OA 14 42.32 55.71 -24.20
CA TYR OA 14 42.07 57.04 -23.68
C TYR OA 14 41.11 56.91 -22.50
N PRO OA 15 40.97 57.97 -21.67
CA PRO OA 15 40.24 57.87 -20.40
C PRO OA 15 38.83 57.28 -20.46
N GLY OA 16 38.03 57.76 -21.41
CA GLY OA 16 36.63 57.39 -21.49
C GLY OA 16 36.36 55.90 -21.60
N HIS OA 17 37.26 55.15 -22.24
CA HIS OA 17 36.88 53.94 -22.97
C HIS OA 17 37.88 52.84 -22.93
N GLY OA 18 37.46 51.70 -23.44
CA GLY OA 18 38.23 50.49 -23.37
C GLY OA 18 37.87 49.71 -22.12
N ARG OA 19 38.79 48.81 -21.74
CA ARG OA 19 38.49 47.78 -20.77
C ARG OA 19 39.81 47.15 -20.35
N ARG OA 20 39.81 46.39 -19.27
CA ARG OA 20 41.04 46.15 -18.53
C ARG OA 20 41.24 44.69 -18.00
N TYR OA 21 41.87 43.82 -18.81
CA TYR OA 21 42.04 42.38 -18.48
C TYR OA 21 43.02 42.25 -17.32
N ALA OA 22 42.67 41.46 -16.30
CA ALA OA 22 43.59 41.20 -15.17
C ALA OA 22 43.53 39.75 -14.64
N ARG OA 23 44.56 39.00 -14.98
CA ARG OA 23 44.55 37.53 -14.87
C ARG OA 23 44.93 37.15 -13.43
N THR OA 24 44.61 35.92 -13.03
CA THR OA 24 44.84 35.43 -11.65
C THR OA 24 46.29 35.39 -11.20
N ASP OA 25 47.21 35.24 -12.14
CA ASP OA 25 48.64 35.34 -11.81
C ASP OA 25 48.97 36.69 -11.16
N GLY OA 26 48.19 37.71 -11.53
CA GLY OA 26 48.30 39.02 -10.95
C GLY OA 26 49.05 39.96 -11.85
N LYS OA 27 48.55 40.15 -13.07
CA LYS OA 27 48.95 41.28 -13.90
C LYS OA 27 47.93 41.60 -14.98
N VAL OA 28 48.01 42.84 -15.49
CA VAL OA 28 46.86 43.55 -16.08
C VAL OA 28 47.13 44.05 -17.52
N PHE OA 29 46.30 43.60 -18.46
CA PHE OA 29 46.41 43.91 -19.91
C PHE OA 29 45.16 44.69 -20.27
N GLN OA 30 45.30 45.91 -20.79
CA GLN OA 30 44.14 46.75 -21.10
C GLN OA 30 43.86 46.68 -22.56
N PHE OA 31 42.63 46.40 -22.98
CA PHE OA 31 42.36 46.46 -24.42
C PHE OA 31 41.36 47.55 -24.69
N LEU OA 32 41.39 47.98 -25.94
CA LEU OA 32 40.74 49.17 -26.40
C LEU OA 32 39.34 48.88 -26.99
N ASN OA 33 39.14 47.65 -27.47
CA ASN OA 33 37.89 47.19 -28.09
C ASN OA 33 37.62 45.77 -27.65
N ALA OA 34 36.42 45.29 -27.96
CA ALA OA 34 36.14 43.85 -27.85
C ALA OA 34 36.83 43.05 -28.96
N LYS OA 35 37.23 43.73 -30.02
CA LYS OA 35 38.11 43.18 -31.07
C LYS OA 35 39.44 42.63 -30.52
N CYS OA 36 40.12 43.46 -29.73
CA CYS OA 36 41.36 43.05 -29.07
C CYS OA 36 41.07 42.19 -27.83
N GLU OA 37 39.99 42.48 -27.12
CA GLU OA 37 39.59 41.67 -25.95
C GLU OA 37 39.15 40.25 -26.34
N SER OA 38 38.68 40.06 -27.57
CA SER OA 38 38.41 38.71 -28.11
C SER OA 38 39.70 38.08 -28.57
N ALA OA 39 40.47 38.85 -29.34
CA ALA OA 39 41.70 38.32 -29.93
C ALA OA 39 42.84 38.11 -28.92
N PHE OA 40 42.80 38.79 -27.76
CA PHE OA 40 43.74 38.51 -26.67
C PHE OA 40 43.37 37.16 -26.07
N LEU OA 41 42.13 37.07 -25.60
CA LEU OA 41 41.59 35.87 -24.95
C LEU OA 41 41.65 34.62 -25.81
N SER OA 42 41.38 34.79 -27.10
CA SER OA 42 41.51 33.71 -28.07
C SER OA 42 42.96 33.46 -28.49
N LYS OA 43 43.90 34.16 -27.86
CA LYS OA 43 45.29 33.73 -27.74
C LYS OA 43 46.11 33.94 -29.00
N ARG OA 44 45.63 34.78 -29.91
CA ARG OA 44 46.40 35.13 -31.09
C ARG OA 44 47.60 35.98 -30.74
N ASN OA 45 48.61 35.87 -31.59
CA ASN OA 45 49.85 36.57 -31.40
C ASN OA 45 49.70 37.90 -32.07
N PRO OA 46 50.05 38.99 -31.38
CA PRO OA 46 49.85 40.28 -32.02
C PRO OA 46 50.74 40.51 -33.24
N ARG OA 47 51.83 39.76 -33.36
CA ARG OA 47 52.80 40.03 -34.41
C ARG OA 47 52.55 39.22 -35.69
N GLN OA 48 51.44 38.52 -35.75
CA GLN OA 48 50.92 38.02 -37.03
C GLN OA 48 49.71 38.84 -37.45
N ILE OA 49 48.88 39.25 -36.50
CA ILE OA 49 47.76 40.17 -36.79
C ILE OA 49 48.36 41.49 -37.18
N ASN OA 50 47.74 42.13 -38.16
CA ASN OA 50 48.44 43.00 -39.06
C ASN OA 50 47.99 44.50 -38.99
N TRP OA 51 46.97 44.86 -38.18
CA TRP OA 51 46.89 46.26 -37.66
C TRP OA 51 47.96 46.55 -36.67
N THR OA 52 48.22 45.58 -35.80
CA THR OA 52 48.95 45.83 -34.56
C THR OA 52 50.15 46.72 -34.78
N VAL OA 53 50.26 47.75 -33.94
CA VAL OA 53 51.49 48.52 -33.86
C VAL OA 53 52.63 47.55 -33.78
N LEU OA 54 52.46 46.52 -32.94
CA LEU OA 54 53.50 45.55 -32.68
C LEU OA 54 54.09 44.86 -33.92
N TYR OA 55 53.28 44.41 -34.89
CA TYR OA 55 53.91 43.92 -36.13
C TYR OA 55 54.24 45.03 -37.09
N ARG OA 56 53.36 46.01 -37.28
CA ARG OA 56 53.73 47.11 -38.16
C ARG OA 56 55.18 47.61 -37.81
N ARG OA 57 55.61 47.44 -36.55
CA ARG OA 57 57.03 47.56 -36.14
C ARG OA 57 57.92 46.37 -36.55
N LYS OA 58 57.48 45.16 -36.25
CA LYS OA 58 58.18 43.93 -36.64
C LYS OA 58 58.69 43.92 -38.08
N HIS OA 59 57.79 44.08 -39.08
CA HIS OA 59 58.26 44.10 -40.49
C HIS OA 59 58.51 45.56 -40.97
N LYS OA 60 58.92 46.44 -40.06
CA LYS OA 60 59.54 47.72 -40.39
C LYS OA 60 58.72 48.62 -41.31
N LYS OA 61 57.40 48.53 -41.19
CA LYS OA 61 56.51 49.29 -42.06
C LYS OA 61 56.35 50.73 -41.62
N GLY OA 62 55.79 51.53 -42.51
CA GLY OA 62 55.61 52.94 -42.26
C GLY OA 62 56.93 53.69 -42.20
N GLN OA 63 56.85 54.94 -41.72
CA GLN OA 63 57.99 55.84 -41.58
C GLN OA 63 58.65 56.15 -42.93
N THR PA 1 -8.21 7.94 -36.56
CA THR PA 1 -8.06 7.75 -38.04
C THR PA 1 -9.16 6.92 -38.70
N LYS PA 2 -10.40 7.06 -38.24
CA LYS PA 2 -11.49 6.21 -38.70
C LYS PA 2 -12.45 7.06 -39.47
N GLY PA 3 -11.91 8.06 -40.13
CA GLY PA 3 -12.69 9.14 -40.68
C GLY PA 3 -11.74 10.11 -41.35
N THR PA 4 -12.08 10.48 -42.57
CA THR PA 4 -11.16 11.19 -43.44
C THR PA 4 -9.96 10.30 -43.77
N SER PA 5 -9.08 10.01 -42.83
CA SER PA 5 -7.97 9.11 -43.12
C SER PA 5 -8.35 7.68 -43.51
N SER PA 6 -9.58 7.25 -43.22
CA SER PA 6 -10.10 5.98 -43.75
C SER PA 6 -11.13 6.17 -44.84
N PHE PA 7 -11.78 7.35 -44.93
CA PHE PA 7 -12.62 7.68 -46.10
C PHE PA 7 -11.65 7.97 -47.23
N GLY PA 8 -10.81 6.97 -47.49
CA GLY PA 8 -9.58 7.13 -48.22
C GLY PA 8 -9.31 5.89 -49.00
N LYS PA 9 -9.03 4.79 -48.29
CA LYS PA 9 -8.77 3.49 -48.92
C LYS PA 9 -10.06 2.73 -49.22
N ARG PA 10 -10.83 3.25 -50.15
CA ARG PA 10 -12.15 2.74 -50.45
C ARG PA 10 -12.18 2.32 -51.93
N ARG PA 11 -11.24 1.47 -52.31
CA ARG PA 11 -11.05 1.14 -53.72
C ARG PA 11 -12.01 0.06 -54.23
N ASN PA 12 -12.37 -0.90 -53.39
CA ASN PA 12 -12.80 -2.19 -53.91
C ASN PA 12 -14.26 -2.45 -53.62
N LYS PA 13 -14.95 -3.09 -54.56
CA LYS PA 13 -16.40 -3.13 -54.59
C LYS PA 13 -17.10 -4.33 -53.97
N THR PA 14 -18.15 -4.04 -53.20
CA THR PA 14 -19.06 -5.05 -52.71
C THR PA 14 -20.19 -5.24 -53.68
N HIS PA 15 -20.86 -4.14 -54.01
CA HIS PA 15 -22.07 -4.20 -54.79
C HIS PA 15 -21.75 -3.96 -56.25
N THR PA 16 -22.58 -4.54 -57.12
CA THR PA 16 -22.56 -4.28 -58.54
C THR PA 16 -23.98 -4.45 -59.10
N LEU PA 17 -24.13 -4.53 -60.41
CA LEU PA 17 -25.44 -4.49 -61.02
C LEU PA 17 -26.08 -5.86 -61.12
N CYS PA 18 -27.28 -5.94 -60.58
CA CYS PA 18 -28.10 -7.14 -60.61
C CYS PA 18 -28.69 -7.32 -61.98
N ARG PA 19 -28.71 -8.55 -62.47
CA ARG PA 19 -29.24 -8.85 -63.79
C ARG PA 19 -30.75 -9.12 -63.80
N ARG PA 20 -31.39 -9.15 -62.63
CA ARG PA 20 -32.85 -9.25 -62.51
C ARG PA 20 -33.44 -7.89 -62.10
N CYS PA 21 -32.94 -7.35 -60.98
CA CYS PA 21 -33.44 -6.08 -60.41
C CYS PA 21 -33.18 -4.96 -61.36
N GLY PA 22 -31.92 -4.78 -61.73
CA GLY PA 22 -31.42 -3.55 -62.36
C GLY PA 22 -30.59 -2.72 -61.40
N SER PA 23 -30.97 -2.75 -60.12
CA SER PA 23 -30.24 -2.08 -59.04
C SER PA 23 -28.79 -2.47 -58.93
N LYS PA 24 -28.08 -1.65 -58.17
CA LYS PA 24 -26.68 -1.81 -57.90
C LYS PA 24 -26.60 -2.48 -56.54
N ALA PA 25 -26.87 -3.78 -56.51
CA ALA PA 25 -26.79 -4.57 -55.28
C ALA PA 25 -26.33 -6.04 -55.44
N TYR PA 26 -25.73 -6.46 -56.57
CA TYR PA 26 -25.05 -7.77 -56.52
C TYR PA 26 -24.00 -7.69 -55.45
N HIS PA 27 -24.15 -8.47 -54.38
CA HIS PA 27 -22.99 -8.82 -53.58
C HIS PA 27 -22.07 -9.75 -54.36
N LEU PA 28 -20.87 -9.30 -54.65
CA LEU PA 28 -19.95 -10.12 -55.40
C LEU PA 28 -19.47 -11.31 -54.58
N GLN PA 29 -19.28 -11.10 -53.28
CA GLN PA 29 -18.85 -12.17 -52.38
C GLN PA 29 -19.96 -13.21 -52.15
N LYS PA 30 -21.09 -12.76 -51.62
CA LYS PA 30 -22.18 -13.70 -51.33
C LYS PA 30 -22.88 -14.21 -52.55
N SER PA 31 -22.80 -13.47 -53.66
CA SER PA 31 -23.55 -13.81 -54.86
C SER PA 31 -25.05 -14.03 -54.57
N THR PA 32 -25.59 -13.21 -53.66
CA THR PA 32 -27.02 -12.98 -53.48
C THR PA 32 -27.19 -11.49 -53.65
N CYS PA 33 -28.26 -11.05 -54.28
CA CYS PA 33 -28.39 -9.63 -54.61
C CYS PA 33 -28.70 -8.81 -53.36
N GLY PA 34 -29.80 -9.12 -52.68
CA GLY PA 34 -30.23 -8.32 -51.54
C GLY PA 34 -30.97 -7.05 -51.89
N LYS PA 35 -31.53 -6.96 -53.10
CA LYS PA 35 -32.72 -6.14 -53.34
C LYS PA 35 -33.89 -7.04 -53.72
N CYS PA 36 -33.69 -7.87 -54.75
CA CYS PA 36 -34.59 -9.00 -55.04
C CYS PA 36 -34.09 -10.32 -54.43
N GLY PA 37 -32.77 -10.51 -54.35
CA GLY PA 37 -32.17 -11.82 -53.98
C GLY PA 37 -32.23 -12.77 -55.16
N TYR PA 38 -31.10 -13.04 -55.81
CA TYR PA 38 -31.12 -13.66 -57.12
C TYR PA 38 -31.24 -15.13 -57.19
N PRO PA 39 -30.23 -15.85 -56.70
CA PRO PA 39 -30.35 -17.27 -56.95
C PRO PA 39 -31.71 -17.76 -56.41
N ALA PA 40 -32.15 -17.19 -55.28
CA ALA PA 40 -33.52 -17.30 -54.82
C ALA PA 40 -34.48 -17.07 -56.00
N LYS PA 41 -35.16 -18.15 -56.37
CA LYS PA 41 -36.11 -18.14 -57.48
C LYS PA 41 -37.12 -17.01 -57.36
N ARG PA 42 -37.64 -16.85 -56.15
CA ARG PA 42 -38.65 -15.86 -55.84
C ARG PA 42 -38.08 -14.48 -55.49
N LYS PA 43 -38.78 -13.41 -55.93
CA LYS PA 43 -38.45 -12.04 -55.55
C LYS PA 43 -38.53 -11.90 -54.04
N ARG PA 44 -37.63 -11.10 -53.48
CA ARG PA 44 -37.81 -10.63 -52.12
C ARG PA 44 -38.60 -9.35 -52.13
N LYS PA 45 -39.91 -9.50 -52.29
CA LYS PA 45 -40.84 -8.48 -51.86
C LYS PA 45 -41.18 -8.87 -50.46
N TYR PA 46 -41.87 -7.98 -49.78
CA TYR PA 46 -41.67 -7.90 -48.37
C TYR PA 46 -42.72 -6.93 -47.74
N ASN PA 47 -43.68 -7.49 -46.99
CA ASN PA 47 -45.00 -6.86 -46.55
C ASN PA 47 -44.79 -5.80 -45.50
N TRP PA 48 -43.65 -5.20 -45.62
CA TRP PA 48 -42.73 -5.12 -44.54
C TRP PA 48 -42.33 -3.64 -44.39
N SER PA 49 -42.01 -3.05 -45.55
CA SER PA 49 -42.06 -1.62 -45.85
C SER PA 49 -42.90 -1.53 -47.13
N ALA PA 50 -44.12 -1.03 -47.00
CA ALA PA 50 -45.01 -0.91 -48.15
C ALA PA 50 -44.50 0.13 -49.13
N LYS PA 51 -43.63 1.00 -48.64
CA LYS PA 51 -42.95 1.97 -49.48
C LYS PA 51 -42.10 1.32 -50.57
N ALA PA 52 -41.24 0.40 -50.16
CA ALA PA 52 -40.35 -0.31 -51.09
C ALA PA 52 -41.04 -1.33 -51.97
N LYS PA 53 -42.25 -1.69 -51.60
CA LYS PA 53 -43.10 -2.49 -52.46
C LYS PA 53 -43.59 -1.61 -53.60
N ARG PA 54 -44.18 -0.45 -53.30
CA ARG PA 54 -44.79 0.40 -54.34
C ARG PA 54 -43.75 1.14 -55.22
N ARG PA 55 -42.47 0.84 -55.04
CA ARG PA 55 -41.43 1.22 -55.99
C ARG PA 55 -41.21 0.24 -57.16
N ASN PA 56 -41.68 -0.99 -57.05
CA ASN PA 56 -41.59 -1.96 -58.16
C ASN PA 56 -42.64 -3.03 -58.07
N THR PA 57 -43.83 -2.66 -58.55
CA THR PA 57 -44.95 -3.57 -58.69
C THR PA 57 -45.60 -3.36 -60.03
N THR PA 58 -46.25 -4.40 -60.52
CA THR PA 58 -47.18 -4.29 -61.63
C THR PA 58 -47.75 -2.88 -61.65
N GLY PA 59 -47.36 -2.10 -62.65
CA GLY PA 59 -47.78 -0.71 -62.73
C GLY PA 59 -46.59 0.15 -63.06
N THR PA 60 -45.55 0.05 -62.24
CA THR PA 60 -44.37 0.94 -62.37
C THR PA 60 -43.62 0.77 -63.68
N GLY PA 61 -43.59 -0.45 -64.19
CA GLY PA 61 -42.82 -0.77 -65.39
C GLY PA 61 -43.48 -0.31 -66.67
N ARG PA 62 -43.41 -1.17 -67.68
CA ARG PA 62 -44.10 -0.96 -68.94
C ARG PA 62 -45.42 -1.69 -68.99
N MET PA 63 -45.42 -2.92 -68.51
CA MET PA 63 -46.56 -3.79 -68.60
C MET PA 63 -46.83 -4.15 -70.07
N ARG PA 64 -45.78 -4.48 -70.79
CA ARG PA 64 -45.88 -4.75 -72.24
C ARG PA 64 -46.51 -6.10 -72.65
N HIS PA 65 -46.40 -7.21 -71.87
CA HIS PA 65 -47.50 -8.18 -72.04
C HIS PA 65 -48.74 -7.45 -71.49
N LEU PA 66 -48.74 -7.18 -70.19
CA LEU PA 66 -49.98 -6.95 -69.44
C LEU PA 66 -50.93 -5.88 -70.01
N LYS PA 67 -50.47 -4.65 -70.22
CA LYS PA 67 -51.34 -3.54 -70.65
C LYS PA 67 -52.24 -3.84 -71.85
N ILE PA 68 -51.81 -4.74 -72.74
CA ILE PA 68 -52.67 -5.17 -73.85
C ILE PA 68 -53.50 -6.43 -73.55
N VAL PA 69 -53.41 -6.97 -72.34
CA VAL PA 69 -54.34 -7.99 -71.90
C VAL PA 69 -55.66 -7.28 -71.70
N TYR PA 70 -55.62 -6.28 -70.84
CA TYR PA 70 -56.84 -5.70 -70.33
C TYR PA 70 -57.55 -5.03 -71.47
N ARG PA 71 -56.79 -4.62 -72.48
CA ARG PA 71 -57.40 -4.24 -73.75
C ARG PA 71 -58.26 -5.35 -74.30
N ARG PA 72 -57.63 -6.50 -74.51
CA ARG PA 72 -58.25 -7.63 -75.17
C ARG PA 72 -59.51 -8.07 -74.45
N PHE PA 73 -59.46 -8.15 -73.12
CA PHE PA 73 -60.65 -8.49 -72.35
C PHE PA 73 -61.80 -7.55 -72.62
N ARG PA 74 -61.59 -6.26 -72.32
CA ARG PA 74 -62.61 -5.19 -72.40
C ARG PA 74 -63.62 -5.52 -73.47
N HIS PA 75 -63.02 -5.83 -74.62
CA HIS PA 75 -63.70 -5.95 -75.84
C HIS PA 75 -64.06 -7.44 -76.08
N GLY PA 76 -63.36 -8.39 -75.46
CA GLY PA 76 -63.87 -9.79 -75.32
C GLY PA 76 -63.00 -11.02 -75.59
N PHE PA 77 -61.69 -10.84 -75.81
CA PHE PA 77 -60.70 -11.93 -76.00
C PHE PA 77 -60.74 -12.78 -77.28
N ARG PA 78 -61.51 -12.38 -78.31
CA ARG PA 78 -61.58 -13.11 -79.59
C ARG PA 78 -60.23 -13.16 -80.30
N GLU PA 79 -60.11 -14.08 -81.25
CA GLU PA 79 -58.95 -14.14 -82.14
C GLU PA 79 -59.22 -14.82 -83.47
N GLY PA 80 -58.27 -14.70 -84.39
CA GLY PA 80 -58.35 -15.31 -85.71
C GLY PA 80 -59.58 -14.88 -86.49
N ILE PA 81 -59.93 -13.61 -86.33
CA ILE PA 81 -61.04 -13.00 -87.05
C ILE PA 81 -60.67 -11.55 -87.29
N THR PA 82 -61.01 -11.06 -88.47
CA THR PA 82 -60.57 -9.76 -88.94
C THR PA 82 -61.84 -8.98 -89.31
N PRO PA 83 -61.89 -7.67 -89.00
CA PRO PA 83 -63.14 -6.94 -89.29
C PRO PA 83 -63.55 -7.00 -90.77
N LYS PA 84 -64.85 -6.96 -91.01
CA LYS PA 84 -65.40 -7.10 -92.36
C LYS PA 84 -64.74 -6.09 -93.30
N PRO PA 85 -64.15 -6.56 -94.40
CA PRO PA 85 -63.39 -5.68 -95.31
C PRO PA 85 -64.23 -4.79 -96.24
N LYS PA 86 -63.54 -3.97 -97.05
CA LYS PA 86 -64.16 -3.03 -97.98
C LYS PA 86 -64.13 -3.56 -99.42
N ARG QA 1 27.63 -31.35 20.09
CA ARG QA 1 28.28 -32.27 19.10
C ARG QA 1 29.13 -31.44 18.11
N ALA QA 2 30.07 -32.10 17.44
CA ALA QA 2 30.79 -31.57 16.28
C ALA QA 2 29.85 -31.36 15.09
N LYS QA 3 29.28 -32.46 14.56
CA LYS QA 3 28.39 -32.46 13.37
C LYS QA 3 27.34 -31.32 13.43
N TRP QA 4 26.78 -31.04 14.62
CA TRP QA 4 25.74 -29.96 14.79
C TRP QA 4 26.28 -28.57 15.16
N ARG QA 5 27.59 -28.33 15.06
CA ARG QA 5 28.10 -26.94 15.03
C ARG QA 5 28.73 -26.55 13.67
N LYS QA 6 29.38 -27.51 13.01
CA LYS QA 6 29.77 -27.39 11.59
C LYS QA 6 28.48 -27.09 10.77
N LYS QA 7 27.34 -27.64 11.22
CA LYS QA 7 26.00 -27.39 10.62
C LYS QA 7 25.34 -26.09 11.12
N ARG QA 8 25.74 -25.61 12.30
CA ARG QA 8 25.41 -24.25 12.74
C ARG QA 8 26.02 -23.16 11.85
N MET QA 9 27.34 -23.20 11.72
CA MET QA 9 28.08 -22.23 10.89
C MET QA 9 27.73 -22.27 9.39
N ARG QA 10 27.56 -23.47 8.83
CA ARG QA 10 27.12 -23.61 7.43
C ARG QA 10 25.63 -23.15 7.19
N ARG QA 11 24.88 -22.89 8.28
CA ARG QA 11 23.59 -22.11 8.26
C ARG QA 11 23.79 -20.61 8.51
N LEU QA 12 24.69 -20.29 9.43
CA LEU QA 12 24.98 -18.91 9.81
C LEU QA 12 25.71 -18.10 8.74
N LYS QA 13 26.72 -18.69 8.10
CA LYS QA 13 27.45 -18.04 7.00
C LYS QA 13 26.50 -17.76 5.84
N ARG QA 14 25.65 -18.73 5.55
CA ARG QA 14 24.63 -18.60 4.51
C ARG QA 14 23.69 -17.39 4.76
N LYS QA 15 23.52 -17.01 6.03
CA LYS QA 15 22.84 -15.73 6.39
C LYS QA 15 23.66 -14.48 6.14
N ARG QA 16 24.99 -14.55 6.25
CA ARG QA 16 25.88 -13.43 5.90
C ARG QA 16 26.06 -13.24 4.40
N ARG QA 17 26.06 -14.32 3.60
CA ARG QA 17 25.92 -14.21 2.13
C ARG QA 17 24.67 -13.37 1.84
N LYS QA 18 23.53 -13.86 2.33
CA LYS QA 18 22.22 -13.23 2.11
C LYS QA 18 22.17 -11.77 2.60
N MET QA 19 22.66 -11.52 3.81
CA MET QA 19 22.76 -10.15 4.36
C MET QA 19 23.65 -9.25 3.53
N ARG QA 20 24.81 -9.77 3.14
CA ARG QA 20 25.80 -9.02 2.37
C ARG QA 20 25.31 -8.65 0.99
N GLN QA 21 24.80 -9.66 0.28
CA GLN QA 21 24.44 -9.53 -1.13
C GLN QA 21 23.40 -8.43 -1.39
N ARG QA 22 22.53 -8.15 -0.41
CA ARG QA 22 21.65 -6.96 -0.43
C ARG QA 22 22.39 -5.67 -0.78
N SER QA 23 23.59 -5.55 -0.21
CA SER QA 23 24.48 -4.40 -0.42
C SER QA 23 25.85 -4.82 -0.96
N ALA RA 1 37.38 -22.87 -25.02
CA ALA RA 1 37.22 -21.66 -24.15
C ALA RA 1 37.65 -20.33 -24.81
N LYS RA 2 38.34 -20.37 -25.95
CA LYS RA 2 38.57 -19.17 -26.77
C LYS RA 2 37.23 -18.77 -27.37
N ARG RA 3 37.07 -17.48 -27.62
CA ARG RA 3 35.79 -16.87 -28.01
C ARG RA 3 34.91 -16.70 -26.77
N THR RA 4 34.37 -17.81 -26.25
CA THR RA 4 33.48 -17.78 -25.08
C THR RA 4 33.90 -18.82 -24.05
N LYS RA 5 33.64 -18.54 -22.78
CA LYS RA 5 33.85 -19.51 -21.73
C LYS RA 5 32.91 -20.70 -21.77
N LYS RA 6 31.61 -20.44 -21.68
CA LYS RA 6 30.63 -21.52 -21.56
C LYS RA 6 29.27 -21.10 -22.06
N VAL RA 7 29.19 -20.83 -23.36
CA VAL RA 7 27.92 -20.71 -24.05
C VAL RA 7 27.86 -21.51 -25.34
N GLY RA 8 28.97 -21.55 -26.07
CA GLY RA 8 29.05 -22.29 -27.32
C GLY RA 8 27.93 -21.90 -28.25
N ILE RA 9 27.28 -22.89 -28.84
CA ILE RA 9 26.14 -22.67 -29.74
C ILE RA 9 25.16 -21.59 -29.26
N VAL RA 10 24.84 -21.53 -27.96
CA VAL RA 10 23.83 -20.54 -27.46
C VAL RA 10 24.37 -19.18 -27.06
N GLY RA 11 25.45 -18.74 -27.70
CA GLY RA 11 25.86 -17.34 -27.62
C GLY RA 11 25.01 -16.48 -28.51
N LYS RA 12 24.35 -17.09 -29.49
CA LYS RA 12 23.33 -16.38 -30.28
C LYS RA 12 22.13 -15.96 -29.45
N TYR RA 13 21.80 -16.84 -28.52
CA TYR RA 13 20.62 -16.71 -27.71
C TYR RA 13 20.87 -15.56 -26.72
N GLY RA 14 22.15 -15.18 -26.59
CA GLY RA 14 22.53 -13.83 -26.19
C GLY RA 14 22.41 -13.60 -24.71
N THR RA 15 22.06 -12.38 -24.34
CA THR RA 15 21.78 -12.02 -22.95
C THR RA 15 20.52 -12.69 -22.45
N ARG RA 16 19.60 -12.90 -23.36
CA ARG RA 16 18.22 -13.12 -23.02
C ARG RA 16 17.98 -14.33 -22.15
N TYR RA 17 16.69 -14.48 -21.79
CA TYR RA 17 16.01 -15.75 -21.90
C TYR RA 17 16.11 -16.76 -20.75
N GLY RA 18 17.25 -16.73 -20.05
CA GLY RA 18 17.46 -17.48 -18.83
C GLY RA 18 18.67 -18.36 -18.93
N ALA RA 19 19.49 -18.38 -17.88
CA ALA RA 19 20.65 -19.29 -17.80
C ALA RA 19 20.27 -20.76 -17.97
N SER RA 20 19.24 -21.17 -17.24
CA SER RA 20 18.86 -22.56 -17.17
C SER RA 20 18.04 -23.06 -18.37
N LEU RA 21 17.62 -22.16 -19.25
CA LEU RA 21 17.03 -22.59 -20.52
C LEU RA 21 18.04 -22.55 -21.65
N ARG RA 22 18.88 -21.53 -21.67
CA ARG RA 22 20.02 -21.49 -22.61
C ARG RA 22 20.94 -22.69 -22.44
N LYS RA 23 21.18 -23.08 -21.20
CA LYS RA 23 22.02 -24.24 -20.90
C LYS RA 23 21.35 -25.55 -21.29
N MET RA 24 20.07 -25.70 -20.94
CA MET RA 24 19.28 -26.88 -21.37
C MET RA 24 19.20 -27.03 -22.89
N VAL RA 25 19.02 -25.90 -23.57
CA VAL RA 25 18.97 -25.85 -25.03
C VAL RA 25 20.33 -26.05 -25.68
N LYS RA 26 21.43 -25.80 -24.97
CA LYS RA 26 22.74 -26.06 -25.57
C LYS RA 26 22.82 -27.48 -26.07
N LYS RA 27 22.73 -28.44 -25.15
CA LYS RA 27 22.93 -29.86 -25.47
C LYS RA 27 22.20 -30.27 -26.76
N ILE RA 28 20.93 -29.90 -26.79
CA ILE RA 28 20.06 -29.97 -27.93
C ILE RA 28 20.65 -29.29 -29.18
N GLU RA 29 20.86 -27.97 -29.10
CA GLU RA 29 21.27 -27.15 -30.25
C GLU RA 29 22.60 -27.71 -30.81
N ILE RA 30 23.40 -28.39 -29.98
CA ILE RA 30 24.56 -29.15 -30.47
C ILE RA 30 24.12 -30.38 -31.25
N SER RA 31 23.28 -31.21 -30.62
CA SER RA 31 22.90 -32.48 -31.22
C SER RA 31 21.99 -32.39 -32.45
N GLN RA 32 21.80 -31.21 -33.06
CA GLN RA 32 21.04 -31.16 -34.33
C GLN RA 32 21.63 -30.44 -35.55
N HIS RA 33 22.55 -29.49 -35.35
CA HIS RA 33 23.35 -28.90 -36.47
C HIS RA 33 24.69 -29.70 -36.40
N ALA RA 34 24.61 -30.88 -35.73
CA ALA RA 34 25.60 -31.96 -35.79
C ALA RA 34 25.45 -32.76 -37.06
N LYS RA 35 26.59 -33.34 -37.49
CA LYS RA 35 26.68 -34.18 -38.67
C LYS RA 35 27.19 -35.56 -38.29
N TYR RA 36 26.28 -36.53 -38.31
CA TYR RA 36 26.55 -37.89 -37.84
C TYR RA 36 27.07 -38.83 -38.93
N THR RA 37 27.58 -39.98 -38.51
CA THR RA 37 28.08 -41.00 -39.44
C THR RA 37 26.99 -41.96 -39.87
N CYS RA 38 26.81 -42.02 -41.18
CA CYS RA 38 25.82 -42.88 -41.83
C CYS RA 38 26.23 -44.33 -41.61
N SER RA 39 25.30 -45.12 -41.09
CA SER RA 39 25.54 -46.55 -40.88
C SER RA 39 25.37 -47.39 -42.16
N PHE RA 40 25.42 -46.75 -43.33
CA PHE RA 40 25.25 -47.39 -44.62
C PHE RA 40 26.53 -47.14 -45.41
N CYS RA 41 26.69 -45.92 -45.92
CA CYS RA 41 27.84 -45.55 -46.73
C CYS RA 41 29.09 -45.40 -45.87
N GLY RA 42 28.89 -45.04 -44.60
CA GLY RA 42 29.99 -44.80 -43.66
C GLY RA 42 30.32 -43.34 -43.46
N LYS RA 43 29.90 -42.51 -44.42
CA LYS RA 43 30.34 -41.12 -44.46
C LYS RA 43 29.68 -40.25 -43.40
N THR RA 44 30.36 -39.16 -43.05
CA THR RA 44 29.90 -38.26 -42.01
C THR RA 44 28.99 -37.22 -42.66
N LYS RA 45 27.79 -37.68 -42.99
CA LYS RA 45 26.83 -36.94 -43.78
C LYS RA 45 25.39 -37.00 -43.28
N MET RA 46 25.08 -37.81 -42.28
CA MET RA 46 23.74 -37.78 -41.71
C MET RA 46 23.50 -36.41 -41.12
N LYS RA 47 22.53 -35.70 -41.69
CA LYS RA 47 22.17 -34.37 -41.22
C LYS RA 47 20.68 -34.37 -41.05
N ARG RA 48 20.19 -33.53 -40.16
CA ARG RA 48 18.75 -33.42 -39.90
C ARG RA 48 18.06 -32.49 -40.92
N ARG RA 49 17.06 -33.00 -41.65
CA ARG RA 49 16.25 -32.16 -42.54
C ARG RA 49 15.27 -31.33 -41.73
N ALA RA 50 14.41 -32.06 -41.02
CA ALA RA 50 13.35 -31.48 -40.21
C ALA RA 50 13.02 -32.51 -39.14
N VAL RA 51 12.02 -32.28 -38.30
CA VAL RA 51 11.89 -33.10 -37.09
C VAL RA 51 11.73 -34.58 -37.37
N GLY RA 52 12.61 -35.36 -36.73
CA GLY RA 52 12.56 -36.80 -36.81
C GLY RA 52 12.98 -37.38 -38.13
N ILE RA 53 13.54 -36.57 -39.04
CA ILE RA 53 13.82 -37.03 -40.40
C ILE RA 53 15.18 -36.57 -40.86
N TRP RA 54 16.05 -37.55 -41.15
CA TRP RA 54 17.48 -37.32 -41.27
C TRP RA 54 18.02 -37.84 -42.59
N HIS RA 55 18.60 -36.95 -43.38
CA HIS RA 55 19.07 -37.29 -44.71
C HIS RA 55 20.58 -37.46 -44.71
N CYS RA 56 21.09 -38.39 -45.53
CA CYS RA 56 22.55 -38.48 -45.81
C CYS RA 56 22.82 -38.01 -47.22
N GLY RA 57 23.60 -36.93 -47.33
CA GLY RA 57 23.91 -36.33 -48.63
C GLY RA 57 24.38 -37.34 -49.66
N SER RA 58 25.38 -38.13 -49.27
CA SER RA 58 26.06 -39.09 -50.16
C SER RA 58 25.11 -40.17 -50.71
N CYS RA 59 24.80 -41.16 -49.88
CA CYS RA 59 24.03 -42.32 -50.31
C CYS RA 59 22.53 -42.07 -50.48
N MET RA 60 22.07 -40.85 -50.17
CA MET RA 60 20.68 -40.49 -50.35
C MET RA 60 19.68 -41.33 -49.57
N LYS RA 61 20.07 -41.72 -48.37
CA LYS RA 61 19.17 -42.38 -47.44
C LYS RA 61 18.58 -41.31 -46.53
N THR RA 62 17.25 -41.29 -46.47
CA THR RA 62 16.49 -40.50 -45.53
C THR RA 62 15.99 -41.48 -44.47
N VAL RA 63 16.15 -41.12 -43.20
CA VAL RA 63 15.86 -42.03 -42.09
C VAL RA 63 15.01 -41.35 -41.04
N ALA RA 64 13.95 -42.04 -40.64
CA ALA RA 64 13.10 -41.53 -39.59
C ALA RA 64 13.75 -41.86 -38.28
N GLY RA 65 14.66 -41.00 -37.89
CA GLY RA 65 15.32 -41.10 -36.62
C GLY RA 65 14.52 -40.39 -35.54
N GLY RA 66 15.25 -40.01 -34.49
CA GLY RA 66 14.67 -39.36 -33.34
C GLY RA 66 14.56 -37.91 -33.67
N ALA RA 67 14.04 -37.15 -32.72
CA ALA RA 67 13.59 -35.80 -32.99
C ALA RA 67 14.74 -34.83 -33.23
N TRP RA 68 15.64 -34.67 -32.26
CA TRP RA 68 16.92 -34.00 -32.54
C TRP RA 68 18.12 -34.83 -32.00
N THR RA 69 18.05 -36.14 -32.26
CA THR RA 69 19.21 -37.06 -32.39
C THR RA 69 18.87 -38.16 -33.40
N TYR RA 70 19.84 -38.99 -33.75
CA TYR RA 70 19.60 -40.09 -34.70
C TYR RA 70 18.65 -41.05 -34.01
N ASN RA 71 19.06 -41.46 -32.83
CA ASN RA 71 18.42 -42.54 -32.13
C ASN RA 71 18.06 -42.07 -30.76
N THR RA 72 16.76 -42.01 -30.50
CA THR RA 72 16.28 -41.89 -29.12
C THR RA 72 16.63 -43.19 -28.43
N THR RA 73 17.11 -43.10 -27.21
CA THR RA 73 17.43 -44.29 -26.44
C THR RA 73 16.27 -45.30 -26.48
N SER RA 74 15.03 -44.81 -26.34
CA SER RA 74 13.85 -45.68 -26.37
C SER RA 74 13.75 -46.52 -27.65
N ALA RA 75 14.14 -45.94 -28.78
CA ALA RA 75 14.16 -46.68 -30.05
C ALA RA 75 15.09 -47.87 -30.03
N VAL RA 76 16.31 -47.66 -29.52
CA VAL RA 76 17.35 -48.69 -29.47
C VAL RA 76 16.96 -49.82 -28.51
N THR RA 77 16.55 -49.43 -27.31
CA THR RA 77 16.11 -50.39 -26.30
C THR RA 77 14.89 -51.18 -26.77
N VAL RA 78 14.04 -50.57 -27.59
CA VAL RA 78 12.92 -51.30 -28.20
C VAL RA 78 13.42 -52.25 -29.28
N LYS RA 79 14.21 -51.73 -30.21
CA LYS RA 79 14.77 -52.54 -31.29
C LYS RA 79 15.31 -53.86 -30.78
N SER RA 80 16.14 -53.77 -29.74
CA SER RA 80 16.75 -54.96 -29.15
C SER RA 80 15.73 -55.95 -28.55
N ALA RA 81 14.69 -55.42 -27.91
CA ALA RA 81 13.63 -56.27 -27.33
C ALA RA 81 12.77 -56.91 -28.41
N ILE RA 82 12.39 -56.11 -29.40
CA ILE RA 82 11.67 -56.60 -30.57
C ILE RA 82 12.43 -57.74 -31.24
N ARG RA 83 13.72 -57.51 -31.46
CA ARG RA 83 14.58 -58.50 -32.08
C ARG RA 83 14.74 -59.75 -31.25
N ARG RA 84 14.75 -59.60 -29.93
CA ARG RA 84 14.76 -60.76 -29.05
C ARG RA 84 13.44 -61.52 -29.16
N LEU RA 85 12.33 -60.83 -28.99
CA LEU RA 85 10.99 -61.45 -29.00
C LEU RA 85 10.71 -62.37 -30.21
N LYS RA 86 11.12 -61.92 -31.40
CA LYS RA 86 10.90 -62.71 -32.62
C LYS RA 86 11.78 -63.98 -32.65
N GLU RA 87 12.99 -63.90 -32.09
CA GLU RA 87 13.89 -65.06 -32.02
C GLU RA 87 13.40 -66.06 -31.00
N LEU RA 88 12.90 -65.56 -29.87
CA LEU RA 88 12.23 -66.40 -28.85
C LEU RA 88 11.01 -67.17 -29.40
N LYS RA 89 10.20 -66.49 -30.22
CA LYS RA 89 8.98 -67.09 -30.79
C LYS RA 89 9.30 -68.24 -31.74
N ASP RA 90 10.05 -67.93 -32.79
CA ASP RA 90 10.26 -68.84 -33.94
C ASP RA 90 11.51 -69.74 -33.78
N GLN RA 91 12.58 -69.19 -33.18
CA GLN RA 91 13.88 -69.88 -33.03
C GLN RA 91 14.56 -70.10 -34.39
N SER SA 1 -103.93 33.88 -37.98
CA SER SA 1 -104.08 35.23 -37.35
C SER SA 1 -102.88 36.09 -37.62
N ALA SA 2 -103.02 37.38 -37.33
CA ALA SA 2 -101.90 38.30 -37.39
C ALA SA 2 -100.81 37.93 -36.39
N HIS SA 3 -101.10 38.11 -35.12
CA HIS SA 3 -100.16 37.86 -34.03
C HIS SA 3 -99.28 36.63 -34.15
N LEU SA 4 -99.79 35.61 -34.82
CA LEU SA 4 -99.05 34.39 -35.12
C LEU SA 4 -98.08 34.55 -36.27
N GLN SA 5 -98.55 35.02 -37.42
CA GLN SA 5 -97.69 35.18 -38.60
C GLN SA 5 -96.42 35.88 -38.14
N TRP SA 6 -96.60 37.03 -37.49
CA TRP SA 6 -95.53 37.82 -36.88
C TRP SA 6 -94.42 36.95 -36.37
N MET SA 7 -94.77 36.05 -35.46
CA MET SA 7 -93.77 35.28 -34.76
C MET SA 7 -92.97 34.36 -35.68
N VAL SA 8 -93.52 34.04 -36.84
CA VAL SA 8 -92.79 33.34 -37.90
C VAL SA 8 -91.86 34.32 -38.63
N VAL SA 9 -92.40 35.49 -38.90
CA VAL SA 9 -91.82 36.50 -39.78
C VAL SA 9 -91.00 37.57 -39.03
N ARG SA 10 -90.69 37.32 -37.76
CA ARG SA 10 -90.05 38.35 -36.94
C ARG SA 10 -88.64 38.55 -37.42
N ASN SA 11 -87.84 37.53 -37.21
CA ASN SA 11 -86.64 37.29 -37.97
C ASN SA 11 -87.01 36.24 -39.00
N CYS SA 12 -86.20 36.13 -40.05
CA CYS SA 12 -86.53 35.29 -41.21
C CYS SA 12 -87.65 35.99 -41.96
N SER SA 13 -87.24 36.75 -42.97
CA SER SA 13 -88.15 37.50 -43.83
C SER SA 13 -87.33 38.10 -44.95
N SER SA 14 -87.78 37.91 -46.18
CA SER SA 14 -87.02 38.40 -47.32
C SER SA 14 -87.06 39.91 -47.49
N PHE SA 15 -88.09 40.61 -46.96
CA PHE SA 15 -88.12 42.07 -47.10
C PHE SA 15 -87.58 42.68 -45.81
N LEU SA 16 -87.22 41.84 -44.83
CA LEU SA 16 -86.43 42.29 -43.68
C LEU SA 16 -84.96 42.48 -44.06
N ILE SA 17 -84.31 43.40 -43.34
CA ILE SA 17 -82.96 43.87 -43.68
C ILE SA 17 -82.34 44.53 -42.43
N LYS SA 18 -81.26 43.95 -41.93
CA LYS SA 18 -80.59 44.45 -40.74
C LYS SA 18 -79.10 44.59 -41.05
N ARG SA 19 -78.65 45.82 -41.28
CA ARG SA 19 -77.23 46.10 -41.24
C ARG SA 19 -77.06 47.31 -40.36
N ASN SA 20 -75.88 47.43 -39.74
CA ASN SA 20 -75.39 48.72 -39.34
C ASN SA 20 -76.23 49.28 -38.15
N LYS SA 21 -76.77 48.34 -37.37
CA LYS SA 21 -77.57 48.55 -36.14
C LYS SA 21 -79.04 48.89 -36.28
N GLN SA 22 -79.50 49.20 -37.47
CA GLN SA 22 -80.94 49.32 -37.67
C GLN SA 22 -81.46 47.96 -38.00
N THR SA 23 -82.78 47.89 -38.02
CA THR SA 23 -83.48 46.83 -38.73
C THR SA 23 -84.56 47.52 -39.50
N TYR SA 24 -85.03 46.87 -40.54
CA TYR SA 24 -85.95 47.49 -41.45
C TYR SA 24 -86.70 46.50 -42.29
N SER SA 25 -87.74 46.96 -42.97
CA SER SA 25 -88.67 46.07 -43.67
C SER SA 25 -89.07 46.71 -44.98
N THR SA 26 -88.64 46.13 -46.09
CA THR SA 26 -88.89 46.72 -47.40
C THR SA 26 -90.20 46.26 -48.03
N GLU SA 27 -91.04 45.56 -47.29
CA GLU SA 27 -92.33 45.06 -47.83
C GLU SA 27 -93.17 46.15 -48.46
N PRO SA 28 -94.07 45.75 -49.38
CA PRO SA 28 -95.03 46.72 -49.87
C PRO SA 28 -96.02 47.02 -48.75
N ASN SA 29 -96.48 48.27 -48.74
CA ASN SA 29 -97.26 48.84 -47.65
C ASN SA 29 -97.05 48.33 -46.24
N ASN SA 30 -95.84 48.51 -45.71
CA ASN SA 30 -95.78 49.13 -44.41
C ASN SA 30 -95.53 50.62 -44.77
N LEU SA 31 -95.89 51.56 -43.86
CA LEU SA 31 -95.48 53.00 -43.86
C LEU SA 31 -94.31 53.32 -42.91
N LYS SA 32 -93.15 53.70 -43.46
CA LYS SA 32 -91.92 54.00 -42.68
C LYS SA 32 -90.94 52.81 -42.42
N ALA SA 33 -90.88 51.92 -43.41
CA ALA SA 33 -90.05 50.71 -43.40
C ALA SA 33 -89.76 49.99 -42.07
N ARG SA 34 -90.64 50.09 -41.07
CA ARG SA 34 -90.31 49.56 -39.74
C ARG SA 34 -90.49 48.03 -39.64
N ASN SA 35 -89.72 47.40 -38.74
CA ASN SA 35 -90.02 46.03 -38.32
C ASN SA 35 -90.87 46.11 -37.09
N SER SA 36 -92.09 45.62 -37.22
CA SER SA 36 -93.15 45.94 -36.28
C SER SA 36 -94.35 45.01 -36.37
N PHE SA 37 -95.28 45.22 -35.45
CA PHE SA 37 -96.61 44.68 -35.53
C PHE SA 37 -97.51 45.65 -36.22
N ARG SA 38 -97.52 46.87 -35.68
CA ARG SA 38 -98.41 47.91 -36.13
C ARG SA 38 -98.07 48.21 -37.57
N TYR SA 39 -96.80 48.51 -37.84
CA TYR SA 39 -96.41 49.02 -39.13
C TYR SA 39 -95.81 47.86 -39.89
N ASN SA 40 -96.66 46.92 -40.24
CA ASN SA 40 -96.26 45.88 -41.15
C ASN SA 40 -97.44 45.62 -42.06
N GLY SA 41 -97.14 45.22 -43.29
CA GLY SA 41 -98.16 45.15 -44.33
C GLY SA 41 -98.98 43.91 -44.31
N LEU SA 42 -98.29 42.79 -44.31
CA LEU SA 42 -98.91 41.56 -44.74
C LEU SA 42 -99.63 40.92 -43.58
N ILE SA 43 -98.91 40.76 -42.48
CA ILE SA 43 -99.28 39.92 -41.34
C ILE SA 43 -100.78 39.98 -41.02
N HIS SA 44 -101.13 41.05 -40.33
CA HIS SA 44 -102.44 41.70 -40.23
C HIS SA 44 -103.57 41.48 -41.27
N HIS SA 45 -104.75 42.05 -41.00
CA HIS SA 45 -105.91 42.00 -41.94
C HIS SA 45 -106.47 43.33 -42.48
N LYS SA 46 -106.02 44.46 -41.95
CA LYS SA 46 -106.37 45.77 -42.52
C LYS SA 46 -105.13 46.62 -42.54
N THR SA 47 -104.83 47.20 -43.69
CA THR SA 47 -103.53 47.79 -43.91
C THR SA 47 -103.66 49.04 -44.76
N VAL SA 48 -102.98 50.10 -44.35
CA VAL SA 48 -102.88 51.28 -45.16
C VAL SA 48 -101.49 51.32 -45.70
N GLY SA 49 -101.41 51.62 -46.98
CA GLY SA 49 -100.15 51.90 -47.65
C GLY SA 49 -100.21 53.22 -48.35
N VAL SA 50 -99.08 53.89 -48.44
CA VAL SA 50 -98.98 55.13 -49.18
C VAL SA 50 -97.71 55.02 -49.99
N GLU SA 51 -97.84 55.28 -51.28
CA GLU SA 51 -96.71 55.18 -52.20
C GLU SA 51 -96.92 56.10 -53.39
N PRO SA 52 -95.83 56.43 -54.10
CA PRO SA 52 -95.94 57.44 -55.14
C PRO SA 52 -96.70 56.92 -56.35
N ALA SA 53 -97.39 57.84 -57.04
CA ALA SA 53 -98.16 57.52 -58.22
C ALA SA 53 -97.25 57.30 -59.42
N ALA SA 54 -97.59 56.31 -60.25
CA ALA SA 54 -96.77 55.89 -61.40
C ALA SA 54 -96.46 57.00 -62.43
N ASP SA 55 -97.32 58.02 -62.48
CA ASP SA 55 -97.22 59.10 -63.48
C ASP SA 55 -96.07 60.07 -63.20
N GLY SA 56 -95.67 60.19 -61.93
CA GLY SA 56 -94.69 61.18 -61.52
C GLY SA 56 -95.28 62.14 -60.51
N LYS SA 57 -96.56 62.49 -60.68
CA LYS SA 57 -97.26 63.36 -59.75
C LYS SA 57 -98.35 62.61 -59.01
N GLY SA 58 -98.55 62.98 -57.74
CA GLY SA 58 -99.63 62.46 -56.90
C GLY SA 58 -99.20 61.43 -55.87
N VAL SA 59 -100.20 60.74 -55.32
CA VAL SA 59 -100.02 59.76 -54.27
C VAL SA 59 -101.09 58.69 -54.42
N VAL SA 60 -100.72 57.40 -54.45
CA VAL SA 60 -101.74 56.34 -54.35
C VAL SA 60 -101.85 55.85 -52.90
N VAL SA 61 -103.08 55.58 -52.47
CA VAL SA 61 -103.37 55.16 -51.11
C VAL SA 61 -103.94 53.77 -51.17
N VAL SA 62 -103.16 52.81 -50.69
CA VAL SA 62 -103.51 51.41 -50.83
C VAL SA 62 -104.21 50.98 -49.56
N ILE SA 63 -105.39 50.39 -49.73
CA ILE SA 63 -106.22 49.95 -48.62
C ILE SA 63 -106.51 48.46 -48.81
N LYS SA 64 -106.22 47.63 -47.80
CA LYS SA 64 -106.57 46.20 -47.88
C LYS SA 64 -108.06 46.05 -47.62
N ARG SA 65 -108.68 45.17 -48.41
CA ARG SA 65 -110.12 45.09 -48.46
C ARG SA 65 -110.72 44.38 -47.25
N ARG SA 66 -110.27 43.16 -46.99
CA ARG SA 66 -110.79 42.33 -45.90
C ARG SA 66 -112.18 41.74 -46.19
N SER SA 67 -112.66 41.89 -47.42
CA SER SA 67 -113.86 41.19 -47.84
C SER SA 67 -113.46 39.71 -47.84
N GLY SA 68 -112.45 39.39 -48.63
CA GLY SA 68 -111.91 38.04 -48.70
C GLY SA 68 -110.45 38.11 -49.02
N GLN SA 69 -109.63 37.93 -48.00
CA GLN SA 69 -108.18 37.76 -48.18
C GLN SA 69 -107.85 36.25 -48.29
N ARG SA 70 -106.57 35.88 -48.29
CA ARG SA 70 -106.07 34.75 -49.12
C ARG SA 70 -106.62 34.79 -50.56
N LYS SA 71 -106.62 35.99 -51.13
CA LYS SA 71 -107.11 36.27 -52.50
C LYS SA 71 -106.29 37.39 -53.14
N PRO SA 72 -104.95 37.31 -53.03
CA PRO SA 72 -104.03 38.44 -53.25
C PRO SA 72 -104.39 39.44 -54.36
N ALA SA 73 -104.83 38.92 -55.51
CA ALA SA 73 -105.18 39.75 -56.67
C ALA SA 73 -106.13 40.87 -56.29
N THR SA 74 -107.29 40.47 -55.78
CA THR SA 74 -108.37 41.40 -55.55
C THR SA 74 -108.51 41.74 -54.09
N SER SA 75 -107.61 41.23 -53.24
CA SER SA 75 -107.81 41.31 -51.79
C SER SA 75 -107.63 42.72 -51.22
N TYR SA 76 -107.41 43.70 -52.09
CA TYR SA 76 -106.37 44.65 -51.79
C TYR SA 76 -106.38 45.76 -52.86
N VAL SA 77 -106.91 46.94 -52.49
CA VAL SA 77 -107.46 47.97 -53.41
C VAL SA 77 -106.81 49.35 -53.31
N ARG SA 78 -106.69 50.02 -54.44
CA ARG SA 78 -105.88 51.24 -54.61
C ARG SA 78 -106.75 52.47 -54.94
N THR SA 79 -106.13 53.65 -54.91
CA THR SA 79 -106.75 54.88 -55.42
C THR SA 79 -105.73 55.98 -55.57
N THR SA 80 -105.76 56.68 -56.70
CA THR SA 80 -104.87 57.81 -56.95
C THR SA 80 -105.37 59.03 -56.22
N ILE SA 81 -104.47 59.95 -55.91
CA ILE SA 81 -104.85 61.27 -55.38
C ILE SA 81 -103.90 62.36 -55.92
N ASN SA 82 -104.31 63.02 -56.99
CA ASN SA 82 -103.62 64.21 -57.50
C ASN SA 82 -104.40 65.46 -57.15
N LYS SA 83 -104.07 66.05 -56.00
CA LYS SA 83 -104.68 67.30 -55.59
C LYS SA 83 -103.55 68.23 -55.17
N ASN SA 84 -103.75 69.01 -54.11
CA ASN SA 84 -102.95 70.21 -53.87
C ASN SA 84 -102.36 70.20 -52.48
N ALA SA 85 -101.69 69.12 -52.12
CA ALA SA 85 -101.07 68.96 -50.79
C ALA SA 85 -102.09 68.92 -49.62
N ARG SA 86 -102.71 70.04 -49.29
CA ARG SA 86 -103.62 70.07 -48.15
C ARG SA 86 -104.79 69.13 -48.27
N ALA SA 87 -105.48 69.21 -49.40
CA ALA SA 87 -106.63 68.32 -49.67
C ALA SA 87 -106.17 66.88 -49.84
N THR SA 88 -104.98 66.70 -50.42
CA THR SA 88 -104.33 65.40 -50.54
C THR SA 88 -104.22 64.67 -49.19
N LEU SA 89 -103.79 65.40 -48.17
CA LEU SA 89 -103.68 64.88 -46.80
C LEU SA 89 -105.04 64.73 -46.15
N SER SA 90 -105.87 65.78 -46.23
CA SER SA 90 -107.24 65.71 -45.73
C SER SA 90 -108.02 64.51 -46.30
N SER SA 91 -107.73 64.14 -47.54
CA SER SA 91 -108.29 62.93 -48.13
C SER SA 91 -107.83 61.65 -47.43
N ILE SA 92 -106.52 61.55 -47.18
CA ILE SA 92 -105.93 60.38 -46.50
C ILE SA 92 -106.43 60.31 -45.07
N ARG SA 93 -106.45 61.46 -44.43
CA ARG SA 93 -106.97 61.61 -43.06
C ARG SA 93 -108.42 61.14 -42.96
N HIS SA 94 -109.24 61.59 -43.90
CA HIS SA 94 -110.66 61.25 -43.94
C HIS SA 94 -110.92 59.81 -44.40
N MET SA 95 -109.95 59.27 -45.14
CA MET SA 95 -109.99 57.88 -45.61
C MET SA 95 -109.70 56.90 -44.50
N ILE SA 96 -108.69 57.20 -43.69
CA ILE SA 96 -108.28 56.35 -42.57
C ILE SA 96 -109.25 56.57 -41.42
N ARG SA 97 -109.26 57.78 -40.89
CA ARG SA 97 -110.15 58.11 -39.79
C ARG SA 97 -111.49 58.53 -40.34
N LYS SA 98 -112.51 58.37 -39.50
CA LYS SA 98 -113.92 58.41 -39.93
C LYS SA 98 -114.27 57.36 -40.97
N ASN SA 99 -113.40 56.37 -41.01
CA ASN SA 99 -113.66 55.15 -41.64
C ASN SA 99 -113.19 54.00 -40.72
N LYS SA 100 -113.04 54.31 -39.41
CA LYS SA 100 -112.33 53.47 -38.41
C LYS SA 100 -111.56 52.29 -39.00
N TYR SA 101 -110.47 52.61 -39.69
CA TYR SA 101 -109.68 51.63 -40.39
C TYR SA 101 -108.26 51.86 -39.97
N ARG SA 102 -107.86 51.09 -38.96
CA ARG SA 102 -106.53 51.17 -38.40
C ARG SA 102 -106.11 52.59 -38.07
N PRO SA 103 -106.82 53.23 -37.10
CA PRO SA 103 -106.43 54.59 -36.67
C PRO SA 103 -105.18 54.57 -35.78
N ASP SA 104 -104.14 53.91 -36.29
CA ASP SA 104 -102.81 53.90 -35.72
C ASP SA 104 -101.96 54.58 -36.78
N LEU SA 105 -101.96 54.03 -38.00
CA LEU SA 105 -101.25 54.60 -39.12
C LEU SA 105 -101.59 56.04 -39.34
N ARG SA 106 -102.88 56.32 -39.32
CA ARG SA 106 -103.37 57.66 -39.19
C ARG SA 106 -102.28 58.69 -39.59
N MET SA 107 -101.33 58.95 -38.69
CA MET SA 107 -100.38 60.04 -38.83
C MET SA 107 -99.26 59.64 -39.76
N ALA SA 108 -98.69 58.46 -39.51
CA ALA SA 108 -97.65 57.89 -40.34
C ALA SA 108 -98.05 57.98 -41.82
N ALA SA 109 -99.30 57.64 -42.14
CA ALA SA 109 -99.82 57.72 -43.51
C ALA SA 109 -99.76 59.12 -44.06
N ILE SA 110 -100.07 60.08 -43.19
CA ILE SA 110 -99.94 61.47 -43.55
C ILE SA 110 -98.49 61.83 -43.76
N ARG SA 111 -97.65 61.52 -42.78
CA ARG SA 111 -96.23 61.81 -42.87
C ARG SA 111 -95.57 61.21 -44.11
N ARG SA 112 -96.03 60.03 -44.51
CA ARG SA 112 -95.58 59.42 -45.74
C ARG SA 112 -96.02 60.29 -46.88
N ALA SA 113 -97.33 60.49 -47.00
CA ALA SA 113 -97.90 61.25 -48.10
C ALA SA 113 -97.22 62.60 -48.26
N SER SA 114 -97.09 63.29 -47.13
CA SER SA 114 -96.39 64.57 -47.09
C SER SA 114 -94.96 64.43 -47.66
N ALA SA 115 -94.25 63.40 -47.21
CA ALA SA 115 -92.90 63.11 -47.68
C ALA SA 115 -92.84 62.70 -49.14
N ILE SA 116 -93.86 62.00 -49.62
CA ILE SA 116 -93.93 61.67 -51.04
C ILE SA 116 -94.02 62.99 -51.82
N LEU SA 117 -94.95 63.84 -51.43
CA LEU SA 117 -95.18 65.07 -52.18
C LEU SA 117 -93.94 65.91 -52.37
N ARG SA 118 -93.15 66.08 -51.31
CA ARG SA 118 -91.93 66.87 -51.42
C ARG SA 118 -90.86 66.26 -52.35
N SER SA 119 -90.90 64.94 -52.53
CA SER SA 119 -90.01 64.28 -53.50
C SER SA 119 -90.34 64.58 -54.97
N GLN SA 120 -91.45 65.28 -55.23
CA GLN SA 120 -91.90 65.55 -56.59
C GLN SA 120 -92.29 67.01 -56.74
N LYS SA 121 -91.29 67.81 -57.05
CA LYS SA 121 -91.43 69.24 -57.36
C LYS SA 121 -90.04 69.77 -57.72
N PRO SA 122 -89.92 71.01 -58.26
CA PRO SA 122 -88.62 71.63 -58.54
C PRO SA 122 -87.53 71.27 -57.52
N VAL SA 123 -86.69 70.31 -57.91
CA VAL SA 123 -85.81 69.59 -56.98
C VAL SA 123 -84.79 70.44 -56.23
N MET SA 124 -84.09 71.33 -56.94
CA MET SA 124 -82.91 71.99 -56.40
C MET SA 124 -82.45 73.19 -57.24
N VAL SA 125 -81.75 74.12 -56.59
CA VAL SA 125 -81.09 75.23 -57.26
C VAL SA 125 -79.81 74.77 -57.96
N MET TA 1 33.19 69.89 72.71
CA MET TA 1 32.76 69.58 71.32
C MET TA 1 32.65 70.80 70.36
N PRO TA 2 33.54 71.84 70.45
CA PRO TA 2 32.86 72.86 69.68
C PRO TA 2 33.57 73.67 68.42
N PRO TA 3 34.64 74.57 68.52
CA PRO TA 3 35.10 74.99 67.15
C PRO TA 3 35.86 73.88 66.50
N LYS TA 4 36.82 73.34 67.26
CA LYS TA 4 37.99 72.70 66.72
C LYS TA 4 38.12 71.22 67.07
N PHE TA 5 37.17 70.63 67.82
CA PHE TA 5 37.31 69.29 68.38
C PHE TA 5 37.84 69.51 69.78
N ASP TA 6 36.90 69.75 70.70
CA ASP TA 6 37.19 69.89 72.11
C ASP TA 6 36.21 68.96 72.84
N PRO TA 7 36.30 68.85 74.18
CA PRO TA 7 35.24 68.18 74.90
C PRO TA 7 34.92 68.89 76.23
N ASN TA 8 35.48 68.42 77.34
CA ASN TA 8 35.74 69.15 78.61
C ASN TA 8 35.03 68.50 79.82
N GLU TA 9 35.33 67.21 80.01
CA GLU TA 9 34.76 66.28 81.03
C GLU TA 9 34.39 64.95 80.38
N ILE TA 10 33.67 64.71 79.56
CA ILE TA 10 32.62 63.75 79.23
C ILE TA 10 31.49 63.65 80.30
N LYS TA 11 30.36 64.32 80.02
CA LYS TA 11 29.05 64.02 80.64
C LYS TA 11 28.01 64.12 79.53
N VAL TA 12 28.03 63.12 78.64
CA VAL TA 12 27.18 63.08 77.43
C VAL TA 12 26.26 61.85 77.53
N VAL TA 13 25.01 62.02 77.06
CA VAL TA 13 23.95 61.01 77.22
C VAL TA 13 23.73 60.23 75.92
N TYR TA 14 23.52 58.91 76.06
CA TYR TA 14 23.02 58.05 74.97
C TYR TA 14 22.01 57.05 75.57
N LEU TA 15 20.89 56.84 74.86
CA LEU TA 15 19.83 55.92 75.27
C LEU TA 15 19.69 54.74 74.29
N ARG TA 16 19.43 53.55 74.84
CA ARG TA 16 19.25 52.29 74.08
C ARG TA 16 18.02 51.54 74.62
N CYS TA 17 17.43 50.69 73.79
CA CYS TA 17 16.41 49.73 74.23
C CYS TA 17 16.81 48.28 73.94
N THR TA 18 16.00 47.33 74.42
CA THR TA 18 16.16 45.88 74.18
C THR TA 18 17.23 45.24 75.08
N GLY TA 19 17.00 43.99 75.45
CA GLY TA 19 17.90 43.27 76.33
C GLY TA 19 17.46 41.85 76.62
N GLY TA 20 18.18 40.89 76.04
CA GLY TA 20 18.21 39.51 76.52
C GLY TA 20 19.20 39.51 77.64
N GLU TA 21 20.31 38.81 77.47
CA GLU TA 21 21.43 38.93 78.39
C GLU TA 21 22.08 40.32 78.17
N VAL TA 22 22.77 40.53 77.05
CA VAL TA 22 23.41 41.84 76.75
C VAL TA 22 23.42 42.21 75.26
N GLY TA 23 24.09 41.38 74.46
CA GLY TA 23 24.36 41.69 73.06
C GLY TA 23 25.39 40.69 72.52
N ALA TA 24 26.51 41.19 72.00
CA ALA TA 24 27.73 40.39 71.71
C ALA TA 24 27.84 39.68 70.33
N THR TA 25 26.81 39.75 69.48
CA THR TA 25 26.87 39.13 68.13
C THR TA 25 27.54 40.08 67.11
N SER TA 26 28.84 40.30 67.29
CA SER TA 26 29.61 41.38 66.62
C SER TA 26 28.84 42.71 66.65
N ALA TA 27 28.35 43.05 67.84
CA ALA TA 27 27.33 44.11 68.01
C ALA TA 27 27.16 44.61 69.44
N LEU TA 28 26.89 45.90 69.54
CA LEU TA 28 26.32 46.56 70.74
C LEU TA 28 25.78 47.90 70.20
N ALA TA 29 26.38 49.04 70.56
CA ALA TA 29 25.99 50.32 70.01
C ALA TA 29 26.61 50.54 68.63
N PRO TA 30 27.95 50.34 68.50
CA PRO TA 30 28.70 51.03 67.46
C PRO TA 30 28.18 52.44 67.10
N LYS TA 31 28.42 52.92 65.88
CA LYS TA 31 28.12 54.32 65.45
C LYS TA 31 28.38 55.45 66.51
N ILE TA 32 27.57 55.45 67.57
CA ILE TA 32 27.73 56.38 68.72
C ILE TA 32 28.83 55.92 69.70
N GLY TA 33 28.85 54.62 70.00
CA GLY TA 33 29.87 54.02 70.89
C GLY TA 33 31.36 54.05 70.53
N PRO TA 34 31.73 53.82 69.25
CA PRO TA 34 33.14 53.60 68.91
C PRO TA 34 33.95 54.92 68.95
N LEU TA 35 33.63 55.89 68.08
CA LEU TA 35 34.12 57.26 68.26
C LEU TA 35 33.40 57.89 69.45
N GLY TA 36 34.16 57.97 70.55
CA GLY TA 36 33.65 58.23 71.89
C GLY TA 36 34.54 57.58 72.95
N LEU TA 37 35.44 56.68 72.51
CA LEU TA 37 36.48 56.06 73.33
C LEU TA 37 35.95 54.94 74.21
N SER TA 38 34.73 54.48 73.94
CA SER TA 38 34.11 53.44 74.73
C SER TA 38 34.70 52.10 74.22
N PRO TA 39 33.87 51.05 73.99
CA PRO TA 39 34.44 49.93 73.27
C PRO TA 39 33.36 49.26 72.40
N LYS TA 40 33.36 47.92 72.37
CA LYS TA 40 32.18 47.13 72.03
C LYS TA 40 31.96 45.89 72.94
N LYS TA 41 32.87 45.63 73.89
CA LYS TA 41 32.89 44.37 74.66
C LYS TA 41 32.93 44.53 76.21
N VAL TA 42 33.87 45.29 76.77
CA VAL TA 42 33.96 45.44 78.25
C VAL TA 42 32.79 46.31 78.80
N GLY TA 43 32.61 47.48 78.20
CA GLY TA 43 31.42 48.33 78.41
C GLY TA 43 30.11 47.79 77.85
N ASP TA 44 30.19 46.71 77.07
CA ASP TA 44 29.04 45.83 76.79
C ASP TA 44 28.78 44.90 78.01
N ASP TA 45 29.76 44.07 78.44
CA ASP TA 45 29.52 43.04 79.51
C ASP TA 45 29.39 43.61 80.94
N ILE TA 46 29.84 44.83 81.20
CA ILE TA 46 29.51 45.56 82.46
C ILE TA 46 28.06 46.13 82.39
N ALA TA 47 27.49 46.27 81.18
CA ALA TA 47 26.05 46.53 81.00
C ALA TA 47 25.15 45.35 81.37
N LYS TA 48 25.73 44.14 81.41
CA LYS TA 48 25.12 42.97 82.04
C LYS TA 48 24.88 43.30 83.51
N ALA TA 49 25.93 43.28 84.34
CA ALA TA 49 25.85 43.35 85.83
C ALA TA 49 24.82 44.31 86.45
N THR TA 50 24.61 45.47 85.83
CA THR TA 50 23.63 46.47 86.29
C THR TA 50 22.23 46.26 85.69
N GLY TA 51 22.16 45.95 84.39
CA GLY TA 51 20.91 45.55 83.72
C GLY TA 51 20.71 44.05 83.84
N ASP TA 52 20.59 43.58 85.09
CA ASP TA 52 20.65 42.14 85.44
C ASP TA 52 20.10 41.89 86.85
N TRP TA 53 20.27 40.65 87.34
CA TRP TA 53 19.62 40.15 88.56
C TRP TA 53 18.10 40.41 88.42
N LYS TA 54 17.60 40.16 87.20
CA LYS TA 54 16.24 40.49 86.66
C LYS TA 54 16.05 41.82 85.92
N GLY TA 55 16.53 41.82 84.68
CA GLY TA 55 15.78 42.35 83.55
C GLY TA 55 16.09 41.30 82.50
N LEU TA 56 15.08 40.66 81.89
CA LEU TA 56 15.32 39.75 80.73
C LEU TA 56 14.08 39.72 79.80
N ARG TA 57 13.42 40.86 79.64
CA ARG TA 57 12.15 40.98 78.88
C ARG TA 57 12.07 42.35 78.20
N ILE TA 58 13.13 42.70 77.47
CA ILE TA 58 13.36 44.04 76.88
C ILE TA 58 13.53 45.11 77.99
N THR TA 59 14.39 46.08 77.73
CA THR TA 59 14.63 47.20 78.65
C THR TA 59 14.72 48.51 77.85
N VAL TA 60 14.73 49.62 78.58
CA VAL TA 60 15.21 50.92 78.11
C VAL TA 60 16.52 51.06 78.90
N LYS TA 61 17.49 51.81 78.39
CA LYS TA 61 18.87 51.76 78.93
C LYS TA 61 19.69 53.02 78.61
N LEU TA 62 19.76 53.95 79.59
CA LEU TA 62 20.57 55.17 79.47
C LEU TA 62 22.00 54.81 79.88
N THR TA 63 22.96 55.08 78.99
CA THR TA 63 24.38 54.88 79.28
C THR TA 63 25.08 56.25 79.27
N ILE TA 64 25.51 56.71 80.46
CA ILE TA 64 26.20 58.00 80.63
C ILE TA 64 27.70 57.80 80.36
N GLN TA 65 28.26 58.63 79.49
CA GLN TA 65 29.69 58.60 79.16
C GLN TA 65 30.46 59.45 80.18
N ASN TA 66 31.57 58.94 80.73
CA ASN TA 66 32.60 59.75 81.48
C ASN TA 66 34.02 59.24 81.09
N ARG TA 67 34.85 60.11 80.49
CA ARG TA 67 36.02 59.71 79.67
C ARG TA 67 35.79 58.45 78.78
N GLN TA 68 35.94 57.26 79.36
CA GLN TA 68 35.61 55.98 78.70
C GLN TA 68 34.77 55.08 79.63
N ALA TA 69 33.96 55.68 80.50
CA ALA TA 69 33.12 54.99 81.47
C ALA TA 69 31.68 55.10 80.99
N GLN TA 70 31.00 53.98 80.93
CA GLN TA 70 29.66 53.87 80.35
C GLN TA 70 28.76 53.41 81.50
N ILE TA 71 27.98 54.32 82.08
CA ILE TA 71 27.14 54.00 83.26
C ILE TA 71 25.83 53.37 82.81
N GLU TA 72 25.60 52.13 83.24
CA GLU TA 72 24.52 51.30 82.71
C GLU TA 72 23.31 51.23 83.65
N VAL TA 73 22.53 52.32 83.64
CA VAL TA 73 21.29 52.44 84.43
C VAL TA 73 20.11 51.86 83.62
N VAL TA 74 19.12 51.29 84.31
CA VAL TA 74 17.87 50.79 83.69
C VAL TA 74 16.72 51.78 84.03
N PRO TA 75 16.48 52.82 83.19
CA PRO TA 75 15.44 53.79 83.47
C PRO TA 75 14.08 53.21 83.11
N SER TA 76 13.18 53.16 84.08
CA SER TA 76 11.94 52.41 83.94
C SER TA 76 10.99 53.04 82.91
N ALA TA 77 10.47 52.19 82.02
CA ALA TA 77 9.46 52.57 81.00
C ALA TA 77 8.09 52.08 81.45
N SER TA 78 7.04 52.87 81.15
CA SER TA 78 5.69 52.67 81.73
C SER TA 78 5.07 51.30 81.42
N ALA TA 79 5.25 50.84 80.20
CA ALA TA 79 4.80 49.51 79.81
C ALA TA 79 5.76 48.39 80.27
N LEU TA 80 7.07 48.66 80.32
CA LEU TA 80 8.08 47.67 80.83
C LEU TA 80 7.86 47.24 82.27
N ILE TA 81 7.63 48.21 83.15
CA ILE TA 81 7.24 47.92 84.54
C ILE TA 81 5.89 47.19 84.62
N ILE TA 82 4.90 47.58 83.79
CA ILE TA 82 3.56 46.90 83.74
C ILE TA 82 3.65 45.47 83.12
N LYS TA 83 4.69 45.19 82.33
CA LYS TA 83 5.08 43.81 81.94
C LYS TA 83 5.82 43.08 83.08
N ALA TA 84 6.60 43.81 83.87
CA ALA TA 84 7.26 43.28 85.09
C ALA TA 84 6.42 43.35 86.39
N LEU TA 85 5.26 44.02 86.33
CA LEU TA 85 4.22 43.90 87.38
C LEU TA 85 3.43 42.60 87.24
N LYS TA 86 3.69 41.84 86.16
CA LYS TA 86 3.06 40.52 85.87
C LYS TA 86 3.10 39.47 87.01
N GLU TA 87 2.45 38.33 86.77
CA GLU TA 87 2.70 37.10 87.54
C GLU TA 87 4.00 36.57 86.95
N PRO TA 88 5.16 37.11 87.41
CA PRO TA 88 6.27 37.21 86.46
C PRO TA 88 7.15 35.94 86.24
N PRO TA 89 8.48 36.08 86.39
CA PRO TA 89 9.25 35.73 85.20
C PRO TA 89 9.43 34.25 84.80
N ARG TA 90 8.69 33.87 83.75
CA ARG TA 90 9.12 32.88 82.76
C ARG TA 90 9.98 33.75 81.85
N ASP TA 91 10.91 33.19 81.07
CA ASP TA 91 11.94 34.07 80.49
C ASP TA 91 12.39 33.89 79.02
N ARG TA 92 12.97 32.74 78.67
CA ARG TA 92 13.27 32.42 77.26
C ARG TA 92 13.54 30.91 77.11
N LYS TA 93 13.31 30.39 75.91
CA LYS TA 93 13.10 28.95 75.68
C LYS TA 93 11.83 28.54 76.44
N LYS TA 94 10.71 29.06 75.94
CA LYS TA 94 9.40 28.94 76.57
C LYS TA 94 9.18 30.09 77.57
N GLN TA 95 7.95 30.57 77.53
CA GLN TA 95 7.59 31.90 77.00
C GLN TA 95 6.55 31.33 76.01
N LYS TA 96 6.91 31.00 74.74
CA LYS TA 96 6.09 30.19 73.75
C LYS TA 96 4.55 30.23 73.75
N ASN TA 97 3.93 30.36 74.94
CA ASN TA 97 2.53 30.73 75.13
C ASN TA 97 2.68 32.11 75.73
N ILE TA 98 2.38 33.08 74.86
CA ILE TA 98 3.45 33.91 74.27
C ILE TA 98 3.88 35.10 75.17
N LYS TA 99 3.59 36.35 74.80
CA LYS TA 99 3.53 37.46 75.79
C LYS TA 99 2.26 38.31 75.58
N HIS TA 100 1.14 37.62 75.36
CA HIS TA 100 -0.20 38.20 75.42
C HIS TA 100 -0.93 37.51 76.60
N SER TA 101 -0.16 37.13 77.64
CA SER TA 101 -0.59 36.20 78.70
C SER TA 101 -1.76 36.76 79.53
N GLY TA 102 -1.48 37.80 80.31
CA GLY TA 102 -2.50 38.77 80.73
C GLY TA 102 -3.48 38.58 81.87
N ASN TA 103 -2.99 38.58 83.12
CA ASN TA 103 -3.84 38.59 84.34
C ASN TA 103 -3.05 39.06 85.59
N ILE TA 104 -3.06 40.36 85.94
CA ILE TA 104 -2.20 40.81 87.08
C ILE TA 104 -2.50 42.05 87.96
N THR TA 105 -3.66 42.12 88.60
CA THR TA 105 -3.85 42.95 89.81
C THR TA 105 -3.31 44.41 89.80
N PHE TA 106 -2.01 44.60 90.11
CA PHE TA 106 -1.33 45.93 90.28
C PHE TA 106 -2.23 47.04 90.87
N ASP TA 107 -2.91 46.70 91.98
CA ASP TA 107 -4.05 47.47 92.55
C ASP TA 107 -3.57 48.81 93.08
N GLU TA 108 -2.50 48.73 93.88
CA GLU TA 108 -1.74 49.88 94.34
C GLU TA 108 -0.29 49.85 93.81
N ILE TA 109 0.09 48.80 93.08
CA ILE TA 109 1.39 48.73 92.41
C ILE TA 109 1.37 49.57 91.12
N VAL TA 110 0.20 49.79 90.53
CA VAL TA 110 0.05 50.84 89.51
C VAL TA 110 0.15 52.23 90.20
N ASN TA 111 -0.29 52.41 91.47
CA ASN TA 111 0.06 53.66 92.25
C ASN TA 111 1.56 53.84 92.33
N ILE TA 112 2.26 52.75 92.68
CA ILE TA 112 3.73 52.75 92.76
C ILE TA 112 4.35 52.91 91.37
N ALA TA 113 3.70 52.39 90.32
CA ALA TA 113 4.06 52.67 88.90
C ALA TA 113 3.89 54.15 88.53
N ARG TA 114 2.68 54.70 88.73
CA ARG TA 114 2.41 56.15 88.53
C ARG TA 114 3.14 57.10 89.53
N GLN TA 115 3.72 56.53 90.60
CA GLN TA 115 4.69 57.24 91.47
C GLN TA 115 6.07 57.32 90.83
N MET TA 116 6.59 56.15 90.45
CA MET TA 116 7.90 56.07 89.77
C MET TA 116 7.90 56.63 88.34
N ARG TA 117 6.73 56.99 87.78
CA ARG TA 117 6.68 57.78 86.52
C ARG TA 117 7.22 59.18 86.85
N HIS TA 118 8.55 59.19 86.86
CA HIS TA 118 9.39 60.27 87.32
C HIS TA 118 9.32 61.44 86.29
N ARG TA 119 8.75 62.57 86.68
CA ARG TA 119 8.61 63.77 85.81
C ARG TA 119 7.78 63.57 84.51
N SER TA 120 8.31 62.79 83.57
CA SER TA 120 7.73 62.47 82.23
C SER TA 120 6.33 63.04 81.85
N LEU TA 121 5.34 62.82 82.71
CA LEU TA 121 3.92 62.96 82.35
C LEU TA 121 3.40 64.42 82.29
N ALA TA 122 4.06 65.36 82.98
CA ALA TA 122 3.58 66.76 83.15
C ALA TA 122 2.15 66.74 83.71
N ARG TA 123 2.07 66.33 84.98
CA ARG TA 123 0.90 65.64 85.50
C ARG TA 123 -0.22 66.43 86.22
N GLU TA 124 -1.47 66.16 85.82
CA GLU TA 124 -2.61 66.21 86.75
C GLU TA 124 -2.32 65.04 87.70
N LEU TA 125 -2.65 65.25 88.96
CA LEU TA 125 -2.00 64.55 90.06
C LEU TA 125 -2.70 63.21 90.29
N SER TA 126 -2.02 62.12 89.89
CA SER TA 126 -2.56 60.76 89.99
C SER TA 126 -3.87 60.52 89.24
N GLY TA 127 -5.01 60.92 89.83
CA GLY TA 127 -6.37 60.60 89.32
C GLY TA 127 -6.67 60.69 87.82
N THR TA 128 -5.69 61.18 87.06
CA THR TA 128 -5.72 61.25 85.60
C THR TA 128 -4.66 60.33 84.97
N ILE TA 129 -3.44 60.34 85.50
CA ILE TA 129 -2.37 59.37 85.14
C ILE TA 129 -2.70 57.94 85.55
N LYS TA 130 -3.31 57.79 86.73
CA LYS TA 130 -3.88 56.50 87.17
C LYS TA 130 -4.70 55.88 86.05
N GLU TA 131 -5.41 56.76 85.36
CA GLU TA 131 -6.18 56.39 84.18
C GLU TA 131 -5.34 56.34 82.90
N ILE TA 132 -4.33 57.21 82.72
CA ILE TA 132 -3.42 57.14 81.52
C ILE TA 132 -2.65 55.81 81.43
N LEU TA 133 -2.02 55.42 82.55
CA LEU TA 133 -1.21 54.20 82.64
C LEU TA 133 -2.03 52.97 83.04
N GLY TA 134 -3.25 53.20 83.55
CA GLY TA 134 -4.29 52.17 83.60
C GLY TA 134 -4.86 51.85 82.22
N THR TA 135 -5.08 52.88 81.40
CA THR TA 135 -5.61 52.70 80.02
C THR TA 135 -4.65 52.06 78.99
N ALA TA 136 -3.35 52.02 79.29
CA ALA TA 136 -2.32 51.47 78.36
C ALA TA 136 -2.12 49.95 78.44
N GLN TA 137 -3.17 49.21 78.80
CA GLN TA 137 -3.07 47.77 79.05
C GLN TA 137 -3.39 46.91 77.84
N SER TA 138 -3.01 45.64 77.96
CA SER TA 138 -3.23 44.60 76.94
C SER TA 138 -3.00 43.21 77.54
N VAL TA 139 -1.88 43.09 78.27
CA VAL TA 139 -1.61 41.96 79.17
C VAL TA 139 -2.64 41.97 80.34
N GLY TA 140 -2.29 42.53 81.49
CA GLY TA 140 -2.98 42.26 82.77
C GLY TA 140 -4.50 42.25 82.80
N CYS TA 141 -5.06 43.46 82.74
CA CYS TA 141 -6.51 43.75 82.84
C CYS TA 141 -6.94 44.02 84.30
N ASN TA 142 -6.38 45.09 84.85
CA ASN TA 142 -6.83 45.74 86.10
C ASN TA 142 -6.70 44.85 87.41
N VAL TA 143 -7.56 45.06 88.41
CA VAL TA 143 -7.36 44.72 89.83
C VAL TA 143 -8.11 43.41 90.15
N ASP TA 144 -7.43 42.48 90.86
CA ASP TA 144 -7.87 41.07 91.10
C ASP TA 144 -9.04 40.54 90.24
N GLY TA 145 -10.25 41.04 90.49
CA GLY TA 145 -11.47 40.60 89.80
C GLY TA 145 -12.21 41.73 89.12
N ARG TA 146 -11.51 42.47 88.25
CA ARG TA 146 -12.07 43.57 87.45
C ARG TA 146 -11.37 43.67 86.07
N HIS TA 147 -11.75 44.67 85.27
CA HIS TA 147 -11.20 44.97 83.94
C HIS TA 147 -10.80 46.49 83.92
N PRO TA 148 -9.78 46.95 83.12
CA PRO TA 148 -9.47 48.41 83.13
C PRO TA 148 -10.65 49.28 82.70
N HIS TA 149 -11.24 48.94 81.56
CA HIS TA 149 -12.67 49.12 81.24
C HIS TA 149 -13.49 50.04 82.19
N ASP TA 150 -13.65 49.63 83.45
CA ASP TA 150 -14.49 50.35 84.45
C ASP TA 150 -13.77 51.06 85.64
N ILE TA 151 -12.42 51.06 85.67
CA ILE TA 151 -11.65 52.00 86.53
C ILE TA 151 -11.59 53.39 85.88
N ILE TA 152 -11.49 53.39 84.55
CA ILE TA 152 -11.46 54.62 83.71
C ILE TA 152 -12.62 55.59 84.03
N ASP TA 153 -13.82 55.06 84.19
CA ASP TA 153 -15.02 55.87 84.53
C ASP TA 153 -14.88 56.63 85.86
N ASP TA 154 -14.45 55.93 86.90
CA ASP TA 154 -14.25 56.52 88.22
C ASP TA 154 -12.91 57.25 88.24
N ILE TA 155 -11.78 56.01 90.72
CA ILE TA 155 -10.57 55.98 91.49
C ILE TA 155 -10.83 56.82 92.74
N ASN TA 156 -11.22 56.13 93.81
CA ASN TA 156 -11.57 56.75 95.10
C ASN TA 156 -10.37 56.70 96.07
N SER TA 157 -9.20 57.10 95.56
CA SER TA 157 -7.94 57.03 96.31
C SER TA 157 -6.86 57.83 95.60
N GLY TA 158 -5.75 58.05 96.30
CA GLY TA 158 -4.59 58.70 95.72
C GLY TA 158 -4.70 60.21 95.61
N ALA TA 159 -5.57 60.67 94.71
CA ALA TA 159 -5.86 62.10 94.43
C ALA TA 159 -5.18 63.17 95.33
N VAL TA 160 -5.65 63.31 96.57
CA VAL TA 160 -5.21 64.38 97.51
C VAL TA 160 -4.01 63.97 98.43
N GLU TA 161 -3.47 62.76 98.24
CA GLU TA 161 -2.23 62.31 98.92
C GLU TA 161 -0.95 62.55 98.07
N CYS TA 162 -1.09 62.49 96.75
CA CYS TA 162 0.00 62.81 95.80
C CYS TA 162 0.36 64.31 95.52
N PRO TA 163 -0.52 65.30 95.86
CA PRO TA 163 -0.20 66.72 95.57
C PRO TA 163 0.89 67.27 96.49
N ASP UA 1 -19.87 64.95 67.73
CA ASP UA 1 -19.33 66.35 67.79
C ASP UA 1 -20.29 67.36 67.13
N ARG UA 2 -20.79 68.29 67.96
CA ARG UA 2 -20.99 69.70 67.57
C ARG UA 2 -22.39 70.27 67.23
N ALA UA 3 -23.29 70.06 68.18
CA ALA UA 3 -24.33 71.03 68.56
C ALA UA 3 -24.36 71.09 70.10
N THR UA 4 -24.28 69.90 70.72
CA THR UA 4 -23.94 69.74 72.14
C THR UA 4 -22.50 70.15 72.50
N TRP UA 5 -21.47 69.53 71.94
CA TRP UA 5 -20.07 69.87 72.34
C TRP UA 5 -19.77 71.38 72.13
N LYS UA 6 -20.25 71.96 71.03
CA LYS UA 6 -20.23 73.42 70.89
C LYS UA 6 -20.88 74.01 72.13
N SER UA 7 -22.21 73.87 72.29
CA SER UA 7 -22.97 74.46 73.42
C SER UA 7 -22.36 74.18 74.81
N ASN UA 8 -21.50 73.16 74.90
CA ASN UA 8 -20.61 72.95 76.05
C ASN UA 8 -19.51 74.03 76.23
N TYR UA 9 -18.62 74.22 75.24
CA TYR UA 9 -17.58 75.30 75.28
C TYR UA 9 -18.10 76.65 75.79
N PHE UA 10 -19.35 76.91 75.45
CA PHE UA 10 -20.03 78.18 75.66
C PHE UA 10 -20.17 78.40 77.17
N LEU UA 11 -20.51 77.33 77.88
CA LEU UA 11 -20.66 77.33 79.34
C LEU UA 11 -19.33 77.46 80.14
N LYS UA 12 -18.20 77.13 79.52
CA LYS UA 12 -16.87 77.26 80.16
C LYS UA 12 -16.22 78.62 79.94
N ILE UA 13 -16.48 79.26 78.79
CA ILE UA 13 -16.05 80.66 78.56
C ILE UA 13 -16.89 81.63 79.42
N ILE UA 14 -18.22 81.49 79.41
CA ILE UA 14 -19.12 82.33 80.25
C ILE UA 14 -18.79 82.21 81.76
N GLN UA 15 -18.27 81.06 82.19
CA GLN UA 15 -17.82 80.86 83.58
C GLN UA 15 -16.64 81.75 83.96
N LEU UA 16 -15.55 81.67 83.19
CA LEU UA 16 -14.30 82.41 83.48
C LEU UA 16 -14.36 83.92 83.16
N LEU UA 17 -15.38 84.37 82.42
CA LEU UA 17 -15.66 85.81 82.26
C LEU UA 17 -16.33 86.41 83.51
N ASP UA 18 -17.02 85.59 84.31
CA ASP UA 18 -17.65 86.02 85.58
C ASP UA 18 -16.72 85.86 86.75
N ASP UA 19 -16.27 84.62 86.93
CA ASP UA 19 -15.49 84.20 88.09
C ASP UA 19 -14.11 84.90 88.11
N TYR UA 20 -13.53 85.08 86.92
CA TYR UA 20 -12.15 85.56 86.76
C TYR UA 20 -12.07 86.99 86.15
N PRO UA 21 -12.02 88.04 87.02
CA PRO UA 21 -12.08 89.42 86.52
C PRO UA 21 -10.79 89.93 85.89
N LYS UA 22 -9.67 89.20 86.06
CA LYS UA 22 -8.38 89.55 85.45
C LYS UA 22 -8.12 88.73 84.19
N CYS UA 23 -8.01 89.42 83.05
CA CYS UA 23 -7.92 88.80 81.73
C CYS UA 23 -6.62 89.19 81.04
N PHE UA 24 -5.84 88.19 80.63
CA PHE UA 24 -4.60 88.40 79.88
C PHE UA 24 -4.77 87.89 78.45
N ILE UA 25 -4.78 88.81 77.48
CA ILE UA 25 -4.93 88.47 76.05
C ILE UA 25 -3.54 88.09 75.48
N VAL UA 26 -3.36 86.81 75.12
CA VAL UA 26 -2.05 86.27 74.66
C VAL UA 26 -1.99 85.93 73.16
N GLY UA 27 -0.90 86.35 72.50
CA GLY UA 27 -0.61 86.04 71.10
C GLY UA 27 0.38 84.89 70.96
N ALA UA 28 -0.12 83.74 70.50
CA ALA UA 28 0.66 82.51 70.30
C ALA UA 28 0.90 82.16 68.81
N ASP UA 29 1.36 83.14 68.02
CA ASP UA 29 1.57 82.98 66.55
C ASP UA 29 2.47 81.79 66.18
N ASN UA 30 3.60 81.68 66.86
CA ASN UA 30 4.46 80.50 66.77
C ASN UA 30 4.39 79.74 68.08
N VAL UA 31 4.06 78.46 67.99
CA VAL UA 31 3.83 77.62 69.17
C VAL UA 31 3.92 76.13 68.80
N GLY UA 32 4.27 75.32 69.80
CA GLY UA 32 4.26 73.85 69.70
C GLY UA 32 3.27 73.29 70.71
N SER UA 33 2.82 72.07 70.46
CA SER UA 33 1.93 71.38 71.38
C SER UA 33 2.63 70.90 72.66
N LYS UA 34 3.92 70.54 72.55
CA LYS UA 34 4.77 70.26 73.73
C LYS UA 34 5.16 71.55 74.48
N GLN UA 35 5.16 72.68 73.78
CA GLN UA 35 5.39 74.01 74.41
C GLN UA 35 4.33 74.42 75.41
N MET UA 36 3.07 74.28 75.02
CA MET UA 36 1.96 74.69 75.87
C MET UA 36 1.82 73.76 77.08
N GLN UA 37 1.89 72.44 76.85
CA GLN UA 37 2.04 71.43 77.93
C GLN UA 37 2.97 71.84 79.08
N GLN UA 38 4.10 72.47 78.71
CA GLN UA 38 5.14 72.94 79.63
C GLN UA 38 4.81 74.31 80.26
N ILE UA 39 4.25 75.24 79.48
CA ILE UA 39 3.84 76.57 79.97
C ILE UA 39 2.69 76.47 81.00
N ARG UA 40 1.78 75.51 80.82
CA ARG UA 40 0.64 75.32 81.75
C ARG UA 40 1.11 74.68 83.08
N MET UA 41 2.13 73.81 83.01
CA MET UA 41 2.74 73.20 84.21
C MET UA 41 3.76 74.12 84.90
N SER UA 42 4.43 74.99 84.13
CA SER UA 42 5.28 76.05 84.71
C SER UA 42 4.46 77.17 85.38
N LEU UA 43 3.19 77.32 85.00
CA LEU UA 43 2.26 78.30 85.60
C LEU UA 43 1.04 77.64 86.29
N ARG UA 44 1.19 76.37 86.72
CA ARG UA 44 0.07 75.61 87.32
C ARG UA 44 -0.38 76.19 88.67
N GLY UA 45 0.57 76.67 89.47
CA GLY UA 45 0.27 77.42 90.69
C GLY UA 45 -0.63 78.63 90.45
N LYS UA 46 -0.43 79.28 89.29
CA LYS UA 46 -1.10 80.54 88.96
C LYS UA 46 -2.25 80.41 87.95
N ALA UA 47 -1.92 80.48 86.66
CA ALA UA 47 -2.86 80.94 85.65
C ALA UA 47 -3.65 79.82 84.99
N VAL UA 48 -4.65 80.23 84.20
CA VAL UA 48 -5.52 79.31 83.45
C VAL UA 48 -5.59 79.79 81.98
N VAL UA 49 -4.79 79.17 81.10
CA VAL UA 49 -4.78 79.51 79.66
C VAL UA 49 -5.99 78.85 78.96
N LEU UA 50 -6.74 79.66 78.20
CA LEU UA 50 -7.98 79.21 77.55
C LEU UA 50 -7.92 79.47 76.03
N MET UA 51 -7.84 78.39 75.26
CA MET UA 51 -7.71 78.46 73.79
C MET UA 51 -8.96 78.04 73.03
N GLY UA 52 -9.48 78.97 72.23
CA GLY UA 52 -10.67 78.77 71.41
C GLY UA 52 -10.39 79.21 70.00
N LYS UA 53 -11.46 79.61 69.31
CA LYS UA 53 -11.41 79.92 67.87
C LYS UA 53 -12.13 81.26 67.56
N ASN UA 54 -12.78 81.39 66.39
CA ASN UA 54 -13.66 82.54 66.09
C ASN UA 54 -14.66 82.91 67.18
N THR UA 55 -15.29 81.87 67.74
CA THR UA 55 -16.41 81.98 68.70
C THR UA 55 -16.14 82.90 69.89
N MET UA 56 -14.87 83.07 70.27
CA MET UA 56 -14.45 84.05 71.29
C MET UA 56 -15.20 85.40 71.19
N MET UA 57 -15.67 85.77 69.99
CA MET UA 57 -16.67 86.87 69.80
C MET UA 57 -18.08 86.53 70.33
N ARG UA 58 -18.12 85.82 71.46
CA ARG UA 58 -19.31 85.48 72.19
C ARG UA 58 -19.26 86.15 73.58
N LYS UA 59 -18.33 87.10 73.77
CA LYS UA 59 -18.37 88.07 74.88
C LYS UA 59 -19.65 88.88 74.80
N ALA UA 60 -20.16 89.07 73.58
CA ALA UA 60 -21.49 89.58 73.33
C ALA UA 60 -22.56 88.83 74.15
N ILE UA 61 -22.55 87.50 74.12
CA ILE UA 61 -23.64 86.68 74.74
C ILE UA 61 -23.54 86.55 76.28
N ARG UA 62 -22.35 86.77 76.85
CA ARG UA 62 -22.23 87.06 78.31
C ARG UA 62 -22.59 88.52 78.62
N GLY UA 63 -22.27 89.44 77.70
CA GLY UA 63 -22.71 90.84 77.81
C GLY UA 63 -24.20 91.04 77.58
N HIS UA 64 -24.84 90.12 76.85
CA HIS UA 64 -26.29 90.09 76.64
C HIS UA 64 -27.08 89.79 77.93
N LEU UA 65 -26.45 89.11 78.90
CA LEU UA 65 -27.08 88.66 80.19
C LEU UA 65 -27.91 89.71 80.99
N GLU UA 66 -28.59 90.62 80.30
CA GLU UA 66 -29.19 91.84 80.86
C GLU UA 66 -28.27 92.45 81.97
N ASN UA 67 -26.96 92.28 81.82
CA ASN UA 67 -25.98 92.39 82.93
C ASN UA 67 -24.76 93.30 82.62
N ASN UA 68 -23.69 92.75 82.03
CA ASN UA 68 -22.40 93.48 81.98
C ASN UA 68 -22.24 94.44 80.78
N PRO UA 69 -21.55 95.60 80.98
CA PRO UA 69 -21.38 96.63 79.94
C PRO UA 69 -19.95 96.78 79.33
N ALA UA 70 -18.97 97.25 80.12
CA ALA UA 70 -17.56 97.49 79.66
C ALA UA 70 -16.87 96.40 78.82
N LEU UA 71 -17.50 95.21 78.73
CA LEU UA 71 -17.15 94.16 77.75
C LEU UA 71 -17.31 94.59 76.26
N GLU UA 72 -17.87 95.79 76.00
CA GLU UA 72 -17.77 96.44 74.68
C GLU UA 72 -16.33 96.81 74.29
N LYS UA 73 -15.48 97.16 75.27
CA LYS UA 73 -14.08 97.53 74.99
C LYS UA 73 -13.19 96.28 74.75
N LEU UA 74 -13.71 95.10 75.06
CA LEU UA 74 -13.10 93.83 74.66
C LEU UA 74 -13.36 93.42 73.20
N LEU UA 75 -14.24 94.15 72.49
CA LEU UA 75 -14.62 93.84 71.11
C LEU UA 75 -13.56 94.02 70.00
N PRO UA 76 -12.74 95.10 70.07
CA PRO UA 76 -11.81 95.29 68.94
C PRO UA 76 -10.64 94.30 68.90
N HIS UA 77 -10.43 93.53 69.97
CA HIS UA 77 -9.22 92.70 70.15
C HIS UA 77 -9.46 91.18 69.99
N ILE UA 78 -10.72 90.75 69.81
CA ILE UA 78 -11.02 89.36 69.40
C ILE UA 78 -10.86 89.27 67.88
N ARG UA 79 -9.60 89.12 67.46
CA ARG UA 79 -9.22 89.09 66.05
C ARG UA 79 -7.81 88.47 65.92
N GLY UA 80 -7.52 87.94 64.74
CA GLY UA 80 -6.17 87.46 64.37
C GLY UA 80 -5.34 86.68 65.39
N ASN UA 81 -5.69 85.41 65.59
CA ASN UA 81 -5.20 84.50 66.68
C ASN UA 81 -5.03 85.18 68.05
N VAL UA 82 -5.87 84.77 69.00
CA VAL UA 82 -5.84 85.26 70.38
C VAL UA 82 -6.45 84.19 71.32
N GLY UA 83 -5.92 84.10 72.54
CA GLY UA 83 -6.56 83.37 73.66
C GLY UA 83 -6.44 84.20 74.93
N PHE UA 84 -7.22 83.89 75.98
CA PHE UA 84 -7.09 84.62 77.28
C PHE UA 84 -6.61 83.67 78.37
N VAL UA 85 -5.91 84.24 79.35
CA VAL UA 85 -5.30 83.49 80.44
C VAL UA 85 -5.84 84.06 81.78
N PHE UA 86 -6.88 83.41 82.31
CA PHE UA 86 -7.59 83.87 83.54
C PHE UA 86 -6.84 83.42 84.79
N THR UA 87 -6.65 84.35 85.73
CA THR UA 87 -5.83 84.13 86.92
C THR UA 87 -6.45 84.80 88.15
N LYS UA 88 -6.43 84.09 89.29
CA LYS UA 88 -7.00 84.58 90.55
C LYS UA 88 -5.94 85.43 91.20
N GLU UA 89 -4.76 84.83 91.38
CA GLU UA 89 -3.76 85.42 92.25
C GLU UA 89 -3.16 86.74 91.74
N ASP UA 90 -3.34 87.16 90.47
CA ASP UA 90 -2.73 88.46 90.06
C ASP UA 90 -3.02 89.60 91.06
N LEU UA 91 -2.28 90.68 90.85
CA LEU UA 91 -1.22 91.13 91.76
C LEU UA 91 -0.26 92.01 90.92
N THR UA 92 -0.62 92.26 89.65
CA THR UA 92 -0.02 93.26 88.77
C THR UA 92 1.05 92.52 87.94
N GLU UA 93 1.88 93.29 87.26
CA GLU UA 93 3.09 92.83 86.55
C GLU UA 93 3.93 91.65 87.07
N ILE UA 94 4.15 91.55 88.39
CA ILE UA 94 5.25 90.71 88.93
C ILE UA 94 5.22 89.21 88.59
N ARG UA 95 4.02 88.65 88.36
CA ARG UA 95 3.91 87.32 87.74
C ARG UA 95 4.00 87.45 86.20
N ASP UA 96 3.46 88.54 85.61
CA ASP UA 96 3.60 88.89 84.14
C ASP UA 96 5.04 89.02 83.60
N MET UA 97 5.96 89.50 84.44
CA MET UA 97 7.38 89.67 84.05
C MET UA 97 8.15 88.35 83.97
N LEU UA 98 7.94 87.47 84.96
CA LEU UA 98 8.57 86.13 85.01
C LEU UA 98 8.07 85.14 83.92
N ARG UA 99 6.99 85.50 83.21
CA ARG UA 99 6.43 84.67 82.13
C ARG UA 99 7.29 84.78 80.87
N ALA UA 100 7.78 86.00 80.58
CA ALA UA 100 8.56 86.28 79.36
C ALA UA 100 9.80 85.37 79.27
N ASN UA 101 9.71 84.35 78.44
CA ASN UA 101 10.81 83.41 78.25
C ASN UA 101 11.56 83.64 76.95
N LYS UA 102 12.45 82.71 76.61
CA LYS UA 102 13.24 82.81 75.39
C LYS UA 102 12.36 82.66 74.15
N VAL UA 103 12.71 83.37 73.09
CA VAL UA 103 11.94 83.35 71.85
C VAL UA 103 12.43 84.46 70.91
N PRO UA 104 11.57 84.88 69.99
CA PRO UA 104 11.92 85.94 69.03
C PRO UA 104 12.37 87.22 69.74
N ALA UA 105 13.55 87.74 69.40
CA ALA UA 105 14.43 87.13 68.40
C ALA UA 105 13.74 87.02 67.05
N ALA UA 106 14.13 86.03 66.26
CA ALA UA 106 13.55 85.82 64.94
C ALA UA 106 14.10 86.83 63.92
N ALA UA 107 13.37 87.92 63.73
CA ALA UA 107 13.78 88.96 62.80
C ALA UA 107 13.51 88.54 61.35
N ARG UA 108 12.72 89.34 60.65
CA ARG UA 108 12.38 89.05 59.25
C ARG UA 108 12.38 90.34 58.43
N ALA UA 109 12.61 90.20 57.13
CA ALA UA 109 12.49 91.30 56.18
C ALA UA 109 11.02 91.69 55.97
N GLY UA 110 10.76 93.00 55.91
CA GLY UA 110 9.40 93.54 55.83
C GLY UA 110 8.79 93.96 57.17
N ALA UA 111 9.53 93.76 58.26
CA ALA UA 111 9.09 94.17 59.61
C ALA UA 111 9.43 95.64 59.92
N ILE UA 112 8.98 96.13 61.09
CA ILE UA 112 9.06 97.57 61.46
C ILE UA 112 9.67 97.91 62.84
N ALA UA 113 9.39 97.08 63.86
CA ALA UA 113 9.26 97.54 65.26
C ALA UA 113 10.46 98.13 66.07
N PRO UA 114 10.84 97.45 67.17
CA PRO UA 114 10.79 98.14 68.47
C PRO UA 114 11.57 99.47 68.61
N CYS UA 115 12.84 99.40 69.01
CA CYS UA 115 13.65 100.60 69.27
C CYS UA 115 14.82 100.63 68.28
N GLU UA 116 15.73 101.58 68.47
CA GLU UA 116 16.88 101.77 67.58
C GLU UA 116 17.90 100.62 67.75
N VAL UA 117 18.06 99.81 66.69
CA VAL UA 117 18.88 98.59 66.75
C VAL UA 117 20.36 98.91 66.56
N THR UA 118 21.19 98.44 67.50
CA THR UA 118 22.64 98.71 67.53
C THR UA 118 23.44 97.40 67.56
N VAL UA 119 24.69 97.46 67.07
CA VAL UA 119 25.60 96.30 66.99
C VAL UA 119 26.97 96.73 67.56
N PRO UA 120 27.10 96.86 68.91
CA PRO UA 120 28.32 97.35 69.59
C PRO UA 120 29.61 96.84 68.94
N ALA UA 121 30.53 97.77 68.62
CA ALA UA 121 31.74 97.47 67.83
C ALA UA 121 32.51 96.31 68.43
N GLN UA 122 31.99 95.12 68.20
CA GLN UA 122 32.57 93.92 68.73
C GLN UA 122 32.95 93.04 67.59
N ASN UA 123 33.99 92.32 67.91
CA ASN UA 123 34.65 91.39 67.06
C ASN UA 123 33.70 90.17 66.77
N THR UA 124 33.36 89.93 65.49
CA THR UA 124 32.28 88.99 65.12
C THR UA 124 32.55 87.49 65.40
N GLY UA 125 33.65 86.97 64.87
CA GLY UA 125 34.02 85.55 65.04
C GLY UA 125 33.56 84.58 63.98
N LEU UA 126 33.08 85.13 62.87
CA LEU UA 126 32.64 84.34 61.74
C LEU UA 126 33.90 83.95 60.95
N GLY UA 127 33.74 83.02 60.01
CA GLY UA 127 34.82 82.59 59.11
C GLY UA 127 35.48 83.74 58.36
N PRO UA 128 36.80 83.63 58.00
CA PRO UA 128 37.37 84.79 57.27
C PRO UA 128 36.74 85.13 55.90
N GLU UA 129 37.37 86.08 55.24
CA GLU UA 129 36.68 87.28 54.73
C GLU UA 129 35.21 87.58 55.16
N LYS UA 130 34.19 86.77 54.80
CA LYS UA 130 32.76 87.05 55.23
C LYS UA 130 32.37 88.54 55.44
N THR UA 131 33.00 89.43 54.67
CA THR UA 131 32.82 90.89 54.79
C THR UA 131 31.72 91.39 53.84
N SER UA 132 31.20 90.51 52.97
CA SER UA 132 30.27 90.90 51.90
C SER UA 132 28.90 91.44 52.34
N PHE UA 133 28.43 91.08 53.55
CA PHE UA 133 27.19 91.65 54.13
C PHE UA 133 27.45 92.99 54.84
N PHE UA 134 28.73 93.29 55.13
CA PHE UA 134 29.16 94.60 55.62
C PHE UA 134 29.51 95.49 54.42
N GLN UA 135 30.31 94.97 53.48
CA GLN UA 135 30.71 95.66 52.22
C GLN UA 135 29.52 96.09 51.35
N ALA UA 136 28.46 95.28 51.33
CA ALA UA 136 27.21 95.62 50.62
C ALA UA 136 26.55 96.90 51.15
N LEU UA 137 26.65 97.12 52.46
CA LEU UA 137 26.07 98.31 53.12
C LEU UA 137 27.13 99.42 53.31
N GLY UA 138 28.04 99.26 54.29
CA GLY UA 138 29.14 100.21 54.51
C GLY UA 138 29.51 100.43 55.98
N ILE UA 139 30.39 99.57 56.51
CA ILE UA 139 30.96 99.71 57.86
C ILE UA 139 32.47 99.39 57.81
N THR UA 140 33.28 100.15 58.56
CA THR UA 140 34.74 99.99 58.55
C THR UA 140 35.19 98.74 59.34
N THR UA 141 35.69 97.72 58.62
CA THR UA 141 36.07 96.42 59.18
C THR UA 141 37.54 96.07 58.91
N LYS UA 142 38.11 95.20 59.74
CA LYS UA 142 39.50 94.74 59.59
C LYS UA 142 39.69 93.27 60.03
N ILE UA 143 40.49 92.51 59.26
CA ILE UA 143 41.05 91.25 59.76
C ILE UA 143 42.21 91.63 60.66
N SER UA 144 41.94 91.69 61.95
CA SER UA 144 42.97 91.39 62.94
C SER UA 144 43.00 89.84 62.97
N ARG UA 145 44.09 89.26 63.45
CA ARG UA 145 44.41 87.81 63.27
C ARG UA 145 43.19 86.83 63.09
N GLY UA 146 42.99 86.36 61.85
CA GLY UA 146 41.93 85.39 61.53
C GLY UA 146 40.50 85.93 61.46
N THR UA 147 39.92 86.19 62.63
CA THR UA 147 38.50 86.56 62.77
C THR UA 147 38.24 88.07 62.46
N ILE UA 148 36.98 88.45 62.24
CA ILE UA 148 36.64 89.80 61.73
C ILE UA 148 36.12 90.76 62.81
N GLU UA 149 36.43 92.04 62.63
CA GLU UA 149 35.93 93.12 63.49
C GLU UA 149 35.19 94.22 62.76
N ILE UA 150 34.42 94.96 63.54
CA ILE UA 150 33.96 96.30 63.18
C ILE UA 150 34.81 97.24 64.05
N LEU UA 151 35.54 98.17 63.41
CA LEU UA 151 36.39 99.16 64.13
C LEU UA 151 35.75 100.57 64.11
N SER UA 152 34.45 100.59 64.42
CA SER UA 152 33.59 101.79 64.46
C SER UA 152 32.17 101.30 64.78
N ASP UA 153 31.19 102.19 64.88
CA ASP UA 153 29.80 101.76 65.06
C ASP UA 153 28.75 102.84 64.81
N VAL UA 154 27.55 102.39 64.49
CA VAL UA 154 26.33 103.22 64.50
C VAL UA 154 25.06 102.35 64.50
N GLN UA 155 23.92 103.01 64.69
CA GLN UA 155 22.60 102.40 64.51
C GLN UA 155 22.42 102.01 63.04
N LEU UA 156 22.10 100.74 62.78
CA LEU UA 156 21.91 100.26 61.41
C LEU UA 156 20.58 100.76 60.83
N ILE UA 157 19.49 100.52 61.55
CA ILE UA 157 18.12 100.89 61.12
C ILE UA 157 17.35 101.50 62.29
N LYS UA 158 16.63 102.60 62.00
CA LYS UA 158 15.93 103.41 63.02
C LYS UA 158 14.44 103.06 63.10
N THR UA 159 13.77 103.60 64.11
CA THR UA 159 12.37 103.26 64.42
C THR UA 159 11.40 103.80 63.37
N GLY UA 160 10.60 102.89 62.80
CA GLY UA 160 9.66 103.21 61.73
C GLY UA 160 10.15 102.86 60.32
N ASP UA 161 11.45 102.64 60.16
CA ASP UA 161 12.05 102.31 58.86
C ASP UA 161 12.04 100.79 58.64
N LYS UA 162 11.89 100.38 57.38
CA LYS UA 162 11.83 98.95 57.00
C LYS UA 162 13.24 98.34 57.02
N VAL UA 163 13.32 97.09 57.45
CA VAL UA 163 14.57 96.32 57.44
C VAL UA 163 14.64 95.50 56.16
N GLY UA 164 15.67 95.77 55.35
CA GLY UA 164 15.94 94.99 54.15
C GLY UA 164 16.28 93.52 54.41
N ALA UA 165 16.29 92.73 53.36
CA ALA UA 165 16.56 91.29 53.45
C ALA UA 165 18.03 90.97 53.80
N SER UA 166 18.98 91.69 53.19
CA SER UA 166 20.42 91.52 53.47
C SER UA 166 20.82 92.04 54.86
N GLU UA 167 20.24 93.17 55.28
CA GLU UA 167 20.42 93.69 56.66
C GLU UA 167 19.65 92.91 57.75
N ALA UA 168 18.63 92.14 57.37
CA ALA UA 168 17.99 91.17 58.28
C ALA UA 168 18.87 89.92 58.43
N THR UA 169 19.27 89.31 57.31
CA THR UA 169 20.08 88.07 57.34
C THR UA 169 21.46 88.24 58.03
N LEU UA 170 22.10 89.41 57.86
CA LEU UA 170 23.38 89.70 58.57
C LEU UA 170 23.20 89.83 60.10
N LEU UA 171 22.08 90.41 60.54
CA LEU UA 171 21.79 90.54 61.99
C LEU UA 171 21.54 89.20 62.70
N ASN UA 172 20.90 88.24 62.02
CA ASN UA 172 20.64 86.89 62.60
C ASN UA 172 21.87 85.96 62.41
N MET UA 173 22.79 86.30 61.49
CA MET UA 173 24.13 85.68 61.43
C MET UA 173 25.04 86.11 62.59
N LEU UA 174 24.99 87.40 62.96
CA LEU UA 174 25.72 87.94 64.11
C LEU UA 174 25.25 87.43 65.49
N ASN UA 175 24.04 86.82 65.54
CA ASN UA 175 23.33 86.40 66.76
C ASN UA 175 22.49 87.51 67.42
N ILE UA 176 22.67 88.77 67.01
CA ILE UA 176 21.81 89.88 67.46
C ILE UA 176 20.37 89.56 67.05
N SER UA 177 19.54 89.39 68.08
CA SER UA 177 18.20 88.88 67.96
C SER UA 177 17.23 89.91 68.59
N PRO UA 178 16.73 90.90 67.80
CA PRO UA 178 15.65 91.83 68.17
C PRO UA 178 14.34 91.62 67.34
N PHE UA 179 13.56 92.70 67.06
CA PHE UA 179 12.25 92.65 66.35
C PHE UA 179 11.35 91.42 66.64
N SER UA 180 10.63 91.45 67.76
CA SER UA 180 9.75 90.35 68.13
C SER UA 180 8.94 90.70 69.37
N PHE UA 181 7.84 89.96 69.58
CA PHE UA 181 6.97 90.19 70.73
C PHE UA 181 5.66 89.41 70.58
N GLY UA 182 5.73 88.28 69.88
CA GLY UA 182 4.55 87.46 69.66
C GLY UA 182 4.10 86.76 70.93
N LEU UA 183 4.18 85.44 70.95
CA LEU UA 183 3.77 84.65 72.11
C LEU UA 183 4.30 85.26 73.41
N VAL UA 184 3.57 86.24 73.92
CA VAL UA 184 3.96 86.91 75.16
C VAL UA 184 2.77 87.63 75.80
N ILE UA 185 2.36 88.72 75.18
CA ILE UA 185 1.22 89.52 75.69
C ILE UA 185 0.82 90.62 74.68
N GLN UA 186 -0.49 90.76 74.42
CA GLN UA 186 -0.99 91.75 73.45
C GLN UA 186 -1.72 92.94 74.11
N GLN UA 187 -2.71 92.64 74.97
CA GLN UA 187 -3.53 93.66 75.65
C GLN UA 187 -4.22 93.13 76.91
N VAL UA 188 -3.92 93.72 78.07
CA VAL UA 188 -4.52 93.29 79.34
C VAL UA 188 -5.91 93.92 79.53
N PHE UA 189 -6.77 93.19 80.24
CA PHE UA 189 -8.02 93.74 80.77
C PHE UA 189 -8.03 93.45 82.28
N ASP UA 190 -8.24 94.49 83.08
CA ASP UA 190 -8.43 94.38 84.54
C ASP UA 190 -9.44 95.44 85.00
N ASN UA 191 -10.70 95.02 85.18
CA ASN UA 191 -11.78 95.91 85.65
C ASN UA 191 -12.12 97.06 84.66
N GLY UA 192 -12.68 96.73 83.50
CA GLY UA 192 -13.01 97.70 82.45
C GLY UA 192 -11.90 98.61 81.93
N SER UA 193 -10.64 98.26 82.23
CA SER UA 193 -9.49 99.12 81.97
C SER UA 193 -8.90 98.82 80.60
N ILE UA 194 -8.13 99.79 80.10
CA ILE UA 194 -7.49 99.68 78.79
C ILE UA 194 -6.01 99.99 78.96
N TYR UA 195 -5.25 98.95 79.28
CA TYR UA 195 -3.80 99.02 79.28
C TYR UA 195 -3.31 99.15 77.79
N ASN UA 196 -2.01 99.36 77.59
CA ASN UA 196 -1.38 99.60 76.30
C ASN UA 196 0.15 99.33 76.43
N PRO UA 197 0.68 98.20 75.88
CA PRO UA 197 2.14 97.91 75.92
C PRO UA 197 3.07 98.90 75.15
N GLU UA 198 2.99 100.17 75.57
CA GLU UA 198 3.85 101.28 75.13
C GLU UA 198 3.75 102.20 76.35
N VAL UA 199 4.91 102.39 76.97
CA VAL UA 199 5.16 101.68 78.24
C VAL UA 199 4.85 102.38 79.59
N LEU UA 200 3.68 102.04 80.14
CA LEU UA 200 3.41 102.12 81.58
C LEU UA 200 2.95 100.76 82.13
N ASP UA 201 2.79 99.78 81.25
CA ASP UA 201 1.77 98.77 81.43
C ASP UA 201 2.28 97.40 81.85
N ILE UA 202 2.47 97.35 83.17
CA ILE UA 202 3.42 96.49 83.86
C ILE UA 202 3.97 97.32 85.04
N ALA VA 1 -28.72 27.29 -121.78
CA ALA VA 1 -29.28 27.48 -120.39
C ALA VA 1 -30.53 26.63 -120.15
N ASP VA 2 -31.52 26.80 -121.01
CA ASP VA 2 -32.76 26.02 -120.97
C ASP VA 2 -32.51 24.53 -121.27
N LEU VA 3 -31.61 24.24 -122.23
CA LEU VA 3 -31.23 22.86 -122.58
C LEU VA 3 -30.87 21.99 -121.39
N GLY VA 4 -30.02 22.52 -120.53
CA GLY VA 4 -29.61 21.87 -119.30
C GLY VA 4 -30.73 21.78 -118.29
N ARG VA 5 -31.56 22.83 -118.20
CA ARG VA 5 -32.76 22.86 -117.36
C ARG VA 5 -33.78 21.76 -117.67
N LYS VA 6 -33.85 21.36 -118.94
CA LYS VA 6 -34.69 20.24 -119.36
C LYS VA 6 -34.12 18.91 -118.86
N ILE VA 7 -32.79 18.76 -118.96
CA ILE VA 7 -32.08 17.56 -118.50
C ILE VA 7 -31.97 17.54 -116.97
N THR VA 8 -31.59 18.68 -116.37
CA THR VA 8 -31.48 18.82 -114.90
C THR VA 8 -32.69 18.23 -114.19
N SER VA 9 -33.88 18.68 -114.57
CA SER VA 9 -35.12 18.13 -114.04
C SER VA 9 -35.21 16.58 -114.17
N ALA VA 10 -34.78 16.05 -115.33
CA ALA VA 10 -34.76 14.59 -115.59
C ALA VA 10 -33.80 13.82 -114.69
N LEU VA 11 -32.56 14.32 -114.54
CA LEU VA 11 -31.59 13.73 -113.61
C LEU VA 11 -31.96 13.97 -112.14
N ARG VA 12 -32.68 15.07 -111.87
CA ARG VA 12 -33.22 15.35 -110.52
C ARG VA 12 -34.66 14.80 -110.35
N SER VA 13 -35.06 13.92 -111.28
CA SER VA 13 -36.11 12.93 -111.05
C SER VA 13 -35.52 11.56 -110.61
N LEU VA 14 -34.21 11.36 -110.75
CA LEU VA 14 -33.50 10.22 -110.13
C LEU VA 14 -33.25 10.50 -108.65
N SER VA 15 -32.59 11.64 -108.36
CA SER VA 15 -32.61 12.20 -107.01
C SER VA 15 -34.07 12.54 -106.71
N ASN VA 16 -34.55 12.10 -105.55
CA ASN VA 16 -35.98 12.13 -105.16
C ASN VA 16 -36.77 10.85 -105.52
N ALA VA 17 -36.40 10.14 -106.60
CA ALA VA 17 -37.07 8.87 -106.93
C ALA VA 17 -36.63 7.77 -105.98
N THR VA 18 -37.47 6.75 -105.88
CA THR VA 18 -37.27 5.62 -104.98
C THR VA 18 -36.58 4.45 -105.70
N ILE VA 19 -37.35 3.73 -106.50
CA ILE VA 19 -37.04 2.35 -106.89
C ILE VA 19 -35.61 2.17 -107.42
N ILE VA 20 -35.16 3.08 -108.30
CA ILE VA 20 -33.89 2.98 -109.05
C ILE VA 20 -33.80 1.66 -109.82
N ASN VA 21 -34.04 1.74 -111.12
CA ASN VA 21 -34.28 0.55 -111.92
C ASN VA 21 -34.12 0.79 -113.43
N GLU VA 22 -34.23 -0.28 -114.22
CA GLU VA 22 -34.11 -0.17 -115.69
C GLU VA 22 -35.16 0.79 -116.26
N GLU VA 23 -36.41 0.59 -115.84
CA GLU VA 23 -37.57 1.45 -116.21
C GLU VA 23 -37.40 2.94 -115.90
N VAL VA 24 -36.69 3.25 -114.81
CA VAL VA 24 -36.45 4.64 -114.40
C VAL VA 24 -35.45 5.32 -115.34
N LEU VA 25 -34.24 4.74 -115.48
CA LEU VA 25 -33.28 5.19 -116.50
C LEU VA 25 -33.91 5.21 -117.91
N ASN VA 26 -34.75 4.20 -118.22
CA ASN VA 26 -35.58 4.19 -119.44
C ASN VA 26 -36.42 5.45 -119.56
N ALA VA 27 -37.23 5.73 -118.54
CA ALA VA 27 -38.21 6.82 -118.55
C ALA VA 27 -37.55 8.18 -118.46
N MET VA 28 -36.57 8.29 -117.55
CA MET VA 28 -35.71 9.48 -117.42
C MET VA 28 -34.99 9.81 -118.74
N LEU VA 29 -34.44 8.79 -119.41
CA LEU VA 29 -33.78 9.02 -120.70
C LEU VA 29 -34.70 9.59 -121.78
N LYS VA 30 -35.99 9.28 -121.70
CA LYS VA 30 -36.99 9.91 -122.57
C LYS VA 30 -37.10 11.44 -122.33
N GLU VA 31 -36.78 11.89 -121.11
CA GLU VA 31 -36.72 13.32 -120.76
C GLU VA 31 -35.36 13.97 -121.04
N VAL VA 32 -34.28 13.19 -120.99
CA VAL VA 32 -32.94 13.67 -121.35
C VAL VA 32 -32.80 13.71 -122.87
N CYS VA 33 -32.90 12.54 -123.50
CA CYS VA 33 -32.79 12.42 -124.98
C CYS VA 33 -33.66 13.46 -125.74
N THR VA 34 -34.85 13.76 -125.19
CA THR VA 34 -35.71 14.87 -125.67
C THR VA 34 -34.96 16.20 -125.79
N ALA VA 35 -34.37 16.67 -124.69
CA ALA VA 35 -33.54 17.89 -124.71
C ALA VA 35 -32.39 17.88 -125.73
N LEU VA 36 -31.95 16.70 -126.14
CA LEU VA 36 -31.00 16.55 -127.25
C LEU VA 36 -31.69 16.60 -128.63
N LEU VA 37 -32.89 16.03 -128.74
CA LEU VA 37 -33.72 16.17 -129.97
C LEU VA 37 -34.28 17.60 -130.17
N GLU VA 38 -34.51 18.35 -129.08
CA GLU VA 38 -34.92 19.76 -129.14
C GLU VA 38 -33.75 20.69 -129.46
N ALA VA 39 -32.59 20.41 -128.86
CA ALA VA 39 -31.32 21.05 -129.24
C ALA VA 39 -31.02 20.82 -130.72
N ASP VA 40 -31.32 19.59 -131.17
CA ASP VA 40 -31.24 19.14 -132.57
C ASP VA 40 -30.78 17.69 -132.60
N VAL VA 41 -29.61 17.43 -131.97
CA VAL VA 41 -28.83 16.15 -132.08
C VAL VA 41 -29.54 14.99 -132.76
N ASN VA 42 -28.87 14.42 -133.77
CA ASN VA 42 -29.53 13.57 -134.77
C ASN VA 42 -30.14 12.39 -134.07
N ILE VA 43 -31.40 12.07 -134.39
CA ILE VA 43 -32.06 10.89 -133.81
C ILE VA 43 -31.15 9.63 -133.86
N LYS VA 44 -30.31 9.52 -134.90
CA LYS VA 44 -29.30 8.45 -135.00
C LYS VA 44 -28.16 8.62 -133.96
N LEU VA 45 -27.79 9.87 -133.66
CA LEU VA 45 -26.84 10.21 -132.57
C LEU VA 45 -27.43 10.20 -131.14
N VAL VA 46 -28.73 10.47 -131.02
CA VAL VA 46 -29.44 10.37 -129.73
C VAL VA 46 -29.60 8.90 -129.32
N LYS VA 47 -29.89 8.01 -130.27
CA LYS VA 47 -29.80 6.55 -130.03
C LYS VA 47 -28.39 6.13 -129.60
N GLN VA 48 -27.39 6.77 -130.21
CA GLN VA 48 -25.97 6.54 -129.88
C GLN VA 48 -25.51 7.13 -128.52
N LEU VA 49 -26.12 8.25 -128.09
CA LEU VA 49 -25.95 8.77 -126.71
C LEU VA 49 -26.58 7.79 -125.73
N ARG VA 50 -27.81 7.40 -126.04
CA ARG VA 50 -28.60 6.52 -125.20
C ARG VA 50 -27.94 5.15 -125.00
N GLU VA 51 -27.44 4.54 -126.09
CA GLU VA 51 -26.68 3.29 -125.99
C GLU VA 51 -25.39 3.47 -125.15
N ASN VA 52 -24.75 4.63 -125.28
CA ASN VA 52 -23.55 4.98 -124.50
C ASN VA 52 -23.82 5.01 -122.99
N VAL VA 53 -24.92 5.66 -122.55
CA VAL VA 53 -25.24 5.77 -121.11
C VAL VA 53 -25.55 4.40 -120.51
N LYS VA 54 -26.30 3.59 -121.25
CA LYS VA 54 -26.63 2.22 -120.82
C LYS VA 54 -25.39 1.29 -120.87
N SER VA 55 -24.44 1.59 -121.75
CA SER VA 55 -23.17 0.86 -121.81
C SER VA 55 -22.26 1.15 -120.61
N ALA VA 56 -22.18 2.41 -120.21
CA ALA VA 56 -21.37 2.81 -119.04
C ALA VA 56 -21.95 2.28 -117.72
N ILE VA 57 -23.26 2.45 -117.53
CA ILE VA 57 -23.98 1.96 -116.33
C ILE VA 57 -24.98 0.87 -116.71
N ASP VA 58 -24.70 -0.37 -116.29
CA ASP VA 58 -25.64 -1.50 -116.44
C ASP VA 58 -26.04 -1.91 -115.03
N LEU VA 59 -27.34 -1.94 -114.75
CA LEU VA 59 -27.86 -2.35 -113.42
C LEU VA 59 -27.82 -3.87 -113.19
N GLU VA 60 -27.95 -4.62 -114.29
CA GLU VA 60 -27.85 -6.09 -114.28
C GLU VA 60 -26.71 -6.63 -113.40
N GLU VA 61 -25.50 -6.13 -113.65
CA GLU VA 61 -24.33 -6.41 -112.84
C GLU VA 61 -23.99 -5.10 -112.17
N MET VA 62 -24.29 -4.99 -110.87
CA MET VA 62 -23.82 -3.84 -110.12
C MET VA 62 -23.67 -4.14 -108.65
N ALA VA 63 -22.67 -3.50 -108.06
CA ALA VA 63 -22.41 -3.56 -106.64
C ALA VA 63 -23.47 -2.74 -105.93
N SER VA 64 -24.11 -3.33 -104.92
CA SER VA 64 -25.13 -2.63 -104.13
C SER VA 64 -24.49 -1.60 -103.20
N GLY VA 65 -25.33 -0.91 -102.43
CA GLY VA 65 -24.85 0.12 -101.52
C GLY VA 65 -24.25 1.32 -102.25
N LEU VA 66 -24.62 1.49 -103.53
CA LEU VA 66 -24.02 2.50 -104.37
C LEU VA 66 -25.04 3.45 -104.97
N ASN VA 67 -25.04 4.67 -104.45
CA ASN VA 67 -24.88 5.87 -105.22
C ASN VA 67 -24.45 5.64 -106.69
N LYS VA 68 -25.09 4.66 -107.31
CA LYS VA 68 -25.84 4.82 -108.55
C LYS VA 68 -26.18 6.29 -108.82
N ARG VA 69 -27.33 6.75 -108.30
CA ARG VA 69 -27.80 8.12 -108.45
C ARG VA 69 -26.72 9.15 -108.75
N LYS VA 70 -25.66 9.15 -107.95
CA LYS VA 70 -24.49 10.01 -108.16
C LYS VA 70 -23.72 9.72 -109.44
N MET VA 71 -23.54 8.43 -109.76
CA MET VA 71 -22.79 8.01 -110.94
C MET VA 71 -23.60 7.95 -112.22
N ILE VA 72 -24.91 7.79 -112.10
CA ILE VA 72 -25.80 7.96 -113.26
C ILE VA 72 -25.87 9.46 -113.62
N GLN VA 73 -26.13 10.32 -112.63
CA GLN VA 73 -26.01 11.80 -112.80
C GLN VA 73 -24.62 12.19 -113.34
N HIS VA 74 -23.58 11.54 -112.85
CA HIS VA 74 -22.21 11.76 -113.29
C HIS VA 74 -21.85 11.03 -114.61
N ALA VA 75 -22.49 9.90 -114.90
CA ALA VA 75 -22.26 9.20 -116.19
C ALA VA 75 -22.94 9.93 -117.33
N VAL VA 76 -24.20 10.36 -117.12
CA VAL VA 76 -24.92 11.19 -118.08
C VAL VA 76 -24.19 12.52 -118.28
N PHE VA 77 -23.59 13.06 -117.20
CA PHE VA 77 -22.68 14.20 -117.33
C PHE VA 77 -21.57 13.88 -118.33
N LYS VA 78 -20.87 12.79 -118.10
CA LYS VA 78 -19.78 12.38 -118.96
C LYS VA 78 -20.23 12.15 -120.44
N GLU VA 79 -21.42 11.59 -120.68
CA GLU VA 79 -21.88 11.32 -122.07
C GLU VA 79 -22.23 12.54 -122.88
N LEU VA 80 -22.81 13.56 -122.23
CA LEU VA 80 -22.99 14.86 -122.87
C LEU VA 80 -21.63 15.49 -123.26
N VAL VA 81 -20.59 15.26 -122.45
CA VAL VA 81 -19.21 15.75 -122.75
C VAL VA 81 -18.64 15.15 -124.03
N LYS VA 82 -18.86 13.85 -124.23
CA LYS VA 82 -18.29 13.16 -125.37
C LYS VA 82 -18.94 13.60 -126.70
N LEU VA 83 -20.23 13.94 -126.67
CA LEU VA 83 -20.93 14.43 -127.86
C LEU VA 83 -20.68 15.88 -128.17
N VAL VA 84 -20.85 16.73 -127.17
CA VAL VA 84 -20.69 18.17 -127.38
C VAL VA 84 -19.29 18.48 -127.91
N ASP VA 85 -18.25 17.93 -127.28
CA ASP VA 85 -16.86 18.34 -127.57
C ASP VA 85 -15.84 17.17 -127.60
N PRO VA 86 -14.64 17.37 -128.24
CA PRO VA 86 -13.61 16.33 -128.37
C PRO VA 86 -12.30 16.47 -127.54
N GLY VA 87 -12.20 17.43 -126.62
CA GLY VA 87 -10.99 17.58 -125.79
C GLY VA 87 -11.12 18.45 -124.55
N VAL VA 88 -10.00 18.71 -123.88
CA VAL VA 88 -9.91 19.76 -122.85
C VAL VA 88 -9.71 21.08 -123.61
N LYS VA 89 -10.26 22.18 -123.07
CA LYS VA 89 -10.23 23.52 -123.69
C LYS VA 89 -9.23 23.68 -124.85
N ALA VA 90 -9.74 23.72 -126.08
CA ALA VA 90 -8.88 23.88 -127.28
C ALA VA 90 -8.00 25.09 -127.10
N TRP VA 91 -6.68 24.88 -127.22
CA TRP VA 91 -5.72 25.95 -126.99
C TRP VA 91 -6.06 27.17 -127.88
N THR VA 92 -6.67 28.17 -127.26
CA THR VA 92 -6.88 29.49 -127.87
C THR VA 92 -5.63 30.42 -127.88
N PRO VA 93 -4.64 30.20 -126.97
CA PRO VA 93 -3.58 31.18 -126.91
C PRO VA 93 -2.57 31.01 -128.03
N THR VA 94 -1.90 32.12 -128.32
CA THR VA 94 -0.99 32.25 -129.44
C THR VA 94 0.34 31.50 -129.24
N LYS VA 95 0.75 30.73 -130.25
CA LYS VA 95 1.99 29.94 -130.22
C LYS VA 95 3.25 30.76 -130.61
N GLY VA 96 3.59 30.81 -131.91
CA GLY VA 96 4.79 31.52 -132.39
C GLY VA 96 4.38 32.85 -132.98
N LYS VA 97 5.08 33.93 -132.60
CA LYS VA 97 4.54 35.29 -132.79
C LYS VA 97 4.41 35.80 -134.24
N GLN VA 98 3.92 37.02 -134.35
CA GLN VA 98 2.81 37.36 -135.24
C GLN VA 98 1.96 36.20 -135.77
N ASN VA 99 0.83 35.97 -135.09
CA ASN VA 99 -0.11 34.93 -135.46
C ASN VA 99 -1.29 35.50 -136.23
N VAL VA 100 -1.61 34.84 -137.34
CA VAL VA 100 -2.61 35.31 -138.27
C VAL VA 100 -3.81 34.36 -138.24
N ILE VA 101 -5.01 34.92 -138.09
CA ILE VA 101 -6.27 34.16 -138.03
C ILE VA 101 -7.21 34.66 -139.16
N MET VA 102 -7.91 33.73 -139.82
CA MET VA 102 -8.77 34.03 -140.99
C MET VA 102 -10.26 33.79 -140.65
N PHE VA 103 -11.16 34.67 -141.12
CA PHE VA 103 -12.62 34.59 -140.76
C PHE VA 103 -13.61 34.41 -141.92
N VAL VA 104 -13.84 33.13 -142.21
CA VAL VA 104 -14.68 32.64 -143.29
C VAL VA 104 -16.03 32.21 -142.69
N GLY VA 105 -16.84 33.18 -142.28
CA GLY VA 105 -18.20 32.87 -141.83
C GLY VA 105 -19.09 32.51 -143.01
N LEU VA 106 -20.41 32.40 -142.77
CA LEU VA 106 -21.41 32.30 -143.86
C LEU VA 106 -22.45 33.42 -143.91
N GLN VA 107 -22.72 33.97 -145.10
CA GLN VA 107 -23.57 35.17 -145.29
C GLN VA 107 -24.77 35.19 -144.34
N GLY VA 108 -24.72 36.10 -143.36
CA GLY VA 108 -25.73 36.20 -142.29
C GLY VA 108 -25.20 35.75 -140.94
N SER VA 109 -24.00 35.15 -140.90
CA SER VA 109 -23.47 34.53 -139.68
C SER VA 109 -22.82 35.48 -138.68
N GLY VA 110 -22.85 36.78 -138.99
CA GLY VA 110 -22.15 37.75 -138.18
C GLY VA 110 -20.65 37.64 -138.35
N LYS VA 111 -20.19 37.21 -139.54
CA LYS VA 111 -18.76 37.12 -139.87
C LYS VA 111 -18.02 38.32 -139.32
N THR VA 112 -18.56 39.48 -139.65
CA THR VA 112 -17.96 40.78 -139.37
C THR VA 112 -18.13 41.16 -137.90
N THR VA 113 -19.33 40.93 -137.37
CA THR VA 113 -19.63 41.22 -135.96
C THR VA 113 -18.73 40.38 -135.04
N THR VA 114 -18.59 39.08 -135.33
CA THR VA 114 -17.65 38.21 -134.62
C THR VA 114 -16.23 38.74 -134.74
N CYS VA 115 -15.80 38.93 -135.98
CA CYS VA 115 -14.44 39.37 -136.28
C CYS VA 115 -14.05 40.61 -135.51
N SER VA 116 -14.96 41.58 -135.44
CA SER VA 116 -14.80 42.70 -134.51
C SER VA 116 -14.68 42.09 -133.12
N LYS VA 117 -15.80 41.59 -132.60
CA LYS VA 117 -15.89 41.09 -131.21
C LYS VA 117 -14.68 40.24 -130.75
N LEU VA 118 -14.22 39.32 -131.60
CA LEU VA 118 -13.08 38.40 -131.33
C LEU VA 118 -11.71 39.07 -131.09
N ALA VA 119 -11.47 40.20 -131.75
CA ALA VA 119 -10.25 40.99 -131.51
C ALA VA 119 -10.25 41.71 -130.15
N TYR VA 120 -11.43 41.90 -129.57
CA TYR VA 120 -11.58 42.53 -128.24
C TYR VA 120 -11.15 41.53 -127.15
N TYR VA 121 -11.32 40.24 -127.44
CA TYR VA 121 -10.99 39.17 -126.48
C TYR VA 121 -9.51 39.08 -126.26
N TYR VA 122 -8.78 38.99 -127.36
CA TYR VA 122 -7.33 38.99 -127.33
C TYR VA 122 -6.75 40.31 -126.77
N GLN VA 123 -7.38 41.45 -127.09
CA GLN VA 123 -6.95 42.77 -126.58
C GLN VA 123 -7.15 42.94 -125.08
N ARG VA 124 -8.36 42.61 -124.62
CA ARG VA 124 -8.68 42.62 -123.19
C ARG VA 124 -7.87 41.54 -122.42
N LYS VA 125 -7.36 40.54 -123.15
CA LYS VA 125 -6.36 39.57 -122.62
C LYS VA 125 -4.87 39.99 -122.83
N GLY VA 126 -4.63 41.22 -123.28
CA GLY VA 126 -3.29 41.78 -123.39
C GLY VA 126 -2.52 41.43 -124.66
N TRP VA 127 -3.20 41.48 -125.81
CA TRP VA 127 -2.58 41.19 -127.12
C TRP VA 127 -2.81 42.36 -128.10
N LYS VA 128 -1.75 42.77 -128.80
CA LYS VA 128 -1.84 43.83 -129.81
C LYS VA 128 -2.48 43.25 -131.07
N THR VA 129 -3.82 43.33 -131.14
CA THR VA 129 -4.60 42.67 -132.20
C THR VA 129 -4.91 43.59 -133.36
N CYS VA 130 -5.21 42.99 -134.50
CA CYS VA 130 -5.29 43.70 -135.77
C CYS VA 130 -6.22 43.10 -136.80
N LEU VA 131 -7.28 43.82 -137.10
CA LEU VA 131 -8.28 43.36 -138.05
C LEU VA 131 -7.94 43.92 -139.42
N ILE VA 132 -7.89 43.04 -140.41
CA ILE VA 132 -7.69 43.43 -141.81
C ILE VA 132 -9.06 43.37 -142.49
N CYS VA 133 -9.53 44.53 -142.93
CA CYS VA 133 -10.80 44.62 -143.66
C CYS VA 133 -10.61 44.12 -145.09
N ALA VA 134 -10.63 42.80 -145.25
CA ALA VA 134 -10.69 42.16 -146.56
C ALA VA 134 -12.08 41.53 -146.75
N ASP VA 135 -13.14 42.30 -146.42
CA ASP VA 135 -14.54 41.93 -146.68
C ASP VA 135 -15.05 42.68 -147.92
N THR VA 136 -14.41 42.39 -149.05
CA THR VA 136 -14.65 43.02 -150.37
C THR VA 136 -16.10 43.08 -150.86
N PHE VA 137 -16.94 42.13 -150.43
CA PHE VA 137 -18.30 41.96 -150.97
C PHE VA 137 -19.36 42.81 -150.33
N ARG VA 138 -19.08 43.21 -149.11
CA ARG VA 138 -20.02 43.91 -148.29
C ARG VA 138 -19.41 45.28 -148.03
N ALA VA 139 -19.84 46.27 -148.83
CA ALA VA 139 -19.40 47.65 -148.70
C ALA VA 139 -19.93 48.30 -147.41
N GLY VA 140 -21.13 47.91 -147.01
CA GLY VA 140 -21.70 48.28 -145.72
C GLY VA 140 -21.02 47.63 -144.52
N ALA VA 141 -20.54 46.39 -144.69
CA ALA VA 141 -19.77 45.69 -143.65
C ALA VA 141 -18.54 46.50 -143.21
N PHE VA 142 -17.75 46.97 -144.19
CA PHE VA 142 -16.57 47.81 -143.93
C PHE VA 142 -16.87 49.01 -143.02
N ASP VA 143 -17.96 49.71 -143.35
CA ASP VA 143 -18.43 50.88 -142.59
C ASP VA 143 -18.79 50.46 -141.14
N GLN VA 144 -19.60 49.41 -140.98
CA GLN VA 144 -19.89 48.81 -139.65
C GLN VA 144 -18.63 48.31 -138.91
N LEU VA 145 -17.66 47.74 -139.65
CA LEU VA 145 -16.40 47.27 -139.07
C LEU VA 145 -15.65 48.45 -138.45
N LYS VA 146 -15.30 49.44 -139.27
CA LYS VA 146 -14.55 50.65 -138.84
C LYS VA 146 -15.27 51.55 -137.80
N GLN VA 147 -16.57 51.35 -137.59
CA GLN VA 147 -17.34 52.04 -136.52
C GLN VA 147 -17.14 51.44 -135.11
N ASN VA 148 -17.25 50.11 -134.97
CA ASN VA 148 -17.12 49.42 -133.64
C ASN VA 148 -15.63 49.20 -133.35
N ALA VA 149 -14.89 48.93 -134.41
CA ALA VA 149 -13.45 49.22 -134.55
C ALA VA 149 -12.89 50.40 -133.72
N THR VA 150 -13.21 51.63 -134.15
CA THR VA 150 -12.66 52.86 -133.55
C THR VA 150 -13.18 53.12 -132.13
N LYS VA 151 -14.28 52.44 -131.75
CA LYS VA 151 -14.76 52.43 -130.37
C LYS VA 151 -13.92 51.55 -129.41
N ALA VA 152 -12.79 50.97 -129.87
CA ALA VA 152 -11.88 50.24 -128.98
C ALA VA 152 -10.38 50.20 -129.35
N ARG VA 153 -9.90 51.20 -130.10
CA ARG VA 153 -8.45 51.46 -130.26
C ARG VA 153 -7.69 50.34 -130.99
N ILE VA 154 -8.14 50.09 -132.21
CA ILE VA 154 -7.57 49.04 -133.08
C ILE VA 154 -7.43 49.66 -134.51
N PRO VA 155 -6.56 49.10 -135.39
CA PRO VA 155 -6.44 49.59 -136.80
C PRO VA 155 -7.02 48.68 -137.92
N PHE VA 156 -7.65 49.28 -138.96
CA PHE VA 156 -8.42 48.56 -140.02
C PHE VA 156 -7.98 48.92 -141.45
N TYR VA 157 -6.88 48.29 -141.88
CA TYR VA 157 -6.35 48.43 -143.25
C TYR VA 157 -7.28 47.70 -144.21
N GLY VA 158 -7.80 48.43 -145.19
CA GLY VA 158 -8.76 47.87 -146.16
C GLY VA 158 -9.38 48.92 -147.07
N SER VA 159 -8.75 49.14 -148.22
CA SER VA 159 -9.21 50.14 -149.20
C SER VA 159 -10.39 49.61 -150.02
N TYR VA 160 -11.27 50.53 -150.42
CA TYR VA 160 -12.58 50.19 -151.00
C TYR VA 160 -12.53 49.95 -152.50
N THR VA 161 -13.27 48.93 -152.93
CA THR VA 161 -13.42 48.56 -154.35
C THR VA 161 -12.13 48.11 -155.06
N GLU VA 162 -11.25 47.42 -154.31
CA GLU VA 162 -10.11 46.70 -154.90
C GLU VA 162 -10.56 45.38 -155.52
N MET VA 163 -11.63 44.79 -154.99
CA MET VA 163 -12.23 43.52 -155.46
C MET VA 163 -11.32 42.29 -155.34
N ASP VA 164 -10.17 42.44 -154.67
CA ASP VA 164 -9.13 41.42 -154.56
C ASP VA 164 -8.73 41.31 -153.08
N PRO VA 165 -9.31 40.34 -152.31
CA PRO VA 165 -8.96 40.21 -150.88
C PRO VA 165 -7.58 39.57 -150.62
N VAL VA 166 -7.07 38.83 -151.62
CA VAL VA 166 -5.73 38.23 -151.60
C VAL VA 166 -4.63 39.30 -151.58
N ILE VA 167 -4.91 40.42 -152.26
CA ILE VA 167 -3.99 41.57 -152.32
C ILE VA 167 -4.12 42.48 -151.06
N ILE VA 168 -5.35 42.70 -150.58
CA ILE VA 168 -5.61 43.48 -149.35
C ILE VA 168 -4.96 42.83 -148.14
N ALA VA 169 -5.11 41.51 -148.00
CA ALA VA 169 -4.61 40.79 -146.83
C ALA VA 169 -3.09 40.53 -146.83
N SER VA 170 -2.46 40.40 -148.01
CA SER VA 170 -0.98 40.37 -148.08
C SER VA 170 -0.43 41.75 -147.70
N GLU VA 171 -0.90 42.78 -148.41
CA GLU VA 171 -0.57 44.19 -148.10
C GLU VA 171 -0.95 44.56 -146.67
N GLY VA 172 -2.07 44.03 -146.19
CA GLY VA 172 -2.47 44.15 -144.80
C GLY VA 172 -1.44 43.48 -143.89
N VAL VA 173 -1.45 42.15 -143.82
CA VAL VA 173 -0.64 41.34 -142.86
C VAL VA 173 0.84 41.80 -142.79
N GLU VA 174 1.46 42.07 -143.93
CA GLU VA 174 2.84 42.59 -144.00
C GLU VA 174 3.02 44.00 -143.35
N LYS VA 175 1.93 44.78 -143.29
CA LYS VA 175 1.85 46.02 -142.49
C LYS VA 175 1.47 45.79 -141.01
N PHE VA 176 0.78 44.68 -140.69
CA PHE VA 176 0.53 44.27 -139.28
C PHE VA 176 1.78 43.60 -138.66
N LYS VA 177 2.87 43.54 -139.43
CA LYS VA 177 4.26 43.35 -138.93
C LYS VA 177 5.07 44.65 -138.67
N ASN VA 178 4.45 45.84 -138.80
CA ASN VA 178 5.17 47.13 -138.63
C ASN VA 178 5.26 47.60 -137.19
N GLU VA 179 4.13 47.62 -136.49
CA GLU VA 179 4.10 48.03 -135.07
C GLU VA 179 4.64 46.95 -134.11
N ASN VA 180 5.09 45.80 -134.65
CA ASN VA 180 5.27 44.56 -133.89
C ASN VA 180 4.07 44.30 -132.98
N PHE VA 181 2.90 44.40 -133.62
CA PHE VA 181 1.66 43.88 -133.11
C PHE VA 181 1.87 42.35 -132.86
N GLU VA 182 0.95 41.69 -132.16
CA GLU VA 182 1.12 40.23 -131.86
C GLU VA 182 0.11 39.32 -132.57
N ILE VA 183 -1.12 39.77 -132.73
CA ILE VA 183 -2.18 39.00 -133.39
C ILE VA 183 -2.73 39.76 -134.59
N ILE VA 184 -3.09 39.02 -135.62
CA ILE VA 184 -3.67 39.59 -136.84
C ILE VA 184 -4.89 38.77 -137.27
N ILE VA 185 -6.06 39.40 -137.13
CA ILE VA 185 -7.34 38.81 -137.49
C ILE VA 185 -7.70 39.27 -138.91
N VAL VA 186 -7.51 38.39 -139.90
CA VAL VA 186 -7.86 38.67 -141.29
C VAL VA 186 -9.31 38.30 -141.57
N ASP VA 187 -10.17 39.31 -141.67
CA ASP VA 187 -11.55 39.13 -142.08
C ASP VA 187 -11.54 38.92 -143.58
N THR VA 188 -11.65 37.67 -144.02
CA THR VA 188 -11.82 37.40 -145.44
C THR VA 188 -13.28 37.53 -145.82
N SER VA 189 -13.46 37.75 -147.10
CA SER VA 189 -14.69 38.26 -147.65
C SER VA 189 -15.77 37.18 -147.85
N GLY VA 190 -17.04 37.60 -147.84
CA GLY VA 190 -18.22 36.72 -147.96
C GLY VA 190 -19.20 36.87 -149.13
N ARG VA 191 -19.39 35.78 -149.90
CA ARG VA 191 -20.25 35.72 -151.10
C ARG VA 191 -21.17 34.47 -151.06
N HIS VA 192 -22.02 34.34 -152.09
CA HIS VA 192 -22.65 33.08 -152.60
C HIS VA 192 -23.81 32.49 -151.82
N LYS VA 193 -23.97 32.83 -150.53
CA LYS VA 193 -24.86 32.08 -149.62
C LYS VA 193 -24.35 30.64 -149.77
N GLN VA 194 -23.23 30.43 -149.09
CA GLN VA 194 -21.94 30.15 -149.77
C GLN VA 194 -21.72 29.15 -150.89
N GLU VA 195 -22.63 28.21 -151.14
CA GLU VA 195 -22.41 27.22 -152.19
C GLU VA 195 -21.04 26.54 -151.91
N ASP VA 196 -20.04 26.67 -152.81
CA ASP VA 196 -18.67 26.20 -152.54
C ASP VA 196 -17.62 27.13 -153.15
N SER VA 197 -17.89 28.45 -153.10
CA SER VA 197 -17.16 29.46 -153.90
C SER VA 197 -16.36 30.51 -153.10
N LEU VA 198 -16.65 30.70 -151.81
CA LEU VA 198 -15.73 31.43 -150.91
C LEU VA 198 -14.50 30.59 -150.64
N PHE VA 199 -14.76 29.33 -150.30
CA PHE VA 199 -13.75 28.27 -150.15
C PHE VA 199 -12.67 28.35 -151.24
N GLU VA 200 -13.09 28.63 -152.47
CA GLU VA 200 -12.19 28.86 -153.60
C GLU VA 200 -11.31 30.10 -153.36
N GLU VA 201 -11.94 31.21 -152.99
CA GLU VA 201 -11.24 32.47 -152.66
C GLU VA 201 -10.38 32.38 -151.39
N MET VA 202 -10.73 31.45 -150.51
CA MET VA 202 -9.96 31.16 -149.29
C MET VA 202 -8.71 30.32 -149.58
N LEU VA 203 -8.88 29.21 -150.30
CA LEU VA 203 -7.75 28.38 -150.75
C LEU VA 203 -6.76 29.18 -151.63
N GLN VA 204 -7.23 30.28 -152.22
CA GLN VA 204 -6.35 31.31 -152.81
C GLN VA 204 -5.66 32.18 -151.73
N VAL VA 205 -6.45 32.81 -150.85
CA VAL VA 205 -5.91 33.73 -149.79
C VAL VA 205 -4.86 33.02 -148.91
N ALA VA 206 -5.15 31.77 -148.53
CA ALA VA 206 -4.22 30.94 -147.77
C ALA VA 206 -2.98 30.51 -148.58
N ASN VA 207 -3.14 30.31 -149.88
CA ASN VA 207 -2.00 30.00 -150.78
C ASN VA 207 -1.06 31.19 -151.00
N ALA VA 208 -1.63 32.38 -151.25
CA ALA VA 208 -0.84 33.59 -151.49
C ALA VA 208 -0.20 34.15 -150.21
N ILE VA 209 -0.98 34.21 -149.13
CA ILE VA 209 -0.52 34.86 -147.87
C ILE VA 209 0.05 33.87 -146.83
N GLN VA 210 -0.61 32.71 -146.67
CA GLN VA 210 -0.18 31.63 -145.74
C GLN VA 210 -0.20 32.05 -144.25
N PRO VA 211 -1.33 31.78 -143.54
CA PRO VA 211 -1.48 32.14 -142.13
C PRO VA 211 -1.22 30.97 -141.16
N ASP VA 212 -1.35 31.25 -139.85
CA ASP VA 212 -1.14 30.24 -138.80
C ASP VA 212 -2.43 29.50 -138.40
N ASN VA 213 -3.54 30.24 -138.30
CA ASN VA 213 -4.87 29.68 -137.97
C ASN VA 213 -5.94 30.13 -138.97
N ILE VA 214 -6.96 29.29 -139.16
CA ILE VA 214 -8.15 29.62 -139.95
C ILE VA 214 -9.35 29.27 -139.07
N VAL VA 215 -10.22 30.26 -138.81
CA VAL VA 215 -11.40 30.05 -137.98
C VAL VA 215 -12.67 30.44 -138.72
N TYR VA 216 -13.45 29.43 -139.08
CA TYR VA 216 -14.66 29.65 -139.83
C TYR VA 216 -15.84 29.87 -138.85
N VAL VA 217 -16.68 30.87 -139.13
CA VAL VA 217 -17.87 31.15 -138.31
C VAL VA 217 -19.12 30.39 -138.83
N MET VA 218 -19.99 29.97 -137.90
CA MET VA 218 -21.29 29.33 -138.20
C MET VA 218 -22.36 29.92 -137.26
N ASP VA 219 -23.64 29.82 -137.63
CA ASP VA 219 -24.73 30.18 -136.68
C ASP VA 219 -25.29 28.97 -135.98
N ALA VA 220 -25.88 29.23 -134.81
CA ALA VA 220 -26.62 28.22 -134.05
C ALA VA 220 -28.07 28.04 -134.56
N SER VA 221 -28.51 28.96 -135.41
CA SER VA 221 -29.79 28.85 -136.15
C SER VA 221 -29.82 27.65 -137.09
N ILE VA 222 -28.69 27.45 -137.78
CA ILE VA 222 -28.56 26.44 -138.84
C ILE VA 222 -28.94 25.05 -138.33
N GLY VA 223 -28.53 24.73 -137.12
CA GLY VA 223 -28.81 23.44 -136.51
C GLY VA 223 -27.88 22.37 -137.05
N GLN VA 224 -28.40 21.16 -137.23
CA GLN VA 224 -27.63 20.03 -137.79
C GLN VA 224 -27.16 20.20 -139.22
N ALA VA 225 -27.85 21.06 -139.98
CA ALA VA 225 -27.39 21.45 -141.31
C ALA VA 225 -25.98 22.09 -141.30
N CYS VA 226 -25.45 22.43 -140.12
CA CYS VA 226 -24.03 22.74 -139.95
C CYS VA 226 -23.12 21.57 -140.35
N GLU VA 227 -23.52 20.31 -140.09
CA GLU VA 227 -22.74 19.10 -140.45
C GLU VA 227 -22.26 19.08 -141.92
N ALA VA 228 -23.21 19.13 -142.85
CA ALA VA 228 -22.90 19.09 -144.30
C ALA VA 228 -21.88 20.14 -144.70
N GLN VA 229 -22.12 21.36 -144.21
CA GLN VA 229 -21.18 22.47 -144.32
C GLN VA 229 -19.87 22.12 -143.59
N ALA VA 230 -19.92 22.07 -142.25
CA ALA VA 230 -18.77 21.77 -141.36
C ALA VA 230 -17.82 20.62 -141.79
N LYS VA 231 -18.36 19.58 -142.42
CA LYS VA 231 -17.54 18.50 -143.00
C LYS VA 231 -16.59 19.04 -144.07
N ALA VA 232 -17.11 19.87 -144.96
CA ALA VA 232 -16.28 20.59 -145.95
C ALA VA 232 -15.31 21.61 -145.31
N PHE VA 233 -15.68 22.17 -144.15
CA PHE VA 233 -14.78 23.08 -143.34
C PHE VA 233 -13.57 22.34 -142.75
N LYS VA 234 -13.70 21.01 -142.57
CA LYS VA 234 -12.61 20.13 -142.10
C LYS VA 234 -11.80 19.47 -143.21
N ASP VA 235 -12.48 18.90 -144.20
CA ASP VA 235 -11.81 18.18 -145.29
C ASP VA 235 -10.94 19.12 -146.14
N LYS VA 236 -11.36 20.38 -146.28
CA LYS VA 236 -10.56 21.41 -146.96
C LYS VA 236 -9.38 21.89 -146.12
N VAL VA 237 -9.68 22.31 -144.89
CA VAL VA 237 -8.65 22.76 -143.93
C VAL VA 237 -8.82 21.96 -142.62
N ASP VA 238 -8.01 20.91 -142.47
CA ASP VA 238 -7.99 20.10 -141.23
C ASP VA 238 -7.43 20.91 -140.04
N VAL VA 239 -6.46 21.80 -140.33
CA VAL VA 239 -5.86 22.69 -139.34
C VAL VA 239 -6.65 24.00 -139.27
N ALA VA 240 -7.81 23.92 -138.61
CA ALA VA 240 -8.73 25.05 -138.49
C ALA VA 240 -9.74 24.79 -137.36
N SER VA 241 -10.55 25.80 -137.04
CA SER VA 241 -11.57 25.69 -135.98
C SER VA 241 -12.89 26.37 -136.36
N VAL VA 242 -13.90 26.19 -135.50
CA VAL VA 242 -15.22 26.77 -135.70
C VAL VA 242 -15.56 27.76 -134.57
N ILE VA 243 -16.37 28.76 -134.91
CA ILE VA 243 -16.94 29.72 -133.95
C ILE VA 243 -18.45 29.75 -134.19
N VAL VA 244 -19.23 29.24 -133.23
CA VAL VA 244 -20.69 29.16 -133.37
C VAL VA 244 -21.33 30.38 -132.72
N THR VA 245 -22.11 31.14 -133.49
CA THR VA 245 -22.65 32.44 -133.08
C THR VA 245 -24.16 32.43 -132.88
N LYS VA 246 -24.65 33.50 -132.27
CA LYS VA 246 -26.08 33.74 -132.05
C LYS VA 246 -26.81 32.73 -131.15
N LEU VA 247 -26.08 31.90 -130.41
CA LEU VA 247 -26.68 30.80 -129.60
C LEU VA 247 -27.97 31.18 -128.89
N ASP VA 248 -27.90 32.32 -128.20
CA ASP VA 248 -29.00 32.79 -127.34
C ASP VA 248 -30.28 33.16 -128.08
N GLY VA 249 -30.20 33.36 -129.40
CA GLY VA 249 -31.39 33.55 -130.23
C GLY VA 249 -32.08 32.27 -130.75
N HIS VA 250 -31.55 31.08 -130.41
CA HIS VA 250 -32.04 29.81 -130.98
C HIS VA 250 -32.13 28.68 -129.97
N ALA VA 251 -33.24 27.92 -130.06
CA ALA VA 251 -33.42 26.70 -129.29
C ALA VA 251 -32.73 25.49 -129.94
N LYS VA 252 -32.09 25.69 -131.09
CA LYS VA 252 -31.37 24.64 -131.83
C LYS VA 252 -29.84 24.80 -131.80
N GLY VA 253 -29.30 25.25 -130.67
CA GLY VA 253 -27.86 25.53 -130.54
C GLY VA 253 -26.99 24.30 -130.33
N GLY VA 254 -27.42 23.44 -129.41
CA GLY VA 254 -26.69 22.21 -129.05
C GLY VA 254 -26.52 21.23 -130.20
N GLY VA 255 -27.45 21.24 -131.15
CA GLY VA 255 -27.29 20.51 -132.39
C GLY VA 255 -26.16 21.00 -133.25
N ALA VA 256 -25.97 22.33 -133.30
CA ALA VA 256 -24.83 22.93 -133.99
C ALA VA 256 -23.51 22.50 -133.36
N LEU VA 257 -23.50 22.38 -132.04
CA LEU VA 257 -22.31 21.94 -131.30
C LEU VA 257 -22.02 20.45 -131.49
N SER VA 258 -23.06 19.62 -131.34
CA SER VA 258 -22.99 18.17 -131.59
C SER VA 258 -22.67 17.84 -133.06
N ALA VA 259 -23.28 18.61 -133.97
CA ALA VA 259 -23.00 18.54 -135.40
C ALA VA 259 -21.54 18.85 -135.70
N VAL VA 260 -21.12 20.03 -135.27
CA VAL VA 260 -19.77 20.54 -135.52
C VAL VA 260 -18.69 19.70 -134.81
N ALA VA 261 -19.05 19.00 -133.72
CA ALA VA 261 -18.13 18.04 -133.10
C ALA VA 261 -18.18 16.64 -133.75
N ALA VA 262 -19.37 16.20 -134.16
CA ALA VA 262 -19.56 14.88 -134.83
C ALA VA 262 -18.59 14.66 -135.99
N THR VA 263 -18.32 15.74 -136.71
CA THR VA 263 -17.51 15.72 -137.92
C THR VA 263 -15.98 15.83 -137.67
N LYS VA 264 -15.57 16.16 -136.45
CA LYS VA 264 -14.14 16.33 -135.99
C LYS VA 264 -13.49 17.75 -136.12
N SER VA 265 -14.05 18.79 -135.47
CA SER VA 265 -13.37 20.10 -135.32
C SER VA 265 -13.10 20.43 -133.88
N PRO VA 266 -12.21 21.41 -133.65
CA PRO VA 266 -12.20 22.17 -132.43
C PRO VA 266 -13.11 23.38 -132.60
N ILE VA 267 -13.97 23.61 -131.62
CA ILE VA 267 -14.83 24.78 -131.58
C ILE VA 267 -14.12 25.71 -130.56
N ILE VA 268 -13.89 26.99 -130.90
CA ILE VA 268 -12.97 27.90 -130.10
C ILE VA 268 -13.58 29.14 -129.30
N PHE VA 269 -14.46 29.97 -129.89
CA PHE VA 269 -15.31 31.01 -129.12
C PHE VA 269 -16.83 31.03 -129.47
N ILE VA 270 -17.73 30.74 -128.50
CA ILE VA 270 -19.21 30.69 -128.78
C ILE VA 270 -19.78 32.10 -128.69
N GLY VA 271 -20.69 32.44 -129.62
CA GLY VA 271 -21.35 33.75 -129.67
C GLY VA 271 -22.72 33.75 -129.04
N THR VA 272 -22.90 34.65 -128.07
CA THR VA 272 -24.05 34.65 -127.17
C THR VA 272 -24.77 36.01 -127.18
N GLY VA 273 -24.88 36.63 -128.36
CA GLY VA 273 -25.59 37.92 -128.49
C GLY VA 273 -25.08 38.87 -129.56
N GLU VA 274 -25.47 40.14 -129.44
CA GLU VA 274 -25.05 41.25 -130.33
C GLU VA 274 -23.96 42.18 -129.75
N HIS VA 275 -23.69 42.06 -128.44
CA HIS VA 275 -22.72 42.92 -127.73
C HIS VA 275 -21.29 42.48 -128.02
N ILE VA 276 -20.35 43.39 -127.75
CA ILE VA 276 -18.92 43.14 -127.97
C ILE VA 276 -18.36 42.15 -126.93
N ASP VA 277 -18.94 42.15 -125.73
CA ASP VA 277 -18.56 41.23 -124.63
C ASP VA 277 -19.04 39.78 -124.79
N ASP VA 278 -19.98 39.53 -125.71
CA ASP VA 278 -20.76 38.26 -125.72
C ASP VA 278 -20.20 37.10 -126.58
N PHE VA 279 -18.97 36.71 -126.27
CA PHE VA 279 -18.40 35.39 -126.61
C PHE VA 279 -17.64 34.90 -125.39
N GLU VA 280 -17.25 33.64 -125.42
CA GLU VA 280 -16.48 33.02 -124.35
C GLU VA 280 -15.80 31.76 -124.90
N PRO VA 281 -14.65 31.37 -124.32
CA PRO VA 281 -13.89 30.25 -124.88
C PRO VA 281 -14.61 28.92 -124.65
N PHE VA 282 -14.52 27.99 -125.62
CA PHE VA 282 -15.22 26.70 -125.47
C PHE VA 282 -14.55 25.80 -124.46
N LYS VA 283 -15.04 25.93 -123.24
CA LYS VA 283 -14.70 25.06 -122.14
C LYS VA 283 -15.62 23.84 -122.18
N THR VA 284 -15.22 22.86 -122.99
CA THR VA 284 -15.96 21.61 -123.29
C THR VA 284 -16.80 21.04 -122.14
N GLN VA 285 -16.13 20.66 -121.06
CA GLN VA 285 -16.76 20.02 -119.92
C GLN VA 285 -17.71 20.93 -119.11
N PRO VA 286 -17.23 22.12 -118.68
CA PRO VA 286 -18.12 22.96 -117.86
C PRO VA 286 -19.37 23.57 -118.56
N PHE VA 287 -19.48 23.53 -119.89
CA PHE VA 287 -20.79 23.80 -120.57
C PHE VA 287 -21.81 22.83 -119.99
N ILE VA 288 -21.43 21.57 -120.07
CA ILE VA 288 -22.28 20.47 -119.69
C ILE VA 288 -22.53 20.44 -118.17
N SER VA 289 -21.57 20.92 -117.37
CA SER VA 289 -21.81 21.10 -115.92
C SER VA 289 -22.80 22.25 -115.66
N LYS VA 290 -22.56 23.40 -116.30
CA LYS VA 290 -23.49 24.54 -116.26
C LYS VA 290 -24.91 24.10 -116.60
N LEU VA 291 -25.02 23.30 -117.67
CA LEU VA 291 -26.30 22.76 -118.11
C LEU VA 291 -26.88 21.76 -117.09
N LEU VA 292 -26.20 20.63 -116.89
CA LEU VA 292 -26.73 19.51 -116.10
C LEU VA 292 -26.90 19.79 -114.61
N GLY VA 293 -25.81 20.23 -113.99
CA GLY VA 293 -25.73 20.36 -112.53
C GLY VA 293 -24.74 21.43 -112.14
N MET VA 294 -25.29 22.58 -111.74
CA MET VA 294 -24.54 23.81 -111.46
C MET VA 294 -23.13 23.56 -110.90
N GLN VA 295 -12.17 46.86 -90.20
CA GLN VA 295 -12.78 48.16 -90.60
C GLN VA 295 -13.05 48.22 -92.10
N PHE VA 296 -14.32 48.39 -92.46
CA PHE VA 296 -14.75 48.46 -93.86
C PHE VA 296 -15.20 49.88 -94.22
N THR VA 297 -14.36 50.60 -94.97
CA THR VA 297 -14.65 51.96 -95.38
C THR VA 297 -15.45 52.00 -96.69
N LEU VA 298 -15.79 53.20 -97.15
CA LEU VA 298 -16.54 53.36 -98.39
C LEU VA 298 -15.61 53.18 -99.58
N ARG VA 299 -14.32 53.45 -99.38
CA ARG VA 299 -13.32 53.29 -100.42
C ARG VA 299 -13.10 51.78 -100.57
N ASP VA 300 -13.14 51.08 -99.45
CA ASP VA 300 -13.00 49.61 -99.43
C ASP VA 300 -14.13 48.99 -100.22
N MET VA 301 -15.34 49.53 -100.07
CA MET VA 301 -16.48 49.04 -100.80
C MET VA 301 -16.31 49.36 -102.28
N TYR VA 302 -15.75 50.53 -102.55
CA TYR VA 302 -15.52 50.98 -103.94
C TYR VA 302 -14.60 49.98 -104.64
N GLU VA 303 -13.53 49.61 -103.95
CA GLU VA 303 -12.52 48.67 -104.45
C GLU VA 303 -13.05 47.26 -104.68
N GLN VA 304 -13.88 46.77 -103.76
CA GLN VA 304 -14.46 45.46 -103.91
C GLN VA 304 -15.35 45.44 -105.15
N PHE VA 305 -16.05 46.55 -105.39
CA PHE VA 305 -16.91 46.66 -106.55
C PHE VA 305 -16.09 46.60 -107.84
N GLN VA 306 -14.88 47.17 -107.80
CA GLN VA 306 -14.02 47.16 -108.98
C GLN VA 306 -13.59 45.74 -109.31
N ASN VA 307 -13.17 45.00 -108.27
CA ASN VA 307 -12.72 43.61 -108.41
C ASN VA 307 -13.82 42.67 -108.87
N ILE VA 308 -15.03 42.91 -108.40
CA ILE VA 308 -16.17 42.09 -108.78
C ILE VA 308 -16.57 42.32 -110.25
N MET VA 309 -16.50 43.57 -110.70
CA MET VA 309 -16.83 43.89 -112.09
C MET VA 309 -15.79 43.32 -113.03
N LYS VA 310 -14.64 44.29 -111.93
CA LYS VA 310 -13.76 43.47 -112.75
C LYS VA 310 -14.28 42.04 -112.93
N MET VA 311 -14.71 41.43 -111.83
CA MET VA 311 -15.22 40.06 -111.85
C MET VA 311 -16.67 39.96 -112.32
N GLY VA 312 -17.25 41.12 -112.67
CA GLY VA 312 -18.63 41.15 -113.14
C GLY VA 312 -18.88 40.35 -114.41
N PRO VA 313 -18.18 40.66 -115.52
CA PRO VA 313 -18.35 39.96 -116.81
C PRO VA 313 -18.20 38.44 -116.62
N PHE VA 314 -16.85 37.99 -116.78
CA PHE VA 314 -16.50 36.85 -115.93
C PHE VA 314 -17.76 36.09 -115.58
N SER VA 315 -18.51 36.53 -115.31
CA SER VA 315 -19.87 36.54 -114.78
C SER VA 315 -20.64 35.34 -115.36
N GLN VA 316 -20.24 34.94 -116.56
CA GLN VA 316 -20.85 33.81 -117.23
C GLN VA 316 -20.44 32.53 -116.50
N ILE VA 317 -19.15 32.40 -116.24
CA ILE VA 317 -18.57 31.26 -115.54
C ILE VA 317 -19.20 31.08 -114.15
N LEU VA 318 -19.39 32.19 -113.44
CA LEU VA 318 -19.97 32.19 -112.11
C LEU VA 318 -21.38 31.60 -112.13
N GLY VA 319 -22.11 31.83 -113.22
CA GLY VA 319 -23.47 31.30 -113.33
C GLY VA 319 -23.47 29.82 -113.65
N MET VA 320 -22.30 29.26 -113.95
CA MET VA 320 -22.15 27.85 -114.28
C MET VA 320 -21.59 27.01 -113.13
N ILE VA 321 -21.73 27.52 -111.90
CA ILE VA 321 -21.24 26.84 -110.69
C ILE VA 321 -22.37 26.68 -109.67
N PRO VA 322 -22.49 25.46 -109.17
CA PRO VA 322 -23.59 25.07 -108.26
C PRO VA 322 -23.52 25.81 -106.94
N GLY VA 323 -24.68 25.98 -106.30
CA GLY VA 323 -24.82 26.87 -105.16
C GLY VA 323 -25.19 28.26 -105.62
N PHE VA 324 -25.38 28.42 -106.93
CA PHE VA 324 -25.88 29.66 -107.50
C PHE VA 324 -27.28 29.91 -106.96
N GLY VA 325 -28.06 28.83 -106.82
CA GLY VA 325 -29.38 28.90 -106.25
C GLY VA 325 -30.52 28.92 -107.25
N THR VA 326 -31.70 28.54 -106.78
CA THR VA 326 -32.90 28.45 -107.61
C THR VA 326 -33.39 29.81 -108.08
N ASP VA 327 -33.92 29.86 -109.30
CA ASP VA 327 -34.49 31.08 -109.85
C ASP VA 327 -33.48 32.21 -109.86
N PHE VA 328 -32.23 31.88 -110.17
CA PHE VA 328 -31.16 32.88 -110.21
C PHE VA 328 -31.45 33.89 -111.31
N MET VA 329 -31.14 35.15 -111.03
CA MET VA 329 -31.39 36.22 -112.00
C MET VA 329 -32.81 36.09 -112.56
N SER VA 330 -33.53 37.21 -112.63
CA SER VA 330 -34.90 37.20 -113.14
C SER VA 330 -35.34 38.58 -113.61
N LYS VA 331 -36.44 38.61 -114.36
CA LYS VA 331 -37.00 39.85 -114.87
C LYS VA 331 -35.94 40.71 -115.55
N GLY VA 332 -35.22 40.13 -116.50
CA GLY VA 332 -34.18 40.84 -117.22
C GLY VA 332 -33.31 41.66 -116.28
N ASN VA 333 -33.95 42.56 -115.54
CA ASN VA 333 -33.24 43.39 -114.56
C ASN VA 333 -31.77 43.02 -114.44
N GLU VA 334 -31.48 41.73 -114.47
CA GLU VA 334 -30.13 41.23 -114.30
C GLU VA 334 -29.21 41.74 -115.42
N GLN VA 335 -29.76 42.10 -116.56
CA GLN VA 335 -28.98 43.01 -117.40
C GLN VA 335 -28.77 44.36 -116.64
N GLU VA 336 -29.85 44.83 -116.03
CA GLU VA 336 -29.87 46.11 -115.32
C GLU VA 336 -28.96 46.18 -114.08
N SER VA 337 -28.91 45.09 -113.33
CA SER VA 337 -28.03 45.02 -112.17
C SER VA 337 -26.59 45.13 -112.63
N MET VA 338 -26.28 44.45 -113.73
CA MET VA 338 -24.94 44.48 -114.28
C MET VA 338 -24.62 45.92 -114.65
N ALA VA 339 -25.61 46.60 -115.21
CA ALA VA 339 -25.45 48.03 -115.52
C ALA VA 339 -25.20 48.99 -114.34
N ARG VA 340 -25.91 48.79 -113.22
CA ARG VA 340 -25.96 49.81 -112.14
C ARG VA 340 -24.67 50.21 -111.38
N LEU VA 341 -23.85 49.21 -111.04
CA LEU VA 341 -22.65 49.34 -110.22
C LEU VA 341 -21.86 50.58 -110.62
N LYS VA 342 -21.82 50.85 -111.92
CA LYS VA 342 -21.08 52.01 -112.43
C LYS VA 342 -21.69 53.32 -111.96
N LYS VA 343 -23.01 53.36 -111.86
CA LYS VA 343 -23.69 54.58 -111.40
C LYS VA 343 -23.44 54.80 -109.91
N LEU VA 344 -23.32 53.71 -109.15
CA LEU VA 344 -23.04 53.82 -107.73
C LEU VA 344 -21.60 54.28 -107.53
N MET VA 345 -20.75 53.89 -108.46
CA MET VA 345 -19.35 54.27 -108.43
C MET VA 345 -19.22 55.75 -108.72
N THR VA 346 -20.06 56.27 -109.62
CA THR VA 346 -20.01 57.69 -109.95
C THR VA 346 -20.49 58.53 -108.75
N ILE VA 347 -21.35 57.95 -107.92
CA ILE VA 347 -21.84 58.64 -106.73
C ILE VA 347 -20.71 58.69 -105.70
N MET VA 348 -19.98 57.59 -105.56
CA MET VA 348 -18.86 57.55 -104.62
C MET VA 348 -17.68 58.39 -105.13
N ASP VA 349 -17.84 58.64 -106.56
CA ASP VA 349 -16.86 59.45 -107.28
C ASP VA 349 -17.09 60.92 -106.91
N SER VA 350 -18.29 61.22 -106.39
CA SER VA 350 -18.68 62.55 -105.97
C SER VA 350 -18.34 62.81 -104.50
N MET VA 351 -17.90 61.76 -103.80
CA MET VA 351 -17.51 61.87 -102.41
C MET VA 351 -16.05 62.31 -102.35
N ASN VA 352 -15.58 62.72 -101.18
CA ASN VA 352 -14.19 63.13 -101.02
C ASN VA 352 -13.43 62.18 -100.13
N ASP VA 353 -12.12 62.40 -100.01
CA ASP VA 353 -11.27 61.53 -99.21
C ASP VA 353 -11.70 61.33 -97.76
N GLN VA 354 -12.18 62.39 -97.12
CA GLN VA 354 -12.63 62.30 -95.73
C GLN VA 354 -13.77 61.30 -95.61
N GLU VA 355 -14.75 61.45 -96.50
CA GLU VA 355 -15.91 60.59 -96.52
C GLU VA 355 -15.57 59.15 -96.94
N LEU VA 356 -14.64 59.02 -97.88
CA LEU VA 356 -14.22 57.71 -98.39
C LEU VA 356 -13.36 56.86 -97.45
N ASP VA 357 -12.46 57.52 -96.71
CA ASP VA 357 -11.57 56.82 -95.79
C ASP VA 357 -12.03 56.82 -94.34
N SER VA 358 -13.21 57.38 -94.11
CA SER VA 358 -13.79 57.45 -92.78
C SER VA 358 -14.13 56.04 -92.27
N THR VA 359 -13.85 55.78 -90.99
CA THR VA 359 -14.14 54.48 -90.37
C THR VA 359 -15.62 54.14 -90.56
N ASP VA 360 -16.46 55.17 -90.56
CA ASP VA 360 -17.89 55.02 -90.77
C ASP VA 360 -18.38 56.16 -91.66
N GLY VA 361 -18.30 55.93 -92.97
CA GLY VA 361 -18.71 56.93 -93.94
C GLY VA 361 -20.17 57.34 -93.84
N ALA VA 362 -21.02 56.44 -93.37
CA ALA VA 362 -22.44 56.73 -93.22
C ALA VA 362 -22.66 57.78 -92.13
N LYS VA 363 -21.81 57.71 -91.11
CA LYS VA 363 -21.87 58.63 -89.97
C LYS VA 363 -21.49 60.07 -90.36
N VAL VA 364 -20.52 60.20 -91.26
CA VAL VA 364 -20.06 61.51 -91.73
C VAL VA 364 -21.18 62.28 -92.42
N PHE VA 365 -22.17 61.56 -92.94
CA PHE VA 365 -23.29 62.19 -93.62
C PHE VA 365 -24.50 62.41 -92.69
N SER VA 366 -24.49 61.74 -91.53
CA SER VA 366 -25.55 61.87 -90.53
C SER VA 366 -25.34 63.18 -89.77
N LYS VA 367 -24.08 63.52 -89.54
CA LYS VA 367 -23.69 64.72 -88.84
C LYS VA 367 -23.66 65.95 -89.75
N GLN VA 368 -23.41 65.73 -91.04
CA GLN VA 368 -23.35 66.82 -92.01
C GLN VA 368 -24.21 66.51 -93.24
N PRO VA 369 -25.54 66.48 -93.09
CA PRO VA 369 -26.46 66.19 -94.20
C PRO VA 369 -26.34 67.10 -95.41
N GLY VA 370 -25.55 68.16 -95.28
CA GLY VA 370 -25.34 69.06 -96.41
C GLY VA 370 -24.53 68.33 -97.47
N ARG VA 371 -23.62 67.48 -97.00
CA ARG VA 371 -22.74 66.67 -97.87
C ARG VA 371 -23.51 65.75 -98.81
N ILE VA 372 -24.65 65.24 -98.32
CA ILE VA 372 -25.51 64.36 -99.11
C ILE VA 372 -25.99 65.08 -100.36
N GLN VA 373 -26.39 66.34 -100.19
CA GLN VA 373 -26.90 67.17 -101.27
C GLN VA 373 -25.87 67.39 -102.40
N ARG VA 374 -24.61 67.60 -102.01
CA ARG VA 374 -23.51 67.82 -102.96
C ARG VA 374 -23.23 66.58 -103.84
N VAL VA 375 -23.05 65.44 -103.17
CA VAL VA 375 -22.78 64.15 -103.81
C VAL VA 375 -23.84 63.85 -104.85
N ALA VA 376 -25.11 64.11 -104.49
CA ALA VA 376 -26.24 63.89 -105.38
C ALA VA 376 -26.20 64.81 -106.58
N ARG VA 377 -25.80 66.06 -106.37
CA ARG VA 377 -25.70 67.04 -107.45
C ARG VA 377 -24.66 66.63 -108.48
N GLY VA 378 -23.46 66.31 -107.99
CA GLY VA 378 -22.36 65.92 -108.84
C GLY VA 378 -22.54 64.63 -109.61
N SER VA 379 -23.23 63.67 -109.03
CA SER VA 379 -23.46 62.39 -109.69
C SER VA 379 -24.74 62.26 -110.50
N GLY VA 380 -25.51 63.35 -110.66
CA GLY VA 380 -26.74 63.31 -111.41
C GLY VA 380 -27.79 62.36 -110.85
N VAL VA 381 -27.71 62.13 -109.55
CA VAL VA 381 -28.60 61.23 -108.83
C VAL VA 381 -29.47 62.02 -107.81
N SER VA 382 -30.47 61.38 -107.23
CA SER VA 382 -31.33 62.07 -106.26
C SER VA 382 -30.80 61.89 -104.84
N THR VA 383 -31.31 62.71 -103.94
CA THR VA 383 -30.93 62.67 -102.54
C THR VA 383 -31.19 61.27 -101.97
N ARG VA 384 -32.34 60.69 -102.31
CA ARG VA 384 -32.68 59.35 -101.81
C ARG VA 384 -31.67 58.30 -102.28
N ASP VA 385 -31.23 58.40 -103.53
CA ASP VA 385 -30.26 57.46 -104.08
C ASP VA 385 -28.96 57.39 -103.27
N VAL VA 386 -28.53 58.54 -102.76
CA VAL VA 386 -27.31 58.60 -101.96
C VAL VA 386 -27.52 58.00 -100.58
N GLN VA 387 -28.76 58.30 -99.97
CA GLN VA 387 -29.01 57.65 -98.69
C GLN VA 387 -29.17 56.14 -98.93
N GLU VA 388 -29.71 55.79 -100.10
CA GLU VA 388 -29.90 54.38 -100.49
C GLU VA 388 -28.53 53.73 -100.64
N LEU VA 389 -27.63 54.38 -101.37
CA LEU VA 389 -26.28 53.89 -101.55
C LEU VA 389 -25.65 53.70 -100.17
N LEU VA 390 -25.84 54.69 -99.30
CA LEU VA 390 -25.28 54.63 -97.95
C LEU VA 390 -25.83 53.48 -97.14
N THR VA 391 -27.13 53.19 -97.30
CA THR VA 391 -27.75 52.09 -96.58
C THR VA 391 -27.19 50.77 -97.13
N GLN VA 392 -27.10 50.67 -98.44
CA GLN VA 392 -26.56 49.48 -99.11
C GLN VA 392 -25.13 49.23 -98.67
N TYR VA 393 -24.33 50.31 -98.61
CA TYR VA 393 -22.95 50.21 -98.18
C TYR VA 393 -22.89 49.66 -96.75
N THR VA 394 -23.85 50.09 -95.93
CA THR VA 394 -23.93 49.66 -94.55
C THR VA 394 -24.12 48.15 -94.46
N LYS VA 395 -25.09 47.65 -95.22
CA LYS VA 395 -25.41 46.22 -95.26
C LYS VA 395 -24.25 45.41 -95.84
N PHE VA 396 -23.55 46.00 -96.82
CA PHE VA 396 -22.41 45.38 -97.49
C PHE VA 396 -21.26 45.20 -96.50
N ALA VA 397 -20.92 46.30 -95.81
CA ALA VA 397 -19.85 46.30 -94.82
C ALA VA 397 -20.13 45.41 -93.62
N GLN VA 398 -21.41 45.27 -93.26
CA GLN VA 398 -21.79 44.43 -92.13
C GLN VA 398 -21.35 43.00 -92.41
N MET VA 399 -21.85 42.47 -93.55
CA MET VA 399 -21.53 41.10 -93.96
C MET VA 399 -20.06 40.84 -94.28
N VAL VA 400 -19.32 41.86 -94.71
CA VAL VA 400 -17.89 41.71 -94.99
C VAL VA 400 -17.11 41.40 -93.71
N LYS VA 401 -17.55 41.95 -92.58
CA LYS VA 401 -16.87 41.68 -91.31
C LYS VA 401 -17.43 40.37 -90.74
N LYS VA 402 -18.60 39.98 -91.25
CA LYS VA 402 -19.25 38.74 -90.86
C LYS VA 402 -18.69 37.62 -91.77
N MET VA 403 -17.83 38.01 -92.70
CA MET VA 403 -17.18 37.13 -93.68
C MET VA 403 -15.85 36.60 -93.11
N UNK VA 404 -8.69 23.82 -104.88
CA UNK VA 404 -9.70 22.77 -104.96
C UNK VA 404 -10.54 22.72 -103.68
N UNK VA 405 -9.87 22.75 -102.54
CA UNK VA 405 -10.56 22.71 -101.25
C UNK VA 405 -11.56 23.85 -101.12
N UNK VA 406 -11.11 25.06 -101.46
CA UNK VA 406 -11.96 26.24 -101.37
C UNK VA 406 -13.21 26.08 -102.22
N UNK VA 407 -13.04 25.62 -103.45
CA UNK VA 407 -14.16 25.42 -104.38
C UNK VA 407 -15.18 24.44 -103.76
N UNK VA 408 -14.63 23.36 -103.24
CA UNK VA 408 -15.42 22.30 -102.60
C UNK VA 408 -16.23 22.88 -101.45
N UNK VA 409 -15.53 23.66 -100.64
CA UNK VA 409 -16.12 24.32 -99.46
C UNK VA 409 -17.30 25.20 -99.89
N UNK VA 410 -17.05 25.97 -100.93
CA UNK VA 410 -18.04 26.89 -101.50
C UNK VA 410 -19.29 26.11 -101.92
N UNK VA 411 -19.04 25.01 -102.60
CA UNK VA 411 -20.09 24.13 -103.10
C UNK VA 411 -20.96 23.63 -101.94
N UNK VA 412 -20.25 23.19 -100.91
CA UNK VA 412 -20.88 22.67 -99.68
C UNK VA 412 -21.81 23.73 -99.07
N UNK VA 413 -21.26 24.92 -98.99
CA UNK VA 413 -21.97 26.08 -98.44
C UNK VA 413 -23.27 26.34 -99.21
N UNK VA 414 -23.12 26.30 -100.52
CA UNK VA 414 -24.23 26.51 -101.46
C UNK VA 414 -25.33 25.48 -101.21
N UNK VA 415 -28.46 42.78 -108.60
CA UNK VA 415 -27.17 43.46 -108.38
C UNK VA 415 -26.63 43.15 -106.99
N UNK VA 416 -27.52 43.28 -106.02
CA UNK VA 416 -27.21 43.02 -104.61
C UNK VA 416 -26.70 41.60 -104.43
N UNK VA 417 -27.42 40.68 -105.05
CA UNK VA 417 -27.10 39.24 -105.01
C UNK VA 417 -25.69 39.01 -105.55
N UNK VA 418 -25.43 39.63 -106.69
CA UNK VA 418 -24.14 39.54 -107.38
C UNK VA 418 -23.02 40.01 -106.46
N UNK VA 419 -23.27 41.14 -105.83
CA UNK VA 419 -22.33 41.78 -104.89
C UNK VA 419 -22.00 40.80 -103.75
N UNK VA 420 -23.05 40.22 -103.23
CA UNK VA 420 -22.96 39.25 -102.12
C UNK VA 420 -22.41 38.45 -102.78
N UNK VA 421 -22.34 37.59 -103.72
CA UNK VA 421 -21.60 36.46 -104.30
C UNK VA 421 -20.11 36.79 -104.38
N UNK VA 422 -19.85 37.99 -104.88
CA UNK VA 422 -18.49 38.50 -105.06
C UNK VA 422 -17.76 38.52 -103.70
N UNK VA 423 -18.48 39.03 -102.71
CA UNK VA 423 -17.98 39.14 -101.34
C UNK VA 423 -17.58 37.76 -100.81
N UNK VA 424 -18.49 36.82 -101.04
CA UNK VA 424 -18.32 35.43 -100.62
C UNK VA 424 -17.04 34.85 -101.23
N UNK VA 425 -16.91 35.09 -102.52
CA UNK VA 425 -15.75 34.63 -103.31
C UNK VA 425 -14.46 35.17 -102.71
N UNK VA 426 -14.50 36.46 -102.42
CA UNK VA 426 -13.36 37.18 -101.83
C UNK VA 426 -12.94 36.53 -100.51
N ASP YA 1 -47.52 68.23 -129.83
CA ASP YA 1 -46.13 68.24 -129.39
C ASP YA 1 -45.53 69.64 -129.37
N ARG YA 2 -46.23 70.59 -130.01
CA ARG YA 2 -45.83 71.99 -129.99
C ARG YA 2 -46.59 72.71 -128.88
N PHE YA 3 -46.30 72.33 -127.64
CA PHE YA 3 -46.91 72.95 -126.46
C PHE YA 3 -45.82 73.55 -125.55
N ILE YA 4 -46.14 74.66 -124.90
CA ILE YA 4 -45.21 75.27 -123.96
C ILE YA 4 -45.04 74.42 -122.70
N CYS YA 5 -43.82 74.41 -122.17
CA CYS YA 5 -43.53 73.68 -120.93
C CYS YA 5 -43.84 74.57 -119.76
N ILE YA 6 -44.07 73.97 -118.60
CA ILE YA 6 -44.22 74.72 -117.35
C ILE YA 6 -43.79 73.86 -116.18
N TYR YA 7 -42.74 74.31 -115.48
CA TYR YA 7 -42.27 73.67 -114.27
C TYR YA 7 -42.89 74.36 -113.06
N PRO YA 8 -43.03 73.66 -111.94
CA PRO YA 8 -43.61 74.24 -110.72
C PRO YA 8 -42.62 75.18 -110.05
N ALA YA 9 -41.34 75.00 -110.36
CA ALA YA 9 -40.30 75.91 -109.91
C ALA YA 9 -40.63 77.33 -110.34
N TYR YA 10 -41.21 77.48 -111.52
CA TYR YA 10 -41.55 78.79 -112.06
C TYR YA 10 -42.44 79.61 -111.13
N LEU YA 11 -43.14 78.95 -110.22
CA LEU YA 11 -44.16 79.62 -109.43
C LEU YA 11 -43.86 79.60 -107.95
N ASN YA 12 -42.80 78.90 -107.59
CA ASN YA 12 -42.47 78.69 -106.18
C ASN YA 12 -41.86 79.90 -105.51
N ASN YA 13 -42.55 80.46 -104.51
CA ASN YA 13 -42.08 81.67 -103.86
C ASN YA 13 -40.84 81.48 -102.96
N LYS YA 14 -40.52 80.22 -102.65
CA LYS YA 14 -39.33 79.92 -101.85
C LYS YA 14 -38.11 79.59 -102.72
N LYS YA 15 -38.11 80.11 -103.95
CA LYS YA 15 -37.00 79.91 -104.88
C LYS YA 15 -36.62 81.22 -105.53
N THR YA 16 -35.33 81.41 -105.75
CA THR YA 16 -34.85 82.62 -106.39
C THR YA 16 -34.98 82.51 -107.89
N ILE YA 17 -35.02 83.67 -108.54
CA ILE YA 17 -34.99 83.75 -109.98
C ILE YA 17 -33.90 82.85 -110.57
N ALA YA 18 -32.77 82.75 -109.87
CA ALA YA 18 -31.69 81.90 -110.34
C ALA YA 18 -32.00 80.43 -110.11
N GLU YA 19 -32.98 80.17 -109.25
CA GLU YA 19 -33.37 78.80 -108.93
C GLU YA 19 -34.51 78.35 -109.84
N GLY YA 20 -34.94 79.23 -110.73
CA GLY YA 20 -35.97 78.89 -111.69
C GLY YA 20 -37.11 79.89 -111.85
N ARG YA 21 -37.62 80.39 -110.73
CA ARG YA 21 -38.86 81.17 -110.69
C ARG YA 21 -39.01 82.19 -111.82
N ARG YA 22 -40.21 82.29 -112.39
CA ARG YA 22 -40.45 83.12 -113.58
C ARG YA 22 -41.34 84.32 -113.30
N ILE YA 23 -41.96 84.36 -112.12
CA ILE YA 23 -42.86 85.44 -111.77
C ILE YA 23 -42.46 86.13 -110.46
N PRO YA 24 -42.80 87.42 -110.31
CA PRO YA 24 -42.54 88.17 -109.08
C PRO YA 24 -43.04 87.43 -107.83
N ILE YA 25 -42.26 87.50 -106.75
CA ILE YA 25 -42.59 86.81 -105.51
C ILE YA 25 -43.97 87.16 -104.98
N SER YA 26 -44.33 88.44 -105.11
CA SER YA 26 -45.62 88.95 -104.65
C SER YA 26 -46.78 88.17 -105.23
N LYS YA 27 -46.65 87.76 -106.48
CA LYS YA 27 -47.71 87.03 -107.17
C LYS YA 27 -47.50 85.51 -107.07
N ALA YA 28 -46.31 85.09 -106.65
CA ALA YA 28 -45.97 83.67 -106.60
C ALA YA 28 -46.60 82.97 -105.40
N VAL YA 29 -46.40 81.66 -105.32
CA VAL YA 29 -46.97 80.88 -104.23
C VAL YA 29 -45.96 79.91 -103.63
N GLU YA 30 -46.35 79.29 -102.51
CA GLU YA 30 -45.48 78.35 -101.81
C GLU YA 30 -45.68 76.93 -102.29
N ASN YA 31 -44.57 76.30 -102.65
CA ASN YA 31 -44.53 74.89 -103.06
C ASN YA 31 -45.65 74.45 -103.99
N PRO YA 32 -45.79 75.09 -105.15
CA PRO YA 32 -46.83 74.62 -106.05
C PRO YA 32 -46.43 73.27 -106.61
N THR YA 33 -47.40 72.39 -106.80
CA THR YA 33 -47.15 71.08 -107.37
C THR YA 33 -47.71 70.98 -108.78
N ALA YA 34 -47.02 70.21 -109.61
CA ALA YA 34 -47.42 70.03 -111.00
C ALA YA 34 -48.88 69.63 -111.06
N THR YA 35 -49.28 68.81 -110.09
CA THR YA 35 -50.67 68.41 -109.94
C THR YA 35 -51.57 69.63 -109.74
N GLU YA 36 -51.26 70.43 -108.73
CA GLU YA 36 -51.97 71.67 -108.44
C GLU YA 36 -52.05 72.54 -109.68
N ILE YA 37 -50.91 72.67 -110.34
CA ILE YA 37 -50.83 73.44 -111.57
C ILE YA 37 -51.77 72.93 -112.66
N GLN YA 38 -51.69 71.63 -112.95
CA GLN YA 38 -52.56 71.03 -113.96
C GLN YA 38 -54.02 71.27 -113.62
N ASP YA 39 -54.35 71.08 -112.35
CA ASP YA 39 -55.73 71.17 -111.91
C ASP YA 39 -56.35 72.56 -112.07
N VAL YA 40 -55.58 73.60 -111.76
CA VAL YA 40 -56.12 74.94 -111.84
C VAL YA 40 -56.16 75.44 -113.29
N CYS YA 41 -55.27 74.90 -114.13
CA CYS YA 41 -55.25 75.26 -115.53
C CYS YA 41 -56.38 74.59 -116.28
N SER YA 42 -56.47 73.28 -116.12
CA SER YA 42 -57.53 72.49 -116.72
C SER YA 42 -58.89 73.06 -116.34
N ALA YA 43 -59.08 73.32 -115.05
CA ALA YA 43 -60.36 73.77 -114.53
C ALA YA 43 -60.84 75.09 -115.13
N VAL YA 44 -59.94 75.85 -115.75
CA VAL YA 44 -60.38 77.06 -116.42
C VAL YA 44 -60.74 76.74 -117.87
N GLY YA 45 -60.47 75.50 -118.29
CA GLY YA 45 -60.79 75.08 -119.64
C GLY YA 45 -59.59 75.10 -120.57
N LEU YA 46 -58.40 75.05 -120.01
CA LEU YA 46 -57.20 74.95 -120.80
C LEU YA 46 -56.96 73.50 -121.11
N ASN YA 47 -56.39 73.24 -122.28
CA ASN YA 47 -55.95 71.91 -122.60
C ASN YA 47 -54.60 71.72 -121.96
N VAL YA 48 -54.54 70.88 -120.93
CA VAL YA 48 -53.27 70.60 -120.27
C VAL YA 48 -53.05 69.10 -120.07
N PHE YA 49 -51.81 68.66 -120.17
CA PHE YA 49 -51.49 67.29 -119.81
C PHE YA 49 -50.25 67.22 -118.93
N LEU YA 50 -50.28 66.31 -117.97
CA LEU YA 50 -49.31 66.29 -116.88
C LEU YA 50 -48.25 65.21 -117.06
N GLU YA 51 -46.99 65.63 -117.01
CA GLU YA 51 -45.89 64.68 -117.07
C GLU YA 51 -45.30 64.43 -115.67
N LYS YA 52 -45.91 63.49 -114.96
CA LYS YA 52 -45.55 63.16 -113.57
C LYS YA 52 -44.07 62.88 -113.32
N ASN YA 53 -43.33 62.50 -114.36
CA ASN YA 53 -41.96 62.05 -114.17
C ASN YA 53 -40.88 62.89 -114.84
N LYS YA 54 -41.20 64.13 -115.18
CA LYS YA 54 -40.18 65.04 -115.65
C LYS YA 54 -39.72 65.85 -114.46
N MET YA 55 -38.41 66.04 -114.33
CA MET YA 55 -37.85 66.88 -113.26
C MET YA 55 -37.31 68.18 -113.82
N TYR YA 56 -37.28 69.22 -113.02
CA TYR YA 56 -36.66 70.45 -113.46
C TYR YA 56 -35.16 70.23 -113.43
N SER YA 57 -34.47 70.71 -114.46
CA SER YA 57 -33.01 70.60 -114.51
C SER YA 57 -32.36 71.28 -113.29
N ARG YA 58 -32.88 72.46 -112.97
CA ARG YA 58 -32.39 73.24 -111.84
C ARG YA 58 -32.94 72.71 -110.52
N GLU YA 59 -33.82 71.73 -110.59
CA GLU YA 59 -34.36 71.19 -109.35
C GLU YA 59 -33.45 70.10 -108.87
N TRP YA 60 -33.23 70.11 -107.56
CA TRP YA 60 -32.19 69.33 -106.90
C TRP YA 60 -32.80 68.34 -105.90
N ASN YA 61 -34.00 68.66 -105.40
CA ASN YA 61 -34.68 67.87 -104.39
C ASN YA 61 -35.33 66.60 -104.94
N ARG YA 62 -34.64 65.47 -104.81
CA ARG YA 62 -35.09 64.23 -105.44
C ARG YA 62 -36.39 63.63 -104.93
N ASP YA 63 -37.07 64.29 -103.98
CA ASP YA 63 -38.32 63.70 -103.49
C ASP YA 63 -39.56 64.26 -104.22
N VAL YA 64 -40.55 63.38 -104.34
CA VAL YA 64 -41.72 63.53 -105.20
C VAL YA 64 -42.45 64.90 -105.20
N GLN YA 65 -42.47 65.61 -104.08
CA GLN YA 65 -43.28 66.82 -104.03
C GLN YA 65 -42.76 67.95 -104.92
N TYR YA 66 -41.58 67.76 -105.51
CA TYR YA 66 -41.01 68.77 -106.39
C TYR YA 66 -40.77 68.27 -107.81
N ARG YA 67 -41.10 67.00 -108.08
CA ARG YA 67 -40.98 66.45 -109.43
C ARG YA 67 -42.21 66.89 -110.21
N GLY YA 68 -42.13 66.79 -111.54
CA GLY YA 68 -43.29 67.07 -112.36
C GLY YA 68 -43.16 68.26 -113.28
N ARG YA 69 -43.79 68.14 -114.44
CA ARG YA 69 -43.81 69.20 -115.44
C ARG YA 69 -45.21 69.25 -116.01
N VAL YA 70 -45.72 70.46 -116.24
CA VAL YA 70 -47.04 70.60 -116.86
C VAL YA 70 -46.95 71.22 -118.25
N ARG YA 71 -47.37 70.47 -119.27
CA ARG YA 71 -47.37 70.98 -120.62
C ARG YA 71 -48.72 71.62 -120.87
N VAL YA 72 -48.72 72.78 -121.54
CA VAL YA 72 -49.98 73.45 -121.84
C VAL YA 72 -50.03 73.84 -123.32
N GLN YA 73 -51.20 73.71 -123.92
CA GLN YA 73 -51.43 74.15 -125.29
C GLN YA 73 -51.95 75.59 -125.33
N LEU YA 74 -51.35 76.41 -126.18
CA LEU YA 74 -51.85 77.76 -126.40
C LEU YA 74 -52.51 77.86 -127.77
N LYS YA 75 -52.15 76.94 -128.66
CA LYS YA 75 -52.50 77.05 -130.07
C LYS YA 75 -53.10 75.80 -130.71
N GLN YA 76 -54.09 76.04 -131.57
CA GLN YA 76 -54.85 75.01 -132.27
C GLN YA 76 -54.08 74.43 -133.45
N GLU YA 77 -52.84 74.90 -133.65
CA GLU YA 77 -51.98 74.53 -134.77
C GLU YA 77 -52.45 75.05 -136.13
N ASP YA 78 -53.30 76.08 -136.10
CA ASP YA 78 -53.45 76.96 -137.26
C ASP YA 78 -52.77 78.29 -136.92
N GLY YA 79 -52.14 78.32 -135.75
CA GLY YA 79 -51.41 79.49 -135.27
C GLY YA 79 -52.24 80.37 -134.34
N SER YA 80 -53.54 80.14 -134.32
CA SER YA 80 -54.42 80.97 -133.50
C SER YA 80 -54.37 80.58 -132.04
N LEU YA 81 -54.71 81.52 -131.17
CA LEU YA 81 -54.67 81.26 -129.74
C LEU YA 81 -55.88 80.42 -129.37
N CYS YA 82 -55.64 79.29 -128.71
CA CYS YA 82 -56.72 78.46 -128.21
C CYS YA 82 -57.72 79.32 -127.48
N LEU YA 83 -57.19 80.17 -126.61
CA LEU YA 83 -57.99 81.15 -125.91
C LEU YA 83 -57.32 82.50 -126.05
N VAL YA 84 -58.15 83.54 -126.05
CA VAL YA 84 -57.65 84.90 -126.15
C VAL YA 84 -57.15 85.39 -124.79
N GLN YA 85 -57.66 84.77 -123.73
CA GLN YA 85 -57.21 85.13 -122.38
C GLN YA 85 -55.77 84.72 -122.12
N PHE YA 86 -55.29 83.73 -122.85
CA PHE YA 86 -53.94 83.23 -122.62
C PHE YA 86 -53.03 83.27 -123.85
N PRO YA 87 -52.56 84.47 -124.22
CA PRO YA 87 -51.60 84.60 -125.31
C PRO YA 87 -50.17 84.16 -124.97
N SER YA 88 -49.75 84.33 -123.72
CA SER YA 88 -48.34 84.08 -123.37
C SER YA 88 -48.16 83.14 -122.17
N ARG YA 89 -46.99 82.52 -122.11
CA ARG YA 89 -46.60 81.65 -121.02
C ARG YA 89 -46.78 82.37 -119.69
N LYS YA 90 -46.33 83.61 -119.67
CA LYS YA 90 -46.42 84.44 -118.49
C LYS YA 90 -47.86 84.60 -118.04
N SER YA 91 -48.76 84.77 -119.01
CA SER YA 91 -50.18 84.93 -118.72
C SER YA 91 -50.75 83.67 -118.10
N VAL YA 92 -50.22 82.53 -118.53
CA VAL YA 92 -50.60 81.28 -117.93
C VAL YA 92 -50.16 81.26 -116.46
N MET YA 93 -48.85 81.33 -116.26
CA MET YA 93 -48.22 81.21 -114.95
C MET YA 93 -48.86 82.09 -113.90
N LEU YA 94 -49.05 83.36 -114.23
CA LEU YA 94 -49.63 84.33 -113.29
C LEU YA 94 -51.02 83.91 -112.86
N TYR YA 95 -51.76 83.28 -113.77
CA TYR YA 95 -53.10 82.83 -113.47
C TYR YA 95 -53.06 81.65 -112.53
N ALA YA 96 -52.30 80.61 -112.91
CA ALA YA 96 -52.14 79.43 -112.08
C ALA YA 96 -51.80 79.83 -110.67
N ALA YA 97 -50.83 80.74 -110.57
CA ALA YA 97 -50.42 81.33 -109.31
C ALA YA 97 -51.63 81.92 -108.61
N GLU YA 98 -52.44 82.66 -109.34
CA GLU YA 98 -53.63 83.28 -108.76
C GLU YA 98 -54.66 82.26 -108.30
N MET YA 99 -54.70 81.09 -108.94
CA MET YA 99 -55.79 80.14 -108.68
C MET YA 99 -55.49 78.97 -107.75
N ILE YA 100 -54.26 78.45 -107.79
CA ILE YA 100 -53.83 77.40 -106.87
C ILE YA 100 -54.22 77.59 -105.38
N PRO YA 101 -54.09 78.81 -104.83
CA PRO YA 101 -54.40 79.02 -103.41
C PRO YA 101 -55.85 78.82 -102.98
N LYS YA 102 -56.80 78.89 -103.90
CA LYS YA 102 -58.21 78.70 -103.53
C LYS YA 102 -58.57 77.25 -103.30
N LEU YA 103 -57.67 76.35 -103.65
CA LEU YA 103 -57.87 74.92 -103.48
C LEU YA 103 -57.85 74.50 -102.00
N LYS YA 104 -56.65 74.41 -101.43
CA LYS YA 104 -56.46 73.81 -100.12
C LYS YA 104 -56.85 74.76 -99.00
N THR YA 105 -56.65 76.05 -99.22
CA THR YA 105 -56.94 77.03 -98.20
C THR YA 105 -58.19 77.86 -98.52
N LEU ZA 1 12.46 124.86 -65.01
CA LEU ZA 1 12.55 123.67 -65.86
C LEU ZA 1 13.23 123.99 -67.19
N SER ZA 2 13.96 123.02 -67.73
CA SER ZA 2 14.79 123.26 -68.91
C SER ZA 2 14.68 122.10 -69.90
N LEU ZA 3 14.83 122.41 -71.19
CA LEU ZA 3 14.87 121.39 -72.24
C LEU ZA 3 15.58 121.90 -73.50
N GLU ZA 4 16.71 121.29 -73.84
CA GLU ZA 4 17.51 121.70 -74.99
C GLU ZA 4 17.19 120.88 -76.23
N ILE ZA 5 16.13 121.26 -76.94
CA ILE ZA 5 15.57 120.44 -78.02
C ILE ZA 5 16.55 120.03 -79.13
N LEU ZA 6 17.13 121.01 -79.82
CA LEU ZA 6 18.00 120.72 -80.96
C LEU ZA 6 19.15 119.78 -80.61
N GLN ZA 7 19.73 119.95 -79.42
CA GLN ZA 7 20.83 119.11 -78.99
C GLN ZA 7 20.38 117.68 -78.71
N ILE ZA 8 19.22 117.55 -78.08
CA ILE ZA 8 18.65 116.24 -77.79
C ILE ZA 8 18.39 115.45 -79.07
N ILE ZA 9 17.64 116.05 -79.96
CA ILE ZA 9 17.28 115.37 -81.17
C ILE ZA 9 18.54 115.01 -81.96
N LYS ZA 10 19.48 115.93 -82.07
CA LYS ZA 10 20.69 115.69 -82.86
C LYS ZA 10 21.52 114.54 -82.30
N GLU ZA 11 21.44 114.29 -81.00
CA GLU ZA 11 22.26 113.23 -80.41
C GLU ZA 11 21.52 111.90 -80.33
N SER ZA 12 20.21 111.97 -80.11
CA SER ZA 12 19.39 110.77 -80.19
C SER ZA 12 19.50 110.24 -81.61
N GLN ZA 13 19.25 111.13 -82.58
CA GLN ZA 13 19.21 110.76 -84.00
C GLN ZA 13 20.48 110.06 -84.46
N GLN ZA 14 21.62 110.60 -84.10
CA GLN ZA 14 22.87 110.06 -84.60
C GLN ZA 14 23.24 108.74 -83.95
N GLN ZA 15 22.79 108.52 -82.72
CA GLN ZA 15 23.17 107.30 -82.01
C GLN ZA 15 22.34 106.06 -82.39
N HIS ZA 16 21.11 106.27 -82.83
CA HIS ZA 16 20.23 105.13 -83.09
C HIS ZA 16 19.69 105.07 -84.52
N GLY ZA 17 20.57 105.21 -85.50
CA GLY ZA 17 20.18 105.00 -86.88
C GLY ZA 17 20.54 106.06 -87.91
N LEU ZA 18 20.14 107.30 -87.66
CA LEU ZA 18 20.21 108.34 -88.69
C LEU ZA 18 21.63 108.64 -89.17
N ARG ZA 19 22.61 107.98 -88.57
CA ARG ZA 19 23.97 108.00 -89.08
C ARG ZA 19 23.96 107.36 -90.45
N HIS ZA 20 23.09 106.36 -90.60
CA HIS ZA 20 22.96 105.66 -91.87
C HIS ZA 20 21.58 105.86 -92.47
N GLY ZA 21 20.72 106.56 -91.74
CA GLY ZA 21 19.41 106.93 -92.24
C GLY ZA 21 18.34 105.93 -91.88
N ASP ZA 22 18.62 105.05 -90.93
CA ASP ZA 22 17.68 104.00 -90.56
C ASP ZA 22 16.59 104.55 -89.64
N PHE ZA 23 15.58 105.19 -90.23
CA PHE ZA 23 14.49 105.78 -89.47
C PHE ZA 23 13.61 104.79 -88.74
N GLN ZA 24 13.67 103.52 -89.15
CA GLN ZA 24 12.96 102.48 -88.43
C GLN ZA 24 13.50 102.34 -87.01
N ARG ZA 25 14.80 102.08 -86.91
CA ARG ZA 25 15.47 101.86 -85.63
C ARG ZA 25 15.27 103.08 -84.73
N TYR ZA 26 15.55 104.26 -85.28
CA TYR ZA 26 15.47 105.47 -84.47
C TYR ZA 26 14.06 105.72 -84.00
N ARG ZA 27 13.08 105.44 -84.85
CA ARG ZA 27 11.70 105.63 -84.44
C ARG ZA 27 11.37 104.67 -83.32
N GLY ZA 28 11.89 103.45 -83.45
CA GLY ZA 28 11.72 102.45 -82.42
C GLY ZA 28 12.33 102.93 -81.14
N TYR ZA 29 13.51 103.52 -81.26
CA TYR ZA 29 14.21 104.09 -80.11
C TYR ZA 29 13.37 105.16 -79.45
N CYS ZA 30 12.70 105.96 -80.26
CA CYS ZA 30 11.83 107.00 -79.74
C CYS ZA 30 10.66 106.37 -78.99
N SER ZA 31 10.11 105.29 -79.55
CA SER ZA 31 8.98 104.60 -78.95
C SER ZA 31 9.31 104.00 -77.60
N ARG ZA 32 10.42 103.27 -77.53
CA ARG ZA 32 10.87 102.64 -76.30
C ARG ZA 32 11.21 103.66 -75.24
N ARG ZA 33 11.89 104.73 -75.65
CA ARG ZA 33 12.24 105.81 -74.75
C ARG ZA 33 10.96 106.39 -74.16
N GLN ZA 34 9.95 106.51 -75.00
CA GLN ZA 34 8.66 107.05 -74.57
C GLN ZA 34 8.01 106.10 -73.58
N ARG ZA 35 8.34 104.82 -73.70
CA ARG ZA 35 7.84 103.82 -72.75
C ARG ZA 35 8.47 104.06 -71.39
N ARG ZA 36 9.81 104.08 -71.36
CA ARG ZA 36 10.56 104.36 -70.13
C ARG ZA 36 10.05 105.61 -69.46
N LEU ZA 37 9.97 106.70 -70.24
CA LEU ZA 37 9.56 107.99 -69.72
C LEU ZA 37 8.20 107.94 -69.05
N ARG ZA 38 7.20 107.44 -69.77
CA ARG ZA 38 5.86 107.36 -69.19
C ARG ZA 38 5.83 106.43 -67.98
N LYS ZA 39 6.60 105.35 -68.04
CA LYS ZA 39 6.64 104.40 -66.93
C LYS ZA 39 7.19 105.05 -65.67
N THR ZA 40 8.32 105.73 -65.81
CA THR ZA 40 8.88 106.45 -64.68
C THR ZA 40 7.87 107.47 -64.17
N LEU ZA 41 7.29 108.24 -65.10
CA LEU ZA 41 6.39 109.32 -64.75
C LEU ZA 41 5.05 108.85 -64.17
N ASN ZA 42 4.59 107.68 -64.60
CA ASN ZA 42 3.29 107.21 -64.16
C ASN ZA 42 3.34 106.65 -62.74
N ASP ZA 43 -0.84 118.65 -64.71
CA ASP ZA 43 -1.26 119.90 -64.08
C ASP ZA 43 -0.30 120.99 -64.52
N LEU ZA 44 -0.33 121.27 -65.83
CA LEU ZA 44 0.85 121.77 -66.51
C LEU ZA 44 1.97 120.82 -66.08
N LEU ZA 45 3.01 121.31 -65.41
CA LEU ZA 45 4.16 120.43 -65.19
C LEU ZA 45 4.70 120.34 -63.77
N THR ZA 46 5.59 119.37 -63.57
CA THR ZA 46 6.40 119.25 -62.35
C THR ZA 46 7.86 119.08 -62.75
N ASP ZA 47 8.13 117.98 -63.44
CA ASP ZA 47 9.47 117.67 -63.97
C ASP ZA 47 9.64 118.16 -65.43
N ASN ZA 48 10.83 117.95 -66.00
CA ASN ZA 48 11.06 118.31 -67.40
C ASN ZA 48 10.96 117.11 -68.32
N ARG ZA 49 10.58 115.96 -67.77
CA ARG ZA 49 10.42 114.73 -68.55
C ARG ZA 49 9.20 114.79 -69.45
N TYR ZA 50 8.12 115.37 -68.95
CA TYR ZA 50 6.93 115.66 -69.76
C TYR ZA 50 7.30 116.28 -71.11
N LEU ZA 51 8.16 117.29 -71.07
CA LEU ZA 51 8.63 117.97 -72.28
C LEU ZA 51 9.43 117.02 -73.17
N LEU ZA 52 10.23 116.16 -72.54
CA LEU ZA 52 10.99 115.18 -73.30
C LEU ZA 52 10.07 114.16 -73.97
N LEU ZA 53 9.00 113.82 -73.26
CA LEU ZA 53 8.03 112.83 -73.71
C LEU ZA 53 7.26 113.27 -74.96
N VAL ZA 54 6.69 114.46 -74.91
CA VAL ZA 54 5.95 115.00 -76.05
C VAL ZA 54 6.83 115.16 -77.28
N LEU ZA 55 8.10 115.53 -77.04
CA LEU ZA 55 9.05 115.65 -78.13
C LEU ZA 55 9.26 114.29 -78.79
N MET ZA 56 9.40 113.26 -77.97
CA MET ZA 56 9.51 111.90 -78.48
C MET ZA 56 8.28 111.52 -79.31
N ASP ZA 57 7.13 112.06 -78.93
CA ASP ZA 57 5.92 111.83 -79.68
C ASP ZA 57 6.00 112.48 -81.05
N ALA ZA 58 6.52 113.71 -81.08
CA ALA ZA 58 6.74 114.42 -82.33
C ALA ZA 58 7.87 113.79 -83.13
N GLU ZA 59 8.86 113.25 -82.44
CA GLU ZA 59 9.98 112.60 -83.09
C GLU ZA 59 9.56 111.30 -83.79
N ARG ZA 60 8.76 110.48 -83.10
CA ARG ZA 60 8.26 109.21 -83.64
C ARG ZA 60 7.57 109.42 -84.98
N ALA ZA 61 6.54 110.24 -84.96
CA ALA ZA 61 5.80 110.61 -86.16
C ALA ZA 61 6.75 111.10 -87.25
N TRP ZA 62 7.59 112.08 -86.91
CA TRP ZA 62 8.53 112.64 -87.86
C TRP ZA 62 9.41 111.57 -88.52
N SER ZA 63 9.99 110.70 -87.72
CA SER ZA 63 10.88 109.68 -88.25
C SER ZA 63 10.13 108.73 -89.16
N TYR ZA 64 8.90 108.42 -88.77
CA TYR ZA 64 8.05 107.51 -89.52
C TYR ZA 64 7.82 108.09 -90.90
N ALA ZA 65 7.29 109.30 -90.94
CA ALA ZA 65 7.03 110.01 -92.19
C ALA ZA 65 8.27 109.97 -93.07
N MET ZA 66 9.44 110.01 -92.45
CA MET ZA 66 10.68 109.95 -93.21
C MET ZA 66 11.01 108.57 -93.72
N GLN ZA 67 10.68 107.56 -92.94
CA GLN ZA 67 10.82 106.18 -93.39
C GLN ZA 67 9.89 106.02 -94.56
N LEU ZA 68 8.67 106.53 -94.39
CA LEU ZA 68 7.66 106.45 -95.42
C LEU ZA 68 8.10 107.07 -96.72
N LYS ZA 69 8.77 108.22 -96.70
CA LYS ZA 69 9.15 108.83 -97.97
C LYS ZA 69 10.21 108.04 -98.70
N GLN ZA 70 11.04 107.29 -97.97
CA GLN ZA 70 12.00 106.44 -98.63
C GLN ZA 70 11.25 105.31 -99.31
N GLU ZA 71 10.09 104.97 -98.75
CA GLU ZA 71 9.31 103.85 -99.24
C GLU ZA 71 8.37 104.29 -100.36
N ALA ZA 72 7.73 105.45 -100.18
CA ALA ZA 72 6.76 105.98 -101.15
C ALA ZA 72 7.46 106.38 -102.44
N ASN ZA 73 8.79 106.32 -102.39
CA ASN ZA 73 9.66 106.44 -103.55
C ASN ZA 73 9.17 105.53 -104.69
N THR ZA 74 8.59 104.40 -104.29
CA THR ZA 74 8.04 103.43 -105.22
C THR ZA 74 6.57 103.08 -104.94
N GLU ZA 75 6.10 103.44 -103.75
CA GLU ZA 75 4.76 103.03 -103.30
C GLU ZA 75 3.86 104.21 -102.96
N PRO ZA 76 3.44 104.98 -103.97
CA PRO ZA 76 2.70 106.24 -103.78
C PRO ZA 76 1.51 106.18 -102.82
N ARG ZA 77 0.96 105.00 -102.59
CA ARG ZA 77 -0.08 104.85 -101.58
C ARG ZA 77 0.43 105.22 -100.19
N LYS ZA 78 1.74 105.06 -100.00
CA LYS ZA 78 2.34 105.39 -98.72
C LYS ZA 78 2.47 106.89 -98.57
N ARG ZA 79 2.65 107.59 -99.69
CA ARG ZA 79 2.81 109.04 -99.64
C ARG ZA 79 1.62 109.71 -98.95
N PHE ZA 80 0.46 109.05 -99.01
CA PHE ZA 80 -0.72 109.54 -98.32
C PHE ZA 80 -0.51 109.47 -96.83
N HIS ZA 81 0.06 108.35 -96.38
CA HIS ZA 81 0.35 108.12 -94.95
C HIS ZA 81 1.46 109.03 -94.43
N LEU ZA 82 2.49 109.18 -95.24
CA LEU ZA 82 3.60 110.10 -95.00
C LEU ZA 82 3.04 111.44 -94.55
N LEU ZA 83 2.24 112.05 -95.40
CA LEU ZA 83 1.62 113.32 -95.10
C LEU ZA 83 0.76 113.29 -93.83
N SER ZA 84 0.26 112.12 -93.46
CA SER ZA 84 -0.54 112.04 -92.25
C SER ZA 84 0.35 112.08 -91.03
N ARG ZA 85 1.40 111.24 -91.04
CA ARG ZA 85 2.40 111.23 -89.98
C ARG ZA 85 2.95 112.64 -89.80
N LEU ZA 86 3.31 113.28 -90.90
CA LEU ZA 86 3.88 114.62 -90.83
C LEU ZA 86 2.90 115.60 -90.21
N ARG ZA 87 1.63 115.51 -90.59
CA ARG ZA 87 0.63 116.37 -89.97
C ARG ZA 87 0.45 116.03 -88.51
N LYS ZA 88 0.70 114.77 -88.15
CA LYS ZA 88 0.63 114.39 -86.74
C LYS ZA 88 1.85 114.91 -86.00
N ALA ZA 89 3.01 114.81 -86.64
CA ALA ZA 89 4.26 115.29 -86.07
C ALA ZA 89 4.14 116.75 -85.67
N VAL ZA 90 3.46 117.53 -86.50
CA VAL ZA 90 3.25 118.93 -86.19
C VAL ZA 90 2.27 119.10 -85.04
N LYS ZA 91 1.23 118.27 -84.99
CA LYS ZA 91 0.27 118.32 -83.90
C LYS ZA 91 0.93 118.17 -82.54
N HIS ZA 92 1.85 117.21 -82.43
CA HIS ZA 92 2.60 116.99 -81.21
C HIS ZA 92 3.62 118.09 -80.97
N ALA ZA 93 4.12 118.68 -82.05
CA ALA ZA 93 5.06 119.78 -81.94
C ALA ZA 93 4.36 121.07 -81.48
N GLU ZA 94 3.14 121.29 -81.97
CA GLU ZA 94 2.33 122.42 -81.53
C GLU ZA 94 1.99 122.25 -80.05
N GLU ZA 95 1.55 121.04 -79.73
CA GLU ZA 95 1.20 120.65 -78.37
C GLU ZA 95 2.40 120.80 -77.45
N LEU ZA 96 3.59 120.65 -78.02
CA LEU ZA 96 4.85 120.87 -77.31
C LEU ZA 96 5.11 122.35 -77.10
N GLU ZA 97 5.00 123.13 -78.18
CA GLU ZA 97 5.14 124.58 -78.13
C GLU ZA 97 4.07 125.16 -77.20
N ARG ZA 98 3.05 124.36 -76.93
CA ARG ZA 98 2.00 124.73 -75.99
C ARG ZA 98 2.46 124.53 -74.55
N LEU ZA 99 3.16 123.45 -74.28
CA LEU ZA 99 3.63 123.16 -72.94
C LEU ZA 99 4.77 124.08 -72.50
N CYS ZA 100 5.63 124.46 -73.43
CA CYS ZA 100 6.81 125.26 -73.08
C CYS ZA 100 6.54 126.75 -72.90
N GLU ZA 101 5.26 127.13 -73.01
CA GLU ZA 101 4.86 128.51 -72.76
C GLU ZA 101 4.36 128.67 -71.33
N SER ZA 102 4.38 127.57 -70.59
CA SER ZA 102 4.15 127.62 -69.15
C SER ZA 102 5.33 128.33 -68.52
N ASN ZA 103 5.04 129.14 -67.51
CA ASN ZA 103 6.02 130.09 -67.01
C ASN ZA 103 7.03 129.51 -66.01
N ARG ZA 104 7.09 128.19 -65.92
CA ARG ZA 104 8.16 127.53 -65.16
C ARG ZA 104 9.19 126.89 -66.09
N VAL ZA 105 9.17 127.31 -67.35
CA VAL ZA 105 10.17 126.90 -68.33
C VAL ZA 105 10.85 128.12 -68.95
N ASP ZA 106 12.17 128.10 -68.99
CA ASP ZA 106 12.95 129.24 -69.48
C ASP ZA 106 12.69 129.58 -70.95
N ALA ZA 107 13.13 130.77 -71.35
CA ALA ZA 107 12.84 131.29 -72.68
C ALA ZA 107 13.72 130.67 -73.77
N LYS ZA 108 14.87 130.12 -73.38
CA LYS ZA 108 15.73 129.40 -74.32
C LYS ZA 108 14.98 128.19 -74.88
N THR ZA 109 14.25 127.53 -73.99
CA THR ZA 109 13.47 126.36 -74.37
C THR ZA 109 12.25 126.78 -75.19
N LYS ZA 110 11.71 127.96 -74.89
CA LYS ZA 110 10.62 128.52 -75.67
C LYS ZA 110 11.08 128.68 -77.11
N LEU ZA 111 12.31 129.16 -77.27
CA LEU ZA 111 12.88 129.38 -78.59
C LEU ZA 111 13.01 128.07 -79.38
N GLU ZA 112 13.60 127.06 -78.75
CA GLU ZA 112 13.78 125.76 -79.36
C GLU ZA 112 12.46 125.18 -79.88
N ALA ZA 113 11.43 125.25 -79.05
CA ALA ZA 113 10.14 124.66 -79.38
C ALA ZA 113 9.49 125.33 -80.57
N GLN ZA 114 9.57 126.65 -80.64
CA GLN ZA 114 8.99 127.36 -81.76
C GLN ZA 114 9.86 127.23 -83.00
N ALA ZA 115 11.12 126.87 -82.80
CA ALA ZA 115 12.04 126.67 -83.91
C ALA ZA 115 11.86 125.27 -84.48
N TYR ZA 116 11.59 124.33 -83.57
CA TYR ZA 116 11.29 122.95 -83.92
C TYR ZA 116 9.94 122.89 -84.63
N THR ZA 117 8.93 123.51 -84.03
CA THR ZA 117 7.60 123.55 -84.61
C THR ZA 117 7.67 124.15 -86.00
N ALA ZA 118 8.55 125.12 -86.18
CA ALA ZA 118 8.75 125.73 -87.49
C ALA ZA 118 9.39 124.74 -88.45
N TYR ZA 119 10.34 123.96 -87.95
CA TYR ZA 119 11.05 122.99 -88.78
C TYR ZA 119 10.08 122.01 -89.37
N LEU ZA 120 9.29 121.37 -88.52
CA LEU ZA 120 8.30 120.41 -88.97
C LEU ZA 120 7.25 121.05 -89.85
N SER ZA 121 6.71 122.17 -89.41
CA SER ZA 121 5.77 122.96 -90.20
C SER ZA 121 6.33 123.21 -91.58
N GLY ZA 122 7.61 123.56 -91.63
CA GLY ZA 122 8.31 123.71 -92.89
C GLY ZA 122 8.25 122.42 -93.67
N MET ZA 123 8.47 121.30 -92.99
CA MET ZA 123 8.49 120.02 -93.68
C MET ZA 123 7.13 119.62 -94.27
N LEU ZA 124 6.07 119.80 -93.50
CA LEU ZA 124 4.74 119.42 -93.99
C LEU ZA 124 4.39 120.20 -95.25
N ARG ZA 125 4.45 121.52 -95.14
CA ARG ZA 125 4.15 122.39 -96.26
C ARG ZA 125 5.06 122.12 -97.45
N PHE ZA 126 6.30 121.71 -97.19
CA PHE ZA 126 7.25 121.40 -98.24
C PHE ZA 126 6.86 120.12 -98.96
N GLU ZA 127 6.20 119.22 -98.24
CA GLU ZA 127 5.75 117.98 -98.85
C GLU ZA 127 4.43 118.16 -99.59
N HIS ZA 128 3.58 119.04 -99.08
CA HIS ZA 128 2.37 119.45 -99.79
C HIS ZA 128 2.73 120.33 -100.97
N GLN ZA 129 4.01 120.67 -101.06
CA GLN ZA 129 4.54 121.51 -102.14
C GLN ZA 129 3.96 122.92 -102.11
N GLU ZA 130 3.58 123.36 -100.90
CA GLU ZA 130 3.09 124.71 -100.64
C GLU ZA 130 4.27 125.68 -100.47
N TRP ZA 131 4.90 126.03 -101.59
CA TRP ZA 131 6.21 126.66 -101.57
C TRP ZA 131 6.35 127.98 -100.81
N LYS ZA 132 5.30 128.80 -100.79
CA LYS ZA 132 5.39 130.06 -100.06
C LYS ZA 132 5.21 129.85 -98.57
N ALA ZA 133 4.18 129.10 -98.21
CA ALA ZA 133 3.93 128.76 -96.81
C ALA ZA 133 5.12 127.99 -96.23
N ALA ZA 134 5.67 127.07 -97.01
CA ALA ZA 134 6.82 126.27 -96.58
C ALA ZA 134 8.05 127.14 -96.36
N ILE ZA 135 8.30 128.04 -97.29
CA ILE ZA 135 9.49 128.89 -97.19
C ILE ZA 135 9.35 129.89 -96.04
N GLU ZA 136 8.11 130.29 -95.72
CA GLU ZA 136 7.84 131.12 -94.56
C GLU ZA 136 8.33 130.39 -93.32
N ALA ZA 137 7.95 129.12 -93.22
CA ALA ZA 137 8.29 128.30 -92.08
C ALA ZA 137 9.78 128.04 -92.01
N PHE ZA 138 10.41 127.87 -93.16
CA PHE ZA 138 11.85 127.61 -93.21
C PHE ZA 138 12.67 128.82 -92.82
N ASN ZA 139 12.20 130.01 -93.18
CA ASN ZA 139 12.86 131.23 -92.78
C ASN ZA 139 12.61 131.56 -91.31
N LYS ZA 140 11.36 131.35 -90.87
CA LYS ZA 140 11.01 131.47 -89.47
C LYS ZA 140 11.95 130.60 -88.65
N CYS ZA 141 12.11 129.35 -89.08
CA CYS ZA 141 13.05 128.43 -88.46
C CYS ZA 141 14.47 128.96 -88.51
N LYS ZA 142 14.88 129.46 -89.66
CA LYS ZA 142 16.23 129.98 -89.85
C LYS ZA 142 16.46 131.20 -88.96
N THR ZA 143 15.46 132.07 -88.87
CA THR ZA 143 15.56 133.29 -88.10
C THR ZA 143 15.76 133.00 -86.61
N ILE ZA 144 14.93 132.12 -86.08
CA ILE ZA 144 15.00 131.77 -84.67
C ILE ZA 144 16.29 131.06 -84.29
N TYR ZA 145 16.73 130.14 -85.14
CA TYR ZA 145 17.99 129.41 -84.93
C TYR ZA 145 19.19 130.35 -84.97
N GLU ZA 146 19.11 131.39 -85.79
CA GLU ZA 146 20.15 132.40 -85.85
C GLU ZA 146 20.16 133.25 -84.58
N LYS ZA 147 18.96 133.48 -84.03
CA LYS ZA 147 18.81 134.21 -82.79
C LYS ZA 147 19.42 133.45 -81.62
N LEU ZA 148 19.23 132.13 -81.61
CA LEU ZA 148 19.81 131.28 -80.58
C LEU ZA 148 21.33 131.26 -80.68
N ALA ZA 149 21.84 131.28 -81.90
CA ALA ZA 149 23.27 131.11 -82.15
C ALA ZA 149 24.11 132.32 -81.71
N SER ZA 150 23.53 133.50 -81.83
CA SER ZA 150 24.26 134.72 -81.45
C SER ZA 150 24.46 134.82 -79.94
N ALA ZA 151 23.48 134.36 -79.18
CA ALA ZA 151 23.48 134.50 -77.72
C ALA ZA 151 24.45 133.54 -77.04
N PHE ZA 152 25.12 132.70 -77.83
CA PHE ZA 152 26.10 131.75 -77.31
C PHE ZA 152 27.43 131.94 -78.03
N THR ZA 153 28.48 131.35 -77.47
CA THR ZA 153 29.80 131.39 -78.10
C THR ZA 153 29.72 130.67 -79.43
N GLU ZA 154 30.75 130.82 -80.26
CA GLU ZA 154 30.76 130.16 -81.56
C GLU ZA 154 30.74 128.64 -81.44
N GLU ZA 155 31.32 128.12 -80.36
CA GLU ZA 155 31.33 126.68 -80.12
C GLU ZA 155 29.93 126.13 -79.85
N GLN ZA 156 29.19 126.81 -78.97
CA GLN ZA 156 27.81 126.41 -78.69
C GLN ZA 156 26.94 126.63 -79.92
N ALA ZA 157 27.29 127.63 -80.73
CA ALA ZA 157 26.49 127.99 -81.89
C ALA ZA 157 26.74 127.09 -83.10
N VAL ZA 158 27.74 126.23 -83.00
CA VAL ZA 158 28.09 125.31 -84.10
C VAL ZA 158 26.88 124.46 -84.51
N LEU ZA 159 26.22 123.89 -83.51
CA LEU ZA 159 25.08 123.03 -83.74
C LEU ZA 159 23.97 123.77 -84.48
N TYR ZA 160 23.64 124.96 -83.99
CA TYR ZA 160 22.63 125.79 -84.61
C TYR ZA 160 22.99 126.12 -86.06
N ASN ZA 161 24.26 126.46 -86.28
CA ASN ZA 161 24.72 126.84 -87.61
C ASN ZA 161 24.66 125.70 -88.63
N GLN ZA 162 24.98 124.49 -88.19
CA GLN ZA 162 24.94 123.35 -89.08
C GLN ZA 162 23.50 122.95 -89.41
N ARG ZA 163 22.57 123.33 -88.54
CA ARG ZA 163 21.16 123.04 -88.77
C ARG ZA 163 20.56 124.01 -89.79
N VAL ZA 164 21.01 125.26 -89.76
CA VAL ZA 164 20.59 126.22 -90.76
C VAL ZA 164 21.28 125.91 -92.09
N GLU ZA 165 22.51 125.39 -92.01
CA GLU ZA 165 23.17 124.87 -93.20
C GLU ZA 165 22.36 123.70 -93.72
N GLU ZA 166 21.81 122.93 -92.77
CA GLU ZA 166 21.06 121.73 -93.08
C GLU ZA 166 19.75 122.03 -93.82
N ILE ZA 167 19.05 123.08 -93.42
CA ILE ZA 167 17.76 123.41 -94.04
C ILE ZA 167 17.89 124.38 -95.21
N SER ZA 168 19.09 124.90 -95.43
CA SER ZA 168 19.33 125.83 -96.53
C SER ZA 168 19.04 125.25 -97.93
N PRO ZA 169 19.34 123.96 -98.16
CA PRO ZA 169 18.90 123.37 -99.43
C PRO ZA 169 17.38 123.40 -99.62
N ASN ZA 170 16.66 123.10 -98.54
CA ASN ZA 170 15.21 123.16 -98.55
C ASN ZA 170 14.69 124.54 -98.91
N ILE ZA 171 15.28 125.56 -98.26
CA ILE ZA 171 14.93 126.94 -98.54
C ILE ZA 171 15.14 127.26 -100.02
N ARG ZA 172 16.23 126.75 -100.59
CA ARG ZA 172 16.59 127.00 -101.98
C ARG ZA 172 15.58 126.44 -102.96
N TYR ZA 173 15.08 125.24 -102.66
CA TYR ZA 173 14.16 124.55 -103.55
C TYR ZA 173 12.85 125.32 -103.69
N CYS ZA 174 12.32 125.76 -102.54
CA CYS ZA 174 11.07 126.51 -102.51
C CYS ZA 174 11.15 127.74 -103.39
N ALA ZA 175 12.29 128.43 -103.32
CA ALA ZA 175 12.50 129.67 -104.05
C ALA ZA 175 12.32 129.50 -105.55
N TYR ZA 176 12.97 128.50 -106.13
CA TYR ZA 176 12.94 128.30 -107.58
C TYR ZA 176 11.59 127.86 -108.12
N ASN ZA 177 10.64 127.65 -107.21
CA ASN ZA 177 9.28 127.34 -107.61
C ASN ZA 177 8.33 128.55 -107.51
N ILE ZA 178 8.76 129.60 -106.80
CA ILE ZA 178 7.97 130.82 -106.71
C ILE ZA 178 8.59 131.92 -107.58
N GLY ZA 179 9.55 131.53 -108.41
CA GLY ZA 179 10.26 132.48 -109.24
C GLY ZA 179 9.37 133.21 -110.23
N SER BB 1 81.85 -87.02 26.07
CA SER BB 1 80.43 -87.49 26.00
C SER BB 1 80.19 -88.23 24.70
N GLY BB 2 80.28 -87.49 23.59
CA GLY BB 2 80.73 -88.04 22.32
C GLY BB 2 81.69 -89.16 22.63
N ALA BB 3 81.09 -90.33 22.84
CA ALA BB 3 81.80 -91.48 23.35
C ALA BB 3 82.68 -92.01 22.24
N LEU BB 4 83.91 -91.52 22.24
CA LEU BB 4 84.84 -91.85 21.18
C LEU BB 4 85.25 -93.33 21.20
N ASP BB 5 85.13 -93.99 22.37
CA ASP BB 5 85.50 -95.42 22.48
C ASP BB 5 84.73 -96.25 23.52
N VAL BB 6 84.98 -95.95 24.79
CA VAL BB 6 84.64 -96.84 25.89
C VAL BB 6 83.22 -96.65 26.35
N LEU BB 7 82.86 -95.41 26.65
CA LEU BB 7 81.52 -95.10 27.18
C LEU BB 7 80.47 -94.98 26.05
N GLN BB 8 80.65 -95.82 25.02
CA GLN BB 8 79.79 -95.92 23.85
C GLN BB 8 78.36 -96.30 24.18
N MET BB 9 77.53 -96.46 23.15
CA MET BB 9 76.10 -96.77 23.35
C MET BB 9 75.70 -98.22 23.79
N LYS BB 10 76.48 -99.26 23.47
CA LYS BB 10 76.14 -100.65 23.91
C LYS BB 10 74.81 -101.16 23.32
N GLU BB 11 74.43 -102.40 23.65
CA GLU BB 11 73.22 -103.03 23.10
C GLU BB 11 72.11 -103.26 24.12
N GLU BB 12 72.49 -103.81 25.28
CA GLU BB 12 71.55 -103.97 26.42
C GLU BB 12 70.85 -102.65 26.75
N ASP BB 13 71.58 -101.53 26.63
CA ASP BB 13 71.05 -100.18 26.85
C ASP BB 13 69.96 -99.87 25.83
N VAL BB 14 70.28 -100.02 24.54
CA VAL BB 14 69.39 -99.60 23.44
C VAL BB 14 68.02 -100.24 23.58
N LEU BB 15 67.99 -101.54 23.86
CA LEU BB 15 66.73 -102.26 24.05
C LEU BB 15 65.81 -101.66 25.13
N LYS BB 16 66.40 -101.10 26.18
CA LYS BB 16 65.63 -100.35 27.19
C LYS BB 16 64.95 -99.16 26.52
N PHE BB 17 65.75 -98.36 25.82
CA PHE BB 17 65.27 -97.14 25.17
C PHE BB 17 64.10 -97.45 24.24
N LEU BB 18 64.24 -98.50 23.43
CA LEU BB 18 63.15 -98.91 22.56
C LEU BB 18 61.95 -99.40 23.35
N ALA BB 19 62.20 -100.23 24.36
CA ALA BB 19 61.13 -100.88 25.12
C ALA BB 19 60.18 -99.90 25.78
N ALA BB 20 60.76 -98.93 26.50
CA ALA BB 20 59.99 -97.87 27.15
C ALA BB 20 59.36 -96.88 26.15
N GLY BB 21 60.01 -96.71 24.99
CA GLY BB 21 59.57 -95.81 23.92
C GLY BB 21 60.11 -94.39 24.06
N THR BB 22 61.32 -94.26 24.63
CA THR BB 22 61.91 -92.94 24.93
C THR BB 22 62.27 -92.15 23.68
N HIS BB 23 62.36 -92.85 22.57
CA HIS BB 23 62.55 -92.20 21.30
C HIS BB 23 61.28 -91.71 20.59
N LEU BB 24 60.12 -92.28 20.94
CA LEU BB 24 58.84 -91.87 20.33
C LEU BB 24 58.44 -90.51 20.89
N GLY BB 25 58.66 -89.45 20.12
CA GLY BB 25 58.36 -88.09 20.57
C GLY BB 25 56.88 -87.74 20.52
N GLY BB 26 56.59 -86.45 20.59
CA GLY BB 26 55.24 -85.92 20.44
C GLY BB 26 54.95 -85.65 18.99
N THR BB 27 53.69 -85.40 18.69
CA THR BB 27 53.24 -85.09 17.32
C THR BB 27 53.90 -83.82 16.78
N ASN BB 28 54.12 -82.86 17.67
CA ASN BB 28 54.60 -81.55 17.29
C ASN BB 28 56.02 -81.32 17.73
N LEU BB 29 56.60 -80.25 17.22
CA LEU BB 29 58.01 -80.07 17.20
C LEU BB 29 58.42 -78.61 17.39
N ASP BB 30 58.90 -78.29 18.59
CA ASP BB 30 59.55 -76.99 18.83
C ASP BB 30 60.91 -77.00 18.14
N PHE BB 31 61.11 -76.06 17.23
CA PHE BB 31 62.26 -76.08 16.34
C PHE BB 31 63.60 -76.27 17.05
N GLN BB 32 63.76 -75.71 18.26
CA GLN BB 32 65.05 -75.85 18.95
C GLN BB 32 65.50 -77.34 18.97
N MET BB 33 64.52 -78.25 18.89
CA MET BB 33 64.72 -79.70 18.87
C MET BB 33 64.85 -80.38 17.48
N GLU BB 34 65.05 -79.63 16.40
CA GLU BB 34 65.34 -80.27 15.10
C GLU BB 34 66.79 -80.74 14.97
N GLN BB 35 67.66 -80.43 15.95
CA GLN BB 35 68.98 -81.12 16.01
C GLN BB 35 68.90 -82.57 16.50
N TYR BB 36 67.82 -82.92 17.18
CA TYR BB 36 67.76 -84.13 17.96
C TYR BB 36 66.70 -85.06 17.41
N ILE BB 37 66.37 -84.95 16.12
CA ILE BB 37 65.32 -85.77 15.49
C ILE BB 37 65.77 -86.24 14.12
N TYR BB 38 65.27 -87.39 13.65
CA TYR BB 38 65.59 -87.85 12.29
C TYR BB 38 64.40 -87.88 11.34
N LYS BB 39 63.31 -88.54 11.70
CA LYS BB 39 62.08 -88.48 10.89
C LYS BB 39 60.88 -88.19 11.79
N ARG BB 40 59.76 -87.90 11.15
CA ARG BB 40 58.46 -88.28 11.69
C ARG BB 40 57.97 -89.42 10.81
N LYS BB 41 57.22 -90.34 11.43
CA LYS BB 41 56.64 -91.47 10.71
C LYS BB 41 55.46 -90.93 9.87
N SER BB 42 54.53 -91.81 9.53
CA SER BB 42 53.16 -91.39 9.32
C SER BB 42 52.54 -91.11 10.71
N ASP BB 43 51.20 -91.22 10.84
CA ASP BB 43 50.39 -90.61 11.95
C ASP BB 43 50.80 -89.16 12.15
N GLY BB 44 52.04 -89.02 12.64
CA GLY BB 44 52.75 -87.78 12.82
C GLY BB 44 53.40 -87.87 14.18
N ILE BB 45 54.37 -88.78 14.33
CA ILE BB 45 55.09 -88.93 15.58
C ILE BB 45 56.56 -88.89 15.28
N TYR BB 46 57.27 -88.07 16.04
CA TYR BB 46 58.63 -87.73 15.71
C TYR BB 46 59.54 -88.75 16.41
N ILE BB 47 60.74 -88.94 15.84
CA ILE BB 47 61.67 -89.97 16.29
C ILE BB 47 63.02 -89.38 16.65
N ILE BB 48 63.36 -89.54 17.91
CA ILE BB 48 64.53 -88.94 18.47
C ILE BB 48 65.72 -89.85 18.16
N ASN BB 49 66.90 -89.28 17.92
CA ASN BB 49 68.12 -90.08 17.63
C ASN BB 49 68.84 -90.44 18.87
N LEU BB 50 68.70 -91.72 19.18
CA LEU BB 50 69.10 -92.28 20.43
C LEU BB 50 70.58 -92.03 20.67
N LYS BB 51 71.35 -91.96 19.60
CA LYS BB 51 72.73 -91.52 19.67
C LYS BB 51 72.82 -90.12 20.30
N ARG BB 52 72.21 -89.10 19.68
CA ARG BB 52 72.26 -87.74 20.27
C ARG BB 52 71.65 -87.78 21.68
N THR BB 53 70.50 -88.44 21.81
CA THR BB 53 69.84 -88.62 23.11
C THR BB 53 70.81 -88.99 24.19
N TRP BB 54 71.68 -89.97 23.89
CA TRP BB 54 72.69 -90.34 24.84
C TRP BB 54 73.78 -89.25 24.92
N GLU BB 55 74.50 -88.93 23.83
CA GLU BB 55 75.63 -87.98 23.95
C GLU BB 55 75.28 -86.94 25.00
N LYS BB 56 74.10 -86.34 24.81
CA LYS BB 56 73.57 -85.32 25.71
C LYS BB 56 73.49 -85.78 27.15
N LEU BB 57 72.90 -86.95 27.33
CA LEU BB 57 72.82 -87.65 28.62
C LEU BB 57 74.15 -87.67 29.38
N LEU BB 58 75.23 -87.99 28.68
CA LEU BB 58 76.58 -87.90 29.25
C LEU BB 58 76.98 -86.46 29.49
N LEU BB 59 76.62 -85.60 28.54
CA LEU BB 59 76.92 -84.18 28.68
C LEU BB 59 76.40 -83.63 30.03
N ALA BB 60 75.19 -84.03 30.41
CA ALA BB 60 74.65 -83.70 31.74
C ALA BB 60 75.46 -84.38 32.85
N ALA BB 61 75.82 -85.64 32.63
CA ALA BB 61 76.68 -86.37 33.56
C ALA BB 61 77.95 -85.58 33.82
N ARG BB 62 78.70 -85.29 32.76
CA ARG BB 62 79.96 -84.54 32.86
C ARG BB 62 79.76 -83.31 33.75
N ALA BB 63 78.62 -82.64 33.55
CA ALA BB 63 78.26 -81.41 34.25
C ALA BB 63 77.83 -81.58 35.71
N ILE BB 64 77.13 -82.67 36.01
CA ILE BB 64 76.73 -82.95 37.39
C ILE BB 64 77.96 -83.37 38.17
N VAL BB 65 78.71 -84.28 37.58
CA VAL BB 65 79.95 -84.78 38.14
C VAL BB 65 80.87 -83.62 38.51
N ALA BB 66 81.06 -82.74 37.53
CA ALA BB 66 81.76 -81.46 37.70
C ALA BB 66 81.51 -80.82 39.06
N ILE BB 67 80.26 -80.89 39.50
CA ILE BB 67 79.88 -80.37 40.78
C ILE BB 67 80.65 -81.13 41.87
N GLU BB 68 81.59 -80.44 42.53
CA GLU BB 68 82.37 -81.02 43.63
C GLU BB 68 81.46 -81.54 44.75
N ASN BB 69 80.62 -80.68 45.35
CA ASN BB 69 79.65 -81.14 46.37
C ASN BB 69 78.33 -81.67 45.74
N PRO BB 70 78.12 -83.02 45.73
CA PRO BB 70 77.00 -83.63 44.97
C PRO BB 70 75.61 -83.31 45.48
N ALA BB 71 75.51 -82.91 46.76
CA ALA BB 71 74.27 -82.41 47.35
C ALA BB 71 73.88 -80.93 47.07
N ASP BB 72 74.56 -80.26 46.13
CA ASP BB 72 74.07 -78.98 45.57
C ASP BB 72 73.80 -79.13 44.08
N VAL BB 73 72.89 -80.06 43.81
CA VAL BB 73 72.27 -80.26 42.52
C VAL BB 73 70.80 -80.39 42.85
N SER BB 74 70.00 -79.38 42.50
CA SER BB 74 68.56 -79.49 42.63
C SER BB 74 68.02 -80.37 41.52
N VAL BB 75 66.99 -81.14 41.88
CA VAL BB 75 66.42 -82.13 41.02
C VAL BB 75 64.93 -82.01 41.18
N ILE BB 76 64.29 -81.56 40.13
CA ILE BB 76 62.92 -81.15 40.25
C ILE BB 76 62.03 -82.08 39.46
N SER BB 77 60.85 -82.30 40.01
CA SER BB 77 59.74 -82.77 39.20
C SER BB 77 58.45 -82.24 39.81
N SER BB 78 57.54 -81.79 38.95
CA SER BB 78 56.27 -81.25 39.40
C SER BB 78 55.16 -82.17 38.93
N ARG BB 79 55.22 -82.54 37.65
CA ARG BB 79 54.46 -83.66 37.13
C ARG BB 79 54.87 -84.89 37.94
N ASN BB 80 53.91 -85.79 38.15
CA ASN BB 80 54.12 -86.93 39.06
C ASN BB 80 55.06 -87.99 38.50
N THR BB 81 55.13 -88.14 37.18
CA THR BB 81 55.88 -89.25 36.61
C THR BB 81 57.35 -89.23 37.07
N GLY BB 82 57.91 -88.05 37.30
CA GLY BB 82 59.23 -87.94 37.88
C GLY BB 82 59.29 -88.06 39.40
N GLN BB 83 58.23 -87.65 40.10
CA GLN BB 83 58.17 -87.67 41.58
C GLN BB 83 59.04 -88.77 42.21
N ARG BB 84 58.79 -90.01 41.83
CA ARG BB 84 59.52 -91.17 42.34
C ARG BB 84 60.95 -91.15 41.85
N ALA BB 85 61.07 -91.02 40.53
CA ALA BB 85 62.35 -90.97 39.84
C ALA BB 85 63.37 -90.08 40.56
N VAL BB 86 63.03 -88.79 40.65
CA VAL BB 86 63.95 -87.78 41.18
C VAL BB 86 64.43 -88.14 42.58
N LEU BB 87 63.52 -88.61 43.44
CA LEU BB 87 63.90 -89.06 44.77
C LEU BB 87 64.99 -90.12 44.66
N LYS BB 88 64.80 -91.04 43.71
CA LYS BB 88 65.70 -92.16 43.58
C LYS BB 88 67.06 -91.84 42.94
N PHE BB 89 67.18 -90.99 41.91
CA PHE BB 89 68.57 -90.58 41.52
C PHE BB 89 69.06 -89.81 42.78
N ALA BB 90 68.29 -88.84 43.28
CA ALA BB 90 68.74 -87.99 44.41
C ALA BB 90 69.36 -88.80 45.56
N ALA BB 91 68.71 -89.91 45.89
CA ALA BB 91 69.24 -90.87 46.87
C ALA BB 91 70.51 -91.59 46.38
N ALA BB 92 70.52 -91.98 45.11
CA ALA BB 92 71.71 -92.60 44.46
C ALA BB 92 72.94 -91.70 44.42
N THR BB 93 72.81 -90.48 43.90
CA THR BB 93 73.95 -89.56 43.83
C THR BB 93 74.26 -88.93 45.17
N GLY BB 94 73.21 -88.58 45.92
CA GLY BB 94 73.34 -87.70 47.07
C GLY BB 94 73.19 -86.28 46.62
N ALA BB 95 72.13 -86.05 45.82
CA ALA BB 95 71.71 -84.73 45.34
C ALA BB 95 70.42 -84.36 46.03
N THR BB 96 69.91 -83.14 45.81
CA THR BB 96 68.80 -82.63 46.60
C THR BB 96 67.52 -82.51 45.79
N PRO BB 97 66.40 -83.12 46.27
CA PRO BB 97 65.20 -83.28 45.45
C PRO BB 97 64.07 -82.29 45.75
N ILE BB 98 63.27 -81.97 44.74
CA ILE BB 98 62.01 -81.22 44.92
C ILE BB 98 60.94 -81.84 44.05
N ALA BB 99 60.01 -82.52 44.71
CA ALA BB 99 58.90 -83.20 44.05
C ALA BB 99 57.59 -82.51 44.43
N GLY BB 100 56.89 -81.97 43.44
CA GLY BB 100 55.45 -81.66 43.57
C GLY BB 100 55.08 -80.24 43.20
N ARG BB 101 55.30 -79.35 44.14
CA ARG BB 101 55.20 -77.93 43.89
C ARG BB 101 56.64 -77.43 43.84
N PHE BB 102 57.10 -76.83 42.73
CA PHE BB 102 58.27 -75.96 42.88
C PHE BB 102 57.79 -74.78 43.78
N THR BB 103 58.15 -74.84 45.07
CA THR BB 103 57.71 -73.84 46.06
C THR BB 103 58.36 -72.49 45.81
N PRO BB 104 57.59 -71.39 45.93
CA PRO BB 104 58.04 -70.01 45.96
C PRO BB 104 59.46 -69.63 46.35
N GLY BB 105 60.22 -69.23 45.34
CA GLY BB 105 61.57 -68.76 45.51
C GLY BB 105 62.23 -69.52 46.61
N THR BB 106 62.57 -70.76 46.30
CA THR BB 106 63.55 -71.49 47.09
C THR BB 106 64.92 -71.11 46.57
N PHE BB 107 64.94 -70.37 45.48
CA PHE BB 107 66.17 -69.87 44.94
C PHE BB 107 66.42 -68.41 45.34
N THR BB 108 65.32 -67.65 45.39
CA THR BB 108 65.27 -66.30 45.95
C THR BB 108 64.70 -66.43 47.35
N ASN BB 109 64.88 -65.42 48.22
CA ASN BB 109 64.49 -65.45 49.66
C ASN BB 109 65.42 -65.91 50.69
N GLN BB 110 65.86 -64.98 51.50
CA GLN BB 110 66.74 -65.31 52.59
C GLN BB 110 65.90 -65.48 53.87
N ILE BB 111 64.57 -65.65 53.72
CA ILE BB 111 63.67 -65.81 54.85
C ILE BB 111 62.83 -67.07 54.82
N GLN BB 112 62.29 -67.47 53.66
CA GLN BB 112 61.55 -68.73 53.60
C GLN BB 112 62.41 -69.92 54.02
N ALA BB 113 61.77 -70.89 54.67
CA ALA BB 113 62.43 -72.10 55.17
C ALA BB 113 63.34 -72.65 54.08
N ALA BB 114 62.74 -72.97 52.94
CA ALA BB 114 63.49 -73.37 51.78
C ALA BB 114 63.98 -72.12 51.06
N PHE BB 115 65.27 -71.82 51.20
CA PHE BB 115 66.06 -71.49 50.01
C PHE BB 115 67.22 -72.44 49.92
N ARG BB 116 67.87 -72.34 48.79
CA ARG BB 116 68.88 -73.26 48.39
C ARG BB 116 69.55 -72.43 47.33
N GLU BB 117 70.87 -72.43 47.28
CA GLU BB 117 71.58 -71.76 46.21
C GLU BB 117 72.25 -72.85 45.41
N PRO BB 118 71.44 -73.77 44.83
CA PRO BB 118 72.07 -74.91 44.19
C PRO BB 118 72.76 -74.47 42.92
N ARG BB 119 73.69 -75.30 42.49
CA ARG BB 119 74.60 -74.92 41.43
C ARG BB 119 74.27 -75.59 40.11
N LEU BB 120 73.18 -76.36 40.08
CA LEU BB 120 72.68 -76.95 38.83
C LEU BB 120 71.24 -77.47 39.06
N LEU BB 121 70.34 -77.16 38.15
CA LEU BB 121 69.03 -77.79 38.15
C LEU BB 121 69.04 -78.98 37.28
N VAL BB 122 68.13 -79.88 37.57
CA VAL BB 122 67.76 -80.92 36.65
C VAL BB 122 66.24 -80.92 36.68
N VAL BB 123 65.60 -81.06 35.53
CA VAL BB 123 64.15 -80.96 35.46
C VAL BB 123 63.53 -81.98 34.51
N THR BB 124 62.35 -82.48 34.87
CA THR BB 124 61.66 -83.48 34.06
C THR BB 124 61.12 -82.87 32.79
N ASP BB 125 60.25 -81.88 32.92
CA ASP BB 125 59.72 -81.14 31.78
C ASP BB 125 60.05 -79.68 31.98
N PRO BB 126 60.70 -79.03 31.00
CA PRO BB 126 60.73 -77.58 31.10
C PRO BB 126 59.31 -77.01 31.00
N ARG BB 127 58.47 -77.66 30.20
CA ARG BB 127 57.10 -77.23 29.98
C ARG BB 127 56.29 -77.05 31.26
N ALA BB 128 56.37 -78.04 32.15
CA ALA BB 128 55.54 -78.08 33.35
C ALA BB 128 56.21 -77.33 34.50
N ASP BB 129 57.36 -77.81 34.95
CA ASP BB 129 58.02 -77.24 36.16
C ASP BB 129 58.80 -76.06 35.65
N HIS BB 130 58.09 -74.95 35.47
CA HIS BB 130 58.67 -73.88 34.71
C HIS BB 130 58.91 -72.59 35.43
N GLN BB 131 58.60 -72.62 36.72
CA GLN BB 131 59.16 -71.68 37.64
C GLN BB 131 60.63 -71.88 37.83
N PRO BB 132 61.04 -73.03 38.36
CA PRO BB 132 62.41 -73.09 38.78
C PRO BB 132 63.38 -72.64 37.68
N LEU BB 133 63.05 -72.97 36.43
CA LEU BB 133 63.80 -72.47 35.30
C LEU BB 133 63.86 -70.96 35.32
N THR BB 134 62.69 -70.33 35.44
CA THR BB 134 62.62 -68.88 35.50
C THR BB 134 63.33 -68.30 36.76
N GLU BB 135 63.21 -68.93 37.94
CA GLU BB 135 63.98 -68.46 39.12
C GLU BB 135 65.47 -68.63 38.87
N ALA BB 136 65.79 -69.69 38.13
CA ALA BB 136 67.14 -69.90 37.66
C ALA BB 136 67.63 -68.83 36.66
N SER BB 137 66.82 -67.81 36.38
CA SER BB 137 67.32 -66.61 35.74
C SER BB 137 67.90 -65.59 36.72
N TYR BB 138 67.48 -65.64 37.99
CA TYR BB 138 67.82 -64.62 38.98
C TYR BB 138 69.01 -65.04 39.82
N VAL BB 139 69.35 -66.32 39.74
CA VAL BB 139 70.61 -66.85 40.25
C VAL BB 139 71.32 -67.48 39.07
N ASN BB 140 72.64 -67.64 39.16
CA ASN BB 140 73.43 -67.99 37.98
C ASN BB 140 73.41 -69.50 37.81
N LEU BB 141 72.22 -70.03 37.56
CA LEU BB 141 71.91 -71.46 37.66
C LEU BB 141 71.95 -72.12 36.31
N PRO BB 142 72.94 -72.96 36.07
CA PRO BB 142 72.76 -73.82 34.92
C PRO BB 142 71.61 -74.78 35.15
N THR BB 143 71.29 -75.58 34.15
CA THR BB 143 69.98 -76.19 34.07
C THR BB 143 69.93 -77.34 33.03
N ILE BB 144 69.86 -78.58 33.52
CA ILE BB 144 69.64 -79.74 32.68
C ILE BB 144 68.13 -79.94 32.60
N ALA BB 145 67.67 -80.35 31.44
CA ALA BB 145 66.25 -80.65 31.27
C ALA BB 145 66.03 -81.94 30.47
N LEU BB 146 64.85 -82.53 30.67
CA LEU BB 146 64.47 -83.78 30.02
C LEU BB 146 63.43 -83.52 28.91
N CYS BB 147 63.82 -82.67 27.96
CA CYS BB 147 62.91 -82.14 26.94
C CYS BB 147 62.26 -83.21 26.06
N ASN BB 148 61.10 -82.84 25.50
CA ASN BB 148 60.48 -83.58 24.41
C ASN BB 148 60.78 -82.86 23.12
N THR BB 149 60.18 -83.32 22.03
CA THR BB 149 60.11 -82.54 20.80
C THR BB 149 59.32 -81.26 21.07
N ASP BB 150 58.15 -81.38 21.69
CA ASP BB 150 57.37 -80.19 22.09
C ASP BB 150 57.85 -79.70 23.42
N SER BB 151 58.92 -78.93 23.40
CA SER BB 151 59.38 -78.29 24.61
C SER BB 151 60.26 -77.08 24.37
N PRO BB 152 59.87 -75.93 24.94
CA PRO BB 152 60.68 -74.73 24.82
C PRO BB 152 61.98 -74.82 25.61
N LEU BB 153 63.01 -74.19 25.07
CA LEU BB 153 64.35 -74.24 25.63
C LEU BB 153 64.80 -72.86 26.12
N ARG BB 154 63.84 -72.04 26.57
CA ARG BB 154 64.17 -70.92 27.43
C ARG BB 154 64.87 -71.49 28.61
N TYR BB 155 66.04 -70.93 28.92
CA TYR BB 155 66.75 -71.27 30.13
C TYR BB 155 66.96 -72.78 30.28
N VAL BB 156 67.85 -73.31 29.46
CA VAL BB 156 68.40 -74.63 29.70
C VAL BB 156 69.88 -74.52 29.33
N ASP BB 157 70.79 -74.82 30.26
CA ASP BB 157 72.12 -75.20 29.82
C ASP BB 157 71.90 -76.23 28.67
N ILE BB 158 71.39 -77.43 29.04
CA ILE BB 158 71.42 -78.64 28.18
C ILE BB 158 70.10 -79.41 28.23
N ALA BB 159 69.70 -79.89 27.05
CA ALA BB 159 68.44 -80.58 26.84
C ALA BB 159 68.75 -82.01 26.52
N ILE BB 160 68.12 -82.91 27.26
CA ILE BB 160 68.17 -84.30 26.94
C ILE BB 160 66.86 -84.62 26.23
N PRO BB 161 66.92 -84.99 24.94
CA PRO BB 161 65.73 -85.22 24.11
C PRO BB 161 65.18 -86.63 24.28
N CYS BB 162 63.92 -86.72 24.69
CA CYS BB 162 63.38 -87.98 25.17
C CYS BB 162 61.88 -88.03 24.92
N ASN BB 163 61.21 -89.06 25.44
CA ASN BB 163 59.86 -88.86 25.88
C ASN BB 163 60.03 -88.40 27.29
N ASN BB 164 59.11 -87.56 27.72
CA ASN BB 164 59.01 -87.22 29.12
C ASN BB 164 57.52 -87.17 29.47
N LYS BB 165 56.83 -88.19 28.93
CA LYS BB 165 55.39 -88.26 28.85
C LYS BB 165 54.86 -89.52 29.51
N GLY BB 166 55.22 -90.69 28.98
CA GLY BB 166 54.83 -91.96 29.58
C GLY BB 166 55.80 -92.23 30.71
N ALA BB 167 55.29 -92.34 31.94
CA ALA BB 167 56.14 -92.53 33.13
C ALA BB 167 57.30 -93.47 32.84
N HIS BB 168 56.96 -94.57 32.20
CA HIS BB 168 57.89 -95.62 31.81
C HIS BB 168 59.22 -95.12 31.23
N SER BB 169 59.12 -94.23 30.27
CA SER BB 169 60.27 -93.64 29.62
C SER BB 169 61.01 -92.68 30.53
N VAL BB 170 60.27 -91.86 31.29
CA VAL BB 170 60.87 -90.85 32.16
C VAL BB 170 61.90 -91.52 33.05
N GLY BB 171 61.46 -92.49 33.84
CA GLY BB 171 62.32 -93.20 34.78
C GLY BB 171 63.66 -93.54 34.17
N LEU BB 172 63.63 -94.23 33.03
CA LEU BB 172 64.85 -94.59 32.29
C LEU BB 172 65.90 -93.51 32.29
N MET BB 173 65.47 -92.28 32.03
CA MET BB 173 66.39 -91.17 31.86
C MET BB 173 66.97 -90.79 33.21
N TRP BB 174 66.10 -90.81 34.21
CA TRP BB 174 66.50 -90.57 35.58
C TRP BB 174 67.38 -91.67 36.11
N TRP BB 175 67.23 -92.87 35.54
CA TRP BB 175 68.21 -93.91 35.71
C TRP BB 175 69.53 -93.46 35.15
N MET BB 176 69.54 -93.34 33.83
CA MET BB 176 70.76 -93.39 33.08
C MET BB 176 71.64 -92.26 33.55
N LEU BB 177 71.00 -91.15 33.87
CA LEU BB 177 71.70 -90.03 34.49
C LEU BB 177 72.33 -90.55 35.79
N ALA BB 178 71.49 -90.99 36.73
CA ALA BB 178 71.95 -91.63 37.98
C ALA BB 178 73.07 -92.63 37.76
N ARG BB 179 72.89 -93.48 36.74
CA ARG BB 179 73.87 -94.51 36.43
C ARG BB 179 75.18 -93.87 36.04
N GLU BB 180 75.13 -93.00 35.03
CA GLU BB 180 76.34 -92.42 34.50
C GLU BB 180 77.04 -91.62 35.59
N VAL BB 181 76.28 -90.80 36.32
CA VAL BB 181 76.89 -89.98 37.38
C VAL BB 181 77.61 -90.77 38.49
N LEU BB 182 77.30 -92.05 38.63
CA LEU BB 182 78.02 -92.92 39.57
C LEU BB 182 79.11 -93.73 38.85
N ARG BB 183 78.88 -94.10 37.58
CA ARG BB 183 79.93 -94.66 36.74
C ARG BB 183 81.10 -93.69 36.60
N MET BB 184 80.79 -92.42 36.39
CA MET BB 184 81.79 -91.37 36.30
C MET BB 184 82.11 -91.15 37.75
N ARG BB 185 83.31 -91.57 38.14
CA ARG BB 185 83.92 -91.30 39.46
C ARG BB 185 83.50 -92.39 40.44
N GLY BB 186 82.19 -92.47 40.68
CA GLY BB 186 81.65 -93.06 41.89
C GLY BB 186 82.04 -94.46 42.25
N THR BB 187 81.22 -95.40 41.87
CA THR BB 187 81.24 -96.68 42.51
C THR BB 187 80.46 -97.69 41.66
N ILE BB 188 80.91 -97.80 40.42
CA ILE BB 188 80.44 -98.84 39.51
C ILE BB 188 81.61 -99.16 38.57
N SER BB 189 81.66 -100.39 38.10
CA SER BB 189 82.79 -100.88 37.31
C SER BB 189 82.90 -100.26 35.91
N ARG BB 190 81.76 -100.04 35.24
CA ARG BB 190 81.62 -99.89 33.76
C ARG BB 190 81.35 -101.22 33.05
N GLU BB 191 82.02 -102.28 33.51
CA GLU BB 191 81.99 -103.61 32.88
C GLU BB 191 80.75 -104.41 33.31
N HIS BB 192 80.48 -104.36 34.61
CA HIS BB 192 79.33 -105.01 35.23
C HIS BB 192 78.09 -104.07 35.24
N PRO BB 193 76.85 -104.63 35.13
CA PRO BB 193 75.60 -103.85 35.30
C PRO BB 193 75.26 -103.59 36.78
N TRP BB 194 74.17 -102.85 37.07
CA TRP BB 194 73.88 -102.51 38.48
C TRP BB 194 73.25 -103.63 39.27
N GLU BB 195 73.36 -103.46 40.57
CA GLU BB 195 72.41 -104.01 41.54
C GLU BB 195 71.01 -103.43 41.22
N VAL BB 196 70.94 -102.10 41.14
CA VAL BB 196 69.69 -101.35 40.87
C VAL BB 196 69.06 -101.66 39.48
N MET BB 197 67.77 -102.01 39.51
CA MET BB 197 66.94 -102.30 38.32
C MET BB 197 66.41 -100.94 37.76
N PRO BB 198 65.66 -100.93 36.60
CA PRO BB 198 64.91 -99.69 36.35
C PRO BB 198 63.72 -99.63 37.26
N ASP BB 199 62.89 -100.69 37.22
CA ASP BB 199 61.63 -100.86 38.00
C ASP BB 199 61.41 -99.90 39.20
N LEU BB 200 62.50 -99.63 39.92
CA LEU BB 200 62.55 -98.59 40.95
C LEU BB 200 62.20 -97.14 40.55
N TYR BB 201 62.27 -96.78 39.26
CA TYR BB 201 62.38 -95.37 38.81
C TYR BB 201 61.15 -94.64 38.19
N PHE BB 202 60.08 -95.35 37.83
CA PHE BB 202 59.04 -94.81 36.93
C PHE BB 202 57.75 -95.18 37.64
N TYR BB 203 56.87 -94.20 37.87
CA TYR BB 203 55.88 -94.33 38.94
C TYR BB 203 54.85 -95.43 38.74
N ARG BB 204 54.06 -95.62 39.79
CA ARG BB 204 53.01 -96.59 39.84
C ARG BB 204 51.68 -95.83 39.91
N ASP BB 205 50.68 -96.30 39.17
CA ASP BB 205 49.31 -95.80 39.30
C ASP BB 205 48.67 -96.60 40.45
N PRO BB 206 47.56 -96.09 41.05
CA PRO BB 206 46.86 -96.87 42.09
C PRO BB 206 46.60 -98.35 41.73
N GLU BB 207 47.47 -99.23 42.24
CA GLU BB 207 47.55 -100.64 41.86
C GLU BB 207 47.77 -101.57 43.07
N GLU BB 208 46.68 -101.90 43.78
CA GLU BB 208 46.51 -103.08 44.70
C GLU BB 208 45.45 -102.76 45.77
N VAL CB 1 -30.21 -65.39 12.29
CA VAL CB 1 -30.63 -65.62 10.86
C VAL CB 1 -29.47 -66.21 10.04
N VAL CB 2 -29.83 -66.98 9.01
CA VAL CB 2 -28.86 -67.63 8.09
C VAL CB 2 -27.95 -68.62 8.84
N ASP CB 3 -28.45 -69.85 9.02
CA ASP CB 3 -27.70 -70.92 9.73
C ASP CB 3 -26.54 -71.41 8.85
N PRO CB 4 -25.32 -71.51 9.41
CA PRO CB 4 -24.16 -71.58 8.52
C PRO CB 4 -23.92 -72.95 7.90
N PHE CB 5 -23.50 -73.95 8.69
CA PHE CB 5 -23.06 -75.24 8.12
C PHE CB 5 -24.17 -76.27 8.18
N SER CB 6 -25.34 -75.86 7.69
CA SER CB 6 -26.41 -76.75 7.34
C SER CB 6 -26.46 -76.95 5.83
N LYS CB 7 -25.90 -76.01 5.06
CA LYS CB 7 -25.94 -76.06 3.61
C LYS CB 7 -24.58 -76.47 3.03
N ARG CB 8 -23.89 -77.40 3.69
CA ARG CB 8 -22.59 -77.89 3.22
C ARG CB 8 -22.57 -79.40 2.94
N ASP CB 9 -22.60 -79.74 1.64
CA ASP CB 9 -22.39 -81.14 1.21
C ASP CB 9 -20.92 -81.51 1.17
N TRP CB 10 -20.46 -82.08 2.29
CA TRP CB 10 -19.20 -82.80 2.36
C TRP CB 10 -18.86 -83.65 1.12
N TYR CB 11 -17.85 -83.21 0.37
CA TYR CB 11 -17.56 -83.68 -0.97
C TYR CB 11 -16.15 -84.32 -0.94
N ASP CB 12 -16.07 -85.60 -1.30
CA ASP CB 12 -14.81 -86.38 -1.19
C ASP CB 12 -13.70 -86.02 -2.17
N VAL CB 13 -12.49 -86.55 -1.89
CA VAL CB 13 -11.28 -86.25 -2.64
C VAL CB 13 -10.56 -87.52 -3.04
N LYS CB 14 -10.03 -87.55 -4.27
CA LYS CB 14 -9.29 -88.68 -4.79
C LYS CB 14 -7.98 -88.22 -5.40
N ALA CB 15 -6.87 -88.64 -4.82
CA ALA CB 15 -5.57 -88.45 -5.44
C ALA CB 15 -5.48 -89.28 -6.74
N PRO CB 16 -4.50 -88.99 -7.63
CA PRO CB 16 -4.27 -89.79 -8.85
C PRO CB 16 -4.01 -91.28 -8.66
N ALA CB 17 -3.97 -91.99 -9.78
CA ALA CB 17 -3.64 -93.42 -9.81
C ALA CB 17 -2.20 -93.74 -9.39
N MET CB 18 -1.28 -92.79 -9.58
CA MET CB 18 0.16 -92.99 -9.34
C MET CB 18 0.62 -92.76 -7.89
N PHE CB 19 -0.29 -92.36 -7.01
CA PHE CB 19 -0.04 -92.40 -5.59
C PHE CB 19 -0.88 -93.60 -5.09
N ASN CB 20 -0.34 -94.31 -4.09
CA ASN CB 20 -0.97 -95.54 -3.61
C ASN CB 20 -1.63 -95.51 -2.22
N ILE CB 21 -2.28 -94.38 -1.95
CA ILE CB 21 -3.54 -94.31 -1.18
C ILE CB 21 -4.40 -93.25 -1.85
N ARG CB 22 -5.49 -93.67 -2.50
CA ARG CB 22 -6.37 -92.74 -3.19
C ARG CB 22 -7.53 -92.23 -2.31
N ASN CB 23 -7.19 -91.51 -1.25
CA ASN CB 23 -8.10 -90.58 -0.61
C ASN CB 23 -7.26 -89.68 0.28
N ILE CB 24 -7.62 -88.40 0.31
CA ILE CB 24 -6.86 -87.41 1.05
C ILE CB 24 -7.64 -87.00 2.30
N GLY CB 25 -8.88 -86.57 2.10
CA GLY CB 25 -9.77 -86.18 3.22
C GLY CB 25 -11.11 -85.68 2.72
N LYS CB 26 -11.60 -84.60 3.32
CA LYS CB 26 -12.90 -84.03 2.96
C LYS CB 26 -12.81 -82.55 2.69
N THR CB 27 -13.78 -82.06 1.92
CA THR CB 27 -13.89 -80.67 1.56
C THR CB 27 -15.37 -80.29 1.59
N LEU CB 28 -15.74 -79.12 2.13
CA LEU CB 28 -17.13 -78.64 2.00
C LEU CB 28 -17.28 -77.50 0.99
N VAL CB 29 -18.53 -77.26 0.65
CA VAL CB 29 -18.93 -76.31 -0.36
C VAL CB 29 -20.32 -75.83 0.08
N THR CB 30 -20.71 -74.61 -0.28
CA THR CB 30 -22.12 -74.20 -0.19
C THR CB 30 -22.84 -74.94 -1.29
N ARG CB 31 -23.84 -75.74 -0.92
CA ARG CB 31 -24.57 -76.54 -1.88
C ARG CB 31 -25.12 -75.63 -2.97
N THR CB 32 -25.23 -76.16 -4.16
CA THR CB 32 -25.64 -75.35 -5.29
C THR CB 32 -26.90 -74.61 -4.97
N GLN CB 33 -27.25 -73.66 -5.82
CA GLN CB 33 -28.53 -72.98 -5.71
C GLN CB 33 -28.70 -71.83 -6.71
N GLY CB 34 -28.88 -72.18 -7.99
CA GLY CB 34 -29.10 -71.17 -9.01
C GLY CB 34 -28.00 -70.14 -9.06
N THR CB 35 -27.06 -70.33 -9.98
CA THR CB 35 -25.85 -69.53 -10.10
C THR CB 35 -24.89 -70.00 -9.04
N LYS CB 36 -23.73 -69.35 -8.95
CA LYS CB 36 -22.75 -69.74 -7.96
C LYS CB 36 -22.54 -71.25 -7.88
N ILE CB 37 -23.61 -72.01 -7.74
CA ILE CB 37 -23.53 -73.46 -7.63
C ILE CB 37 -22.43 -73.82 -6.65
N ALA CB 38 -21.84 -74.99 -6.83
CA ALA CB 38 -20.79 -75.44 -5.94
C ALA CB 38 -19.85 -76.29 -6.76
N SER CB 39 -20.39 -77.40 -7.24
CA SER CB 39 -19.68 -78.41 -8.02
C SER CB 39 -18.55 -77.83 -8.84
N ASP CB 40 -18.69 -76.56 -9.20
CA ASP CB 40 -17.60 -75.85 -9.83
C ASP CB 40 -17.13 -74.73 -8.92
N GLY CB 41 -17.83 -74.51 -7.81
CA GLY CB 41 -17.31 -73.61 -6.81
C GLY CB 41 -16.27 -74.38 -6.03
N LEU CB 42 -15.61 -75.32 -6.72
CA LEU CB 42 -14.80 -76.33 -6.09
C LEU CB 42 -13.75 -76.95 -7.01
N LYS CB 43 -13.55 -76.35 -8.18
CA LYS CB 43 -12.51 -76.81 -9.11
C LYS CB 43 -11.10 -76.28 -8.79
N GLY CB 44 -10.92 -74.97 -8.79
CA GLY CB 44 -9.62 -74.39 -8.45
C GLY CB 44 -9.33 -74.39 -6.96
N ARG CB 45 -9.06 -75.57 -6.38
CA ARG CB 45 -8.79 -75.70 -4.94
C ARG CB 45 -7.47 -76.44 -4.68
N VAL CB 46 -6.44 -75.68 -4.29
CA VAL CB 46 -5.08 -76.18 -4.02
C VAL CB 46 -5.04 -76.51 -2.54
N PHE CB 47 -4.18 -77.46 -2.16
CA PHE CB 47 -4.67 -78.56 -1.36
C PHE CB 47 -3.52 -79.50 -0.92
N GLU CB 48 -2.67 -79.02 0.00
CA GLU CB 48 -1.33 -79.58 0.31
C GLU CB 48 -1.38 -80.95 0.93
N VAL CB 49 -0.48 -81.84 0.49
CA VAL CB 49 -0.47 -83.24 0.92
C VAL CB 49 0.93 -83.82 0.83
N SER CB 50 1.37 -84.50 1.90
CA SER CB 50 2.66 -85.19 1.90
C SER CB 50 2.54 -86.61 1.34
N PRO CB 51 3.59 -87.10 0.62
CA PRO CB 51 3.52 -88.49 0.12
C PRO CB 51 3.75 -89.51 1.23
N ALA CB 52 4.25 -89.07 2.39
CA ALA CB 52 4.28 -89.88 3.60
C ALA CB 52 3.02 -90.72 3.76
N ASP CB 53 1.88 -90.05 3.97
CA ASP CB 53 0.61 -90.76 4.18
C ASP CB 53 0.00 -91.26 2.87
N LEU CB 54 0.26 -90.56 1.77
CA LEU CB 54 -0.30 -90.94 0.47
C LEU CB 54 0.29 -92.22 -0.10
N GLN CB 55 1.54 -92.16 -0.52
CA GLN CB 55 2.15 -93.27 -1.24
C GLN CB 55 2.44 -94.45 -0.31
N ASN CB 56 2.71 -94.15 0.96
CA ASN CB 56 2.97 -95.16 2.01
C ASN CB 56 4.34 -95.84 1.78
N ASP CB 57 4.96 -96.37 2.85
CA ASP CB 57 6.42 -96.69 2.91
C ASP CB 57 7.31 -95.53 2.45
N GLU CB 58 6.90 -94.32 2.84
CA GLU CB 58 7.56 -93.13 2.37
C GLU CB 58 7.64 -92.03 3.44
N VAL CB 59 8.58 -91.14 3.15
CA VAL CB 59 9.04 -90.00 3.92
C VAL CB 59 8.25 -88.65 3.95
N ALA CB 60 8.76 -87.66 4.70
CA ALA CB 60 8.09 -86.36 4.94
C ALA CB 60 9.01 -85.09 5.04
N PHE CB 61 9.88 -84.88 4.04
CA PHE CB 61 10.65 -83.60 3.82
C PHE CB 61 10.09 -83.16 2.47
N ARG CB 62 8.82 -83.47 2.16
CA ARG CB 62 8.51 -83.67 0.75
C ARG CB 62 7.23 -83.16 0.05
N LYS CB 63 6.03 -83.28 0.61
CA LYS CB 63 4.79 -82.63 0.03
C LYS CB 63 4.41 -82.79 -1.48
N SER CB 64 3.20 -82.36 -1.82
CA SER CB 64 2.69 -82.28 -3.21
C SER CB 64 1.34 -81.51 -3.12
N LYS CB 65 0.94 -80.80 -4.17
CA LYS CB 65 -0.16 -79.80 -4.06
C LYS CB 65 -1.59 -80.32 -4.36
N LEU CB 66 -1.81 -80.86 -5.55
CA LEU CB 66 -3.14 -81.33 -6.01
C LEU CB 66 -4.22 -80.22 -6.11
N ILE CB 67 -4.42 -79.70 -7.33
CA ILE CB 67 -5.62 -78.90 -7.66
C ILE CB 67 -6.71 -79.92 -7.91
N THR CB 68 -7.96 -79.49 -8.05
CA THR CB 68 -9.05 -80.44 -8.37
C THR CB 68 -9.72 -80.21 -9.75
N GLU CB 69 -9.22 -80.93 -10.75
CA GLU CB 69 -9.66 -80.84 -12.16
C GLU CB 69 -11.19 -80.94 -12.29
N ASP CB 70 -11.72 -82.11 -11.91
CA ASP CB 70 -13.13 -82.47 -12.06
C ASP CB 70 -13.81 -82.59 -10.72
N VAL CB 71 -15.13 -82.76 -10.77
CA VAL CB 71 -15.93 -83.03 -9.58
C VAL CB 71 -17.02 -84.06 -9.93
N GLN CB 72 -16.70 -85.35 -9.80
CA GLN CB 72 -17.60 -86.41 -10.28
C GLN CB 72 -18.47 -87.01 -9.18
N GLY CB 73 -19.43 -86.21 -8.71
CA GLY CB 73 -20.50 -86.70 -7.83
C GLY CB 73 -20.01 -87.33 -6.53
N LYS CB 74 -19.92 -86.50 -5.49
CA LYS CB 74 -19.30 -86.85 -4.20
C LYS CB 74 -17.81 -87.14 -4.29
N ASN CB 75 -17.16 -86.70 -5.37
CA ASN CB 75 -15.76 -86.97 -5.59
C ASN CB 75 -15.09 -85.76 -6.25
N CYS CB 76 -13.78 -85.69 -6.07
CA CYS CB 76 -12.97 -84.65 -6.68
C CYS CB 76 -11.72 -85.29 -7.21
N LEU CB 77 -11.43 -85.08 -8.48
CA LEU CB 77 -10.26 -85.65 -9.10
C LEU CB 77 -9.20 -84.58 -9.22
N THR CB 78 -7.94 -85.00 -9.13
CA THR CB 78 -6.79 -84.11 -8.95
C THR CB 78 -5.57 -84.53 -9.82
N ASN CB 79 -4.74 -83.57 -10.24
CA ASN CB 79 -3.47 -83.86 -10.95
C ASN CB 79 -2.25 -83.47 -10.14
N PHE CB 80 -1.08 -84.07 -10.44
CA PHE CB 80 0.16 -83.53 -9.85
C PHE CB 80 -0.11 -82.01 -10.11
N HIS CB 81 -0.16 -81.15 -9.07
CA HIS CB 81 -0.12 -79.65 -9.27
C HIS CB 81 1.19 -78.94 -8.82
N GLY CB 82 1.81 -79.38 -7.73
CA GLY CB 82 3.11 -78.80 -7.29
C GLY CB 82 3.83 -79.65 -6.25
N MET CB 83 4.96 -79.15 -5.77
CA MET CB 83 5.77 -79.85 -4.78
C MET CB 83 6.47 -78.86 -3.86
N ASP CB 84 6.93 -79.32 -2.70
CA ASP CB 84 7.68 -78.47 -1.78
C ASP CB 84 8.64 -79.32 -0.96
N LEU CB 85 9.30 -78.75 0.04
CA LEU CB 85 10.19 -79.49 0.95
C LEU CB 85 10.00 -79.15 2.45
N THR CB 86 8.84 -78.60 2.81
CA THR CB 86 8.34 -78.64 4.19
C THR CB 86 9.00 -77.77 5.27
N ARG CB 87 9.77 -76.76 4.87
CA ARG CB 87 10.21 -75.71 5.79
C ARG CB 87 10.92 -76.22 7.03
N ASP CB 88 11.60 -77.34 6.90
CA ASP CB 88 12.18 -78.01 8.08
C ASP CB 88 13.21 -79.03 7.69
N LYS CB 89 13.06 -79.63 6.52
CA LYS CB 89 14.19 -80.21 5.86
C LYS CB 89 14.96 -79.09 5.24
N MET CB 90 14.27 -78.27 4.46
CA MET CB 90 14.94 -77.29 3.61
C MET CB 90 15.94 -76.49 4.42
N CYS CB 91 15.54 -76.04 5.61
CA CYS CB 91 16.49 -75.30 6.46
C CYS CB 91 17.40 -76.18 7.33
N SER CB 92 17.00 -77.40 7.70
CA SER CB 92 17.93 -78.30 8.42
C SER CB 92 19.16 -78.54 7.59
N MET CB 93 18.93 -78.78 6.30
CA MET CB 93 20.01 -79.08 5.37
C MET CB 93 21.02 -77.97 5.32
N VAL CB 94 20.56 -76.73 5.18
CA VAL CB 94 21.47 -75.62 4.94
C VAL CB 94 22.29 -75.28 6.18
N LYS CB 95 23.44 -75.92 6.23
CA LYS CB 95 24.32 -75.81 7.35
C LYS CB 95 25.50 -75.03 6.88
N LYS CB 96 26.10 -74.37 7.85
CA LYS CB 96 27.24 -73.48 7.64
C LYS CB 96 28.42 -74.32 7.21
N TRP CB 97 29.39 -73.68 6.57
CA TRP CB 97 30.57 -74.35 6.10
C TRP CB 97 30.29 -75.33 4.95
N GLN CB 98 29.56 -74.86 3.94
CA GLN CB 98 29.46 -75.56 2.65
C GLN CB 98 28.75 -74.77 1.57
N THR CB 99 28.97 -75.17 0.33
CA THR CB 99 28.33 -74.54 -0.81
C THR CB 99 26.94 -75.14 -1.05
N VAL CB 100 25.97 -74.24 -1.22
CA VAL CB 100 24.68 -74.59 -1.79
C VAL CB 100 24.91 -74.52 -3.27
N ILE CB 101 24.06 -75.19 -4.02
CA ILE CB 101 24.12 -75.09 -5.44
C ILE CB 101 22.69 -75.11 -5.90
N GLU CB 102 22.05 -73.95 -5.81
CA GLU CB 102 20.72 -73.82 -6.36
C GLU CB 102 20.83 -73.65 -7.88
N ALA CB 103 20.10 -74.51 -8.60
CA ALA CB 103 19.90 -74.40 -10.05
C ALA CB 103 18.44 -74.55 -10.36
N HIS CB 104 18.04 -74.18 -11.57
CA HIS CB 104 16.64 -74.31 -11.95
C HIS CB 104 16.38 -74.32 -13.43
N VAL CB 105 15.26 -74.95 -13.79
CA VAL CB 105 14.96 -75.22 -15.19
C VAL CB 105 13.49 -75.02 -15.40
N ASP CB 106 13.17 -74.25 -16.44
CA ASP CB 106 11.80 -74.09 -16.92
C ASP CB 106 11.74 -75.01 -18.13
N VAL CB 107 11.09 -76.15 -17.97
CA VAL CB 107 11.13 -77.22 -18.95
C VAL CB 107 9.76 -77.84 -19.16
N LYS CB 108 9.50 -78.27 -20.39
CA LYS CB 108 8.20 -78.78 -20.81
C LYS CB 108 8.15 -80.30 -20.77
N THR CB 109 6.94 -80.82 -20.63
CA THR CB 109 6.67 -82.25 -20.73
C THR CB 109 6.49 -82.64 -22.20
N THR CB 110 6.26 -83.94 -22.45
CA THR CB 110 5.92 -84.42 -23.80
C THR CB 110 4.51 -84.00 -24.13
N ASP CB 111 3.60 -84.20 -23.17
CA ASP CB 111 2.32 -83.50 -23.16
C ASP CB 111 2.53 -82.02 -22.80
N GLY CB 112 1.52 -81.19 -23.05
CA GLY CB 112 1.70 -79.75 -22.93
C GLY CB 112 1.42 -79.15 -21.56
N TYR CB 113 2.29 -79.43 -20.57
CA TYR CB 113 2.38 -78.54 -19.38
C TYR CB 113 3.84 -78.30 -18.94
N LEU CB 114 4.16 -77.00 -18.80
CA LEU CB 114 5.48 -76.52 -18.39
C LEU CB 114 5.69 -76.68 -16.89
N LEU CB 115 6.92 -77.02 -16.55
CA LEU CB 115 7.31 -77.27 -15.18
C LEU CB 115 8.58 -76.51 -14.88
N ARG CB 116 8.56 -75.76 -13.78
CA ARG CB 116 9.71 -75.00 -13.33
C ARG CB 116 10.36 -75.83 -12.24
N LEU CB 117 11.18 -76.79 -12.68
CA LEU CB 117 11.88 -77.68 -11.75
C LEU CB 117 13.00 -76.95 -11.01
N PHE CB 118 13.03 -77.19 -9.71
CA PHE CB 118 13.69 -76.33 -8.76
C PHE CB 118 14.60 -77.16 -7.88
N CYS CB 119 15.90 -76.93 -7.99
CA CYS CB 119 16.92 -77.84 -7.43
C CYS CB 119 17.65 -77.38 -6.19
N VAL CB 120 18.42 -78.29 -5.65
CA VAL CB 120 19.40 -77.97 -4.63
C VAL CB 120 20.35 -79.13 -4.56
N GLY CB 121 21.64 -78.81 -4.63
CA GLY CB 121 22.71 -79.74 -4.42
C GLY CB 121 23.53 -79.13 -3.32
N PHE CB 122 24.05 -79.98 -2.47
CA PHE CB 122 24.55 -79.49 -1.23
C PHE CB 122 25.86 -80.24 -0.82
N THR CB 123 27.02 -79.54 -0.85
CA THR CB 123 28.37 -80.21 -0.88
C THR CB 123 28.79 -80.84 0.41
N LYS CB 124 29.56 -81.93 0.33
CA LYS CB 124 29.77 -82.79 1.49
C LYS CB 124 31.19 -82.80 2.03
N LYS CB 125 31.27 -82.58 3.33
CA LYS CB 125 32.46 -82.76 4.12
C LYS CB 125 32.76 -84.26 4.07
N ARG CB 126 33.70 -84.64 3.20
CA ARG CB 126 33.89 -86.05 2.84
C ARG CB 126 34.53 -86.87 3.95
N ASN CB 127 33.90 -88.00 4.30
CA ASN CB 127 34.23 -88.85 5.46
C ASN CB 127 35.54 -88.52 6.16
N ASN CB 128 36.59 -88.57 5.36
CA ASN CB 128 37.95 -88.50 5.83
C ASN CB 128 38.59 -87.08 5.80
N GLN CB 129 37.92 -86.07 6.33
CA GLN CB 129 38.35 -84.70 6.09
C GLN CB 129 38.78 -83.98 7.37
N ILE CB 130 40.02 -83.51 7.38
CA ILE CB 130 40.57 -82.73 8.50
C ILE CB 130 39.98 -81.32 8.47
N ARG CB 131 39.81 -80.82 7.24
CA ARG CB 131 39.62 -79.40 6.91
C ARG CB 131 38.64 -78.62 7.80
N LYS CB 132 37.34 -78.73 7.52
CA LYS CB 132 36.27 -77.84 8.01
C LYS CB 132 35.35 -77.51 6.87
N THR CB 133 35.96 -76.89 5.88
CA THR CB 133 35.26 -76.04 4.99
C THR CB 133 34.57 -76.86 3.91
N SER CB 134 35.33 -77.27 2.90
CA SER CB 134 34.82 -78.01 1.75
C SER CB 134 33.79 -77.26 0.90
N TYR CB 135 34.00 -75.95 0.69
CA TYR CB 135 33.20 -75.23 -0.30
C TYR CB 135 34.06 -75.13 -1.56
N ALA CB 136 33.39 -75.19 -2.71
CA ALA CB 136 33.99 -75.45 -4.03
C ALA CB 136 34.46 -74.19 -4.77
N GLN CB 137 35.47 -74.35 -5.63
CA GLN CB 137 35.79 -73.39 -6.71
C GLN CB 137 34.47 -73.04 -7.38
N HIS CB 138 34.20 -71.76 -7.69
CA HIS CB 138 32.86 -71.45 -8.23
C HIS CB 138 32.67 -72.08 -9.61
N GLN CB 139 33.75 -72.19 -10.38
CA GLN CB 139 33.66 -72.93 -11.65
C GLN CB 139 33.27 -74.39 -11.48
N GLN CB 140 33.71 -75.01 -10.39
CA GLN CB 140 33.23 -76.32 -10.00
C GLN CB 140 31.72 -76.25 -9.80
N VAL CB 141 31.24 -75.17 -9.19
CA VAL CB 141 29.81 -74.95 -9.04
C VAL CB 141 29.12 -74.90 -10.39
N ARG CB 142 29.50 -73.96 -11.25
CA ARG CB 142 28.82 -73.83 -12.56
C ARG CB 142 28.89 -75.09 -13.40
N GLN CB 143 29.90 -75.90 -13.15
CA GLN CB 143 29.97 -77.24 -13.71
C GLN CB 143 28.76 -78.08 -13.21
N ILE CB 144 28.66 -78.15 -11.89
CA ILE CB 144 27.59 -78.89 -11.23
C ILE CB 144 26.27 -78.38 -11.71
N ARG CB 145 26.03 -77.08 -11.47
CA ARG CB 145 24.79 -76.42 -11.85
C ARG CB 145 24.38 -76.69 -13.30
N LYS CB 146 25.35 -76.85 -14.22
CA LYS CB 146 25.01 -77.22 -15.59
C LYS CB 146 24.59 -78.67 -15.72
N LYS CB 147 25.29 -79.58 -15.04
CA LYS CB 147 24.86 -80.99 -15.00
C LYS CB 147 23.49 -81.10 -14.39
N MET CB 148 23.38 -80.62 -13.16
CA MET CB 148 22.13 -80.55 -12.41
C MET CB 148 20.98 -80.04 -13.28
N MET CB 149 21.25 -79.06 -14.13
CA MET CB 149 20.27 -78.49 -15.07
C MET CB 149 20.13 -79.29 -16.40
N GLU CB 150 21.22 -79.89 -16.86
CA GLU CB 150 21.23 -80.81 -18.01
C GLU CB 150 20.32 -82.01 -17.74
N ILE CB 151 20.47 -82.56 -16.53
CA ILE CB 151 19.73 -83.73 -16.09
C ILE CB 151 18.28 -83.37 -16.02
N MET CB 152 17.95 -82.44 -15.14
CA MET CB 152 16.57 -82.03 -14.96
C MET CB 152 15.77 -81.91 -16.27
N THR CB 153 16.39 -81.45 -17.37
CA THR CB 153 15.72 -81.50 -18.69
C THR CB 153 15.62 -82.92 -19.21
N ARG CB 154 16.77 -83.58 -19.38
CA ARG CB 154 16.85 -84.88 -20.03
C ARG CB 154 15.74 -85.86 -19.64
N GLU CB 155 15.37 -85.90 -18.35
CA GLU CB 155 14.30 -86.82 -17.88
C GLU CB 155 12.96 -86.16 -17.58
N VAL CB 156 12.73 -84.97 -18.11
CA VAL CB 156 11.39 -84.33 -18.15
C VAL CB 156 10.99 -83.86 -19.56
N GLN CB 157 11.97 -83.50 -20.38
CA GLN CB 157 11.77 -83.18 -21.79
C GLN CB 157 11.23 -84.38 -22.60
N THR CB 158 11.72 -85.58 -22.29
CA THR CB 158 11.11 -86.83 -22.78
C THR CB 158 9.95 -87.14 -21.85
N ASN CB 159 9.37 -88.33 -21.98
CA ASN CB 159 8.37 -88.90 -21.04
C ASN CB 159 7.29 -87.95 -20.43
N ASP CB 160 6.03 -88.36 -20.56
CA ASP CB 160 4.88 -87.52 -20.13
C ASP CB 160 4.78 -87.33 -18.62
N LEU CB 161 3.76 -86.58 -18.18
CA LEU CB 161 3.64 -86.16 -16.78
C LEU CB 161 3.47 -87.30 -15.78
N LYS CB 162 2.57 -88.22 -16.08
CA LYS CB 162 2.39 -89.46 -15.30
C LYS CB 162 3.70 -90.16 -14.88
N GLU CB 163 4.72 -90.08 -15.74
CA GLU CB 163 6.06 -90.65 -15.49
C GLU CB 163 7.05 -89.68 -14.81
N VAL CB 164 6.88 -88.37 -15.00
CA VAL CB 164 7.68 -87.35 -14.31
C VAL CB 164 7.42 -87.44 -12.81
N VAL CB 165 6.16 -87.52 -12.44
CA VAL CB 165 5.75 -87.61 -11.04
C VAL CB 165 6.23 -88.90 -10.43
N ASN CB 166 5.99 -89.98 -11.17
CA ASN CB 166 6.44 -91.31 -10.78
C ASN CB 166 7.97 -91.39 -10.59
N LYS CB 167 8.72 -90.58 -11.34
CA LYS CB 167 10.16 -90.40 -11.11
C LYS CB 167 10.42 -89.58 -9.87
N LEU CB 168 9.64 -88.51 -9.67
CA LEU CB 168 9.79 -87.67 -8.48
C LEU CB 168 9.66 -88.49 -7.21
N ILE CB 169 8.60 -89.28 -7.11
CA ILE CB 169 8.21 -89.92 -5.83
C ILE CB 169 9.37 -90.64 -5.06
N PRO CB 170 10.18 -91.47 -5.73
CA PRO CB 170 11.44 -91.94 -5.13
C PRO CB 170 12.65 -91.17 -5.68
N ASP CB 171 12.67 -89.85 -5.45
CA ASP CB 171 13.65 -88.87 -6.02
C ASP CB 171 14.63 -89.42 -7.07
N SER CB 172 14.06 -89.84 -8.20
CA SER CB 172 14.84 -90.38 -9.33
C SER CB 172 15.73 -89.33 -10.00
N ILE CB 173 15.28 -88.08 -9.97
CA ILE CB 173 16.03 -86.95 -10.55
C ILE CB 173 17.22 -86.63 -9.65
N GLY CB 174 16.94 -86.30 -8.38
CA GLY CB 174 17.99 -85.98 -7.40
C GLY CB 174 19.04 -87.05 -7.25
N LYS CB 175 18.60 -88.28 -6.97
CA LYS CB 175 19.48 -89.44 -6.83
C LYS CB 175 20.54 -89.50 -7.92
N ASP CB 176 20.10 -89.35 -9.17
CA ASP CB 176 20.99 -89.49 -10.32
C ASP CB 176 21.90 -88.25 -10.53
N ILE CB 177 21.49 -87.07 -10.04
CA ILE CB 177 22.40 -85.90 -10.03
C ILE CB 177 23.61 -86.21 -9.14
N GLU CB 178 23.32 -86.61 -7.90
CA GLU CB 178 24.36 -87.01 -6.95
C GLU CB 178 25.45 -87.88 -7.59
N LYS CB 179 25.03 -88.84 -8.40
CA LYS CB 179 25.95 -89.77 -9.09
C LYS CB 179 26.79 -89.09 -10.17
N ALA CB 180 26.16 -88.22 -10.96
CA ALA CB 180 26.82 -87.51 -12.06
C ALA CB 180 27.78 -86.45 -11.57
N CYS CB 181 27.41 -85.76 -10.51
CA CYS CB 181 28.24 -84.70 -9.92
C CYS CB 181 29.07 -85.13 -8.72
N GLN CB 182 29.15 -86.44 -8.46
CA GLN CB 182 30.08 -86.98 -7.46
C GLN CB 182 31.56 -86.64 -7.71
N PRO CB 183 32.00 -86.60 -9.00
CA PRO CB 183 33.37 -86.12 -9.23
C PRO CB 183 33.60 -84.74 -8.66
N ILE CB 184 32.75 -83.80 -9.00
CA ILE CB 184 33.09 -82.40 -8.87
C ILE CB 184 33.14 -81.92 -7.38
N TYR CB 185 31.99 -81.57 -6.75
CA TYR CB 185 31.86 -81.65 -5.26
C TYR CB 185 30.93 -82.85 -4.95
N PRO CB 186 31.40 -83.86 -4.19
CA PRO CB 186 30.55 -85.04 -3.91
C PRO CB 186 29.03 -84.86 -3.62
N LEU CB 187 28.65 -83.77 -2.95
CA LEU CB 187 27.24 -83.38 -2.80
C LEU CB 187 26.38 -84.43 -2.10
N HIS CB 188 26.21 -84.36 -0.78
CA HIS CB 188 25.23 -85.26 -0.15
C HIS CB 188 23.77 -84.94 -0.43
N ASP CB 189 23.28 -83.80 0.03
CA ASP CB 189 21.86 -83.68 0.35
C ASP CB 189 21.02 -83.29 -0.87
N VAL CB 190 21.27 -83.91 -2.02
CA VAL CB 190 20.69 -83.44 -3.27
C VAL CB 190 19.19 -83.74 -3.30
N PHE CB 191 18.42 -82.85 -3.94
CA PHE CB 191 16.98 -83.02 -4.13
C PHE CB 191 16.52 -82.16 -5.30
N VAL CB 192 15.23 -82.21 -5.60
CA VAL CB 192 14.53 -81.05 -6.17
C VAL CB 192 13.63 -80.57 -5.06
N ARG CB 193 13.74 -79.29 -4.74
CA ARG CB 193 13.04 -78.72 -3.60
C ARG CB 193 11.61 -78.27 -3.91
N LYS CB 194 11.31 -78.08 -5.18
CA LYS CB 194 10.06 -77.51 -5.58
C LYS CB 194 9.80 -77.93 -7.00
N VAL CB 195 8.52 -77.93 -7.36
CA VAL CB 195 8.09 -78.03 -8.75
C VAL CB 195 6.91 -77.08 -8.85
N LYS CB 196 6.78 -76.41 -9.99
CA LYS CB 196 5.80 -75.35 -10.13
C LYS CB 196 5.21 -75.37 -11.52
N MET CB 197 3.90 -75.20 -11.60
CA MET CB 197 3.16 -75.36 -12.85
C MET CB 197 2.87 -74.01 -13.46
N LEU CB 198 3.16 -73.87 -14.74
CA LEU CB 198 3.09 -72.58 -15.42
C LEU CB 198 1.97 -72.54 -16.44
N LYS CB 199 1.98 -73.53 -17.33
CA LYS CB 199 0.93 -73.71 -18.32
C LYS CB 199 0.27 -75.03 -18.10
N LYS CB 200 -0.86 -75.20 -18.79
CA LYS CB 200 -1.58 -76.47 -18.87
C LYS CB 200 -2.21 -76.65 -20.25
N PRO CB 201 -2.53 -77.89 -20.62
CA PRO CB 201 -3.32 -78.06 -21.82
C PRO CB 201 -4.78 -77.75 -21.52
N LYS CB 202 -5.50 -77.26 -22.51
CA LYS CB 202 -6.88 -76.79 -22.32
C LYS CB 202 -7.81 -77.95 -22.05
N PHE CB 203 -7.92 -78.29 -20.77
CA PHE CB 203 -8.73 -79.39 -20.23
C PHE CB 203 -9.17 -80.59 -21.11
N GLU CB 204 -8.69 -81.78 -20.74
CA GLU CB 204 -9.18 -83.04 -21.29
C GLU CB 204 -9.70 -83.89 -20.12
N LEU CB 205 -10.93 -84.39 -20.22
CA LEU CB 205 -11.39 -85.47 -19.32
C LEU CB 205 -10.70 -86.78 -19.67
N GLY CB 206 -10.53 -87.03 -20.96
CA GLY CB 206 -9.88 -88.23 -21.47
C GLY CB 206 -8.54 -88.48 -20.81
N LYS CB 207 -7.68 -87.46 -20.84
CA LYS CB 207 -6.37 -87.52 -20.18
C LYS CB 207 -6.51 -87.65 -18.66
N LEU CB 208 -7.52 -86.98 -18.10
CA LEU CB 208 -7.79 -87.05 -16.65
C LEU CB 208 -8.26 -88.44 -16.18
N MET CB 209 -9.15 -89.05 -16.96
CA MET CB 209 -9.70 -90.36 -16.64
C MET CB 209 -8.80 -91.52 -17.10
N GLU CB 210 -7.95 -91.28 -18.11
CA GLU CB 210 -6.79 -92.15 -18.40
C GLU CB 210 -5.79 -92.09 -17.24
N LEU CB 211 -5.71 -90.93 -16.59
CA LEU CB 211 -4.90 -90.74 -15.40
C LEU CB 211 -5.48 -91.37 -14.13
N HIS CB 212 -6.81 -91.45 -13.99
CA HIS CB 212 -7.45 -92.16 -12.83
C HIS CB 212 -7.78 -93.64 -13.09
N GLY CB 213 -8.40 -93.96 -14.22
CA GLY CB 213 -8.67 -95.35 -14.60
C GLY CB 213 -9.77 -96.01 -13.80
N GLU DB 1 76.02 -57.60 64.70
CA GLU DB 1 76.66 -58.91 64.32
C GLU DB 1 75.92 -59.56 63.14
N TRP DB 2 76.66 -60.25 62.26
CA TRP DB 2 76.04 -60.99 61.14
C TRP DB 2 75.24 -62.20 61.63
N MET DB 3 74.40 -62.69 60.73
CA MET DB 3 74.17 -64.11 60.60
C MET DB 3 73.99 -64.40 59.12
N PRO DB 4 75.11 -64.49 58.37
CA PRO DB 4 74.94 -64.52 56.92
C PRO DB 4 74.25 -65.80 56.51
N VAL DB 5 73.06 -65.68 55.97
CA VAL DB 5 72.29 -66.84 55.56
C VAL DB 5 72.67 -67.30 54.14
N THR DB 6 72.93 -66.34 53.26
CA THR DB 6 73.40 -66.62 51.91
C THR DB 6 74.84 -67.12 51.94
N LYS DB 7 75.16 -68.07 51.07
CA LYS DB 7 76.51 -68.64 51.02
C LYS DB 7 77.50 -67.59 50.61
N LEU DB 8 77.12 -66.81 49.60
CA LEU DB 8 77.93 -65.69 49.18
C LEU DB 8 78.15 -64.79 50.39
N GLY DB 9 77.13 -64.67 51.24
CA GLY DB 9 77.24 -63.99 52.52
C GLY DB 9 78.27 -64.59 53.46
N ARG DB 10 78.19 -65.90 53.68
CA ARG DB 10 79.15 -66.60 54.54
C ARG DB 10 80.58 -66.38 54.08
N LEU DB 11 80.85 -66.63 52.81
CA LEU DB 11 82.19 -66.45 52.27
C LEU DB 11 82.76 -65.06 52.52
N VAL DB 12 81.92 -64.03 52.52
CA VAL DB 12 82.43 -62.67 52.69
C VAL DB 12 83.03 -62.45 54.09
N LYS DB 13 82.30 -62.83 55.14
CA LYS DB 13 82.73 -62.49 56.51
C LYS DB 13 83.93 -63.26 57.09
N ASP DB 14 84.41 -64.31 56.40
CA ASP DB 14 85.58 -65.09 56.88
C ASP DB 14 86.83 -64.81 56.03
N MET DB 15 86.99 -63.55 55.59
CA MET DB 15 88.12 -63.12 54.76
C MET DB 15 88.42 -64.14 53.65
N LYS DB 16 87.35 -64.61 53.02
CA LYS DB 16 87.42 -65.71 52.08
C LYS DB 16 87.46 -65.14 50.65
N ILE DB 17 86.57 -64.21 50.35
CA ILE DB 17 86.62 -63.47 49.09
C ILE DB 17 87.33 -62.13 49.32
N LYS DB 18 88.30 -61.84 48.46
CA LYS DB 18 89.28 -60.79 48.73
C LYS DB 18 88.80 -59.40 48.31
N SER DB 19 88.18 -59.29 47.13
CA SER DB 19 87.65 -58.01 46.62
C SER DB 19 86.39 -58.27 45.81
N LEU DB 20 85.38 -57.40 45.91
CA LEU DB 20 84.07 -57.66 45.27
C LEU DB 20 84.12 -57.77 43.77
N GLU DB 21 85.20 -57.30 43.17
CA GLU DB 21 85.52 -57.61 41.79
C GLU DB 21 85.40 -59.12 41.51
N GLU DB 22 85.70 -59.94 42.53
CA GLU DB 22 85.54 -61.40 42.47
C GLU DB 22 84.07 -61.85 42.47
N ILE DB 23 83.15 -61.02 42.96
CA ILE DB 23 81.70 -61.25 42.85
C ILE DB 23 81.16 -60.81 41.49
N TYR DB 24 81.32 -59.51 41.20
CA TYR DB 24 80.90 -58.91 39.93
C TYR DB 24 81.36 -59.75 38.74
N LEU DB 25 82.61 -60.21 38.81
CA LEU DB 25 83.15 -61.06 37.79
C LEU DB 25 82.14 -62.14 37.43
N PHE DB 26 81.60 -62.87 38.42
CA PHE DB 26 80.68 -64.01 38.14
C PHE DB 26 79.19 -63.67 38.16
N SER DB 27 78.89 -62.38 38.33
CA SER DB 27 77.54 -61.85 38.11
C SER DB 27 76.56 -62.32 39.18
N LEU DB 28 77.06 -62.44 40.40
CA LEU DB 28 76.31 -63.03 41.50
C LEU DB 28 75.45 -62.00 42.23
N PRO DB 29 74.22 -62.39 42.58
CA PRO DB 29 73.36 -61.45 43.28
C PRO DB 29 73.80 -61.24 44.70
N ILE DB 30 74.23 -60.02 45.00
CA ILE DB 30 74.36 -59.59 46.37
C ILE DB 30 72.92 -59.51 46.92
N LYS DB 31 72.71 -60.05 48.12
CA LYS DB 31 71.41 -59.96 48.80
C LYS DB 31 71.50 -59.69 50.29
N GLU DB 32 72.59 -59.08 50.73
CA GLU DB 32 72.74 -58.68 52.11
C GLU DB 32 73.56 -57.43 52.11
N SER DB 33 72.92 -56.32 52.44
CA SER DB 33 73.57 -55.00 52.44
C SER DB 33 74.83 -54.92 53.27
N GLU DB 34 74.93 -55.81 54.24
CA GLU DB 34 76.07 -55.83 55.10
C GLU DB 34 77.31 -56.27 54.30
N ILE DB 35 77.13 -57.12 53.26
CA ILE DB 35 78.24 -57.53 52.39
C ILE DB 35 79.03 -56.33 51.95
N ILE DB 36 78.33 -55.43 51.26
CA ILE DB 36 78.96 -54.22 50.76
C ILE DB 36 79.49 -53.34 51.92
N ASP DB 37 78.88 -53.46 53.08
CA ASP DB 37 79.40 -52.87 54.31
C ASP DB 37 80.72 -53.53 54.78
N PHE DB 38 80.94 -54.85 54.55
CA PHE DB 38 82.31 -55.40 54.80
C PHE DB 38 83.24 -54.61 53.95
N PHE DB 39 82.89 -54.70 52.71
CA PHE DB 39 83.81 -54.74 51.65
C PHE DB 39 84.13 -53.31 51.19
N LEU DB 40 83.25 -52.36 51.54
CA LEU DB 40 83.55 -50.92 51.54
C LEU DB 40 83.18 -50.31 52.89
N GLY DB 41 83.98 -50.65 53.88
CA GLY DB 41 83.96 -49.99 55.19
C GLY DB 41 84.56 -48.61 55.05
N ALA DB 42 83.96 -47.64 55.75
CA ALA DB 42 84.18 -46.22 55.45
C ALA DB 42 83.88 -46.01 53.97
N SER DB 43 84.38 -44.92 53.40
CA SER DB 43 84.09 -44.61 52.01
C SER DB 43 82.57 -44.42 51.89
N LEU DB 44 82.01 -44.66 50.70
CA LEU DB 44 80.63 -45.07 50.57
C LEU DB 44 79.68 -44.10 51.27
N LYS DB 45 79.81 -42.83 50.91
CA LYS DB 45 79.08 -41.74 51.56
C LYS DB 45 77.74 -41.53 50.86
N ASP DB 46 76.67 -41.34 51.66
CA ASP DB 46 75.32 -41.49 51.15
C ASP DB 46 74.39 -40.32 51.16
N GLU DB 47 74.09 -39.87 49.94
CA GLU DB 47 73.39 -38.63 49.68
C GLU DB 47 71.96 -38.98 49.28
N VAL DB 48 71.02 -38.38 49.97
CA VAL DB 48 69.62 -38.45 49.60
C VAL DB 48 69.43 -37.54 48.39
N LEU DB 49 68.56 -37.95 47.49
CA LEU DB 49 68.22 -37.14 46.32
C LEU DB 49 66.88 -36.42 46.51
N LYS DB 50 65.84 -37.16 46.88
CA LYS DB 50 64.52 -36.56 47.02
C LYS DB 50 63.58 -37.39 47.86
N ILE DB 51 62.69 -36.68 48.54
CA ILE DB 51 61.69 -37.27 49.37
C ILE DB 51 60.37 -36.85 48.75
N MET DB 52 59.91 -37.56 47.71
CA MET DB 52 58.67 -37.17 47.02
C MET DB 52 57.47 -37.96 47.55
N PRO DB 53 56.46 -37.25 48.07
CA PRO DB 53 55.31 -37.91 48.63
C PRO DB 53 54.30 -38.35 47.59
N VAL DB 54 54.27 -39.65 47.33
CA VAL DB 54 53.16 -40.25 46.58
C VAL DB 54 51.97 -40.40 47.51
N GLN DB 55 50.80 -40.66 46.94
CA GLN DB 55 49.63 -40.87 47.76
C GLN DB 55 48.45 -41.44 47.04
N LYS DB 56 47.95 -42.58 47.52
CA LYS DB 56 46.81 -43.28 46.91
C LYS DB 56 45.51 -43.10 47.67
N GLN DB 57 44.43 -43.19 46.91
CA GLN DB 57 43.15 -42.58 47.25
C GLN DB 57 42.22 -43.72 47.62
N THR DB 58 41.36 -43.45 48.59
CA THR DB 58 40.59 -44.47 49.27
C THR DB 58 39.35 -43.86 49.89
N ARG DB 59 38.44 -44.71 50.37
CA ARG DB 59 37.10 -44.25 50.75
C ARG DB 59 37.16 -43.06 51.72
N ALA DB 60 38.19 -43.05 52.56
CA ALA DB 60 38.38 -42.00 53.53
C ALA DB 60 39.75 -41.39 53.36
N GLY DB 61 39.79 -40.23 52.70
CA GLY DB 61 41.04 -39.49 52.50
C GLY DB 61 42.02 -40.18 51.57
N GLN DB 62 43.30 -39.85 51.71
CA GLN DB 62 44.36 -40.45 50.91
C GLN DB 62 45.46 -41.04 51.79
N ARG DB 63 45.68 -42.33 51.63
CA ARG DB 63 46.95 -42.98 52.02
C ARG DB 63 48.03 -42.07 51.47
N THR DB 64 48.90 -41.54 52.33
CA THR DB 64 50.11 -40.83 51.85
C THR DB 64 51.34 -41.51 52.36
N ARG DB 65 52.22 -41.81 51.45
CA ARG DB 65 53.41 -42.58 51.76
C ARG DB 65 54.54 -42.05 50.93
N PHE DB 66 55.71 -42.06 51.54
CA PHE DB 66 56.84 -41.33 51.04
C PHE DB 66 57.70 -42.23 50.19
N LYS DB 67 58.42 -41.61 49.28
CA LYS DB 67 59.33 -42.30 48.40
C LYS DB 67 60.65 -41.60 48.56
N ALA DB 68 61.64 -42.33 49.06
CA ALA DB 68 62.99 -41.82 49.14
C ALA DB 68 63.84 -42.50 48.08
N PHE DB 69 64.64 -41.66 47.42
CA PHE DB 69 65.74 -42.07 46.61
C PHE DB 69 67.00 -41.78 47.35
N VAL DB 70 67.97 -42.68 47.24
CA VAL DB 70 69.29 -42.42 47.78
C VAL DB 70 70.30 -42.87 46.78
N ALA DB 71 71.34 -42.05 46.63
CA ALA DB 71 72.53 -42.38 45.88
C ALA DB 71 73.67 -42.70 46.84
N ILE DB 72 74.53 -43.60 46.38
CA ILE DB 72 75.61 -44.14 47.18
C ILE DB 72 76.80 -44.26 46.26
N GLY DB 73 77.99 -43.95 46.78
CA GLY DB 73 79.20 -44.19 46.03
C GLY DB 73 80.43 -43.84 46.82
N ASP DB 74 81.57 -44.31 46.34
CA ASP DB 74 82.82 -44.09 47.04
C ASP DB 74 83.80 -43.22 46.28
N TYR DB 75 83.29 -42.29 45.48
CA TYR DB 75 84.17 -41.41 44.71
C TYR DB 75 85.33 -42.18 44.06
N ASN DB 76 85.10 -43.46 43.75
CA ASN DB 76 86.14 -44.37 43.33
C ASN DB 76 85.53 -45.69 42.87
N GLY DB 77 84.93 -45.67 41.70
CA GLY DB 77 84.53 -46.89 41.02
C GLY DB 77 83.08 -47.32 41.23
N HIS DB 78 82.64 -47.40 42.48
CA HIS DB 78 81.35 -48.03 42.79
C HIS DB 78 80.33 -47.00 43.16
N VAL DB 79 79.10 -47.19 42.65
CA VAL DB 79 77.98 -46.31 42.94
C VAL DB 79 76.72 -47.10 42.84
N GLY DB 80 75.68 -46.58 43.48
CA GLY DB 80 74.38 -47.24 43.55
C GLY DB 80 73.25 -46.26 43.71
N LEU DB 81 72.05 -46.76 43.44
CA LEU DB 81 70.85 -45.97 43.54
C LEU DB 81 69.83 -46.85 44.22
N GLY DB 82 69.19 -46.29 45.24
CA GLY DB 82 68.18 -47.02 46.00
C GLY DB 82 66.90 -46.24 46.07
N VAL DB 83 65.78 -46.86 45.69
CA VAL DB 83 64.46 -46.23 45.76
C VAL DB 83 63.52 -47.06 46.61
N LYS DB 84 63.16 -46.53 47.77
CA LYS DB 84 62.30 -47.23 48.72
C LYS DB 84 61.15 -46.31 49.06
N CYS DB 85 59.96 -46.89 49.04
CA CYS DB 85 58.75 -46.21 49.41
C CYS DB 85 58.30 -46.76 50.76
N SER DB 86 57.85 -45.89 51.65
CA SER DB 86 57.33 -46.34 52.94
C SER DB 86 56.35 -45.35 53.54
N LYS DB 87 55.79 -45.68 54.69
CA LYS DB 87 54.85 -44.80 55.42
C LYS DB 87 55.49 -43.59 56.05
N GLU DB 88 56.79 -43.67 56.26
CA GLU DB 88 57.49 -42.67 57.03
C GLU DB 88 58.83 -42.36 56.38
N VAL DB 89 59.22 -41.10 56.49
CA VAL DB 89 60.44 -40.58 55.87
C VAL DB 89 61.71 -41.31 56.31
N ALA DB 90 61.87 -41.49 57.63
CA ALA DB 90 63.09 -42.11 58.18
C ALA DB 90 63.20 -43.59 57.88
N THR DB 91 62.06 -44.24 57.64
CA THR DB 91 62.01 -45.64 57.32
C THR DB 91 62.42 -45.75 55.89
N ALA DB 92 61.76 -44.98 55.04
CA ALA DB 92 62.09 -44.94 53.64
C ALA DB 92 63.60 -44.77 53.46
N ILE DB 93 64.14 -43.65 53.92
CA ILE DB 93 65.55 -43.34 53.72
C ILE DB 93 66.43 -44.50 54.19
N ARG DB 94 66.28 -44.86 55.45
CA ARG DB 94 67.08 -45.90 56.08
C ARG DB 94 67.06 -47.17 55.21
N GLY DB 95 65.85 -47.58 54.83
CA GLY DB 95 65.64 -48.78 54.00
C GLY DB 95 65.82 -48.62 52.50
N ALA DB 96 66.09 -47.41 52.01
CA ALA DB 96 66.51 -47.18 50.62
C ALA DB 96 68.01 -47.30 50.53
N ILE DB 97 68.71 -46.78 51.54
CA ILE DB 97 70.13 -46.96 51.61
C ILE DB 97 70.42 -48.45 51.50
N ILE DB 98 69.65 -49.28 52.21
CA ILE DB 98 69.84 -50.73 52.15
C ILE DB 98 69.75 -51.31 50.72
N LEU DB 99 68.90 -50.75 49.88
CA LEU DB 99 68.82 -51.15 48.47
C LEU DB 99 69.96 -50.58 47.65
N ALA DB 100 70.21 -49.28 47.79
CA ALA DB 100 71.28 -48.64 47.06
C ALA DB 100 72.54 -49.44 47.28
N LYS DB 101 72.85 -49.68 48.55
CA LYS DB 101 73.95 -50.55 48.98
C LYS DB 101 74.02 -51.84 48.16
N LEU DB 102 72.88 -52.52 48.04
CA LEU DB 102 72.77 -53.75 47.24
C LEU DB 102 73.08 -53.54 45.78
N SER DB 103 72.36 -52.58 45.19
CA SER DB 103 72.44 -52.32 43.76
C SER DB 103 73.53 -51.31 43.43
N ILE DB 104 74.73 -51.49 43.98
CA ILE DB 104 75.89 -50.74 43.53
C ILE DB 104 76.53 -51.54 42.44
N VAL DB 105 77.11 -50.86 41.46
CA VAL DB 105 77.91 -51.52 40.43
C VAL DB 105 79.22 -50.77 40.28
N PRO DB 106 80.20 -51.40 39.59
CA PRO DB 106 81.42 -50.70 39.24
C PRO DB 106 81.19 -49.94 37.96
N VAL DB 107 81.88 -48.81 37.83
CA VAL DB 107 81.89 -48.10 36.58
C VAL DB 107 83.29 -48.20 36.01
N ARG DB 108 83.34 -48.60 34.75
CA ARG DB 108 84.56 -48.62 34.01
C ARG DB 108 84.77 -47.19 33.67
N ARG DB 109 85.95 -46.67 33.95
CA ARG DB 109 86.30 -45.36 33.44
C ARG DB 109 87.47 -45.52 32.51
N GLY DB 110 87.46 -44.70 31.47
CA GLY DB 110 88.54 -44.60 30.52
C GLY DB 110 89.14 -43.21 30.49
N TYR DB 111 89.43 -42.76 29.27
CA TYR DB 111 90.54 -41.88 28.98
C TYR DB 111 90.23 -40.92 27.84
N TRP DB 112 90.72 -39.65 27.90
CA TRP DB 112 90.19 -38.63 26.98
C TRP DB 112 90.61 -39.12 25.62
N GLY DB 113 91.92 -39.19 25.43
CA GLY DB 113 92.53 -39.51 24.16
C GLY DB 113 94.00 -39.81 24.35
N ASN DB 114 94.76 -38.85 24.88
CA ASN DB 114 96.13 -39.16 25.28
C ASN DB 114 96.10 -40.08 26.49
N LYS DB 115 96.87 -41.16 26.38
CA LYS DB 115 96.74 -42.31 27.23
C LYS DB 115 97.80 -42.27 28.36
N ILE DB 116 97.52 -41.45 29.37
CA ILE DB 116 98.51 -41.06 30.39
C ILE DB 116 97.85 -40.90 31.76
N GLY DB 117 98.56 -41.31 32.82
CA GLY DB 117 98.13 -41.04 34.21
C GLY DB 117 97.05 -41.99 34.75
N LYS DB 118 95.95 -41.41 35.25
CA LYS DB 118 94.81 -42.17 35.81
C LYS DB 118 93.48 -41.82 35.14
N PRO DB 119 92.52 -42.77 35.10
CA PRO DB 119 91.23 -42.64 34.37
C PRO DB 119 90.16 -41.69 34.96
N HIS DB 120 89.86 -40.65 34.19
CA HIS DB 120 89.14 -39.45 34.67
C HIS DB 120 87.76 -39.37 34.07
N THR DB 121 87.44 -40.23 33.11
CA THR DB 121 86.15 -40.15 32.43
C THR DB 121 85.70 -41.48 31.87
N VAL DB 122 84.68 -41.42 31.04
CA VAL DB 122 83.93 -42.56 30.61
C VAL DB 122 84.62 -43.09 29.36
N PRO DB 123 84.59 -44.43 29.12
CA PRO DB 123 85.33 -44.95 27.95
C PRO DB 123 84.73 -44.51 26.64
N CYS DB 124 83.44 -44.79 26.49
CA CYS DB 124 82.67 -44.52 25.31
C CYS DB 124 81.63 -43.51 25.63
N LYS DB 125 80.85 -43.15 24.63
CA LYS DB 125 79.65 -42.40 24.87
C LYS DB 125 78.54 -43.40 25.01
N VAL DB 126 78.38 -43.81 26.27
CA VAL DB 126 77.25 -44.58 26.71
C VAL DB 126 76.01 -43.73 26.82
N THR DB 127 74.88 -44.40 26.69
CA THR DB 127 73.58 -43.82 26.99
C THR DB 127 72.89 -44.74 27.97
N GLY DB 128 71.95 -44.18 28.73
CA GLY DB 128 71.03 -44.96 29.57
C GLY DB 128 69.70 -44.24 29.63
N ARG DB 129 68.60 -44.99 29.64
CA ARG DB 129 67.26 -44.39 29.52
C ARG DB 129 66.17 -45.09 30.31
N CYS DB 130 65.40 -44.29 31.04
CA CYS DB 130 64.32 -44.77 31.90
C CYS DB 130 63.03 -44.05 31.57
N GLY DB 131 62.16 -44.74 30.82
CA GLY DB 131 60.79 -44.29 30.51
C GLY DB 131 60.66 -42.84 30.07
N SER DB 132 60.82 -42.63 28.76
CA SER DB 132 61.06 -41.31 28.19
C SER DB 132 62.52 -40.94 28.39
N VAL DB 133 62.86 -40.44 29.58
CA VAL DB 133 64.12 -39.74 29.83
C VAL DB 133 65.33 -40.53 29.38
N LEU DB 134 66.33 -39.82 28.85
CA LEU DB 134 67.57 -40.43 28.43
C LEU DB 134 68.76 -39.52 28.55
N VAL DB 135 69.86 -40.13 28.98
CA VAL DB 135 71.06 -39.44 29.37
C VAL DB 135 72.20 -40.08 28.63
N ARG DB 136 73.02 -39.24 28.01
CA ARG DB 136 74.17 -39.68 27.26
C ARG DB 136 75.37 -39.18 28.00
N LEU DB 137 76.38 -40.02 28.16
CA LEU DB 137 77.62 -39.61 28.82
C LEU DB 137 78.79 -39.57 27.84
N ILE DB 138 79.25 -38.36 27.52
CA ILE DB 138 80.33 -38.15 26.58
C ILE DB 138 81.66 -38.08 27.34
N PRO DB 139 82.70 -38.76 26.84
CA PRO DB 139 84.06 -38.59 27.32
C PRO DB 139 84.49 -37.14 27.38
N ALA DB 140 85.59 -36.89 28.11
CA ALA DB 140 85.91 -35.56 28.64
C ALA DB 140 87.38 -35.23 29.01
N PRO DB 141 88.04 -34.20 28.37
CA PRO DB 141 89.44 -34.04 28.75
C PRO DB 141 89.63 -33.34 30.07
N ARG DB 142 90.69 -33.72 30.75
CA ARG DB 142 90.84 -33.39 32.16
C ARG DB 142 90.64 -31.93 32.47
N GLY DB 143 90.23 -31.69 33.70
CA GLY DB 143 89.97 -30.35 34.17
C GLY DB 143 88.54 -29.91 33.95
N THR DB 144 87.87 -30.48 32.94
CA THR DB 144 86.52 -30.01 32.61
C THR DB 144 85.48 -30.23 33.70
N GLY DB 145 85.70 -31.18 34.61
CA GLY DB 145 84.73 -31.45 35.68
C GLY DB 145 83.52 -32.12 35.07
N ILE DB 146 82.41 -32.16 35.79
CA ILE DB 146 81.17 -32.69 35.23
C ILE DB 146 80.35 -31.53 34.69
N VAL DB 147 79.73 -31.79 33.55
CA VAL DB 147 78.97 -30.79 32.84
C VAL DB 147 77.59 -31.38 32.61
N SER DB 148 76.76 -31.26 33.66
CA SER DB 148 75.38 -31.73 33.60
C SER DB 148 74.51 -30.99 34.60
N ALA DB 149 73.24 -31.37 34.58
CA ALA DB 149 72.29 -31.05 35.64
C ALA DB 149 72.82 -31.48 37.04
N PRO DB 150 72.21 -30.96 38.12
CA PRO DB 150 72.59 -31.34 39.49
C PRO DB 150 72.59 -32.82 39.77
N VAL DB 151 71.54 -33.49 39.32
CA VAL DB 151 71.26 -34.85 39.74
C VAL DB 151 72.18 -35.90 39.16
N PRO DB 152 72.41 -35.86 37.85
CA PRO DB 152 73.43 -36.75 37.32
C PRO DB 152 74.84 -36.38 37.81
N LYS DB 153 75.10 -35.10 38.04
CA LYS DB 153 76.36 -34.70 38.66
C LYS DB 153 76.54 -35.39 40.03
N LYS DB 154 75.49 -35.43 40.83
CA LYS DB 154 75.58 -36.07 42.16
C LYS DB 154 75.73 -37.60 42.11
N LEU DB 155 75.40 -38.24 41.00
CA LEU DB 155 75.71 -39.68 40.79
C LEU DB 155 77.06 -39.92 40.14
N LEU DB 156 77.43 -39.05 39.20
CA LEU DB 156 78.71 -39.17 38.53
C LEU DB 156 79.88 -38.76 39.44
N MET DB 157 79.71 -37.71 40.23
CA MET DB 157 80.73 -37.31 41.19
C MET DB 157 81.02 -38.49 42.11
N MET DB 158 79.96 -39.20 42.49
CA MET DB 158 80.10 -40.38 43.33
C MET DB 158 80.82 -41.54 42.69
N ALA DB 159 80.55 -41.79 41.41
CA ALA DB 159 81.16 -42.92 40.71
C ALA DB 159 82.67 -42.81 40.60
N GLY DB 160 83.20 -41.60 40.74
CA GLY DB 160 84.62 -41.31 40.51
C GLY DB 160 84.89 -41.10 39.03
N ILE DB 161 83.86 -40.60 38.35
CA ILE DB 161 84.04 -39.92 37.11
C ILE DB 161 84.48 -38.54 37.55
N ASP DB 162 85.56 -38.05 36.98
CA ASP DB 162 86.02 -36.69 37.26
C ASP DB 162 85.50 -35.70 36.19
N ASP DB 163 85.39 -36.16 34.93
CA ASP DB 163 85.01 -35.30 33.80
C ASP DB 163 83.93 -35.95 32.96
N CYS DB 164 82.90 -35.19 32.57
CA CYS DB 164 81.90 -35.70 31.59
C CYS DB 164 80.95 -34.60 31.09
N TYR DB 165 80.71 -34.52 29.76
CA TYR DB 165 79.66 -33.63 29.21
C TYR DB 165 78.57 -34.61 28.91
N THR DB 166 77.35 -34.21 29.25
CA THR DB 166 76.18 -35.03 29.05
C THR DB 166 75.22 -34.37 28.13
N SER DB 167 74.25 -35.17 27.71
CA SER DB 167 73.20 -34.72 26.82
C SER DB 167 71.99 -35.52 27.23
N ALA DB 168 70.99 -34.83 27.74
CA ALA DB 168 69.86 -35.50 28.32
C ALA DB 168 68.60 -34.87 27.85
N ARG DB 169 67.54 -35.66 27.75
CA ARG DB 169 66.22 -35.13 27.49
C ARG DB 169 65.11 -36.11 27.79
N GLY DB 170 63.87 -35.64 27.66
CA GLY DB 170 62.66 -36.39 28.01
C GLY DB 170 61.87 -35.50 28.92
N CYS DB 171 61.47 -36.02 30.08
CA CYS DB 171 60.96 -35.20 31.18
C CYS DB 171 61.93 -35.23 32.36
N THR DB 172 63.02 -34.50 32.16
CA THR DB 172 64.13 -34.39 33.10
C THR DB 172 63.72 -33.92 34.51
N ALA DB 173 62.57 -33.26 34.65
CA ALA DB 173 62.02 -32.92 35.98
C ALA DB 173 61.83 -34.14 36.85
N THR DB 174 61.26 -35.19 36.28
CA THR DB 174 60.84 -36.36 37.06
C THR DB 174 62.00 -37.10 37.66
N LEU DB 175 62.45 -36.56 38.79
CA LEU DB 175 63.76 -36.87 39.30
C LEU DB 175 64.09 -38.33 39.30
N GLY DB 176 63.14 -39.16 39.70
CA GLY DB 176 63.39 -40.56 39.81
C GLY DB 176 64.05 -41.11 38.60
N ASN DB 177 63.43 -40.85 37.47
CA ASN DB 177 64.00 -41.27 36.23
C ASN DB 177 64.70 -40.10 35.52
N PHE DB 178 65.12 -39.06 36.27
CA PHE DB 178 66.44 -38.44 35.97
C PHE DB 178 67.55 -39.40 36.48
N ALA DB 179 67.46 -39.78 37.76
CA ALA DB 179 68.47 -40.62 38.40
C ALA DB 179 68.55 -42.07 37.92
N LYS DB 180 67.44 -42.68 37.56
CA LYS DB 180 67.44 -44.09 37.14
C LYS DB 180 67.89 -44.30 35.72
N ALA DB 181 67.67 -43.30 34.86
CA ALA DB 181 68.26 -43.34 33.53
C ALA DB 181 69.80 -43.28 33.64
N THR DB 182 70.28 -42.30 34.41
CA THR DB 182 71.71 -42.21 34.75
C THR DB 182 72.16 -43.11 35.93
N PHE DB 183 71.32 -44.06 36.37
CA PHE DB 183 71.89 -45.32 36.85
C PHE DB 183 72.35 -46.10 35.61
N ASP DB 184 71.44 -46.42 34.70
CA ASP DB 184 71.75 -47.38 33.62
C ASP DB 184 72.76 -46.84 32.64
N ALA DB 185 73.03 -45.53 32.67
CA ALA DB 185 74.17 -44.98 31.97
C ALA DB 185 75.42 -45.58 32.56
N ILE DB 186 75.70 -45.31 33.84
CA ILE DB 186 76.95 -45.77 34.42
C ILE DB 186 77.02 -47.27 34.71
N SER DB 187 75.93 -48.00 34.60
CA SER DB 187 76.02 -49.48 34.55
C SER DB 187 76.66 -49.91 33.26
N LYS DB 188 76.23 -49.28 32.18
CA LYS DB 188 76.59 -49.71 30.85
C LYS DB 188 77.96 -49.22 30.39
N THR DB 189 78.79 -48.71 31.30
CA THR DB 189 80.19 -48.49 30.98
C THR DB 189 80.88 -49.84 30.85
N TYR DB 190 80.66 -50.70 31.83
CA TYR DB 190 81.30 -52.01 31.84
C TYR DB 190 80.71 -52.99 30.86
N SER DB 191 79.54 -52.68 30.31
CA SER DB 191 79.00 -53.42 29.16
C SER DB 191 79.52 -52.93 27.79
N TYR DB 192 80.37 -51.89 27.76
CA TYR DB 192 80.87 -51.42 26.46
C TYR DB 192 82.04 -52.27 25.92
N LEU DB 193 81.81 -52.90 24.77
CA LEU DB 193 82.74 -53.88 24.19
C LEU DB 193 83.79 -53.24 23.27
N THR DB 194 84.95 -52.95 23.84
CA THR DB 194 86.02 -52.25 23.15
C THR DB 194 87.17 -53.21 22.83
N PRO DB 195 87.98 -52.92 21.79
CA PRO DB 195 89.28 -53.56 21.50
C PRO DB 195 90.16 -53.83 22.72
N ASP DB 196 90.42 -52.80 23.50
CA ASP DB 196 90.99 -52.95 24.84
C ASP DB 196 90.58 -54.22 25.63
N LEU DB 197 89.31 -54.62 25.57
CA LEU DB 197 88.84 -55.95 26.06
C LEU DB 197 89.26 -57.04 25.05
N TRP DB 198 88.36 -57.59 24.22
CA TRP DB 198 88.78 -58.28 22.98
C TRP DB 198 89.73 -59.49 23.03
N LYS DB 199 90.30 -59.78 24.20
CA LYS DB 199 91.13 -60.97 24.42
C LYS DB 199 90.22 -62.03 25.01
N GLU DB 200 90.28 -63.23 24.46
CA GLU DB 200 89.53 -64.35 25.02
C GLU DB 200 89.82 -64.47 26.51
N THR DB 201 88.77 -64.71 27.30
CA THR DB 201 88.90 -64.79 28.74
C THR DB 201 89.67 -66.03 29.18
N VAL DB 202 90.63 -65.84 30.09
CA VAL DB 202 91.39 -66.94 30.64
C VAL DB 202 90.44 -67.88 31.38
N PHE DB 203 89.52 -67.29 32.14
CA PHE DB 203 88.57 -68.02 32.98
C PHE DB 203 89.19 -68.49 34.29
N THR DB 204 88.36 -68.47 35.33
CA THR DB 204 88.77 -68.79 36.69
C THR DB 204 87.64 -69.57 37.35
N LYS DB 205 87.94 -70.11 38.52
CA LYS DB 205 87.10 -71.09 39.19
C LYS DB 205 85.66 -70.65 39.47
N SER DB 206 85.50 -69.73 40.43
CA SER DB 206 84.22 -69.28 41.05
C SER DB 206 84.40 -69.33 42.57
N PRO DB 207 83.74 -68.42 43.32
CA PRO DB 207 83.78 -68.50 44.78
C PRO DB 207 83.06 -69.73 45.33
N TYR DB 208 81.88 -70.03 44.79
CA TYR DB 208 81.13 -71.22 45.21
C TYR DB 208 81.96 -72.48 44.97
N GLN DB 209 82.74 -72.49 43.89
CA GLN DB 209 83.47 -73.68 43.44
C GLN DB 209 84.86 -73.90 44.06
N GLU DB 210 85.66 -72.83 44.17
CA GLU DB 210 86.94 -72.91 44.88
C GLU DB 210 86.69 -73.32 46.32
N PHE DB 211 85.87 -72.52 46.99
CA PHE DB 211 85.71 -72.60 48.43
C PHE DB 211 84.54 -73.49 48.84
N THR DB 212 84.04 -74.32 47.92
CA THR DB 212 82.98 -75.30 48.23
C THR DB 212 83.28 -76.19 49.49
N ASP DB 213 84.56 -76.35 49.82
CA ASP DB 213 84.99 -77.00 51.07
C ASP DB 213 84.51 -76.26 52.33
N HIS DB 214 84.65 -74.92 52.33
CA HIS DB 214 84.29 -74.12 53.52
C HIS DB 214 82.80 -73.85 53.66
N LEU DB 215 82.03 -74.04 52.58
CA LEU DB 215 80.59 -73.82 52.62
C LEU DB 215 79.89 -74.99 53.31
N VAL DB 216 80.29 -76.20 52.95
CA VAL DB 216 80.01 -77.38 53.79
C VAL DB 216 80.93 -77.31 55.02
N LYS DB 217 80.57 -76.43 55.96
CA LYS DB 217 81.51 -75.78 56.88
C LYS DB 217 82.25 -76.70 57.87
N THR DB 218 83.50 -76.33 58.16
CA THR DB 218 84.38 -77.04 59.09
C THR DB 218 85.04 -76.05 60.04
N ALA EB 1 82.55 9.41 -4.30
CA ALA EB 1 83.60 10.18 -5.04
C ALA EB 1 83.01 11.13 -6.08
N ARG EB 2 83.78 12.18 -6.37
CA ARG EB 2 83.65 12.93 -7.61
C ARG EB 2 84.97 12.89 -8.32
N GLY EB 3 85.95 13.61 -7.80
CA GLY EB 3 87.25 13.65 -8.43
C GLY EB 3 88.10 12.48 -8.02
N PRO EB 4 89.44 12.66 -8.08
CA PRO EB 4 90.38 11.75 -7.48
C PRO EB 4 90.62 12.10 -6.02
N LYS EB 5 91.02 11.10 -5.25
CA LYS EB 5 91.03 11.13 -3.79
C LYS EB 5 92.43 11.47 -3.29
N LYS EB 6 92.56 12.56 -2.54
CA LYS EB 6 93.85 13.17 -2.23
C LYS EB 6 94.18 13.00 -0.76
N HIS EB 7 94.02 11.78 -0.28
CA HIS EB 7 93.93 11.51 1.14
C HIS EB 7 93.94 9.99 1.44
N LEU EB 8 94.35 9.65 2.65
CA LEU EB 8 94.60 8.26 3.02
C LEU EB 8 94.38 8.11 4.50
N LYS EB 9 93.52 7.19 4.91
CA LYS EB 9 93.32 6.97 6.32
C LYS EB 9 94.38 6.04 6.82
N ARG EB 10 94.94 6.34 8.00
CA ARG EB 10 95.78 5.38 8.73
C ARG EB 10 94.94 4.15 8.90
N VAL EB 11 95.56 2.98 8.94
CA VAL EB 11 94.84 1.70 8.96
C VAL EB 11 94.73 1.24 7.53
N ALA EB 12 94.02 2.00 6.71
CA ALA EB 12 93.89 1.65 5.30
C ALA EB 12 95.27 1.62 4.64
N ALA EB 13 96.06 2.64 4.95
CA ALA EB 13 97.51 2.63 4.80
C ALA EB 13 98.06 1.23 4.82
N PRO EB 14 98.66 0.76 3.71
CA PRO EB 14 99.39 -0.49 3.76
C PRO EB 14 100.28 -0.81 4.95
N LYS EB 15 100.54 -2.10 5.05
CA LYS EB 15 101.09 -2.75 6.22
C LYS EB 15 102.55 -2.33 6.48
N HIS EB 16 103.13 -1.54 5.57
CA HIS EB 16 104.54 -1.26 5.59
C HIS EB 16 104.98 0.08 5.07
N TRP EB 17 104.37 1.14 5.59
CA TRP EB 17 105.14 2.29 6.09
C TRP EB 17 104.90 2.09 7.66
N MET EB 18 104.43 0.88 8.06
CA MET EB 18 104.54 0.23 9.42
C MET EB 18 103.95 1.05 10.54
N LEU EB 19 102.88 1.75 10.20
CA LEU EB 19 102.35 2.80 11.03
C LEU EB 19 101.53 2.22 12.15
N ASP EB 20 101.33 3.01 13.19
CA ASP EB 20 100.59 2.53 14.34
C ASP EB 20 99.21 3.17 14.43
N LYS EB 21 98.29 2.50 15.11
CA LYS EB 21 96.87 2.92 15.20
C LYS EB 21 96.66 4.26 15.88
N LEU EB 22 97.41 4.53 16.95
CA LEU EB 22 97.35 5.82 17.65
C LEU EB 22 98.26 6.82 16.96
N THR EB 23 98.33 8.03 17.49
CA THR EB 23 99.18 9.12 16.98
C THR EB 23 98.51 9.93 15.86
N GLY EB 24 97.62 9.31 15.09
CA GLY EB 24 96.91 10.01 14.03
C GLY EB 24 95.72 9.31 13.43
N VAL EB 25 95.06 10.05 12.56
CA VAL EB 25 93.94 9.58 11.77
C VAL EB 25 94.42 9.21 10.39
N PHE EB 26 95.22 10.10 9.81
CA PHE EB 26 95.64 9.91 8.45
C PHE EB 26 97.05 9.33 8.38
N ALA EB 27 97.31 8.73 7.23
CA ALA EB 27 98.62 8.29 6.82
C ALA EB 27 99.03 9.16 5.63
N PRO EB 28 100.28 9.06 5.18
CA PRO EB 28 100.80 10.18 4.40
C PRO EB 28 100.35 10.28 2.95
N ARG EB 29 99.89 9.19 2.34
CA ARG EB 29 99.59 9.18 0.91
C ARG EB 29 100.74 9.58 0.03
N PRO EB 30 101.37 8.57 -0.56
CA PRO EB 30 102.19 8.80 -1.70
C PRO EB 30 101.57 9.82 -2.61
N SER EB 31 102.27 10.93 -2.83
CA SER EB 31 101.97 11.74 -3.98
C SER EB 31 102.23 10.85 -5.18
N THR EB 32 101.52 11.11 -6.27
CA THR EB 32 101.69 10.30 -7.46
C THR EB 32 103.15 10.28 -7.84
N GLY EB 33 103.58 9.21 -8.48
CA GLY EB 33 104.99 9.04 -8.75
C GLY EB 33 105.26 7.99 -9.81
N PRO EB 34 106.49 7.43 -9.81
CA PRO EB 34 106.77 6.29 -10.64
C PRO EB 34 106.23 4.99 -10.05
N HIS EB 35 106.28 4.84 -8.72
CA HIS EB 35 105.86 3.58 -8.08
C HIS EB 35 104.41 3.62 -7.62
N LYS EB 36 103.76 2.46 -7.70
CA LYS EB 36 102.35 2.36 -7.33
C LYS EB 36 102.14 2.51 -5.82
N LEU EB 37 101.26 3.42 -5.43
CA LEU EB 37 100.89 3.71 -4.03
C LEU EB 37 101.03 2.58 -3.02
N ARG EB 38 100.60 1.40 -3.42
CA ARG EB 38 100.58 0.26 -2.55
C ARG EB 38 101.95 -0.38 -2.33
N GLU EB 39 102.94 -0.06 -3.16
CA GLU EB 39 104.30 -0.64 -3.12
C GLU EB 39 105.37 0.42 -2.97
N CYS EB 40 105.19 1.28 -1.97
CA CYS EB 40 105.96 2.50 -1.80
C CYS EB 40 106.75 2.56 -0.54
N LEU EB 41 107.52 3.63 -0.46
CA LEU EB 41 107.87 4.28 0.77
C LEU EB 41 107.91 5.78 0.52
N PRO EB 42 106.86 6.51 0.94
CA PRO EB 42 106.97 7.95 0.91
C PRO EB 42 108.13 8.33 1.76
N LEU EB 43 109.05 9.06 1.14
CA LEU EB 43 110.23 9.50 1.81
C LEU EB 43 109.96 9.73 3.30
N ILE EB 44 108.93 10.51 3.65
CA ILE EB 44 108.65 10.89 5.05
C ILE EB 44 108.82 9.77 6.08
N ILE EB 45 108.44 8.56 5.71
CA ILE EB 45 108.54 7.44 6.64
C ILE EB 45 109.96 7.02 6.97
N PHE EB 46 110.89 7.07 6.01
CA PHE EB 46 112.30 6.89 6.37
C PHE EB 46 112.62 7.74 7.56
N LEU EB 47 112.41 9.02 7.36
CA LEU EB 47 113.10 10.01 8.14
C LEU EB 47 112.66 9.95 9.59
N ARG EB 48 111.37 10.14 9.83
CA ARG EB 48 110.88 10.09 11.22
C ARG EB 48 110.63 8.68 11.72
N ASN EB 49 110.10 7.80 10.87
CA ASN EB 49 109.66 6.48 11.34
C ASN EB 49 110.67 5.33 11.25
N ARG EB 50 111.58 5.39 10.28
CA ARG EB 50 112.55 4.30 10.06
C ARG EB 50 113.92 4.55 10.69
N LEU EB 51 114.46 5.73 10.44
CA LEU EB 51 115.79 6.11 10.90
C LEU EB 51 115.76 6.83 12.23
N LYS EB 52 114.60 7.37 12.58
CA LYS EB 52 114.46 8.27 13.73
C LYS EB 52 115.37 9.47 13.53
N TYR EB 53 115.45 9.93 12.29
CA TYR EB 53 116.35 11.00 11.86
C TYR EB 53 115.70 12.33 12.22
N ALA EB 54 114.46 12.48 11.80
CA ALA EB 54 113.60 13.54 12.26
C ALA EB 54 112.80 12.99 13.45
N LEU EB 55 111.76 13.71 13.88
CA LEU EB 55 110.77 13.18 14.82
C LEU EB 55 109.35 13.24 14.25
N THR EB 56 108.95 14.44 13.83
CA THR EB 56 107.59 14.75 13.35
C THR EB 56 107.54 14.85 11.82
N GLY EB 57 106.46 15.42 11.28
CA GLY EB 57 106.39 15.77 9.87
C GLY EB 57 107.14 17.05 9.54
N ASP EB 58 107.03 18.06 10.40
CA ASP EB 58 107.71 19.37 10.19
C ASP EB 58 109.22 19.27 10.26
N GLU EB 59 109.71 18.39 11.13
CA GLU EB 59 111.13 18.10 11.19
C GLU EB 59 111.63 17.62 9.82
N VAL EB 60 110.84 16.76 9.17
CA VAL EB 60 111.18 16.25 7.81
C VAL EB 60 111.07 17.32 6.74
N LYS EB 61 110.07 18.19 6.86
CA LYS EB 61 109.93 19.34 5.96
C LYS EB 61 111.23 20.12 5.93
N LYS EB 62 111.74 20.43 7.11
CA LYS EB 62 112.99 21.17 7.26
C LYS EB 62 114.21 20.43 6.73
N ILE EB 63 114.18 19.09 6.75
CA ILE EB 63 115.24 18.30 6.10
C ILE EB 63 115.22 18.50 4.58
N CYS EB 64 114.23 17.93 3.90
CA CYS EB 64 114.27 17.82 2.43
C CYS EB 64 114.37 19.16 1.70
N MET EB 65 113.93 20.26 2.30
CA MET EB 65 114.08 21.60 1.71
C MET EB 65 115.34 22.37 2.14
N GLN EB 66 116.26 21.69 2.82
CA GLN EB 66 117.69 22.08 2.75
C GLN EB 66 118.26 21.52 1.44
N ARG EB 67 117.63 20.45 0.95
CA ARG EB 67 117.93 19.77 -0.32
C ARG EB 67 119.06 18.73 -0.13
N PHE EB 68 119.03 18.02 1.00
CA PHE EB 68 120.01 16.97 1.26
C PHE EB 68 119.62 15.70 0.55
N ILE EB 69 118.35 15.33 0.62
CA ILE EB 69 117.92 14.01 0.15
C ILE EB 69 117.78 13.92 -1.36
N LYS EB 70 118.39 12.89 -1.92
CA LYS EB 70 118.46 12.70 -3.36
C LYS EB 70 117.97 11.30 -3.70
N ILE EB 71 116.73 11.21 -4.18
CA ILE EB 71 116.18 9.92 -4.58
C ILE EB 71 116.59 9.69 -6.03
N ASP EB 72 117.30 8.59 -6.24
CA ASP EB 72 118.20 8.37 -7.39
C ASP EB 72 118.86 9.64 -7.95
N GLY EB 73 119.81 10.16 -7.15
CA GLY EB 73 120.69 11.27 -7.52
C GLY EB 73 120.05 12.44 -8.24
N LYS EB 74 118.85 12.83 -7.82
CA LYS EB 74 118.12 13.94 -8.44
C LYS EB 74 117.32 14.86 -7.51
N VAL EB 75 117.58 14.83 -6.22
CA VAL EB 75 117.03 15.80 -5.24
C VAL EB 75 115.50 15.96 -5.21
N ARG EB 76 114.86 15.57 -4.12
CA ARG EB 76 113.43 15.74 -3.96
C ARG EB 76 113.08 16.59 -2.74
N THR EB 77 112.21 17.58 -2.96
CA THR EB 77 111.64 18.40 -1.89
C THR EB 77 110.25 17.93 -1.44
N ASP EB 78 109.69 16.88 -2.09
CA ASP EB 78 108.39 16.32 -1.69
C ASP EB 78 108.59 15.33 -0.58
N ILE EB 79 108.04 15.64 0.57
CA ILE EB 79 108.07 14.72 1.68
C ILE EB 79 107.38 13.40 1.33
N THR EB 80 106.39 13.45 0.43
CA THR EB 80 105.62 12.27 0.06
C THR EB 80 105.93 11.74 -1.35
N TYR EB 81 107.10 12.07 -1.89
CA TYR EB 81 107.50 11.51 -3.17
C TYR EB 81 107.78 10.01 -2.96
N PRO EB 82 107.05 9.13 -3.67
CA PRO EB 82 107.17 7.68 -3.47
C PRO EB 82 108.45 7.04 -3.99
N ALA EB 83 109.10 6.33 -3.09
CA ALA EB 83 110.14 5.40 -3.43
C ALA EB 83 109.52 3.99 -3.42
N GLY EB 84 110.30 2.96 -3.77
CA GLY EB 84 109.74 1.61 -4.06
C GLY EB 84 110.81 0.61 -4.50
N PHE EB 85 110.45 -0.56 -5.11
CA PHE EB 85 111.55 -1.51 -5.35
C PHE EB 85 112.68 -0.77 -6.15
N MET EB 86 113.93 -0.92 -5.70
CA MET EB 86 115.16 -0.53 -6.43
C MET EB 86 115.36 0.96 -6.57
N ASP EB 87 115.55 1.65 -5.46
CA ASP EB 87 115.82 3.07 -5.53
C ASP EB 87 117.15 3.33 -4.84
N VAL EB 88 117.55 4.58 -4.62
CA VAL EB 88 118.84 4.84 -4.01
C VAL EB 88 118.67 5.59 -2.71
N ILE EB 89 118.30 6.87 -2.79
CA ILE EB 89 118.10 7.69 -1.62
C ILE EB 89 119.46 7.97 -0.98
N SER EB 90 120.18 8.88 -1.62
CA SER EB 90 121.44 9.39 -1.12
C SER EB 90 121.16 10.59 -0.22
N ILE EB 91 121.85 10.64 0.91
CA ILE EB 91 121.73 11.74 1.87
C ILE EB 91 122.83 12.79 1.63
N ASP EB 92 124.01 12.33 1.23
CA ASP EB 92 125.17 13.17 0.82
C ASP EB 92 125.91 13.99 1.90
N LYS EB 93 125.20 14.78 2.70
CA LYS EB 93 125.83 15.35 3.90
C LYS EB 93 125.70 14.32 5.02
N THR EB 94 126.55 13.29 4.92
CA THR EB 94 126.54 12.06 5.75
C THR EB 94 127.25 10.92 5.02
N GLY EB 95 127.02 10.83 3.71
CA GLY EB 95 127.66 9.85 2.84
C GLY EB 95 127.13 8.43 2.99
N GLU EB 96 125.90 8.30 3.49
CA GLU EB 96 125.35 6.97 3.82
C GLU EB 96 124.82 6.28 2.56
N ASN EB 97 123.85 6.92 1.88
CA ASN EB 97 123.15 6.35 0.70
C ASN EB 97 122.65 4.92 0.90
N PHE EB 98 121.34 4.71 0.96
CA PHE EB 98 120.78 3.37 1.21
C PHE EB 98 120.31 2.78 -0.12
N ARG EB 99 119.57 1.67 -0.07
CA ARG EB 99 118.71 1.30 -1.18
C ARG EB 99 117.27 1.60 -0.82
N LEU EB 100 116.61 0.57 -0.25
CA LEU EB 100 115.17 0.21 -0.40
C LEU EB 100 114.97 -1.17 -0.99
N ILE EB 101 115.69 -2.14 -0.41
CA ILE EB 101 115.45 -3.52 -0.70
C ILE EB 101 114.47 -4.00 0.34
N TYR EB 102 113.57 -4.91 -0.01
CA TYR EB 102 112.68 -5.38 1.02
C TYR EB 102 113.33 -6.57 1.74
N ASP EB 103 112.99 -6.68 3.03
CA ASP EB 103 113.40 -7.78 3.88
C ASP EB 103 112.71 -9.06 3.46
N THR EB 104 113.09 -10.15 4.10
CA THR EB 104 112.43 -11.43 3.88
C THR EB 104 110.92 -11.43 4.20
N LYS EB 105 110.48 -10.55 5.10
CA LYS EB 105 109.04 -10.41 5.42
C LYS EB 105 108.28 -9.41 4.52
N GLY EB 106 109.01 -8.68 3.67
CA GLY EB 106 108.38 -7.75 2.73
C GLY EB 106 108.05 -6.43 3.39
N ARG EB 107 109.07 -5.70 3.83
CA ARG EB 107 108.83 -4.45 4.56
C ARG EB 107 110.02 -3.47 4.57
N PHE EB 108 110.58 -3.27 3.40
CA PHE EB 108 111.59 -2.23 3.11
C PHE EB 108 112.64 -1.91 4.17
N ALA EB 109 113.89 -2.23 3.85
CA ALA EB 109 115.00 -2.20 4.80
C ALA EB 109 115.65 -0.82 4.98
N VAL EB 110 116.52 -0.77 5.98
CA VAL EB 110 117.35 0.38 6.28
C VAL EB 110 118.77 -0.06 5.91
N HIS EB 111 118.92 -0.54 4.67
CA HIS EB 111 120.13 -1.27 4.27
C HIS EB 111 121.09 -0.31 3.54
N ARG EB 112 122.17 0.04 4.26
CA ARG EB 112 123.21 0.95 3.79
C ARG EB 112 124.17 0.27 2.81
N ILE EB 113 124.62 1.04 1.82
CA ILE EB 113 125.52 0.55 0.76
C ILE EB 113 126.72 1.50 0.67
N THR EB 114 127.68 1.18 -0.21
CA THR EB 114 128.87 2.01 -0.39
C THR EB 114 128.57 3.39 -1.03
N PRO EB 115 129.60 4.24 -1.19
CA PRO EB 115 129.49 5.36 -2.13
C PRO EB 115 129.44 4.85 -3.57
N GLU EB 116 130.28 3.86 -3.88
CA GLU EB 116 130.09 3.06 -5.08
C GLU EB 116 128.86 2.20 -4.81
N GLU EB 117 128.33 1.55 -5.84
CA GLU EB 117 127.02 0.92 -5.73
C GLU EB 117 125.88 1.97 -5.53
N ALA EB 118 126.15 3.25 -5.79
CA ALA EB 118 125.12 4.30 -5.83
C ALA EB 118 125.10 4.88 -7.22
N LYS EB 119 125.45 4.06 -8.20
CA LYS EB 119 125.58 4.47 -9.58
C LYS EB 119 124.87 3.43 -10.43
N TYR EB 120 125.45 2.22 -10.53
CA TYR EB 120 124.74 1.05 -11.07
C TYR EB 120 123.29 1.22 -10.37
N LYS EB 121 122.18 0.83 -11.01
CA LYS EB 121 120.89 0.50 -10.31
C LYS EB 121 120.10 -0.51 -11.16
N LEU EB 122 119.19 -1.26 -10.55
CA LEU EB 122 118.42 -2.24 -11.34
C LEU EB 122 117.03 -1.77 -11.67
N CYS EB 123 116.47 -2.33 -12.73
CA CYS EB 123 115.11 -2.01 -13.17
C CYS EB 123 114.61 -3.10 -14.07
N LYS EB 124 113.45 -3.65 -13.72
CA LYS EB 124 112.74 -4.59 -14.58
C LYS EB 124 112.10 -3.83 -15.76
N VAL EB 125 111.86 -4.52 -16.87
CA VAL EB 125 111.17 -3.90 -18.03
C VAL EB 125 109.77 -4.42 -18.32
N ARG EB 126 108.88 -3.46 -18.58
CA ARG EB 126 107.46 -3.70 -18.73
C ARG EB 126 107.01 -3.84 -20.18
N LYS EB 127 107.62 -3.07 -21.08
CA LYS EB 127 107.38 -3.29 -22.51
C LYS EB 127 108.45 -2.73 -23.45
N ILE EB 128 108.46 -3.31 -24.65
CA ILE EB 128 109.13 -2.77 -25.80
C ILE EB 128 108.06 -1.98 -26.52
N PHE EB 129 108.47 -0.86 -27.11
CA PHE EB 129 107.55 0.14 -27.65
C PHE EB 129 107.51 0.20 -29.19
N VAL EB 130 108.69 0.39 -29.81
CA VAL EB 130 108.85 0.85 -31.20
C VAL EB 130 108.07 2.14 -31.45
N GLY EB 131 108.70 3.25 -31.03
CA GLY EB 131 108.03 4.52 -30.77
C GLY EB 131 107.51 5.24 -32.00
N THR EB 132 108.43 5.74 -32.81
CA THR EB 132 108.09 6.30 -34.12
C THR EB 132 109.39 6.48 -34.90
N LYS EB 133 109.32 6.28 -36.20
CA LYS EB 133 110.50 6.13 -37.06
C LYS EB 133 111.39 4.93 -36.64
N GLY EB 134 110.79 3.92 -36.01
CA GLY EB 134 111.53 2.76 -35.54
C GLY EB 134 112.49 2.97 -34.37
N ILE EB 135 112.33 4.06 -33.63
CA ILE EB 135 113.12 4.30 -32.43
C ILE EB 135 112.47 3.47 -31.34
N PRO EB 136 113.16 2.43 -30.85
CA PRO EB 136 112.53 1.55 -29.87
C PRO EB 136 112.64 2.08 -28.46
N HIS EB 137 111.60 1.84 -27.64
CA HIS EB 137 111.54 2.31 -26.25
C HIS EB 137 111.38 1.16 -25.24
N LEU EB 138 112.06 1.30 -24.09
CA LEU EB 138 111.80 0.48 -22.89
C LEU EB 138 110.78 1.16 -22.06
N VAL EB 139 110.25 0.43 -21.11
CA VAL EB 139 109.52 1.03 -20.02
C VAL EB 139 109.96 0.28 -18.79
N THR EB 140 110.79 0.92 -17.97
CA THR EB 140 111.21 0.33 -16.71
C THR EB 140 110.08 0.33 -15.69
N HIS EB 141 110.17 -0.59 -14.74
CA HIS EB 141 109.19 -0.69 -13.67
C HIS EB 141 109.07 0.59 -12.85
N ASP EB 142 110.13 1.41 -12.81
CA ASP EB 142 110.12 2.73 -12.14
C ASP EB 142 109.71 3.88 -13.07
N ALA EB 143 108.95 3.54 -14.12
CA ALA EB 143 108.50 4.50 -15.12
C ALA EB 143 109.59 5.40 -15.60
N ARG EB 144 110.70 4.81 -16.03
CA ARG EB 144 111.56 5.44 -16.98
C ARG EB 144 111.16 4.77 -18.26
N THR EB 145 111.04 5.56 -19.31
CA THR EB 145 111.29 5.03 -20.62
C THR EB 145 112.74 5.36 -20.98
N ILE EB 146 113.36 4.45 -21.71
CA ILE EB 146 114.73 4.60 -22.15
C ILE EB 146 114.69 4.26 -23.62
N ARG EB 147 114.97 5.24 -24.46
CA ARG EB 147 115.02 4.96 -25.89
C ARG EB 147 116.30 4.25 -26.21
N TYR EB 148 116.33 3.68 -27.41
CA TYR EB 148 117.54 3.07 -27.96
C TYR EB 148 118.17 2.01 -27.03
N PRO EB 149 117.45 0.90 -26.79
CA PRO EB 149 117.96 -0.26 -26.07
C PRO EB 149 118.51 -1.34 -27.02
N ASP EB 150 119.31 -2.26 -26.48
CA ASP EB 150 119.84 -3.38 -27.29
C ASP EB 150 118.66 -4.24 -27.62
N PRO EB 151 118.56 -4.66 -28.88
CA PRO EB 151 117.35 -5.34 -29.35
C PRO EB 151 117.08 -6.68 -28.66
N LEU EB 152 118.10 -7.25 -28.00
CA LEU EB 152 117.94 -8.51 -27.27
C LEU EB 152 117.28 -8.35 -25.91
N ILE EB 153 117.11 -7.11 -25.42
CA ILE EB 153 116.29 -6.89 -24.24
C ILE EB 153 114.86 -7.14 -24.65
N LYS EB 154 114.22 -8.03 -23.90
CA LYS EB 154 112.86 -8.45 -24.16
C LYS EB 154 112.03 -8.01 -22.96
N VAL EB 155 110.90 -8.67 -22.66
CA VAL EB 155 110.03 -8.24 -21.55
C VAL EB 155 110.28 -9.06 -20.27
N ASN EB 156 110.27 -8.37 -19.11
CA ASN EB 156 110.49 -8.95 -17.75
C ASN EB 156 111.95 -9.12 -17.32
N ASP EB 157 112.88 -8.67 -18.16
CA ASP EB 157 114.31 -8.78 -17.92
C ASP EB 157 114.71 -7.56 -17.13
N THR EB 158 115.98 -7.49 -16.71
CA THR EB 158 116.43 -6.34 -15.93
C THR EB 158 117.65 -5.67 -16.47
N ILE EB 159 117.76 -4.41 -16.06
CA ILE EB 159 118.70 -3.51 -16.64
C ILE EB 159 119.52 -2.89 -15.52
N GLN EB 160 120.81 -2.70 -15.83
CA GLN EB 160 121.85 -2.32 -14.91
C GLN EB 160 122.10 -0.83 -15.20
N ILE EB 161 121.04 -0.04 -15.04
CA ILE EB 161 121.05 1.41 -15.40
C ILE EB 161 122.13 2.15 -14.61
N ASP EB 162 122.74 3.16 -15.23
CA ASP EB 162 123.66 4.06 -14.51
C ASP EB 162 122.77 5.00 -13.65
N LEU EB 163 122.87 6.32 -13.78
CA LEU EB 163 122.16 7.22 -12.87
C LEU EB 163 122.36 8.68 -13.29
N GLU EB 164 123.62 9.14 -13.25
CA GLU EB 164 123.98 10.49 -13.69
C GLU EB 164 123.70 10.68 -15.17
N THR EB 165 123.90 9.62 -15.96
CA THR EB 165 123.58 9.61 -17.38
C THR EB 165 122.12 9.20 -17.68
N GLY EB 166 121.56 8.28 -16.88
CA GLY EB 166 120.37 7.54 -17.27
C GLY EB 166 120.92 6.27 -17.90
N LYS EB 167 120.65 6.06 -19.19
CA LYS EB 167 121.35 5.04 -20.00
C LYS EB 167 121.21 3.61 -19.48
N ILE EB 168 121.81 2.66 -20.18
CA ILE EB 168 121.84 1.26 -19.76
C ILE EB 168 123.28 0.79 -19.83
N THR EB 169 123.61 -0.22 -19.03
CA THR EB 169 124.91 -0.86 -19.08
C THR EB 169 124.73 -2.33 -18.79
N ASP EB 170 124.77 -3.18 -19.81
CA ASP EB 170 124.66 -4.67 -19.67
C ASP EB 170 123.42 -5.21 -18.93
N PHE EB 171 123.11 -6.48 -19.17
CA PHE EB 171 121.82 -7.02 -18.76
C PHE EB 171 121.49 -8.50 -18.80
N ILE EB 172 120.39 -8.80 -18.11
CA ILE EB 172 120.04 -10.12 -17.69
C ILE EB 172 118.71 -10.47 -18.30
N LYS EB 173 118.72 -11.35 -19.28
CA LYS EB 173 117.46 -11.93 -19.76
C LYS EB 173 116.88 -12.85 -18.70
N PHE EB 174 115.60 -13.12 -18.86
CA PHE EB 174 114.81 -13.89 -17.91
C PHE EB 174 114.70 -15.34 -18.40
N ASP EB 175 115.74 -16.10 -18.08
CA ASP EB 175 115.85 -17.52 -18.45
C ASP EB 175 115.52 -18.33 -17.21
N THR EB 176 115.83 -19.63 -17.25
CA THR EB 176 115.96 -20.43 -16.04
C THR EB 176 117.36 -20.20 -15.51
N GLY EB 177 117.52 -20.51 -14.23
CA GLY EB 177 118.83 -20.51 -13.62
C GLY EB 177 119.31 -19.19 -13.06
N ASN EB 178 118.67 -18.07 -13.41
CA ASN EB 178 119.11 -16.78 -12.87
C ASN EB 178 118.43 -16.51 -11.53
N LEU EB 179 118.84 -15.42 -10.88
CA LEU EB 179 118.47 -15.10 -9.49
C LEU EB 179 117.28 -14.11 -9.43
N CYS EB 180 116.27 -14.41 -8.60
CA CYS EB 180 115.02 -13.59 -8.46
C CYS EB 180 114.67 -13.14 -7.05
N MET EB 181 114.52 -11.84 -6.85
CA MET EB 181 113.78 -11.33 -5.70
C MET EB 181 112.35 -11.18 -6.17
N VAL EB 182 111.42 -11.34 -5.23
CA VAL EB 182 110.02 -11.32 -5.55
C VAL EB 182 109.41 -10.03 -5.03
N THR EB 183 108.78 -9.28 -5.92
CA THR EB 183 108.27 -7.94 -5.60
C THR EB 183 106.74 -7.83 -5.47
N GLY EB 184 106.07 -8.93 -5.14
CA GLY EB 184 104.63 -8.87 -4.94
C GLY EB 184 104.08 -10.07 -4.20
N GLY EB 185 103.15 -9.81 -3.29
CA GLY EB 185 102.28 -10.83 -2.73
C GLY EB 185 102.60 -11.34 -1.36
N ALA EB 186 103.18 -12.54 -1.31
CA ALA EB 186 103.46 -13.21 -0.05
C ALA EB 186 104.92 -13.67 0.15
N ASN EB 187 105.63 -13.93 -0.95
CA ASN EB 187 106.92 -14.67 -0.96
C ASN EB 187 107.86 -13.51 -1.25
N LEU EB 188 107.63 -12.45 -0.48
CA LEU EB 188 107.88 -11.08 -0.88
C LEU EB 188 109.16 -10.60 -0.27
N GLY EB 189 110.09 -10.23 -1.14
CA GLY EB 189 111.47 -9.97 -0.72
C GLY EB 189 112.20 -11.25 -0.38
N ARG EB 190 111.66 -12.36 -0.92
CA ARG EB 190 112.25 -13.66 -0.79
C ARG EB 190 112.96 -13.91 -2.12
N ILE EB 191 114.08 -14.61 -2.05
CA ILE EB 191 115.07 -14.64 -3.12
C ILE EB 191 115.46 -16.07 -3.44
N GLY EB 192 115.65 -16.35 -4.73
CA GLY EB 192 116.12 -17.66 -5.18
C GLY EB 192 116.23 -17.75 -6.69
N VAL EB 193 116.91 -18.79 -7.17
CA VAL EB 193 117.03 -19.04 -8.62
C VAL EB 193 115.73 -19.60 -9.13
N ILE EB 194 115.50 -19.52 -10.44
CA ILE EB 194 114.18 -19.86 -10.96
C ILE EB 194 113.91 -21.36 -10.88
N THR EB 195 114.32 -22.13 -11.88
CA THR EB 195 113.88 -23.52 -12.08
C THR EB 195 113.10 -23.54 -13.37
N ASN EB 196 111.86 -23.04 -13.29
CA ASN EB 196 110.93 -23.21 -14.37
C ASN EB 196 109.72 -22.31 -14.20
N ARG EB 197 109.28 -21.73 -15.32
CA ARG EB 197 108.10 -20.90 -15.39
C ARG EB 197 107.03 -21.64 -16.21
N GLU EB 198 105.77 -21.38 -15.89
CA GLU EB 198 104.64 -22.05 -16.53
C GLU EB 198 103.84 -21.08 -17.37
N ARG EB 199 104.12 -21.06 -18.67
CA ARG EB 199 103.38 -20.22 -19.59
C ARG EB 199 101.93 -20.67 -19.61
N HIS EB 200 101.02 -19.73 -19.35
CA HIS EB 200 99.60 -19.92 -19.65
C HIS EB 200 99.15 -18.80 -20.59
N PRO EB 201 98.33 -19.15 -21.59
CA PRO EB 201 97.66 -18.10 -22.34
C PRO EB 201 96.51 -17.48 -21.54
N GLY EB 202 96.32 -16.18 -21.68
CA GLY EB 202 95.26 -15.45 -20.98
C GLY EB 202 95.69 -15.03 -19.60
N SER EB 203 95.46 -15.91 -18.63
CA SER EB 203 95.79 -15.64 -17.22
C SER EB 203 97.29 -15.59 -17.05
N PHE EB 204 97.76 -14.70 -16.18
CA PHE EB 204 99.19 -14.46 -16.16
C PHE EB 204 99.96 -15.53 -15.41
N ASP EB 205 101.23 -15.63 -15.79
CA ASP EB 205 102.03 -16.85 -15.81
C ASP EB 205 102.70 -17.10 -14.46
N VAL EB 206 102.91 -18.36 -14.15
CA VAL EB 206 103.42 -18.76 -12.86
C VAL EB 206 104.91 -19.04 -12.97
N VAL EB 207 105.65 -18.76 -11.90
CA VAL EB 207 107.10 -18.95 -11.89
C VAL EB 207 107.55 -19.66 -10.63
N HIS EB 208 108.10 -20.88 -10.81
CA HIS EB 208 108.60 -21.69 -9.70
C HIS EB 208 110.00 -21.28 -9.38
N VAL EB 209 110.27 -21.11 -8.09
CA VAL EB 209 111.54 -20.54 -7.65
C VAL EB 209 112.11 -21.37 -6.50
N LYS EB 210 113.38 -21.74 -6.66
CA LYS EB 210 114.12 -22.55 -5.70
C LYS EB 210 115.04 -21.58 -5.00
N ASP EB 211 115.28 -21.76 -3.70
CA ASP EB 211 116.29 -20.94 -3.02
C ASP EB 211 117.44 -21.76 -2.40
N ALA EB 212 118.45 -21.03 -1.91
CA ALA EB 212 119.66 -21.60 -1.28
C ALA EB 212 119.39 -22.88 -0.50
N ASN EB 213 118.47 -22.77 0.46
CA ASN EB 213 118.18 -23.86 1.36
C ASN EB 213 117.34 -24.97 0.73
N GLY EB 214 116.57 -24.62 -0.30
CA GLY EB 214 115.81 -25.59 -1.09
C GLY EB 214 114.33 -25.58 -0.76
N ASN EB 215 113.71 -24.39 -0.84
CA ASN EB 215 112.30 -24.21 -0.53
C ASN EB 215 111.62 -23.60 -1.74
N SER EB 216 110.78 -24.39 -2.40
CA SER EB 216 110.10 -23.96 -3.62
C SER EB 216 108.76 -23.25 -3.35
N PHE EB 217 108.78 -21.92 -3.37
CA PHE EB 217 107.55 -21.10 -3.48
C PHE EB 217 107.34 -21.00 -5.00
N ALA EB 218 106.15 -20.59 -5.42
CA ALA EB 218 105.92 -20.16 -6.79
C ALA EB 218 105.35 -18.76 -6.72
N THR EB 219 105.26 -18.09 -7.87
CA THR EB 219 104.67 -16.73 -7.92
C THR EB 219 104.06 -16.49 -9.28
N ARG EB 220 103.30 -15.40 -9.37
CA ARG EB 220 102.84 -14.92 -10.66
C ARG EB 220 104.05 -14.18 -11.24
N LEU EB 221 104.16 -14.13 -12.56
CA LEU EB 221 105.34 -13.56 -13.24
C LEU EB 221 105.54 -12.10 -12.86
N SER EB 222 104.45 -11.34 -12.93
CA SER EB 222 104.49 -9.90 -12.71
C SER EB 222 104.97 -9.45 -11.32
N ASN EB 223 105.26 -10.38 -10.42
CA ASN EB 223 105.93 -10.04 -9.18
C ASN EB 223 107.44 -10.28 -9.24
N ILE EB 224 107.88 -11.24 -10.07
CA ILE EB 224 109.31 -11.52 -10.20
C ILE EB 224 110.09 -10.48 -11.00
N PHE EB 225 111.04 -9.83 -10.32
CA PHE EB 225 112.00 -8.96 -10.95
C PHE EB 225 113.36 -9.59 -10.59
N VAL EB 226 114.18 -9.88 -11.61
CA VAL EB 226 115.47 -10.64 -11.41
C VAL EB 226 116.65 -9.78 -10.96
N ILE EB 227 117.70 -10.43 -10.47
CA ILE EB 227 118.83 -9.72 -9.88
C ILE EB 227 120.22 -10.31 -10.12
N GLY EB 228 120.37 -11.20 -11.09
CA GLY EB 228 121.70 -11.77 -11.38
C GLY EB 228 121.71 -12.86 -12.42
N LYS EB 229 122.90 -13.28 -12.85
CA LYS EB 229 123.03 -14.36 -13.86
C LYS EB 229 122.80 -15.76 -13.32
N GLY EB 230 123.10 -15.95 -12.04
CA GLY EB 230 122.91 -17.24 -11.38
C GLY EB 230 123.82 -17.37 -10.17
N ASN EB 231 123.25 -17.16 -8.98
CA ASN EB 231 123.96 -17.34 -7.70
C ASN EB 231 125.09 -16.32 -7.59
N LYS EB 232 124.78 -15.12 -8.05
CA LYS EB 232 125.71 -14.03 -8.15
C LYS EB 232 124.87 -12.76 -8.39
N PRO EB 233 124.26 -12.23 -7.31
CA PRO EB 233 123.46 -11.02 -7.43
C PRO EB 233 124.38 -9.85 -7.57
N TRP EB 234 124.12 -8.97 -8.52
CA TRP EB 234 125.08 -7.90 -8.76
C TRP EB 234 125.03 -6.90 -7.62
N ILE EB 235 123.87 -6.78 -6.99
CA ILE EB 235 123.67 -5.91 -5.84
C ILE EB 235 124.03 -6.59 -4.52
N SER EB 236 124.25 -5.77 -3.49
CA SER EB 236 124.37 -6.26 -2.12
C SER EB 236 122.98 -6.66 -1.66
N LEU EB 237 122.90 -7.77 -0.93
CA LEU EB 237 121.62 -8.25 -0.40
C LEU EB 237 121.42 -7.82 1.05
N PRO EB 238 120.16 -7.90 1.55
CA PRO EB 238 119.94 -7.65 2.97
C PRO EB 238 120.37 -8.83 3.80
N ARG EB 239 120.76 -8.58 5.05
CA ARG EB 239 121.18 -9.65 5.94
C ARG EB 239 119.94 -10.54 6.17
N GLY EB 240 120.11 -11.85 5.98
CA GLY EB 240 118.99 -12.80 5.81
C GLY EB 240 118.95 -13.33 4.39
N LYS EB 241 119.18 -12.44 3.42
CA LYS EB 241 119.30 -12.76 1.99
C LYS EB 241 118.06 -13.47 1.44
N GLY EB 242 116.89 -12.96 1.80
CA GLY EB 242 115.62 -13.49 1.32
C GLY EB 242 115.55 -15.01 1.32
N ILE EB 243 116.00 -15.62 2.40
CA ILE EB 243 115.96 -17.06 2.58
C ILE EB 243 114.62 -17.43 3.19
N ARG EB 244 114.25 -16.70 4.24
CA ARG EB 244 112.98 -16.85 4.98
C ARG EB 244 112.99 -18.10 5.85
N LEU EB 245 112.96 -17.86 7.15
CA LEU EB 245 113.05 -18.90 8.15
C LEU EB 245 111.64 -19.11 8.69
N THR EB 246 111.20 -20.36 8.79
CA THR EB 246 109.88 -20.64 9.40
C THR EB 246 109.86 -20.04 10.79
N ILE EB 247 108.75 -19.42 11.15
CA ILE EB 247 108.54 -18.88 12.51
C ILE EB 247 109.13 -19.78 13.59
N ALA EB 248 108.97 -21.09 13.45
CA ALA EB 248 109.61 -22.08 14.32
C ALA EB 248 111.12 -21.91 14.45
N GLU EB 249 111.76 -21.92 13.29
CA GLU EB 249 113.21 -21.83 13.15
C GLU EB 249 113.67 -20.45 13.59
N GLU EB 250 113.13 -19.40 12.95
CA GLU EB 250 113.42 -18.00 13.29
C GLU EB 250 113.38 -17.75 14.79
N ARG EB 251 112.30 -18.24 15.41
CA ARG EB 251 112.14 -18.12 16.85
C ARG EB 251 113.34 -18.69 17.57
N ASP EB 252 113.64 -19.95 17.24
CA ASP EB 252 114.70 -20.68 17.95
C ASP EB 252 116.08 -20.08 17.60
N LYS EB 253 116.33 -19.80 16.32
CA LYS EB 253 117.63 -19.25 15.87
C LYS EB 253 117.92 -17.88 16.46
N ARG EB 254 116.89 -17.04 16.58
CA ARG EB 254 117.01 -15.78 17.29
C ARG EB 254 117.32 -16.06 18.77
N LEU EB 255 116.57 -16.98 19.36
CA LEU EB 255 116.75 -17.32 20.77
C LEU EB 255 118.04 -18.10 21.04
N ALA EB 256 118.55 -18.83 20.04
CA ALA EB 256 119.78 -19.61 20.16
C ALA EB 256 121.01 -18.74 19.99
N ALA EB 257 120.90 -17.70 19.16
CA ALA EB 257 121.90 -16.63 19.12
C ALA EB 257 121.99 -15.98 20.51
N LYS EB 258 120.83 -15.73 21.12
CA LYS EB 258 120.76 -15.28 22.51
C LYS EB 258 121.28 -16.37 23.47
N GLN EB 259 121.88 -15.93 24.58
CA GLN EB 259 122.62 -16.76 25.58
C GLN EB 259 124.08 -16.99 25.15
N SER EB 260 124.28 -17.65 24.01
CA SER EB 260 125.62 -17.83 23.43
C SER EB 260 126.28 -16.49 23.03
N SER EB 261 125.47 -15.51 22.62
CA SER EB 261 125.96 -14.15 22.33
C SER EB 261 126.23 -13.37 23.61
N GLY EB 262 127.43 -12.76 23.68
CA GLY EB 262 127.83 -11.94 24.82
C GLY EB 262 129.03 -11.06 24.51
N MET FB 1 66.46 64.28 -12.43
CA MET FB 1 67.74 63.52 -12.60
C MET FB 1 68.78 63.99 -11.62
N LYS FB 2 69.85 63.23 -11.51
CA LYS FB 2 71.04 63.66 -10.83
C LYS FB 2 72.14 63.35 -11.82
N LEU FB 3 72.34 64.27 -12.75
CA LEU FB 3 73.23 64.05 -13.89
C LEU FB 3 74.71 64.04 -13.53
N ASN FB 4 75.38 62.89 -13.73
CA ASN FB 4 76.85 62.84 -13.75
C ASN FB 4 77.31 63.46 -15.03
N ILE FB 5 78.37 64.26 -14.99
CA ILE FB 5 78.85 64.94 -16.19
C ILE FB 5 80.35 64.89 -16.16
N SER FB 6 80.94 64.33 -17.21
CA SER FB 6 82.33 63.95 -17.21
C SER FB 6 83.07 64.39 -18.45
N PHE FB 7 84.30 64.89 -18.23
CA PHE FB 7 85.12 65.49 -19.27
C PHE FB 7 86.35 64.64 -19.51
N PRO FB 8 86.32 63.84 -20.58
CA PRO FB 8 87.42 62.95 -20.85
C PRO FB 8 88.66 63.67 -21.38
N ALA FB 9 88.48 64.87 -21.94
CA ALA FB 9 89.58 65.64 -22.48
C ALA FB 9 90.57 66.09 -21.40
N THR FB 10 90.05 66.65 -20.30
CA THR FB 10 90.88 67.12 -19.17
C THR FB 10 91.04 66.06 -18.08
N GLY FB 11 89.89 65.52 -17.66
CA GLY FB 11 89.80 64.61 -16.52
C GLY FB 11 89.20 65.28 -15.32
N CYS FB 12 88.02 65.87 -15.51
CA CYS FB 12 87.22 66.41 -14.42
C CYS FB 12 85.76 66.07 -14.66
N GLN FB 13 85.01 65.89 -13.57
CA GLN FB 13 83.63 65.41 -13.68
C GLN FB 13 82.83 65.71 -12.41
N LYS FB 14 81.56 66.13 -12.57
CA LYS FB 14 80.74 66.62 -11.45
C LYS FB 14 79.24 66.34 -11.61
N LEU FB 15 78.55 66.25 -10.47
CA LEU FB 15 77.09 66.20 -10.45
C LEU FB 15 76.49 67.57 -10.61
N ILE FB 16 75.34 67.61 -11.28
CA ILE FB 16 74.53 68.81 -11.38
C ILE FB 16 73.09 68.30 -11.30
N GLU FB 17 72.41 68.62 -10.21
CA GLU FB 17 71.06 68.12 -9.97
C GLU FB 17 70.02 69.02 -10.66
N VAL FB 18 69.24 68.41 -11.56
CA VAL FB 18 68.37 69.14 -12.48
C VAL FB 18 66.96 68.53 -12.47
N ASP FB 19 65.96 69.33 -12.88
CA ASP FB 19 64.58 68.84 -13.08
C ASP FB 19 63.88 69.59 -14.29
N ASP FB 20 62.55 69.75 -14.26
CA ASP FB 20 61.74 70.42 -15.32
C ASP FB 20 61.77 69.64 -16.64
N GLU FB 21 60.60 69.23 -17.08
CA GLU FB 21 60.46 68.22 -18.13
C GLU FB 21 60.92 68.65 -19.53
N ARG FB 22 60.62 69.90 -19.93
CA ARG FB 22 61.09 70.41 -21.23
C ARG FB 22 62.60 70.77 -21.24
N LYS FB 23 63.27 70.70 -20.08
CA LYS FB 23 64.74 70.62 -20.06
C LYS FB 23 65.23 69.25 -20.55
N LEU FB 24 64.57 68.21 -20.06
CA LEU FB 24 65.02 66.84 -20.22
C LEU FB 24 64.31 66.06 -21.34
N ARG FB 25 63.31 66.66 -22.02
CA ARG FB 25 62.67 66.04 -23.23
C ARG FB 25 63.65 65.77 -24.38
N THR FB 26 64.88 66.23 -24.22
CA THR FB 26 65.99 65.83 -25.05
C THR FB 26 66.47 64.37 -24.84
N PHE FB 27 66.54 63.86 -23.58
CA PHE FB 27 67.16 62.52 -23.31
C PHE FB 27 66.16 61.38 -23.09
N TYR FB 28 64.85 61.67 -23.10
CA TYR FB 28 63.86 60.59 -23.06
C TYR FB 28 63.82 59.92 -24.43
N GLU FB 29 63.36 58.67 -24.48
CA GLU FB 29 63.41 57.77 -25.67
C GLU FB 29 64.69 57.89 -26.52
N LYS FB 30 65.82 57.76 -25.82
CA LYS FB 30 67.16 57.69 -26.41
C LYS FB 30 67.87 56.40 -25.94
N ARG FB 31 68.65 55.77 -26.82
CA ARG FB 31 69.57 54.70 -26.42
C ARG FB 31 70.84 55.28 -25.77
N MET FB 32 71.66 54.41 -25.18
CA MET FB 32 73.02 54.78 -24.75
C MET FB 32 73.94 55.01 -25.94
N ALA FB 33 75.07 55.67 -25.67
CA ALA FB 33 76.09 55.97 -26.67
C ALA FB 33 75.55 56.76 -27.87
N THR FB 34 74.56 57.62 -27.60
CA THR FB 34 73.97 58.52 -28.58
C THR FB 34 74.21 59.95 -28.12
N GLU FB 35 74.61 60.80 -29.05
CA GLU FB 35 74.93 62.19 -28.74
C GLU FB 35 73.68 63.04 -28.73
N VAL FB 36 73.65 64.04 -27.85
CA VAL FB 36 72.59 65.04 -27.78
C VAL FB 36 73.19 66.38 -27.36
N ALA FB 37 72.64 67.48 -27.87
CA ALA FB 37 73.10 68.84 -27.54
C ALA FB 37 72.55 69.28 -26.19
N ALA FB 38 73.38 70.00 -25.42
CA ALA FB 38 73.06 70.45 -24.05
C ALA FB 38 72.47 71.87 -23.94
N ASP FB 39 72.49 72.60 -25.07
CA ASP FB 39 71.86 73.91 -25.17
C ASP FB 39 70.40 73.91 -24.69
N ALA FB 40 69.64 72.88 -25.08
CA ALA FB 40 68.25 72.70 -24.61
C ALA FB 40 68.17 72.61 -23.08
N LEU FB 41 69.16 71.97 -22.46
CA LEU FB 41 69.20 71.79 -21.01
C LEU FB 41 69.51 73.08 -20.28
N GLY FB 42 70.52 73.80 -20.74
CA GLY FB 42 70.87 75.08 -20.12
C GLY FB 42 71.65 76.04 -20.98
N GLU FB 43 71.54 77.33 -20.66
CA GLU FB 43 72.29 78.42 -21.34
C GLU FB 43 73.75 78.43 -20.90
N GLU FB 44 73.96 77.99 -19.65
CA GLU FB 44 75.23 77.47 -19.16
C GLU FB 44 75.98 76.77 -20.31
N TRP FB 45 75.30 75.77 -20.88
CA TRP FB 45 75.87 74.81 -21.82
C TRP FB 45 75.46 75.08 -23.25
N LYS FB 46 75.90 76.21 -23.79
CA LYS FB 46 75.54 76.57 -25.16
C LYS FB 46 76.55 76.01 -26.15
N GLY FB 47 76.08 75.14 -27.06
CA GLY FB 47 76.91 74.54 -28.10
C GLY FB 47 77.60 73.23 -27.74
N TYR FB 48 77.48 72.78 -26.49
CA TYR FB 48 78.05 71.49 -26.05
C TYR FB 48 77.29 70.33 -26.68
N VAL FB 49 77.97 69.19 -26.84
CA VAL FB 49 77.35 67.94 -27.30
C VAL FB 49 77.79 66.78 -26.40
N VAL FB 50 76.79 66.03 -25.96
CA VAL FB 50 76.89 65.14 -24.81
C VAL FB 50 76.43 63.74 -25.20
N ARG FB 51 77.26 62.75 -24.88
CA ARG FB 51 76.98 61.33 -25.15
C ARG FB 51 76.41 60.66 -23.91
N ILE FB 52 75.18 60.19 -24.03
CA ILE FB 52 74.46 59.57 -22.91
C ILE FB 52 75.05 58.18 -22.62
N SER FB 53 75.95 58.13 -21.65
CA SER FB 53 76.70 56.92 -21.33
C SER FB 53 75.92 55.87 -20.57
N GLY FB 54 74.81 56.27 -19.95
CA GLY FB 54 73.96 55.38 -19.14
C GLY FB 54 73.95 55.84 -17.70
N GLY FB 55 73.35 55.06 -16.81
CA GLY FB 55 73.30 55.42 -15.40
C GLY FB 55 72.55 54.46 -14.52
N ASN FB 56 71.56 54.97 -13.79
CA ASN FB 56 70.96 54.23 -12.70
C ASN FB 56 69.53 54.68 -12.40
N ASP FB 57 68.65 53.73 -12.05
CA ASP FB 57 67.28 54.08 -11.64
C ASP FB 57 67.23 54.72 -10.26
N LYS FB 58 66.06 55.23 -9.90
CA LYS FB 58 65.63 55.21 -8.49
C LYS FB 58 65.43 53.73 -8.17
N GLN FB 59 65.74 53.32 -6.95
CA GLN FB 59 65.92 51.90 -6.57
C GLN FB 59 67.32 51.38 -6.98
N GLY FB 60 67.95 52.02 -7.97
CA GLY FB 60 69.40 51.94 -8.16
C GLY FB 60 69.87 50.80 -9.03
N PHE FB 61 69.00 50.29 -9.87
CA PHE FB 61 69.26 49.03 -10.56
C PHE FB 61 69.72 49.27 -12.01
N PRO FB 62 71.06 49.25 -12.24
CA PRO FB 62 71.72 49.90 -13.38
C PRO FB 62 71.21 49.59 -14.76
N MET FB 63 71.32 50.59 -15.62
CA MET FB 63 71.01 50.44 -17.01
C MET FB 63 72.06 49.57 -17.60
N LYS FB 64 71.75 48.93 -18.73
CA LYS FB 64 72.81 48.26 -19.47
C LYS FB 64 72.59 48.31 -20.96
N GLN FB 65 73.69 48.49 -21.67
CA GLN FB 65 73.66 48.84 -23.08
C GLN FB 65 73.44 47.57 -23.86
N GLY FB 66 72.24 47.41 -24.37
CA GLY FB 66 71.82 46.16 -24.95
C GLY FB 66 70.32 46.05 -24.89
N VAL FB 67 69.79 46.06 -23.68
CA VAL FB 67 68.46 45.49 -23.44
C VAL FB 67 67.23 46.04 -24.17
N LEU FB 68 67.25 47.33 -24.56
CA LEU FB 68 66.02 48.07 -24.93
C LEU FB 68 65.07 48.20 -23.70
N THR FB 69 63.87 48.75 -23.90
CA THR FB 69 62.83 48.84 -22.86
C THR FB 69 63.08 49.83 -21.72
N HIS FB 70 62.02 50.03 -20.94
CA HIS FB 70 62.03 50.79 -19.70
C HIS FB 70 61.40 49.90 -18.67
N GLY FB 71 62.10 48.81 -18.39
CA GLY FB 71 61.70 47.87 -17.36
C GLY FB 71 62.96 47.28 -16.80
N ARG FB 72 62.91 46.86 -15.56
CA ARG FB 72 64.11 46.34 -14.91
C ARG FB 72 64.24 44.87 -15.24
N VAL FB 73 64.42 44.57 -16.52
CA VAL FB 73 64.35 43.19 -17.00
C VAL FB 73 65.54 42.41 -16.47
N ARG FB 74 65.25 41.37 -15.71
CA ARG FB 74 66.29 40.58 -15.07
C ARG FB 74 66.90 39.57 -16.03
N LEU FB 75 68.24 39.52 -16.01
CA LEU FB 75 69.03 38.78 -16.98
C LEU FB 75 69.96 37.81 -16.29
N LEU FB 76 70.19 36.68 -16.97
CA LEU FB 76 71.12 35.67 -16.51
C LEU FB 76 72.52 36.05 -17.02
N LEU FB 77 73.14 36.98 -16.31
CA LEU FB 77 74.41 37.55 -16.73
C LEU FB 77 75.53 36.57 -16.46
N SER FB 78 76.60 36.65 -17.25
CA SER FB 78 77.70 35.67 -17.22
C SER FB 78 79.01 36.37 -16.87
N LYS FB 79 80.13 35.83 -17.35
CA LYS FB 79 81.44 36.48 -17.24
C LYS FB 79 81.60 37.50 -18.38
N GLY FB 80 82.00 38.71 -18.01
CA GLY FB 80 82.37 39.75 -18.96
C GLY FB 80 81.17 40.56 -19.40
N HIS FB 81 80.14 40.64 -18.55
CA HIS FB 81 78.95 41.42 -18.83
C HIS FB 81 79.00 42.70 -18.01
N SER FB 82 78.07 43.60 -18.31
CA SER FB 82 77.81 44.76 -17.50
C SER FB 82 77.13 44.33 -16.22
N CYS FB 83 77.31 45.10 -15.17
CA CYS FB 83 76.50 44.95 -13.98
C CYS FB 83 76.60 43.55 -13.35
N TYR FB 84 77.78 42.93 -13.39
CA TYR FB 84 78.00 41.67 -12.69
C TYR FB 84 79.48 41.30 -12.66
N ARG FB 85 79.99 41.19 -11.44
CA ARG FB 85 81.30 40.66 -11.13
C ARG FB 85 81.17 39.21 -10.66
N PRO FB 86 81.70 38.22 -11.41
CA PRO FB 86 81.65 36.82 -10.94
C PRO FB 86 82.49 36.55 -9.69
N ARG FB 87 81.97 35.72 -8.79
CA ARG FB 87 82.66 35.41 -7.53
C ARG FB 87 83.51 34.12 -7.67
N ARG FB 88 82.88 33.01 -8.02
CA ARG FB 88 83.59 31.74 -8.28
C ARG FB 88 83.71 31.67 -9.81
N THR FB 89 84.72 30.98 -10.36
CA THR FB 89 84.85 30.87 -11.85
C THR FB 89 83.64 30.21 -12.45
N GLY FB 90 83.20 30.71 -13.59
CA GLY FB 90 81.99 30.22 -14.23
C GLY FB 90 80.67 30.48 -13.54
N GLU FB 91 80.71 31.14 -12.38
CA GLU FB 91 79.50 31.52 -11.71
C GLU FB 91 78.80 32.38 -12.69
N ARG FB 92 77.51 32.17 -12.72
CA ARG FB 92 76.66 32.83 -13.63
C ARG FB 92 75.43 33.13 -12.76
N LYS FB 93 74.95 34.38 -12.85
CA LYS FB 93 74.02 34.90 -11.86
C LYS FB 93 72.95 35.79 -12.49
N ARG FB 94 71.75 35.73 -11.91
CA ARG FB 94 70.58 36.43 -12.41
C ARG FB 94 70.49 37.71 -11.64
N LYS FB 95 70.58 38.84 -12.34
CA LYS FB 95 70.50 40.13 -11.67
C LYS FB 95 69.50 40.96 -12.41
N SER FB 96 68.85 41.87 -11.68
CA SER FB 96 67.89 42.78 -12.28
C SER FB 96 68.66 43.95 -12.91
N VAL FB 97 68.23 44.29 -14.12
CA VAL FB 97 68.96 45.19 -14.99
C VAL FB 97 68.00 46.00 -15.85
N ARG FB 98 68.22 47.32 -15.84
CA ARG FB 98 67.30 48.26 -16.46
C ARG FB 98 67.67 48.63 -17.89
N GLY FB 99 66.63 48.91 -18.66
CA GLY FB 99 66.68 49.51 -19.99
C GLY FB 99 67.83 50.37 -20.47
N CYS FB 100 68.01 50.37 -21.80
CA CYS FB 100 68.76 51.41 -22.49
C CYS FB 100 67.92 52.67 -22.52
N ILE FB 101 66.68 52.50 -22.95
CA ILE FB 101 65.74 53.58 -23.24
C ILE FB 101 65.49 54.44 -21.99
N VAL FB 102 66.02 55.66 -22.01
CA VAL FB 102 65.92 56.57 -20.88
C VAL FB 102 64.52 57.19 -20.76
N ASP FB 103 64.05 57.31 -19.52
CA ASP FB 103 62.79 57.97 -19.18
C ASP FB 103 62.83 58.58 -17.77
N ALA FB 104 61.82 59.38 -17.45
CA ALA FB 104 61.76 60.12 -16.19
C ALA FB 104 62.10 59.26 -14.97
N ASN FB 105 61.58 58.03 -14.99
CA ASN FB 105 61.89 57.00 -14.02
C ASN FB 105 63.40 56.71 -13.95
N LEU FB 106 64.13 57.63 -13.33
CA LEU FB 106 65.55 57.45 -12.99
C LEU FB 106 65.89 58.32 -11.81
N SER FB 107 67.00 57.98 -11.17
CA SER FB 107 67.62 58.85 -10.17
C SER FB 107 68.79 59.52 -10.84
N VAL FB 108 69.69 58.68 -11.35
CA VAL FB 108 70.92 59.13 -11.97
C VAL FB 108 70.92 58.85 -13.47
N LEU FB 109 71.45 59.82 -14.19
CA LEU FB 109 72.00 59.64 -15.52
C LEU FB 109 73.46 60.06 -15.44
N ASN FB 110 74.30 59.49 -16.29
CA ASN FB 110 75.59 60.13 -16.55
C ASN FB 110 75.58 60.70 -17.94
N LEU FB 111 76.53 61.58 -18.16
CA LEU FB 111 76.70 62.30 -19.39
C LEU FB 111 78.21 62.50 -19.55
N VAL FB 112 78.70 62.18 -20.74
CA VAL FB 112 80.08 62.42 -21.09
C VAL FB 112 80.06 63.52 -22.12
N ILE FB 113 80.96 64.47 -21.99
CA ILE FB 113 81.00 65.56 -22.93
C ILE FB 113 81.95 65.19 -24.07
N VAL FB 114 81.38 65.14 -25.27
CA VAL FB 114 82.12 64.81 -26.49
C VAL FB 114 82.80 66.05 -27.04
N LYS FB 115 81.99 67.07 -27.32
CA LYS FB 115 82.46 68.36 -27.85
C LYS FB 115 81.97 69.43 -26.91
N LYS FB 116 82.88 70.29 -26.44
CA LYS FB 116 82.47 71.44 -25.62
C LYS FB 116 81.99 72.56 -26.52
N GLY FB 117 81.34 73.53 -25.89
CA GLY FB 117 80.73 74.65 -26.60
C GLY FB 117 81.60 75.90 -26.60
N GLU FB 118 80.96 77.02 -26.89
CA GLU FB 118 81.58 78.34 -26.81
C GLU FB 118 81.97 78.72 -25.38
N LYS FB 119 81.10 78.37 -24.43
CA LYS FB 119 81.32 78.67 -23.00
C LYS FB 119 82.33 77.69 -22.42
N ASP FB 120 82.78 77.98 -21.21
CA ASP FB 120 83.40 76.97 -20.33
C ASP FB 120 82.48 76.92 -19.10
N ILE FB 121 82.73 75.95 -18.22
CA ILE FB 121 81.96 75.76 -16.99
C ILE FB 121 82.95 75.80 -15.83
N PRO FB 122 82.47 76.00 -14.58
CA PRO FB 122 83.44 76.14 -13.49
C PRO FB 122 84.19 74.83 -13.20
N GLY FB 123 83.53 73.87 -12.56
CA GLY FB 123 84.17 72.62 -12.15
C GLY FB 123 84.07 71.55 -13.21
N LEU FB 124 84.81 71.72 -14.31
CA LEU FB 124 84.80 70.74 -15.42
C LEU FB 124 85.83 71.09 -16.53
N THR FB 125 85.63 72.24 -17.16
CA THR FB 125 86.40 72.67 -18.35
C THR FB 125 87.55 73.62 -17.99
N ASP FB 126 87.39 74.42 -16.93
CA ASP FB 126 88.53 75.14 -16.37
C ASP FB 126 89.59 74.14 -15.90
N THR FB 127 89.22 73.34 -14.90
CA THR FB 127 90.16 72.51 -14.14
C THR FB 127 90.79 71.43 -15.03
N THR FB 128 92.04 71.05 -14.75
CA THR FB 128 92.76 70.05 -15.56
C THR FB 128 93.62 69.10 -14.71
N VAL FB 129 93.10 67.89 -14.49
CA VAL FB 129 93.82 66.87 -13.71
C VAL FB 129 94.75 66.15 -14.69
N PRO FB 130 95.98 65.79 -14.24
CA PRO FB 130 96.86 65.04 -15.16
C PRO FB 130 96.50 63.56 -15.22
N ARG FB 131 97.04 62.84 -16.20
CA ARG FB 131 96.94 61.38 -16.23
C ARG FB 131 97.68 60.89 -15.02
N ARG FB 132 96.96 60.14 -14.21
CA ARG FB 132 97.37 59.88 -12.85
C ARG FB 132 98.78 59.32 -12.82
N LEU FB 133 99.04 58.32 -13.65
CA LEU FB 133 100.34 57.72 -13.76
C LEU FB 133 100.60 57.26 -15.20
N GLY FB 134 101.79 57.52 -15.71
CA GLY FB 134 102.12 57.33 -17.14
C GLY FB 134 102.85 56.05 -17.54
N PRO FB 135 102.97 55.78 -18.86
CA PRO FB 135 103.38 54.54 -19.51
C PRO FB 135 104.48 53.70 -18.87
N LYS FB 136 104.32 52.37 -18.98
CA LYS FB 136 105.21 51.36 -18.37
C LYS FB 136 105.95 50.48 -19.38
N ARG FB 137 105.24 49.77 -20.26
CA ARG FB 137 105.92 48.91 -21.25
C ARG FB 137 106.55 49.78 -22.34
N ALA FB 138 107.73 49.37 -22.81
CA ALA FB 138 108.58 50.19 -23.69
C ALA FB 138 107.84 50.81 -24.87
N SER FB 139 107.19 49.95 -25.65
CA SER FB 139 106.42 50.39 -26.81
C SER FB 139 105.42 51.49 -26.47
N ARG FB 140 104.73 51.31 -25.35
CA ARG FB 140 103.69 52.24 -24.95
C ARG FB 140 104.31 53.52 -24.35
N ILE FB 141 105.60 53.46 -23.99
CA ILE FB 141 106.42 54.66 -23.76
C ILE FB 141 106.80 55.35 -25.08
N ARG FB 142 107.29 54.59 -26.05
CA ARG FB 142 107.71 55.16 -27.34
C ARG FB 142 106.60 56.00 -27.99
N LYS FB 143 105.41 55.40 -28.08
CA LYS FB 143 104.23 56.07 -28.69
C LYS FB 143 103.78 57.33 -27.95
N LEU FB 144 104.19 57.51 -26.70
CA LEU FB 144 103.90 58.75 -25.98
C LEU FB 144 104.69 59.94 -26.49
N PHE FB 145 106.02 59.88 -26.46
CA PHE FB 145 106.81 61.06 -26.84
C PHE FB 145 106.93 61.03 -28.37
N ASN FB 146 107.29 59.84 -28.89
CA ASN FB 146 107.69 59.54 -30.29
C ASN FB 146 109.20 59.43 -30.39
N LEU FB 147 109.71 58.23 -30.14
CA LEU FB 147 111.16 57.98 -30.02
C LEU FB 147 111.76 57.15 -31.16
N SER FB 148 111.20 55.95 -31.38
CA SER FB 148 111.76 54.92 -32.28
C SER FB 148 112.94 54.19 -31.64
N LYS FB 149 112.98 52.87 -31.84
CA LYS FB 149 113.81 51.92 -31.06
C LYS FB 149 115.23 52.35 -30.71
N GLU FB 150 115.91 53.02 -31.65
CA GLU FB 150 117.32 53.39 -31.47
C GLU FB 150 117.60 54.54 -30.50
N ASP FB 151 116.55 55.15 -29.93
CA ASP FB 151 116.71 56.31 -29.06
C ASP FB 151 116.91 55.98 -27.55
N ASP FB 152 116.82 54.71 -27.16
CA ASP FB 152 116.91 54.24 -25.73
C ASP FB 152 115.78 54.71 -24.81
N VAL FB 153 115.00 53.76 -24.32
CA VAL FB 153 113.80 54.05 -23.54
C VAL FB 153 114.15 54.37 -22.10
N ARG FB 154 115.16 53.69 -21.58
CA ARG FB 154 115.59 53.82 -20.19
C ARG FB 154 115.36 55.23 -19.62
N GLN FB 155 116.09 56.21 -20.14
CA GLN FB 155 116.00 57.58 -19.60
C GLN FB 155 114.71 58.24 -20.05
N TYR FB 156 114.27 57.91 -21.28
CA TYR FB 156 113.17 58.61 -21.91
C TYR FB 156 111.87 57.92 -21.45
N VAL FB 157 111.49 58.30 -20.21
CA VAL FB 157 110.46 57.67 -19.38
C VAL FB 157 109.58 58.73 -18.66
N VAL FB 158 108.38 58.33 -18.27
CA VAL FB 158 107.52 59.16 -17.40
C VAL FB 158 107.82 58.73 -15.98
N ARG FB 159 107.56 59.61 -15.04
CA ARG FB 159 108.04 59.48 -13.66
C ARG FB 159 107.19 60.36 -12.76
N LYS FB 160 107.22 60.11 -11.44
CA LYS FB 160 106.39 60.86 -10.48
C LYS FB 160 107.19 61.25 -9.24
N PRO FB 161 107.11 62.54 -8.82
CA PRO FB 161 107.83 62.94 -7.63
C PRO FB 161 106.92 62.76 -6.44
N LEU FB 162 107.04 61.60 -5.79
CA LEU FB 162 106.24 61.33 -4.61
C LEU FB 162 106.82 62.21 -3.48
N ASN FB 163 106.15 63.34 -3.26
CA ASN FB 163 106.45 64.22 -2.14
C ASN FB 163 105.38 64.04 -1.05
N LYS FB 164 105.53 64.76 0.05
CA LYS FB 164 104.69 64.64 1.25
C LYS FB 164 105.10 63.44 2.14
N GLU FB 165 106.31 62.92 1.96
CA GLU FB 165 106.88 61.91 2.87
C GLU FB 165 107.42 62.60 4.13
N GLY FB 166 107.88 63.84 3.99
CA GLY FB 166 108.55 64.56 5.05
C GLY FB 166 110.06 64.57 4.87
N LYS FB 167 110.63 63.46 4.41
CA LYS FB 167 112.09 63.26 4.38
C LYS FB 167 112.77 63.80 3.13
N LYS FB 168 112.28 63.36 1.98
CA LYS FB 168 112.78 63.82 0.69
C LYS FB 168 111.82 63.36 -0.39
N PRO FB 169 111.86 64.01 -1.57
CA PRO FB 169 111.00 63.54 -2.65
C PRO FB 169 111.53 62.26 -3.27
N ARG FB 170 110.69 61.24 -3.36
CA ARG FB 170 111.00 60.06 -4.17
C ARG FB 170 110.61 60.44 -5.59
N THR FB 171 111.34 59.91 -6.57
CA THR FB 171 111.22 60.35 -7.97
C THR FB 171 111.14 59.10 -8.87
N LYS FB 172 109.94 58.54 -8.89
CA LYS FB 172 109.68 57.16 -9.37
C LYS FB 172 109.96 56.83 -10.81
N ALA FB 173 109.81 55.52 -11.10
CA ALA FB 173 109.47 55.05 -12.44
C ALA FB 173 108.97 53.59 -12.47
N PRO FB 174 108.22 53.23 -13.53
CA PRO FB 174 107.35 52.06 -13.49
C PRO FB 174 107.95 50.66 -13.65
N LYS FB 175 109.24 50.52 -13.89
CA LYS FB 175 109.82 49.20 -14.23
C LYS FB 175 109.29 48.72 -15.58
N ILE FB 176 110.03 49.01 -16.64
CA ILE FB 176 109.57 48.68 -17.98
C ILE FB 176 109.53 47.16 -18.12
N GLN FB 177 108.49 46.64 -18.75
CA GLN FB 177 108.56 45.30 -19.32
C GLN FB 177 108.25 45.33 -20.81
N ARG FB 178 108.54 44.21 -21.48
CA ARG FB 178 108.87 44.17 -22.90
C ARG FB 178 109.96 45.18 -23.13
N LEU FB 179 111.07 44.89 -22.47
CA LEU FB 179 112.29 45.68 -22.54
C LEU FB 179 113.43 44.73 -22.89
N VAL FB 180 114.26 45.12 -23.85
CA VAL FB 180 115.44 44.35 -24.20
C VAL FB 180 116.52 44.61 -23.15
N THR FB 181 117.09 43.53 -22.61
CA THR FB 181 118.06 43.61 -21.50
C THR FB 181 118.72 42.23 -21.31
N PRO FB 182 120.03 42.19 -20.96
CA PRO FB 182 120.80 40.95 -20.80
C PRO FB 182 120.09 39.68 -20.27
N ARG FB 183 119.14 39.86 -19.35
CA ARG FB 183 118.32 38.73 -18.88
C ARG FB 183 117.53 38.08 -19.99
N VAL FB 184 116.93 38.90 -20.85
CA VAL FB 184 116.14 38.41 -21.96
C VAL FB 184 117.08 38.01 -23.07
N LEU FB 185 118.01 38.92 -23.40
CA LEU FB 185 119.08 38.63 -24.37
C LEU FB 185 119.55 37.21 -24.24
N GLN FB 186 119.87 36.83 -23.00
CA GLN FB 186 120.33 35.51 -22.65
C GLN FB 186 119.45 34.40 -23.15
N HIS FB 187 118.18 34.45 -22.77
CA HIS FB 187 117.34 33.28 -22.90
C HIS FB 187 117.31 32.87 -24.36
N LYS FB 188 117.16 33.84 -25.27
CA LYS FB 188 117.26 33.55 -26.68
C LYS FB 188 118.50 32.72 -26.98
N ARG FB 189 119.67 33.10 -26.45
CA ARG FB 189 120.87 32.28 -26.60
C ARG FB 189 120.77 30.92 -25.88
N ARG FB 190 120.13 30.88 -24.71
CA ARG FB 190 119.93 29.62 -23.99
C ARG FB 190 119.25 28.56 -24.82
N ARG FB 191 118.03 28.88 -25.18
CA ARG FB 191 117.11 27.88 -25.70
C ARG FB 191 117.47 27.43 -27.10
N ILE FB 192 118.15 28.26 -27.86
CA ILE FB 192 118.76 27.81 -29.11
C ILE FB 192 120.02 26.96 -28.83
N ALA FB 193 120.64 27.14 -27.67
CA ALA FB 193 121.72 26.26 -27.21
C ALA FB 193 121.22 24.89 -26.78
N LEU FB 194 120.19 24.87 -25.94
CA LEU FB 194 119.56 23.61 -25.53
C LEU FB 194 119.06 22.84 -26.75
N LYS FB 195 118.60 23.57 -27.77
CA LYS FB 195 118.18 22.98 -29.04
C LYS FB 195 119.35 22.47 -29.87
N LYS FB 196 120.40 23.29 -29.99
CA LYS FB 196 121.68 22.84 -30.56
C LYS FB 196 122.05 21.51 -29.91
N GLN FB 197 122.09 21.56 -28.57
CA GLN FB 197 122.48 20.45 -27.73
C GLN FB 197 121.58 19.26 -27.95
N ARG FB 198 120.28 19.49 -27.96
CA ARG FB 198 119.32 18.40 -28.08
C ARG FB 198 119.47 17.71 -29.46
N THR FB 199 119.46 18.48 -30.55
CA THR FB 199 119.67 17.90 -31.89
C THR FB 199 120.93 17.09 -32.00
N LYS FB 200 121.97 17.58 -31.35
CA LYS FB 200 123.23 16.86 -31.22
C LYS FB 200 123.01 15.53 -30.50
N LYS FB 201 122.39 15.58 -29.33
CA LYS FB 201 122.23 14.41 -28.49
C LYS FB 201 121.13 13.44 -28.92
N ASN FB 202 120.37 13.74 -29.98
CA ASN FB 202 119.58 12.68 -30.66
C ASN FB 202 120.47 12.04 -31.70
N LYS FB 203 121.29 12.84 -32.37
CA LYS FB 203 122.18 12.32 -33.41
C LYS FB 203 123.34 11.47 -32.88
N GLU FB 204 123.85 11.78 -31.69
CA GLU FB 204 124.89 10.94 -31.07
C GLU FB 204 124.34 9.61 -30.58
N GLU FB 205 123.20 9.64 -29.89
CA GLU FB 205 122.54 8.41 -29.42
C GLU FB 205 122.05 7.55 -30.58
N ALA FB 206 121.45 8.19 -31.59
CA ALA FB 206 120.94 7.50 -32.79
C ALA FB 206 122.06 6.93 -33.65
N ALA FB 207 123.11 7.72 -33.87
CA ALA FB 207 124.28 7.23 -34.59
C ALA FB 207 125.07 6.21 -33.76
N GLU FB 208 124.98 6.27 -32.43
CA GLU FB 208 125.54 5.21 -31.58
C GLU FB 208 124.68 3.97 -31.57
N TYR FB 209 123.40 4.12 -31.86
CA TYR FB 209 122.57 2.98 -32.20
C TYR FB 209 122.93 2.51 -33.62
N ALA FB 210 123.08 3.46 -34.55
CA ALA FB 210 123.56 3.15 -35.90
C ALA FB 210 125.06 2.79 -35.93
N LYS FB 211 125.72 2.82 -34.77
CA LYS FB 211 126.92 2.05 -34.51
C LYS FB 211 126.54 0.78 -33.78
N LEU FB 212 125.74 0.86 -32.71
CA LEU FB 212 125.33 -0.36 -31.96
C LEU FB 212 124.48 -1.31 -32.82
N LEU FB 213 123.21 -1.00 -33.06
CA LEU FB 213 122.38 -1.86 -33.92
C LEU FB 213 123.05 -2.17 -35.24
N ALA FB 214 123.82 -1.21 -35.79
CA ALA FB 214 124.45 -1.39 -37.09
C ALA FB 214 125.75 -2.18 -36.96
N LYS FB 215 126.49 -2.01 -35.87
CA LYS FB 215 127.61 -2.92 -35.57
C LYS FB 215 127.06 -4.23 -35.01
N ARG FB 216 125.85 -4.22 -34.47
CA ARG FB 216 125.13 -5.43 -34.04
C ARG FB 216 124.28 -6.05 -35.13
N MET FB 217 124.10 -5.33 -36.23
CA MET FB 217 123.73 -5.93 -37.51
C MET FB 217 125.03 -6.41 -38.16
N LYS FB 218 126.15 -5.70 -37.98
CA LYS FB 218 127.50 -6.20 -38.37
C LYS FB 218 128.00 -7.34 -37.47
N GLU FB 219 127.66 -7.30 -36.18
CA GLU FB 219 127.98 -8.38 -35.23
C GLU FB 219 126.93 -9.48 -35.36
N ALA FB 220 125.69 -9.10 -35.72
CA ALA FB 220 124.73 -10.08 -36.18
C ALA FB 220 124.81 -10.34 -37.70
N LYS FB 221 125.75 -9.68 -38.42
CA LYS FB 221 126.27 -10.12 -39.76
C LYS FB 221 127.43 -11.08 -39.57
N GLU FB 222 128.18 -10.90 -38.48
CA GLU FB 222 129.08 -11.93 -37.95
C GLU FB 222 128.28 -13.09 -37.31
N LYS FB 223 127.01 -12.83 -36.94
CA LYS FB 223 126.02 -13.88 -36.63
C LYS FB 223 125.04 -14.25 -37.77
N ARG FB 224 124.92 -13.45 -38.85
CA ARG FB 224 124.37 -13.90 -40.17
C ARG FB 224 125.51 -14.50 -41.03
N GLN FB 225 126.72 -14.58 -40.46
CA GLN FB 225 127.72 -15.61 -40.81
C GLN FB 225 127.32 -16.91 -40.11
N GLU FB 226 127.00 -16.80 -38.80
CA GLU FB 226 126.49 -17.92 -37.98
C GLU FB 226 124.97 -18.18 -38.07
N GLN FB 227 124.22 -17.30 -38.75
CA GLN FB 227 122.79 -17.50 -39.09
C GLN FB 227 122.68 -18.05 -40.52
N ILE FB 228 123.61 -17.67 -41.41
CA ILE FB 228 123.88 -18.43 -42.66
C ILE FB 228 124.52 -19.78 -42.31
N ALA FB 229 125.26 -19.86 -41.19
CA ALA FB 229 125.71 -21.16 -40.63
C ALA FB 229 124.60 -21.93 -39.89
N LYS FB 230 123.61 -21.23 -39.32
CA LYS FB 230 122.36 -21.86 -38.85
C LYS FB 230 121.47 -22.29 -40.02
N ARG FB 231 121.43 -21.49 -41.09
CA ARG FB 231 120.72 -21.85 -42.35
C ARG FB 231 121.63 -22.59 -43.37
N ARG FB 232 122.85 -22.96 -42.95
CA ARG FB 232 123.62 -24.07 -43.56
C ARG FB 232 123.41 -25.32 -42.71
N ARG FB 233 123.52 -25.22 -41.39
CA ARG FB 233 123.14 -26.32 -40.49
C ARG FB 233 121.60 -26.40 -40.20
N LEU FB 234 120.77 -25.80 -41.08
CA LEU FB 234 119.34 -26.16 -41.25
C LEU FB 234 118.97 -26.49 -42.72
N SER FB 235 119.50 -25.74 -43.69
CA SER FB 235 119.42 -26.15 -45.11
C SER FB 235 120.35 -27.33 -45.35
N SER FB 236 121.66 -27.10 -45.26
CA SER FB 236 122.65 -28.18 -45.43
C SER FB 236 122.57 -29.28 -44.34
N LEU FB 237 121.89 -29.06 -43.21
CA LEU FB 237 121.54 -30.16 -42.28
C LEU FB 237 120.26 -30.87 -42.74
N SER GB 1 108.04 -78.98 -40.28
CA SER GB 1 109.02 -79.41 -39.24
C SER GB 1 108.88 -78.65 -37.91
N ALA GB 2 108.51 -77.37 -37.98
CA ALA GB 2 108.46 -76.52 -36.79
C ALA GB 2 107.66 -75.24 -37.01
N LYS GB 3 108.13 -74.41 -37.94
CA LYS GB 3 107.63 -73.04 -38.15
C LYS GB 3 106.24 -72.95 -38.80
N ILE GB 4 105.80 -74.00 -39.49
CA ILE GB 4 104.58 -73.96 -40.32
C ILE GB 4 103.25 -73.90 -39.55
N VAL GB 5 103.22 -74.40 -38.31
CA VAL GB 5 102.02 -74.30 -37.45
C VAL GB 5 102.33 -73.54 -36.13
N LYS GB 6 102.90 -72.34 -36.25
CA LYS GB 6 103.13 -71.43 -35.10
C LYS GB 6 103.32 -69.93 -35.47
N PRO GB 7 102.59 -69.43 -36.49
CA PRO GB 7 102.95 -68.15 -37.11
C PRO GB 7 102.32 -66.95 -36.40
N ASN GB 8 103.14 -66.09 -35.80
CA ASN GB 8 102.64 -64.89 -35.10
C ASN GB 8 103.65 -63.77 -34.77
N GLY GB 9 104.85 -63.79 -35.35
CA GLY GB 9 105.96 -62.93 -34.92
C GLY GB 9 106.93 -63.64 -33.98
N GLU GB 10 106.39 -64.49 -33.10
CA GLU GB 10 107.15 -65.34 -32.18
C GLU GB 10 107.60 -66.68 -32.83
N LYS GB 11 108.90 -66.78 -33.12
CA LYS GB 11 109.57 -68.07 -33.44
C LYS GB 11 110.13 -68.84 -32.21
N PRO GB 12 111.10 -68.27 -31.47
CA PRO GB 12 111.99 -68.99 -30.55
C PRO GB 12 111.88 -70.52 -30.48
N ASP GB 13 112.30 -71.13 -31.58
CA ASP GB 13 112.58 -72.57 -31.73
C ASP GB 13 112.16 -73.47 -30.55
N GLU GB 14 112.94 -73.44 -29.49
CA GLU GB 14 113.08 -74.55 -28.53
C GLU GB 14 111.94 -75.55 -28.49
N PHE GB 15 110.94 -75.31 -27.65
CA PHE GB 15 109.80 -76.21 -27.59
C PHE GB 15 108.90 -76.03 -28.78
N GLU GB 16 108.64 -74.78 -29.12
CA GLU GB 16 107.60 -74.43 -30.09
C GLU GB 16 107.75 -75.26 -31.36
N SER GB 17 109.00 -75.43 -31.79
CA SER GB 17 109.38 -76.36 -32.85
C SER GB 17 108.96 -77.79 -32.52
N GLY GB 18 109.51 -78.32 -31.43
CA GLY GB 18 109.26 -79.70 -30.99
C GLY GB 18 107.80 -80.05 -30.82
N ILE GB 19 107.02 -79.12 -30.27
CA ILE GB 19 105.59 -79.32 -30.02
C ILE GB 19 104.82 -79.24 -31.36
N SER GB 20 105.12 -78.24 -32.19
CA SER GB 20 104.53 -78.13 -33.54
C SER GB 20 104.90 -79.29 -34.46
N GLN GB 21 106.08 -79.86 -34.24
CA GLN GB 21 106.51 -81.06 -34.94
C GLN GB 21 105.67 -82.27 -34.50
N ALA GB 22 105.28 -82.31 -33.22
CA ALA GB 22 104.35 -83.33 -32.71
C ALA GB 22 102.94 -83.14 -33.28
N LEU GB 23 102.51 -81.89 -33.49
CA LEU GB 23 101.26 -81.60 -34.23
C LEU GB 23 101.35 -82.17 -35.65
N LEU GB 24 102.42 -81.78 -36.34
CA LEU GB 24 102.75 -82.31 -37.68
C LEU GB 24 102.83 -83.83 -37.74
N GLU GB 25 103.34 -84.45 -36.67
CA GLU GB 25 103.37 -85.91 -36.52
C GLU GB 25 101.95 -86.48 -36.40
N LEU GB 26 101.06 -85.78 -35.69
CA LEU GB 26 99.64 -86.19 -35.56
C LEU GB 26 98.82 -86.05 -36.85
N GLU GB 27 99.37 -85.39 -37.87
CA GLU GB 27 98.75 -85.37 -39.21
C GLU GB 27 99.02 -86.66 -40.02
N MET GB 28 100.14 -87.32 -39.75
CA MET GB 28 100.42 -88.67 -40.31
C MET GB 28 99.57 -89.68 -39.55
N ASN GB 29 98.26 -89.62 -39.80
CA ASN GB 29 97.26 -90.22 -38.91
C ASN GB 29 95.88 -90.13 -39.58
N SER GB 30 95.16 -91.25 -39.61
CA SER GB 30 93.84 -91.29 -40.24
C SER GB 30 92.77 -90.61 -39.35
N ASP GB 31 91.89 -89.84 -40.00
CA ASP GB 31 90.78 -89.10 -39.35
C ASP GB 31 91.26 -87.90 -38.50
N LEU GB 32 92.30 -88.08 -37.68
CA LEU GB 32 92.96 -86.97 -36.97
C LEU GB 32 93.82 -86.21 -38.00
N LYS GB 33 93.15 -85.47 -38.87
CA LYS GB 33 93.75 -84.89 -40.09
C LYS GB 33 92.70 -84.04 -40.80
N ALA GB 34 93.17 -83.09 -41.61
CA ALA GB 34 92.32 -82.17 -42.40
C ALA GB 34 91.69 -81.10 -41.50
N GLN GB 35 90.89 -81.54 -40.52
CA GLN GB 35 90.50 -80.69 -39.39
C GLN GB 35 91.70 -80.10 -38.61
N LEU GB 36 92.85 -80.78 -38.64
CA LEU GB 36 94.09 -80.26 -38.04
C LEU GB 36 94.89 -79.35 -38.98
N ARG GB 37 94.60 -79.39 -40.29
CA ARG GB 37 95.27 -78.50 -41.25
C ARG GB 37 94.87 -77.03 -41.04
N GLU GB 38 93.55 -76.80 -40.95
CA GLU GB 38 92.98 -75.48 -40.66
C GLU GB 38 93.53 -74.85 -39.37
N LEU GB 39 93.74 -75.68 -38.34
CA LEU GB 39 94.20 -75.21 -37.04
C LEU GB 39 95.66 -74.77 -37.05
N ASN GB 40 96.07 -74.16 -35.94
CA ASN GB 40 97.29 -73.38 -35.86
C ASN GB 40 97.50 -72.82 -34.46
N ILE GB 41 98.67 -73.03 -33.84
CA ILE GB 41 98.96 -72.37 -32.56
C ILE GB 41 99.70 -71.06 -32.81
N THR GB 42 100.05 -70.39 -31.72
CA THR GB 42 100.77 -69.12 -31.74
C THR GB 42 102.08 -69.27 -30.96
N ALA GB 43 101.96 -69.46 -29.65
CA ALA GB 43 103.11 -69.61 -28.74
C ALA GB 43 102.88 -70.77 -27.77
N ALA GB 44 103.92 -71.10 -27.00
CA ALA GB 44 103.87 -72.16 -25.99
C ALA GB 44 104.99 -72.03 -24.97
N LYS GB 45 104.70 -72.47 -23.75
CA LYS GB 45 105.62 -72.34 -22.63
C LYS GB 45 105.66 -73.64 -21.85
N GLU GB 46 106.83 -73.92 -21.30
CA GLU GB 46 106.98 -74.93 -20.25
C GLU GB 46 106.86 -74.20 -18.95
N ILE GB 47 106.11 -74.78 -18.02
CA ILE GB 47 105.96 -74.21 -16.69
C ILE GB 47 105.96 -75.31 -15.64
N GLU GB 48 106.78 -75.12 -14.61
CA GLU GB 48 106.86 -76.08 -13.50
C GLU GB 48 105.69 -75.84 -12.54
N VAL GB 49 105.52 -76.76 -11.60
CA VAL GB 49 104.52 -76.63 -10.55
C VAL GB 49 105.15 -77.01 -9.22
N GLY GB 50 104.39 -76.87 -8.13
CA GLY GB 50 104.86 -77.17 -6.78
C GLY GB 50 105.31 -78.61 -6.58
N GLY GB 51 104.53 -79.55 -7.09
CA GLY GB 51 104.87 -80.99 -7.04
C GLY GB 51 106.21 -81.32 -7.69
N GLY GB 52 106.51 -80.66 -8.80
CA GLY GB 52 107.75 -80.88 -9.55
C GLY GB 52 107.46 -81.15 -11.00
N ARG GB 53 106.48 -82.02 -11.27
CA ARG GB 53 106.19 -82.46 -12.65
C ARG GB 53 105.51 -81.39 -13.50
N LYS GB 54 106.36 -80.58 -14.12
CA LYS GB 54 106.02 -79.48 -15.04
C LYS GB 54 104.96 -79.81 -16.10
N ALA GB 55 104.30 -78.75 -16.58
CA ALA GB 55 103.23 -78.84 -17.58
C ALA GB 55 103.51 -77.92 -18.75
N ILE GB 56 103.08 -78.36 -19.93
CA ILE GB 56 103.20 -77.56 -21.14
C ILE GB 56 101.87 -76.87 -21.40
N ILE GB 57 101.91 -75.54 -21.46
CA ILE GB 57 100.76 -74.72 -21.81
C ILE GB 57 100.89 -74.33 -23.29
N ILE GB 58 99.81 -74.51 -24.03
CA ILE GB 58 99.80 -74.17 -25.45
C ILE GB 58 98.79 -73.05 -25.64
N PHE GB 59 99.20 -72.00 -26.35
CA PHE GB 59 98.29 -70.92 -26.71
C PHE GB 59 97.67 -71.18 -28.09
N VAL GB 60 96.59 -70.47 -28.39
CA VAL GB 60 95.82 -70.62 -29.64
C VAL GB 60 95.38 -69.20 -30.07
N PRO GB 61 95.22 -68.93 -31.39
CA PRO GB 61 94.75 -67.61 -31.85
C PRO GB 61 93.50 -67.02 -31.17
N VAL GB 62 92.40 -67.78 -31.14
CA VAL GB 62 91.12 -67.48 -30.41
C VAL GB 62 89.91 -67.97 -31.20
N PRO GB 63 89.78 -67.57 -32.47
CA PRO GB 63 88.63 -68.07 -33.23
C PRO GB 63 88.76 -69.58 -33.48
N GLN GB 64 90.01 -70.06 -33.46
CA GLN GB 64 90.34 -71.45 -33.64
C GLN GB 64 90.07 -72.26 -32.38
N LEU GB 65 90.11 -71.60 -31.22
CA LEU GB 65 89.84 -72.28 -29.94
C LEU GB 65 88.58 -73.13 -30.03
N LYS GB 66 87.48 -72.56 -30.55
CA LYS GB 66 86.21 -73.32 -30.66
C LYS GB 66 86.30 -74.52 -31.61
N SER GB 67 87.30 -74.53 -32.49
CA SER GB 67 87.68 -75.73 -33.25
C SER GB 67 88.69 -76.64 -32.51
N PHE GB 68 89.62 -76.05 -31.76
CA PHE GB 68 90.51 -76.87 -30.89
C PHE GB 68 89.73 -77.68 -29.87
N GLN GB 69 88.61 -77.14 -29.40
CA GLN GB 69 87.78 -77.87 -28.45
C GLN GB 69 87.26 -79.20 -29.07
N LYS GB 70 86.94 -79.24 -30.36
CA LYS GB 70 86.50 -80.50 -30.98
C LYS GB 70 87.58 -81.57 -30.93
N ILE GB 71 88.82 -81.15 -31.09
CA ILE GB 71 89.95 -82.07 -31.15
C ILE GB 71 90.62 -82.32 -29.77
N GLN GB 72 90.64 -81.31 -28.91
CA GLN GB 72 91.38 -81.30 -27.63
C GLN GB 72 91.59 -82.62 -26.89
N VAL GB 73 90.50 -83.36 -26.61
CA VAL GB 73 90.59 -84.60 -25.81
C VAL GB 73 91.39 -85.64 -26.57
N ARG GB 74 91.07 -85.82 -27.85
CA ARG GB 74 91.82 -86.71 -28.74
C ARG GB 74 93.25 -86.23 -28.99
N LEU GB 75 93.43 -84.91 -29.03
CA LEU GB 75 94.74 -84.28 -29.23
C LEU GB 75 95.63 -84.53 -28.03
N VAL GB 76 95.19 -84.09 -26.86
CA VAL GB 76 95.98 -84.16 -25.64
C VAL GB 76 96.38 -85.61 -25.39
N ARG GB 77 95.40 -86.52 -25.37
CA ARG GB 77 95.65 -87.97 -25.22
C ARG GB 77 96.87 -88.46 -26.00
N GLU GB 78 96.99 -88.02 -27.26
CA GLU GB 78 98.05 -88.49 -28.12
C GLU GB 78 99.39 -87.76 -27.88
N LEU GB 79 99.39 -86.43 -27.86
CA LEU GB 79 100.68 -85.71 -27.65
C LEU GB 79 101.19 -85.69 -26.19
N GLU GB 80 100.29 -85.95 -25.23
CA GLU GB 80 100.68 -86.14 -23.82
C GLU GB 80 101.48 -87.44 -23.68
N LYS GB 81 100.98 -88.49 -24.34
CA LYS GB 81 101.64 -89.80 -24.41
C LYS GB 81 102.97 -89.75 -25.17
N LYS GB 82 103.02 -88.96 -26.24
CA LYS GB 82 104.26 -88.73 -27.02
C LYS GB 82 105.31 -87.96 -26.20
N PHE GB 83 104.93 -86.75 -25.83
CA PHE GB 83 105.80 -85.75 -25.24
C PHE GB 83 105.59 -85.98 -23.74
N SER GB 84 106.24 -87.03 -23.24
CA SER GB 84 105.85 -87.68 -22.01
C SER GB 84 106.44 -87.05 -20.74
N GLY GB 85 105.94 -87.53 -19.60
CA GLY GB 85 106.30 -87.02 -18.29
C GLY GB 85 105.70 -85.66 -17.99
N LYS GB 86 104.68 -85.26 -18.73
CA LYS GB 86 104.19 -83.89 -18.72
C LYS GB 86 102.67 -83.82 -18.97
N HIS GB 87 102.04 -82.79 -18.44
CA HIS GB 87 100.64 -82.47 -18.72
C HIS GB 87 100.55 -81.44 -19.83
N VAL GB 88 99.46 -81.49 -20.60
CA VAL GB 88 99.24 -80.54 -21.69
C VAL GB 88 97.85 -79.95 -21.62
N VAL GB 89 97.74 -78.66 -21.93
CA VAL GB 89 96.45 -77.97 -21.92
C VAL GB 89 96.48 -76.72 -22.81
N PHE GB 90 95.32 -76.41 -23.41
CA PHE GB 90 95.19 -75.31 -24.36
C PHE GB 90 94.50 -74.09 -23.75
N ILE GB 91 94.98 -72.92 -24.19
CA ILE GB 91 94.46 -71.60 -23.82
C ILE GB 91 94.35 -70.73 -25.08
N ALA GB 92 93.39 -69.84 -25.09
CA ALA GB 92 93.27 -68.88 -26.17
C ALA GB 92 94.14 -67.64 -25.87
N GLN GB 93 94.84 -67.14 -26.90
CA GLN GB 93 95.78 -66.02 -26.80
C GLN GB 93 94.97 -64.73 -26.81
N ARG GB 94 94.44 -64.34 -25.64
CA ARG GB 94 93.65 -63.11 -25.54
C ARG GB 94 94.52 -61.88 -25.23
N ARG GB 95 94.03 -60.72 -25.64
CA ARG GB 95 94.83 -59.50 -25.76
C ARG GB 95 95.00 -58.74 -24.43
N ILE GB 96 93.90 -58.53 -23.68
CA ILE GB 96 93.85 -57.71 -22.46
C ILE GB 96 94.25 -56.26 -22.75
N LEU GB 97 93.30 -55.41 -23.09
CA LEU GB 97 93.62 -53.99 -23.27
C LEU GB 97 93.75 -53.34 -21.92
N PRO GB 98 94.53 -52.26 -21.85
CA PRO GB 98 94.65 -51.51 -20.61
C PRO GB 98 93.45 -50.62 -20.39
N LYS GB 99 93.18 -50.27 -19.13
CA LYS GB 99 92.00 -49.45 -18.83
C LYS GB 99 92.27 -48.02 -19.23
N PRO GB 100 91.26 -47.36 -19.83
CA PRO GB 100 91.44 -45.97 -20.13
C PRO GB 100 91.19 -45.21 -18.84
N THR GB 101 92.28 -44.75 -18.23
CA THR GB 101 92.19 -43.72 -17.19
C THR GB 101 91.92 -42.42 -17.93
N ARG GB 102 91.85 -41.32 -17.20
CA ARG GB 102 91.84 -39.99 -17.82
C ARG GB 102 93.29 -39.68 -18.13
N LYS GB 103 94.15 -40.04 -17.20
CA LYS GB 103 95.60 -40.10 -17.40
C LYS GB 103 95.91 -40.75 -18.77
N SER GB 104 95.78 -42.08 -18.87
CA SER GB 104 95.85 -42.78 -20.16
C SER GB 104 94.49 -42.67 -20.82
N ARG GB 105 94.38 -41.70 -21.71
CA ARG GB 105 93.14 -40.95 -21.92
C ARG GB 105 92.19 -41.44 -23.02
N THR GB 106 91.47 -40.51 -23.63
CA THR GB 106 90.69 -40.85 -24.81
C THR GB 106 90.99 -39.87 -25.95
N LYS GB 107 92.21 -39.95 -26.48
CA LYS GB 107 92.62 -39.20 -27.65
C LYS GB 107 91.81 -39.63 -28.87
N ASN GB 108 91.65 -40.94 -29.00
CA ASN GB 108 90.82 -41.56 -30.03
C ASN GB 108 90.46 -42.95 -29.54
N LYS GB 109 91.19 -43.96 -30.03
CA LYS GB 109 91.11 -45.31 -29.49
C LYS GB 109 89.71 -45.91 -29.55
N GLN GB 110 89.53 -46.88 -30.43
CA GLN GB 110 88.25 -47.54 -30.54
C GLN GB 110 87.92 -48.19 -29.21
N LYS GB 111 86.67 -48.06 -28.80
CA LYS GB 111 86.17 -48.62 -27.53
C LYS GB 111 87.16 -49.35 -26.63
N ARG GB 112 86.99 -50.66 -26.53
CA ARG GB 112 87.63 -51.49 -25.51
C ARG GB 112 86.53 -52.36 -24.97
N PRO GB 113 86.17 -53.40 -25.71
CA PRO GB 113 85.05 -54.20 -25.25
C PRO GB 113 85.30 -54.93 -23.94
N ARG GB 114 84.21 -55.49 -23.44
CA ARG GB 114 84.18 -56.18 -22.18
C ARG GB 114 84.87 -57.53 -22.39
N SER GB 115 84.60 -58.16 -23.54
CA SER GB 115 85.31 -59.36 -24.01
C SER GB 115 86.83 -59.25 -23.88
N ARG GB 116 87.32 -58.07 -24.17
CA ARG GB 116 88.74 -57.73 -24.22
C ARG GB 116 89.25 -56.97 -23.00
N THR GB 117 88.36 -56.70 -22.04
CA THR GB 117 88.73 -56.05 -20.79
C THR GB 117 89.51 -57.04 -19.93
N LEU GB 118 89.81 -56.67 -18.69
CA LEU GB 118 90.59 -57.54 -17.84
C LEU GB 118 89.84 -58.75 -17.33
N THR GB 119 88.88 -58.52 -16.45
CA THR GB 119 88.30 -59.61 -15.64
C THR GB 119 87.57 -60.68 -16.49
N ALA GB 120 87.12 -60.30 -17.70
CA ALA GB 120 86.62 -61.27 -18.69
C ALA GB 120 87.72 -62.26 -19.09
N VAL GB 121 88.92 -61.72 -19.38
CA VAL GB 121 90.03 -62.54 -19.84
C VAL GB 121 90.38 -63.65 -18.87
N HIS GB 122 90.77 -63.33 -17.64
CA HIS GB 122 91.28 -64.42 -16.80
C HIS GB 122 90.11 -65.39 -16.54
N ASP GB 123 88.88 -64.88 -16.55
CA ASP GB 123 87.68 -65.74 -16.48
C ASP GB 123 87.45 -66.65 -17.67
N ALA GB 124 87.70 -66.17 -18.88
CA ALA GB 124 87.64 -67.05 -20.05
C ALA GB 124 88.83 -68.02 -20.06
N ILE GB 125 90.00 -67.56 -19.59
CA ILE GB 125 91.16 -68.44 -19.32
C ILE GB 125 90.80 -69.68 -18.48
N LEU GB 126 89.92 -69.49 -17.50
CA LEU GB 126 89.37 -70.62 -16.75
C LEU GB 126 88.64 -71.62 -17.63
N GLU GB 127 87.74 -71.13 -18.47
CA GLU GB 127 86.98 -72.00 -19.38
C GLU GB 127 87.88 -72.71 -20.41
N ASP GB 128 89.06 -72.15 -20.70
CA ASP GB 128 90.03 -72.81 -21.62
C ASP GB 128 90.82 -73.92 -20.93
N LEU GB 129 91.24 -73.69 -19.69
CA LEU GB 129 91.96 -74.70 -18.92
C LEU GB 129 91.19 -76.00 -18.78
N VAL GB 130 90.05 -75.92 -18.11
CA VAL GB 130 89.30 -77.11 -17.69
C VAL GB 130 88.15 -77.42 -18.63
N PHE GB 131 88.51 -77.48 -19.91
CA PHE GB 131 87.58 -77.75 -21.02
C PHE GB 131 86.67 -78.93 -20.71
N PRO GB 132 87.26 -80.05 -20.23
CA PRO GB 132 86.41 -81.22 -20.10
C PRO GB 132 85.49 -81.13 -18.90
N SER GB 133 85.95 -80.44 -17.85
CA SER GB 133 85.19 -80.40 -16.62
C SER GB 133 84.05 -79.39 -16.69
N GLU GB 134 84.37 -78.16 -17.10
CA GLU GB 134 83.40 -77.06 -17.24
C GLU GB 134 83.01 -76.54 -15.86
N ILE GB 135 82.95 -75.22 -15.71
CA ILE GB 135 82.69 -74.64 -14.39
C ILE GB 135 81.19 -74.70 -14.06
N VAL GB 136 80.91 -75.06 -12.81
CA VAL GB 136 79.56 -75.05 -12.25
C VAL GB 136 79.35 -73.83 -11.36
N GLY GB 137 80.39 -73.36 -10.67
CA GLY GB 137 80.25 -72.15 -9.84
C GLY GB 137 81.54 -71.82 -9.15
N LYS GB 138 81.77 -70.53 -8.92
CA LYS GB 138 82.94 -70.09 -8.19
C LYS GB 138 82.50 -69.60 -6.81
N ARG GB 139 83.35 -69.77 -5.81
CA ARG GB 139 83.32 -68.91 -4.62
C ARG GB 139 84.65 -68.23 -4.59
N ILE GB 140 84.78 -67.23 -3.74
CA ILE GB 140 85.99 -66.44 -3.68
C ILE GB 140 86.30 -66.00 -2.26
N ARG GB 141 87.33 -66.61 -1.69
CA ARG GB 141 87.71 -66.36 -0.30
C ARG GB 141 88.45 -65.08 -0.17
N VAL GB 142 88.33 -64.49 1.01
CA VAL GB 142 89.23 -63.47 1.48
C VAL GB 142 89.72 -63.97 2.81
N LYS GB 143 91.02 -64.24 2.90
CA LYS GB 143 91.65 -64.61 4.15
C LYS GB 143 91.88 -63.36 4.98
N LEU GB 144 92.14 -63.58 6.26
CA LEU GB 144 92.24 -62.49 7.22
C LEU GB 144 93.42 -61.53 6.93
N ASP GB 145 94.43 -62.01 6.19
CA ASP GB 145 95.47 -61.14 5.65
C ASP GB 145 94.93 -60.20 4.55
N GLY GB 146 94.03 -60.71 3.71
CA GLY GB 146 93.54 -59.98 2.53
C GLY GB 146 93.80 -60.70 1.21
N SER GB 147 94.59 -61.77 1.25
CA SER GB 147 94.89 -62.60 0.07
C SER GB 147 93.63 -63.29 -0.47
N ARG GB 148 93.31 -62.98 -1.72
CA ARG GB 148 92.05 -63.39 -2.31
C ARG GB 148 92.20 -64.76 -3.01
N LEU GB 149 91.78 -65.85 -2.35
CA LEU GB 149 91.88 -67.22 -2.91
C LEU GB 149 90.59 -67.69 -3.54
N ILE GB 150 90.60 -67.95 -4.84
CA ILE GB 150 89.37 -68.37 -5.53
C ILE GB 150 89.16 -69.86 -5.23
N LYS GB 151 87.92 -70.33 -5.38
CA LYS GB 151 87.59 -71.76 -5.36
C LYS GB 151 86.67 -72.05 -6.52
N VAL GB 152 87.06 -72.96 -7.40
CA VAL GB 152 86.27 -73.23 -8.60
C VAL GB 152 85.61 -74.62 -8.53
N HIS GB 153 84.28 -74.62 -8.50
CA HIS GB 153 83.47 -75.83 -8.59
C HIS GB 153 83.38 -76.22 -10.04
N LEU GB 154 83.93 -77.37 -10.39
CA LEU GB 154 83.75 -77.97 -11.71
C LEU GB 154 82.79 -79.13 -11.59
N ASP GB 155 82.33 -79.62 -12.73
CA ASP GB 155 81.18 -80.55 -12.72
C ASP GB 155 81.60 -81.99 -12.29
N LYS GB 156 81.89 -82.88 -13.22
CA LYS GB 156 81.92 -84.34 -12.94
C LYS GB 156 82.12 -85.10 -14.25
N ALA GB 157 81.29 -84.77 -15.26
CA ALA GB 157 81.49 -85.25 -16.63
C ALA GB 157 82.89 -84.87 -17.08
N GLN GB 158 83.70 -85.90 -17.37
CA GLN GB 158 85.14 -85.76 -17.59
C GLN GB 158 85.83 -85.12 -16.37
N GLN GB 159 85.49 -85.63 -15.18
CA GLN GB 159 86.29 -85.37 -13.98
C GLN GB 159 87.55 -86.22 -14.03
N ASN GB 160 87.39 -87.48 -14.44
CA ASN GB 160 88.49 -88.45 -14.47
C ASN GB 160 89.72 -87.98 -15.24
N ASN GB 161 89.48 -87.33 -16.37
CA ASN GB 161 90.53 -86.68 -17.14
C ASN GB 161 91.22 -85.57 -16.36
N VAL GB 162 90.42 -84.76 -15.67
CA VAL GB 162 90.88 -83.54 -15.04
C VAL GB 162 91.36 -83.70 -13.58
N GLU GB 163 90.79 -84.67 -12.85
CA GLU GB 163 91.06 -84.85 -11.42
C GLU GB 163 92.53 -85.02 -11.10
N HIS GB 164 93.25 -85.72 -11.98
CA HIS GB 164 94.69 -85.87 -11.80
C HIS GB 164 95.45 -84.57 -12.03
N LYS GB 165 94.91 -83.68 -12.87
CA LYS GB 165 95.58 -82.42 -13.23
C LYS GB 165 95.56 -81.39 -12.10
N VAL GB 166 94.37 -80.85 -11.83
CA VAL GB 166 94.11 -79.91 -10.72
C VAL GB 166 95.27 -78.95 -10.38
N GLU GB 167 96.29 -79.44 -9.68
CA GLU GB 167 97.41 -78.60 -9.21
C GLU GB 167 98.35 -78.16 -10.34
N THR GB 168 98.17 -78.68 -11.55
CA THR GB 168 98.69 -78.00 -12.74
C THR GB 168 97.94 -76.66 -12.95
N PHE GB 169 96.60 -76.68 -12.89
CA PHE GB 169 95.80 -75.45 -13.12
C PHE GB 169 96.12 -74.41 -12.05
N SER GB 170 96.15 -74.87 -10.80
CA SER GB 170 96.66 -74.08 -9.68
C SER GB 170 98.01 -73.41 -10.01
N GLY GB 171 98.93 -74.17 -10.58
CA GLY GB 171 100.20 -73.62 -11.06
C GLY GB 171 100.07 -72.72 -12.27
N VAL GB 172 99.15 -73.09 -13.17
CA VAL GB 172 98.98 -72.38 -14.43
C VAL GB 172 98.66 -70.89 -14.26
N TYR GB 173 97.46 -70.46 -13.86
CA TYR GB 173 97.24 -68.99 -13.94
C TYR GB 173 98.29 -68.29 -13.08
N LYS GB 174 98.74 -68.91 -11.98
CA LYS GB 174 99.70 -68.21 -11.14
C LYS GB 174 100.96 -67.76 -11.90
N LYS GB 175 101.27 -68.39 -13.04
CA LYS GB 175 102.22 -67.81 -14.00
C LYS GB 175 101.53 -66.75 -14.87
N LEU GB 176 100.42 -67.13 -15.48
CA LEU GB 176 99.70 -66.27 -16.45
C LEU GB 176 99.13 -64.98 -15.83
N THR GB 177 98.22 -65.13 -14.86
CA THR GB 177 97.50 -64.01 -14.21
C THR GB 177 98.20 -63.56 -12.92
N GLY GB 178 98.23 -64.45 -11.94
CA GLY GB 178 98.78 -64.16 -10.60
C GLY GB 178 97.77 -64.36 -9.50
N LYS GB 179 97.06 -65.48 -9.54
CA LYS GB 179 95.95 -65.75 -8.62
C LYS GB 179 95.97 -67.23 -8.21
N ASP GB 180 95.60 -67.48 -6.95
CA ASP GB 180 95.90 -68.75 -6.26
C ASP GB 180 94.61 -69.51 -6.05
N VAL GB 181 94.46 -70.68 -6.68
CA VAL GB 181 93.14 -71.33 -6.79
C VAL GB 181 93.13 -72.86 -6.73
N ASN GB 182 92.20 -73.40 -5.93
CA ASN GB 182 92.09 -74.86 -5.71
C ASN GB 182 90.66 -75.33 -5.99
N PHE GB 183 90.55 -76.52 -6.60
CA PHE GB 183 89.36 -76.96 -7.34
C PHE GB 183 88.59 -78.06 -6.61
N GLU GB 184 87.24 -77.96 -6.56
CA GLU GB 184 86.43 -78.82 -5.65
C GLU GB 184 85.31 -79.52 -6.37
N PHE GB 185 85.08 -80.78 -5.99
CA PHE GB 185 84.37 -81.76 -6.84
C PHE GB 185 83.06 -82.28 -6.21
N PRO GB 186 81.95 -81.52 -6.40
CA PRO GB 186 80.90 -81.37 -5.40
C PRO GB 186 79.55 -82.11 -5.70
N GLU GB 187 78.44 -81.63 -5.11
CA GLU GB 187 77.10 -82.21 -5.32
C GLU GB 187 76.46 -81.77 -6.63
N PHE GB 188 75.25 -82.28 -6.88
CA PHE GB 188 74.45 -81.93 -8.05
C PHE GB 188 73.10 -81.37 -7.63
N GLN GB 189 72.35 -80.93 -8.64
CA GLN GB 189 71.06 -80.26 -8.44
C GLN GB 189 69.99 -80.99 -9.23
N GLY HB 1 70.24 16.20 -18.68
CA GLY HB 1 69.94 16.32 -20.13
C GLY HB 1 69.58 14.96 -20.66
N ILE HB 2 70.14 14.66 -21.83
CA ILE HB 2 69.64 13.58 -22.67
C ILE HB 2 70.63 12.46 -22.56
N SER HB 3 70.41 11.60 -21.58
CA SER HB 3 71.44 10.69 -21.11
C SER HB 3 71.65 9.45 -21.99
N ARG HB 4 72.71 8.69 -21.68
CA ARG HB 4 73.08 7.47 -22.39
C ARG HB 4 73.33 6.30 -21.45
N ASP HB 5 72.31 5.82 -20.78
CA ASP HB 5 72.56 4.91 -19.67
C ASP HB 5 71.77 3.62 -19.73
N ASN HB 6 72.45 2.54 -19.37
CA ASN HB 6 71.77 1.27 -19.04
C ASN HB 6 70.91 1.39 -17.78
N TRP HB 7 71.25 2.36 -16.93
CA TRP HB 7 70.55 2.68 -15.68
C TRP HB 7 68.99 2.71 -15.71
N HIS HB 8 68.34 3.00 -16.85
CA HIS HB 8 66.86 3.28 -16.88
C HIS HB 8 66.00 2.21 -17.49
N LYS HB 9 66.52 1.54 -18.50
CA LYS HB 9 65.68 0.65 -19.26
C LYS HB 9 65.64 -0.73 -18.60
N ARG HB 10 64.58 -1.48 -18.93
CA ARG HB 10 64.29 -2.79 -18.35
C ARG HB 10 65.48 -3.73 -18.34
N ARG HB 11 65.44 -4.75 -17.49
CA ARG HB 11 66.45 -5.82 -17.55
C ARG HB 11 66.00 -6.87 -18.53
N LYS HB 12 66.97 -7.69 -18.94
CA LYS HB 12 66.77 -8.80 -19.87
C LYS HB 12 65.40 -9.47 -19.73
N THR HB 13 65.05 -9.83 -18.49
CA THR HB 13 63.80 -10.50 -18.18
C THR HB 13 62.58 -9.64 -18.46
N GLY HB 14 62.65 -8.38 -18.05
CA GLY HB 14 61.55 -7.45 -18.23
C GLY HB 14 61.08 -6.75 -16.99
N GLY HB 15 61.78 -6.98 -15.88
CA GLY HB 15 61.60 -6.12 -14.71
C GLY HB 15 62.07 -4.69 -14.97
N LYS HB 16 61.51 -3.76 -14.22
CA LYS HB 16 61.86 -2.35 -14.38
C LYS HB 16 62.90 -2.00 -13.33
N ARG HB 17 64.08 -1.58 -13.77
CA ARG HB 17 65.10 -1.08 -12.85
C ARG HB 17 64.56 0.11 -12.15
N LYS HB 18 64.85 0.22 -10.87
CA LYS HB 18 64.63 1.47 -10.16
C LYS HB 18 65.78 2.39 -10.50
N PRO HB 19 65.61 3.68 -10.25
CA PRO HB 19 66.77 4.57 -10.32
C PRO HB 19 67.83 4.14 -9.32
N TYR HB 20 68.76 5.03 -9.05
CA TYR HB 20 69.96 4.66 -8.36
C TYR HB 20 70.59 5.96 -7.87
N HIS HB 21 71.02 6.77 -8.83
CA HIS HB 21 71.61 8.07 -8.61
C HIS HB 21 70.74 9.16 -9.29
N LYS HB 22 71.33 10.32 -9.57
CA LYS HB 22 70.80 11.25 -10.57
C LYS HB 22 71.50 10.92 -11.88
N LYS HB 23 71.24 11.69 -12.94
CA LYS HB 23 72.04 11.55 -14.14
C LYS HB 23 73.36 12.24 -13.84
N ARG HB 24 74.48 11.64 -14.26
CA ARG HB 24 75.81 12.19 -13.98
C ARG HB 24 76.50 12.58 -15.30
N LYS HB 25 77.58 13.35 -15.22
CA LYS HB 25 78.15 14.04 -16.39
C LYS HB 25 79.09 13.07 -17.00
N TYR HB 26 78.52 12.25 -17.84
CA TYR HB 26 78.88 10.86 -17.79
C TYR HB 26 78.22 10.12 -18.89
N GLU HB 27 76.90 10.06 -18.72
CA GLU HB 27 75.99 9.35 -19.54
C GLU HB 27 75.37 10.56 -20.21
N LEU HB 28 76.20 11.30 -20.92
CA LEU HB 28 75.84 12.60 -21.38
C LEU HB 28 75.58 12.45 -22.84
N GLY HB 29 74.51 13.07 -23.29
CA GLY HB 29 74.21 13.08 -24.70
C GLY HB 29 74.04 14.52 -25.07
N ARG HB 30 74.67 14.91 -26.17
CA ARG HB 30 74.40 16.20 -26.77
C ARG HB 30 73.40 15.94 -27.89
N PRO HB 31 72.67 16.99 -28.31
CA PRO HB 31 71.87 16.86 -29.52
C PRO HB 31 72.70 16.73 -30.79
N ALA HB 32 72.02 16.25 -31.84
CA ALA HB 32 72.67 15.86 -33.08
C ALA HB 32 73.24 17.01 -33.88
N ALA HB 33 74.13 16.68 -34.80
CA ALA HB 33 74.64 17.62 -35.77
C ALA HB 33 73.66 17.72 -36.90
N ASN HB 34 73.21 16.54 -37.35
CA ASN HB 34 72.46 16.37 -38.59
C ASN HB 34 72.94 17.42 -39.60
N THR HB 35 74.18 17.21 -40.04
CA THR HB 35 74.88 18.18 -40.84
C THR HB 35 74.31 18.27 -42.27
N LYS HB 36 74.30 19.47 -42.83
CA LYS HB 36 73.72 19.71 -44.16
C LYS HB 36 74.81 19.91 -45.20
N ILE HB 37 74.39 20.31 -46.39
CA ILE HB 37 75.29 20.78 -47.43
C ILE HB 37 75.11 22.30 -47.65
N GLY HB 38 76.05 23.10 -47.17
CA GLY HB 38 76.06 24.55 -47.40
C GLY HB 38 77.49 25.05 -47.34
N PRO HB 39 77.69 26.39 -47.33
CA PRO HB 39 79.03 26.93 -47.05
C PRO HB 39 79.46 26.55 -45.65
N ARG HB 40 80.73 26.21 -45.48
CA ARG HB 40 81.22 25.55 -44.26
C ARG HB 40 80.76 26.20 -42.97
N ARG HB 41 80.32 25.38 -42.02
CA ARG HB 41 79.99 25.89 -40.70
C ARG HB 41 80.12 24.81 -39.66
N ILE HB 42 81.11 25.01 -38.79
CA ILE HB 42 81.49 24.01 -37.82
C ILE HB 42 81.64 24.72 -36.51
N HIS HB 43 80.97 24.20 -35.48
CA HIS HB 43 81.28 24.62 -34.14
C HIS HB 43 82.11 23.54 -33.45
N THR HB 44 83.09 24.02 -32.69
CA THR HB 44 83.77 23.21 -31.72
C THR HB 44 82.86 22.92 -30.56
N VAL HB 45 83.24 21.90 -29.83
CA VAL HB 45 82.61 21.54 -28.59
C VAL HB 45 83.71 21.11 -27.65
N ARG HB 46 83.53 21.48 -26.39
CA ARG HB 46 84.38 21.01 -25.33
C ARG HB 46 83.69 19.78 -24.76
N VAL HB 47 84.50 18.76 -24.53
CA VAL HB 47 84.02 17.42 -24.22
C VAL HB 47 84.72 16.92 -22.95
N ARG HB 48 84.55 15.62 -22.68
CA ARG HB 48 85.25 14.93 -21.63
C ARG HB 48 86.74 14.83 -21.96
N GLY HB 49 87.57 14.88 -20.92
CA GLY HB 49 89.03 14.82 -21.06
C GLY HB 49 89.73 16.19 -20.98
N GLY HB 50 88.99 17.25 -21.29
CA GLY HB 50 89.53 18.43 -21.92
C GLY HB 50 89.11 18.12 -23.33
N ASN HB 51 90.07 17.99 -24.25
CA ASN HB 51 89.83 17.60 -25.65
C ASN HB 51 88.68 18.35 -26.30
N LYS HB 52 88.50 18.15 -27.61
CA LYS HB 52 87.46 18.87 -28.33
C LYS HB 52 86.86 18.04 -29.45
N LYS HB 53 85.79 18.54 -30.04
CA LYS HB 53 85.08 17.76 -31.05
C LYS HB 53 84.41 18.63 -32.12
N TYR HB 54 84.69 18.33 -33.40
CA TYR HB 54 84.41 19.27 -34.51
C TYR HB 54 83.10 18.77 -35.12
N ARG HB 55 82.01 19.36 -34.59
CA ARG HB 55 80.62 19.11 -35.03
C ARG HB 55 80.29 20.03 -36.19
N ALA HB 56 80.19 19.42 -37.39
CA ALA HB 56 79.89 20.13 -38.63
C ALA HB 56 78.41 20.27 -38.71
N LEU HB 57 77.92 21.48 -39.00
CA LEU HB 57 76.49 21.68 -39.27
C LEU HB 57 76.19 22.07 -40.71
N ARG HB 58 77.15 22.74 -41.36
CA ARG HB 58 77.09 22.95 -42.80
C ARG HB 58 78.41 22.44 -43.31
N LEU HB 59 78.38 21.72 -44.43
CA LEU HB 59 79.59 21.12 -44.95
C LEU HB 59 79.50 20.93 -46.45
N ASP HB 60 80.51 21.41 -47.15
CA ASP HB 60 80.46 21.56 -48.62
C ASP HB 60 81.39 20.59 -49.37
N VAL HB 61 82.56 20.30 -48.82
CA VAL HB 61 83.66 19.60 -49.51
C VAL HB 61 84.23 18.43 -48.69
N GLY HB 62 84.82 17.45 -49.37
CA GLY HB 62 85.38 16.25 -48.73
C GLY HB 62 86.73 15.82 -49.28
N ASN HB 63 87.51 15.14 -48.45
CA ASN HB 63 88.90 14.76 -48.73
C ASN HB 63 88.94 13.28 -48.92
N PHE HB 64 88.56 12.83 -50.09
CA PHE HB 64 87.90 11.54 -50.18
C PHE HB 64 88.09 11.01 -51.65
N SER HB 65 88.24 9.70 -51.85
CA SER HB 65 89.27 9.10 -52.78
C SER HB 65 88.89 8.08 -53.91
N TRP HB 66 89.76 7.84 -54.93
CA TRP HB 66 89.69 6.52 -55.67
C TRP HB 66 90.06 5.46 -54.69
N GLY HB 67 89.50 4.28 -54.86
CA GLY HB 67 90.13 3.13 -54.31
C GLY HB 67 91.35 2.81 -55.14
N SER HB 68 91.07 2.51 -56.40
CA SER HB 68 92.00 1.78 -57.26
C SER HB 68 93.16 2.63 -57.69
N GLU HB 69 92.84 3.75 -58.32
CA GLU HB 69 93.86 4.67 -58.80
C GLU HB 69 94.80 5.17 -57.70
N CYS HB 70 94.34 5.18 -56.45
CA CYS HB 70 95.15 5.56 -55.27
C CYS HB 70 95.40 7.07 -55.20
N CYS HB 71 94.34 7.85 -55.41
CA CYS HB 71 94.41 9.27 -55.15
C CYS HB 71 93.21 9.72 -54.37
N THR HB 72 93.21 11.01 -54.05
CA THR HB 72 92.15 11.64 -53.29
C THR HB 72 92.30 13.14 -53.33
N ARG HB 73 91.87 13.70 -54.45
CA ARG HB 73 91.66 15.11 -54.56
C ARG HB 73 90.56 15.53 -53.54
N LYS HB 74 90.69 16.75 -53.02
CA LYS HB 74 89.64 17.40 -52.23
C LYS HB 74 88.61 17.99 -53.16
N THR HB 75 87.34 17.67 -52.92
CA THR HB 75 86.30 17.87 -53.89
C THR HB 75 84.99 18.34 -53.26
N ARG HB 76 84.22 19.14 -53.99
CA ARG HB 76 82.88 19.53 -53.57
C ARG HB 76 81.95 18.33 -53.52
N ILE HB 77 81.13 18.28 -52.48
CA ILE HB 77 80.05 17.29 -52.32
C ILE HB 77 78.83 17.97 -52.87
N ILE HB 78 78.35 17.51 -54.00
CA ILE HB 78 77.24 18.19 -54.62
C ILE HB 78 75.91 17.86 -53.90
N ASP HB 79 75.63 16.59 -53.59
CA ASP HB 79 74.23 16.17 -53.29
C ASP HB 79 74.11 14.71 -52.75
N VAL HB 80 73.25 14.50 -51.74
CA VAL HB 80 73.00 13.17 -51.11
C VAL HB 80 72.00 12.29 -51.90
N VAL HB 81 72.27 11.00 -51.92
CA VAL HB 81 71.62 10.08 -52.83
C VAL HB 81 70.70 9.08 -52.14
N TYR HB 82 71.17 7.96 -51.59
CA TYR HB 82 70.39 7.32 -50.50
C TYR HB 82 71.36 7.05 -49.36
N ASN HB 83 70.78 7.01 -48.15
CA ASN HB 83 71.42 6.65 -46.90
C ASN HB 83 70.69 5.49 -46.28
N ALA HB 84 71.40 4.36 -46.10
CA ALA HB 84 70.74 3.06 -45.81
C ALA HB 84 69.82 3.06 -44.58
N SER HB 85 70.21 3.84 -43.58
CA SER HB 85 69.47 3.99 -42.34
C SER HB 85 68.03 4.38 -42.59
N ASN HB 86 67.86 5.54 -43.22
CA ASN HB 86 66.60 6.27 -43.12
C ASN HB 86 66.49 7.33 -44.21
N ASN HB 87 65.24 7.59 -44.60
CA ASN HB 87 64.90 8.27 -45.85
C ASN HB 87 64.38 9.68 -45.67
N GLU HB 88 64.53 10.21 -44.47
CA GLU HB 88 64.53 11.65 -44.25
C GLU HB 88 65.93 12.21 -44.53
N LEU HB 89 66.96 11.45 -44.17
CA LEU HB 89 68.36 11.94 -44.21
C LEU HB 89 68.86 12.11 -45.63
N VAL HB 90 68.17 11.45 -46.55
CA VAL HB 90 68.32 11.67 -47.96
C VAL HB 90 67.71 13.02 -48.33
N ARG HB 91 66.42 13.16 -48.03
CA ARG HB 91 65.63 14.28 -48.49
C ARG HB 91 66.16 15.58 -47.93
N THR HB 92 66.38 15.60 -46.63
CA THR HB 92 66.92 16.76 -45.94
C THR HB 92 68.39 17.06 -46.32
N LYS HB 93 69.05 16.10 -46.98
CA LYS HB 93 70.44 16.21 -47.41
C LYS HB 93 71.30 16.36 -46.19
N THR HB 94 71.26 15.30 -45.40
CA THR HB 94 72.02 15.20 -44.17
C THR HB 94 73.16 14.21 -44.40
N LEU HB 95 74.39 14.71 -44.37
CA LEU HB 95 75.58 13.88 -44.54
C LEU HB 95 75.92 13.16 -43.26
N VAL HB 96 75.97 11.84 -43.29
CA VAL HB 96 76.42 11.05 -42.14
C VAL HB 96 77.16 9.85 -42.65
N LYS HB 97 77.84 9.19 -41.74
CA LYS HB 97 78.68 8.06 -42.10
C LYS HB 97 77.90 7.00 -42.86
N ASN HB 98 78.40 6.69 -44.05
CA ASN HB 98 77.72 5.88 -45.04
C ASN HB 98 76.47 6.55 -45.56
N CYS HB 99 76.61 7.81 -45.94
CA CYS HB 99 75.70 8.43 -46.90
C CYS HB 99 76.30 8.17 -48.24
N ILE HB 100 75.48 7.97 -49.25
CA ILE HB 100 76.00 7.97 -50.60
C ILE HB 100 75.80 9.33 -51.17
N VAL HB 101 76.86 9.91 -51.73
CA VAL HB 101 76.84 11.28 -52.17
C VAL HB 101 77.38 11.44 -53.59
N LEU HB 102 76.81 12.36 -54.33
CA LEU HB 102 77.40 12.82 -55.57
C LEU HB 102 78.41 13.89 -55.26
N ILE HB 103 79.45 13.96 -56.09
CA ILE HB 103 80.62 14.82 -55.83
C ILE HB 103 81.11 15.36 -57.15
N ASP HB 104 82.13 16.22 -57.13
CA ASP HB 104 82.67 16.71 -58.39
C ASP HB 104 83.64 15.67 -58.95
N SER HB 105 83.50 15.36 -60.23
CA SER HB 105 84.40 14.46 -60.90
C SER HB 105 85.67 15.20 -61.22
N THR HB 106 85.52 16.49 -61.49
CA THR HB 106 86.55 17.27 -62.16
C THR HB 106 88.00 17.08 -61.68
N PRO HB 107 88.24 17.06 -60.37
CA PRO HB 107 89.62 16.90 -59.92
C PRO HB 107 90.20 15.50 -60.15
N TYR HB 108 89.35 14.49 -60.34
CA TYR HB 108 89.80 13.16 -60.72
C TYR HB 108 90.07 13.01 -62.20
N ARG HB 109 89.17 13.55 -63.03
CA ARG HB 109 89.44 13.69 -64.45
C ARG HB 109 90.86 14.20 -64.56
N GLN HB 110 91.09 15.40 -64.03
CA GLN HB 110 92.34 16.10 -64.26
C GLN HB 110 93.53 15.63 -63.41
N TRP HB 111 93.65 14.31 -63.23
CA TRP HB 111 94.99 13.68 -63.35
C TRP HB 111 95.13 12.31 -64.03
N TYR HB 112 94.09 11.77 -64.67
CA TYR HB 112 94.38 10.86 -65.79
C TYR HB 112 95.03 11.77 -66.77
N GLU HB 113 94.32 12.86 -67.03
CA GLU HB 113 94.58 13.72 -68.16
C GLU HB 113 95.98 14.38 -67.99
N SER HB 114 96.53 14.36 -66.78
CA SER HB 114 97.99 14.46 -66.56
C SER HB 114 98.66 13.11 -66.80
N HIS HB 115 98.29 12.11 -65.98
CA HIS HB 115 99.05 10.88 -65.85
C HIS HB 115 99.11 10.01 -67.10
N TYR HB 116 97.97 9.46 -67.50
CA TYR HB 116 97.90 8.51 -68.64
C TYR HB 116 97.51 9.18 -69.96
N ALA HB 117 96.91 10.35 -69.83
CA ALA HB 117 96.69 11.26 -70.94
C ALA HB 117 95.67 10.74 -71.94
N LEU HB 118 94.54 10.28 -71.41
CA LEU HB 118 93.46 9.75 -72.22
C LEU HB 118 92.16 10.31 -71.65
N PRO HB 119 91.23 10.75 -72.52
CA PRO HB 119 90.05 11.48 -72.01
C PRO HB 119 88.98 10.70 -71.26
N LEU HB 120 87.99 11.44 -70.74
CA LEU HB 120 86.75 10.90 -70.18
C LEU HB 120 85.48 11.53 -70.78
N GLY HB 121 84.36 10.83 -70.56
CA GLY HB 121 83.10 11.11 -71.25
C GLY HB 121 83.31 10.74 -72.71
N ARG HB 122 82.78 11.58 -73.60
CA ARG HB 122 83.19 11.60 -75.01
C ARG HB 122 82.81 12.95 -75.57
N LYS HB 123 83.68 13.51 -76.39
CA LYS HB 123 83.45 14.83 -76.96
C LYS HB 123 83.96 14.88 -78.40
N LYS HB 124 83.51 15.90 -79.13
CA LYS HB 124 83.78 16.04 -80.55
C LYS HB 124 85.20 16.54 -80.79
N GLY HB 125 85.53 17.67 -80.17
CA GLY HB 125 86.88 18.26 -80.25
C GLY HB 125 86.91 19.74 -79.93
N ALA HB 126 86.41 20.09 -78.73
CA ALA HB 126 86.26 21.47 -78.31
C ALA HB 126 87.21 21.80 -77.15
N LYS HB 127 87.11 21.04 -76.06
CA LYS HB 127 88.08 21.09 -74.94
C LYS HB 127 89.28 20.20 -75.24
N LEU HB 128 89.01 19.03 -75.83
CA LEU HB 128 90.01 17.98 -75.99
C LEU HB 128 91.18 18.46 -76.83
N THR HB 129 90.87 18.96 -78.03
CA THR HB 129 91.91 19.37 -78.99
C THR HB 129 92.84 20.54 -78.56
N PRO HB 130 92.31 21.59 -77.87
CA PRO HB 130 93.23 22.64 -77.37
C PRO HB 130 94.05 22.27 -76.13
N GLU HB 131 93.49 21.46 -75.23
CA GLU HB 131 94.09 21.23 -73.90
C GLU HB 131 94.71 19.85 -73.65
N GLU HB 132 94.07 18.75 -74.08
CA GLU HB 132 94.68 17.40 -73.90
C GLU HB 132 96.02 17.30 -74.59
N GLU HB 133 96.04 17.65 -75.87
CA GLU HB 133 97.28 17.69 -76.66
C GLU HB 133 98.26 18.76 -76.14
N GLU HB 134 97.74 19.81 -75.48
CA GLU HB 134 98.54 20.73 -74.65
C GLU HB 134 99.13 20.02 -73.43
N ILE HB 135 98.43 19.00 -72.92
CA ILE HB 135 99.02 18.05 -71.95
C ILE HB 135 99.93 17.03 -72.66
N LEU HB 136 99.51 16.52 -73.83
CA LEU HB 136 100.35 15.64 -74.66
C LEU HB 136 101.44 16.45 -75.41
N ASN HB 137 101.36 16.51 -76.75
CA ASN HB 137 102.43 16.97 -77.66
C ASN HB 137 103.81 17.19 -77.03
N LYS HB 138 104.65 16.16 -77.10
CA LYS HB 138 105.93 16.16 -76.40
C LYS HB 138 107.02 16.81 -77.23
N LYS HB 139 107.92 17.51 -76.54
CA LYS HB 139 109.24 17.87 -77.06
C LYS HB 139 110.39 17.34 -76.14
N ARG HB 140 110.04 16.42 -75.24
CA ARG HB 140 111.00 15.67 -74.42
C ARG HB 140 111.07 14.23 -74.96
N SER HB 141 109.92 13.56 -75.07
CA SER HB 141 109.77 12.22 -75.68
C SER HB 141 110.68 11.13 -75.10
N LYS HB 142 110.85 10.02 -75.82
CA LYS HB 142 111.82 8.96 -75.48
C LYS HB 142 111.62 8.34 -74.09
N LYS HB 143 112.02 9.08 -73.06
CA LYS HB 143 111.80 8.68 -71.67
C LYS HB 143 110.32 8.68 -71.32
N ILE HB 144 109.65 9.78 -71.61
CA ILE HB 144 108.23 9.92 -71.23
C ILE HB 144 107.26 9.07 -72.03
N GLN HB 145 107.46 9.02 -73.34
CA GLN HB 145 106.58 8.24 -74.19
C GLN HB 145 106.61 6.78 -73.76
N LYS HB 146 107.82 6.24 -73.59
CA LYS HB 146 108.02 4.97 -72.89
C LYS HB 146 107.29 4.94 -71.53
N LYS HB 147 107.39 6.03 -70.74
CA LYS HB 147 106.74 6.11 -69.40
C LYS HB 147 105.21 6.03 -69.36
N TYR HB 148 104.46 6.80 -70.15
CA TYR HB 148 102.97 6.62 -70.16
C TYR HB 148 102.50 5.88 -71.46
N ASP HB 149 103.41 5.05 -71.98
CA ASP HB 149 103.08 3.78 -72.62
C ASP HB 149 103.42 2.58 -71.71
N GLU HB 150 104.26 2.78 -70.69
CA GLU HB 150 104.39 1.85 -69.56
C GLU HB 150 103.20 2.02 -68.60
N ARG HB 151 102.72 3.27 -68.42
CA ARG HB 151 101.35 3.52 -67.96
C ARG HB 151 100.46 3.14 -69.16
N LYS HB 152 100.20 1.84 -69.19
CA LYS HB 152 99.88 1.09 -70.38
C LYS HB 152 98.38 1.16 -70.61
N LYS HB 153 97.88 0.19 -71.36
CA LYS HB 153 96.60 -0.44 -71.09
C LYS HB 153 96.52 -0.72 -69.57
N ASN HB 154 95.49 -0.16 -68.93
CA ASN HB 154 95.34 0.00 -67.45
C ASN HB 154 95.44 1.48 -67.03
N ALA HB 155 95.40 2.34 -68.05
CA ALA HB 155 94.78 3.66 -67.93
C ALA HB 155 93.30 3.45 -68.23
N LYS HB 156 92.71 2.48 -67.53
CA LYS HB 156 91.42 1.90 -67.88
C LYS HB 156 90.49 2.15 -66.72
N ILE HB 157 89.21 2.16 -67.04
CA ILE HB 157 88.19 2.44 -66.07
C ILE HB 157 87.06 1.46 -66.36
N SER HB 158 86.30 1.13 -65.33
CA SER HB 158 85.07 0.37 -65.50
C SER HB 158 84.04 1.28 -66.19
N SER HB 159 83.27 0.69 -67.11
CA SER HB 159 82.17 1.39 -67.81
C SER HB 159 81.32 2.24 -66.87
N LEU HB 160 81.03 1.66 -65.70
CA LEU HB 160 80.17 2.28 -64.66
C LEU HB 160 80.71 3.62 -64.18
N LEU HB 161 82.01 3.72 -63.99
CA LEU HB 161 82.62 5.00 -63.69
C LEU HB 161 82.68 5.86 -64.94
N GLU HB 162 83.27 5.30 -65.99
CA GLU HB 162 83.43 5.98 -67.28
C GLU HB 162 82.20 6.81 -67.60
N GLU HB 163 81.04 6.16 -67.46
CA GLU HB 163 79.74 6.81 -67.54
C GLU HB 163 79.71 8.11 -66.74
N GLN HB 164 79.73 7.99 -65.42
CA GLN HB 164 79.55 9.13 -64.51
C GLN HB 164 80.37 10.39 -64.83
N PHE HB 165 81.57 10.19 -65.34
CA PHE HB 165 82.43 11.29 -65.71
C PHE HB 165 81.90 12.13 -66.88
N GLN HB 166 81.06 11.56 -67.75
CA GLN HB 166 80.27 12.39 -68.67
C GLN HB 166 79.60 13.52 -67.87
N GLN HB 167 79.01 13.12 -66.74
CA GLN HB 167 78.12 13.94 -65.98
C GLN HB 167 78.87 14.88 -65.06
N GLY HB 168 80.11 14.54 -64.74
CA GLY HB 168 80.94 15.38 -63.88
C GLY HB 168 80.49 15.28 -62.44
N LYS HB 169 79.98 14.10 -62.07
CA LYS HB 169 79.57 13.79 -60.71
C LYS HB 169 79.91 12.34 -60.42
N LEU HB 170 80.55 12.06 -59.29
CA LEU HB 170 80.84 10.68 -58.91
C LEU HB 170 80.05 10.23 -57.68
N LEU HB 171 79.80 8.92 -57.60
CA LEU HB 171 79.17 8.30 -56.45
C LEU HB 171 80.26 7.96 -55.49
N ALA HB 172 80.07 8.37 -54.26
CA ALA HB 172 81.02 8.13 -53.21
C ALA HB 172 80.24 7.94 -51.95
N CYS HB 173 80.93 7.49 -50.92
CA CYS HB 173 80.30 7.20 -49.65
C CYS HB 173 81.13 7.77 -48.52
N ILE HB 174 80.45 8.40 -47.58
CA ILE HB 174 81.10 9.03 -46.45
C ILE HB 174 81.62 7.92 -45.53
N ALA HB 175 82.87 8.05 -45.08
CA ALA HB 175 83.46 7.16 -44.06
C ALA HB 175 83.93 7.86 -42.77
N SER HB 176 84.00 9.19 -42.75
CA SER HB 176 84.15 9.94 -41.49
C SER HB 176 82.79 10.19 -40.82
N ARG HB 177 82.80 10.70 -39.59
CA ARG HB 177 81.59 11.21 -38.93
C ARG HB 177 81.58 12.74 -39.00
N PRO HB 178 80.79 13.31 -39.89
CA PRO HB 178 80.73 14.75 -39.93
C PRO HB 178 80.47 15.41 -38.58
N GLY HB 179 79.62 14.79 -37.76
CA GLY HB 179 79.29 15.36 -36.46
C GLY HB 179 80.35 15.23 -35.39
N GLN HB 180 81.16 14.18 -35.50
CA GLN HB 180 82.23 13.89 -34.54
C GLN HB 180 83.57 14.50 -35.02
N CYS HB 181 83.94 14.12 -36.25
CA CYS HB 181 85.19 14.46 -36.91
C CYS HB 181 85.31 15.94 -37.22
N GLY HB 182 84.40 16.44 -38.06
CA GLY HB 182 84.50 17.79 -38.66
C GLY HB 182 84.66 17.81 -40.17
N ARG HB 183 84.68 16.63 -40.80
CA ARG HB 183 84.92 16.51 -42.24
C ARG HB 183 83.98 15.49 -42.81
N ALA HB 184 83.88 15.49 -44.15
CA ALA HB 184 83.04 14.52 -44.86
C ALA HB 184 83.89 13.69 -45.83
N ASP HB 185 84.73 12.87 -45.19
CA ASP HB 185 85.73 12.07 -45.88
C ASP HB 185 85.15 10.70 -46.23
N GLY HB 186 85.76 9.99 -47.18
CA GLY HB 186 85.13 8.88 -47.93
C GLY HB 186 85.96 8.20 -49.04
N TYR HB 187 85.35 7.24 -49.74
CA TYR HB 187 85.95 6.58 -50.94
C TYR HB 187 84.99 6.79 -52.08
N VAL HB 188 85.44 6.53 -53.29
CA VAL HB 188 84.57 6.51 -54.47
C VAL HB 188 83.98 5.12 -54.55
N LEU HB 189 82.68 5.05 -54.83
CA LEU HB 189 82.00 3.78 -55.04
C LEU HB 189 82.46 3.23 -56.36
N GLU HB 190 83.09 2.07 -56.30
CA GLU HB 190 83.97 1.60 -57.34
C GLU HB 190 83.78 0.11 -57.47
N GLY HB 191 83.24 -0.32 -58.59
CA GLY HB 191 83.08 -1.75 -58.90
C GLY HB 191 81.83 -2.40 -58.32
N LYS HB 192 82.04 -3.24 -57.32
CA LYS HB 192 80.96 -4.00 -56.75
C LYS HB 192 80.07 -3.05 -55.94
N GLU HB 193 80.63 -2.40 -54.92
CA GLU HB 193 79.92 -1.33 -54.19
C GLU HB 193 78.96 -0.65 -55.17
N LEU HB 194 79.57 -0.04 -56.18
CA LEU HB 194 78.89 0.86 -57.09
C LEU HB 194 77.64 0.24 -57.73
N GLU HB 195 77.54 -1.08 -57.77
CA GLU HB 195 76.40 -1.69 -58.42
C GLU HB 195 75.10 -1.92 -57.61
N PHE HB 196 75.05 -2.01 -56.25
CA PHE HB 196 73.65 -2.00 -55.70
C PHE HB 196 73.34 -0.58 -56.01
N TYR HB 197 74.15 0.29 -55.41
CA TYR HB 197 73.67 1.58 -54.99
C TYR HB 197 72.97 2.29 -56.13
N LEU HB 198 73.48 2.09 -57.34
CA LEU HB 198 72.73 2.37 -58.57
C LEU HB 198 71.39 1.62 -58.61
N ARG HB 199 71.44 0.29 -58.56
CA ARG HB 199 70.24 -0.56 -58.50
C ARG HB 199 69.29 -0.27 -57.33
N LYS HB 200 69.80 0.23 -56.21
CA LYS HB 200 68.95 0.77 -55.15
C LYS HB 200 68.27 2.03 -55.63
N ILE HB 201 69.06 2.96 -56.14
CA ILE HB 201 68.51 4.22 -56.63
C ILE HB 201 67.44 3.98 -57.72
N LYS HB 202 67.79 3.16 -58.70
CA LYS HB 202 66.86 2.76 -59.76
C LYS HB 202 65.56 2.12 -59.24
N ALA HB 203 65.69 1.12 -58.37
CA ALA HB 203 64.52 0.44 -57.80
C ALA HB 203 63.70 1.36 -56.89
N ARG HB 204 64.36 2.31 -56.23
CA ARG HB 204 63.70 3.26 -55.33
C ARG HB 204 62.76 4.20 -56.06
N LYS HB 205 63.31 4.92 -57.03
CA LYS HB 205 62.51 5.82 -57.88
C LYS HB 205 61.48 5.06 -58.75
N GLY HB 206 61.75 3.79 -59.07
CA GLY HB 206 60.80 2.91 -59.75
C GLY HB 206 61.16 2.66 -61.20
N PRO IB 1 85.91 9.94 12.78
CA PRO IB 1 87.04 9.09 12.44
C PRO IB 1 88.05 8.87 13.58
N VAL IB 2 88.61 9.95 14.14
CA VAL IB 2 89.48 9.94 15.34
C VAL IB 2 90.61 8.88 15.48
N ALA IB 3 91.54 9.12 16.41
CA ALA IB 3 92.63 8.17 16.67
C ALA IB 3 92.10 7.03 17.58
N ARG IB 4 92.48 6.98 18.87
CA ARG IB 4 91.85 6.09 19.89
C ARG IB 4 91.95 4.55 19.62
N SER IB 5 91.39 3.75 20.54
CA SER IB 5 91.81 2.35 20.74
C SER IB 5 90.75 1.24 20.48
N TRP IB 6 89.62 1.31 21.21
CA TRP IB 6 88.56 0.24 21.31
C TRP IB 6 89.15 -1.08 21.78
N VAL IB 7 88.92 -2.19 21.06
CA VAL IB 7 89.41 -3.51 21.49
C VAL IB 7 89.33 -3.77 23.01
N CYS IB 8 88.28 -3.27 23.66
CA CYS IB 8 88.08 -3.50 25.08
C CYS IB 8 87.20 -4.73 25.18
N ARG IB 9 87.63 -5.69 25.99
CA ARG IB 9 86.93 -6.98 26.15
C ARG IB 9 87.07 -7.44 27.58
N LYS IB 10 86.07 -8.18 28.04
CA LYS IB 10 85.99 -8.55 29.45
C LYS IB 10 87.07 -9.53 29.86
N THR IB 11 87.34 -9.51 31.15
CA THR IB 11 88.36 -10.34 31.75
C THR IB 11 87.75 -11.50 32.47
N TYR IB 12 86.44 -11.69 32.32
CA TYR IB 12 85.75 -12.62 33.18
C TYR IB 12 84.45 -13.16 32.63
N VAL IB 13 83.93 -14.18 33.29
CA VAL IB 13 82.58 -14.70 33.00
C VAL IB 13 81.87 -14.93 34.31
N THR IB 14 80.60 -14.57 34.36
CA THR IB 14 79.73 -14.86 35.48
C THR IB 14 79.19 -16.28 35.31
N PRO IB 15 78.87 -16.97 36.43
CA PRO IB 15 78.37 -18.36 36.35
C PRO IB 15 76.94 -18.46 35.81
N ARG IB 16 76.58 -19.56 35.15
CA ARG IB 16 75.20 -19.71 34.66
C ARG IB 16 74.21 -20.09 35.76
N ARG IB 17 74.42 -21.26 36.36
CA ARG IB 17 73.53 -21.81 37.37
C ARG IB 17 73.81 -20.95 38.64
N PRO IB 18 73.05 -19.84 38.81
CA PRO IB 18 73.52 -18.57 39.43
C PRO IB 18 73.85 -18.63 40.88
N PHE IB 19 73.24 -19.58 41.59
CA PHE IB 19 73.64 -19.88 42.95
C PHE IB 19 73.28 -21.31 43.35
N GLU IB 20 74.24 -22.18 43.03
CA GLU IB 20 74.17 -23.60 43.24
C GLU IB 20 74.22 -23.93 44.72
N LYS IB 21 75.03 -23.18 45.47
CA LYS IB 21 75.48 -23.48 46.86
C LYS IB 21 76.87 -24.11 46.83
N SER IB 22 76.97 -25.30 46.23
CA SER IB 22 78.24 -26.02 46.07
C SER IB 22 79.28 -25.11 45.45
N ARG IB 23 78.89 -24.44 44.37
CA ARG IB 23 79.75 -23.47 43.68
C ARG IB 23 80.11 -22.29 44.57
N LEU IB 24 79.12 -21.78 45.32
CA LEU IB 24 79.40 -20.71 46.27
C LEU IB 24 80.34 -21.21 47.36
N ASP IB 25 80.05 -22.41 47.85
CA ASP IB 25 80.81 -22.93 48.94
C ASP IB 25 82.26 -23.33 48.56
N GLN IB 26 82.54 -23.52 47.27
CA GLN IB 26 83.93 -23.54 46.80
C GLN IB 26 84.47 -22.12 46.76
N GLU IB 27 83.83 -21.28 45.95
CA GLU IB 27 84.35 -19.96 45.63
C GLU IB 27 84.52 -19.06 46.83
N LEU IB 28 83.92 -19.40 47.97
CA LEU IB 28 84.20 -18.67 49.19
C LEU IB 28 85.53 -19.06 49.79
N LYS IB 29 85.76 -20.37 49.95
CA LYS IB 29 87.06 -20.85 50.41
C LYS IB 29 88.15 -20.04 49.76
N LEU IB 30 88.12 -20.02 48.43
CA LEU IB 30 89.16 -19.37 47.63
C LEU IB 30 89.38 -17.92 48.05
N ILE IB 31 88.30 -17.23 48.36
CA ILE IB 31 88.39 -15.87 48.80
C ILE IB 31 89.07 -15.73 50.15
N GLY IB 32 88.79 -16.63 51.09
CA GLY IB 32 89.43 -16.56 52.39
C GLY IB 32 90.83 -17.14 52.34
N GLU IB 33 90.91 -18.39 51.89
CA GLU IB 33 92.17 -19.16 51.77
C GLU IB 33 93.26 -18.22 51.37
N TYR IB 34 92.99 -17.47 50.32
CA TYR IB 34 93.82 -16.36 49.94
C TYR IB 34 92.96 -15.11 49.90
N GLY IB 35 93.40 -14.06 50.59
CA GLY IB 35 92.55 -12.91 50.91
C GLY IB 35 92.13 -12.10 49.71
N LEU IB 36 91.08 -12.56 49.04
CA LEU IB 36 90.69 -12.01 47.73
C LEU IB 36 89.74 -10.85 47.91
N ARG IB 37 89.72 -9.96 46.92
CA ARG IB 37 89.10 -8.62 47.03
C ARG IB 37 87.57 -8.60 47.07
N ASN IB 38 86.97 -9.76 46.79
CA ASN IB 38 85.72 -9.82 46.07
C ASN IB 38 85.56 -11.24 45.46
N LYS IB 39 84.35 -11.60 45.02
CA LYS IB 39 84.11 -12.85 44.29
C LYS IB 39 84.60 -12.91 42.81
N ARG IB 40 84.21 -11.92 42.00
CA ARG IB 40 84.69 -11.70 40.61
C ARG IB 40 86.12 -12.13 40.41
N GLU IB 41 86.99 -11.61 41.28
CA GLU IB 41 88.43 -11.91 41.24
C GLU IB 41 88.77 -13.41 41.12
N VAL IB 42 87.88 -14.28 41.60
CA VAL IB 42 87.98 -15.68 41.28
C VAL IB 42 87.67 -15.82 39.81
N TRP IB 43 86.47 -15.43 39.38
CA TRP IB 43 86.02 -15.77 38.00
C TRP IB 43 86.77 -14.95 36.95
N ARG IB 44 87.71 -14.13 37.39
CA ARG IB 44 88.79 -13.65 36.54
C ARG IB 44 89.75 -14.76 36.20
N VAL IB 45 90.24 -15.39 37.24
CA VAL IB 45 91.21 -16.44 37.13
C VAL IB 45 90.54 -17.69 36.53
N LYS IB 46 89.31 -17.94 36.97
CA LYS IB 46 88.45 -18.91 36.35
C LYS IB 46 88.36 -18.66 34.85
N PHE IB 47 87.98 -17.45 34.41
CA PHE IB 47 87.92 -17.18 32.96
C PHE IB 47 89.35 -17.38 32.36
N THR IB 48 90.43 -16.86 32.98
CA THR IB 48 91.78 -16.95 32.34
C THR IB 48 92.22 -18.37 32.14
N LEU IB 49 91.98 -19.22 33.13
CA LEU IB 49 92.36 -20.62 33.00
C LEU IB 49 91.58 -21.28 31.86
N ALA IB 50 90.26 -21.08 31.83
CA ALA IB 50 89.43 -21.67 30.79
C ALA IB 50 89.92 -21.29 29.38
N LYS IB 51 90.46 -20.08 29.20
CA LYS IB 51 91.15 -19.76 27.96
C LYS IB 51 92.20 -20.82 27.68
N ILE IB 52 93.17 -20.92 28.60
CA ILE IB 52 94.36 -21.75 28.43
C ILE IB 52 93.90 -23.14 28.08
N ARG IB 53 93.05 -23.70 28.93
CA ARG IB 53 92.58 -25.07 28.74
C ARG IB 53 91.88 -25.29 27.39
N LYS IB 54 91.20 -24.27 26.87
CA LYS IB 54 90.60 -24.36 25.53
C LYS IB 54 91.63 -24.12 24.41
N ALA IB 55 92.66 -23.33 24.69
CA ALA IB 55 93.80 -23.19 23.79
C ALA IB 55 94.53 -24.52 23.67
N ALA IB 56 94.84 -25.11 24.81
CA ALA IB 56 95.45 -26.42 24.84
C ALA IB 56 94.57 -27.42 24.09
N ARG IB 57 93.31 -27.54 24.50
CA ARG IB 57 92.37 -28.49 23.86
C ARG IB 57 92.21 -28.30 22.35
N GLU IB 58 92.28 -27.04 21.90
CA GLU IB 58 92.37 -26.71 20.48
C GLU IB 58 93.54 -27.45 19.78
N LEU IB 59 94.68 -27.53 20.46
CA LEU IB 59 95.87 -28.21 19.94
C LEU IB 59 95.73 -29.73 19.96
N LEU IB 60 95.13 -30.29 21.01
CA LEU IB 60 94.98 -31.77 21.13
C LEU IB 60 94.15 -32.46 20.02
N THR IB 61 93.38 -31.67 19.27
CA THR IB 61 92.69 -32.15 18.09
C THR IB 61 93.59 -32.26 16.86
N LEU IB 62 94.65 -31.46 16.79
CA LEU IB 62 95.58 -31.50 15.67
C LEU IB 62 96.40 -32.79 15.67
N ASP IB 63 96.77 -33.24 14.47
CA ASP IB 63 97.82 -34.25 14.31
C ASP IB 63 99.16 -33.71 14.87
N GLU IB 64 100.04 -34.61 15.34
CA GLU IB 64 101.35 -34.24 15.89
C GLU IB 64 102.29 -33.76 14.76
N LYS IB 65 103.53 -33.39 15.09
CA LYS IB 65 104.52 -33.01 14.08
C LYS IB 65 103.98 -32.00 13.05
N ASP IB 66 103.09 -31.13 13.49
CA ASP IB 66 102.40 -30.16 12.63
C ASP IB 66 102.83 -28.76 13.12
N PRO IB 67 103.30 -27.90 12.20
CA PRO IB 67 104.04 -26.68 12.57
C PRO IB 67 103.43 -25.84 13.69
N ARG IB 68 102.10 -25.74 13.70
CA ARG IB 68 101.38 -25.01 14.75
C ARG IB 68 101.57 -25.64 16.14
N ARG IB 69 101.07 -26.88 16.30
CA ARG IB 69 101.11 -27.61 17.60
C ARG IB 69 102.43 -27.36 18.33
N LEU IB 70 103.52 -27.63 17.61
CA LEU IB 70 104.88 -27.62 18.16
C LEU IB 70 105.23 -26.22 18.62
N PHE IB 71 104.90 -25.24 17.77
CA PHE IB 71 105.22 -23.85 18.04
C PHE IB 71 104.34 -23.25 19.13
N GLU IB 72 103.03 -23.23 18.88
CA GLU IB 72 102.07 -22.64 19.80
C GLU IB 72 102.15 -23.32 21.15
N GLY IB 73 102.39 -24.63 21.11
CA GLY IB 73 102.56 -25.44 22.31
C GLY IB 73 103.70 -24.97 23.18
N ASN IB 74 104.91 -24.99 22.63
CA ASN IB 74 106.08 -24.52 23.38
C ASN IB 74 105.81 -23.14 23.92
N ALA IB 75 105.54 -22.20 23.02
CA ALA IB 75 105.16 -20.84 23.42
C ALA IB 75 104.22 -20.85 24.64
N LEU IB 76 103.13 -21.62 24.55
CA LEU IB 76 102.12 -21.68 25.63
C LEU IB 76 102.64 -22.27 26.93
N LEU IB 77 103.44 -23.32 26.81
CA LEU IB 77 104.00 -23.97 27.96
C LEU IB 77 105.01 -23.08 28.64
N ARG IB 78 105.96 -22.58 27.85
CA ARG IB 78 106.93 -21.63 28.34
C ARG IB 78 106.19 -20.58 29.14
N ARG IB 79 105.16 -19.96 28.56
CA ARG IB 79 104.39 -18.90 29.25
C ARG IB 79 103.88 -19.27 30.64
N LEU IB 80 103.60 -20.55 30.85
CA LEU IB 80 103.19 -21.06 32.16
C LEU IB 80 104.35 -21.29 33.15
N VAL IB 81 105.47 -21.81 32.65
CA VAL IB 81 106.66 -22.10 33.48
C VAL IB 81 107.26 -20.77 33.91
N ARG IB 82 107.47 -19.93 32.92
CA ARG IB 82 107.75 -18.52 33.03
C ARG IB 82 107.08 -17.85 34.25
N ILE IB 83 105.80 -18.12 34.52
CA ILE IB 83 105.10 -17.60 35.74
C ILE IB 83 105.01 -18.58 36.90
N GLY IB 84 105.48 -19.81 36.67
CA GLY IB 84 105.85 -20.72 37.75
C GLY IB 84 104.73 -21.65 38.13
N VAL IB 85 104.16 -22.32 37.12
CA VAL IB 85 103.00 -23.19 37.32
C VAL IB 85 103.33 -24.64 36.93
N LEU IB 86 103.64 -24.85 35.65
CA LEU IB 86 104.26 -26.10 35.24
C LEU IB 86 105.72 -25.96 35.64
N ASP IB 87 106.35 -27.09 35.92
CA ASP IB 87 107.65 -27.08 36.59
C ASP IB 87 108.69 -27.80 35.76
N GLU IB 88 109.96 -27.50 36.03
CA GLU IB 88 111.13 -28.29 35.59
C GLU IB 88 111.27 -28.63 34.10
N GLY IB 89 110.35 -28.18 33.26
CA GLY IB 89 110.13 -28.82 31.98
C GLY IB 89 109.23 -30.02 32.16
N LYS IB 90 108.01 -29.73 32.57
CA LYS IB 90 106.89 -30.67 32.51
C LYS IB 90 106.39 -30.63 31.08
N MET IB 91 106.31 -29.40 30.56
CA MET IB 91 106.33 -29.06 29.13
C MET IB 91 106.09 -30.21 28.14
N LYS IB 92 104.88 -30.76 28.22
CA LYS IB 92 104.30 -31.42 27.05
C LYS IB 92 102.77 -31.47 27.12
N LEU IB 93 102.19 -30.30 27.39
CA LEU IB 93 100.88 -29.91 26.85
C LEU IB 93 99.66 -30.61 27.42
N ASP IB 94 99.55 -31.93 27.27
CA ASP IB 94 98.37 -32.69 27.73
C ASP IB 94 98.15 -32.35 29.20
N TYR IB 95 99.21 -32.56 29.97
CA TYR IB 95 99.39 -32.05 31.32
C TYR IB 95 98.76 -30.68 31.68
N ILE IB 96 98.82 -29.70 30.79
CA ILE IB 96 98.18 -28.40 31.02
C ILE IB 96 96.78 -28.59 31.53
N LEU IB 97 96.04 -29.49 30.89
CA LEU IB 97 94.65 -29.77 31.22
C LEU IB 97 94.48 -30.09 32.70
N GLY IB 98 95.32 -30.97 33.22
CA GLY IB 98 95.33 -31.29 34.65
C GLY IB 98 95.97 -30.17 35.44
N LEU IB 99 95.16 -29.21 35.86
CA LEU IB 99 95.65 -27.97 36.44
C LEU IB 99 94.47 -27.17 36.91
N LYS IB 100 94.53 -26.60 38.12
CA LYS IB 100 93.35 -25.93 38.69
C LYS IB 100 93.66 -24.50 39.18
N ILE IB 101 92.60 -23.81 39.59
CA ILE IB 101 92.65 -22.40 39.93
C ILE IB 101 93.73 -22.08 40.94
N GLU IB 102 93.73 -22.85 42.02
CA GLU IB 102 94.68 -22.70 43.13
C GLU IB 102 96.03 -22.14 42.64
N ASP IB 103 96.52 -22.69 41.53
CA ASP IB 103 97.80 -22.30 40.92
C ASP IB 103 97.95 -20.80 40.53
N PHE IB 104 97.09 -20.25 39.65
CA PHE IB 104 97.22 -18.81 39.19
C PHE IB 104 96.78 -17.88 40.33
N LEU IB 105 96.31 -18.45 41.44
CA LEU IB 105 96.21 -17.72 42.70
C LEU IB 105 97.51 -17.73 43.48
N GLU IB 106 98.13 -18.91 43.62
CA GLU IB 106 99.39 -19.05 44.39
C GLU IB 106 100.54 -18.19 43.87
N ARG IB 107 100.45 -17.81 42.61
CA ARG IB 107 101.46 -16.98 41.98
C ARG IB 107 101.04 -15.54 41.81
N ARG IB 108 99.92 -15.13 42.41
CA ARG IB 108 99.62 -13.71 42.58
C ARG IB 108 100.59 -13.10 43.58
N LEU IB 109 100.82 -11.80 43.45
CA LEU IB 109 101.79 -11.11 44.30
C LEU IB 109 101.39 -11.30 45.76
N GLN IB 110 100.16 -10.90 46.09
CA GLN IB 110 99.57 -11.03 47.43
C GLN IB 110 100.00 -12.26 48.19
N THR IB 111 99.85 -13.41 47.56
CA THR IB 111 100.19 -14.67 48.23
C THR IB 111 101.69 -14.70 48.53
N GLN IB 112 102.48 -14.39 47.50
CA GLN IB 112 103.95 -14.35 47.60
C GLN IB 112 104.51 -13.16 48.36
N VAL IB 113 103.65 -12.39 49.02
CA VAL IB 113 104.13 -11.55 50.09
C VAL IB 113 104.31 -12.42 51.35
N PHE IB 114 103.26 -13.03 51.92
CA PHE IB 114 103.54 -13.83 53.14
C PHE IB 114 104.20 -15.18 52.88
N LYS IB 115 104.09 -15.70 51.66
CA LYS IB 115 104.82 -16.93 51.32
C LYS IB 115 106.33 -16.71 51.53
N LEU IB 116 106.78 -15.48 51.29
CA LEU IB 116 108.14 -15.05 51.60
C LEU IB 116 108.16 -14.17 52.83
N GLY IB 117 107.51 -14.63 53.92
CA GLY IB 117 107.55 -13.98 55.24
C GLY IB 117 107.02 -12.55 55.34
N LEU IB 118 107.81 -11.65 54.78
CA LEU IB 118 107.44 -10.27 54.42
C LEU IB 118 106.20 -9.62 55.05
N ALA IB 119 105.02 -10.16 54.77
CA ALA IB 119 103.77 -9.60 55.28
C ALA IB 119 103.59 -9.88 56.77
N LYS IB 120 102.99 -11.04 57.10
CA LYS IB 120 102.41 -11.36 58.43
C LYS IB 120 100.90 -11.32 58.32
N SER IB 121 100.32 -12.46 57.90
CA SER IB 121 98.88 -12.62 57.62
C SER IB 121 98.50 -12.11 56.23
N ILE IB 122 97.66 -12.89 55.55
CA ILE IB 122 97.36 -12.68 54.12
C ILE IB 122 96.84 -11.31 53.75
N HIS IB 123 96.18 -10.62 54.68
CA HIS IB 123 95.52 -9.37 54.33
C HIS IB 123 96.47 -8.20 54.45
N HIS IB 124 97.41 -8.25 55.40
CA HIS IB 124 98.60 -7.38 55.35
C HIS IB 124 99.06 -7.29 53.92
N ALA IB 125 99.34 -8.46 53.33
CA ALA IB 125 99.85 -8.54 51.97
C ALA IB 125 99.08 -7.62 51.05
N ARG IB 126 97.76 -7.81 50.96
CA ARG IB 126 96.95 -6.99 50.06
C ARG IB 126 96.94 -5.53 50.48
N VAL IB 127 96.99 -5.26 51.78
CA VAL IB 127 97.14 -3.90 52.24
C VAL IB 127 98.53 -3.46 51.80
N LEU IB 128 99.58 -4.03 52.39
CA LEU IB 128 100.98 -3.72 52.06
C LEU IB 128 101.28 -3.48 50.58
N ILE IB 129 100.67 -4.27 49.71
CA ILE IB 129 100.90 -4.09 48.29
C ILE IB 129 100.21 -2.82 47.82
N ARG IB 130 98.95 -2.62 48.20
CA ARG IB 130 98.26 -1.36 47.89
C ARG IB 130 98.95 -0.13 48.51
N GLN IB 131 99.40 -0.28 49.75
CA GLN IB 131 99.95 0.82 50.51
C GLN IB 131 101.31 1.37 49.93
N ARG IB 132 101.77 0.80 48.82
CA ARG IB 132 103.04 1.13 48.20
C ARG IB 132 104.14 0.96 49.21
N HIS IB 133 104.16 -0.23 49.81
CA HIS IB 133 105.25 -0.62 50.68
C HIS IB 133 106.20 -1.53 49.97
N ILE IB 134 105.68 -2.55 49.29
CA ILE IB 134 106.57 -3.49 48.63
C ILE IB 134 106.84 -3.10 47.19
N ARG IB 135 108.00 -3.54 46.72
CA ARG IB 135 108.48 -3.27 45.38
C ARG IB 135 108.76 -4.62 44.74
N VAL IB 136 108.94 -4.60 43.43
CA VAL IB 136 109.54 -5.73 42.73
C VAL IB 136 110.70 -5.15 41.95
N ARG IB 137 111.82 -5.87 41.98
CA ARG IB 137 112.97 -5.52 41.18
C ARG IB 137 113.28 -4.06 41.57
N LYS IB 138 112.92 -3.07 40.73
CA LYS IB 138 112.99 -1.64 41.11
C LYS IB 138 111.63 -0.92 41.18
N GLN IB 139 110.60 -1.38 40.44
CA GLN IB 139 109.29 -0.68 40.45
C GLN IB 139 108.58 -0.97 41.74
N VAL IB 140 107.93 0.06 42.26
CA VAL IB 140 107.09 -0.08 43.42
C VAL IB 140 105.73 -0.51 42.90
N VAL IB 141 105.23 -1.64 43.38
CA VAL IB 141 104.04 -2.24 42.83
C VAL IB 141 102.85 -1.96 43.73
N ASN IB 142 101.75 -1.58 43.10
CA ASN IB 142 100.54 -1.18 43.79
C ASN IB 142 99.54 -2.33 43.83
N ILE IB 143 99.72 -3.30 42.90
CA ILE IB 143 98.69 -4.30 42.59
C ILE IB 143 98.85 -5.68 43.18
N PRO IB 144 97.81 -6.12 43.93
CA PRO IB 144 97.75 -7.45 44.49
C PRO IB 144 97.86 -8.56 43.48
N SER IB 145 97.05 -8.48 42.44
CA SER IB 145 96.87 -9.58 41.51
C SER IB 145 97.80 -9.55 40.29
N PHE IB 146 99.05 -9.12 40.52
CA PHE IB 146 100.11 -9.11 39.52
C PHE IB 146 100.67 -10.52 39.66
N ILE IB 147 100.49 -11.34 38.62
CA ILE IB 147 101.06 -12.68 38.59
C ILE IB 147 102.56 -12.57 38.46
N VAL IB 148 103.29 -13.15 39.40
CA VAL IB 148 104.74 -12.97 39.52
C VAL IB 148 105.55 -13.94 38.63
N ARG IB 149 106.31 -13.40 37.66
CA ARG IB 149 107.21 -14.23 36.83
C ARG IB 149 108.14 -14.97 37.79
N LEU IB 150 108.38 -16.25 37.54
CA LEU IB 150 109.19 -17.11 38.41
C LEU IB 150 110.59 -16.51 38.67
N ASP IB 151 111.23 -16.01 37.61
CA ASP IB 151 112.48 -15.23 37.73
C ASP IB 151 112.41 -14.16 38.82
N SER IB 152 111.33 -13.38 38.80
CA SER IB 152 111.17 -12.22 39.66
C SER IB 152 110.48 -12.57 40.98
N GLN IB 153 110.93 -13.65 41.58
CA GLN IB 153 110.42 -14.09 42.86
C GLN IB 153 111.32 -13.61 43.98
N LYS IB 154 112.62 -13.82 43.80
CA LYS IB 154 113.62 -13.39 44.77
C LYS IB 154 113.80 -11.85 44.93
N HIS IB 155 113.24 -11.06 44.00
CA HIS IB 155 113.38 -9.59 44.03
C HIS IB 155 112.16 -8.84 44.58
N ILE IB 156 111.36 -9.50 45.40
CA ILE IB 156 110.22 -8.90 46.08
C ILE IB 156 110.72 -8.59 47.46
N ASP IB 157 110.58 -7.33 47.87
CA ASP IB 157 111.35 -6.80 48.97
C ASP IB 157 110.76 -5.47 49.39
N PHE IB 158 110.92 -5.12 50.66
CA PHE IB 158 110.41 -3.86 51.22
C PHE IB 158 111.05 -2.63 50.57
N SER IB 159 110.19 -1.74 50.04
CA SER IB 159 110.68 -0.67 49.18
C SER IB 159 111.74 0.16 49.88
N LEU IB 160 112.64 0.73 49.08
CA LEU IB 160 113.73 1.52 49.60
C LEU IB 160 113.20 2.79 50.27
N ARG IB 161 112.05 3.27 49.77
CA ARG IB 161 111.48 4.56 50.14
C ARG IB 161 110.36 4.46 51.18
N SER IB 162 110.12 3.27 51.78
CA SER IB 162 109.04 3.04 52.77
C SER IB 162 109.54 2.86 54.20
N PRO IB 163 108.66 3.10 55.21
CA PRO IB 163 109.05 3.09 56.61
C PRO IB 163 109.75 1.84 57.10
N TYR IB 164 109.25 0.67 56.76
CA TYR IB 164 110.00 -0.55 57.06
C TYR IB 164 110.65 -0.94 55.75
N GLY IB 165 112.00 -0.97 55.76
CA GLY IB 165 112.83 -0.85 54.56
C GLY IB 165 113.80 0.31 54.72
N GLY IB 166 113.26 1.44 55.17
CA GLY IB 166 114.07 2.57 55.62
C GLY IB 166 113.64 3.91 55.03
N GLY IB 167 113.83 4.97 55.82
CA GLY IB 167 113.64 6.34 55.35
C GLY IB 167 112.24 6.83 55.62
N ARG IB 168 112.14 8.06 56.15
CA ARG IB 168 110.88 8.72 56.46
C ARG IB 168 109.97 7.76 57.21
N PRO IB 169 110.01 7.79 58.55
CA PRO IB 169 108.93 7.15 59.29
C PRO IB 169 107.57 7.80 58.97
N GLY IB 170 106.56 6.98 58.65
CA GLY IB 170 105.22 7.43 58.25
C GLY IB 170 104.57 8.41 59.20
N ARG IB 171 103.55 9.10 58.70
CA ARG IB 171 103.04 10.28 59.39
C ARG IB 171 102.48 10.03 60.79
N VAL IB 172 102.00 8.81 61.03
CA VAL IB 172 101.54 8.44 62.36
C VAL IB 172 102.70 8.49 63.36
N LYS IB 173 103.84 7.85 63.04
CA LYS IB 173 105.00 7.88 63.97
C LYS IB 173 105.70 9.23 64.01
N ARG IB 174 105.64 9.95 62.89
CA ARG IB 174 106.12 11.32 62.84
C ARG IB 174 105.29 12.26 63.73
N LYS IB 175 103.98 12.06 63.79
CA LYS IB 175 103.11 12.90 64.63
C LYS IB 175 103.22 12.56 66.14
N ASN IB 176 103.25 11.26 66.47
CA ASN IB 176 103.44 10.81 67.86
C ASN IB 176 104.91 10.90 68.33
N ALA IB 177 105.83 11.18 67.41
CA ALA IB 177 107.17 11.67 67.77
C ALA IB 177 107.13 13.17 68.09
N LYS IB 178 106.52 13.96 67.21
CA LYS IB 178 106.37 15.42 67.40
C LYS IB 178 105.47 15.80 68.58
N LYS IB 179 104.65 14.86 69.05
CA LYS IB 179 103.95 15.01 70.33
C LYS IB 179 104.92 14.92 71.54
N GLY IB 180 105.96 14.09 71.42
CA GLY IB 180 107.02 13.97 72.44
C GLY IB 180 108.06 15.09 72.43
N GLN IB 181 108.38 15.61 71.24
CA GLN IB 181 109.29 16.76 71.10
C GLN IB 181 108.58 18.08 71.37
N GLY IB 182 107.50 18.34 70.65
CA GLY IB 182 106.75 19.60 70.74
C GLY IB 182 105.75 19.67 71.89
N GLY IB 183 104.93 18.63 72.03
CA GLY IB 183 103.89 18.57 73.06
C GLY IB 183 104.39 18.31 74.47
N ALA IB 184 105.35 17.38 74.60
CA ALA IB 184 105.94 17.01 75.90
C ALA IB 184 107.22 17.78 76.21
N GLY IB 185 108.18 17.77 75.28
CA GLY IB 185 109.44 18.48 75.43
C GLY IB 185 109.32 19.98 75.30
N ALA JB 1 73.21 -13.26 -54.88
CA ALA JB 1 72.45 -14.10 -53.90
C ALA JB 1 73.05 -14.02 -52.51
N ASP JB 2 72.22 -14.27 -51.50
CA ASP JB 2 72.68 -14.62 -50.16
C ASP JB 2 73.36 -13.46 -49.40
N ILE JB 3 74.50 -12.97 -49.88
CA ILE JB 3 75.38 -12.15 -49.05
C ILE JB 3 74.79 -10.75 -48.89
N GLN JB 4 74.75 -10.00 -49.99
CA GLN JB 4 74.28 -8.63 -49.98
C GLN JB 4 72.76 -8.68 -50.10
N THR JB 5 72.13 -8.73 -48.93
CA THR JB 5 70.68 -8.84 -48.80
C THR JB 5 70.00 -7.69 -48.06
N GLU JB 6 70.75 -6.91 -47.28
CA GLU JB 6 70.12 -6.17 -46.18
C GLU JB 6 69.69 -4.75 -46.55
N ARG JB 7 70.64 -3.84 -46.75
CA ARG JB 7 70.31 -2.54 -47.33
C ARG JB 7 71.62 -1.87 -47.65
N ALA JB 8 72.42 -1.58 -46.62
CA ALA JB 8 73.79 -1.12 -46.81
C ALA JB 8 74.62 -2.30 -47.29
N TYR JB 9 75.70 -1.98 -47.98
CA TYR JB 9 76.62 -2.99 -48.51
C TYR JB 9 77.43 -3.54 -47.35
N GLN JB 10 77.49 -4.88 -47.28
CA GLN JB 10 78.22 -5.58 -46.24
C GLN JB 10 79.57 -6.07 -46.83
N LYS JB 11 80.68 -5.59 -46.24
CA LYS JB 11 82.03 -5.93 -46.71
C LYS JB 11 83.09 -6.04 -45.61
N GLN JB 12 84.04 -6.96 -45.79
CA GLN JB 12 85.13 -7.19 -44.84
C GLN JB 12 85.95 -5.93 -45.07
N PRO JB 13 86.06 -5.07 -44.04
CA PRO JB 13 87.05 -4.03 -44.29
C PRO JB 13 88.49 -4.54 -44.06
N THR JB 14 89.46 -3.78 -44.55
CA THR JB 14 90.82 -4.27 -44.79
C THR JB 14 90.86 -5.47 -45.75
N ILE JB 15 89.96 -5.44 -46.74
CA ILE JB 15 90.33 -5.81 -48.10
C ILE JB 15 89.66 -4.77 -49.01
N PHE JB 16 90.45 -3.91 -49.66
CA PHE JB 16 89.89 -3.13 -50.75
C PHE JB 16 89.78 -4.13 -51.92
N GLN JB 17 88.59 -4.25 -52.53
CA GLN JB 17 88.41 -5.13 -53.69
C GLN JB 17 87.99 -4.40 -55.00
N ASN JB 18 88.91 -4.44 -55.97
CA ASN JB 18 88.62 -4.18 -57.39
C ASN JB 18 89.85 -4.56 -58.27
N LYS JB 19 90.95 -3.80 -58.12
CA LYS JB 19 91.97 -3.58 -59.19
C LYS JB 19 92.19 -4.72 -60.17
N LYS JB 20 91.84 -4.50 -61.43
CA LYS JB 20 91.93 -5.55 -62.43
C LYS JB 20 91.98 -4.96 -63.82
N ARG JB 21 93.15 -5.08 -64.46
CA ARG JB 21 93.28 -4.93 -65.90
C ARG JB 21 94.30 -5.95 -66.38
N VAL JB 22 93.90 -7.21 -66.27
CA VAL JB 22 94.68 -8.36 -66.75
C VAL JB 22 93.69 -9.46 -67.17
N LEU JB 23 94.23 -10.51 -67.81
CA LEU JB 23 93.41 -11.63 -68.31
C LEU JB 23 93.07 -12.61 -67.14
N LEU JB 24 92.84 -13.89 -67.44
CA LEU JB 24 92.46 -14.91 -66.44
C LEU JB 24 91.03 -14.66 -65.94
N GLY JB 25 90.10 -14.59 -66.90
CA GLY JB 25 88.68 -14.31 -66.62
C GLY JB 25 88.47 -12.87 -66.19
N GLU JB 26 87.58 -12.66 -65.23
CA GLU JB 26 87.48 -11.39 -64.48
C GLU JB 26 87.65 -11.71 -62.99
N THR JB 27 88.31 -10.78 -62.27
CA THR JB 27 88.82 -10.98 -60.89
C THR JB 27 89.65 -12.29 -60.70
N GLY JB 28 89.96 -12.65 -59.45
CA GLY JB 28 90.68 -13.88 -59.15
C GLY JB 28 89.78 -15.10 -59.24
N LYS JB 29 90.19 -16.18 -58.57
CA LYS JB 29 89.39 -17.42 -58.47
C LYS JB 29 88.66 -17.49 -57.11
N GLU JB 30 89.39 -17.15 -56.04
CA GLU JB 30 88.79 -16.74 -54.75
C GLU JB 30 87.91 -15.50 -54.93
N LYS JB 31 88.26 -14.68 -55.92
CA LYS JB 31 87.55 -13.48 -56.32
C LYS JB 31 87.77 -12.41 -55.27
N LEU JB 32 87.06 -12.53 -54.15
CA LEU JB 32 87.28 -11.65 -53.03
C LEU JB 32 88.31 -12.35 -52.18
N PRO JB 33 89.44 -11.66 -51.89
CA PRO JB 33 90.32 -12.21 -50.86
C PRO JB 33 89.64 -11.96 -49.52
N ARG JB 34 89.48 -13.00 -48.71
CA ARG JB 34 88.67 -12.92 -47.51
C ARG JB 34 89.54 -12.67 -46.28
N TYR JB 35 89.21 -11.61 -45.53
CA TYR JB 35 89.85 -11.39 -44.23
C TYR JB 35 89.24 -12.33 -43.23
N TYR JB 36 90.11 -13.18 -42.70
CA TYR JB 36 89.82 -13.97 -41.53
C TYR JB 36 90.99 -13.85 -40.58
N LYS JB 37 90.81 -14.36 -39.37
CA LYS JB 37 91.88 -14.45 -38.39
C LYS JB 37 91.89 -15.81 -37.70
N ASN JB 38 93.05 -16.17 -37.17
CA ASN JB 38 93.17 -17.13 -36.09
C ASN JB 38 92.79 -16.37 -34.85
N ILE JB 39 92.13 -17.05 -33.94
CA ILE JB 39 91.62 -16.42 -32.74
C ILE JB 39 92.60 -16.53 -31.60
N GLY JB 40 93.20 -17.70 -31.38
CA GLY JB 40 93.97 -17.99 -30.17
C GLY JB 40 93.47 -19.17 -29.37
N LEU JB 41 94.07 -19.37 -28.19
CA LEU JB 41 93.81 -20.52 -27.31
C LEU JB 41 93.73 -21.88 -28.04
N GLY JB 42 94.35 -21.93 -29.21
CA GLY JB 42 94.34 -23.08 -30.06
C GLY JB 42 93.05 -23.47 -30.74
N PHE JB 43 91.95 -22.69 -30.67
CA PHE JB 43 90.71 -23.21 -31.29
C PHE JB 43 90.82 -22.99 -32.79
N LYS JB 44 90.63 -24.07 -33.54
CA LYS JB 44 90.87 -24.08 -34.98
C LYS JB 44 89.88 -23.12 -35.61
N THR JB 45 90.37 -22.03 -36.19
CA THR JB 45 89.53 -21.21 -37.05
C THR JB 45 88.91 -22.06 -38.16
N PRO JB 46 87.60 -22.39 -38.03
CA PRO JB 46 87.00 -23.47 -38.82
C PRO JB 46 86.94 -23.21 -40.31
N LYS JB 47 86.56 -24.24 -41.06
CA LYS JB 47 86.74 -24.24 -42.52
C LYS JB 47 85.83 -23.21 -43.12
N GLU JB 48 84.59 -23.24 -42.67
CA GLU JB 48 83.56 -22.37 -43.18
C GLU JB 48 83.77 -20.89 -42.92
N ALA JB 49 84.61 -20.55 -41.94
CA ALA JB 49 85.08 -19.17 -41.77
C ALA JB 49 85.87 -18.74 -42.99
N ILE JB 50 86.83 -19.58 -43.38
CA ILE JB 50 87.83 -19.24 -44.40
C ILE JB 50 87.25 -19.43 -45.79
N GLU JB 51 86.64 -20.58 -45.99
CA GLU JB 51 85.89 -20.88 -47.19
C GLU JB 51 84.81 -19.80 -47.40
N GLY JB 52 84.03 -19.56 -46.35
CA GLY JB 52 82.73 -18.87 -46.43
C GLY JB 52 82.65 -17.61 -47.25
N THR JB 53 81.51 -17.45 -47.95
CA THR JB 53 81.19 -16.22 -48.71
C THR JB 53 80.72 -15.10 -47.80
N TYR JB 54 80.57 -15.40 -46.53
CA TYR JB 54 79.64 -14.71 -45.69
C TYR JB 54 80.29 -13.59 -44.93
N ILE JB 55 79.46 -12.88 -44.19
CA ILE JB 55 79.89 -11.69 -43.54
C ILE JB 55 79.07 -11.42 -42.28
N ASP JB 56 79.77 -11.38 -41.16
CA ASP JB 56 79.22 -10.89 -39.92
C ASP JB 56 80.37 -10.26 -39.14
N LYS JB 57 80.26 -8.97 -38.85
CA LYS JB 57 81.25 -8.22 -38.07
C LYS JB 57 81.60 -8.84 -36.71
N LYS JB 58 80.57 -9.38 -36.06
CA LYS JB 58 80.64 -9.93 -34.71
C LYS JB 58 81.16 -11.35 -34.61
N CYS JB 59 81.46 -11.97 -35.75
CA CYS JB 59 82.12 -13.27 -35.77
C CYS JB 59 83.62 -13.04 -35.60
N PRO JB 60 84.27 -13.86 -34.74
CA PRO JB 60 85.74 -13.73 -34.59
C PRO JB 60 86.55 -14.51 -35.63
N PHE JB 61 85.85 -15.26 -36.45
CA PHE JB 61 86.45 -16.13 -37.42
C PHE JB 61 86.44 -15.36 -38.75
N THR JB 62 85.77 -14.21 -38.78
CA THR JB 62 85.70 -13.38 -39.97
C THR JB 62 85.38 -11.92 -39.65
N GLY JB 63 85.96 -11.35 -38.63
CA GLY JB 63 85.64 -9.96 -38.34
C GLY JB 63 86.20 -9.44 -37.05
N ASN JB 64 85.96 -8.15 -36.84
CA ASN JB 64 86.48 -7.42 -35.69
C ASN JB 64 85.68 -7.79 -34.42
N VAL JB 65 86.24 -8.72 -33.64
CA VAL JB 65 85.98 -8.91 -32.20
C VAL JB 65 87.22 -9.55 -31.59
N SER JB 66 87.53 -9.18 -30.35
CA SER JB 66 88.62 -9.80 -29.60
C SER JB 66 88.01 -10.67 -28.52
N ILE JB 67 88.51 -11.91 -28.40
CA ILE JB 67 88.17 -12.80 -27.30
C ILE JB 67 89.24 -12.69 -26.26
N ARG JB 68 88.83 -12.46 -25.02
CA ARG JB 68 89.73 -11.88 -24.05
C ARG JB 68 89.17 -11.83 -22.65
N GLY JB 69 89.11 -13.00 -22.06
CA GLY JB 69 88.86 -13.12 -20.65
C GLY JB 69 88.46 -14.53 -20.30
N ARG JB 70 87.18 -14.65 -19.94
CA ARG JB 70 86.63 -15.81 -19.30
C ARG JB 70 86.00 -16.80 -20.31
N ILE JB 71 86.58 -17.99 -20.42
CA ILE JB 71 86.06 -19.03 -21.33
C ILE JB 71 85.15 -19.95 -20.53
N LEU JB 72 83.95 -20.21 -21.05
CA LEU JB 72 82.95 -21.06 -20.39
C LEU JB 72 82.35 -21.99 -21.38
N SER JB 73 81.52 -22.91 -20.91
CA SER JB 73 80.65 -23.73 -21.77
C SER JB 73 79.22 -23.72 -21.24
N GLY JB 74 78.28 -24.04 -22.13
CA GLY JB 74 76.89 -24.24 -21.76
C GLY JB 74 76.22 -25.16 -22.75
N VAL JB 75 74.88 -25.18 -22.73
CA VAL JB 75 74.10 -25.92 -23.72
C VAL JB 75 73.12 -25.05 -24.47
N VAL JB 76 72.96 -25.35 -25.75
CA VAL JB 76 72.09 -24.59 -26.63
C VAL JB 76 70.67 -24.99 -26.35
N THR JB 77 69.85 -23.99 -26.07
CA THR JB 77 68.44 -24.22 -25.72
C THR JB 77 67.43 -23.61 -26.73
N LYS JB 78 67.75 -22.48 -27.34
CA LYS JB 78 66.87 -21.82 -28.31
C LYS JB 78 67.67 -21.14 -29.40
N MET JB 79 67.25 -21.33 -30.64
CA MET JB 79 67.89 -20.70 -31.77
C MET JB 79 66.82 -19.96 -32.55
N LYS JB 80 66.16 -19.02 -31.90
CA LYS JB 80 65.06 -18.28 -32.54
C LYS JB 80 65.39 -16.83 -32.84
N MET JB 81 66.65 -16.48 -32.66
CA MET JB 81 67.13 -15.15 -33.00
C MET JB 81 68.05 -15.39 -34.15
N GLN JB 82 68.56 -14.32 -34.71
CA GLN JB 82 69.35 -14.39 -35.93
C GLN JB 82 70.74 -13.91 -35.58
N ARG JB 83 71.72 -14.78 -35.83
CA ARG JB 83 73.10 -14.61 -35.36
C ARG JB 83 73.21 -14.49 -33.82
N THR JB 84 72.38 -15.23 -33.10
CA THR JB 84 72.47 -15.34 -31.63
C THR JB 84 71.62 -16.49 -31.14
N ILE JB 85 72.11 -17.19 -30.13
CA ILE JB 85 71.38 -18.29 -29.53
C ILE JB 85 71.36 -18.04 -28.06
N VAL JB 86 70.67 -18.91 -27.36
CA VAL JB 86 70.63 -18.86 -25.93
C VAL JB 86 71.22 -20.15 -25.41
N ILE JB 87 72.13 -20.02 -24.47
CA ILE JB 87 72.70 -21.19 -23.81
C ILE JB 87 72.30 -21.15 -22.37
N ARG JB 88 72.43 -22.29 -21.71
CA ARG JB 88 71.91 -22.49 -20.37
C ARG JB 88 72.98 -23.22 -19.56
N ARG JB 89 73.50 -22.54 -18.56
CA ARG JB 89 74.61 -23.04 -17.79
C ARG JB 89 74.05 -23.63 -16.50
N ASP JB 90 74.26 -24.91 -16.22
CA ASP JB 90 73.72 -25.53 -14.99
C ASP JB 90 74.78 -25.69 -13.91
N TYR JB 91 74.32 -25.80 -12.67
CA TYR JB 91 75.22 -25.99 -11.52
C TYR JB 91 74.61 -26.33 -10.20
N LEU JB 92 75.52 -26.53 -9.25
CA LEU JB 92 75.22 -26.64 -7.87
C LEU JB 92 75.73 -25.40 -7.12
N HIS JB 93 74.81 -24.53 -6.67
CA HIS JB 93 75.18 -23.55 -5.64
C HIS JB 93 75.08 -24.30 -4.28
N TYR JB 94 76.09 -24.13 -3.42
CA TYR JB 94 76.17 -24.80 -2.10
C TYR JB 94 75.67 -24.00 -0.95
N ILE JB 95 74.76 -24.55 -0.15
CA ILE JB 95 74.51 -23.94 1.16
C ILE JB 95 75.43 -24.65 2.12
N ARG JB 96 75.96 -23.91 3.08
CA ARG JB 96 76.77 -24.57 4.06
C ARG JB 96 75.85 -25.14 5.14
N LYS JB 97 74.87 -24.37 5.63
CA LYS JB 97 74.00 -24.85 6.73
C LYS JB 97 73.58 -26.27 6.51
N TYR JB 98 73.03 -26.46 5.33
CA TYR JB 98 72.15 -27.52 4.96
C TYR JB 98 72.98 -28.54 4.20
N ASN JB 99 74.21 -28.75 4.64
CA ASN JB 99 75.34 -29.25 3.87
C ASN JB 99 75.15 -29.85 2.45
N ARG JB 100 74.29 -29.25 1.66
CA ARG JB 100 73.96 -29.77 0.35
C ARG JB 100 73.93 -28.61 -0.67
N PHE JB 101 73.56 -28.96 -1.91
CA PHE JB 101 73.57 -28.06 -3.04
C PHE JB 101 72.16 -27.90 -3.57
N GLU JB 102 71.90 -26.89 -4.41
CA GLU JB 102 70.70 -26.93 -5.27
C GLU JB 102 71.05 -26.55 -6.67
N LYS JB 103 70.32 -27.12 -7.61
CA LYS JB 103 70.56 -26.85 -9.01
C LYS JB 103 70.19 -25.42 -9.29
N ARG JB 104 70.97 -24.78 -10.15
CA ARG JB 104 70.72 -23.40 -10.57
C ARG JB 104 70.95 -23.28 -12.06
N HIS JB 105 70.62 -22.12 -12.60
CA HIS JB 105 71.03 -21.73 -13.94
C HIS JB 105 70.83 -20.29 -14.28
N LYS JB 106 71.75 -19.86 -15.09
CA LYS JB 106 71.76 -18.54 -15.60
C LYS JB 106 71.94 -18.75 -17.06
N ASN JB 107 70.82 -18.75 -17.79
CA ASN JB 107 70.92 -18.73 -19.25
C ASN JB 107 71.40 -17.36 -19.70
N MET JB 108 72.03 -17.38 -20.86
CA MET JB 108 72.97 -16.37 -21.29
C MET JB 108 72.86 -16.33 -22.80
N SER JB 109 72.42 -15.19 -23.31
CA SER JB 109 72.38 -14.98 -24.75
C SER JB 109 73.83 -14.80 -25.22
N VAL JB 110 74.08 -15.17 -26.47
CA VAL JB 110 75.45 -15.36 -26.93
C VAL JB 110 75.53 -15.33 -28.45
N HIS JB 111 76.51 -14.61 -29.00
CA HIS JB 111 76.61 -14.49 -30.45
C HIS JB 111 76.94 -15.86 -31.09
N LEU JB 112 76.31 -16.17 -32.22
CA LEU JB 112 76.57 -17.41 -32.96
C LEU JB 112 76.83 -17.17 -34.44
N SER JB 113 78.12 -17.14 -34.80
CA SER JB 113 78.54 -16.87 -36.17
C SER JB 113 78.05 -17.91 -37.14
N PRO JB 114 77.47 -17.49 -38.27
CA PRO JB 114 76.89 -18.47 -39.20
C PRO JB 114 77.92 -19.23 -40.05
N CYS JB 115 79.22 -19.04 -39.80
CA CYS JB 115 80.22 -20.04 -40.18
C CYS JB 115 79.91 -21.38 -39.54
N PHE JB 116 79.35 -21.26 -38.35
CA PHE JB 116 79.34 -22.31 -37.40
C PHE JB 116 78.01 -23.04 -37.54
N ARG JB 117 77.90 -23.77 -38.64
CA ARG JB 117 76.68 -24.45 -39.11
C ARG JB 117 76.35 -25.82 -38.49
N ASP JB 118 75.11 -26.24 -38.69
CA ASP JB 118 74.58 -27.51 -38.15
C ASP JB 118 74.56 -27.55 -36.62
N VAL JB 119 74.28 -26.41 -36.00
CA VAL JB 119 74.07 -26.38 -34.57
C VAL JB 119 72.62 -26.78 -34.41
N GLN JB 120 72.29 -27.25 -33.21
CA GLN JB 120 70.93 -27.61 -32.85
C GLN JB 120 70.71 -27.27 -31.37
N ILE JB 121 69.57 -27.66 -30.82
CA ILE JB 121 69.38 -27.58 -29.37
C ILE JB 121 69.91 -28.84 -28.73
N GLY JB 122 70.14 -28.77 -27.42
CA GLY JB 122 70.79 -29.87 -26.70
C GLY JB 122 72.15 -30.10 -27.29
N ASP JB 123 72.99 -29.07 -27.23
CA ASP JB 123 74.23 -29.01 -27.98
C ASP JB 123 75.28 -28.36 -27.12
N ILE JB 124 76.35 -29.07 -26.82
CA ILE JB 124 77.37 -28.50 -25.95
C ILE JB 124 78.15 -27.49 -26.76
N VAL JB 125 78.29 -26.30 -26.18
CA VAL JB 125 78.91 -25.21 -26.89
C VAL JB 125 79.76 -24.41 -25.93
N THR JB 126 80.95 -24.05 -26.42
CA THR JB 126 81.97 -23.36 -25.67
C THR JB 126 82.00 -21.90 -26.14
N VAL JB 127 82.20 -21.01 -25.19
CA VAL JB 127 82.05 -19.60 -25.44
C VAL JB 127 83.20 -18.79 -24.85
N GLY JB 128 83.52 -17.70 -25.52
CA GLY JB 128 84.50 -16.75 -25.05
C GLY JB 128 83.81 -15.46 -24.63
N GLU JB 129 84.27 -14.90 -23.53
CA GLU JB 129 83.92 -13.54 -23.17
C GLU JB 129 84.50 -12.59 -24.19
N CYS JB 130 83.64 -11.71 -24.66
CA CYS JB 130 83.91 -10.83 -25.77
C CYS JB 130 83.75 -9.39 -25.30
N ARG JB 131 83.92 -8.47 -26.24
CA ARG JB 131 83.37 -7.13 -26.13
C ARG JB 131 81.85 -7.14 -25.84
N PRO JB 132 81.34 -6.20 -25.02
CA PRO JB 132 79.86 -6.08 -24.83
C PRO JB 132 79.14 -5.75 -26.12
N LEU JB 133 78.64 -6.80 -26.72
CA LEU JB 133 78.42 -6.87 -28.15
C LEU JB 133 77.02 -6.36 -28.50
N SER JB 134 76.00 -6.73 -27.70
CA SER JB 134 74.66 -6.12 -27.77
C SER JB 134 74.19 -5.75 -26.35
N LYS JB 135 72.88 -5.66 -26.09
CA LYS JB 135 72.45 -5.29 -24.73
C LYS JB 135 72.77 -6.35 -23.68
N THR JB 136 72.40 -7.57 -23.98
CA THR JB 136 72.62 -8.70 -23.08
C THR JB 136 73.90 -9.41 -23.43
N VAL JB 137 74.22 -9.46 -24.73
CA VAL JB 137 75.18 -10.42 -25.23
C VAL JB 137 76.56 -9.88 -25.10
N ARG JB 138 77.34 -10.49 -24.21
CA ARG JB 138 78.77 -10.25 -24.13
C ARG JB 138 79.60 -11.42 -24.63
N PHE JB 139 78.97 -12.56 -24.90
CA PHE JB 139 79.70 -13.78 -25.22
C PHE JB 139 79.57 -14.18 -26.66
N ASN JB 140 80.58 -14.87 -27.17
CA ASN JB 140 80.56 -15.30 -28.54
C ASN JB 140 80.94 -16.75 -28.58
N VAL JB 141 80.23 -17.51 -29.40
CA VAL JB 141 80.43 -18.95 -29.52
C VAL JB 141 81.74 -19.21 -30.23
N LEU JB 142 82.57 -20.11 -29.69
CA LEU JB 142 83.90 -20.39 -30.27
C LEU JB 142 84.10 -21.81 -30.85
N LYS JB 143 83.63 -22.83 -30.14
CA LYS JB 143 83.60 -24.20 -30.62
C LYS JB 143 82.40 -24.98 -30.16
N VAL JB 144 81.54 -25.30 -31.12
CA VAL JB 144 80.42 -26.19 -30.94
C VAL JB 144 80.98 -27.58 -31.06
N THR JB 145 80.55 -28.46 -30.16
CA THR JB 145 81.01 -29.86 -30.15
C THR JB 145 79.91 -30.90 -30.30
N LYS JB 146 78.64 -30.49 -30.30
CA LYS JB 146 77.46 -31.37 -30.49
C LYS JB 146 77.49 -32.75 -29.82
N ALA JB 147 78.38 -32.88 -28.85
CA ALA JB 147 79.01 -34.15 -28.54
C ALA JB 147 78.07 -35.05 -27.77
N ALA JB 148 77.89 -34.78 -26.47
CA ALA JB 148 77.19 -35.68 -25.57
C ALA JB 148 75.80 -36.02 -26.11
N GLY JB 149 75.50 -37.32 -26.17
CA GLY JB 149 74.19 -37.81 -26.55
C GLY JB 149 74.17 -38.55 -27.87
N THR JB 150 73.94 -37.80 -28.95
CA THR JB 150 73.33 -38.36 -30.16
C THR JB 150 73.99 -38.03 -31.50
N LYS JB 151 74.57 -39.07 -32.09
CA LYS JB 151 74.67 -39.26 -33.55
C LYS JB 151 75.48 -38.24 -34.36
N LYS JB 152 75.92 -38.70 -35.54
CA LYS JB 152 76.58 -37.88 -36.54
C LYS JB 152 75.64 -37.67 -37.76
N GLY KB 1 57.49 -53.07 -6.18
CA GLY KB 1 56.33 -54.02 -6.17
C GLY KB 1 55.35 -53.78 -7.29
N ARG KB 2 55.82 -54.00 -8.52
CA ARG KB 2 55.09 -53.63 -9.73
C ARG KB 2 54.88 -52.12 -9.90
N MET KB 3 54.64 -51.73 -11.15
CA MET KB 3 54.51 -50.34 -11.53
C MET KB 3 53.20 -49.79 -11.02
N HIS KB 4 52.14 -50.55 -11.27
CA HIS KB 4 50.79 -50.02 -11.30
C HIS KB 4 49.74 -50.84 -10.55
N ALA KB 5 50.18 -51.63 -9.60
CA ALA KB 5 49.29 -52.49 -8.87
C ALA KB 5 49.85 -52.75 -7.49
N PRO KB 6 48.96 -53.09 -6.55
CA PRO KB 6 49.44 -53.43 -5.22
C PRO KB 6 50.33 -54.70 -5.19
N GLY KB 7 49.92 -55.74 -5.92
CA GLY KB 7 50.59 -57.04 -5.88
C GLY KB 7 52.10 -56.95 -5.97
N LYS KB 8 52.78 -57.36 -4.91
CA LYS KB 8 54.22 -57.19 -4.77
C LYS KB 8 54.93 -58.48 -5.15
N GLY KB 9 54.35 -59.25 -6.07
CA GLY KB 9 54.78 -60.60 -6.36
C GLY KB 9 56.17 -60.78 -6.98
N LEU KB 10 56.65 -62.02 -7.00
CA LEU KB 10 57.83 -62.41 -7.78
C LEU KB 10 57.62 -63.79 -8.39
N SER KB 11 57.70 -63.83 -9.70
CA SER KB 11 57.68 -65.06 -10.41
C SER KB 11 58.42 -64.68 -11.66
N GLN KB 12 59.61 -65.25 -11.82
CA GLN KB 12 60.45 -64.88 -12.93
C GLN KB 12 61.24 -66.08 -13.37
N SER KB 13 61.90 -65.91 -14.52
CA SER KB 13 62.82 -66.92 -15.00
C SER KB 13 64.18 -66.77 -14.30
N ALA KB 14 64.96 -67.84 -14.38
CA ALA KB 14 66.21 -67.95 -13.65
C ALA KB 14 67.14 -68.93 -14.36
N LEU KB 15 68.26 -68.43 -14.90
CA LEU KB 15 69.23 -69.28 -15.62
C LEU KB 15 70.26 -69.85 -14.64
N PRO KB 16 71.07 -70.85 -15.06
CA PRO KB 16 72.05 -71.54 -14.15
C PRO KB 16 73.40 -70.80 -13.96
N TYR KB 17 74.47 -71.39 -13.35
CA TYR KB 17 75.81 -70.83 -13.67
C TYR KB 17 75.82 -71.03 -15.19
N ARG KB 18 75.87 -72.29 -15.58
CA ARG KB 18 76.43 -72.66 -16.88
C ARG KB 18 75.75 -71.99 -18.06
N ARG KB 19 76.57 -71.68 -19.05
CA ARG KB 19 76.11 -71.01 -20.25
C ARG KB 19 76.40 -71.82 -21.51
N SER KB 20 77.61 -72.40 -21.57
CA SER KB 20 77.99 -73.30 -22.65
C SER KB 20 76.83 -74.21 -23.03
N VAL KB 21 76.66 -74.41 -24.32
CA VAL KB 21 75.52 -75.18 -24.84
C VAL KB 21 75.45 -76.60 -24.24
N PRO KB 22 74.26 -77.17 -24.21
CA PRO KB 22 74.06 -78.41 -23.46
C PRO KB 22 74.11 -79.72 -24.28
N THR KB 23 74.86 -79.78 -25.38
CA THR KB 23 75.27 -81.07 -25.98
C THR KB 23 74.18 -81.98 -26.61
N TRP KB 24 72.91 -82.01 -26.11
CA TRP KB 24 71.73 -82.51 -26.92
C TRP KB 24 71.95 -81.88 -28.25
N LEU KB 25 72.06 -80.56 -28.20
CA LEU KB 25 71.77 -79.72 -29.32
C LEU KB 25 72.67 -80.00 -30.48
N LYS KB 26 72.01 -80.14 -31.62
CA LYS KB 26 72.67 -80.23 -32.88
C LYS KB 26 72.57 -78.79 -33.39
N LEU KB 27 72.01 -78.55 -34.58
CA LEU KB 27 71.68 -77.20 -35.04
C LEU KB 27 72.92 -76.32 -35.31
N THR KB 28 73.51 -75.77 -34.25
CA THR KB 28 74.60 -74.77 -34.34
C THR KB 28 74.10 -73.37 -34.67
N SER KB 29 74.90 -72.38 -34.27
CA SER KB 29 74.57 -70.96 -34.43
C SER KB 29 73.88 -70.62 -35.75
N ASP KB 30 74.27 -71.30 -36.83
CA ASP KB 30 73.59 -71.13 -38.10
C ASP KB 30 72.15 -71.65 -38.07
N ASP KB 31 71.95 -72.95 -37.86
CA ASP KB 31 70.60 -73.55 -37.98
C ASP KB 31 69.54 -72.99 -37.04
N VAL KB 32 69.97 -72.33 -35.96
CA VAL KB 32 69.06 -71.56 -35.11
C VAL KB 32 68.70 -70.27 -35.84
N LYS KB 33 69.72 -69.55 -36.31
CA LYS KB 33 69.51 -68.34 -37.12
C LYS KB 33 68.79 -68.58 -38.45
N GLU KB 34 68.74 -69.84 -38.88
CA GLU KB 34 67.92 -70.26 -40.00
C GLU KB 34 66.47 -70.42 -39.59
N GLN KB 35 66.26 -70.74 -38.31
CA GLN KB 35 64.94 -71.05 -37.81
C GLN KB 35 64.22 -69.83 -37.24
N ILE KB 36 64.91 -69.03 -36.42
CA ILE KB 36 64.38 -67.73 -35.94
C ILE KB 36 63.84 -67.02 -37.16
N TYR KB 37 64.77 -66.83 -38.08
CA TYR KB 37 64.55 -66.44 -39.44
C TYR KB 37 63.19 -66.83 -40.09
N LYS KB 38 62.90 -68.13 -40.18
CA LYS KB 38 61.66 -68.62 -40.82
C LYS KB 38 60.39 -68.35 -40.00
N LEU KB 39 60.51 -68.27 -38.68
CA LEU KB 39 59.37 -67.97 -37.79
C LEU KB 39 58.97 -66.51 -37.83
N ALA KB 40 59.97 -65.63 -37.83
CA ALA KB 40 59.75 -64.18 -37.93
C ALA KB 40 59.14 -63.81 -39.28
N LYS KB 41 59.73 -64.37 -40.33
CA LYS KB 41 59.15 -64.39 -41.67
C LYS KB 41 57.63 -64.70 -41.63
N LYS KB 42 57.27 -65.82 -40.99
CA LYS KB 42 55.86 -66.26 -40.90
C LYS KB 42 54.97 -65.29 -40.12
N GLY KB 43 55.56 -64.58 -39.16
CA GLY KB 43 54.89 -63.49 -38.45
C GLY KB 43 54.71 -63.81 -36.99
N LEU KB 44 55.79 -63.65 -36.24
CA LEU KB 44 55.78 -63.85 -34.79
C LEU KB 44 56.69 -62.86 -34.10
N THR KB 45 56.35 -62.56 -32.86
CA THR KB 45 57.09 -61.59 -32.07
C THR KB 45 58.40 -62.19 -31.55
N PRO KB 46 59.42 -61.33 -31.30
CA PRO KB 46 60.69 -61.77 -30.72
C PRO KB 46 60.57 -62.60 -29.44
N SER KB 47 59.58 -62.32 -28.61
CA SER KB 47 59.24 -63.20 -27.49
C SER KB 47 58.74 -64.53 -28.03
N GLN KB 48 57.72 -64.47 -28.87
CA GLN KB 48 57.11 -65.68 -29.40
C GLN KB 48 58.05 -66.63 -30.09
N ILE KB 49 59.13 -66.13 -30.65
CA ILE KB 49 60.11 -67.00 -31.28
C ILE KB 49 60.84 -67.76 -30.19
N GLY KB 50 61.43 -67.02 -29.26
CA GLY KB 50 62.12 -67.60 -28.09
C GLY KB 50 61.35 -68.75 -27.50
N VAL KB 51 60.02 -68.57 -27.42
CA VAL KB 51 59.07 -69.62 -27.01
C VAL KB 51 59.21 -70.83 -27.92
N ILE KB 52 58.74 -70.74 -29.16
CA ILE KB 52 58.67 -71.91 -30.03
C ILE KB 52 59.96 -72.71 -29.94
N LEU KB 53 61.08 -71.98 -29.88
CA LEU KB 53 62.41 -72.58 -29.89
C LEU KB 53 62.81 -73.43 -28.66
N ARG KB 54 62.08 -73.29 -27.56
CA ARG KB 54 62.46 -73.97 -26.31
C ARG KB 54 61.61 -75.23 -26.02
N ASP KB 55 60.31 -75.17 -26.33
CA ASP KB 55 59.29 -76.13 -25.82
C ASP KB 55 59.37 -77.31 -26.75
N SER KB 56 59.09 -77.02 -28.02
CA SER KB 56 59.08 -78.01 -29.07
C SER KB 56 60.50 -78.40 -29.44
N HIS KB 57 61.39 -77.41 -29.43
CA HIS KB 57 62.47 -77.41 -30.38
C HIS KB 57 63.84 -77.78 -29.83
N GLY KB 58 64.38 -77.00 -28.92
CA GLY KB 58 65.69 -77.34 -28.39
C GLY KB 58 66.43 -76.25 -27.67
N VAL KB 59 66.41 -75.03 -28.19
CA VAL KB 59 67.29 -73.99 -27.61
C VAL KB 59 66.75 -73.40 -26.33
N ALA KB 60 67.44 -73.72 -25.25
CA ALA KB 60 67.27 -73.08 -23.96
C ALA KB 60 67.21 -71.59 -24.19
N GLN KB 61 68.29 -71.06 -24.74
CA GLN KB 61 68.45 -69.66 -25.02
C GLN KB 61 69.20 -69.47 -26.31
N VAL KB 62 68.59 -68.75 -27.24
CA VAL KB 62 69.22 -68.39 -28.49
C VAL KB 62 70.56 -67.73 -28.24
N ARG KB 63 70.52 -66.73 -27.36
CA ARG KB 63 71.66 -65.88 -26.95
C ARG KB 63 72.99 -66.60 -26.73
N PHE KB 64 72.87 -67.76 -26.10
CA PHE KB 64 73.99 -68.62 -25.78
C PHE KB 64 74.44 -69.41 -27.01
N VAL KB 65 73.49 -69.90 -27.80
CA VAL KB 65 73.80 -70.71 -28.99
C VAL KB 65 74.50 -69.89 -30.03
N THR KB 66 73.84 -68.81 -30.46
CA THR KB 66 74.44 -67.85 -31.38
C THR KB 66 75.22 -66.86 -30.53
N GLY KB 67 75.80 -65.84 -31.17
CA GLY KB 67 76.50 -64.79 -30.44
C GLY KB 67 75.61 -63.80 -29.69
N ASN KB 68 74.49 -63.43 -30.32
CA ASN KB 68 73.67 -62.25 -29.93
C ASN KB 68 72.26 -62.70 -29.60
N LYS KB 69 71.42 -61.76 -29.14
CA LYS KB 69 70.02 -62.07 -28.77
C LYS KB 69 69.01 -61.78 -29.89
N ILE KB 70 67.89 -62.52 -29.85
CA ILE KB 70 66.99 -62.68 -31.01
C ILE KB 70 66.80 -61.39 -31.77
N LEU KB 71 66.41 -60.33 -31.07
CA LEU KB 71 66.12 -59.06 -31.73
C LEU KB 71 67.24 -58.64 -32.68
N ARG KB 72 68.49 -58.75 -32.22
CA ARG KB 72 69.64 -58.39 -33.05
C ARG KB 72 69.75 -59.24 -34.33
N ILE KB 73 69.38 -60.53 -34.23
CA ILE KB 73 69.39 -61.42 -35.38
C ILE KB 73 68.36 -60.97 -36.42
N LEU KB 74 67.17 -60.57 -35.97
CA LEU KB 74 66.13 -60.05 -36.88
C LEU KB 74 66.48 -58.68 -37.40
N LYS KB 75 67.01 -57.84 -36.51
CA LYS KB 75 67.28 -56.44 -36.80
C LYS KB 75 68.43 -56.30 -37.79
N SER KB 76 69.52 -57.04 -37.58
CA SER KB 76 70.66 -57.01 -38.50
C SER KB 76 70.38 -57.60 -39.88
N LYS KB 77 69.26 -58.30 -40.03
CA LYS KB 77 68.77 -58.76 -41.33
C LYS KB 77 67.56 -58.02 -41.87
N GLY KB 78 66.84 -57.28 -41.01
CA GLY KB 78 65.73 -56.42 -41.44
C GLY KB 78 64.38 -57.11 -41.48
N LEU KB 79 64.16 -58.03 -40.54
CA LEU KB 79 62.84 -58.62 -40.29
C LEU KB 79 62.20 -58.03 -39.03
N ALA KB 80 62.90 -57.11 -38.38
CA ALA KB 80 62.44 -56.51 -37.12
C ALA KB 80 61.20 -55.69 -37.38
N PRO KB 81 60.29 -55.61 -36.39
CA PRO KB 81 59.08 -54.84 -36.64
C PRO KB 81 59.34 -53.33 -36.69
N ASP KB 82 58.27 -52.58 -36.94
CA ASP KB 82 58.33 -51.14 -37.14
C ASP KB 82 58.70 -50.46 -35.82
N LEU KB 83 57.89 -50.76 -34.80
CA LEU KB 83 58.07 -50.30 -33.42
C LEU KB 83 58.38 -51.51 -32.54
N PRO KB 84 58.72 -51.28 -31.26
CA PRO KB 84 58.99 -52.41 -30.40
C PRO KB 84 57.74 -53.22 -30.12
N GLU KB 85 57.81 -54.52 -30.43
CA GLU KB 85 56.86 -55.54 -29.97
C GLU KB 85 56.31 -55.28 -28.57
N ASP KB 86 57.21 -54.94 -27.64
CA ASP KB 86 56.87 -54.68 -26.23
C ASP KB 86 55.85 -53.53 -26.07
N LEU KB 87 55.99 -52.52 -26.92
CA LEU KB 87 55.14 -51.35 -26.90
C LEU KB 87 53.80 -51.61 -27.55
N TYR KB 88 53.75 -52.12 -28.79
CA TYR KB 88 52.44 -52.26 -29.45
C TYR KB 88 51.58 -53.30 -28.82
N HIS KB 89 52.17 -54.12 -27.96
CA HIS KB 89 51.33 -54.91 -27.14
C HIS KB 89 50.49 -54.01 -26.22
N LEU KB 90 51.08 -52.94 -25.66
CA LEU KB 90 50.30 -51.93 -24.92
C LEU KB 90 49.36 -51.11 -25.76
N ILE KB 91 49.81 -50.72 -26.93
CA ILE KB 91 48.97 -49.94 -27.83
C ILE KB 91 47.75 -50.75 -28.29
N LYS KB 92 47.98 -51.97 -28.75
CA LYS KB 92 46.91 -52.90 -29.11
C LYS KB 92 45.93 -53.12 -27.98
N LYS KB 93 46.45 -53.18 -26.76
CA LYS KB 93 45.65 -53.32 -25.56
C LYS KB 93 44.80 -52.09 -25.33
N ALA KB 94 45.43 -50.92 -25.41
CA ALA KB 94 44.74 -49.65 -25.25
C ALA KB 94 43.58 -49.56 -26.21
N VAL KB 95 43.86 -49.81 -27.49
CA VAL KB 95 42.80 -49.70 -28.49
C VAL KB 95 41.66 -50.67 -28.19
N ALA KB 96 41.97 -51.85 -27.64
CA ALA KB 96 40.91 -52.75 -27.22
C ALA KB 96 40.06 -52.17 -26.07
N VAL KB 97 40.70 -51.46 -25.13
CA VAL KB 97 39.94 -50.85 -24.02
C VAL KB 97 39.11 -49.68 -24.52
N ARG KB 98 39.73 -48.89 -25.38
CA ARG KB 98 39.05 -47.83 -26.06
C ARG KB 98 37.73 -48.34 -26.59
N LYS KB 99 37.77 -49.40 -27.40
CA LYS KB 99 36.59 -49.89 -28.13
C LYS KB 99 35.39 -50.09 -27.27
N HIS KB 100 35.52 -50.92 -26.24
CA HIS KB 100 34.34 -51.18 -25.44
C HIS KB 100 33.97 -50.02 -24.51
N LEU KB 101 34.92 -49.11 -24.23
CA LEU KB 101 34.57 -47.89 -23.52
C LEU KB 101 33.64 -47.08 -24.42
N GLU KB 102 33.94 -47.04 -25.72
CA GLU KB 102 33.13 -46.32 -26.72
C GLU KB 102 31.71 -46.89 -26.95
N ARG KB 103 31.46 -48.13 -26.57
CA ARG KB 103 30.09 -48.69 -26.50
C ARG KB 103 29.49 -48.58 -25.09
N ASN KB 104 30.31 -48.78 -24.05
CA ASN KB 104 29.87 -48.84 -22.64
C ASN KB 104 30.43 -47.68 -21.81
N ARG KB 105 29.79 -46.53 -21.86
CA ARG KB 105 30.35 -45.35 -21.20
C ARG KB 105 30.12 -45.31 -19.69
N LYS KB 106 29.93 -46.47 -19.07
CA LYS KB 106 29.76 -46.56 -17.63
C LYS KB 106 30.98 -47.13 -16.95
N ASP KB 107 31.51 -48.23 -17.50
CA ASP KB 107 32.78 -48.83 -17.04
C ASP KB 107 33.74 -47.81 -16.44
N LYS KB 108 33.63 -47.64 -15.14
CA LYS KB 108 34.61 -46.85 -14.43
C LYS KB 108 35.91 -47.63 -14.37
N ASP KB 109 35.86 -48.95 -14.19
CA ASP KB 109 37.09 -49.71 -14.13
C ASP KB 109 37.92 -49.54 -15.37
N ALA KB 110 37.33 -49.76 -16.53
CA ALA KB 110 38.05 -49.56 -17.79
C ALA KB 110 38.71 -48.16 -17.87
N LYS KB 111 38.11 -47.16 -17.23
CA LYS KB 111 38.73 -45.83 -17.17
C LYS KB 111 39.86 -45.61 -16.09
N PHE KB 112 40.40 -46.63 -15.40
CA PHE KB 112 41.86 -46.63 -15.18
C PHE KB 112 42.37 -47.22 -16.40
N ARG KB 113 41.95 -48.46 -16.59
CA ARG KB 113 42.82 -49.47 -17.12
C ARG KB 113 43.27 -48.95 -18.46
N LEU KB 114 42.46 -48.07 -19.05
CA LEU KB 114 42.88 -47.14 -20.07
C LEU KB 114 43.98 -46.18 -19.57
N ILE KB 115 43.64 -45.24 -18.67
CA ILE KB 115 44.61 -44.26 -18.10
C ILE KB 115 45.95 -44.86 -17.71
N LEU KB 116 45.91 -45.97 -16.97
CA LEU KB 116 47.12 -46.71 -16.65
C LEU KB 116 47.80 -47.11 -17.94
N ILE KB 117 47.12 -47.90 -18.75
CA ILE KB 117 47.69 -48.34 -20.01
C ILE KB 117 48.28 -47.20 -20.86
N GLU KB 118 47.54 -46.11 -20.99
CA GLU KB 118 48.06 -44.89 -21.64
C GLU KB 118 49.38 -44.52 -20.97
N SER KB 119 49.38 -44.41 -19.66
CA SER KB 119 50.58 -44.02 -18.93
C SER KB 119 51.76 -45.00 -19.05
N ARG KB 120 51.49 -46.31 -19.06
CA ARG KB 120 52.54 -47.30 -19.35
C ARG KB 120 53.00 -47.21 -20.80
N ILE KB 121 52.21 -46.62 -21.69
CA ILE KB 121 52.67 -46.33 -23.04
C ILE KB 121 53.64 -45.17 -23.06
N HIS KB 122 53.14 -44.00 -22.68
CA HIS KB 122 53.95 -42.79 -22.67
C HIS KB 122 55.28 -43.09 -21.99
N ARG KB 123 55.19 -43.62 -20.77
CA ARG KB 123 56.40 -43.97 -20.04
C ARG KB 123 57.36 -44.73 -20.89
N LEU KB 124 56.90 -45.80 -21.52
CA LEU KB 124 57.79 -46.57 -22.39
C LEU KB 124 58.35 -45.68 -23.48
N ALA KB 125 57.43 -45.06 -24.22
CA ALA KB 125 57.79 -44.24 -25.34
C ALA KB 125 59.00 -43.41 -25.03
N ARG KB 126 58.98 -42.65 -23.93
CA ARG KB 126 60.03 -41.65 -23.72
C ARG KB 126 61.36 -42.18 -23.21
N TYR KB 127 61.57 -43.50 -23.19
CA TYR KB 127 62.95 -43.91 -23.39
C TYR KB 127 63.19 -44.22 -24.86
N TYR KB 128 62.26 -44.91 -25.53
CA TYR KB 128 62.47 -45.24 -26.95
C TYR KB 128 62.80 -43.97 -27.80
N LYS KB 129 62.54 -42.79 -27.23
CA LYS KB 129 62.96 -41.48 -27.74
C LYS KB 129 64.37 -41.08 -27.33
N THR KB 130 64.87 -41.57 -26.20
CA THR KB 130 66.27 -41.34 -25.77
C THR KB 130 67.25 -42.44 -26.17
N LYS KB 131 66.73 -43.66 -26.27
CA LYS KB 131 67.44 -44.82 -26.82
C LYS KB 131 67.29 -44.80 -28.36
N ARG KB 132 66.41 -43.91 -28.84
CA ARG KB 132 66.38 -43.45 -30.24
C ARG KB 132 65.98 -44.51 -31.24
N VAL KB 133 65.18 -45.47 -30.80
CA VAL KB 133 64.63 -46.45 -31.72
C VAL KB 133 63.39 -45.85 -32.38
N LEU KB 134 62.71 -44.94 -31.68
CA LEU KB 134 61.64 -44.13 -32.25
C LEU KB 134 62.14 -42.73 -32.57
N PRO KB 135 61.61 -42.11 -33.63
CA PRO KB 135 62.00 -40.75 -33.99
C PRO KB 135 61.34 -39.78 -33.04
N PRO KB 136 62.00 -38.65 -32.78
CA PRO KB 136 61.63 -37.78 -31.65
C PRO KB 136 60.39 -36.92 -31.92
N ASN KB 137 59.27 -37.58 -32.23
CA ASN KB 137 58.14 -36.93 -32.85
C ASN KB 137 56.87 -37.68 -32.59
N TRP KB 138 56.88 -38.95 -33.00
CA TRP KB 138 55.83 -39.93 -32.71
C TRP KB 138 55.37 -39.79 -31.30
N LYS KB 139 54.08 -40.01 -31.17
CA LYS KB 139 53.30 -39.53 -30.08
C LYS KB 139 52.09 -40.43 -30.15
N TYR KB 140 51.40 -40.60 -29.03
CA TYR KB 140 50.12 -41.26 -29.13
C TYR KB 140 49.13 -40.34 -29.75
N GLU KB 141 48.18 -40.91 -30.45
CA GLU KB 141 46.92 -40.23 -30.60
C GLU KB 141 45.86 -41.29 -30.81
N SER KB 142 45.13 -41.58 -29.72
CA SER KB 142 43.77 -42.12 -29.77
C SER KB 142 43.22 -42.49 -31.15
N SER KB 143 43.13 -41.47 -32.02
CA SER KB 143 42.62 -41.60 -33.38
C SER KB 143 43.57 -42.41 -34.25
N THR KB 144 44.82 -41.97 -34.31
CA THR KB 144 45.83 -42.61 -35.13
C THR KB 144 46.34 -43.94 -34.55
N ALA KB 145 45.98 -44.25 -33.31
CA ALA KB 145 46.41 -45.48 -32.65
C ALA KB 145 45.86 -46.74 -33.30
N SER KB 146 44.54 -46.77 -33.51
CA SER KB 146 43.87 -47.96 -34.02
C SER KB 146 44.48 -48.41 -35.31
N ALA KB 147 44.81 -47.45 -36.18
CA ALA KB 147 45.56 -47.72 -37.39
C ALA KB 147 46.92 -48.37 -37.10
N LEU KB 148 47.68 -47.82 -36.16
CA LEU KB 148 49.07 -48.22 -35.91
C LEU KB 148 49.24 -49.70 -35.57
N VAL KB 149 48.21 -50.32 -34.98
CA VAL KB 149 48.13 -51.79 -34.91
C VAL KB 149 47.82 -52.31 -36.30
N SER LB 1 -26.98 -83.68 8.28
CA SER LB 1 -26.28 -84.13 7.03
C SER LB 1 -24.82 -83.66 7.02
N LEU LB 2 -24.08 -83.97 8.09
CA LEU LB 2 -22.65 -83.58 8.17
C LEU LB 2 -21.75 -84.57 8.96
N GLY LB 3 -20.64 -84.94 8.31
CA GLY LB 3 -19.68 -85.97 8.76
C GLY LB 3 -20.02 -87.41 8.37
N PRO LB 4 -20.45 -87.65 7.11
CA PRO LB 4 -21.03 -88.94 6.78
C PRO LB 4 -20.01 -90.08 6.67
N GLN LB 5 -18.80 -89.80 6.18
CA GLN LB 5 -17.75 -90.82 6.13
C GLN LB 5 -17.28 -91.03 7.55
N VAL LB 6 -18.00 -91.91 8.23
CA VAL LB 6 -17.69 -92.29 9.59
C VAL LB 6 -17.69 -93.82 9.59
N ALA LB 7 -16.54 -94.39 9.25
CA ALA LB 7 -16.33 -95.83 9.30
C ALA LB 7 -15.92 -96.32 10.70
N GLU LB 8 -16.19 -95.52 11.74
CA GLU LB 8 -15.88 -95.83 13.15
C GLU LB 8 -14.40 -96.18 13.37
N GLY LB 9 -13.53 -95.29 12.89
CA GLY LB 9 -12.09 -95.48 13.03
C GLY LB 9 -11.33 -94.25 12.62
N GLU LB 10 -11.32 -93.99 11.31
CA GLU LB 10 -10.53 -92.89 10.76
C GLU LB 10 -11.11 -91.53 11.10
N ASN LB 11 -10.22 -90.53 11.16
CA ASN LB 11 -10.58 -89.17 11.49
C ASN LB 11 -10.60 -88.30 10.24
N VAL LB 12 -11.34 -87.21 10.34
CA VAL LB 12 -11.35 -86.19 9.33
C VAL LB 12 -10.42 -85.09 9.77
N PHE LB 13 -9.37 -84.82 8.98
CA PHE LB 13 -8.40 -83.76 9.30
C PHE LB 13 -8.94 -82.49 8.71
N GLY LB 14 -8.76 -81.40 9.44
CA GLY LB 14 -8.73 -80.07 8.85
C GLY LB 14 -7.28 -79.70 9.00
N VAL LB 15 -6.98 -78.41 8.90
CA VAL LB 15 -5.72 -77.91 9.43
C VAL LB 15 -6.10 -76.90 10.49
N CYS LB 16 -5.09 -76.34 11.14
CA CYS LB 16 -5.27 -75.33 12.19
C CYS LB 16 -4.65 -73.92 11.89
N HIS LB 17 -3.74 -73.90 10.92
CA HIS LB 17 -2.77 -72.82 10.71
C HIS LB 17 -2.16 -72.41 12.10
N ILE LB 18 -2.75 -71.42 12.79
CA ILE LB 18 -2.16 -70.72 13.99
C ILE LB 18 -1.09 -69.68 13.63
N PHE LB 19 -1.55 -68.44 13.46
CA PHE LB 19 -0.70 -67.26 13.32
C PHE LB 19 -0.66 -66.81 14.76
N ALA LB 20 0.30 -67.38 15.45
CA ALA LB 20 0.67 -66.96 16.76
C ALA LB 20 1.67 -65.85 16.54
N SER LB 21 1.55 -64.80 17.33
CA SER LB 21 2.52 -63.74 17.31
C SER LB 21 2.57 -63.07 18.64
N PHE LB 22 3.47 -62.11 18.67
CA PHE LB 22 3.36 -60.97 19.55
C PHE LB 22 2.04 -60.26 19.30
N ASN LB 23 1.47 -59.67 20.35
CA ASN LB 23 0.22 -58.89 20.24
C ASN LB 23 -1.12 -59.62 19.94
N ASP LB 24 -1.10 -60.92 19.62
CA ASP LB 24 -2.31 -61.74 19.44
C ASP LB 24 -1.96 -63.19 19.08
N THR LB 25 -2.95 -64.08 19.12
CA THR LB 25 -2.85 -65.45 18.57
C THR LB 25 -4.19 -65.89 18.02
N PHE LB 26 -4.26 -66.06 16.71
CA PHE LB 26 -5.50 -66.54 16.12
C PHE LB 26 -5.28 -68.07 16.01
N VAL LB 27 -6.37 -68.83 16.10
CA VAL LB 27 -6.39 -70.25 15.79
C VAL LB 27 -7.40 -70.41 14.66
N HIS LB 28 -7.05 -71.04 13.56
CA HIS LB 28 -7.91 -70.97 12.37
C HIS LB 28 -8.08 -72.34 11.80
N VAL LB 29 -9.02 -73.11 12.34
CA VAL LB 29 -9.28 -74.40 11.74
C VAL LB 29 -10.00 -74.17 10.44
N THR LB 30 -9.50 -74.84 9.40
CA THR LB 30 -10.08 -74.77 8.08
C THR LB 30 -10.19 -76.18 7.53
N ASP LB 31 -10.48 -76.27 6.24
CA ASP LB 31 -10.48 -77.52 5.53
C ASP LB 31 -9.14 -77.74 4.84
N LEU LB 32 -8.98 -78.90 4.22
CA LEU LB 32 -7.71 -79.27 3.58
C LEU LB 32 -7.28 -78.36 2.46
N SER LB 33 -8.26 -77.84 1.73
CA SER LB 33 -7.99 -76.81 0.75
C SER LB 33 -7.39 -75.61 1.46
N GLY LB 34 -8.10 -75.15 2.49
CA GLY LB 34 -7.86 -73.85 3.09
C GLY LB 34 -9.03 -72.95 2.72
N LYS LB 35 -9.43 -72.97 1.45
CA LYS LB 35 -10.56 -72.15 0.95
C LYS LB 35 -11.64 -72.06 2.00
N GLU LB 36 -12.22 -73.20 2.31
CA GLU LB 36 -13.42 -73.26 3.10
C GLU LB 36 -12.99 -73.44 4.54
N THR LB 37 -13.57 -72.65 5.44
CA THR LB 37 -13.07 -72.51 6.81
C THR LB 37 -14.14 -72.56 7.88
N ILE LB 38 -13.70 -72.94 9.06
CA ILE LB 38 -14.55 -73.47 10.13
C ILE LB 38 -13.97 -73.13 11.49
N CYS LB 39 -14.44 -72.02 12.07
CA CYS LB 39 -14.06 -71.57 13.41
C CYS LB 39 -12.64 -71.02 13.47
N ARG LB 40 -12.57 -69.73 13.83
CA ARG LB 40 -11.33 -68.97 13.86
C ARG LB 40 -11.13 -68.62 15.32
N VAL LB 41 -11.92 -67.68 15.83
CA VAL LB 41 -11.78 -67.14 17.19
C VAL LB 41 -10.34 -66.91 17.70
N THR LB 42 -9.95 -65.64 17.76
CA THR LB 42 -8.62 -65.24 18.19
C THR LB 42 -8.58 -65.16 19.68
N GLY LB 43 -7.36 -64.96 20.18
CA GLY LB 43 -7.13 -64.77 21.60
C GLY LB 43 -7.75 -63.50 22.14
N GLY LB 44 -7.52 -62.40 21.44
CA GLY LB 44 -8.11 -61.12 21.79
C GLY LB 44 -9.63 -61.10 21.80
N MET LB 45 -10.25 -62.07 21.13
CA MET LB 45 -11.70 -62.28 21.21
C MET LB 45 -12.14 -62.61 22.63
N LYS LB 46 -11.35 -63.41 23.35
CA LYS LB 46 -11.77 -64.01 24.62
C LYS LB 46 -11.35 -63.32 25.91
N VAL LB 47 -10.46 -62.32 25.82
CA VAL LB 47 -10.12 -61.52 26.99
C VAL LB 47 -10.02 -60.04 26.62
N LYS LB 48 -10.98 -59.25 27.11
CA LYS LB 48 -11.09 -57.85 26.71
C LYS LB 48 -10.23 -57.02 27.69
N ALA LB 49 -8.93 -56.94 27.35
CA ALA LB 49 -7.93 -56.10 28.06
C ALA LB 49 -6.60 -55.97 27.27
N ASP LB 50 -6.70 -55.64 25.98
CA ASP LB 50 -5.59 -55.59 24.97
C ASP LB 50 -4.17 -56.17 25.29
N ARG LB 51 -3.59 -55.87 26.45
CA ARG LB 51 -2.18 -56.30 26.78
C ARG LB 51 -1.94 -57.79 26.93
N ASP LB 52 -3.02 -58.55 26.95
CA ASP LB 52 -2.98 -59.98 27.10
C ASP LB 52 -3.71 -60.64 25.90
N GLU LB 53 -3.75 -59.93 24.78
CA GLU LB 53 -4.18 -60.52 23.51
C GLU LB 53 -3.14 -61.61 23.17
N SER LB 54 -1.87 -61.29 23.41
CA SER LB 54 -0.77 -62.26 23.31
C SER LB 54 -0.98 -63.48 24.18
N SER LB 55 -1.07 -63.21 25.49
CA SER LB 55 -0.75 -64.16 26.58
C SER LB 55 -1.36 -65.57 26.48
N PRO LB 56 -0.71 -66.56 27.11
CA PRO LB 56 -1.05 -67.98 26.89
C PRO LB 56 -2.49 -68.39 27.23
N TYR LB 57 -2.92 -68.11 28.45
CA TYR LB 57 -4.31 -68.26 28.87
C TYR LB 57 -5.31 -67.67 27.89
N ALA LB 58 -4.93 -66.64 27.11
CA ALA LB 58 -5.77 -66.21 26.00
C ALA LB 58 -5.87 -67.33 24.96
N ALA LB 59 -4.72 -67.71 24.42
CA ALA LB 59 -4.64 -68.72 23.35
C ALA LB 59 -5.23 -70.05 23.78
N MET LB 60 -5.12 -70.38 25.06
CA MET LB 60 -5.89 -71.46 25.64
C MET LB 60 -7.30 -71.43 25.13
N LEU LB 61 -8.01 -70.37 25.50
CA LEU LB 61 -9.45 -70.34 25.35
C LEU LB 61 -9.78 -70.37 23.87
N ALA LB 62 -9.17 -69.46 23.12
CA ALA LB 62 -9.32 -69.44 21.67
C ALA LB 62 -9.01 -70.79 21.01
N ALA LB 63 -8.11 -71.58 21.59
CA ALA LB 63 -7.88 -72.95 21.10
C ALA LB 63 -9.01 -73.88 21.44
N GLN LB 64 -9.55 -73.74 22.64
CA GLN LB 64 -10.63 -74.62 23.11
C GLN LB 64 -11.89 -74.40 22.32
N ASP LB 65 -12.34 -73.16 22.30
CA ASP LB 65 -13.62 -72.84 21.66
C ASP LB 65 -13.58 -72.88 20.13
N VAL LB 66 -12.41 -73.17 19.57
CA VAL LB 66 -12.33 -73.77 18.24
C VAL LB 66 -12.56 -75.26 18.41
N ALA LB 67 -11.69 -75.91 19.18
CA ALA LB 67 -11.74 -77.36 19.35
C ALA LB 67 -13.15 -77.87 19.59
N GLN LB 68 -13.84 -77.16 20.46
CA GLN LB 68 -15.22 -77.43 20.81
C GLN LB 68 -16.15 -77.41 19.60
N ARG LB 69 -16.08 -76.35 18.81
CA ARG LB 69 -16.98 -76.22 17.67
C ARG LB 69 -16.55 -77.16 16.54
N CYS LB 70 -15.24 -77.30 16.33
CA CYS LB 70 -14.74 -78.12 15.21
C CYS LB 70 -15.02 -79.60 15.32
N LYS LB 71 -15.07 -80.10 16.55
CA LYS LB 71 -15.48 -81.48 16.74
C LYS LB 71 -16.99 -81.72 16.52
N GLU LB 72 -17.81 -80.67 16.66
CA GLU LB 72 -19.25 -80.78 16.37
C GLU LB 72 -19.53 -81.08 14.92
N LEU LB 73 -18.76 -80.46 14.03
CA LEU LB 73 -18.92 -80.72 12.59
C LEU LB 73 -18.50 -82.14 12.20
N GLY LB 74 -17.65 -82.78 13.00
CA GLY LB 74 -17.11 -84.11 12.69
C GLY LB 74 -15.63 -84.04 12.39
N ILE LB 75 -15.08 -82.81 12.31
CA ILE LB 75 -13.66 -82.60 12.07
C ILE LB 75 -12.98 -82.97 13.37
N THR LB 76 -12.42 -84.17 13.39
CA THR LB 76 -11.91 -84.80 14.59
C THR LB 76 -10.41 -84.69 14.78
N ALA LB 77 -9.68 -84.31 13.72
CA ALA LB 77 -8.21 -84.24 13.73
C ALA LB 77 -7.68 -83.03 12.92
N LEU LB 78 -6.42 -82.65 13.17
CA LEU LB 78 -5.89 -81.36 12.71
C LEU LB 78 -4.40 -81.40 12.45
N HIS LB 79 -3.94 -81.17 11.21
CA HIS LB 79 -2.52 -80.85 11.04
C HIS LB 79 -2.41 -79.40 11.36
N ILE LB 80 -1.24 -79.01 11.86
CA ILE LB 80 -1.01 -77.67 12.31
C ILE LB 80 0.04 -77.03 11.43
N LYS LB 81 -0.27 -75.82 10.98
CA LYS LB 81 0.63 -75.07 10.12
C LYS LB 81 1.03 -73.77 10.84
N LEU LB 82 1.85 -73.94 11.88
CA LEU LB 82 2.32 -72.86 12.75
C LEU LB 82 3.10 -71.77 12.03
N ARG LB 83 2.86 -70.54 12.47
CA ARG LB 83 3.35 -69.35 11.80
C ARG LB 83 3.95 -68.41 12.82
N ALA LB 84 4.56 -67.35 12.34
CA ALA LB 84 4.87 -66.18 13.13
C ALA LB 84 4.77 -64.98 12.19
N THR LB 85 4.88 -63.76 12.71
CA THR LB 85 4.55 -62.57 11.91
C THR LB 85 5.42 -62.40 10.66
N GLY LB 86 6.61 -62.99 10.68
CA GLY LB 86 7.34 -63.29 9.45
C GLY LB 86 7.76 -62.06 8.68
N GLY LB 87 7.92 -62.21 7.37
CA GLY LB 87 8.39 -61.13 6.51
C GLY LB 87 9.65 -60.53 7.09
N ASN LB 88 9.61 -59.24 7.37
CA ASN LB 88 10.73 -58.57 7.99
C ASN LB 88 10.70 -58.76 9.51
N ARG LB 89 9.50 -58.85 10.07
CA ARG LB 89 9.30 -59.03 11.51
C ARG LB 89 9.77 -60.41 12.05
N THR LB 90 9.97 -60.42 13.37
CA THR LB 90 10.60 -61.50 14.16
C THR LB 90 10.84 -62.92 13.64
N LYS LB 91 9.82 -63.59 13.13
CA LYS LB 91 9.81 -65.06 12.87
C LYS LB 91 10.31 -66.04 13.95
N THR LB 92 10.03 -65.72 15.22
CA THR LB 92 10.14 -66.65 16.33
C THR LB 92 8.78 -66.59 17.01
N PRO LB 93 7.97 -67.64 16.92
CA PRO LB 93 6.58 -67.45 17.34
C PRO LB 93 6.45 -66.85 18.73
N GLY LB 94 5.39 -66.06 18.92
CA GLY LB 94 5.07 -65.48 20.22
C GLY LB 94 4.75 -66.53 21.26
N PRO LB 95 4.51 -66.10 22.51
CA PRO LB 95 4.33 -67.06 23.60
C PRO LB 95 3.10 -67.95 23.40
N GLY LB 96 2.00 -67.36 22.95
CA GLY LB 96 0.74 -68.08 22.79
C GLY LB 96 0.74 -69.25 21.83
N ALA LB 97 1.81 -69.40 21.06
CA ALA LB 97 1.98 -70.53 20.15
C ALA LB 97 1.89 -71.94 20.78
N GLN LB 98 2.20 -72.08 22.08
CA GLN LB 98 2.20 -73.41 22.72
C GLN LB 98 0.90 -73.70 23.35
N SER LB 99 0.46 -72.80 24.22
CA SER LB 99 -0.80 -72.93 24.94
C SER LB 99 -2.02 -72.95 24.00
N ALA LB 100 -1.82 -72.61 22.72
CA ALA LB 100 -2.76 -73.00 21.66
C ALA LB 100 -2.66 -74.50 21.41
N LEU LB 101 -1.47 -74.93 21.02
CA LEU LB 101 -1.25 -76.30 20.58
C LEU LB 101 -1.64 -77.29 21.68
N ARG LB 102 -0.90 -77.26 22.77
CA ARG LB 102 -1.32 -77.78 24.06
C ARG LB 102 -2.83 -77.98 24.19
N ALA LB 103 -3.58 -76.88 24.20
CA ALA LB 103 -5.00 -76.88 24.61
C ALA LB 103 -5.89 -77.71 23.69
N LEU LB 104 -5.67 -77.61 22.39
CA LEU LB 104 -6.46 -78.40 21.44
C LEU LB 104 -6.03 -79.86 21.40
N ALA LB 105 -4.83 -80.17 21.91
CA ALA LB 105 -4.47 -81.57 22.20
C ALA LB 105 -5.09 -82.07 23.51
N ARG LB 106 -5.21 -81.16 24.48
CA ARG LB 106 -5.99 -81.38 25.71
C ARG LB 106 -7.44 -81.78 25.45
N SER LB 107 -8.17 -80.88 24.80
CA SER LB 107 -9.62 -81.02 24.61
C SER LB 107 -9.95 -82.17 23.65
N GLY LB 108 -8.92 -82.73 23.04
CA GLY LB 108 -9.03 -84.01 22.41
C GLY LB 108 -9.34 -83.87 20.95
N MET LB 109 -8.58 -83.01 20.27
CA MET LB 109 -8.46 -83.08 18.83
C MET LB 109 -7.19 -83.86 18.62
N LYS LB 110 -7.10 -84.52 17.48
CA LYS LB 110 -5.92 -85.27 17.12
C LYS LB 110 -4.99 -84.38 16.30
N ILE LB 111 -3.73 -84.79 16.23
CA ILE LB 111 -2.63 -83.94 15.74
C ILE LB 111 -1.77 -84.65 14.68
N GLY LB 112 -1.76 -84.12 13.46
CA GLY LB 112 -0.94 -84.66 12.37
C GLY LB 112 0.06 -83.61 11.91
N ARG LB 113 1.13 -84.06 11.28
CA ARG LB 113 2.13 -83.19 10.64
C ARG LB 113 2.91 -82.20 11.53
N ILE LB 114 2.29 -81.08 11.90
CA ILE LB 114 3.00 -79.91 12.46
C ILE LB 114 4.04 -79.38 11.46
N GLU LB 115 3.85 -78.17 10.98
CA GLU LB 115 4.85 -77.59 10.09
C GLU LB 115 4.82 -76.05 10.21
N ASP LB 116 5.85 -75.39 9.69
CA ASP LB 116 6.21 -74.02 10.09
C ASP LB 116 6.19 -73.01 8.95
N VAL LB 117 5.02 -72.49 8.63
CA VAL LB 117 4.87 -71.68 7.43
C VAL LB 117 5.07 -70.19 7.67
N THR LB 118 5.97 -69.84 8.60
CA THR LB 118 6.27 -68.44 8.84
C THR LB 118 6.73 -67.93 7.50
N PRO LB 119 6.12 -66.85 7.00
CA PRO LB 119 6.60 -66.35 5.72
C PRO LB 119 8.01 -65.77 5.94
N ILE LB 120 9.03 -66.47 5.42
CA ILE LB 120 10.38 -65.95 5.44
C ILE LB 120 10.64 -65.40 4.06
N PRO LB 121 11.05 -64.13 4.01
CA PRO LB 121 11.30 -63.51 2.76
C PRO LB 121 12.70 -63.83 2.30
N SER LB 122 12.89 -63.74 0.99
CA SER LB 122 14.18 -63.46 0.43
C SER LB 122 14.39 -61.94 0.50
N ASP LB 123 15.06 -61.50 1.58
CA ASP LB 123 15.74 -60.19 1.70
C ASP LB 123 14.91 -58.91 1.41
N SER LB 124 13.59 -59.04 1.46
CA SER LB 124 12.70 -58.02 0.94
C SER LB 124 12.62 -56.82 1.86
N THR LB 125 12.00 -55.77 1.33
CA THR LB 125 11.68 -54.52 2.03
C THR LB 125 12.59 -54.09 3.17
N ARG LB 126 12.67 -52.78 3.34
CA ARG LB 126 13.51 -52.19 4.36
C ARG LB 126 12.63 -52.07 5.60
N ARG LB 127 12.83 -52.97 6.55
CA ARG LB 127 12.03 -53.07 7.78
C ARG LB 127 11.91 -51.79 8.57
N LYS LB 128 10.81 -51.66 9.27
CA LYS LB 128 10.49 -50.44 9.98
C LYS LB 128 11.40 -50.29 11.18
N GLY LB 129 11.71 -49.05 11.51
CA GLY LB 129 12.48 -48.74 12.72
C GLY LB 129 13.40 -47.56 12.48
N GLY LB 130 14.12 -47.63 11.37
CA GLY LB 130 14.95 -46.53 10.96
C GLY LB 130 16.27 -46.52 11.71
N ARG LB 131 17.06 -47.56 11.51
CA ARG LB 131 18.51 -47.44 11.63
C ARG LB 131 19.11 -47.28 13.06
N ARG LB 132 19.56 -46.09 13.51
CA ARG LB 132 19.90 -45.87 14.95
C ARG LB 132 18.76 -46.66 15.68
N GLY LB 133 17.61 -46.83 15.02
CA GLY LB 133 16.75 -48.00 15.25
C GLY LB 133 15.71 -47.70 16.30
N ARG LB 134 14.86 -48.67 16.64
CA ARG LB 134 13.77 -48.45 17.62
C ARG LB 134 14.31 -48.31 19.05
N ARG LB 135 14.88 -47.14 19.29
CA ARG LB 135 15.62 -46.83 20.49
C ARG LB 135 14.63 -46.52 21.60
N LEU LB 136 14.50 -47.47 22.52
CA LEU LB 136 13.57 -47.35 23.65
C LEU LB 136 14.19 -48.01 24.87
N MET MB 1 93.70 -52.37 29.44
CA MET MB 1 93.81 -50.87 29.54
C MET MB 1 95.15 -50.60 30.16
N GLN MB 2 96.12 -50.33 29.30
CA GLN MB 2 97.43 -49.94 29.75
C GLN MB 2 97.42 -48.41 29.67
N ASN MB 3 98.59 -47.77 29.61
CA ASN MB 3 98.64 -46.34 29.39
C ASN MB 3 100.03 -45.91 28.86
N ASP MB 4 100.72 -44.95 29.49
CA ASP MB 4 102.16 -44.85 29.28
C ASP MB 4 102.77 -46.18 29.76
N ALA MB 5 102.74 -46.43 31.07
CA ALA MB 5 103.60 -47.44 31.70
C ALA MB 5 103.00 -48.86 31.73
N GLY MB 6 102.52 -49.34 30.57
CA GLY MB 6 101.92 -50.69 30.45
C GLY MB 6 100.93 -51.05 31.56
N GLU MB 7 100.39 -50.02 32.22
CA GLU MB 7 99.85 -50.11 33.57
C GLU MB 7 98.40 -50.60 33.51
N PHE MB 8 98.15 -51.84 33.95
CA PHE MB 8 96.81 -52.42 33.84
C PHE MB 8 95.80 -51.81 34.81
N VAL MB 9 95.06 -50.83 34.28
CA VAL MB 9 94.04 -50.09 35.03
C VAL MB 9 92.76 -50.93 34.94
N ASP MB 10 91.67 -50.48 35.56
CA ASP MB 10 90.35 -51.11 35.48
C ASP MB 10 90.29 -52.22 36.49
N LEU MB 11 89.36 -52.07 37.43
CA LEU MB 11 89.37 -52.87 38.63
C LEU MB 11 89.05 -54.35 38.37
N TYR MB 12 88.42 -54.69 37.25
CA TYR MB 12 88.42 -56.09 36.79
C TYR MB 12 88.25 -56.19 35.29
N VAL MB 13 88.54 -57.37 34.77
CA VAL MB 13 88.30 -57.72 33.38
C VAL MB 13 87.14 -58.65 33.42
N PRO MB 14 86.01 -58.26 32.81
CA PRO MB 14 84.81 -59.11 32.88
C PRO MB 14 84.96 -60.45 32.17
N ARG MB 15 84.08 -61.37 32.50
CA ARG MB 15 83.95 -62.61 31.73
C ARG MB 15 83.31 -62.23 30.42
N LYS MB 16 83.20 -63.18 29.53
CA LYS MB 16 82.78 -62.90 28.17
C LYS MB 16 82.17 -64.18 27.63
N CYS MB 17 80.89 -64.13 27.27
CA CYS MB 17 80.21 -65.32 26.76
C CYS MB 17 81.06 -66.07 25.75
N SER MB 18 80.95 -67.39 25.80
CA SER MB 18 81.71 -68.24 24.92
C SER MB 18 81.06 -68.29 23.54
N ALA MB 19 79.73 -68.22 23.52
CA ALA MB 19 78.94 -68.39 22.30
C ALA MB 19 78.81 -67.12 21.41
N SER MB 20 78.78 -65.93 22.02
CA SER MB 20 78.65 -64.66 21.27
C SER MB 20 79.85 -63.72 21.36
N ASN MB 21 80.85 -64.06 22.15
CA ASN MB 21 81.93 -63.14 22.52
C ASN MB 21 81.47 -61.83 23.17
N ARG MB 22 80.26 -61.83 23.71
CA ARG MB 22 79.63 -60.60 24.17
C ARG MB 22 79.74 -60.48 25.67
N ILE MB 23 80.15 -59.32 26.15
CA ILE MB 23 80.59 -59.19 27.53
C ILE MB 23 79.46 -59.24 28.52
N ILE MB 24 79.70 -60.06 29.53
CA ILE MB 24 78.67 -60.61 30.37
C ILE MB 24 78.57 -59.71 31.58
N GLY MB 25 77.34 -59.36 31.93
CA GLY MB 25 77.08 -58.24 32.82
C GLY MB 25 77.67 -58.36 34.21
N ALA MB 26 77.84 -57.23 34.86
CA ALA MB 26 78.13 -57.20 36.28
C ALA MB 26 76.92 -57.75 37.03
N LYS MB 27 75.75 -57.23 36.68
CA LYS MB 27 74.51 -57.72 37.24
C LYS MB 27 73.65 -58.27 36.12
N ASP MB 28 74.17 -59.31 35.50
CA ASP MB 28 73.42 -60.12 34.55
C ASP MB 28 73.27 -61.45 35.24
N HIS MB 29 72.13 -61.63 35.86
CA HIS MB 29 71.96 -62.75 36.75
C HIS MB 29 71.54 -64.05 36.05
N ALA MB 30 71.04 -63.93 34.82
CA ALA MB 30 70.80 -65.11 33.97
C ALA MB 30 72.05 -65.60 33.25
N SER MB 31 73.23 -65.15 33.70
CA SER MB 31 74.49 -65.78 33.34
C SER MB 31 74.59 -67.22 33.84
N ILE MB 32 75.60 -67.87 33.31
CA ILE MB 32 75.92 -69.23 33.63
C ILE MB 32 77.43 -69.24 33.72
N GLN MB 33 77.99 -70.27 34.33
CA GLN MB 33 79.27 -70.76 33.85
C GLN MB 33 79.34 -72.25 34.14
N MET MB 34 79.05 -73.00 33.08
CA MET MB 34 78.98 -74.43 33.16
C MET MB 34 80.37 -74.98 33.22
N ASN MB 35 80.64 -75.72 34.28
CA ASN MB 35 81.79 -76.55 34.35
C ASN MB 35 81.38 -77.97 33.87
N VAL MB 36 82.18 -78.53 32.95
CA VAL MB 36 81.96 -79.86 32.35
C VAL MB 36 83.26 -80.64 32.49
N ALA MB 37 83.19 -81.85 33.05
CA ALA MB 37 84.38 -82.67 33.32
C ALA MB 37 84.82 -83.45 32.08
N GLU MB 38 86.10 -83.82 32.03
CA GLU MB 38 86.60 -84.84 31.09
C GLU MB 38 86.83 -86.12 31.85
N VAL MB 39 87.26 -87.17 31.14
CA VAL MB 39 87.48 -88.48 31.74
C VAL MB 39 88.96 -88.87 31.68
N ASP MB 40 89.27 -90.09 32.10
CA ASP MB 40 90.64 -90.63 32.03
C ASP MB 40 91.14 -90.96 30.61
N LYS MB 41 90.22 -91.12 29.65
CA LYS MB 41 90.47 -91.51 28.23
C LYS MB 41 90.16 -92.99 28.00
N VAL MB 42 90.63 -93.85 28.90
CA VAL MB 42 90.33 -95.28 28.87
C VAL MB 42 88.98 -95.54 29.57
N THR MB 43 89.00 -95.83 30.87
CA THR MB 43 87.86 -96.46 31.58
C THR MB 43 86.55 -95.65 31.68
N GLY MB 44 86.70 -94.37 32.02
CA GLY MB 44 85.58 -93.53 32.42
C GLY MB 44 86.15 -92.58 33.44
N ARG MB 45 85.40 -92.31 34.50
CA ARG MB 45 85.91 -91.64 35.69
C ARG MB 45 86.33 -90.16 35.48
N PHE MB 46 85.55 -89.19 35.96
CA PHE MB 46 86.10 -87.83 36.05
C PHE MB 46 87.28 -87.99 36.97
N ASN MB 47 88.46 -87.96 36.37
CA ASN MB 47 89.67 -87.60 37.05
C ASN MB 47 90.45 -86.69 36.13
N GLY MB 48 90.84 -85.55 36.68
CA GLY MB 48 91.69 -84.59 36.03
C GLY MB 48 91.09 -83.23 36.20
N GLN MB 49 90.46 -82.78 35.12
CA GLN MB 49 90.27 -81.36 34.92
C GLN MB 49 88.92 -81.08 34.22
N PHE MB 50 88.87 -80.01 33.42
CA PHE MB 50 87.69 -79.16 33.40
C PHE MB 50 87.48 -78.25 32.20
N LYS MB 51 86.34 -78.42 31.54
CA LYS MB 51 85.96 -77.56 30.43
C LYS MB 51 84.96 -76.54 30.97
N THR MB 52 85.51 -75.42 31.43
CA THR MB 52 84.72 -74.24 31.80
C THR MB 52 84.26 -73.49 30.54
N TYR MB 53 83.18 -72.75 30.68
CA TYR MB 53 82.25 -72.59 29.59
C TYR MB 53 81.09 -71.66 29.95
N ALA MB 54 81.14 -70.40 29.53
CA ALA MB 54 80.15 -69.37 29.98
C ALA MB 54 79.17 -68.96 28.90
N ILE MB 55 78.00 -68.52 29.36
CA ILE MB 55 76.95 -68.07 28.48
C ILE MB 55 76.18 -66.93 29.13
N CYS MB 56 75.88 -65.91 28.35
CA CYS MB 56 75.16 -64.71 28.79
C CYS MB 56 73.71 -65.02 29.07
N GLY MB 57 73.01 -64.02 29.56
CA GLY MB 57 71.56 -64.09 29.70
C GLY MB 57 70.85 -64.14 28.36
N ALA MB 58 71.15 -63.17 27.49
CA ALA MB 58 70.39 -62.98 26.26
C ALA MB 58 70.26 -64.26 25.45
N ILE MB 59 71.36 -64.98 25.34
CA ILE MB 59 71.37 -66.24 24.62
C ILE MB 59 70.48 -67.29 25.29
N ARG MB 60 70.44 -67.30 26.63
CA ARG MB 60 69.51 -68.17 27.35
C ARG MB 60 68.08 -67.81 27.04
N ARG MB 61 67.70 -66.55 27.25
CA ARG MB 61 66.30 -66.17 27.04
C ARG MB 61 65.86 -66.25 25.56
N MET MB 62 66.83 -66.22 24.65
CA MET MB 62 66.55 -66.50 23.24
C MET MB 62 66.11 -67.95 23.03
N GLY MB 63 66.61 -68.86 23.85
CA GLY MB 63 66.27 -70.26 23.75
C GLY MB 63 67.45 -71.11 23.35
N GLU MB 64 68.55 -70.50 22.91
CA GLU MB 64 69.66 -71.27 22.34
C GLU MB 64 70.48 -72.07 23.34
N SER MB 65 71.24 -71.39 24.19
CA SER MB 65 72.23 -72.01 25.10
C SER MB 65 72.69 -73.44 24.75
N ASP MB 66 71.78 -74.42 24.67
CA ASP MB 66 72.13 -75.83 24.33
C ASP MB 66 72.60 -76.11 22.91
N ASP MB 67 72.06 -75.38 21.94
CA ASP MB 67 72.62 -75.34 20.59
C ASP MB 67 74.07 -74.87 20.71
N SER MB 68 74.23 -73.76 21.42
CA SER MB 68 75.51 -73.11 21.59
C SER MB 68 76.41 -73.74 22.66
N ILE MB 69 75.89 -74.70 23.44
CA ILE MB 69 76.75 -75.54 24.27
C ILE MB 69 77.35 -76.62 23.39
N LEU MB 70 76.50 -77.45 22.78
CA LEU MB 70 76.97 -78.51 21.89
C LEU MB 70 78.10 -78.05 21.01
N ARG MB 71 77.84 -77.04 20.18
CA ARG MB 71 78.77 -76.62 19.14
C ARG MB 71 80.15 -76.32 19.72
N LEU MB 72 80.19 -75.74 20.92
CA LEU MB 72 81.46 -75.50 21.60
C LEU MB 72 82.05 -76.82 22.09
N ALA MB 73 81.23 -77.61 22.79
CA ALA MB 73 81.64 -78.88 23.39
C ALA MB 73 82.30 -79.82 22.38
N LYS MB 74 81.69 -79.92 21.20
CA LYS MB 74 82.18 -80.77 20.11
C LYS MB 74 83.36 -80.18 19.34
N ALA MB 75 83.56 -78.86 19.44
CA ALA MB 75 84.83 -78.26 19.06
C ALA MB 75 85.93 -78.66 20.05
N ASP MB 76 85.59 -78.62 21.34
CA ASP MB 76 86.54 -78.95 22.41
C ASP MB 76 86.80 -80.46 22.61
N GLY MB 77 86.31 -81.30 21.69
CA GLY MB 77 86.59 -82.72 21.72
C GLY MB 77 85.84 -83.51 22.76
N ILE MB 78 84.88 -82.87 23.47
CA ILE MB 78 84.07 -83.55 24.49
C ILE MB 78 83.03 -84.41 23.79
N VAL MB 79 82.20 -83.74 22.97
CA VAL MB 79 81.24 -84.40 22.08
C VAL MB 79 81.99 -84.71 20.77
N SER MB 80 81.45 -85.60 19.93
CA SER MB 80 82.08 -85.92 18.65
C SER MB 80 81.13 -86.56 17.66
N LYS MB 81 80.95 -85.89 16.52
CA LYS MB 81 80.47 -86.48 15.25
C LYS MB 81 79.27 -87.41 15.38
N ASN MB 82 78.10 -86.76 15.50
CA ASN MB 82 76.85 -87.43 15.82
C ASN MB 82 76.30 -88.07 14.55
N VAL NB 1 63.44 -48.18 -3.89
CA VAL NB 1 64.05 -49.50 -4.29
C VAL NB 1 65.50 -49.61 -3.75
N ARG NB 2 66.31 -50.56 -4.24
CA ARG NB 2 67.73 -50.59 -3.86
C ARG NB 2 68.30 -49.29 -4.40
N MET NB 3 68.49 -48.32 -3.51
CA MET NB 3 69.20 -47.09 -3.86
C MET NB 3 70.66 -47.26 -3.49
N ASN NB 4 70.90 -47.60 -2.23
CA ASN NB 4 72.25 -47.66 -1.73
C ASN NB 4 72.55 -49.02 -1.16
N VAL NB 5 73.52 -49.68 -1.76
CA VAL NB 5 73.72 -51.10 -1.58
C VAL NB 5 74.53 -51.38 -0.33
N LEU NB 6 75.23 -50.37 0.17
CA LEU NB 6 75.79 -50.45 1.51
C LEU NB 6 74.68 -50.57 2.53
N ALA NB 7 73.83 -49.56 2.61
CA ALA NB 7 72.83 -49.46 3.68
C ALA NB 7 72.04 -50.75 3.79
N ASP NB 8 71.58 -51.20 2.64
CA ASP NB 8 71.16 -52.56 2.42
C ASP NB 8 71.96 -53.62 3.21
N ALA NB 9 73.23 -53.76 2.86
CA ALA NB 9 74.12 -54.77 3.45
C ALA NB 9 74.47 -54.52 4.93
N LEU NB 10 74.97 -53.33 5.23
CA LEU NB 10 75.37 -52.99 6.59
C LEU NB 10 74.27 -53.06 7.63
N LYS NB 11 73.04 -52.74 7.25
CA LYS NB 11 71.93 -52.98 8.15
C LYS NB 11 71.97 -54.45 8.51
N SER NB 12 71.99 -55.31 7.48
CA SER NB 12 71.91 -56.77 7.69
C SER NB 12 73.12 -57.45 8.33
N ILE NB 13 74.25 -56.74 8.45
CA ILE NB 13 75.39 -57.23 9.25
C ILE NB 13 75.61 -56.48 10.56
N ASN NB 14 75.00 -55.30 10.75
CA ASN NB 14 74.78 -54.89 12.13
C ASN NB 14 73.73 -55.87 12.65
N ASN NB 15 72.63 -55.98 11.90
CA ASN NB 15 71.37 -56.49 12.40
C ASN NB 15 71.31 -58.02 12.57
N ALA NB 16 72.43 -58.67 12.27
CA ALA NB 16 72.68 -60.03 12.69
C ALA NB 16 73.44 -60.03 14.02
N GLU NB 17 74.58 -59.34 14.04
CA GLU NB 17 75.44 -59.32 15.23
C GLU NB 17 74.75 -58.93 16.54
N LYS NB 18 73.60 -58.25 16.47
CA LYS NB 18 72.72 -58.05 17.64
C LYS NB 18 72.14 -59.36 18.13
N ARG NB 19 71.54 -60.08 17.20
CA ARG NB 19 71.04 -61.42 17.49
C ARG NB 19 72.13 -62.45 17.80
N GLY NB 20 73.39 -62.09 17.61
CA GLY NB 20 74.52 -62.99 17.91
C GLY NB 20 74.75 -64.00 16.81
N LYS NB 21 74.08 -63.81 15.69
CA LYS NB 21 74.17 -64.68 14.52
C LYS NB 21 75.65 -64.95 14.21
N ARG NB 22 75.96 -66.20 13.84
CA ARG NB 22 77.34 -66.59 13.59
C ARG NB 22 77.86 -66.09 12.27
N GLN NB 23 76.99 -66.08 11.27
CA GLN NB 23 77.38 -65.62 9.96
C GLN NB 23 76.15 -65.25 9.14
N VAL NB 24 76.33 -64.35 8.17
CA VAL NB 24 75.22 -63.83 7.35
C VAL NB 24 75.62 -63.65 5.92
N LEU NB 25 74.65 -63.78 5.02
CA LEU NB 25 74.88 -63.46 3.62
C LEU NB 25 74.22 -62.15 3.28
N ILE NB 26 74.78 -61.48 2.27
CA ILE NB 26 74.30 -60.17 1.85
C ILE NB 26 74.00 -60.20 0.37
N ARG NB 27 72.73 -59.92 0.09
CA ARG NB 27 72.02 -60.34 -1.11
C ARG NB 27 72.48 -59.70 -2.43
N PRO NB 28 72.75 -58.39 -2.41
CA PRO NB 28 73.06 -57.73 -3.66
C PRO NB 28 74.52 -57.79 -4.05
N CYS NB 29 75.41 -57.56 -3.08
CA CYS NB 29 76.87 -57.48 -3.30
C CYS NB 29 77.30 -56.35 -4.23
N SER NB 30 78.60 -56.07 -4.20
CA SER NB 30 79.19 -54.95 -4.93
C SER NB 30 80.69 -54.98 -4.74
N LYS NB 31 81.36 -54.08 -5.46
CA LYS NB 31 82.78 -53.82 -5.28
C LYS NB 31 82.96 -53.04 -4.02
N VAL NB 32 82.16 -52.00 -3.87
CA VAL NB 32 82.25 -51.11 -2.73
C VAL NB 32 82.04 -51.87 -1.43
N ILE NB 33 81.14 -52.85 -1.47
CA ILE NB 33 80.91 -53.71 -0.31
C ILE NB 33 82.20 -54.41 0.07
N VAL NB 34 82.71 -55.22 -0.85
CA VAL NB 34 83.98 -55.93 -0.65
C VAL NB 34 85.03 -54.98 -0.10
N ARG NB 35 85.23 -53.88 -0.80
CA ARG NB 35 86.31 -52.95 -0.48
C ARG NB 35 86.15 -52.29 0.85
N PHE NB 36 84.91 -52.10 1.31
CA PHE NB 36 84.70 -51.57 2.65
C PHE NB 36 84.67 -52.72 3.68
N LEU NB 37 84.18 -53.91 3.36
CA LEU NB 37 84.33 -55.03 4.31
C LEU NB 37 85.80 -55.39 4.62
N THR NB 38 86.66 -55.44 3.60
CA THR NB 38 88.11 -55.73 3.81
C THR NB 38 88.79 -54.74 4.73
N VAL NB 39 88.26 -53.52 4.80
CA VAL NB 39 88.69 -52.57 5.81
C VAL NB 39 88.29 -53.11 7.18
N MET NB 40 87.02 -53.47 7.36
CA MET NB 40 86.57 -54.07 8.63
C MET NB 40 87.35 -55.31 9.06
N MET NB 41 87.84 -56.07 8.09
CA MET NB 41 88.66 -57.23 8.37
C MET NB 41 89.97 -56.92 9.10
N LYS NB 42 90.59 -55.78 8.78
CA LYS NB 42 91.92 -55.47 9.34
C LYS NB 42 91.89 -55.11 10.82
N HIS NB 43 90.88 -54.35 11.26
CA HIS NB 43 90.84 -53.78 12.66
C HIS NB 43 90.11 -54.85 13.50
N GLY NB 44 89.64 -55.92 12.84
CA GLY NB 44 89.08 -57.14 13.47
C GLY NB 44 87.56 -57.24 13.45
N TYR NB 45 86.92 -56.20 12.92
CA TYR NB 45 85.50 -55.92 13.17
C TYR NB 45 84.63 -57.06 12.63
N ILE NB 46 85.18 -57.83 11.69
CA ILE NB 46 84.61 -59.11 11.28
C ILE NB 46 85.74 -60.10 11.02
N GLY NB 47 85.35 -61.34 10.72
CA GLY NB 47 86.25 -62.39 10.22
C GLY NB 47 86.22 -62.50 8.70
N GLU NB 48 86.79 -63.58 8.19
CA GLU NB 48 86.82 -63.85 6.73
C GLU NB 48 85.46 -64.09 6.04
N PHE NB 49 85.18 -63.26 5.02
CA PHE NB 49 83.95 -63.33 4.22
C PHE NB 49 84.32 -63.95 2.87
N GLU NB 50 83.38 -64.71 2.31
CA GLU NB 50 83.64 -65.58 1.15
C GLU NB 50 82.56 -65.32 0.12
N ILE NB 51 82.90 -64.59 -0.93
CA ILE NB 51 81.90 -64.05 -1.85
C ILE NB 51 81.49 -65.09 -2.87
N ILE NB 52 80.20 -65.37 -2.92
CA ILE NB 52 79.66 -66.26 -3.92
C ILE NB 52 79.60 -65.45 -5.20
N ASP NB 53 79.67 -66.15 -6.31
CA ASP NB 53 79.61 -65.57 -7.63
C ASP NB 53 78.44 -66.26 -8.27
N ASP NB 54 77.25 -65.85 -7.83
CA ASP NB 54 76.09 -65.94 -8.71
C ASP NB 54 76.49 -65.04 -9.86
N HIS NB 55 76.13 -65.49 -11.04
CA HIS NB 55 76.68 -64.96 -12.27
C HIS NB 55 76.36 -63.48 -12.38
N ARG NB 56 75.24 -63.06 -11.78
CA ARG NB 56 74.78 -61.71 -11.93
C ARG NB 56 75.50 -60.84 -10.91
N ALA NB 57 74.90 -60.60 -9.76
CA ALA NB 57 75.30 -59.48 -8.93
C ALA NB 57 76.47 -59.83 -8.02
N GLY NB 58 76.27 -60.92 -7.27
CA GLY NB 58 77.16 -61.39 -6.22
C GLY NB 58 76.32 -61.63 -4.98
N LYS NB 59 76.71 -62.63 -4.19
CA LYS NB 59 76.33 -62.73 -2.78
C LYS NB 59 77.62 -62.78 -2.00
N ILE NB 60 77.58 -62.44 -0.72
CA ILE NB 60 78.75 -62.58 0.15
C ILE NB 60 78.27 -63.41 1.33
N VAL NB 61 79.20 -64.02 2.07
CA VAL NB 61 78.84 -64.65 3.32
C VAL NB 61 79.88 -64.34 4.41
N VAL NB 62 79.46 -63.50 5.37
CA VAL NB 62 80.37 -62.84 6.29
C VAL NB 62 80.47 -63.63 7.59
N ASN NB 63 81.68 -64.10 7.92
CA ASN NB 63 82.00 -64.63 9.25
C ASN NB 63 82.12 -63.48 10.24
N LEU NB 64 81.34 -63.52 11.32
CA LEU NB 64 81.04 -62.32 12.10
C LEU NB 64 81.90 -62.00 13.35
N THR NB 65 82.18 -63.00 14.20
CA THR NB 65 82.75 -62.81 15.57
C THR NB 65 81.80 -62.00 16.44
N GLY NB 66 82.16 -61.75 17.69
CA GLY NB 66 81.26 -60.97 18.57
C GLY NB 66 81.43 -59.47 18.50
N ARG NB 67 82.41 -59.02 17.74
CA ARG NB 67 83.15 -57.81 18.09
C ARG NB 67 82.52 -56.49 17.60
N LEU NB 68 81.63 -56.59 16.62
CA LEU NB 68 81.03 -55.43 15.97
C LEU NB 68 79.79 -54.98 16.73
N ASN NB 69 79.85 -53.77 17.30
CA ASN NB 69 78.72 -53.22 18.08
C ASN NB 69 77.69 -52.67 17.11
N LYS NB 70 78.17 -51.85 16.18
CA LYS NB 70 77.37 -51.38 15.08
C LYS NB 70 78.26 -50.95 13.93
N CYS NB 71 77.75 -51.16 12.71
CA CYS NB 71 78.23 -50.46 11.53
C CYS NB 71 77.04 -49.83 10.85
N GLY NB 72 77.25 -48.61 10.37
CA GLY NB 72 76.22 -47.79 9.73
C GLY NB 72 76.79 -47.04 8.54
N VAL NB 73 75.94 -46.24 7.92
CA VAL NB 73 76.22 -45.64 6.61
C VAL NB 73 75.58 -44.28 6.46
N ILE NB 74 76.41 -43.36 5.98
CA ILE NB 74 76.09 -41.95 5.93
C ILE NB 74 75.59 -41.77 4.53
N SER NB 75 74.30 -41.47 4.40
CA SER NB 75 73.65 -41.66 3.12
C SER NB 75 73.12 -40.40 2.49
N PRO NB 76 73.96 -39.38 2.48
CA PRO NB 76 74.56 -38.99 1.22
C PRO NB 76 76.05 -38.97 1.49
N ARG NB 77 76.84 -39.43 0.53
CA ARG NB 77 78.28 -39.46 0.70
C ARG NB 77 78.81 -38.02 0.69
N PHE NB 78 78.78 -37.35 1.85
CA PHE NB 78 79.28 -35.96 1.88
C PHE NB 78 80.76 -35.98 1.67
N ASP NB 79 81.24 -34.83 1.27
CA ASP NB 79 82.58 -34.67 0.81
C ASP NB 79 83.27 -34.13 2.05
N VAL NB 80 84.28 -34.85 2.52
CA VAL NB 80 84.96 -34.51 3.76
C VAL NB 80 86.32 -33.89 3.49
N GLN NB 81 86.51 -32.67 3.98
CA GLN NB 81 87.61 -31.80 3.54
C GLN NB 81 88.82 -31.78 4.51
N LEU NB 82 88.97 -32.81 5.33
CA LEU NB 82 90.14 -33.02 6.19
C LEU NB 82 90.22 -32.15 7.42
N LYS NB 83 89.88 -30.88 7.28
CA LYS NB 83 89.62 -30.04 8.45
C LYS NB 83 88.33 -30.52 9.17
N ASP NB 84 87.33 -30.98 8.40
CA ASP NB 84 86.05 -31.45 8.97
C ASP NB 84 86.23 -32.83 9.58
N LEU NB 85 87.18 -33.60 9.06
CA LEU NB 85 87.36 -34.98 9.49
C LEU NB 85 87.30 -35.15 10.99
N GLU NB 86 87.90 -34.22 11.73
CA GLU NB 86 87.77 -34.20 13.17
C GLU NB 86 86.32 -34.05 13.58
N LYS NB 87 85.70 -32.94 13.19
CA LYS NB 87 84.33 -32.63 13.63
C LYS NB 87 83.34 -33.76 13.39
N TRP NB 88 83.53 -34.49 12.29
CA TRP NB 88 82.85 -35.76 12.07
C TRP NB 88 83.18 -36.84 13.13
N GLN NB 89 84.45 -37.21 13.21
CA GLN NB 89 84.89 -38.27 14.09
C GLN NB 89 84.71 -37.91 15.57
N ASN NB 90 84.49 -36.63 15.89
CA ASN NB 90 83.88 -36.31 17.17
C ASN NB 90 82.49 -36.95 17.15
N ASN NB 91 81.55 -36.38 16.39
CA ASN NB 91 80.11 -36.68 16.58
C ASN NB 91 79.55 -37.93 15.85
N LEU NB 92 80.43 -38.82 15.42
CA LEU NB 92 80.01 -40.01 14.73
C LEU NB 92 80.65 -41.31 15.26
N LEU NB 93 81.53 -41.20 16.26
CA LEU NB 93 82.23 -42.35 16.87
C LEU NB 93 82.24 -42.20 18.37
N PRO NB 94 82.13 -43.32 19.12
CA PRO NB 94 81.98 -43.28 20.57
C PRO NB 94 83.13 -42.71 21.37
N SER NB 95 84.33 -42.71 20.81
CA SER NB 95 85.49 -42.15 21.50
C SER NB 95 86.62 -41.86 20.54
N ARG NB 96 87.64 -41.20 21.03
CA ARG NB 96 88.83 -40.97 20.23
C ARG NB 96 89.80 -42.15 20.30
N GLN NB 97 89.38 -43.23 20.95
CA GLN NB 97 90.26 -44.32 21.30
C GLN NB 97 90.06 -45.56 20.44
N PHE NB 98 88.92 -45.63 19.77
CA PHE NB 98 88.70 -46.58 18.69
C PHE NB 98 87.62 -46.00 17.80
N GLY NB 99 87.14 -46.77 16.83
CA GLY NB 99 86.05 -46.33 15.94
C GLY NB 99 86.55 -45.78 14.62
N PHE NB 100 85.94 -46.25 13.54
CA PHE NB 100 86.55 -46.15 12.24
C PHE NB 100 85.52 -45.64 11.25
N ILE NB 101 85.75 -44.44 10.72
CA ILE NB 101 84.95 -43.88 9.64
C ILE NB 101 85.59 -44.30 8.35
N VAL NB 102 84.97 -45.28 7.72
CA VAL NB 102 85.40 -45.71 6.40
C VAL NB 102 84.98 -44.67 5.37
N LEU NB 103 85.92 -44.23 4.55
CA LEU NB 103 85.63 -43.27 3.47
C LEU NB 103 86.48 -43.56 2.22
N THR NB 104 86.34 -42.75 1.18
CA THR NB 104 86.78 -43.18 -0.15
C THR NB 104 87.45 -42.08 -0.91
N THR NB 105 88.77 -42.10 -0.90
CA THR NB 105 89.57 -40.99 -1.43
C THR NB 105 90.42 -41.39 -2.60
N SER NB 106 90.74 -40.40 -3.44
CA SER NB 106 91.90 -40.42 -4.36
C SER NB 106 92.75 -41.69 -4.34
N ALA NB 107 93.23 -42.06 -3.15
CA ALA NB 107 94.00 -43.28 -2.91
C ALA NB 107 93.22 -44.43 -2.25
N GLY NB 108 92.07 -44.79 -2.83
CA GLY NB 108 91.31 -45.98 -2.45
C GLY NB 108 90.29 -45.79 -1.34
N ILE NB 109 89.62 -46.91 -0.98
CA ILE NB 109 88.74 -46.97 0.20
C ILE NB 109 89.52 -47.38 1.44
N MET NB 110 89.27 -46.66 2.53
CA MET NB 110 90.05 -46.86 3.74
C MET NB 110 89.43 -46.14 4.91
N ASP NB 111 89.90 -46.49 6.09
CA ASP NB 111 89.49 -45.84 7.33
C ASP NB 111 90.03 -44.42 7.38
N HIS NB 112 89.57 -43.67 8.38
CA HIS NB 112 89.98 -42.29 8.51
C HIS NB 112 91.43 -42.11 8.97
N GLU NB 113 91.95 -43.11 9.67
CA GLU NB 113 93.33 -43.04 10.13
C GLU NB 113 94.26 -43.03 8.91
N GLU NB 114 93.95 -43.89 7.92
CA GLU NB 114 94.80 -44.07 6.73
C GLU NB 114 94.69 -42.94 5.70
N ALA NB 115 93.54 -42.29 5.64
CA ALA NB 115 93.43 -41.02 4.94
C ALA NB 115 94.21 -39.92 5.64
N ARG NB 116 94.32 -39.97 6.96
CA ARG NB 116 95.11 -38.99 7.68
C ARG NB 116 96.63 -39.18 7.56
N ARG NB 117 97.11 -40.43 7.50
CA ARG NB 117 98.56 -40.73 7.29
C ARG NB 117 98.98 -40.20 5.91
N LYS NB 118 98.18 -40.53 4.88
CA LYS NB 118 98.41 -40.05 3.49
C LYS NB 118 98.03 -38.60 3.25
N HIS NB 119 97.32 -38.01 4.21
CA HIS NB 119 96.85 -36.63 4.15
C HIS NB 119 96.06 -36.43 2.82
N THR NB 120 94.87 -37.05 2.79
CA THR NB 120 93.83 -36.88 1.75
C THR NB 120 92.46 -36.75 2.43
N GLY NB 121 91.55 -36.01 1.80
CA GLY NB 121 90.13 -36.08 2.15
C GLY NB 121 89.39 -36.91 1.12
N GLY NB 122 88.07 -36.86 1.19
CA GLY NB 122 87.22 -37.57 0.23
C GLY NB 122 85.86 -37.85 0.81
N LYS NB 123 85.14 -38.81 0.24
CA LYS NB 123 83.72 -38.94 0.51
C LYS NB 123 83.45 -39.99 1.58
N ILE NB 124 82.78 -39.57 2.63
CA ILE NB 124 82.35 -40.45 3.71
C ILE NB 124 81.39 -41.52 3.16
N LEU NB 125 81.58 -42.76 3.61
CA LEU NB 125 80.69 -43.87 3.30
C LEU NB 125 79.87 -44.21 4.52
N GLY NB 126 80.57 -44.58 5.59
CA GLY NB 126 79.96 -45.10 6.80
C GLY NB 126 80.89 -45.08 7.98
N PHE NB 127 80.65 -45.98 8.91
CA PHE NB 127 81.43 -46.04 10.14
C PHE NB 127 81.10 -47.38 10.81
N PHE NB 128 82.12 -48.04 11.36
CA PHE NB 128 81.96 -49.20 12.27
C PHE NB 128 82.83 -48.91 13.49
N PHE NB 129 82.47 -49.47 14.64
CA PHE NB 129 83.18 -49.17 15.87
C PHE NB 129 82.76 -50.20 16.92
N GLY OB 1 59.23 -39.52 5.97
CA GLY OB 1 60.35 -38.89 6.72
C GLY OB 1 60.89 -37.64 6.04
N LYS OB 2 62.15 -37.33 6.34
CA LYS OB 2 62.79 -36.14 5.83
C LYS OB 2 63.30 -36.45 4.44
N CYS OB 3 63.71 -35.42 3.70
CA CYS OB 3 64.10 -35.60 2.29
C CYS OB 3 65.53 -36.13 2.09
N ARG OB 4 66.45 -35.79 2.97
CA ARG OB 4 67.73 -36.50 3.12
C ARG OB 4 68.76 -36.47 1.99
N GLY OB 5 68.35 -36.12 0.78
CA GLY OB 5 69.23 -36.17 -0.38
C GLY OB 5 70.30 -35.11 -0.40
N LEU OB 6 71.06 -35.11 -1.49
CA LEU OB 6 72.32 -34.38 -1.62
C LEU OB 6 72.25 -33.13 -2.48
N ARG OB 7 71.26 -33.05 -3.36
CA ARG OB 7 70.95 -31.80 -4.08
C ARG OB 7 69.57 -31.37 -3.68
N THR OB 8 69.37 -31.33 -2.37
CA THR OB 8 68.07 -31.13 -1.75
C THR OB 8 68.20 -29.98 -0.76
N ALA OB 9 69.05 -29.03 -1.08
CA ALA OB 9 69.38 -27.96 -0.16
C ALA OB 9 68.32 -26.93 -0.15
N ARG OB 10 67.46 -26.99 -1.14
CA ARG OB 10 66.43 -26.04 -1.23
C ARG OB 10 65.17 -26.60 -0.66
N LYS OB 11 64.74 -27.76 -1.14
CA LYS OB 11 63.55 -28.40 -0.61
C LYS OB 11 63.64 -28.39 0.91
N LEU OB 12 64.83 -28.58 1.44
CA LEU OB 12 65.07 -28.39 2.85
C LEU OB 12 64.92 -26.93 3.28
N ARG OB 13 65.68 -25.99 2.69
CA ARG OB 13 65.63 -24.58 3.17
C ARG OB 13 64.20 -24.10 3.09
N SER OB 14 63.62 -24.20 1.91
CA SER OB 14 62.24 -23.82 1.74
C SER OB 14 61.30 -24.69 2.60
N HIS OB 15 61.62 -25.96 2.93
CA HIS OB 15 60.77 -26.62 3.98
C HIS OB 15 60.88 -25.82 5.32
N ARG OB 16 62.09 -25.66 5.86
CA ARG OB 16 62.29 -25.03 7.21
C ARG OB 16 61.98 -23.57 7.23
N ARG OB 17 61.70 -23.00 6.06
CA ARG OB 17 61.25 -21.64 5.95
C ARG OB 17 59.79 -21.48 6.33
N ASP OB 18 58.89 -22.13 5.58
CA ASP OB 18 57.45 -21.91 5.78
C ASP OB 18 57.03 -22.48 7.10
N HIS OB 19 57.69 -23.57 7.54
CA HIS OB 19 57.29 -24.20 8.80
C HIS OB 19 57.80 -23.46 10.02
N LYS OB 20 58.13 -22.20 9.78
CA LYS OB 20 58.11 -21.16 10.77
C LYS OB 20 56.87 -20.23 10.82
N TRP OB 21 56.08 -20.02 9.75
CA TRP OB 21 54.76 -19.26 9.91
C TRP OB 21 53.78 -20.14 10.77
N HIS OB 22 54.23 -21.32 11.23
CA HIS OB 22 53.55 -22.10 12.30
C HIS OB 22 54.19 -22.00 13.68
N ASP OB 23 55.35 -21.38 13.78
CA ASP OB 23 55.86 -20.94 15.07
C ASP OB 23 54.99 -19.78 15.52
N LYS OB 24 54.80 -19.66 16.83
CA LYS OB 24 54.05 -18.56 17.42
C LYS OB 24 55.01 -17.34 17.69
N GLN OB 25 56.21 -17.63 18.22
CA GLN OB 25 57.15 -16.61 18.76
C GLN OB 25 57.81 -15.75 17.70
N TYR OB 26 57.74 -16.19 16.44
CA TYR OB 26 58.30 -15.49 15.26
C TYR OB 26 57.22 -14.73 14.51
N LYS OB 27 56.02 -15.30 14.48
CA LYS OB 27 54.88 -14.64 13.86
C LYS OB 27 54.40 -13.40 14.64
N LYS OB 28 54.82 -13.26 15.90
CA LYS OB 28 54.83 -11.94 16.58
C LYS OB 28 55.88 -11.07 15.93
N ALA OB 29 57.11 -11.58 15.92
CA ALA OB 29 58.30 -10.81 15.63
C ALA OB 29 58.52 -10.42 14.16
N HIS OB 30 58.19 -11.30 13.23
CA HIS OB 30 58.50 -11.09 11.82
C HIS OB 30 57.31 -10.74 10.93
N LEU OB 31 56.08 -10.80 11.46
CA LEU OB 31 54.90 -10.59 10.64
C LEU OB 31 54.64 -9.08 10.43
N GLY OB 32 54.24 -8.36 11.47
CA GLY OB 32 53.86 -6.94 11.34
C GLY OB 32 53.01 -6.49 12.50
N THR OB 33 51.75 -6.95 12.50
CA THR OB 33 50.85 -6.96 13.68
C THR OB 33 51.39 -6.34 14.99
N ALA OB 34 52.40 -6.98 15.60
CA ALA OB 34 52.99 -6.55 16.85
C ALA OB 34 53.32 -5.06 16.83
N LEU OB 35 54.21 -4.65 15.92
CA LEU OB 35 54.56 -3.23 15.77
C LEU OB 35 53.31 -2.36 15.54
N LYS OB 36 52.35 -2.89 14.80
CA LYS OB 36 51.10 -2.20 14.49
C LYS OB 36 50.13 -2.11 15.69
N ALA OB 37 50.11 -3.16 16.51
CA ALA OB 37 49.10 -3.32 17.55
C ALA OB 37 49.48 -2.75 18.91
N ASN OB 38 50.72 -3.00 19.36
CA ASN OB 38 51.12 -2.63 20.74
C ASN OB 38 51.22 -1.14 20.80
N PRO OB 39 50.52 -0.53 21.76
CA PRO OB 39 50.55 0.91 21.87
C PRO OB 39 51.98 1.40 22.00
N PHE OB 40 52.76 0.61 22.71
CA PHE OB 40 54.18 0.77 22.78
C PHE OB 40 54.71 0.37 21.41
N GLY OB 41 54.91 1.35 20.55
CA GLY OB 41 55.36 1.08 19.18
C GLY OB 41 56.77 0.51 19.12
N GLY OB 42 56.88 -0.79 19.42
CA GLY OB 42 58.17 -1.48 19.53
C GLY OB 42 59.13 -0.93 20.58
N ALA OB 43 58.61 -0.07 21.47
CA ALA OB 43 59.42 0.81 22.31
C ALA OB 43 59.33 0.32 23.74
N SER OB 44 60.45 0.35 24.45
CA SER OB 44 60.53 -0.24 25.79
C SER OB 44 59.50 0.36 26.74
N HIS OB 45 59.56 1.67 26.91
CA HIS OB 45 58.56 2.37 27.69
C HIS OB 45 57.96 3.43 26.79
N ALA OB 46 57.09 4.27 27.39
CA ALA OB 46 56.41 5.35 26.67
C ALA OB 46 55.76 6.31 27.66
N LYS OB 47 55.64 7.57 27.24
CA LYS OB 47 55.04 8.59 28.06
C LYS OB 47 53.62 8.84 27.67
N GLY OB 48 52.82 9.15 28.67
CA GLY OB 48 51.40 9.40 28.47
C GLY OB 48 50.76 10.10 29.64
N ILE OB 49 49.60 10.68 29.37
CA ILE OB 49 48.91 11.55 30.32
C ILE OB 49 47.87 10.74 31.08
N VAL OB 50 47.85 10.91 32.39
CA VAL OB 50 46.89 10.23 33.24
C VAL OB 50 45.54 10.88 33.04
N LEU OB 51 44.59 10.17 32.43
CA LEU OB 51 43.27 10.74 32.19
C LEU OB 51 42.21 10.36 33.25
N GLU OB 52 42.41 9.25 33.97
CA GLU OB 52 41.67 8.95 35.22
C GLU OB 52 42.24 7.75 35.97
N LYS OB 53 41.83 7.61 37.23
CA LYS OB 53 42.29 6.53 38.08
C LYS OB 53 41.19 5.49 38.21
N VAL OB 54 41.52 4.24 37.91
CA VAL OB 54 40.52 3.16 37.86
C VAL OB 54 40.95 1.93 38.64
N GLY OB 55 40.10 1.50 39.55
CA GLY OB 55 40.30 0.25 40.27
C GLY OB 55 39.84 -0.92 39.41
N VAL OB 56 40.68 -1.94 39.32
CA VAL OB 56 40.34 -3.16 38.61
C VAL OB 56 40.17 -4.33 39.58
N GLU OB 57 39.20 -5.20 39.29
CA GLU OB 57 38.83 -6.30 40.17
C GLU OB 57 39.61 -7.52 39.74
N ALA OB 58 40.37 -8.10 40.67
CA ALA OB 58 41.28 -9.21 40.34
C ALA OB 58 40.56 -10.51 40.07
N LYS OB 59 41.26 -11.42 39.39
CA LYS OB 59 40.66 -12.67 38.89
C LYS OB 59 40.34 -13.67 39.98
N GLN OB 60 39.14 -14.28 39.87
CA GLN OB 60 38.36 -14.80 41.03
C GLN OB 60 39.25 -15.27 42.19
N PRO OB 61 40.04 -16.36 42.02
CA PRO OB 61 40.67 -16.96 43.22
C PRO OB 61 41.25 -15.97 44.23
N ASN OB 62 41.65 -14.76 43.75
CA ASN OB 62 42.18 -13.68 44.60
C ASN OB 62 41.41 -12.39 44.54
N SER OB 63 40.58 -12.14 45.55
CA SER OB 63 39.76 -10.93 45.57
C SER OB 63 40.57 -9.76 46.04
N ALA OB 64 40.45 -8.63 45.33
CA ALA OB 64 41.10 -7.36 45.68
C ALA OB 64 40.92 -6.35 44.56
N ILE OB 65 41.12 -5.08 44.88
CA ILE OB 65 41.04 -4.00 43.90
C ILE OB 65 42.45 -3.43 43.61
N ARG OB 66 42.80 -3.34 42.33
CA ARG OB 66 44.21 -3.29 41.90
C ARG OB 66 44.86 -1.92 41.71
N LYS OB 67 44.05 -0.91 41.45
CA LYS OB 67 44.49 0.48 41.51
C LYS OB 67 45.44 0.85 40.37
N CYS OB 68 44.81 1.17 39.24
CA CYS OB 68 45.49 1.41 37.99
C CYS OB 68 45.09 2.77 37.45
N VAL OB 69 45.66 3.09 36.31
CA VAL OB 69 45.50 4.39 35.70
C VAL OB 69 45.15 4.19 34.23
N ARG OB 70 44.08 4.84 33.77
CA ARG OB 70 43.84 4.99 32.33
C ARG OB 70 44.82 6.03 31.80
N VAL OB 71 45.64 5.63 30.86
CA VAL OB 71 46.63 6.53 30.27
C VAL OB 71 46.23 6.75 28.82
N GLN OB 72 46.64 7.90 28.27
CA GLN OB 72 46.66 8.14 26.84
C GLN OB 72 48.09 8.48 26.45
N LEU OB 73 48.66 7.67 25.56
CA LEU OB 73 50.03 7.83 25.15
C LEU OB 73 50.18 9.01 24.23
N ILE OB 74 51.34 9.66 24.28
CA ILE OB 74 51.58 10.86 23.51
C ILE OB 74 51.71 10.51 22.03
N LYS OB 75 52.71 9.68 21.72
CA LYS OB 75 53.06 9.30 20.34
C LYS OB 75 51.91 8.77 19.46
N ASN OB 76 51.00 8.02 20.06
CA ASN OB 76 49.86 7.40 19.36
C ASN OB 76 48.56 8.13 19.59
N GLY OB 77 48.34 8.56 20.83
CA GLY OB 77 47.00 8.82 21.29
C GLY OB 77 46.25 7.51 21.46
N LYS OB 78 46.96 6.49 21.96
CA LYS OB 78 46.38 5.19 22.22
C LYS OB 78 46.23 5.05 23.69
N LYS OB 79 45.11 4.50 24.12
CA LYS OB 79 44.78 4.45 25.53
C LYS OB 79 45.22 3.11 26.15
N ILE OB 80 45.19 3.10 27.48
CA ILE OB 80 45.92 2.12 28.28
C ILE OB 80 45.33 2.06 29.68
N THR OB 81 45.47 0.91 30.32
CA THR OB 81 45.40 0.81 31.76
C THR OB 81 46.79 0.43 32.20
N ALA OB 82 47.30 1.06 33.24
CA ALA OB 82 48.59 0.69 33.79
C ALA OB 82 48.46 0.55 35.29
N PHE OB 83 48.80 -0.61 35.83
CA PHE OB 83 48.64 -0.82 37.27
C PHE OB 83 49.81 -0.17 37.98
N VAL OB 84 49.48 0.78 38.85
CA VAL OB 84 50.42 1.57 39.61
C VAL OB 84 50.98 0.71 40.74
N PRO OB 85 52.20 0.20 40.57
CA PRO OB 85 52.69 -0.77 41.53
C PRO OB 85 53.06 -0.20 42.89
N ASN OB 86 52.94 -1.07 43.90
CA ASN OB 86 53.28 -0.82 45.29
C ASN OB 86 52.33 0.05 46.10
N ASP OB 87 52.25 -0.27 47.39
CA ASP OB 87 51.07 0.08 48.19
C ASP OB 87 50.95 1.58 48.40
N GLY OB 88 49.71 2.07 48.23
CA GLY OB 88 49.36 3.46 48.47
C GLY OB 88 49.97 4.48 47.53
N CYS OB 89 50.39 4.05 46.33
CA CYS OB 89 51.04 4.93 45.36
C CYS OB 89 50.05 5.62 44.43
N LEU OB 90 48.87 5.04 44.26
CA LEU OB 90 47.77 5.69 43.53
C LEU OB 90 47.41 7.01 44.18
N ASN OB 91 47.48 7.00 45.51
CA ASN OB 91 47.44 8.18 46.33
C ASN OB 91 48.36 9.32 45.84
N PHE OB 92 49.57 8.99 45.37
CA PHE OB 92 50.48 10.00 44.77
C PHE OB 92 49.91 10.61 43.50
N ILE OB 93 49.63 9.75 42.53
CA ILE OB 93 49.31 10.19 41.18
C ILE OB 93 47.97 10.90 41.17
N GLU OB 94 47.96 12.09 40.59
CA GLU OB 94 46.74 12.85 40.39
C GLU OB 94 46.44 12.83 38.91
N GLU OB 95 45.26 13.31 38.54
CA GLU OB 95 44.88 13.40 37.14
C GLU OB 95 45.77 14.35 36.37
N ASN OB 96 45.90 14.10 35.07
CA ASN OB 96 46.58 15.00 34.14
C ASN OB 96 48.01 15.39 34.56
N ASP OB 97 48.88 14.39 34.61
CA ASP OB 97 50.16 14.51 35.31
C ASP OB 97 51.44 13.97 34.63
N GLU OB 98 51.34 13.38 33.42
CA GLU OB 98 52.50 12.83 32.68
C GLU OB 98 53.24 11.70 33.43
N VAL OB 99 53.07 10.49 32.94
CA VAL OB 99 53.68 9.32 33.55
C VAL OB 99 54.45 8.55 32.51
N LEU OB 100 55.57 7.99 32.97
CA LEU OB 100 56.36 7.09 32.18
C LEU OB 100 55.92 5.69 32.58
N VAL OB 101 55.28 5.03 31.63
CA VAL OB 101 54.70 3.72 31.80
C VAL OB 101 55.65 2.76 31.12
N ALA OB 102 56.06 1.70 31.81
CA ALA OB 102 56.85 0.63 31.20
C ALA OB 102 55.99 -0.64 31.15
N GLY OB 103 56.54 -1.73 30.63
CA GLY OB 103 55.80 -2.99 30.53
C GLY OB 103 55.55 -3.70 31.86
N PHE OB 104 55.10 -4.96 31.81
CA PHE OB 104 55.03 -5.80 33.03
C PHE OB 104 56.06 -6.92 33.19
N GLY OB 105 56.66 -7.40 32.10
CA GLY OB 105 57.67 -8.46 32.14
C GLY OB 105 57.26 -9.65 31.32
N ARG OB 106 55.95 -9.74 31.08
CA ARG OB 106 55.38 -10.74 30.20
C ARG OB 106 55.20 -10.27 28.75
N LYS OB 107 55.50 -9.00 28.47
CA LYS OB 107 55.70 -8.49 27.11
C LYS OB 107 54.44 -8.43 26.26
N GLY OB 108 53.27 -8.48 26.89
CA GLY OB 108 52.04 -8.73 26.15
C GLY OB 108 51.05 -9.54 26.96
N HIS OB 109 51.51 -10.58 27.65
CA HIS OB 109 50.65 -11.23 28.63
C HIS OB 109 50.34 -10.20 29.70
N ALA OB 110 49.11 -10.22 30.17
CA ALA OB 110 48.77 -9.58 31.43
C ALA OB 110 49.32 -10.43 32.56
N VAL OB 111 49.80 -9.75 33.60
CA VAL OB 111 50.45 -10.40 34.71
C VAL OB 111 49.45 -10.92 35.72
N GLY OB 112 49.53 -12.21 36.00
CA GLY OB 112 48.90 -12.83 37.17
C GLY OB 112 47.44 -12.53 37.47
N ASP OB 113 47.19 -11.46 38.24
CA ASP OB 113 45.83 -11.00 38.54
C ASP OB 113 45.50 -9.91 37.49
N ILE OB 114 45.12 -8.69 37.89
CA ILE OB 114 45.08 -7.52 37.00
C ILE OB 114 44.64 -7.85 35.56
N PRO OB 115 43.44 -8.45 35.41
CA PRO OB 115 43.04 -9.05 34.13
C PRO OB 115 43.03 -8.05 32.99
N GLY OB 116 43.99 -8.22 32.09
CA GLY OB 116 44.12 -7.38 30.91
C GLY OB 116 44.78 -6.05 31.20
N VAL OB 117 45.94 -6.10 31.85
CA VAL OB 117 46.73 -4.92 32.13
C VAL OB 117 48.19 -5.25 31.89
N ARG OB 118 48.68 -4.83 30.75
CA ARG OB 118 50.06 -5.07 30.39
C ARG OB 118 51.06 -4.12 31.01
N PHE OB 119 50.61 -2.92 31.38
CA PHE OB 119 51.56 -1.84 31.66
C PHE OB 119 51.57 -1.38 33.10
N LYS OB 120 52.75 -0.98 33.55
CA LYS OB 120 52.93 -0.50 34.90
C LYS OB 120 53.55 0.87 34.85
N VAL OB 121 53.13 1.69 35.78
CA VAL OB 121 53.61 3.04 35.88
C VAL OB 121 55.01 2.97 36.51
N VAL OB 122 55.91 3.87 36.09
CA VAL OB 122 57.21 4.01 36.73
C VAL OB 122 57.32 5.43 37.27
N LYS OB 123 57.38 6.42 36.36
CA LYS OB 123 57.59 7.82 36.76
C LYS OB 123 56.32 8.61 36.73
N VAL OB 124 56.37 9.75 37.40
CA VAL OB 124 55.23 10.61 37.61
C VAL OB 124 55.79 12.02 37.74
N ALA OB 125 55.61 12.85 36.72
CA ALA OB 125 56.09 14.25 36.74
C ALA OB 125 57.61 14.37 36.91
N ASN OB 126 58.35 13.49 36.24
CA ASN OB 126 59.80 13.32 36.44
C ASN OB 126 60.22 13.15 37.87
N VAL OB 127 59.84 11.99 38.40
CA VAL OB 127 60.14 11.63 39.76
C VAL OB 127 60.61 10.18 39.90
N SER OB 128 59.69 9.25 39.66
CA SER OB 128 59.85 7.79 39.84
C SER OB 128 59.23 7.33 41.14
N LEU OB 129 58.18 6.52 41.02
CA LEU OB 129 57.48 5.98 42.16
C LEU OB 129 58.40 5.37 43.22
N LEU OB 130 59.48 4.74 42.77
CA LEU OB 130 60.43 4.15 43.70
C LEU OB 130 61.00 5.16 44.67
N ALA OB 131 61.22 6.38 44.20
CA ALA OB 131 61.68 7.47 45.07
C ALA OB 131 60.57 8.03 45.95
N LEU OB 132 59.37 8.15 45.41
CA LEU OB 132 58.23 8.64 46.18
C LEU OB 132 57.84 7.67 47.28
N TYR OB 133 57.46 6.43 46.92
CA TYR OB 133 57.00 5.45 47.93
C TYR OB 133 58.16 5.16 48.98
N LYS OB 134 59.44 5.37 48.66
CA LYS OB 134 60.51 5.42 49.71
C LYS OB 134 60.60 6.74 50.49
N GLY OB 135 60.06 7.82 49.94
CA GLY OB 135 60.07 9.12 50.61
C GLY OB 135 61.39 9.86 50.48
N LYS OB 136 62.06 9.70 49.34
CA LYS OB 136 63.38 10.27 49.10
C LYS OB 136 63.20 11.58 48.36
N LYS OB 137 62.55 11.51 47.20
CA LYS OB 137 62.14 12.71 46.47
C LYS OB 137 60.67 12.93 46.72
N GLU OB 138 60.33 14.16 47.07
CA GLU OB 138 58.95 14.56 47.27
C GLU OB 138 58.27 14.86 45.94
N ARG OB 139 56.97 15.02 46.02
CA ARG OB 139 56.15 15.48 44.91
C ARG OB 139 56.61 16.88 44.47
N PRO OB 140 56.76 17.12 43.15
CA PRO OB 140 57.04 18.49 42.68
C PRO OB 140 55.81 19.40 42.70
N ARG OB 141 56.03 20.71 42.79
CA ARG OB 141 54.93 21.70 42.88
C ARG OB 141 55.33 23.05 42.28
N ASP PB 1 123.22 16.23 44.22
CA ASP PB 1 124.09 15.16 44.79
C ASP PB 1 123.68 13.81 44.20
N THR PB 2 122.39 13.49 44.39
CA THR PB 2 121.78 12.32 43.79
C THR PB 2 120.83 12.83 42.68
N VAL PB 3 121.35 12.88 41.46
CA VAL PB 3 120.51 12.98 40.25
C VAL PB 3 120.99 12.02 39.15
N THR PB 4 122.26 12.09 38.75
CA THR PB 4 122.85 11.16 37.78
C THR PB 4 122.04 11.02 36.47
N ILE PB 5 122.31 11.95 35.55
CA ILE PB 5 121.62 12.03 34.28
C ILE PB 5 122.34 11.16 33.27
N ARG PB 6 121.78 9.98 32.98
CA ARG PB 6 122.37 9.07 32.01
C ARG PB 6 121.51 9.10 30.75
N THR PB 7 122.16 9.13 29.58
CA THR PB 7 121.47 9.26 28.30
C THR PB 7 121.44 7.95 27.54
N ARG PB 8 120.49 7.84 26.64
CA ARG PB 8 120.35 6.70 25.73
C ARG PB 8 120.11 7.18 24.32
N LYS PB 9 120.63 6.43 23.36
CA LYS PB 9 120.18 6.53 21.98
C LYS PB 9 120.54 7.89 21.39
N PHE PB 10 121.84 8.13 21.36
CA PHE PB 10 122.40 9.38 20.86
C PHE PB 10 122.55 9.23 19.38
N MET PB 11 122.18 10.27 18.65
CA MET PB 11 122.34 10.29 17.22
C MET PB 11 122.89 11.63 16.80
N THR PB 12 123.85 11.59 15.89
CA THR PB 12 124.45 12.79 15.35
C THR PB 12 123.72 13.14 14.07
N ASN PB 13 122.66 13.91 14.20
CA ASN PB 13 121.84 14.33 13.07
C ASN PB 13 122.53 15.42 12.28
N ARG PB 14 123.45 14.98 11.44
CA ARG PB 14 124.15 15.86 10.50
C ARG PB 14 123.17 16.82 9.85
N LEU PB 15 122.03 16.29 9.40
CA LEU PB 15 121.14 17.00 8.46
C LEU PB 15 120.02 17.82 9.10
N LEU PB 16 119.84 17.68 10.41
CA LEU PB 16 119.12 18.71 11.17
C LEU PB 16 120.07 19.55 12.02
N GLN PB 17 121.38 19.30 11.90
CA GLN PB 17 122.44 20.11 12.51
C GLN PB 17 122.38 19.93 14.03
N ARG PB 18 122.29 18.66 14.47
CA ARG PB 18 121.96 18.33 15.89
C ARG PB 18 122.53 17.03 16.49
N LYS PB 19 122.52 17.02 17.82
CA LYS PB 19 122.77 15.84 18.64
C LYS PB 19 121.50 15.60 19.42
N GLN PB 20 120.99 14.37 19.45
CA GLN PB 20 119.70 14.09 20.09
C GLN PB 20 119.56 12.71 20.72
N MET PB 21 119.11 12.71 21.98
CA MET PB 21 119.05 11.49 22.80
C MET PB 21 118.03 11.50 23.93
N VAL PB 22 117.71 10.29 24.38
CA VAL PB 22 116.79 10.07 25.47
C VAL PB 22 117.51 10.40 26.76
N ILE PB 23 116.96 11.35 27.50
CA ILE PB 23 117.45 11.67 28.83
C ILE PB 23 116.85 10.64 29.78
N ASP PB 24 117.68 10.03 30.62
CA ASP PB 24 117.22 9.15 31.71
C ASP PB 24 117.69 9.71 33.05
N VAL PB 25 116.77 10.43 33.69
CA VAL PB 25 117.03 11.07 34.95
C VAL PB 25 116.71 10.09 36.04
N LEU PB 26 117.70 9.73 36.84
CA LEU PB 26 117.44 9.11 38.13
C LEU PB 26 117.15 10.22 39.11
N HIS PB 27 116.46 9.88 40.18
CA HIS PB 27 116.17 10.85 41.23
C HIS PB 27 115.53 9.99 42.34
N PRO PB 28 115.94 10.18 43.60
CA PRO PB 28 115.40 9.36 44.67
C PRO PB 28 114.08 9.97 45.18
N GLY PB 29 113.86 10.01 46.50
CA GLY PB 29 112.68 10.65 47.10
C GLY PB 29 112.41 12.09 46.72
N LYS PB 30 113.45 12.81 46.28
CA LYS PB 30 113.26 14.17 45.79
C LYS PB 30 112.54 14.14 44.45
N ALA PB 31 111.71 15.15 44.26
CA ALA PB 31 110.54 15.07 43.39
C ALA PB 31 110.70 15.69 41.98
N THR PB 32 110.63 14.83 40.96
CA THR PB 32 110.86 15.17 39.54
C THR PB 32 112.28 15.73 39.35
N VAL PB 33 112.56 16.37 38.22
CA VAL PB 33 113.50 17.51 38.15
C VAL PB 33 112.91 18.56 37.21
N PRO PB 34 113.15 19.85 37.50
CA PRO PB 34 112.77 20.88 36.53
C PRO PB 34 113.71 20.89 35.32
N LYS PB 35 113.19 21.33 34.17
CA LYS PB 35 113.94 21.38 32.93
C LYS PB 35 115.07 22.43 32.92
N THR PB 36 115.07 23.39 33.86
CA THR PB 36 116.16 24.39 33.92
C THR PB 36 117.42 23.69 34.41
N GLU PB 37 117.34 23.11 35.61
CA GLU PB 37 118.44 22.33 36.20
C GLU PB 37 118.99 21.29 35.24
N ILE PB 38 118.08 20.53 34.64
CA ILE PB 38 118.47 19.46 33.70
C ILE PB 38 119.23 20.00 32.49
N ARG PB 39 118.86 21.20 32.02
CA ARG PB 39 119.56 21.83 30.91
C ARG PB 39 120.99 22.18 31.38
N GLU PB 40 121.11 22.89 32.51
CA GLU PB 40 122.43 23.29 33.02
C GLU PB 40 123.30 22.12 33.42
N LYS PB 41 122.68 21.04 33.89
CA LYS PB 41 123.44 19.85 34.26
C LYS PB 41 123.77 18.97 33.05
N LEU PB 42 122.98 19.09 31.99
CA LEU PB 42 123.28 18.49 30.67
C LEU PB 42 124.18 19.39 29.80
N ALA PB 43 124.44 20.61 30.25
CA ALA PB 43 125.25 21.58 29.51
C ALA PB 43 126.73 21.31 29.72
N LYS PB 44 127.13 21.22 30.99
CA LYS PB 44 128.50 20.87 31.37
C LYS PB 44 128.84 19.44 30.98
N MET PB 45 127.80 18.63 30.96
CA MET PB 45 127.85 17.30 30.38
C MET PB 45 128.58 17.29 29.03
N TYR PB 46 127.96 17.84 27.99
CA TYR PB 46 128.52 17.79 26.64
C TYR PB 46 129.30 19.07 26.27
N LYS PB 47 129.27 20.08 27.15
CA LYS PB 47 130.10 21.29 27.10
C LYS PB 47 129.64 22.28 26.03
N THR PB 48 128.34 22.49 25.94
CA THR PB 48 127.75 23.30 24.86
C THR PB 48 127.00 24.53 25.36
N THR PB 49 127.19 24.88 26.63
CA THR PB 49 126.37 25.90 27.30
C THR PB 49 124.93 25.40 27.49
N PRO PB 50 124.23 25.91 28.52
CA PRO PB 50 122.82 25.55 28.64
C PRO PB 50 121.98 26.07 27.49
N ASP PB 51 122.35 27.24 26.97
CA ASP PB 51 121.58 27.92 25.92
C ASP PB 51 121.05 27.00 24.83
N VAL PB 52 121.85 26.03 24.39
CA VAL PB 52 121.56 25.29 23.16
C VAL PB 52 121.12 23.84 23.41
N ILE PB 53 120.18 23.70 24.34
CA ILE PB 53 119.61 22.41 24.75
C ILE PB 53 118.09 22.56 24.96
N PHE PB 54 117.27 21.73 24.29
CA PHE PB 54 115.80 21.85 24.32
C PHE PB 54 115.22 20.52 24.78
N VAL PB 55 114.37 20.58 25.81
CA VAL PB 55 113.87 19.40 26.54
C VAL PB 55 112.35 19.47 26.82
N PHE PB 56 111.72 18.33 26.54
CA PHE PB 56 110.26 18.13 26.52
C PHE PB 56 110.14 16.67 27.00
N GLY PB 57 108.99 16.03 26.83
CA GLY PB 57 108.86 14.58 27.06
C GLY PB 57 108.70 14.20 28.51
N PHE PB 58 109.80 14.24 29.26
CA PHE PB 58 109.86 13.89 30.69
C PHE PB 58 108.65 13.28 31.38
N ARG PB 59 108.68 11.96 31.50
CA ARG PB 59 107.60 11.23 32.14
C ARG PB 59 108.11 10.29 33.23
N THR PB 60 107.78 10.65 34.47
CA THR PB 60 108.09 9.85 35.63
C THR PB 60 107.17 8.62 35.71
N HIS PB 61 107.54 7.62 36.52
CA HIS PB 61 106.83 6.32 36.63
C HIS PB 61 106.91 5.81 38.12
N PHE PB 62 106.11 4.83 38.63
CA PHE PB 62 105.98 4.68 40.15
C PHE PB 62 107.27 4.62 40.93
N GLY PB 63 107.13 4.98 42.20
CA GLY PB 63 108.20 4.91 43.15
C GLY PB 63 108.96 6.21 43.18
N GLY PB 64 108.97 6.93 42.06
CA GLY PB 64 109.70 8.17 41.94
C GLY PB 64 111.20 7.97 41.90
N GLY PB 65 111.62 6.78 41.50
CA GLY PB 65 113.03 6.45 41.40
C GLY PB 65 113.66 6.92 40.10
N LYS PB 66 112.83 7.16 39.08
CA LYS PB 66 113.32 7.34 37.72
C LYS PB 66 112.33 8.12 36.88
N THR PB 67 112.84 8.92 35.96
CA THR PB 67 112.01 9.64 34.98
C THR PB 67 112.75 9.76 33.65
N THR PB 68 112.12 9.21 32.62
CA THR PB 68 112.65 9.22 31.26
C THR PB 68 112.31 10.57 30.60
N GLY PB 69 112.88 10.81 29.43
CA GLY PB 69 112.36 11.81 28.48
C GLY PB 69 113.31 12.15 27.35
N PHE PB 70 112.90 13.09 26.50
CA PHE PB 70 113.72 13.49 25.37
C PHE PB 70 114.24 14.93 25.46
N GLY PB 71 115.58 15.07 25.32
CA GLY PB 71 116.24 16.38 25.18
C GLY PB 71 117.21 16.35 24.00
N MET PB 72 117.65 17.53 23.53
CA MET PB 72 118.52 17.59 22.32
C MET PB 72 119.22 18.93 22.10
N ILE PB 73 120.25 18.89 21.25
CA ILE PB 73 121.36 19.88 21.22
C ILE PB 73 121.83 20.35 19.80
N TYR PB 74 121.56 21.62 19.43
CA TYR PB 74 122.00 22.21 18.11
C TYR PB 74 123.38 22.81 18.36
N ASP PB 75 124.12 23.03 17.28
CA ASP PB 75 125.53 23.46 17.36
C ASP PB 75 125.65 24.98 17.36
N SER PB 76 124.52 25.67 17.20
CA SER PB 76 124.43 27.09 17.46
C SER PB 76 122.98 27.52 17.65
N LEU PB 77 122.77 28.50 18.53
CA LEU PB 77 121.46 29.12 18.73
C LEU PB 77 120.83 29.64 17.45
N ASP PB 78 121.68 30.12 16.56
CA ASP PB 78 121.26 30.53 15.22
C ASP PB 78 120.48 29.43 14.46
N TYR PB 79 120.88 28.17 14.62
CA TYR PB 79 120.21 27.07 13.95
C TYR PB 79 118.96 26.71 14.74
N ALA PB 80 119.12 26.64 16.06
CA ALA PB 80 117.99 26.38 16.95
C ALA PB 80 116.81 27.33 16.70
N LYS PB 81 117.08 28.58 16.35
CA LYS PB 81 116.02 29.50 15.94
C LYS PB 81 115.72 29.31 14.46
N LYS PB 82 115.50 28.07 14.06
CA LYS PB 82 115.39 27.71 12.65
C LYS PB 82 114.87 26.27 12.54
N ASN PB 83 115.65 25.30 13.02
CA ASN PB 83 115.20 23.89 13.02
C ASN PB 83 114.14 23.60 14.08
N GLU PB 84 114.24 24.28 15.23
CA GLU PB 84 113.37 23.99 16.36
C GLU PB 84 111.97 24.57 16.19
N PRO PB 85 110.92 23.89 16.72
CA PRO PB 85 109.60 24.52 16.74
C PRO PB 85 109.45 25.62 17.78
N LYS PB 86 108.38 26.39 17.59
CA LYS PB 86 108.13 27.61 18.34
C LYS PB 86 108.05 27.32 19.84
N HIS PB 87 107.17 26.41 20.23
CA HIS PB 87 106.90 26.13 21.65
C HIS PB 87 108.12 25.90 22.51
N ARG PB 88 109.21 25.38 21.93
CA ARG PB 88 110.39 25.02 22.68
C ARG PB 88 111.34 26.21 22.87
N LEU PB 89 111.27 27.18 21.95
CA LEU PB 89 111.97 28.45 22.09
C LEU PB 89 111.18 29.39 23.01
N ALA PB 90 109.86 29.43 22.79
CA ALA PB 90 108.94 30.17 23.67
C ALA PB 90 108.82 29.61 25.09
N ARG PB 91 109.20 28.35 25.28
CA ARG PB 91 109.29 27.73 26.61
C ARG PB 91 110.16 28.57 27.54
N HIS PB 92 111.25 29.12 26.99
CA HIS PB 92 112.09 30.09 27.73
C HIS PB 92 112.50 31.34 26.96
N GLY PB 93 112.33 32.48 27.63
CA GLY PB 93 112.22 33.80 27.02
C GLY PB 93 113.19 34.13 25.92
N LEU PB 94 112.92 33.59 24.74
CA LEU PB 94 113.69 33.91 23.54
C LEU PB 94 112.83 34.16 22.29
N TYR PB 95 111.65 33.51 22.16
CA TYR PB 95 110.73 33.82 21.06
C TYR PB 95 109.23 33.51 21.33
N GLU PB 96 108.45 34.59 21.44
CA GLU PB 96 106.99 34.58 21.66
C GLU PB 96 106.19 34.96 20.40
N LYS PB 97 104.88 34.70 20.45
CA LYS PB 97 103.96 34.99 19.33
C LYS PB 97 102.75 35.85 19.76
N LYS PB 98 102.02 36.34 18.75
CA LYS PB 98 100.86 37.22 18.97
C LYS PB 98 99.77 36.55 19.80
N LYS PB 99 99.02 37.37 20.53
CA LYS PB 99 97.81 36.91 21.21
C LYS PB 99 96.61 37.65 20.62
N THR PB 100 96.21 37.19 19.43
CA THR PB 100 94.95 37.58 18.80
C THR PB 100 93.83 36.64 19.24
N SER PB 101 94.17 35.35 19.32
CA SER PB 101 93.32 34.31 19.92
C SER PB 101 92.18 33.81 19.01
N ARG PB 102 92.55 33.27 17.85
CA ARG PB 102 91.73 32.28 17.13
C ARG PB 102 90.37 32.75 16.57
N LYS PB 103 89.41 33.05 17.46
CA LYS PB 103 88.10 33.53 17.03
C LYS PB 103 88.09 35.03 16.69
N GLN PB 104 89.11 35.78 17.15
CA GLN PB 104 89.35 37.17 16.67
C GLN PB 104 89.83 37.17 15.21
N ARG PB 105 90.67 36.19 14.88
CA ARG PB 105 91.18 35.96 13.51
C ARG PB 105 89.99 35.68 12.62
N LYS PB 106 89.25 34.64 12.99
CA LYS PB 106 88.14 34.08 12.21
C LYS PB 106 87.04 35.08 11.95
N GLU PB 107 86.69 35.86 12.96
CA GLU PB 107 85.64 36.86 12.84
C GLU PB 107 86.12 37.98 11.90
N ARG PB 108 87.40 38.32 11.99
CA ARG PB 108 88.00 39.32 11.11
C ARG PB 108 88.04 38.82 9.68
N LYS PB 109 88.70 37.68 9.47
CA LYS PB 109 88.95 37.18 8.12
C LYS PB 109 87.71 36.71 7.38
N ASN PB 110 86.61 36.47 8.10
CA ASN PB 110 85.32 36.34 7.43
C ASN PB 110 84.63 37.69 7.14
N ARG PB 111 85.12 38.78 7.73
CA ARG PB 111 85.00 40.11 7.12
C ARG PB 111 86.23 40.28 6.23
N MET PB 112 86.46 41.46 5.66
CA MET PB 112 87.54 41.66 4.66
C MET PB 112 87.33 40.90 3.34
N LYS PB 113 86.38 39.96 3.33
CA LYS PB 113 85.74 39.49 2.12
C LYS PB 113 84.53 40.36 1.80
N LYS PB 114 83.83 40.80 2.84
CA LYS PB 114 82.63 41.64 2.67
C LYS PB 114 82.96 42.93 1.95
N VAL PB 115 83.98 43.61 2.47
CA VAL PB 115 84.64 44.72 1.80
C VAL PB 115 85.35 44.21 0.53
N ARG PB 116 85.45 45.07 -0.48
CA ARG PB 116 86.06 44.68 -1.75
C ARG PB 116 87.60 44.68 -1.71
N GLY PB 117 88.25 45.71 -2.25
CA GLY PB 117 89.72 45.82 -2.22
C GLY PB 117 90.22 47.18 -1.75
N THR PB 118 89.34 47.97 -1.14
CA THR PB 118 89.73 49.26 -0.59
C THR PB 118 90.49 48.98 0.68
N ALA PB 119 91.80 48.85 0.54
CA ALA PB 119 92.70 48.58 1.66
C ALA PB 119 92.27 49.27 2.96
N LYS PB 120 91.94 50.56 2.87
CA LYS PB 120 91.47 51.39 4.03
C LYS PB 120 90.44 50.68 4.93
N ALA PB 121 89.48 50.01 4.29
CA ALA PB 121 88.44 49.26 5.00
C ALA PB 121 88.94 47.89 5.50
N ASN PB 122 89.83 47.26 4.73
CA ASN PB 122 90.46 45.99 5.16
C ASN PB 122 91.38 46.24 6.36
N VAL PB 123 92.05 47.39 6.35
CA VAL PB 123 92.80 47.91 7.49
C VAL PB 123 91.85 48.34 8.61
N GLY PB 124 90.67 48.86 8.25
CA GLY PB 124 89.54 49.05 9.18
C GLY PB 124 89.37 47.85 10.09
N ALA PB 125 89.28 46.66 9.50
CA ALA PB 125 89.48 45.38 10.19
C ALA PB 125 88.56 45.21 11.42
N GLY PB 126 89.06 44.61 12.50
CA GLY PB 126 88.40 44.61 13.81
C GLY PB 126 89.26 45.29 14.85
N THR QB 1 42.64 -45.59 22.79
CA THR QB 1 42.71 -46.84 23.60
C THR QB 1 41.93 -47.91 22.85
N LYS QB 2 42.55 -48.51 21.84
CA LYS QB 2 41.87 -49.57 21.09
C LYS QB 2 41.54 -50.69 22.05
N LYS QB 3 40.24 -50.90 22.25
CA LYS QB 3 39.80 -51.88 23.19
C LYS QB 3 39.99 -53.27 22.61
N ARG QB 4 39.35 -53.50 21.48
CA ARG QB 4 39.46 -54.76 20.77
C ARG QB 4 40.39 -54.51 19.59
N ARG QB 5 41.58 -55.10 19.58
CA ARG QB 5 42.45 -55.12 18.39
C ARG QB 5 41.67 -55.28 17.10
N ASN QB 6 40.86 -56.32 17.07
CA ASN QB 6 39.93 -56.61 16.01
C ASN QB 6 38.99 -55.48 15.60
N ASN QB 7 38.63 -54.64 16.58
CA ASN QB 7 37.41 -53.82 16.61
C ASN QB 7 36.29 -54.83 16.60
N GLY QB 8 35.36 -54.72 17.54
CA GLY QB 8 34.26 -55.67 17.63
C GLY QB 8 33.41 -55.48 16.38
N ARG QB 9 33.67 -56.35 15.44
CA ARG QB 9 33.68 -56.05 14.03
C ARG QB 9 34.47 -57.30 13.69
N ALA QB 10 34.55 -57.73 12.46
CA ALA QB 10 35.43 -58.84 12.15
C ALA QB 10 35.72 -58.76 10.71
N LYS QB 11 36.17 -57.57 10.35
CA LYS QB 11 36.29 -57.21 8.98
C LYS QB 11 37.69 -57.69 8.50
N LYS QB 12 38.64 -56.80 8.24
CA LYS QB 12 39.97 -57.17 7.73
C LYS QB 12 39.94 -57.58 6.26
N GLY QB 13 40.56 -56.76 5.44
CA GLY QB 13 40.79 -57.03 4.03
C GLY QB 13 39.70 -56.55 3.09
N ARG QB 14 38.98 -55.49 3.48
CA ARG QB 14 37.75 -55.05 2.78
C ARG QB 14 37.43 -53.57 2.99
N GLY QB 15 36.18 -53.24 3.34
CA GLY QB 15 35.59 -51.91 3.12
C GLY QB 15 34.11 -52.06 3.37
N HIS QB 16 33.23 -51.20 2.80
CA HIS QB 16 31.81 -51.28 3.24
C HIS QB 16 31.37 -52.78 2.99
N VAL QB 17 30.84 -53.43 4.05
CA VAL QB 17 30.32 -54.84 4.04
C VAL QB 17 28.88 -55.00 4.55
N GLN QB 18 28.05 -55.75 3.81
CA GLN QB 18 26.58 -55.76 4.01
C GLN QB 18 26.08 -55.37 5.40
N PRO QB 19 25.21 -54.34 5.49
CA PRO QB 19 24.62 -54.03 6.78
C PRO QB 19 23.34 -54.87 6.97
N ILE QB 20 23.02 -55.17 8.23
CA ILE QB 20 21.83 -55.94 8.59
C ILE QB 20 21.18 -55.35 9.81
N ARG QB 21 19.87 -55.14 9.68
CA ARG QB 21 19.12 -54.55 10.74
C ARG QB 21 18.66 -55.67 11.72
N CYS QB 22 18.85 -55.41 13.03
CA CYS QB 22 18.63 -56.36 14.15
C CYS QB 22 17.24 -56.95 14.25
N THR QB 23 17.12 -58.05 14.98
CA THR QB 23 15.85 -58.76 15.22
C THR QB 23 15.21 -58.39 16.56
N ASN QB 24 15.36 -57.14 16.96
CA ASN QB 24 14.81 -56.67 18.23
C ASN QB 24 14.59 -55.17 18.21
N CYS QB 25 15.67 -54.42 18.09
CA CYS QB 25 15.58 -52.98 18.02
C CYS QB 25 15.31 -52.53 16.62
N ALA QB 26 15.53 -53.42 15.64
CA ALA QB 26 15.41 -53.08 14.24
C ALA QB 26 16.55 -52.16 13.81
N ARG QB 27 17.64 -52.22 14.55
CA ARG QB 27 18.74 -51.30 14.42
C ARG QB 27 19.79 -51.84 13.48
N CYS QB 28 20.37 -50.96 12.66
CA CYS QB 28 21.27 -51.38 11.62
C CYS QB 28 22.68 -51.67 12.11
N VAL QB 29 23.25 -52.77 11.61
CA VAL QB 29 24.57 -53.25 12.02
C VAL QB 29 25.25 -54.01 10.87
N PRO QB 30 26.60 -54.02 10.83
CA PRO QB 30 27.31 -54.90 9.89
C PRO QB 30 27.12 -56.39 10.16
N LYS QB 31 27.41 -57.18 9.14
CA LYS QB 31 27.25 -58.63 9.21
C LYS QB 31 28.35 -59.29 10.01
N ASP QB 32 29.58 -58.83 9.78
CA ASP QB 32 30.77 -59.28 10.55
C ASP QB 32 30.73 -58.87 12.02
N LYS QB 33 30.20 -57.68 12.29
CA LYS QB 33 29.85 -57.26 13.64
C LYS QB 33 28.60 -58.02 13.98
N ALA QB 34 28.08 -57.81 15.17
CA ALA QB 34 26.75 -58.31 15.52
C ALA QB 34 26.85 -59.75 15.96
N ILE QB 35 26.06 -60.07 16.95
CA ILE QB 35 26.06 -61.38 17.54
C ILE QB 35 25.08 -62.18 16.72
N LYS QB 36 25.40 -63.44 16.48
CA LYS QB 36 24.59 -64.26 15.59
C LYS QB 36 24.29 -65.62 16.21
N LYS QB 37 23.27 -65.63 17.07
CA LYS QB 37 22.67 -66.87 17.54
C LYS QB 37 21.85 -67.51 16.43
N PHE QB 38 21.68 -68.80 16.54
CA PHE QB 38 20.95 -69.53 15.56
C PHE QB 38 20.37 -70.60 16.43
N VAL QB 39 19.07 -70.49 16.63
CA VAL QB 39 18.38 -71.32 17.59
C VAL QB 39 17.77 -72.45 16.79
N ILE QB 40 17.96 -73.67 17.28
CA ILE QB 40 17.16 -74.79 16.83
C ILE QB 40 16.25 -75.27 17.95
N ARG QB 41 15.16 -74.53 18.10
CA ARG QB 41 14.17 -74.77 19.12
C ARG QB 41 13.21 -75.82 18.57
N ASN QB 42 12.78 -76.74 19.45
CA ASN QB 42 11.71 -77.65 19.11
C ASN QB 42 10.41 -76.86 19.05
N ILE QB 43 9.46 -77.28 18.21
CA ILE QB 43 8.20 -76.54 18.07
C ILE QB 43 7.38 -76.68 19.33
N VAL QB 44 7.15 -77.91 19.72
CA VAL QB 44 6.21 -78.22 20.79
C VAL QB 44 6.73 -77.86 22.20
N GLU QB 45 8.05 -77.82 22.36
CA GLU QB 45 8.74 -77.57 23.63
C GLU QB 45 8.83 -78.82 24.50
N ALA QB 46 9.32 -78.66 25.73
CA ALA QB 46 9.54 -79.77 26.65
C ALA QB 46 8.24 -80.33 27.22
N ALA QB 47 7.31 -79.45 27.56
CA ALA QB 47 6.08 -79.85 28.21
C ALA QB 47 5.16 -80.64 27.27
N ALA QB 48 4.77 -79.99 26.19
CA ALA QB 48 3.72 -80.51 25.31
C ALA QB 48 4.12 -81.74 24.53
N VAL QB 49 5.41 -82.01 24.44
CA VAL QB 49 5.94 -83.17 23.70
C VAL QB 49 5.11 -84.44 23.91
N ARG QB 50 4.67 -84.65 25.15
CA ARG QB 50 3.96 -85.86 25.51
C ARG QB 50 2.43 -85.73 25.47
N ASP QB 51 1.89 -84.50 25.48
CA ASP QB 51 0.47 -84.26 25.14
C ASP QB 51 0.29 -84.64 23.68
N ILE QB 52 1.13 -84.04 22.86
CA ILE QB 52 1.02 -84.16 21.41
C ILE QB 52 1.36 -85.58 20.97
N SER QB 53 2.36 -86.22 21.59
CA SER QB 53 2.67 -87.61 21.25
C SER QB 53 1.57 -88.64 21.65
N GLU QB 54 0.68 -88.27 22.57
CA GLU QB 54 -0.54 -89.06 22.79
C GLU QB 54 -1.52 -88.82 21.65
N ALA QB 55 -1.92 -87.56 21.51
CA ALA QB 55 -2.99 -87.16 20.58
C ALA QB 55 -2.67 -87.41 19.11
N SER QB 56 -1.38 -87.58 18.79
CA SER QB 56 -0.96 -87.89 17.42
C SER QB 56 -1.78 -88.99 16.78
N VAL QB 57 -2.26 -88.72 15.58
CA VAL QB 57 -2.95 -89.73 14.78
C VAL QB 57 -1.87 -90.71 14.35
N PHE QB 58 -0.75 -90.18 13.89
CA PHE QB 58 0.39 -90.99 13.52
C PHE QB 58 1.06 -91.68 14.71
N ASP QB 59 1.96 -92.61 14.38
CA ASP QB 59 2.77 -93.34 15.35
C ASP QB 59 4.19 -92.81 15.43
N ALA QB 60 4.77 -92.86 16.63
CA ALA QB 60 6.10 -92.30 16.93
C ALA QB 60 6.22 -90.79 16.60
N TYR QB 61 6.64 -90.44 15.39
CA TYR QB 61 6.77 -89.05 14.90
C TYR QB 61 7.83 -88.18 15.58
N VAL QB 62 8.78 -87.70 14.77
CA VAL QB 62 9.94 -86.97 15.27
C VAL QB 62 9.61 -85.54 15.74
N LEU QB 63 8.61 -84.90 15.13
CA LEU QB 63 8.35 -83.46 15.27
C LEU QB 63 9.43 -82.61 14.61
N PRO QB 64 9.05 -81.44 14.07
CA PRO QB 64 10.00 -80.62 13.34
C PRO QB 64 10.79 -79.72 14.28
N LYS QB 65 11.55 -78.79 13.71
CA LYS QB 65 12.22 -77.73 14.47
C LYS QB 65 12.22 -76.40 13.71
N LEU QB 66 12.11 -75.29 14.44
CA LEU QB 66 12.25 -73.96 13.85
C LEU QB 66 13.72 -73.72 13.71
N TYR QB 67 14.20 -73.34 12.53
CA TYR QB 67 15.61 -72.91 12.40
C TYR QB 67 15.70 -71.41 12.18
N VAL QB 68 15.73 -70.69 13.29
CA VAL QB 68 15.80 -69.24 13.25
C VAL QB 68 17.23 -68.84 13.38
N LYS QB 69 17.66 -67.93 12.50
CA LYS QB 69 18.92 -67.26 12.65
C LYS QB 69 18.67 -65.93 13.34
N LEU QB 70 18.77 -65.94 14.66
CA LEU QB 70 18.80 -64.70 15.45
C LEU QB 70 20.16 -64.07 15.24
N HIS QB 71 20.31 -62.83 15.69
CA HIS QB 71 20.97 -61.90 14.82
C HIS QB 71 20.87 -60.48 15.41
N TYR QB 72 21.48 -60.30 16.59
CA TYR QB 72 21.24 -59.11 17.43
C TYR QB 72 22.28 -58.05 17.21
N CYS QB 73 21.83 -56.80 17.34
CA CYS QB 73 22.73 -55.65 17.47
C CYS QB 73 23.31 -55.73 18.83
N VAL QB 74 24.43 -55.09 19.02
CA VAL QB 74 25.17 -55.34 20.24
C VAL QB 74 24.41 -54.78 21.44
N SER QB 75 23.73 -53.67 21.22
CA SER QB 75 22.89 -53.08 22.27
C SER QB 75 21.95 -54.05 22.94
N CYS QB 76 21.15 -54.71 22.12
CA CYS QB 76 20.19 -55.69 22.59
C CYS QB 76 20.89 -56.98 23.01
N ALA QB 77 22.06 -57.26 22.42
CA ALA QB 77 22.88 -58.40 22.82
C ALA QB 77 23.30 -58.29 24.26
N ILE QB 78 23.74 -57.11 24.65
CA ILE QB 78 24.08 -56.85 26.04
C ILE QB 78 22.83 -56.67 26.85
N HIS QB 79 21.93 -55.76 26.46
CA HIS QB 79 20.76 -55.52 27.31
C HIS QB 79 20.06 -56.86 27.61
N SER QB 80 19.76 -57.65 26.58
CA SER QB 80 19.09 -58.95 26.73
C SER QB 80 20.04 -60.15 26.87
N LYS QB 81 21.19 -59.92 27.52
CA LYS QB 81 22.00 -60.98 28.12
C LYS QB 81 22.29 -62.16 27.19
N VAL QB 82 22.81 -61.83 26.03
CA VAL QB 82 23.33 -62.83 25.12
C VAL QB 82 24.81 -63.03 25.40
N VAL QB 83 25.53 -61.92 25.39
CA VAL QB 83 26.91 -61.90 25.86
C VAL QB 83 26.89 -61.17 27.18
N ARG QB 84 28.07 -60.93 27.77
CA ARG QB 84 28.14 -60.10 28.96
C ARG QB 84 29.20 -59.00 28.80
N ASN QB 85 30.17 -58.94 29.69
CA ASN QB 85 31.12 -57.83 29.70
C ASN QB 85 32.33 -58.26 30.55
N ARG QB 86 33.46 -58.58 29.90
CA ARG QB 86 34.51 -59.37 30.58
C ARG QB 86 35.70 -58.56 31.06
N SER QB 87 36.61 -59.24 31.76
CA SER QB 87 37.90 -58.67 32.18
C SER QB 87 38.89 -58.48 31.02
N ARG QB 88 39.93 -57.67 31.24
CA ARG QB 88 40.88 -57.30 30.17
C ARG QB 88 41.58 -58.49 29.55
N GLU QB 89 41.94 -59.44 30.38
CA GLU QB 89 42.59 -60.67 29.95
C GLU QB 89 41.57 -61.55 29.27
N ALA QB 90 40.37 -61.58 29.84
CA ALA QB 90 39.29 -62.38 29.34
C ALA QB 90 38.75 -61.88 28.02
N ARG QB 91 38.70 -60.57 27.78
CA ARG QB 91 38.09 -60.08 26.53
C ARG QB 91 38.58 -60.94 25.33
N LYS QB 92 39.87 -61.28 25.31
CA LYS QB 92 40.49 -62.06 24.21
C LYS QB 92 39.96 -63.48 23.95
N ASP QB 93 39.60 -64.21 25.01
CA ASP QB 93 39.49 -65.70 24.93
C ASP QB 93 38.27 -66.13 24.13
N ARG QB 94 38.46 -66.26 22.82
CA ARG QB 94 37.34 -66.28 21.89
C ARG QB 94 36.58 -67.60 21.78
N THR QB 95 37.03 -68.64 22.47
CA THR QB 95 36.30 -69.91 22.48
C THR QB 95 34.83 -69.74 22.91
N PRO QB 96 33.97 -70.70 22.55
CA PRO QB 96 32.56 -70.70 22.90
C PRO QB 96 32.10 -71.84 23.90
N PRO QB 97 32.21 -71.62 25.24
CA PRO QB 97 32.21 -72.70 26.28
C PRO QB 97 30.93 -73.10 27.08
N PRO QB 98 30.30 -74.28 26.79
CA PRO QB 98 29.11 -74.70 27.54
C PRO QB 98 29.48 -75.43 28.82
N PRO RB 1 69.65 -71.17 13.59
CA PRO RB 1 69.95 -70.46 14.84
C PRO RB 1 71.43 -70.52 15.23
N LEU RB 2 72.09 -69.38 15.18
CA LEU RB 2 73.46 -69.18 15.73
C LEU RB 2 74.58 -70.02 15.11
N ALA RB 3 74.32 -70.64 13.95
CA ALA RB 3 75.27 -71.53 13.26
C ALA RB 3 74.54 -72.27 12.17
N LYS RB 4 74.42 -71.63 11.01
CA LYS RB 4 73.87 -72.27 9.82
C LYS RB 4 74.94 -72.08 8.76
N ASP RB 5 75.65 -73.16 8.41
CA ASP RB 5 76.77 -73.06 7.45
C ASP RB 5 76.26 -72.78 6.03
N LEU RB 6 75.91 -71.51 5.82
CA LEU RB 6 75.17 -71.07 4.64
C LEU RB 6 75.84 -71.47 3.33
N LEU RB 7 77.16 -71.37 3.30
CA LEU RB 7 77.96 -71.67 2.09
C LEU RB 7 77.94 -73.14 1.64
N HIS RB 8 77.66 -74.05 2.57
CA HIS RB 8 77.69 -75.50 2.31
C HIS RB 8 76.35 -76.07 2.74
N PRO RB 9 75.26 -75.60 2.12
CA PRO RB 9 73.94 -76.03 2.52
C PRO RB 9 73.64 -77.41 1.94
N SER RB 10 73.17 -78.32 2.80
CA SER RB 10 72.96 -79.71 2.40
C SER RB 10 71.93 -79.79 1.25
N PRO RB 11 72.14 -80.72 0.29
CA PRO RB 11 71.42 -80.70 -1.00
C PRO RB 11 69.91 -80.61 -0.88
N GLU RB 12 69.34 -81.30 0.11
CA GLU RB 12 67.91 -81.27 0.36
C GLU RB 12 67.42 -79.82 0.52
N GLU RB 13 68.05 -79.05 1.40
CA GLU RB 13 67.46 -77.76 1.80
C GLU RB 13 67.74 -76.59 0.83
N GLU RB 14 68.18 -76.89 -0.38
CA GLU RB 14 68.00 -75.96 -1.49
C GLU RB 14 66.77 -76.29 -2.32
N LYS RB 15 66.36 -77.55 -2.36
CA LYS RB 15 65.22 -77.96 -3.20
C LYS RB 15 63.89 -77.58 -2.54
N ARG RB 16 63.91 -77.39 -1.23
CA ARG RB 16 62.83 -76.72 -0.50
C ARG RB 16 63.13 -75.21 -0.34
N LYS RB 17 63.57 -74.55 -1.41
CA LYS RB 17 63.77 -73.08 -1.42
C LYS RB 17 63.40 -72.53 -2.79
N HIS RB 18 62.70 -71.39 -2.82
CA HIS RB 18 62.26 -70.82 -4.10
C HIS RB 18 63.50 -70.54 -4.99
N LYS RB 19 63.37 -70.85 -6.28
CA LYS RB 19 64.52 -70.89 -7.20
C LYS RB 19 65.56 -69.76 -7.01
N LYS RB 20 65.07 -68.52 -6.89
CA LYS RB 20 65.96 -67.36 -6.80
C LYS RB 20 66.50 -67.14 -5.39
N LYS RB 21 65.90 -67.80 -4.39
CA LYS RB 21 66.29 -67.61 -3.00
C LYS RB 21 67.53 -68.43 -2.65
N ARG RB 22 67.79 -69.48 -3.43
CA ARG RB 22 68.94 -70.38 -3.22
C ARG RB 22 70.28 -69.64 -3.15
N LEU RB 23 71.30 -70.36 -2.69
CA LEU RB 23 72.66 -69.82 -2.58
C LEU RB 23 73.22 -69.31 -3.89
N VAL RB 24 73.02 -70.10 -4.93
CA VAL RB 24 73.16 -69.65 -6.29
C VAL RB 24 71.81 -69.87 -6.92
N GLN RB 25 71.40 -68.91 -7.71
CA GLN RB 25 70.15 -69.00 -8.43
C GLN RB 25 70.32 -70.02 -9.56
N SER RB 26 69.55 -71.10 -9.47
CA SER RB 26 69.43 -72.08 -10.54
C SER RB 26 67.92 -72.31 -10.79
N PRO RB 27 67.57 -72.88 -11.94
CA PRO RB 27 66.16 -73.14 -12.27
C PRO RB 27 65.63 -74.39 -11.61
N ASN RB 28 64.31 -74.52 -11.64
CA ASN RB 28 63.68 -75.74 -11.24
C ASN RB 28 62.85 -76.18 -12.42
N SER RB 29 63.55 -76.54 -13.49
CA SER RB 29 62.92 -76.94 -14.75
C SER RB 29 63.84 -77.82 -15.54
N TYR RB 30 63.32 -78.36 -16.64
CA TYR RB 30 64.06 -79.35 -17.37
C TYR RB 30 63.57 -79.71 -18.74
N PHE RB 31 64.48 -80.17 -19.61
CA PHE RB 31 64.05 -80.77 -20.88
C PHE RB 31 64.07 -82.27 -20.74
N MET RB 32 63.23 -82.89 -21.56
CA MET RB 32 63.00 -84.31 -21.55
C MET RB 32 62.98 -84.77 -23.00
N ASP RB 33 63.73 -85.83 -23.28
CA ASP RB 33 63.81 -86.38 -24.62
C ASP RB 33 62.80 -87.52 -24.84
N VAL RB 34 61.73 -87.20 -25.59
CA VAL RB 34 60.43 -87.90 -25.54
C VAL RB 34 60.18 -88.88 -26.70
N LYS RB 35 59.73 -90.09 -26.34
CA LYS RB 35 59.55 -91.20 -27.29
C LYS RB 35 58.26 -91.08 -28.11
N CYS RB 36 57.12 -91.32 -27.45
CA CYS RB 36 55.78 -91.49 -28.07
C CYS RB 36 55.66 -92.78 -28.94
N PRO RB 37 54.46 -93.41 -28.96
CA PRO RB 37 54.36 -94.82 -29.41
C PRO RB 37 54.54 -95.07 -30.93
N GLY RB 38 53.95 -94.24 -31.78
CA GLY RB 38 53.99 -94.44 -33.23
C GLY RB 38 55.38 -94.32 -33.84
N CYS RB 39 55.86 -93.08 -33.97
CA CYS RB 39 57.20 -92.80 -34.47
C CYS RB 39 58.25 -93.17 -33.43
N TYR RB 40 59.43 -93.56 -33.91
CA TYR RB 40 60.60 -93.72 -33.04
C TYR RB 40 61.29 -92.37 -32.76
N LYS RB 41 61.00 -91.36 -33.58
CA LYS RB 41 61.61 -90.02 -33.45
C LYS RB 41 61.49 -89.45 -32.05
N ILE RB 42 62.56 -88.81 -31.59
CA ILE RB 42 62.63 -88.22 -30.28
C ILE RB 42 62.68 -86.70 -30.41
N THR RB 43 61.69 -86.03 -29.81
CA THR RB 43 61.63 -84.56 -29.72
C THR RB 43 62.23 -84.12 -28.39
N THR RB 44 62.74 -82.89 -28.37
CA THR RB 44 63.44 -82.33 -27.21
C THR RB 44 62.51 -81.35 -26.46
N VAL RB 45 61.55 -81.90 -25.72
CA VAL RB 45 60.48 -81.11 -25.11
C VAL RB 45 60.94 -80.51 -23.81
N PHE RB 46 60.62 -79.23 -23.57
CA PHE RB 46 60.90 -78.56 -22.30
C PHE RB 46 59.67 -78.61 -21.38
N SER RB 47 59.79 -79.40 -20.30
CA SER RB 47 58.77 -79.63 -19.27
C SER RB 47 57.74 -78.55 -19.17
N HIS RB 48 58.20 -77.37 -18.82
CA HIS RB 48 57.37 -76.18 -18.79
C HIS RB 48 57.29 -75.65 -20.22
N ALA RB 49 56.18 -75.98 -20.87
CA ALA RB 49 56.09 -75.97 -22.32
C ALA RB 49 55.54 -74.67 -22.89
N GLN RB 50 54.46 -74.16 -22.30
CA GLN RB 50 53.68 -73.04 -22.87
C GLN RB 50 52.88 -73.47 -24.13
N THR RB 51 53.57 -73.84 -25.21
CA THR RB 51 52.91 -74.24 -26.46
C THR RB 51 52.62 -75.73 -26.52
N VAL RB 52 51.81 -76.13 -27.50
CA VAL RB 52 51.58 -77.55 -27.81
C VAL RB 52 52.71 -78.09 -28.69
N VAL RB 53 53.34 -79.15 -28.20
CA VAL RB 53 54.50 -79.75 -28.85
C VAL RB 53 53.97 -80.80 -29.82
N LEU RB 54 54.16 -80.59 -31.11
CA LEU RB 54 53.71 -81.54 -32.13
C LEU RB 54 54.85 -82.45 -32.55
N CYS RB 55 54.47 -83.62 -33.08
CA CYS RB 55 55.45 -84.63 -33.47
C CYS RB 55 56.21 -84.18 -34.72
N VAL RB 56 57.51 -84.50 -34.79
CA VAL RB 56 58.35 -84.19 -35.96
C VAL RB 56 57.78 -84.90 -37.18
N GLY RB 57 57.24 -86.11 -36.94
CA GLY RB 57 56.40 -86.82 -37.90
C GLY RB 57 55.23 -85.95 -38.31
N CYS RB 58 54.08 -86.13 -37.65
CA CYS RB 58 52.93 -85.26 -37.90
C CYS RB 58 51.78 -85.46 -36.91
N SER RB 59 51.06 -86.56 -37.07
CA SER RB 59 49.68 -86.72 -36.57
C SER RB 59 49.51 -86.47 -35.07
N THR RB 60 50.31 -87.18 -34.28
CA THR RB 60 50.19 -87.14 -32.82
C THR RB 60 50.61 -85.77 -32.26
N VAL RB 61 50.10 -85.49 -31.06
CA VAL RB 61 50.36 -84.24 -30.32
C VAL RB 61 50.89 -84.65 -28.94
N LEU RB 62 52.04 -84.12 -28.56
CA LEU RB 62 52.75 -84.64 -27.39
C LEU RB 62 52.26 -84.03 -26.10
N CYS RB 63 52.31 -82.70 -26.03
CA CYS RB 63 52.17 -82.00 -24.76
C CYS RB 63 51.15 -80.89 -24.77
N GLN RB 64 49.97 -81.20 -24.24
CA GLN RB 64 49.07 -80.16 -23.77
C GLN RB 64 49.85 -79.39 -22.69
N PRO RB 65 49.81 -78.05 -22.72
CA PRO RB 65 50.38 -77.24 -21.66
C PRO RB 65 49.34 -76.94 -20.57
N THR RB 66 49.78 -76.92 -19.31
CA THR RB 66 48.94 -76.54 -18.17
C THR RB 66 49.69 -75.48 -17.39
N GLY RB 67 49.25 -75.21 -16.16
CA GLY RB 67 49.89 -74.24 -15.29
C GLY RB 67 51.39 -74.40 -15.20
N GLY RB 68 51.84 -75.43 -14.51
CA GLY RB 68 53.26 -75.73 -14.36
C GLY RB 68 53.74 -76.60 -15.50
N LYS RB 69 54.08 -77.86 -15.18
CA LYS RB 69 54.63 -78.79 -16.17
C LYS RB 69 53.64 -79.10 -17.23
N ALA RB 70 54.15 -79.62 -18.33
CA ALA RB 70 53.30 -80.00 -19.44
C ALA RB 70 52.68 -81.39 -19.24
N ARG RB 71 51.47 -81.51 -19.76
CA ARG RB 71 50.66 -82.72 -19.71
C ARG RB 71 51.15 -83.52 -20.91
N LEU RB 72 51.91 -84.60 -20.67
CA LEU RB 72 52.20 -85.57 -21.75
C LEU RB 72 50.94 -86.34 -22.15
N THR RB 73 50.86 -86.72 -23.42
CA THR RB 73 49.66 -87.37 -23.95
C THR RB 73 49.67 -88.89 -23.83
N GLU RB 74 48.89 -89.40 -22.86
CA GLU RB 74 48.44 -90.79 -22.83
C GLU RB 74 49.53 -91.82 -22.51
N GLY RB 75 50.46 -92.06 -23.43
CA GLY RB 75 51.48 -93.10 -23.25
C GLY RB 75 52.79 -92.79 -23.95
N CYS RB 76 53.60 -91.94 -23.32
CA CYS RB 76 54.87 -91.49 -23.87
C CYS RB 76 55.90 -91.25 -22.76
N SER RB 77 57.16 -91.60 -23.02
CA SER RB 77 58.24 -91.54 -22.02
C SER RB 77 59.04 -90.22 -22.09
N PHE RB 78 60.08 -90.11 -21.26
CA PHE RB 78 60.90 -88.91 -21.16
C PHE RB 78 62.27 -89.26 -20.54
N ARG RB 79 63.25 -88.36 -20.70
CA ARG RB 79 64.61 -88.52 -20.16
C ARG RB 79 65.24 -87.19 -19.69
N ARG RB 80 65.16 -87.00 -18.38
CA ARG RB 80 65.85 -85.93 -17.67
C ARG RB 80 67.32 -85.83 -18.06
N LYS RB 81 68.02 -86.92 -17.72
CA LYS RB 81 69.34 -86.91 -17.06
C LYS RB 81 70.46 -86.36 -17.91
N GLN RB 82 70.98 -85.21 -17.48
CA GLN RB 82 71.95 -84.49 -18.27
C GLN RB 82 72.48 -83.27 -17.52
N HIS RB 83 73.61 -82.76 -18.02
CA HIS RB 83 74.23 -81.52 -17.55
C HIS RB 83 74.86 -81.72 -16.16
N HIS SB 1 33.36 -0.92 39.65
CA HIS SB 1 33.01 -0.49 41.04
C HIS SB 1 34.30 -0.22 41.83
N GLY SB 2 34.20 -0.16 43.15
CA GLY SB 2 35.37 -0.18 44.02
C GLY SB 2 35.72 1.20 44.53
N SER SB 3 35.94 1.28 45.84
CA SER SB 3 36.32 2.52 46.50
C SER SB 3 37.83 2.63 46.49
N LEU SB 4 38.32 3.72 45.91
CA LEU SB 4 39.74 3.99 45.87
C LEU SB 4 40.19 4.75 47.11
N ALA SB 5 39.32 4.83 48.11
CA ALA SB 5 39.65 5.40 49.41
C ALA SB 5 40.75 4.61 50.09
N ARG SB 6 40.77 3.29 49.89
CA ARG SB 6 41.63 2.42 50.67
C ARG SB 6 43.07 2.30 50.16
N ALA SB 7 43.43 3.05 49.12
CA ALA SB 7 44.82 3.21 48.71
C ALA SB 7 45.67 3.70 49.87
N GLY SB 8 46.64 2.87 50.25
CA GLY SB 8 47.56 3.23 51.32
C GLY SB 8 46.89 3.19 52.68
N LYS SB 9 46.11 2.14 52.92
CA LYS SB 9 45.53 1.89 54.22
C LYS SB 9 46.65 1.45 55.15
N VAL SB 10 47.44 0.49 54.70
CA VAL SB 10 48.33 -0.27 55.56
C VAL SB 10 49.64 0.44 55.92
N ARG SB 11 50.43 0.94 54.95
CA ARG SB 11 51.59 1.78 55.33
C ARG SB 11 51.08 2.90 56.22
N GLY SB 12 49.90 3.43 55.89
CA GLY SB 12 49.23 4.46 56.67
C GLY SB 12 49.16 4.24 58.17
N GLN SB 13 48.62 3.09 58.60
CA GLN SB 13 48.42 2.86 60.03
C GLN SB 13 49.43 1.93 60.71
N THR SB 14 50.41 1.39 59.98
CA THR SB 14 51.46 0.62 60.65
C THR SB 14 52.34 1.57 61.45
N PRO SB 15 52.51 1.32 62.77
CA PRO SB 15 53.29 2.23 63.60
C PRO SB 15 54.78 2.20 63.26
N LYS SB 16 55.33 3.35 62.86
CA LYS SB 16 56.73 3.41 62.43
C LYS SB 16 57.64 3.16 63.65
N VAL SB 17 58.88 2.78 63.36
CA VAL SB 17 59.88 2.50 64.40
C VAL SB 17 61.21 3.13 63.96
N ALA SB 18 62.10 3.36 64.92
CA ALA SB 18 63.45 3.81 64.60
C ALA SB 18 64.30 2.68 64.04
N LYS SB 19 65.20 3.03 63.12
CA LYS SB 19 66.10 2.05 62.51
C LYS SB 19 67.37 1.78 63.36
N GLN SB 20 67.44 2.34 64.58
CA GLN SB 20 68.60 2.21 65.48
C GLN SB 20 69.90 2.74 64.88
N GLU SB 21 70.98 2.60 65.63
CA GLU SB 21 72.31 2.60 65.04
C GLU SB 21 73.27 1.93 65.98
N LYS SB 22 73.89 0.85 65.50
CA LYS SB 22 75.18 0.43 66.03
C LYS SB 22 76.19 0.41 64.88
N LYS SB 23 76.56 -0.77 64.40
CA LYS SB 23 77.86 -0.90 63.82
C LYS SB 23 77.82 -0.57 62.33
N LYS SB 24 78.56 0.47 61.96
CA LYS SB 24 79.03 0.65 60.59
C LYS SB 24 79.64 -0.68 60.16
N LYS SB 25 78.90 -1.43 59.34
CA LYS SB 25 79.29 -2.78 58.98
C LYS SB 25 80.54 -2.77 58.10
N LYS SB 26 81.45 -3.71 58.36
CA LYS SB 26 82.68 -3.83 57.60
C LYS SB 26 82.35 -4.32 56.19
N THR SB 27 83.07 -3.80 55.22
CA THR SB 27 82.70 -3.97 53.81
C THR SB 27 83.90 -4.34 52.93
N GLY SB 28 83.55 -4.65 51.69
CA GLY SB 28 84.51 -4.85 50.62
C GLY SB 28 85.10 -6.23 50.68
N ARG SB 29 86.35 -6.30 51.12
CA ARG SB 29 87.08 -7.56 51.22
C ARG SB 29 87.13 -8.09 52.64
N ALA SB 30 87.02 -7.20 53.63
CA ALA SB 30 87.01 -7.58 55.04
C ALA SB 30 85.71 -8.27 55.42
N LYS SB 31 84.61 -7.77 54.86
CA LYS SB 31 83.31 -8.45 54.90
C LYS SB 31 83.49 -9.92 54.58
N ARG SB 32 84.11 -10.18 53.44
CA ARG SB 32 84.26 -11.54 52.92
C ARG SB 32 85.19 -12.41 53.78
N ARG SB 33 86.17 -11.77 54.42
CA ARG SB 33 86.98 -12.43 55.45
C ARG SB 33 86.11 -12.85 56.62
N MET SB 34 85.42 -11.88 57.21
CA MET SB 34 84.48 -12.11 58.31
C MET SB 34 83.50 -13.23 57.97
N GLN SB 35 83.03 -13.24 56.71
CA GLN SB 35 82.09 -14.25 56.21
C GLN SB 35 82.64 -15.67 56.26
N TYR SB 36 83.62 -15.99 55.42
CA TYR SB 36 84.36 -17.27 55.48
C TYR SB 36 84.69 -17.65 56.90
N ASN SB 37 85.38 -16.74 57.59
CA ASN SB 37 85.86 -17.04 58.92
C ASN SB 37 84.71 -17.55 59.79
N ARG SB 38 83.60 -16.82 59.78
CA ARG SB 38 82.47 -17.16 60.64
C ARG SB 38 81.60 -18.36 60.18
N ARG SB 39 81.89 -18.97 59.04
CA ARG SB 39 81.21 -20.23 58.66
C ARG SB 39 82.03 -21.25 57.90
N PHE SB 40 83.35 -21.24 58.12
CA PHE SB 40 84.28 -22.21 57.53
C PHE SB 40 85.28 -22.72 58.53
N VAL SB 41 86.19 -21.86 58.94
CA VAL SB 41 87.37 -22.28 59.70
C VAL SB 41 87.16 -22.28 61.22
N ASN SB 42 86.33 -21.36 61.67
CA ASN SB 42 86.26 -21.01 63.06
C ASN SB 42 85.46 -22.00 63.85
N VAL SB 43 84.15 -21.94 63.64
CA VAL SB 43 83.18 -22.44 64.59
C VAL SB 43 83.11 -23.93 64.32
N VAL SB 44 82.76 -24.27 63.07
CA VAL SB 44 82.78 -25.65 62.55
C VAL SB 44 82.67 -26.71 63.67
N PRO SB 45 81.63 -26.59 64.52
CA PRO SB 45 81.64 -27.35 65.77
C PRO SB 45 81.16 -28.80 65.54
N THR SB 46 80.85 -29.50 66.62
CA THR SB 46 80.15 -30.76 66.52
C THR SB 46 78.77 -30.48 65.91
N PHE SB 47 78.47 -31.14 64.80
CA PHE SB 47 77.22 -30.93 64.06
C PHE SB 47 75.99 -31.10 64.97
N GLY SB 48 75.00 -30.21 64.78
CA GLY SB 48 73.74 -30.24 65.54
C GLY SB 48 72.53 -30.43 64.63
N LYS SB 49 72.61 -31.42 63.75
CA LYS SB 49 71.61 -31.70 62.70
C LYS SB 49 71.36 -30.50 61.77
N LYS SB 50 72.31 -30.29 60.85
CA LYS SB 50 72.32 -29.14 59.93
C LYS SB 50 72.36 -27.78 60.65
N LYS SB 51 72.62 -26.73 59.89
CA LYS SB 51 72.87 -25.42 60.46
C LYS SB 51 71.54 -24.67 60.62
N GLY SB 52 71.62 -23.35 60.59
CA GLY SB 52 70.49 -22.48 60.34
C GLY SB 52 71.03 -21.06 60.31
N PRO SB 53 71.74 -20.66 59.23
CA PRO SB 53 72.60 -19.46 59.23
C PRO SB 53 71.91 -18.17 59.63
N ASN SB 54 70.61 -18.10 59.40
CA ASN SB 54 69.77 -17.01 59.89
C ASN SB 54 68.59 -17.48 60.72
N ALA SB 55 68.59 -18.75 61.09
CA ALA SB 55 67.49 -19.37 61.82
C ALA SB 55 67.54 -18.96 63.28
N ASN SB 56 66.57 -19.46 64.03
CA ASN SB 56 66.53 -19.21 65.46
C ASN SB 56 67.25 -20.30 66.26
N SER SB 57 67.31 -20.10 67.58
CA SER SB 57 67.79 -21.11 68.54
C SER SB 57 66.66 -22.07 68.91
N MET TB 1 31.34 -43.83 113.49
CA MET TB 1 31.90 -44.68 114.59
C MET TB 1 31.09 -45.96 114.79
N ALA TB 2 29.79 -45.81 115.11
CA ALA TB 2 28.81 -46.92 115.09
C ALA TB 2 27.93 -46.86 113.83
N VAL TB 3 28.54 -46.43 112.72
CA VAL TB 3 27.87 -46.31 111.43
C VAL TB 3 27.83 -47.67 110.75
N GLN TB 4 28.99 -48.33 110.73
CA GLN TB 4 29.16 -49.63 110.08
C GLN TB 4 28.94 -49.56 108.54
N ILE TB 5 29.17 -48.40 107.91
CA ILE TB 5 28.91 -48.11 106.44
C ILE TB 5 28.85 -49.33 105.47
N SER TB 6 27.97 -49.29 104.46
CA SER TB 6 27.45 -50.54 103.82
C SER TB 6 28.36 -51.23 102.86
N LYS TB 7 28.27 -52.55 102.85
CA LYS TB 7 29.09 -53.35 101.94
C LYS TB 7 28.79 -52.98 100.48
N LYS TB 8 27.66 -52.29 100.27
CA LYS TB 8 27.40 -51.55 99.05
C LYS TB 8 28.10 -50.19 99.07
N ARG TB 9 27.77 -49.36 100.05
CA ARG TB 9 28.25 -47.96 100.16
C ARG TB 9 29.68 -47.76 100.71
N LYS TB 10 30.31 -48.84 101.15
CA LYS TB 10 31.63 -48.82 101.78
C LYS TB 10 32.68 -49.14 100.74
N PHE TB 11 32.50 -50.20 99.97
CA PHE TB 11 33.49 -50.57 98.94
C PHE TB 11 33.53 -49.52 97.86
N VAL TB 12 32.39 -48.90 97.63
CA VAL TB 12 32.32 -47.68 96.84
C VAL TB 12 33.28 -46.63 97.44
N ALA TB 13 33.11 -46.32 98.71
CA ALA TB 13 33.95 -45.32 99.39
C ALA TB 13 35.45 -45.61 99.28
N ASP TB 14 35.86 -46.86 99.46
CA ASP TB 14 37.28 -47.26 99.37
C ASP TB 14 37.77 -47.33 97.93
N GLY TB 15 36.85 -47.56 97.00
CA GLY TB 15 37.13 -47.34 95.58
C GLY TB 15 37.39 -45.87 95.30
N ILE TB 16 36.58 -45.01 95.91
CA ILE TB 16 36.71 -43.57 95.76
C ILE TB 16 38.02 -43.05 96.34
N PHE TB 17 38.24 -43.32 97.63
CA PHE TB 17 39.50 -42.99 98.31
C PHE TB 17 40.66 -43.47 97.42
N LYS TB 18 40.65 -44.74 97.01
CA LYS TB 18 41.62 -45.24 96.01
C LYS TB 18 41.84 -44.23 94.85
N ALA TB 19 40.75 -43.86 94.18
CA ALA TB 19 40.79 -42.92 93.03
C ALA TB 19 41.36 -41.55 93.39
N GLU TB 20 40.84 -40.97 94.46
CA GLU TB 20 41.29 -39.65 94.96
C GLU TB 20 42.82 -39.60 95.18
N LEU TB 21 43.37 -40.70 95.70
CA LEU TB 21 44.82 -40.84 95.85
C LEU TB 21 45.45 -40.85 94.49
N ASN TB 22 45.19 -41.93 93.76
CA ASN TB 22 45.82 -42.21 92.48
C ASN TB 22 45.78 -40.99 91.58
N GLU TB 23 44.80 -40.07 91.72
CA GLU TB 23 44.98 -38.76 91.08
C GLU TB 23 46.02 -37.83 91.75
N PHE TB 24 45.82 -37.31 92.98
CA PHE TB 24 46.83 -36.33 93.51
C PHE TB 24 48.22 -37.00 93.31
N LEU TB 25 48.37 -38.28 93.71
CA LEU TB 25 49.64 -39.02 93.57
C LEU TB 25 50.22 -38.91 92.16
N THR TB 26 49.39 -39.21 91.15
CA THR TB 26 49.76 -39.04 89.74
C THR TB 26 50.19 -37.62 89.45
N ARG TB 27 49.36 -36.69 89.90
CA ARG TB 27 49.52 -35.29 89.57
C ARG TB 27 50.64 -34.60 90.36
N GLU TB 28 51.14 -35.22 91.44
CA GLU TB 28 52.29 -34.69 92.20
C GLU TB 28 53.60 -35.49 92.02
N LEU TB 29 53.52 -36.81 92.01
CA LEU TB 29 54.68 -37.64 91.67
C LEU TB 29 54.69 -38.00 90.17
N ALA TB 30 54.55 -36.97 89.33
CA ALA TB 30 54.47 -37.12 87.88
C ALA TB 30 55.87 -37.23 87.32
N GLU TB 31 56.68 -36.18 87.54
CA GLU TB 31 58.11 -36.13 87.11
C GLU TB 31 58.95 -37.30 87.61
N ASP TB 32 58.44 -38.01 88.61
CA ASP TB 32 59.12 -39.17 89.14
C ASP TB 32 58.53 -40.53 88.73
N GLY TB 33 57.62 -40.53 87.76
CA GLY TB 33 57.10 -41.78 87.18
C GLY TB 33 56.33 -42.67 88.14
N TYR TB 34 55.29 -42.11 88.76
CA TYR TB 34 54.31 -42.89 89.51
C TYR TB 34 53.67 -43.90 88.60
N SER TB 35 53.78 -45.16 88.98
CA SER TB 35 53.15 -46.24 88.26
C SER TB 35 51.81 -46.53 88.93
N GLY TB 36 51.78 -46.62 90.26
CA GLY TB 36 50.52 -46.88 90.94
C GLY TB 36 50.65 -47.25 92.39
N VAL TB 37 49.69 -46.82 93.20
CA VAL TB 37 49.56 -47.31 94.56
C VAL TB 37 48.92 -48.69 94.55
N GLU TB 38 49.17 -49.46 95.59
CA GLU TB 38 48.28 -50.56 95.93
C GLU TB 38 48.03 -50.41 97.43
N VAL TB 39 46.80 -49.99 97.74
CA VAL TB 39 46.43 -49.60 99.11
C VAL TB 39 46.33 -50.83 100.04
N ARG TB 40 47.02 -50.74 101.17
CA ARG TB 40 47.47 -51.89 101.96
C ARG TB 40 46.94 -51.69 103.39
N VAL TB 41 45.62 -51.84 103.58
CA VAL TB 41 44.98 -51.66 104.90
C VAL TB 41 45.31 -52.81 105.88
N THR TB 42 45.55 -52.47 107.14
CA THR TB 42 46.05 -53.43 108.15
C THR TB 42 45.44 -53.16 109.54
N PRO TB 43 45.81 -53.97 110.56
CA PRO TB 43 45.54 -53.62 111.97
C PRO TB 43 46.19 -52.29 112.43
N THR TB 44 45.38 -51.41 113.03
CA THR TB 44 45.81 -50.09 113.57
C THR TB 44 46.39 -49.11 112.56
N ARG TB 45 46.36 -49.44 111.27
CA ARG TB 45 47.29 -48.86 110.30
C ARG TB 45 46.74 -49.00 108.88
N THR TB 46 47.18 -48.11 107.99
CA THR TB 46 46.86 -48.19 106.57
C THR TB 46 48.14 -47.96 105.74
N GLU TB 47 48.84 -49.05 105.43
CA GLU TB 47 49.98 -49.00 104.49
C GLU TB 47 49.44 -48.61 103.12
N ILE TB 48 50.32 -48.10 102.29
CA ILE TB 48 49.95 -47.59 100.98
C ILE TB 48 51.24 -47.53 100.15
N ILE TB 49 51.45 -48.59 99.36
CA ILE TB 49 52.72 -48.78 98.64
C ILE TB 49 52.74 -47.94 97.36
N ILE TB 50 53.52 -46.84 97.40
CA ILE TB 50 53.66 -45.91 96.26
C ILE TB 50 54.64 -46.52 95.28
N LEU TB 51 54.13 -47.24 94.28
CA LEU TB 51 54.99 -47.87 93.28
C LEU TB 51 55.29 -46.85 92.18
N ALA TB 52 56.45 -46.18 92.32
CA ALA TB 52 56.95 -45.18 91.36
C ALA TB 52 58.37 -45.58 90.93
N THR TB 53 59.10 -44.71 90.23
CA THR TB 53 60.48 -45.04 89.78
C THR TB 53 61.61 -44.33 90.57
N ARG TB 54 61.91 -43.08 90.22
CA ARG TB 54 63.15 -42.41 90.71
C ARG TB 54 63.09 -41.95 92.18
N THR TB 55 63.19 -42.92 93.09
CA THR TB 55 62.99 -42.70 94.55
C THR TB 55 63.90 -41.68 95.25
N GLN TB 56 64.92 -41.15 94.55
CA GLN TB 56 65.73 -40.02 95.05
C GLN TB 56 64.92 -38.73 95.18
N ASN TB 57 63.84 -38.61 94.40
CA ASN TB 57 62.94 -37.45 94.46
C ASN TB 57 61.72 -37.60 95.40
N VAL TB 58 61.20 -38.82 95.58
CA VAL TB 58 60.12 -39.05 96.56
C VAL TB 58 60.58 -38.90 98.02
N LEU TB 59 61.86 -39.21 98.28
CA LEU TB 59 62.49 -38.93 99.60
C LEU TB 59 62.83 -37.44 99.75
N GLY TB 60 63.63 -36.90 98.83
CA GLY TB 60 64.06 -35.49 98.84
C GLY TB 60 65.17 -35.17 99.84
N GLU TB 61 64.98 -34.08 100.58
CA GLU TB 61 65.91 -33.68 101.64
C GLU TB 61 65.82 -34.69 102.80
N LYS TB 62 66.68 -35.70 102.75
CA LYS TB 62 66.82 -36.71 103.83
C LYS TB 62 65.55 -37.53 104.11
N GLY TB 63 64.58 -37.48 103.20
CA GLY TB 63 63.23 -37.97 103.48
C GLY TB 63 62.34 -36.90 104.08
N ARG TB 64 62.05 -35.86 103.30
CA ARG TB 64 61.04 -34.85 103.64
C ARG TB 64 59.74 -35.14 102.88
N ARG TB 65 59.83 -35.24 101.55
CA ARG TB 65 58.65 -35.42 100.69
C ARG TB 65 57.73 -36.56 101.11
N ILE TB 66 58.31 -37.75 101.36
CA ILE TB 66 57.54 -38.88 101.90
C ILE TB 66 56.75 -38.45 103.14
N ARG TB 67 57.38 -37.66 104.01
CA ARG TB 67 56.74 -37.21 105.26
C ARG TB 67 55.64 -36.16 105.03
N GLU TB 68 55.72 -35.41 103.93
CA GLU TB 68 54.65 -34.47 103.57
C GLU TB 68 53.41 -35.20 103.12
N LEU TB 69 53.63 -36.16 102.22
CA LEU TB 69 52.56 -36.96 101.64
C LEU TB 69 51.86 -37.79 102.71
N THR TB 70 52.62 -38.33 103.66
CA THR TB 70 52.04 -39.02 104.82
C THR TB 70 51.14 -38.10 105.63
N ALA TB 71 51.63 -36.88 105.87
CA ALA TB 71 50.85 -35.89 106.61
C ALA TB 71 49.59 -35.49 105.84
N VAL TB 72 49.76 -35.20 104.56
CA VAL TB 72 48.64 -34.91 103.65
C VAL TB 72 47.51 -35.94 103.76
N VAL TB 73 47.84 -37.21 103.56
CA VAL TB 73 46.87 -38.33 103.61
C VAL TB 73 46.27 -38.51 105.03
N GLN TB 74 47.06 -38.16 106.05
CA GLN TB 74 46.56 -38.03 107.43
C GLN TB 74 45.49 -36.94 107.54
N LYS TB 75 45.79 -35.78 106.97
CA LYS TB 75 44.93 -34.60 107.08
C LYS TB 75 43.70 -34.64 106.16
N ARG TB 76 43.70 -35.51 105.13
CA ARG TB 76 42.60 -35.59 104.16
C ARG TB 76 41.57 -36.71 104.48
N PHE TB 77 41.93 -37.97 104.26
CA PHE TB 77 40.94 -39.09 104.24
C PHE TB 77 40.68 -39.61 105.68
N GLY TB 78 41.26 -38.94 106.69
CA GLY TB 78 40.97 -39.19 108.11
C GLY TB 78 41.78 -40.33 108.69
N PHE TB 79 43.11 -40.23 108.63
CA PHE TB 79 44.03 -41.27 109.20
C PHE TB 79 44.89 -40.70 110.34
N PRO TB 80 44.46 -40.95 111.61
CA PRO TB 80 45.13 -40.47 112.83
C PRO TB 80 46.65 -40.66 112.91
N GLU TB 81 47.28 -39.89 113.79
CA GLU TB 81 48.75 -39.93 113.98
C GLU TB 81 49.28 -41.36 114.18
N GLY TB 82 50.08 -41.82 113.22
CA GLY TB 82 50.62 -43.18 113.22
C GLY TB 82 49.64 -44.24 112.74
N SER TB 83 48.68 -43.85 111.90
CA SER TB 83 47.73 -44.78 111.29
C SER TB 83 47.87 -44.85 109.75
N VAL TB 84 48.93 -44.27 109.20
CA VAL TB 84 49.19 -44.28 107.75
C VAL TB 84 50.68 -44.14 107.44
N GLU TB 85 51.27 -45.18 106.84
CA GLU TB 85 52.67 -45.14 106.39
C GLU TB 85 52.80 -45.36 104.91
N LEU TB 86 53.27 -44.33 104.23
CA LEU TB 86 53.56 -44.42 102.81
C LEU TB 86 54.84 -45.23 102.71
N TYR TB 87 55.01 -45.86 101.56
CA TYR TB 87 56.12 -46.78 101.35
C TYR TB 87 56.53 -46.74 99.88
N ALA TB 88 57.37 -45.79 99.54
CA ALA TB 88 57.81 -45.60 98.16
C ALA TB 88 58.70 -46.76 97.73
N GLU TB 89 58.34 -47.41 96.63
CA GLU TB 89 59.15 -48.48 96.04
C GLU TB 89 59.37 -48.24 94.55
N LYS TB 90 60.50 -48.75 94.06
CA LYS TB 90 60.88 -48.60 92.67
C LYS TB 90 60.15 -49.66 91.84
N VAL TB 91 59.69 -49.26 90.66
CA VAL TB 91 58.95 -50.14 89.77
C VAL TB 91 59.92 -51.11 89.10
N ALA TB 92 59.53 -52.38 89.07
CA ALA TB 92 60.26 -53.40 88.31
C ALA TB 92 60.01 -53.19 86.82
N THR TB 93 61.08 -53.27 86.02
CA THR TB 93 61.05 -53.11 84.54
C THR TB 93 60.11 -52.01 84.04
N ARG TB 94 60.55 -50.76 84.19
CA ARG TB 94 59.66 -49.60 83.98
C ARG TB 94 59.22 -49.42 82.51
N GLY TB 95 59.96 -50.03 81.59
CA GLY TB 95 59.52 -50.14 80.21
C GLY TB 95 58.12 -50.71 80.03
N LEU TB 96 57.77 -51.71 80.84
CA LEU TB 96 56.49 -52.44 80.65
C LEU TB 96 55.27 -51.78 81.30
N CYS TB 97 55.48 -50.78 82.15
CA CYS TB 97 54.36 -49.97 82.62
C CYS TB 97 54.08 -48.85 81.64
N ALA TB 98 52.81 -48.52 81.51
CA ALA TB 98 52.33 -47.59 80.52
C ALA TB 98 52.50 -46.16 80.98
N ILE TB 99 51.85 -45.82 82.10
CA ILE TB 99 51.81 -44.42 82.57
C ILE TB 99 53.19 -43.88 82.94
N ALA TB 100 54.09 -44.77 83.33
CA ALA TB 100 55.50 -44.43 83.51
C ALA TB 100 56.06 -43.87 82.21
N GLN TB 101 55.90 -44.63 81.12
CA GLN TB 101 56.41 -44.23 79.80
C GLN TB 101 55.63 -43.09 79.16
N ALA TB 102 54.32 -43.08 79.42
CA ALA TB 102 53.44 -42.04 78.91
C ALA TB 102 53.73 -40.71 79.58
N GLU TB 103 53.96 -40.75 80.89
CA GLU TB 103 54.48 -39.59 81.55
C GLU TB 103 55.90 -39.32 80.97
N SER TB 104 56.81 -40.29 80.95
CA SER TB 104 58.14 -40.02 80.36
C SER TB 104 58.07 -39.31 79.02
N LEU TB 105 56.96 -39.49 78.30
CA LEU TB 105 56.71 -38.71 77.10
C LEU TB 105 55.99 -37.35 77.28
N ARG TB 106 55.15 -37.13 78.31
CA ARG TB 106 54.70 -35.74 78.66
C ARG TB 106 55.94 -34.85 78.87
N TYR TB 107 56.92 -35.37 79.63
CA TYR TB 107 58.07 -34.56 80.09
C TYR TB 107 59.22 -34.54 79.05
N LYS TB 108 59.35 -35.56 78.21
CA LYS TB 108 60.31 -35.49 77.07
C LYS TB 108 59.94 -34.45 76.01
N LEU TB 109 58.65 -34.26 75.78
CA LEU TB 109 58.17 -33.19 74.89
C LEU TB 109 58.25 -31.84 75.61
N LEU TB 110 57.62 -31.76 76.78
CA LEU TB 110 57.66 -30.57 77.66
C LEU TB 110 59.08 -30.00 77.73
N GLY TB 111 60.05 -30.88 77.95
CA GLY TB 111 61.48 -30.54 77.96
C GLY TB 111 61.94 -29.72 76.76
N GLY TB 112 61.44 -30.10 75.58
CA GLY TB 112 61.70 -29.37 74.34
C GLY TB 112 62.33 -30.32 73.34
N LEU TB 113 61.51 -30.82 72.44
CA LEU TB 113 61.93 -31.87 71.51
C LEU TB 113 60.84 -32.04 70.45
N ALA TB 114 61.22 -32.54 69.28
CA ALA TB 114 60.24 -32.97 68.27
C ALA TB 114 59.38 -34.12 68.79
N VAL TB 115 58.26 -34.34 68.12
CA VAL TB 115 57.47 -35.54 68.39
C VAL TB 115 58.32 -36.73 67.97
N ARG TB 116 58.64 -36.71 66.68
CA ARG TB 116 59.26 -37.83 66.01
C ARG TB 116 60.35 -38.54 66.81
N ARG TB 117 61.45 -37.83 67.05
CA ARG TB 117 62.62 -38.44 67.68
C ARG TB 117 62.29 -38.92 69.10
N ALA TB 118 61.37 -38.22 69.78
CA ALA TB 118 61.04 -38.54 71.15
C ALA TB 118 60.32 -39.87 71.27
N CYS TB 119 59.19 -39.95 70.58
CA CYS TB 119 58.26 -41.09 70.74
C CYS TB 119 58.82 -42.38 70.21
N TYR TB 120 59.67 -42.27 69.20
CA TYR TB 120 60.52 -43.38 68.84
C TYR TB 120 61.40 -43.77 70.02
N GLY TB 121 62.10 -42.80 70.60
CA GLY TB 121 62.91 -43.01 71.82
C GLY TB 121 62.17 -43.78 72.92
N VAL TB 122 60.87 -43.49 73.05
CA VAL TB 122 59.96 -44.25 73.92
C VAL TB 122 59.67 -45.64 73.36
N LEU TB 123 59.14 -45.66 72.14
CA LEU TB 123 58.68 -46.87 71.47
C LEU TB 123 59.80 -47.89 71.28
N ARG TB 124 60.95 -47.41 70.84
CA ARG TB 124 62.20 -48.16 70.87
C ARG TB 124 62.36 -48.80 72.24
N PHE TB 125 62.38 -47.97 73.28
CA PHE TB 125 62.66 -48.46 74.64
C PHE TB 125 61.70 -49.57 75.05
N ILE TB 126 60.41 -49.26 75.07
CA ILE TB 126 59.36 -50.19 75.58
C ILE TB 126 59.35 -51.57 74.91
N MET TB 127 59.74 -51.60 73.64
CA MET TB 127 59.94 -52.86 72.93
C MET TB 127 61.21 -53.54 73.41
N GLU TB 128 62.31 -52.79 73.38
CA GLU TB 128 63.61 -53.31 73.81
C GLU TB 128 63.60 -53.80 75.26
N SER TB 129 62.81 -53.13 76.09
CA SER TB 129 62.57 -53.55 77.46
C SER TB 129 62.14 -54.99 77.54
N GLY TB 130 61.16 -55.34 76.73
CA GLY TB 130 60.63 -56.69 76.68
C GLY TB 130 59.13 -56.67 76.57
N ALA TB 131 58.64 -56.22 75.41
CA ALA TB 131 57.22 -56.14 75.11
C ALA TB 131 56.84 -57.01 73.93
N LYS TB 132 55.64 -57.55 73.98
CA LYS TB 132 55.07 -58.30 72.87
C LYS TB 132 54.80 -57.34 71.71
N GLY TB 133 54.42 -56.12 72.07
CA GLY TB 133 54.22 -55.05 71.10
C GLY TB 133 53.73 -53.81 71.81
N CYS TB 134 53.51 -52.75 71.06
CA CYS TB 134 53.20 -51.45 71.65
C CYS TB 134 52.76 -50.46 70.61
N GLU TB 135 52.09 -49.41 71.07
CA GLU TB 135 51.82 -48.28 70.22
C GLU TB 135 51.69 -47.02 71.00
N VAL TB 136 51.90 -45.93 70.29
CA VAL TB 136 51.88 -44.60 70.84
C VAL TB 136 51.10 -43.75 69.85
N VAL TB 137 50.25 -42.87 70.37
CA VAL TB 137 49.50 -41.93 69.55
C VAL TB 137 49.72 -40.55 70.10
N VAL TB 138 50.08 -39.61 69.22
CA VAL TB 138 50.23 -38.22 69.64
C VAL TB 138 49.28 -37.33 68.86
N SER TB 139 48.01 -37.41 69.25
CA SER TB 139 46.97 -36.53 68.70
C SER TB 139 47.23 -35.09 69.14
N GLY TB 140 46.66 -34.15 68.37
CA GLY TB 140 46.70 -32.72 68.67
C GLY TB 140 47.49 -31.91 67.67
N LYS TB 141 47.29 -30.59 67.72
CA LYS TB 141 47.97 -29.64 66.83
C LYS TB 141 49.50 -29.73 66.92
N LEU TB 142 50.13 -29.73 65.75
CA LEU TB 142 51.49 -30.19 65.61
C LEU TB 142 52.19 -29.40 64.50
N ARG TB 143 52.69 -28.22 64.89
CA ARG TB 143 53.34 -27.24 63.99
C ARG TB 143 52.44 -26.87 62.81
N GLY TB 144 51.22 -26.45 63.15
CA GLY TB 144 50.22 -26.07 62.18
C GLY TB 144 48.93 -25.74 62.91
N GLN TB 145 48.24 -24.71 62.43
CA GLN TB 145 46.93 -24.32 62.97
C GLN TB 145 45.86 -25.44 63.00
N ARG TB 146 46.08 -26.48 62.20
CA ARG TB 146 45.19 -27.64 62.14
C ARG TB 146 45.70 -28.77 63.04
N ALA TB 147 44.78 -29.60 63.54
CA ALA TB 147 45.10 -30.79 64.34
C ALA TB 147 45.39 -32.02 63.49
N LYS TB 148 46.55 -32.61 63.70
CA LYS TB 148 46.92 -33.89 63.09
C LYS TB 148 46.68 -34.96 64.13
N SER TB 149 47.01 -36.19 63.76
CA SER TB 149 47.02 -37.31 64.69
C SER TB 149 48.02 -38.33 64.18
N MET TB 150 49.02 -38.60 65.01
CA MET TB 150 50.19 -39.35 64.64
C MET TB 150 50.17 -40.69 65.40
N LYS TB 151 50.56 -41.80 64.75
CA LYS TB 151 50.48 -43.13 65.37
C LYS TB 151 51.59 -44.08 64.91
N PHE TB 152 52.57 -44.34 65.80
CA PHE TB 152 53.82 -45.08 65.44
C PHE TB 152 53.67 -46.33 66.34
N VAL TB 153 53.79 -47.47 65.68
CA VAL TB 153 53.29 -48.75 66.16
C VAL TB 153 54.38 -49.76 65.95
N ASP TB 154 54.41 -50.79 66.78
CA ASP TB 154 55.41 -51.84 66.65
C ASP TB 154 55.04 -53.13 67.40
N GLY TB 155 55.28 -54.27 66.74
CA GLY TB 155 55.09 -55.58 67.33
C GLY TB 155 53.65 -56.04 67.22
N LEU TB 156 53.22 -56.81 68.21
CA LEU TB 156 51.86 -57.36 68.25
C LEU TB 156 50.92 -56.56 69.17
N MET TB 157 49.61 -56.64 68.91
CA MET TB 157 48.62 -55.95 69.74
C MET TB 157 47.22 -56.51 69.51
N ILE TB 158 46.53 -56.96 70.58
CA ILE TB 158 45.12 -57.39 70.45
C ILE TB 158 44.19 -56.24 70.75
N HIS TB 159 43.15 -56.14 69.93
CA HIS TB 159 42.34 -54.96 69.89
C HIS TB 159 40.83 -55.16 70.16
N SER TB 160 40.55 -56.21 70.95
CA SER TB 160 39.19 -56.70 71.26
C SER TB 160 39.23 -57.86 72.26
N GLY TB 161 38.07 -58.16 72.83
CA GLY TB 161 37.91 -59.27 73.78
C GLY TB 161 37.92 -58.87 75.24
N ASP TB 162 37.62 -59.81 76.15
CA ASP TB 162 38.06 -59.63 77.53
C ASP TB 162 39.61 -59.57 77.53
N PRO TB 163 40.30 -60.52 76.89
CA PRO TB 163 41.76 -60.57 76.88
C PRO TB 163 42.47 -59.25 77.04
N VAL TB 164 42.04 -58.26 76.26
CA VAL TB 164 42.56 -56.89 76.33
C VAL TB 164 42.70 -56.37 77.75
N ASN TB 165 41.69 -56.66 78.58
CA ASN TB 165 41.53 -56.09 79.91
C ASN TB 165 42.69 -56.34 80.89
N TYR TB 166 43.42 -57.44 80.71
CA TYR TB 166 44.46 -57.88 81.66
C TYR TB 166 45.78 -58.14 80.97
N TYR TB 167 45.99 -57.46 79.85
CA TYR TB 167 47.09 -57.74 78.95
C TYR TB 167 47.69 -56.48 78.39
N VAL TB 168 46.84 -55.62 77.85
CA VAL TB 168 47.30 -54.31 77.46
C VAL TB 168 47.38 -53.43 78.71
N ASP TB 169 48.18 -52.39 78.57
CA ASP TB 169 48.50 -51.48 79.65
C ASP TB 169 48.26 -50.14 79.00
N THR TB 170 47.02 -49.72 79.05
CA THR TB 170 46.62 -48.48 78.43
C THR TB 170 46.97 -47.35 79.36
N ALA TB 171 47.18 -46.18 78.77
CA ALA TB 171 47.57 -45.02 79.52
C ALA TB 171 47.42 -43.78 78.67
N VAL TB 172 46.52 -42.92 79.10
CA VAL TB 172 46.35 -41.62 78.50
C VAL TB 172 46.94 -40.60 79.44
N ARG TB 173 47.64 -39.64 78.86
CA ARG TB 173 48.15 -38.49 79.58
C ARG TB 173 48.04 -37.37 78.59
N HIS TB 174 47.64 -36.20 79.04
CA HIS TB 174 47.66 -35.03 78.17
C HIS TB 174 49.12 -34.60 77.95
N VAL TB 175 49.32 -33.40 77.40
CA VAL TB 175 50.51 -32.59 77.67
C VAL TB 175 50.23 -31.12 77.34
N LEU TB 176 50.45 -30.24 78.31
CA LEU TB 176 50.13 -28.83 78.16
C LEU TB 176 51.37 -28.08 77.71
N LEU TB 177 51.38 -27.58 76.46
CA LEU TB 177 52.56 -26.89 75.94
C LEU TB 177 52.36 -25.40 75.66
N ARG TB 178 53.49 -24.67 75.61
CA ARG TB 178 53.61 -23.22 75.20
C ARG TB 178 52.69 -22.78 74.06
N GLN TB 179 52.33 -23.73 73.20
CA GLN TB 179 51.17 -23.57 72.34
C GLN TB 179 49.92 -24.05 73.10
N GLY TB 180 49.56 -25.33 72.96
CA GLY TB 180 48.23 -25.86 73.31
C GLY TB 180 48.34 -27.24 73.92
N VAL TB 181 47.43 -28.16 73.54
CA VAL TB 181 47.39 -29.47 74.19
C VAL TB 181 47.39 -30.65 73.23
N LEU TB 182 48.38 -31.54 73.42
CA LEU TB 182 48.44 -32.84 72.74
C LEU TB 182 47.94 -33.90 73.70
N GLY TB 183 47.60 -35.05 73.11
CA GLY TB 183 47.36 -36.25 73.85
C GLY TB 183 48.47 -37.23 73.59
N ILE TB 184 48.95 -37.85 74.65
CA ILE TB 184 49.71 -39.06 74.52
C ILE TB 184 48.66 -40.16 74.68
N LYS TB 185 48.87 -41.28 74.01
CA LYS TB 185 48.25 -42.54 74.41
C LYS TB 185 49.33 -43.56 74.27
N VAL TB 186 49.82 -44.09 75.38
CA VAL TB 186 50.67 -45.26 75.30
C VAL TB 186 49.77 -46.45 75.56
N LYS TB 187 49.96 -47.47 74.74
CA LYS TB 187 49.24 -48.70 74.88
C LYS TB 187 50.24 -49.81 74.60
N ILE TB 188 50.71 -50.45 75.68
CA ILE TB 188 51.71 -51.52 75.59
C ILE TB 188 50.98 -52.86 75.67
N MET TB 189 51.56 -53.86 75.02
CA MET TB 189 51.09 -55.23 75.10
C MET TB 189 52.09 -55.97 75.96
N LEU TB 190 51.59 -56.66 76.98
CA LEU TB 190 52.47 -57.40 77.88
C LEU TB 190 52.73 -58.83 77.37
N PRO TB 191 54.02 -59.24 77.28
CA PRO TB 191 54.37 -60.60 76.91
C PRO TB 191 54.57 -61.47 78.14
N TRP TB 192 53.70 -61.29 79.13
CA TRP TB 192 53.68 -62.15 80.31
C TRP TB 192 52.92 -63.46 79.91
N ASP TB 193 52.27 -63.42 78.75
CA ASP TB 193 51.83 -64.61 77.99
C ASP TB 193 52.92 -65.69 77.90
N PRO TB 194 54.14 -65.33 77.44
CA PRO TB 194 55.24 -66.27 77.61
C PRO TB 194 55.45 -66.74 79.06
N THR TB 195 55.79 -65.82 79.96
CA THR TB 195 56.14 -66.17 81.35
C THR TB 195 55.91 -64.97 82.27
N GLY TB 196 54.69 -64.84 82.77
CA GLY TB 196 54.40 -63.99 83.93
C GLY TB 196 55.39 -64.31 85.02
N LYS TB 197 54.94 -65.20 85.86
CA LYS TB 197 55.75 -66.30 86.31
C LYS TB 197 54.81 -67.45 86.01
N ILE TB 198 53.62 -67.37 86.61
CA ILE TB 198 52.39 -67.93 86.04
C ILE TB 198 51.56 -66.78 85.44
N GLY TB 199 51.98 -66.33 84.26
CA GLY TB 199 51.25 -65.32 83.48
C GLY TB 199 49.74 -65.50 83.49
N PRO TB 200 48.98 -64.44 83.83
CA PRO TB 200 47.55 -64.68 84.10
C PRO TB 200 46.86 -65.28 82.88
N LYS TB 201 46.25 -66.46 83.04
CA LYS TB 201 45.83 -67.33 81.91
C LYS TB 201 47.01 -67.80 81.05
N LYS TB 202 47.91 -66.86 80.72
CA LYS TB 202 49.03 -67.01 79.80
C LYS TB 202 48.47 -67.09 78.39
N PRO TB 203 47.98 -68.26 77.94
CA PRO TB 203 47.33 -68.11 76.66
C PRO TB 203 46.34 -66.94 76.53
N LEU TB 204 46.63 -66.10 75.55
CA LEU TB 204 45.60 -65.53 74.71
C LEU TB 204 44.80 -66.75 74.28
N PRO TB 205 43.53 -66.81 74.65
CA PRO TB 205 42.75 -68.02 74.40
C PRO TB 205 42.82 -68.65 73.00
N ASP TB 206 43.09 -67.84 71.96
CA ASP TB 206 43.33 -68.37 70.60
C ASP TB 206 44.44 -69.44 70.64
N HIS TB 207 45.50 -69.11 71.37
CA HIS TB 207 46.80 -69.80 71.36
C HIS TB 207 46.79 -71.07 72.24
N VAL TB 208 47.00 -72.20 71.56
CA VAL TB 208 47.15 -73.54 72.15
C VAL TB 208 48.61 -73.97 71.99
N SER TB 209 49.19 -74.61 73.01
CA SER TB 209 50.57 -75.16 72.94
C SER TB 209 50.59 -76.68 73.10
N ILE TB 210 50.72 -77.38 71.98
CA ILE TB 210 50.69 -78.83 71.93
C ILE TB 210 52.11 -79.29 72.28
N VAL TB 211 52.28 -79.92 73.46
CA VAL TB 211 53.56 -80.56 73.82
C VAL TB 211 53.78 -81.83 72.99
N GLU TB 212 55.01 -82.04 72.53
CA GLU TB 212 55.28 -82.92 71.38
C GLU TB 212 55.63 -84.36 71.79
N PRO TB 213 55.51 -85.35 70.85
CA PRO TB 213 55.61 -86.79 71.15
C PRO TB 213 56.67 -87.16 72.19
N LYS TB 214 57.80 -86.45 72.16
CA LYS TB 214 58.84 -86.52 73.19
C LYS TB 214 59.63 -87.84 73.14
N ASP TB 215 58.95 -88.95 73.39
CA ASP TB 215 59.57 -90.27 73.33
C ASP TB 215 58.97 -91.16 72.22
N GLU TB 216 57.93 -91.95 72.51
CA GLU TB 216 57.26 -92.87 71.57
C GLU TB 216 58.21 -93.61 70.58
N ILE TB 217 59.29 -94.17 71.14
CA ILE TB 217 60.25 -94.99 70.38
C ILE TB 217 59.88 -96.47 70.57
N LEU TB 218 60.31 -97.31 69.62
CA LEU TB 218 60.28 -98.77 69.73
C LEU TB 218 58.89 -99.41 69.49
N PRO TB 219 58.75 -100.13 68.35
CA PRO TB 219 57.77 -101.22 68.27
C PRO TB 219 58.40 -102.53 68.80
N THR TB 220 59.42 -103.04 68.10
CA THR TB 220 60.21 -104.25 68.48
C THR TB 220 59.45 -105.57 68.65
N THR TB 221 60.21 -106.66 68.80
CA THR TB 221 59.67 -107.93 69.30
C THR TB 221 59.31 -107.75 70.78
N PRO TB 222 58.45 -108.65 71.34
CA PRO TB 222 57.89 -108.42 72.68
C PRO TB 222 58.85 -108.22 73.89
N ILE TB 223 59.61 -109.25 74.29
CA ILE TB 223 60.48 -109.21 75.49
C ILE TB 223 59.68 -109.01 76.80
N SER TB 224 60.31 -109.30 77.94
CA SER TB 224 59.84 -108.84 79.26
C SER TB 224 61.02 -108.43 80.17
N GLU TB 225 60.71 -108.09 81.43
CA GLU TB 225 61.72 -107.73 82.43
C GLU TB 225 61.16 -107.98 83.86
N GLN TB 226 62.02 -107.93 84.87
CA GLN TB 226 61.65 -108.20 86.29
C GLN TB 226 62.45 -107.32 87.27
N LYS TB 227 61.77 -106.82 88.32
CA LYS TB 227 62.35 -105.88 89.28
C LYS TB 227 61.75 -106.01 90.68
N THR UB 1 -12.11 -91.64 81.31
CA THR UB 1 -11.03 -90.83 80.65
C THR UB 1 -9.58 -91.42 80.68
N PRO UB 2 -9.24 -92.28 81.68
CA PRO UB 2 -8.03 -93.12 81.47
C PRO UB 2 -8.16 -94.13 80.31
N ASP UB 3 -9.38 -94.59 80.03
CA ASP UB 3 -9.70 -95.41 78.86
C ASP UB 3 -9.28 -94.71 77.56
N ILE UB 4 -9.63 -93.42 77.47
CA ILE UB 4 -9.44 -92.61 76.26
C ILE UB 4 -9.35 -91.13 76.59
N LYS UB 5 -8.41 -90.42 75.95
CA LYS UB 5 -8.14 -89.00 76.23
C LYS UB 5 -9.12 -88.07 75.52
N LEU UB 6 -10.18 -87.69 76.24
CA LEU UB 6 -11.24 -86.81 75.73
C LEU UB 6 -10.82 -85.33 76.00
N PHE UB 7 -11.76 -84.42 76.27
CA PHE UB 7 -11.59 -82.96 76.00
C PHE UB 7 -12.52 -82.06 76.80
N GLY UB 8 -12.22 -81.93 78.09
CA GLY UB 8 -13.21 -81.45 79.05
C GLY UB 8 -14.37 -82.42 79.09
N LYS UB 9 -15.23 -82.35 78.07
CA LYS UB 9 -16.43 -83.19 77.98
C LYS UB 9 -16.56 -83.98 76.68
N TRP UB 10 -15.57 -83.89 75.81
CA TRP UB 10 -15.76 -84.00 74.37
C TRP UB 10 -14.99 -85.15 73.71
N SER UB 11 -15.66 -85.80 72.76
CA SER UB 11 -15.04 -86.84 71.94
C SER UB 11 -14.17 -86.18 70.88
N THR UB 12 -12.90 -86.58 70.84
CA THR UB 12 -12.02 -86.30 69.71
C THR UB 12 -11.86 -87.54 68.81
N ASP UB 13 -12.12 -88.75 69.35
CA ASP UB 13 -12.31 -89.94 68.50
C ASP UB 13 -13.64 -89.81 67.76
N ASP UB 14 -13.77 -90.60 66.70
CA ASP UB 14 -14.84 -90.44 65.71
C ASP UB 14 -14.77 -89.06 65.05
N VAL UB 15 -13.53 -88.60 64.81
CA VAL UB 15 -13.25 -87.39 64.07
C VAL UB 15 -12.27 -87.70 62.95
N GLN UB 16 -12.62 -87.29 61.73
CA GLN UB 16 -11.89 -87.64 60.52
C GLN UB 16 -11.63 -86.38 59.69
N ILE UB 17 -10.43 -86.31 59.11
CA ILE UB 17 -10.02 -85.16 58.29
C ILE UB 17 -10.58 -85.38 56.88
N ASN UB 18 -11.64 -84.66 56.55
CA ASN UB 18 -12.46 -84.97 55.35
C ASN UB 18 -11.99 -84.41 53.99
N ASP UB 19 -10.69 -84.14 53.85
CA ASP UB 19 -10.06 -83.83 52.55
C ASP UB 19 -8.54 -84.00 52.68
N ILE UB 20 -8.00 -84.98 51.97
CA ILE UB 20 -6.55 -85.23 52.01
C ILE UB 20 -5.78 -84.05 51.41
N SER UB 21 -4.65 -83.74 52.04
CA SER UB 21 -3.83 -82.51 51.86
C SER UB 21 -3.77 -81.82 53.22
N LEU UB 22 -4.94 -81.48 53.74
CA LEU UB 22 -5.08 -80.91 55.07
C LEU UB 22 -4.78 -81.95 56.16
N GLN UB 23 -5.20 -83.20 55.91
CA GLN UB 23 -4.73 -84.36 56.65
C GLN UB 23 -3.20 -84.31 56.79
N ASP UB 24 -2.70 -84.72 57.95
CA ASP UB 24 -1.27 -84.57 58.37
C ASP UB 24 -0.90 -83.11 58.77
N TYR UB 25 -1.68 -82.10 58.34
CA TYR UB 25 -1.53 -80.72 58.84
C TYR UB 25 -2.53 -80.28 59.90
N ILE UB 26 -3.72 -80.86 59.87
CA ILE UB 26 -4.69 -80.68 60.95
C ILE UB 26 -4.48 -81.77 62.01
N ALA UB 27 -3.91 -81.37 63.15
CA ALA UB 27 -3.56 -82.29 64.24
C ALA UB 27 -4.65 -82.31 65.30
N VAL UB 28 -5.86 -82.64 64.86
CA VAL UB 28 -6.98 -82.95 65.74
C VAL UB 28 -6.64 -84.11 66.71
N LYS UB 29 -6.00 -85.16 66.21
CA LYS UB 29 -5.42 -86.25 67.03
C LYS UB 29 -4.49 -87.16 66.20
N GLU UB 30 -3.17 -87.01 66.40
CA GLU UB 30 -2.15 -87.95 65.89
C GLU UB 30 -2.58 -89.32 66.47
N LYS UB 31 -2.19 -89.57 67.72
CA LYS UB 31 -3.08 -90.14 68.72
C LYS UB 31 -3.48 -88.96 69.64
N TYR UB 32 -2.87 -87.80 69.42
CA TYR UB 32 -2.76 -86.71 70.39
C TYR UB 32 -3.90 -85.70 70.25
N ALA UB 33 -5.04 -86.10 70.80
CA ALA UB 33 -6.14 -85.20 71.10
C ALA UB 33 -5.88 -84.60 72.47
N LYS UB 34 -5.36 -83.38 72.51
CA LYS UB 34 -5.15 -82.70 73.79
C LYS UB 34 -6.49 -82.42 74.41
N TYR UB 35 -6.55 -82.42 75.73
CA TYR UB 35 -7.78 -82.08 76.45
C TYR UB 35 -8.15 -80.59 76.35
N LEU UB 36 -7.15 -79.75 76.61
CA LEU UB 36 -7.31 -78.31 76.71
C LEU UB 36 -6.78 -77.59 75.47
N PRO UB 37 -7.20 -76.33 75.28
CA PRO UB 37 -6.46 -75.49 74.38
C PRO UB 37 -5.42 -74.56 75.03
N HIS UB 38 -5.27 -74.45 76.38
CA HIS UB 38 -3.96 -73.92 76.84
C HIS UB 38 -2.89 -75.05 76.58
N SER UB 39 -1.70 -74.67 76.10
CA SER UB 39 -0.49 -75.55 76.10
C SER UB 39 0.79 -74.73 76.14
N ALA UB 40 1.79 -75.20 76.88
CA ALA UB 40 3.11 -74.56 76.93
C ALA UB 40 3.44 -73.98 75.57
N GLY UB 41 3.46 -74.84 74.56
CA GLY UB 41 3.65 -74.43 73.18
C GLY UB 41 5.08 -74.07 72.86
N ARG UB 42 5.59 -74.59 71.76
CA ARG UB 42 6.77 -74.02 71.10
C ARG UB 42 6.81 -74.57 69.69
N TYR UB 43 5.69 -74.31 69.00
CA TYR UB 43 5.46 -74.77 67.63
C TYR UB 43 5.85 -73.63 66.65
N ALA UB 44 6.30 -72.50 67.22
CA ALA UB 44 6.89 -71.38 66.48
C ALA UB 44 8.43 -71.42 66.44
N ALA UB 45 9.04 -72.54 66.81
CA ALA UB 45 10.49 -72.68 66.82
C ALA UB 45 11.03 -73.11 65.44
N LYS UB 46 10.63 -74.31 65.00
CA LYS UB 46 10.93 -74.79 63.65
C LYS UB 46 9.71 -74.51 62.77
N ARG UB 47 9.79 -74.87 61.49
CA ARG UB 47 8.83 -74.43 60.48
C ARG UB 47 7.58 -75.31 60.25
N PHE UB 48 7.74 -76.61 60.13
CA PHE UB 48 6.59 -77.50 59.85
C PHE UB 48 6.15 -78.28 61.10
N ARG UB 49 6.77 -77.94 62.23
CA ARG UB 49 6.23 -78.28 63.53
C ARG UB 49 4.96 -77.45 63.81
N LYS UB 50 4.82 -76.28 63.15
CA LYS UB 50 3.63 -75.40 63.33
C LYS UB 50 2.28 -76.08 63.09
N ALA UB 51 2.25 -77.02 62.16
CA ALA UB 51 1.06 -77.81 61.85
C ALA UB 51 0.68 -78.79 62.97
N GLN UB 52 1.68 -79.47 63.54
CA GLN UB 52 1.48 -80.49 64.59
C GLN UB 52 0.80 -79.95 65.88
N CYS UB 53 0.80 -78.63 66.05
CA CYS UB 53 -0.04 -77.95 67.04
C CYS UB 53 -1.53 -78.05 66.72
N PRO UB 54 -2.36 -78.47 67.71
CA PRO UB 54 -3.78 -78.76 67.42
C PRO UB 54 -4.62 -77.56 67.00
N ILE UB 55 -5.12 -77.63 65.76
CA ILE UB 55 -6.16 -76.74 65.19
C ILE UB 55 -7.10 -76.03 66.14
N VAL UB 56 -7.39 -76.65 67.28
CA VAL UB 56 -8.24 -76.05 68.31
C VAL UB 56 -7.52 -74.93 69.05
N GLU UB 57 -6.37 -75.27 69.63
CA GLU UB 57 -5.54 -74.33 70.39
C GLU UB 57 -4.95 -73.29 69.47
N ARG UB 58 -4.42 -73.76 68.37
CA ARG UB 58 -4.02 -72.92 67.25
C ARG UB 58 -5.07 -71.85 66.89
N LEU UB 59 -6.36 -72.13 67.14
CA LEU UB 59 -7.46 -71.16 66.99
C LEU UB 59 -7.67 -70.23 68.17
N THR UB 60 -7.49 -70.75 69.39
CA THR UB 60 -7.51 -69.88 70.56
C THR UB 60 -6.46 -68.78 70.42
N ASN UB 61 -5.22 -69.16 70.10
CA ASN UB 61 -4.13 -68.18 69.88
C ASN UB 61 -4.49 -67.16 68.82
N SER UB 62 -5.04 -67.68 67.71
CA SER UB 62 -5.52 -66.87 66.60
C SER UB 62 -6.72 -66.00 66.96
N MET UB 63 -7.27 -66.21 68.15
CA MET UB 63 -8.41 -65.46 68.64
C MET UB 63 -7.99 -64.39 69.64
N MET UB 64 -6.96 -64.63 70.46
CA MET UB 64 -6.52 -63.62 71.46
C MET UB 64 -5.71 -62.48 70.87
N MET UB 65 -6.11 -62.05 69.68
CA MET UB 65 -5.37 -61.04 68.97
C MET UB 65 -6.12 -59.75 69.20
N HIS UB 66 -5.66 -58.73 68.50
CA HIS UB 66 -6.15 -57.37 68.57
C HIS UB 66 -5.69 -56.61 69.81
N GLY UB 67 -5.24 -55.38 69.59
CA GLY UB 67 -4.40 -54.62 70.52
C GLY UB 67 -4.58 -54.68 72.03
N ARG UB 68 -5.84 -54.71 72.48
CA ARG UB 68 -6.19 -54.64 73.91
C ARG UB 68 -6.25 -56.00 74.60
N ASN UB 69 -5.91 -57.08 73.88
CA ASN UB 69 -6.16 -58.44 74.34
C ASN UB 69 -5.06 -59.45 74.02
N ASN UB 70 -3.83 -59.00 73.77
CA ASN UB 70 -2.79 -59.94 73.31
C ASN UB 70 -2.30 -60.71 74.53
N GLY UB 71 -2.12 -62.01 74.36
CA GLY UB 71 -1.68 -62.86 75.46
C GLY UB 71 -2.67 -63.09 76.58
N LYS UB 72 -3.95 -63.06 76.23
CA LYS UB 72 -5.00 -63.44 77.15
C LYS UB 72 -5.59 -64.77 76.68
N LYS UB 73 -4.77 -65.81 76.76
CA LYS UB 73 -5.20 -67.13 76.32
C LYS UB 73 -6.10 -67.77 77.36
N LEU UB 74 -5.84 -67.54 78.64
CA LEU UB 74 -6.80 -67.89 79.69
C LEU UB 74 -8.19 -67.45 79.27
N MET UB 75 -8.27 -66.19 78.82
CA MET UB 75 -9.52 -65.58 78.42
C MET UB 75 -10.14 -66.36 77.26
N THR UB 76 -9.46 -66.36 76.13
CA THR UB 76 -10.04 -66.94 74.93
C THR UB 76 -10.24 -68.46 75.01
N VAL UB 77 -9.41 -69.15 75.80
CA VAL UB 77 -9.61 -70.58 76.02
C VAL UB 77 -11.01 -70.81 76.56
N ARG UB 78 -11.54 -69.85 77.30
CA ARG UB 78 -12.95 -69.94 77.60
C ARG UB 78 -13.72 -69.87 76.33
N ILE UB 79 -13.69 -68.72 75.66
CA ILE UB 79 -14.46 -68.55 74.43
C ILE UB 79 -14.59 -69.84 73.61
N VAL UB 80 -13.48 -70.53 73.37
CA VAL UB 80 -13.46 -71.67 72.46
C VAL UB 80 -13.94 -73.00 73.08
N LYS UB 81 -13.54 -73.33 74.32
CA LYS UB 81 -14.20 -74.43 75.08
C LYS UB 81 -15.60 -73.98 75.55
N HIS UB 82 -15.90 -72.70 75.35
CA HIS UB 82 -17.24 -72.14 75.53
C HIS UB 82 -18.11 -72.09 74.24
N ALA UB 83 -17.47 -71.92 73.09
CA ALA UB 83 -18.15 -71.89 71.80
C ALA UB 83 -18.65 -73.25 71.42
N PHE UB 84 -17.77 -74.26 71.50
CA PHE UB 84 -18.11 -75.57 70.99
C PHE UB 84 -19.38 -76.12 71.65
N GLU UB 85 -19.55 -75.84 72.95
CA GLU UB 85 -20.77 -76.22 73.67
C GLU UB 85 -22.06 -75.62 73.11
N ILE UB 86 -21.96 -74.65 72.20
CA ILE UB 86 -23.10 -74.16 71.38
C ILE UB 86 -23.36 -75.00 70.13
N ILE UB 87 -22.31 -75.30 69.38
CA ILE UB 87 -22.42 -76.01 68.10
C ILE UB 87 -23.20 -77.34 68.24
N HIS UB 88 -22.67 -78.24 69.09
CA HIS UB 88 -23.28 -79.54 69.48
C HIS UB 88 -24.76 -79.42 69.83
N LEU UB 89 -25.18 -78.28 70.35
CA LEU UB 89 -26.61 -78.00 70.54
C LEU UB 89 -27.36 -77.81 69.21
N LEU UB 90 -26.78 -77.02 68.31
CA LEU UB 90 -27.37 -76.85 66.97
C LEU UB 90 -27.21 -78.11 66.08
N THR UB 91 -25.99 -78.43 65.69
CA THR UB 91 -25.71 -79.57 64.80
C THR UB 91 -25.96 -80.90 65.50
N GLY UB 92 -25.31 -81.09 66.64
CA GLY UB 92 -25.12 -82.41 67.22
C GLY UB 92 -23.78 -82.94 66.75
N GLU UB 93 -23.45 -84.17 67.17
CA GLU UB 93 -22.19 -84.82 66.87
C GLU UB 93 -21.02 -84.00 67.45
N ASN UB 94 -19.79 -84.48 67.25
CA ASN UB 94 -18.60 -83.73 67.66
C ASN UB 94 -18.60 -82.37 66.94
N PRO UB 95 -18.66 -81.25 67.69
CA PRO UB 95 -18.50 -79.93 67.06
C PRO UB 95 -17.05 -79.69 66.62
N LEU UB 96 -16.14 -80.54 67.07
CA LEU UB 96 -14.85 -80.70 66.43
C LEU UB 96 -14.95 -81.08 64.93
N GLN UB 97 -15.95 -81.89 64.51
CA GLN UB 97 -16.23 -82.05 63.04
C GLN UB 97 -16.63 -80.69 62.45
N VAL UB 98 -17.43 -79.92 63.17
CA VAL UB 98 -17.81 -78.60 62.69
C VAL UB 98 -16.63 -77.64 62.62
N LEU UB 99 -15.67 -77.77 63.53
CA LEU UB 99 -14.42 -77.02 63.42
C LEU UB 99 -13.59 -77.51 62.23
N VAL UB 100 -13.27 -78.81 62.21
CA VAL UB 100 -12.37 -79.36 61.18
C VAL UB 100 -12.97 -79.32 59.78
N ASN UB 101 -14.27 -79.55 59.63
CA ASN UB 101 -14.91 -79.48 58.30
C ASN UB 101 -15.38 -78.05 58.06
N ALA UB 102 -15.04 -77.12 58.97
CA ALA UB 102 -14.94 -75.70 58.60
C ALA UB 102 -13.59 -75.39 57.96
N ILE UB 103 -12.51 -75.40 58.72
CA ILE UB 103 -11.17 -75.03 58.21
C ILE UB 103 -10.90 -75.61 56.79
N ILE UB 104 -11.32 -76.85 56.54
CA ILE UB 104 -11.16 -77.50 55.22
C ILE UB 104 -11.86 -76.71 54.11
N ASN UB 105 -13.11 -76.35 54.33
CA ASN UB 105 -13.94 -75.66 53.32
C ASN UB 105 -14.27 -74.23 53.78
N SER UB 106 -13.50 -73.74 54.76
CA SER UB 106 -13.38 -72.33 55.11
C SER UB 106 -12.22 -71.75 54.34
N GLY UB 107 -11.12 -72.51 54.30
CA GLY UB 107 -9.95 -72.20 53.49
C GLY UB 107 -10.14 -72.73 52.06
N PRO UB 108 -9.60 -72.02 51.05
CA PRO UB 108 -9.76 -72.34 49.60
C PRO UB 108 -9.33 -73.74 49.08
N ARG UB 109 -8.99 -73.78 47.79
CA ARG UB 109 -8.12 -74.80 47.22
C ARG UB 109 -6.87 -74.23 46.54
N GLU UB 110 -6.95 -73.00 46.01
CA GLU UB 110 -5.79 -72.30 45.46
C GLU UB 110 -5.97 -70.77 45.52
N ASP UB 111 -4.87 -70.05 45.28
CA ASP UB 111 -4.78 -68.63 45.65
C ASP UB 111 -4.08 -67.73 44.62
N SER UB 112 -4.10 -66.42 44.92
CA SER UB 112 -3.57 -65.37 44.04
C SER UB 112 -2.33 -64.68 44.62
N THR UB 113 -1.14 -65.13 44.21
CA THR UB 113 0.14 -64.54 44.69
C THR UB 113 0.56 -63.34 43.86
N ARG UB 114 1.15 -62.35 44.53
CA ARG UB 114 1.66 -61.17 43.84
C ARG UB 114 3.08 -61.40 43.38
N ILE UB 115 3.23 -61.45 42.06
CA ILE UB 115 4.52 -61.36 41.39
C ILE UB 115 4.78 -59.85 41.15
N GLY UB 116 6.00 -59.49 40.77
CA GLY UB 116 6.37 -58.09 40.49
C GLY UB 116 5.76 -57.60 39.18
N ARG UB 117 5.90 -58.42 38.13
CA ARG UB 117 5.22 -58.25 36.83
C ARG UB 117 5.47 -56.85 36.19
N ALA UB 118 6.72 -56.39 36.28
CA ALA UB 118 7.20 -55.10 35.71
C ALA UB 118 6.66 -53.84 36.42
N GLY UB 119 5.35 -53.59 36.32
CA GLY UB 119 4.71 -52.40 36.92
C GLY UB 119 3.24 -52.62 37.28
N THR UB 120 2.43 -52.96 36.28
CA THR UB 120 1.04 -53.39 36.50
C THR UB 120 1.07 -54.82 37.05
N VAL UB 121 0.64 -54.97 38.31
CA VAL UB 121 0.91 -56.17 39.09
C VAL UB 121 -0.12 -57.27 38.85
N ARG UB 122 0.09 -58.05 37.79
CA ARG UB 122 -0.80 -59.18 37.51
C ARG UB 122 -0.42 -60.34 38.39
N ARG UB 123 -1.19 -60.49 39.46
CA ARG UB 123 -1.08 -61.63 40.34
C ARG UB 123 -1.20 -62.91 39.53
N GLN UB 124 -0.59 -63.96 40.07
CA GLN UB 124 -0.49 -65.22 39.40
C GLN UB 124 -1.27 -66.24 40.21
N ALA UB 125 -1.97 -67.12 39.51
CA ALA UB 125 -2.56 -68.28 40.13
C ALA UB 125 -1.44 -69.15 40.65
N VAL UB 126 -1.46 -69.42 41.94
CA VAL UB 126 -0.67 -70.50 42.48
C VAL UB 126 -1.51 -71.29 43.45
N ASP UB 127 -1.23 -72.58 43.52
CA ASP UB 127 -1.75 -73.42 44.58
C ASP UB 127 -1.09 -72.93 45.87
N VAL UB 128 -1.47 -73.50 47.00
CA VAL UB 128 -0.81 -73.17 48.26
C VAL UB 128 -0.50 -74.44 49.02
N SER UB 129 0.56 -74.37 49.83
CA SER UB 129 0.72 -75.32 50.88
C SER UB 129 -0.40 -74.97 51.83
N PRO UB 130 -1.14 -76.00 52.27
CA PRO UB 130 -2.13 -75.74 53.31
C PRO UB 130 -1.51 -74.97 54.47
N LEU UB 131 -1.57 -73.67 54.31
CA LEU UB 131 -1.02 -72.77 55.27
C LEU UB 131 -1.67 -71.42 55.01
N ARG UB 132 -1.37 -70.76 53.89
CA ARG UB 132 -2.01 -69.46 53.62
C ARG UB 132 -3.53 -69.64 53.53
N ARG UB 133 -4.02 -70.75 52.99
CA ARG UB 133 -5.46 -71.09 53.11
C ARG UB 133 -5.85 -71.26 54.58
N VAL UB 134 -5.12 -72.13 55.29
CA VAL UB 134 -5.46 -72.52 56.67
C VAL UB 134 -5.49 -71.31 57.58
N ASN UB 135 -4.40 -70.57 57.54
CA ASN UB 135 -4.23 -69.35 58.32
C ASN UB 135 -5.21 -68.25 57.96
N GLN UB 136 -5.27 -67.86 56.68
CA GLN UB 136 -6.23 -66.83 56.26
C GLN UB 136 -7.63 -67.24 56.72
N ALA UB 137 -8.05 -68.46 56.36
CA ALA UB 137 -9.31 -69.01 56.86
C ALA UB 137 -9.44 -68.78 58.35
N ILE UB 138 -8.40 -69.14 59.09
CA ILE UB 138 -8.42 -68.96 60.54
C ILE UB 138 -8.67 -67.53 61.01
N TRP UB 139 -8.00 -66.51 60.47
CA TRP UB 139 -8.36 -65.14 60.91
C TRP UB 139 -9.71 -64.80 60.35
N LEU UB 140 -9.87 -65.02 59.06
CA LEU UB 140 -11.05 -64.56 58.39
C LEU UB 140 -12.30 -64.90 59.19
N LEU UB 141 -12.36 -66.10 59.78
CA LEU UB 141 -13.46 -66.44 60.69
C LEU UB 141 -13.28 -65.81 62.09
N CYS UB 142 -12.06 -65.77 62.62
CA CYS UB 142 -11.78 -64.98 63.85
C CYS UB 142 -12.17 -63.51 63.66
N THR UB 143 -11.47 -62.82 62.76
CA THR UB 143 -11.85 -61.48 62.26
C THR UB 143 -13.34 -61.30 61.99
N GLY UB 144 -13.97 -62.29 61.36
CA GLY UB 144 -15.40 -62.26 61.07
C GLY UB 144 -16.24 -62.24 62.33
N ALA UB 145 -16.08 -63.28 63.15
CA ALA UB 145 -16.73 -63.36 64.46
C ALA UB 145 -16.40 -62.15 65.33
N ARG UB 146 -15.18 -61.65 65.18
CA ARG UB 146 -14.72 -60.47 65.88
C ARG UB 146 -15.46 -59.23 65.42
N GLU UB 147 -15.45 -59.01 64.11
CA GLU UB 147 -16.07 -57.84 63.49
C GLU UB 147 -17.59 -57.79 63.67
N ALA UB 148 -18.23 -58.94 63.56
CA ALA UB 148 -19.65 -59.06 63.87
C ALA UB 148 -19.95 -58.70 65.33
N ALA UB 149 -18.98 -58.93 66.22
CA ALA UB 149 -19.17 -58.75 67.65
C ALA UB 149 -18.55 -57.49 68.29
N PHE UB 150 -18.40 -56.39 67.55
CA PHE UB 150 -18.27 -55.10 68.25
C PHE UB 150 -19.68 -54.85 68.75
N ARG UB 151 -20.53 -54.25 67.92
CA ARG UB 151 -21.67 -53.47 68.43
C ARG UB 151 -23.04 -54.15 68.43
N ASN UB 152 -23.14 -55.44 68.04
CA ASN UB 152 -24.03 -56.27 68.83
C ASN UB 152 -23.22 -56.85 70.02
N ILE UB 153 -23.94 -57.08 71.11
CA ILE UB 153 -23.52 -57.83 72.29
C ILE UB 153 -23.37 -59.36 72.03
N LYS UB 154 -23.04 -59.78 70.81
CA LYS UB 154 -23.08 -61.20 70.50
C LYS UB 154 -21.89 -61.80 71.22
N THR UB 155 -22.08 -63.00 71.77
CA THR UB 155 -21.03 -63.64 72.53
C THR UB 155 -20.05 -64.12 71.49
N ILE UB 156 -18.78 -63.92 71.78
CA ILE UB 156 -17.75 -64.32 70.84
C ILE UB 156 -17.87 -65.83 70.63
N ALA UB 157 -18.21 -66.58 71.69
CA ALA UB 157 -18.53 -68.01 71.60
C ALA UB 157 -19.69 -68.29 70.63
N GLU UB 158 -20.73 -67.45 70.69
CA GLU UB 158 -21.86 -67.52 69.75
C GLU UB 158 -21.42 -67.08 68.35
N CYS UB 159 -20.73 -65.95 68.29
CA CYS UB 159 -20.37 -65.32 67.04
C CYS UB 159 -19.44 -66.21 66.24
N LEU UB 160 -18.46 -66.79 66.94
CA LEU UB 160 -17.58 -67.78 66.36
C LEU UB 160 -18.36 -69.07 65.98
N ALA UB 161 -19.25 -69.54 66.85
CA ALA UB 161 -20.08 -70.75 66.58
C ALA UB 161 -21.14 -70.57 65.49
N ASP UB 162 -21.40 -69.33 65.08
CA ASP UB 162 -22.04 -69.08 63.78
C ASP UB 162 -21.05 -69.48 62.70
N GLU UB 163 -19.94 -68.76 62.67
CA GLU UB 163 -18.93 -68.86 61.62
C GLU UB 163 -18.46 -70.28 61.39
N LEU UB 164 -18.16 -71.00 62.45
CA LEU UB 164 -17.70 -72.38 62.32
C LEU UB 164 -18.76 -73.34 61.70
N ILE UB 165 -20.06 -73.05 61.89
CA ILE UB 165 -21.15 -73.81 61.22
C ILE UB 165 -21.38 -73.30 59.80
N ASN UB 166 -21.36 -71.98 59.68
CA ASN UB 166 -21.50 -71.28 58.40
C ASN UB 166 -20.32 -71.48 57.45
N ALA UB 167 -19.21 -72.00 57.99
CA ALA UB 167 -18.08 -72.44 57.19
C ALA UB 167 -17.88 -73.96 57.17
N ALA UB 168 -18.36 -74.69 58.20
CA ALA UB 168 -18.36 -76.17 58.17
C ALA UB 168 -19.26 -76.68 57.07
N LYS UB 169 -20.43 -76.07 57.01
CA LYS UB 169 -21.28 -76.18 55.85
C LYS UB 169 -20.78 -75.12 54.88
N GLY UB 170 -20.67 -75.47 53.60
CA GLY UB 170 -20.41 -74.48 52.54
C GLY UB 170 -21.59 -73.55 52.44
N SER UB 171 -21.78 -72.79 53.51
CA SER UB 171 -23.06 -72.15 53.82
C SER UB 171 -23.15 -70.77 53.18
N SER UB 172 -22.00 -70.22 52.75
CA SER UB 172 -21.93 -68.90 52.13
C SER UB 172 -22.63 -67.81 52.95
N ASN UB 173 -22.46 -67.90 54.25
CA ASN UB 173 -23.20 -67.10 55.22
C ASN UB 173 -22.33 -66.56 56.38
N SER UB 174 -21.01 -66.59 56.21
CA SER UB 174 -20.01 -66.31 57.27
C SER UB 174 -19.15 -65.13 56.79
N TYR UB 175 -17.95 -65.00 57.37
CA TYR UB 175 -16.89 -64.15 56.82
C TYR UB 175 -15.78 -64.95 56.11
N ALA UB 176 -15.42 -66.11 56.65
CA ALA UB 176 -14.37 -66.99 56.08
C ALA UB 176 -14.69 -67.55 54.69
N ILE UB 177 -15.89 -68.10 54.56
CA ILE UB 177 -16.37 -68.69 53.30
C ILE UB 177 -16.75 -67.58 52.28
N LYS UB 178 -16.96 -66.34 52.75
CA LYS UB 178 -17.14 -65.17 51.86
C LYS UB 178 -15.87 -64.56 51.27
N LYS UB 179 -14.71 -64.85 51.84
CA LYS UB 179 -13.43 -64.45 51.24
C LYS UB 179 -12.71 -65.63 50.54
N LYS UB 180 -12.82 -66.84 51.10
CA LYS UB 180 -12.45 -68.10 50.42
C LYS UB 180 -12.99 -68.14 48.99
N ASP UB 181 -14.20 -67.60 48.82
CA ASP UB 181 -14.77 -67.31 47.50
C ASP UB 181 -13.82 -66.40 46.66
N GLU UB 182 -13.56 -65.20 47.14
CA GLU UB 182 -12.95 -64.12 46.36
C GLU UB 182 -11.49 -64.34 45.98
N LEU UB 183 -10.70 -64.91 46.88
CA LEU UB 183 -9.31 -65.14 46.57
C LEU UB 183 -9.30 -66.08 45.37
N GLU UB 184 -10.18 -67.07 45.40
CA GLU UB 184 -10.39 -67.94 44.25
C GLU UB 184 -10.93 -67.11 43.08
N ARG UB 185 -11.86 -66.21 43.37
CA ARG UB 185 -12.46 -65.38 42.33
C ARG UB 185 -11.45 -64.44 41.67
N VAL UB 186 -10.59 -63.84 42.49
CA VAL UB 186 -9.53 -62.98 41.97
C VAL UB 186 -8.56 -63.80 41.12
N ALA UB 187 -8.26 -65.00 41.59
CA ALA UB 187 -7.36 -65.90 40.89
C ALA UB 187 -7.91 -66.27 39.53
N LYS UB 188 -9.23 -66.52 39.49
CA LYS UB 188 -9.88 -66.90 38.24
C LYS UB 188 -9.74 -65.80 37.20
N SER UB 189 -9.88 -64.56 37.62
CA SER UB 189 -9.73 -63.42 36.72
C SER UB 189 -8.32 -63.37 36.15
N ASN UB 190 -7.34 -63.61 37.01
CA ASN UB 190 -5.95 -63.68 36.56
C ASN UB 190 -5.72 -64.83 35.60
N ARG UB 191 -6.35 -65.96 35.89
CA ARG UB 191 -6.27 -67.15 35.04
C ARG UB 191 -6.82 -68.37 35.77
N MET VB 1 50.41 -9.88 106.88
CA MET VB 1 50.39 -8.41 107.18
C MET VB 1 49.13 -7.77 106.58
N LEU VB 2 47.98 -8.32 106.95
CA LEU VB 2 46.76 -8.16 106.14
C LEU VB 2 45.50 -8.69 106.85
N MET VB 3 44.34 -8.26 106.35
CA MET VB 3 43.02 -8.87 106.66
C MET VB 3 42.67 -8.94 108.17
N PRO VB 4 41.60 -9.67 108.56
CA PRO VB 4 41.38 -10.00 109.97
C PRO VB 4 42.62 -10.54 110.73
N LYS VB 5 43.15 -9.71 111.63
CA LYS VB 5 44.47 -9.93 112.26
C LYS VB 5 44.48 -11.18 113.15
N LYS VB 6 43.49 -11.26 114.04
CA LYS VB 6 43.27 -12.40 114.95
C LYS VB 6 43.26 -13.74 114.23
N ASN VB 7 42.49 -13.81 113.14
CA ASN VB 7 42.33 -15.04 112.37
C ASN VB 7 43.59 -15.34 111.57
N ARG VB 8 44.08 -14.34 110.83
CA ARG VB 8 45.19 -14.55 109.90
C ARG VB 8 46.54 -14.75 110.60
N ILE VB 9 46.78 -14.05 111.72
CA ILE VB 9 47.97 -14.31 112.55
C ILE VB 9 47.99 -15.76 113.08
N ALA VB 10 46.82 -16.32 113.33
CA ALA VB 10 46.67 -17.70 113.74
C ALA VB 10 46.91 -18.69 112.58
N ILE VB 11 46.50 -18.32 111.37
CA ILE VB 11 46.72 -19.16 110.15
C ILE VB 11 48.20 -19.30 109.82
N TYR VB 12 48.95 -18.21 109.90
CA TYR VB 12 50.40 -18.25 109.76
C TYR VB 12 50.99 -19.27 110.73
N GLU VB 13 50.72 -19.06 112.02
CA GLU VB 13 51.32 -19.86 113.10
C GLU VB 13 50.82 -21.31 113.13
N LEU VB 14 49.64 -21.55 112.56
CA LEU VB 14 49.22 -22.92 112.23
C LEU VB 14 50.19 -23.51 111.19
N LEU VB 15 50.36 -22.79 110.08
CA LEU VB 15 51.22 -23.26 108.98
C LEU VB 15 52.66 -23.41 109.41
N PHE VB 16 53.15 -22.53 110.32
CA PHE VB 16 54.50 -22.71 110.86
C PHE VB 16 54.58 -23.90 111.80
N LYS VB 17 53.52 -24.15 112.56
CA LYS VB 17 53.42 -25.33 113.42
C LYS VB 17 53.48 -26.64 112.64
N GLU VB 18 52.91 -26.63 111.43
CA GLU VB 18 52.77 -27.85 110.64
C GLU VB 18 53.72 -27.93 109.47
N GLY VB 19 54.01 -29.17 109.07
CA GLY VB 19 54.79 -29.44 107.86
C GLY VB 19 53.94 -29.09 106.67
N VAL VB 20 52.74 -29.69 106.62
CA VAL VB 20 51.77 -29.47 105.54
C VAL VB 20 50.39 -29.06 106.06
N MET VB 21 49.77 -28.13 105.35
CA MET VB 21 48.40 -27.70 105.62
C MET VB 21 47.54 -27.97 104.38
N VAL VB 22 46.65 -28.95 104.51
CA VAL VB 22 45.64 -29.24 103.49
C VAL VB 22 44.52 -28.23 103.65
N ALA VB 23 43.55 -28.29 102.75
CA ALA VB 23 42.35 -27.46 102.91
C ALA VB 23 41.19 -28.10 102.17
N LYS VB 24 40.13 -27.33 101.96
CA LYS VB 24 39.17 -27.61 100.89
C LYS VB 24 38.86 -26.30 100.20
N LYS VB 25 38.50 -26.39 98.93
CA LYS VB 25 38.01 -25.24 98.18
C LYS VB 25 36.51 -25.14 98.44
N ASP VB 26 36.16 -24.38 99.47
CA ASP VB 26 34.76 -24.16 99.80
C ASP VB 26 34.69 -22.95 100.74
N VAL VB 27 34.25 -21.84 100.18
CA VAL VB 27 34.04 -20.58 100.92
C VAL VB 27 33.05 -20.68 102.11
N HIS VB 28 32.13 -21.64 102.04
CA HIS VB 28 31.04 -21.76 102.99
C HIS VB 28 31.28 -22.91 103.99
N MET VB 29 32.34 -22.84 104.80
CA MET VB 29 32.60 -23.85 105.85
C MET VB 29 32.37 -23.39 107.30
N PRO VB 30 32.49 -22.08 107.57
CA PRO VB 30 32.90 -21.49 108.84
C PRO VB 30 33.68 -22.36 109.85
N LYS VB 31 34.82 -22.90 109.40
CA LYS VB 31 35.71 -23.80 110.16
C LYS VB 31 36.76 -24.41 109.20
N HIS VB 32 37.65 -25.23 109.75
CA HIS VB 32 38.73 -25.90 109.01
C HIS VB 32 39.45 -26.71 110.09
N PRO VB 33 39.63 -28.03 109.85
CA PRO VB 33 40.11 -28.97 110.87
C PRO VB 33 41.50 -28.68 111.42
N GLU VB 34 41.59 -28.58 112.73
CA GLU VB 34 42.72 -27.97 113.45
C GLU VB 34 42.78 -26.46 113.22
N LEU VB 35 43.16 -25.76 114.28
CA LEU VB 35 43.00 -24.31 114.40
C LEU VB 35 41.49 -24.04 114.28
N ALA VB 36 41.07 -23.07 113.46
CA ALA VB 36 39.72 -22.57 113.53
C ALA VB 36 39.34 -22.28 114.99
N ASP VB 37 40.11 -21.37 115.61
CA ASP VB 37 39.69 -20.74 116.87
C ASP VB 37 38.27 -20.21 116.62
N LYS VB 38 38.05 -19.61 115.44
CA LYS VB 38 36.79 -18.98 115.08
C LYS VB 38 36.70 -18.83 113.56
N ASN VB 39 35.59 -19.34 113.00
CA ASN VB 39 35.20 -19.13 111.58
C ASN VB 39 36.32 -19.51 110.59
N VAL VB 40 37.10 -18.52 110.14
CA VAL VB 40 38.31 -18.69 109.34
C VAL VB 40 38.32 -19.94 108.43
N PRO VB 41 37.37 -19.99 107.47
CA PRO VB 41 37.24 -21.15 106.56
C PRO VB 41 38.24 -21.09 105.41
N ASN VB 42 37.95 -21.73 104.27
CA ASN VB 42 38.54 -21.25 103.03
C ASN VB 42 38.01 -19.83 102.83
N LEU VB 43 38.88 -18.93 102.38
CA LEU VB 43 38.83 -17.49 102.65
C LEU VB 43 39.28 -17.25 104.11
N HIS VB 44 40.16 -16.26 104.28
CA HIS VB 44 41.10 -16.11 105.42
C HIS VB 44 42.24 -17.15 105.37
N VAL VB 45 41.95 -18.40 105.00
CA VAL VB 45 43.01 -19.38 104.70
C VAL VB 45 43.50 -19.22 103.26
N MET VB 46 42.59 -19.40 102.31
CA MET VB 46 42.95 -19.25 100.89
C MET VB 46 43.54 -17.87 100.67
N LYS VB 47 42.75 -16.82 100.91
CA LYS VB 47 43.21 -15.45 100.71
C LYS VB 47 44.65 -15.22 101.21
N ALA VB 48 44.99 -15.85 102.34
CA ALA VB 48 46.36 -15.84 102.86
C ALA VB 48 47.29 -16.66 101.98
N MET VB 49 46.97 -17.93 101.80
CA MET VB 49 47.88 -18.86 101.12
C MET VB 49 48.06 -18.61 99.63
N GLN VB 50 46.97 -18.27 98.93
CA GLN VB 50 47.04 -17.83 97.54
C GLN VB 50 47.79 -16.50 97.41
N SER VB 51 47.97 -15.76 98.52
CA SER VB 51 48.99 -14.70 98.56
C SER VB 51 50.36 -15.33 98.66
N LEU VB 52 50.57 -16.16 99.69
CA LEU VB 52 51.89 -16.77 99.94
C LEU VB 52 52.54 -17.36 98.68
N LYS VB 53 51.78 -18.08 97.84
CA LYS VB 53 52.36 -18.73 96.65
C LYS VB 53 52.83 -17.71 95.62
N SER VB 54 51.99 -16.71 95.38
CA SER VB 54 52.18 -15.79 94.27
C SER VB 54 53.38 -14.87 94.51
N ARG VB 55 53.56 -14.45 95.76
CA ARG VB 55 54.80 -13.80 96.18
C ARG VB 55 55.94 -14.86 96.26
N GLY VB 56 55.65 -16.05 96.80
CA GLY VB 56 56.59 -17.21 96.72
C GLY VB 56 56.95 -18.03 97.96
N TYR VB 57 56.23 -17.82 99.07
CA TYR VB 57 56.61 -18.31 100.43
C TYR VB 57 55.59 -19.43 100.81
N VAL VB 58 55.37 -20.33 99.81
CA VAL VB 58 54.49 -21.54 99.80
C VAL VB 58 54.36 -22.07 98.34
N LYS VB 59 54.05 -23.36 98.15
CA LYS VB 59 53.82 -23.98 96.81
C LYS VB 59 52.62 -24.97 96.79
N GLU VB 60 51.94 -25.04 95.64
CA GLU VB 60 50.62 -25.69 95.50
C GLU VB 60 50.60 -27.10 94.91
N GLN VB 61 49.51 -27.81 95.19
CA GLN VB 61 48.80 -28.67 94.22
C GLN VB 61 47.31 -28.34 94.33
N PHE VB 62 46.44 -29.01 93.56
CA PHE VB 62 44.99 -28.73 93.60
C PHE VB 62 44.18 -29.98 93.89
N ALA VB 63 44.30 -30.98 93.00
CA ALA VB 63 43.81 -32.36 93.17
C ALA VB 63 42.38 -32.56 93.71
N TRP VB 64 41.40 -32.74 92.80
CA TRP VB 64 39.97 -32.81 93.17
C TRP VB 64 39.56 -31.72 94.17
N ARG VB 65 39.42 -30.49 93.70
CA ARG VB 65 38.97 -29.36 94.53
C ARG VB 65 39.38 -29.46 96.01
N HIS VB 66 40.60 -29.00 96.32
CA HIS VB 66 41.10 -28.97 97.72
C HIS VB 66 42.24 -27.98 98.11
N PHE VB 67 43.22 -27.76 97.23
CA PHE VB 67 44.42 -26.91 97.49
C PHE VB 67 45.43 -27.62 98.40
N TYR VB 68 46.59 -27.96 97.84
CA TYR VB 68 47.58 -28.84 98.48
C TYR VB 68 48.84 -28.07 98.95
N TRP VB 69 48.58 -27.14 99.90
CA TRP VB 69 49.54 -26.12 100.38
C TRP VB 69 50.75 -26.70 101.10
N TYR VB 70 51.88 -26.66 100.40
CA TYR VB 70 53.15 -27.19 100.85
C TYR VB 70 54.10 -26.03 101.12
N LEU VB 71 54.75 -26.03 102.28
CA LEU VB 71 55.52 -24.88 102.73
C LEU VB 71 56.94 -24.84 102.14
N THR VB 72 57.27 -23.72 101.48
CA THR VB 72 58.56 -23.52 100.84
C THR VB 72 59.66 -23.10 101.83
N ASN VB 73 60.88 -23.47 101.51
CA ASN VB 73 62.07 -23.12 102.31
C ASN VB 73 62.37 -21.62 102.43
N GLU VB 74 62.01 -20.84 101.42
CA GLU VB 74 62.11 -19.38 101.49
C GLU VB 74 61.08 -18.84 102.48
N GLY VB 75 59.86 -19.39 102.43
CA GLY VB 75 58.79 -18.99 103.34
C GLY VB 75 59.11 -19.16 104.81
N ILE VB 76 59.93 -20.17 105.11
CA ILE VB 76 60.48 -20.37 106.44
C ILE VB 76 60.90 -19.01 107.03
N GLN VB 77 61.63 -18.23 106.24
CA GLN VB 77 62.02 -16.88 106.62
C GLN VB 77 60.80 -15.94 106.69
N TYR VB 78 60.03 -15.85 105.60
CA TYR VB 78 58.91 -14.87 105.48
C TYR VB 78 57.97 -14.92 106.68
N LEU VB 79 57.56 -16.12 107.06
CA LEU VB 79 56.55 -16.31 108.11
C LEU VB 79 57.13 -16.27 109.54
N ARG VB 80 58.36 -16.75 109.75
CA ARG VB 80 59.00 -16.67 111.09
C ARG VB 80 59.40 -15.23 111.41
N ASP VB 81 59.84 -14.49 110.39
CA ASP VB 81 60.10 -13.05 110.49
C ASP VB 81 58.77 -12.30 110.62
N TYR VB 82 57.71 -12.77 109.94
CA TYR VB 82 56.35 -12.27 110.23
C TYR VB 82 55.98 -12.52 111.70
N LEU VB 83 56.26 -13.74 112.19
CA LEU VB 83 55.87 -14.15 113.56
C LEU VB 83 56.95 -13.97 114.64
N HIS VB 84 57.99 -13.17 114.36
CA HIS VB 84 59.18 -12.98 115.25
C HIS VB 84 59.78 -14.27 115.86
N LEU VB 85 59.48 -15.43 115.29
CA LEU VB 85 59.70 -16.72 115.95
C LEU VB 85 61.20 -17.04 116.06
N PRO VB 86 61.61 -17.87 117.06
CA PRO VB 86 63.05 -18.06 117.37
C PRO VB 86 63.92 -18.44 116.16
N PRO VB 87 65.20 -17.98 116.12
CA PRO VB 87 66.06 -18.23 114.94
C PRO VB 87 66.45 -19.71 114.69
N GLU VB 88 66.18 -20.61 115.65
CA GLU VB 88 66.11 -22.04 115.37
C GLU VB 88 64.77 -22.39 114.75
N ILE VB 89 63.70 -21.95 115.40
CA ILE VB 89 62.31 -22.08 114.93
C ILE VB 89 61.78 -23.54 114.98
N VAL VB 90 62.44 -24.45 114.24
CA VAL VB 90 61.94 -25.82 113.92
C VAL VB 90 60.44 -25.87 113.60
N PRO VB 91 60.06 -25.74 112.31
CA PRO VB 91 58.63 -25.59 111.96
C PRO VB 91 57.79 -26.79 112.36
N ALA VB 92 58.21 -27.96 111.90
CA ALA VB 92 57.41 -29.18 111.99
C ALA VB 92 58.21 -30.33 111.45
N THR VB 93 58.81 -30.15 110.26
CA THR VB 93 59.72 -31.15 109.69
C THR VB 93 61.08 -31.25 110.43
N LEU VB 94 61.00 -31.53 111.73
CA LEU VB 94 62.16 -31.89 112.56
C LEU VB 94 62.62 -33.27 112.06
N ARG VB 95 61.65 -34.18 111.96
CA ARG VB 95 61.77 -35.49 111.30
C ARG VB 95 62.91 -36.38 111.73
N ARG VB 96 62.73 -36.96 112.91
CA ARG VB 96 63.44 -38.17 113.31
C ARG VB 96 63.04 -39.28 112.34
N SER VB 97 64.03 -39.85 111.67
CA SER VB 97 63.82 -40.82 110.59
C SER VB 97 64.15 -42.25 111.04
N ARG VB 98 65.46 -42.55 111.15
CA ARG VB 98 65.94 -43.91 111.40
C ARG VB 98 67.05 -43.92 112.45
N GLY WB 1 73.94 -8.35 118.94
CA GLY WB 1 72.80 -7.65 118.28
C GLY WB 1 71.62 -7.42 119.21
N GLY WB 2 71.03 -6.22 119.16
CA GLY WB 2 69.90 -5.86 120.00
C GLY WB 2 70.28 -5.38 121.40
N VAL WB 3 71.30 -4.52 121.48
CA VAL WB 3 71.84 -4.00 122.77
C VAL WB 3 71.43 -2.54 123.10
N MET WB 4 70.39 -2.04 122.45
CA MET WB 4 69.82 -0.68 122.70
C MET WB 4 70.77 0.51 122.41
N ASP WB 5 70.72 0.99 121.16
CA ASP WB 5 71.27 2.32 120.76
C ASP WB 5 70.39 3.49 121.29
N VAL WB 6 70.64 4.72 120.82
CA VAL WB 6 69.83 5.91 121.18
C VAL WB 6 68.47 5.86 120.45
N ASN WB 7 67.42 6.41 121.08
CA ASN WB 7 65.98 6.21 120.72
C ASN WB 7 65.58 4.91 119.99
N THR WB 8 66.21 3.78 120.37
CA THR WB 8 65.81 2.44 119.90
C THR WB 8 65.48 1.45 121.03
N ALA WB 9 65.33 1.96 122.26
CA ALA WB 9 64.85 1.18 123.38
C ALA WB 9 63.32 1.20 123.44
N LEU WB 10 62.69 2.30 122.99
CA LEU WB 10 61.24 2.38 122.78
C LEU WB 10 60.82 1.65 121.49
N GLN WB 11 61.75 1.51 120.55
CA GLN WB 11 61.49 0.96 119.22
C GLN WB 11 61.22 -0.55 119.20
N GLU WB 12 61.97 -1.31 119.99
CA GLU WB 12 61.77 -2.77 120.11
C GLU WB 12 60.50 -3.13 120.90
N VAL WB 13 60.17 -2.33 121.91
CA VAL WB 13 58.94 -2.52 122.71
C VAL WB 13 57.69 -2.15 121.87
N LEU WB 14 57.79 -1.10 121.05
CA LEU WB 14 56.73 -0.74 120.11
C LEU WB 14 56.61 -1.74 118.93
N LYS WB 15 57.73 -2.18 118.38
CA LYS WB 15 57.75 -3.21 117.31
C LYS WB 15 57.32 -4.61 117.81
N THR WB 16 57.57 -4.94 119.08
CA THR WB 16 57.09 -6.21 119.67
C THR WB 16 55.66 -6.12 120.24
N ALA WB 17 55.20 -4.93 120.65
CA ALA WB 17 53.78 -4.69 121.02
C ALA WB 17 52.88 -4.64 119.78
N LEU WB 18 53.34 -3.95 118.74
CA LEU WB 18 52.77 -4.02 117.37
C LEU WB 18 52.38 -5.44 116.96
N ILE WB 19 53.38 -6.32 117.01
CA ILE WB 19 53.30 -7.69 116.51
C ILE WB 19 52.64 -8.66 117.52
N HIS WB 20 52.61 -8.28 118.81
CA HIS WB 20 51.86 -8.99 119.88
C HIS WB 20 50.38 -8.54 119.99
N ASP WB 21 49.98 -7.53 119.20
CA ASP WB 21 48.55 -7.22 118.88
C ASP WB 21 47.78 -6.69 120.11
N GLY WB 22 47.85 -5.37 120.27
CA GLY WB 22 47.48 -4.68 121.52
C GLY WB 22 48.27 -3.38 121.66
N LEU WB 23 47.90 -2.37 120.87
CA LEU WB 23 48.48 -1.02 120.94
C LEU WB 23 47.28 -0.05 121.01
N ALA WB 24 47.10 0.61 122.16
CA ALA WB 24 45.96 1.53 122.39
C ALA WB 24 46.33 2.86 121.75
N ARG WB 25 46.49 2.79 120.44
CA ARG WB 25 47.43 3.66 119.75
C ARG WB 25 46.71 4.93 119.26
N GLY WB 26 46.46 5.86 120.20
CA GLY WB 26 45.97 7.24 119.90
C GLY WB 26 45.03 7.93 120.87
N ILE WB 27 45.00 9.28 120.86
CA ILE WB 27 44.17 10.16 121.78
C ILE WB 27 42.90 9.50 122.30
N ARG WB 28 42.27 8.74 121.43
CA ARG WB 28 41.10 7.96 121.75
C ARG WB 28 41.34 6.66 122.52
N GLU WB 29 41.95 5.65 121.87
CA GLU WB 29 42.26 4.37 122.53
C GLU WB 29 43.29 4.55 123.64
N ALA WB 30 44.23 5.48 123.44
CA ALA WB 30 45.18 5.90 124.47
C ALA WB 30 44.47 6.38 125.74
N ALA WB 31 43.49 7.28 125.58
CA ALA WB 31 42.68 7.77 126.72
C ALA WB 31 41.71 6.72 127.29
N LYS WB 32 41.14 5.86 126.43
CA LYS WB 32 40.32 4.72 126.90
C LYS WB 32 41.17 3.55 127.45
N ALA WB 33 42.47 3.55 127.15
CA ALA WB 33 43.45 2.65 127.78
C ALA WB 33 43.94 3.22 129.11
N LEU WB 34 44.26 4.52 129.13
CA LEU WB 34 44.61 5.23 130.38
C LEU WB 34 43.43 5.33 131.37
N ASP WB 35 42.20 5.39 130.86
CA ASP WB 35 40.98 5.30 131.70
C ASP WB 35 40.88 3.96 132.46
N LYS WB 36 41.46 2.90 131.90
CA LYS WB 36 41.54 1.58 132.55
C LYS WB 36 43.01 1.17 132.80
N ARG WB 37 43.23 -0.08 133.18
CA ARG WB 37 44.59 -0.66 133.25
C ARG WB 37 45.07 -1.16 131.88
N GLN WB 38 44.21 -1.05 130.86
CA GLN WB 38 44.58 -1.21 129.44
C GLN WB 38 45.85 -0.45 129.01
N ALA WB 39 46.15 0.70 129.63
CA ALA WB 39 47.42 1.43 129.36
C ALA WB 39 48.61 0.83 130.13
N HIS WB 40 49.83 1.10 129.66
CA HIS WB 40 51.10 0.60 130.27
C HIS WB 40 52.29 1.55 130.00
N LEU WB 41 52.73 1.65 128.74
CA LEU WB 41 53.81 2.56 128.32
C LEU WB 41 53.32 3.37 127.11
N CYS WB 42 54.00 4.47 126.79
CA CYS WB 42 53.54 5.43 125.76
C CYS WB 42 54.70 6.24 125.19
N VAL WB 43 54.45 6.87 124.05
CA VAL WB 43 55.41 7.80 123.42
C VAL WB 43 54.65 9.03 122.91
N GLN WB 44 54.72 10.13 123.66
CA GLN WB 44 54.03 11.39 123.30
C GLN WB 44 54.90 12.25 122.37
N ALA WB 45 54.25 13.14 121.60
CA ALA WB 45 54.97 14.06 120.70
C ALA WB 45 55.19 15.41 121.38
N SER WB 46 56.43 15.88 121.34
CA SER WB 46 56.76 17.22 121.82
C SER WB 46 55.95 18.27 121.06
N ASN WB 47 56.02 18.21 119.74
CA ASN WB 47 55.29 19.14 118.88
C ASN WB 47 53.82 18.72 118.81
N CYS WB 48 52.93 19.68 119.04
CA CYS WB 48 51.50 19.44 119.12
C CYS WB 48 50.73 20.75 119.00
N ASP WB 49 50.02 20.94 117.88
CA ASP WB 49 49.14 22.11 117.70
C ASP WB 49 47.93 21.92 118.62
N GLU WB 50 47.39 23.03 119.13
CA GLU WB 50 46.46 23.03 120.28
C GLU WB 50 46.89 21.98 121.33
N PRO WB 51 47.89 22.30 122.19
CA PRO WB 51 48.44 21.28 123.09
C PRO WB 51 47.50 20.78 124.21
N MET WB 52 46.18 21.01 124.03
CA MET WB 52 45.14 20.32 124.79
C MET WB 52 45.25 18.80 124.59
N TYR WB 53 45.51 18.36 123.35
CA TYR WB 53 45.72 16.93 123.06
C TYR WB 53 46.96 16.36 123.85
N VAL WB 54 48.12 17.03 123.83
CA VAL WB 54 49.25 16.58 124.72
C VAL WB 54 48.92 16.70 126.23
N LYS WB 55 48.07 17.66 126.59
CA LYS WB 55 47.63 17.86 127.99
C LYS WB 55 46.72 16.73 128.49
N LEU WB 56 45.76 16.30 127.65
CA LEU WB 56 44.88 15.14 127.95
C LEU WB 56 45.70 13.88 128.19
N VAL WB 57 46.73 13.71 127.35
CA VAL WB 57 47.72 12.66 127.54
C VAL WB 57 48.41 12.88 128.89
N GLU WB 58 49.26 13.89 128.99
CA GLU WB 58 50.02 14.20 130.23
C GLU WB 58 49.24 14.06 131.54
N ALA WB 59 48.02 14.61 131.55
CA ALA WB 59 47.16 14.60 132.75
C ALA WB 59 46.72 13.18 133.14
N LEU WB 60 46.33 12.37 132.15
CA LEU WB 60 46.01 10.96 132.39
C LEU WB 60 47.28 10.18 132.74
N LEU WB 61 48.35 10.38 131.95
CA LEU WB 61 49.65 9.71 132.15
C LEU WB 61 50.19 9.87 133.56
N ALA WB 62 50.09 11.09 134.07
CA ALA WB 62 50.62 11.43 135.39
C ALA WB 62 49.84 10.86 136.59
N GLU WB 63 48.69 10.23 136.37
CA GLU WB 63 47.85 9.66 137.46
C GLU WB 63 48.51 8.40 138.06
N HIS WB 64 47.78 7.56 138.82
CA HIS WB 64 48.32 6.23 139.20
C HIS WB 64 48.44 5.58 137.82
N GLN WB 65 49.09 4.41 137.75
CA GLN WB 65 49.33 3.75 136.47
C GLN WB 65 50.33 4.66 135.73
N ILE WB 66 51.43 4.99 136.42
CA ILE WB 66 52.35 6.06 135.99
C ILE WB 66 53.05 5.78 134.65
N ASN WB 67 52.77 6.64 133.67
CA ASN WB 67 53.48 6.63 132.40
C ASN WB 67 54.30 7.94 132.20
N LEU WB 68 55.28 7.90 131.27
CA LEU WB 68 55.72 9.06 130.40
C LEU WB 68 56.96 8.73 129.52
N ILE WB 69 57.33 9.68 128.65
CA ILE WB 69 58.69 9.79 128.03
C ILE WB 69 58.79 11.24 127.50
N LYS WB 70 59.17 11.49 126.25
CA LYS WB 70 59.08 12.83 125.64
C LYS WB 70 59.16 12.75 124.12
N VAL WB 71 60.29 12.27 123.60
CA VAL WB 71 60.56 12.13 122.15
C VAL WB 71 60.20 13.39 121.35
N ASP WB 72 61.22 14.14 120.96
CA ASP WB 72 61.04 15.34 120.15
C ASP WB 72 60.47 14.99 118.76
N ASP WB 73 59.85 15.98 118.12
CA ASP WB 73 59.35 15.90 116.72
C ASP WB 73 58.04 15.12 116.53
N ASN WB 74 57.08 15.73 115.82
CA ASN WB 74 55.94 15.02 115.22
C ASN WB 74 56.44 14.07 114.10
N LYS WB 75 57.21 14.62 113.16
CA LYS WB 75 57.53 13.96 111.87
C LYS WB 75 58.24 12.59 111.93
N LYS WB 76 58.86 12.27 113.06
CA LYS WB 76 59.47 10.95 113.29
C LYS WB 76 58.52 9.92 113.91
N LEU WB 77 57.57 10.36 114.75
CA LEU WB 77 57.04 9.52 115.86
C LEU WB 77 56.41 8.10 115.59
N GLY WB 78 56.40 7.61 114.35
CA GLY WB 78 55.79 6.31 114.09
C GLY WB 78 56.66 5.12 113.67
N GLU WB 79 57.74 5.34 112.93
CA GLU WB 79 58.45 4.23 112.22
C GLU WB 79 59.25 3.21 113.09
N TRP WB 80 59.06 3.24 114.42
CA TRP WB 80 59.56 2.22 115.39
C TRP WB 80 58.31 1.52 116.04
N VAL WB 81 57.08 1.79 115.51
CA VAL WB 81 55.84 0.98 115.74
C VAL WB 81 55.59 0.17 114.45
N GLY WB 82 54.34 -0.16 114.10
CA GLY WB 82 54.01 -0.84 112.83
C GLY WB 82 53.24 0.03 111.86
N LEU WB 83 53.78 0.17 110.64
CA LEU WB 83 53.28 1.13 109.62
C LEU WB 83 54.15 1.19 108.34
N CYS WB 84 54.26 0.04 107.66
CA CYS WB 84 54.83 -0.05 106.29
C CYS WB 84 54.62 -1.46 105.69
N LYS WB 85 54.24 -1.51 104.40
CA LYS WB 85 53.90 -2.76 103.68
C LYS WB 85 55.03 -3.27 102.74
N ILE WB 86 56.27 -2.84 102.98
CA ILE WB 86 57.48 -3.08 102.13
C ILE WB 86 57.59 -2.33 100.77
N ASP WB 87 56.48 -2.10 100.06
CA ASP WB 87 56.49 -1.42 98.74
C ASP WB 87 57.64 -0.39 98.58
N ARG WB 88 58.64 -0.72 97.76
CA ARG WB 88 59.88 0.07 97.49
C ARG WB 88 61.02 -0.35 98.42
N GLU WB 89 62.13 -0.80 97.81
CA GLU WB 89 63.21 -1.53 98.52
C GLU WB 89 64.01 -0.69 99.54
N GLY WB 90 64.26 0.57 99.22
CA GLY WB 90 65.03 1.48 100.11
C GLY WB 90 64.26 2.17 101.24
N ASN WB 91 63.07 1.66 101.57
CA ASN WB 91 62.09 2.31 102.48
C ASN WB 91 62.05 3.87 102.39
N PRO WB 92 61.22 4.42 101.48
CA PRO WB 92 60.80 5.81 101.62
C PRO WB 92 59.42 5.88 102.29
N ARG WB 93 59.10 4.89 103.13
CA ARG WB 93 57.69 4.53 103.36
C ARG WB 93 56.91 5.56 104.20
N LYS WB 94 56.00 6.24 103.50
CA LYS WB 94 54.75 6.84 104.00
C LYS WB 94 54.83 8.40 104.02
N VAL WB 95 54.82 9.04 105.19
CA VAL WB 95 55.18 10.48 105.35
C VAL WB 95 54.00 11.51 105.53
N VAL WB 96 53.48 11.59 106.76
CA VAL WB 96 52.76 12.78 107.32
C VAL WB 96 53.44 13.17 108.69
N GLY WB 97 52.75 13.67 109.72
CA GLY WB 97 53.33 13.81 111.11
C GLY WB 97 53.04 12.61 112.02
N CYS WB 98 53.47 12.64 113.30
CA CYS WB 98 53.20 11.55 114.31
C CYS WB 98 53.05 11.99 115.78
N SER WB 99 52.34 11.19 116.59
CA SER WB 99 51.90 11.62 117.94
C SER WB 99 51.69 10.45 118.96
N CYS WB 100 50.70 10.55 119.86
CA CYS WB 100 50.69 9.79 121.14
C CYS WB 100 50.03 8.41 121.08
N VAL WB 101 50.85 7.36 121.17
CA VAL WB 101 50.38 5.95 121.20
C VAL WB 101 50.24 5.50 122.67
N VAL WB 102 49.71 4.30 122.92
CA VAL WB 102 49.74 3.65 124.24
C VAL WB 102 50.09 2.17 124.09
N VAL WB 103 51.35 1.83 124.41
CA VAL WB 103 51.90 0.48 124.26
C VAL WB 103 51.32 -0.47 125.31
N LYS WB 104 50.56 -1.48 124.83
CA LYS WB 104 49.98 -2.49 125.71
C LYS WB 104 50.62 -3.84 125.46
N ASP WB 105 50.63 -4.66 126.51
CA ASP WB 105 51.18 -6.01 126.47
C ASP WB 105 52.55 -6.10 125.76
N TYR WB 106 53.41 -5.11 126.04
CA TYR WB 106 54.84 -5.03 125.62
C TYR WB 106 55.32 -5.82 124.38
N GLY WB 107 55.21 -7.15 124.42
CA GLY WB 107 55.60 -8.01 123.29
C GLY WB 107 55.79 -9.45 123.71
N LYS WB 108 56.52 -9.63 124.81
CA LYS WB 108 56.66 -10.91 125.51
C LYS WB 108 57.38 -10.69 126.84
N GLU WB 109 58.63 -10.21 126.75
CA GLU WB 109 59.55 -9.90 127.86
C GLU WB 109 60.96 -9.69 127.28
N SER WB 110 61.84 -9.04 128.04
CA SER WB 110 63.25 -8.84 127.68
C SER WB 110 63.44 -7.98 126.41
N GLN WB 111 64.57 -8.14 125.70
CA GLN WB 111 64.91 -7.37 124.48
C GLN WB 111 65.09 -5.86 124.74
N ALA WB 112 63.99 -5.11 124.88
CA ALA WB 112 64.03 -3.71 125.34
C ALA WB 112 63.15 -3.40 126.56
N LYS WB 113 62.46 -4.41 127.08
CA LYS WB 113 61.45 -4.23 128.15
C LYS WB 113 62.05 -4.24 129.59
N ASP WB 114 63.23 -4.83 129.78
CA ASP WB 114 64.06 -4.62 131.00
C ASP WB 114 64.98 -3.40 130.88
N VAL WB 115 65.21 -2.91 129.64
CA VAL WB 115 65.92 -1.64 129.44
C VAL WB 115 64.99 -0.48 129.79
N ILE WB 116 63.93 -0.25 129.01
CA ILE WB 116 63.08 0.96 129.19
C ILE WB 116 62.19 1.06 130.45
N GLU WB 117 61.65 -0.07 130.94
CA GLU WB 117 60.72 -0.05 132.10
C GLU WB 117 61.41 -0.32 133.47
N GLU WB 118 62.72 -0.58 133.45
CA GLU WB 118 63.60 -0.46 134.63
C GLU WB 118 64.24 0.95 134.72
N TYR WB 119 64.60 1.49 133.55
CA TYR WB 119 65.18 2.85 133.37
C TYR WB 119 64.09 3.96 133.57
N PHE WB 120 62.84 3.77 133.08
CA PHE WB 120 61.77 4.81 133.28
C PHE WB 120 61.28 4.92 134.73
N LYS WB 121 60.90 3.79 135.32
CA LYS WB 121 60.42 3.75 136.71
C LYS WB 121 61.50 4.14 137.73
N CYS WB 122 62.76 3.96 137.36
CA CYS WB 122 63.90 4.32 138.20
C CYS WB 122 65.01 5.01 137.38
N LYS WB 123 64.72 6.22 136.89
CA LYS WB 123 65.72 7.06 136.17
C LYS WB 123 66.81 7.55 137.15
N LYS WB 124 67.84 6.72 137.36
CA LYS WB 124 68.92 7.03 138.31
C LYS WB 124 70.27 6.44 137.84
N VAL XB 1 -10.19 6.74 109.86
CA VAL XB 1 -10.96 5.45 109.96
C VAL XB 1 -11.94 5.48 111.16
N GLU XB 2 -13.09 6.12 110.95
CA GLU XB 2 -14.15 6.22 111.99
C GLU XB 2 -15.53 6.62 111.40
N GLN XB 3 -16.55 6.66 112.26
CA GLN XB 3 -17.89 7.25 111.99
C GLN XB 3 -18.80 6.43 111.04
N LYS XB 4 -20.09 6.76 111.03
CA LYS XB 4 -21.11 6.06 110.24
C LYS XB 4 -21.07 6.48 108.76
N LYS XB 5 -21.07 5.49 107.85
CA LYS XB 5 -21.13 5.71 106.37
C LYS XB 5 -19.96 6.45 105.70
N LYS XB 6 -19.22 7.29 106.45
CA LYS XB 6 -17.94 7.87 105.99
C LYS XB 6 -16.94 6.75 105.67
N ARG XB 7 -16.23 6.89 104.54
CA ARG XB 7 -15.15 5.96 104.08
C ARG XB 7 -15.51 4.46 103.86
N THR XB 8 -16.79 4.13 103.69
CA THR XB 8 -17.23 2.71 103.62
C THR XB 8 -18.15 2.31 102.42
N PHE XB 9 -19.36 1.78 102.67
CA PHE XB 9 -19.99 0.69 101.85
C PHE XB 9 -19.09 -0.12 100.92
N ARG XB 10 -18.12 -0.79 101.55
CA ARG XB 10 -17.21 -1.76 100.90
C ARG XB 10 -17.53 -3.23 101.32
N LYS XB 11 -17.80 -3.47 102.61
CA LYS XB 11 -18.02 -4.82 103.21
C LYS XB 11 -16.93 -5.90 102.95
N PHE XB 12 -16.70 -6.31 101.69
CA PHE XB 12 -15.58 -7.24 101.29
C PHE XB 12 -15.64 -8.54 102.11
N THR XB 13 -16.83 -8.91 102.60
CA THR XB 13 -16.95 -9.83 103.75
C THR XB 13 -16.38 -11.23 103.48
N TYR XB 14 -15.13 -11.43 103.91
CA TYR XB 14 -14.47 -12.74 103.83
C TYR XB 14 -15.22 -13.71 104.75
N ARG XB 15 -15.63 -14.84 104.19
CA ARG XB 15 -16.34 -15.92 104.89
C ARG XB 15 -17.33 -15.49 106.00
N GLY XB 16 -18.00 -14.33 105.84
CA GLY XB 16 -19.01 -13.85 106.80
C GLY XB 16 -18.50 -12.92 107.88
N VAL XB 17 -17.23 -13.08 108.24
CA VAL XB 17 -16.59 -12.19 109.19
C VAL XB 17 -16.44 -10.82 108.50
N ASP XB 18 -16.90 -9.77 109.18
CA ASP XB 18 -16.78 -8.39 108.69
C ASP XB 18 -15.40 -7.82 108.94
N LEU XB 19 -14.99 -6.91 108.05
CA LEU XB 19 -13.63 -6.34 108.06
C LEU XB 19 -13.27 -5.72 109.42
N ASP XB 20 -14.26 -5.16 110.09
CA ASP XB 20 -14.10 -4.67 111.46
C ASP XB 20 -13.69 -5.78 112.40
N GLN XB 21 -14.43 -6.89 112.39
CA GLN XB 21 -14.07 -8.06 113.21
C GLN XB 21 -12.69 -8.64 112.83
N LEU XB 22 -12.34 -8.56 111.55
CA LEU XB 22 -11.02 -9.02 111.08
C LEU XB 22 -9.84 -8.15 111.57
N LEU XB 23 -9.97 -6.83 111.48
CA LEU XB 23 -8.93 -5.93 112.03
C LEU XB 23 -8.86 -6.08 113.56
N ASP XB 24 -10.04 -6.13 114.19
CA ASP XB 24 -10.24 -6.57 115.59
C ASP XB 24 -9.73 -8.01 115.87
N MET XB 25 -8.47 -8.34 115.58
CA MET XB 25 -7.99 -9.70 115.83
C MET XB 25 -6.49 -9.82 115.87
N SER XB 26 -6.03 -10.78 116.66
CA SER XB 26 -4.68 -11.25 116.59
C SER XB 26 -4.54 -11.97 115.26
N TYR XB 27 -3.47 -11.65 114.55
CA TYR XB 27 -3.05 -12.34 113.31
C TYR XB 27 -3.08 -13.92 113.52
N GLU XB 28 -3.05 -14.38 114.80
CA GLU XB 28 -3.12 -15.83 115.21
C GLU XB 28 -4.48 -16.49 115.09
N GLN XB 29 -5.55 -15.71 115.18
CA GLN XB 29 -6.91 -16.26 115.06
C GLN XB 29 -7.30 -16.41 113.60
N LEU XB 30 -6.99 -15.41 112.79
CA LEU XB 30 -7.34 -15.41 111.36
C LEU XB 30 -6.93 -16.68 110.60
N MET XB 31 -5.71 -17.16 110.86
CA MET XB 31 -5.23 -18.45 110.29
C MET XB 31 -6.15 -19.60 110.64
N GLN XB 32 -6.64 -19.60 111.89
CA GLN XB 32 -7.61 -20.59 112.36
C GLN XB 32 -8.89 -20.34 111.58
N LEU XB 33 -9.17 -19.06 111.35
CA LEU XB 33 -10.35 -18.60 110.63
C LEU XB 33 -10.23 -18.50 109.09
N TYR XB 34 -9.49 -19.44 108.52
CA TYR XB 34 -9.80 -20.01 107.19
C TYR XB 34 -9.21 -19.29 105.96
N SER XB 35 -8.78 -20.12 104.98
CA SER XB 35 -7.81 -19.84 103.84
C SER XB 35 -6.66 -20.92 103.76
N ALA XB 36 -6.90 -22.10 103.15
CA ALA XB 36 -6.02 -23.33 103.36
C ALA XB 36 -4.53 -23.16 103.14
N ARG XB 37 -4.17 -22.69 101.96
CA ARG XB 37 -2.76 -22.53 101.60
C ARG XB 37 -2.13 -21.37 102.41
N GLN XB 38 -2.93 -20.40 102.83
CA GLN XB 38 -2.44 -19.34 103.75
C GLN XB 38 -2.24 -19.88 105.17
N ARG XB 39 -3.23 -20.62 105.70
CA ARG XB 39 -3.16 -21.29 107.05
C ARG XB 39 -1.74 -21.71 107.31
N ARG XB 40 -1.20 -22.44 106.34
CA ARG XB 40 0.11 -22.99 106.49
C ARG XB 40 1.29 -22.08 106.15
N ARG XB 41 1.13 -21.05 105.32
CA ARG XB 41 2.26 -20.12 105.08
C ARG XB 41 2.67 -19.42 106.40
N LEU XB 42 1.73 -19.17 107.31
CA LEU XB 42 2.05 -18.53 108.59
C LEU XB 42 2.79 -19.48 109.54
N ASN XB 43 2.29 -20.69 109.60
CA ASN XB 43 2.71 -21.65 110.61
C ASN XB 43 3.97 -22.37 110.17
N ARG XB 44 3.94 -22.97 108.98
CA ARG XB 44 5.12 -23.65 108.38
C ARG XB 44 6.23 -22.65 108.06
N GLY XB 45 5.85 -21.38 107.88
CA GLY XB 45 6.79 -20.28 107.72
C GLY XB 45 7.68 -20.09 108.91
N LEU XB 46 7.08 -19.70 110.03
CA LEU XB 46 7.83 -19.17 111.19
C LEU XB 46 8.58 -17.90 110.72
N ARG XB 47 9.20 -17.18 111.65
CA ARG XB 47 10.04 -15.99 111.36
C ARG XB 47 9.67 -15.26 110.05
N ARG XB 48 8.41 -14.82 109.96
CA ARG XB 48 7.89 -14.14 108.76
C ARG XB 48 8.93 -13.21 108.14
N LYS XB 49 9.36 -12.20 108.88
CA LYS XB 49 10.30 -11.17 108.41
C LYS XB 49 9.72 -10.25 107.31
N GLN XB 50 8.40 -10.09 107.33
CA GLN XB 50 7.70 -8.97 106.69
C GLN XB 50 7.34 -7.99 107.81
N HIS XB 51 7.79 -8.26 109.05
CA HIS XB 51 7.99 -7.25 110.08
C HIS XB 51 8.19 -5.87 109.46
N SER XB 52 9.27 -5.76 108.68
CA SER XB 52 9.74 -4.48 108.13
C SER XB 52 8.78 -3.86 107.11
N LEU XB 53 7.92 -4.66 106.50
CA LEU XB 53 6.86 -4.15 105.63
C LEU XB 53 5.61 -3.79 106.41
N LEU XB 54 5.14 -4.71 107.25
CA LEU XB 54 3.95 -4.48 108.09
C LEU XB 54 4.03 -3.17 108.87
N LYS XB 55 5.17 -2.96 109.54
CA LYS XB 55 5.44 -1.72 110.29
C LYS XB 55 5.65 -0.50 109.37
N ARG XB 56 6.27 -0.71 108.20
CA ARG XB 56 6.45 0.35 107.20
C ARG XB 56 5.14 0.70 106.46
N LEU XB 57 4.23 -0.27 106.36
CA LEU XB 57 2.90 -0.06 105.80
C LEU XB 57 2.00 0.66 106.80
N ARG XB 58 2.05 0.19 108.05
CA ARG XB 58 1.36 0.82 109.18
C ARG XB 58 1.86 2.26 109.45
N LYS XB 59 3.19 2.46 109.45
CA LYS XB 59 3.80 3.80 109.65
C LYS XB 59 3.40 4.77 108.55
N ALA XB 60 3.31 4.27 107.32
CA ALA XB 60 2.73 5.03 106.22
C ALA XB 60 1.22 5.26 106.44
N LYS XB 61 0.52 4.23 106.88
CA LYS XB 61 -0.93 4.30 107.12
C LYS XB 61 -1.37 5.31 108.20
N LYS XB 62 -0.58 5.46 109.26
CA LYS XB 62 -0.84 6.51 110.29
C LYS XB 62 -0.39 7.90 109.79
N GLU XB 63 0.76 7.98 109.09
CA GLU XB 63 1.22 9.22 108.42
C GLU XB 63 0.31 9.64 107.25
N ALA XB 64 -0.57 8.74 106.80
CA ALA XB 64 -1.61 9.08 105.82
C ALA XB 64 -2.38 10.34 106.21
N PRO XB 65 -2.59 11.27 105.25
CA PRO XB 65 -3.48 12.41 105.51
C PRO XB 65 -4.90 12.00 105.96
N PRO XB 66 -5.72 12.97 106.44
CA PRO XB 66 -7.10 12.70 106.91
C PRO XB 66 -8.01 11.89 105.96
N MET XB 67 -7.65 11.83 104.68
CA MET XB 67 -8.27 10.94 103.71
C MET XB 67 -7.22 10.31 102.77
N GLU XB 68 -7.64 9.28 102.03
CA GLU XB 68 -6.88 8.65 100.92
C GLU XB 68 -5.76 7.71 101.35
N LYS XB 69 -5.24 6.96 100.37
CA LYS XB 69 -4.08 6.07 100.55
C LYS XB 69 -2.87 6.87 101.01
N PRO XB 70 -1.86 6.19 101.58
CA PRO XB 70 -0.72 6.96 102.03
C PRO XB 70 0.24 7.38 100.88
N GLU XB 71 1.22 6.55 100.58
CA GLU XB 71 2.34 6.94 99.70
C GLU XB 71 2.92 5.77 98.90
N VAL XB 72 2.48 4.55 99.23
CA VAL XB 72 2.66 3.38 98.39
C VAL XB 72 4.08 2.85 98.61
N VAL XB 73 4.21 2.02 99.65
CA VAL XB 73 5.50 1.48 100.05
C VAL XB 73 5.91 0.43 99.00
N LYS XB 74 7.14 0.54 98.51
CA LYS XB 74 7.70 -0.45 97.57
C LYS XB 74 8.11 -1.70 98.34
N THR XB 75 7.50 -2.83 98.01
CA THR XB 75 7.89 -4.10 98.56
C THR XB 75 8.41 -4.94 97.44
N HIS XB 76 9.05 -6.02 97.83
CA HIS XB 76 9.61 -6.95 96.91
C HIS XB 76 9.02 -8.35 97.04
N LEU XB 77 8.12 -8.54 98.01
CA LEU XB 77 7.66 -9.87 98.44
C LEU XB 77 6.21 -10.09 98.01
N ARG XB 78 6.05 -10.69 96.83
CA ARG XB 78 4.76 -11.25 96.39
C ARG XB 78 4.24 -12.30 97.36
N ASP XB 79 5.17 -13.18 97.76
CA ASP XB 79 4.95 -14.25 98.73
C ASP XB 79 3.91 -13.93 99.82
N MET XB 80 3.95 -12.70 100.36
CA MET XB 80 3.00 -12.25 101.38
C MET XB 80 1.55 -12.22 100.86
N ILE XB 81 0.70 -13.04 101.47
CA ILE XB 81 -0.75 -13.01 101.22
C ILE XB 81 -1.30 -11.84 102.03
N ILE XB 82 -2.23 -11.11 101.41
CA ILE XB 82 -2.81 -9.94 102.04
C ILE XB 82 -3.85 -10.37 103.06
N LEU XB 83 -3.61 -9.98 104.30
CA LEU XB 83 -4.59 -10.11 105.38
C LEU XB 83 -5.13 -8.70 105.73
N PRO XB 84 -6.34 -8.62 106.31
CA PRO XB 84 -7.02 -7.40 106.76
C PRO XB 84 -6.17 -6.15 107.04
N GLU XB 85 -5.09 -6.30 107.81
CA GLU XB 85 -4.18 -5.18 108.18
C GLU XB 85 -3.82 -4.28 106.99
N MET XB 86 -3.59 -4.89 105.83
CA MET XB 86 -3.13 -4.17 104.63
C MET XB 86 -4.26 -3.67 103.69
N VAL XB 87 -5.54 -3.88 104.03
CA VAL XB 87 -6.63 -3.59 103.08
C VAL XB 87 -6.96 -2.09 103.13
N GLY XB 88 -6.56 -1.38 102.08
CA GLY XB 88 -6.51 0.08 102.07
C GLY XB 88 -5.07 0.52 101.87
N SER XB 89 -4.16 -0.10 102.63
CA SER XB 89 -2.72 0.15 102.50
C SER XB 89 -2.25 -0.27 101.11
N MET XB 90 -1.87 0.71 100.29
CA MET XB 90 -1.42 0.46 98.92
C MET XB 90 0.09 0.18 98.85
N VAL XB 91 0.48 -0.59 97.84
CA VAL XB 91 1.82 -1.17 97.77
C VAL XB 91 2.37 -1.11 96.35
N GLY XB 92 3.68 -0.86 96.25
CA GLY XB 92 4.40 -0.80 94.96
C GLY XB 92 5.04 -2.12 94.62
N VAL XB 93 4.19 -3.13 94.40
CA VAL XB 93 4.61 -4.53 94.29
C VAL XB 93 5.38 -4.69 92.99
N TYR XB 94 6.68 -5.00 93.11
CA TYR XB 94 7.54 -5.12 91.95
C TYR XB 94 7.44 -6.49 91.26
N ASN XB 95 6.97 -6.45 90.00
CA ASN XB 95 6.61 -7.63 89.20
C ASN XB 95 7.66 -7.96 88.13
N GLY XB 96 8.95 -7.82 88.46
CA GLY XB 96 10.05 -8.06 87.49
C GLY XB 96 10.16 -7.06 86.34
N PRO YB 1 8.24 -98.65 106.43
CA PRO YB 1 8.68 -97.34 105.97
C PRO YB 1 8.06 -96.96 104.62
N LEU YB 2 7.41 -95.79 104.58
CA LEU YB 2 6.69 -95.33 103.40
C LEU YB 2 7.66 -94.66 102.42
N GLN YB 3 7.11 -94.13 101.33
CA GLN YB 3 7.85 -93.29 100.39
C GLN YB 3 7.98 -91.87 100.91
N SER YB 4 8.95 -91.16 100.35
CA SER YB 4 9.19 -89.76 100.70
C SER YB 4 9.94 -89.04 99.56
N VAL YB 5 9.42 -89.22 98.35
CA VAL YB 5 10.08 -88.71 97.15
C VAL YB 5 9.59 -87.29 96.91
N GLN YB 6 10.52 -86.33 96.97
CA GLN YB 6 10.25 -84.92 96.60
C GLN YB 6 10.70 -84.74 95.16
N VAL YB 7 9.89 -84.09 94.31
CA VAL YB 7 10.37 -83.67 92.97
C VAL YB 7 9.76 -82.34 92.54
N PHE YB 8 10.60 -81.53 91.86
CA PHE YB 8 10.23 -80.21 91.36
C PHE YB 8 10.14 -80.18 89.84
N GLY YB 9 9.22 -79.37 89.35
CA GLY YB 9 9.14 -79.00 87.96
C GLY YB 9 8.93 -77.50 87.87
N ARG YB 10 9.58 -76.87 86.90
CA ARG YB 10 9.54 -75.42 86.78
C ARG YB 10 9.01 -74.94 85.46
N LYS YB 11 8.59 -73.68 85.50
CA LYS YB 11 8.20 -72.92 84.34
C LYS YB 11 8.59 -71.50 84.70
N LYS YB 12 9.22 -70.80 83.77
CA LYS YB 12 9.71 -69.45 84.04
C LYS YB 12 10.42 -69.42 85.40
N THR YB 13 9.88 -68.70 86.39
CA THR YB 13 10.47 -68.67 87.74
C THR YB 13 9.50 -69.23 88.77
N ALA YB 14 8.72 -70.22 88.36
CA ALA YB 14 7.76 -70.82 89.24
C ALA YB 14 8.27 -72.18 89.62
N THR YB 15 9.08 -72.21 90.68
CA THR YB 15 9.52 -73.48 91.25
C THR YB 15 8.34 -74.08 91.99
N ALA YB 16 7.96 -75.30 91.63
CA ALA YB 16 6.93 -76.01 92.32
C ALA YB 16 7.51 -77.30 92.76
N VAL YB 17 7.70 -77.46 94.06
CA VAL YB 17 8.21 -78.72 94.61
C VAL YB 17 7.04 -79.58 95.08
N ALA YB 18 6.83 -80.69 94.37
CA ALA YB 18 5.86 -81.69 94.77
C ALA YB 18 6.54 -82.63 95.72
N HIS YB 19 5.73 -83.36 96.49
CA HIS YB 19 6.22 -84.58 97.15
C HIS YB 19 5.21 -85.68 97.47
N CYS YB 20 5.69 -86.89 97.20
CA CYS YB 20 4.89 -88.08 97.22
C CYS YB 20 5.23 -88.92 98.44
N LYS YB 21 4.23 -89.07 99.30
CA LYS YB 21 4.25 -89.98 100.44
C LYS YB 21 3.27 -91.10 100.12
N ARG YB 22 3.44 -92.24 100.78
CA ARG YB 22 2.48 -93.32 100.64
C ARG YB 22 1.32 -93.11 101.61
N GLY YB 23 0.11 -93.34 101.11
CA GLY YB 23 -1.09 -93.26 101.96
C GLY YB 23 -2.34 -93.66 101.22
N ASN YB 24 -3.41 -92.93 101.46
CA ASN YB 24 -4.63 -93.09 100.67
C ASN YB 24 -4.37 -92.35 99.36
N GLY YB 25 -3.90 -91.12 99.48
CA GLY YB 25 -3.41 -90.37 98.34
C GLY YB 25 -4.47 -89.70 97.54
N LEU YB 26 -4.86 -88.50 97.97
CA LEU YB 26 -5.82 -87.67 97.24
C LEU YB 26 -5.27 -86.32 96.73
N ILE YB 27 -3.96 -86.07 96.89
CA ILE YB 27 -3.25 -85.02 96.14
C ILE YB 27 -3.65 -83.60 96.49
N LYS YB 28 -2.68 -82.72 96.71
CA LYS YB 28 -2.98 -81.29 96.93
C LYS YB 28 -1.82 -80.31 96.75
N VAL YB 29 -2.19 -79.11 96.32
CA VAL YB 29 -1.26 -78.05 96.03
C VAL YB 29 -1.29 -77.13 97.24
N ASN YB 30 -0.11 -76.74 97.71
CA ASN YB 30 0.07 -76.10 99.02
C ASN YB 30 -0.76 -76.82 100.07
N GLY YB 31 -2.05 -76.50 100.15
CA GLY YB 31 -2.93 -77.09 101.14
C GLY YB 31 -4.37 -77.15 100.70
N ARG YB 32 -4.59 -77.60 99.47
CA ARG YB 32 -5.91 -77.61 98.87
C ARG YB 32 -5.89 -78.54 97.68
N PRO YB 33 -6.91 -79.40 97.52
CA PRO YB 33 -6.85 -80.37 96.43
C PRO YB 33 -6.85 -79.75 95.02
N LEU YB 34 -6.71 -80.61 94.02
CA LEU YB 34 -6.59 -80.16 92.63
C LEU YB 34 -7.89 -79.56 92.06
N GLU YB 35 -9.02 -79.84 92.72
CA GLU YB 35 -10.33 -79.40 92.21
C GLU YB 35 -10.46 -77.88 92.19
N MET YB 36 -9.65 -77.18 92.96
CA MET YB 36 -9.67 -75.71 93.01
C MET YB 36 -8.39 -75.14 92.35
N ILE YB 37 -7.61 -74.29 93.04
CA ILE YB 37 -6.56 -73.44 92.45
C ILE YB 37 -7.19 -72.30 91.60
N GLU YB 38 -8.02 -72.66 90.61
CA GLU YB 38 -9.02 -71.75 89.99
C GLU YB 38 -8.50 -70.61 89.09
N PRO YB 39 -7.40 -70.88 88.36
CA PRO YB 39 -7.43 -70.38 86.98
C PRO YB 39 -8.54 -71.11 86.23
N ARG YB 40 -8.75 -72.38 86.57
CA ARG YB 40 -10.02 -73.09 86.40
C ARG YB 40 -10.30 -73.53 84.98
N THR YB 41 -10.20 -72.61 84.00
CA THR YB 41 -10.29 -72.99 82.59
C THR YB 41 -9.27 -74.08 82.36
N LEU YB 42 -8.10 -73.90 82.96
CA LEU YB 42 -7.06 -74.91 82.92
C LEU YB 42 -7.51 -76.16 83.67
N GLN YB 43 -7.43 -76.14 85.00
CA GLN YB 43 -7.86 -77.28 85.85
C GLN YB 43 -7.53 -78.71 85.32
N TYR YB 44 -8.24 -79.17 84.28
CA TYR YB 44 -7.91 -80.46 83.64
C TYR YB 44 -6.42 -80.54 83.38
N LYS YB 45 -5.89 -79.43 82.90
CA LYS YB 45 -4.45 -79.14 82.82
C LYS YB 45 -3.55 -79.80 83.86
N LEU YB 46 -3.90 -79.61 85.13
CA LEU YB 46 -3.13 -80.19 86.25
C LEU YB 46 -3.68 -81.54 86.69
N LEU YB 47 -4.95 -81.82 86.38
CA LEU YB 47 -5.50 -83.16 86.56
C LEU YB 47 -4.86 -84.17 85.61
N GLU YB 48 -4.51 -83.72 84.40
CA GLU YB 48 -3.95 -84.58 83.33
C GLU YB 48 -3.19 -85.82 83.78
N PRO YB 49 -2.07 -85.65 84.51
CA PRO YB 49 -1.34 -86.83 85.01
C PRO YB 49 -2.25 -87.91 85.62
N VAL YB 50 -3.18 -87.48 86.47
CA VAL YB 50 -4.20 -88.35 87.07
C VAL YB 50 -4.98 -89.03 85.96
N LEU YB 51 -5.57 -88.20 85.12
CA LEU YB 51 -6.56 -88.65 84.16
C LEU YB 51 -5.93 -89.54 83.07
N LEU YB 52 -4.64 -89.38 82.83
CA LEU YB 52 -3.93 -90.20 81.87
C LEU YB 52 -3.61 -91.58 82.41
N LEU YB 53 -2.91 -91.59 83.53
CA LEU YB 53 -2.28 -92.79 84.04
C LEU YB 53 -3.30 -93.67 84.75
N GLY YB 54 -4.22 -93.01 85.46
CA GLY YB 54 -5.34 -93.66 86.12
C GLY YB 54 -5.51 -93.11 87.52
N LYS YB 55 -6.76 -93.05 87.98
CA LYS YB 55 -7.06 -92.65 89.35
C LYS YB 55 -6.45 -93.64 90.33
N GLU YB 56 -6.30 -94.89 89.88
CA GLU YB 56 -5.56 -95.96 90.59
C GLU YB 56 -4.10 -95.64 90.87
N ARG YB 57 -3.45 -94.90 89.96
CA ARG YB 57 -2.00 -94.71 89.99
C ARG YB 57 -1.45 -93.86 91.12
N PHE YB 58 -2.32 -93.09 91.77
CA PHE YB 58 -1.95 -92.34 92.96
C PHE YB 58 -2.74 -92.91 94.16
N ALA YB 59 -3.32 -94.09 94.02
CA ALA YB 59 -4.21 -94.63 95.05
C ALA YB 59 -3.45 -95.17 96.28
N GLY YB 60 -2.12 -95.26 96.18
CA GLY YB 60 -1.26 -95.43 97.34
C GLY YB 60 -0.24 -94.31 97.44
N VAL YB 61 -0.65 -93.07 97.13
CA VAL YB 61 0.30 -91.95 97.00
C VAL YB 61 -0.31 -90.59 97.35
N ASP YB 62 -0.18 -90.20 98.61
CA ASP YB 62 -0.45 -88.81 99.04
C ASP YB 62 0.63 -87.88 98.45
N ILE YB 63 0.23 -86.97 97.55
CA ILE YB 63 1.16 -85.98 97.00
C ILE YB 63 0.82 -84.63 97.61
N ARG YB 64 1.83 -83.91 98.07
CA ARG YB 64 1.66 -82.50 98.51
C ARG YB 64 2.63 -81.59 97.79
N VAL YB 65 2.09 -80.62 97.06
CA VAL YB 65 2.90 -79.71 96.30
C VAL YB 65 3.02 -78.42 97.10
N ARG YB 66 4.04 -77.63 96.79
CA ARG YB 66 4.13 -76.24 97.23
C ARG YB 66 4.60 -75.38 96.06
N VAL YB 67 4.07 -74.16 95.95
CA VAL YB 67 4.40 -73.27 94.84
C VAL YB 67 4.71 -71.87 95.32
N LYS YB 68 5.88 -71.37 94.91
CA LYS YB 68 6.21 -69.95 95.01
C LYS YB 68 6.85 -69.55 93.71
N GLY YB 69 6.84 -68.24 93.49
CA GLY YB 69 7.51 -67.64 92.37
C GLY YB 69 6.70 -67.78 91.11
N GLY YB 70 7.16 -67.07 90.08
CA GLY YB 70 6.50 -67.05 88.80
C GLY YB 70 5.14 -66.41 88.86
N GLY YB 71 4.16 -67.06 88.25
CA GLY YB 71 2.88 -66.45 88.06
C GLY YB 71 1.73 -67.38 87.80
N HIS YB 72 0.55 -66.87 88.11
CA HIS YB 72 -0.74 -67.53 87.94
C HIS YB 72 -0.79 -68.77 87.04
N VAL YB 73 -0.49 -68.60 85.76
CA VAL YB 73 -0.53 -69.71 84.78
C VAL YB 73 0.68 -70.61 84.90
N ALA YB 74 1.86 -69.99 84.96
CA ALA YB 74 3.11 -70.72 85.07
C ALA YB 74 3.06 -71.74 86.22
N GLN YB 75 2.68 -71.24 87.40
CA GLN YB 75 2.52 -72.05 88.60
C GLN YB 75 1.80 -73.40 88.33
N ILE YB 76 1.02 -73.49 87.25
CA ILE YB 76 0.32 -74.71 86.90
C ILE YB 76 1.11 -75.76 86.08
N TYR YB 77 1.89 -75.37 85.07
CA TYR YB 77 2.73 -76.41 84.37
C TYR YB 77 3.88 -76.70 85.30
N ALA YB 78 4.20 -75.76 86.18
CA ALA YB 78 5.08 -76.05 87.31
C ALA YB 78 4.53 -77.19 88.19
N ILE YB 79 3.30 -77.06 88.71
CA ILE YB 79 2.71 -78.14 89.53
C ILE YB 79 2.29 -79.37 88.74
N ARG YB 80 1.93 -79.20 87.46
CA ARG YB 80 1.69 -80.36 86.60
C ARG YB 80 2.98 -81.14 86.46
N GLN YB 81 4.02 -80.46 85.99
CA GLN YB 81 5.33 -81.07 85.78
C GLN YB 81 5.80 -81.75 87.07
N SER YB 82 5.59 -81.10 88.21
CA SER YB 82 6.04 -81.65 89.47
C SER YB 82 5.35 -82.99 89.85
N ILE YB 83 4.01 -83.06 89.79
CA ILE YB 83 3.29 -84.31 90.14
C ILE YB 83 3.32 -85.39 89.07
N SER YB 84 3.89 -85.09 87.91
CA SER YB 84 4.23 -86.13 86.93
C SER YB 84 5.66 -86.58 87.11
N LYS YB 85 6.58 -85.65 87.39
CA LYS YB 85 7.96 -86.01 87.71
C LYS YB 85 8.06 -86.79 89.02
N ALA YB 86 7.42 -86.28 90.07
CA ALA YB 86 7.44 -86.91 91.39
C ALA YB 86 6.89 -88.32 91.34
N LEU YB 87 5.71 -88.44 90.73
CA LEU YB 87 5.09 -89.72 90.48
C LEU YB 87 5.97 -90.65 89.64
N VAL YB 88 6.73 -90.08 88.72
CA VAL YB 88 7.72 -90.86 87.97
C VAL YB 88 8.85 -91.37 88.85
N ALA YB 89 9.42 -90.50 89.67
CA ALA YB 89 10.48 -90.93 90.59
C ALA YB 89 9.99 -91.91 91.64
N TYR YB 90 8.69 -91.84 91.95
CA TYR YB 90 8.04 -92.82 92.83
C TYR YB 90 8.23 -94.25 92.30
N TYR YB 91 7.63 -94.55 91.14
CA TYR YB 91 7.59 -95.93 90.60
C TYR YB 91 8.96 -96.41 90.18
N GLN YB 92 9.86 -95.47 89.86
CA GLN YB 92 11.26 -95.81 89.62
C GLN YB 92 12.01 -96.28 90.88
N LYS YB 93 12.20 -95.38 91.85
CA LYS YB 93 13.21 -95.61 92.91
C LYS YB 93 12.99 -96.86 93.76
N TYR YB 94 11.79 -97.07 94.32
CA TYR YB 94 11.57 -98.30 95.10
C TYR YB 94 10.66 -99.30 94.36
N VAL YB 95 9.65 -98.84 93.62
CA VAL YB 95 8.58 -99.75 93.18
C VAL YB 95 9.03 -100.76 92.11
N ASP YB 96 9.29 -100.29 90.90
CA ASP YB 96 9.53 -101.18 89.74
C ASP YB 96 10.43 -100.45 88.72
N GLU YB 97 10.24 -100.74 87.43
CA GLU YB 97 10.62 -99.84 86.34
C GLU YB 97 9.61 -99.88 85.17
N ALA YB 98 9.11 -101.06 84.81
CA ALA YB 98 8.07 -101.24 83.78
C ALA YB 98 6.90 -100.26 83.87
N SER YB 99 6.37 -100.05 85.07
CA SER YB 99 5.30 -99.08 85.29
C SER YB 99 5.83 -97.65 85.21
N LYS YB 100 7.06 -97.43 85.71
CA LYS YB 100 7.77 -96.16 85.47
C LYS YB 100 7.84 -95.85 83.97
N LYS YB 101 8.18 -96.86 83.17
CA LYS YB 101 8.27 -96.72 81.72
C LYS YB 101 6.91 -96.65 81.05
N GLU YB 102 5.91 -97.36 81.57
CA GLU YB 102 4.54 -97.24 81.04
C GLU YB 102 3.97 -95.85 81.37
N ILE YB 103 4.32 -95.31 82.53
CA ILE YB 103 4.01 -93.92 82.89
C ILE YB 103 4.73 -92.96 81.93
N LYS YB 104 6.07 -92.99 81.97
CA LYS YB 104 6.92 -92.11 81.15
C LYS YB 104 6.54 -92.14 79.66
N ASP YB 105 6.13 -93.30 79.15
CA ASP YB 105 5.52 -93.39 77.82
C ASP YB 105 4.23 -92.58 77.78
N ILE YB 106 3.27 -92.94 78.64
CA ILE YB 106 1.94 -92.30 78.62
C ILE YB 106 2.04 -90.77 78.71
N LEU YB 107 3.00 -90.29 79.49
CA LEU YB 107 3.25 -88.86 79.57
C LEU YB 107 3.94 -88.35 78.29
N ILE YB 108 5.15 -88.82 78.01
CA ILE YB 108 5.96 -88.26 76.91
C ILE YB 108 5.42 -88.58 75.50
N GLN YB 109 4.40 -89.43 75.34
CA GLN YB 109 3.71 -89.46 74.04
C GLN YB 109 2.92 -88.14 73.83
N TYR YB 110 2.59 -87.40 74.90
CA TYR YB 110 2.23 -85.98 74.71
C TYR YB 110 2.70 -84.97 75.78
N ASP YB 111 3.89 -85.21 76.31
CA ASP YB 111 4.73 -84.19 76.96
C ASP YB 111 3.91 -83.07 77.56
N ARG YB 112 3.56 -82.08 76.74
CA ARG YB 112 3.24 -80.76 77.25
C ARG YB 112 4.29 -80.34 78.30
N THR YB 113 5.54 -80.72 78.04
CA THR YB 113 6.67 -80.54 78.95
C THR YB 113 6.39 -81.13 80.33
N LEU YB 114 5.91 -82.37 80.36
CA LEU YB 114 5.48 -83.00 81.60
C LEU YB 114 6.67 -83.41 82.44
N LEU YB 115 7.61 -84.09 81.81
CA LEU YB 115 8.85 -84.50 82.47
C LEU YB 115 10.03 -83.69 81.98
N VAL YB 116 9.79 -82.84 80.99
CA VAL YB 116 10.83 -82.06 80.35
C VAL YB 116 10.66 -80.65 80.87
N ALA YB 117 11.71 -80.09 81.43
CA ALA YB 117 11.70 -78.69 81.80
C ALA YB 117 11.68 -77.85 80.52
N ASP YB 118 10.76 -76.87 80.43
CA ASP YB 118 10.79 -75.91 79.30
C ASP YB 118 12.08 -75.16 79.47
N PRO YB 119 12.97 -75.25 78.49
CA PRO YB 119 14.29 -74.65 78.63
C PRO YB 119 14.27 -73.13 78.58
N ARG YB 120 13.11 -72.56 78.24
CA ARG YB 120 13.02 -71.16 77.90
C ARG YB 120 13.03 -70.27 79.14
N ARG YB 121 13.54 -69.06 78.99
CA ARG YB 121 13.28 -68.00 79.96
C ARG YB 121 13.40 -66.64 79.26
N CYS YB 122 12.79 -65.60 79.85
CA CYS YB 122 12.69 -64.28 79.21
C CYS YB 122 14.02 -63.58 78.85
N GLU YB 123 13.99 -62.85 77.73
CA GLU YB 123 15.13 -62.06 77.26
C GLU YB 123 15.26 -60.84 78.14
N SER YB 124 16.44 -60.25 78.18
CA SER YB 124 16.60 -58.98 78.86
C SER YB 124 16.21 -57.85 77.92
N LYS YB 125 15.89 -56.69 78.48
CA LYS YB 125 15.72 -55.45 77.70
C LYS YB 125 17.10 -54.93 77.31
N LYS YB 126 17.20 -54.28 76.14
CA LYS YB 126 18.42 -53.56 75.76
C LYS YB 126 18.09 -52.08 75.61
N PHE YB 127 19.03 -51.19 75.95
CA PHE YB 127 18.77 -49.77 75.82
C PHE YB 127 18.39 -49.47 74.37
N GLY YB 128 17.64 -48.39 74.21
CA GLY YB 128 17.06 -48.01 72.93
C GLY YB 128 15.95 -48.95 72.51
N GLY YB 129 15.16 -49.43 73.47
CA GLY YB 129 13.93 -50.17 73.16
C GLY YB 129 13.05 -50.52 74.37
N PRO YB 130 11.70 -50.53 74.20
CA PRO YB 130 10.78 -50.89 75.31
C PRO YB 130 10.93 -52.32 75.81
N GLY YB 131 11.12 -53.25 74.87
CA GLY YB 131 11.39 -54.64 75.18
C GLY YB 131 12.81 -55.00 74.84
N ALA YB 132 13.03 -56.31 74.73
CA ALA YB 132 14.28 -56.85 74.26
C ALA YB 132 14.61 -56.29 72.90
N ARG YB 133 13.73 -56.56 71.95
CA ARG YB 133 14.06 -56.39 70.56
C ARG YB 133 13.59 -55.06 70.02
N ALA YB 134 12.31 -54.76 70.23
CA ALA YB 134 11.69 -53.56 69.64
C ALA YB 134 12.39 -52.30 70.10
N ARG YB 135 12.16 -51.22 69.35
CA ARG YB 135 13.00 -50.03 69.40
C ARG YB 135 12.13 -48.76 69.45
N TYR YB 136 12.59 -47.71 70.16
CA TYR YB 136 11.83 -46.45 70.26
C TYR YB 136 11.78 -45.79 68.89
N GLN YB 137 10.58 -45.43 68.47
CA GLN YB 137 10.33 -45.07 67.08
C GLN YB 137 11.29 -44.02 66.53
N LYS YB 138 11.74 -44.26 65.30
CA LYS YB 138 12.78 -43.47 64.67
C LYS YB 138 12.18 -42.19 64.15
N SER YB 139 12.75 -41.06 64.54
CA SER YB 139 12.14 -39.76 64.26
C SER YB 139 12.02 -39.57 62.76
N TYR YB 140 13.15 -39.30 62.11
CA TYR YB 140 13.21 -39.19 60.66
C TYR YB 140 12.56 -37.86 60.19
N ARG YB 141 13.17 -37.15 59.23
CA ARG YB 141 12.60 -35.85 58.75
C ARG YB 141 11.29 -36.06 57.99
N MET ZB 1 26.67 -73.62 59.51
CA MET ZB 1 25.70 -72.50 59.54
C MET ZB 1 26.16 -71.71 60.76
N GLY ZB 2 25.84 -72.19 61.96
CA GLY ZB 2 26.45 -71.65 63.16
C GLY ZB 2 27.92 -72.02 63.16
N ARG ZB 3 28.20 -73.32 63.03
CA ARG ZB 3 29.57 -73.82 63.20
C ARG ZB 3 30.22 -74.50 61.98
N VAL ZB 4 31.12 -73.71 61.40
CA VAL ZB 4 32.30 -74.13 60.64
C VAL ZB 4 33.49 -73.80 61.51
N ARG ZB 5 34.58 -74.54 61.39
CA ARG ZB 5 35.69 -74.40 62.34
C ARG ZB 5 36.70 -73.33 62.00
N THR ZB 6 37.30 -72.78 63.07
CA THR ZB 6 38.35 -71.74 62.97
C THR ZB 6 39.71 -72.37 62.85
N LYS ZB 7 40.65 -71.61 62.29
CA LYS ZB 7 42.00 -72.11 62.00
C LYS ZB 7 42.85 -72.34 63.25
N THR ZB 8 42.47 -71.80 64.40
CA THR ZB 8 43.10 -72.21 65.67
C THR ZB 8 42.77 -73.66 65.97
N VAL ZB 9 41.57 -74.10 65.61
CA VAL ZB 9 41.16 -75.47 65.79
C VAL ZB 9 41.68 -76.34 64.65
N LYS ZB 10 41.32 -76.01 63.41
CA LYS ZB 10 41.70 -76.81 62.23
C LYS ZB 10 43.22 -77.11 62.25
N LYS ZB 11 44.04 -76.13 62.69
CA LYS ZB 11 45.52 -76.32 62.74
C LYS ZB 11 45.99 -77.12 63.91
N ALA ZB 12 45.50 -76.80 65.09
CA ALA ZB 12 45.85 -77.56 66.28
C ALA ZB 12 45.36 -79.02 66.17
N ALA ZB 13 44.10 -79.21 65.80
CA ALA ZB 13 43.53 -80.53 65.56
C ALA ZB 13 44.42 -81.37 64.68
N ARG ZB 14 44.65 -80.90 63.45
CA ARG ZB 14 45.47 -81.61 62.47
C ARG ZB 14 46.86 -81.92 63.06
N VAL ZB 15 47.42 -81.00 63.86
CA VAL ZB 15 48.75 -81.19 64.47
C VAL ZB 15 48.83 -82.12 65.70
N ILE ZB 16 47.75 -82.23 66.48
CA ILE ZB 16 47.66 -83.28 67.49
C ILE ZB 16 47.79 -84.62 66.77
N ILE ZB 17 46.93 -84.85 65.78
CA ILE ZB 17 46.81 -86.15 65.08
C ILE ZB 17 48.13 -86.53 64.41
N GLU ZB 18 48.83 -85.54 63.88
CA GLU ZB 18 50.11 -85.77 63.26
C GLU ZB 18 51.03 -86.37 64.31
N LYS ZB 19 50.89 -85.88 65.53
CA LYS ZB 19 51.80 -86.29 66.61
C LYS ZB 19 51.32 -87.39 67.58
N TYR ZB 20 50.03 -87.74 67.59
CA TYR ZB 20 49.50 -88.78 68.51
C TYR ZB 20 48.51 -89.70 67.82
N TYR ZB 21 48.77 -90.11 66.57
CA TYR ZB 21 47.82 -90.97 65.86
C TYR ZB 21 47.47 -92.17 66.73
N THR ZB 22 48.46 -92.77 67.37
CA THR ZB 22 48.25 -93.96 68.20
C THR ZB 22 47.40 -93.69 69.46
N ARG ZB 23 47.58 -92.53 70.08
CA ARG ZB 23 46.85 -92.17 71.30
C ARG ZB 23 45.35 -91.97 71.15
N LEU ZB 24 44.92 -91.52 69.99
CA LEU ZB 24 43.55 -91.13 69.76
C LEU ZB 24 42.75 -92.30 69.26
N GLY ZB 25 41.44 -92.09 69.20
CA GLY ZB 25 40.56 -93.10 68.65
C GLY ZB 25 39.38 -92.44 68.00
N ASN ZB 26 38.40 -93.27 67.65
CA ASN ZB 26 37.17 -92.80 67.09
C ASN ZB 26 36.05 -92.81 68.15
N ASP ZB 27 36.31 -92.16 69.29
CA ASP ZB 27 35.26 -91.71 70.25
C ASP ZB 27 35.49 -90.23 70.46
N PHE ZB 28 34.57 -89.57 71.16
CA PHE ZB 28 34.76 -88.17 71.50
C PHE ZB 28 35.41 -88.15 72.86
N HIS ZB 29 34.66 -88.56 73.89
CA HIS ZB 29 34.95 -88.19 75.29
C HIS ZB 29 36.26 -88.82 75.84
N THR ZB 30 36.79 -89.80 75.12
CA THR ZB 30 38.11 -90.36 75.40
C THR ZB 30 39.19 -89.37 74.99
N ASN ZB 31 39.33 -89.20 73.67
CA ASN ZB 31 40.31 -88.27 73.08
C ASN ZB 31 40.04 -86.82 73.44
N LYS ZB 32 38.82 -86.57 73.91
CA LYS ZB 32 38.45 -85.30 74.48
C LYS ZB 32 39.41 -84.85 75.58
N ARG ZB 33 39.67 -85.74 76.55
CA ARG ZB 33 40.61 -85.40 77.63
C ARG ZB 33 41.98 -86.06 77.48
N VAL ZB 34 42.25 -86.62 76.30
CA VAL ZB 34 43.63 -86.79 75.86
C VAL ZB 34 44.21 -85.40 75.63
N CYS ZB 35 43.42 -84.56 74.95
CA CYS ZB 35 43.82 -83.20 74.63
C CYS ZB 35 44.18 -82.34 75.85
N GLU ZB 36 43.53 -82.60 76.98
CA GLU ZB 36 43.92 -81.98 78.27
C GLU ZB 36 45.35 -82.37 78.68
N GLU ZB 37 45.71 -83.62 78.45
CA GLU ZB 37 47.07 -84.07 78.74
C GLU ZB 37 48.08 -83.42 77.79
N ILE ZB 38 48.05 -83.83 76.52
CA ILE ZB 38 49.09 -83.46 75.53
C ILE ZB 38 49.11 -81.97 75.10
N ALA ZB 39 48.16 -81.15 75.53
CA ALA ZB 39 48.16 -79.73 75.17
C ALA ZB 39 47.78 -78.85 76.36
N ILE ZB 40 47.98 -77.54 76.19
CA ILE ZB 40 47.55 -76.53 77.16
C ILE ZB 40 46.47 -75.67 76.52
N ILE ZB 41 45.29 -76.26 76.43
CA ILE ZB 41 44.15 -75.59 75.85
C ILE ZB 41 43.49 -74.85 76.99
N PRO ZB 42 43.42 -73.51 76.92
CA PRO ZB 42 42.97 -72.73 78.07
C PRO ZB 42 41.48 -72.85 78.35
N SER ZB 43 40.66 -72.72 77.31
CA SER ZB 43 39.23 -72.62 77.49
C SER ZB 43 38.59 -73.98 77.27
N LYS ZB 44 37.58 -74.28 78.07
CA LYS ZB 44 36.84 -75.53 77.92
C LYS ZB 44 36.14 -75.62 76.56
N LYS ZB 45 35.63 -74.48 76.06
CA LYS ZB 45 34.98 -74.47 74.76
C LYS ZB 45 35.94 -75.00 73.73
N LEU ZB 46 37.16 -74.47 73.70
CA LEU ZB 46 38.16 -74.83 72.68
C LEU ZB 46 38.71 -76.24 72.87
N ARG ZB 47 39.09 -76.54 74.11
CA ARG ZB 47 39.49 -77.87 74.56
C ARG ZB 47 38.52 -78.84 73.95
N ASN ZB 48 37.25 -78.57 74.19
CA ASN ZB 48 36.23 -79.45 73.76
C ASN ZB 48 36.00 -79.39 72.26
N LYS ZB 49 35.99 -78.18 71.72
CA LYS ZB 49 35.80 -77.91 70.28
C LYS ZB 49 36.90 -78.59 69.43
N ILE ZB 50 38.11 -78.74 69.98
CA ILE ZB 50 39.25 -79.33 69.25
C ILE ZB 50 39.07 -80.82 68.93
N ALA ZB 51 38.62 -81.58 69.92
CA ALA ZB 51 38.26 -82.96 69.67
C ALA ZB 51 37.19 -83.13 68.57
N GLY ZB 52 36.63 -82.00 68.11
CA GLY ZB 52 35.94 -81.89 66.83
C GLY ZB 52 36.58 -82.62 65.65
N TYR ZB 53 37.64 -82.07 65.05
CA TYR ZB 53 38.31 -82.78 63.92
C TYR ZB 53 39.07 -84.00 64.32
N VAL ZB 54 39.57 -84.01 65.54
CA VAL ZB 54 40.24 -85.18 66.04
C VAL ZB 54 39.38 -86.43 65.72
N THR ZB 55 38.07 -86.33 65.85
CA THR ZB 55 37.17 -87.37 65.35
C THR ZB 55 36.95 -87.30 63.82
N HIS ZB 56 36.60 -86.11 63.29
CA HIS ZB 56 36.25 -85.94 61.85
C HIS ZB 56 37.39 -86.29 60.91
N LEU ZB 57 38.61 -86.40 61.45
CA LEU ZB 57 39.77 -86.84 60.70
C LEU ZB 57 40.10 -88.32 60.89
N MET ZB 58 39.67 -88.94 61.99
CA MET ZB 58 39.70 -90.41 62.07
C MET ZB 58 38.65 -91.11 61.20
N LYS ZB 59 37.42 -90.57 61.19
CA LYS ZB 59 36.37 -91.05 60.28
C LYS ZB 59 36.77 -90.94 58.79
N ARG ZB 60 37.57 -89.93 58.48
CA ARG ZB 60 38.22 -89.80 57.17
C ARG ZB 60 39.32 -90.83 56.92
N ILE ZB 61 40.17 -91.01 57.94
CA ILE ZB 61 41.38 -91.83 57.78
C ILE ZB 61 41.08 -93.30 57.50
N GLN ZB 62 40.12 -93.86 58.22
CA GLN ZB 62 39.79 -95.26 58.03
C GLN ZB 62 39.27 -95.46 56.61
N ARG ZB 63 38.40 -94.54 56.18
CA ARG ZB 63 37.87 -94.59 54.83
C ARG ZB 63 38.96 -94.38 53.79
N GLY ZB 64 39.83 -93.40 54.04
CA GLY ZB 64 40.93 -93.09 53.15
C GLY ZB 64 42.04 -92.30 53.83
N PRO ZB 65 43.22 -92.28 53.19
CA PRO ZB 65 44.34 -91.48 53.67
C PRO ZB 65 44.35 -90.12 52.95
N VAL ZB 66 44.53 -89.05 53.72
CA VAL ZB 66 44.45 -87.69 53.18
C VAL ZB 66 45.56 -87.42 52.16
N ARG ZB 67 45.22 -86.65 51.12
CA ARG ZB 67 46.19 -86.36 50.06
C ARG ZB 67 47.37 -85.61 50.65
N GLY ZB 68 47.07 -84.64 51.51
CA GLY ZB 68 48.10 -84.00 52.31
C GLY ZB 68 47.75 -84.21 53.77
N ILE ZB 69 48.62 -84.88 54.49
CA ILE ZB 69 48.36 -85.19 55.89
C ILE ZB 69 49.65 -85.53 56.63
N SER ZB 70 49.59 -85.52 57.96
CA SER ZB 70 50.72 -85.94 58.76
C SER ZB 70 50.40 -87.30 59.36
N ILE ZB 71 51.27 -88.28 59.11
CA ILE ZB 71 51.06 -89.63 59.62
C ILE ZB 71 52.38 -90.40 59.71
N LYS ZB 72 52.41 -91.41 60.57
CA LYS ZB 72 53.58 -92.25 60.71
C LYS ZB 72 53.44 -93.56 59.95
N LEU ZB 73 52.25 -94.18 60.04
CA LEU ZB 73 51.99 -95.42 59.33
C LEU ZB 73 52.03 -95.23 57.82
N GLN ZB 74 51.45 -94.12 57.34
CA GLN ZB 74 51.40 -93.86 55.91
C GLN ZB 74 52.79 -93.67 55.30
N GLU ZB 75 53.65 -92.94 56.00
CA GLU ZB 75 55.02 -92.76 55.53
C GLU ZB 75 55.72 -94.11 55.50
N GLU ZB 76 55.49 -94.89 56.56
CA GLU ZB 76 56.03 -96.24 56.65
C GLU ZB 76 55.45 -97.11 55.54
N GLU ZB 77 54.16 -96.93 55.30
CA GLU ZB 77 53.47 -97.68 54.25
C GLU ZB 77 54.01 -97.34 52.87
N ARG ZB 78 54.29 -96.06 52.64
CA ARG ZB 78 54.78 -95.59 51.35
C ARG ZB 78 56.13 -96.20 50.99
N GLU ZB 79 57.00 -96.31 51.99
CA GLU ZB 79 58.34 -96.86 51.75
C GLU ZB 79 58.25 -98.30 51.27
N ARG ZB 80 57.34 -99.07 51.87
CA ARG ZB 80 57.18 -100.47 51.51
C ARG ZB 80 56.72 -100.63 50.06
N ARG ZB 81 55.80 -99.76 49.64
CA ARG ZB 81 55.29 -99.80 48.28
C ARG ZB 81 56.39 -99.52 47.25
N ASP ZB 82 57.25 -98.57 47.57
CA ASP ZB 82 58.34 -98.19 46.68
C ASP ZB 82 59.34 -99.33 46.43
N ASN ZB 83 59.66 -100.08 47.48
CA ASN ZB 83 60.65 -101.14 47.37
C ASN ZB 83 60.25 -102.24 46.39
N TYR ZB 84 58.99 -102.64 46.42
CA TYR ZB 84 58.50 -103.65 45.49
C TYR ZB 84 58.74 -103.21 44.05
N VAL ZB 85 59.25 -104.13 43.24
CA VAL ZB 85 59.51 -103.85 41.82
C VAL ZB 85 59.52 -105.12 40.97
N PRO ZB 86 59.25 -104.93 39.62
CA PRO ZB 86 59.45 -106.13 38.80
C PRO ZB 86 60.95 -106.37 38.64
N GLU ZB 87 61.36 -107.60 38.33
CA GLU ZB 87 62.79 -107.89 38.26
C GLU ZB 87 63.44 -107.01 37.20
N VAL ZB 88 62.80 -106.90 36.04
CA VAL ZB 88 63.15 -105.88 35.07
C VAL ZB 88 61.89 -105.14 34.64
N SER ZB 89 61.81 -103.86 34.94
CA SER ZB 89 60.66 -103.07 34.54
C SER ZB 89 60.53 -102.90 33.03
N ALA ZB 90 61.65 -102.64 32.37
CA ALA ZB 90 61.66 -102.29 30.95
C ALA ZB 90 62.10 -103.41 30.00
N LEU ZB 91 62.32 -104.61 30.52
CA LEU ZB 91 62.85 -105.68 29.69
C LEU ZB 91 61.89 -106.02 28.55
N ASP ZB 92 60.60 -106.06 28.84
CA ASP ZB 92 59.57 -106.29 27.83
C ASP ZB 92 59.81 -107.59 27.07
N GLN ZB 93 60.29 -108.60 27.79
CA GLN ZB 93 60.46 -109.93 27.20
C GLN ZB 93 61.29 -109.86 25.92
N GLU ZB 94 60.81 -110.50 24.86
CA GLU ZB 94 61.45 -110.44 23.55
C GLU ZB 94 60.47 -109.92 22.51
N ILE ZB 95 60.89 -108.94 21.72
CA ILE ZB 95 60.00 -108.36 20.66
C ILE ZB 95 59.30 -107.05 21.11
N ILE ZB 96 59.86 -105.90 20.69
CA ILE ZB 96 59.27 -104.55 20.89
C ILE ZB 96 58.45 -104.15 19.64
N GLU ZB 97 57.34 -103.43 19.85
CA GLU ZB 97 56.49 -102.95 18.73
C GLU ZB 97 57.10 -101.68 18.07
N VAL ZB 98 57.86 -101.92 17.01
CA VAL ZB 98 58.75 -100.91 16.44
C VAL ZB 98 58.41 -100.53 15.00
N ASP ZB 99 58.40 -99.23 14.74
CA ASP ZB 99 58.14 -98.68 13.41
C ASP ZB 99 59.30 -98.95 12.46
N PRO ZB 100 58.97 -98.98 11.11
CA PRO ZB 100 60.11 -99.22 10.21
C PRO ZB 100 61.16 -98.11 10.33
N ASP ZB 101 60.69 -96.88 10.48
CA ASP ZB 101 61.58 -95.73 10.61
C ASP ZB 101 62.44 -95.88 11.86
N THR ZB 102 61.84 -96.41 12.92
CA THR ZB 102 62.56 -96.67 14.16
C THR ZB 102 63.67 -97.67 13.89
N LYS ZB 103 63.39 -98.65 13.03
CA LYS ZB 103 64.39 -99.62 12.61
C LYS ZB 103 65.51 -98.87 11.89
N GLU ZB 104 65.14 -97.86 11.13
CA GLU ZB 104 66.09 -97.03 10.40
C GLU ZB 104 67.04 -96.32 11.36
N MET ZB 105 66.50 -95.87 12.50
CA MET ZB 105 67.32 -95.18 13.49
C MET ZB 105 68.42 -96.10 13.98
N LEU ZB 106 68.07 -97.37 14.18
CA LEU ZB 106 69.03 -98.37 14.63
C LEU ZB 106 70.15 -98.55 13.61
N LYS ZB 107 69.79 -98.54 12.34
CA LYS ZB 107 70.76 -98.75 11.26
C LYS ZB 107 71.84 -97.68 11.24
N LEU ZB 108 71.45 -96.43 11.47
CA LEU ZB 108 72.41 -95.35 11.56
C LEU ZB 108 73.34 -95.63 12.74
N LEU ZB 109 72.76 -96.15 13.82
CA LEU ZB 109 73.51 -96.61 14.96
C LEU ZB 109 74.40 -97.77 14.53
N ASP ZB 110 73.85 -98.60 13.65
CA ASP ZB 110 74.54 -99.77 13.11
C ASP ZB 110 74.40 -100.98 14.04
N PHE ZB 111 73.66 -100.79 15.12
CA PHE ZB 111 73.33 -101.89 16.02
C PHE ZB 111 72.38 -102.88 15.34
N GLY ZB 112 72.56 -104.16 15.63
CA GLY ZB 112 71.65 -105.17 15.11
C GLY ZB 112 70.91 -105.86 16.24
N SER ZB 113 69.58 -105.85 16.15
CA SER ZB 113 68.73 -106.44 17.18
C SER ZB 113 67.54 -107.15 16.56
N LEU ZB 114 67.02 -108.14 17.28
CA LEU ZB 114 65.83 -108.86 16.82
C LEU ZB 114 64.61 -107.94 16.85
N SER ZB 115 63.74 -108.10 15.86
CA SER ZB 115 62.50 -107.31 15.78
C SER ZB 115 61.87 -107.35 14.37
N ASN ZB 116 60.57 -107.64 14.33
CA ASN ZB 116 59.78 -107.54 13.12
C ASN ZB 116 59.13 -106.16 13.08
N LEU ZB 117 59.17 -105.50 11.93
CA LEU ZB 117 58.61 -104.15 11.81
C LEU ZB 117 57.41 -104.10 10.88
N GLN ZB 118 56.31 -103.54 11.35
CA GLN ZB 118 55.09 -103.43 10.55
C GLN ZB 118 54.64 -101.99 10.39
N VAL ZB 119 54.40 -101.59 9.15
CA VAL ZB 119 53.80 -100.29 8.85
C VAL ZB 119 52.51 -100.54 8.08
N THR ZB 120 51.41 -99.96 8.55
CA THR ZB 120 50.12 -100.17 7.91
C THR ZB 120 49.18 -98.97 7.97
N GLN ZB 121 48.25 -98.93 7.01
CA GLN ZB 121 47.14 -97.98 7.02
C GLN ZB 121 47.42 -96.66 6.30
N PRO ZB 122 46.29 -95.92 5.99
CA PRO ZB 122 46.56 -94.63 5.33
C PRO ZB 122 47.11 -93.60 6.31
N THR ZB 123 47.76 -92.56 5.80
CA THR ZB 123 48.31 -91.53 6.66
C THR ZB 123 47.21 -90.54 7.02
N VAL ZB 124 46.33 -90.98 7.92
CA VAL ZB 124 45.19 -90.18 8.35
C VAL ZB 124 45.59 -88.90 9.08
N GLY ZB 125 46.62 -88.99 9.91
CA GLY ZB 125 47.02 -87.86 10.73
C GLY ZB 125 46.19 -87.80 12.00
N MET ZB 126 46.36 -86.75 12.78
CA MET ZB 126 45.66 -86.63 14.06
C MET ZB 126 44.72 -85.43 14.17
N ASN ZB 127 43.51 -85.71 14.64
CA ASN ZB 127 42.50 -84.70 14.94
C ASN ZB 127 41.54 -84.38 13.79
N PHE ZB 128 40.39 -83.81 14.11
CA PHE ZB 128 39.36 -83.49 13.13
C PHE ZB 128 38.87 -82.05 13.28
N LYS ZB 129 39.63 -81.10 12.75
CA LYS ZB 129 39.29 -79.68 12.85
C LYS ZB 129 37.80 -79.40 12.71
N PRO AC 1 -44.26 -54.22 83.12
CA PRO AC 1 -43.45 -53.72 84.23
C PRO AC 1 -43.62 -52.22 84.43
N GLU AC 2 -44.80 -51.72 84.10
CA GLU AC 2 -45.11 -50.30 84.24
C GLU AC 2 -44.17 -49.42 83.40
N LYS AC 3 -44.69 -48.94 82.28
CA LYS AC 3 -43.96 -48.05 81.38
C LYS AC 3 -44.52 -46.64 81.44
N PHE AC 4 -45.32 -46.38 82.48
CA PHE AC 4 -46.16 -45.18 82.54
C PHE AC 4 -45.42 -43.84 82.52
N GLN AC 5 -44.29 -43.75 83.23
CA GLN AC 5 -43.62 -42.47 83.38
C GLN AC 5 -43.13 -41.86 82.06
N HIS AC 6 -42.55 -42.68 81.19
CA HIS AC 6 -42.16 -42.21 79.87
C HIS AC 6 -41.27 -40.98 79.98
N ILE AC 7 -40.34 -41.00 80.94
CA ILE AC 7 -39.43 -39.88 81.22
C ILE AC 7 -40.03 -38.95 82.28
N LEU AC 8 -39.17 -38.15 82.91
CA LEU AC 8 -39.61 -37.25 83.98
C LEU AC 8 -38.87 -35.92 83.94
N ARG AC 9 -39.49 -34.89 84.51
CA ARG AC 9 -38.87 -33.57 84.60
C ARG AC 9 -38.63 -33.23 86.06
N VAL AC 10 -37.38 -32.96 86.43
CA VAL AC 10 -37.04 -32.67 87.81
C VAL AC 10 -36.19 -31.41 88.02
N LEU AC 11 -36.58 -30.61 89.00
CA LEU AC 11 -35.79 -29.47 89.46
C LEU AC 11 -35.46 -28.46 88.37
N ASN AC 12 -36.40 -28.26 87.45
CA ASN AC 12 -36.25 -27.25 86.40
C ASN AC 12 -35.33 -27.70 85.29
N THR AC 13 -34.90 -28.96 85.36
CA THR AC 13 -34.01 -29.53 84.35
C THR AC 13 -34.61 -30.80 83.77
N ASN AC 14 -34.60 -30.92 82.45
CA ASN AC 14 -35.11 -32.12 81.80
C ASN AC 14 -34.29 -33.34 82.17
N ILE AC 15 -34.99 -34.44 82.45
CA ILE AC 15 -34.36 -35.69 82.87
C ILE AC 15 -35.02 -36.88 82.17
N ASP AC 16 -34.31 -38.00 82.10
CA ASP AC 16 -34.81 -39.17 81.39
C ASP AC 16 -35.27 -40.28 82.33
N GLY AC 17 -36.54 -40.68 82.17
CA GLY AC 17 -37.13 -41.74 82.97
C GLY AC 17 -36.51 -43.12 82.81
N ARG AC 18 -36.17 -43.47 81.58
CA ARG AC 18 -35.66 -44.81 81.28
C ARG AC 18 -34.37 -45.12 82.03
N ARG AC 19 -33.49 -44.12 82.12
CA ARG AC 19 -32.20 -44.28 82.75
C ARG AC 19 -32.35 -44.65 84.22
N LYS AC 20 -31.38 -45.42 84.72
CA LYS AC 20 -31.41 -45.91 86.10
C LYS AC 20 -31.35 -44.74 87.07
N ILE AC 21 -31.94 -44.93 88.25
CA ILE AC 21 -32.21 -43.83 89.16
C ILE AC 21 -30.96 -43.10 89.61
N ALA AC 22 -29.89 -43.84 89.90
CA ALA AC 22 -28.64 -43.22 90.30
C ALA AC 22 -28.09 -42.35 89.17
N PHE AC 23 -28.17 -42.86 87.95
CA PHE AC 23 -27.73 -42.14 86.76
C PHE AC 23 -28.54 -40.87 86.48
N ALA AC 24 -29.85 -40.95 86.68
CA ALA AC 24 -30.76 -39.85 86.36
C ALA AC 24 -30.47 -38.59 87.17
N ILE AC 25 -30.14 -38.77 88.44
CA ILE AC 25 -29.82 -37.67 89.34
C ILE AC 25 -28.57 -36.95 88.85
N THR AC 26 -27.73 -37.68 88.13
CA THR AC 26 -26.43 -37.22 87.67
C THR AC 26 -26.51 -35.99 86.76
N ALA AC 27 -27.54 -35.92 85.93
CA ALA AC 27 -27.61 -34.93 84.87
C ALA AC 27 -27.60 -33.47 85.35
N ILE AC 28 -28.27 -33.18 86.46
CA ILE AC 28 -28.34 -31.81 86.97
C ILE AC 28 -26.96 -31.25 87.30
N LYS AC 29 -26.73 -29.99 86.99
CA LYS AC 29 -25.42 -29.39 87.20
C LYS AC 29 -25.26 -29.21 88.71
N GLY AC 30 -24.12 -29.63 89.24
CA GLY AC 30 -23.83 -29.60 90.67
C GLY AC 30 -23.91 -30.97 91.35
N VAL AC 31 -24.08 -32.03 90.56
CA VAL AC 31 -24.30 -33.35 91.14
C VAL AC 31 -23.16 -34.35 90.93
N GLY AC 32 -23.27 -35.18 89.90
CA GLY AC 32 -22.32 -36.24 89.65
C GLY AC 32 -22.73 -37.56 90.29
N ARG AC 33 -22.10 -38.65 89.84
CA ARG AC 33 -22.45 -39.99 90.31
C ARG AC 33 -22.17 -40.20 91.80
N ARG AC 34 -21.04 -39.69 92.27
CA ARG AC 34 -20.70 -39.77 93.70
C ARG AC 34 -21.90 -39.46 94.60
N TYR AC 35 -22.27 -38.19 94.57
CA TYR AC 35 -23.29 -37.60 95.44
C TYR AC 35 -24.68 -38.13 95.10
N ALA AC 36 -24.87 -38.48 93.83
CA ALA AC 36 -26.13 -38.98 93.37
C ALA AC 36 -26.48 -40.40 93.80
N HIS AC 37 -25.57 -41.20 94.38
CA HIS AC 37 -26.06 -42.40 95.09
C HIS AC 37 -26.40 -41.93 96.48
N VAL AC 38 -25.51 -41.15 97.08
CA VAL AC 38 -25.59 -40.81 98.52
C VAL AC 38 -26.94 -40.17 98.82
N VAL AC 39 -27.44 -39.35 97.90
CA VAL AC 39 -28.80 -38.82 97.99
C VAL AC 39 -29.80 -40.01 98.06
N LEU AC 40 -29.68 -40.95 97.13
CA LEU AC 40 -30.55 -42.15 97.07
C LEU AC 40 -30.25 -43.26 98.08
N ARG AC 41 -29.31 -42.99 98.98
CA ARG AC 41 -29.02 -43.87 100.11
C ARG AC 41 -29.61 -43.33 101.42
N LYS AC 42 -29.55 -42.02 101.62
CA LYS AC 42 -30.22 -41.41 102.77
C LYS AC 42 -31.73 -41.41 102.56
N ALA AC 43 -32.19 -40.93 101.40
CA ALA AC 43 -33.61 -40.96 101.02
C ALA AC 43 -34.27 -42.34 101.12
N ASP AC 44 -33.44 -43.39 100.99
CA ASP AC 44 -33.86 -44.78 101.11
C ASP AC 44 -34.73 -45.23 99.93
N ILE AC 45 -34.52 -44.58 98.79
CA ILE AC 45 -35.12 -44.98 97.54
C ILE AC 45 -34.35 -46.22 97.11
N ASP AC 46 -35.07 -47.25 96.65
CA ASP AC 46 -34.39 -48.45 96.16
C ASP AC 46 -33.63 -48.11 94.88
N LEU AC 47 -32.30 -48.26 94.91
CA LEU AC 47 -31.41 -47.91 93.79
C LEU AC 47 -31.61 -48.77 92.52
N THR AC 48 -32.22 -49.94 92.66
CA THR AC 48 -32.47 -50.86 91.53
C THR AC 48 -33.72 -50.50 90.71
N LYS AC 49 -33.85 -49.23 90.30
CA LYS AC 49 -35.05 -48.73 89.59
C LYS AC 49 -34.82 -47.49 88.73
N ARG AC 50 -35.76 -47.24 87.81
CA ARG AC 50 -35.64 -46.21 86.78
C ARG AC 50 -36.45 -44.94 87.06
N ALA AC 51 -35.84 -43.78 86.78
CA ALA AC 51 -36.40 -42.45 87.06
C ALA AC 51 -37.75 -42.19 86.40
N GLY AC 52 -38.13 -43.03 85.43
CA GLY AC 52 -39.50 -43.13 84.94
C GLY AC 52 -40.38 -44.09 85.72
N GLU AC 53 -40.06 -44.29 87.00
CA GLU AC 53 -40.93 -44.96 87.98
C GLU AC 53 -41.03 -44.06 89.23
N LEU AC 54 -41.32 -44.63 90.41
CA LEU AC 54 -41.36 -43.88 91.69
C LEU AC 54 -42.63 -43.01 91.82
N THR AC 55 -42.76 -42.28 92.93
CA THR AC 55 -43.84 -41.30 93.13
C THR AC 55 -43.30 -39.87 93.26
N GLU AC 56 -44.22 -38.90 93.34
CA GLU AC 56 -43.87 -37.47 93.58
C GLU AC 56 -43.15 -37.22 94.91
N ASP AC 57 -43.51 -38.02 95.93
CA ASP AC 57 -42.86 -37.99 97.23
C ASP AC 57 -41.38 -38.42 97.16
N GLU AC 58 -41.11 -39.47 96.39
CA GLU AC 58 -39.75 -39.97 96.16
C GLU AC 58 -38.87 -38.90 95.52
N VAL AC 59 -39.36 -38.33 94.41
CA VAL AC 59 -38.60 -37.32 93.67
C VAL AC 59 -38.44 -35.98 94.44
N GLU AC 60 -39.41 -35.64 95.29
CA GLU AC 60 -39.24 -34.51 96.22
C GLU AC 60 -38.30 -34.89 97.36
N ARG AC 61 -38.35 -36.15 97.76
CA ARG AC 61 -37.48 -36.65 98.80
C ARG AC 61 -36.06 -36.48 98.30
N VAL AC 62 -35.86 -36.73 97.02
CA VAL AC 62 -34.55 -36.42 96.43
C VAL AC 62 -34.23 -34.94 96.60
N ILE AC 63 -35.11 -34.04 96.12
CA ILE AC 63 -34.79 -32.59 96.06
C ILE AC 63 -34.58 -31.96 97.44
N THR AC 64 -35.46 -32.29 98.38
CA THR AC 64 -35.33 -31.82 99.76
C THR AC 64 -33.95 -32.20 100.30
N ILE AC 65 -33.56 -33.45 100.10
CA ILE AC 65 -32.26 -33.94 100.52
C ILE AC 65 -31.16 -33.30 99.71
N MET AC 66 -31.17 -33.44 98.39
CA MET AC 66 -30.03 -32.98 97.58
C MET AC 66 -29.85 -31.44 97.66
N GLN AC 67 -30.94 -30.70 97.71
CA GLN AC 67 -30.87 -29.24 97.81
C GLN AC 67 -30.51 -28.81 99.25
N ASN AC 68 -30.98 -29.54 100.26
CA ASN AC 68 -30.58 -29.33 101.67
C ASN AC 68 -29.91 -30.58 102.27
N PRO AC 69 -28.64 -30.85 101.89
CA PRO AC 69 -27.98 -32.12 102.22
C PRO AC 69 -27.54 -32.32 103.68
N ARG AC 70 -26.81 -31.35 104.23
CA ARG AC 70 -26.11 -31.52 105.51
C ARG AC 70 -27.01 -32.04 106.65
N GLN AC 71 -28.28 -31.65 106.61
CA GLN AC 71 -29.24 -31.97 107.67
C GLN AC 71 -29.64 -33.46 107.71
N TYR AC 72 -29.48 -34.18 106.60
CA TYR AC 72 -29.83 -35.60 106.55
C TYR AC 72 -28.54 -36.37 106.48
N LYS AC 73 -27.72 -36.12 107.51
CA LYS AC 73 -26.46 -36.79 107.81
C LYS AC 73 -25.36 -36.69 106.76
N ILE AC 74 -25.62 -36.10 105.59
CA ILE AC 74 -24.64 -36.09 104.50
C ILE AC 74 -23.51 -35.20 104.98
N PRO AC 75 -22.32 -35.79 105.13
CA PRO AC 75 -21.16 -35.05 105.59
C PRO AC 75 -20.64 -34.06 104.54
N ASP AC 76 -19.44 -33.55 104.73
CA ASP AC 76 -19.00 -32.36 104.05
C ASP AC 76 -17.97 -32.59 102.92
N TRP AC 77 -17.56 -33.83 102.70
CA TRP AC 77 -17.16 -34.25 101.35
C TRP AC 77 -18.17 -33.73 100.36
N PHE AC 78 -19.37 -34.31 100.37
CA PHE AC 78 -20.37 -34.12 99.31
C PHE AC 78 -21.14 -32.82 99.53
N LEU AC 79 -20.36 -31.76 99.64
CA LEU AC 79 -20.77 -30.42 99.43
C LEU AC 79 -19.72 -29.90 98.43
N ASN AC 80 -20.18 -29.59 97.23
CA ASN AC 80 -19.34 -29.00 96.21
C ASN AC 80 -18.95 -27.58 96.64
N ARG AC 81 -19.88 -26.92 97.36
CA ARG AC 81 -19.70 -25.55 97.85
C ARG AC 81 -19.12 -25.65 99.29
N GLN AC 82 -17.80 -25.55 99.41
CA GLN AC 82 -17.11 -25.60 100.72
C GLN AC 82 -16.48 -24.24 101.05
N LYS AC 83 -16.79 -23.76 102.26
CA LYS AC 83 -16.61 -22.38 102.67
C LYS AC 83 -16.69 -21.33 101.54
N ASP AC 84 -17.93 -21.06 101.10
CA ASP AC 84 -18.23 -20.20 99.93
C ASP AC 84 -17.35 -18.92 99.79
N VAL AC 85 -17.18 -18.17 100.89
CA VAL AC 85 -16.43 -16.87 100.98
C VAL AC 85 -17.42 -15.73 101.22
N LYS AC 86 -18.46 -15.62 100.39
CA LYS AC 86 -19.55 -14.66 100.65
C LYS AC 86 -20.43 -15.24 101.75
N ASP AC 87 -20.04 -14.94 102.99
CA ASP AC 87 -20.43 -15.68 104.19
C ASP AC 87 -19.81 -17.08 104.17
N GLY AC 88 -19.46 -17.58 105.34
CA GLY AC 88 -18.78 -18.86 105.46
C GLY AC 88 -19.75 -20.01 105.34
N LYS AC 89 -20.63 -19.95 104.35
CA LYS AC 89 -21.64 -20.97 104.14
C LYS AC 89 -20.98 -22.10 103.42
N TYR AC 90 -21.33 -23.31 103.82
CA TYR AC 90 -20.79 -24.47 103.14
C TYR AC 90 -21.89 -25.54 102.93
N SER AC 91 -22.41 -25.57 101.69
CA SER AC 91 -23.69 -26.20 101.28
C SER AC 91 -23.48 -26.85 99.91
N GLN AC 92 -24.54 -27.28 99.21
CA GLN AC 92 -24.36 -27.80 97.82
C GLN AC 92 -25.13 -27.10 96.72
N VAL AC 93 -24.41 -26.30 95.95
CA VAL AC 93 -24.99 -25.52 94.85
C VAL AC 93 -25.36 -26.46 93.72
N LEU AC 94 -26.44 -26.11 93.04
CA LEU AC 94 -27.02 -26.91 91.98
C LEU AC 94 -27.61 -26.00 90.88
N ALA AC 95 -28.03 -26.63 89.78
CA ALA AC 95 -28.70 -25.94 88.67
C ALA AC 95 -27.80 -24.86 88.08
N ASN AC 96 -28.43 -23.91 87.38
CA ASN AC 96 -27.80 -22.63 87.02
C ASN AC 96 -27.09 -21.91 88.17
N GLY AC 97 -27.56 -22.14 89.40
CA GLY AC 97 -26.94 -21.62 90.61
C GLY AC 97 -25.43 -21.69 90.60
N LEU AC 98 -24.88 -22.83 90.17
CA LEU AC 98 -23.43 -22.99 90.08
C LEU AC 98 -22.85 -22.12 88.99
N ASP AC 99 -23.54 -22.03 87.85
CA ASP AC 99 -23.13 -21.11 86.78
C ASP AC 99 -23.09 -19.66 87.29
N ASN AC 100 -24.05 -19.33 88.15
CA ASN AC 100 -24.10 -18.05 88.84
C ASN AC 100 -22.88 -17.89 89.77
N LYS AC 101 -22.67 -18.88 90.64
CA LYS AC 101 -21.52 -18.89 91.56
C LYS AC 101 -20.19 -18.88 90.81
N LEU AC 102 -20.07 -19.79 89.84
CA LEU AC 102 -18.96 -19.86 88.91
C LEU AC 102 -18.66 -18.47 88.41
N ARG AC 103 -19.63 -17.87 87.71
CA ARG AC 103 -19.47 -16.52 87.16
C ARG AC 103 -19.06 -15.50 88.22
N GLU AC 104 -19.71 -15.55 89.37
CA GLU AC 104 -19.42 -14.63 90.46
C GLU AC 104 -17.96 -14.70 90.94
N ASP AC 105 -17.41 -15.92 91.05
CA ASP AC 105 -16.00 -16.08 91.45
C ASP AC 105 -15.02 -15.72 90.33
N LEU AC 106 -15.43 -15.86 89.06
CA LEU AC 106 -14.63 -15.36 87.94
C LEU AC 106 -14.64 -13.85 87.98
N GLU AC 107 -15.86 -13.31 88.11
CA GLU AC 107 -16.09 -11.87 88.30
C GLU AC 107 -15.31 -11.31 89.47
N ARG AC 108 -15.36 -12.00 90.59
CA ARG AC 108 -14.67 -11.56 91.78
C ARG AC 108 -13.15 -11.49 91.49
N LEU AC 109 -12.56 -12.58 91.00
CA LEU AC 109 -11.11 -12.62 90.65
C LEU AC 109 -10.70 -11.53 89.67
N LYS AC 110 -11.53 -11.39 88.64
CA LYS AC 110 -11.35 -10.37 87.61
C LYS AC 110 -11.40 -8.96 88.19
N LYS AC 111 -12.47 -8.71 88.94
CA LYS AC 111 -12.68 -7.45 89.63
C LYS AC 111 -11.51 -7.09 90.55
N ILE AC 112 -10.97 -8.08 91.28
CA ILE AC 112 -9.76 -7.88 92.10
C ILE AC 112 -8.51 -8.08 91.21
N ARG AC 113 -8.50 -7.47 90.01
CA ARG AC 113 -7.35 -7.47 89.06
C ARG AC 113 -6.32 -8.63 89.14
N ALA AC 114 -6.73 -9.78 89.68
CA ALA AC 114 -5.79 -10.86 90.05
C ALA AC 114 -5.65 -11.74 88.85
N HIS AC 115 -4.60 -12.54 88.85
CA HIS AC 115 -4.16 -13.20 87.64
C HIS AC 115 -5.21 -14.14 87.04
N ARG AC 116 -5.64 -15.14 87.81
CA ARG AC 116 -6.59 -16.16 87.34
C ARG AC 116 -7.80 -15.63 86.60
N GLY AC 117 -8.26 -14.45 87.00
CA GLY AC 117 -9.36 -13.78 86.34
C GLY AC 117 -8.94 -13.34 84.96
N LEU AC 118 -7.87 -12.54 84.91
CA LEU AC 118 -7.32 -12.06 83.64
C LEU AC 118 -7.29 -13.26 82.70
N ARG AC 119 -6.71 -14.37 83.15
CA ARG AC 119 -6.63 -15.56 82.29
C ARG AC 119 -7.97 -16.06 81.70
N HIS AC 120 -9.07 -16.04 82.45
CA HIS AC 120 -10.39 -16.36 81.84
C HIS AC 120 -10.79 -15.29 80.86
N PHE AC 121 -10.72 -14.03 81.30
CA PHE AC 121 -11.03 -12.85 80.46
C PHE AC 121 -10.39 -13.00 79.06
N TRP AC 122 -9.10 -13.35 79.03
CA TRP AC 122 -8.34 -13.47 77.78
C TRP AC 122 -8.77 -14.73 77.03
N GLY AC 123 -9.11 -15.80 77.77
CA GLY AC 123 -9.42 -17.10 77.18
C GLY AC 123 -8.10 -17.83 77.03
N LEU AC 124 -7.65 -18.42 78.13
CA LEU AC 124 -6.36 -19.10 78.20
C LEU AC 124 -6.48 -20.31 79.12
N ARG AC 125 -5.34 -20.89 79.50
CA ARG AC 125 -5.30 -21.74 80.67
C ARG AC 125 -5.15 -20.85 81.88
N VAL AC 126 -5.86 -21.23 82.95
CA VAL AC 126 -5.62 -20.72 84.30
C VAL AC 126 -4.54 -21.53 85.00
N ARG AC 127 -4.61 -22.85 84.81
CA ARG AC 127 -3.76 -23.77 85.53
C ARG AC 127 -2.47 -23.84 84.72
N GLY AC 128 -1.38 -23.28 85.25
CA GLY AC 128 -0.12 -23.11 84.50
C GLY AC 128 0.47 -24.31 83.76
N GLN AC 129 -0.28 -24.85 82.80
CA GLN AC 129 0.25 -25.80 81.83
C GLN AC 129 0.65 -24.99 80.61
N HIS AC 130 1.53 -25.56 79.82
CA HIS AC 130 2.24 -24.81 78.81
C HIS AC 130 1.23 -24.86 77.65
N THR AC 131 0.97 -23.72 77.00
CA THR AC 131 0.00 -23.65 75.89
C THR AC 131 0.65 -23.45 74.51
N LYS AC 132 1.94 -23.76 74.42
CA LYS AC 132 2.69 -23.73 73.18
C LYS AC 132 2.06 -24.64 72.14
N THR AC 133 1.69 -25.83 72.59
CA THR AC 133 1.31 -26.92 71.71
C THR AC 133 -0.11 -27.41 71.88
N THR AC 134 -0.64 -27.33 73.09
CA THR AC 134 -2.04 -27.60 73.35
C THR AC 134 -2.79 -26.29 73.53
N GLY AC 135 -4.12 -26.41 73.54
CA GLY AC 135 -4.99 -25.24 73.67
C GLY AC 135 -5.07 -24.52 72.36
N ARG AC 136 -5.38 -25.28 71.30
CA ARG AC 136 -5.47 -24.73 69.95
C ARG AC 136 -6.87 -24.95 69.42
N ARG AC 137 -7.71 -23.92 69.52
CA ARG AC 137 -9.04 -23.89 68.90
C ARG AC 137 -9.39 -22.47 68.47
N VAL BC 1 -12.35 -80.45 106.01
CA VAL BC 1 -12.78 -79.33 105.10
C VAL BC 1 -12.49 -77.90 105.65
N THR BC 2 -11.21 -77.58 105.80
CA THR BC 2 -10.81 -76.21 106.20
C THR BC 2 -11.12 -75.17 105.11
N VAL BC 3 -10.90 -73.90 105.48
CA VAL BC 3 -11.10 -72.75 104.57
C VAL BC 3 -10.56 -73.00 103.15
N LYS BC 4 -9.43 -73.71 103.08
CA LYS BC 4 -8.83 -74.08 101.80
C LYS BC 4 -9.63 -75.14 101.08
N ASP BC 5 -9.99 -76.20 101.80
CA ASP BC 5 -10.75 -77.31 101.23
C ASP BC 5 -12.13 -76.89 100.66
N VAL BC 6 -12.74 -75.87 101.27
CA VAL BC 6 -13.92 -75.22 100.72
C VAL BC 6 -13.48 -74.30 99.61
N ASN BC 7 -14.21 -74.30 98.49
CA ASN BC 7 -13.88 -73.41 97.38
C ASN BC 7 -14.07 -71.94 97.76
N GLN BC 8 -12.91 -71.32 98.00
CA GLN BC 8 -12.73 -70.21 98.93
C GLN BC 8 -13.67 -69.02 98.63
N GLN BC 9 -14.15 -68.88 97.39
CA GLN BC 9 -14.97 -67.71 97.04
C GLN BC 9 -16.41 -67.80 97.50
N GLU BC 10 -16.98 -69.02 97.52
CA GLU BC 10 -18.27 -69.25 98.20
C GLU BC 10 -18.10 -69.53 99.71
N PHE BC 11 -16.88 -69.31 100.24
CA PHE BC 11 -16.72 -69.17 101.67
C PHE BC 11 -17.39 -67.90 102.12
N VAL BC 12 -16.79 -66.78 101.71
CA VAL BC 12 -17.15 -65.48 102.27
C VAL BC 12 -18.59 -65.07 101.97
N ARG BC 13 -19.16 -65.65 100.92
CA ARG BC 13 -20.59 -65.57 100.68
C ARG BC 13 -21.42 -65.98 101.91
N ALA BC 14 -21.07 -67.13 102.50
CA ALA BC 14 -21.77 -67.66 103.68
C ALA BC 14 -21.28 -67.04 104.99
N LEU BC 15 -20.00 -66.70 105.05
CA LEU BC 15 -19.47 -65.98 106.20
C LEU BC 15 -20.02 -64.56 106.30
N ALA BC 16 -20.34 -63.93 105.16
CA ALA BC 16 -21.08 -62.65 105.15
C ALA BC 16 -22.47 -62.88 105.73
N ALA BC 17 -23.10 -63.98 105.30
CA ALA BC 17 -24.40 -64.38 105.84
C ALA BC 17 -24.34 -64.60 107.34
N PHE BC 18 -23.31 -65.31 107.81
CA PHE BC 18 -23.14 -65.59 109.25
C PHE BC 18 -23.34 -64.30 110.01
N LEU BC 19 -22.48 -63.33 109.72
CA LEU BC 19 -22.35 -62.14 110.56
C LEU BC 19 -23.56 -61.19 110.39
N LYS BC 20 -24.30 -61.35 109.28
CA LYS BC 20 -25.63 -60.73 109.11
C LYS BC 20 -26.69 -61.41 109.99
N LYS BC 21 -26.78 -62.73 109.85
CA LYS BC 21 -27.75 -63.55 110.61
C LYS BC 21 -27.43 -63.71 112.11
N SER BC 22 -26.23 -63.28 112.53
CA SER BC 22 -25.93 -63.05 113.94
C SER BC 22 -26.64 -61.80 114.45
N GLY BC 23 -26.67 -60.76 113.62
CA GLY BC 23 -27.26 -59.48 113.98
C GLY BC 23 -26.39 -58.68 114.95
N LYS BC 24 -25.08 -58.91 114.91
CA LYS BC 24 -24.12 -58.17 115.73
C LYS BC 24 -22.74 -58.21 115.08
N LEU BC 25 -22.00 -57.13 115.24
CA LEU BC 25 -20.62 -56.99 114.73
C LEU BC 25 -20.13 -55.59 115.08
N LYS BC 26 -20.93 -54.60 114.67
CA LYS BC 26 -20.80 -53.16 114.94
C LYS BC 26 -20.64 -52.39 113.64
N VAL BC 27 -21.73 -52.37 112.87
CA VAL BC 27 -21.84 -51.53 111.68
C VAL BC 27 -21.89 -50.06 112.07
N PRO BC 28 -21.09 -49.22 111.39
CA PRO BC 28 -21.18 -47.83 111.80
C PRO BC 28 -21.77 -46.76 110.81
N GLU BC 29 -21.18 -45.55 110.78
CA GLU BC 29 -21.74 -44.36 110.12
C GLU BC 29 -21.01 -43.74 108.88
N TRP BC 30 -19.72 -44.03 108.66
CA TRP BC 30 -18.91 -43.43 107.54
C TRP BC 30 -19.44 -44.36 106.37
N VAL BC 31 -19.77 -45.63 106.68
CA VAL BC 31 -20.65 -46.60 105.89
C VAL BC 31 -21.39 -46.23 104.58
N ASP BC 32 -22.52 -45.52 104.67
CA ASP BC 32 -23.31 -45.27 103.44
C ASP BC 32 -22.58 -44.26 102.53
N THR BC 33 -21.65 -43.50 103.10
CA THR BC 33 -20.95 -42.45 102.37
C THR BC 33 -19.47 -42.78 102.16
N VAL BC 34 -19.14 -44.07 102.12
CA VAL BC 34 -17.75 -44.50 102.05
C VAL BC 34 -17.33 -44.76 100.60
N LYS BC 35 -16.09 -44.38 100.33
CA LYS BC 35 -15.47 -44.57 99.04
C LYS BC 35 -15.01 -46.01 98.89
N LEU BC 36 -14.31 -46.49 99.92
CA LEU BC 36 -13.77 -47.88 100.08
C LEU BC 36 -12.27 -47.91 99.90
N ALA BC 37 -11.79 -47.13 98.94
CA ALA BC 37 -10.37 -46.81 98.74
C ALA BC 37 -10.31 -45.71 97.71
N LYS BC 38 -9.50 -44.67 97.90
CA LYS BC 38 -9.38 -43.59 96.88
C LYS BC 38 -9.14 -44.17 95.50
N HIS BC 39 -8.49 -45.33 95.52
CA HIS BC 39 -8.48 -46.31 94.46
C HIS BC 39 -9.68 -46.36 93.50
N LYS BC 40 -10.86 -46.57 94.08
CA LYS BC 40 -12.09 -46.88 93.34
C LYS BC 40 -12.62 -45.64 92.63
N GLU BC 41 -13.60 -45.85 91.74
CA GLU BC 41 -14.35 -44.75 91.11
C GLU BC 41 -15.56 -44.37 91.95
N LEU BC 42 -16.15 -45.37 92.60
CA LEU BC 42 -17.57 -45.37 92.92
C LEU BC 42 -17.95 -46.28 94.09
N ALA BC 43 -18.85 -45.78 94.94
CA ALA BC 43 -19.25 -46.50 96.16
C ALA BC 43 -19.99 -47.80 95.82
N PRO BC 44 -19.62 -48.91 96.48
CA PRO BC 44 -20.05 -50.29 96.17
C PRO BC 44 -21.54 -50.62 96.33
N TYR BC 45 -22.06 -51.49 95.45
CA TYR BC 45 -23.51 -51.71 95.28
C TYR BC 45 -24.11 -52.54 96.36
N ASP BC 46 -23.63 -53.77 96.54
CA ASP BC 46 -24.05 -54.55 97.69
C ASP BC 46 -23.73 -53.63 98.86
N GLU BC 47 -24.78 -53.13 99.49
CA GLU BC 47 -24.69 -52.06 100.49
C GLU BC 47 -24.00 -52.53 101.77
N ASN BC 48 -23.53 -53.77 101.77
CA ASN BC 48 -23.13 -54.48 102.96
C ASN BC 48 -21.74 -55.13 102.82
N TRP BC 49 -20.73 -54.35 102.39
CA TRP BC 49 -19.34 -54.85 102.25
C TRP BC 49 -18.81 -55.53 103.48
N PHE BC 50 -19.02 -54.96 104.65
CA PHE BC 50 -18.03 -55.17 105.69
C PHE BC 50 -18.45 -56.43 106.42
N TYR BC 51 -19.73 -56.80 106.34
CA TYR BC 51 -20.08 -58.18 106.66
C TYR BC 51 -19.35 -59.17 105.73
N THR BC 52 -19.34 -58.89 104.42
CA THR BC 52 -18.60 -59.71 103.44
C THR BC 52 -17.08 -59.45 103.39
N ARG BC 53 -16.62 -58.28 103.82
CA ARG BC 53 -15.18 -57.99 103.84
C ARG BC 53 -14.55 -58.36 105.17
N ALA BC 54 -15.25 -58.12 106.28
CA ALA BC 54 -14.82 -58.67 107.56
C ALA BC 54 -14.79 -60.18 107.46
N ALA BC 55 -15.70 -60.76 106.68
CA ALA BC 55 -15.58 -62.16 106.33
C ALA BC 55 -14.21 -62.41 105.71
N SER BC 56 -13.93 -61.72 104.60
CA SER BC 56 -12.64 -61.87 103.90
C SER BC 56 -11.48 -61.67 104.88
N THR BC 57 -11.39 -60.47 105.45
CA THR BC 57 -10.34 -60.11 106.41
C THR BC 57 -10.11 -61.17 107.48
N ALA BC 58 -11.19 -61.69 108.04
CA ALA BC 58 -11.10 -62.69 109.10
C ALA BC 58 -10.61 -64.03 108.59
N ARG BC 59 -11.06 -64.47 107.42
CA ARG BC 59 -10.55 -65.74 106.87
C ARG BC 59 -9.11 -65.54 106.45
N HIS BC 60 -8.83 -64.38 105.86
CA HIS BC 60 -7.48 -64.01 105.49
C HIS BC 60 -6.51 -64.23 106.66
N LEU BC 61 -6.83 -63.67 107.83
CA LEU BC 61 -6.03 -63.89 109.04
C LEU BC 61 -5.90 -65.38 109.35
N TYR BC 62 -6.95 -66.18 109.08
CA TYR BC 62 -6.82 -67.63 109.22
C TYR BC 62 -5.65 -68.14 108.39
N LEU BC 63 -5.62 -67.77 107.11
CA LEU BC 63 -4.54 -68.20 106.23
C LEU BC 63 -3.16 -67.65 106.61
N ARG BC 64 -3.10 -66.45 107.21
CA ARG BC 64 -1.81 -65.81 107.54
C ARG BC 64 -1.63 -65.43 109.01
N GLY BC 65 -0.58 -65.98 109.60
CA GLY BC 65 -0.25 -65.79 111.02
C GLY BC 65 0.26 -64.40 111.33
N GLY BC 66 -0.66 -63.45 111.38
CA GLY BC 66 -0.35 -62.05 111.70
C GLY BC 66 -0.63 -61.18 110.50
N ALA BC 67 -1.21 -60.02 110.74
CA ALA BC 67 -1.48 -59.05 109.68
C ALA BC 67 -1.86 -57.70 110.28
N GLY BC 68 -1.16 -56.65 109.88
CA GLY BC 68 -1.49 -55.30 110.30
C GLY BC 68 -2.53 -54.66 109.40
N VAL BC 69 -2.96 -53.48 109.81
CA VAL BC 69 -3.81 -52.61 108.99
C VAL BC 69 -3.10 -52.30 107.67
N GLY BC 70 -1.85 -51.88 107.77
CA GLY BC 70 -0.98 -51.69 106.62
C GLY BC 70 -0.99 -52.88 105.67
N SER BC 71 -1.03 -54.08 106.24
CA SER BC 71 -1.18 -55.29 105.45
C SER BC 71 -2.57 -55.33 104.76
N MET BC 72 -3.64 -55.15 105.52
CA MET BC 72 -4.98 -55.24 104.92
C MET BC 72 -5.18 -54.24 103.78
N THR BC 73 -4.65 -53.03 103.95
CA THR BC 73 -4.73 -51.99 102.93
C THR BC 73 -4.05 -52.47 101.66
N LYS BC 74 -2.83 -52.96 101.85
CA LYS BC 74 -2.04 -53.53 100.78
C LYS BC 74 -2.87 -54.52 100.00
N ILE BC 75 -3.43 -55.53 100.68
CA ILE BC 75 -4.02 -56.65 99.96
C ILE BC 75 -5.24 -56.25 99.10
N TYR BC 76 -6.12 -55.40 99.60
CA TYR BC 76 -7.26 -54.97 98.77
C TYR BC 76 -6.75 -53.76 98.00
N GLY BC 77 -6.19 -54.08 96.82
CA GLY BC 77 -5.66 -53.09 95.90
C GLY BC 77 -6.42 -53.10 94.58
N GLY BC 78 -5.68 -52.87 93.50
CA GLY BC 78 -6.23 -52.55 92.17
C GLY BC 78 -5.28 -51.68 91.35
N ARG BC 79 -5.71 -51.30 90.15
CA ARG BC 79 -5.03 -50.29 89.35
C ARG BC 79 -5.84 -49.01 89.63
N GLN BC 80 -5.31 -47.87 89.24
CA GLN BC 80 -5.90 -46.56 89.56
C GLN BC 80 -5.63 -45.64 88.37
N ARG BC 81 -6.64 -45.38 87.53
CA ARG BC 81 -6.44 -44.36 86.48
C ARG BC 81 -6.28 -43.05 87.21
N ASN BC 82 -5.12 -42.43 87.05
CA ASN BC 82 -4.97 -41.01 87.32
C ASN BC 82 -5.40 -40.31 86.03
N GLY BC 83 -5.69 -41.13 85.02
CA GLY BC 83 -6.59 -40.79 83.92
C GLY BC 83 -5.90 -41.04 82.61
N VAL BC 84 -5.51 -39.94 81.97
CA VAL BC 84 -4.61 -39.94 80.82
C VAL BC 84 -3.25 -40.48 81.24
N MET BC 85 -2.93 -40.33 82.53
CA MET BC 85 -1.81 -40.99 83.18
C MET BC 85 -1.89 -42.52 83.07
N PRO BC 86 -0.76 -43.20 83.32
CA PRO BC 86 -0.81 -44.65 83.45
C PRO BC 86 -1.37 -45.04 84.79
N SER BC 87 -1.81 -46.29 84.88
CA SER BC 87 -2.37 -46.81 86.12
C SER BC 87 -1.24 -47.20 87.09
N HIS BC 88 -1.45 -46.96 88.38
CA HIS BC 88 -0.51 -47.36 89.44
C HIS BC 88 -1.30 -48.05 90.55
N PHE BC 89 -0.60 -48.50 91.57
CA PHE BC 89 -1.18 -49.25 92.67
C PHE BC 89 -1.32 -48.29 93.83
N SER BC 90 -2.55 -48.21 94.35
CA SER BC 90 -2.89 -47.49 95.57
C SER BC 90 -3.44 -48.47 96.64
N ARG BC 91 -2.82 -48.44 97.81
CA ARG BC 91 -3.33 -49.12 99.01
C ARG BC 91 -4.83 -48.89 99.18
N GLY BC 92 -5.53 -49.88 99.72
CA GLY BC 92 -6.90 -49.66 100.22
C GLY BC 92 -7.01 -48.65 101.37
N SER BC 93 -8.25 -48.33 101.74
CA SER BC 93 -8.56 -47.49 102.92
C SER BC 93 -8.10 -48.17 104.20
N LYS BC 94 -7.45 -47.41 105.09
CA LYS BC 94 -7.05 -47.95 106.40
C LYS BC 94 -8.28 -48.01 107.30
N SER BC 95 -8.87 -46.84 107.53
CA SER BC 95 -10.04 -46.67 108.36
C SER BC 95 -10.94 -47.90 108.37
N VAL BC 96 -11.32 -48.33 107.17
CA VAL BC 96 -12.27 -49.42 107.01
C VAL BC 96 -11.71 -50.80 107.35
N ALA BC 97 -10.48 -51.08 106.94
CA ALA BC 97 -9.84 -52.37 107.28
C ALA BC 97 -9.57 -52.42 108.78
N ARG BC 98 -9.11 -51.30 109.31
CA ARG BC 98 -8.95 -51.11 110.76
C ARG BC 98 -10.25 -51.40 111.52
N ARG BC 99 -11.31 -50.63 111.27
CA ARG BC 99 -12.59 -50.88 111.93
C ARG BC 99 -13.14 -52.26 111.65
N VAL BC 100 -12.79 -52.85 110.50
CA VAL BC 100 -13.11 -54.25 110.28
C VAL BC 100 -12.37 -55.11 111.29
N LEU BC 101 -11.09 -54.84 111.50
CA LEU BC 101 -10.31 -55.58 112.50
C LEU BC 101 -10.85 -55.34 113.91
N GLN BC 102 -11.00 -54.08 114.28
CA GLN BC 102 -11.55 -53.72 115.59
C GLN BC 102 -12.96 -54.31 115.79
N ALA BC 103 -13.78 -54.39 114.73
CA ALA BC 103 -15.14 -54.94 114.83
C ALA BC 103 -15.15 -56.46 114.96
N LEU BC 104 -14.34 -57.12 114.15
CA LEU BC 104 -14.07 -58.53 114.36
C LEU BC 104 -13.62 -58.79 115.80
N GLU BC 105 -12.83 -57.86 116.32
CA GLU BC 105 -12.39 -57.89 117.73
C GLU BC 105 -13.54 -57.84 118.76
N GLY BC 106 -14.62 -57.12 118.43
CA GLY BC 106 -15.83 -57.05 119.26
C GLY BC 106 -16.51 -58.39 119.49
N LEU BC 107 -16.79 -59.10 118.40
CA LEU BC 107 -17.25 -60.50 118.46
C LEU BC 107 -16.17 -61.44 118.98
N LYS BC 108 -14.93 -61.01 118.87
CA LYS BC 108 -13.76 -61.75 119.31
C LYS BC 108 -13.57 -62.92 118.35
N MET BC 109 -13.59 -62.56 117.07
CA MET BC 109 -13.08 -63.41 116.01
C MET BC 109 -11.57 -63.35 116.04
N VAL BC 110 -11.06 -62.15 116.30
CA VAL BC 110 -9.64 -61.86 116.25
C VAL BC 110 -9.12 -61.33 117.57
N GLU BC 111 -7.81 -61.16 117.61
CA GLU BC 111 -7.14 -60.47 118.69
C GLU BC 111 -5.90 -59.81 118.14
N LYS BC 112 -5.35 -58.88 118.89
CA LYS BC 112 -4.01 -58.36 118.60
C LYS BC 112 -2.97 -59.43 119.00
N ASP BC 113 -2.12 -59.79 118.04
CA ASP BC 113 -1.06 -60.77 118.26
C ASP BC 113 0.03 -60.15 119.13
N GLN BC 114 0.95 -61.00 119.56
CA GLN BC 114 2.27 -60.53 119.97
C GLN BC 114 3.11 -60.18 118.72
N ASP BC 115 4.11 -59.30 118.93
CA ASP BC 115 5.00 -58.77 117.87
C ASP BC 115 4.27 -57.89 116.84
N GLY BC 116 3.15 -57.29 117.24
CA GLY BC 116 2.32 -56.48 116.34
C GLY BC 116 1.45 -57.30 115.41
N GLY BC 117 0.40 -56.66 114.88
CA GLY BC 117 -0.48 -57.30 113.90
C GLY BC 117 -1.59 -58.13 114.51
N ARG BC 118 -2.75 -58.12 113.86
CA ARG BC 118 -3.87 -58.94 114.28
C ARG BC 118 -3.71 -60.37 113.73
N LYS BC 119 -4.13 -61.35 114.54
CA LYS BC 119 -4.42 -62.72 114.07
C LYS BC 119 -5.77 -63.12 114.63
N LEU BC 120 -6.33 -64.23 114.16
CA LEU BC 120 -7.61 -64.70 114.67
C LEU BC 120 -7.45 -65.58 115.92
N THR BC 121 -8.41 -65.47 116.83
CA THR BC 121 -8.39 -66.18 118.11
C THR BC 121 -9.19 -67.49 117.98
N PRO BC 122 -8.87 -68.52 118.78
CA PRO BC 122 -9.57 -69.82 118.70
C PRO BC 122 -11.10 -69.77 118.53
N GLN BC 123 -11.76 -68.97 119.36
CA GLN BC 123 -13.21 -68.72 119.27
C GLN BC 123 -13.64 -68.37 117.85
N GLY BC 124 -12.91 -67.44 117.24
CA GLY BC 124 -13.21 -66.94 115.89
C GLY BC 124 -12.80 -67.93 114.85
N GLN BC 125 -11.56 -68.40 114.98
CA GLN BC 125 -11.09 -69.59 114.29
C GLN BC 125 -12.26 -70.58 114.06
N ARG BC 126 -13.13 -70.79 115.08
CA ARG BC 126 -14.41 -71.55 114.89
C ARG BC 126 -15.43 -70.95 113.95
N ASP BC 127 -16.02 -69.82 114.33
CA ASP BC 127 -17.18 -69.26 113.62
C ASP BC 127 -16.86 -69.23 112.12
N LEU BC 128 -15.63 -68.78 111.81
CA LEU BC 128 -15.06 -68.84 110.46
C LEU BC 128 -15.41 -70.13 109.77
N ASP BC 129 -14.79 -71.20 110.23
CA ASP BC 129 -14.64 -72.41 109.44
C ASP BC 129 -15.59 -73.52 109.88
N ARG BC 130 -16.28 -73.32 111.02
CA ARG BC 130 -17.49 -74.06 111.33
C ARG BC 130 -18.33 -74.16 110.06
N ILE BC 131 -18.67 -72.99 109.51
CA ILE BC 131 -19.50 -72.92 108.30
C ILE BC 131 -18.82 -73.46 107.05
N ALA BC 132 -17.51 -73.61 107.08
CA ALA BC 132 -16.82 -74.38 106.04
C ALA BC 132 -17.38 -75.77 105.90
N GLY BC 133 -17.59 -76.44 107.03
CA GLY BC 133 -18.33 -77.69 107.05
C GLY BC 133 -19.69 -77.52 106.42
N GLN BC 134 -20.39 -76.44 106.81
CA GLN BC 134 -21.72 -76.12 106.28
C GLN BC 134 -21.73 -75.71 104.81
N VAL BC 135 -20.61 -75.22 104.28
CA VAL BC 135 -20.50 -74.78 102.88
C VAL BC 135 -20.14 -75.96 101.97
N ALA BC 136 -19.21 -76.81 102.41
CA ALA BC 136 -18.94 -78.07 101.73
C ALA BC 136 -20.20 -78.93 101.77
N ALA BC 137 -20.71 -79.13 102.99
CA ALA BC 137 -21.90 -79.93 103.23
C ALA BC 137 -23.23 -79.17 103.10
N ALA BC 138 -23.21 -77.95 102.53
CA ALA BC 138 -24.44 -77.31 102.05
C ALA BC 138 -24.95 -78.25 100.98
N ASN BC 139 -24.17 -78.35 99.92
CA ASN BC 139 -24.20 -79.52 99.05
C ASN BC 139 -22.99 -79.57 98.14
N LYS BC 140 -22.71 -80.78 97.67
CA LYS BC 140 -21.76 -81.00 96.62
C LYS BC 140 -22.38 -80.45 95.33
N LYS BC 141 -21.70 -79.49 94.70
CA LYS BC 141 -22.16 -78.91 93.42
C LYS BC 141 -21.00 -78.35 92.59
CA ALA CC 1 37.21 -69.89 127.05
C ALA CC 1 36.90 -70.21 125.59
N ILE CC 2 35.66 -70.62 125.31
CA ILE CC 2 35.18 -70.96 123.96
C ILE CC 2 33.89 -70.17 123.68
N HIS CC 3 33.96 -69.21 122.74
CA HIS CC 3 32.87 -68.23 122.48
C HIS CC 3 32.44 -68.25 120.99
N ARG CC 4 31.22 -67.77 120.71
CA ARG CC 4 30.47 -68.11 119.46
C ARG CC 4 30.85 -67.23 118.27
N ILE CC 5 32.09 -67.37 117.79
CA ILE CC 5 32.67 -66.38 116.91
C ILE CC 5 32.10 -66.52 115.48
N ARG CC 6 31.77 -65.38 114.87
CA ARG CC 6 31.48 -65.32 113.44
C ARG CC 6 32.57 -64.48 112.76
N ILE CC 7 33.07 -65.01 111.65
CA ILE CC 7 33.99 -64.30 110.77
C ILE CC 7 33.22 -64.03 109.49
N THR CC 8 33.01 -62.74 109.17
CA THR CC 8 32.28 -62.33 107.96
C THR CC 8 33.25 -61.82 106.91
N LEU CC 9 33.42 -62.59 105.83
CA LEU CC 9 34.37 -62.23 104.77
C LEU CC 9 33.64 -61.58 103.61
N THR CC 10 33.87 -60.28 103.44
CA THR CC 10 33.25 -59.51 102.37
C THR CC 10 34.34 -59.03 101.44
N SER CC 11 34.25 -59.41 100.17
CA SER CC 11 35.16 -58.90 99.17
C SER CC 11 34.60 -59.00 97.77
N ARG CC 12 35.27 -58.29 96.90
CA ARG CC 12 34.88 -58.14 95.52
C ARG CC 12 35.41 -59.31 94.67
N ASN CC 13 36.69 -59.62 94.83
CA ASN CC 13 37.37 -60.66 94.05
C ASN CC 13 37.06 -62.05 94.58
N VAL CC 14 36.26 -62.80 93.82
CA VAL CC 14 35.78 -64.13 94.23
C VAL CC 14 36.97 -65.07 94.47
N LYS CC 15 37.94 -65.06 93.56
CA LYS CC 15 39.09 -65.96 93.70
C LYS CC 15 39.98 -65.55 94.88
N SER CC 16 40.27 -64.26 95.02
CA SER CC 16 41.10 -63.77 96.13
C SER CC 16 40.33 -63.63 97.46
N LEU CC 17 39.04 -63.95 97.46
CA LEU CC 17 38.25 -64.15 98.68
C LEU CC 17 38.19 -65.61 99.10
N GLU CC 18 38.09 -66.52 98.12
CA GLU CC 18 38.05 -67.95 98.43
C GLU CC 18 39.43 -68.66 98.52
N LYS CC 19 40.54 -67.92 98.40
CA LYS CC 19 41.83 -68.41 98.92
C LYS CC 19 41.92 -68.14 100.43
N VAL CC 20 41.38 -66.99 100.86
CA VAL CC 20 41.33 -66.63 102.28
C VAL CC 20 40.34 -67.52 103.02
N CYS CC 21 39.12 -67.59 102.47
CA CYS CC 21 38.06 -68.43 102.99
C CYS CC 21 38.49 -69.88 103.23
N ALA CC 22 39.22 -70.45 102.27
CA ALA CC 22 39.78 -71.79 102.44
C ALA CC 22 40.86 -71.84 103.53
N ASP CC 23 41.69 -70.79 103.63
CA ASP CC 23 42.74 -70.76 104.66
C ASP CC 23 42.21 -70.62 106.10
N LEU CC 24 40.98 -70.10 106.28
CA LEU CC 24 40.37 -70.05 107.61
C LEU CC 24 39.83 -71.40 108.04
N ILE CC 25 39.25 -72.13 107.07
CA ILE CC 25 38.81 -73.52 107.29
C ILE CC 25 40.05 -74.36 107.62
N ARG CC 26 41.03 -74.34 106.71
CA ARG CC 26 42.28 -75.10 106.88
C ARG CC 26 43.17 -74.58 108.00
N GLY CC 27 42.97 -73.33 108.43
CA GLY CC 27 43.63 -72.76 109.59
C GLY CC 27 43.00 -73.13 110.92
N ALA CC 28 41.67 -73.29 110.92
CA ALA CC 28 40.92 -73.73 112.11
C ALA CC 28 40.97 -75.24 112.29
N LYS CC 29 40.74 -75.96 111.20
CA LYS CC 29 40.76 -77.44 111.20
C LYS CC 29 42.14 -78.01 111.56
N GLU CC 30 43.21 -77.26 111.32
CA GLU CC 30 44.55 -77.55 111.87
C GLU CC 30 44.50 -77.72 113.39
N LYS CC 31 43.89 -76.75 114.06
CA LYS CC 31 43.82 -76.70 115.53
C LYS CC 31 42.40 -77.00 116.00
N ASN CC 32 41.80 -78.04 115.40
CA ASN CC 32 40.33 -78.27 115.41
C ASN CC 32 39.49 -78.01 116.67
N LEU CC 33 38.25 -77.61 116.39
CA LEU CC 33 37.34 -76.96 117.34
C LEU CC 33 35.88 -77.14 116.91
N LYS CC 34 35.53 -76.60 115.74
CA LYS CC 34 34.18 -76.64 115.16
C LYS CC 34 34.27 -75.84 113.85
N VAL CC 35 33.13 -75.54 113.21
CA VAL CC 35 33.10 -74.58 112.08
C VAL CC 35 31.67 -74.19 111.60
N LYS CC 36 30.95 -75.11 110.95
CA LYS CC 36 29.86 -74.77 109.99
C LYS CC 36 30.48 -73.91 108.89
N GLY CC 37 30.81 -74.58 107.79
CA GLY CC 37 31.58 -74.03 106.68
C GLY CC 37 31.15 -72.71 106.09
N PRO CC 38 31.80 -72.31 105.00
CA PRO CC 38 31.50 -71.01 104.44
C PRO CC 38 30.07 -70.91 103.94
N VAL CC 39 29.39 -69.85 104.36
CA VAL CC 39 28.05 -69.56 103.92
C VAL CC 39 28.18 -68.70 102.69
N ARG CC 40 27.25 -68.88 101.76
CA ARG CC 40 27.23 -68.10 100.54
C ARG CC 40 25.93 -67.26 100.46
N MET CC 41 26.07 -65.97 100.77
CA MET CC 41 25.00 -64.97 100.55
C MET CC 41 24.81 -64.70 99.10
N PRO CC 42 23.64 -64.18 98.72
CA PRO CC 42 23.52 -63.61 97.39
C PRO CC 42 24.54 -62.48 97.18
N THR CC 43 25.12 -62.48 96.00
CA THR CC 43 26.10 -61.52 95.60
C THR CC 43 25.37 -60.26 95.22
N LYS CC 44 25.82 -59.13 95.74
CA LYS CC 44 25.13 -57.88 95.50
C LYS CC 44 25.76 -57.21 94.30
N THR CC 45 24.95 -56.91 93.29
CA THR CC 45 25.43 -56.31 92.03
C THR CC 45 25.15 -54.80 91.99
N LEU CC 46 26.22 -54.02 92.12
CA LEU CC 46 26.14 -52.57 92.18
C LEU CC 46 26.12 -51.98 90.78
N ARG CC 47 24.92 -51.79 90.26
CA ARG CC 47 24.71 -51.65 88.83
C ARG CC 47 24.37 -50.18 88.55
N ILE CC 48 25.22 -49.51 87.78
CA ILE CC 48 24.99 -48.11 87.34
C ILE CC 48 24.88 -48.07 85.85
N THR CC 49 24.05 -47.16 85.33
CA THR CC 49 23.75 -47.11 83.90
C THR CC 49 23.77 -45.67 83.41
N THR CC 50 24.94 -45.18 83.03
CA THR CC 50 25.09 -43.79 82.60
C THR CC 50 25.30 -43.72 81.11
N ARG CC 51 24.99 -42.56 80.54
CA ARG CC 51 25.26 -42.27 79.14
C ARG CC 51 26.75 -42.39 78.80
N LYS CC 52 27.05 -42.94 77.62
CA LYS CC 52 28.43 -42.97 77.10
C LYS CC 52 28.91 -41.57 76.79
N THR CC 53 27.98 -40.80 76.24
CA THR CC 53 28.25 -39.47 75.77
C THR CC 53 28.47 -38.47 76.91
N PRO CC 54 29.64 -37.84 76.93
CA PRO CC 54 29.65 -36.54 77.55
C PRO CC 54 29.03 -35.58 76.59
N CYS CC 55 28.35 -34.59 77.16
CA CYS CC 55 27.45 -33.73 76.43
C CYS CC 55 26.32 -34.49 75.77
N GLY CC 56 25.75 -33.93 74.72
CA GLY CC 56 24.42 -34.35 74.32
C GLY CC 56 24.35 -35.58 73.47
N GLU CC 57 25.14 -35.59 72.41
CA GLU CC 57 24.66 -36.14 71.16
C GLU CC 57 25.40 -37.20 70.43
N GLY CC 58 24.61 -37.85 69.59
CA GLY CC 58 24.88 -39.15 69.08
C GLY CC 58 23.71 -40.02 69.49
N SER CC 59 23.49 -41.09 68.72
CA SER CC 59 22.49 -42.08 69.04
C SER CC 59 22.77 -42.61 70.44
N LYS CC 60 21.70 -42.77 71.20
CA LYS CC 60 21.80 -42.85 72.65
C LYS CC 60 22.35 -44.20 73.07
N THR CC 61 23.64 -44.22 73.37
CA THR CC 61 24.33 -45.43 73.87
C THR CC 61 24.76 -45.18 75.32
N TRP CC 62 24.47 -46.16 76.20
CA TRP CC 62 24.90 -46.10 77.59
C TRP CC 62 25.78 -47.30 77.94
N ASP CC 63 26.54 -47.15 79.02
CA ASP CC 63 27.35 -48.23 79.55
C ASP CC 63 26.65 -48.79 80.73
N ARG CC 64 27.13 -49.93 81.17
CA ARG CC 64 26.44 -50.72 82.14
C ARG CC 64 27.45 -51.07 83.25
N PHE CC 65 27.81 -50.04 84.03
CA PHE CC 65 28.91 -50.12 85.05
C PHE CC 65 28.50 -51.01 86.22
N GLN CC 66 29.25 -52.10 86.42
CA GLN CC 66 28.92 -53.09 87.46
C GLN CC 66 30.03 -53.30 88.45
N MET CC 67 29.68 -53.47 89.72
CA MET CC 67 30.61 -54.00 90.74
C MET CC 67 29.88 -55.04 91.54
N ARG CC 68 30.48 -56.21 91.65
CA ARG CC 68 29.96 -57.27 92.50
C ARG CC 68 30.56 -57.14 93.89
N ILE CC 69 29.90 -57.78 94.84
CA ILE CC 69 30.41 -57.90 96.20
C ILE CC 69 29.82 -59.19 96.86
N PRO CC 70 30.49 -60.37 96.62
CA PRO CC 70 30.13 -61.61 97.34
C PRO CC 70 30.56 -61.65 98.80
N LYS CC 71 29.63 -62.03 99.70
CA LYS CC 71 29.92 -62.26 101.11
C LYS CC 71 29.91 -63.74 101.44
N ARG CC 72 31.02 -64.21 101.99
CA ARG CC 72 31.07 -65.52 102.62
C ARG CC 72 30.99 -65.18 104.10
N LEU CC 73 30.56 -66.15 104.91
CA LEU CC 73 30.86 -66.09 106.34
C LEU CC 73 31.03 -67.47 106.96
N ILE CC 74 31.86 -67.51 108.00
CA ILE CC 74 32.27 -68.76 108.62
C ILE CC 74 32.06 -68.63 110.13
N ASP CC 75 31.25 -69.53 110.68
CA ASP CC 75 31.07 -69.64 112.13
C ASP CC 75 32.21 -70.44 112.73
N LEU CC 76 32.49 -70.22 114.01
CA LEU CC 76 33.55 -70.94 114.73
C LEU CC 76 33.39 -70.80 116.25
N HIS CC 77 34.15 -71.60 117.01
CA HIS CC 77 34.24 -71.49 118.47
C HIS CC 77 35.68 -71.65 118.97
N SER CC 78 36.20 -70.63 119.64
CA SER CC 78 37.64 -70.50 119.92
C SER CC 78 37.94 -69.55 121.10
N PRO CC 79 39.23 -69.45 121.50
CA PRO CC 79 39.68 -68.39 122.42
C PRO CC 79 40.14 -67.12 121.67
N SER CC 80 40.79 -66.20 122.38
CA SER CC 80 41.39 -65.00 121.77
C SER CC 80 42.78 -65.23 121.13
N GLU CC 81 43.22 -66.49 121.01
CA GLU CC 81 44.40 -66.84 120.19
C GLU CC 81 43.98 -67.16 118.77
N ILE CC 82 43.15 -68.20 118.64
CA ILE CC 82 42.78 -68.79 117.34
C ILE CC 82 42.09 -67.78 116.41
N VAL CC 83 41.36 -66.84 117.01
CA VAL CC 83 40.79 -65.71 116.30
C VAL CC 83 41.91 -64.79 115.78
N LYS CC 84 42.79 -64.38 116.70
CA LYS CC 84 43.85 -63.40 116.37
C LYS CC 84 45.00 -63.99 115.55
N GLN CC 85 45.07 -65.33 115.46
CA GLN CC 85 45.92 -66.02 114.50
C GLN CC 85 45.26 -66.03 113.12
N ILE CC 86 44.07 -66.64 113.05
CA ILE CC 86 43.39 -66.92 111.78
C ILE CC 86 42.97 -65.64 111.02
N THR CC 87 42.68 -64.57 111.74
CA THR CC 87 42.30 -63.28 111.11
C THR CC 87 43.51 -62.52 110.54
N SER CC 88 44.58 -62.41 111.31
CA SER CC 88 45.77 -61.63 110.90
C SER CC 88 46.56 -62.30 109.76
N ILE CC 89 46.60 -63.63 109.74
CA ILE CC 89 47.10 -64.40 108.58
C ILE CC 89 45.98 -64.42 107.52
N SER CC 90 46.36 -64.61 106.26
CA SER CC 90 45.41 -64.75 105.13
C SER CC 90 44.64 -63.45 104.88
N ILE CC 91 45.38 -62.35 104.89
CA ILE CC 91 44.83 -61.02 104.66
C ILE CC 91 45.24 -60.71 103.22
N GLU CC 92 45.64 -59.46 102.94
CA GLU CC 92 46.45 -59.03 101.76
C GLU CC 92 45.65 -58.28 100.66
N PRO CC 93 44.91 -58.97 99.78
CA PRO CC 93 44.29 -58.23 98.67
C PRO CC 93 43.13 -57.33 99.14
N GLY CC 94 42.30 -56.84 98.23
CA GLY CC 94 41.09 -56.09 98.62
C GLY CC 94 40.00 -56.92 99.29
N VAL CC 95 40.27 -57.35 100.54
CA VAL CC 95 39.38 -58.22 101.31
C VAL CC 95 39.12 -57.59 102.69
N GLU CC 96 37.83 -57.41 103.01
CA GLU CC 96 37.41 -56.91 104.31
C GLU CC 96 36.99 -58.11 105.17
N VAL CC 97 37.40 -58.08 106.44
CA VAL CC 97 37.08 -59.14 107.41
C VAL CC 97 36.41 -58.52 108.64
N GLU CC 98 35.23 -59.04 108.99
CA GLU CC 98 34.55 -58.67 110.23
C GLU CC 98 34.76 -59.77 111.26
N VAL CC 99 34.64 -59.41 112.54
CA VAL CC 99 34.71 -60.39 113.63
C VAL CC 99 33.63 -60.12 114.68
N THR CC 100 32.53 -60.85 114.59
CA THR CC 100 31.45 -60.77 115.59
C THR CC 100 31.91 -61.49 116.86
N ILE CC 101 31.51 -60.99 118.02
CA ILE CC 101 31.89 -61.58 119.31
C ILE CC 101 31.14 -62.89 119.50
N ALA CC 102 29.81 -62.80 119.57
CA ALA CC 102 28.98 -63.95 119.90
C ALA CC 102 27.50 -63.66 119.67
N ASP CC 103 26.81 -64.58 119.00
CA ASP CC 103 25.35 -64.54 118.82
C ASP CC 103 24.80 -63.28 118.11
N ALA CC 104 24.73 -62.14 118.81
CA ALA CC 104 24.20 -60.89 118.25
C ALA CC 104 25.32 -59.97 117.73
N ARG DC 1 -24.44 -46.28 61.16
CA ARG DC 1 -25.90 -46.47 60.92
C ARG DC 1 -26.57 -47.28 62.02
N ASP DC 2 -25.94 -48.41 62.39
CA ASP DC 2 -26.41 -49.33 63.45
C ASP DC 2 -26.84 -48.55 64.71
N LYS DC 3 -28.14 -48.21 64.74
CA LYS DC 3 -28.80 -47.58 65.89
C LYS DC 3 -29.98 -48.44 66.31
N LEU DC 4 -30.06 -48.72 67.61
CA LEU DC 4 -30.92 -49.77 68.15
C LEU DC 4 -31.40 -49.36 69.54
N ASN DC 5 -32.52 -48.62 69.59
CA ASN DC 5 -33.07 -48.08 70.85
C ASN DC 5 -34.34 -48.86 71.17
N ASN DC 6 -34.34 -49.50 72.33
CA ASN DC 6 -35.44 -50.37 72.74
C ASN DC 6 -36.00 -50.05 74.12
N LEU DC 7 -37.28 -50.36 74.32
CA LEU DC 7 -37.96 -50.07 75.58
C LEU DC 7 -37.37 -50.86 76.75
N VAL DC 8 -37.28 -50.22 77.91
CA VAL DC 8 -36.70 -50.83 79.10
C VAL DC 8 -37.50 -52.04 79.59
N LEU DC 9 -38.83 -51.92 79.58
CA LEU DC 9 -39.71 -52.96 80.11
C LEU DC 9 -40.66 -53.50 79.04
N PHE DC 10 -40.77 -54.82 78.96
CA PHE DC 10 -41.62 -55.44 77.96
C PHE DC 10 -43.08 -55.03 78.14
N ASP DC 11 -43.74 -54.73 77.03
CA ASP DC 11 -45.18 -54.50 77.05
C ASP DC 11 -45.87 -55.84 77.24
N LYS DC 12 -47.11 -55.81 77.72
CA LYS DC 12 -47.80 -57.05 78.05
C LYS DC 12 -47.94 -57.95 76.84
N ALA DC 13 -48.26 -57.36 75.68
CA ALA DC 13 -48.36 -58.15 74.47
C ALA DC 13 -47.00 -58.75 74.12
N THR DC 14 -45.95 -57.95 74.28
CA THR DC 14 -44.58 -58.42 74.04
C THR DC 14 -44.17 -59.51 75.02
N TYR DC 15 -44.56 -59.35 76.28
CA TYR DC 15 -44.17 -60.30 77.31
C TYR DC 15 -44.72 -61.69 76.99
N ASP DC 16 -45.96 -61.72 76.52
CA ASP DC 16 -46.57 -62.99 76.11
C ASP DC 16 -45.70 -63.67 75.06
N LYS DC 17 -45.19 -62.89 74.11
CA LYS DC 17 -44.32 -63.44 73.09
C LYS DC 17 -43.03 -63.99 73.71
N LEU DC 18 -42.47 -63.27 74.67
CA LEU DC 18 -41.31 -63.76 75.39
C LEU DC 18 -41.71 -65.01 76.16
N CYS DC 19 -42.88 -64.95 76.79
CA CYS DC 19 -43.47 -66.12 77.41
C CYS DC 19 -43.76 -67.12 76.32
N LYS DC 20 -44.24 -66.59 75.19
CA LYS DC 20 -44.58 -67.42 74.03
C LYS DC 20 -43.39 -67.68 73.13
N GLU DC 21 -42.78 -66.59 72.65
CA GLU DC 21 -41.75 -66.65 71.60
C GLU DC 21 -40.42 -67.29 72.05
N VAL DC 22 -40.10 -67.15 73.34
CA VAL DC 22 -38.85 -67.67 73.93
C VAL DC 22 -38.72 -69.22 73.96
N PRO DC 23 -39.84 -69.93 74.20
CA PRO DC 23 -39.95 -71.35 73.86
C PRO DC 23 -39.56 -71.77 72.43
N ASN DC 24 -39.61 -70.85 71.47
CA ASN DC 24 -39.33 -71.16 70.05
C ASN DC 24 -37.85 -70.90 69.61
N TYR DC 25 -36.92 -70.71 70.56
CA TYR DC 25 -35.48 -70.59 70.26
C TYR DC 25 -34.67 -71.72 70.92
N LYS DC 26 -33.40 -71.86 70.51
CA LYS DC 26 -32.40 -72.70 71.21
C LYS DC 26 -31.27 -71.86 71.82
N LEU DC 27 -30.45 -71.23 70.98
CA LEU DC 27 -29.22 -70.54 71.42
C LEU DC 27 -29.52 -69.13 71.96
N ILE DC 28 -30.08 -69.04 73.17
CA ILE DC 28 -30.55 -67.77 73.76
C ILE DC 28 -29.50 -67.14 74.67
N THR DC 29 -29.56 -65.81 74.77
CA THR DC 29 -28.72 -65.01 75.63
C THR DC 29 -29.40 -63.66 75.73
N PRO DC 30 -28.94 -62.78 76.65
CA PRO DC 30 -29.42 -61.40 76.66
C PRO DC 30 -29.38 -60.70 75.29
N ALA DC 31 -28.41 -61.08 74.45
CA ALA DC 31 -28.37 -60.70 73.05
C ALA DC 31 -29.63 -61.12 72.27
N VAL DC 32 -29.91 -62.42 72.25
CA VAL DC 32 -30.91 -63.00 71.35
C VAL DC 32 -32.34 -62.56 71.67
N VAL DC 33 -32.58 -62.11 72.89
CA VAL DC 33 -33.84 -61.47 73.23
C VAL DC 33 -33.81 -59.98 72.81
N SER DC 34 -32.71 -59.27 73.04
CA SER DC 34 -32.60 -57.82 72.72
C SER DC 34 -32.43 -57.46 71.24
N GLU DC 35 -32.14 -58.45 70.37
CA GLU DC 35 -32.08 -58.25 68.91
C GLU DC 35 -33.33 -58.77 68.17
N ARG DC 36 -33.86 -59.93 68.57
CA ARG DC 36 -35.10 -60.47 68.03
C ARG DC 36 -36.28 -59.64 68.52
N LEU DC 37 -36.31 -59.45 69.83
CA LEU DC 37 -37.28 -58.59 70.50
C LEU DC 37 -36.54 -57.28 70.76
N LYS DC 38 -37.27 -56.22 71.04
CA LYS DC 38 -36.63 -54.93 71.32
C LYS DC 38 -36.69 -54.67 72.81
N ILE DC 39 -35.98 -55.50 73.57
CA ILE DC 39 -35.80 -55.32 75.01
C ILE DC 39 -34.39 -54.75 75.24
N ARG DC 40 -34.24 -53.85 76.21
CA ARG DC 40 -32.96 -53.17 76.54
C ARG DC 40 -31.80 -54.16 76.45
N GLY DC 41 -31.84 -55.16 77.31
CA GLY DC 41 -30.76 -56.10 77.45
C GLY DC 41 -30.41 -56.34 78.90
N SER DC 42 -30.49 -55.29 79.73
CA SER DC 42 -30.44 -55.45 81.20
C SER DC 42 -31.78 -56.00 81.74
N LEU DC 43 -32.89 -55.57 81.12
CA LEU DC 43 -34.21 -56.19 81.35
C LEU DC 43 -34.35 -57.54 80.64
N ALA DC 44 -33.52 -57.80 79.62
CA ALA DC 44 -33.37 -59.14 79.04
C ALA DC 44 -32.60 -59.98 80.03
N ARG DC 45 -31.41 -59.49 80.42
CA ARG DC 45 -30.61 -60.04 81.53
C ARG DC 45 -31.60 -60.47 82.59
N ALA DC 46 -32.43 -59.52 83.06
CA ALA DC 46 -33.46 -59.75 84.08
C ALA DC 46 -34.52 -60.79 83.67
N ALA DC 47 -35.14 -60.58 82.52
CA ALA DC 47 -36.20 -61.46 81.98
C ALA DC 47 -35.79 -62.93 81.96
N LEU DC 48 -34.52 -63.18 81.70
CA LEU DC 48 -34.00 -64.53 81.60
C LEU DC 48 -33.97 -65.26 82.95
N GLN DC 49 -33.89 -64.52 84.06
CA GLN DC 49 -34.04 -65.12 85.41
C GLN DC 49 -35.53 -65.30 85.70
N GLU DC 50 -36.37 -64.31 85.36
CA GLU DC 50 -37.84 -64.44 85.43
C GLU DC 50 -38.32 -65.71 84.71
N LEU DC 51 -37.74 -65.97 83.54
CA LEU DC 51 -38.08 -67.15 82.72
C LEU DC 51 -37.52 -68.48 83.27
N LEU DC 52 -36.77 -68.43 84.38
CA LEU DC 52 -36.50 -69.60 85.23
C LEU DC 52 -37.55 -69.78 86.34
N SER DC 53 -38.71 -69.13 86.20
CA SER DC 53 -39.87 -69.33 87.11
C SER DC 53 -40.12 -70.81 87.33
N LYS DC 54 -40.15 -71.56 86.23
CA LYS DC 54 -40.05 -73.00 86.29
C LYS DC 54 -39.38 -73.51 85.00
N GLY DC 55 -38.14 -73.07 84.81
CA GLY DC 55 -37.33 -73.45 83.64
C GLY DC 55 -38.10 -73.62 82.35
N LEU DC 56 -38.89 -72.60 81.98
CA LEU DC 56 -39.49 -72.50 80.64
C LEU DC 56 -38.39 -72.67 79.57
N ILE DC 57 -37.19 -72.21 79.92
CA ILE DC 57 -35.98 -72.41 79.13
C ILE DC 57 -34.91 -73.06 80.04
N LYS DC 58 -33.83 -73.54 79.43
CA LYS DC 58 -32.81 -74.35 80.12
C LYS DC 58 -31.43 -73.69 80.15
N LEU DC 59 -30.81 -73.72 81.32
CA LEU DC 59 -29.43 -73.30 81.49
C LEU DC 59 -28.51 -74.47 81.17
N VAL DC 60 -27.67 -74.28 80.16
CA VAL DC 60 -26.57 -75.20 79.88
C VAL DC 60 -25.54 -74.98 80.99
N SER DC 61 -25.10 -73.72 81.10
CA SER DC 61 -24.04 -73.33 82.03
C SER DC 61 -23.86 -71.82 82.03
N LYS DC 62 -24.31 -71.18 83.11
CA LYS DC 62 -23.97 -69.78 83.35
C LYS DC 62 -22.47 -69.59 83.66
N HIS DC 63 -21.76 -69.10 82.65
CA HIS DC 63 -20.38 -68.61 82.75
C HIS DC 63 -20.45 -67.25 83.34
N ARG DC 64 -19.67 -67.02 84.40
CA ARG DC 64 -19.55 -65.73 85.03
C ARG DC 64 -20.10 -64.59 84.16
N ALA DC 65 -19.54 -64.41 82.97
CA ALA DC 65 -19.97 -63.35 82.05
C ALA DC 65 -21.29 -63.66 81.35
N GLN DC 66 -21.35 -64.80 80.66
CA GLN DC 66 -22.41 -65.05 79.67
C GLN DC 66 -23.28 -66.29 79.98
N VAL DC 67 -24.60 -66.04 80.08
CA VAL DC 67 -25.60 -66.99 80.62
C VAL DC 67 -25.60 -68.35 79.92
N ILE DC 68 -25.61 -68.30 78.59
CA ILE DC 68 -25.51 -69.47 77.71
C ILE DC 68 -26.64 -70.50 77.95
N TYR DC 69 -27.66 -70.38 77.10
CA TYR DC 69 -29.05 -70.56 77.49
C TYR DC 69 -29.88 -71.18 76.36
N THR DC 70 -30.36 -72.40 76.58
CA THR DC 70 -30.82 -73.31 75.52
C THR DC 70 -32.33 -73.39 75.31
N ARG DC 71 -32.73 -74.28 74.39
CA ARG DC 71 -34.14 -74.66 74.22
C ARG DC 71 -34.73 -75.35 75.45
N ASN DC 72 -36.03 -75.10 75.64
CA ASN DC 72 -36.90 -75.63 76.72
C ASN DC 72 -36.54 -76.95 77.44
N THR DC 73 -36.06 -77.93 76.66
CA THR DC 73 -35.76 -79.34 77.05
C THR DC 73 -36.88 -80.29 76.63
N LYS DC 74 -37.21 -80.20 75.34
CA LYS DC 74 -38.23 -81.07 74.73
C LYS DC 74 -37.58 -82.39 74.27
N GLY DC 75 -38.39 -83.28 73.69
CA GLY DC 75 -37.89 -84.55 73.17
C GLY DC 75 -38.98 -85.45 72.60
N ARG EC 1 -15.98 -77.00 29.22
CA ARG EC 1 -14.63 -77.37 28.67
C ARG EC 1 -14.00 -78.52 29.49
N VAL EC 2 -13.12 -78.22 30.46
CA VAL EC 2 -12.54 -79.20 31.41
C VAL EC 2 -12.34 -78.47 32.75
N GLN EC 3 -12.84 -79.04 33.84
CA GLN EC 3 -12.96 -78.29 35.10
C GLN EC 3 -12.72 -79.09 36.41
N PRO EC 4 -11.89 -80.15 36.37
CA PRO EC 4 -11.85 -81.00 37.55
C PRO EC 4 -11.03 -80.39 38.68
N ILE EC 5 -10.96 -81.11 39.79
CA ILE EC 5 -10.08 -80.74 40.88
C ILE EC 5 -9.07 -81.86 41.04
N LYS EC 6 -7.79 -81.52 40.95
CA LYS EC 6 -6.74 -82.51 41.05
C LYS EC 6 -5.78 -82.14 42.16
N LEU EC 7 -5.49 -83.09 43.04
CA LEU EC 7 -4.57 -82.82 44.13
C LEU EC 7 -3.29 -83.63 43.93
N ALA EC 8 -2.17 -82.91 43.84
CA ALA EC 8 -0.87 -83.54 43.73
C ALA EC 8 0.17 -82.74 44.50
N ARG EC 9 1.20 -83.43 44.99
CA ARG EC 9 2.30 -82.76 45.66
C ARG EC 9 3.58 -83.09 44.90
N VAL EC 10 4.35 -82.07 44.55
CA VAL EC 10 5.59 -82.30 43.81
C VAL EC 10 6.53 -83.12 44.68
N THR EC 11 7.20 -84.09 44.06
CA THR EC 11 8.09 -84.98 44.79
C THR EC 11 9.24 -84.21 45.41
N LYS EC 12 9.78 -83.26 44.66
CA LYS EC 12 10.89 -82.44 45.14
C LYS EC 12 10.57 -80.95 45.10
N VAL EC 13 10.83 -80.27 46.20
CA VAL EC 13 10.82 -78.81 46.19
C VAL EC 13 11.98 -78.43 45.27
N LEU EC 14 11.81 -77.40 44.47
CA LEU EC 14 12.78 -77.12 43.41
C LEU EC 14 13.54 -75.80 43.56
N GLY EC 15 12.83 -74.72 43.85
CA GLY EC 15 13.43 -73.40 44.00
C GLY EC 15 12.45 -72.49 44.72
N ARG EC 16 12.83 -71.23 44.91
CA ARG EC 16 11.97 -70.26 45.63
C ARG EC 16 11.90 -68.95 44.90
N THR EC 17 11.37 -69.03 43.70
CA THR EC 17 11.28 -67.91 42.78
C THR EC 17 10.11 -66.99 43.21
N GLY EC 18 9.61 -66.15 42.31
CA GLY EC 18 8.74 -65.03 42.68
C GLY EC 18 9.61 -63.82 42.95
N SER EC 19 9.03 -62.62 42.86
CA SER EC 19 9.79 -61.37 43.00
C SER EC 19 10.34 -61.22 44.40
N GLN EC 20 9.42 -61.18 45.36
CA GLN EC 20 9.77 -60.99 46.77
C GLN EC 20 10.20 -62.26 47.50
N GLY EC 21 10.34 -63.36 46.78
CA GLY EC 21 10.54 -64.63 47.42
C GLY EC 21 9.19 -64.98 48.01
N GLN EC 22 8.32 -65.49 47.15
CA GLN EC 22 7.00 -66.02 47.54
C GLN EC 22 6.90 -67.47 47.11
N CYS EC 23 6.97 -67.64 45.80
CA CYS EC 23 6.53 -68.83 45.13
C CYS EC 23 7.61 -69.89 45.19
N THR EC 24 7.31 -71.04 45.76
CA THR EC 24 8.27 -72.12 45.72
C THR EC 24 7.88 -72.99 44.53
N GLN EC 25 8.74 -73.03 43.51
CA GLN EC 25 8.41 -73.80 42.33
C GLN EC 25 8.33 -75.27 42.70
N VAL EC 26 7.30 -75.94 42.20
CA VAL EC 26 7.09 -77.33 42.55
C VAL EC 26 6.83 -78.18 41.31
N ARG EC 27 7.36 -79.39 41.32
CA ARG EC 27 7.04 -80.35 40.29
C ARG EC 27 6.05 -81.27 40.97
N VAL EC 28 4.84 -81.34 40.44
CA VAL EC 28 3.76 -82.03 41.13
C VAL EC 28 3.18 -83.21 40.35
N GLU EC 29 3.10 -84.35 41.01
CA GLU EC 29 2.41 -85.50 40.46
C GLU EC 29 0.93 -85.16 40.43
N PHE EC 30 0.22 -85.66 39.43
CA PHE EC 30 -1.19 -85.35 39.32
C PHE EC 30 -1.95 -85.88 40.52
N MET EC 31 -1.56 -87.08 40.98
CA MET EC 31 -2.25 -87.74 42.08
C MET EC 31 -3.50 -88.43 41.54
N ASP EC 32 -4.36 -87.68 40.87
CA ASP EC 32 -5.50 -88.27 40.21
C ASP EC 32 -4.98 -89.21 39.15
N ASP EC 33 -3.94 -88.75 38.44
CA ASP EC 33 -3.23 -89.60 37.49
C ASP EC 33 -1.74 -89.64 37.84
N THR EC 34 -1.20 -90.85 37.98
CA THR EC 34 0.22 -91.01 38.29
C THR EC 34 1.12 -90.48 37.18
N SER EC 35 0.73 -90.74 35.94
CA SER EC 35 1.54 -90.41 34.77
C SER EC 35 1.80 -88.91 34.59
N ARG EC 36 0.78 -88.10 34.80
CA ARG EC 36 0.90 -86.66 34.53
C ARG EC 36 1.94 -85.98 35.41
N SER EC 37 2.74 -85.12 34.80
CA SER EC 37 3.70 -84.30 35.53
C SER EC 37 3.48 -82.83 35.19
N ILE EC 38 3.38 -81.99 36.21
CA ILE EC 38 3.16 -80.56 35.99
C ILE EC 38 4.08 -79.71 36.85
N ILE EC 39 4.40 -78.52 36.36
CA ILE EC 39 5.18 -77.57 37.12
C ILE EC 39 4.32 -76.35 37.46
N ARG EC 40 4.24 -76.02 38.74
CA ARG EC 40 3.43 -74.92 39.20
C ARG EC 40 4.13 -74.13 40.28
N ASN EC 41 3.76 -72.86 40.44
CA ASN EC 41 4.31 -72.04 41.51
C ASN EC 41 3.34 -72.01 42.67
N VAL EC 42 3.81 -72.40 43.84
CA VAL EC 42 2.93 -72.44 45.03
C VAL EC 42 3.28 -71.26 45.94
N LYS EC 43 2.29 -70.75 46.69
CA LYS EC 43 2.51 -69.63 47.62
C LYS EC 43 2.82 -69.99 49.08
N GLY EC 44 2.09 -70.94 49.64
CA GLY EC 44 2.35 -71.38 51.01
C GLY EC 44 3.65 -72.18 51.17
N PRO EC 45 4.22 -72.20 52.38
CA PRO EC 45 5.35 -73.06 52.71
C PRO EC 45 5.12 -74.58 52.51
N VAL EC 46 5.77 -75.19 51.50
CA VAL EC 46 5.57 -76.61 51.14
C VAL EC 46 6.74 -77.51 51.62
N ARG EC 47 6.54 -78.84 51.58
CA ARG EC 47 7.67 -79.74 51.38
C ARG EC 47 7.40 -81.07 50.65
N GLU EC 48 8.51 -81.73 50.33
CA GLU EC 48 8.61 -83.14 49.91
C GLU EC 48 7.68 -84.02 50.77
N GLY EC 49 6.59 -84.50 50.18
CA GLY EC 49 5.65 -85.40 50.85
C GLY EC 49 4.24 -84.86 50.94
N ASP EC 50 4.13 -83.55 51.10
CA ASP EC 50 2.82 -82.90 51.27
C ASP EC 50 2.01 -82.84 49.97
N VAL EC 51 -0.20 -82.89 49.72
CA VAL EC 51 -1.10 -82.64 48.60
C VAL EC 51 -1.47 -81.17 48.42
N LEU EC 52 -1.45 -80.70 47.17
CA LEU EC 52 -1.78 -79.30 46.85
C LEU EC 52 -2.79 -79.19 45.71
N THR EC 53 -3.40 -78.04 45.53
CA THR EC 53 -4.58 -77.87 44.68
C THR EC 53 -4.46 -76.75 43.65
N LEU EC 54 -4.73 -77.08 42.39
CA LEU EC 54 -4.72 -76.10 41.29
C LEU EC 54 -6.05 -76.10 40.54
N LEU EC 55 -6.57 -74.91 40.27
CA LEU EC 55 -7.85 -74.76 39.58
C LEU EC 55 -7.86 -75.31 38.15
N GLU EC 56 -6.79 -75.06 37.40
CA GLU EC 56 -6.68 -75.52 36.02
C GLU EC 56 -5.45 -76.42 35.87
N SER EC 57 -5.62 -77.56 35.19
CA SER EC 57 -4.53 -78.58 35.20
C SER EC 57 -3.88 -78.64 33.83
N GLU EC 58 -3.30 -77.51 33.49
CA GLU EC 58 -2.88 -77.22 32.13
C GLU EC 58 -1.83 -76.10 32.12
N ARG EC 59 -2.19 -74.95 32.71
CA ARG EC 59 -1.34 -73.73 32.81
C ARG EC 59 0.16 -73.96 32.95
N GLU EC 60 0.53 -74.94 33.78
CA GLU EC 60 1.91 -75.37 33.99
C GLU EC 60 2.77 -74.13 34.25
N ALA EC 61 2.47 -73.45 35.36
CA ALA EC 61 3.00 -72.11 35.68
C ALA EC 61 4.50 -71.98 35.40
N ARG EC 62 4.85 -71.08 34.47
CA ARG EC 62 6.24 -70.91 34.01
C ARG EC 62 6.94 -69.74 34.70
N ARG EC 63 8.25 -69.64 34.47
CA ARG EC 63 9.14 -68.60 35.04
C ARG EC 63 8.40 -67.24 35.28
N LEU EC 64 8.47 -66.73 36.51
CA LEU EC 64 7.74 -65.52 36.94
C LEU EC 64 8.62 -64.60 37.79
N GLY FC 1 32.59 -11.07 107.70
CA GLY FC 1 32.08 -12.35 107.13
C GLY FC 1 30.60 -12.59 107.40
N PHE FC 2 29.75 -12.08 106.52
CA PHE FC 2 28.30 -12.35 106.57
C PHE FC 2 27.66 -12.41 105.15
N TYR FC 3 26.44 -12.94 105.07
CA TYR FC 3 25.63 -13.07 103.82
C TYR FC 3 26.21 -13.92 102.71
N TRP FC 4 25.62 -15.09 102.58
CA TRP FC 4 25.79 -15.97 101.43
C TRP FC 4 24.86 -17.19 101.70
N SER FC 5 23.56 -16.86 101.61
CA SER FC 5 22.46 -17.45 102.42
C SER FC 5 21.20 -17.90 101.66
N HIS FC 6 20.73 -19.11 101.99
CA HIS FC 6 19.54 -19.76 101.40
C HIS FC 6 19.34 -21.12 102.05
N PRO FC 7 18.57 -22.00 101.39
CA PRO FC 7 18.86 -23.42 101.39
C PRO FC 7 19.98 -23.74 100.43
N ARG FC 8 21.15 -23.92 101.01
CA ARG FC 8 22.20 -24.67 100.39
C ARG FC 8 22.12 -26.09 101.02
N LYS FC 9 20.91 -26.52 101.44
CA LYS FC 9 20.76 -27.73 102.28
C LYS FC 9 20.07 -28.89 101.57
N PHE FC 10 19.07 -28.59 100.76
CA PHE FC 10 18.65 -29.48 99.64
C PHE FC 10 18.85 -28.66 98.35
N GLY FC 11 18.40 -29.22 97.22
CA GLY FC 11 18.54 -28.59 95.90
C GLY FC 11 19.98 -28.61 95.43
N GLN FC 12 20.20 -28.52 94.13
CA GLN FC 12 21.57 -28.67 93.59
C GLN FC 12 22.52 -27.50 93.92
N GLY FC 13 21.97 -26.43 94.50
CA GLY FC 13 22.72 -25.52 95.36
C GLY FC 13 23.71 -26.27 96.22
N SER FC 14 23.17 -27.24 96.97
CA SER FC 14 23.91 -28.02 97.95
C SER FC 14 24.92 -28.96 97.30
N ARG FC 15 24.40 -29.92 96.54
CA ARG FC 15 25.22 -31.03 96.05
C ARG FC 15 25.88 -30.67 94.70
N SER FC 16 27.13 -31.09 94.57
CA SER FC 16 27.93 -30.89 93.35
C SER FC 16 28.96 -32.01 93.23
N CYS FC 17 29.64 -32.07 92.09
CA CYS FC 17 30.59 -33.14 91.82
C CYS FC 17 31.81 -32.99 92.71
N ARG FC 18 32.24 -34.10 93.30
CA ARG FC 18 33.39 -34.09 94.18
C ARG FC 18 34.68 -33.88 93.46
N VAL FC 19 34.70 -34.19 92.17
CA VAL FC 19 35.93 -34.09 91.40
C VAL FC 19 36.09 -32.71 90.83
N CYS FC 20 35.00 -32.15 90.30
CA CYS FC 20 35.08 -30.93 89.50
C CYS FC 20 34.02 -29.87 89.78
N SER FC 21 33.19 -30.05 90.80
CA SER FC 21 32.26 -29.02 91.26
C SER FC 21 31.20 -28.57 90.22
N ASN FC 22 30.88 -29.45 89.27
CA ASN FC 22 29.79 -29.23 88.28
C ASN FC 22 28.56 -29.95 88.78
N ARG FC 23 27.42 -29.46 88.36
CA ARG FC 23 26.22 -29.53 89.19
C ARG FC 23 25.05 -30.00 88.36
N HIS FC 24 25.32 -30.99 87.53
CA HIS FC 24 24.32 -31.64 86.68
C HIS FC 24 24.70 -33.09 86.49
N GLY FC 25 23.71 -33.88 86.07
CA GLY FC 25 23.87 -35.29 85.71
C GLY FC 25 24.64 -36.03 86.77
N LEU FC 26 24.16 -35.90 88.01
CA LEU FC 26 24.96 -36.22 89.17
C LEU FC 26 24.57 -37.59 89.73
N ILE FC 27 25.58 -38.44 89.90
CA ILE FC 27 25.38 -39.81 90.36
C ILE FC 27 25.20 -39.79 91.87
N ARG FC 28 23.97 -39.51 92.27
CA ARG FC 28 23.64 -39.41 93.67
C ARG FC 28 23.79 -40.76 94.34
N LYS FC 29 23.25 -41.77 93.66
CA LYS FC 29 23.12 -43.14 94.20
C LYS FC 29 24.41 -43.55 94.87
N TYR FC 30 24.26 -44.39 95.89
CA TYR FC 30 25.38 -45.17 96.35
C TYR FC 30 26.51 -44.33 96.97
N GLY FC 31 26.16 -43.13 97.44
CA GLY FC 31 27.10 -42.19 98.05
C GLY FC 31 28.34 -41.92 97.22
N LEU FC 32 28.15 -41.66 95.93
CA LEU FC 32 29.26 -41.25 95.05
C LEU FC 32 29.33 -39.74 94.97
N ASN FC 33 28.30 -39.15 94.38
CA ASN FC 33 28.26 -37.71 94.12
C ASN FC 33 29.40 -37.30 93.17
N MET FC 34 29.52 -38.08 92.09
CA MET FC 34 30.34 -37.74 90.94
C MET FC 34 29.38 -37.18 89.90
N CYS FC 35 29.86 -36.31 89.01
CA CYS FC 35 29.15 -36.10 87.75
C CYS FC 35 29.26 -37.39 86.91
N ARG FC 36 28.28 -37.60 86.04
CA ARG FC 36 28.20 -38.81 85.20
C ARG FC 36 29.44 -39.09 84.33
N GLN FC 37 30.22 -38.05 84.02
CA GLN FC 37 31.48 -38.20 83.28
C GLN FC 37 32.59 -38.58 84.20
N CYS FC 38 32.64 -37.86 85.31
CA CYS FC 38 33.58 -38.16 86.34
C CYS FC 38 33.42 -39.58 86.86
N PHE FC 39 32.33 -40.27 86.50
CA PHE FC 39 32.39 -41.73 86.55
C PHE FC 39 33.49 -42.26 85.68
N ARG FC 40 33.26 -42.17 84.37
CA ARG FC 40 34.01 -42.96 83.43
C ARG FC 40 35.49 -42.68 83.51
N GLN FC 41 35.85 -41.50 83.98
CA GLN FC 41 37.22 -41.27 84.44
C GLN FC 41 37.55 -42.11 85.69
N TYR FC 42 36.89 -41.83 86.81
CA TYR FC 42 37.28 -42.37 88.14
C TYR FC 42 36.46 -43.68 88.44
N ALA FC 43 36.20 -44.49 87.40
CA ALA FC 43 35.29 -45.69 87.43
C ALA FC 43 36.02 -47.02 87.68
N LYS FC 44 36.96 -47.34 86.81
CA LYS FC 44 37.83 -48.52 87.00
C LYS FC 44 38.52 -48.47 88.33
N ASP FC 45 39.02 -47.29 88.64
CA ASP FC 45 39.68 -47.05 89.91
C ASP FC 45 38.70 -47.35 91.05
N ILE FC 46 37.46 -46.87 90.95
CA ILE FC 46 36.45 -47.20 91.96
C ILE FC 46 36.30 -48.71 92.02
N GLY FC 47 35.90 -49.32 90.91
CA GLY FC 47 35.52 -50.73 90.90
C GLY FC 47 34.46 -51.19 89.93
N PHE FC 48 33.67 -50.24 89.39
CA PHE FC 48 32.66 -50.59 88.41
C PHE FC 48 33.38 -50.92 87.11
N ILE FC 49 33.28 -52.20 86.77
CA ILE FC 49 33.86 -52.78 85.58
C ILE FC 49 32.70 -53.14 84.67
N LYS FC 50 32.87 -52.87 83.39
CA LYS FC 50 31.85 -53.14 82.42
C LYS FC 50 31.94 -54.63 82.07
N LEU FC 51 30.89 -55.39 82.40
CA LEU FC 51 30.86 -56.83 82.15
C LEU FC 51 30.02 -57.14 80.90
N ASP FC 52 28.72 -57.42 81.04
CA ASP FC 52 27.81 -57.41 79.88
C ASP FC 52 27.47 -55.94 79.60
N LYS GC 1 25.00 -8.45 71.03
CA LYS GC 1 24.15 -8.78 72.22
C LYS GC 1 23.11 -7.67 72.49
N LYS GC 2 23.58 -6.46 72.80
CA LYS GC 2 22.71 -5.34 73.19
C LYS GC 2 23.43 -3.97 73.20
N SER GC 3 24.53 -3.88 73.95
CA SER GC 3 25.26 -2.62 74.24
C SER GC 3 24.44 -1.75 75.23
N TYR GC 4 24.97 -1.60 76.44
CA TYR GC 4 24.18 -1.10 77.58
C TYR GC 4 23.96 0.42 77.52
N THR GC 5 22.70 0.83 77.33
CA THR GC 5 22.32 2.25 77.27
C THR GC 5 22.52 2.93 78.63
N THR GC 6 21.94 2.34 79.67
CA THR GC 6 21.97 2.85 81.06
C THR GC 6 21.05 4.10 81.19
N PRO GC 7 19.93 4.00 81.95
CA PRO GC 7 19.14 5.22 82.19
C PRO GC 7 19.99 6.28 82.88
N LYS GC 8 20.17 7.44 82.25
CA LYS GC 8 21.20 8.41 82.66
C LYS GC 8 21.06 8.86 84.12
N LYS GC 9 21.55 8.00 85.02
CA LYS GC 9 21.49 8.21 86.46
C LYS GC 9 22.65 7.40 87.07
N ASN GC 10 23.85 7.73 86.60
CA ASN GC 10 25.05 6.97 86.93
C ASN GC 10 25.36 7.01 88.42
N LYS GC 11 24.96 5.93 89.11
CA LYS GC 11 24.89 5.90 90.57
C LYS GC 11 26.23 6.14 91.24
N HIS GC 12 26.16 6.85 92.36
CA HIS GC 12 27.33 7.37 93.04
C HIS GC 12 28.07 6.26 93.79
N LYS GC 13 29.36 6.12 93.53
CA LYS GC 13 30.29 5.40 94.40
C LYS GC 13 30.80 6.44 95.39
N ARG GC 14 30.60 6.19 96.69
CA ARG GC 14 30.70 7.26 97.70
C ARG GC 14 31.75 7.01 98.80
N LYS GC 15 32.25 8.13 99.33
CA LYS GC 15 33.57 8.22 99.97
C LYS GC 15 33.65 7.81 101.44
N LYS GC 16 32.51 7.56 102.07
CA LYS GC 16 32.39 7.44 103.54
C LYS GC 16 32.77 8.73 104.30
N VAL GC 17 32.76 9.89 103.61
CA VAL GC 17 33.22 11.19 104.14
C VAL GC 17 34.73 11.20 104.54
N LYS GC 18 35.37 12.35 104.36
CA LYS GC 18 36.78 12.54 104.73
C LYS GC 18 36.93 12.55 106.27
N LEU GC 19 36.65 13.70 106.91
CA LEU GC 19 36.61 13.87 108.37
C LEU GC 19 37.92 13.60 109.15
N ALA GC 20 38.44 14.64 109.82
CA ALA GC 20 39.45 14.49 110.88
C ALA GC 20 38.83 13.81 112.11
N VAL GC 21 37.54 14.06 112.34
CA VAL GC 21 36.69 13.39 113.35
C VAL GC 21 37.00 13.83 114.79
N LEU GC 22 38.21 13.56 115.27
CA LEU GC 22 38.59 13.88 116.67
C LEU GC 22 39.34 15.20 116.83
N LYS GC 23 38.57 16.28 116.69
CA LYS GC 23 38.90 17.60 117.26
C LYS GC 23 37.90 18.00 118.36
N TYR GC 24 36.68 17.47 118.31
CA TYR GC 24 35.56 17.93 119.13
C TYR GC 24 35.56 17.11 120.43
N TYR GC 25 36.35 17.61 121.38
CA TYR GC 25 36.75 16.91 122.61
C TYR GC 25 37.00 18.01 123.66
N LYS GC 26 36.02 18.27 124.53
CA LYS GC 26 36.07 19.46 125.42
C LYS GC 26 37.09 19.33 126.57
N VAL GC 27 38.28 19.90 126.36
CA VAL GC 27 39.35 19.94 127.37
C VAL GC 27 39.19 21.23 128.20
N ASP GC 28 38.35 21.16 129.22
CA ASP GC 28 38.02 22.32 130.06
C ASP GC 28 39.17 22.63 131.03
N GLU GC 29 40.03 23.60 130.65
CA GLU GC 29 41.19 24.06 131.45
C GLU GC 29 42.34 23.03 131.57
N ASN GC 30 42.24 22.09 132.52
CA ASN GC 30 43.25 21.03 132.70
C ASN GC 30 42.77 19.77 131.94
N GLY GC 31 43.48 18.65 132.08
CA GLY GC 31 43.11 17.42 131.39
C GLY GC 31 41.89 16.70 131.96
N LYS GC 32 40.75 16.83 131.28
CA LYS GC 32 39.50 16.12 131.65
C LYS GC 32 38.51 16.08 130.46
N ILE GC 33 38.00 14.88 130.10
CA ILE GC 33 37.22 14.65 128.86
C ILE GC 33 35.81 14.03 129.02
N SER GC 34 34.80 14.76 128.58
CA SER GC 34 33.40 14.33 128.60
C SER GC 34 32.49 15.41 128.00
N ARG GC 35 31.91 15.14 126.82
CA ARG GC 35 30.79 15.94 126.25
C ARG GC 35 29.48 15.14 126.35
N LEU GC 36 28.36 15.78 126.02
CA LEU GC 36 27.04 15.11 126.01
C LEU GC 36 26.18 15.41 124.75
N ARG GC 37 25.48 14.37 124.29
CA ARG GC 37 24.70 14.27 123.02
C ARG GC 37 23.87 12.97 123.26
N ARG GC 38 23.54 12.19 122.23
CA ARG GC 38 22.80 10.94 122.43
C ARG GC 38 23.73 9.69 122.56
N GLU GC 39 23.25 8.61 123.21
CA GLU GC 39 24.05 7.38 123.45
C GLU GC 39 23.41 6.09 122.90
N CYS GC 40 24.29 5.11 122.65
CA CYS GC 40 23.93 3.72 122.27
C CYS GC 40 23.92 2.80 123.51
N PRO GC 41 23.05 1.76 123.52
CA PRO GC 41 23.16 0.62 124.46
C PRO GC 41 23.85 -0.65 123.88
N SER GC 42 25.18 -0.71 123.99
CA SER GC 42 25.99 -1.93 123.69
C SER GC 42 27.07 -2.11 124.79
N ASP GC 43 27.80 -3.23 124.77
CA ASP GC 43 28.77 -3.58 125.85
C ASP GC 43 30.22 -3.19 125.54
N GLU GC 44 30.71 -3.57 124.36
CA GLU GC 44 32.03 -3.13 123.88
C GLU GC 44 32.03 -1.61 123.67
N CYS GC 45 30.91 -1.08 123.20
CA CYS GC 45 30.65 0.36 123.20
C CYS GC 45 30.18 0.78 124.63
N GLY GC 46 31.12 0.83 125.58
CA GLY GC 46 30.81 1.00 127.00
C GLY GC 46 30.71 2.43 127.51
N ALA GC 47 29.49 2.98 127.47
CA ALA GC 47 29.13 4.29 128.07
C ALA GC 47 29.64 5.54 127.33
N GLY GC 48 30.92 5.55 126.95
CA GLY GC 48 31.48 6.61 126.09
C GLY GC 48 30.86 6.72 124.70
N VAL GC 49 30.36 5.59 124.17
CA VAL GC 49 29.75 5.48 122.83
C VAL GC 49 28.82 6.62 122.44
N PHE GC 50 29.04 7.17 121.25
CA PHE GC 50 28.59 8.53 121.01
C PHE GC 50 27.73 8.88 119.73
N MET GC 51 26.73 9.80 119.87
CA MET GC 51 25.68 10.09 118.80
C MET GC 51 25.37 11.61 118.48
N ALA GC 52 24.29 11.90 117.72
CA ALA GC 52 24.37 12.83 116.54
C ALA GC 52 23.28 13.85 116.11
N SER GC 53 23.49 14.40 114.88
CA SER GC 53 22.45 15.00 113.99
C SER GC 53 22.84 15.00 112.47
N HIS GC 54 22.02 14.39 111.60
CA HIS GC 54 22.27 14.16 110.13
C HIS GC 54 21.11 14.76 109.32
N PHE GC 55 20.82 14.21 108.13
CA PHE GC 55 19.42 14.00 107.72
C PHE GC 55 19.04 12.63 108.28
N ASP GC 56 18.78 12.70 109.59
CA ASP GC 56 18.40 11.61 110.50
C ASP GC 56 19.53 10.85 111.26
N ARG GC 57 20.40 10.12 110.55
CA ARG GC 57 21.31 9.13 111.23
C ARG GC 57 22.25 9.68 112.34
N HIS GC 58 22.94 8.78 113.05
CA HIS GC 58 23.26 8.98 114.48
C HIS GC 58 24.43 8.08 115.05
N TYR GC 59 25.07 7.25 114.21
CA TYR GC 59 25.37 5.80 114.58
C TYR GC 59 26.49 5.58 115.65
N CYS GC 60 26.58 4.35 116.17
CA CYS GC 60 27.54 3.97 117.22
C CYS GC 60 28.51 2.96 116.60
N GLY GC 61 29.81 3.13 116.81
CA GLY GC 61 30.81 2.37 116.03
C GLY GC 61 31.90 1.61 116.78
N LYS GC 62 31.52 0.77 117.75
CA LYS GC 62 32.50 0.28 118.73
C LYS GC 62 32.52 -1.17 119.22
N CYS GC 63 31.64 -2.03 118.73
CA CYS GC 63 31.92 -3.46 118.78
C CYS GC 63 32.69 -3.74 117.46
N CYS GC 64 33.89 -3.16 117.36
CA CYS GC 64 34.55 -2.75 116.08
C CYS GC 64 33.58 -2.07 115.07
N LEU GC 65 33.14 -2.78 114.03
CA LEU GC 65 31.87 -2.48 113.25
C LEU GC 65 31.18 -3.80 113.53
N THR GC 66 30.42 -3.78 114.61
CA THR GC 66 29.28 -4.64 114.82
C THR GC 66 28.39 -3.75 115.69
N TYR GC 67 27.16 -3.55 115.24
CA TYR GC 67 26.10 -2.83 115.98
C TYR GC 67 25.95 -1.20 115.78
N CYS GC 68 25.24 -0.75 114.69
CA CYS GC 68 24.47 0.56 114.35
C CYS GC 68 22.88 0.42 114.42
N PHE GC 69 22.12 1.30 115.08
CA PHE GC 69 20.75 0.99 115.63
C PHE GC 69 19.77 1.10 114.40
N ASN GC 70 18.63 1.81 114.49
CA ASN GC 70 17.79 2.33 113.34
C ASN GC 70 17.08 3.78 113.57
N LYS GC 71 17.82 4.93 113.71
CA LYS GC 71 17.32 6.34 114.06
C LYS GC 71 18.18 7.32 113.29
N THR HC 1 34.85 -128.75 71.21
CA THR HC 1 33.57 -129.50 71.40
C THR HC 1 32.32 -128.62 71.62
N GLU HC 2 32.42 -127.31 71.36
CA GLU HC 2 31.35 -126.37 71.70
C GLU HC 2 31.47 -125.03 70.96
N GLN HC 3 30.35 -124.32 70.88
CA GLN HC 3 30.24 -123.05 70.15
C GLN HC 3 29.17 -122.13 70.79
N MET HC 4 29.44 -120.82 70.82
CA MET HC 4 28.52 -119.85 71.44
C MET HC 4 27.31 -119.58 70.54
N THR HC 5 26.30 -118.91 71.08
CA THR HC 5 25.08 -118.56 70.34
C THR HC 5 24.28 -117.45 71.04
N LEU HC 6 23.81 -116.46 70.27
CA LEU HC 6 23.15 -115.26 70.84
C LEU HC 6 21.87 -115.61 71.59
N ARG HC 7 21.99 -115.70 72.91
CA ARG HC 7 20.86 -116.06 73.78
C ARG HC 7 19.84 -114.94 73.80
N GLY HC 8 20.33 -113.73 74.05
CA GLY HC 8 19.48 -112.56 74.10
C GLY HC 8 20.24 -111.26 74.00
N THR HC 9 19.46 -110.19 73.85
CA THR HC 9 19.94 -108.82 73.81
C THR HC 9 19.20 -108.05 74.89
N LEU HC 10 19.96 -107.47 75.81
CA LEU HC 10 19.38 -106.70 76.89
C LEU HC 10 19.06 -105.30 76.40
N LYS HC 11 18.31 -104.54 77.20
CA LYS HC 11 17.93 -103.17 76.88
C LYS HC 11 18.62 -102.24 77.88
N GLY HC 12 17.88 -101.37 78.56
CA GLY HC 12 18.34 -100.73 79.80
C GLY HC 12 19.12 -99.47 79.52
N HIS HC 13 20.37 -99.66 79.14
CA HIS HC 13 21.31 -98.57 79.07
C HIS HC 13 21.03 -97.67 77.88
N ASN HC 14 21.75 -96.56 77.88
CA ASN HC 14 21.53 -95.43 76.99
C ASN HC 14 22.96 -94.81 76.92
N GLY HC 15 23.93 -95.72 76.69
CA GLY HC 15 25.39 -95.49 76.80
C GLY HC 15 26.20 -96.77 76.54
N TRP HC 16 27.35 -96.67 75.84
CA TRP HC 16 28.24 -97.85 75.57
C TRP HC 16 28.65 -98.35 76.96
N VAL HC 17 28.52 -99.66 77.20
CA VAL HC 17 28.63 -100.23 78.53
C VAL HC 17 30.09 -100.36 78.98
N THR HC 18 30.57 -99.38 79.74
CA THR HC 18 31.98 -99.29 80.13
C THR HC 18 32.60 -100.58 80.74
N GLN HC 19 31.81 -101.29 81.55
CA GLN HC 19 32.28 -102.50 82.25
C GLN HC 19 31.06 -103.32 82.70
N ILE HC 20 31.28 -104.58 83.05
CA ILE HC 20 30.23 -105.43 83.68
C ILE HC 20 30.84 -106.27 84.80
N ALA HC 21 30.12 -106.34 85.92
CA ALA HC 21 30.56 -107.04 87.14
C ALA HC 21 29.61 -108.18 87.51
N THR HC 22 30.12 -109.41 87.47
CA THR HC 22 29.38 -110.59 87.95
C THR HC 22 29.48 -110.71 89.46
N THR HC 23 28.71 -111.66 90.00
CA THR HC 23 28.94 -112.18 91.33
C THR HC 23 28.70 -113.69 91.28
N PRO HC 24 29.65 -114.49 91.84
CA PRO HC 24 29.36 -115.92 91.98
C PRO HC 24 28.21 -116.23 92.94
N GLN HC 25 28.16 -115.50 94.06
CA GLN HC 25 27.21 -115.75 95.15
C GLN HC 25 25.72 -115.60 94.76
N PHE HC 26 25.44 -114.88 93.66
CA PHE HC 26 24.13 -114.96 93.00
C PHE HC 26 24.33 -115.27 91.52
N PRO HC 27 23.92 -116.47 91.07
CA PRO HC 27 24.02 -116.84 89.65
C PRO HC 27 22.86 -116.35 88.77
N ASP HC 28 21.87 -115.69 89.36
CA ASP HC 28 20.87 -114.94 88.62
C ASP HC 28 20.93 -113.47 89.03
N MET HC 29 22.11 -112.87 88.82
CA MET HC 29 22.32 -111.44 89.05
C MET HC 29 23.59 -110.94 88.33
N ILE HC 30 23.43 -109.92 87.48
CA ILE HC 30 24.57 -109.23 86.85
C ILE HC 30 24.42 -107.72 87.08
N LEU HC 31 25.56 -107.05 87.24
CA LEU HC 31 25.58 -105.60 87.40
C LEU HC 31 26.35 -105.03 86.20
N SER HC 32 25.78 -104.01 85.54
CA SER HC 32 26.39 -103.39 84.35
C SER HC 32 26.42 -101.86 84.47
N ALA HC 33 27.61 -101.28 84.28
CA ALA HC 33 27.80 -99.81 84.31
C ALA HC 33 27.47 -99.24 82.93
N SER HC 34 27.53 -97.92 82.79
CA SER HC 34 27.25 -97.29 81.49
C SER HC 34 27.64 -95.82 81.40
N ARG HC 35 27.46 -95.26 80.20
CA ARG HC 35 27.79 -93.86 79.90
C ARG HC 35 26.83 -92.87 80.56
N ASP HC 36 25.54 -93.12 80.44
CA ASP HC 36 24.49 -92.30 81.10
C ASP HC 36 24.55 -92.15 82.65
N LYS HC 37 25.66 -92.55 83.29
CA LYS HC 37 25.86 -92.47 84.75
C LYS HC 37 25.15 -93.58 85.54
N THR HC 38 24.40 -94.42 84.83
CA THR HC 38 23.47 -95.33 85.47
C THR HC 38 24.11 -96.71 85.48
N ILE HC 39 24.49 -97.17 86.67
CA ILE HC 39 24.88 -98.56 86.86
C ILE HC 39 23.55 -99.24 87.12
N ILE HC 40 23.11 -100.05 86.17
CA ILE HC 40 21.82 -100.70 86.26
C ILE HC 40 22.07 -102.10 86.85
N MET HC 41 21.15 -102.54 87.70
CA MET HC 41 21.24 -103.83 88.38
C MET HC 41 20.33 -104.82 87.65
N TRP HC 42 20.85 -106.00 87.35
CA TRP HC 42 20.19 -106.95 86.44
C TRP HC 42 19.89 -108.28 87.12
N LYS HC 43 18.63 -108.46 87.53
CA LYS HC 43 18.10 -109.76 87.89
C LYS HC 43 18.00 -110.55 86.59
N LEU HC 44 18.92 -111.48 86.40
CA LEU HC 44 18.93 -112.32 85.18
C LEU HC 44 17.80 -113.34 85.26
N THR HC 45 16.62 -112.87 84.86
CA THR HC 45 15.38 -113.64 84.87
C THR HC 45 15.37 -114.85 83.95
N ARG HC 46 16.14 -114.78 82.87
CA ARG HC 46 16.24 -115.88 81.90
C ARG HC 46 14.97 -116.09 81.04
N ASP HC 47 14.03 -115.14 81.10
CA ASP HC 47 12.75 -115.24 80.38
C ASP HC 47 12.97 -115.20 78.85
N GLU HC 48 11.92 -115.61 78.12
CA GLU HC 48 11.81 -115.52 76.65
C GLU HC 48 12.28 -114.20 76.01
N THR HC 49 11.52 -113.12 76.16
CA THR HC 49 11.72 -111.88 75.39
C THR HC 49 13.04 -111.12 75.67
N ASN HC 50 13.64 -111.37 76.84
CA ASN HC 50 14.83 -110.67 77.27
C ASN HC 50 15.64 -111.59 78.21
N TYR HC 51 16.98 -111.69 78.06
CA TYR HC 51 17.72 -112.59 78.99
C TYR HC 51 17.61 -112.10 80.48
N GLY HC 52 17.44 -110.80 80.73
CA GLY HC 52 17.32 -110.27 82.11
C GLY HC 52 16.68 -108.90 82.23
N ILE HC 53 16.46 -108.44 83.47
CA ILE HC 53 15.66 -107.24 83.75
C ILE HC 53 16.44 -106.15 84.51
N PRO HC 54 16.22 -104.86 84.17
CA PRO HC 54 16.82 -103.74 84.91
C PRO HC 54 16.14 -103.39 86.27
N GLN HC 55 16.55 -104.06 87.34
CA GLN HC 55 15.97 -103.87 88.70
C GLN HC 55 15.91 -102.40 89.15
N ARG HC 56 17.09 -101.79 89.27
CA ARG HC 56 17.27 -100.46 89.83
C ARG HC 56 18.29 -99.70 88.97
N ALA HC 57 18.55 -98.46 89.34
CA ALA HC 57 19.66 -97.71 88.78
C ALA HC 57 20.41 -97.08 89.93
N LEU HC 58 21.70 -97.39 90.05
CA LEU HC 58 22.55 -96.68 90.99
C LEU HC 58 22.86 -95.33 90.34
N ARG HC 59 22.45 -94.26 91.02
CA ARG HC 59 22.39 -92.91 90.42
C ARG HC 59 23.64 -92.06 90.71
N GLY HC 60 23.54 -91.04 91.57
CA GLY HC 60 24.71 -90.45 92.24
C GLY HC 60 25.87 -90.00 91.37
N HIS HC 61 26.58 -90.95 90.79
CA HIS HC 61 27.66 -90.69 89.85
C HIS HC 61 27.40 -89.57 88.81
N SER HC 62 28.46 -88.82 88.49
CA SER HC 62 28.42 -87.63 87.60
C SER HC 62 28.70 -87.92 86.13
N HIS HC 63 29.39 -89.03 85.80
CA HIS HC 63 29.59 -89.46 84.39
C HIS HC 63 29.56 -90.98 84.14
N PHE HC 64 29.49 -91.31 82.85
CA PHE HC 64 30.12 -92.51 82.23
C PHE HC 64 30.91 -93.28 83.31
N VAL HC 65 30.37 -94.39 83.80
CA VAL HC 65 30.98 -95.09 84.94
C VAL HC 65 31.98 -96.16 84.45
N SER HC 66 33.24 -95.75 84.33
CA SER HC 66 34.31 -96.56 83.72
C SER HC 66 34.38 -98.02 84.17
N ASP HC 67 34.26 -98.25 85.48
CA ASP HC 67 34.32 -99.61 86.04
C ASP HC 67 33.30 -99.82 87.13
N VAL HC 68 32.76 -101.04 87.16
CA VAL HC 68 31.95 -101.52 88.25
C VAL HC 68 32.42 -102.94 88.58
N VAL HC 69 32.47 -103.24 89.88
CA VAL HC 69 32.86 -104.55 90.40
C VAL HC 69 31.99 -104.78 91.63
N ILE HC 70 31.60 -106.03 91.87
CA ILE HC 70 30.84 -106.37 93.09
C ILE HC 70 31.79 -107.02 94.10
N SER HC 71 31.38 -107.03 95.37
CA SER HC 71 31.95 -107.94 96.36
C SER HC 71 31.67 -109.37 95.97
N SER HC 72 32.55 -110.29 96.37
CA SER HC 72 32.36 -111.73 96.13
C SER HC 72 31.07 -112.25 96.81
N ASP HC 73 30.59 -111.51 97.80
CA ASP HC 73 29.32 -111.78 98.49
C ASP HC 73 28.06 -111.43 97.67
N GLY HC 74 28.18 -110.57 96.66
CA GLY HC 74 27.05 -110.22 95.78
C GLY HC 74 26.09 -109.22 96.41
N GLN HC 75 26.65 -108.13 96.94
CA GLN HC 75 25.90 -107.21 97.83
C GLN HC 75 26.39 -105.75 97.85
N PHE HC 76 27.71 -105.51 97.93
CA PHE HC 76 28.26 -104.15 98.08
C PHE HC 76 29.24 -103.81 96.94
N ALA HC 77 28.67 -103.29 95.84
CA ALA HC 77 29.40 -103.09 94.59
C ALA HC 77 30.09 -101.75 94.52
N LEU HC 78 31.40 -101.77 94.25
CA LEU HC 78 32.12 -100.55 93.94
C LEU HC 78 31.75 -100.06 92.55
N SER HC 79 32.05 -98.80 92.30
CA SER HC 79 32.03 -98.26 90.95
C SER HC 79 32.84 -96.96 90.88
N GLY HC 80 33.68 -96.87 89.85
CA GLY HC 80 34.54 -95.71 89.59
C GLY HC 80 34.19 -95.13 88.24
N SER HC 81 34.29 -93.81 88.13
CA SER HC 81 33.64 -93.11 87.04
C SER HC 81 34.41 -91.96 86.39
N TRP HC 82 33.78 -91.41 85.35
CA TRP HC 82 34.30 -90.32 84.54
C TRP HC 82 34.27 -88.95 85.31
N ASP HC 83 34.01 -88.97 86.63
CA ASP HC 83 34.04 -87.80 87.60
C ASP HC 83 35.38 -87.64 88.30
N GLY HC 84 35.89 -88.75 88.81
CA GLY HC 84 37.02 -88.76 89.73
C GLY HC 84 36.63 -89.19 91.14
N THR HC 85 35.70 -90.13 91.27
CA THR HC 85 35.24 -90.62 92.57
C THR HC 85 34.83 -92.08 92.51
N LEU HC 86 35.49 -92.92 93.32
CA LEU HC 86 35.01 -94.27 93.60
C LEU HC 86 33.86 -94.15 94.57
N ARG HC 87 32.96 -95.12 94.53
CA ARG HC 87 31.86 -95.19 95.48
C ARG HC 87 31.44 -96.63 95.80
N LEU HC 88 31.09 -96.87 97.08
CA LEU HC 88 30.65 -98.19 97.55
C LEU HC 88 29.12 -98.29 97.44
N TRP HC 89 28.65 -98.74 96.28
CA TRP HC 89 27.21 -98.84 95.96
C TRP HC 89 26.60 -100.13 96.51
N ASP HC 90 25.88 -100.01 97.64
CA ASP HC 90 25.15 -101.16 98.20
C ASP HC 90 24.05 -101.59 97.22
N LEU HC 91 24.26 -102.78 96.66
CA LEU HC 91 23.50 -103.32 95.53
C LEU HC 91 22.00 -103.53 95.81
N THR HC 92 21.67 -104.01 97.02
CA THR HC 92 20.28 -104.42 97.32
C THR HC 92 19.27 -103.28 97.44
N THR HC 93 19.75 -102.06 97.69
CA THR HC 93 18.88 -100.87 97.87
C THR HC 93 19.19 -99.71 96.93
N GLY HC 94 20.45 -99.29 96.86
CA GLY HC 94 20.85 -98.17 96.01
C GLY HC 94 21.93 -97.35 96.67
N THR HC 95 21.51 -96.34 97.44
CA THR HC 95 22.33 -95.56 98.37
C THR HC 95 23.86 -95.74 98.41
N THR HC 96 24.57 -94.64 98.18
CA THR HC 96 25.99 -94.54 98.48
C THR HC 96 26.20 -94.79 99.98
N THR HC 97 26.52 -96.02 100.34
CA THR HC 97 26.80 -96.36 101.73
C THR HC 97 28.09 -95.68 102.19
N ARG HC 98 29.10 -95.73 101.34
CA ARG HC 98 30.29 -94.88 101.46
C ARG HC 98 30.69 -94.45 100.06
N ARG HC 99 31.42 -93.34 99.96
CA ARG HC 99 32.19 -93.03 98.74
C ARG HC 99 33.65 -92.81 99.09
N PHE HC 100 34.43 -92.57 98.05
CA PHE HC 100 35.84 -92.26 98.20
C PHE HC 100 36.22 -91.02 97.40
N VAL HC 101 37.17 -90.26 97.94
CA VAL HC 101 37.70 -89.07 97.29
C VAL HC 101 39.21 -89.14 97.37
N GLY HC 102 39.87 -88.66 96.32
CA GLY HC 102 41.32 -88.68 96.25
C GLY HC 102 41.79 -88.53 94.83
N HIS HC 103 41.15 -89.28 93.93
CA HIS HC 103 41.42 -89.16 92.51
C HIS HC 103 41.00 -87.78 91.98
N THR HC 104 42.00 -86.98 91.61
CA THR HC 104 41.75 -85.68 91.01
C THR HC 104 41.06 -85.91 89.67
N LYS HC 105 41.78 -86.57 88.76
CA LYS HC 105 41.27 -86.79 87.41
C LYS HC 105 40.34 -88.02 87.38
N ASP HC 106 40.02 -88.51 86.18
CA ASP HC 106 38.95 -89.50 85.97
C ASP HC 106 39.36 -90.89 86.42
N VAL HC 107 38.44 -91.63 87.05
CA VAL HC 107 38.73 -92.99 87.53
C VAL HC 107 38.35 -93.98 86.45
N LEU HC 108 39.33 -94.79 86.06
CA LEU HC 108 39.23 -95.63 84.88
C LEU HC 108 38.89 -97.06 85.26
N SER HC 109 39.38 -97.49 86.42
CA SER HC 109 39.11 -98.83 86.89
C SER HC 109 39.25 -98.93 88.40
N VAL HC 110 38.57 -99.94 88.94
CA VAL HC 110 38.56 -100.20 90.36
C VAL HC 110 38.52 -101.70 90.59
N ALA HC 111 39.45 -102.16 91.41
CA ALA HC 111 39.60 -103.56 91.75
C ALA HC 111 39.19 -103.76 93.20
N PHE HC 112 38.11 -104.50 93.39
CA PHE HC 112 37.65 -104.88 94.72
C PHE HC 112 38.21 -106.26 95.01
N SER HC 113 38.54 -106.52 96.28
CA SER HC 113 39.22 -107.76 96.67
C SER HC 113 38.32 -109.01 96.71
N SER HC 114 38.94 -110.17 96.48
CA SER HC 114 38.30 -111.47 96.70
C SER HC 114 37.90 -111.70 98.17
N ASP HC 115 38.69 -111.11 99.07
CA ASP HC 115 38.52 -111.24 100.53
C ASP HC 115 37.65 -110.10 101.09
N ASN HC 116 37.23 -109.20 100.19
CA ASN HC 116 36.26 -108.13 100.45
C ASN HC 116 36.72 -107.17 101.55
N ARG HC 117 38.03 -106.92 101.56
CA ARG HC 117 38.71 -106.25 102.66
C ARG HC 117 39.85 -105.34 102.17
N GLN HC 118 39.78 -104.91 100.91
CA GLN HC 118 40.91 -104.35 100.22
C GLN HC 118 40.43 -103.83 98.84
N ILE HC 119 40.80 -102.59 98.51
CA ILE HC 119 40.37 -101.93 97.27
C ILE HC 119 41.56 -101.27 96.57
N VAL HC 120 41.51 -101.25 95.24
CA VAL HC 120 42.54 -100.64 94.40
C VAL HC 120 41.83 -99.87 93.30
N SER HC 121 42.44 -98.79 92.79
CA SER HC 121 41.80 -97.98 91.75
C SER HC 121 42.74 -97.09 90.93
N GLY HC 122 42.50 -97.04 89.62
CA GLY HC 122 43.38 -96.34 88.66
C GLY HC 122 42.75 -95.12 88.03
N SER HC 123 43.52 -94.03 87.97
CA SER HC 123 43.09 -92.74 87.44
C SER HC 123 44.24 -91.97 86.80
N ARG HC 124 43.91 -90.88 86.11
CA ARG HC 124 44.92 -90.12 85.34
C ARG HC 124 45.73 -89.10 86.10
N ASP HC 125 45.51 -89.04 87.41
CA ASP HC 125 46.58 -88.65 88.33
C ASP HC 125 47.81 -89.59 88.17
N LYS HC 126 47.65 -90.67 87.41
CA LYS HC 126 48.72 -91.59 87.00
C LYS HC 126 49.16 -92.37 88.23
N THR HC 127 48.18 -92.67 89.09
CA THR HC 127 48.42 -93.32 90.38
C THR HC 127 47.27 -94.28 90.71
N ILE HC 128 47.67 -95.44 91.25
CA ILE HC 128 46.79 -96.58 91.52
C ILE HC 128 46.47 -96.61 93.01
N LYS HC 129 45.68 -95.66 93.49
CA LYS HC 129 45.45 -95.52 94.93
C LYS HC 129 44.76 -96.77 95.52
N LEU HC 130 44.92 -96.93 96.85
CA LEU HC 130 44.60 -98.16 97.58
C LEU HC 130 43.56 -97.92 98.71
N TRP HC 131 42.28 -98.23 98.43
CA TRP HC 131 41.14 -97.69 99.22
C TRP HC 131 40.73 -98.60 100.37
N ASN HC 132 40.97 -98.15 101.60
CA ASN HC 132 40.46 -98.85 102.78
C ASN HC 132 38.91 -98.71 102.80
N THR HC 133 38.19 -99.84 102.94
CA THR HC 133 36.72 -99.95 102.70
C THR HC 133 35.81 -98.91 103.37
N LEU HC 134 36.34 -98.20 104.37
CA LEU HC 134 35.73 -96.99 104.92
C LEU HC 134 35.58 -95.89 103.88
N GLY HC 135 36.71 -95.50 103.29
CA GLY HC 135 36.85 -94.22 102.61
C GLY HC 135 38.29 -93.74 102.46
N VAL HC 136 39.16 -94.08 103.43
CA VAL HC 136 40.54 -93.60 103.44
C VAL HC 136 41.43 -94.47 102.54
N CYS HC 137 42.41 -93.83 101.89
CA CYS HC 137 43.43 -94.54 101.12
C CYS HC 137 44.51 -95.07 102.06
N LYS HC 138 44.99 -96.29 101.82
CA LYS HC 138 46.12 -96.84 102.57
C LYS HC 138 47.44 -96.24 102.04
N TYR HC 139 48.06 -96.77 100.98
CA TYR HC 139 49.05 -95.96 100.25
C TYR HC 139 48.71 -95.70 98.77
N THR HC 140 48.73 -94.40 98.44
CA THR HC 140 48.65 -93.88 97.07
C THR HC 140 49.85 -94.32 96.22
N VAL HC 141 49.64 -95.34 95.40
CA VAL HC 141 50.69 -95.84 94.52
C VAL HC 141 51.35 -94.70 93.72
N GLN HC 142 52.51 -94.25 94.20
CA GLN HC 142 53.43 -93.37 93.46
C GLN HC 142 54.59 -94.27 92.98
N ASP HC 143 55.78 -93.73 92.72
CA ASP HC 143 57.02 -94.50 92.39
C ASP HC 143 57.03 -94.80 90.90
N GLU HC 144 57.09 -93.71 90.12
CA GLU HC 144 56.92 -93.73 88.67
C GLU HC 144 55.95 -94.85 88.30
N SER HC 145 54.73 -94.72 88.83
CA SER HC 145 53.68 -95.75 88.71
C SER HC 145 53.38 -96.04 87.27
N HIS HC 146 53.07 -94.97 86.56
CA HIS HC 146 52.96 -94.98 85.13
C HIS HC 146 53.30 -93.57 84.64
N SER HC 147 54.11 -93.47 83.59
CA SER HC 147 54.40 -92.18 82.96
C SER HC 147 53.14 -91.54 82.33
N GLU HC 148 52.12 -92.35 82.02
CA GLU HC 148 50.90 -91.92 81.34
C GLU HC 148 49.66 -92.50 82.10
N TRP HC 149 48.58 -92.83 81.37
CA TRP HC 149 47.28 -93.19 81.96
C TRP HC 149 47.30 -94.59 82.58
N VAL HC 150 46.26 -94.92 83.37
CA VAL HC 150 46.21 -96.16 84.19
C VAL HC 150 44.98 -97.00 83.88
N SER HC 151 44.96 -97.54 82.68
CA SER HC 151 43.68 -97.96 82.05
C SER HC 151 42.86 -98.95 82.86
N CYS HC 152 43.53 -99.96 83.41
CA CYS HC 152 42.86 -100.99 84.17
C CYS HC 152 43.77 -101.65 85.20
N VAL HC 153 43.41 -101.47 86.47
CA VAL HC 153 44.10 -102.07 87.60
C VAL HC 153 43.21 -103.15 88.15
N ARG HC 154 43.78 -104.34 88.32
CA ARG HC 154 43.02 -105.50 88.70
C ARG HC 154 43.86 -106.35 89.65
N PHE HC 155 43.19 -107.31 90.25
CA PHE HC 155 43.52 -107.79 91.58
C PHE HC 155 43.64 -109.31 91.55
N SER HC 156 44.76 -109.82 92.07
CA SER HC 156 45.07 -111.24 91.99
C SER HC 156 44.16 -112.09 92.88
N PRO HC 157 43.91 -113.35 92.47
CA PRO HC 157 43.52 -114.36 93.46
C PRO HC 157 44.60 -114.49 94.55
N ASN HC 158 44.14 -114.78 95.76
CA ASN HC 158 44.98 -114.63 96.96
C ASN HC 158 46.14 -115.61 97.09
N SER HC 159 46.04 -116.74 96.39
CA SER HC 159 47.00 -117.83 96.53
C SER HC 159 48.39 -117.50 95.97
N SER HC 160 49.16 -116.74 96.76
CA SER HC 160 50.58 -116.38 96.54
C SER HC 160 50.95 -115.24 97.49
N ASN HC 161 50.31 -114.09 97.27
CA ASN HC 161 50.61 -112.84 97.98
C ASN HC 161 49.57 -111.77 97.54
N PRO HC 162 49.28 -110.77 98.40
CA PRO HC 162 48.62 -109.55 97.92
C PRO HC 162 49.33 -108.91 96.73
N ILE HC 163 48.91 -109.33 95.53
CA ILE HC 163 49.51 -108.90 94.27
C ILE HC 163 48.41 -108.26 93.40
N ILE HC 164 48.79 -107.21 92.68
CA ILE HC 164 47.89 -106.52 91.75
C ILE HC 164 48.61 -106.24 90.44
N VAL HC 165 47.84 -106.21 89.37
CA VAL HC 165 48.38 -105.91 88.04
C VAL HC 165 47.73 -104.60 87.60
N SER HC 166 48.53 -103.73 86.98
CA SER HC 166 48.08 -102.38 86.63
C SER HC 166 48.61 -101.92 85.28
N CYS HC 167 47.78 -102.01 84.24
CA CYS HC 167 48.23 -101.61 82.91
C CYS HC 167 48.25 -100.10 82.76
N GLY HC 168 49.26 -99.63 82.02
CA GLY HC 168 49.50 -98.23 81.81
C GLY HC 168 49.48 -97.90 80.33
N TRP HC 169 48.69 -96.90 80.00
CA TRP HC 169 48.81 -96.22 78.71
C TRP HC 169 50.22 -95.72 78.43
N ASP HC 170 51.10 -95.69 79.44
CA ASP HC 170 52.55 -95.56 79.21
C ASP HC 170 53.18 -96.68 78.37
N LYS HC 171 52.37 -97.67 77.93
CA LYS HC 171 52.80 -98.78 77.07
C LYS HC 171 53.14 -100.02 77.93
N LEU HC 172 53.55 -99.81 79.18
CA LEU HC 172 53.94 -100.88 80.11
C LEU HC 172 52.75 -101.48 80.84
N VAL HC 173 52.75 -102.81 80.98
CA VAL HC 173 51.96 -103.49 82.03
C VAL HC 173 52.86 -103.47 83.26
N LYS HC 174 52.26 -103.58 84.45
CA LYS HC 174 53.06 -103.71 85.67
C LYS HC 174 52.36 -104.59 86.69
N VAL HC 175 53.14 -105.22 87.57
CA VAL HC 175 52.63 -105.96 88.73
C VAL HC 175 53.23 -105.32 89.97
N TRP HC 176 52.36 -105.08 90.96
CA TRP HC 176 52.72 -104.31 92.14
C TRP HC 176 52.49 -105.16 93.38
N ASN HC 177 53.52 -105.23 94.25
CA ASN HC 177 53.38 -105.91 95.53
C ASN HC 177 52.60 -105.04 96.52
N LEU HC 178 51.46 -105.53 97.03
CA LEU HC 178 50.64 -104.80 98.03
C LEU HC 178 51.13 -104.90 99.46
N ALA HC 179 51.79 -106.01 99.80
CA ALA HC 179 52.30 -106.22 101.16
C ALA HC 179 53.23 -105.10 101.60
N ASN HC 180 54.39 -104.98 100.94
CA ASN HC 180 55.24 -103.81 101.14
C ASN HC 180 54.63 -102.56 100.48
N CYS HC 181 54.22 -102.69 99.21
CA CYS HC 181 53.79 -101.58 98.33
C CYS HC 181 54.96 -101.04 97.48
N LYS HC 182 55.29 -101.80 96.43
CA LYS HC 182 56.19 -101.32 95.35
C LYS HC 182 55.95 -102.06 94.04
N LEU HC 183 56.62 -101.59 92.98
CA LEU HC 183 56.63 -102.28 91.69
C LEU HC 183 57.37 -103.63 91.80
N LYS HC 184 56.64 -104.72 91.56
CA LYS HC 184 57.18 -106.07 91.68
C LYS HC 184 57.86 -106.48 90.38
N THR HC 185 57.22 -106.16 89.24
CA THR HC 185 57.84 -106.31 87.90
C THR HC 185 57.26 -105.34 86.86
N ASN HC 186 58.14 -104.78 86.03
CA ASN HC 186 57.73 -104.07 84.83
C ASN HC 186 57.64 -105.12 83.72
N HIS HC 187 56.44 -105.63 83.54
CA HIS HC 187 56.13 -106.43 82.37
C HIS HC 187 56.14 -105.48 81.15
N ILE HC 188 57.27 -105.35 80.46
CA ILE HC 188 57.37 -104.52 79.24
C ILE HC 188 57.01 -105.36 78.01
N GLY HC 189 56.21 -104.82 77.08
CA GLY HC 189 55.88 -105.56 75.87
C GLY HC 189 55.11 -104.85 74.79
N HIS HC 190 53.96 -104.27 75.15
CA HIS HC 190 52.99 -103.79 74.14
C HIS HC 190 53.41 -102.56 73.36
N THR HC 191 52.60 -102.16 72.40
CA THR HC 191 52.94 -101.06 71.52
C THR HC 191 51.69 -100.24 71.29
N GLY HC 192 51.74 -98.97 71.69
CA GLY HC 192 50.60 -98.07 71.61
C GLY HC 192 50.19 -97.85 73.04
N TYR HC 193 49.09 -98.47 73.44
CA TYR HC 193 48.65 -98.43 74.83
C TYR HC 193 48.14 -99.79 75.29
N LEU HC 194 47.58 -99.84 76.50
CA LEU HC 194 47.01 -101.06 77.09
C LEU HC 194 45.65 -100.74 77.71
N ASN HC 195 44.58 -101.40 77.25
CA ASN HC 195 43.22 -101.03 77.65
C ASN HC 195 42.49 -102.01 78.55
N THR HC 196 43.24 -102.92 79.18
CA THR HC 196 42.70 -103.84 80.18
C THR HC 196 43.79 -104.68 80.84
N VAL HC 197 43.44 -105.27 81.99
CA VAL HC 197 44.13 -106.43 82.53
C VAL HC 197 43.06 -107.41 83.04
N THR HC 198 43.30 -108.70 82.84
CA THR HC 198 42.57 -109.75 83.56
C THR HC 198 43.57 -110.76 84.10
N VAL HC 199 43.33 -111.19 85.33
CA VAL HC 199 44.14 -112.21 85.98
C VAL HC 199 43.30 -113.49 85.99
N SER HC 200 43.95 -114.62 85.76
CA SER HC 200 43.28 -115.91 85.65
C SER HC 200 42.62 -116.32 86.99
N PRO HC 201 41.76 -117.37 86.99
CA PRO HC 201 41.21 -117.94 88.24
C PRO HC 201 42.25 -118.65 89.14
N ASP HC 202 43.38 -119.07 88.55
CA ASP HC 202 44.46 -119.74 89.26
C ASP HC 202 45.36 -118.76 90.02
N GLY HC 203 45.80 -117.70 89.33
CA GLY HC 203 46.84 -116.77 89.82
C GLY HC 203 48.19 -116.96 89.15
N SER HC 204 48.19 -117.62 87.99
CA SER HC 204 49.40 -117.88 87.21
C SER HC 204 49.48 -116.96 86.00
N LEU HC 205 48.40 -116.92 85.20
CA LEU HC 205 48.38 -116.17 83.95
C LEU HC 205 47.76 -114.78 84.07
N CYS HC 206 48.43 -113.79 83.47
CA CYS HC 206 47.89 -112.45 83.28
C CYS HC 206 47.79 -112.18 81.79
N ALA HC 207 46.66 -111.60 81.36
CA ALA HC 207 46.53 -111.08 80.00
C ALA HC 207 46.23 -109.60 80.01
N SER HC 208 46.67 -108.95 78.94
CA SER HC 208 46.55 -107.52 78.78
C SER HC 208 46.57 -107.21 77.29
N GLY HC 209 45.61 -106.38 76.86
CA GLY HC 209 45.42 -106.03 75.45
C GLY HC 209 45.20 -104.55 75.28
N GLY HC 210 45.65 -104.01 74.15
CA GLY HC 210 45.63 -102.58 73.90
C GLY HC 210 45.34 -102.26 72.46
N LYS HC 211 45.91 -101.16 71.97
CA LYS HC 211 45.69 -100.77 70.59
C LYS HC 211 46.27 -101.81 69.64
N ASP HC 212 47.51 -102.29 69.88
CA ASP HC 212 48.18 -103.06 68.81
C ASP HC 212 47.61 -104.45 68.51
N GLY HC 213 46.61 -104.90 69.26
CA GLY HC 213 45.98 -106.19 68.98
C GLY HC 213 46.80 -107.37 69.48
N GLN HC 214 48.03 -107.12 69.93
CA GLN HC 214 48.80 -108.09 70.69
C GLN HC 214 48.02 -108.22 72.00
N ALA HC 215 47.81 -109.45 72.45
CA ALA HC 215 47.06 -109.75 73.68
C ALA HC 215 47.88 -110.68 74.55
N MET HC 216 49.10 -110.25 74.83
CA MET HC 216 50.16 -111.12 75.34
C MET HC 216 49.76 -111.81 76.65
N LEU HC 217 50.29 -113.02 76.84
CA LEU HC 217 50.09 -113.84 78.05
C LEU HC 217 51.40 -113.84 78.82
N TRP HC 218 51.30 -113.53 80.12
CA TRP HC 218 52.48 -113.29 80.96
C TRP HC 218 52.31 -114.14 82.20
N ASP HC 219 53.31 -114.97 82.50
CA ASP HC 219 53.26 -115.79 83.70
C ASP HC 219 53.58 -114.89 84.89
N LEU HC 220 52.54 -114.61 85.67
CA LEU HC 220 52.64 -113.91 86.95
C LEU HC 220 53.46 -114.70 87.95
N ASN HC 221 53.33 -116.02 87.88
CA ASN HC 221 53.95 -116.93 88.84
C ASN HC 221 55.49 -116.93 88.73
N GLU HC 222 56.02 -116.97 87.51
CA GLU HC 222 57.46 -116.86 87.25
C GLU HC 222 57.94 -115.41 87.06
N GLY HC 223 57.10 -114.58 86.44
CA GLY HC 223 57.45 -113.20 86.05
C GLY HC 223 58.01 -113.13 84.65
N LYS HC 224 57.41 -113.89 83.74
CA LYS HC 224 57.94 -114.09 82.40
C LYS HC 224 56.84 -114.09 81.34
N HIS HC 225 57.00 -113.20 80.36
CA HIS HC 225 56.29 -113.23 79.07
C HIS HC 225 56.14 -114.69 78.59
N LEU HC 226 54.92 -115.21 78.62
CA LEU HC 226 54.61 -116.46 77.94
C LEU HC 226 54.45 -116.19 76.45
N TYR HC 227 53.31 -115.65 76.01
CA TYR HC 227 53.13 -115.40 74.57
C TYR HC 227 52.06 -114.46 74.04
N THR HC 228 52.34 -113.97 72.83
CA THR HC 228 51.48 -113.07 72.11
C THR HC 228 50.47 -113.85 71.24
N LEU HC 229 49.31 -113.24 71.02
CA LEU HC 229 48.37 -113.68 70.00
C LEU HC 229 47.81 -112.44 69.30
N ASP HC 230 47.71 -112.49 67.98
CA ASP HC 230 47.20 -111.36 67.21
C ASP HC 230 45.65 -111.30 67.29
N GLY HC 231 45.16 -110.20 67.84
CA GLY HC 231 43.73 -109.87 67.86
C GLY HC 231 43.29 -109.01 66.69
N GLY HC 232 44.24 -108.46 65.93
CA GLY HC 232 43.92 -107.74 64.69
C GLY HC 232 43.61 -106.26 64.90
N ASP HC 233 42.62 -105.97 65.75
CA ASP HC 233 42.25 -104.59 66.08
C ASP HC 233 42.24 -104.34 67.59
N ILE HC 234 41.97 -103.07 67.94
CA ILE HC 234 41.98 -102.58 69.33
C ILE HC 234 41.30 -103.51 70.32
N ILE HC 235 42.09 -104.07 71.22
CA ILE HC 235 41.57 -104.92 72.28
C ILE HC 235 41.08 -104.02 73.40
N ASN HC 236 39.77 -103.96 73.54
CA ASN HC 236 39.12 -103.19 74.58
C ASN HC 236 39.31 -103.80 75.97
N ALA HC 237 38.77 -105.01 76.15
CA ALA HC 237 38.69 -105.66 77.45
C ALA HC 237 38.87 -107.18 77.34
N LEU HC 238 39.61 -107.76 78.29
CA LEU HC 238 39.92 -109.20 78.30
C LEU HC 238 39.26 -109.90 79.50
N CYS HC 239 39.10 -111.22 79.42
CA CYS HC 239 38.52 -111.99 80.53
C CYS HC 239 38.77 -113.54 80.46
N PHE HC 240 39.48 -114.11 81.46
CA PHE HC 240 39.68 -115.59 81.56
C PHE HC 240 38.43 -116.27 82.08
N SER HC 241 38.05 -117.37 81.44
CA SER HC 241 36.94 -118.20 81.90
C SER HC 241 37.31 -118.78 83.28
N PRO HC 242 36.34 -118.83 84.22
CA PRO HC 242 36.62 -119.24 85.61
C PRO HC 242 37.06 -120.68 85.78
N ASN HC 243 36.54 -121.54 84.89
CA ASN HC 243 36.79 -122.98 84.94
C ASN HC 243 37.58 -123.53 83.72
N ARG HC 244 37.38 -122.94 82.54
CA ARG HC 244 38.03 -123.36 81.29
C ARG HC 244 39.35 -122.62 81.04
N TYR HC 245 39.98 -122.90 79.90
CA TYR HC 245 41.20 -122.21 79.46
C TYR HC 245 40.93 -121.34 78.21
N TRP HC 246 39.80 -120.60 78.22
CA TRP HC 246 39.48 -119.58 77.21
C TRP HC 246 39.91 -118.19 77.67
N LEU HC 247 40.59 -117.46 76.79
CA LEU HC 247 40.82 -116.03 76.96
C LEU HC 247 39.84 -115.29 76.05
N CYS HC 248 38.80 -114.71 76.65
CA CYS HC 248 37.78 -113.97 75.90
C CYS HC 248 38.21 -112.50 75.77
N ALA HC 249 38.65 -112.15 74.57
CA ALA HC 249 39.13 -110.82 74.23
C ALA HC 249 38.04 -110.04 73.51
N ALA HC 250 38.00 -108.73 73.76
CA ALA HC 250 37.02 -107.85 73.12
C ALA HC 250 37.73 -106.92 72.14
N THR HC 251 37.74 -107.29 70.86
CA THR HC 251 38.40 -106.50 69.81
C THR HC 251 37.45 -105.50 69.15
N GLY HC 252 38.05 -104.51 68.49
CA GLY HC 252 37.34 -103.37 67.89
C GLY HC 252 36.11 -103.66 67.02
N PRO HC 253 36.14 -104.74 66.24
CA PRO HC 253 34.89 -105.20 65.62
C PRO HC 253 33.97 -105.86 66.63
N SER HC 254 34.51 -106.81 67.39
CA SER HC 254 33.71 -107.75 68.16
C SER HC 254 34.57 -108.62 69.09
N ILE HC 255 33.93 -109.54 69.80
CA ILE HC 255 34.59 -110.44 70.75
C ILE HC 255 35.37 -111.56 70.04
N LYS HC 256 36.42 -112.06 70.71
CA LYS HC 256 37.26 -113.16 70.22
C LYS HC 256 37.56 -114.13 71.38
N ILE HC 257 37.57 -115.44 71.11
CA ILE HC 257 37.92 -116.47 72.14
C ILE HC 257 38.93 -117.51 71.63
N TRP HC 258 40.16 -117.45 72.13
CA TRP HC 258 41.18 -118.47 71.90
C TRP HC 258 41.27 -119.40 73.10
N ASP HC 259 41.63 -120.66 72.85
CA ASP HC 259 41.97 -121.62 73.92
C ASP HC 259 43.48 -121.48 74.24
N LEU HC 260 43.84 -121.55 75.51
CA LEU HC 260 45.25 -121.33 75.93
C LEU HC 260 46.17 -122.46 75.51
N GLU HC 261 45.81 -123.69 75.89
CA GLU HC 261 46.66 -124.87 75.65
C GLU HC 261 46.74 -125.23 74.17
N GLY HC 262 45.57 -125.28 73.50
CA GLY HC 262 45.49 -125.41 72.05
C GLY HC 262 45.29 -124.03 71.45
N LYS HC 263 46.34 -123.43 70.89
CA LYS HC 263 46.29 -122.04 70.37
C LYS HC 263 45.40 -121.99 69.13
N ILE HC 264 44.09 -121.98 69.35
CA ILE HC 264 43.10 -121.99 68.28
C ILE HC 264 42.00 -120.97 68.54
N ILE HC 265 41.78 -120.10 67.56
CA ILE HC 265 40.65 -119.19 67.55
C ILE HC 265 39.35 -119.99 67.38
N VAL HC 266 38.57 -120.07 68.45
CA VAL HC 266 37.33 -120.87 68.46
C VAL HC 266 36.20 -120.11 67.79
N ASP HC 267 36.08 -118.82 68.09
CA ASP HC 267 35.12 -117.94 67.42
C ASP HC 267 35.42 -116.44 67.61
N GLU HC 268 35.24 -115.68 66.53
CA GLU HC 268 35.11 -114.23 66.59
C GLU HC 268 33.62 -113.98 66.71
N LEU HC 269 33.16 -113.70 67.92
CA LEU HC 269 31.73 -113.60 68.23
C LEU HC 269 31.13 -112.26 67.82
N LYS HC 270 30.79 -112.15 66.54
CA LYS HC 270 29.98 -111.05 66.02
C LYS HC 270 28.52 -111.47 66.06
N GLN HC 271 27.64 -110.53 66.40
CA GLN HC 271 26.27 -110.59 65.93
C GLN HC 271 26.32 -109.95 64.56
N GLU HC 272 25.63 -110.56 63.60
CA GLU HC 272 25.56 -110.01 62.27
C GLU HC 272 24.20 -109.38 62.09
N VAL HC 273 24.21 -108.12 61.66
CA VAL HC 273 22.97 -107.40 61.35
C VAL HC 273 22.33 -107.96 60.08
N ILE HC 274 21.00 -107.98 60.06
CA ILE HC 274 20.20 -108.41 58.90
C ILE HC 274 19.44 -107.19 58.36
N SER HC 275 19.31 -107.11 57.03
CA SER HC 275 18.66 -105.98 56.31
C SER HC 275 19.53 -104.70 56.25
N THR HC 276 19.94 -104.17 57.41
CA THR HC 276 20.82 -102.99 57.47
C THR HC 276 22.18 -103.25 56.79
N SER HC 277 22.58 -102.34 55.91
CA SER HC 277 23.89 -102.39 55.28
C SER HC 277 24.95 -102.02 56.32
N SER HC 278 25.97 -102.88 56.47
CA SER HC 278 27.06 -102.66 57.43
C SER HC 278 28.06 -101.62 56.90
N LYS HC 279 27.70 -100.35 57.05
CA LYS HC 279 28.50 -99.20 56.58
C LYS HC 279 28.76 -98.28 57.78
N ALA HC 280 30.04 -98.09 58.10
CA ALA HC 280 30.50 -97.80 59.46
C ALA HC 280 30.14 -99.04 60.30
N GLU HC 281 29.69 -98.86 61.55
CA GLU HC 281 28.93 -99.84 62.35
C GLU HC 281 29.64 -100.40 63.59
N PRO HC 282 30.64 -101.27 63.40
CA PRO HC 282 31.06 -102.21 64.45
C PRO HC 282 31.14 -101.57 65.83
N PRO HC 283 30.11 -101.79 66.67
CA PRO HC 283 30.23 -101.31 68.03
C PRO HC 283 31.26 -102.16 68.77
N GLN HC 284 32.48 -101.64 68.82
CA GLN HC 284 33.58 -102.26 69.56
C GLN HC 284 33.13 -102.70 70.96
N CYS HC 285 33.13 -104.01 71.21
CA CYS HC 285 32.77 -104.53 72.52
C CYS HC 285 33.73 -103.98 73.56
N THR HC 286 33.24 -103.05 74.37
CA THR HC 286 34.08 -102.29 75.29
C THR HC 286 34.34 -103.03 76.60
N SER HC 287 33.42 -103.92 76.97
CA SER HC 287 33.63 -104.76 78.14
C SER HC 287 32.93 -106.11 78.05
N LEU HC 288 33.37 -107.04 78.88
CA LEU HC 288 32.76 -108.36 79.01
C LEU HC 288 33.11 -109.00 80.35
N ALA HC 289 32.36 -110.03 80.72
CA ALA HC 289 32.57 -110.68 82.00
C ALA HC 289 32.00 -112.11 82.01
N TRP HC 290 32.83 -113.07 82.42
CA TRP HC 290 32.41 -114.48 82.58
C TRP HC 290 31.53 -114.61 83.81
N SER HC 291 30.32 -115.16 83.62
CA SER HC 291 29.49 -115.65 84.73
C SER HC 291 30.30 -116.65 85.54
N ALA HC 292 30.23 -116.58 86.87
CA ALA HC 292 30.94 -117.55 87.73
C ALA HC 292 30.60 -119.00 87.37
N ASP HC 293 29.48 -119.19 86.66
CA ASP HC 293 29.13 -120.47 86.07
C ASP HC 293 30.04 -121.07 84.97
N GLY HC 294 31.01 -120.30 84.44
CA GLY HC 294 31.90 -120.77 83.37
C GLY HC 294 31.11 -121.24 82.16
N GLN HC 295 29.96 -120.58 81.97
CA GLN HC 295 28.86 -121.04 81.12
C GLN HC 295 28.37 -119.87 80.27
N THR HC 296 27.86 -118.82 80.92
CA THR HC 296 27.43 -117.62 80.22
C THR HC 296 28.46 -116.48 80.37
N LEU HC 297 28.45 -115.53 79.42
CA LEU HC 297 29.31 -114.35 79.45
C LEU HC 297 28.60 -113.10 78.90
N PHE HC 298 28.59 -112.01 79.68
CA PHE HC 298 27.79 -110.80 79.40
C PHE HC 298 28.80 -109.74 79.01
N ALA HC 299 28.65 -109.22 77.79
CA ALA HC 299 29.63 -108.34 77.15
C ALA HC 299 28.93 -107.15 76.49
N GLY HC 300 29.37 -105.94 76.85
CA GLY HC 300 28.73 -104.68 76.42
C GLY HC 300 29.55 -103.87 75.43
N TYR HC 301 28.84 -103.24 74.46
CA TYR HC 301 29.49 -102.43 73.40
C TYR HC 301 28.83 -101.04 73.18
N THR HC 302 29.30 -100.32 72.15
CA THR HC 302 28.85 -98.95 71.80
C THR HC 302 27.68 -98.86 70.83
N ASP HC 303 26.58 -99.53 71.18
CA ASP HC 303 25.28 -99.25 70.56
C ASP HC 303 24.23 -99.13 71.65
N ASN HC 304 24.66 -98.64 72.81
CA ASN HC 304 23.84 -98.61 74.01
C ASN HC 304 23.27 -100.00 74.31
N LEU HC 305 24.14 -100.96 74.68
CA LEU HC 305 23.71 -102.38 74.75
C LEU HC 305 24.65 -103.34 75.48
N VAL HC 306 24.05 -104.24 76.28
CA VAL HC 306 24.68 -105.41 76.87
C VAL HC 306 24.14 -106.67 76.18
N ARG HC 307 25.04 -107.53 75.67
CA ARG HC 307 24.65 -108.81 75.08
C ARG HC 307 25.28 -109.96 75.83
N VAL HC 308 24.54 -111.07 75.93
CA VAL HC 308 24.93 -112.25 76.72
C VAL HC 308 25.19 -113.46 75.84
N TRP HC 309 26.04 -114.39 76.31
CA TRP HC 309 26.42 -115.57 75.52
C TRP HC 309 26.64 -116.85 76.32
N GLN HC 310 25.81 -117.86 76.02
CA GLN HC 310 25.88 -119.18 76.66
C GLN HC 310 26.73 -120.17 75.85
N VAL HC 311 27.57 -120.92 76.57
CA VAL HC 311 28.39 -122.00 75.98
C VAL HC 311 27.45 -123.16 75.64
N THR HC 312 27.12 -123.30 74.34
CA THR HC 312 26.25 -124.38 73.84
C THR HC 312 27.01 -125.43 73.01
N ILE HC 313 26.39 -126.60 72.84
CA ILE HC 313 27.01 -127.77 72.17
C ILE HC 313 26.16 -128.23 70.99
N PRO IC 1 73.02 62.43 28.03
CA PRO IC 1 72.32 61.46 28.89
C PRO IC 1 71.28 60.61 28.13
N GLN IC 2 70.31 61.24 27.48
CA GLN IC 2 69.32 60.51 26.67
C GLN IC 2 69.82 60.43 25.21
N TYR IC 3 70.60 59.40 24.86
CA TYR IC 3 71.29 59.31 23.53
C TYR IC 3 70.32 58.96 22.40
N GLN IC 4 69.41 59.90 22.12
CA GLN IC 4 68.25 59.73 21.23
C GLN IC 4 68.69 59.96 19.78
N THR IC 5 68.66 58.88 19.01
CA THR IC 5 69.67 58.57 17.97
C THR IC 5 70.45 57.25 18.25
N TRP IC 6 71.50 56.92 17.48
CA TRP IC 6 72.13 55.56 17.50
C TRP IC 6 73.68 55.32 17.38
N GLU IC 7 74.09 54.10 17.77
CA GLU IC 7 75.43 53.55 17.81
C GLU IC 7 76.22 54.28 18.90
N GLU IC 8 75.89 55.57 19.12
CA GLU IC 8 76.45 56.37 20.22
C GLU IC 8 75.89 55.93 21.59
N PHE IC 9 74.57 55.72 21.69
CA PHE IC 9 73.99 55.19 22.93
C PHE IC 9 74.63 53.83 23.26
N SER IC 10 74.71 52.96 22.25
CA SER IC 10 75.20 51.60 22.40
C SER IC 10 76.67 51.53 22.86
N ARG IC 11 77.52 52.33 22.22
CA ARG IC 11 78.95 52.40 22.57
C ARG IC 11 79.22 53.01 23.94
N ALA IC 12 78.48 54.08 24.26
CA ALA IC 12 78.55 54.70 25.59
C ALA IC 12 78.19 53.69 26.67
N ALA IC 13 77.01 53.09 26.52
CA ALA IC 13 76.48 52.08 27.48
C ALA IC 13 77.37 50.84 27.62
N GLU IC 14 77.85 50.30 26.50
CA GLU IC 14 78.81 49.18 26.52
C GLU IC 14 80.07 49.51 27.31
N LYS IC 15 80.57 50.73 27.13
CA LYS IC 15 81.73 51.21 27.91
C LYS IC 15 81.40 51.38 29.40
N LEU IC 16 80.17 51.81 29.71
CA LEU IC 16 79.71 51.86 31.13
C LEU IC 16 79.70 50.48 31.76
N TYR IC 17 79.34 49.46 30.99
CA TYR IC 17 79.42 48.09 31.47
C TYR IC 17 80.89 47.74 31.79
N LEU IC 18 81.76 47.88 30.79
CA LEU IC 18 83.17 47.47 30.91
C LEU IC 18 83.96 48.25 31.98
N ALA IC 19 83.51 49.45 32.33
CA ALA IC 19 84.09 50.21 33.45
C ALA IC 19 83.96 49.46 34.79
N ASP IC 20 82.73 49.16 35.20
CA ASP IC 20 82.45 48.33 36.39
C ASP IC 20 81.24 47.42 36.12
N PRO IC 21 81.48 46.14 35.78
CA PRO IC 21 80.39 45.23 35.40
C PRO IC 21 79.43 44.77 36.51
N MET IC 22 79.89 44.79 37.76
CA MET IC 22 79.10 44.32 38.89
C MET IC 22 77.97 45.29 39.24
N LYS IC 23 78.29 46.59 39.24
CA LYS IC 23 77.36 47.65 39.61
C LYS IC 23 76.26 47.88 38.56
N ALA IC 24 76.57 47.71 37.27
CA ALA IC 24 75.67 48.12 36.18
C ALA IC 24 74.40 47.28 36.06
N ARG IC 25 73.27 47.94 35.82
CA ARG IC 25 72.00 47.30 35.39
C ARG IC 25 71.52 47.98 34.12
N VAL IC 26 70.69 47.25 33.38
CA VAL IC 26 70.04 47.75 32.17
C VAL IC 26 68.55 47.42 32.26
N VAL IC 27 67.71 48.46 32.26
CA VAL IC 27 66.26 48.29 32.28
C VAL IC 27 65.71 48.34 30.86
N LEU IC 28 64.57 47.70 30.66
CA LEU IC 28 63.91 47.67 29.38
C LEU IC 28 62.41 47.78 29.63
N LYS IC 29 61.87 48.98 29.43
CA LYS IC 29 60.46 49.26 29.71
C LYS IC 29 59.64 49.28 28.43
N TYR IC 30 58.52 48.54 28.44
CA TYR IC 30 57.56 48.55 27.35
C TYR IC 30 56.24 49.11 27.80
N ARG IC 31 55.57 49.81 26.89
CA ARG IC 31 54.30 50.46 27.17
C ARG IC 31 53.49 50.35 25.88
N HIS IC 32 52.68 49.30 25.81
CA HIS IC 32 51.96 48.98 24.58
C HIS IC 32 50.80 49.93 24.29
N SER IC 33 50.05 50.29 25.33
CA SER IC 33 48.88 51.15 25.18
C SER IC 33 49.13 52.41 24.33
N ASP IC 34 50.18 53.16 24.68
CA ASP IC 34 50.54 54.44 24.00
C ASP IC 34 51.71 54.21 23.03
N GLY IC 35 52.29 53.00 23.04
CA GLY IC 35 53.05 52.46 21.92
C GLY IC 35 54.53 52.77 21.86
N ASN IC 36 55.20 52.66 23.02
CA ASN IC 36 56.63 53.02 23.15
C ASN IC 36 57.44 51.97 23.91
N LEU IC 37 58.75 52.02 23.69
CA LEU IC 37 59.74 51.21 24.36
C LEU IC 37 60.73 52.20 25.00
N CYS IC 38 61.59 51.70 25.89
CA CYS IC 38 62.57 52.54 26.57
C CYS IC 38 63.70 51.72 27.19
N VAL IC 39 64.89 51.79 26.58
CA VAL IC 39 66.08 51.13 27.12
C VAL IC 39 66.77 52.14 28.02
N LYS IC 40 67.36 51.67 29.11
CA LYS IC 40 68.25 52.51 29.91
C LYS IC 40 69.32 51.67 30.57
N VAL IC 41 70.58 52.08 30.38
CA VAL IC 41 71.71 51.52 31.12
C VAL IC 41 72.17 52.58 32.11
N THR IC 42 72.18 52.21 33.39
CA THR IC 42 72.66 53.10 34.45
C THR IC 42 73.67 52.31 35.29
N ASP IC 43 74.61 53.05 35.87
CA ASP IC 43 75.95 52.53 36.18
C ASP IC 43 76.41 52.82 37.61
N ASP IC 44 75.48 53.23 38.48
CA ASP IC 44 75.77 53.84 39.80
C ASP IC 44 76.64 55.12 39.77
N LEU IC 45 77.16 55.51 38.59
CA LEU IC 45 78.28 56.46 38.45
C LEU IC 45 77.91 57.77 37.75
N VAL IC 46 76.68 57.68 37.18
CA VAL IC 46 76.11 58.29 35.93
C VAL IC 46 75.01 57.36 35.26
N CYS IC 47 74.37 57.76 34.14
CA CYS IC 47 73.27 56.97 33.46
C CYS IC 47 72.92 57.31 31.96
N LEU IC 48 72.11 56.50 31.22
CA LEU IC 48 71.86 56.86 29.84
C LEU IC 48 70.63 56.10 29.35
N VAL IC 49 69.73 56.81 28.68
CA VAL IC 49 68.43 56.25 28.29
C VAL IC 49 68.22 56.50 26.79
N TYR IC 50 67.46 55.58 26.17
CA TYR IC 50 67.15 55.64 24.74
C TYR IC 50 65.67 55.51 24.56
N LYS IC 51 65.08 56.50 23.92
CA LYS IC 51 63.64 56.51 23.79
C LYS IC 51 63.14 56.50 22.39
N THR IC 52 62.90 55.26 21.99
CA THR IC 52 61.52 54.82 21.85
C THR IC 52 61.36 53.59 20.95
N ASP IC 53 60.66 53.72 19.83
CA ASP IC 53 59.99 52.58 19.22
C ASP IC 53 60.38 52.52 17.75
N GLN IC 54 59.71 53.31 16.91
CA GLN IC 54 59.91 53.31 15.45
C GLN IC 54 59.89 51.88 14.80
N ALA IC 55 59.39 50.88 15.53
CA ALA IC 55 59.60 49.42 15.32
C ALA IC 55 60.91 48.91 14.71
N GLN IC 56 61.42 49.58 13.66
CA GLN IC 56 62.79 49.36 13.15
C GLN IC 56 63.88 49.31 14.24
N ASP IC 57 63.63 49.93 15.41
CA ASP IC 57 64.56 49.85 16.56
C ASP IC 57 64.34 48.66 17.52
N VAL IC 58 63.22 47.94 17.42
CA VAL IC 58 62.92 46.83 18.36
C VAL IC 58 63.99 45.73 18.24
N LYS IC 59 64.35 45.40 17.00
CA LYS IC 59 65.33 44.36 16.72
C LYS IC 59 66.70 44.71 17.32
N LYS IC 60 67.28 45.82 16.88
CA LYS IC 60 68.56 46.30 17.42
C LYS IC 60 68.58 46.46 18.96
N ILE IC 61 67.45 46.90 19.53
CA ILE IC 61 67.32 47.08 21.00
C ILE IC 61 67.39 45.74 21.76
N GLU IC 62 66.68 44.72 21.29
CA GLU IC 62 66.69 43.43 21.99
C GLU IC 62 67.98 42.63 21.76
N LYS IC 63 68.68 42.86 20.64
CA LYS IC 63 69.99 42.23 20.39
C LYS IC 63 71.05 42.78 21.32
N PHE IC 64 71.06 44.11 21.45
CA PHE IC 64 71.79 44.84 22.49
C PHE IC 64 71.50 44.30 23.87
N HIS IC 65 70.21 44.11 24.17
CA HIS IC 65 69.79 43.53 25.44
C HIS IC 65 70.34 42.10 25.56
N SER IC 66 70.10 41.28 24.53
CA SER IC 66 70.61 39.90 24.48
C SER IC 66 72.14 39.79 24.46
N GLN IC 67 72.84 40.82 23.97
CA GLN IC 67 74.31 40.82 23.97
C GLN IC 67 74.87 41.03 25.37
N LEU IC 68 74.36 42.04 26.06
CA LEU IC 68 74.81 42.36 27.42
C LEU IC 68 74.66 41.15 28.35
N MET IC 69 73.69 40.28 28.06
CA MET IC 69 73.55 38.97 28.71
C MET IC 69 74.76 38.05 28.52
N ARG IC 70 75.21 37.87 27.28
CA ARG IC 70 76.38 37.02 27.00
C ARG IC 70 77.63 37.48 27.75
N LEU IC 71 77.79 38.80 27.89
CA LEU IC 71 78.93 39.37 28.63
C LEU IC 71 78.80 39.20 30.15
N MET IC 72 77.56 39.18 30.66
CA MET IC 72 77.29 38.87 32.08
C MET IC 72 77.71 37.47 32.46
N VAL IC 73 77.58 36.56 31.51
CA VAL IC 73 77.70 35.13 31.75
C VAL IC 73 79.08 34.52 31.45
N ALA IC 74 79.85 35.16 30.56
CA ALA IC 74 81.16 34.64 30.12
C ALA IC 74 82.05 33.97 31.20
N VAL JC 1 59.41 36.87 42.94
CA VAL JC 1 59.14 35.40 42.80
C VAL JC 1 60.25 34.81 41.90
N LEU JC 2 61.21 34.13 42.54
CA LEU JC 2 62.35 33.52 41.83
C LEU JC 2 61.94 32.18 41.21
N LEU JC 3 61.94 32.13 39.89
CA LEU JC 3 61.44 30.99 39.13
C LEU JC 3 62.57 30.27 38.38
N GLU JC 4 62.21 29.12 37.81
CA GLU JC 4 63.06 28.40 36.87
C GLU JC 4 63.02 29.12 35.51
N SER JC 5 64.06 28.92 34.70
CA SER JC 5 64.15 29.53 33.35
C SER JC 5 62.95 29.35 32.40
N GLU JC 6 62.18 28.26 32.54
CA GLU JC 6 60.99 28.01 31.69
C GLU JC 6 59.74 28.76 32.18
N GLN JC 7 59.39 28.54 33.44
CA GLN JC 7 58.21 29.17 34.09
C GLN JC 7 58.14 30.68 33.83
N PHE JC 8 59.26 31.35 34.08
CA PHE JC 8 59.51 32.78 33.82
C PHE JC 8 59.08 33.26 32.44
N LEU JC 9 59.41 32.48 31.42
CA LEU JC 9 59.03 32.82 30.04
C LEU JC 9 57.51 32.83 29.83
N THR JC 10 56.79 31.90 30.47
CA THR JC 10 55.32 31.89 30.43
C THR JC 10 54.71 33.01 31.29
N GLU JC 11 55.33 33.32 32.43
CA GLU JC 11 54.89 34.43 33.28
C GLU JC 11 55.15 35.78 32.61
N LEU JC 12 56.34 35.93 32.01
CA LEU JC 12 56.71 37.13 31.27
C LEU JC 12 55.90 37.30 29.98
N THR JC 13 55.39 36.20 29.41
CA THR JC 13 54.44 36.26 28.30
C THR JC 13 53.15 36.95 28.72
N ARG JC 14 52.60 36.52 29.86
CA ARG JC 14 51.38 37.11 30.42
C ARG JC 14 51.50 38.59 30.78
N LEU JC 15 52.68 39.03 31.20
CA LEU JC 15 52.88 40.45 31.57
C LEU JC 15 52.68 41.42 30.39
N PHE JC 16 53.10 41.02 29.18
CA PHE JC 16 52.84 41.82 27.97
C PHE JC 16 51.37 41.71 27.57
N GLN JC 17 50.76 40.54 27.81
CA GLN JC 17 49.32 40.32 27.56
C GLN JC 17 48.40 41.06 28.54
N LYS JC 18 48.79 41.09 29.81
CA LYS JC 18 48.03 41.77 30.86
C LYS JC 18 48.13 43.29 30.72
N CYS JC 19 49.26 43.78 30.20
CA CYS JC 19 49.45 45.21 29.88
C CYS JC 19 49.31 45.50 28.37
N ARG JC 20 48.50 44.68 27.69
CA ARG JC 20 48.21 44.84 26.26
C ARG JC 20 47.26 46.05 26.07
N THR JC 21 46.39 46.31 27.07
CA THR JC 21 45.44 47.44 27.06
C THR JC 21 46.00 48.68 27.77
N SER JC 22 46.65 48.48 28.91
CA SER JC 22 47.24 49.57 29.69
C SER JC 22 48.30 49.03 30.67
N GLY JC 23 49.42 49.74 30.79
CA GLY JC 23 50.49 49.40 31.73
C GLY JC 23 51.88 49.25 31.14
N SER JC 24 52.90 49.42 31.99
CA SER JC 24 54.30 49.23 31.61
C SER JC 24 54.78 47.87 32.08
N VAL JC 25 55.64 47.25 31.26
CA VAL JC 25 56.30 46.00 31.62
C VAL JC 25 57.80 46.26 31.68
N TYR JC 26 58.35 46.22 32.89
CA TYR JC 26 59.76 46.50 33.14
C TYR JC 26 60.55 45.19 33.08
N ILE JC 27 61.82 45.28 32.69
CA ILE JC 27 62.76 44.15 32.71
C ILE JC 27 64.16 44.65 33.09
N THR JC 28 64.62 44.36 34.31
CA THR JC 28 65.90 44.85 34.84
C THR JC 28 66.96 43.73 34.88
N LEU JC 29 67.85 43.73 33.89
CA LEU JC 29 68.89 42.70 33.77
C LEU JC 29 70.15 43.16 34.51
N LYS JC 30 70.83 42.23 35.19
CA LYS JC 30 71.95 42.58 36.08
C LYS JC 30 72.92 41.44 36.38
N LYS JC 31 74.19 41.78 36.59
CA LYS JC 31 75.24 40.81 36.96
C LYS JC 31 75.05 40.41 38.43
N TYR JC 32 75.37 39.14 38.76
CA TYR JC 32 74.98 38.56 40.06
C TYR JC 32 75.90 37.41 40.53
N ASP JC 33 76.18 37.38 41.84
CA ASP JC 33 76.77 36.20 42.52
C ASP JC 33 76.08 35.84 43.86
N GLY JC 34 76.26 36.68 44.90
CA GLY JC 34 75.86 36.36 46.27
C GLY JC 34 74.36 36.34 46.54
N ASN JC 35 79.40 31.89 35.29
CA ASN JC 35 79.07 33.14 35.95
C ASN JC 35 77.63 33.53 35.63
N LYS JC 36 76.95 34.16 36.58
CA LYS JC 36 75.49 34.28 36.52
C LYS JC 36 75.01 35.70 36.26
N CYS JC 37 73.74 35.78 35.87
CA CYS JC 37 73.07 37.05 35.62
C CYS JC 37 71.61 36.98 36.07
N LEU JC 38 71.19 38.00 36.81
CA LEU JC 38 69.85 38.08 37.34
C LEU JC 38 68.96 38.78 36.34
N LEU JC 39 67.81 38.16 36.03
CA LEU JC 39 66.80 38.78 35.18
C LEU JC 39 65.44 38.79 35.87
N ARG JC 40 64.76 39.94 35.80
CA ARG JC 40 63.58 40.25 36.62
C ARG JC 40 62.60 41.08 35.79
N ALA JC 41 61.31 40.89 36.01
CA ALA JC 41 60.27 41.63 35.26
C ALA JC 41 59.04 41.92 36.11
N THR JC 42 58.53 43.15 36.01
CA THR JC 42 57.52 43.69 36.94
C THR JC 42 56.57 44.66 36.23
N ASP JC 43 55.31 44.26 36.07
CA ASP JC 43 54.26 45.17 35.58
C ASP JC 43 53.91 46.31 36.59
N GLY JC 44 54.19 46.08 37.88
CA GLY JC 44 53.86 47.00 38.97
C GLY JC 44 53.11 46.26 40.07
N LYS JC 45 52.36 45.22 39.66
CA LYS JC 45 51.50 44.41 40.51
C LYS JC 45 52.19 43.12 40.98
N LYS JC 46 52.70 42.36 40.01
CA LYS JC 46 53.25 41.02 40.21
C LYS JC 46 54.71 40.99 39.75
N LYS JC 47 55.62 40.60 40.65
CA LYS JC 47 57.03 40.45 40.33
C LYS JC 47 57.37 39.02 39.92
N ILE JC 48 58.26 38.86 38.94
CA ILE JC 48 58.89 37.57 38.62
C ILE JC 48 60.38 37.77 38.34
N SER JC 49 61.15 36.70 38.53
CA SER JC 49 62.60 36.75 38.31
C SER JC 49 63.18 35.36 38.07
N THR JC 50 64.38 35.34 37.48
CA THR JC 50 65.15 34.10 37.31
C THR JC 50 66.65 34.36 37.19
N VAL JC 51 67.41 33.28 37.39
CA VAL JC 51 68.86 33.33 37.35
C VAL JC 51 69.34 32.46 36.18
N VAL JC 52 69.96 33.14 35.22
CA VAL JC 52 70.41 32.58 33.97
C VAL JC 52 71.92 32.37 34.06
N SER JC 53 72.36 31.11 34.02
CA SER JC 53 73.79 30.75 34.07
C SER JC 53 74.35 30.33 32.70
N SER JC 54 75.68 30.29 32.58
CA SER JC 54 76.38 29.90 31.32
C SER JC 54 76.00 28.50 30.85
N LYS JC 55 75.51 27.69 31.78
CA LYS JC 55 74.90 26.40 31.48
C LYS JC 55 73.58 26.52 30.73
N GLU JC 56 73.01 27.72 30.58
CA GLU JC 56 71.72 27.87 29.93
C GLU JC 56 71.41 29.20 29.26
N VAL JC 57 72.42 29.99 28.89
CA VAL JC 57 72.14 31.21 28.12
C VAL JC 57 71.72 30.88 26.68
N ASN JC 58 72.42 29.96 26.02
CA ASN JC 58 72.19 29.66 24.58
C ASN JC 58 70.75 29.21 24.36
N LYS JC 59 70.26 28.40 25.30
CA LYS JC 59 68.84 28.01 25.39
C LYS JC 59 67.89 29.19 25.66
N PHE JC 60 68.33 30.10 26.51
CA PHE JC 60 67.52 31.25 26.93
C PHE JC 60 67.41 32.39 25.92
N GLN JC 61 68.49 32.73 25.22
CA GLN JC 61 68.45 33.84 24.21
C GLN JC 61 67.48 33.56 23.09
N MET JC 62 67.24 32.28 22.79
CA MET JC 62 66.48 31.90 21.61
C MET JC 62 64.97 32.12 21.80
N ALA JC 63 64.39 31.55 22.85
CA ALA JC 63 62.95 31.71 23.14
C ALA JC 63 62.63 33.11 23.69
N TYR JC 64 63.59 33.70 24.40
CA TYR JC 64 63.49 35.06 24.93
C TYR JC 64 63.56 36.13 23.86
N SER JC 65 64.48 35.98 22.91
CA SER JC 65 64.54 36.88 21.76
C SER JC 65 63.25 36.84 20.90
N ASN JC 66 62.62 35.66 20.79
CA ASN JC 66 61.36 35.52 20.03
C ASN JC 66 60.20 36.13 20.79
N LEU JC 67 60.10 35.76 22.06
CA LEU JC 67 59.12 36.32 23.00
C LEU JC 67 59.18 37.85 23.04
N LEU JC 68 60.40 38.41 23.18
CA LEU JC 68 60.58 39.87 23.22
C LEU JC 68 60.16 40.53 21.91
N ARG JC 69 60.72 40.10 20.79
CA ARG JC 69 60.36 40.63 19.46
C ARG JC 69 58.87 40.46 19.13
N ALA JC 70 58.31 39.29 19.46
CA ALA JC 70 56.89 39.00 19.21
C ALA JC 70 55.97 39.85 20.08
N ASN JC 71 56.29 40.00 21.36
CA ASN JC 71 55.44 40.78 22.26
C ASN JC 71 55.78 42.27 22.35
N MET JC 72 56.62 42.76 21.43
CA MET JC 72 56.84 44.21 21.21
C MET JC 72 56.48 44.70 19.80
N ASP JC 73 55.43 45.52 19.72
CA ASP JC 73 54.95 46.19 18.49
C ASP JC 73 54.47 47.61 18.79
N GLY JC 74 55.28 48.61 18.41
CA GLY JC 74 54.98 50.01 18.68
C GLY JC 74 54.62 50.81 17.44
N LEU JC 75 55.65 51.35 16.79
CA LEU JC 75 55.52 52.43 15.77
C LEU JC 75 55.90 52.01 14.36
N LYS JC 76 55.21 52.59 13.38
CA LYS JC 76 55.54 52.39 11.97
C LYS JC 76 56.21 53.64 11.42
MG MG KC . -68.58 -7.28 47.83
MG MG LC . 9.10 33.66 -7.36
MG MG MC . 19.64 -36.16 -77.15
ZN ZN NC . -7.73 59.92 29.34
ZN ZN OC . -78.44 -29.74 20.64
MG MG PC . -47.51 4.71 -16.06
MG MG QC . -47.49 -1.14 -16.45
MG MG RC . -48.68 -11.59 -20.34
MG MG SC . -59.10 -12.42 -26.29
MG MG TC . -49.25 -10.47 -41.47
MG MG UC . -48.78 -18.86 -56.92
MG MG VC . -66.16 -23.11 -53.17
MG MG WC . -65.62 -27.91 -50.63
MG MG XC . -80.28 -4.83 -22.96
MG MG YC . -78.35 -22.58 -37.47
MG MG ZC . -87.53 -14.40 -49.59
MG MG AD . -73.15 -43.55 -59.48
MG MG BD . -68.46 -51.55 -57.39
MG MG CD . -76.49 22.76 -80.98
MG MG DD . -73.42 28.24 -71.81
MG MG ED . -68.09 30.25 -70.40
MG MG FD . -61.11 -36.23 -33.39
MG MG GD . -45.06 -29.24 -17.45
MG MG HD . -55.79 -16.95 -24.36
MG MG ID . -55.01 -14.63 -27.29
MG MG JD . -74.68 -33.08 -16.06
MG MG KD . -70.13 -34.81 -43.91
MG MG LD . -63.25 22.41 -43.72
MG MG MD . -50.20 16.51 -45.84
MG MG ND . -47.26 19.65 -51.80
MG MG OD . -56.85 35.96 -66.48
MG MG PD . -52.33 46.14 -65.79
MG MG QD . -50.35 42.76 -64.85
MG MG RD . -45.07 41.34 -60.91
MG MG SD . -38.29 53.91 -47.14
MG MG TD . -33.82 64.90 -44.46
MG MG UD . -65.08 42.35 -13.05
MG MG VD . -59.05 33.28 -17.03
MG MG WD . -3.96 26.56 -47.66
MG MG XD . 6.06 31.44 -49.92
MG MG YD . 14.70 21.79 -50.05
MG MG ZD . 1.93 10.48 -67.95
MG MG AE . -7.10 19.15 -71.92
MG MG BE . -13.46 33.75 -59.51
MG MG CE . -13.50 -20.87 -64.08
MG MG DE . -1.41 -14.51 -64.54
MG MG EE . 39.70 -35.02 -61.14
MG MG FE . -3.42 3.78 -72.31
MG MG GE . -3.67 23.18 -54.54
MG MG HE . -14.04 13.32 -56.13
MG MG IE . -14.11 16.06 -44.60
MG MG JE . 23.60 33.84 -20.36
MG MG KE . 13.37 17.63 -23.47
MG MG LE . 25.70 2.14 -17.50
MG MG ME . 14.65 -3.94 -2.10
MG MG NE . 7.74 -4.72 -20.76
MG MG OE . -6.46 6.89 -27.13
MG MG PE . -14.38 -29.45 1.12
MG MG QE . -4.46 -21.93 -9.47
MG MG RE . -11.80 -11.36 -1.05
MG MG SE . 7.20 -14.14 10.78
MG MG TE . 12.73 3.25 3.55
MG MG UE . 0.40 -22.38 -0.86
MG MG VE . -8.64 43.43 -37.83
MG MG WE . -30.60 38.03 -9.07
MG MG XE . -43.77 7.64 -5.79
MG MG YE . -36.64 8.23 -0.63
MG MG ZE . -42.41 -0.66 -17.02
MG MG AF . -35.03 -3.56 -16.18
MG MG BF . -30.17 -11.86 -15.35
MG MG CF . -21.06 -14.11 -16.64
MG MG DF . -32.29 -19.21 -6.40
MG MG EF . -38.92 -4.84 -21.34
MG MG FF . -53.96 20.89 30.31
MG MG GF . -57.63 25.44 23.13
MG MG HF . -60.88 -7.58 37.51
MG MG IF . -75.24 -8.05 50.03
MG MG JF . -80.55 -10.49 27.46
MG MG KF . -14.17 1.23 -11.31
MG MG LF . -12.94 -1.36 -17.47
MG MG MF . -9.09 -4.94 -17.44
MG MG NF . -8.95 6.33 -13.69
MG MG OF . -36.34 24.88 -17.76
MG MG PF . -33.92 25.84 -3.36
MG MG QF . -37.67 28.72 -6.42
MG MG RF . -23.55 29.76 1.58
MG MG SF . -0.01 40.75 46.25
MG MG TF . -38.69 27.03 4.28
MG MG UF . -18.02 32.96 -16.38
MG MG VF . -21.33 29.52 -19.97
MG MG WF . 15.87 53.85 25.77
MG MG XF . 10.27 28.12 -5.66
MG MG YF . 13.55 24.02 -7.32
MG MG ZF . 15.44 19.00 -4.94
MG MG AG . -9.61 27.70 -20.16
MG MG BG . -11.59 31.72 -6.57
MG MG CG . -0.23 43.34 2.12
MG MG DG . -6.24 51.72 14.44
MG MG EG . -12.07 34.32 -16.21
MG MG FG . 0.07 25.11 -23.19
MG MG GG . -3.48 15.72 -12.97
MG MG HG . -1.05 -8.93 -2.73
MG MG IG . -1.84 20.34 -27.61
MG MG JG . -7.51 30.48 -33.04
MG MG KG . 32.94 53.87 29.25
MG MG LG . 2.76 73.84 9.80
MG MG MG . -0.40 76.45 14.66
MG MG NG . -5.42 70.38 21.43
MG MG OG . 38.11 30.50 -57.64
MG MG PG . -47.02 90.24 -28.82
MG MG QG . -55.12 47.98 6.70
MG MG RG . -43.12 21.65 -11.61
MG MG SG . -48.92 20.19 -7.51
MG MG TG . -49.37 25.49 -19.14
MG MG UG . -78.24 -38.36 -17.81
MG MG VG . -45.96 34.28 -58.71
MG MG WG . -45.46 25.90 -53.99
MG MG XG . -48.35 32.84 -56.51
MG MG YG . -51.76 31.62 -38.97
MG MG ZG . 28.11 55.68 -31.53
MG MG AH . -12.02 26.49 -44.48
MG MG BH . -71.35 -14.15 73.62
MG MG CH . -71.22 8.78 80.42
MG MG DH . -72.77 5.99 77.56
MG MG EH . -60.79 26.18 64.37
MG MG FH . -53.77 48.70 12.86
MG MG GH . -51.08 -47.32 -63.50
MG MG HH . -48.68 30.86 -53.14
MG MG IH . -43.80 28.96 -53.09
MG MG JH . -42.74 48.24 -50.90
MG MG KH . -62.08 34.31 -50.52
MG MG LH . -34.29 -61.83 -62.88
ZN ZN MH . -31.75 -8.22 -57.65
MG MG NH . 71.74 -25.93 35.79
MG MG OH . 46.77 -29.86 43.29
MG MG PH . 57.97 -31.54 19.38
MG MG QH . 61.51 -17.45 28.57
MG MG RH . 71.09 6.37 25.99
MG MG SH . 67.24 19.40 6.40
MG MG TH . 75.78 23.34 5.05
MG MG UH . 83.92 12.49 0.58
MG MG VH . 81.53 6.66 4.38
MG MG WH . 96.00 3.14 -16.48
MG MG XH . 56.90 1.81 6.15
MG MG YH . 75.66 -27.64 8.53
MG MG ZH . 86.73 17.35 16.98
MG MG AI . 76.44 14.82 -5.43
MG MG BI . 72.02 19.37 -7.08
MG MG CI . 82.63 -1.16 34.28
MG MG DI . 83.23 4.33 51.01
MG MG EI . 62.25 -17.62 46.39
MG MG FI . 66.12 -18.90 21.07
MG MG GI . 71.50 -27.40 21.72
MG MG HI . 66.37 -39.46 13.33
MG MG II . 56.01 -43.37 14.73
MG MG JI . 45.05 -36.86 17.41
MG MG KI . 40.15 -37.39 20.99
MG MG LI . 48.78 -23.30 18.16
MG MG MI . 45.11 -43.52 4.13
MG MG NI . 39.11 -34.33 4.97
MG MG OI . 53.72 -45.02 -9.06
MG MG PI . 75.12 -47.65 -9.69
MG MG QI . 19.90 -65.97 -2.47
MG MG RI . 34.61 -47.38 4.59
MG MG SI . 47.68 -31.83 -6.07
MG MG TI . 25.78 -40.52 -3.91
MG MG UI . 20.68 -39.42 -4.02
MG MG VI . 14.35 -36.21 -9.79
MG MG WI . 7.37 -42.52 14.13
ZN ZN XI . 18.89 -54.37 18.91
#